data_6DHE
#
_entry.id   6DHE
#
_cell.length_a   116.906
_cell.length_b   221.407
_cell.length_c   308.668
_cell.angle_alpha   90.000
_cell.angle_beta   90.000
_cell.angle_gamma   90.000
#
_symmetry.space_group_name_H-M   'P 21 21 21'
#
loop_
_entity.id
_entity.type
_entity.pdbx_description
1 polymer 'Photosystem II protein D1 1'
2 polymer 'Photosystem II CP47 reaction center protein'
3 polymer 'Photosystem II CP43 reaction center protein'
4 polymer 'Photosystem II D2 protein'
5 polymer 'Cytochrome b559 subunit alpha'
6 polymer 'Cytochrome b559 subunit beta'
7 polymer 'Photosystem II reaction center protein H'
8 polymer 'Photosystem II reaction center protein I'
9 polymer 'Photosystem II reaction center protein J'
10 polymer 'Photosystem II reaction center protein K'
11 polymer 'Photosystem II reaction center protein L'
12 polymer 'Photosystem II reaction center protein M'
13 polymer 'Photosystem II manganese-stabilizing polypeptide'
14 polymer 'Photosystem II reaction center protein T'
15 polymer 'Photosystem II 12 kDa extrinsic protein'
16 polymer 'Cytochrome c-550'
17 polymer 'Photosystem II reaction center protein Ycf12'
18 polymer 'Photosystem II reaction center X protein'
19 polymer 'Photosystem II reaction center protein Z'
20 polymer 'Photosystem II protein Y'
21 non-polymer 'FE (II) ION'
22 non-polymer 'CHLORIDE ION'
23 non-polymer 'CHLOROPHYLL A'
24 non-polymer 'PHEOPHYTIN A'
25 non-polymer "(6'R,11cis,11'cis,13cis,15cis)-4',5'-didehydro-5',6'-dihydro-beta,beta-carotene"
26 non-polymer 2,3-DIMETHYL-5-(3,7,11,15,19,23,27,31,35-NONAMETHYL-2,6,10,14,18,22,26,30,34-HEXATRIACONTANONAENYL-2,5-CYCLOHEXADIENE-1,4-DIONE-2,3-DIMETHYL-5-SOLANESYL-1,4-BENZOQUINONE
27 non-polymer 1,2-DISTEAROYL-MONOGALACTOSYL-DIGLYCERIDE
28 non-polymer 1,2-DI-O-ACYL-3-O-[6-DEOXY-6-SULFO-ALPHA-D-GLUCOPYRANOSYL]-SN-GLYCEROL
29 non-polymer 'DIGALACTOSYL DIACYL GLYCEROL (DGDG)'
30 non-polymer 'CA-MN4-O5 CLUSTER'
31 non-polymer BETA-CAROTENE
32 non-polymer 'UNKNOWN LIGAND'
33 non-polymer 1,2-DIPALMITOYL-PHOSPHATIDYL-GLYCEROLE
34 non-polymer 'BICARBONATE ION'
35 non-polymer 'PROTOPORPHYRIN IX CONTAINING FE'
36 non-polymer 'HEME C'
37 water water
#
loop_
_entity_poly.entity_id
_entity_poly.type
_entity_poly.pdbx_seq_one_letter_code
_entity_poly.pdbx_strand_id
1 'polypeptide(L)'
;ANLWERFCNWVTSTDNRLYVGWFGVIMIPTLLAATICFVIAFIAAPPVDIDGIREPVSGSLLYGNNIITGAVVPSSNAIG
LHFYPIWEAASLDEWLYNGGPYQLIIFHFLLGASCYMGRQWELSYRLGMRPWICVAYSAPLASAFAVFLIYPIGQGSFSD
GMPLGISGTFNFMIVFQAEHNILMHPFHQLGVAGVFGGALFCAMHGSLVTSSLIRETTETESANYGYKFGQEEETYNIVA
AHGYFGRLIFQYASFNNSRSLHFFLAAWPVVGVWFTALGISTMAFNLNGFNFNHSVIDAKGNVINTWADIINRANLGMEV
MHERNAHNFPLDLA
;
A,a
2 'polypeptide(L)'
;GLPWYRVHTVLINDPGRLIAAHLMHTALVAGWAGSMALYELATFDPSDPVLNPMWRQGMFVLPFMARLGVTGSWSGWSIT
GETGIDPGFWSFEGVALAHIVLSGLLFLAACWHWVYWDLELFRDPRTGEPALDLPKMFGIHLFLAGLLCFGFGAFHLTGL
FGPGMWVSDPYGLTGSVQPVAPEWGPDGFNPYNPGGVVAHHIAAGIVGIIAGLFHILVRPPQRLYKALRMGNIETVLSSS
IAAVFFAAFVVAGTMWYGSATTPIELFGPTRYQWDSSYFQQEINRRVQASLASGATLEEAWSAIPEKLAFYDYIGNNPAK
GGLFRTGPMNKGDGIAQAWKGHAVFRNKEGEELFVRRMPAFFESFPVILTDKNGVVKADIPFRRAESKYSFEQQGVTVSF
YGGELNGQTFTDPPTVKSYARKAIFGEIFEFDTETLNSDGIFRTSPRGWFTFAHAVFALLFFFGHIWHGARTLFRDVFSG
IDPELSPEQVEWGFYQKVGDVTTRR
;
B,b
3 'polypeptide(L)'
;ATNRDQESSGFAWWAGNARLINLSGKLLGAHVAHAGLIVFWAGAMTLFELAHFIPEKPMYEQGLILIPHIATLGWGVGPG
GEVVDTFPFFVVGVVHLISSAVLGFGGVYHAIRGPETLEEYSSFFGYDWKDKNKMTTILGFHLIVLGIGALLLVAKAMFF
GGLYDTWAPGGGDVRVITNPTLDPRVIFGYLLKSPFGGEGWIVSVNNLEDVVGGHIWIGLICIAGGIWHILTTPFGWARR
AFIWSGEAYLSYSLGALSMMGFIATCFVWFNNTVYPSEFYGPTGPEASQAQAMTFLIRDQKLGANVGSAQGPTGLGKYLM
RSPTGEIIFGGETMRFWDFRGPWLEPLRGPNGLDLNKIKNDIQPWQERRAAEYMTHAPLGSLNSVGGVATEINSVNFVSP
RSWLATSHFVLAFFFLVGHLWHAGRARAAAAGFEKGIDRESEPVLSMPSLD
;
C,c
4 'polypeptide(L)'
;RGWFDILDDWLKRDRFVFVGWSGILLFPCAYLALGGWLTGTTFVTSWYTHGLASSYLEGCNFLTVAVSTPANSMGHSLLL
LWGPEAQGDFTRWCQLGGLWTFIALHGAFGLIGFMLRQFEIARLVGVRPYNAIAFSAPIAVFVSVFLIYPLGQSSWFFAP
SFGVAAIFRFLLFFQGFHNWTLNPFHMMGVAGVLGGALLCAIHGATVENTLFQDGEGASTFRAFNPTQAEETYSMVTANR
FWSQIFGIAFSNKRWLHFFMLFVPVTGLWMSAIGVVGLALNLRSYDFISQEIRAAEDPEFETFYTKNLLLNEGIRAWMAP
QDQPHENFVFPEEVLPRGNAL
;
D,d
5 'polypeptide(L)'
;GTTGERPFSDIITSVRYWVIHSITIPALFIAGWLFVSTGLAYDVFGTPRPDSYYAQEQRSIPLVTDRFEAKQQVETFLEQ
LK
;
E,e
6 'polypeptide(L)' SYPIFTVRWVAVHTLAVPTIFFLGAIAAMQFIQR F,f
7 'polypeptide(L)' ARRTWLGDILRPLNSEYGKVAPGWGTTPLMAVFMGLFLVFLLIILEIYNSTLILDGVNVSWKALG H,h
8 'polypeptide(L)' (FME)ETLKITVYIVVTFFVLLFVFGFLSGDPARNPKRKD I,i
9 'polypeptide(L)' GGRIPLWIVATVAGMGVIVIVGLFFYGAYAGLGSSL J,j
10 'polypeptide(L)' KLPEAYAIFDPLVDVLPVIPVLFLALAFVWQAAVGFR K,k
11 'polypeptide(L)' MEPNPNRQPVELNRTSLYLGLLLILVLALLFSSYFFN L,l
12 'polypeptide(L)' (FME)EVNQLGLIATALFVLVPSVFLIILYVQTESQQ M,m
13 'polypeptide(L)'
;QTLTYDDIVGTGLANKCPTLDDTARGAYPIDSSQTYRIARLCLQPTTFLVKEEPKNKRQEAEFVPTKLVTRETTSLDQIQ
GELKVNSDGSLTFVEEDGIDFQPVTVQMAGGERIPLLFTVKNLVASTQPNVTSITTSTDFKGEFNVPSYRTANFLDPKGR
GLASGYDSAIALPQAKEEELARANVKRFSLTKGQISLNVAKVDGRTGEIAGTFESEQLSDDDMGAHEPHEVKIQGVFYAS
IEPA
;
O,o
14 'polypeptide(L)' (FME)ETITYVFIFACIIALFFFAIFFREPPRIT T,t
15 'polypeptide(L)'
;ELVNVVDEKLGTAYGEKIDLNNTNIAAFIQYRGLYPTLAKLIVKNAPYESVEDVLNIPGLTERQKQILRENLEHFTVTEV
ETALVEGGDRYNNGLYK
;
U,u
16 'polypeptide(L)'
;AELTPEVLTVPLNSEGKTITLTEKQYLEGKRLFQYACASCHVGGITKTNPSLDLRTETLALATPPRDNIEGLVDYMKNPT
TYDGEQEIAEVHPSLRSADIFPKMRNLTEKDLVAIAGHILVEPKILGDKWGGGKVYY
;
V,v
17 'polypeptide(L)' EVIAQLTMIAMIGIAGPMIIFLLAVRRGNL Y,y
18 'polypeptide(L)' TITPSLKGFFIGLLSGAVVLGLTFAVLIAISQIDKVQR X,x
19 'polypeptide(L)' MTILFQLALAALVILSFVMVIGVPVAYASPQDWDRSKQLIFLGSGLWIALVLVVGVLNFFVV Z,z
20 'polypeptide(L)' DWRVLVVLLPVLLAAGWAVRNILPYAVKQVQKLL R,r
#
loop_
_chem_comp.id
_chem_comp.type
_chem_comp.name
_chem_comp.formula
8CT non-polymer (6'R,11cis,11'cis,13cis,15cis)-4',5'-didehydro-5',6'-dihydro-beta,beta-carotene 'C40 H56'
BCR non-polymer BETA-CAROTENE 'C40 H56'
BCT non-polymer 'BICARBONATE ION' 'C H O3 -1'
CL non-polymer 'CHLORIDE ION' 'Cl -1'
CLA non-polymer 'CHLOROPHYLL A' 'C55 H72 Mg N4 O5'
DGD saccharide 'DIGALACTOSYL DIACYL GLYCEROL (DGDG)' 'C51 H96 O15'
FE2 non-polymer 'FE (II) ION' 'Fe 2'
HEC non-polymer 'HEME C' 'C34 H34 Fe N4 O4'
HEM non-polymer 'PROTOPORPHYRIN IX CONTAINING FE' 'C34 H32 Fe N4 O4'
LHG non-polymer 1,2-DIPALMITOYL-PHOSPHATIDYL-GLYCEROLE 'C38 H75 O10 P'
LMG non-polymer 1,2-DISTEAROYL-MONOGALACTOSYL-DIGLYCERIDE 'C45 H86 O10'
OEX non-polymer 'CA-MN4-O5 CLUSTER' 'Ca Mn4 O5'
PHO non-polymer 'PHEOPHYTIN A' 'C55 H74 N4 O5'
PL9 non-polymer 2,3-DIMETHYL-5-(3,7,11,15,19,23,27,31,35-NONAMETHYL-2,6,10,14,18,22,26,30,34-HEXATRIACONTANONAENYL-2,5-CYCLOHEXADIENE-1,4-DIONE-2,3-DIMETHYL-5-SOLANESYL-1,4-BENZOQUINONE 'C53 H80 O2'
SQD non-polymer 1,2-DI-O-ACYL-3-O-[6-DEOXY-6-SULFO-ALPHA-D-GLUCOPYRANOSYL]-SN-GLYCEROL 'C41 H78 O12 S'
UNL non-polymer 'UNKNOWN LIGAND' ?
#
# COMPACT_ATOMS: atom_id res chain seq x y z
N ALA A 1 55.98 -27.35 7.50
CA ALA A 1 55.27 -28.01 8.59
C ALA A 1 55.21 -27.09 9.80
N ASN A 2 56.11 -26.10 9.83
CA ASN A 2 56.13 -25.11 10.90
C ASN A 2 54.90 -24.20 10.85
N LEU A 3 54.58 -23.59 11.99
CA LEU A 3 53.34 -22.84 12.12
C LEU A 3 53.31 -21.64 11.17
N TRP A 4 54.31 -20.76 11.27
CA TRP A 4 54.32 -19.57 10.43
C TRP A 4 54.31 -19.93 8.95
N GLU A 5 55.04 -20.98 8.57
CA GLU A 5 55.12 -21.32 7.17
C GLU A 5 53.81 -21.91 6.68
N ARG A 6 53.04 -22.56 7.55
CA ARG A 6 51.73 -23.06 7.12
C ARG A 6 50.77 -21.90 6.97
N PHE A 7 50.84 -20.92 7.87
CA PHE A 7 50.05 -19.70 7.72
C PHE A 7 50.36 -18.99 6.41
N CYS A 8 51.64 -18.75 6.13
CA CYS A 8 52.07 -18.14 4.88
C CYS A 8 51.52 -18.89 3.68
N ASN A 9 51.42 -20.21 3.81
CA ASN A 9 50.94 -21.02 2.70
C ASN A 9 49.46 -20.79 2.46
N TRP A 10 48.70 -20.68 3.54
CA TRP A 10 47.29 -20.40 3.41
C TRP A 10 47.04 -18.97 2.91
N VAL A 11 47.79 -17.97 3.43
CA VAL A 11 47.61 -16.58 3.00
C VAL A 11 47.77 -16.47 1.48
N THR A 12 48.77 -17.17 0.93
CA THR A 12 49.15 -17.06 -0.47
C THR A 12 48.63 -18.21 -1.29
N SER A 13 47.71 -19.02 -0.75
CA SER A 13 47.26 -20.18 -1.48
C SER A 13 46.40 -19.75 -2.67
N THR A 14 46.70 -20.33 -3.82
CA THR A 14 45.88 -20.22 -5.00
C THR A 14 44.62 -21.07 -4.92
N ASP A 15 44.36 -21.75 -3.79
CA ASP A 15 43.23 -22.65 -3.68
C ASP A 15 42.08 -22.09 -2.88
N ASN A 16 42.24 -20.96 -2.18
CA ASN A 16 41.11 -20.29 -1.57
C ASN A 16 40.15 -19.73 -2.63
N ARG A 17 38.85 -19.95 -2.40
CA ARG A 17 37.81 -19.49 -3.35
C ARG A 17 37.98 -18.03 -3.67
N LEU A 18 38.29 -17.23 -2.67
CA LEU A 18 38.73 -15.85 -2.81
C LEU A 18 40.18 -15.73 -2.33
N TYR A 19 41.05 -15.21 -3.17
CA TYR A 19 42.45 -15.09 -2.79
C TYR A 19 42.61 -14.08 -1.66
N VAL A 20 43.40 -14.44 -0.65
CA VAL A 20 43.74 -13.51 0.43
C VAL A 20 45.01 -12.73 0.08
N GLY A 21 46.17 -13.32 0.35
CA GLY A 21 47.44 -12.66 0.09
C GLY A 21 47.78 -11.63 1.14
N TRP A 22 49.03 -11.14 1.07
CA TRP A 22 49.54 -10.21 2.05
C TRP A 22 48.86 -8.85 1.90
N PHE A 23 48.63 -8.41 0.66
CA PHE A 23 47.75 -7.24 0.49
C PHE A 23 46.35 -7.52 1.05
N GLY A 24 45.87 -8.75 0.89
CA GLY A 24 44.57 -9.08 1.46
C GLY A 24 44.53 -8.89 2.96
N VAL A 25 45.68 -9.03 3.62
CA VAL A 25 45.73 -9.01 5.09
C VAL A 25 45.41 -7.63 5.61
N ILE A 26 45.74 -6.58 4.86
CA ILE A 26 45.35 -5.22 5.17
C ILE A 26 44.01 -4.88 4.53
N MET A 27 43.78 -5.33 3.29
CA MET A 27 42.53 -4.97 2.59
C MET A 27 41.28 -5.38 3.38
N ILE A 28 41.26 -6.61 3.88
CA ILE A 28 40.02 -7.18 4.39
C ILE A 28 39.57 -6.43 5.64
N PRO A 29 40.44 -6.22 6.63
CA PRO A 29 39.97 -5.45 7.78
C PRO A 29 39.56 -4.05 7.43
N THR A 30 40.32 -3.37 6.56
CA THR A 30 40.04 -1.96 6.35
C THR A 30 38.76 -1.76 5.55
N LEU A 31 38.50 -2.64 4.56
CA LEU A 31 37.27 -2.56 3.80
C LEU A 31 36.08 -3.05 4.62
N LEU A 32 36.30 -3.96 5.59
CA LEU A 32 35.19 -4.28 6.49
C LEU A 32 34.90 -3.10 7.41
N ALA A 33 35.94 -2.40 7.88
CA ALA A 33 35.66 -1.27 8.76
C ALA A 33 34.95 -0.16 8.00
N ALA A 34 35.40 0.12 6.77
CA ALA A 34 34.79 1.18 6.00
C ALA A 34 33.37 0.81 5.57
N THR A 35 33.17 -0.43 5.13
CA THR A 35 31.84 -0.87 4.73
C THR A 35 30.87 -0.78 5.89
N ILE A 36 31.26 -1.35 7.04
CA ILE A 36 30.32 -1.41 8.14
C ILE A 36 29.99 -0.02 8.65
N CYS A 37 30.98 0.85 8.76
CA CYS A 37 30.66 2.21 9.21
C CYS A 37 29.77 2.92 8.18
N PHE A 38 30.08 2.77 6.89
CA PHE A 38 29.27 3.39 5.86
C PHE A 38 27.81 2.96 5.98
N VAL A 39 27.55 1.66 6.11
CA VAL A 39 26.17 1.21 6.05
C VAL A 39 25.40 1.79 7.22
N ILE A 40 25.95 1.67 8.43
CA ILE A 40 25.30 2.22 9.63
C ILE A 40 25.10 3.73 9.54
N ALA A 41 26.13 4.46 9.09
CA ALA A 41 26.02 5.91 8.98
C ALA A 41 24.97 6.29 7.95
N PHE A 42 24.94 5.59 6.83
CA PHE A 42 23.99 5.96 5.80
C PHE A 42 22.56 5.82 6.29
N ILE A 43 22.31 4.81 7.12
CA ILE A 43 20.95 4.55 7.59
C ILE A 43 20.59 5.48 8.75
N ALA A 44 21.53 5.71 9.70
CA ALA A 44 21.14 6.27 10.99
C ALA A 44 22.05 7.36 11.55
N ALA A 45 23.04 7.84 10.85
CA ALA A 45 23.83 8.93 11.42
C ALA A 45 22.99 10.19 11.57
N PRO A 46 23.19 10.94 12.65
CA PRO A 46 22.56 12.26 12.78
C PRO A 46 23.24 13.31 11.92
N PRO A 47 22.62 14.47 11.79
CA PRO A 47 23.16 15.52 10.91
C PRO A 47 24.54 16.01 11.35
N VAL A 48 25.32 16.44 10.35
CA VAL A 48 26.74 16.74 10.46
C VAL A 48 26.95 18.18 10.01
N ASP A 49 27.75 18.93 10.77
CA ASP A 49 28.01 20.34 10.46
C ASP A 49 29.17 20.48 9.49
N ILE A 50 28.88 20.12 8.24
CA ILE A 50 29.93 19.97 7.23
C ILE A 50 30.77 21.23 7.13
N ASP A 51 30.13 22.38 7.13
CA ASP A 51 30.81 23.62 6.79
C ASP A 51 31.28 24.40 8.00
N GLY A 52 31.17 23.82 9.20
CA GLY A 52 31.75 24.43 10.38
C GLY A 52 31.01 25.63 10.88
N ILE A 53 29.74 25.81 10.46
CA ILE A 53 29.01 27.00 10.80
C ILE A 53 27.79 26.65 11.63
N ARG A 54 27.85 25.51 12.29
CA ARG A 54 26.78 25.12 13.21
C ARG A 54 25.45 25.08 12.44
N GLU A 55 25.51 24.51 11.24
CA GLU A 55 24.36 24.32 10.35
C GLU A 55 24.37 22.90 9.84
N PRO A 56 23.85 21.96 10.60
CA PRO A 56 24.06 20.56 10.24
C PRO A 56 23.17 20.13 9.07
N VAL A 57 23.78 19.32 8.19
CA VAL A 57 23.16 18.78 6.99
C VAL A 57 22.76 17.36 7.33
N SER A 58 21.51 17.04 7.11
CA SER A 58 20.98 15.72 7.35
C SER A 58 21.29 14.82 6.17
N GLY A 59 21.99 13.73 6.45
CA GLY A 59 22.42 12.83 5.41
C GLY A 59 21.84 11.44 5.40
N SER A 60 21.28 10.96 6.52
CA SER A 60 20.92 9.54 6.63
C SER A 60 19.41 9.30 6.44
N LEU A 61 19.06 8.04 6.19
CA LEU A 61 17.67 7.69 5.88
C LEU A 61 16.73 7.99 7.04
N LEU A 62 17.11 7.64 8.27
CA LEU A 62 16.19 7.83 9.38
C LEU A 62 16.00 9.30 9.72
N TYR A 63 16.84 10.20 9.19
CA TYR A 63 16.63 11.63 9.40
C TYR A 63 15.99 12.29 8.20
N GLY A 64 15.24 11.53 7.43
CA GLY A 64 14.42 12.08 6.40
C GLY A 64 15.07 12.12 5.05
N ASN A 65 15.90 11.17 4.72
CA ASN A 65 16.50 11.10 3.39
C ASN A 65 16.01 9.86 2.64
N ASN A 66 16.17 9.90 1.34
CA ASN A 66 15.91 8.72 0.52
C ASN A 66 17.25 8.28 -0.03
N ILE A 67 17.22 7.28 -0.92
CA ILE A 67 18.44 6.69 -1.43
C ILE A 67 19.17 7.72 -2.28
N ILE A 68 18.43 8.65 -2.86
CA ILE A 68 19.01 9.60 -3.81
C ILE A 68 19.59 10.80 -3.09
N THR A 69 18.98 11.23 -1.98
CA THR A 69 19.44 12.42 -1.30
C THR A 69 20.40 12.10 -0.15
N GLY A 70 20.43 10.86 0.34
CA GLY A 70 21.25 10.54 1.49
C GLY A 70 22.74 10.49 1.19
N ALA A 71 23.53 10.59 2.25
CA ALA A 71 24.98 10.62 2.18
C ALA A 71 25.60 10.47 3.56
N VAL A 72 26.83 9.94 3.59
CA VAL A 72 27.71 10.26 4.73
C VAL A 72 28.31 11.62 4.45
N VAL A 73 28.06 12.57 5.35
CA VAL A 73 28.42 13.96 5.10
C VAL A 73 29.89 14.19 5.45
N PRO A 74 30.66 14.96 4.65
CA PRO A 74 32.07 15.23 5.00
C PRO A 74 32.23 15.92 6.36
N SER A 75 33.40 15.70 6.98
CA SER A 75 33.63 16.27 8.31
C SER A 75 33.79 17.78 8.24
N SER A 76 33.72 18.36 9.44
CA SER A 76 33.52 19.80 9.62
C SER A 76 34.69 20.63 9.10
N ASN A 77 34.36 21.76 8.50
CA ASN A 77 35.38 22.70 8.11
C ASN A 77 36.17 23.18 9.33
N ALA A 78 35.55 23.18 10.51
CA ALA A 78 36.29 23.61 11.70
C ALA A 78 37.49 22.70 11.98
N ILE A 79 37.38 21.43 11.58
CA ILE A 79 38.46 20.46 11.69
C ILE A 79 39.51 20.61 10.60
N GLY A 80 39.11 21.01 9.40
CA GLY A 80 40.06 21.21 8.31
C GLY A 80 40.72 19.90 7.93
N LEU A 81 42.04 19.83 8.01
CA LEU A 81 42.78 18.61 7.70
C LEU A 81 43.30 17.91 8.95
N HIS A 82 42.87 18.37 10.12
CA HIS A 82 43.18 17.65 11.33
C HIS A 82 42.55 16.25 11.31
N PHE A 83 43.34 15.30 11.76
CA PHE A 83 42.94 13.93 12.02
C PHE A 83 41.95 13.90 13.18
N TYR A 84 40.82 13.19 12.98
CA TYR A 84 39.72 13.20 13.94
C TYR A 84 39.24 11.76 14.15
N PRO A 85 40.08 10.93 14.74
CA PRO A 85 39.62 9.59 15.09
C PRO A 85 38.63 9.66 16.24
N ILE A 86 37.95 8.55 16.49
CA ILE A 86 36.94 8.52 17.55
C ILE A 86 37.54 9.00 18.88
N TRP A 87 38.72 8.49 19.23
CA TRP A 87 39.28 8.70 20.57
C TRP A 87 39.78 10.12 20.79
N GLU A 88 39.67 10.99 19.79
CA GLU A 88 39.96 12.40 19.92
C GLU A 88 38.73 13.22 20.25
N ALA A 89 37.54 12.60 20.18
CA ALA A 89 36.30 13.26 20.55
C ALA A 89 36.01 12.99 22.02
N ALA A 90 35.53 14.03 22.72
CA ALA A 90 34.92 13.84 24.04
C ALA A 90 33.90 12.72 24.07
N SER A 91 33.16 12.50 22.98
CA SER A 91 32.12 11.48 23.01
C SER A 91 31.77 11.14 21.57
N LEU A 92 31.05 10.03 21.41
CA LEU A 92 30.54 9.66 20.10
C LEU A 92 29.57 10.73 19.59
N ASP A 93 28.79 11.32 20.49
CA ASP A 93 27.84 12.33 20.05
C ASP A 93 28.53 13.49 19.38
N GLU A 94 29.66 13.93 19.94
CA GLU A 94 30.47 14.97 19.32
C GLU A 94 31.06 14.49 18.00
N TRP A 95 31.67 13.32 18.01
CA TRP A 95 32.26 12.77 16.81
C TRP A 95 31.25 12.71 15.69
N LEU A 96 30.00 12.35 16.01
CA LEU A 96 28.94 12.31 15.00
C LEU A 96 28.57 13.72 14.49
N TYR A 97 28.39 14.68 15.38
CA TYR A 97 28.01 16.04 14.98
C TYR A 97 29.03 16.63 14.03
N ASN A 98 30.31 16.35 14.27
CA ASN A 98 31.39 16.96 13.53
C ASN A 98 31.82 16.14 12.32
N GLY A 99 31.23 14.97 12.10
CA GLY A 99 31.46 14.29 10.86
C GLY A 99 32.59 13.32 10.88
N GLY A 100 32.94 12.79 12.07
CA GLY A 100 33.89 11.72 12.23
C GLY A 100 33.77 10.58 11.26
N PRO A 101 32.58 10.01 11.11
CA PRO A 101 32.44 8.82 10.25
C PRO A 101 33.00 8.96 8.81
N TYR A 102 32.87 10.12 8.18
CA TYR A 102 33.46 10.32 6.86
C TYR A 102 34.96 10.00 6.88
N GLN A 103 35.68 10.58 7.83
CA GLN A 103 37.12 10.30 7.94
C GLN A 103 37.39 8.82 8.10
N LEU A 104 36.70 8.18 9.03
CA LEU A 104 36.95 6.76 9.22
C LEU A 104 36.77 5.99 7.93
N ILE A 105 35.72 6.32 7.18
CA ILE A 105 35.38 5.53 6.01
C ILE A 105 36.38 5.77 4.89
N ILE A 106 36.70 7.04 4.61
CA ILE A 106 37.54 7.30 3.45
C ILE A 106 38.96 6.81 3.67
N PHE A 107 39.50 6.94 4.90
CA PHE A 107 40.84 6.42 5.15
C PHE A 107 40.88 4.90 5.07
N HIS A 108 39.86 4.23 5.63
CA HIS A 108 39.89 2.78 5.53
C HIS A 108 39.70 2.32 4.08
N PHE A 109 38.80 2.99 3.35
CA PHE A 109 38.55 2.63 1.95
C PHE A 109 39.78 2.87 1.08
N LEU A 110 40.38 4.05 1.20
CA LEU A 110 41.52 4.33 0.33
C LEU A 110 42.67 3.37 0.63
N LEU A 111 42.83 2.97 1.88
CA LEU A 111 43.81 1.95 2.20
C LEU A 111 43.43 0.63 1.55
N GLY A 112 42.22 0.16 1.85
CA GLY A 112 41.80 -1.14 1.35
C GLY A 112 41.79 -1.18 -0.15
N ALA A 113 41.45 -0.06 -0.77
CA ALA A 113 41.42 0.00 -2.22
C ALA A 113 42.83 0.01 -2.82
N SER A 114 43.78 0.64 -2.12
CA SER A 114 45.19 0.54 -2.54
C SER A 114 45.68 -0.88 -2.43
N CYS A 115 45.26 -1.58 -1.37
CA CYS A 115 45.63 -2.98 -1.23
C CYS A 115 44.92 -3.83 -2.24
N TYR A 116 43.68 -3.43 -2.62
CA TYR A 116 42.98 -4.13 -3.70
C TYR A 116 43.83 -4.14 -4.96
N MET A 117 44.37 -2.99 -5.32
CA MET A 117 45.23 -2.91 -6.51
C MET A 117 46.45 -3.80 -6.37
N GLY A 118 47.07 -3.81 -5.18
CA GLY A 118 48.23 -4.66 -4.95
C GLY A 118 47.89 -6.13 -5.01
N ARG A 119 46.71 -6.49 -4.51
CA ARG A 119 46.22 -7.87 -4.51
C ARG A 119 46.08 -8.36 -5.95
N GLN A 120 45.76 -7.43 -6.84
CA GLN A 120 45.66 -7.76 -8.26
C GLN A 120 47.03 -8.12 -8.84
N TRP A 121 48.07 -7.34 -8.53
CA TRP A 121 49.44 -7.76 -8.85
C TRP A 121 49.68 -9.16 -8.29
N GLU A 122 49.48 -9.32 -6.97
CA GLU A 122 49.92 -10.53 -6.28
C GLU A 122 49.36 -11.78 -6.92
N LEU A 123 48.03 -11.87 -7.02
CA LEU A 123 47.47 -13.11 -7.56
C LEU A 123 47.94 -13.31 -8.98
N SER A 124 48.22 -12.23 -9.70
CA SER A 124 48.76 -12.34 -11.05
C SER A 124 50.10 -13.05 -11.02
N TYR A 125 50.87 -12.84 -9.96
CA TYR A 125 52.17 -13.48 -9.86
C TYR A 125 52.05 -14.95 -9.45
N ARG A 126 51.16 -15.25 -8.50
CA ARG A 126 50.91 -16.64 -8.10
C ARG A 126 50.35 -17.52 -9.21
N LEU A 127 49.71 -16.94 -10.23
CA LEU A 127 49.08 -17.72 -11.29
C LEU A 127 49.92 -17.75 -12.56
N GLY A 128 51.09 -17.13 -12.57
CA GLY A 128 51.90 -17.16 -13.77
C GLY A 128 51.43 -16.24 -14.86
N MET A 129 50.69 -15.20 -14.51
CA MET A 129 50.14 -14.18 -15.41
C MET A 129 51.14 -13.07 -15.65
N ARG A 130 50.86 -12.28 -16.69
CA ARG A 130 51.43 -10.97 -16.82
C ARG A 130 50.76 -10.05 -15.80
N PRO A 131 51.44 -8.92 -15.43
CA PRO A 131 51.17 -8.32 -14.12
C PRO A 131 50.40 -7.02 -14.08
N TRP A 132 50.02 -6.49 -15.22
CA TRP A 132 49.64 -5.10 -15.32
C TRP A 132 48.14 -4.84 -15.32
N ILE A 133 47.32 -5.83 -15.05
CA ILE A 133 45.91 -5.54 -14.83
C ILE A 133 45.78 -4.49 -13.75
N CYS A 134 46.67 -4.55 -12.73
CA CYS A 134 46.60 -3.60 -11.64
C CYS A 134 46.89 -2.18 -12.14
N VAL A 135 47.69 -2.05 -13.20
CA VAL A 135 47.96 -0.72 -13.73
C VAL A 135 46.69 -0.10 -14.31
N ALA A 136 45.80 -0.91 -14.87
CA ALA A 136 44.54 -0.41 -15.39
C ALA A 136 43.63 0.08 -14.26
N TYR A 137 43.58 -0.65 -13.17
CA TYR A 137 42.80 -0.20 -12.02
C TYR A 137 43.38 1.04 -11.33
N SER A 138 44.66 1.35 -11.55
CA SER A 138 45.20 2.57 -10.95
C SER A 138 44.48 3.80 -11.45
N ALA A 139 43.80 3.73 -12.59
CA ALA A 139 43.09 4.91 -13.08
C ALA A 139 41.91 5.22 -12.19
N PRO A 140 40.95 4.31 -11.99
CA PRO A 140 39.89 4.56 -11.00
C PRO A 140 40.43 4.85 -9.62
N LEU A 141 41.44 4.13 -9.20
CA LEU A 141 41.98 4.40 -7.88
C LEU A 141 42.53 5.83 -7.78
N ALA A 142 43.29 6.27 -8.78
CA ALA A 142 43.76 7.65 -8.72
C ALA A 142 42.61 8.64 -8.65
N SER A 143 41.50 8.32 -9.32
CA SER A 143 40.35 9.21 -9.31
C SER A 143 39.75 9.32 -7.92
N ALA A 144 39.69 8.20 -7.19
CA ALA A 144 39.12 8.22 -5.86
C ALA A 144 40.04 8.97 -4.90
N PHE A 145 41.36 8.85 -5.10
CA PHE A 145 42.30 9.61 -4.26
C PHE A 145 42.12 11.09 -4.48
N ALA A 146 41.81 11.48 -5.73
CA ALA A 146 41.72 12.91 -6.03
C ALA A 146 40.58 13.57 -5.30
N VAL A 147 39.40 12.93 -5.27
CA VAL A 147 38.20 13.61 -4.75
C VAL A 147 38.04 13.43 -3.25
N PHE A 148 38.69 12.42 -2.67
CA PHE A 148 38.63 12.13 -1.25
C PHE A 148 39.86 12.64 -0.50
N LEU A 149 41.02 12.77 -1.16
CA LEU A 149 42.25 13.13 -0.42
C LEU A 149 42.95 14.35 -0.99
N ILE A 150 43.28 14.31 -2.28
CA ILE A 150 44.13 15.34 -2.87
C ILE A 150 43.46 16.70 -2.85
N TYR A 151 42.15 16.75 -3.21
CA TYR A 151 41.44 18.03 -3.37
C TYR A 151 41.25 18.60 -1.96
N PRO A 152 40.85 17.81 -1.00
CA PRO A 152 40.87 18.32 0.39
C PRO A 152 42.24 18.84 0.82
N ILE A 153 43.31 18.12 0.52
CA ILE A 153 44.64 18.61 0.95
C ILE A 153 44.94 19.98 0.37
N GLY A 154 44.67 20.16 -0.92
CA GLY A 154 44.97 21.43 -1.56
C GLY A 154 44.09 22.57 -1.10
N GLN A 155 42.82 22.28 -0.81
CA GLN A 155 41.89 23.30 -0.36
C GLN A 155 41.83 23.41 1.15
N GLY A 156 42.45 22.46 1.86
CA GLY A 156 42.71 22.62 3.26
C GLY A 156 41.62 22.13 4.15
N SER A 157 40.77 21.25 3.65
CA SER A 157 39.64 20.79 4.43
C SER A 157 38.96 19.57 3.82
N PHE A 158 38.74 18.58 4.66
CA PHE A 158 37.95 17.45 4.22
C PHE A 158 36.49 17.84 4.03
N SER A 159 36.08 19.00 4.52
CA SER A 159 34.72 19.46 4.24
C SER A 159 34.51 19.66 2.75
N ASP A 160 35.60 19.83 1.98
CA ASP A 160 35.53 19.98 0.53
C ASP A 160 35.86 18.71 -0.22
N GLY A 161 35.98 17.60 0.44
CA GLY A 161 36.05 16.34 -0.25
C GLY A 161 34.67 15.85 -0.64
N MET A 162 34.63 14.98 -1.64
CA MET A 162 33.37 14.56 -2.22
C MET A 162 32.48 13.82 -1.22
N PRO A 163 31.21 14.21 -1.06
CA PRO A 163 30.31 13.49 -0.13
C PRO A 163 30.08 12.05 -0.57
N LEU A 164 29.74 11.19 0.38
CA LEU A 164 29.48 9.78 0.06
C LEU A 164 27.97 9.68 -0.10
N GLY A 165 27.48 10.16 -1.24
CA GLY A 165 26.07 10.05 -1.56
C GLY A 165 25.82 10.57 -2.95
N ILE A 166 24.62 10.28 -3.45
CA ILE A 166 24.31 10.56 -4.86
C ILE A 166 24.16 12.06 -5.12
N SER A 167 23.30 12.75 -4.35
CA SER A 167 23.18 14.20 -4.49
C SER A 167 24.42 14.94 -3.94
N GLY A 168 25.05 14.42 -2.90
CA GLY A 168 26.31 15.00 -2.48
C GLY A 168 27.34 15.00 -3.59
N THR A 169 27.39 13.91 -4.36
CA THR A 169 28.24 13.89 -5.53
C THR A 169 27.95 15.07 -6.45
N PHE A 170 26.64 15.28 -6.81
CA PHE A 170 26.27 16.37 -7.71
C PHE A 170 26.65 17.72 -7.09
N ASN A 171 26.45 17.86 -5.78
CA ASN A 171 26.83 19.11 -5.11
C ASN A 171 28.30 19.38 -5.31
N PHE A 172 29.13 18.35 -5.09
CA PHE A 172 30.56 18.49 -5.31
C PHE A 172 30.87 18.93 -6.74
N MET A 173 30.22 18.31 -7.74
CA MET A 173 30.62 18.65 -9.09
C MET A 173 30.09 19.99 -9.56
N ILE A 174 29.04 20.51 -8.94
CA ILE A 174 28.55 21.84 -9.30
C ILE A 174 29.43 22.91 -8.71
N VAL A 175 29.76 22.75 -7.43
CA VAL A 175 30.66 23.69 -6.77
C VAL A 175 32.03 23.68 -7.43
N PHE A 176 32.55 22.49 -7.80
CA PHE A 176 33.82 22.41 -8.53
C PHE A 176 33.78 23.28 -9.79
N GLN A 177 32.69 23.21 -10.55
CA GLN A 177 32.61 23.98 -11.78
C GLN A 177 32.69 25.48 -11.52
N ALA A 178 31.97 25.99 -10.50
CA ALA A 178 32.01 27.40 -10.19
C ALA A 178 33.39 27.86 -9.73
N GLU A 179 34.12 26.97 -9.05
CA GLU A 179 35.38 27.37 -8.41
C GLU A 179 36.59 27.06 -9.27
N HIS A 180 36.45 26.20 -10.28
CA HIS A 180 37.59 25.80 -11.09
C HIS A 180 37.33 25.81 -12.59
N ASN A 181 36.13 26.17 -13.03
CA ASN A 181 35.72 26.00 -14.44
C ASN A 181 36.24 24.69 -15.05
N ILE A 182 35.90 23.58 -14.40
CA ILE A 182 36.44 22.28 -14.83
C ILE A 182 36.03 21.91 -16.27
N LEU A 183 34.88 22.39 -16.75
CA LEU A 183 34.47 22.04 -18.11
C LEU A 183 35.49 22.55 -19.12
N MET A 184 35.96 23.75 -18.90
CA MET A 184 36.99 24.38 -19.73
C MET A 184 38.39 23.97 -19.36
N HIS A 185 38.58 22.83 -18.71
CA HIS A 185 39.93 22.39 -18.39
C HIS A 185 40.32 21.22 -19.29
N PRO A 186 41.46 21.27 -19.95
CA PRO A 186 41.75 20.22 -20.94
C PRO A 186 41.81 18.84 -20.36
N PHE A 187 42.20 18.69 -19.09
CA PHE A 187 42.33 17.33 -18.54
C PHE A 187 40.96 16.71 -18.31
N HIS A 188 39.96 17.50 -17.90
CA HIS A 188 38.59 16.99 -17.86
C HIS A 188 38.08 16.63 -19.26
N GLN A 189 38.46 17.42 -20.26
CA GLN A 189 38.05 17.12 -21.64
C GLN A 189 38.63 15.79 -22.10
N LEU A 190 39.85 15.47 -21.68
CA LEU A 190 40.43 14.16 -21.96
C LEU A 190 39.73 13.07 -21.17
N GLY A 191 39.27 13.36 -19.95
CA GLY A 191 38.45 12.38 -19.26
C GLY A 191 37.20 12.02 -20.04
N VAL A 192 36.46 13.03 -20.49
CA VAL A 192 35.28 12.79 -21.31
C VAL A 192 35.65 11.98 -22.55
N ALA A 193 36.73 12.36 -23.24
CA ALA A 193 37.16 11.59 -24.39
C ALA A 193 37.53 10.17 -24.01
N GLY A 194 38.12 9.99 -22.83
CA GLY A 194 38.47 8.64 -22.40
C GLY A 194 37.24 7.84 -22.06
N VAL A 195 36.21 8.50 -21.57
CA VAL A 195 35.03 7.82 -21.10
C VAL A 195 33.99 7.63 -22.23
N PHE A 196 33.73 8.67 -23.03
CA PHE A 196 32.93 8.50 -24.25
C PHE A 196 33.59 7.51 -25.19
N GLY A 197 34.89 7.70 -25.45
CA GLY A 197 35.59 6.77 -26.31
C GLY A 197 35.57 5.37 -25.76
N GLY A 198 35.74 5.22 -24.44
CA GLY A 198 35.68 3.90 -23.84
C GLY A 198 34.37 3.19 -24.10
N ALA A 199 33.24 3.90 -23.91
CA ALA A 199 31.92 3.28 -24.13
C ALA A 199 31.69 2.98 -25.61
N LEU A 200 32.18 3.86 -26.48
CA LEU A 200 32.17 3.64 -27.92
C LEU A 200 32.92 2.36 -28.27
N PHE A 201 34.17 2.25 -27.86
CA PHE A 201 34.98 1.10 -28.28
C PHE A 201 34.50 -0.18 -27.63
N CYS A 202 33.94 -0.09 -26.42
CA CYS A 202 33.19 -1.19 -25.82
C CYS A 202 32.09 -1.67 -26.76
N ALA A 203 31.18 -0.78 -27.12
CA ALA A 203 30.12 -1.18 -28.05
C ALA A 203 30.69 -1.73 -29.36
N MET A 204 31.68 -1.03 -29.95
CA MET A 204 32.27 -1.47 -31.21
C MET A 204 32.80 -2.89 -31.11
N HIS A 205 33.65 -3.13 -30.12
CA HIS A 205 34.32 -4.42 -30.01
C HIS A 205 33.29 -5.52 -29.77
N GLY A 206 32.31 -5.23 -28.93
CA GLY A 206 31.31 -6.23 -28.65
C GLY A 206 30.45 -6.50 -29.86
N SER A 207 30.15 -5.46 -30.64
CA SER A 207 29.30 -5.69 -31.82
C SER A 207 30.06 -6.40 -32.94
N LEU A 208 31.37 -6.17 -33.03
CA LEU A 208 32.19 -6.83 -34.05
C LEU A 208 32.42 -8.29 -33.75
N VAL A 209 32.80 -8.60 -32.52
CA VAL A 209 32.93 -9.99 -32.18
C VAL A 209 31.58 -10.68 -32.35
N THR A 210 30.54 -10.08 -31.77
CA THR A 210 29.20 -10.68 -31.88
C THR A 210 28.75 -10.84 -33.35
N SER A 211 29.13 -9.90 -34.23
CA SER A 211 28.75 -10.01 -35.65
C SER A 211 29.39 -11.20 -36.36
N SER A 212 30.52 -11.67 -35.84
CA SER A 212 31.34 -12.68 -36.50
C SER A 212 31.42 -13.98 -35.73
N LEU A 213 30.49 -14.23 -34.80
CA LEU A 213 30.41 -15.55 -34.22
C LEU A 213 30.17 -16.55 -35.33
N ILE A 214 30.80 -17.66 -35.21
CA ILE A 214 30.71 -18.74 -36.18
C ILE A 214 29.51 -19.58 -35.82
N ARG A 215 28.76 -20.01 -36.83
CA ARG A 215 27.54 -20.73 -36.54
C ARG A 215 27.88 -22.05 -35.87
N GLU A 216 27.40 -22.20 -34.66
CA GLU A 216 27.61 -23.39 -33.88
C GLU A 216 26.29 -23.86 -33.32
N THR A 217 25.25 -23.06 -33.50
CA THR A 217 23.96 -23.28 -32.86
C THR A 217 22.82 -23.14 -33.88
N THR A 218 21.62 -23.46 -33.40
CA THR A 218 20.40 -23.36 -34.17
C THR A 218 19.59 -22.15 -33.70
N GLU A 219 18.57 -21.80 -34.48
CA GLU A 219 17.85 -20.56 -34.17
C GLU A 219 17.03 -20.69 -32.90
N THR A 220 16.88 -21.88 -32.35
CA THR A 220 16.16 -22.07 -31.11
C THR A 220 17.05 -22.11 -29.89
N GLU A 221 18.33 -21.82 -30.01
CA GLU A 221 19.19 -21.80 -28.84
C GLU A 221 20.03 -20.53 -28.85
N SER A 222 20.34 -20.04 -27.65
CA SER A 222 21.28 -18.96 -27.52
C SER A 222 22.56 -19.30 -28.26
N ALA A 223 23.04 -18.34 -29.04
CA ALA A 223 24.34 -18.44 -29.67
C ALA A 223 25.42 -18.71 -28.64
N ASN A 224 25.24 -18.24 -27.39
CA ASN A 224 26.28 -18.38 -26.39
C ASN A 224 26.63 -19.83 -26.12
N TYR A 225 25.72 -20.74 -26.39
CA TYR A 225 26.07 -22.14 -26.19
C TYR A 225 27.01 -22.68 -27.27
N GLY A 226 27.37 -21.86 -28.26
CA GLY A 226 28.38 -22.21 -29.23
C GLY A 226 29.80 -22.12 -28.71
N TYR A 227 30.02 -21.45 -27.59
CA TYR A 227 31.33 -21.42 -26.96
C TYR A 227 31.32 -22.28 -25.71
N LYS A 228 32.34 -23.13 -25.55
CA LYS A 228 32.51 -23.94 -24.35
C LYS A 228 33.74 -23.43 -23.61
N PHE A 229 33.54 -23.06 -22.35
CA PHE A 229 34.61 -22.61 -21.47
C PHE A 229 35.85 -23.49 -21.58
N GLY A 230 36.98 -22.90 -22.00
CA GLY A 230 38.23 -23.62 -22.11
C GLY A 230 38.52 -24.25 -23.46
N GLN A 231 37.61 -24.13 -24.42
CA GLN A 231 37.90 -24.60 -25.77
C GLN A 231 39.14 -23.91 -26.32
N GLU A 232 39.88 -24.63 -27.16
CA GLU A 232 41.11 -24.07 -27.71
C GLU A 232 40.86 -23.18 -28.92
N GLU A 233 39.87 -23.52 -29.76
CA GLU A 233 39.59 -22.70 -30.94
C GLU A 233 38.92 -21.39 -30.56
N GLU A 234 39.33 -20.33 -31.23
CA GLU A 234 38.65 -19.05 -31.13
C GLU A 234 37.21 -19.22 -31.65
N THR A 235 36.31 -18.37 -31.18
CA THR A 235 34.88 -18.61 -31.35
C THR A 235 34.25 -17.67 -32.35
N TYR A 236 35.02 -16.72 -32.87
CA TYR A 236 34.59 -15.82 -33.94
C TYR A 236 35.68 -15.76 -34.99
N ASN A 237 35.31 -15.23 -36.15
CA ASN A 237 36.20 -15.10 -37.30
C ASN A 237 36.68 -13.67 -37.30
N ILE A 238 37.97 -13.45 -36.95
CA ILE A 238 38.50 -12.07 -36.87
C ILE A 238 38.72 -11.47 -38.26
N VAL A 239 39.05 -12.31 -39.24
CA VAL A 239 39.26 -11.78 -40.58
C VAL A 239 37.95 -11.24 -41.15
N ALA A 240 36.82 -11.93 -40.87
CA ALA A 240 35.51 -11.41 -41.25
C ALA A 240 35.20 -10.08 -40.56
N ALA A 241 35.53 -9.97 -39.26
CA ALA A 241 35.31 -8.69 -38.56
C ALA A 241 36.21 -7.58 -39.11
N HIS A 242 37.48 -7.89 -39.37
CA HIS A 242 38.37 -6.94 -40.05
C HIS A 242 37.84 -6.57 -41.42
N GLY A 243 37.38 -7.56 -42.18
CA GLY A 243 36.86 -7.30 -43.51
C GLY A 243 35.64 -6.39 -43.52
N TYR A 244 34.75 -6.53 -42.52
CA TYR A 244 33.61 -5.63 -42.43
C TYR A 244 34.06 -4.24 -41.95
N PHE A 245 34.86 -4.17 -40.88
CA PHE A 245 35.13 -2.86 -40.30
C PHE A 245 36.04 -2.00 -41.19
N GLY A 246 37.05 -2.62 -41.80
CA GLY A 246 37.89 -1.92 -42.74
C GLY A 246 37.16 -1.42 -43.99
N ARG A 247 36.07 -2.09 -44.38
CA ARG A 247 35.27 -1.55 -45.47
C ARG A 247 34.29 -0.49 -44.97
N LEU A 248 33.87 -0.59 -43.71
CA LEU A 248 33.03 0.46 -43.14
C LEU A 248 33.79 1.79 -43.05
N ILE A 249 35.11 1.74 -42.86
CA ILE A 249 35.91 2.96 -42.92
C ILE A 249 36.85 2.88 -44.11
N PHE A 250 38.09 2.47 -43.87
CA PHE A 250 38.99 1.94 -44.90
C PHE A 250 39.93 0.94 -44.22
N GLN A 251 40.61 0.14 -45.02
CA GLN A 251 41.32 -1.03 -44.50
C GLN A 251 42.22 -0.67 -43.33
N TYR A 252 42.98 0.42 -43.46
CA TYR A 252 44.10 0.66 -42.57
C TYR A 252 43.72 1.35 -41.28
N ALA A 253 42.46 1.75 -41.14
CA ALA A 253 41.92 2.20 -39.87
C ALA A 253 41.34 1.05 -39.05
N SER A 254 41.60 -0.20 -39.43
CA SER A 254 41.03 -1.38 -38.78
C SER A 254 42.15 -2.30 -38.32
N PHE A 255 41.90 -2.99 -37.22
CA PHE A 255 42.88 -3.85 -36.58
C PHE A 255 42.68 -5.30 -37.03
N ASN A 256 43.73 -5.92 -37.57
CA ASN A 256 43.67 -7.35 -37.78
C ASN A 256 44.44 -8.10 -36.71
N ASN A 257 45.17 -7.38 -35.85
CA ASN A 257 45.95 -7.99 -34.78
C ASN A 257 45.18 -7.85 -33.48
N SER A 258 44.71 -8.98 -32.95
CA SER A 258 43.89 -8.96 -31.75
C SER A 258 44.67 -8.44 -30.54
N ARG A 259 45.99 -8.60 -30.54
CA ARG A 259 46.75 -8.12 -29.40
C ARG A 259 46.77 -6.60 -29.37
N SER A 260 47.08 -5.98 -30.51
CA SER A 260 47.06 -4.53 -30.59
C SER A 260 45.68 -3.99 -30.28
N LEU A 261 44.65 -4.69 -30.78
CA LEU A 261 43.29 -4.22 -30.60
C LEU A 261 42.93 -4.20 -29.12
N HIS A 262 43.16 -5.33 -28.42
CA HIS A 262 42.83 -5.36 -26.99
C HIS A 262 43.74 -4.45 -26.18
N PHE A 263 44.99 -4.21 -26.60
CA PHE A 263 45.82 -3.25 -25.87
C PHE A 263 45.29 -1.84 -26.07
N PHE A 264 44.82 -1.55 -27.28
CA PHE A 264 44.14 -0.28 -27.52
C PHE A 264 42.93 -0.13 -26.61
N LEU A 265 42.10 -1.17 -26.51
CA LEU A 265 40.93 -1.09 -25.65
C LEU A 265 41.32 -0.71 -24.23
N ALA A 266 42.47 -1.22 -23.77
CA ALA A 266 42.90 -0.99 -22.40
C ALA A 266 43.42 0.43 -22.23
N ALA A 267 44.20 0.91 -23.18
CA ALA A 267 44.96 2.14 -22.96
C ALA A 267 44.09 3.38 -23.10
N TRP A 268 43.14 3.36 -24.02
CA TRP A 268 42.38 4.58 -24.24
C TRP A 268 41.62 5.03 -23.00
N PRO A 269 40.76 4.21 -22.39
CA PRO A 269 40.03 4.72 -21.22
C PRO A 269 40.92 4.87 -19.99
N VAL A 270 42.01 4.11 -19.92
CA VAL A 270 42.89 4.22 -18.78
C VAL A 270 43.63 5.54 -18.82
N VAL A 271 44.22 5.85 -19.95
CA VAL A 271 44.94 7.12 -20.06
C VAL A 271 44.00 8.30 -19.93
N GLY A 272 42.82 8.25 -20.57
CA GLY A 272 41.89 9.35 -20.37
C GLY A 272 41.52 9.53 -18.91
N VAL A 273 41.37 8.45 -18.17
CA VAL A 273 40.95 8.63 -16.80
C VAL A 273 42.11 9.05 -15.87
N TRP A 274 43.33 8.62 -16.16
CA TRP A 274 44.50 9.23 -15.57
C TRP A 274 44.46 10.74 -15.70
N PHE A 275 44.28 11.23 -16.92
CA PHE A 275 44.29 12.67 -17.06
C PHE A 275 43.16 13.32 -16.27
N THR A 276 41.97 12.73 -16.22
CA THR A 276 40.92 13.46 -15.53
C THR A 276 41.13 13.43 -14.02
N ALA A 277 41.67 12.33 -13.51
CA ALA A 277 42.13 12.30 -12.12
C ALA A 277 43.23 13.31 -11.89
N LEU A 278 44.13 13.47 -12.87
CA LEU A 278 45.13 14.52 -12.75
C LEU A 278 44.46 15.87 -12.80
N GLY A 279 43.35 16.00 -13.53
CA GLY A 279 42.64 17.28 -13.53
C GLY A 279 42.20 17.67 -12.14
N ILE A 280 41.52 16.75 -11.45
CA ILE A 280 41.02 17.07 -10.12
C ILE A 280 42.21 17.34 -9.19
N SER A 281 43.31 16.65 -9.43
CA SER A 281 44.45 16.71 -8.55
C SER A 281 45.22 17.99 -8.70
N THR A 282 45.11 18.66 -9.85
CA THR A 282 45.83 19.89 -10.06
C THR A 282 44.96 21.11 -9.90
N MET A 283 43.66 20.99 -10.21
CA MET A 283 42.71 22.00 -9.77
C MET A 283 42.66 22.07 -8.25
N ALA A 284 43.15 21.02 -7.57
CA ALA A 284 43.29 21.04 -6.12
C ALA A 284 44.27 22.13 -5.67
N PHE A 285 45.19 22.48 -6.56
CA PHE A 285 46.13 23.58 -6.36
C PHE A 285 45.78 24.79 -7.22
N ASN A 286 44.52 24.88 -7.68
CA ASN A 286 43.87 26.08 -8.24
C ASN A 286 44.50 26.51 -9.56
N LEU A 287 44.96 25.54 -10.31
CA LEU A 287 45.37 25.75 -11.69
C LEU A 287 44.14 25.32 -12.51
N ASN A 288 43.30 26.31 -12.79
CA ASN A 288 41.91 26.13 -13.20
C ASN A 288 41.77 26.11 -14.71
N GLY A 289 40.54 25.86 -15.16
CA GLY A 289 40.26 25.84 -16.57
C GLY A 289 40.51 27.18 -17.24
N PHE A 290 40.72 27.11 -18.55
CA PHE A 290 40.86 28.31 -19.38
C PHE A 290 39.82 29.34 -19.04
N ASN A 291 40.28 30.58 -18.93
CA ASN A 291 39.44 31.71 -18.64
C ASN A 291 39.45 32.64 -19.85
N PHE A 292 38.35 32.67 -20.61
CA PHE A 292 38.20 33.57 -21.74
C PHE A 292 37.12 34.59 -21.49
N ASN A 293 36.91 34.94 -20.23
CA ASN A 293 35.89 35.92 -19.91
C ASN A 293 36.37 37.30 -20.40
N HIS A 294 35.51 37.97 -21.20
CA HIS A 294 35.75 39.25 -21.85
C HIS A 294 36.97 39.22 -22.77
N SER A 295 37.28 38.07 -23.31
CA SER A 295 38.46 37.99 -24.18
C SER A 295 38.20 38.64 -25.54
N VAL A 296 36.95 38.80 -25.95
CA VAL A 296 36.62 39.44 -27.21
C VAL A 296 36.01 40.78 -26.91
N ILE A 297 36.65 41.85 -27.40
CA ILE A 297 36.09 43.19 -27.34
C ILE A 297 36.15 43.81 -28.73
N ASP A 298 35.31 44.83 -28.94
CA ASP A 298 35.21 45.45 -30.26
C ASP A 298 36.14 46.65 -30.36
N ALA A 299 36.08 47.33 -31.52
CA ALA A 299 36.97 48.44 -31.83
C ALA A 299 36.91 49.54 -30.78
N LYS A 300 35.72 49.78 -30.21
CA LYS A 300 35.62 50.77 -29.15
C LYS A 300 36.07 50.22 -27.80
N GLY A 301 35.98 48.90 -27.62
CA GLY A 301 36.21 48.28 -26.34
C GLY A 301 34.97 47.75 -25.63
N ASN A 302 33.80 47.73 -26.28
CA ASN A 302 32.66 47.02 -25.70
C ASN A 302 33.05 45.54 -25.63
N VAL A 303 32.63 44.88 -24.56
CA VAL A 303 32.79 43.43 -24.49
C VAL A 303 31.79 42.82 -25.46
N ILE A 304 32.26 41.92 -26.30
CA ILE A 304 31.43 41.10 -27.17
C ILE A 304 31.40 39.69 -26.58
N ASN A 305 30.27 39.31 -26.01
CA ASN A 305 30.20 38.02 -25.34
C ASN A 305 30.37 36.88 -26.34
N THR A 306 30.94 35.79 -25.83
CA THR A 306 31.01 34.49 -26.47
C THR A 306 30.28 33.48 -25.57
N TRP A 307 30.29 32.22 -26.00
CA TRP A 307 29.78 31.17 -25.16
C TRP A 307 30.56 31.03 -23.85
N ALA A 308 31.84 31.43 -23.80
CA ALA A 308 32.55 31.37 -22.51
C ALA A 308 31.96 32.36 -21.52
N ASP A 309 31.57 33.54 -21.98
CA ASP A 309 30.93 34.47 -21.06
C ASP A 309 29.60 33.94 -20.55
N ILE A 310 28.85 33.20 -21.38
CA ILE A 310 27.60 32.62 -20.90
C ILE A 310 27.90 31.58 -19.82
N ILE A 311 28.84 30.67 -20.06
CA ILE A 311 29.32 29.76 -19.01
C ILE A 311 29.65 30.52 -17.74
N ASN A 312 30.29 31.69 -17.86
CA ASN A 312 30.65 32.43 -16.66
C ASN A 312 29.41 32.84 -15.88
N ARG A 313 28.35 33.28 -16.58
CA ARG A 313 27.13 33.72 -15.88
C ARG A 313 26.56 32.58 -15.07
N ALA A 314 26.55 31.37 -15.64
CA ALA A 314 26.12 30.21 -14.88
C ALA A 314 27.08 29.90 -13.73
N ASN A 315 28.40 29.99 -13.94
CA ASN A 315 29.32 29.74 -12.83
C ASN A 315 29.13 30.75 -11.71
N LEU A 316 28.82 31.98 -12.08
CA LEU A 316 28.59 33.02 -11.10
C LEU A 316 27.41 32.68 -10.20
N GLY A 317 26.35 32.12 -10.77
CA GLY A 317 25.17 31.80 -9.98
C GLY A 317 25.41 30.64 -9.07
N MET A 318 26.26 29.71 -9.48
CA MET A 318 26.72 28.66 -8.57
C MET A 318 27.55 29.25 -7.44
N GLU A 319 28.53 30.09 -7.79
CA GLU A 319 29.44 30.69 -6.81
C GLU A 319 28.68 31.41 -5.71
N VAL A 320 27.79 32.32 -6.10
CA VAL A 320 27.21 33.20 -5.11
C VAL A 320 26.21 32.48 -4.26
N MET A 321 25.69 31.33 -4.70
CA MET A 321 24.70 30.64 -3.88
C MET A 321 25.28 29.57 -2.99
N HIS A 322 26.37 28.93 -3.39
CA HIS A 322 26.82 27.78 -2.63
C HIS A 322 27.26 28.25 -1.24
N GLU A 323 27.05 27.40 -0.24
CA GLU A 323 27.47 27.67 1.15
C GLU A 323 27.12 29.11 1.53
N ARG A 324 25.84 29.42 1.32
CA ARG A 324 25.32 30.78 1.33
C ARG A 324 25.52 31.51 2.66
N ASN A 325 25.85 30.80 3.75
CA ASN A 325 26.03 31.44 5.04
C ASN A 325 27.48 31.42 5.52
N ALA A 326 28.41 30.86 4.74
CA ALA A 326 29.72 30.54 5.26
C ALA A 326 30.76 31.59 4.95
N HIS A 327 30.48 32.51 4.05
CA HIS A 327 31.46 33.50 3.63
C HIS A 327 31.11 34.85 4.23
N ASN A 328 32.10 35.45 4.90
CA ASN A 328 31.94 36.79 5.46
C ASN A 328 32.71 37.87 4.70
N PHE A 329 33.63 37.49 3.84
CA PHE A 329 34.49 38.39 3.08
C PHE A 329 34.39 38.10 1.59
N PRO A 330 34.77 39.06 0.74
CA PRO A 330 34.22 39.06 -0.63
C PRO A 330 34.77 38.00 -1.56
N LEU A 331 35.88 37.35 -1.25
CA LEU A 331 36.51 36.38 -2.14
C LEU A 331 36.55 35.00 -1.52
N ASP A 332 36.24 34.00 -2.33
CA ASP A 332 36.14 32.60 -1.88
C ASP A 332 37.45 31.99 -2.35
N LEU A 333 38.45 32.08 -1.47
CA LEU A 333 39.81 31.75 -1.82
C LEU A 333 40.13 30.29 -1.55
N ALA A 334 39.21 29.56 -0.94
CA ALA A 334 39.34 28.13 -0.86
C ALA A 334 37.98 27.59 -0.51
N GLY B 1 16.95 -25.30 -24.71
CA GLY B 1 15.64 -24.70 -24.66
C GLY B 1 15.66 -23.27 -25.19
N LEU B 2 14.50 -22.76 -25.60
CA LEU B 2 14.44 -21.37 -26.00
C LEU B 2 14.87 -20.50 -24.81
N PRO B 3 15.64 -19.44 -25.06
CA PRO B 3 15.81 -18.41 -24.03
C PRO B 3 14.51 -17.67 -23.80
N TRP B 4 14.43 -17.02 -22.65
CA TRP B 4 13.21 -16.33 -22.28
C TRP B 4 12.79 -15.33 -23.35
N TYR B 5 13.76 -14.71 -24.05
CA TYR B 5 13.42 -13.57 -24.91
C TYR B 5 12.90 -14.01 -26.27
N ARG B 6 12.78 -15.33 -26.48
CA ARG B 6 12.33 -15.91 -27.74
C ARG B 6 11.10 -16.80 -27.60
N VAL B 7 10.47 -16.85 -26.44
CA VAL B 7 9.37 -17.80 -26.25
C VAL B 7 8.27 -17.63 -27.31
N HIS B 8 8.05 -16.42 -27.81
CA HIS B 8 6.89 -16.22 -28.67
C HIS B 8 7.19 -16.55 -30.12
N THR B 9 8.44 -16.94 -30.42
CA THR B 9 8.77 -17.38 -31.78
C THR B 9 8.10 -18.69 -32.17
N VAL B 10 7.56 -19.44 -31.21
CA VAL B 10 6.85 -20.67 -31.54
C VAL B 10 5.60 -20.42 -32.39
N LEU B 11 5.25 -19.16 -32.61
CA LEU B 11 4.10 -18.82 -33.42
C LEU B 11 4.44 -18.55 -34.87
N ILE B 12 5.73 -18.41 -35.21
CA ILE B 12 6.11 -17.91 -36.53
C ILE B 12 5.56 -18.78 -37.66
N ASN B 13 5.41 -20.08 -37.43
CA ASN B 13 4.90 -20.99 -38.44
C ASN B 13 3.60 -21.64 -38.00
N ASP B 14 2.82 -20.93 -37.20
CA ASP B 14 1.59 -21.49 -36.63
C ASP B 14 0.54 -20.43 -36.80
N PRO B 15 0.03 -20.28 -38.02
CA PRO B 15 -0.97 -19.21 -38.29
C PRO B 15 -2.12 -19.24 -37.32
N GLY B 16 -2.63 -20.42 -36.97
CA GLY B 16 -3.77 -20.48 -36.07
C GLY B 16 -3.47 -19.92 -34.70
N ARG B 17 -2.39 -20.38 -34.10
CA ARG B 17 -2.06 -19.88 -32.77
C ARG B 17 -1.55 -18.45 -32.83
N LEU B 18 -1.04 -18.02 -33.98
CA LEU B 18 -0.74 -16.59 -34.15
C LEU B 18 -2.01 -15.79 -34.07
N ILE B 19 -3.06 -16.28 -34.73
CA ILE B 19 -4.34 -15.60 -34.64
C ILE B 19 -4.84 -15.64 -33.21
N ALA B 20 -4.68 -16.76 -32.55
CA ALA B 20 -5.14 -16.86 -31.15
C ALA B 20 -4.43 -15.84 -30.27
N ALA B 21 -3.13 -15.66 -30.48
CA ALA B 21 -2.34 -14.67 -29.73
C ALA B 21 -2.82 -13.27 -30.03
N HIS B 22 -3.02 -12.96 -31.32
CA HIS B 22 -3.54 -11.67 -31.68
C HIS B 22 -4.92 -11.45 -31.07
N LEU B 23 -5.79 -12.46 -31.12
CA LEU B 23 -7.10 -12.30 -30.51
C LEU B 23 -6.96 -11.97 -29.03
N MET B 24 -6.06 -12.66 -28.35
CA MET B 24 -5.88 -12.39 -26.92
C MET B 24 -5.31 -10.98 -26.71
N HIS B 25 -4.36 -10.54 -27.53
CA HIS B 25 -3.90 -9.18 -27.37
C HIS B 25 -5.06 -8.19 -27.52
N THR B 26 -5.91 -8.39 -28.55
CA THR B 26 -7.04 -7.50 -28.77
C THR B 26 -8.03 -7.55 -27.61
N ALA B 27 -8.29 -8.74 -27.09
CA ALA B 27 -9.11 -8.84 -25.89
C ALA B 27 -8.56 -7.98 -24.78
N LEU B 28 -7.23 -8.01 -24.58
CA LEU B 28 -6.68 -7.31 -23.44
C LEU B 28 -6.77 -5.81 -23.64
N VAL B 29 -6.58 -5.34 -24.88
CA VAL B 29 -6.64 -3.90 -25.13
C VAL B 29 -8.07 -3.36 -24.99
N ALA B 30 -9.06 -4.10 -25.51
CA ALA B 30 -10.45 -3.68 -25.37
C ALA B 30 -10.88 -3.69 -23.91
N GLY B 31 -10.45 -4.72 -23.18
CA GLY B 31 -10.68 -4.76 -21.74
C GLY B 31 -10.08 -3.58 -21.00
N TRP B 32 -8.81 -3.29 -21.26
CA TRP B 32 -8.21 -2.09 -20.70
C TRP B 32 -9.11 -0.89 -20.95
N ALA B 33 -9.48 -0.65 -22.22
CA ALA B 33 -10.32 0.49 -22.54
C ALA B 33 -11.56 0.52 -21.65
N GLY B 34 -12.25 -0.61 -21.54
CA GLY B 34 -13.46 -0.64 -20.72
C GLY B 34 -13.18 -0.35 -19.26
N SER B 35 -12.10 -0.95 -18.72
CA SER B 35 -11.75 -0.74 -17.30
C SER B 35 -11.33 0.68 -17.06
N MET B 36 -10.62 1.27 -18.00
CA MET B 36 -10.14 2.64 -17.81
C MET B 36 -11.31 3.59 -17.76
N ALA B 37 -12.30 3.39 -18.65
CA ALA B 37 -13.45 4.27 -18.67
C ALA B 37 -14.25 4.16 -17.39
N LEU B 38 -14.46 2.94 -16.91
CA LEU B 38 -15.23 2.76 -15.69
C LEU B 38 -14.54 3.41 -14.51
N TYR B 39 -13.22 3.27 -14.43
CA TYR B 39 -12.47 3.97 -13.39
C TYR B 39 -12.65 5.49 -13.52
N GLU B 40 -12.56 6.02 -14.75
CA GLU B 40 -12.67 7.47 -14.93
C GLU B 40 -14.06 7.94 -14.59
N LEU B 41 -15.09 7.14 -14.94
CA LEU B 41 -16.46 7.52 -14.61
C LEU B 41 -16.69 7.49 -13.10
N ALA B 42 -16.07 6.54 -12.41
CA ALA B 42 -16.17 6.47 -10.95
C ALA B 42 -15.48 7.64 -10.25
N THR B 43 -14.58 8.35 -10.93
CA THR B 43 -13.80 9.41 -10.28
C THR B 43 -14.09 10.80 -10.83
N PHE B 44 -14.85 10.91 -11.94
CA PHE B 44 -15.05 12.19 -12.61
C PHE B 44 -16.11 13.00 -11.89
N ASP B 45 -15.83 14.28 -11.67
CA ASP B 45 -16.82 15.24 -11.19
C ASP B 45 -17.38 16.02 -12.38
N PRO B 46 -18.63 15.81 -12.78
CA PRO B 46 -19.18 16.53 -13.94
C PRO B 46 -19.84 17.88 -13.66
N SER B 47 -19.78 18.39 -12.46
CA SER B 47 -20.60 19.54 -12.08
C SER B 47 -20.01 20.90 -12.43
N ASP B 48 -18.75 21.00 -12.90
CA ASP B 48 -18.22 22.30 -13.31
C ASP B 48 -17.28 22.18 -14.51
N PRO B 49 -17.83 22.22 -15.72
CA PRO B 49 -16.95 22.23 -16.89
C PRO B 49 -16.25 23.55 -17.15
N VAL B 50 -16.54 24.59 -16.39
CA VAL B 50 -15.79 25.83 -16.55
C VAL B 50 -14.43 25.71 -15.87
N LEU B 51 -14.42 25.50 -14.55
CA LEU B 51 -13.17 25.55 -13.79
C LEU B 51 -12.68 24.18 -13.35
N ASN B 52 -13.48 23.12 -13.50
CA ASN B 52 -13.03 21.77 -13.18
C ASN B 52 -13.33 20.85 -14.36
N PRO B 53 -12.88 21.21 -15.56
CA PRO B 53 -13.07 20.34 -16.71
C PRO B 53 -12.32 19.03 -16.54
N MET B 54 -12.61 18.12 -17.45
CA MET B 54 -12.05 16.78 -17.40
C MET B 54 -10.52 16.80 -17.40
N TRP B 55 -9.91 17.75 -18.13
CA TRP B 55 -8.46 17.74 -18.31
C TRP B 55 -7.71 18.17 -17.05
N ARG B 56 -8.42 18.82 -16.11
CA ARG B 56 -7.91 19.15 -14.79
C ARG B 56 -7.97 17.97 -13.82
N GLN B 57 -8.75 16.95 -14.18
CA GLN B 57 -9.04 15.81 -13.33
C GLN B 57 -8.32 14.54 -13.77
N GLY B 58 -7.36 14.64 -14.68
CA GLY B 58 -6.55 13.51 -15.08
C GLY B 58 -7.32 12.46 -15.82
N MET B 59 -8.34 12.87 -16.56
CA MET B 59 -9.10 12.00 -17.44
C MET B 59 -8.33 11.78 -18.74
N PHE B 60 -8.20 10.54 -19.16
CA PHE B 60 -7.42 10.20 -20.33
C PHE B 60 -8.24 9.59 -21.46
N VAL B 61 -9.19 8.69 -21.16
CA VAL B 61 -10.03 8.12 -22.22
C VAL B 61 -11.32 8.93 -22.42
N LEU B 62 -11.81 9.62 -21.37
CA LEU B 62 -13.03 10.41 -21.51
C LEU B 62 -12.96 11.33 -22.69
N PRO B 63 -11.93 12.16 -22.82
CA PRO B 63 -11.86 13.05 -23.96
C PRO B 63 -11.83 12.33 -25.28
N PHE B 64 -11.34 11.10 -25.34
CA PHE B 64 -11.40 10.42 -26.63
C PHE B 64 -12.81 9.96 -26.97
N MET B 65 -13.62 9.63 -25.96
CA MET B 65 -15.03 9.31 -26.22
C MET B 65 -15.80 10.57 -26.57
N ALA B 66 -15.51 11.67 -25.89
CA ALA B 66 -16.13 12.95 -26.22
C ALA B 66 -15.75 13.44 -27.61
N ARG B 67 -14.49 13.24 -28.01
CA ARG B 67 -14.02 13.73 -29.31
C ARG B 67 -14.91 13.24 -30.46
N LEU B 68 -15.39 11.99 -30.40
CA LEU B 68 -16.16 11.38 -31.49
C LEU B 68 -17.66 11.35 -31.24
N GLY B 69 -18.14 11.98 -30.17
CA GLY B 69 -19.55 12.28 -30.00
C GLY B 69 -20.19 11.68 -28.76
N VAL B 70 -19.47 10.94 -27.93
CA VAL B 70 -20.02 10.42 -26.69
C VAL B 70 -19.85 11.47 -25.60
N THR B 71 -20.96 12.10 -25.20
CA THR B 71 -20.92 13.24 -24.30
C THR B 71 -21.78 13.12 -23.06
N GLY B 72 -22.63 12.12 -22.95
CA GLY B 72 -23.50 11.99 -21.82
C GLY B 72 -23.30 10.71 -21.02
N SER B 73 -23.79 10.74 -19.78
CA SER B 73 -23.90 9.59 -18.92
C SER B 73 -25.35 9.16 -18.76
N TRP B 74 -25.52 7.87 -18.54
CA TRP B 74 -26.79 7.32 -18.17
C TRP B 74 -27.36 7.97 -16.91
N SER B 75 -26.50 8.65 -16.10
CA SER B 75 -26.90 9.32 -14.85
C SER B 75 -27.54 10.68 -15.09
N GLY B 76 -27.60 11.14 -16.34
CA GLY B 76 -28.30 12.35 -16.73
C GLY B 76 -27.42 13.55 -17.01
N TRP B 77 -26.13 13.50 -16.71
CA TRP B 77 -25.25 14.62 -17.01
C TRP B 77 -24.57 14.44 -18.37
N SER B 78 -24.13 15.56 -18.93
CA SER B 78 -23.33 15.61 -20.14
C SER B 78 -22.08 16.44 -19.84
N ILE B 79 -21.02 16.22 -20.62
CA ILE B 79 -19.77 16.92 -20.35
C ILE B 79 -19.83 18.39 -20.71
N THR B 80 -20.85 18.84 -21.44
CA THR B 80 -20.98 20.25 -21.68
C THR B 80 -21.85 20.90 -20.65
N GLY B 81 -22.31 20.13 -19.67
CA GLY B 81 -22.95 20.71 -18.52
C GLY B 81 -24.46 20.77 -18.57
N GLU B 82 -25.08 20.39 -19.69
CA GLU B 82 -26.53 20.31 -19.71
C GLU B 82 -26.97 19.10 -18.91
N THR B 83 -28.17 19.18 -18.37
CA THR B 83 -28.65 18.27 -17.34
C THR B 83 -30.07 17.83 -17.71
N GLY B 84 -30.35 16.54 -17.50
CA GLY B 84 -31.59 15.95 -17.98
C GLY B 84 -31.54 15.37 -19.38
N ILE B 85 -30.35 15.06 -19.90
CA ILE B 85 -30.27 14.42 -21.20
C ILE B 85 -30.54 12.92 -21.05
N ASP B 86 -30.84 12.30 -22.20
CA ASP B 86 -30.97 10.85 -22.32
C ASP B 86 -30.10 10.50 -23.50
N PRO B 87 -28.87 10.01 -23.29
CA PRO B 87 -27.97 9.77 -24.42
C PRO B 87 -28.28 8.51 -25.20
N GLY B 88 -29.14 7.64 -24.71
CA GLY B 88 -29.36 6.39 -25.38
C GLY B 88 -28.37 5.36 -24.90
N PHE B 89 -28.18 4.32 -25.70
CA PHE B 89 -27.26 3.31 -25.25
C PHE B 89 -25.82 3.81 -25.20
N TRP B 90 -25.40 4.65 -26.17
CA TRP B 90 -24.00 5.05 -26.37
C TRP B 90 -23.62 6.22 -25.47
N SER B 91 -23.83 5.98 -24.20
CA SER B 91 -23.32 6.84 -23.14
C SER B 91 -21.89 6.40 -22.86
N PHE B 92 -21.24 7.12 -21.95
CA PHE B 92 -19.94 6.66 -21.46
C PHE B 92 -20.02 5.25 -20.93
N GLU B 93 -21.04 4.98 -20.12
CA GLU B 93 -21.20 3.64 -19.55
C GLU B 93 -21.34 2.59 -20.64
N GLY B 94 -22.20 2.83 -21.63
CA GLY B 94 -22.44 1.82 -22.64
C GLY B 94 -21.23 1.55 -23.52
N VAL B 95 -20.48 2.58 -23.84
CA VAL B 95 -19.21 2.39 -24.55
C VAL B 95 -18.30 1.48 -23.76
N ALA B 96 -18.25 1.68 -22.45
CA ALA B 96 -17.33 0.88 -21.64
C ALA B 96 -17.82 -0.54 -21.58
N LEU B 97 -19.12 -0.72 -21.43
CA LEU B 97 -19.71 -2.06 -21.43
C LEU B 97 -19.43 -2.78 -22.73
N ALA B 98 -19.66 -2.12 -23.85
CA ALA B 98 -19.44 -2.79 -25.12
C ALA B 98 -18.00 -3.30 -25.18
N HIS B 99 -17.05 -2.48 -24.75
CA HIS B 99 -15.65 -2.90 -24.87
C HIS B 99 -15.33 -4.10 -23.98
N ILE B 100 -15.96 -4.17 -22.82
CA ILE B 100 -15.83 -5.35 -21.98
C ILE B 100 -16.48 -6.57 -22.59
N VAL B 101 -17.68 -6.44 -23.18
CA VAL B 101 -18.29 -7.60 -23.83
C VAL B 101 -17.45 -8.03 -25.02
N LEU B 102 -16.95 -7.06 -25.78
CA LEU B 102 -16.02 -7.37 -26.85
C LEU B 102 -14.83 -8.15 -26.32
N SER B 103 -14.29 -7.73 -25.17
CA SER B 103 -13.09 -8.36 -24.65
C SER B 103 -13.37 -9.81 -24.30
N GLY B 104 -14.53 -10.07 -23.70
CA GLY B 104 -14.90 -11.43 -23.35
C GLY B 104 -15.10 -12.29 -24.57
N LEU B 105 -15.74 -11.74 -25.61
CA LEU B 105 -15.97 -12.49 -26.82
C LEU B 105 -14.67 -12.80 -27.53
N LEU B 106 -13.74 -11.84 -27.56
CA LEU B 106 -12.44 -12.06 -28.19
C LEU B 106 -11.66 -13.12 -27.42
N PHE B 107 -11.89 -13.21 -26.13
CA PHE B 107 -11.21 -14.18 -25.29
C PHE B 107 -11.64 -15.58 -25.64
N LEU B 108 -12.93 -15.79 -25.87
CA LEU B 108 -13.38 -17.14 -26.21
C LEU B 108 -12.88 -17.51 -27.59
N ALA B 109 -12.89 -16.55 -28.49
CA ALA B 109 -12.45 -16.86 -29.84
C ALA B 109 -10.99 -17.29 -29.81
N ALA B 110 -10.21 -16.70 -28.90
CA ALA B 110 -8.78 -17.03 -28.82
C ALA B 110 -8.60 -18.45 -28.34
N CYS B 111 -9.42 -18.90 -27.40
CA CYS B 111 -9.33 -20.30 -26.99
C CYS B 111 -9.55 -21.21 -28.16
N TRP B 112 -10.65 -20.98 -28.90
CA TRP B 112 -11.02 -21.87 -30.00
C TRP B 112 -9.91 -21.98 -31.01
N HIS B 113 -9.36 -20.83 -31.41
CA HIS B 113 -8.26 -20.83 -32.38
C HIS B 113 -6.98 -21.43 -31.81
N TRP B 114 -6.75 -21.34 -30.50
CA TRP B 114 -5.57 -22.02 -29.93
C TRP B 114 -5.71 -23.52 -29.99
N VAL B 115 -6.90 -24.03 -29.66
CA VAL B 115 -7.11 -25.47 -29.68
C VAL B 115 -7.14 -26.00 -31.11
N TYR B 116 -7.93 -25.39 -31.97
CA TYR B 116 -8.13 -25.85 -33.34
C TYR B 116 -7.19 -25.09 -34.26
N TRP B 117 -5.90 -25.29 -33.95
CA TRP B 117 -4.84 -24.57 -34.63
C TRP B 117 -4.64 -25.12 -36.03
N ASP B 118 -4.93 -26.40 -36.23
CA ASP B 118 -4.55 -27.10 -37.45
C ASP B 118 -5.66 -27.05 -38.51
N LEU B 119 -5.96 -25.85 -38.98
CA LEU B 119 -6.98 -25.63 -39.99
C LEU B 119 -6.38 -25.71 -41.41
N GLU B 120 -7.10 -26.39 -42.29
CA GLU B 120 -6.64 -26.59 -43.67
C GLU B 120 -6.41 -25.27 -44.37
N LEU B 121 -7.19 -24.25 -44.03
CA LEU B 121 -7.04 -22.93 -44.64
C LEU B 121 -5.60 -22.47 -44.64
N PHE B 122 -4.85 -22.82 -43.57
CA PHE B 122 -3.49 -22.32 -43.37
C PHE B 122 -2.45 -23.15 -44.11
N ARG B 123 -2.85 -24.26 -44.74
CA ARG B 123 -1.90 -25.09 -45.46
C ARG B 123 -1.84 -24.69 -46.92
N ASP B 124 -0.62 -24.55 -47.44
CA ASP B 124 -0.43 -24.34 -48.87
C ASP B 124 -0.93 -25.57 -49.62
N PRO B 125 -1.95 -25.44 -50.50
CA PRO B 125 -2.57 -26.65 -51.06
C PRO B 125 -1.62 -27.45 -51.93
N ARG B 126 -0.58 -26.84 -52.49
CA ARG B 126 0.39 -27.60 -53.26
C ARG B 126 1.18 -28.53 -52.36
N THR B 127 1.84 -27.97 -51.35
CA THR B 127 2.92 -28.60 -50.60
C THR B 127 2.50 -29.15 -49.24
N GLY B 128 1.32 -28.77 -48.73
CA GLY B 128 0.89 -29.18 -47.41
C GLY B 128 1.55 -28.46 -46.27
N GLU B 129 2.46 -27.56 -46.54
CA GLU B 129 3.13 -26.77 -45.53
C GLU B 129 2.28 -25.58 -45.13
N PRO B 130 2.31 -25.18 -43.86
CA PRO B 130 1.62 -23.96 -43.49
C PRO B 130 2.23 -22.79 -44.24
N ALA B 131 1.37 -21.90 -44.69
CA ALA B 131 1.81 -20.80 -45.52
C ALA B 131 0.75 -19.71 -45.47
N LEU B 132 1.19 -18.47 -45.40
CA LEU B 132 0.31 -17.33 -45.54
C LEU B 132 0.71 -16.58 -46.80
N ASP B 133 -0.27 -16.33 -47.68
CA ASP B 133 -0.05 -15.48 -48.84
C ASP B 133 -0.12 -14.04 -48.36
N LEU B 134 1.01 -13.52 -47.94
CA LEU B 134 1.05 -12.18 -47.36
C LEU B 134 0.69 -11.07 -48.34
N PRO B 135 1.09 -11.14 -49.61
CA PRO B 135 0.72 -10.06 -50.53
C PRO B 135 -0.79 -9.91 -50.71
N LYS B 136 -1.52 -11.03 -50.80
CA LYS B 136 -2.95 -10.92 -50.97
C LYS B 136 -3.63 -10.53 -49.67
N MET B 137 -3.11 -11.03 -48.54
CA MET B 137 -3.62 -10.59 -47.26
C MET B 137 -3.52 -9.09 -47.17
N PHE B 138 -2.42 -8.54 -47.65
CA PHE B 138 -2.28 -7.11 -47.57
C PHE B 138 -3.41 -6.42 -48.31
N GLY B 139 -3.61 -6.83 -49.57
CA GLY B 139 -4.68 -6.26 -50.37
C GLY B 139 -6.05 -6.37 -49.73
N ILE B 140 -6.33 -7.52 -49.12
CA ILE B 140 -7.63 -7.72 -48.49
C ILE B 140 -7.79 -6.77 -47.31
N HIS B 141 -6.76 -6.70 -46.47
CA HIS B 141 -6.83 -5.88 -45.28
C HIS B 141 -6.81 -4.40 -45.63
N LEU B 142 -6.02 -4.02 -46.63
CA LEU B 142 -6.00 -2.62 -47.07
C LEU B 142 -7.37 -2.19 -47.58
N PHE B 143 -8.04 -3.08 -48.31
CA PHE B 143 -9.37 -2.79 -48.84
C PHE B 143 -10.36 -2.56 -47.71
N LEU B 144 -10.33 -3.43 -46.70
CA LEU B 144 -11.16 -3.24 -45.50
C LEU B 144 -10.82 -1.94 -44.80
N ALA B 145 -9.53 -1.67 -44.61
CA ALA B 145 -9.14 -0.41 -43.99
C ALA B 145 -9.76 0.76 -44.75
N GLY B 146 -9.69 0.70 -46.08
CA GLY B 146 -10.23 1.78 -46.90
C GLY B 146 -11.73 1.94 -46.79
N LEU B 147 -12.48 0.82 -46.82
CA LEU B 147 -13.91 0.89 -46.61
C LEU B 147 -14.23 1.61 -45.33
N LEU B 148 -13.53 1.22 -44.26
CA LEU B 148 -13.85 1.77 -42.95
CA LEU B 148 -13.84 1.77 -42.94
C LEU B 148 -13.39 3.21 -42.84
N CYS B 149 -12.29 3.54 -43.48
CA CYS B 149 -11.81 4.90 -43.39
C CYS B 149 -12.76 5.83 -44.13
N PHE B 150 -13.17 5.41 -45.34
CA PHE B 150 -14.24 6.09 -46.06
C PHE B 150 -15.52 6.21 -45.23
N GLY B 151 -16.04 5.09 -44.76
CA GLY B 151 -17.28 5.16 -44.00
C GLY B 151 -17.19 6.06 -42.79
N PHE B 152 -16.07 5.99 -42.07
CA PHE B 152 -15.87 6.84 -40.91
C PHE B 152 -16.04 8.29 -41.30
N GLY B 153 -15.34 8.72 -42.35
CA GLY B 153 -15.42 10.11 -42.77
C GLY B 153 -16.73 10.45 -43.49
N ALA B 154 -17.22 9.53 -44.30
CA ALA B 154 -18.40 9.84 -45.10
C ALA B 154 -19.66 9.90 -44.24
N PHE B 155 -19.77 9.07 -43.21
CA PHE B 155 -20.99 8.93 -42.42
C PHE B 155 -20.86 9.45 -40.99
N HIS B 156 -19.84 9.02 -40.22
CA HIS B 156 -19.75 9.43 -38.82
C HIS B 156 -19.40 10.92 -38.69
N LEU B 157 -18.35 11.36 -39.37
CA LEU B 157 -17.88 12.72 -39.21
C LEU B 157 -18.83 13.75 -39.82
N THR B 158 -19.45 13.42 -40.94
CA THR B 158 -20.36 14.37 -41.58
C THR B 158 -21.64 14.56 -40.79
N GLY B 159 -22.08 13.55 -40.04
CA GLY B 159 -23.45 13.50 -39.54
C GLY B 159 -24.49 12.85 -40.46
N LEU B 160 -24.11 12.47 -41.71
CA LEU B 160 -25.00 11.72 -42.60
C LEU B 160 -25.62 10.52 -41.90
N PHE B 161 -24.83 9.81 -41.12
CA PHE B 161 -25.29 8.68 -40.31
C PHE B 161 -24.27 8.62 -39.17
N GLY B 162 -24.39 9.54 -38.25
CA GLY B 162 -23.48 9.63 -37.13
C GLY B 162 -23.54 10.97 -36.44
N PRO B 163 -22.72 11.12 -35.40
CA PRO B 163 -22.83 12.31 -34.51
C PRO B 163 -21.93 13.48 -34.85
N GLY B 164 -20.93 13.27 -35.69
CA GLY B 164 -19.95 14.30 -35.97
C GLY B 164 -18.68 14.18 -35.14
N MET B 165 -18.12 15.32 -34.73
CA MET B 165 -16.94 15.34 -33.87
C MET B 165 -16.91 16.65 -33.11
N TRP B 166 -16.02 16.70 -32.13
CA TRP B 166 -15.93 17.86 -31.25
C TRP B 166 -15.33 19.02 -32.02
N VAL B 167 -16.01 20.16 -31.97
CA VAL B 167 -15.53 21.39 -32.60
C VAL B 167 -15.72 22.52 -31.60
N SER B 168 -14.97 23.59 -31.81
CA SER B 168 -15.03 24.71 -30.88
C SER B 168 -14.61 25.97 -31.62
N ASP B 169 -14.73 27.10 -30.94
CA ASP B 169 -14.18 28.35 -31.41
C ASP B 169 -12.70 28.45 -31.09
N PRO B 170 -12.01 29.47 -31.61
CA PRO B 170 -10.56 29.53 -31.43
C PRO B 170 -10.11 29.61 -29.98
N TYR B 171 -10.97 30.04 -29.04
CA TYR B 171 -10.61 30.18 -27.63
C TYR B 171 -11.27 29.13 -26.76
N GLY B 172 -11.68 28.00 -27.34
CA GLY B 172 -12.13 26.87 -26.53
C GLY B 172 -13.22 27.21 -25.55
N LEU B 173 -14.16 28.07 -25.94
CA LEU B 173 -15.21 28.45 -25.00
C LEU B 173 -16.54 27.76 -25.22
N THR B 174 -16.89 27.37 -26.45
CA THR B 174 -18.25 26.94 -26.80
C THR B 174 -18.25 25.62 -27.55
N GLY B 175 -17.41 24.69 -27.12
CA GLY B 175 -17.25 23.47 -27.86
C GLY B 175 -18.46 22.55 -27.75
N SER B 176 -18.57 21.66 -28.73
CA SER B 176 -19.70 20.75 -28.80
C SER B 176 -19.43 19.78 -29.93
N VAL B 177 -20.21 18.71 -29.98
CA VAL B 177 -20.17 17.77 -31.07
C VAL B 177 -21.11 18.27 -32.16
N GLN B 178 -20.59 18.34 -33.38
CA GLN B 178 -21.30 18.95 -34.49
C GLN B 178 -20.95 18.17 -35.74
N PRO B 179 -21.89 18.02 -36.70
CA PRO B 179 -21.49 17.47 -37.98
C PRO B 179 -20.61 18.46 -38.72
N VAL B 180 -19.64 17.91 -39.45
CA VAL B 180 -18.60 18.71 -40.08
C VAL B 180 -18.62 18.46 -41.58
N ALA B 181 -18.73 19.54 -42.35
CA ALA B 181 -18.70 19.38 -43.80
C ALA B 181 -17.25 19.29 -44.30
N PRO B 182 -16.96 18.44 -45.28
CA PRO B 182 -15.59 18.36 -45.80
C PRO B 182 -15.11 19.69 -46.38
N GLU B 183 -13.83 20.00 -46.14
CA GLU B 183 -13.15 21.10 -46.79
C GLU B 183 -12.26 20.49 -47.85
N TRP B 184 -12.55 20.80 -49.10
CA TRP B 184 -11.94 20.14 -50.23
C TRP B 184 -10.82 20.94 -50.83
N GLY B 185 -10.75 22.22 -50.49
CA GLY B 185 -9.70 23.08 -50.97
C GLY B 185 -8.43 22.96 -50.17
N PRO B 186 -7.50 23.88 -50.41
CA PRO B 186 -6.17 23.73 -49.79
C PRO B 186 -6.21 23.97 -48.30
N ASP B 187 -7.15 24.74 -47.78
CA ASP B 187 -7.23 24.87 -46.33
C ASP B 187 -7.63 23.57 -45.61
N GLY B 188 -7.91 22.48 -46.29
CA GLY B 188 -8.16 21.21 -45.61
C GLY B 188 -6.90 20.49 -45.18
N PHE B 189 -5.78 20.95 -45.65
CA PHE B 189 -4.50 20.47 -45.11
C PHE B 189 -4.04 21.30 -43.93
N ASN B 190 -4.74 22.39 -43.60
CA ASN B 190 -4.50 23.14 -42.37
C ASN B 190 -4.90 22.31 -41.16
N PRO B 191 -3.98 22.01 -40.25
CA PRO B 191 -4.31 21.15 -39.11
C PRO B 191 -5.38 21.72 -38.21
N TYR B 192 -5.63 23.02 -38.25
CA TYR B 192 -6.62 23.65 -37.41
C TYR B 192 -7.99 23.70 -38.08
N ASN B 193 -8.18 23.02 -39.21
CA ASN B 193 -9.48 23.04 -39.90
C ASN B 193 -10.13 21.69 -39.77
N PRO B 194 -11.23 21.60 -39.03
CA PRO B 194 -11.87 20.28 -38.87
C PRO B 194 -12.42 19.69 -40.15
N GLY B 195 -12.89 20.53 -41.11
CA GLY B 195 -13.39 20.01 -42.37
C GLY B 195 -12.33 19.23 -43.13
N GLY B 196 -11.06 19.57 -42.90
CA GLY B 196 -9.96 18.85 -43.55
C GLY B 196 -9.86 17.42 -43.07
N VAL B 197 -10.28 17.16 -41.83
CA VAL B 197 -10.28 15.79 -41.33
C VAL B 197 -11.35 14.96 -42.01
N VAL B 198 -12.48 15.59 -42.36
CA VAL B 198 -13.53 14.89 -43.09
C VAL B 198 -13.04 14.54 -44.49
N ALA B 199 -12.51 15.54 -45.21
CA ALA B 199 -11.97 15.30 -46.53
C ALA B 199 -10.90 14.23 -46.50
N HIS B 200 -10.01 14.28 -45.50
CA HIS B 200 -8.91 13.32 -45.47
C HIS B 200 -9.46 11.90 -45.54
N HIS B 201 -10.49 11.62 -44.73
CA HIS B 201 -10.90 10.24 -44.57
C HIS B 201 -11.71 9.75 -45.76
N ILE B 202 -12.50 10.64 -46.36
CA ILE B 202 -13.21 10.31 -47.61
C ILE B 202 -12.22 10.00 -48.72
N ALA B 203 -11.31 10.93 -49.01
CA ALA B 203 -10.34 10.74 -50.11
C ALA B 203 -9.39 9.57 -49.86
N ALA B 204 -8.74 9.55 -48.69
CA ALA B 204 -7.81 8.47 -48.41
C ALA B 204 -8.56 7.15 -48.32
N GLY B 205 -9.80 7.17 -47.81
CA GLY B 205 -10.60 5.96 -47.86
C GLY B 205 -10.71 5.36 -49.25
N ILE B 206 -11.07 6.19 -50.23
CA ILE B 206 -11.17 5.73 -51.61
C ILE B 206 -9.84 5.29 -52.14
N VAL B 207 -8.77 6.04 -51.81
CA VAL B 207 -7.43 5.61 -52.26
C VAL B 207 -7.10 4.24 -51.73
N GLY B 208 -7.48 3.96 -50.48
CA GLY B 208 -7.25 2.63 -49.94
C GLY B 208 -8.10 1.55 -50.56
N ILE B 209 -9.32 1.87 -50.97
CA ILE B 209 -10.11 0.88 -51.70
C ILE B 209 -9.43 0.54 -53.01
N ILE B 210 -9.07 1.57 -53.78
CA ILE B 210 -8.36 1.37 -55.04
C ILE B 210 -7.08 0.57 -54.84
N ALA B 211 -6.19 1.04 -53.94
CA ALA B 211 -4.94 0.32 -53.69
C ALA B 211 -5.19 -1.08 -53.16
N GLY B 212 -6.20 -1.23 -52.31
CA GLY B 212 -6.53 -2.56 -51.84
C GLY B 212 -6.83 -3.49 -52.99
N LEU B 213 -7.65 -3.01 -53.94
CA LEU B 213 -8.00 -3.76 -55.13
C LEU B 213 -6.79 -4.05 -55.99
N PHE B 214 -5.93 -3.07 -56.21
CA PHE B 214 -4.64 -3.35 -56.84
C PHE B 214 -3.93 -4.50 -56.14
N HIS B 215 -3.90 -4.48 -54.82
CA HIS B 215 -3.03 -5.40 -54.11
C HIS B 215 -3.61 -6.80 -53.99
N ILE B 216 -4.90 -6.96 -54.25
CA ILE B 216 -5.49 -8.30 -54.29
C ILE B 216 -5.25 -8.95 -55.64
N LEU B 217 -5.31 -8.15 -56.71
CA LEU B 217 -5.26 -8.69 -58.07
C LEU B 217 -3.85 -8.80 -58.64
N VAL B 218 -2.97 -7.85 -58.34
CA VAL B 218 -1.64 -7.79 -58.94
C VAL B 218 -0.61 -8.40 -57.99
N ARG B 219 0.16 -9.39 -58.50
CA ARG B 219 1.19 -10.00 -57.70
C ARG B 219 2.44 -9.12 -57.64
N PRO B 220 3.16 -9.20 -56.53
CA PRO B 220 4.36 -8.42 -56.39
C PRO B 220 5.39 -8.82 -57.42
N PRO B 221 6.11 -7.85 -57.96
CA PRO B 221 7.27 -8.16 -58.80
C PRO B 221 8.22 -9.14 -58.11
N GLN B 222 8.76 -10.06 -58.91
CA GLN B 222 9.83 -10.94 -58.47
C GLN B 222 10.98 -10.18 -57.82
N ARG B 223 11.38 -9.04 -58.38
CA ARG B 223 12.51 -8.29 -57.82
C ARG B 223 12.23 -7.89 -56.37
N LEU B 224 11.01 -7.41 -56.10
CA LEU B 224 10.69 -6.90 -54.78
C LEU B 224 10.40 -8.04 -53.81
N TYR B 225 9.73 -9.09 -54.32
CA TYR B 225 9.47 -10.26 -53.48
C TYR B 225 10.75 -10.74 -52.83
N LYS B 226 11.85 -10.86 -53.59
CA LYS B 226 13.13 -11.33 -53.06
C LYS B 226 13.79 -10.23 -52.23
N ALA B 227 13.74 -8.98 -52.66
CA ALA B 227 14.39 -7.94 -51.88
C ALA B 227 13.78 -7.81 -50.49
N LEU B 228 12.44 -7.90 -50.39
CA LEU B 228 11.78 -7.70 -49.11
C LEU B 228 11.39 -8.98 -48.40
N ARG B 229 11.90 -10.12 -48.84
CA ARG B 229 11.57 -11.41 -48.22
C ARG B 229 10.07 -11.47 -47.92
N MET B 230 9.30 -11.36 -49.00
CA MET B 230 7.85 -11.31 -48.85
C MET B 230 7.28 -12.66 -48.54
N GLY B 231 8.10 -13.72 -48.52
CA GLY B 231 7.70 -15.01 -48.01
C GLY B 231 7.86 -15.17 -46.52
N ASN B 232 8.27 -14.10 -45.82
CA ASN B 232 8.74 -14.15 -44.46
C ASN B 232 7.84 -13.21 -43.67
N ILE B 233 7.07 -13.76 -42.74
CA ILE B 233 6.14 -12.90 -42.04
C ILE B 233 6.85 -11.81 -41.25
N GLU B 234 8.15 -11.97 -40.96
CA GLU B 234 8.84 -10.95 -40.17
C GLU B 234 9.15 -9.69 -40.97
N THR B 235 9.25 -9.74 -42.30
CA THR B 235 9.36 -8.48 -43.03
C THR B 235 8.14 -7.60 -42.79
N VAL B 236 6.95 -8.19 -42.61
CA VAL B 236 5.72 -7.45 -42.32
C VAL B 236 5.80 -6.81 -40.94
N LEU B 237 6.26 -7.55 -39.95
CA LEU B 237 6.49 -6.96 -38.62
C LEU B 237 7.45 -5.77 -38.68
N SER B 238 8.52 -5.86 -39.49
CA SER B 238 9.47 -4.75 -39.58
CA SER B 238 9.47 -4.75 -39.59
C SER B 238 8.82 -3.51 -40.19
N SER B 239 8.16 -3.66 -41.35
CA SER B 239 7.53 -2.50 -41.97
C SER B 239 6.30 -2.05 -41.18
N SER B 240 5.62 -2.96 -40.50
CA SER B 240 4.50 -2.54 -39.66
C SER B 240 4.96 -1.71 -38.46
N ILE B 241 6.03 -2.11 -37.79
CA ILE B 241 6.55 -1.30 -36.70
C ILE B 241 6.92 0.06 -37.22
N ALA B 242 7.52 0.11 -38.40
CA ALA B 242 7.97 1.38 -38.96
C ALA B 242 6.80 2.33 -39.12
N ALA B 243 5.71 1.86 -39.76
CA ALA B 243 4.49 2.65 -39.90
C ALA B 243 3.97 3.12 -38.56
N VAL B 244 4.00 2.23 -37.57
CA VAL B 244 3.47 2.55 -36.25
C VAL B 244 4.28 3.65 -35.58
N PHE B 245 5.62 3.58 -35.62
CA PHE B 245 6.34 4.68 -34.96
C PHE B 245 6.23 5.97 -35.74
N PHE B 246 6.08 5.90 -37.07
CA PHE B 246 5.77 7.11 -37.84
C PHE B 246 4.52 7.77 -37.30
N ALA B 247 3.42 7.01 -37.19
CA ALA B 247 2.15 7.54 -36.68
C ALA B 247 2.23 7.96 -35.21
N ALA B 248 3.01 7.27 -34.38
CA ALA B 248 3.13 7.71 -32.99
C ALA B 248 3.79 9.09 -32.90
N PHE B 249 4.75 9.38 -33.79
CA PHE B 249 5.39 10.71 -33.77
C PHE B 249 4.42 11.79 -34.21
N VAL B 250 3.63 11.49 -35.24
CA VAL B 250 2.65 12.45 -35.71
C VAL B 250 1.68 12.77 -34.60
N VAL B 251 1.10 11.74 -33.95
CA VAL B 251 0.10 12.07 -32.94
C VAL B 251 0.72 12.74 -31.72
N ALA B 252 1.97 12.40 -31.33
CA ALA B 252 2.66 13.17 -30.30
C ALA B 252 2.75 14.64 -30.69
N GLY B 253 3.15 14.90 -31.92
CA GLY B 253 3.37 16.25 -32.36
C GLY B 253 2.09 17.06 -32.42
N THR B 254 1.03 16.50 -33.04
CA THR B 254 -0.22 17.26 -33.07
C THR B 254 -0.84 17.41 -31.69
N MET B 255 -0.59 16.48 -30.79
CA MET B 255 -1.06 16.71 -29.42
C MET B 255 -0.35 17.89 -28.78
N TRP B 256 0.93 18.05 -29.07
CA TRP B 256 1.72 19.08 -28.37
C TRP B 256 1.48 20.45 -28.98
N TYR B 257 1.52 20.55 -30.30
CA TYR B 257 1.28 21.83 -30.96
C TYR B 257 -0.20 22.15 -31.08
N GLY B 258 -1.05 21.15 -31.19
CA GLY B 258 -2.45 21.43 -31.31
C GLY B 258 -2.92 21.24 -32.73
N SER B 259 -4.13 20.72 -32.85
CA SER B 259 -4.82 20.64 -34.13
C SER B 259 -6.30 20.47 -33.84
N ALA B 260 -7.09 20.49 -34.93
CA ALA B 260 -8.52 20.29 -34.81
C ALA B 260 -8.87 19.02 -34.05
N THR B 261 -7.99 18.02 -34.06
CA THR B 261 -8.34 16.79 -33.37
C THR B 261 -7.77 16.71 -31.93
N THR B 262 -7.13 17.76 -31.42
CA THR B 262 -6.75 17.81 -30.02
C THR B 262 -7.23 19.09 -29.38
N PRO B 263 -8.56 19.23 -29.25
CA PRO B 263 -9.16 20.50 -28.82
C PRO B 263 -8.93 20.80 -27.34
N ILE B 264 -8.92 22.10 -27.02
CA ILE B 264 -8.35 22.47 -25.72
C ILE B 264 -9.33 22.18 -24.59
N GLU B 265 -10.61 22.01 -24.90
CA GLU B 265 -11.59 21.69 -23.85
C GLU B 265 -11.54 20.23 -23.46
N LEU B 266 -10.96 19.37 -24.29
CA LEU B 266 -10.82 17.98 -23.91
C LEU B 266 -9.44 17.65 -23.37
N PHE B 267 -8.43 18.36 -23.84
CA PHE B 267 -7.07 18.04 -23.50
C PHE B 267 -6.36 19.11 -22.70
N GLY B 268 -6.89 20.32 -22.64
CA GLY B 268 -6.24 21.46 -22.07
C GLY B 268 -5.48 22.32 -23.06
N PRO B 269 -5.03 23.50 -22.62
CA PRO B 269 -4.21 24.35 -23.49
C PRO B 269 -2.88 23.72 -23.84
N THR B 270 -2.25 24.29 -24.86
CA THR B 270 -0.91 23.99 -25.27
C THR B 270 0.04 24.93 -24.51
N ARG B 271 1.31 24.54 -24.44
CA ARG B 271 2.30 25.46 -23.86
C ARG B 271 2.46 26.71 -24.73
N TYR B 272 2.31 26.59 -26.04
CA TYR B 272 2.50 27.73 -26.93
C TYR B 272 1.45 28.81 -26.72
N GLN B 273 0.25 28.45 -26.23
CA GLN B 273 -0.75 29.47 -25.93
C GLN B 273 -0.30 30.35 -24.78
N TRP B 274 0.49 29.82 -23.85
CA TRP B 274 1.15 30.62 -22.84
C TRP B 274 2.34 31.40 -23.42
N ASP B 275 3.23 30.72 -24.14
CA ASP B 275 4.36 31.40 -24.74
C ASP B 275 3.94 32.68 -25.45
N SER B 276 2.85 32.62 -26.23
CA SER B 276 2.46 33.75 -27.09
C SER B 276 1.37 34.59 -26.45
N SER B 277 1.03 34.33 -25.19
CA SER B 277 -0.03 35.09 -24.52
C SER B 277 -1.33 35.07 -25.33
N TYR B 278 -1.70 33.90 -25.84
CA TYR B 278 -2.83 33.79 -26.77
C TYR B 278 -4.09 34.28 -26.12
N PHE B 279 -4.40 33.78 -24.91
CA PHE B 279 -5.66 34.15 -24.26
C PHE B 279 -5.59 35.55 -23.67
N GLN B 280 -4.41 35.98 -23.17
CA GLN B 280 -4.28 37.32 -22.62
C GLN B 280 -4.58 38.39 -23.67
N GLN B 281 -4.10 38.19 -24.89
CA GLN B 281 -4.36 39.12 -25.99
C GLN B 281 -5.86 39.27 -26.20
N GLU B 282 -6.57 38.15 -26.28
CA GLU B 282 -8.01 38.15 -26.51
C GLU B 282 -8.75 38.77 -25.34
N ILE B 283 -8.38 38.43 -24.11
CA ILE B 283 -8.98 39.04 -22.93
C ILE B 283 -8.85 40.55 -22.99
N ASN B 284 -7.68 41.03 -23.41
CA ASN B 284 -7.41 42.46 -23.47
C ASN B 284 -8.19 43.09 -24.60
N ARG B 285 -8.24 42.42 -25.75
CA ARG B 285 -9.12 42.83 -26.84
C ARG B 285 -10.52 43.13 -26.30
N ARG B 286 -11.04 42.24 -25.46
CA ARG B 286 -12.41 42.39 -24.99
C ARG B 286 -12.56 43.58 -24.05
N VAL B 287 -11.67 43.69 -23.08
CA VAL B 287 -11.76 44.82 -22.15
C VAL B 287 -11.58 46.13 -22.91
N GLN B 288 -10.56 46.19 -23.77
CA GLN B 288 -10.28 47.39 -24.57
C GLN B 288 -11.51 47.85 -25.33
N ALA B 289 -12.32 46.90 -25.79
CA ALA B 289 -13.52 47.19 -26.54
C ALA B 289 -14.73 47.41 -25.65
N SER B 290 -14.77 46.77 -24.49
CA SER B 290 -15.79 47.14 -23.49
C SER B 290 -15.62 48.58 -23.07
N LEU B 291 -14.38 49.07 -23.06
CA LEU B 291 -14.12 50.39 -22.52
C LEU B 291 -14.38 51.46 -23.56
N ALA B 292 -14.00 51.20 -24.80
CA ALA B 292 -14.32 52.12 -25.87
C ALA B 292 -15.81 52.16 -26.14
N SER B 293 -16.54 51.09 -25.81
CA SER B 293 -18.00 51.08 -25.86
C SER B 293 -18.59 51.55 -24.55
N GLY B 294 -17.96 52.52 -23.90
CA GLY B 294 -18.44 53.10 -22.65
C GLY B 294 -18.11 52.47 -21.30
N ALA B 295 -18.14 51.14 -21.18
CA ALA B 295 -18.20 50.49 -19.87
C ALA B 295 -17.11 50.99 -18.93
N THR B 296 -17.39 50.93 -17.63
CA THR B 296 -16.37 51.26 -16.63
C THR B 296 -15.31 50.17 -16.56
N LEU B 297 -14.31 50.41 -15.73
CA LEU B 297 -13.28 49.40 -15.52
C LEU B 297 -13.90 48.15 -14.92
N GLU B 298 -14.64 48.32 -13.83
CA GLU B 298 -15.32 47.19 -13.20
CA GLU B 298 -15.29 47.18 -13.20
C GLU B 298 -16.14 46.41 -14.21
N GLU B 299 -16.74 47.11 -15.16
CA GLU B 299 -17.72 46.48 -16.04
C GLU B 299 -17.03 45.73 -17.17
N ALA B 300 -15.98 46.32 -17.73
CA ALA B 300 -15.22 45.65 -18.78
C ALA B 300 -14.66 44.32 -18.30
N TRP B 301 -14.15 44.28 -17.04
CA TRP B 301 -13.52 43.06 -16.54
C TRP B 301 -14.56 42.04 -16.09
N SER B 302 -15.64 42.51 -15.49
CA SER B 302 -16.70 41.60 -15.08
C SER B 302 -17.31 40.90 -16.28
N ALA B 303 -17.14 41.45 -17.48
CA ALA B 303 -17.64 40.79 -18.68
C ALA B 303 -16.77 39.63 -19.12
N ILE B 304 -15.56 39.50 -18.58
CA ILE B 304 -14.67 38.43 -19.01
C ILE B 304 -15.20 37.13 -18.42
N PRO B 305 -15.48 36.13 -19.24
CA PRO B 305 -15.94 34.87 -18.68
C PRO B 305 -14.82 34.14 -17.94
N GLU B 306 -15.17 33.54 -16.81
CA GLU B 306 -14.17 32.85 -16.02
C GLU B 306 -13.45 31.81 -16.86
N LYS B 307 -14.13 31.16 -17.80
CA LYS B 307 -13.49 30.10 -18.57
C LYS B 307 -12.29 30.66 -19.34
N LEU B 308 -12.47 31.84 -19.93
CA LEU B 308 -11.38 32.44 -20.69
C LEU B 308 -10.24 32.86 -19.77
N ALA B 309 -10.57 33.37 -18.59
CA ALA B 309 -9.53 33.83 -17.70
C ALA B 309 -8.73 32.68 -17.12
N PHE B 310 -9.33 31.47 -17.04
CA PHE B 310 -8.66 30.28 -16.51
C PHE B 310 -7.63 29.71 -17.50
N TYR B 311 -7.85 29.90 -18.80
CA TYR B 311 -6.83 29.56 -19.78
C TYR B 311 -5.62 30.47 -19.64
N ASP B 312 -5.79 31.66 -19.11
CA ASP B 312 -4.72 32.63 -19.06
C ASP B 312 -3.98 32.53 -17.72
N TYR B 313 -3.61 31.29 -17.39
CA TYR B 313 -3.08 30.92 -16.08
C TYR B 313 -2.12 29.76 -16.28
N ILE B 314 -0.88 29.93 -15.80
CA ILE B 314 0.20 29.04 -16.16
C ILE B 314 0.02 27.65 -15.55
N GLY B 315 -0.74 27.52 -14.47
CA GLY B 315 -1.04 26.20 -13.94
C GLY B 315 -1.80 25.27 -14.91
N ASN B 316 -2.23 25.78 -16.04
CA ASN B 316 -2.83 24.90 -17.05
C ASN B 316 -1.93 24.75 -18.24
N ASN B 317 -0.74 25.34 -18.16
CA ASN B 317 0.28 25.14 -19.15
C ASN B 317 0.81 23.73 -18.97
N PRO B 318 0.69 22.87 -19.99
CA PRO B 318 1.17 21.48 -19.83
C PRO B 318 2.68 21.36 -19.65
N ALA B 319 3.42 22.45 -19.72
CA ALA B 319 4.89 22.41 -19.66
C ALA B 319 5.42 22.84 -18.28
N LYS B 320 4.59 22.73 -17.24
CA LYS B 320 4.89 23.17 -15.90
C LYS B 320 4.86 22.00 -14.93
N GLY B 321 4.79 20.77 -15.43
CA GLY B 321 4.67 19.60 -14.58
C GLY B 321 6.01 18.94 -14.29
N GLY B 322 5.92 17.71 -13.77
CA GLY B 322 7.09 16.91 -13.48
C GLY B 322 6.82 15.43 -13.67
N LEU B 323 7.90 14.69 -13.88
CA LEU B 323 7.76 13.29 -14.26
C LEU B 323 7.09 12.49 -13.17
N PHE B 324 7.49 12.71 -11.92
CA PHE B 324 6.96 11.89 -10.84
C PHE B 324 5.97 12.60 -9.96
N ARG B 325 5.52 13.79 -10.37
CA ARG B 325 4.35 14.45 -9.82
C ARG B 325 3.11 13.84 -10.45
N THR B 326 2.50 12.93 -9.72
CA THR B 326 1.47 12.07 -10.26
C THR B 326 0.08 12.64 -10.02
N GLY B 327 -0.85 12.16 -10.82
CA GLY B 327 -2.25 12.39 -10.63
C GLY B 327 -2.78 13.56 -11.43
N PRO B 328 -3.93 14.06 -11.02
CA PRO B 328 -4.56 15.17 -11.74
C PRO B 328 -3.92 16.50 -11.37
N MET B 329 -4.10 17.45 -12.29
CA MET B 329 -3.66 18.82 -12.00
C MET B 329 -4.29 19.36 -10.72
N ASN B 330 -5.53 18.94 -10.39
CA ASN B 330 -6.16 19.42 -9.15
C ASN B 330 -5.37 19.02 -7.88
N LYS B 331 -4.59 17.94 -7.94
CA LYS B 331 -3.77 17.51 -6.82
C LYS B 331 -2.64 18.49 -6.51
N GLY B 332 -2.33 19.41 -7.42
CA GLY B 332 -1.23 20.33 -7.22
C GLY B 332 -1.73 21.66 -6.74
N ASP B 333 -2.20 22.50 -7.67
CA ASP B 333 -2.73 23.78 -7.25
C ASP B 333 -4.10 23.67 -6.61
N GLY B 334 -4.83 22.55 -6.78
CA GLY B 334 -6.14 22.36 -6.18
C GLY B 334 -7.26 22.43 -7.22
N ILE B 335 -8.48 22.39 -6.70
CA ILE B 335 -9.70 22.49 -7.51
C ILE B 335 -10.08 23.96 -7.58
N ALA B 336 -9.95 24.55 -8.76
CA ALA B 336 -10.32 25.94 -8.97
C ALA B 336 -11.79 26.18 -8.62
N GLN B 337 -12.06 27.28 -7.92
CA GLN B 337 -13.40 27.61 -7.44
C GLN B 337 -13.95 28.87 -8.11
N ALA B 338 -13.17 29.94 -8.13
CA ALA B 338 -13.60 31.21 -8.69
C ALA B 338 -12.40 31.97 -9.22
N TRP B 339 -12.65 32.75 -10.27
CA TRP B 339 -11.78 33.84 -10.64
C TRP B 339 -11.84 34.91 -9.55
N LYS B 340 -10.68 35.38 -9.09
CA LYS B 340 -10.66 36.35 -8.02
C LYS B 340 -10.85 37.75 -8.55
N GLY B 341 -10.53 37.96 -9.80
CA GLY B 341 -10.51 39.26 -10.39
C GLY B 341 -9.19 39.49 -11.07
N HIS B 342 -9.18 40.47 -11.96
CA HIS B 342 -7.99 40.90 -12.62
C HIS B 342 -7.27 41.95 -11.78
N ALA B 343 -5.99 41.72 -11.53
CA ALA B 343 -5.24 42.52 -10.57
C ALA B 343 -4.54 43.66 -11.32
N VAL B 344 -4.69 44.88 -10.81
CA VAL B 344 -4.02 46.05 -11.36
C VAL B 344 -3.16 46.68 -10.29
N PHE B 345 -1.86 46.73 -10.55
CA PHE B 345 -0.90 47.32 -9.63
C PHE B 345 -0.62 48.76 -10.02
N ARG B 346 -0.49 49.59 -9.02
CA ARG B 346 -0.11 50.97 -9.24
C ARG B 346 0.96 51.34 -8.21
N ASN B 347 1.91 52.15 -8.63
CA ASN B 347 2.82 52.73 -7.66
C ASN B 347 2.19 53.98 -7.05
N LYS B 348 2.96 54.60 -6.16
CA LYS B 348 2.49 55.75 -5.39
C LYS B 348 2.19 56.95 -6.28
N GLU B 349 2.70 56.94 -7.51
CA GLU B 349 2.45 57.97 -8.50
C GLU B 349 1.28 57.64 -9.43
N GLY B 350 0.53 56.58 -9.14
CA GLY B 350 -0.64 56.24 -9.93
C GLY B 350 -0.33 55.60 -11.25
N GLU B 351 0.95 55.36 -11.57
CA GLU B 351 1.29 54.59 -12.75
C GLU B 351 0.82 53.16 -12.62
N GLU B 352 0.25 52.62 -13.69
CA GLU B 352 -0.06 51.21 -13.74
C GLU B 352 1.22 50.41 -13.93
N LEU B 353 1.40 49.36 -13.13
CA LEU B 353 2.57 48.51 -13.24
C LEU B 353 2.16 47.10 -13.63
N PHE B 354 3.05 46.41 -14.34
CA PHE B 354 2.72 45.11 -14.91
C PHE B 354 3.67 44.04 -14.39
N VAL B 355 3.10 43.00 -13.79
CA VAL B 355 3.90 41.92 -13.27
C VAL B 355 4.49 41.13 -14.44
N ARG B 356 5.80 40.87 -14.38
CA ARG B 356 6.43 40.03 -15.38
C ARG B 356 6.03 38.57 -15.20
N ARG B 357 5.52 37.94 -16.26
CA ARG B 357 4.94 36.59 -16.10
C ARG B 357 6.06 35.55 -16.11
N MET B 358 5.90 34.50 -15.31
CA MET B 358 6.85 33.42 -15.28
C MET B 358 6.91 32.73 -16.65
N PRO B 359 8.08 32.57 -17.25
CA PRO B 359 8.18 31.67 -18.41
C PRO B 359 8.13 30.23 -17.96
N ALA B 360 7.72 29.35 -18.89
CA ALA B 360 7.52 27.95 -18.58
C ALA B 360 8.81 27.24 -18.18
N PHE B 361 9.97 27.77 -18.58
CA PHE B 361 11.23 27.10 -18.28
C PHE B 361 11.55 27.10 -16.79
N PHE B 362 11.02 28.06 -16.05
CA PHE B 362 11.43 28.38 -14.70
C PHE B 362 10.54 27.75 -13.63
N GLU B 363 11.13 26.92 -12.77
CA GLU B 363 10.42 26.39 -11.59
C GLU B 363 10.05 27.51 -10.61
N SER B 364 10.94 28.48 -10.44
CA SER B 364 10.76 29.65 -9.60
C SER B 364 11.08 30.86 -10.45
N PHE B 365 10.55 32.02 -10.06
CA PHE B 365 10.78 33.20 -10.86
C PHE B 365 10.65 34.42 -9.96
N PRO B 366 11.51 35.43 -10.11
CA PRO B 366 11.40 36.62 -9.26
C PRO B 366 10.18 37.44 -9.64
N VAL B 367 9.81 38.34 -8.72
CA VAL B 367 8.65 39.21 -8.87
C VAL B 367 9.14 40.61 -9.21
N ILE B 368 8.91 40.99 -10.46
CA ILE B 368 9.38 42.24 -11.04
C ILE B 368 8.20 42.96 -11.67
N LEU B 369 8.06 44.24 -11.39
CA LEU B 369 6.98 45.05 -11.92
C LEU B 369 7.56 46.14 -12.80
N THR B 370 6.90 46.34 -13.93
CA THR B 370 7.36 47.20 -15.00
C THR B 370 6.25 48.19 -15.39
N ASP B 371 6.60 49.24 -16.15
CA ASP B 371 5.56 50.11 -16.66
C ASP B 371 5.21 49.72 -18.10
N LYS B 372 4.24 50.41 -18.67
CA LYS B 372 3.78 50.04 -20.01
C LYS B 372 4.93 50.02 -21.00
N ASN B 373 6.06 50.63 -20.62
CA ASN B 373 7.20 50.81 -21.50
C ASN B 373 8.33 49.83 -21.22
N GLY B 374 8.19 48.95 -20.23
CA GLY B 374 9.21 47.97 -19.94
C GLY B 374 10.16 48.32 -18.81
N VAL B 375 10.10 49.52 -18.27
CA VAL B 375 11.05 49.99 -17.27
C VAL B 375 10.69 49.40 -15.91
N VAL B 376 11.68 48.82 -15.24
CA VAL B 376 11.45 48.26 -13.90
C VAL B 376 11.15 49.40 -12.94
N LYS B 377 9.99 49.32 -12.26
CA LYS B 377 9.64 50.32 -11.26
C LYS B 377 9.35 49.71 -9.89
N ALA B 378 9.35 48.39 -9.74
CA ALA B 378 9.19 47.80 -8.41
C ALA B 378 9.53 46.32 -8.49
N ASP B 379 9.83 45.74 -7.33
CA ASP B 379 10.12 44.32 -7.25
C ASP B 379 10.05 43.86 -5.79
N ILE B 380 10.16 42.55 -5.61
CA ILE B 380 10.36 41.98 -4.29
C ILE B 380 11.87 41.66 -4.18
N PRO B 381 12.61 42.44 -3.42
CA PRO B 381 14.07 42.26 -3.37
C PRO B 381 14.47 41.04 -2.60
N PHE B 382 15.65 40.54 -2.94
CA PHE B 382 16.30 39.44 -2.22
C PHE B 382 17.15 40.03 -1.11
N ARG B 383 18.25 40.70 -1.46
CA ARG B 383 19.01 41.47 -0.46
C ARG B 383 18.27 42.78 -0.19
N ARG B 384 17.90 42.99 1.07
CA ARG B 384 17.17 44.19 1.44
C ARG B 384 18.03 45.44 1.58
N ALA B 385 19.32 45.32 1.94
CA ALA B 385 20.03 46.51 2.41
C ALA B 385 20.17 47.58 1.33
N GLU B 386 20.30 47.19 0.07
CA GLU B 386 20.44 48.20 -0.98
C GLU B 386 19.23 48.21 -1.93
N SER B 387 18.08 47.73 -1.49
CA SER B 387 16.93 47.72 -2.39
C SER B 387 16.50 49.15 -2.67
N LYS B 388 16.24 49.43 -3.94
CA LYS B 388 15.70 50.72 -4.32
C LYS B 388 14.25 50.65 -4.76
N TYR B 389 13.77 49.46 -5.14
CA TYR B 389 12.48 49.29 -5.79
C TYR B 389 11.46 48.50 -4.98
N SER B 390 11.66 48.37 -3.66
CA SER B 390 10.75 47.59 -2.85
C SER B 390 9.32 48.09 -3.04
N PHE B 391 8.35 47.21 -2.76
CA PHE B 391 6.96 47.65 -2.75
C PHE B 391 6.75 48.71 -1.70
N GLU B 392 7.52 48.61 -0.61
CA GLU B 392 7.36 49.55 0.50
C GLU B 392 7.79 50.94 0.08
N GLN B 393 8.92 51.02 -0.61
CA GLN B 393 9.43 52.30 -1.07
C GLN B 393 8.59 52.87 -2.19
N GLN B 394 8.04 52.01 -3.05
CA GLN B 394 7.34 52.46 -4.25
C GLN B 394 5.85 52.64 -4.01
N GLY B 395 5.34 52.25 -2.85
CA GLY B 395 3.93 52.44 -2.53
C GLY B 395 3.01 51.67 -3.44
N VAL B 396 3.34 50.41 -3.73
CA VAL B 396 2.58 49.63 -4.68
C VAL B 396 1.25 49.20 -4.06
N THR B 397 0.20 49.39 -4.80
CA THR B 397 -1.13 48.92 -4.40
C THR B 397 -1.60 47.96 -5.46
N VAL B 398 -2.62 47.17 -5.12
CA VAL B 398 -3.28 46.31 -6.08
C VAL B 398 -4.79 46.58 -6.04
N SER B 399 -5.40 46.65 -7.20
CA SER B 399 -6.85 46.78 -7.28
C SER B 399 -7.36 45.68 -8.20
N PHE B 400 -8.54 45.17 -7.88
CA PHE B 400 -9.16 44.09 -8.65
C PHE B 400 -10.41 44.59 -9.36
N TYR B 401 -10.52 44.20 -10.63
CA TYR B 401 -11.71 44.43 -11.43
C TYR B 401 -12.18 43.10 -11.96
N GLY B 402 -13.46 42.81 -11.74
CA GLY B 402 -14.05 41.56 -12.13
C GLY B 402 -13.89 40.54 -11.02
N GLY B 403 -14.52 39.40 -11.20
CA GLY B 403 -14.30 38.31 -10.30
C GLY B 403 -14.86 38.55 -8.93
N GLU B 404 -14.40 37.70 -8.01
CA GLU B 404 -14.83 37.75 -6.62
C GLU B 404 -14.39 39.04 -5.95
N LEU B 405 -13.21 39.55 -6.28
CA LEU B 405 -12.65 40.69 -5.58
C LEU B 405 -12.94 42.00 -6.28
N ASN B 406 -13.89 42.03 -7.21
CA ASN B 406 -14.08 43.22 -8.01
C ASN B 406 -14.33 44.44 -7.13
N GLY B 407 -13.62 45.53 -7.42
CA GLY B 407 -13.81 46.79 -6.72
C GLY B 407 -13.02 46.94 -5.43
N GLN B 408 -12.30 45.90 -5.01
CA GLN B 408 -11.51 45.93 -3.79
C GLN B 408 -10.08 46.34 -4.10
N THR B 409 -9.53 47.18 -3.23
CA THR B 409 -8.15 47.62 -3.33
C THR B 409 -7.41 47.30 -2.04
N PHE B 410 -6.16 46.87 -2.18
CA PHE B 410 -5.30 46.55 -1.05
C PHE B 410 -4.03 47.35 -1.13
N THR B 411 -3.56 47.77 0.04
CA THR B 411 -2.43 48.66 0.18
C THR B 411 -1.41 48.18 1.17
N ASP B 412 -1.77 47.27 2.06
CA ASP B 412 -0.82 46.76 3.04
C ASP B 412 0.21 45.93 2.29
N PRO B 413 1.50 46.21 2.45
CA PRO B 413 2.49 45.63 1.57
C PRO B 413 2.43 44.12 1.53
N PRO B 414 2.41 43.44 2.68
CA PRO B 414 2.41 41.96 2.61
C PRO B 414 1.32 41.41 1.70
N THR B 415 0.11 41.94 1.81
CA THR B 415 -0.96 41.46 0.93
C THR B 415 -0.65 41.77 -0.51
N VAL B 416 -0.18 43.00 -0.78
CA VAL B 416 0.07 43.37 -2.17
C VAL B 416 1.12 42.46 -2.77
N LYS B 417 2.21 42.21 -2.01
CA LYS B 417 3.24 41.30 -2.48
C LYS B 417 2.62 39.95 -2.77
N SER B 418 1.65 39.55 -1.97
CA SER B 418 1.14 38.20 -2.07
C SER B 418 0.38 38.01 -3.38
N TYR B 419 -0.42 39.02 -3.79
CA TYR B 419 -1.11 38.89 -5.07
C TYR B 419 -0.14 39.01 -6.23
N ALA B 420 0.90 39.84 -6.06
CA ALA B 420 1.95 39.95 -7.05
C ALA B 420 2.70 38.63 -7.21
N ARG B 421 2.91 37.92 -6.10
CA ARG B 421 3.50 36.60 -6.19
C ARG B 421 2.68 35.67 -7.08
N LYS B 422 1.36 35.76 -6.98
CA LYS B 422 0.53 34.92 -7.84
C LYS B 422 0.41 35.47 -9.25
N ALA B 423 0.48 36.81 -9.43
CA ALA B 423 0.24 37.41 -10.74
C ALA B 423 1.28 36.99 -11.77
N ILE B 424 2.39 36.37 -11.34
CA ILE B 424 3.35 35.87 -12.31
C ILE B 424 2.83 34.62 -12.98
N PHE B 425 1.88 33.95 -12.36
CA PHE B 425 1.22 32.81 -12.97
C PHE B 425 0.08 33.23 -13.91
N GLY B 426 -0.09 34.52 -14.16
CA GLY B 426 -1.21 35.01 -14.93
C GLY B 426 -2.39 35.40 -14.05
N GLU B 427 -3.60 35.02 -14.48
CA GLU B 427 -4.81 35.42 -13.79
C GLU B 427 -4.93 34.63 -12.48
N ILE B 428 -5.55 35.23 -11.50
CA ILE B 428 -5.53 34.75 -10.12
C ILE B 428 -6.85 34.06 -9.79
N PHE B 429 -6.74 32.87 -9.25
CA PHE B 429 -7.88 32.02 -8.94
C PHE B 429 -7.86 31.57 -7.49
N GLU B 430 -9.04 31.26 -7.00
CA GLU B 430 -9.21 30.69 -5.69
C GLU B 430 -9.30 29.19 -5.87
N PHE B 431 -8.54 28.44 -5.08
CA PHE B 431 -8.48 26.98 -5.18
C PHE B 431 -8.89 26.36 -3.85
N ASP B 432 -9.60 25.24 -3.97
CA ASP B 432 -9.82 24.31 -2.87
C ASP B 432 -8.61 23.38 -2.81
N THR B 433 -7.75 23.58 -1.82
CA THR B 433 -6.57 22.73 -1.69
C THR B 433 -6.80 21.55 -0.74
N GLU B 434 -7.90 21.56 -0.01
CA GLU B 434 -8.07 20.62 1.09
C GLU B 434 -8.76 19.35 0.64
N THR B 435 -9.74 19.50 -0.25
CA THR B 435 -10.52 18.34 -0.67
C THR B 435 -9.61 17.20 -1.12
N LEU B 436 -8.57 17.51 -1.88
CA LEU B 436 -7.66 16.47 -2.34
C LEU B 436 -6.35 16.47 -1.60
N ASN B 437 -6.24 17.26 -0.55
CA ASN B 437 -4.95 17.51 0.09
C ASN B 437 -3.91 17.82 -0.97
N SER B 438 -4.18 18.91 -1.69
CA SER B 438 -3.28 19.37 -2.75
C SER B 438 -1.98 19.94 -2.15
N ASP B 439 -0.86 19.56 -2.74
CA ASP B 439 0.45 19.89 -2.23
C ASP B 439 1.03 21.18 -2.80
N GLY B 440 0.37 21.80 -3.79
CA GLY B 440 0.75 23.09 -4.27
C GLY B 440 1.76 23.12 -5.39
N ILE B 441 2.00 22.00 -6.06
CA ILE B 441 3.06 21.89 -7.08
C ILE B 441 2.45 21.52 -8.42
N PHE B 442 2.80 22.27 -9.47
CA PHE B 442 2.11 22.12 -10.74
C PHE B 442 2.34 20.73 -11.30
N ARG B 443 1.28 20.16 -11.87
CA ARG B 443 1.40 18.93 -12.64
C ARG B 443 1.00 19.16 -14.10
N THR B 444 1.36 18.23 -14.95
CA THR B 444 0.98 18.39 -16.34
C THR B 444 -0.43 17.83 -16.60
N SER B 445 -0.96 18.18 -17.77
CA SER B 445 -2.28 17.77 -18.22
C SER B 445 -2.20 16.50 -19.03
N PRO B 446 -3.35 15.88 -19.32
CA PRO B 446 -3.39 14.82 -20.34
C PRO B 446 -2.69 15.18 -21.64
N ARG B 447 -2.78 16.43 -22.12
CA ARG B 447 -2.01 16.79 -23.32
C ARG B 447 -0.53 16.43 -23.10
N GLY B 448 0.00 16.77 -21.92
CA GLY B 448 1.38 16.47 -21.62
C GLY B 448 1.67 14.98 -21.54
N TRP B 449 0.91 14.26 -20.71
CA TRP B 449 1.15 12.83 -20.56
C TRP B 449 1.02 12.07 -21.86
N PHE B 450 0.04 12.43 -22.69
CA PHE B 450 -0.12 11.68 -23.91
C PHE B 450 1.08 11.91 -24.81
N THR B 451 1.56 13.14 -24.88
CA THR B 451 2.69 13.39 -25.77
C THR B 451 3.91 12.63 -25.27
N PHE B 452 4.18 12.72 -23.96
CA PHE B 452 5.36 12.09 -23.39
C PHE B 452 5.37 10.60 -23.75
N ALA B 453 4.24 9.93 -23.52
CA ALA B 453 4.15 8.47 -23.72
C ALA B 453 4.31 8.11 -25.19
N HIS B 454 3.71 8.89 -26.11
CA HIS B 454 3.77 8.48 -27.48
C HIS B 454 5.10 8.87 -28.10
N ALA B 455 5.71 9.96 -27.67
CA ALA B 455 7.04 10.22 -28.18
C ALA B 455 8.01 9.12 -27.71
N VAL B 456 7.86 8.66 -26.47
CA VAL B 456 8.76 7.64 -25.95
C VAL B 456 8.49 6.28 -26.60
N PHE B 457 7.23 5.92 -26.76
CA PHE B 457 6.96 4.66 -27.44
C PHE B 457 7.47 4.70 -28.87
N ALA B 458 7.30 5.83 -29.54
CA ALA B 458 7.73 5.93 -30.95
C ALA B 458 9.23 5.65 -31.06
N LEU B 459 10.01 6.32 -30.22
CA LEU B 459 11.44 6.12 -30.22
C LEU B 459 11.80 4.67 -29.99
N LEU B 460 11.15 4.02 -29.04
CA LEU B 460 11.48 2.64 -28.75
C LEU B 460 11.08 1.73 -29.90
N PHE B 461 9.96 2.06 -30.59
CA PHE B 461 9.54 1.23 -31.71
C PHE B 461 10.46 1.38 -32.91
N PHE B 462 11.15 2.51 -33.02
CA PHE B 462 12.26 2.58 -33.96
C PHE B 462 13.29 1.45 -33.76
N PHE B 463 13.64 1.14 -32.50
CA PHE B 463 14.53 0.02 -32.28
C PHE B 463 13.88 -1.29 -32.74
N GLY B 464 12.62 -1.51 -32.35
CA GLY B 464 11.91 -2.66 -32.89
C GLY B 464 12.01 -2.76 -34.40
N HIS B 465 11.86 -1.64 -35.09
CA HIS B 465 11.94 -1.65 -36.54
C HIS B 465 13.30 -2.16 -36.99
N ILE B 466 14.34 -1.68 -36.31
CA ILE B 466 15.70 -1.99 -36.71
C ILE B 466 16.00 -3.44 -36.40
N TRP B 467 15.63 -3.89 -35.21
CA TRP B 467 15.82 -5.27 -34.84
C TRP B 467 15.14 -6.21 -35.83
N HIS B 468 13.84 -6.06 -36.02
CA HIS B 468 13.17 -7.08 -36.82
C HIS B 468 13.51 -6.94 -38.30
N GLY B 469 13.81 -5.74 -38.78
CA GLY B 469 14.28 -5.61 -40.15
C GLY B 469 15.61 -6.29 -40.39
N ALA B 470 16.58 -6.08 -39.48
CA ALA B 470 17.82 -6.86 -39.50
C ALA B 470 17.54 -8.36 -39.52
N ARG B 471 16.71 -8.83 -38.62
CA ARG B 471 16.41 -10.25 -38.60
C ARG B 471 15.79 -10.74 -39.90
N THR B 472 15.02 -9.89 -40.59
CA THR B 472 14.43 -10.29 -41.87
C THR B 472 15.53 -10.41 -42.94
N LEU B 473 16.41 -9.44 -43.03
CA LEU B 473 17.36 -9.42 -44.13
C LEU B 473 18.59 -10.29 -43.86
N PHE B 474 18.78 -10.75 -42.62
CA PHE B 474 19.98 -11.52 -42.26
C PHE B 474 19.59 -12.84 -41.63
N ARG B 475 18.43 -13.36 -41.98
CA ARG B 475 17.95 -14.57 -41.32
C ARG B 475 18.94 -15.70 -41.52
N ASP B 476 19.59 -15.75 -42.68
CA ASP B 476 20.53 -16.83 -42.94
C ASP B 476 21.72 -16.87 -41.97
N VAL B 477 22.11 -15.74 -41.36
CA VAL B 477 23.22 -15.74 -40.42
C VAL B 477 22.81 -15.42 -38.99
N PHE B 478 21.51 -15.50 -38.67
N PHE B 478 21.54 -15.48 -38.61
CA PHE B 478 21.03 -15.18 -37.32
CA PHE B 478 21.35 -14.97 -37.25
C PHE B 478 21.83 -15.94 -36.27
C PHE B 478 21.71 -15.98 -36.17
N SER B 479 22.09 -17.21 -36.53
CA SER B 479 22.76 -18.10 -35.59
C SER B 479 24.27 -18.00 -35.66
N GLY B 480 24.81 -17.14 -36.52
CA GLY B 480 26.23 -17.08 -36.76
C GLY B 480 26.57 -17.20 -38.23
N ILE B 481 27.80 -16.83 -38.55
CA ILE B 481 28.26 -16.77 -39.92
C ILE B 481 28.74 -18.13 -40.38
N ASP B 482 28.92 -18.27 -41.70
CA ASP B 482 29.27 -19.56 -42.27
C ASP B 482 30.60 -20.05 -41.73
N PRO B 483 30.66 -21.25 -41.12
CA PRO B 483 31.94 -21.71 -40.57
C PRO B 483 33.03 -21.88 -41.61
N GLU B 484 32.70 -21.82 -42.90
CA GLU B 484 33.66 -22.00 -43.97
C GLU B 484 33.75 -20.78 -44.87
N LEU B 485 33.41 -19.61 -44.34
CA LEU B 485 33.86 -18.36 -44.95
C LEU B 485 35.37 -18.41 -45.12
N SER B 486 35.83 -18.14 -46.33
CA SER B 486 37.26 -18.14 -46.60
C SER B 486 37.78 -16.71 -46.66
N PRO B 487 39.01 -16.50 -46.21
CA PRO B 487 39.55 -15.13 -46.16
C PRO B 487 39.58 -14.42 -47.52
N GLU B 488 39.50 -15.18 -48.63
CA GLU B 488 39.61 -14.56 -49.95
C GLU B 488 38.36 -13.77 -50.29
N GLN B 489 37.20 -14.23 -49.82
CA GLN B 489 35.97 -13.46 -49.96
C GLN B 489 36.05 -12.15 -49.19
N VAL B 490 36.68 -12.20 -48.01
CA VAL B 490 36.70 -11.07 -47.08
C VAL B 490 37.89 -10.16 -47.29
N GLU B 491 38.98 -10.67 -47.86
CA GLU B 491 40.15 -9.85 -48.12
C GLU B 491 39.89 -8.91 -49.30
N TRP B 492 40.79 -7.93 -49.43
CA TRP B 492 40.59 -6.82 -50.33
C TRP B 492 41.11 -7.12 -51.72
N GLY B 493 40.41 -6.57 -52.72
CA GLY B 493 40.77 -6.72 -54.12
C GLY B 493 40.48 -8.07 -54.74
N PHE B 494 40.32 -9.12 -53.92
CA PHE B 494 40.13 -10.45 -54.44
C PHE B 494 38.99 -10.48 -55.45
N TYR B 495 37.85 -9.93 -55.06
CA TYR B 495 36.70 -9.77 -55.94
C TYR B 495 36.59 -8.30 -56.32
N GLN B 496 36.27 -8.06 -57.59
CA GLN B 496 36.02 -6.69 -58.06
C GLN B 496 34.82 -6.09 -57.32
N LYS B 497 33.73 -6.86 -57.21
CA LYS B 497 32.51 -6.43 -56.54
C LYS B 497 32.40 -7.19 -55.23
N VAL B 498 32.21 -6.45 -54.13
CA VAL B 498 32.33 -7.03 -52.79
C VAL B 498 31.29 -8.12 -52.60
N GLY B 499 31.74 -9.30 -52.19
CA GLY B 499 30.87 -10.43 -51.91
C GLY B 499 30.35 -11.17 -53.13
N ASP B 500 30.57 -10.67 -54.33
CA ASP B 500 30.13 -11.32 -55.56
C ASP B 500 31.28 -12.20 -56.05
N VAL B 501 31.17 -13.52 -55.82
CA VAL B 501 32.28 -14.42 -56.12
C VAL B 501 32.48 -14.63 -57.62
N THR B 502 31.66 -13.98 -58.43
CA THR B 502 31.77 -14.12 -59.87
C THR B 502 32.64 -13.05 -60.50
N THR B 503 33.33 -12.26 -59.70
CA THR B 503 34.11 -11.13 -60.18
C THR B 503 35.55 -11.22 -59.71
N ARG B 504 36.09 -12.44 -59.66
CA ARG B 504 37.51 -12.68 -59.38
C ARG B 504 38.37 -12.15 -60.53
N ARG B 505 39.62 -11.85 -60.22
CA ARG B 505 40.55 -11.29 -61.22
C ARG B 505 41.48 -12.37 -61.78
N GLY C 10 64.88 -8.57 -28.11
CA GLY C 10 63.50 -8.97 -28.39
C GLY C 10 62.54 -7.79 -28.43
N PHE C 11 63.07 -6.58 -28.26
CA PHE C 11 62.26 -5.40 -28.04
C PHE C 11 62.03 -4.64 -29.33
N ALA C 12 60.89 -3.97 -29.40
CA ALA C 12 60.49 -3.12 -30.51
C ALA C 12 61.04 -1.71 -30.33
N TRP C 13 60.89 -0.90 -31.38
CA TRP C 13 61.50 0.43 -31.40
C TRP C 13 60.97 1.29 -30.27
N TRP C 14 59.71 1.12 -29.92
CA TRP C 14 59.04 1.94 -28.92
C TRP C 14 59.38 1.54 -27.50
N ALA C 15 60.02 0.37 -27.31
CA ALA C 15 60.67 -0.03 -26.06
C ALA C 15 62.18 -0.16 -26.25
N GLY C 16 62.71 0.64 -27.17
CA GLY C 16 64.08 0.47 -27.62
C GLY C 16 65.14 0.76 -26.57
N ASN C 17 64.82 1.58 -25.57
CA ASN C 17 65.84 1.79 -24.55
C ASN C 17 66.03 0.59 -23.63
N ALA C 18 65.13 -0.41 -23.69
CA ALA C 18 65.33 -1.67 -22.98
C ALA C 18 66.39 -2.53 -23.64
N ARG C 19 66.83 -2.15 -24.83
CA ARG C 19 67.96 -2.80 -25.47
C ARG C 19 69.28 -2.50 -24.77
N LEU C 20 69.32 -1.47 -23.92
CA LEU C 20 70.51 -1.02 -23.20
C LEU C 20 70.73 -1.72 -21.87
N ILE C 21 69.83 -2.63 -21.49
CA ILE C 21 69.88 -3.16 -20.13
C ILE C 21 71.24 -3.79 -19.84
N ASN C 22 71.79 -4.52 -20.80
CA ASN C 22 73.03 -5.25 -20.59
C ASN C 22 74.17 -4.70 -21.45
N LEU C 23 74.07 -3.45 -21.87
CA LEU C 23 75.13 -2.73 -22.57
C LEU C 23 75.63 -1.60 -21.66
N SER C 24 76.43 -1.98 -20.65
CA SER C 24 76.80 -1.03 -19.61
C SER C 24 77.49 0.24 -20.14
N GLY C 25 78.11 0.19 -21.31
CA GLY C 25 78.75 1.37 -21.83
C GLY C 25 77.82 2.31 -22.56
N LYS C 26 76.95 1.77 -23.42
CA LYS C 26 75.96 2.61 -24.07
C LYS C 26 74.99 3.17 -23.05
N LEU C 27 74.67 2.37 -22.05
CA LEU C 27 73.81 2.81 -20.97
C LEU C 27 74.47 3.88 -20.11
N LEU C 28 75.79 3.87 -19.98
CA LEU C 28 76.45 4.97 -19.31
C LEU C 28 76.23 6.27 -20.07
N GLY C 29 76.38 6.22 -21.39
CA GLY C 29 76.23 7.42 -22.19
C GLY C 29 74.82 7.96 -22.14
N ALA C 30 73.82 7.07 -22.17
CA ALA C 30 72.43 7.48 -22.02
C ALA C 30 72.26 8.27 -20.74
N HIS C 31 72.76 7.73 -19.62
CA HIS C 31 72.61 8.42 -18.34
C HIS C 31 73.33 9.75 -18.30
N VAL C 32 74.54 9.82 -18.87
CA VAL C 32 75.34 11.04 -18.74
C VAL C 32 74.87 12.09 -19.73
N ALA C 33 74.44 11.67 -20.91
CA ALA C 33 73.79 12.59 -21.85
C ALA C 33 72.49 13.15 -21.28
N HIS C 34 71.71 12.30 -20.59
CA HIS C 34 70.48 12.79 -19.96
C HIS C 34 70.79 13.71 -18.79
N ALA C 35 71.84 13.40 -18.04
CA ALA C 35 72.31 14.32 -17.03
C ALA C 35 72.63 15.68 -17.63
N GLY C 36 73.25 15.70 -18.82
CA GLY C 36 73.51 16.96 -19.49
C GLY C 36 72.24 17.76 -19.80
N LEU C 37 71.21 17.08 -20.32
CA LEU C 37 69.93 17.74 -20.53
C LEU C 37 69.44 18.45 -19.27
N ILE C 38 69.60 17.81 -18.09
CA ILE C 38 69.10 18.39 -16.87
C ILE C 38 69.84 19.67 -16.54
N VAL C 39 71.18 19.64 -16.68
CA VAL C 39 72.01 20.80 -16.35
C VAL C 39 71.79 21.91 -17.35
N PHE C 40 71.64 21.55 -18.63
CA PHE C 40 71.31 22.51 -19.69
C PHE C 40 70.07 23.31 -19.31
N TRP C 41 68.96 22.62 -19.03
CA TRP C 41 67.73 23.31 -18.67
C TRP C 41 67.91 24.16 -17.41
N ALA C 42 68.62 23.67 -16.39
CA ALA C 42 68.85 24.50 -15.21
C ALA C 42 69.53 25.82 -15.60
N GLY C 43 70.58 25.72 -16.42
CA GLY C 43 71.28 26.92 -16.87
C GLY C 43 70.48 27.78 -17.83
N ALA C 44 69.92 27.17 -18.87
CA ALA C 44 69.16 27.95 -19.85
C ALA C 44 67.96 28.62 -19.19
N MET C 45 67.25 27.88 -18.33
CA MET C 45 66.05 28.45 -17.75
C MET C 45 66.38 29.62 -16.86
N THR C 46 67.55 29.59 -16.22
CA THR C 46 67.89 30.70 -15.33
C THR C 46 68.14 31.97 -16.14
N LEU C 47 68.86 31.83 -17.23
CA LEU C 47 69.19 32.98 -18.05
C LEU C 47 67.94 33.52 -18.73
N PHE C 48 67.01 32.65 -19.10
CA PHE C 48 65.73 33.12 -19.59
C PHE C 48 65.04 33.94 -18.52
N GLU C 49 65.01 33.43 -17.27
CA GLU C 49 64.30 34.16 -16.22
C GLU C 49 64.99 35.49 -15.95
N LEU C 50 66.33 35.50 -15.92
CA LEU C 50 67.05 36.74 -15.64
C LEU C 50 66.84 37.75 -16.77
N ALA C 51 66.95 37.30 -18.02
CA ALA C 51 66.65 38.18 -19.14
C ALA C 51 65.26 38.78 -19.04
N HIS C 52 64.28 38.06 -18.48
CA HIS C 52 62.93 38.61 -18.37
C HIS C 52 62.69 39.29 -17.03
N PHE C 53 63.61 39.15 -16.09
CA PHE C 53 63.39 39.68 -14.74
C PHE C 53 63.33 41.19 -14.74
N ILE C 54 62.42 41.72 -13.94
CA ILE C 54 62.34 43.14 -13.63
C ILE C 54 62.37 43.27 -12.12
N PRO C 55 63.34 43.97 -11.53
CA PRO C 55 63.47 43.94 -10.06
C PRO C 55 62.35 44.61 -9.29
N GLU C 56 61.63 45.58 -9.89
CA GLU C 56 60.66 46.35 -9.12
C GLU C 56 59.35 45.61 -8.86
N LYS C 57 59.14 44.48 -9.52
CA LYS C 57 58.03 43.55 -9.48
C LYS C 57 58.39 42.38 -8.60
N PRO C 58 57.53 41.93 -7.69
CA PRO C 58 57.84 40.70 -6.97
C PRO C 58 58.16 39.59 -7.95
N MET C 59 59.02 38.67 -7.51
CA MET C 59 59.36 37.54 -8.37
C MET C 59 58.12 36.79 -8.82
N TYR C 60 57.16 36.57 -7.91
CA TYR C 60 55.99 35.73 -8.16
C TYR C 60 54.95 36.39 -9.06
N GLU C 61 55.05 37.71 -9.35
CA GLU C 61 54.37 38.28 -10.50
C GLU C 61 55.06 38.01 -11.84
N GLN C 62 56.11 37.18 -11.89
CA GLN C 62 56.93 37.11 -13.09
C GLN C 62 57.16 35.67 -13.57
N GLY C 63 56.51 34.69 -12.94
CA GLY C 63 56.59 33.35 -13.48
C GLY C 63 57.96 32.75 -13.33
N LEU C 64 58.62 33.05 -12.21
CA LEU C 64 59.98 32.61 -11.96
C LEU C 64 59.93 31.48 -10.95
N ILE C 65 60.62 30.39 -11.27
CA ILE C 65 60.73 29.24 -10.38
C ILE C 65 62.18 28.93 -9.99
N LEU C 66 63.18 29.49 -10.66
CA LEU C 66 64.56 29.17 -10.32
C LEU C 66 65.26 30.31 -9.63
N ILE C 67 65.11 31.54 -10.11
CA ILE C 67 65.61 32.65 -9.34
C ILE C 67 65.19 32.52 -7.90
N PRO C 68 63.91 32.23 -7.57
CA PRO C 68 63.53 32.02 -6.15
C PRO C 68 64.36 30.96 -5.41
N HIS C 69 64.83 29.90 -6.08
CA HIS C 69 65.65 28.92 -5.37
C HIS C 69 67.02 29.50 -5.07
N ILE C 70 67.54 30.31 -5.98
CA ILE C 70 68.86 30.89 -5.72
C ILE C 70 68.77 31.93 -4.62
N ALA C 71 67.85 32.86 -4.76
CA ALA C 71 67.61 33.87 -3.74
C ALA C 71 67.45 33.24 -2.36
N THR C 72 66.75 32.13 -2.30
CA THR C 72 66.56 31.47 -1.03
C THR C 72 67.89 31.07 -0.40
N LEU C 73 68.89 30.70 -1.22
CA LEU C 73 70.23 30.40 -0.70
C LEU C 73 71.01 31.64 -0.27
N GLY C 74 70.39 32.81 -0.29
CA GLY C 74 71.01 34.02 0.19
C GLY C 74 71.73 34.85 -0.86
N TRP C 75 71.70 34.46 -2.12
CA TRP C 75 72.40 35.18 -3.17
C TRP C 75 71.47 36.16 -3.86
N GLY C 76 71.96 37.37 -4.08
CA GLY C 76 71.29 38.33 -4.91
C GLY C 76 70.29 39.22 -4.20
N VAL C 77 70.06 39.01 -2.91
CA VAL C 77 68.94 39.62 -2.22
C VAL C 77 69.46 40.22 -0.92
N GLY C 78 68.72 41.18 -0.40
CA GLY C 78 69.01 41.74 0.89
C GLY C 78 67.78 41.76 1.77
N PRO C 79 67.71 42.69 2.70
CA PRO C 79 66.58 42.66 3.64
C PRO C 79 65.27 42.91 2.91
N GLY C 80 64.27 42.11 3.25
CA GLY C 80 63.00 42.12 2.59
C GLY C 80 62.95 41.28 1.35
N GLY C 81 64.02 40.61 0.99
CA GLY C 81 64.03 39.96 -0.31
C GLY C 81 64.16 40.92 -1.46
N GLU C 82 64.34 42.21 -1.15
CA GLU C 82 64.76 43.19 -2.12
C GLU C 82 65.94 42.63 -2.89
N VAL C 83 65.82 42.59 -4.22
CA VAL C 83 66.90 42.08 -5.04
C VAL C 83 67.99 43.16 -5.14
N VAL C 84 69.19 42.79 -4.76
CA VAL C 84 70.29 43.73 -4.58
C VAL C 84 71.30 43.62 -5.72
N ASP C 85 71.55 42.41 -6.20
CA ASP C 85 72.59 42.15 -7.18
C ASP C 85 72.13 40.96 -7.99
N THR C 86 71.98 41.15 -9.31
CA THR C 86 71.56 40.11 -10.23
C THR C 86 72.68 39.19 -10.69
N PHE C 87 73.93 39.64 -10.57
CA PHE C 87 75.04 38.87 -11.09
C PHE C 87 75.08 37.44 -10.59
N PRO C 88 74.83 37.15 -9.31
CA PRO C 88 74.85 35.75 -8.88
C PRO C 88 73.92 34.89 -9.71
N PHE C 89 72.77 35.43 -10.08
CA PHE C 89 71.85 34.65 -10.91
C PHE C 89 72.51 34.29 -12.22
N PHE C 90 72.99 35.29 -12.94
CA PHE C 90 73.72 35.07 -14.19
C PHE C 90 74.81 34.01 -14.02
N VAL C 91 75.63 34.14 -12.99
CA VAL C 91 76.70 33.17 -12.79
C VAL C 91 76.14 31.76 -12.70
N VAL C 92 75.09 31.58 -11.89
CA VAL C 92 74.49 30.26 -11.71
C VAL C 92 74.00 29.71 -13.04
N GLY C 93 73.37 30.54 -13.85
CA GLY C 93 72.91 30.10 -15.16
C GLY C 93 74.04 29.69 -16.08
N VAL C 94 75.05 30.53 -16.19
CA VAL C 94 76.17 30.28 -17.10
C VAL C 94 76.87 28.99 -16.74
N VAL C 95 77.28 28.87 -15.47
CA VAL C 95 78.08 27.71 -15.09
C VAL C 95 77.32 26.42 -15.35
N HIS C 96 76.01 26.40 -15.06
CA HIS C 96 75.21 25.23 -15.43
C HIS C 96 75.22 25.01 -16.93
N LEU C 97 74.91 26.05 -17.71
CA LEU C 97 74.85 25.86 -19.14
C LEU C 97 76.18 25.36 -19.69
N ILE C 98 77.30 25.93 -19.21
CA ILE C 98 78.59 25.51 -19.71
C ILE C 98 78.85 24.07 -19.33
N SER C 99 78.49 23.71 -18.11
CA SER C 99 78.79 22.38 -17.60
C SER C 99 78.06 21.30 -18.38
N SER C 100 76.96 21.65 -19.06
CA SER C 100 76.16 20.65 -19.78
C SER C 100 76.81 20.19 -21.08
N ALA C 101 77.70 21.03 -21.62
CA ALA C 101 78.49 20.62 -22.79
C ALA C 101 79.46 19.50 -22.46
N VAL C 102 80.12 19.59 -21.29
CA VAL C 102 81.00 18.51 -20.84
C VAL C 102 80.21 17.20 -20.64
N LEU C 103 79.02 17.30 -20.05
CA LEU C 103 78.17 16.12 -19.90
C LEU C 103 77.60 15.66 -21.22
N GLY C 104 77.17 16.60 -22.07
CA GLY C 104 76.77 16.19 -23.40
C GLY C 104 77.90 15.47 -24.11
N PHE C 105 79.11 16.00 -23.98
CA PHE C 105 80.25 15.40 -24.66
C PHE C 105 80.48 13.98 -24.18
N GLY C 106 80.54 13.78 -22.86
CA GLY C 106 80.76 12.45 -22.32
C GLY C 106 79.64 11.50 -22.70
N GLY C 107 78.41 11.99 -22.71
CA GLY C 107 77.28 11.15 -23.05
C GLY C 107 77.30 10.63 -24.48
N VAL C 108 77.47 11.54 -25.47
CA VAL C 108 77.46 11.09 -26.85
C VAL C 108 78.68 10.19 -27.10
N TYR C 109 79.83 10.55 -26.54
CA TYR C 109 80.99 9.68 -26.68
C TYR C 109 80.65 8.27 -26.22
N HIS C 110 80.20 8.13 -24.97
CA HIS C 110 79.94 6.80 -24.41
C HIS C 110 78.76 6.09 -25.08
N ALA C 111 77.78 6.83 -25.61
CA ALA C 111 76.62 6.21 -26.24
C ALA C 111 76.90 5.70 -27.66
N ILE C 112 77.88 6.28 -28.34
CA ILE C 112 78.05 6.13 -29.78
C ILE C 112 79.40 5.56 -30.14
N ARG C 113 80.46 6.03 -29.49
CA ARG C 113 81.82 5.65 -29.83
C ARG C 113 82.53 4.86 -28.74
N GLY C 114 82.23 5.09 -27.47
CA GLY C 114 82.83 4.33 -26.40
C GLY C 114 82.52 2.84 -26.50
N PRO C 115 83.16 2.04 -25.65
CA PRO C 115 82.88 0.60 -25.66
C PRO C 115 81.43 0.35 -25.29
N GLU C 116 80.73 -0.42 -26.13
CA GLU C 116 79.34 -0.75 -25.85
C GLU C 116 79.19 -1.25 -24.42
N THR C 117 80.01 -2.22 -24.05
CA THR C 117 80.03 -2.82 -22.73
C THR C 117 81.32 -2.49 -22.02
N LEU C 118 81.25 -2.32 -20.71
CA LEU C 118 82.38 -1.87 -19.91
C LEU C 118 83.18 -3.01 -19.30
N GLU C 119 82.56 -4.16 -19.02
CA GLU C 119 83.17 -5.03 -18.03
C GLU C 119 84.39 -5.75 -18.57
N GLU C 120 84.65 -5.65 -19.88
CA GLU C 120 85.89 -6.17 -20.43
C GLU C 120 87.00 -5.13 -20.39
N TYR C 121 86.68 -3.86 -20.61
CA TYR C 121 87.69 -2.80 -20.56
C TYR C 121 88.23 -2.61 -19.16
N SER C 122 87.37 -2.62 -18.15
CA SER C 122 87.81 -2.42 -16.78
C SER C 122 86.86 -3.14 -15.85
N SER C 123 87.42 -3.86 -14.89
CA SER C 123 86.63 -4.59 -13.93
C SER C 123 86.07 -3.66 -12.87
N PHE C 124 86.52 -2.42 -12.85
CA PHE C 124 86.04 -1.47 -11.86
C PHE C 124 84.73 -0.82 -12.32
N PHE C 125 84.68 -0.39 -13.58
CA PHE C 125 83.50 0.30 -14.09
C PHE C 125 82.45 -0.65 -14.61
N GLY C 126 82.81 -1.88 -14.95
CA GLY C 126 81.84 -2.83 -15.41
C GLY C 126 80.99 -3.34 -14.26
N TYR C 127 79.79 -3.80 -14.61
CA TYR C 127 78.89 -4.31 -13.60
C TYR C 127 77.94 -5.31 -14.25
N ASP C 128 77.58 -6.30 -13.46
CA ASP C 128 76.44 -7.13 -13.73
C ASP C 128 75.36 -6.76 -12.73
N TRP C 129 74.14 -6.58 -13.22
CA TRP C 129 73.03 -6.24 -12.35
C TRP C 129 72.89 -7.25 -11.23
N LYS C 130 73.20 -8.51 -11.50
CA LYS C 130 73.00 -9.55 -10.51
C LYS C 130 74.15 -9.66 -9.52
N ASP C 131 75.17 -8.81 -9.66
CA ASP C 131 76.31 -8.82 -8.75
C ASP C 131 75.99 -7.94 -7.57
N LYS C 132 75.49 -8.56 -6.49
CA LYS C 132 74.94 -7.80 -5.36
C LYS C 132 76.00 -6.93 -4.70
N ASN C 133 77.25 -7.40 -4.70
CA ASN C 133 78.33 -6.65 -4.09
C ASN C 133 78.73 -5.45 -4.95
N LYS C 134 78.88 -5.65 -6.26
CA LYS C 134 79.14 -4.47 -7.10
C LYS C 134 78.01 -3.44 -7.00
N MET C 135 76.76 -3.90 -6.89
CA MET C 135 75.63 -2.96 -6.88
C MET C 135 75.59 -2.16 -5.57
N THR C 136 75.79 -2.84 -4.43
CA THR C 136 75.86 -2.09 -3.19
C THR C 136 77.07 -1.17 -3.15
N THR C 137 78.11 -1.46 -3.94
CA THR C 137 79.27 -0.58 -3.96
C THR C 137 78.98 0.70 -4.72
N ILE C 138 78.37 0.59 -5.91
CA ILE C 138 77.92 1.77 -6.67
C ILE C 138 76.90 2.58 -5.85
N LEU C 139 75.93 1.89 -5.25
CA LEU C 139 75.05 2.56 -4.29
C LEU C 139 75.84 3.35 -3.25
N GLY C 140 76.88 2.75 -2.66
CA GLY C 140 77.65 3.42 -1.61
C GLY C 140 78.30 4.71 -2.08
N PHE C 141 78.98 4.66 -3.22
CA PHE C 141 79.63 5.85 -3.77
C PHE C 141 78.65 7.00 -3.94
N HIS C 142 77.46 6.69 -4.45
CA HIS C 142 76.46 7.70 -4.67
C HIS C 142 75.89 8.21 -3.35
N LEU C 143 75.72 7.33 -2.37
CA LEU C 143 75.33 7.80 -1.06
C LEU C 143 76.32 8.84 -0.52
N ILE C 144 77.61 8.60 -0.72
CA ILE C 144 78.61 9.54 -0.20
C ILE C 144 78.49 10.88 -0.90
N VAL C 145 78.42 10.84 -2.22
CA VAL C 145 78.18 12.04 -3.01
C VAL C 145 76.98 12.82 -2.46
N LEU C 146 75.82 12.14 -2.35
CA LEU C 146 74.63 12.76 -1.77
C LEU C 146 74.91 13.33 -0.40
N GLY C 147 75.67 12.61 0.42
CA GLY C 147 76.00 13.14 1.72
C GLY C 147 76.83 14.38 1.60
N ILE C 148 77.78 14.38 0.67
CA ILE C 148 78.55 15.58 0.43
C ILE C 148 77.64 16.73 0.03
N GLY C 149 76.67 16.46 -0.83
CA GLY C 149 75.80 17.51 -1.30
C GLY C 149 75.01 18.14 -0.19
N ALA C 150 74.46 17.32 0.69
CA ALA C 150 73.73 17.89 1.81
C ALA C 150 74.64 18.76 2.67
N LEU C 151 75.93 18.42 2.74
CA LEU C 151 76.81 19.20 3.59
C LEU C 151 77.16 20.52 2.94
N LEU C 152 77.18 20.56 1.60
CA LEU C 152 77.38 21.80 0.87
C LEU C 152 76.40 22.86 1.31
N LEU C 153 75.15 22.45 1.58
CA LEU C 153 74.13 23.40 2.01
C LEU C 153 74.44 23.90 3.41
N VAL C 154 74.93 23.03 4.28
CA VAL C 154 75.34 23.43 5.62
C VAL C 154 76.49 24.42 5.55
N ALA C 155 77.43 24.19 4.61
CA ALA C 155 78.57 25.09 4.43
C ALA C 155 78.14 26.47 4.00
N LYS C 156 77.23 26.55 3.03
CA LYS C 156 76.67 27.83 2.61
C LYS C 156 76.04 28.56 3.78
N ALA C 157 75.27 27.83 4.58
CA ALA C 157 74.48 28.46 5.64
C ALA C 157 75.37 28.95 6.75
N MET C 158 76.44 28.19 7.06
CA MET C 158 77.28 28.49 8.21
C MET C 158 78.56 29.24 7.85
N PHE C 159 79.14 29.03 6.67
CA PHE C 159 80.46 29.56 6.37
C PHE C 159 80.52 30.47 5.14
N PHE C 160 79.57 30.39 4.22
CA PHE C 160 79.60 31.25 3.03
C PHE C 160 78.36 32.11 2.85
N GLY C 161 77.97 32.84 3.87
CA GLY C 161 77.04 33.92 3.74
C GLY C 161 75.67 33.62 4.26
N GLY C 162 75.38 32.38 4.61
CA GLY C 162 74.09 32.08 5.21
C GLY C 162 73.00 31.82 4.18
N LEU C 163 71.76 31.97 4.64
CA LEU C 163 70.59 31.76 3.79
C LEU C 163 69.58 32.84 4.10
N TYR C 164 68.66 33.06 3.12
CA TYR C 164 67.52 33.96 3.32
C TYR C 164 66.58 33.45 4.41
N ASP C 165 66.22 34.33 5.34
CA ASP C 165 65.42 33.97 6.50
C ASP C 165 64.21 34.89 6.51
N THR C 166 63.06 34.36 6.04
CA THR C 166 61.83 35.14 6.06
C THR C 166 61.44 35.52 7.50
N TRP C 167 61.89 34.77 8.49
CA TRP C 167 61.56 35.07 9.89
C TRP C 167 62.58 35.99 10.56
N ALA C 168 63.65 36.35 9.89
CA ALA C 168 64.58 37.28 10.46
C ALA C 168 63.80 38.48 10.99
N PRO C 169 64.04 38.92 12.22
CA PRO C 169 63.39 40.16 12.67
C PRO C 169 63.70 41.29 11.72
N GLY C 170 62.66 42.06 11.36
CA GLY C 170 62.81 43.15 10.42
C GLY C 170 62.27 42.94 9.02
N GLY C 171 61.58 41.82 8.74
CA GLY C 171 60.97 41.59 7.44
C GLY C 171 61.67 40.55 6.61
N GLY C 172 62.81 40.04 7.10
CA GLY C 172 63.52 39.01 6.40
C GLY C 172 64.87 39.51 5.94
N ASP C 173 65.82 38.59 5.84
CA ASP C 173 67.16 39.03 5.52
C ASP C 173 68.03 37.79 5.47
N VAL C 174 69.20 37.93 4.89
CA VAL C 174 70.16 36.83 4.86
C VAL C 174 70.87 36.76 6.20
N ARG C 175 70.86 35.58 6.80
CA ARG C 175 71.33 35.40 8.16
C ARG C 175 72.25 34.18 8.17
N VAL C 176 73.39 34.28 8.84
CA VAL C 176 74.29 33.14 8.96
C VAL C 176 73.81 32.27 10.09
N ILE C 177 73.80 30.96 9.89
CA ILE C 177 73.29 30.01 10.88
C ILE C 177 74.46 29.53 11.74
N THR C 178 74.48 30.02 12.97
CA THR C 178 75.58 29.71 13.87
C THR C 178 75.29 28.52 14.77
N ASN C 179 74.04 28.29 15.14
CA ASN C 179 73.66 27.19 16.03
C ASN C 179 72.64 26.28 15.36
N PRO C 180 73.09 25.49 14.39
CA PRO C 180 72.23 24.46 13.83
C PRO C 180 71.77 23.49 14.90
N THR C 181 70.56 22.97 14.71
CA THR C 181 69.95 22.07 15.65
C THR C 181 70.55 20.68 15.46
N LEU C 182 71.23 20.19 16.49
CA LEU C 182 71.77 18.83 16.50
C LEU C 182 70.94 17.89 17.35
N ASP C 183 70.04 18.43 18.17
CA ASP C 183 69.31 17.60 19.09
C ASP C 183 68.44 16.63 18.31
N PRO C 184 68.69 15.33 18.38
CA PRO C 184 67.97 14.38 17.52
C PRO C 184 66.51 14.19 17.93
N ARG C 185 66.14 14.64 19.11
CA ARG C 185 64.75 14.68 19.50
C ARG C 185 63.97 15.64 18.61
N VAL C 186 64.60 16.72 18.18
CA VAL C 186 63.96 17.66 17.28
C VAL C 186 64.03 17.14 15.85
N ILE C 187 65.23 16.75 15.42
CA ILE C 187 65.45 16.41 14.02
C ILE C 187 64.57 15.21 13.65
N PHE C 188 64.69 14.14 14.42
CA PHE C 188 63.86 12.97 14.20
C PHE C 188 62.45 13.13 14.73
N GLY C 189 62.23 14.06 15.66
CA GLY C 189 60.88 14.41 16.04
C GLY C 189 59.99 14.73 14.85
N TYR C 190 60.51 15.50 13.89
CA TYR C 190 59.75 15.83 12.68
C TYR C 190 59.29 14.58 11.96
N LEU C 191 60.20 13.64 11.74
CA LEU C 191 59.90 12.40 11.06
C LEU C 191 58.81 11.60 11.76
N LEU C 192 58.44 11.94 12.99
CA LEU C 192 57.40 11.21 13.70
C LEU C 192 56.15 12.02 13.95
N LYS C 193 56.11 13.29 13.55
CA LYS C 193 54.88 14.04 13.65
C LYS C 193 53.88 13.56 12.59
N SER C 194 52.61 13.66 12.95
CA SER C 194 51.51 13.31 12.05
C SER C 194 51.58 14.12 10.75
N PRO C 195 51.30 13.51 9.63
CA PRO C 195 51.15 14.31 8.40
C PRO C 195 49.85 15.10 8.32
N PHE C 196 49.05 15.14 9.37
CA PHE C 196 47.75 15.77 9.26
C PHE C 196 47.84 17.20 9.76
N GLY C 197 46.68 17.87 9.79
CA GLY C 197 46.66 19.30 9.98
C GLY C 197 47.03 19.67 11.39
N GLY C 198 47.76 20.77 11.51
CA GLY C 198 48.38 21.23 12.75
C GLY C 198 49.68 20.53 13.08
N GLU C 199 50.04 19.51 12.31
CA GLU C 199 51.24 18.74 12.56
C GLU C 199 52.14 18.86 11.35
N GLY C 200 51.80 18.21 10.24
CA GLY C 200 52.43 18.50 8.98
C GLY C 200 53.70 17.77 8.71
N TRP C 201 53.97 16.69 9.44
CA TRP C 201 55.13 15.84 9.23
C TRP C 201 56.34 16.74 9.04
N ILE C 202 57.21 16.46 8.07
CA ILE C 202 58.40 17.30 7.93
C ILE C 202 58.12 18.60 7.20
N VAL C 203 56.96 18.73 6.55
CA VAL C 203 56.57 19.97 5.89
C VAL C 203 56.44 21.10 6.89
N SER C 204 56.22 20.79 8.15
CA SER C 204 56.07 21.87 9.11
C SER C 204 57.41 22.53 9.56
N VAL C 205 58.58 22.13 9.04
CA VAL C 205 59.82 22.76 9.57
C VAL C 205 59.74 24.26 9.32
N ASN C 206 60.02 25.07 10.37
CA ASN C 206 59.70 26.49 10.32
C ASN C 206 60.83 27.40 10.80
N ASN C 207 62.07 26.92 10.81
CA ASN C 207 63.22 27.74 11.15
C ASN C 207 64.45 27.14 10.48
N LEU C 208 65.44 27.98 10.20
CA LEU C 208 66.59 27.46 9.46
C LEU C 208 67.57 26.71 10.35
N GLU C 209 67.56 26.94 11.66
CA GLU C 209 68.39 26.11 12.53
C GLU C 209 68.06 24.64 12.33
N ASP C 210 66.76 24.31 12.28
CA ASP C 210 66.36 22.91 12.12
C ASP C 210 66.66 22.42 10.73
N VAL C 211 66.46 23.28 9.72
CA VAL C 211 66.80 22.89 8.35
C VAL C 211 68.28 22.53 8.28
N VAL C 212 69.14 23.38 8.83
CA VAL C 212 70.57 23.15 8.65
C VAL C 212 70.99 21.93 9.46
N GLY C 213 70.49 21.81 10.68
CA GLY C 213 70.84 20.68 11.51
C GLY C 213 70.44 19.37 10.88
N GLY C 214 69.26 19.33 10.24
CA GLY C 214 68.86 18.11 9.56
C GLY C 214 69.79 17.70 8.45
N HIS C 215 70.39 18.67 7.77
CA HIS C 215 71.27 18.35 6.65
C HIS C 215 72.62 17.87 7.14
N ILE C 216 73.05 18.34 8.32
CA ILE C 216 74.17 17.72 9.02
C ILE C 216 73.89 16.24 9.25
N TRP C 217 72.72 15.93 9.83
CA TRP C 217 72.40 14.54 10.12
C TRP C 217 72.35 13.70 8.87
N ILE C 218 71.74 14.25 7.83
CA ILE C 218 71.48 13.46 6.63
C ILE C 218 72.80 13.26 5.90
N GLY C 219 73.65 14.27 5.88
CA GLY C 219 74.96 14.12 5.27
C GLY C 219 75.78 13.02 5.93
N LEU C 220 75.86 13.04 7.27
CA LEU C 220 76.54 11.99 8.01
C LEU C 220 75.86 10.64 7.83
N ILE C 221 74.53 10.61 7.87
CA ILE C 221 73.87 9.32 7.71
C ILE C 221 74.22 8.74 6.36
N CYS C 222 74.18 9.59 5.31
CA CYS C 222 74.43 9.14 3.94
C CYS C 222 75.89 8.73 3.74
N ILE C 223 76.82 9.49 4.31
CA ILE C 223 78.23 9.08 4.23
C ILE C 223 78.42 7.78 4.95
N ALA C 224 77.81 7.66 6.11
CA ALA C 224 77.93 6.45 6.91
C ALA C 224 77.43 5.22 6.15
N GLY C 225 76.22 5.36 5.55
CA GLY C 225 75.63 4.28 4.79
C GLY C 225 76.39 3.97 3.52
N GLY C 226 76.92 5.01 2.87
CA GLY C 226 77.78 4.77 1.72
C GLY C 226 78.95 3.86 2.07
N ILE C 227 79.58 4.11 3.23
CA ILE C 227 80.70 3.27 3.64
C ILE C 227 80.22 1.89 4.01
N TRP C 228 79.20 1.82 4.87
CA TRP C 228 78.50 0.56 5.11
C TRP C 228 78.32 -0.27 3.83
N HIS C 229 77.81 0.31 2.75
CA HIS C 229 77.39 -0.51 1.61
C HIS C 229 78.55 -0.89 0.71
N ILE C 230 79.57 -0.04 0.66
CA ILE C 230 80.79 -0.46 0.00
C ILE C 230 81.38 -1.66 0.71
N LEU C 231 81.35 -1.68 2.05
CA LEU C 231 82.05 -2.72 2.83
C LEU C 231 81.26 -4.00 3.02
N THR C 232 79.94 -3.99 2.85
CA THR C 232 79.12 -5.18 3.08
C THR C 232 78.56 -5.76 1.78
N THR C 233 77.93 -6.91 1.96
CA THR C 233 77.05 -7.56 1.04
C THR C 233 75.71 -7.81 1.71
N PRO C 234 74.61 -7.77 0.95
CA PRO C 234 73.30 -7.96 1.58
C PRO C 234 73.20 -9.28 2.31
N PHE C 235 72.61 -9.21 3.48
CA PHE C 235 72.29 -10.37 4.28
C PHE C 235 71.19 -11.18 3.65
N GLY C 236 71.05 -12.41 4.13
CA GLY C 236 70.25 -13.40 3.43
C GLY C 236 68.78 -13.06 3.41
N TRP C 237 68.25 -12.53 4.51
CA TRP C 237 66.86 -12.11 4.48
C TRP C 237 66.63 -11.05 3.42
N ALA C 238 67.63 -10.22 3.12
CA ALA C 238 67.45 -9.26 2.06
C ALA C 238 67.61 -9.90 0.70
N ARG C 239 68.47 -10.91 0.59
CA ARG C 239 68.64 -11.60 -0.68
C ARG C 239 67.35 -12.30 -1.09
N ARG C 240 66.61 -12.85 -0.13
CA ARG C 240 65.43 -13.64 -0.40
C ARG C 240 64.16 -12.79 -0.57
N ALA C 241 64.21 -11.51 -0.29
CA ALA C 241 63.01 -10.69 -0.32
C ALA C 241 62.92 -9.77 -1.53
N PHE C 242 64.02 -9.57 -2.26
CA PHE C 242 64.07 -8.64 -3.37
C PHE C 242 64.34 -9.39 -4.66
N ILE C 243 64.01 -8.72 -5.74
CA ILE C 243 64.37 -9.14 -7.07
C ILE C 243 65.62 -8.39 -7.43
N TRP C 244 66.58 -9.10 -8.02
CA TRP C 244 67.90 -8.55 -8.29
C TRP C 244 68.13 -8.48 -9.79
N SER C 245 67.77 -7.34 -10.36
CA SER C 245 67.88 -7.13 -11.79
C SER C 245 67.83 -5.63 -12.03
N GLY C 246 68.31 -5.23 -13.20
CA GLY C 246 68.27 -3.82 -13.53
C GLY C 246 66.85 -3.24 -13.49
N GLU C 247 65.87 -3.95 -14.10
CA GLU C 247 64.52 -3.42 -14.08
C GLU C 247 63.97 -3.32 -12.65
N ALA C 248 64.19 -4.35 -11.84
CA ALA C 248 63.81 -4.29 -10.44
C ALA C 248 64.38 -3.06 -9.73
N TYR C 249 65.66 -2.74 -9.98
CA TYR C 249 66.28 -1.60 -9.32
C TYR C 249 65.68 -0.28 -9.80
N LEU C 250 65.44 -0.17 -11.12
CA LEU C 250 64.72 0.99 -11.66
C LEU C 250 63.35 1.12 -11.02
N SER C 251 62.66 0.01 -10.83
CA SER C 251 61.35 0.11 -10.21
C SER C 251 61.46 0.66 -8.79
N TYR C 252 62.44 0.17 -8.00
CA TYR C 252 62.63 0.70 -6.66
C TYR C 252 62.79 2.23 -6.66
N SER C 253 63.59 2.74 -7.58
CA SER C 253 63.86 4.17 -7.63
C SER C 253 62.68 4.97 -8.16
N LEU C 254 61.92 4.39 -9.10
CA LEU C 254 60.68 5.04 -9.52
C LEU C 254 59.77 5.24 -8.33
N GLY C 255 59.60 4.19 -7.52
CA GLY C 255 58.80 4.34 -6.31
C GLY C 255 59.33 5.45 -5.43
N ALA C 256 60.66 5.49 -5.20
CA ALA C 256 61.22 6.49 -4.30
C ALA C 256 61.05 7.88 -4.87
N LEU C 257 61.24 8.04 -6.16
CA LEU C 257 61.06 9.36 -6.73
C LEU C 257 59.60 9.78 -6.66
N SER C 258 58.68 8.82 -6.74
CA SER C 258 57.27 9.21 -6.73
C SER C 258 56.88 9.76 -5.36
N MET C 259 57.21 9.03 -4.32
CA MET C 259 57.03 9.50 -2.96
C MET C 259 57.69 10.87 -2.74
N MET C 260 58.89 11.06 -3.26
CA MET C 260 59.55 12.34 -3.05
C MET C 260 58.81 13.45 -3.78
N GLY C 261 58.27 13.16 -4.96
CA GLY C 261 57.50 14.17 -5.71
C GLY C 261 56.23 14.60 -4.99
N PHE C 262 55.52 13.67 -4.38
CA PHE C 262 54.34 14.02 -3.59
C PHE C 262 54.70 14.91 -2.39
N ILE C 263 55.80 14.58 -1.70
CA ILE C 263 56.28 15.37 -0.57
C ILE C 263 56.62 16.79 -1.01
N ALA C 264 57.33 16.91 -2.12
CA ALA C 264 57.71 18.22 -2.64
C ALA C 264 56.49 19.07 -2.97
N THR C 265 55.50 18.46 -3.66
CA THR C 265 54.20 19.08 -3.85
C THR C 265 53.68 19.71 -2.55
N CYS C 266 53.56 18.93 -1.50
CA CYS C 266 53.01 19.50 -0.27
C CYS C 266 53.96 20.49 0.34
N PHE C 267 55.28 20.27 0.19
CA PHE C 267 56.23 21.24 0.70
C PHE C 267 55.99 22.61 0.08
N VAL C 268 55.94 22.68 -1.25
CA VAL C 268 55.78 24.00 -1.86
C VAL C 268 54.37 24.57 -1.68
N TRP C 269 53.38 23.74 -1.35
CA TRP C 269 52.05 24.29 -1.15
C TRP C 269 51.87 24.88 0.25
N PHE C 270 52.54 24.29 1.24
CA PHE C 270 52.29 24.65 2.63
C PHE C 270 53.40 25.46 3.27
N ASN C 271 54.65 25.18 2.92
CA ASN C 271 55.81 25.66 3.67
C ASN C 271 56.20 27.05 3.17
N ASN C 272 56.28 28.01 4.09
CA ASN C 272 56.71 29.35 3.73
C ASN C 272 58.01 29.73 4.45
N THR C 273 58.80 28.72 4.83
CA THR C 273 60.12 28.94 5.38
C THR C 273 61.20 28.71 4.33
N VAL C 274 61.32 27.48 3.81
CA VAL C 274 62.25 27.19 2.73
C VAL C 274 61.65 27.48 1.37
N TYR C 275 60.39 27.91 1.29
CA TYR C 275 59.84 28.59 0.13
C TYR C 275 59.28 29.92 0.61
N PRO C 276 60.13 30.92 0.78
CA PRO C 276 59.65 32.15 1.39
C PRO C 276 58.58 32.76 0.51
N SER C 277 57.54 33.30 1.14
CA SER C 277 56.45 33.90 0.40
C SER C 277 56.89 35.18 -0.30
N GLU C 278 58.01 35.78 0.13
CA GLU C 278 58.56 36.97 -0.53
C GLU C 278 58.91 36.67 -1.98
N PHE C 279 59.35 35.44 -2.25
CA PHE C 279 59.79 35.01 -3.58
C PHE C 279 58.71 34.19 -4.31
N TYR C 280 58.05 33.28 -3.61
CA TYR C 280 57.17 32.34 -4.23
C TYR C 280 55.72 32.79 -4.24
N GLY C 281 55.40 33.89 -3.56
CA GLY C 281 54.03 34.27 -3.31
C GLY C 281 53.50 33.58 -2.06
N PRO C 282 52.36 34.05 -1.56
CA PRO C 282 51.78 33.44 -0.35
C PRO C 282 51.17 32.08 -0.61
N THR C 283 51.12 31.26 0.45
CA THR C 283 50.44 30.00 0.34
C THR C 283 48.95 30.23 0.28
N GLY C 284 48.25 29.20 -0.12
CA GLY C 284 46.79 29.22 -0.13
C GLY C 284 46.27 29.64 1.21
N PRO C 285 46.72 28.96 2.28
CA PRO C 285 46.25 29.32 3.63
C PRO C 285 46.63 30.74 4.01
N GLU C 286 47.89 31.09 3.74
CA GLU C 286 48.37 32.46 3.98
C GLU C 286 47.44 33.49 3.35
N ALA C 287 47.24 33.36 2.03
CA ALA C 287 46.38 34.29 1.30
C ALA C 287 45.02 34.37 1.95
N SER C 288 44.47 33.23 2.34
CA SER C 288 43.14 33.20 2.93
C SER C 288 43.12 33.86 4.30
N GLN C 289 44.14 33.59 5.13
CA GLN C 289 44.31 34.32 6.38
C GLN C 289 44.44 35.81 6.12
N ALA C 290 45.21 36.18 5.09
CA ALA C 290 45.45 37.59 4.81
C ALA C 290 44.17 38.33 4.45
N GLN C 291 43.19 37.64 3.87
CA GLN C 291 41.94 38.34 3.55
C GLN C 291 41.18 38.66 4.82
N ALA C 292 41.12 37.72 5.77
CA ALA C 292 40.40 38.05 7.00
C ALA C 292 41.15 39.15 7.74
N MET C 293 42.47 39.11 7.73
CA MET C 293 43.25 40.20 8.33
C MET C 293 42.84 41.54 7.73
N THR C 294 42.83 41.59 6.40
CA THR C 294 42.55 42.82 5.66
C THR C 294 41.22 43.44 6.09
N PHE C 295 40.11 42.68 6.00
CA PHE C 295 38.82 43.30 6.34
C PHE C 295 38.69 43.57 7.83
N LEU C 296 39.35 42.77 8.66
CA LEU C 296 39.37 43.11 10.07
C LEU C 296 40.00 44.49 10.25
N ILE C 297 41.17 44.72 9.64
CA ILE C 297 41.81 46.04 9.73
C ILE C 297 40.86 47.12 9.22
N ARG C 298 40.29 46.91 8.02
CA ARG C 298 39.46 47.92 7.39
C ARG C 298 38.27 48.27 8.26
N ASP C 299 37.61 47.26 8.79
CA ASP C 299 36.40 47.47 9.55
C ASP C 299 36.69 48.09 10.91
N GLN C 300 37.79 47.68 11.55
CA GLN C 300 38.14 48.25 12.84
C GLN C 300 38.48 49.73 12.72
N LYS C 301 39.12 50.13 11.61
CA LYS C 301 39.38 51.56 11.41
C LYS C 301 38.10 52.33 11.29
N LEU C 302 37.06 51.69 10.80
CA LEU C 302 35.77 52.33 10.67
C LEU C 302 35.03 52.42 12.01
N GLY C 303 35.55 51.79 13.06
CA GLY C 303 34.89 51.79 14.36
C GLY C 303 34.33 50.46 14.83
N ALA C 304 34.38 49.40 14.02
CA ALA C 304 33.85 48.10 14.43
C ALA C 304 34.66 47.49 15.57
N ASN C 305 33.97 46.91 16.54
CA ASN C 305 34.57 46.11 17.59
C ASN C 305 34.65 44.65 17.16
N VAL C 306 35.80 44.30 16.57
CA VAL C 306 35.93 43.04 15.85
C VAL C 306 35.85 41.86 16.79
N GLY C 307 35.99 42.09 18.09
CA GLY C 307 35.96 41.00 19.03
C GLY C 307 34.56 40.59 19.39
N SER C 308 33.65 41.55 19.50
CA SER C 308 32.29 41.30 19.92
C SER C 308 31.31 41.15 18.75
N ALA C 309 31.79 41.13 17.52
CA ALA C 309 30.95 41.21 16.33
C ALA C 309 30.52 39.79 15.96
N GLN C 310 29.25 39.51 16.14
CA GLN C 310 28.64 38.23 15.78
C GLN C 310 28.23 38.24 14.32
N GLY C 311 28.66 37.23 13.59
CA GLY C 311 28.37 37.07 12.21
C GLY C 311 27.06 36.32 12.03
N PRO C 312 26.66 36.16 10.78
CA PRO C 312 25.35 35.57 10.49
C PRO C 312 25.06 34.24 11.15
N THR C 313 26.06 33.35 11.22
CA THR C 313 25.93 32.01 11.75
C THR C 313 25.83 31.94 13.28
N GLY C 314 26.11 33.02 14.00
CA GLY C 314 26.32 32.96 15.42
C GLY C 314 27.79 32.94 15.79
N LEU C 315 28.64 32.49 14.88
CA LEU C 315 30.08 32.55 15.08
C LEU C 315 30.57 33.96 14.83
N GLY C 316 31.71 34.28 15.43
CA GLY C 316 32.24 35.61 15.27
C GLY C 316 32.48 35.92 13.81
N LYS C 317 32.17 37.14 13.41
CA LYS C 317 32.38 37.54 12.03
C LYS C 317 33.86 37.62 11.69
N TYR C 318 34.69 38.09 12.63
CA TYR C 318 36.12 38.25 12.41
C TYR C 318 36.96 37.26 13.18
N LEU C 319 36.54 36.91 14.40
CA LEU C 319 37.33 36.07 15.29
C LEU C 319 36.45 35.01 15.92
N MET C 320 37.00 33.81 16.06
CA MET C 320 36.30 32.72 16.71
C MET C 320 37.33 31.82 17.36
N ARG C 321 36.85 30.70 17.92
CA ARG C 321 37.76 29.69 18.44
C ARG C 321 37.89 28.49 17.51
N SER C 322 39.09 27.94 17.45
CA SER C 322 39.39 26.65 16.82
C SER C 322 38.77 25.61 17.72
N PRO C 323 38.82 24.34 17.36
CA PRO C 323 38.24 23.31 18.23
C PRO C 323 39.01 23.07 19.51
N THR C 324 40.27 23.51 19.61
CA THR C 324 41.00 23.44 20.86
C THR C 324 41.02 24.77 21.59
N GLY C 325 40.26 25.76 21.08
CA GLY C 325 39.99 26.98 21.78
C GLY C 325 40.79 28.19 21.33
N GLU C 326 41.83 28.01 20.52
CA GLU C 326 42.68 29.15 20.18
C GLU C 326 41.86 30.19 19.45
N ILE C 327 42.08 31.45 19.78
CA ILE C 327 41.41 32.49 19.04
C ILE C 327 42.02 32.54 17.65
N ILE C 328 41.15 32.50 16.63
CA ILE C 328 41.54 32.40 15.24
C ILE C 328 40.65 33.32 14.40
N PHE C 329 41.07 33.54 13.16
CA PHE C 329 40.26 34.24 12.17
C PHE C 329 38.99 33.46 11.82
N GLY C 330 37.85 34.18 11.70
CA GLY C 330 36.59 33.59 11.30
C GLY C 330 36.33 33.57 9.80
N GLY C 331 35.09 33.16 9.44
CA GLY C 331 34.79 32.82 8.07
C GLY C 331 35.37 31.47 7.68
N GLU C 332 35.39 31.23 6.37
CA GLU C 332 35.79 29.93 5.86
C GLU C 332 37.24 29.62 6.22
N THR C 333 38.05 30.65 6.42
CA THR C 333 39.47 30.49 6.75
C THR C 333 39.69 29.86 8.12
N MET C 334 38.64 29.69 8.93
CA MET C 334 38.72 28.83 10.08
C MET C 334 39.49 27.54 9.79
N ARG C 335 39.48 27.08 8.53
CA ARG C 335 40.17 25.83 8.20
C ARG C 335 41.67 25.99 8.19
N PHE C 336 42.14 27.21 8.07
CA PHE C 336 43.55 27.51 7.89
C PHE C 336 44.20 28.10 9.12
N TRP C 337 43.66 27.82 10.31
CA TRP C 337 44.21 28.48 11.49
C TRP C 337 45.60 27.92 11.88
N ASP C 338 46.03 26.80 11.32
CA ASP C 338 47.41 26.31 11.51
C ASP C 338 48.40 27.17 10.78
N PHE C 339 47.93 28.14 9.99
CA PHE C 339 48.87 28.98 9.26
C PHE C 339 49.75 29.74 10.27
N ARG C 340 51.03 29.79 9.98
CA ARG C 340 51.96 30.67 10.70
C ARG C 340 52.77 31.43 9.67
N GLY C 341 52.79 32.74 9.83
CA GLY C 341 53.66 33.54 8.99
C GLY C 341 54.20 34.76 9.72
N PRO C 342 55.36 35.25 9.28
CA PRO C 342 56.01 36.34 10.04
C PRO C 342 55.20 37.62 10.08
N TRP C 343 54.36 37.90 9.10
CA TRP C 343 53.52 39.08 9.21
C TRP C 343 52.40 38.91 10.22
N LEU C 344 52.11 37.68 10.65
CA LEU C 344 50.95 37.42 11.51
C LEU C 344 51.33 37.20 12.96
N GLU C 345 52.48 36.55 13.19
CA GLU C 345 52.85 36.13 14.54
C GLU C 345 52.95 37.27 15.55
N PRO C 346 53.33 38.46 15.18
CA PRO C 346 53.36 39.53 16.19
C PRO C 346 52.05 39.70 16.93
N LEU C 347 50.97 39.21 16.36
CA LEU C 347 49.64 39.39 16.91
C LEU C 347 49.20 38.24 17.81
N ARG C 348 49.97 37.19 17.89
CA ARG C 348 49.57 35.98 18.58
C ARG C 348 50.07 36.04 20.02
N GLY C 349 49.17 35.82 20.95
CA GLY C 349 49.52 35.50 22.30
C GLY C 349 49.34 34.03 22.54
N PRO C 350 49.37 33.64 23.80
CA PRO C 350 49.26 32.20 24.13
C PRO C 350 47.87 31.62 23.93
N ASN C 351 46.79 32.43 23.93
CA ASN C 351 45.44 31.96 23.64
C ASN C 351 45.10 32.07 22.15
N GLY C 352 46.07 32.36 21.31
CA GLY C 352 45.83 32.68 19.94
C GLY C 352 45.97 34.16 19.67
N LEU C 353 45.31 34.60 18.60
CA LEU C 353 45.35 36.01 18.27
C LEU C 353 44.90 36.81 19.48
N ASP C 354 45.55 37.94 19.71
CA ASP C 354 45.40 38.72 20.92
C ASP C 354 44.60 39.96 20.60
N LEU C 355 43.52 40.15 21.33
CA LEU C 355 42.59 41.20 20.97
C LEU C 355 43.19 42.56 21.21
N ASN C 356 44.06 42.70 22.23
CA ASN C 356 44.62 44.02 22.49
C ASN C 356 45.74 44.35 21.50
N LYS C 357 46.57 43.40 21.10
CA LYS C 357 47.48 43.68 20.00
C LYS C 357 46.71 44.01 18.72
N ILE C 358 45.57 43.34 18.50
CA ILE C 358 44.83 43.60 17.28
C ILE C 358 44.26 45.01 17.30
N LYS C 359 43.66 45.40 18.42
CA LYS C 359 43.10 46.74 18.50
C LYS C 359 44.19 47.80 18.36
N ASN C 360 45.38 47.54 18.94
CA ASN C 360 46.35 48.60 19.22
C ASN C 360 47.65 48.54 18.42
N ASP C 361 48.06 47.39 17.90
CA ASP C 361 49.44 47.23 17.48
C ASP C 361 49.64 46.82 16.03
N ILE C 362 48.59 46.80 15.21
CA ILE C 362 48.81 46.48 13.80
C ILE C 362 49.60 47.61 13.16
N GLN C 363 50.61 47.26 12.44
CA GLN C 363 51.45 48.22 11.77
C GLN C 363 51.10 48.33 10.28
N PRO C 364 51.34 49.51 9.68
CA PRO C 364 51.22 49.65 8.22
C PRO C 364 51.89 48.55 7.41
N TRP C 365 53.07 48.10 7.81
CA TRP C 365 53.70 47.08 6.98
C TRP C 365 52.90 45.79 6.96
N GLN C 366 52.14 45.53 8.03
CA GLN C 366 51.31 44.35 8.14
C GLN C 366 50.03 44.52 7.31
N GLU C 367 49.43 45.71 7.36
CA GLU C 367 48.33 46.05 6.46
C GLU C 367 48.74 45.82 5.00
N ARG C 368 49.85 46.44 4.58
CA ARG C 368 50.39 46.26 3.23
C ARG C 368 50.59 44.80 2.88
N ARG C 369 51.22 44.03 3.75
CA ARG C 369 51.56 42.65 3.41
C ARG C 369 50.29 41.83 3.22
N ALA C 370 49.28 42.08 4.02
CA ALA C 370 48.07 41.28 3.95
C ALA C 370 47.25 41.61 2.70
N ALA C 371 47.15 42.90 2.35
CA ALA C 371 46.53 43.29 1.09
C ALA C 371 47.28 42.68 -0.08
N GLU C 372 48.60 42.68 -0.01
CA GLU C 372 49.38 42.14 -1.10
C GLU C 372 49.12 40.65 -1.30
N TYR C 373 49.05 39.90 -0.20
CA TYR C 373 48.94 38.46 -0.28
C TYR C 373 47.53 38.03 -0.64
N MET C 374 46.53 38.69 -0.04
CA MET C 374 45.15 38.53 -0.43
C MET C 374 44.94 38.63 -1.94
N THR C 375 45.54 39.65 -2.57
CA THR C 375 45.40 39.90 -4.00
C THR C 375 46.37 39.12 -4.85
N HIS C 376 47.12 38.23 -4.25
CA HIS C 376 48.04 37.38 -4.97
C HIS C 376 47.85 35.95 -4.51
N ALA C 377 46.60 35.58 -4.20
CA ALA C 377 46.34 34.21 -3.80
C ALA C 377 46.64 33.25 -4.93
N PRO C 378 47.09 32.06 -4.62
CA PRO C 378 47.50 31.14 -5.69
C PRO C 378 46.29 30.47 -6.30
N LEU C 379 45.52 31.29 -7.00
CA LEU C 379 44.36 30.89 -7.80
C LEU C 379 44.56 31.51 -9.18
N GLY C 380 44.35 30.73 -10.23
CA GLY C 380 44.53 31.24 -11.56
C GLY C 380 44.13 30.20 -12.58
N SER C 381 43.78 30.70 -13.77
CA SER C 381 43.46 29.83 -14.90
C SER C 381 44.71 29.29 -15.59
N LEU C 382 44.50 28.24 -16.40
CA LEU C 382 45.59 27.62 -17.14
C LEU C 382 46.25 28.59 -18.11
N ASN C 383 45.51 29.60 -18.59
CA ASN C 383 46.05 30.62 -19.47
C ASN C 383 46.51 31.88 -18.70
N SER C 384 46.69 31.73 -17.39
CA SER C 384 47.33 32.71 -16.53
C SER C 384 46.52 33.99 -16.39
N VAL C 385 45.25 33.82 -16.12
CA VAL C 385 44.38 34.91 -15.70
C VAL C 385 44.23 34.77 -14.22
N GLY C 386 44.61 35.82 -13.48
CA GLY C 386 44.67 35.70 -12.05
C GLY C 386 43.28 35.77 -11.45
N GLY C 387 43.09 35.01 -10.38
CA GLY C 387 41.97 35.20 -9.49
C GLY C 387 41.04 34.00 -9.48
N VAL C 388 39.83 34.21 -8.97
CA VAL C 388 38.81 33.18 -8.99
C VAL C 388 38.43 32.87 -10.44
N ALA C 389 37.87 31.69 -10.64
CA ALA C 389 37.59 31.23 -11.98
C ALA C 389 36.51 32.09 -12.70
N THR C 390 35.70 32.83 -11.98
CA THR C 390 34.70 33.72 -12.59
C THR C 390 35.24 35.13 -12.88
N GLU C 391 36.51 35.37 -12.62
CA GLU C 391 37.10 36.71 -12.72
C GLU C 391 37.24 37.08 -14.20
N ILE C 392 37.19 38.38 -14.50
CA ILE C 392 37.43 38.84 -15.86
C ILE C 392 38.93 38.90 -16.14
N ASN C 393 39.28 38.89 -17.42
CA ASN C 393 40.64 39.16 -17.88
C ASN C 393 41.12 40.53 -17.41
N SER C 394 42.42 40.60 -17.13
CA SER C 394 43.10 41.85 -16.75
C SER C 394 44.47 41.55 -16.13
N VAL C 395 44.52 40.60 -15.20
CA VAL C 395 45.68 40.34 -14.37
C VAL C 395 46.33 39.05 -14.81
N ASN C 396 47.56 39.15 -15.28
CA ASN C 396 48.31 38.02 -15.82
C ASN C 396 49.12 37.39 -14.70
N PHE C 397 48.64 36.28 -14.16
CA PHE C 397 49.18 35.80 -12.90
C PHE C 397 48.69 34.42 -12.52
N VAL C 398 49.62 33.49 -12.37
CA VAL C 398 49.42 32.23 -11.66
C VAL C 398 50.63 32.02 -10.75
N SER C 399 50.38 31.68 -9.50
CA SER C 399 51.41 31.61 -8.50
C SER C 399 52.45 30.57 -8.87
N PRO C 400 53.72 30.85 -8.60
CA PRO C 400 54.73 29.80 -8.72
C PRO C 400 54.39 28.57 -7.89
N ARG C 401 53.67 28.74 -6.80
CA ARG C 401 53.36 27.56 -5.99
C ARG C 401 52.36 26.63 -6.69
N SER C 402 51.36 27.19 -7.38
CA SER C 402 50.45 26.36 -8.18
C SER C 402 51.19 25.65 -9.29
N TRP C 403 52.05 26.38 -10.00
CA TRP C 403 52.84 25.74 -11.05
C TRP C 403 53.73 24.64 -10.48
N LEU C 404 54.37 24.88 -9.33
CA LEU C 404 55.29 23.87 -8.81
C LEU C 404 54.53 22.71 -8.17
N ALA C 405 53.42 23.00 -7.49
CA ALA C 405 52.63 21.93 -6.91
C ALA C 405 52.01 21.01 -7.97
N THR C 406 51.34 21.59 -8.98
CA THR C 406 50.67 20.79 -10.01
C THR C 406 51.66 19.97 -10.82
N SER C 407 52.76 20.58 -11.27
CA SER C 407 53.69 19.83 -12.10
C SER C 407 54.21 18.61 -11.36
N HIS C 408 54.52 18.77 -10.08
CA HIS C 408 55.17 17.68 -9.37
C HIS C 408 54.17 16.66 -8.88
N PHE C 409 52.92 17.05 -8.67
CA PHE C 409 51.92 16.00 -8.47
C PHE C 409 51.81 15.11 -9.68
N VAL C 410 51.81 15.71 -10.87
CA VAL C 410 51.66 14.92 -12.09
C VAL C 410 52.84 13.99 -12.26
N LEU C 411 54.06 14.52 -12.15
CA LEU C 411 55.22 13.68 -12.31
C LEU C 411 55.26 12.60 -11.22
N ALA C 412 54.93 12.96 -9.98
CA ALA C 412 54.90 11.96 -8.91
C ALA C 412 53.94 10.83 -9.26
N PHE C 413 52.75 11.19 -9.75
CA PHE C 413 51.77 10.18 -10.13
C PHE C 413 52.32 9.21 -11.18
N PHE C 414 52.87 9.75 -12.25
CA PHE C 414 53.30 8.87 -13.32
C PHE C 414 54.48 8.01 -12.90
N PHE C 415 55.36 8.54 -12.07
CA PHE C 415 56.43 7.70 -11.55
C PHE C 415 55.90 6.58 -10.67
N LEU C 416 54.79 6.80 -9.98
CA LEU C 416 54.14 5.68 -9.31
C LEU C 416 53.59 4.66 -10.29
N VAL C 417 52.99 5.12 -11.39
CA VAL C 417 52.54 4.19 -12.43
C VAL C 417 53.74 3.44 -13.01
N GLY C 418 54.85 4.19 -13.25
CA GLY C 418 56.06 3.56 -13.75
C GLY C 418 56.64 2.54 -12.78
N HIS C 419 56.57 2.83 -11.47
CA HIS C 419 56.98 1.84 -10.48
C HIS C 419 56.17 0.56 -10.55
N LEU C 420 54.85 0.69 -10.56
CA LEU C 420 53.99 -0.48 -10.70
C LEU C 420 54.29 -1.21 -12.00
N TRP C 421 54.44 -0.46 -13.09
CA TRP C 421 54.72 -1.08 -14.38
C TRP C 421 56.00 -1.92 -14.31
N HIS C 422 57.10 -1.29 -13.89
CA HIS C 422 58.38 -1.98 -13.87
C HIS C 422 58.51 -2.98 -12.74
N ALA C 423 57.85 -2.76 -11.60
CA ALA C 423 57.95 -3.74 -10.52
C ALA C 423 57.23 -5.03 -10.90
N GLY C 424 56.04 -4.92 -11.46
CA GLY C 424 55.36 -6.10 -11.97
C GLY C 424 56.15 -6.79 -13.05
N ARG C 425 56.65 -6.04 -14.03
CA ARG C 425 57.40 -6.69 -15.10
C ARG C 425 58.62 -7.42 -14.53
N ALA C 426 59.38 -6.76 -13.62
CA ALA C 426 60.60 -7.37 -13.09
C ALA C 426 60.31 -8.68 -12.40
N ARG C 427 59.24 -8.72 -11.60
CA ARG C 427 58.82 -9.97 -10.97
C ARG C 427 58.52 -11.02 -12.01
N ALA C 428 57.79 -10.65 -13.06
CA ALA C 428 57.38 -11.68 -14.00
C ALA C 428 58.56 -12.12 -14.85
N ALA C 429 59.43 -11.20 -15.24
CA ALA C 429 60.62 -11.61 -15.98
C ALA C 429 61.54 -12.48 -15.13
N ALA C 430 61.73 -12.10 -13.86
CA ALA C 430 62.51 -12.92 -12.95
C ALA C 430 61.95 -14.34 -12.84
N ALA C 431 60.63 -14.49 -12.80
CA ALA C 431 60.07 -15.83 -12.70
C ALA C 431 59.97 -16.54 -14.03
N GLY C 432 60.16 -15.84 -15.15
CA GLY C 432 60.09 -16.45 -16.44
C GLY C 432 58.73 -16.47 -17.15
N PHE C 433 57.77 -15.60 -16.81
CA PHE C 433 56.53 -15.60 -17.58
C PHE C 433 56.10 -14.22 -18.04
N GLU C 434 57.05 -13.31 -18.25
CA GLU C 434 56.67 -11.97 -18.64
C GLU C 434 56.17 -11.93 -20.08
N LYS C 435 56.45 -12.93 -20.86
CA LYS C 435 56.07 -12.93 -22.26
C LYS C 435 54.78 -13.67 -22.53
N GLY C 436 54.19 -14.28 -21.51
CA GLY C 436 52.94 -14.99 -21.66
C GLY C 436 53.00 -16.34 -21.01
N ILE C 437 51.85 -17.03 -21.08
CA ILE C 437 51.64 -18.33 -20.45
C ILE C 437 52.06 -19.43 -21.42
N ASP C 438 52.82 -20.38 -20.88
CA ASP C 438 53.24 -21.57 -21.64
C ASP C 438 52.02 -22.47 -21.87
N ARG C 439 51.66 -22.69 -23.13
CA ARG C 439 50.45 -23.45 -23.41
C ARG C 439 50.53 -24.87 -22.84
N GLU C 440 51.72 -25.48 -22.90
CA GLU C 440 51.90 -26.87 -22.49
C GLU C 440 52.08 -27.00 -21.00
N SER C 441 52.24 -25.90 -20.29
CA SER C 441 52.35 -25.92 -18.84
C SER C 441 51.63 -24.70 -18.24
N GLU C 442 50.31 -24.62 -18.42
CA GLU C 442 49.57 -23.50 -17.85
C GLU C 442 49.29 -23.76 -16.37
N PRO C 443 49.84 -22.97 -15.43
CA PRO C 443 49.70 -23.34 -14.01
C PRO C 443 48.27 -23.66 -13.60
N VAL C 444 47.32 -22.83 -14.01
CA VAL C 444 45.95 -23.02 -13.57
C VAL C 444 45.43 -24.38 -14.00
N LEU C 445 45.83 -24.87 -15.16
CA LEU C 445 45.30 -26.16 -15.59
C LEU C 445 45.79 -27.31 -14.74
N SER C 446 46.89 -27.15 -13.99
CA SER C 446 47.32 -28.11 -12.98
C SER C 446 46.82 -27.77 -11.58
N MET C 447 46.00 -26.83 -11.45
CA MET C 447 45.48 -26.62 -10.12
C MET C 447 44.07 -27.19 -10.01
N PRO C 448 43.67 -27.54 -8.80
CA PRO C 448 42.31 -28.02 -8.59
C PRO C 448 41.29 -26.93 -8.87
N SER C 449 40.09 -27.34 -9.24
CA SER C 449 39.05 -26.36 -9.46
C SER C 449 38.67 -25.71 -8.13
N LEU C 450 38.15 -24.48 -8.22
CA LEU C 450 37.73 -23.77 -7.03
C LEU C 450 36.44 -24.33 -6.49
N ASP C 451 35.60 -24.83 -7.38
CA ASP C 451 34.28 -25.31 -7.04
C ASP C 451 33.90 -26.32 -8.10
N ARG D 1 20.94 -7.94 -67.03
CA ARG D 1 22.07 -7.02 -67.16
C ARG D 1 21.56 -5.64 -67.60
N GLY D 2 20.44 -5.23 -67.02
CA GLY D 2 19.97 -3.87 -67.16
C GLY D 2 20.84 -2.90 -66.40
N TRP D 3 20.49 -1.62 -66.53
CA TRP D 3 21.30 -0.53 -65.98
C TRP D 3 21.28 -0.48 -64.45
N PHE D 4 20.14 -0.77 -63.82
CA PHE D 4 20.13 -0.79 -62.36
C PHE D 4 21.19 -1.75 -61.84
N ASP D 5 21.34 -2.89 -62.50
CA ASP D 5 22.35 -3.85 -62.09
C ASP D 5 23.74 -3.33 -62.37
N ILE D 6 23.92 -2.65 -63.51
CA ILE D 6 25.24 -2.11 -63.82
C ILE D 6 25.68 -1.15 -62.72
N LEU D 7 24.77 -0.28 -62.27
CA LEU D 7 25.13 0.68 -61.22
C LEU D 7 25.39 -0.01 -59.88
N ASP D 8 24.59 -1.03 -59.56
CA ASP D 8 24.85 -1.84 -58.39
C ASP D 8 26.25 -2.44 -58.44
N ASP D 9 26.63 -3.00 -59.59
CA ASP D 9 28.01 -3.45 -59.78
C ASP D 9 29.00 -2.37 -59.39
N TRP D 10 28.81 -1.20 -59.96
CA TRP D 10 29.76 -0.13 -59.74
C TRP D 10 29.75 0.36 -58.29
N LEU D 11 28.57 0.51 -57.68
CA LEU D 11 28.51 1.03 -56.33
C LEU D 11 29.21 0.10 -55.36
N LYS D 12 29.16 -1.19 -55.64
CA LYS D 12 29.60 -2.21 -54.71
C LYS D 12 30.97 -2.76 -55.05
N ARG D 13 31.73 -2.05 -55.87
CA ARG D 13 33.09 -2.47 -56.14
C ARG D 13 33.98 -2.29 -54.90
N ASP D 14 34.90 -3.24 -54.73
CA ASP D 14 35.89 -3.20 -53.66
C ASP D 14 36.95 -2.15 -53.96
N ARG D 15 36.94 -1.04 -53.23
CA ARG D 15 37.88 0.06 -53.44
C ARG D 15 38.26 0.64 -52.09
N PHE D 16 39.21 1.58 -52.09
CA PHE D 16 39.81 2.04 -50.84
C PHE D 16 38.76 2.58 -49.87
N VAL D 17 37.75 3.28 -50.39
CA VAL D 17 36.55 3.63 -49.63
C VAL D 17 35.35 3.10 -50.40
N PHE D 18 34.72 2.09 -49.82
CA PHE D 18 33.49 1.52 -50.36
C PHE D 18 32.42 2.59 -50.48
N VAL D 19 31.59 2.49 -51.51
CA VAL D 19 30.59 3.50 -51.82
C VAL D 19 29.20 3.02 -51.44
N GLY D 20 28.71 1.95 -52.10
CA GLY D 20 27.42 1.35 -51.85
C GLY D 20 26.24 2.20 -52.31
N TRP D 21 25.03 1.63 -52.38
CA TRP D 21 23.85 2.48 -52.46
C TRP D 21 23.74 3.46 -51.29
N SER D 22 24.20 3.05 -50.09
CA SER D 22 24.08 3.93 -48.93
C SER D 22 24.96 5.16 -49.09
N GLY D 23 26.02 5.05 -49.87
CA GLY D 23 26.91 6.16 -50.10
C GLY D 23 26.22 7.37 -50.71
N ILE D 24 25.10 7.16 -51.41
CA ILE D 24 24.45 8.27 -52.08
C ILE D 24 23.76 9.18 -51.07
N LEU D 25 23.15 8.59 -50.05
CA LEU D 25 22.66 9.39 -48.94
C LEU D 25 23.79 9.86 -48.04
N LEU D 26 24.72 8.96 -47.72
CA LEU D 26 25.69 9.20 -46.66
C LEU D 26 26.67 10.31 -47.02
N PHE D 27 27.32 10.20 -48.16
CA PHE D 27 28.51 11.00 -48.39
C PHE D 27 28.21 12.47 -48.62
N PRO D 28 27.24 12.84 -49.44
CA PRO D 28 26.86 14.27 -49.51
C PRO D 28 26.46 14.83 -48.16
N CYS D 29 25.70 14.08 -47.40
CA CYS D 29 25.14 14.66 -46.19
C CYS D 29 26.21 14.77 -45.11
N ALA D 30 27.08 13.75 -44.99
CA ALA D 30 28.18 13.80 -44.04
C ALA D 30 29.11 14.95 -44.36
N TYR D 31 29.50 15.08 -45.62
CA TYR D 31 30.38 16.16 -46.03
C TYR D 31 29.73 17.52 -45.82
N LEU D 32 28.43 17.63 -45.99
CA LEU D 32 27.80 18.93 -45.88
C LEU D 32 27.59 19.36 -44.42
N ALA D 33 27.16 18.42 -43.58
CA ALA D 33 27.15 18.68 -42.14
C ALA D 33 28.53 19.15 -41.70
N LEU D 34 29.56 18.40 -42.06
CA LEU D 34 30.91 18.69 -41.59
C LEU D 34 31.41 20.01 -42.18
N GLY D 35 31.14 20.25 -43.47
CA GLY D 35 31.51 21.48 -44.10
C GLY D 35 30.80 22.68 -43.52
N GLY D 36 29.50 22.55 -43.24
CA GLY D 36 28.78 23.63 -42.60
C GLY D 36 29.38 24.01 -41.27
N TRP D 37 29.80 23.00 -40.48
CA TRP D 37 30.33 23.31 -39.16
C TRP D 37 31.70 23.98 -39.25
N LEU D 38 32.59 23.49 -40.10
CA LEU D 38 33.84 24.21 -40.33
C LEU D 38 33.61 25.60 -40.91
N THR D 39 32.60 25.76 -41.77
CA THR D 39 32.35 27.07 -42.37
C THR D 39 31.83 28.06 -41.34
N GLY D 40 30.78 27.68 -40.61
CA GLY D 40 30.25 28.57 -39.59
C GLY D 40 31.23 28.91 -38.50
N THR D 41 32.00 27.93 -38.04
CA THR D 41 32.92 28.23 -36.93
C THR D 41 34.10 29.07 -37.37
N THR D 42 34.45 29.05 -38.65
CA THR D 42 35.53 29.91 -39.12
C THR D 42 35.02 31.30 -39.39
N PHE D 43 33.84 31.44 -39.99
CA PHE D 43 33.44 32.73 -40.54
C PHE D 43 32.18 33.35 -40.01
N VAL D 44 31.28 32.61 -39.37
CA VAL D 44 29.91 33.08 -39.19
C VAL D 44 29.66 33.39 -37.72
N THR D 45 28.94 34.47 -37.48
CA THR D 45 28.66 35.06 -36.19
C THR D 45 27.36 34.52 -35.60
N SER D 46 27.08 34.94 -34.37
CA SER D 46 25.83 34.68 -33.67
C SER D 46 25.28 35.98 -33.09
N TRP D 47 25.73 37.10 -33.64
CA TRP D 47 25.36 38.40 -33.09
C TRP D 47 23.88 38.64 -33.16
N TYR D 48 23.24 38.28 -34.29
CA TYR D 48 21.85 38.66 -34.47
C TYR D 48 20.88 37.63 -33.89
N THR D 49 21.33 36.39 -33.70
CA THR D 49 20.50 35.39 -33.07
C THR D 49 20.71 35.35 -31.56
N HIS D 50 21.90 35.69 -31.10
CA HIS D 50 22.34 35.34 -29.76
C HIS D 50 23.07 36.48 -29.07
N GLY D 51 23.57 37.46 -29.81
CA GLY D 51 24.33 38.50 -29.18
C GLY D 51 25.73 38.03 -28.84
N LEU D 52 26.21 37.02 -29.56
CA LEU D 52 27.49 36.40 -29.30
C LEU D 52 28.36 36.41 -30.54
N ALA D 53 29.68 36.47 -30.32
CA ALA D 53 30.67 36.16 -31.34
C ALA D 53 30.96 34.67 -31.29
N SER D 54 31.29 34.07 -32.44
CA SER D 54 31.32 32.61 -32.47
C SER D 54 32.15 32.03 -33.60
N SER D 55 33.03 32.81 -34.21
CA SER D 55 33.90 32.33 -35.29
C SER D 55 35.34 32.73 -35.02
N TYR D 56 36.26 31.99 -35.63
CA TYR D 56 37.65 32.42 -35.68
C TYR D 56 37.77 33.83 -36.23
N LEU D 57 36.97 34.17 -37.24
CA LEU D 57 37.04 35.48 -37.85
C LEU D 57 36.81 36.58 -36.83
N GLU D 58 35.98 36.31 -35.84
CA GLU D 58 35.65 37.30 -34.82
C GLU D 58 36.60 37.28 -33.64
N GLY D 59 37.56 36.35 -33.61
CA GLY D 59 38.52 36.28 -32.51
C GLY D 59 38.23 35.19 -31.52
N CYS D 60 37.36 34.24 -31.84
CA CYS D 60 37.10 33.12 -30.95
C CYS D 60 38.13 32.06 -31.21
N ASN D 61 38.33 31.21 -30.22
CA ASN D 61 39.23 30.09 -30.36
C ASN D 61 38.42 28.81 -30.49
N PHE D 62 39.14 27.68 -30.53
CA PHE D 62 38.53 26.41 -30.82
C PHE D 62 37.52 25.99 -29.75
N LEU D 63 37.70 26.42 -28.49
CA LEU D 63 36.74 26.10 -27.44
C LEU D 63 35.48 26.96 -27.51
N THR D 64 35.55 28.17 -28.03
CA THR D 64 34.42 29.08 -27.90
C THR D 64 33.66 29.24 -29.19
N VAL D 65 34.29 28.84 -30.29
CA VAL D 65 33.69 28.86 -31.60
C VAL D 65 32.51 27.89 -31.63
N ALA D 66 31.46 28.24 -32.40
CA ALA D 66 30.20 27.49 -32.44
C ALA D 66 29.41 27.85 -33.68
N VAL D 67 28.63 26.88 -34.18
CA VAL D 67 27.47 27.23 -35.04
C VAL D 67 26.28 27.28 -34.11
N SER D 68 25.82 28.50 -33.83
CA SER D 68 24.78 28.72 -32.85
C SER D 68 23.41 28.53 -33.46
N THR D 69 22.46 28.12 -32.61
CA THR D 69 21.05 27.97 -33.00
C THR D 69 20.42 29.27 -33.49
N PRO D 70 19.33 29.15 -34.25
CA PRO D 70 18.61 30.34 -34.72
C PRO D 70 17.97 31.10 -33.58
N ALA D 71 17.51 32.31 -33.91
CA ALA D 71 16.87 33.14 -32.90
C ALA D 71 15.59 32.46 -32.45
N ASN D 72 15.21 32.72 -31.19
CA ASN D 72 14.00 32.17 -30.66
C ASN D 72 12.81 32.51 -31.55
N SER D 73 12.83 33.69 -32.16
CA SER D 73 11.76 34.21 -33.02
C SER D 73 11.51 33.36 -34.27
N MET D 74 12.44 32.50 -34.62
CA MET D 74 12.23 31.62 -35.75
C MET D 74 11.39 30.38 -35.43
N GLY D 75 11.00 30.19 -34.18
CA GLY D 75 10.20 29.03 -33.88
C GLY D 75 10.93 27.78 -34.34
N HIS D 76 10.17 26.84 -34.90
CA HIS D 76 10.77 25.60 -35.40
C HIS D 76 10.91 25.61 -36.92
N SER D 77 11.12 26.81 -37.48
CA SER D 77 11.31 26.95 -38.90
C SER D 77 12.44 26.09 -39.39
N LEU D 78 12.15 25.33 -40.44
CA LEU D 78 13.16 24.62 -41.18
C LEU D 78 14.26 25.57 -41.64
N LEU D 79 13.93 26.85 -41.85
CA LEU D 79 14.92 27.84 -42.26
C LEU D 79 15.66 27.39 -43.50
N LEU D 80 14.89 26.92 -44.48
CA LEU D 80 15.43 26.62 -45.79
C LEU D 80 15.99 27.88 -46.40
N LEU D 81 17.06 27.72 -47.17
CA LEU D 81 17.66 28.86 -47.85
C LEU D 81 16.62 29.62 -48.67
N TRP D 82 15.73 28.90 -49.35
CA TRP D 82 14.75 29.45 -50.28
C TRP D 82 13.44 29.77 -49.60
N GLY D 83 13.43 29.72 -48.27
CA GLY D 83 12.25 29.85 -47.49
C GLY D 83 11.91 31.28 -47.23
N PRO D 84 10.75 31.49 -46.62
CA PRO D 84 10.25 32.84 -46.46
C PRO D 84 11.06 33.68 -45.50
N GLU D 85 11.91 33.07 -44.68
CA GLU D 85 12.75 33.82 -43.75
C GLU D 85 13.95 34.43 -44.48
N ALA D 86 14.78 33.60 -45.09
CA ALA D 86 15.95 34.15 -45.77
C ALA D 86 15.66 34.54 -47.22
N GLN D 87 14.58 34.04 -47.82
CA GLN D 87 14.20 34.48 -49.16
C GLN D 87 15.37 34.35 -50.14
N GLY D 88 16.22 33.35 -49.92
CA GLY D 88 17.27 33.03 -50.86
C GLY D 88 18.55 33.81 -50.70
N ASP D 89 18.61 34.74 -49.74
CA ASP D 89 19.82 35.53 -49.49
C ASP D 89 20.76 34.69 -48.63
N PHE D 90 21.82 34.17 -49.24
CA PHE D 90 22.81 33.40 -48.50
C PHE D 90 23.26 34.14 -47.25
N THR D 91 23.45 35.45 -47.37
CA THR D 91 24.12 36.17 -46.32
C THR D 91 23.21 36.29 -45.13
N ARG D 92 21.98 36.71 -45.38
CA ARG D 92 20.96 36.77 -44.36
C ARG D 92 20.71 35.39 -43.78
N TRP D 93 20.72 34.36 -44.62
CA TRP D 93 20.49 33.02 -44.13
C TRP D 93 21.51 32.67 -43.06
N CYS D 94 22.78 32.98 -43.30
CA CYS D 94 23.83 32.72 -42.32
C CYS D 94 23.59 33.51 -41.04
N GLN D 95 23.12 34.76 -41.17
CA GLN D 95 22.93 35.62 -40.01
C GLN D 95 21.71 35.27 -39.19
N LEU D 96 20.81 34.49 -39.74
CA LEU D 96 19.57 34.11 -39.06
C LEU D 96 19.66 32.74 -38.40
N GLY D 97 20.76 32.03 -38.59
CA GLY D 97 20.93 30.72 -38.03
C GLY D 97 20.71 29.58 -38.99
N GLY D 98 20.61 29.88 -40.29
CA GLY D 98 20.33 28.84 -41.28
C GLY D 98 21.32 27.69 -41.28
N LEU D 99 22.55 27.94 -40.82
CA LEU D 99 23.49 26.84 -40.90
C LEU D 99 23.23 25.84 -39.80
N TRP D 100 22.55 26.26 -38.74
CA TRP D 100 22.21 25.31 -37.70
C TRP D 100 21.27 24.23 -38.26
N THR D 101 20.15 24.64 -38.86
CA THR D 101 19.24 23.66 -39.42
C THR D 101 19.91 22.88 -40.53
N PHE D 102 20.78 23.54 -41.31
CA PHE D 102 21.51 22.85 -42.37
C PHE D 102 22.29 21.71 -41.80
N ILE D 103 23.04 21.97 -40.73
CA ILE D 103 23.90 20.99 -40.11
C ILE D 103 23.06 19.92 -39.44
N ALA D 104 22.08 20.33 -38.64
CA ALA D 104 21.29 19.32 -37.95
C ALA D 104 20.56 18.38 -38.91
N LEU D 105 19.98 18.90 -40.01
CA LEU D 105 19.23 18.01 -40.92
C LEU D 105 20.15 17.16 -41.79
N HIS D 106 21.14 17.76 -42.44
CA HIS D 106 22.08 16.95 -43.18
C HIS D 106 22.78 15.95 -42.25
N GLY D 107 23.03 16.35 -41.01
CA GLY D 107 23.61 15.41 -40.06
C GLY D 107 22.71 14.22 -39.83
N ALA D 108 21.43 14.47 -39.61
CA ALA D 108 20.48 13.40 -39.37
C ALA D 108 20.39 12.44 -40.56
N PHE D 109 20.38 12.98 -41.79
CA PHE D 109 20.36 12.10 -42.95
C PHE D 109 21.69 11.41 -43.19
N GLY D 110 22.79 11.98 -42.73
CA GLY D 110 24.06 11.26 -42.78
C GLY D 110 24.08 10.10 -41.82
N LEU D 111 23.56 10.32 -40.61
CA LEU D 111 23.51 9.24 -39.63
C LEU D 111 22.76 8.05 -40.20
N ILE D 112 21.60 8.32 -40.82
CA ILE D 112 20.84 7.27 -41.48
C ILE D 112 21.70 6.57 -42.51
N GLY D 113 22.29 7.36 -43.40
CA GLY D 113 23.17 6.80 -44.42
C GLY D 113 24.25 5.97 -43.81
N PHE D 114 24.84 6.42 -42.71
CA PHE D 114 25.93 5.64 -42.12
C PHE D 114 25.41 4.33 -41.59
N MET D 115 24.26 4.36 -40.93
CA MET D 115 23.71 3.11 -40.45
C MET D 115 23.27 2.20 -41.59
N LEU D 116 22.82 2.77 -42.71
CA LEU D 116 22.52 1.93 -43.88
C LEU D 116 23.78 1.33 -44.45
N ARG D 117 24.89 2.06 -44.36
CA ARG D 117 26.17 1.53 -44.79
C ARG D 117 26.61 0.35 -43.94
N GLN D 118 26.37 0.43 -42.63
CA GLN D 118 26.70 -0.71 -41.77
C GLN D 118 25.88 -1.92 -42.17
N PHE D 119 24.60 -1.70 -42.50
CA PHE D 119 23.74 -2.76 -43.01
C PHE D 119 24.23 -3.30 -44.36
N GLU D 120 24.58 -2.41 -45.29
CA GLU D 120 24.95 -2.84 -46.63
C GLU D 120 26.26 -3.62 -46.62
N ILE D 121 27.27 -3.10 -45.92
CA ILE D 121 28.54 -3.81 -45.92
C ILE D 121 28.42 -5.15 -45.22
N ALA D 122 27.61 -5.20 -44.15
CA ALA D 122 27.44 -6.45 -43.41
C ALA D 122 26.75 -7.51 -44.28
N ARG D 123 25.77 -7.10 -45.08
CA ARG D 123 25.13 -8.06 -45.99
C ARG D 123 26.10 -8.53 -47.07
N LEU D 124 26.89 -7.63 -47.64
CA LEU D 124 27.84 -8.06 -48.68
C LEU D 124 28.96 -8.94 -48.13
N VAL D 125 29.39 -8.74 -46.89
CA VAL D 125 30.48 -9.51 -46.33
C VAL D 125 30.01 -10.83 -45.73
N GLY D 126 28.74 -10.92 -45.33
CA GLY D 126 28.23 -12.13 -44.72
C GLY D 126 28.37 -12.25 -43.21
N VAL D 127 28.41 -11.12 -42.50
CA VAL D 127 28.43 -11.12 -41.05
C VAL D 127 27.08 -10.63 -40.56
N ARG D 128 26.82 -10.87 -39.29
CA ARG D 128 25.61 -10.43 -38.68
C ARG D 128 25.67 -8.92 -38.44
N PRO D 129 24.52 -8.28 -38.35
CA PRO D 129 24.49 -6.81 -38.40
C PRO D 129 24.44 -6.17 -37.03
N TYR D 130 25.20 -6.71 -36.07
CA TYR D 130 25.16 -6.16 -34.72
C TYR D 130 25.85 -4.80 -34.60
N ASN D 131 26.72 -4.44 -35.53
CA ASN D 131 27.36 -3.12 -35.44
C ASN D 131 26.39 -2.01 -35.84
N ALA D 132 25.57 -2.26 -36.88
CA ALA D 132 24.46 -1.35 -37.17
C ALA D 132 23.51 -1.24 -35.99
N ILE D 133 23.11 -2.36 -35.44
CA ILE D 133 22.22 -2.33 -34.29
C ILE D 133 22.77 -1.46 -33.17
N ALA D 134 24.03 -1.72 -32.76
CA ALA D 134 24.65 -0.91 -31.72
C ALA D 134 24.59 0.57 -32.05
N PHE D 135 24.74 0.92 -33.33
CA PHE D 135 24.78 2.33 -33.72
C PHE D 135 23.43 3.00 -33.55
N SER D 136 22.36 2.22 -33.32
CA SER D 136 21.06 2.84 -33.00
C SER D 136 21.17 3.74 -31.77
N ALA D 137 22.17 3.50 -30.90
CA ALA D 137 22.28 4.27 -29.66
C ALA D 137 22.72 5.69 -29.95
N PRO D 138 23.82 5.91 -30.64
CA PRO D 138 24.13 7.29 -31.07
C PRO D 138 22.98 7.99 -31.81
N ILE D 139 22.25 7.28 -32.65
CA ILE D 139 21.15 7.91 -33.36
C ILE D 139 20.11 8.39 -32.36
N ALA D 140 19.70 7.50 -31.46
CA ALA D 140 18.71 7.88 -30.47
C ALA D 140 19.13 9.16 -29.72
N VAL D 141 20.40 9.27 -29.37
CA VAL D 141 20.87 10.45 -28.64
C VAL D 141 20.78 11.67 -29.50
N PHE D 142 21.31 11.58 -30.73
CA PHE D 142 21.26 12.72 -31.62
C PHE D 142 19.84 13.23 -31.84
N VAL D 143 18.90 12.34 -32.22
CA VAL D 143 17.55 12.80 -32.54
C VAL D 143 16.89 13.38 -31.31
N SER D 144 17.06 12.74 -30.16
CA SER D 144 16.30 13.19 -29.01
C SER D 144 16.83 14.52 -28.53
N VAL D 145 18.13 14.74 -28.64
CA VAL D 145 18.75 15.95 -28.08
C VAL D 145 18.65 17.10 -29.07
N PHE D 146 19.05 16.86 -30.32
CA PHE D 146 19.08 17.96 -31.27
C PHE D 146 17.73 18.21 -31.95
N LEU D 147 16.86 17.22 -32.07
CA LEU D 147 15.59 17.38 -32.75
C LEU D 147 14.43 17.39 -31.77
N ILE D 148 14.21 16.30 -31.03
CA ILE D 148 13.00 16.18 -30.23
C ILE D 148 12.98 17.22 -29.14
N TYR D 149 14.09 17.36 -28.39
CA TYR D 149 14.12 18.30 -27.27
C TYR D 149 13.70 19.71 -27.66
N PRO D 150 14.24 20.32 -28.70
CA PRO D 150 13.83 21.71 -28.98
C PRO D 150 12.45 21.78 -29.66
N LEU D 151 12.05 20.74 -30.39
CA LEU D 151 10.70 20.67 -30.93
C LEU D 151 9.64 20.67 -29.85
N GLY D 152 9.95 20.21 -28.62
CA GLY D 152 9.01 20.30 -27.53
C GLY D 152 9.03 21.65 -26.87
N GLN D 153 10.09 22.42 -27.11
CA GLN D 153 10.28 23.72 -26.50
C GLN D 153 9.75 24.80 -27.44
N SER D 154 10.12 26.05 -27.19
CA SER D 154 9.56 27.15 -27.94
C SER D 154 10.17 27.29 -29.31
N SER D 155 11.38 26.78 -29.53
CA SER D 155 12.11 27.05 -30.77
C SER D 155 13.39 26.23 -30.76
N TRP D 156 14.05 26.23 -31.92
CA TRP D 156 15.36 25.63 -32.04
C TRP D 156 16.38 26.34 -31.17
N PHE D 157 16.11 27.58 -30.77
CA PHE D 157 17.08 28.38 -30.05
C PHE D 157 17.65 27.63 -28.86
N PHE D 158 16.85 26.76 -28.27
CA PHE D 158 17.13 26.08 -27.01
C PHE D 158 17.69 24.68 -27.22
N ALA D 159 17.95 24.29 -28.45
CA ALA D 159 18.72 23.08 -28.67
C ALA D 159 20.19 23.35 -28.36
N PRO D 160 21.04 22.31 -28.34
CA PRO D 160 22.48 22.57 -28.26
C PRO D 160 22.96 23.29 -29.52
N SER D 161 23.86 24.25 -29.34
CA SER D 161 24.63 24.80 -30.44
C SER D 161 25.87 23.96 -30.66
N PHE D 162 26.35 23.94 -31.91
CA PHE D 162 27.40 23.02 -32.33
C PHE D 162 28.74 23.69 -32.02
N GLY D 163 29.21 23.52 -30.80
CA GLY D 163 30.45 24.12 -30.35
C GLY D 163 30.81 23.57 -29.00
N VAL D 164 32.11 23.63 -28.70
CA VAL D 164 32.62 23.06 -27.45
C VAL D 164 31.99 23.74 -26.25
N ALA D 165 32.22 25.05 -26.12
CA ALA D 165 31.72 25.75 -24.94
C ALA D 165 30.21 25.92 -24.99
N ALA D 166 29.62 26.05 -26.20
CA ALA D 166 28.16 26.10 -26.28
C ALA D 166 27.57 24.84 -25.72
N ILE D 167 28.20 23.69 -25.99
CA ILE D 167 27.74 22.43 -25.39
C ILE D 167 27.92 22.47 -23.86
N PHE D 168 29.07 22.96 -23.37
CA PHE D 168 29.22 23.12 -21.92
C PHE D 168 28.09 23.97 -21.35
N ARG D 169 27.75 25.08 -22.00
CA ARG D 169 26.60 25.87 -21.59
C ARG D 169 25.31 25.03 -21.53
N PHE D 170 25.08 24.19 -22.52
CA PHE D 170 23.92 23.28 -22.56
C PHE D 170 23.90 22.37 -21.32
N LEU D 171 25.05 21.81 -20.95
CA LEU D 171 25.11 21.01 -19.73
C LEU D 171 24.65 21.81 -18.52
N LEU D 172 25.14 23.04 -18.39
CA LEU D 172 24.83 23.82 -17.21
C LEU D 172 23.36 24.24 -17.20
N PHE D 173 22.86 24.69 -18.35
CA PHE D 173 21.43 24.94 -18.50
C PHE D 173 20.59 23.79 -17.94
N PHE D 174 20.90 22.56 -18.33
CA PHE D 174 20.09 21.43 -17.94
C PHE D 174 20.14 21.17 -16.44
N GLN D 175 21.21 21.59 -15.80
CA GLN D 175 21.31 21.46 -14.37
C GLN D 175 20.42 22.48 -13.70
N GLY D 176 20.60 23.75 -14.04
CA GLY D 176 19.81 24.80 -13.41
C GLY D 176 18.32 24.69 -13.69
N PHE D 177 17.96 24.40 -14.93
CA PHE D 177 16.55 24.50 -15.32
C PHE D 177 15.80 23.19 -15.17
N HIS D 178 16.42 22.06 -15.50
CA HIS D 178 15.84 20.72 -15.48
C HIS D 178 16.29 19.84 -14.33
N ASN D 179 17.30 20.26 -13.57
CA ASN D 179 17.91 19.44 -12.52
C ASN D 179 18.18 18.04 -13.03
N TRP D 180 18.85 18.00 -14.19
CA TRP D 180 18.97 16.79 -15.01
C TRP D 180 19.74 15.69 -14.30
N THR D 181 20.71 16.06 -13.44
CA THR D 181 21.45 15.05 -12.70
C THR D 181 20.54 14.24 -11.79
N LEU D 182 19.42 14.81 -11.33
CA LEU D 182 18.49 14.08 -10.48
C LEU D 182 17.68 13.03 -11.25
N ASN D 183 17.78 13.00 -12.59
CA ASN D 183 16.87 12.21 -13.42
C ASN D 183 17.34 10.76 -13.53
N PRO D 184 16.52 9.80 -13.12
CA PRO D 184 16.96 8.40 -13.18
C PRO D 184 17.32 7.91 -14.58
N PHE D 185 16.73 8.48 -15.64
CA PHE D 185 17.14 8.05 -16.96
C PHE D 185 18.55 8.51 -17.30
N HIS D 186 18.93 9.73 -16.85
CA HIS D 186 20.32 10.17 -16.99
C HIS D 186 21.25 9.27 -16.19
N MET D 187 20.83 8.94 -14.98
CA MET D 187 21.67 8.11 -14.12
C MET D 187 21.94 6.76 -14.77
N MET D 188 20.93 6.20 -15.48
CA MET D 188 21.19 4.94 -16.14
C MET D 188 22.13 5.12 -17.31
N GLY D 189 22.05 6.27 -17.99
CA GLY D 189 23.01 6.54 -19.03
C GLY D 189 24.40 6.64 -18.45
N VAL D 190 24.55 7.39 -17.34
CA VAL D 190 25.87 7.50 -16.69
C VAL D 190 26.41 6.10 -16.41
N ALA D 191 25.57 5.22 -15.86
CA ALA D 191 26.09 3.90 -15.54
C ALA D 191 26.46 3.15 -16.79
N GLY D 192 25.73 3.43 -17.89
CA GLY D 192 26.00 2.75 -19.15
C GLY D 192 27.28 3.20 -19.79
N VAL D 193 27.58 4.51 -19.74
CA VAL D 193 28.82 5.02 -20.30
C VAL D 193 30.01 4.64 -19.42
N LEU D 194 29.87 4.81 -18.11
CA LEU D 194 30.96 4.52 -17.20
C LEU D 194 31.22 3.03 -17.12
N GLY D 195 30.14 2.24 -17.13
CA GLY D 195 30.31 0.80 -17.16
C GLY D 195 30.84 0.32 -18.50
N GLY D 196 30.44 0.98 -19.60
CA GLY D 196 31.09 0.73 -20.86
C GLY D 196 32.61 0.96 -20.78
N ALA D 197 33.01 2.11 -20.23
CA ALA D 197 34.43 2.46 -20.20
C ALA D 197 35.21 1.47 -19.35
N LEU D 198 34.59 1.03 -18.25
CA LEU D 198 35.18 0.02 -17.37
C LEU D 198 35.35 -1.30 -18.12
N LEU D 199 34.26 -1.79 -18.71
CA LEU D 199 34.33 -3.02 -19.49
C LEU D 199 35.44 -2.92 -20.56
N CYS D 200 35.44 -1.85 -21.36
CA CYS D 200 36.50 -1.64 -22.34
C CYS D 200 37.88 -1.85 -21.72
N ALA D 201 38.16 -1.14 -20.63
CA ALA D 201 39.50 -1.21 -20.02
C ALA D 201 39.80 -2.58 -19.40
N ILE D 202 38.84 -3.14 -18.64
CA ILE D 202 39.09 -4.42 -17.96
C ILE D 202 39.21 -5.59 -18.94
N HIS D 203 38.48 -5.55 -20.05
CA HIS D 203 38.60 -6.60 -21.06
C HIS D 203 39.95 -6.48 -21.79
N GLY D 204 40.31 -5.27 -22.24
CA GLY D 204 41.61 -5.08 -22.85
C GLY D 204 42.77 -5.52 -21.97
N ALA D 205 42.77 -5.09 -20.70
CA ALA D 205 43.86 -5.44 -19.79
C ALA D 205 43.93 -6.95 -19.52
N THR D 206 42.77 -7.58 -19.39
CA THR D 206 42.75 -9.02 -19.13
C THR D 206 43.37 -9.79 -20.27
N VAL D 207 42.95 -9.49 -21.50
CA VAL D 207 43.53 -10.18 -22.65
C VAL D 207 45.05 -10.01 -22.67
N GLU D 208 45.51 -8.78 -22.58
CA GLU D 208 46.93 -8.49 -22.60
C GLU D 208 47.69 -9.11 -21.45
N ASN D 209 47.03 -9.59 -20.41
CA ASN D 209 47.75 -10.11 -19.26
C ASN D 209 47.40 -11.55 -18.94
N THR D 210 46.78 -12.25 -19.90
CA THR D 210 46.61 -13.69 -19.86
C THR D 210 47.05 -14.28 -21.20
N LEU D 211 47.83 -13.51 -21.94
CA LEU D 211 48.40 -13.96 -23.20
C LEU D 211 49.15 -15.28 -23.05
N PHE D 212 49.05 -16.09 -24.09
CA PHE D 212 49.90 -17.26 -24.23
C PHE D 212 51.22 -16.82 -24.79
N GLN D 213 52.27 -17.51 -24.40
CA GLN D 213 53.57 -17.21 -24.99
C GLN D 213 53.65 -17.90 -26.33
N ASP D 214 53.38 -17.16 -27.40
CA ASP D 214 53.42 -17.71 -28.76
C ASP D 214 54.61 -17.22 -29.57
N GLY D 215 55.52 -16.45 -28.97
CA GLY D 215 56.70 -15.95 -29.65
C GLY D 215 57.81 -15.76 -28.64
N GLU D 216 59.04 -15.60 -29.13
CA GLU D 216 60.18 -15.45 -28.23
C GLU D 216 60.42 -14.01 -27.79
N GLY D 217 59.82 -13.02 -28.45
CA GLY D 217 60.18 -11.64 -28.17
C GLY D 217 59.44 -11.02 -26.99
N ALA D 218 60.04 -9.92 -26.49
CA ALA D 218 59.46 -9.17 -25.39
C ALA D 218 58.26 -8.32 -25.85
N SER D 219 58.19 -7.96 -27.13
CA SER D 219 56.98 -7.37 -27.69
C SER D 219 56.05 -8.50 -28.11
N THR D 220 54.95 -8.64 -27.38
CA THR D 220 54.03 -9.77 -27.52
C THR D 220 53.08 -9.62 -28.70
N PHE D 221 53.00 -8.43 -29.31
CA PHE D 221 52.12 -8.20 -30.45
C PHE D 221 52.49 -9.05 -31.66
N ARG D 222 53.79 -9.26 -31.89
CA ARG D 222 54.24 -9.94 -33.09
C ARG D 222 53.72 -11.36 -33.14
N ALA D 223 53.48 -11.97 -31.99
CA ALA D 223 53.11 -13.39 -31.95
C ALA D 223 51.61 -13.62 -32.00
N PHE D 224 50.85 -12.78 -32.70
CA PHE D 224 49.49 -13.11 -33.11
C PHE D 224 49.47 -13.23 -34.64
N ASN D 225 48.57 -14.06 -35.12
CA ASN D 225 48.37 -14.30 -36.56
C ASN D 225 46.87 -14.27 -36.84
N PRO D 226 46.38 -13.30 -37.60
CA PRO D 226 44.91 -13.10 -37.70
C PRO D 226 44.15 -14.34 -38.14
N THR D 227 44.83 -15.34 -38.71
CA THR D 227 44.17 -16.53 -39.23
C THR D 227 44.42 -17.77 -38.38
N GLN D 228 45.17 -17.66 -37.29
CA GLN D 228 45.28 -18.79 -36.37
C GLN D 228 43.91 -19.20 -35.85
N ALA D 229 43.71 -20.51 -35.65
CA ALA D 229 42.49 -20.99 -35.02
C ALA D 229 42.46 -20.67 -33.54
N GLU D 230 43.63 -20.67 -32.88
CA GLU D 230 43.69 -20.70 -31.42
C GLU D 230 43.39 -19.36 -30.79
N GLU D 231 42.67 -19.39 -29.68
CA GLU D 231 42.57 -18.24 -28.80
C GLU D 231 43.98 -17.81 -28.43
N THR D 232 44.18 -16.51 -28.34
CA THR D 232 45.50 -15.92 -28.12
C THR D 232 45.79 -15.64 -26.65
N TYR D 233 44.76 -15.74 -25.83
CA TYR D 233 44.83 -15.59 -24.39
C TYR D 233 43.99 -16.69 -23.75
N SER D 234 44.26 -16.91 -22.46
CA SER D 234 43.66 -18.00 -21.72
C SER D 234 42.38 -17.55 -21.05
N MET D 235 41.26 -18.00 -21.58
CA MET D 235 40.03 -17.74 -20.87
C MET D 235 40.07 -18.44 -19.52
N VAL D 236 40.71 -19.59 -19.45
CA VAL D 236 40.70 -20.34 -18.21
C VAL D 236 41.39 -19.55 -17.10
N THR D 237 42.62 -19.07 -17.37
CA THR D 237 43.37 -18.36 -16.35
C THR D 237 42.70 -17.02 -16.03
N ALA D 238 42.20 -16.35 -17.05
CA ALA D 238 41.40 -15.15 -16.87
C ALA D 238 40.24 -15.38 -15.91
N ASN D 239 39.57 -16.50 -16.03
CA ASN D 239 38.39 -16.77 -15.23
C ASN D 239 38.78 -17.11 -13.81
N ARG D 240 39.84 -17.91 -13.60
CA ARG D 240 40.25 -18.16 -12.24
C ARG D 240 40.71 -16.86 -11.59
N PHE D 241 41.47 -16.05 -12.31
CA PHE D 241 41.95 -14.79 -11.75
C PHE D 241 40.79 -13.96 -11.21
N TRP D 242 39.80 -13.67 -12.07
CA TRP D 242 38.71 -12.77 -11.69
C TRP D 242 37.77 -13.42 -10.69
N SER D 243 37.58 -14.74 -10.75
CA SER D 243 36.79 -15.43 -9.72
C SER D 243 37.44 -15.27 -8.36
N GLN D 244 38.77 -15.31 -8.30
CA GLN D 244 39.45 -15.22 -7.01
C GLN D 244 39.59 -13.77 -6.54
N ILE D 245 39.76 -12.82 -7.46
CA ILE D 245 39.87 -11.41 -7.10
C ILE D 245 38.52 -10.76 -6.76
N PHE D 246 37.50 -11.00 -7.59
CA PHE D 246 36.23 -10.28 -7.54
C PHE D 246 35.05 -11.16 -7.17
N GLY D 247 35.24 -12.46 -7.10
CA GLY D 247 34.17 -13.34 -6.71
C GLY D 247 33.45 -13.95 -7.88
N ILE D 248 33.18 -13.18 -8.93
CA ILE D 248 32.57 -13.74 -10.12
C ILE D 248 33.49 -13.41 -11.30
N ALA D 249 33.39 -14.22 -12.35
CA ALA D 249 34.03 -13.90 -13.60
C ALA D 249 33.16 -14.36 -14.79
N PHE D 250 33.45 -13.81 -15.95
CA PHE D 250 32.97 -14.39 -17.20
C PHE D 250 33.55 -15.77 -17.40
N SER D 251 32.74 -16.68 -17.99
CA SER D 251 33.19 -18.00 -18.43
C SER D 251 32.90 -18.23 -19.90
N ASN D 252 32.24 -17.28 -20.54
CA ASN D 252 31.64 -17.45 -21.86
C ASN D 252 31.99 -16.22 -22.69
N LYS D 253 32.87 -16.44 -23.67
CA LYS D 253 33.38 -15.35 -24.50
C LYS D 253 32.27 -14.68 -25.30
N ARG D 254 31.28 -15.46 -25.77
CA ARG D 254 30.16 -14.88 -26.51
C ARG D 254 29.34 -13.94 -25.63
N TRP D 255 28.96 -14.41 -24.46
CA TRP D 255 28.21 -13.57 -23.55
C TRP D 255 28.98 -12.29 -23.22
N LEU D 256 30.26 -12.43 -22.93
CA LEU D 256 31.10 -11.27 -22.61
C LEU D 256 31.03 -10.21 -23.69
N HIS D 257 31.27 -10.60 -24.93
CA HIS D 257 31.28 -9.59 -25.98
C HIS D 257 29.89 -9.08 -26.31
N PHE D 258 28.84 -9.86 -26.09
CA PHE D 258 27.48 -9.29 -26.20
C PHE D 258 27.22 -8.30 -25.07
N PHE D 259 27.64 -8.64 -23.86
CA PHE D 259 27.46 -7.73 -22.74
C PHE D 259 28.16 -6.39 -23.00
N MET D 260 29.31 -6.43 -23.66
CA MET D 260 30.03 -5.22 -24.05
C MET D 260 29.24 -4.38 -25.02
N LEU D 261 28.52 -5.03 -25.94
CA LEU D 261 27.56 -4.31 -26.75
C LEU D 261 26.41 -3.81 -25.89
N PHE D 262 25.91 -4.66 -25.01
CA PHE D 262 24.65 -4.36 -24.35
C PHE D 262 24.77 -3.14 -23.45
N VAL D 263 25.90 -2.98 -22.75
CA VAL D 263 25.89 -2.05 -21.63
C VAL D 263 25.84 -0.61 -22.12
N PRO D 264 26.71 -0.18 -23.02
CA PRO D 264 26.74 1.24 -23.37
C PRO D 264 25.59 1.61 -24.28
N VAL D 265 25.14 0.65 -25.08
CA VAL D 265 23.99 0.89 -25.97
C VAL D 265 22.74 1.15 -25.15
N THR D 266 22.45 0.28 -24.19
CA THR D 266 21.30 0.48 -23.35
C THR D 266 21.37 1.79 -22.57
N GLY D 267 22.55 2.08 -22.01
CA GLY D 267 22.68 3.30 -21.25
C GLY D 267 22.34 4.52 -22.08
N LEU D 268 22.82 4.57 -23.32
CA LEU D 268 22.50 5.70 -24.17
C LEU D 268 21.01 5.75 -24.47
N TRP D 269 20.41 4.59 -24.70
CA TRP D 269 18.98 4.57 -24.98
C TRP D 269 18.21 5.10 -23.80
N MET D 270 18.64 4.78 -22.58
CA MET D 270 17.91 5.29 -21.43
C MET D 270 17.99 6.82 -21.33
N SER D 271 19.19 7.37 -21.53
CA SER D 271 19.33 8.83 -21.43
C SER D 271 18.46 9.53 -22.48
N ALA D 272 18.44 9.00 -23.71
CA ALA D 272 17.57 9.51 -24.77
C ALA D 272 16.13 9.67 -24.28
N ILE D 273 15.60 8.65 -23.59
CA ILE D 273 14.22 8.69 -23.08
C ILE D 273 14.04 9.82 -22.09
N GLY D 274 15.01 10.03 -21.21
CA GLY D 274 14.86 11.10 -20.25
C GLY D 274 14.86 12.47 -20.92
N VAL D 275 15.65 12.63 -21.97
CA VAL D 275 15.65 13.91 -22.67
C VAL D 275 14.34 14.13 -23.40
N VAL D 276 13.71 13.06 -23.88
CA VAL D 276 12.37 13.18 -24.42
C VAL D 276 11.43 13.78 -23.37
N GLY D 277 11.51 13.29 -22.13
CA GLY D 277 10.70 13.88 -21.06
C GLY D 277 10.97 15.38 -20.90
N LEU D 278 12.25 15.77 -20.92
CA LEU D 278 12.60 17.17 -20.74
C LEU D 278 12.18 18.03 -21.93
N ALA D 279 11.98 17.42 -23.10
CA ALA D 279 11.38 18.17 -24.19
C ALA D 279 10.09 18.84 -23.73
N LEU D 280 9.39 18.25 -22.77
CA LEU D 280 8.09 18.72 -22.32
C LEU D 280 8.16 19.40 -20.96
N ASN D 281 9.37 19.71 -20.50
CA ASN D 281 9.67 20.09 -19.13
C ASN D 281 9.14 19.07 -18.13
N LEU D 282 9.09 17.80 -18.52
CA LEU D 282 8.70 16.74 -17.59
C LEU D 282 9.95 16.19 -16.88
N ARG D 283 10.37 16.92 -15.87
CA ARG D 283 11.61 16.69 -15.16
C ARG D 283 11.39 15.85 -13.92
N SER D 284 12.46 15.23 -13.45
CA SER D 284 12.53 14.90 -12.02
C SER D 284 13.28 16.06 -11.37
N TYR D 285 12.52 17.09 -11.03
CA TYR D 285 13.11 18.29 -10.45
C TYR D 285 13.16 18.19 -8.95
N ASP D 286 12.10 17.62 -8.37
CA ASP D 286 11.88 17.67 -6.93
C ASP D 286 11.53 16.33 -6.35
N PHE D 287 11.64 16.29 -5.02
CA PHE D 287 11.06 15.25 -4.18
C PHE D 287 10.02 15.97 -3.34
N ILE D 288 8.76 15.57 -3.47
CA ILE D 288 7.72 16.37 -2.84
C ILE D 288 7.86 16.28 -1.33
N SER D 289 8.16 15.10 -0.83
CA SER D 289 8.26 14.91 0.61
C SER D 289 9.33 15.82 1.22
N GLN D 290 10.45 16.00 0.54
CA GLN D 290 11.50 16.88 1.03
C GLN D 290 11.04 18.31 1.13
N GLU D 291 10.33 18.77 0.10
CA GLU D 291 9.95 20.18 0.04
C GLU D 291 8.95 20.52 1.12
N ILE D 292 8.00 19.62 1.37
CA ILE D 292 6.98 19.85 2.39
C ILE D 292 7.63 19.95 3.78
N ARG D 293 8.52 19.03 4.08
CA ARG D 293 9.24 19.05 5.34
C ARG D 293 10.10 20.30 5.45
N ALA D 294 10.83 20.64 4.39
CA ALA D 294 11.73 21.79 4.48
C ALA D 294 10.97 23.12 4.59
N ALA D 295 9.80 23.21 3.93
CA ALA D 295 9.01 24.44 4.05
C ALA D 295 8.58 24.67 5.48
N GLU D 296 8.35 23.60 6.22
CA GLU D 296 7.77 23.66 7.55
C GLU D 296 8.84 23.71 8.63
N ASP D 297 10.03 23.24 8.31
CA ASP D 297 11.09 22.97 9.28
C ASP D 297 12.36 23.62 8.75
N PRO D 298 12.63 24.88 9.15
CA PRO D 298 13.82 25.58 8.69
C PRO D 298 15.15 25.01 9.20
N GLU D 299 15.17 23.94 9.95
CA GLU D 299 16.43 23.32 10.36
C GLU D 299 16.76 22.09 9.53
N PHE D 300 15.89 21.76 8.59
CA PHE D 300 16.06 20.55 7.81
C PHE D 300 16.79 20.91 6.53
N GLU D 301 17.94 20.28 6.30
CA GLU D 301 18.78 20.59 5.14
C GLU D 301 19.43 19.32 4.65
N THR D 302 19.43 19.15 3.35
CA THR D 302 20.03 17.97 2.76
C THR D 302 20.79 18.45 1.56
N PHE D 303 21.52 17.52 0.96
CA PHE D 303 22.18 17.83 -0.29
C PHE D 303 21.17 18.10 -1.38
N TYR D 304 19.96 17.54 -1.27
CA TYR D 304 18.95 17.87 -2.27
C TYR D 304 18.57 19.35 -2.20
N THR D 305 18.32 19.89 -1.00
CA THR D 305 17.98 21.30 -0.92
C THR D 305 19.18 22.20 -1.25
N LYS D 306 20.40 21.77 -0.88
CA LYS D 306 21.57 22.59 -1.21
C LYS D 306 21.71 22.71 -2.71
N ASN D 307 21.42 21.64 -3.43
CA ASN D 307 21.63 21.74 -4.88
C ASN D 307 20.60 22.62 -5.57
N LEU D 308 19.41 22.79 -5.00
CA LEU D 308 18.41 23.62 -5.66
C LEU D 308 18.68 25.09 -5.48
N LEU D 309 19.32 25.47 -4.37
CA LEU D 309 19.83 26.83 -4.25
C LEU D 309 20.78 27.18 -5.39
N LEU D 310 21.64 26.23 -5.76
CA LEU D 310 22.58 26.41 -6.85
C LEU D 310 21.89 26.53 -8.20
N ASN D 311 20.91 25.64 -8.46
CA ASN D 311 20.06 25.79 -9.64
C ASN D 311 19.42 27.16 -9.68
N GLU D 312 18.98 27.64 -8.52
CA GLU D 312 18.32 28.95 -8.47
C GLU D 312 19.29 30.05 -8.81
N GLY D 313 20.50 29.98 -8.28
CA GLY D 313 21.56 30.88 -8.68
C GLY D 313 21.78 30.87 -10.18
N ILE D 314 22.08 29.68 -10.70
CA ILE D 314 22.27 29.52 -12.13
C ILE D 314 21.19 30.22 -12.95
N ARG D 315 19.92 29.95 -12.65
CA ARG D 315 18.88 30.51 -13.51
C ARG D 315 18.90 32.03 -13.49
N ALA D 316 18.93 32.63 -12.30
CA ALA D 316 18.81 34.08 -12.24
C ALA D 316 20.02 34.77 -12.84
N TRP D 317 21.18 34.16 -12.71
CA TRP D 317 22.42 34.82 -13.11
C TRP D 317 22.73 34.63 -14.59
N MET D 318 22.30 33.53 -15.20
CA MET D 318 22.53 33.31 -16.62
C MET D 318 21.35 33.68 -17.50
N ALA D 319 20.13 33.79 -16.98
CA ALA D 319 18.97 33.88 -17.87
C ALA D 319 19.04 35.10 -18.76
N PRO D 320 19.23 36.31 -18.22
CA PRO D 320 19.19 37.49 -19.09
C PRO D 320 20.14 37.44 -20.27
N GLN D 321 21.39 37.00 -20.08
CA GLN D 321 22.31 36.93 -21.22
C GLN D 321 22.08 35.70 -22.08
N ASP D 322 21.54 34.63 -21.53
CA ASP D 322 21.37 33.40 -22.28
C ASP D 322 20.04 33.34 -23.04
N GLN D 323 19.07 34.17 -22.70
CA GLN D 323 17.79 34.30 -23.39
C GLN D 323 17.54 35.77 -23.67
N PRO D 324 18.27 36.37 -24.62
CA PRO D 324 18.16 37.82 -24.81
C PRO D 324 16.82 38.27 -25.35
N HIS D 325 16.13 37.39 -26.07
CA HIS D 325 14.80 37.72 -26.57
C HIS D 325 13.78 37.89 -25.46
N GLU D 326 14.05 37.38 -24.26
CA GLU D 326 13.11 37.59 -23.18
C GLU D 326 13.21 38.99 -22.55
N ASN D 327 14.25 39.76 -22.87
CA ASN D 327 14.49 41.08 -22.26
C ASN D 327 14.30 41.06 -20.75
N PHE D 328 14.92 40.08 -20.11
CA PHE D 328 14.91 39.99 -18.66
C PHE D 328 15.74 41.15 -18.13
N VAL D 329 15.18 41.93 -17.24
CA VAL D 329 15.98 42.89 -16.48
C VAL D 329 15.83 42.52 -15.02
N PHE D 330 16.90 41.99 -14.43
CA PHE D 330 16.88 41.66 -13.01
C PHE D 330 17.73 42.70 -12.27
N PRO D 331 17.11 43.69 -11.63
CA PRO D 331 17.94 44.62 -10.84
C PRO D 331 18.70 43.86 -9.75
N GLU D 332 19.88 44.38 -9.42
CA GLU D 332 20.75 43.83 -8.39
C GLU D 332 20.00 43.26 -7.19
N GLU D 333 19.06 44.03 -6.66
CA GLU D 333 18.43 43.63 -5.42
C GLU D 333 17.62 42.32 -5.52
N VAL D 334 17.23 41.88 -6.73
CA VAL D 334 16.49 40.61 -6.80
C VAL D 334 17.38 39.40 -7.04
N LEU D 335 18.66 39.57 -7.31
CA LEU D 335 19.49 38.42 -7.59
C LEU D 335 19.66 37.61 -6.31
N PRO D 336 19.45 36.30 -6.35
CA PRO D 336 19.76 35.51 -5.15
C PRO D 336 21.26 35.40 -4.97
N ARG D 337 21.69 35.52 -3.72
CA ARG D 337 23.08 35.56 -3.36
C ARG D 337 23.18 35.21 -1.89
N GLY D 338 24.13 34.36 -1.55
CA GLY D 338 24.55 34.14 -0.18
C GLY D 338 25.26 35.36 0.40
N ASN D 339 25.74 35.18 1.62
CA ASN D 339 26.45 36.23 2.30
C ASN D 339 27.80 36.51 1.62
N ALA D 340 28.10 37.80 1.49
CA ALA D 340 29.38 38.32 1.03
C ALA D 340 29.62 38.17 -0.47
N LEU D 341 29.35 37.00 -1.02
CA LEU D 341 29.62 36.76 -2.45
C LEU D 341 28.63 37.45 -3.37
N THR E 2 46.16 -3.19 -52.13
CA THR E 2 45.37 -4.42 -52.12
C THR E 2 44.06 -4.23 -52.91
N THR E 3 43.65 -2.97 -53.20
CA THR E 3 42.46 -2.73 -54.05
C THR E 3 42.79 -2.18 -55.43
N GLY E 4 44.00 -1.70 -55.67
CA GLY E 4 44.41 -1.30 -57.01
C GLY E 4 44.70 0.16 -57.18
N GLU E 5 44.37 1.02 -56.22
CA GLU E 5 44.86 2.40 -56.26
C GLU E 5 46.32 2.42 -55.84
N ARG E 6 46.99 3.54 -56.17
CA ARG E 6 48.42 3.65 -55.93
C ARG E 6 48.71 3.92 -54.46
N PRO E 7 49.62 3.18 -53.83
CA PRO E 7 49.95 3.41 -52.42
C PRO E 7 50.28 4.85 -52.11
N PHE E 8 49.83 5.30 -50.93
CA PHE E 8 50.04 6.69 -50.52
C PHE E 8 51.52 6.98 -50.31
N SER E 9 52.22 6.07 -49.62
CA SER E 9 53.63 6.25 -49.36
C SER E 9 54.42 6.44 -50.65
N ASP E 10 53.95 5.84 -51.74
CA ASP E 10 54.61 5.98 -53.03
C ASP E 10 54.25 7.26 -53.77
N ILE E 11 53.12 7.91 -53.44
CA ILE E 11 52.75 9.18 -54.06
C ILE E 11 53.50 10.34 -53.42
N ILE E 12 53.50 10.43 -52.09
CA ILE E 12 54.05 11.60 -51.39
C ILE E 12 55.57 11.62 -51.36
N THR E 13 56.25 10.54 -51.72
CA THR E 13 57.67 10.61 -51.93
C THR E 13 58.04 10.86 -53.40
N SER E 14 57.08 10.81 -54.30
CA SER E 14 57.37 10.90 -55.71
C SER E 14 57.71 12.33 -56.13
N VAL E 15 58.63 12.45 -57.08
CA VAL E 15 59.04 13.79 -57.50
C VAL E 15 57.91 14.50 -58.23
N ARG E 16 57.18 13.76 -59.07
CA ARG E 16 56.06 14.38 -59.79
C ARG E 16 55.03 14.95 -58.82
N TYR E 17 54.60 14.14 -57.85
CA TYR E 17 53.67 14.60 -56.80
C TYR E 17 54.03 15.99 -56.28
N TRP E 18 55.22 16.12 -55.71
CA TRP E 18 55.60 17.37 -55.08
C TRP E 18 55.79 18.51 -56.08
N VAL E 19 56.03 18.21 -57.35
CA VAL E 19 56.14 19.27 -58.34
C VAL E 19 54.83 20.02 -58.44
N ILE E 20 53.72 19.29 -58.40
CA ILE E 20 52.44 19.98 -58.48
CA ILE E 20 52.41 19.93 -58.46
C ILE E 20 52.07 20.57 -57.13
N HIS E 21 52.29 19.84 -56.05
CA HIS E 21 51.70 20.24 -54.79
C HIS E 21 52.49 21.30 -54.06
N SER E 22 53.73 21.57 -54.46
CA SER E 22 54.42 22.75 -53.95
C SER E 22 53.90 24.02 -54.58
N ILE E 23 53.10 23.92 -55.63
CA ILE E 23 52.29 25.04 -56.13
C ILE E 23 50.88 25.01 -55.57
N THR E 24 50.21 23.85 -55.54
CA THR E 24 48.78 23.88 -55.30
C THR E 24 48.48 24.17 -53.85
N ILE E 25 49.32 23.68 -52.94
CA ILE E 25 49.15 23.93 -51.51
C ILE E 25 49.33 25.43 -51.20
N PRO E 26 50.49 26.04 -51.49
CA PRO E 26 50.59 27.49 -51.24
C PRO E 26 49.54 28.33 -51.93
N ALA E 27 49.17 28.02 -53.17
CA ALA E 27 48.13 28.82 -53.82
C ALA E 27 46.84 28.82 -53.00
N LEU E 28 46.44 27.64 -52.49
CA LEU E 28 45.23 27.56 -51.68
C LEU E 28 45.41 28.28 -50.35
N PHE E 29 46.59 28.15 -49.74
CA PHE E 29 46.85 28.85 -48.50
C PHE E 29 46.78 30.35 -48.70
N ILE E 30 47.27 30.80 -49.85
CA ILE E 30 47.24 32.23 -50.18
C ILE E 30 45.84 32.66 -50.63
N ALA E 31 45.13 31.82 -51.37
CA ALA E 31 43.76 32.13 -51.73
C ALA E 31 42.90 32.37 -50.49
N GLY E 32 43.16 31.64 -49.41
CA GLY E 32 42.35 31.73 -48.20
C GLY E 32 42.70 32.96 -47.42
N TRP E 33 44.00 33.20 -47.27
CA TRP E 33 44.50 34.47 -46.80
C TRP E 33 43.74 35.61 -47.44
N LEU E 34 43.84 35.71 -48.75
CA LEU E 34 43.24 36.84 -49.46
C LEU E 34 41.77 36.96 -49.13
N PHE E 35 41.07 35.81 -49.08
CA PHE E 35 39.66 35.83 -48.76
C PHE E 35 39.36 36.66 -47.52
N VAL E 36 40.28 36.64 -46.56
CA VAL E 36 40.18 37.39 -45.31
C VAL E 36 40.78 38.78 -45.46
N SER E 37 42.00 38.87 -45.98
CA SER E 37 42.70 40.15 -46.01
C SER E 37 42.01 41.17 -46.91
N THR E 38 41.35 40.70 -47.96
CA THR E 38 40.55 41.59 -48.79
C THR E 38 39.31 42.11 -48.08
N GLY E 39 38.85 41.43 -47.03
CA GLY E 39 37.57 41.75 -46.43
C GLY E 39 36.41 40.97 -47.01
N LEU E 40 36.63 40.15 -48.03
CA LEU E 40 35.51 39.50 -48.70
C LEU E 40 34.73 38.58 -47.75
N ALA E 41 35.46 37.86 -46.88
CA ALA E 41 34.82 36.95 -45.93
C ALA E 41 33.75 37.65 -45.09
N TYR E 42 34.03 38.87 -44.62
CA TYR E 42 33.04 39.62 -43.87
C TYR E 42 31.78 39.80 -44.70
N ASP E 43 31.93 40.19 -45.97
CA ASP E 43 30.75 40.53 -46.75
C ASP E 43 29.98 39.28 -47.17
N VAL E 44 30.67 38.23 -47.61
CA VAL E 44 29.94 37.02 -47.98
C VAL E 44 29.06 36.55 -46.82
N PHE E 45 29.59 36.56 -45.60
CA PHE E 45 28.91 35.89 -44.49
C PHE E 45 28.05 36.79 -43.64
N GLY E 46 28.13 38.11 -43.81
CA GLY E 46 27.45 39.01 -42.92
C GLY E 46 28.13 39.23 -41.59
N THR E 47 29.37 38.81 -41.44
CA THR E 47 30.00 38.85 -40.13
C THR E 47 30.43 40.28 -39.80
N PRO E 48 29.95 40.85 -38.70
CA PRO E 48 30.42 42.17 -38.26
C PRO E 48 31.94 42.29 -38.15
N ARG E 49 32.44 43.47 -38.55
CA ARG E 49 33.82 43.86 -38.30
C ARG E 49 33.92 44.46 -36.90
N PRO E 50 35.14 44.58 -36.36
CA PRO E 50 35.28 45.11 -34.99
C PRO E 50 34.60 46.43 -34.76
N ASP E 51 34.48 47.25 -35.80
CA ASP E 51 33.87 48.56 -35.68
C ASP E 51 32.36 48.54 -35.88
N SER E 52 31.76 47.38 -36.17
CA SER E 52 30.34 47.41 -36.56
C SER E 52 29.46 46.43 -35.80
N TYR E 53 29.77 46.10 -34.55
CA TYR E 53 28.80 45.38 -33.71
C TYR E 53 27.77 46.33 -33.13
N TYR E 54 28.20 47.50 -32.69
CA TYR E 54 27.29 48.52 -32.19
C TYR E 54 27.46 49.82 -32.94
N ALA E 55 26.41 50.62 -32.92
CA ALA E 55 26.54 52.03 -33.25
C ALA E 55 27.22 52.74 -32.08
N GLN E 56 27.70 53.96 -32.34
CA GLN E 56 28.72 54.56 -31.49
C GLN E 56 28.26 54.68 -30.04
N GLU E 57 27.08 55.25 -29.80
CA GLU E 57 26.56 55.36 -28.45
C GLU E 57 25.56 54.25 -28.11
N GLN E 58 25.58 53.16 -28.88
CA GLN E 58 24.66 52.04 -28.73
C GLN E 58 25.23 51.02 -27.75
N ARG E 59 24.36 50.44 -26.92
CA ARG E 59 24.70 49.20 -26.22
C ARG E 59 23.59 48.15 -26.34
N SER E 60 22.70 48.29 -27.32
CA SER E 60 21.66 47.33 -27.61
C SER E 60 22.18 46.27 -28.56
N ILE E 61 21.97 45.00 -28.22
CA ILE E 61 22.17 43.97 -29.25
C ILE E 61 21.12 44.16 -30.33
N PRO E 62 21.46 44.07 -31.63
CA PRO E 62 20.43 44.05 -32.70
C PRO E 62 19.88 42.64 -32.91
N LEU E 63 19.06 42.22 -31.97
CA LEU E 63 18.52 40.86 -31.93
C LEU E 63 17.31 40.73 -32.86
N VAL E 64 17.33 39.73 -33.73
CA VAL E 64 16.17 39.43 -34.56
C VAL E 64 15.01 39.02 -33.66
N THR E 65 13.80 39.51 -34.00
CA THR E 65 12.63 39.33 -33.14
C THR E 65 11.34 39.06 -33.89
N ASP E 66 11.41 38.94 -35.21
CA ASP E 66 10.32 38.61 -36.10
C ASP E 66 10.80 37.47 -36.96
N ARG E 67 9.89 36.58 -37.33
CA ARG E 67 10.30 35.47 -38.16
C ARG E 67 10.34 35.90 -39.63
N PHE E 68 9.25 36.47 -40.13
CA PHE E 68 9.15 36.75 -41.56
C PHE E 68 9.59 38.16 -41.93
N GLU E 69 9.81 39.02 -40.95
CA GLU E 69 10.37 40.34 -41.16
C GLU E 69 11.83 40.41 -40.71
N ALA E 70 12.44 39.26 -40.41
CA ALA E 70 13.78 39.22 -39.82
C ALA E 70 14.83 39.77 -40.76
N LYS E 71 14.75 39.37 -42.04
CA LYS E 71 15.62 39.91 -43.08
C LYS E 71 15.59 41.43 -43.09
N GLN E 72 14.39 42.00 -43.01
CA GLN E 72 14.25 43.45 -43.01
C GLN E 72 14.81 44.05 -41.71
N GLN E 73 14.73 43.31 -40.60
CA GLN E 73 15.25 43.82 -39.34
C GLN E 73 16.75 43.99 -39.39
N VAL E 74 17.49 42.94 -39.80
CA VAL E 74 18.93 43.09 -39.71
C VAL E 74 19.36 44.15 -40.72
N GLU E 75 18.65 44.26 -41.84
CA GLU E 75 18.94 45.32 -42.80
C GLU E 75 18.76 46.69 -42.15
N THR E 76 17.77 46.82 -41.27
CA THR E 76 17.57 48.07 -40.56
C THR E 76 18.72 48.36 -39.62
N PHE E 77 19.19 47.35 -38.88
CA PHE E 77 20.26 47.58 -37.93
C PHE E 77 21.55 47.99 -38.63
N LEU E 78 21.76 47.48 -39.85
CA LEU E 78 22.97 47.79 -40.60
C LEU E 78 22.96 49.19 -41.21
N GLU E 79 21.78 49.76 -41.50
CA GLU E 79 21.72 51.15 -41.90
C GLU E 79 21.90 52.09 -40.70
N GLN E 80 21.54 51.63 -39.50
CA GLN E 80 21.77 52.40 -38.28
C GLN E 80 23.24 52.54 -37.94
N LEU E 81 24.12 51.98 -38.77
CA LEU E 81 25.55 52.18 -38.66
C LEU E 81 26.13 52.99 -39.81
N LYS E 82 25.41 53.11 -40.92
CA LYS E 82 25.84 53.93 -42.04
C LYS E 82 25.71 55.42 -41.65
N SER F 1 51.52 1.14 -64.38
CA SER F 1 50.09 1.03 -64.59
C SER F 1 49.32 1.14 -63.26
N TYR F 2 49.10 2.37 -62.80
CA TYR F 2 48.08 2.70 -61.81
C TYR F 2 47.19 3.81 -62.36
N PRO F 3 45.92 3.85 -61.97
CA PRO F 3 45.14 5.04 -62.29
C PRO F 3 45.63 6.22 -61.47
N ILE F 4 45.41 7.41 -61.99
CA ILE F 4 45.71 8.64 -61.27
C ILE F 4 44.48 9.16 -60.55
N PHE F 5 43.36 9.23 -61.25
CA PHE F 5 42.11 9.76 -60.72
C PHE F 5 41.20 8.58 -60.37
N THR F 6 40.80 8.55 -59.11
CA THR F 6 39.97 7.50 -58.54
C THR F 6 38.90 8.15 -57.70
N VAL F 7 37.89 7.37 -57.35
CA VAL F 7 37.04 7.76 -56.22
C VAL F 7 37.93 8.19 -55.06
N ARG F 8 39.02 7.44 -54.82
CA ARG F 8 39.90 7.78 -53.71
C ARG F 8 40.45 9.20 -53.91
N TRP F 9 40.97 9.48 -55.11
CA TRP F 9 41.50 10.81 -55.38
C TRP F 9 40.48 11.88 -55.01
N VAL F 10 39.20 11.63 -55.32
CA VAL F 10 38.16 12.63 -55.12
C VAL F 10 37.92 12.87 -53.63
N ALA F 11 37.75 11.80 -52.86
CA ALA F 11 37.51 11.98 -51.43
C ALA F 11 38.65 12.71 -50.74
N VAL F 12 39.89 12.43 -51.16
CA VAL F 12 41.05 13.10 -50.56
C VAL F 12 40.99 14.59 -50.80
N HIS F 13 40.80 14.99 -52.06
CA HIS F 13 40.79 16.40 -52.43
C HIS F 13 39.50 17.09 -52.01
N THR F 14 38.44 16.32 -51.82
CA THR F 14 37.24 16.82 -51.19
C THR F 14 37.56 17.46 -49.87
N LEU F 15 38.45 16.83 -49.11
CA LEU F 15 38.82 17.31 -47.79
C LEU F 15 40.03 18.22 -47.81
N ALA F 16 41.09 17.85 -48.54
CA ALA F 16 42.36 18.57 -48.41
C ALA F 16 42.30 19.95 -49.05
N VAL F 17 41.60 20.10 -50.18
CA VAL F 17 41.61 21.38 -50.88
C VAL F 17 41.09 22.47 -49.95
N PRO F 18 39.89 22.38 -49.39
CA PRO F 18 39.39 23.48 -48.55
C PRO F 18 40.04 23.52 -47.18
N THR F 19 40.65 22.43 -46.72
CA THR F 19 41.43 22.49 -45.49
C THR F 19 42.53 23.53 -45.60
N ILE F 20 43.36 23.46 -46.64
CA ILE F 20 44.42 24.44 -46.80
C ILE F 20 43.84 25.86 -46.92
N PHE F 21 42.96 26.06 -47.88
CA PHE F 21 42.33 27.36 -48.01
C PHE F 21 41.87 27.86 -46.67
N PHE F 22 41.14 27.01 -45.95
CA PHE F 22 40.71 27.39 -44.61
C PHE F 22 41.89 27.74 -43.71
N LEU F 23 42.95 26.92 -43.73
CA LEU F 23 44.13 27.24 -42.90
C LEU F 23 44.71 28.59 -43.26
N GLY F 24 44.72 28.94 -44.55
CA GLY F 24 45.24 30.23 -44.96
C GLY F 24 44.41 31.38 -44.44
N ALA F 25 43.07 31.27 -44.56
CA ALA F 25 42.16 32.26 -44.01
C ALA F 25 42.33 32.38 -42.51
N ILE F 26 42.58 31.28 -41.81
CA ILE F 26 42.69 31.39 -40.35
C ILE F 26 44.05 31.96 -39.97
N ALA F 27 45.09 31.73 -40.80
CA ALA F 27 46.39 32.37 -40.55
C ALA F 27 46.27 33.88 -40.67
N ALA F 28 45.70 34.35 -41.80
CA ALA F 28 45.45 35.77 -42.00
C ALA F 28 44.75 36.40 -40.81
N MET F 29 43.95 35.62 -40.10
CA MET F 29 43.12 36.19 -39.06
C MET F 29 43.91 36.57 -37.83
N GLN F 30 45.09 35.96 -37.60
CA GLN F 30 45.84 36.23 -36.38
C GLN F 30 46.40 37.62 -36.36
N PHE F 31 46.38 38.30 -37.50
CA PHE F 31 46.88 39.64 -37.66
C PHE F 31 45.79 40.69 -37.70
N ILE F 32 44.53 40.30 -37.52
CA ILE F 32 43.47 41.30 -37.39
C ILE F 32 43.60 41.97 -36.04
N GLN F 33 43.59 43.29 -36.03
CA GLN F 33 43.56 44.05 -34.80
C GLN F 33 42.25 44.85 -34.76
N ARG F 34 41.76 45.13 -33.56
CA ARG F 34 40.51 45.89 -33.41
C ARG F 34 40.75 47.38 -33.47
N ALA G 1 -5.18 -32.03 -41.75
CA ALA G 1 -5.59 -30.77 -41.19
C ALA G 1 -7.11 -30.65 -41.23
N ARG G 2 -7.71 -29.84 -40.36
CA ARG G 2 -9.17 -29.79 -40.22
C ARG G 2 -9.82 -28.89 -41.28
N ARG G 3 -10.74 -29.46 -42.05
CA ARG G 3 -11.53 -28.71 -43.01
C ARG G 3 -12.78 -28.16 -42.36
N THR G 4 -13.10 -26.92 -42.70
CA THR G 4 -14.32 -26.32 -42.16
C THR G 4 -15.01 -25.58 -43.28
N TRP G 5 -16.32 -25.42 -43.10
CA TRP G 5 -17.15 -24.69 -44.05
C TRP G 5 -16.52 -23.34 -44.40
N LEU G 6 -16.29 -22.49 -43.38
CA LEU G 6 -15.65 -21.21 -43.62
C LEU G 6 -14.26 -21.37 -44.25
N GLY G 7 -13.51 -22.38 -43.81
CA GLY G 7 -12.20 -22.60 -44.40
C GLY G 7 -12.26 -22.88 -45.89
N ASP G 8 -13.27 -23.62 -46.33
CA ASP G 8 -13.42 -23.99 -47.73
C ASP G 8 -13.82 -22.79 -48.57
N ILE G 9 -14.53 -21.85 -47.95
CA ILE G 9 -14.93 -20.62 -48.63
C ILE G 9 -13.74 -19.68 -48.85
N LEU G 10 -12.89 -19.49 -47.82
CA LEU G 10 -11.74 -18.58 -47.91
C LEU G 10 -10.56 -19.18 -48.65
N ARG G 11 -10.57 -20.49 -48.81
CA ARG G 11 -9.49 -21.26 -49.39
C ARG G 11 -8.76 -20.52 -50.50
N PRO G 12 -9.43 -20.03 -51.55
CA PRO G 12 -8.66 -19.40 -52.63
C PRO G 12 -8.00 -18.11 -52.21
N LEU G 13 -8.42 -17.47 -51.13
CA LEU G 13 -7.70 -16.26 -50.75
C LEU G 13 -6.32 -16.58 -50.18
N ASN G 14 -6.05 -17.83 -49.83
CA ASN G 14 -4.78 -18.26 -49.30
C ASN G 14 -4.28 -19.45 -50.08
N SER G 15 -4.22 -19.27 -51.38
CA SER G 15 -3.87 -20.32 -52.31
C SER G 15 -2.72 -19.96 -53.21
N GLU G 16 -2.33 -18.69 -53.32
CA GLU G 16 -1.29 -18.26 -54.24
C GLU G 16 0.06 -17.92 -53.55
N TYR G 17 0.37 -18.54 -52.40
CA TYR G 17 1.65 -18.29 -51.75
C TYR G 17 2.80 -18.49 -52.73
N GLY G 18 3.69 -17.52 -52.81
CA GLY G 18 4.88 -17.62 -53.62
C GLY G 18 4.77 -17.03 -55.01
N LYS G 19 3.56 -16.66 -55.47
CA LYS G 19 3.38 -16.26 -56.86
C LYS G 19 3.80 -14.81 -57.04
N VAL G 20 4.57 -14.56 -58.10
CA VAL G 20 5.12 -13.24 -58.38
C VAL G 20 4.93 -12.90 -59.85
N ALA G 21 4.85 -11.61 -60.12
CA ALA G 21 5.00 -11.11 -61.48
C ALA G 21 6.48 -11.06 -61.85
N PRO G 22 6.83 -11.29 -63.11
CA PRO G 22 8.24 -11.48 -63.46
C PRO G 22 8.98 -10.16 -63.46
N GLY G 23 10.29 -10.25 -63.24
CA GLY G 23 11.15 -9.08 -63.39
C GLY G 23 10.83 -7.97 -62.40
N TRP G 24 10.84 -6.75 -62.91
CA TRP G 24 10.49 -5.58 -62.10
C TRP G 24 8.97 -5.34 -62.00
N GLY G 25 8.15 -6.04 -62.79
CA GLY G 25 6.71 -5.79 -62.81
C GLY G 25 6.35 -4.31 -62.72
N THR G 26 5.53 -3.96 -61.75
CA THR G 26 4.98 -2.63 -61.60
C THR G 26 5.88 -1.68 -60.80
N THR G 27 7.09 -2.12 -60.41
CA THR G 27 8.02 -1.25 -59.67
C THR G 27 8.15 0.15 -60.25
N PRO G 28 8.25 0.37 -61.56
CA PRO G 28 8.40 1.76 -61.99
C PRO G 28 7.16 2.58 -61.67
N LEU G 29 5.99 1.96 -61.65
CA LEU G 29 4.75 2.70 -61.37
C LEU G 29 4.63 3.01 -59.88
N MET G 30 4.92 2.02 -59.03
CA MET G 30 5.08 2.25 -57.59
C MET G 30 5.96 3.47 -57.31
N ALA G 31 7.13 3.52 -57.94
CA ALA G 31 8.07 4.63 -57.72
C ALA G 31 7.43 5.97 -58.01
N VAL G 32 6.47 6.03 -58.92
CA VAL G 32 5.86 7.31 -59.23
C VAL G 32 4.92 7.76 -58.11
N PHE G 33 4.14 6.84 -57.54
CA PHE G 33 3.28 7.19 -56.42
C PHE G 33 4.11 7.51 -55.19
N MET G 34 5.23 6.81 -55.01
CA MET G 34 6.13 7.16 -53.92
C MET G 34 6.67 8.57 -54.09
N GLY G 35 7.05 8.95 -55.30
CA GLY G 35 7.56 10.31 -55.50
C GLY G 35 6.49 11.37 -55.26
N LEU G 36 5.28 11.15 -55.79
CA LEU G 36 4.16 12.06 -55.58
C LEU G 36 3.82 12.19 -54.09
N PHE G 37 3.79 11.07 -53.39
CA PHE G 37 3.43 11.05 -51.98
C PHE G 37 4.44 11.84 -51.13
N LEU G 38 5.74 11.73 -51.46
CA LEU G 38 6.76 12.54 -50.79
C LEU G 38 6.47 14.04 -50.95
N VAL G 39 6.25 14.48 -52.19
CA VAL G 39 6.05 15.91 -52.43
C VAL G 39 4.84 16.39 -51.64
N PHE G 40 3.85 15.53 -51.57
CA PHE G 40 2.64 15.91 -50.88
C PHE G 40 2.84 15.92 -49.37
N LEU G 41 3.68 15.01 -48.85
CA LEU G 41 4.01 15.05 -47.43
C LEU G 41 4.85 16.27 -47.11
N LEU G 42 5.79 16.62 -47.98
CA LEU G 42 6.53 17.88 -47.89
C LEU G 42 5.61 19.08 -47.75
N ILE G 43 4.66 19.22 -48.65
CA ILE G 43 3.70 20.33 -48.63
C ILE G 43 2.96 20.39 -47.29
N ILE G 44 2.41 19.26 -46.88
CA ILE G 44 1.72 19.13 -45.60
C ILE G 44 2.63 19.54 -44.45
N LEU G 45 3.88 19.09 -44.47
CA LEU G 45 4.81 19.45 -43.41
C LEU G 45 5.09 20.95 -43.42
N GLU G 46 5.41 21.48 -44.59
CA GLU G 46 5.83 22.87 -44.68
C GLU G 46 4.68 23.83 -44.48
N ILE G 47 3.44 23.39 -44.70
CA ILE G 47 2.29 24.19 -44.34
C ILE G 47 2.17 24.31 -42.83
N TYR G 48 2.18 23.16 -42.13
CA TYR G 48 2.21 23.12 -40.68
C TYR G 48 3.38 23.93 -40.13
N ASN G 49 4.55 23.83 -40.78
CA ASN G 49 5.76 24.50 -40.32
C ASN G 49 5.79 26.00 -40.62
N SER G 50 4.92 26.48 -41.52
CA SER G 50 4.89 27.88 -41.97
C SER G 50 6.10 28.30 -42.82
N THR G 51 6.83 27.36 -43.43
CA THR G 51 7.71 27.75 -44.54
C THR G 51 7.01 27.64 -45.89
N LEU G 52 5.82 27.05 -45.94
CA LEU G 52 4.88 27.20 -47.05
C LEU G 52 3.69 27.98 -46.55
N ILE G 53 3.50 29.18 -47.09
CA ILE G 53 2.38 30.05 -46.73
C ILE G 53 1.43 30.21 -47.93
N LEU G 54 0.13 29.98 -47.72
CA LEU G 54 -0.83 29.95 -48.81
C LEU G 54 -2.00 30.88 -48.53
N ASP G 55 -2.53 31.49 -49.59
CA ASP G 55 -3.71 32.35 -49.46
C ASP G 55 -4.86 31.59 -48.81
N GLY G 56 -5.54 32.27 -47.89
CA GLY G 56 -6.67 31.68 -47.20
C GLY G 56 -6.36 30.42 -46.42
N VAL G 57 -5.10 30.18 -46.06
CA VAL G 57 -4.71 29.04 -45.23
C VAL G 57 -4.03 29.63 -44.00
N ASN G 58 -4.80 29.78 -42.93
CA ASN G 58 -4.38 30.48 -41.72
C ASN G 58 -4.08 29.41 -40.66
N VAL G 59 -2.80 29.09 -40.47
CA VAL G 59 -2.39 27.96 -39.65
C VAL G 59 -2.35 28.43 -38.21
N SER G 60 -3.52 28.62 -37.64
CA SER G 60 -3.71 29.10 -36.29
C SER G 60 -5.04 28.53 -35.81
N TRP G 61 -5.19 28.48 -34.48
CA TRP G 61 -6.47 28.17 -33.86
C TRP G 61 -7.59 29.06 -34.39
N LYS G 62 -7.24 30.27 -34.86
CA LYS G 62 -8.19 31.25 -35.39
C LYS G 62 -8.81 30.84 -36.70
N ALA G 63 -8.57 29.62 -37.16
CA ALA G 63 -9.28 29.09 -38.32
C ALA G 63 -10.53 28.29 -37.93
N LEU G 64 -10.85 28.20 -36.64
CA LEU G 64 -12.15 27.69 -36.20
C LEU G 64 -13.23 28.77 -36.15
N GLY G 65 -12.93 29.97 -36.69
CA GLY G 65 -13.85 31.08 -36.60
C GLY G 65 -13.21 32.42 -36.90
N FME H 1 37.83 5.88 25.85
CN FME H 1 37.61 4.57 26.16
O1 FME H 1 37.93 3.64 25.40
CA FME H 1 38.42 6.27 24.61
CB FME H 1 38.36 7.80 24.38
CG FME H 1 36.94 8.30 24.23
SD FME H 1 36.12 7.62 22.78
CE FME H 1 34.73 8.69 22.79
C FME H 1 39.87 5.84 24.48
O FME H 1 40.35 5.36 23.43
H FME H 1 37.58 6.60 26.48
HCN FME H 1 37.14 4.41 27.16
HA FME H 1 37.88 5.74 23.75
HB2 FME H 1 38.97 8.04 23.48
HB3 FME H 1 38.85 8.29 25.27
HG2 FME H 1 36.95 9.41 24.14
HG3 FME H 1 36.34 8.04 25.13
HE1 FME H 1 34.02 8.30 22.02
HE2 FME H 1 35.11 9.71 22.54
HE3 FME H 1 34.30 8.64 23.83
N GLU H 2 40.60 6.00 25.57
CA GLU H 2 42.01 5.63 25.65
C GLU H 2 42.11 4.11 25.52
N THR H 3 41.14 3.38 26.06
CA THR H 3 41.07 1.94 25.84
C THR H 3 40.83 1.61 24.37
N LEU H 4 39.97 2.41 23.71
CA LEU H 4 39.76 2.23 22.28
C LEU H 4 41.02 2.56 21.49
N LYS H 5 41.70 3.67 21.84
CA LYS H 5 42.94 4.03 21.14
C LYS H 5 43.95 2.90 21.23
N ILE H 6 44.17 2.39 22.44
CA ILE H 6 45.12 1.31 22.67
C ILE H 6 44.79 0.12 21.77
N THR H 7 43.53 -0.30 21.84
CA THR H 7 43.07 -1.44 21.08
C THR H 7 43.34 -1.27 19.58
N VAL H 8 43.17 -0.05 19.07
CA VAL H 8 43.29 0.10 17.62
C VAL H 8 44.76 0.12 17.25
N TYR H 9 45.59 0.81 18.04
CA TYR H 9 47.02 0.76 17.83
C TYR H 9 47.51 -0.66 17.80
N ILE H 10 46.99 -1.50 18.69
CA ILE H 10 47.45 -2.89 18.74
C ILE H 10 47.03 -3.64 17.49
N VAL H 11 45.74 -3.59 17.16
CA VAL H 11 45.22 -4.31 16.00
C VAL H 11 45.96 -3.88 14.75
N VAL H 12 46.22 -2.59 14.61
CA VAL H 12 46.88 -2.09 13.41
C VAL H 12 48.32 -2.58 13.33
N THR H 13 49.06 -2.43 14.43
CA THR H 13 50.41 -2.94 14.45
C THR H 13 50.45 -4.41 14.09
N PHE H 14 49.50 -5.18 14.65
CA PHE H 14 49.44 -6.61 14.31
C PHE H 14 49.38 -6.85 12.81
N PHE H 15 48.42 -6.22 12.12
CA PHE H 15 48.22 -6.48 10.72
C PHE H 15 49.37 -5.95 9.89
N VAL H 16 49.89 -4.80 10.24
CA VAL H 16 51.03 -4.29 9.50
C VAL H 16 52.25 -5.18 9.64
N LEU H 17 52.44 -5.83 10.79
CA LEU H 17 53.58 -6.73 10.90
C LEU H 17 53.36 -8.03 10.13
N LEU H 18 52.14 -8.58 10.16
CA LEU H 18 51.83 -9.71 9.30
C LEU H 18 52.26 -9.42 7.89
N PHE H 19 51.98 -8.20 7.45
CA PHE H 19 52.21 -7.79 6.07
C PHE H 19 53.71 -7.70 5.76
N VAL H 20 54.45 -6.94 6.57
CA VAL H 20 55.90 -6.80 6.45
C VAL H 20 56.59 -8.16 6.45
N PHE H 21 56.31 -8.98 7.46
CA PHE H 21 57.01 -10.26 7.58
C PHE H 21 56.53 -11.27 6.55
N GLY H 22 55.25 -11.25 6.20
CA GLY H 22 54.76 -12.05 5.09
C GLY H 22 55.53 -11.82 3.80
N PHE H 23 55.74 -10.57 3.43
CA PHE H 23 56.52 -10.36 2.22
C PHE H 23 57.99 -10.65 2.41
N LEU H 24 58.48 -10.59 3.64
CA LEU H 24 59.86 -10.95 3.95
C LEU H 24 60.08 -12.44 3.94
N SER H 25 59.00 -13.21 3.90
CA SER H 25 59.13 -14.66 3.98
C SER H 25 59.24 -15.28 2.58
N GLY H 26 60.25 -14.83 1.83
CA GLY H 26 60.54 -15.44 0.55
C GLY H 26 59.42 -15.29 -0.45
N ASP H 27 58.84 -14.09 -0.54
CA ASP H 27 57.74 -13.92 -1.49
C ASP H 27 58.14 -14.17 -2.94
N PRO H 28 59.33 -13.80 -3.41
CA PRO H 28 59.66 -14.09 -4.82
C PRO H 28 59.52 -15.55 -5.17
N ALA H 29 59.81 -16.44 -4.23
CA ALA H 29 59.73 -17.88 -4.48
C ALA H 29 58.30 -18.41 -4.61
N ARG H 30 57.29 -17.67 -4.17
CA ARG H 30 55.93 -18.20 -4.23
C ARG H 30 55.29 -17.79 -5.55
N ASN H 31 55.75 -18.42 -6.60
CA ASN H 31 55.17 -18.34 -7.93
C ASN H 31 55.17 -19.75 -8.51
N PRO H 32 54.50 -19.99 -9.65
CA PRO H 32 54.45 -21.36 -10.19
C PRO H 32 55.63 -21.81 -11.03
N LYS H 33 56.51 -20.91 -11.50
CA LYS H 33 57.56 -21.31 -12.42
C LYS H 33 58.93 -21.45 -11.73
N ARG H 34 59.69 -20.38 -11.62
CA ARG H 34 61.04 -20.45 -11.04
C ARG H 34 61.02 -19.90 -9.61
N LYS H 35 61.23 -20.79 -8.65
CA LYS H 35 61.15 -20.49 -7.22
C LYS H 35 62.52 -20.08 -6.69
N ASP H 36 62.67 -18.79 -6.33
CA ASP H 36 63.79 -18.29 -5.52
C ASP H 36 63.55 -16.80 -5.19
N GLY I 1 59.41 8.84 -58.16
CA GLY I 1 58.96 7.46 -58.02
C GLY I 1 58.90 6.99 -56.57
N GLY I 2 60.02 7.16 -55.87
CA GLY I 2 60.14 6.99 -54.43
C GLY I 2 61.35 7.78 -53.95
N ARG I 3 61.49 9.00 -54.47
CA ARG I 3 62.76 9.72 -54.47
C ARG I 3 62.98 10.51 -53.17
N ILE I 4 61.96 11.25 -52.71
CA ILE I 4 62.06 11.98 -51.45
C ILE I 4 61.94 10.94 -50.34
N PRO I 5 62.98 10.68 -49.55
CA PRO I 5 62.81 9.70 -48.47
C PRO I 5 61.68 10.14 -47.56
N LEU I 6 60.92 9.15 -47.07
CA LEU I 6 59.73 9.50 -46.32
C LEU I 6 60.06 10.26 -45.04
N TRP I 7 61.21 9.98 -44.43
CA TRP I 7 61.56 10.67 -43.19
C TRP I 7 61.72 12.16 -43.43
N ILE I 8 62.20 12.56 -44.61
CA ILE I 8 62.31 13.99 -44.89
C ILE I 8 60.91 14.61 -44.99
N VAL I 9 59.98 13.92 -45.67
CA VAL I 9 58.62 14.44 -45.83
C VAL I 9 57.99 14.70 -44.46
N ALA I 10 58.13 13.73 -43.55
CA ALA I 10 57.56 13.81 -42.20
C ALA I 10 58.13 14.98 -41.40
N THR I 11 59.45 15.17 -41.46
CA THR I 11 60.05 16.27 -40.71
C THR I 11 59.54 17.62 -41.21
N VAL I 12 59.57 17.82 -42.52
CA VAL I 12 59.11 19.10 -43.08
C VAL I 12 57.61 19.29 -42.81
N ALA I 13 56.80 18.28 -43.12
CA ALA I 13 55.38 18.34 -42.77
C ALA I 13 55.19 18.62 -41.29
N GLY I 14 55.82 17.82 -40.45
CA GLY I 14 55.70 18.01 -39.02
C GLY I 14 56.03 19.43 -38.60
N MET I 15 57.17 19.94 -39.07
CA MET I 15 57.53 21.30 -38.72
C MET I 15 56.52 22.30 -39.28
N GLY I 16 55.87 21.95 -40.38
CA GLY I 16 54.90 22.87 -40.96
C GLY I 16 53.66 23.01 -40.09
N VAL I 17 53.20 21.90 -39.52
CA VAL I 17 52.13 21.92 -38.52
C VAL I 17 52.54 22.75 -37.30
N ILE I 18 53.71 22.44 -36.73
CA ILE I 18 54.15 23.20 -35.57
C ILE I 18 54.06 24.68 -35.86
N VAL I 19 54.45 25.07 -37.05
CA VAL I 19 54.48 26.48 -37.42
C VAL I 19 53.08 27.08 -37.37
N ILE I 20 52.13 26.47 -38.06
CA ILE I 20 50.80 27.03 -38.14
C ILE I 20 50.13 27.02 -36.77
N VAL I 21 50.26 25.91 -36.04
CA VAL I 21 49.68 25.84 -34.70
C VAL I 21 50.30 26.90 -33.79
N GLY I 22 51.61 27.11 -33.91
CA GLY I 22 52.25 28.17 -33.15
C GLY I 22 51.69 29.53 -33.47
N LEU I 23 51.45 29.83 -34.74
CA LEU I 23 50.83 31.09 -35.12
C LEU I 23 49.49 31.25 -34.41
N PHE I 24 48.72 30.17 -34.27
CA PHE I 24 47.39 30.26 -33.68
C PHE I 24 47.48 30.55 -32.19
N PHE I 25 48.48 29.98 -31.50
CA PHE I 25 48.68 30.31 -30.11
C PHE I 25 49.23 31.71 -29.93
N TYR I 26 50.13 32.16 -30.82
CA TYR I 26 50.55 33.55 -30.79
C TYR I 26 49.34 34.49 -30.92
N GLY I 27 48.38 34.14 -31.80
CA GLY I 27 47.21 34.97 -31.97
C GLY I 27 46.27 35.00 -30.77
N ALA I 28 46.29 33.96 -29.95
CA ALA I 28 45.57 34.04 -28.67
C ALA I 28 46.02 35.23 -27.83
N TYR I 29 47.26 35.71 -28.00
CA TYR I 29 47.78 36.83 -27.21
C TYR I 29 47.80 38.17 -27.94
N ALA I 30 47.57 38.19 -29.27
CA ALA I 30 47.65 39.41 -30.06
C ALA I 30 46.35 39.65 -30.81
N GLY I 31 45.91 40.88 -30.82
CA GLY I 31 44.84 41.26 -31.72
C GLY I 31 43.49 40.77 -31.24
N LEU I 32 42.64 40.26 -32.15
CA LEU I 32 41.29 39.84 -31.76
C LEU I 32 41.37 38.66 -30.80
N GLY I 33 40.59 38.71 -29.74
CA GLY I 33 40.48 37.58 -28.84
C GLY I 33 41.53 37.55 -27.75
N SER I 34 42.30 38.64 -27.58
CA SER I 34 43.45 38.66 -26.67
C SER I 34 43.09 39.23 -25.32
N SER I 35 41.94 39.90 -25.22
CA SER I 35 41.37 40.59 -24.05
C SER I 35 41.84 42.04 -24.07
N LEU I 36 42.68 42.43 -25.01
CA LEU I 36 43.32 43.73 -24.99
C LEU I 36 42.74 44.60 -26.07
N LYS J 1 66.86 41.65 -16.36
CA LYS J 1 67.55 41.71 -17.64
C LYS J 1 69.00 41.19 -17.51
N LEU J 2 69.58 40.70 -18.61
CA LEU J 2 70.95 40.24 -18.59
C LEU J 2 71.91 41.41 -18.39
N PRO J 3 73.15 41.12 -17.98
CA PRO J 3 74.19 42.17 -17.98
C PRO J 3 74.40 42.74 -19.38
N GLU J 4 74.78 44.03 -19.42
CA GLU J 4 74.78 44.75 -20.68
C GLU J 4 75.64 44.08 -21.74
N ALA J 5 76.85 43.68 -21.36
CA ALA J 5 77.79 43.07 -22.29
C ALA J 5 77.26 41.83 -22.98
N TYR J 6 76.13 41.28 -22.53
CA TYR J 6 75.52 40.13 -23.17
C TYR J 6 74.16 40.46 -23.77
N ALA J 7 73.64 41.68 -23.55
CA ALA J 7 72.57 42.28 -24.33
C ALA J 7 72.38 41.62 -25.69
N ILE J 8 73.51 41.30 -26.31
CA ILE J 8 73.50 40.79 -27.67
C ILE J 8 72.64 39.54 -27.79
N PHE J 9 72.90 38.54 -26.93
CA PHE J 9 72.29 37.22 -27.07
C PHE J 9 70.91 37.12 -26.40
N ASP J 10 70.28 38.26 -26.14
CA ASP J 10 68.92 38.28 -25.59
C ASP J 10 67.97 37.34 -26.31
N PRO J 11 67.83 37.41 -27.64
CA PRO J 11 66.81 36.58 -28.31
C PRO J 11 67.23 35.12 -28.48
N LEU J 12 68.52 34.84 -28.57
CA LEU J 12 68.97 33.47 -28.44
C LEU J 12 68.55 32.89 -27.10
N VAL J 13 68.51 33.73 -26.06
CA VAL J 13 68.23 33.26 -24.72
C VAL J 13 66.75 32.95 -24.52
N ASP J 14 65.85 33.75 -25.12
CA ASP J 14 64.42 33.42 -25.14
C ASP J 14 64.17 32.03 -25.72
N VAL J 15 65.12 31.49 -26.49
CA VAL J 15 64.95 30.22 -27.18
C VAL J 15 65.64 29.05 -26.48
N LEU J 16 66.65 29.32 -25.67
CA LEU J 16 67.48 28.24 -25.12
C LEU J 16 66.68 27.23 -24.28
N PRO J 17 65.73 27.62 -23.44
CA PRO J 17 65.10 26.63 -22.56
C PRO J 17 64.33 25.57 -23.32
N VAL J 18 64.02 25.81 -24.59
CA VAL J 18 63.20 24.88 -25.36
C VAL J 18 64.04 23.80 -26.03
N ILE J 19 65.36 23.91 -25.98
CA ILE J 19 66.22 23.03 -26.76
C ILE J 19 66.09 21.62 -26.24
N PRO J 20 65.98 21.40 -24.94
CA PRO J 20 65.84 20.01 -24.45
C PRO J 20 64.70 19.27 -25.12
N VAL J 21 63.56 19.95 -25.29
CA VAL J 21 62.43 19.37 -26.01
C VAL J 21 62.87 18.86 -27.38
N LEU J 22 63.74 19.61 -28.06
CA LEU J 22 64.15 19.22 -29.40
C LEU J 22 64.82 17.86 -29.41
N PHE J 23 65.47 17.48 -28.32
CA PHE J 23 66.15 16.19 -28.35
C PHE J 23 65.15 15.06 -28.43
N LEU J 24 64.00 15.20 -27.77
CA LEU J 24 62.93 14.21 -27.92
C LEU J 24 62.45 14.16 -29.37
N ALA J 25 62.11 15.33 -29.95
CA ALA J 25 61.74 15.40 -31.36
C ALA J 25 62.79 14.75 -32.24
N LEU J 26 64.06 15.06 -31.95
CA LEU J 26 65.16 14.54 -32.74
C LEU J 26 65.24 13.03 -32.68
N ALA J 27 64.88 12.45 -31.54
CA ALA J 27 64.83 10.99 -31.44
C ALA J 27 63.88 10.39 -32.47
N PHE J 28 62.85 11.13 -32.87
CA PHE J 28 61.86 10.58 -33.80
C PHE J 28 62.26 10.81 -35.24
N VAL J 29 62.97 11.89 -35.53
CA VAL J 29 63.56 12.01 -36.86
C VAL J 29 64.59 10.89 -37.07
N TRP J 30 65.37 10.56 -36.04
CA TRP J 30 66.34 9.47 -36.19
C TRP J 30 65.65 8.15 -36.51
N GLN J 31 64.57 7.82 -35.78
CA GLN J 31 63.89 6.56 -36.05
C GLN J 31 63.15 6.57 -37.38
N ALA J 32 62.65 7.72 -37.82
CA ALA J 32 62.10 7.78 -39.18
C ALA J 32 63.19 7.48 -40.20
N ALA J 33 64.39 8.03 -39.99
CA ALA J 33 65.53 7.73 -40.84
C ALA J 33 65.81 6.24 -40.93
N VAL J 34 65.76 5.52 -39.80
CA VAL J 34 66.24 4.14 -39.77
C VAL J 34 65.12 3.14 -39.91
N GLY J 35 63.89 3.61 -40.06
CA GLY J 35 62.76 2.73 -40.30
C GLY J 35 62.12 2.10 -39.08
N PHE J 36 62.09 2.82 -37.97
CA PHE J 36 61.58 2.32 -36.69
C PHE J 36 62.00 0.87 -36.45
N ARG J 37 63.32 0.69 -36.42
CA ARG J 37 63.93 -0.62 -36.25
CA ARG J 37 63.94 -0.64 -36.23
C ARG J 37 64.00 -0.91 -34.74
N MET K 1 -6.90 -35.07 -34.63
CA MET K 1 -6.03 -33.88 -34.76
C MET K 1 -4.75 -34.11 -33.93
N GLU K 2 -3.60 -33.90 -34.57
CA GLU K 2 -2.35 -34.15 -33.88
C GLU K 2 -2.08 -33.05 -32.84
N PRO K 3 -1.34 -33.38 -31.78
CA PRO K 3 -0.86 -32.33 -30.88
C PRO K 3 0.15 -31.42 -31.56
N ASN K 4 0.22 -30.22 -31.06
CA ASN K 4 0.85 -29.15 -31.79
C ASN K 4 2.36 -29.35 -31.83
N PRO K 5 2.98 -29.31 -33.02
CA PRO K 5 4.40 -29.63 -33.15
C PRO K 5 5.34 -28.45 -32.98
N ASN K 6 4.84 -27.25 -32.73
CA ASN K 6 5.68 -26.07 -32.62
C ASN K 6 6.09 -25.79 -31.19
N ARG K 7 5.63 -26.61 -30.26
CA ARG K 7 5.91 -26.40 -28.85
C ARG K 7 7.38 -26.64 -28.55
N GLN K 8 7.97 -25.78 -27.71
CA GLN K 8 9.39 -25.84 -27.36
C GLN K 8 9.62 -25.61 -25.87
N PRO K 9 10.62 -26.26 -25.29
CA PRO K 9 11.00 -25.96 -23.91
C PRO K 9 11.73 -24.63 -23.79
N VAL K 10 11.60 -24.04 -22.60
CA VAL K 10 12.15 -22.73 -22.24
C VAL K 10 13.19 -22.92 -21.16
N GLU K 11 14.22 -22.11 -21.22
CA GLU K 11 15.32 -22.27 -20.27
C GLU K 11 15.70 -20.94 -19.67
N LEU K 12 16.05 -20.97 -18.39
CA LEU K 12 16.75 -19.86 -17.76
C LEU K 12 17.78 -20.46 -16.83
N ASN K 13 19.06 -20.33 -17.16
CA ASN K 13 20.10 -20.92 -16.33
C ASN K 13 20.30 -20.08 -15.07
N ARG K 14 21.20 -20.57 -14.20
CA ARG K 14 21.34 -19.97 -12.88
C ARG K 14 22.00 -18.63 -12.96
N THR K 15 22.95 -18.47 -13.87
CA THR K 15 23.61 -17.20 -14.04
C THR K 15 22.61 -16.16 -14.53
N SER K 16 21.75 -16.54 -15.45
CA SER K 16 20.74 -15.61 -15.96
C SER K 16 19.76 -15.23 -14.85
N LEU K 17 19.45 -16.16 -13.96
CA LEU K 17 18.63 -15.80 -12.81
C LEU K 17 19.33 -14.80 -11.88
N TYR K 18 20.63 -15.00 -11.61
CA TYR K 18 21.39 -14.04 -10.81
C TYR K 18 21.44 -12.66 -11.47
N LEU K 19 21.84 -12.61 -12.74
CA LEU K 19 21.83 -11.34 -13.47
C LEU K 19 20.44 -10.71 -13.46
N GLY K 20 19.40 -11.51 -13.74
CA GLY K 20 18.07 -10.94 -13.77
C GLY K 20 17.64 -10.38 -12.43
N LEU K 21 17.93 -11.09 -11.33
CA LEU K 21 17.51 -10.56 -10.03
C LEU K 21 18.29 -9.31 -9.66
N LEU K 22 19.57 -9.24 -10.03
CA LEU K 22 20.34 -8.06 -9.70
C LEU K 22 19.74 -6.89 -10.41
N LEU K 23 19.41 -7.08 -11.68
CA LEU K 23 18.80 -6.02 -12.47
C LEU K 23 17.54 -5.50 -11.82
N ILE K 24 16.66 -6.39 -11.43
CA ILE K 24 15.41 -5.92 -10.86
C ILE K 24 15.63 -5.27 -9.51
N LEU K 25 16.45 -5.87 -8.65
CA LEU K 25 16.69 -5.29 -7.33
C LEU K 25 17.33 -3.92 -7.44
N VAL K 26 18.35 -3.78 -8.30
CA VAL K 26 18.98 -2.48 -8.49
C VAL K 26 18.02 -1.47 -9.14
N LEU K 27 17.26 -1.89 -10.14
CA LEU K 27 16.20 -1.04 -10.67
C LEU K 27 15.25 -0.54 -9.56
N ALA K 28 14.77 -1.46 -8.72
CA ALA K 28 13.91 -1.06 -7.62
C ALA K 28 14.61 -0.10 -6.70
N LEU K 29 15.88 -0.36 -6.39
CA LEU K 29 16.62 0.51 -5.51
C LEU K 29 16.68 1.92 -6.08
N LEU K 30 16.85 2.03 -7.39
CA LEU K 30 16.93 3.35 -8.02
C LEU K 30 15.57 4.08 -8.07
N PHE K 31 14.51 3.39 -8.51
CA PHE K 31 13.25 4.10 -8.71
C PHE K 31 12.42 4.22 -7.44
N SER K 32 12.77 3.50 -6.38
CA SER K 32 11.89 3.54 -5.20
C SER K 32 11.81 4.94 -4.61
N SER K 33 12.93 5.68 -4.59
CA SER K 33 12.85 7.04 -4.08
C SER K 33 11.84 7.86 -4.86
N TYR K 34 11.74 7.63 -6.17
CA TYR K 34 10.86 8.43 -7.00
C TYR K 34 9.42 8.01 -6.83
N PHE K 35 9.20 6.72 -6.61
CA PHE K 35 7.86 6.26 -6.31
C PHE K 35 7.35 6.86 -5.01
N PHE K 36 8.19 6.94 -3.98
CA PHE K 36 7.74 7.55 -2.73
C PHE K 36 7.67 9.05 -2.89
N ASN K 37 8.59 9.61 -3.65
CA ASN K 37 8.59 11.03 -3.96
C ASN K 37 8.57 11.86 -2.69
N FME L 1 8.01 11.28 6.89
CN FME L 1 7.57 11.55 8.16
O1 FME L 1 7.02 12.62 8.48
CA FME L 1 7.88 12.17 5.77
CB FME L 1 9.05 12.02 4.77
CG FME L 1 10.39 12.01 5.46
SD FME L 1 10.85 13.68 5.93
CE FME L 1 11.40 14.22 4.35
C FME L 1 6.55 11.95 5.02
O FME L 1 6.04 10.83 4.93
H FME L 1 8.46 10.41 6.70
HCN FME L 1 7.77 10.73 8.89
HA FME L 1 7.84 13.25 6.12
HB2 FME L 1 8.99 12.86 4.03
HB3 FME L 1 8.90 11.07 4.19
HG2 FME L 1 11.18 11.60 4.78
HG3 FME L 1 10.36 11.37 6.37
HE1 FME L 1 11.75 15.27 4.49
HE2 FME L 1 10.52 14.13 3.68
HE3 FME L 1 12.23 13.53 4.07
N GLU L 2 6.01 13.04 4.46
CA GLU L 2 4.72 13.00 3.73
C GLU L 2 4.92 12.44 2.32
N VAL L 3 4.90 11.12 2.22
CA VAL L 3 5.40 10.41 1.05
C VAL L 3 4.25 9.69 0.36
N ASN L 4 4.29 9.62 -0.96
CA ASN L 4 3.30 8.91 -1.78
C ASN L 4 2.97 7.53 -1.21
N GLN L 5 1.75 7.36 -0.68
CA GLN L 5 1.37 6.08 -0.05
C GLN L 5 1.56 4.89 -1.00
N LEU L 6 1.14 5.04 -2.26
CA LEU L 6 1.24 3.94 -3.20
C LEU L 6 2.68 3.57 -3.56
N GLY L 7 3.65 4.41 -3.23
CA GLY L 7 5.05 4.03 -3.48
C GLY L 7 5.38 2.65 -2.96
N LEU L 8 4.82 2.29 -1.82
CA LEU L 8 5.16 1.00 -1.23
C LEU L 8 4.66 -0.15 -2.08
N ILE L 9 3.38 -0.13 -2.44
CA ILE L 9 2.83 -1.23 -3.22
C ILE L 9 3.50 -1.29 -4.56
N ALA L 10 3.75 -0.12 -5.14
CA ALA L 10 4.43 -0.05 -6.42
C ALA L 10 5.80 -0.71 -6.33
N THR L 11 6.60 -0.36 -5.30
CA THR L 11 7.94 -0.92 -5.17
C THR L 11 7.89 -2.43 -4.97
N ALA L 12 6.99 -2.88 -4.10
CA ALA L 12 6.92 -4.31 -3.80
C ALA L 12 6.60 -5.11 -5.05
N LEU L 13 5.62 -4.65 -5.84
CA LEU L 13 5.23 -5.33 -7.05
C LEU L 13 6.30 -5.24 -8.11
N PHE L 14 6.86 -4.03 -8.25
CA PHE L 14 7.97 -3.83 -9.17
C PHE L 14 9.04 -4.88 -8.92
N VAL L 15 9.32 -5.17 -7.63
CA VAL L 15 10.30 -6.21 -7.31
C VAL L 15 9.70 -7.58 -7.52
N LEU L 16 8.49 -7.80 -7.00
CA LEU L 16 8.00 -9.15 -6.83
C LEU L 16 7.62 -9.79 -8.16
N VAL L 17 6.97 -9.04 -9.05
CA VAL L 17 6.41 -9.67 -10.24
C VAL L 17 7.56 -10.13 -11.14
N PRO L 18 8.47 -9.28 -11.55
CA PRO L 18 9.58 -9.77 -12.38
C PRO L 18 10.46 -10.82 -11.69
N SER L 19 10.60 -10.79 -10.36
CA SER L 19 11.47 -11.76 -9.71
C SER L 19 10.83 -13.13 -9.73
N VAL L 20 9.55 -13.18 -9.43
CA VAL L 20 8.87 -14.46 -9.45
C VAL L 20 8.89 -15.07 -10.85
N PHE L 21 8.70 -14.24 -11.87
CA PHE L 21 8.83 -14.71 -13.25
C PHE L 21 10.15 -15.45 -13.46
N LEU L 22 11.27 -14.83 -13.03
CA LEU L 22 12.58 -15.42 -13.26
C LEU L 22 12.72 -16.73 -12.51
N ILE L 23 12.28 -16.75 -11.25
CA ILE L 23 12.39 -17.96 -10.45
C ILE L 23 11.60 -19.11 -11.07
N ILE L 24 10.37 -18.82 -11.48
CA ILE L 24 9.57 -19.85 -12.11
C ILE L 24 10.35 -20.52 -13.25
N LEU L 25 10.97 -19.72 -14.11
CA LEU L 25 11.66 -20.28 -15.29
C LEU L 25 12.94 -21.04 -14.92
N TYR L 26 13.67 -20.55 -13.91
CA TYR L 26 14.87 -21.25 -13.43
C TYR L 26 14.52 -22.60 -12.83
N VAL L 27 13.52 -22.66 -11.95
CA VAL L 27 13.30 -23.91 -11.23
C VAL L 27 12.85 -25.00 -12.18
N GLN L 28 11.98 -24.67 -13.12
CA GLN L 28 11.57 -25.66 -14.11
C GLN L 28 12.68 -25.99 -15.10
N THR L 29 13.73 -25.16 -15.16
CA THR L 29 14.89 -25.54 -15.94
C THR L 29 15.68 -26.65 -15.25
N GLU L 30 15.90 -26.52 -13.92
CA GLU L 30 16.60 -27.54 -13.15
C GLU L 30 15.85 -28.89 -13.08
N SER L 31 14.51 -28.88 -13.08
CA SER L 31 13.73 -30.12 -13.07
C SER L 31 13.81 -30.91 -14.38
N GLN L 32 14.46 -30.35 -15.40
CA GLN L 32 14.60 -31.06 -16.66
C GLN L 32 15.77 -32.03 -16.64
N GLN L 33 16.96 -31.54 -16.27
CA GLN L 33 18.17 -32.34 -16.33
C GLN L 33 18.36 -33.18 -15.06
N GLN M 1 57.42 33.98 33.22
CA GLN M 1 57.44 32.52 33.18
C GLN M 1 56.17 31.97 32.51
N THR M 2 55.32 32.87 32.04
CA THR M 2 54.10 32.48 31.36
C THR M 2 54.41 31.55 30.17
N LEU M 3 53.36 30.95 29.62
CA LEU M 3 53.49 30.03 28.49
C LEU M 3 53.51 30.79 27.16
N THR M 4 53.92 30.10 26.09
CA THR M 4 53.83 30.64 24.74
C THR M 4 52.73 29.94 23.95
N TYR M 5 52.38 30.54 22.79
CA TYR M 5 51.38 29.95 21.92
C TYR M 5 51.74 28.51 21.61
N ASP M 6 53.01 28.27 21.24
CA ASP M 6 53.36 26.94 20.77
C ASP M 6 53.36 25.90 21.87
N ASP M 7 53.36 26.31 23.14
CA ASP M 7 53.13 25.36 24.24
C ASP M 7 51.65 25.03 24.41
N ILE M 8 50.78 25.99 24.09
CA ILE M 8 49.35 25.84 24.29
C ILE M 8 48.66 25.18 23.11
N VAL M 9 49.13 25.43 21.88
CA VAL M 9 48.29 25.18 20.71
C VAL M 9 47.93 23.71 20.66
N GLY M 10 46.63 23.43 20.50
CA GLY M 10 46.21 22.05 20.40
C GLY M 10 46.01 21.35 21.72
N THR M 11 46.33 21.99 22.85
CA THR M 11 46.18 21.33 24.14
C THR M 11 44.75 21.40 24.67
N GLY M 12 43.97 22.43 24.26
CA GLY M 12 42.72 22.74 24.93
C GLY M 12 42.82 23.79 26.01
N LEU M 13 44.03 24.18 26.41
CA LEU M 13 44.19 25.18 27.45
C LEU M 13 43.85 26.59 26.98
N ALA M 14 43.84 26.82 25.65
CA ALA M 14 43.40 28.12 25.16
C ALA M 14 41.95 28.39 25.53
N ASN M 15 41.17 27.32 25.79
CA ASN M 15 39.78 27.52 26.16
C ASN M 15 39.55 27.54 27.67
N LYS M 16 40.61 27.55 28.46
CA LYS M 16 40.50 27.60 29.90
C LYS M 16 40.84 28.99 30.40
N CYS M 17 40.14 29.43 31.42
CA CYS M 17 40.45 30.72 32.01
C CYS M 17 41.60 30.57 33.00
N PRO M 18 42.41 31.62 33.16
CA PRO M 18 43.47 31.59 34.16
C PRO M 18 42.94 31.32 35.57
N THR M 19 43.73 30.59 36.35
CA THR M 19 43.36 30.19 37.68
C THR M 19 44.17 30.98 38.71
N LEU M 20 43.60 31.11 39.91
CA LEU M 20 44.28 31.76 41.03
C LEU M 20 44.76 30.70 42.02
N ASP M 21 45.97 30.92 42.55
CA ASP M 21 46.50 30.08 43.62
C ASP M 21 45.44 29.83 44.68
N ASP M 22 45.36 28.59 45.14
CA ASP M 22 44.48 28.31 46.28
C ASP M 22 44.95 29.01 47.58
N THR M 23 46.12 29.68 47.58
CA THR M 23 46.50 30.54 48.69
C THR M 23 45.80 31.89 48.68
N ALA M 24 45.10 32.25 47.59
CA ALA M 24 44.73 33.64 47.31
C ALA M 24 43.42 33.97 47.98
N ARG M 25 43.52 34.38 49.24
CA ARG M 25 42.36 34.62 50.08
C ARG M 25 42.38 36.02 50.64
N GLY M 26 42.91 36.96 49.89
CA GLY M 26 42.98 38.32 50.33
C GLY M 26 41.78 39.14 49.98
N ALA M 27 42.05 40.40 49.64
CA ALA M 27 41.03 41.42 49.53
C ALA M 27 41.57 42.60 48.72
N TYR M 28 40.85 43.01 47.68
CA TYR M 28 41.25 44.18 46.91
C TYR M 28 40.42 45.36 47.41
N PRO M 29 41.03 46.37 48.05
CA PRO M 29 40.24 47.47 48.61
C PRO M 29 39.98 48.54 47.56
N ILE M 30 38.88 49.27 47.76
CA ILE M 30 38.32 50.16 46.74
C ILE M 30 38.32 51.58 47.32
N ASP M 31 38.96 52.49 46.59
CA ASP M 31 39.03 53.89 46.97
C ASP M 31 37.86 54.60 46.29
N SER M 32 36.80 54.89 47.06
CA SER M 32 35.60 55.52 46.50
C SER M 32 36.03 56.60 45.51
N SER M 33 37.13 57.28 45.82
CA SER M 33 37.60 58.38 44.99
C SER M 33 38.14 57.88 43.65
N GLN M 34 39.15 57.03 43.68
CA GLN M 34 39.79 56.55 42.46
C GLN M 34 38.78 55.78 41.60
N THR M 35 39.10 55.65 40.31
CA THR M 35 38.29 54.86 39.41
C THR M 35 39.06 53.60 38.99
N TYR M 36 38.30 52.64 38.46
CA TYR M 36 38.81 51.30 38.23
C TYR M 36 38.20 50.68 36.98
N ARG M 37 38.97 49.82 36.34
CA ARG M 37 38.50 49.06 35.19
C ARG M 37 38.77 47.57 35.39
N ILE M 38 38.07 46.76 34.62
CA ILE M 38 38.37 45.35 34.50
C ILE M 38 39.04 45.17 33.15
N ALA M 39 40.32 44.81 33.18
CA ALA M 39 41.12 44.71 31.98
C ALA M 39 40.91 43.40 31.24
N ARG M 40 40.47 42.37 31.96
CA ARG M 40 40.23 41.05 31.39
C ARG M 40 39.23 40.34 32.27
N LEU M 41 38.15 39.90 31.68
CA LEU M 41 37.21 39.01 32.32
C LEU M 41 37.11 37.78 31.44
N CYS M 42 37.29 36.61 32.05
CA CYS M 42 37.24 35.33 31.37
C CYS M 42 36.20 34.48 32.05
N LEU M 43 35.30 33.90 31.24
CA LEU M 43 34.25 32.98 31.71
C LEU M 43 34.35 31.67 30.97
N GLN M 44 34.53 30.60 31.74
CA GLN M 44 34.78 29.26 31.22
C GLN M 44 33.69 28.33 31.69
N PRO M 45 32.73 27.99 30.86
CA PRO M 45 31.63 27.16 31.31
C PRO M 45 32.08 25.72 31.46
N THR M 46 31.45 25.04 32.39
CA THR M 46 31.75 23.63 32.63
C THR M 46 30.54 22.74 32.52
N THR M 47 29.34 23.32 32.57
CA THR M 47 28.10 22.57 32.66
C THR M 47 27.02 23.33 31.93
N PHE M 48 26.26 22.60 31.11
CA PHE M 48 25.10 23.13 30.41
C PHE M 48 23.89 22.30 30.79
N LEU M 49 22.91 22.97 31.37
CA LEU M 49 21.67 22.36 31.83
C LEU M 49 20.52 22.98 31.06
N VAL M 50 19.54 22.16 30.74
CA VAL M 50 18.40 22.57 29.91
C VAL M 50 17.12 22.17 30.61
N LYS M 51 16.14 23.05 30.58
CA LYS M 51 14.83 22.80 31.18
C LYS M 51 13.99 21.94 30.24
N GLU M 52 13.43 20.85 30.77
CA GLU M 52 12.53 20.01 29.99
C GLU M 52 11.15 20.64 29.88
N GLU M 53 10.32 20.08 28.99
CA GLU M 53 8.94 20.55 28.78
C GLU M 53 7.98 19.51 29.37
N PRO M 54 7.39 19.76 30.53
CA PRO M 54 6.73 18.68 31.29
C PRO M 54 5.30 18.37 30.89
N LYS M 55 4.78 18.91 29.79
CA LYS M 55 3.54 18.43 29.18
C LYS M 55 2.29 18.70 30.00
N ASN M 56 2.32 18.42 31.31
CA ASN M 56 1.14 18.66 32.16
C ASN M 56 1.10 20.11 32.64
N LYS M 57 0.50 20.35 33.81
CA LYS M 57 0.28 21.73 34.28
C LYS M 57 1.01 22.05 35.58
N ARG M 58 1.02 21.15 36.56
CA ARG M 58 1.69 21.43 37.82
C ARG M 58 2.72 20.34 38.17
N GLN M 59 3.66 20.08 37.25
CA GLN M 59 4.82 19.25 37.52
C GLN M 59 6.15 19.98 37.35
N GLU M 60 6.16 21.15 36.69
CA GLU M 60 7.31 22.01 36.47
C GLU M 60 8.59 21.23 36.18
N ALA M 61 9.05 21.30 34.95
CA ALA M 61 10.12 20.43 34.48
C ALA M 61 11.46 20.81 35.12
N GLU M 62 12.34 19.84 35.16
CA GLU M 62 13.63 20.04 35.80
C GLU M 62 14.67 20.47 34.76
N PHE M 63 15.82 20.88 35.27
CA PHE M 63 17.01 21.05 34.46
C PHE M 63 17.72 19.71 34.36
N VAL M 64 18.01 19.28 33.12
CA VAL M 64 18.66 18.00 32.90
C VAL M 64 20.05 18.29 32.33
N PRO M 65 21.01 17.40 32.51
CA PRO M 65 22.34 17.64 31.96
C PRO M 65 22.35 17.41 30.46
N THR M 66 23.30 18.03 29.80
CA THR M 66 23.45 17.85 28.36
C THR M 66 24.88 17.46 28.01
N LYS M 67 25.07 16.99 26.77
CA LYS M 67 26.37 16.62 26.21
C LYS M 67 26.77 17.70 25.21
N LEU M 68 27.98 18.21 25.35
CA LEU M 68 28.51 19.21 24.45
C LEU M 68 29.04 18.54 23.20
N VAL M 69 28.74 19.12 22.03
CA VAL M 69 29.19 18.55 20.78
C VAL M 69 30.00 19.53 19.95
N THR M 70 30.14 20.78 20.41
CA THR M 70 30.90 21.77 19.67
C THR M 70 32.33 21.97 20.19
N ARG M 71 32.76 21.15 21.15
CA ARG M 71 34.19 21.05 21.51
C ARG M 71 34.69 22.25 22.32
N GLU M 72 36.01 22.51 22.35
CA GLU M 72 36.57 23.50 23.26
C GLU M 72 36.46 24.89 22.65
N THR M 73 35.23 25.30 22.45
CA THR M 73 34.94 26.53 21.72
C THR M 73 34.04 27.45 22.52
N THR M 74 34.04 27.32 23.84
CA THR M 74 32.92 27.79 24.64
C THR M 74 33.18 29.03 25.47
N SER M 75 34.45 29.39 25.74
CA SER M 75 34.75 30.39 26.75
C SER M 75 34.67 31.82 26.22
N LEU M 76 34.20 32.71 27.09
CA LEU M 76 34.24 34.15 26.85
C LEU M 76 35.52 34.69 27.47
N ASP M 77 36.17 35.63 26.77
CA ASP M 77 37.48 36.08 27.22
C ASP M 77 37.79 37.45 26.64
N GLN M 78 38.85 38.03 27.19
CA GLN M 78 39.30 39.37 26.85
C GLN M 78 38.16 40.37 27.02
N ILE M 79 37.35 40.16 28.00
CA ILE M 79 36.23 41.07 28.22
C ILE M 79 36.69 42.21 29.13
N GLN M 80 36.28 43.43 28.80
CA GLN M 80 36.69 44.58 29.56
C GLN M 80 35.53 45.55 29.68
N GLY M 81 35.56 46.32 30.76
CA GLY M 81 34.54 47.34 30.98
C GLY M 81 34.87 48.23 32.17
N GLU M 82 34.02 49.23 32.36
CA GLU M 82 34.15 50.13 33.49
C GLU M 82 33.79 49.41 34.78
N LEU M 83 34.50 49.73 35.86
CA LEU M 83 34.10 49.30 37.19
C LEU M 83 33.89 50.54 38.06
N LYS M 84 32.61 50.84 38.34
CA LYS M 84 32.20 52.09 38.95
C LYS M 84 31.91 51.91 40.44
N VAL M 85 32.08 52.99 41.21
CA VAL M 85 31.66 53.02 42.60
C VAL M 85 30.36 53.79 42.66
N ASN M 86 29.32 53.14 43.14
CA ASN M 86 28.04 53.79 43.23
C ASN M 86 27.97 54.62 44.50
N SER M 87 26.92 55.43 44.61
CA SER M 87 26.83 56.36 45.73
C SER M 87 26.86 55.59 47.05
N ASP M 88 26.12 54.47 47.13
CA ASP M 88 26.05 53.67 48.34
C ASP M 88 27.14 52.61 48.41
N GLY M 89 28.24 52.79 47.69
CA GLY M 89 29.40 51.94 47.81
C GLY M 89 29.33 50.60 47.10
N SER M 90 28.23 50.29 46.43
CA SER M 90 28.22 49.12 45.58
C SER M 90 29.14 49.37 44.39
N LEU M 91 29.69 48.30 43.86
CA LEU M 91 30.37 48.36 42.58
C LEU M 91 29.40 47.95 41.47
N THR M 92 29.69 48.42 40.26
CA THR M 92 28.93 48.03 39.08
C THR M 92 29.89 47.90 37.91
N PHE M 93 30.03 46.68 37.40
CA PHE M 93 30.78 46.46 36.18
C PHE M 93 29.88 46.67 34.98
N VAL M 94 30.33 47.49 34.03
CA VAL M 94 29.64 47.73 32.77
C VAL M 94 30.49 47.15 31.65
N GLU M 95 30.00 46.09 31.00
CA GLU M 95 30.72 45.55 29.87
C GLU M 95 30.80 46.55 28.72
N GLU M 96 31.98 46.63 28.12
CA GLU M 96 32.20 47.46 26.95
C GLU M 96 32.46 46.66 25.69
N ASP M 97 33.34 45.66 25.78
CA ASP M 97 33.86 44.98 24.61
C ASP M 97 34.48 43.69 25.11
N GLY M 98 34.76 42.81 24.17
CA GLY M 98 35.41 41.56 24.45
C GLY M 98 34.79 40.49 23.57
N ILE M 99 35.44 39.33 23.54
CA ILE M 99 34.86 38.12 22.98
C ILE M 99 33.80 37.61 23.93
N ASP M 100 32.63 38.23 23.88
CA ASP M 100 31.59 38.10 24.88
C ASP M 100 30.41 37.27 24.38
N PHE M 101 30.63 36.39 23.40
CA PHE M 101 29.67 35.39 22.96
C PHE M 101 30.40 34.19 22.35
N GLN M 102 29.75 33.03 22.41
CA GLN M 102 30.26 31.85 21.74
C GLN M 102 28.97 31.09 21.38
N PRO M 103 28.80 30.67 20.13
CA PRO M 103 27.72 29.71 19.84
C PRO M 103 28.09 28.35 20.43
N VAL M 104 27.10 27.68 21.01
CA VAL M 104 27.28 26.39 21.66
C VAL M 104 26.13 25.49 21.24
N THR M 105 26.39 24.22 21.02
CA THR M 105 25.27 23.30 20.92
C THR M 105 25.55 22.08 21.78
N VAL M 106 24.58 21.78 22.62
CA VAL M 106 24.56 20.62 23.49
C VAL M 106 23.45 19.71 23.02
N GLN M 107 23.53 18.46 23.45
CA GLN M 107 22.60 17.41 23.03
C GLN M 107 21.90 16.85 24.26
N MET M 108 20.58 16.84 24.21
CA MET M 108 19.78 16.22 25.25
C MET M 108 19.75 14.72 25.04
N ALA M 109 19.22 14.03 26.03
CA ALA M 109 18.95 12.60 25.89
C ALA M 109 17.86 12.41 24.84
N GLY M 110 18.06 11.43 23.97
CA GLY M 110 17.17 11.22 22.85
C GLY M 110 17.65 11.81 21.54
N GLY M 111 18.65 12.69 21.58
CA GLY M 111 19.26 13.22 20.38
C GLY M 111 19.04 14.70 20.11
N GLU M 112 18.10 15.35 20.78
CA GLU M 112 17.78 16.72 20.40
C GLU M 112 18.98 17.65 20.63
N ARG M 113 19.42 18.33 19.57
CA ARG M 113 20.43 19.38 19.65
C ARG M 113 19.80 20.66 20.15
N ILE M 114 20.42 21.30 21.12
CA ILE M 114 20.01 22.64 21.57
C ILE M 114 21.17 23.61 21.30
N PRO M 115 21.07 24.45 20.27
CA PRO M 115 22.03 25.54 20.09
C PRO M 115 21.70 26.71 20.98
N LEU M 116 22.73 27.45 21.36
CA LEU M 116 22.52 28.65 22.15
C LEU M 116 23.66 29.62 21.93
N LEU M 117 23.38 30.89 22.19
CA LEU M 117 24.40 31.93 22.13
C LEU M 117 24.82 32.22 23.57
N PHE M 118 25.87 31.52 24.03
CA PHE M 118 26.41 31.76 25.37
C PHE M 118 27.03 33.14 25.37
N THR M 119 26.48 34.05 26.17
CA THR M 119 26.93 35.45 26.07
C THR M 119 26.78 36.19 27.40
N VAL M 120 27.47 37.33 27.48
CA VAL M 120 27.31 38.35 28.50
C VAL M 120 27.18 39.75 27.87
N LYS M 121 26.70 39.82 26.64
CA LYS M 121 26.71 41.07 25.89
C LYS M 121 26.02 42.18 26.65
N ASN M 122 26.68 43.32 26.76
CA ASN M 122 26.09 44.50 27.40
C ASN M 122 25.82 44.22 28.87
N LEU M 123 26.65 43.36 29.46
CA LEU M 123 26.51 42.99 30.86
C LEU M 123 26.70 44.20 31.79
N VAL M 124 25.78 44.34 32.72
CA VAL M 124 25.92 45.21 33.87
C VAL M 124 25.73 44.34 35.09
N ALA M 125 26.67 44.40 36.01
CA ALA M 125 26.56 43.54 37.17
C ALA M 125 26.99 44.34 38.38
N SER M 126 26.23 44.23 39.46
CA SER M 126 26.44 45.06 40.62
C SER M 126 26.75 44.19 41.83
N THR M 127 27.33 44.82 42.86
CA THR M 127 27.51 44.18 44.16
C THR M 127 26.46 44.72 45.13
N GLN M 128 26.47 44.17 46.35
CA GLN M 128 25.77 44.77 47.46
C GLN M 128 26.39 46.12 47.80
N PRO M 129 25.66 46.98 48.50
CA PRO M 129 26.24 48.26 48.93
C PRO M 129 27.37 48.05 49.93
N ASN M 130 28.12 49.12 50.17
CA ASN M 130 29.12 49.19 51.23
C ASN M 130 30.17 48.10 51.07
N VAL M 131 30.90 48.16 49.96
CA VAL M 131 31.86 47.10 49.69
C VAL M 131 33.18 47.49 50.33
N THR M 132 33.89 48.46 49.74
CA THR M 132 35.14 48.99 50.26
C THR M 132 36.30 48.00 50.07
N SER M 133 35.99 46.72 49.86
CA SER M 133 36.98 45.70 49.55
C SER M 133 36.29 44.57 48.81
N ILE M 134 36.93 44.08 47.74
CA ILE M 134 36.50 42.85 47.09
C ILE M 134 37.14 41.68 47.82
N THR M 135 36.32 40.71 48.22
CA THR M 135 36.75 39.65 49.10
C THR M 135 36.22 38.32 48.59
N THR M 136 36.60 37.25 49.30
CA THR M 136 36.14 35.89 49.00
C THR M 136 34.71 35.63 49.49
N SER M 137 33.95 36.70 49.76
CA SER M 137 32.51 36.61 49.93
C SER M 137 31.76 37.62 49.07
N THR M 138 32.45 38.33 48.18
CA THR M 138 31.79 39.27 47.29
C THR M 138 31.05 38.55 46.16
N ASP M 139 29.80 38.95 45.93
CA ASP M 139 28.92 38.44 44.87
C ASP M 139 28.54 39.58 43.91
N PHE M 140 28.58 39.30 42.61
CA PHE M 140 27.98 40.19 41.60
C PHE M 140 26.70 39.58 41.02
N LYS M 141 25.67 40.39 40.90
CA LYS M 141 24.47 39.98 40.19
C LYS M 141 24.20 40.98 39.10
N GLY M 142 23.69 40.48 37.98
CA GLY M 142 23.48 41.35 36.84
C GLY M 142 22.66 40.69 35.76
N GLU M 143 22.46 41.44 34.69
CA GLU M 143 21.74 40.94 33.54
C GLU M 143 22.48 41.41 32.30
N PHE M 144 22.30 40.68 31.21
CA PHE M 144 22.93 40.95 29.93
C PHE M 144 21.90 40.74 28.83
N ASN M 145 22.30 41.05 27.59
CA ASN M 145 21.43 40.91 26.43
C ASN M 145 21.76 39.64 25.65
N VAL M 146 20.72 39.02 25.10
CA VAL M 146 20.92 37.78 24.36
C VAL M 146 20.32 37.99 22.97
N PRO M 147 21.09 38.43 21.98
CA PRO M 147 20.51 38.59 20.65
C PRO M 147 20.22 37.23 20.03
N SER M 148 19.52 37.31 18.91
CA SER M 148 19.27 36.16 18.06
C SER M 148 20.56 35.38 17.79
N TYR M 149 20.45 34.05 17.87
CA TYR M 149 21.58 33.18 17.58
C TYR M 149 22.14 33.43 16.18
N ARG M 150 21.28 33.50 15.18
CA ARG M 150 21.66 33.93 13.85
C ARG M 150 21.33 35.41 13.68
N THR M 151 22.17 36.13 12.95
CA THR M 151 21.87 37.53 12.69
C THR M 151 21.15 37.64 11.35
N ALA M 152 20.85 38.88 10.92
CA ALA M 152 19.74 39.09 9.98
C ALA M 152 19.98 38.54 8.57
N ASN M 153 21.24 38.34 8.15
CA ASN M 153 21.56 37.84 6.82
C ASN M 153 21.40 36.33 6.68
N PHE M 154 21.16 35.62 7.77
CA PHE M 154 21.25 34.17 7.75
C PHE M 154 20.13 33.58 6.89
N LEU M 155 20.49 32.72 5.96
CA LEU M 155 19.53 32.10 5.05
C LEU M 155 19.20 30.67 5.45
N ASP M 156 17.89 30.37 5.61
CA ASP M 156 17.52 29.00 5.98
C ASP M 156 17.73 28.10 4.76
N PRO M 157 17.54 26.78 4.92
CA PRO M 157 17.93 25.86 3.85
C PRO M 157 17.12 26.01 2.56
N LYS M 158 16.00 26.71 2.58
CA LYS M 158 15.23 26.98 1.38
C LYS M 158 15.44 28.39 0.90
N GLY M 159 16.38 29.11 1.51
CA GLY M 159 16.78 30.38 0.97
C GLY M 159 16.05 31.55 1.57
N ARG M 160 15.30 31.34 2.64
CA ARG M 160 14.49 32.37 3.28
C ARG M 160 15.27 33.06 4.40
N GLY M 161 14.99 34.35 4.61
CA GLY M 161 15.76 35.12 5.56
C GLY M 161 15.05 36.40 5.93
N LEU M 162 15.70 37.18 6.81
CA LEU M 162 15.12 38.42 7.31
C LEU M 162 15.59 39.61 6.49
N ALA M 163 16.91 39.83 6.37
CA ALA M 163 17.45 40.96 5.60
C ALA M 163 17.86 40.56 4.21
N SER M 164 17.84 39.27 3.93
CA SER M 164 18.09 38.74 2.60
C SER M 164 17.19 37.54 2.42
N GLY M 165 17.17 36.99 1.22
CA GLY M 165 16.43 35.76 1.03
C GLY M 165 15.01 35.97 0.53
N TYR M 166 14.42 34.83 0.15
CA TYR M 166 13.05 34.70 -0.29
C TYR M 166 12.08 34.97 0.85
N ASP M 167 10.86 35.38 0.49
CA ASP M 167 9.80 35.65 1.46
C ASP M 167 8.69 34.60 1.41
N SER M 168 8.86 33.50 0.68
CA SER M 168 7.84 32.48 0.64
C SER M 168 8.51 31.13 0.41
N ALA M 169 7.67 30.11 0.37
CA ALA M 169 8.10 28.74 0.10
C ALA M 169 8.06 28.54 -1.39
N ILE M 170 9.16 28.89 -2.08
CA ILE M 170 9.13 28.90 -3.54
C ILE M 170 9.03 27.51 -4.13
N ALA M 171 9.34 26.46 -3.36
CA ALA M 171 9.18 25.12 -3.90
C ALA M 171 7.74 24.67 -3.92
N LEU M 172 6.85 25.42 -3.29
CA LEU M 172 5.43 25.09 -3.21
C LEU M 172 4.64 26.29 -3.73
N PRO M 173 4.69 26.58 -5.04
CA PRO M 173 4.17 27.88 -5.53
C PRO M 173 2.69 28.14 -5.30
N GLN M 174 1.83 27.12 -5.30
CA GLN M 174 0.41 27.34 -5.10
C GLN M 174 -0.06 26.71 -3.79
N ALA M 175 0.87 26.47 -2.87
CA ALA M 175 0.52 26.10 -1.50
C ALA M 175 -0.13 27.28 -0.76
N LYS M 176 -0.99 26.95 0.21
CA LYS M 176 -1.59 27.96 1.05
C LYS M 176 -0.56 28.46 2.07
N GLU M 177 -0.24 29.75 2.02
CA GLU M 177 0.90 30.30 2.75
C GLU M 177 0.62 30.53 4.23
N GLU M 178 -0.63 30.39 4.66
CA GLU M 178 -0.96 30.65 6.05
C GLU M 178 -0.33 29.64 6.99
N GLU M 179 -0.30 28.36 6.61
CA GLU M 179 0.36 27.36 7.45
C GLU M 179 1.85 27.66 7.63
N LEU M 180 2.46 28.36 6.68
CA LEU M 180 3.91 28.49 6.60
C LEU M 180 4.43 29.83 7.11
N ALA M 181 3.55 30.71 7.55
CA ALA M 181 3.96 32.04 7.98
C ALA M 181 5.08 31.99 9.02
N ARG M 182 4.99 31.06 9.97
CA ARG M 182 5.99 31.00 11.04
C ARG M 182 7.37 30.69 10.50
N ALA M 183 7.45 29.88 9.45
CA ALA M 183 8.70 29.50 8.83
C ALA M 183 9.15 30.50 7.79
N ASN M 184 8.20 31.21 7.17
CA ASN M 184 8.48 32.11 6.07
C ASN M 184 8.97 33.46 6.57
N VAL M 185 8.37 33.96 7.64
CA VAL M 185 8.65 35.29 8.18
C VAL M 185 9.63 35.14 9.36
N LYS M 186 10.88 35.51 9.12
CA LYS M 186 11.90 35.43 10.16
C LYS M 186 11.80 36.60 11.14
N ARG M 187 12.06 36.33 12.41
CA ARG M 187 12.03 37.34 13.46
C ARG M 187 13.31 37.34 14.28
N PHE M 188 13.81 38.53 14.60
CA PHE M 188 15.06 38.71 15.36
C PHE M 188 14.67 38.86 16.83
N SER M 189 14.84 37.78 17.59
CA SER M 189 14.59 37.86 19.01
C SER M 189 15.69 38.65 19.71
N LEU M 190 15.34 39.25 20.84
CA LEU M 190 16.32 39.92 21.68
C LEU M 190 15.85 39.78 23.11
N THR M 191 16.56 38.99 23.92
CA THR M 191 16.06 38.63 25.24
C THR M 191 17.12 38.97 26.27
N LYS M 192 16.75 38.83 27.54
CA LYS M 192 17.67 39.14 28.61
C LYS M 192 18.10 37.86 29.30
N GLY M 193 19.28 37.93 29.90
CA GLY M 193 19.78 36.84 30.71
C GLY M 193 20.34 37.37 32.02
N GLN M 194 20.43 36.49 32.99
CA GLN M 194 20.82 36.85 34.35
C GLN M 194 22.08 36.08 34.71
N ILE M 195 22.95 36.72 35.48
CA ILE M 195 24.19 36.06 35.87
C ILE M 195 24.53 36.48 37.30
N SER M 196 25.04 35.52 38.06
CA SER M 196 25.61 35.74 39.37
C SER M 196 27.06 35.27 39.31
N LEU M 197 27.96 36.11 39.81
CA LEU M 197 29.39 35.79 39.86
C LEU M 197 29.82 35.82 41.31
N ASN M 198 30.36 34.72 41.78
CA ASN M 198 30.69 34.57 43.19
C ASN M 198 32.20 34.51 43.32
N VAL M 199 32.75 35.54 43.93
CA VAL M 199 34.20 35.61 44.12
C VAL M 199 34.62 34.67 45.24
N ALA M 200 35.64 33.84 44.98
CA ALA M 200 36.12 32.91 46.00
C ALA M 200 37.63 32.89 46.15
N LYS M 201 38.36 33.48 45.24
CA LYS M 201 39.80 33.68 45.39
C LYS M 201 40.07 35.14 45.04
N VAL M 202 41.05 35.72 45.72
CA VAL M 202 41.43 37.11 45.51
C VAL M 202 42.91 37.25 45.78
N ASP M 203 43.65 37.77 44.82
CA ASP M 203 45.05 38.10 45.03
C ASP M 203 45.09 39.59 45.32
N GLY M 204 45.28 39.94 46.61
CA GLY M 204 45.33 41.33 47.01
C GLY M 204 46.47 42.10 46.37
N ARG M 205 47.56 41.40 45.99
CA ARG M 205 48.73 42.07 45.45
C ARG M 205 48.45 42.58 44.06
N THR M 206 47.84 41.75 43.22
CA THR M 206 47.77 41.99 41.79
C THR M 206 46.41 42.42 41.31
N GLY M 207 45.39 42.39 42.17
CA GLY M 207 44.06 42.71 41.71
C GLY M 207 43.42 41.65 40.84
N GLU M 208 43.91 40.42 40.87
CA GLU M 208 43.26 39.34 40.16
C GLU M 208 42.24 38.69 41.08
N ILE M 209 41.08 38.36 40.54
CA ILE M 209 40.07 37.65 41.30
C ILE M 209 39.56 36.50 40.47
N ALA M 210 38.84 35.58 41.11
CA ALA M 210 38.34 34.45 40.37
C ALA M 210 37.30 33.74 41.21
N GLY M 211 36.45 32.96 40.55
CA GLY M 211 35.38 32.27 41.23
C GLY M 211 34.45 31.51 40.32
N THR M 212 33.19 31.46 40.71
CA THR M 212 32.19 30.60 40.12
C THR M 212 31.15 31.50 39.49
N PHE M 213 30.47 31.00 38.47
CA PHE M 213 29.37 31.77 37.92
C PHE M 213 28.26 30.82 37.51
N GLU M 214 27.04 31.35 37.57
CA GLU M 214 25.84 30.70 37.06
C GLU M 214 25.12 31.76 36.23
N SER M 215 24.75 31.42 34.99
CA SER M 215 23.88 32.29 34.21
C SER M 215 22.70 31.48 33.71
N GLU M 216 21.61 32.19 33.50
CA GLU M 216 20.38 31.66 32.93
C GLU M 216 20.00 32.51 31.74
N GLN M 217 19.64 31.85 30.65
CA GLN M 217 19.31 32.53 29.41
C GLN M 217 18.53 31.58 28.50
N LEU M 218 18.09 32.11 27.37
CA LEU M 218 17.36 31.36 26.36
C LEU M 218 18.27 30.81 25.27
N SER M 219 17.88 29.64 24.76
CA SER M 219 18.51 29.00 23.62
C SER M 219 18.02 29.62 22.31
N ASP M 220 18.48 29.05 21.20
CA ASP M 220 18.15 29.53 19.86
C ASP M 220 16.70 29.22 19.52
N ASP M 221 16.01 30.19 18.95
CA ASP M 221 14.63 29.96 18.49
C ASP M 221 14.53 29.88 16.97
N ASP M 222 15.66 29.82 16.27
CA ASP M 222 15.72 29.64 14.83
C ASP M 222 14.87 30.70 14.13
N MET M 223 15.07 31.94 14.57
CA MET M 223 14.45 33.11 13.97
C MET M 223 12.92 33.04 14.06
N GLY M 224 12.46 32.62 15.22
CA GLY M 224 11.05 32.54 15.50
C GLY M 224 10.39 31.27 15.04
N ALA M 225 11.15 30.34 14.46
CA ALA M 225 10.56 29.11 13.95
C ALA M 225 9.94 28.28 15.06
N HIS M 226 10.61 28.20 16.21
CA HIS M 226 10.16 27.33 17.28
C HIS M 226 10.39 28.06 18.60
N GLU M 227 9.90 27.45 19.67
CA GLU M 227 10.01 28.07 20.98
CA GLU M 227 10.02 28.06 20.98
C GLU M 227 11.35 27.70 21.61
N PRO M 228 12.05 28.65 22.22
CA PRO M 228 13.34 28.34 22.84
C PRO M 228 13.23 27.46 24.08
N HIS M 229 14.37 26.90 24.45
CA HIS M 229 14.48 26.26 25.74
C HIS M 229 15.20 27.18 26.70
N GLU M 230 14.97 26.93 27.99
CA GLU M 230 15.65 27.66 29.03
C GLU M 230 16.94 26.93 29.33
N VAL M 231 18.01 27.68 29.49
CA VAL M 231 19.35 27.13 29.68
C VAL M 231 19.97 27.73 30.93
N LYS M 232 20.66 26.91 31.70
CA LYS M 232 21.40 27.30 32.88
C LYS M 232 22.85 26.89 32.65
N ILE M 233 23.76 27.85 32.80
CA ILE M 233 25.18 27.62 32.55
C ILE M 233 25.96 27.83 33.84
N GLN M 234 26.73 26.83 34.21
CA GLN M 234 27.66 26.91 35.34
C GLN M 234 29.08 26.85 34.84
N GLY M 235 29.96 27.55 35.55
CA GLY M 235 31.35 27.54 35.20
C GLY M 235 32.19 28.30 36.20
N VAL M 236 33.36 28.74 35.73
CA VAL M 236 34.34 29.42 36.54
C VAL M 236 34.75 30.68 35.80
N PHE M 237 35.14 31.70 36.56
CA PHE M 237 35.61 32.91 35.93
C PHE M 237 36.91 33.36 36.57
N TYR M 238 37.58 34.25 35.85
CA TYR M 238 38.76 34.95 36.34
C TYR M 238 38.64 36.37 35.81
N ALA M 239 39.04 37.33 36.64
CA ALA M 239 39.10 38.71 36.18
C ALA M 239 40.29 39.40 36.82
N SER M 240 40.72 40.47 36.16
CA SER M 240 41.86 41.26 36.60
C SER M 240 41.42 42.72 36.66
N ILE M 241 41.86 43.41 37.72
CA ILE M 241 41.40 44.75 37.99
C ILE M 241 42.58 45.70 37.91
N GLU M 242 42.35 46.85 37.29
CA GLU M 242 43.33 47.88 37.14
C GLU M 242 42.77 49.17 37.70
N PRO M 243 43.58 49.96 38.42
CA PRO M 243 43.28 51.39 38.57
C PRO M 243 43.14 52.02 37.20
N ALA M 244 41.99 52.62 36.95
CA ALA M 244 41.70 53.17 35.62
C ALA M 244 42.54 54.40 35.37
N FME N 1 8.20 3.49 6.81
CN FME N 1 9.40 3.59 7.47
O1 FME N 1 10.33 2.85 7.16
CA FME N 1 8.03 2.50 5.79
CB FME N 1 6.58 2.48 5.21
CG FME N 1 6.13 3.69 4.43
SD FME N 1 4.50 3.37 3.70
CE FME N 1 3.74 2.28 4.86
C FME N 1 9.01 2.66 4.62
O FME N 1 9.50 1.70 4.06
H FME N 1 7.43 4.08 7.04
HCN FME N 1 9.44 4.38 8.27
HA FME N 1 8.27 1.48 6.21
HB2 FME N 1 5.89 2.32 6.08
HB3 FME N 1 6.51 1.57 4.56
HG2 FME N 1 6.86 3.92 3.61
HG3 FME N 1 6.06 4.58 5.10
HE1 FME N 1 2.68 2.18 4.54
HE2 FME N 1 3.83 2.76 5.86
HE3 FME N 1 4.30 1.32 4.80
N GLU N 2 9.39 3.88 4.26
CA GLU N 2 10.27 4.02 3.11
C GLU N 2 11.67 3.60 3.55
N THR N 3 12.03 3.94 4.79
CA THR N 3 13.33 3.47 5.29
C THR N 3 13.40 1.95 5.23
N ILE N 4 12.36 1.26 5.73
CA ILE N 4 12.39 -0.21 5.72
C ILE N 4 12.52 -0.74 4.30
N THR N 5 11.82 -0.12 3.35
CA THR N 5 11.86 -0.58 1.96
C THR N 5 13.27 -0.46 1.38
N TYR N 6 13.88 0.71 1.52
CA TYR N 6 15.24 0.93 1.04
C TYR N 6 16.21 -0.09 1.61
N VAL N 7 16.19 -0.28 2.92
CA VAL N 7 17.18 -1.18 3.52
C VAL N 7 16.86 -2.62 3.13
N PHE N 8 15.59 -2.93 2.96
CA PHE N 8 15.22 -4.29 2.60
C PHE N 8 15.80 -4.67 1.25
N ILE N 9 15.65 -3.79 0.28
CA ILE N 9 16.14 -4.10 -1.06
C ILE N 9 17.65 -4.22 -1.04
N PHE N 10 18.30 -3.29 -0.38
CA PHE N 10 19.75 -3.33 -0.23
C PHE N 10 20.20 -4.66 0.39
N ALA N 11 19.50 -5.08 1.44
CA ALA N 11 19.76 -6.36 2.08
C ALA N 11 19.59 -7.54 1.10
N CYS N 12 18.59 -7.45 0.20
CA CYS N 12 18.42 -8.53 -0.77
C CYS N 12 19.60 -8.62 -1.73
N ILE N 13 20.07 -7.47 -2.21
CA ILE N 13 21.23 -7.42 -3.08
C ILE N 13 22.45 -8.06 -2.43
N ILE N 14 22.68 -7.81 -1.13
CA ILE N 14 23.85 -8.37 -0.46
C ILE N 14 23.72 -9.88 -0.37
N ALA N 15 22.53 -10.36 -0.05
CA ALA N 15 22.28 -11.79 -0.04
C ALA N 15 22.51 -12.40 -1.41
N LEU N 16 21.97 -11.78 -2.46
CA LEU N 16 22.22 -12.23 -3.84
C LEU N 16 23.72 -12.37 -4.12
N PHE N 17 24.51 -11.34 -3.77
CA PHE N 17 25.96 -11.44 -3.86
C PHE N 17 26.49 -12.73 -3.30
N PHE N 18 26.03 -13.08 -2.10
CA PHE N 18 26.51 -14.29 -1.44
C PHE N 18 26.29 -15.52 -2.31
N PHE N 19 25.07 -15.69 -2.81
CA PHE N 19 24.75 -16.86 -3.61
C PHE N 19 25.44 -16.82 -4.95
N ALA N 20 25.54 -15.63 -5.55
CA ALA N 20 26.19 -15.53 -6.84
C ALA N 20 27.65 -15.96 -6.77
N ILE N 21 28.29 -15.78 -5.63
CA ILE N 21 29.72 -16.06 -5.51
C ILE N 21 29.85 -17.52 -5.12
N PHE N 22 29.26 -17.89 -4.00
CA PHE N 22 29.52 -19.19 -3.43
C PHE N 22 28.65 -20.29 -3.97
N PHE N 23 27.55 -19.96 -4.65
CA PHE N 23 26.65 -20.94 -5.22
C PHE N 23 26.44 -20.66 -6.69
N ARG N 24 27.54 -20.39 -7.37
CA ARG N 24 27.46 -20.12 -8.80
C ARG N 24 27.39 -21.45 -9.54
N GLU N 25 27.00 -21.40 -10.81
CA GLU N 25 27.29 -22.51 -11.70
C GLU N 25 28.80 -22.62 -11.81
N PRO N 26 29.42 -23.72 -11.43
CA PRO N 26 30.88 -23.79 -11.46
C PRO N 26 31.36 -23.97 -12.88
N PRO N 27 32.20 -23.08 -13.39
CA PRO N 27 32.68 -23.25 -14.76
C PRO N 27 33.47 -24.55 -14.90
N ARG N 28 33.13 -25.31 -15.94
CA ARG N 28 33.77 -26.58 -16.25
C ARG N 28 34.41 -26.51 -17.63
N ILE N 29 35.58 -27.14 -17.77
CA ILE N 29 36.39 -27.01 -18.97
C ILE N 29 35.95 -27.97 -20.06
N THR N 30 35.94 -27.48 -21.30
CA THR N 30 35.61 -28.20 -22.53
C THR N 30 34.45 -29.19 -22.35
N GLU O 1 0.45 39.62 11.99
CA GLU O 1 1.15 39.70 13.28
C GLU O 1 2.60 39.26 13.11
N LEU O 2 2.86 38.50 12.06
CA LEU O 2 4.20 38.13 11.66
C LEU O 2 4.61 39.09 10.56
N VAL O 3 5.49 40.02 10.89
CA VAL O 3 5.95 41.08 9.98
C VAL O 3 7.45 40.92 9.82
N ASN O 4 7.95 41.13 8.61
CA ASN O 4 9.39 41.24 8.38
C ASN O 4 9.78 42.68 8.68
N VAL O 5 10.49 42.90 9.80
CA VAL O 5 10.77 44.26 10.27
C VAL O 5 11.64 45.05 9.32
N VAL O 6 12.54 44.38 8.59
CA VAL O 6 13.39 45.09 7.62
C VAL O 6 12.55 45.61 6.46
N ASP O 7 11.66 44.77 5.91
CA ASP O 7 10.75 45.24 4.87
C ASP O 7 9.88 46.40 5.36
N GLU O 8 9.32 46.29 6.57
CA GLU O 8 8.55 47.38 7.17
C GLU O 8 9.35 48.66 7.28
N LYS O 9 10.65 48.57 7.58
CA LYS O 9 11.50 49.75 7.66
C LYS O 9 11.83 50.34 6.29
N LEU O 10 11.72 49.56 5.23
CA LEU O 10 11.82 50.15 3.89
C LEU O 10 10.64 51.08 3.57
N GLY O 11 9.58 51.04 4.35
CA GLY O 11 8.44 51.91 4.14
C GLY O 11 8.52 53.20 4.94
N THR O 12 9.64 53.45 5.60
CA THR O 12 9.86 54.65 6.37
C THR O 12 10.92 55.51 5.68
N ALA O 13 11.19 56.66 6.30
CA ALA O 13 12.29 57.51 5.86
C ALA O 13 13.57 56.71 5.72
N TYR O 14 13.70 55.63 6.49
CA TYR O 14 14.84 54.74 6.35
C TYR O 14 15.02 54.30 4.89
N GLY O 15 13.93 54.12 4.19
CA GLY O 15 14.05 53.73 2.80
C GLY O 15 14.32 54.83 1.81
N GLU O 16 14.41 56.11 2.23
CA GLU O 16 14.69 57.22 1.32
C GLU O 16 15.89 58.09 1.70
N LYS O 17 16.31 58.13 2.97
CA LYS O 17 17.47 58.92 3.38
C LYS O 17 18.44 58.04 4.16
N ILE O 18 19.62 58.60 4.49
CA ILE O 18 20.53 57.91 5.41
C ILE O 18 19.96 58.02 6.82
N ASP O 19 19.57 56.90 7.41
CA ASP O 19 19.03 56.86 8.77
C ASP O 19 20.22 56.85 9.75
N LEU O 20 20.40 57.93 10.50
CA LEU O 20 21.58 58.01 11.37
C LEU O 20 21.59 56.94 12.45
N ASN O 21 20.47 56.25 12.66
CA ASN O 21 20.36 55.28 13.74
C ASN O 21 20.49 53.82 13.28
N ASN O 22 20.38 53.56 11.94
CA ASN O 22 20.26 52.21 11.40
C ASN O 22 21.16 51.94 10.20
N THR O 23 21.35 52.91 9.30
CA THR O 23 21.92 52.64 7.99
C THR O 23 23.38 52.18 8.06
N ASN O 24 23.72 51.18 7.27
CA ASN O 24 25.10 50.74 7.22
C ASN O 24 26.01 51.91 6.84
N ILE O 25 27.30 51.82 7.22
CA ILE O 25 28.19 52.99 7.16
C ILE O 25 28.59 53.32 5.73
N ALA O 26 28.52 52.36 4.83
CA ALA O 26 28.84 52.61 3.44
C ALA O 26 27.87 53.58 2.77
N ALA O 27 26.70 53.82 3.36
CA ALA O 27 25.80 54.80 2.76
C ALA O 27 26.42 56.20 2.79
N PHE O 28 27.36 56.47 3.72
CA PHE O 28 27.87 57.82 3.87
C PHE O 28 28.85 58.22 2.77
N ILE O 29 29.14 57.30 1.85
CA ILE O 29 29.92 57.61 0.66
C ILE O 29 29.11 58.37 -0.40
N GLN O 30 27.76 58.37 -0.33
CA GLN O 30 26.98 58.98 -1.41
C GLN O 30 27.00 60.51 -1.41
N TYR O 31 27.50 61.11 -0.34
CA TYR O 31 27.58 62.55 -0.19
C TYR O 31 29.00 62.87 0.25
N ARG O 32 29.51 64.00 -0.21
CA ARG O 32 30.93 64.31 -0.06
C ARG O 32 31.25 64.78 1.35
N GLY O 33 32.49 64.46 1.76
CA GLY O 33 33.05 64.91 3.02
C GLY O 33 32.75 64.03 4.21
N LEU O 34 31.93 62.99 4.02
CA LEU O 34 31.38 62.26 5.14
C LEU O 34 32.07 60.95 5.44
N TYR O 35 32.81 60.41 4.48
CA TYR O 35 33.47 59.12 4.71
C TYR O 35 34.99 59.23 4.59
N PRO O 36 35.76 58.56 5.47
CA PRO O 36 35.32 57.73 6.59
C PRO O 36 35.09 58.50 7.87
N THR O 37 35.65 59.71 7.96
CA THR O 37 35.86 60.31 9.25
C THR O 37 34.53 60.59 9.97
N LEU O 38 33.70 61.46 9.40
CA LEU O 38 32.45 61.81 10.06
C LEU O 38 31.52 60.62 10.19
N ALA O 39 31.50 59.74 9.18
CA ALA O 39 30.69 58.53 9.25
C ALA O 39 31.10 57.66 10.44
N LYS O 40 32.41 57.47 10.62
CA LYS O 40 32.91 56.77 11.80
C LYS O 40 32.27 57.36 13.05
N LEU O 41 32.35 58.69 13.20
CA LEU O 41 31.82 59.35 14.39
C LEU O 41 30.31 59.25 14.47
N ILE O 42 29.61 59.48 13.35
CA ILE O 42 28.15 59.45 13.42
C ILE O 42 27.70 58.09 13.94
N VAL O 43 28.34 57.02 13.47
CA VAL O 43 27.86 55.69 13.82
C VAL O 43 28.12 55.40 15.28
N LYS O 44 29.35 55.66 15.73
CA LYS O 44 29.71 55.37 17.11
C LYS O 44 28.88 56.15 18.11
N ASN O 45 28.36 57.30 17.72
CA ASN O 45 27.58 58.12 18.64
C ASN O 45 26.08 57.96 18.45
N ALA O 46 25.64 57.06 17.58
CA ALA O 46 24.23 56.79 17.51
C ALA O 46 23.82 56.09 18.80
N PRO O 47 22.54 56.14 19.17
CA PRO O 47 21.43 56.74 18.43
C PRO O 47 21.12 58.22 18.74
N TYR O 48 20.39 58.82 17.81
CA TYR O 48 20.02 60.24 17.80
C TYR O 48 18.51 60.37 17.90
N GLU O 49 18.07 61.39 18.64
CA GLU O 49 16.64 61.65 18.79
C GLU O 49 16.11 62.48 17.64
N SER O 50 16.94 63.35 17.09
CA SER O 50 16.58 64.20 15.98
C SER O 50 17.76 64.23 15.03
N VAL O 51 17.50 64.56 13.76
CA VAL O 51 18.61 64.68 12.83
C VAL O 51 19.60 65.71 13.35
N GLU O 52 19.12 66.73 14.06
CA GLU O 52 19.96 67.85 14.46
C GLU O 52 20.89 67.51 15.61
N ASP O 53 20.76 66.35 16.24
CA ASP O 53 21.65 66.01 17.34
C ASP O 53 23.06 65.68 16.87
N VAL O 54 23.28 65.39 15.58
CA VAL O 54 24.63 65.06 15.14
C VAL O 54 25.61 66.18 15.45
N LEU O 55 25.13 67.41 15.50
CA LEU O 55 26.05 68.54 15.64
C LEU O 55 26.56 68.70 17.06
N ASN O 56 25.92 68.05 18.04
CA ASN O 56 26.38 68.03 19.42
C ASN O 56 27.34 66.89 19.68
N ILE O 57 27.99 66.37 18.63
CA ILE O 57 29.01 65.34 18.79
C ILE O 57 30.30 65.97 19.32
N PRO O 58 30.77 65.62 20.51
CA PRO O 58 31.98 66.26 21.03
C PRO O 58 33.13 66.07 20.07
N GLY O 59 34.00 67.08 20.02
CA GLY O 59 35.20 67.01 19.20
C GLY O 59 35.05 67.49 17.78
N LEU O 60 33.84 67.84 17.34
CA LEU O 60 33.64 68.33 15.98
C LEU O 60 34.39 69.64 15.77
N THR O 61 35.23 69.67 14.74
CA THR O 61 35.76 70.93 14.24
C THR O 61 34.63 71.77 13.61
N GLU O 62 34.93 73.04 13.33
CA GLU O 62 33.94 73.88 12.67
C GLU O 62 33.77 73.51 11.22
N ARG O 63 34.82 72.99 10.59
CA ARG O 63 34.66 72.51 9.21
C ARG O 63 33.75 71.30 9.20
N GLN O 64 33.85 70.45 10.22
CA GLN O 64 33.02 69.26 10.25
C GLN O 64 31.55 69.62 10.50
N LYS O 65 31.29 70.62 11.35
CA LYS O 65 29.91 71.08 11.53
C LYS O 65 29.35 71.65 10.24
N GLN O 66 30.16 72.34 9.46
CA GLN O 66 29.69 72.85 8.18
C GLN O 66 29.21 71.72 7.27
N ILE O 67 30.02 70.66 7.15
CA ILE O 67 29.67 69.56 6.26
C ILE O 67 28.35 68.94 6.67
N LEU O 68 28.14 68.73 7.98
CA LEU O 68 26.92 68.10 8.45
C LEU O 68 25.70 68.98 8.15
N ARG O 69 25.76 70.27 8.52
CA ARG O 69 24.72 71.19 8.11
C ARG O 69 24.45 71.12 6.62
N GLU O 70 25.51 71.10 5.82
CA GLU O 70 25.35 70.98 4.38
C GLU O 70 24.53 69.76 3.98
N ASN O 71 24.46 68.75 4.86
CA ASN O 71 23.87 67.45 4.52
C ASN O 71 22.73 67.02 5.44
N LEU O 72 22.28 67.88 6.37
CA LEU O 72 21.23 67.48 7.30
C LEU O 72 19.97 67.01 6.60
N GLU O 73 19.71 67.53 5.40
CA GLU O 73 18.52 67.18 4.65
C GLU O 73 18.61 65.78 4.05
N HIS O 74 19.81 65.22 3.97
CA HIS O 74 19.96 63.86 3.49
C HIS O 74 19.88 62.81 4.60
N PHE O 75 19.76 63.23 5.86
CA PHE O 75 19.66 62.33 7.00
C PHE O 75 18.22 62.21 7.49
N THR O 76 17.99 61.16 8.28
CA THR O 76 16.80 61.02 9.08
C THR O 76 17.18 60.24 10.34
N VAL O 77 16.20 60.10 11.24
CA VAL O 77 16.27 59.18 12.35
C VAL O 77 14.94 58.45 12.44
N THR O 78 14.99 57.12 12.57
CA THR O 78 13.85 56.32 12.99
C THR O 78 14.28 55.47 14.19
N GLU O 79 13.33 54.72 14.75
CA GLU O 79 13.67 53.87 15.88
C GLU O 79 14.82 52.94 15.51
N VAL O 80 15.64 52.60 16.50
CA VAL O 80 16.66 51.59 16.23
C VAL O 80 15.95 50.27 15.94
N GLU O 81 16.27 49.68 14.81
CA GLU O 81 15.88 48.30 14.53
C GLU O 81 17.00 47.35 14.95
N THR O 82 16.77 46.57 16.00
CA THR O 82 17.75 45.60 16.50
C THR O 82 18.40 44.79 15.37
N ALA O 83 17.59 44.32 14.42
CA ALA O 83 18.05 43.47 13.34
C ALA O 83 19.09 44.15 12.47
N LEU O 84 19.07 45.48 12.43
CA LEU O 84 20.01 46.21 11.60
C LEU O 84 21.27 46.67 12.33
N VAL O 85 21.29 46.64 13.68
CA VAL O 85 22.43 47.14 14.44
C VAL O 85 23.19 46.01 15.14
N GLU O 86 22.57 44.88 15.38
CA GLU O 86 23.26 43.74 15.94
C GLU O 86 24.29 43.19 14.95
N GLY O 87 25.25 42.43 15.48
CA GLY O 87 26.23 41.76 14.63
C GLY O 87 27.26 42.68 14.05
N GLY O 88 27.35 43.89 14.57
CA GLY O 88 28.18 44.91 13.99
C GLY O 88 27.82 45.19 12.56
N ASP O 89 26.54 44.98 12.20
CA ASP O 89 26.10 45.08 10.81
C ASP O 89 26.09 46.52 10.28
N ARG O 90 26.13 47.52 11.14
CA ARG O 90 26.34 48.87 10.61
C ARG O 90 27.75 49.14 10.14
N TYR O 91 28.71 48.34 10.55
CA TYR O 91 30.06 48.46 10.00
C TYR O 91 30.28 47.55 8.80
N ASN O 92 29.70 46.36 8.81
CA ASN O 92 29.83 45.42 7.69
C ASN O 92 28.55 44.60 7.69
N ASN O 93 27.70 44.82 6.69
CA ASN O 93 26.41 44.13 6.61
C ASN O 93 26.43 42.98 5.62
N GLY O 94 27.61 42.52 5.23
CA GLY O 94 27.74 41.38 4.36
C GLY O 94 27.64 41.70 2.90
N LEU O 95 27.42 42.95 2.55
CA LEU O 95 27.30 43.39 1.17
C LEU O 95 28.60 44.02 0.76
N TYR O 96 29.15 43.54 -0.35
CA TYR O 96 30.30 44.17 -0.97
C TYR O 96 29.90 44.70 -2.36
N LYS O 97 30.44 44.15 -3.42
CA LYS O 97 29.90 44.44 -4.75
C LYS O 97 29.06 43.24 -5.21
N ALA P 1 31.11 50.83 -33.72
CA ALA P 1 31.64 51.76 -32.66
C ALA P 1 33.17 51.78 -32.65
N GLU P 2 33.78 52.91 -32.28
CA GLU P 2 35.24 52.93 -32.21
C GLU P 2 35.74 53.95 -31.19
N LEU P 3 37.05 53.97 -31.02
CA LEU P 3 37.70 54.78 -30.00
C LEU P 3 37.85 56.21 -30.53
N THR P 4 36.71 56.90 -30.63
CA THR P 4 36.69 58.22 -31.24
C THR P 4 37.28 59.29 -30.31
N PRO P 5 37.66 60.43 -30.85
CA PRO P 5 38.17 61.50 -29.98
C PRO P 5 37.19 61.97 -28.94
N GLU P 6 35.88 61.94 -29.21
CA GLU P 6 34.93 62.37 -28.20
C GLU P 6 34.98 61.46 -26.97
N VAL P 7 35.14 60.15 -27.16
CA VAL P 7 35.24 59.31 -25.98
C VAL P 7 36.59 59.52 -25.32
N LEU P 8 37.63 59.83 -26.09
CA LEU P 8 38.98 60.01 -25.53
C LEU P 8 39.16 61.37 -24.89
N THR P 9 38.06 62.10 -24.74
CA THR P 9 38.08 63.48 -24.27
C THR P 9 37.58 63.48 -22.84
N VAL P 10 38.44 63.87 -21.92
CA VAL P 10 38.12 63.77 -20.50
C VAL P 10 38.46 65.10 -19.84
N PRO P 11 37.81 65.41 -18.71
CA PRO P 11 38.15 66.64 -17.98
C PRO P 11 39.61 66.66 -17.54
N LEU P 12 40.24 67.81 -17.68
CA LEU P 12 41.60 68.03 -17.17
C LEU P 12 41.61 68.48 -15.73
N ASN P 13 40.65 69.31 -15.34
CA ASN P 13 40.64 69.86 -13.99
C ASN P 13 39.20 70.12 -13.58
N SER P 14 39.02 70.64 -12.36
CA SER P 14 37.69 71.05 -11.94
C SER P 14 37.24 72.32 -12.67
N GLU P 15 38.18 73.19 -13.07
CA GLU P 15 37.80 74.40 -13.80
C GLU P 15 36.83 74.06 -14.93
N GLY P 16 37.03 72.91 -15.59
CA GLY P 16 36.25 72.51 -16.73
C GLY P 16 37.03 72.42 -18.03
N LYS P 17 38.31 72.75 -18.03
CA LYS P 17 39.18 72.50 -19.17
C LYS P 17 39.15 71.01 -19.49
N THR P 18 39.47 70.67 -20.73
CA THR P 18 39.42 69.29 -21.13
C THR P 18 40.60 68.95 -22.00
N ILE P 19 40.83 67.66 -22.09
CA ILE P 19 41.98 67.12 -22.79
C ILE P 19 41.51 65.92 -23.58
N THR P 20 42.03 65.78 -24.81
CA THR P 20 41.74 64.66 -25.69
C THR P 20 42.97 63.78 -25.75
N LEU P 21 42.83 62.56 -25.24
CA LEU P 21 43.88 61.58 -25.35
C LEU P 21 43.99 61.05 -26.77
N THR P 22 45.15 60.53 -27.08
CA THR P 22 45.29 59.69 -28.26
C THR P 22 44.92 58.24 -27.91
N GLU P 23 44.67 57.46 -28.96
CA GLU P 23 44.58 56.01 -28.80
C GLU P 23 45.80 55.48 -28.07
N LYS P 24 46.96 56.03 -28.41
CA LYS P 24 48.21 55.61 -27.82
C LYS P 24 48.21 55.81 -26.33
N GLN P 25 47.84 57.00 -25.89
CA GLN P 25 47.80 57.26 -24.46
C GLN P 25 46.84 56.30 -23.78
N TYR P 26 45.67 56.09 -24.39
CA TYR P 26 44.66 55.22 -23.82
C TYR P 26 45.20 53.82 -23.58
N LEU P 27 45.79 53.21 -24.62
CA LEU P 27 46.31 51.86 -24.50
C LEU P 27 47.55 51.82 -23.60
N GLU P 28 48.37 52.87 -23.65
CA GLU P 28 49.43 53.08 -22.68
C GLU P 28 48.87 53.03 -21.26
N GLY P 29 47.84 53.82 -20.99
CA GLY P 29 47.24 53.84 -19.67
C GLY P 29 46.63 52.50 -19.27
N LYS P 30 45.97 51.83 -20.21
CA LYS P 30 45.41 50.52 -19.88
C LYS P 30 46.52 49.56 -19.45
N ARG P 31 47.59 49.50 -20.24
CA ARG P 31 48.73 48.64 -19.92
C ARG P 31 49.30 48.99 -18.55
N LEU P 32 49.46 50.28 -18.26
CA LEU P 32 50.12 50.64 -17.02
C LEU P 32 49.19 50.36 -15.83
N PHE P 33 47.89 50.51 -16.05
CA PHE P 33 46.90 50.17 -15.03
C PHE P 33 46.92 48.68 -14.69
N GLN P 34 47.10 47.81 -15.70
CA GLN P 34 47.28 46.39 -15.42
C GLN P 34 48.59 46.13 -14.68
N TYR P 35 49.64 46.87 -15.01
CA TYR P 35 50.94 46.62 -14.35
C TYR P 35 50.89 46.97 -12.86
N ALA P 36 50.30 48.12 -12.52
CA ALA P 36 50.48 48.77 -11.23
C ALA P 36 49.24 48.80 -10.35
N CYS P 37 48.05 48.55 -10.91
CA CYS P 37 46.78 48.85 -10.21
C CYS P 37 45.72 47.75 -10.28
N ALA P 38 45.76 46.88 -11.28
CA ALA P 38 44.65 45.96 -11.47
C ALA P 38 44.61 44.84 -10.44
N SER P 39 45.76 44.49 -9.84
CA SER P 39 45.76 43.49 -8.77
C SER P 39 44.72 43.81 -7.71
N CYS P 40 44.39 45.10 -7.50
CA CYS P 40 43.34 45.48 -6.59
C CYS P 40 42.14 46.14 -7.27
N HIS P 41 42.32 46.74 -8.45
CA HIS P 41 41.24 47.50 -9.05
C HIS P 41 40.77 46.91 -10.37
N VAL P 42 41.01 45.64 -10.63
CA VAL P 42 40.45 45.01 -11.84
C VAL P 42 38.99 45.44 -12.07
N GLY P 43 38.69 45.92 -13.29
CA GLY P 43 37.32 46.31 -13.62
C GLY P 43 36.77 47.53 -12.92
N GLY P 44 37.61 48.33 -12.26
CA GLY P 44 37.14 49.50 -11.58
C GLY P 44 36.59 49.30 -10.18
N ILE P 45 36.71 48.10 -9.62
CA ILE P 45 36.33 47.91 -8.22
C ILE P 45 37.60 48.05 -7.41
N THR P 46 37.52 47.80 -6.09
CA THR P 46 38.68 47.79 -5.18
C THR P 46 38.53 46.54 -4.30
N LYS P 47 39.30 45.51 -4.61
CA LYS P 47 39.14 44.23 -3.95
C LYS P 47 39.35 44.29 -2.44
N THR P 48 40.25 45.18 -1.94
CA THR P 48 40.52 45.28 -0.51
C THR P 48 39.69 46.34 0.19
N ASN P 49 38.85 47.07 -0.51
CA ASN P 49 37.83 47.92 0.12
C ASN P 49 36.71 48.11 -0.90
N PRO P 50 35.81 47.14 -0.99
CA PRO P 50 34.81 47.20 -2.07
C PRO P 50 33.90 48.40 -1.98
N SER P 51 33.87 49.12 -0.85
CA SER P 51 32.98 50.27 -0.71
C SER P 51 33.46 51.47 -1.51
N LEU P 52 34.67 51.47 -2.04
CA LEU P 52 35.19 52.60 -2.80
C LEU P 52 35.60 52.08 -4.17
N ASP P 53 35.04 52.66 -5.22
CA ASP P 53 35.34 52.19 -6.57
C ASP P 53 35.93 53.32 -7.43
N LEU P 54 36.19 52.98 -8.68
CA LEU P 54 36.73 53.94 -9.64
C LEU P 54 35.69 54.50 -10.60
N ARG P 55 34.40 54.33 -10.35
CA ARG P 55 33.37 54.98 -11.16
C ARG P 55 33.53 56.49 -11.14
N THR P 56 33.14 57.12 -12.23
CA THR P 56 33.33 58.56 -12.34
C THR P 56 32.51 59.30 -11.30
N GLU P 57 31.32 58.80 -11.01
CA GLU P 57 30.47 59.50 -10.04
C GLU P 57 31.05 59.38 -8.64
N THR P 58 31.67 58.23 -8.31
CA THR P 58 32.32 58.13 -7.01
C THR P 58 33.48 59.11 -6.91
N LEU P 59 34.39 59.07 -7.88
CA LEU P 59 35.51 60.01 -7.90
C LEU P 59 35.03 61.45 -7.78
N ALA P 60 33.95 61.79 -8.50
CA ALA P 60 33.42 63.15 -8.44
C ALA P 60 33.09 63.58 -7.02
N LEU P 61 32.50 62.68 -6.21
CA LEU P 61 32.10 63.01 -4.83
C LEU P 61 33.25 62.86 -3.82
N ALA P 62 34.44 62.56 -4.30
CA ALA P 62 35.60 62.46 -3.42
C ALA P 62 36.13 63.85 -3.10
N THR P 63 36.72 63.98 -1.92
CA THR P 63 37.33 65.22 -1.48
C THR P 63 38.84 65.05 -1.50
N PRO P 64 39.57 65.82 -2.29
CA PRO P 64 39.16 66.73 -3.36
C PRO P 64 38.60 65.98 -4.59
N PRO P 65 37.84 66.64 -5.44
CA PRO P 65 37.27 65.94 -6.60
C PRO P 65 38.36 65.19 -7.36
N ARG P 66 38.08 63.93 -7.69
CA ARG P 66 39.06 63.13 -8.42
C ARG P 66 38.53 62.71 -9.80
N ASP P 67 37.43 63.29 -10.25
CA ASP P 67 36.93 62.98 -11.59
C ASP P 67 37.62 63.76 -12.69
N ASN P 68 38.94 63.91 -12.62
CA ASN P 68 39.67 64.70 -13.61
C ASN P 68 41.14 64.33 -13.56
N ILE P 69 41.85 64.64 -14.64
CA ILE P 69 43.26 64.28 -14.75
C ILE P 69 44.05 64.83 -13.58
N GLU P 70 43.81 66.11 -13.22
CA GLU P 70 44.61 66.72 -12.17
C GLU P 70 44.40 66.00 -10.85
N GLY P 71 43.14 65.80 -10.45
CA GLY P 71 42.84 65.13 -9.22
C GLY P 71 43.46 63.76 -9.16
N LEU P 72 43.38 63.00 -10.27
CA LEU P 72 43.91 61.65 -10.32
C LEU P 72 45.43 61.61 -10.29
N VAL P 73 46.10 62.48 -11.06
CA VAL P 73 47.55 62.53 -11.00
C VAL P 73 48.00 62.88 -9.59
N ASP P 74 47.37 63.88 -8.96
CA ASP P 74 47.65 64.19 -7.56
C ASP P 74 47.48 62.94 -6.67
N TYR P 75 46.33 62.25 -6.81
CA TYR P 75 46.04 61.09 -5.98
C TYR P 75 47.17 60.08 -6.08
N MET P 76 47.71 59.91 -7.28
CA MET P 76 48.79 58.95 -7.47
C MET P 76 50.10 59.40 -6.85
N LYS P 77 50.19 60.65 -6.43
CA LYS P 77 51.37 61.19 -5.82
C LYS P 77 51.24 61.21 -4.31
N ASN P 78 50.05 61.54 -3.84
CA ASN P 78 49.81 61.83 -2.44
C ASN P 78 48.39 61.40 -2.11
N PRO P 79 48.14 60.10 -2.04
CA PRO P 79 46.75 59.64 -1.88
C PRO P 79 46.19 60.01 -0.52
N THR P 80 44.90 60.39 -0.50
CA THR P 80 44.19 60.73 0.72
C THR P 80 42.97 59.83 0.84
N THR P 81 42.34 59.84 2.03
CA THR P 81 41.05 59.19 2.18
C THR P 81 40.00 59.95 1.36
N TYR P 82 38.79 59.41 1.36
CA TYR P 82 37.74 59.89 0.46
C TYR P 82 37.26 61.27 0.87
N ASP P 83 37.36 61.60 2.15
CA ASP P 83 37.02 62.93 2.65
C ASP P 83 38.23 63.86 2.67
N GLY P 84 39.40 63.38 2.23
CA GLY P 84 40.60 64.19 2.18
C GLY P 84 41.28 64.41 3.51
N GLU P 85 40.79 63.81 4.60
CA GLU P 85 41.22 64.17 5.95
C GLU P 85 42.57 63.56 6.34
N GLN P 86 43.01 62.50 5.68
CA GLN P 86 44.31 61.95 6.02
C GLN P 86 45.01 61.36 4.80
N GLU P 87 46.34 61.39 4.84
CA GLU P 87 47.14 60.88 3.75
C GLU P 87 47.42 59.41 3.98
N ILE P 88 47.26 58.60 2.94
CA ILE P 88 47.29 57.15 3.07
C ILE P 88 48.40 56.57 2.20
N ALA P 89 49.42 57.38 1.93
CA ALA P 89 50.60 56.90 1.21
C ALA P 89 51.21 55.63 1.81
N GLU P 90 51.10 55.46 3.13
CA GLU P 90 51.75 54.33 3.78
C GLU P 90 51.11 53.00 3.38
N VAL P 91 49.86 53.01 2.91
CA VAL P 91 49.15 51.79 2.60
C VAL P 91 48.56 51.79 1.20
N HIS P 92 48.72 52.87 0.43
CA HIS P 92 48.31 52.90 -0.96
C HIS P 92 49.49 53.25 -1.87
N PRO P 93 49.77 52.43 -2.90
CA PRO P 93 50.76 52.83 -3.91
C PRO P 93 50.67 54.29 -4.32
N SER P 94 51.84 54.91 -4.41
CA SER P 94 51.95 56.32 -4.74
C SER P 94 53.44 56.59 -4.99
N LEU P 95 53.71 57.60 -5.81
CA LEU P 95 55.09 58.07 -5.98
C LEU P 95 55.69 58.50 -4.66
N ARG P 96 54.89 59.12 -3.79
CA ARG P 96 55.33 59.44 -2.44
C ARG P 96 55.78 58.21 -1.66
N SER P 97 55.31 57.01 -2.04
CA SER P 97 55.68 55.79 -1.33
C SER P 97 56.28 54.78 -2.27
N ALA P 98 57.02 55.21 -3.28
CA ALA P 98 57.58 54.21 -4.18
C ALA P 98 58.67 53.39 -3.51
N ASP P 99 59.17 53.82 -2.34
CA ASP P 99 60.14 53.00 -1.61
C ASP P 99 59.51 51.71 -1.12
N ILE P 100 58.30 51.79 -0.55
CA ILE P 100 57.61 50.58 -0.14
C ILE P 100 56.75 49.97 -1.24
N PHE P 101 56.36 50.76 -2.24
CA PHE P 101 55.62 50.20 -3.35
C PHE P 101 56.48 50.26 -4.60
N PRO P 102 57.35 49.29 -4.81
CA PRO P 102 58.39 49.44 -5.84
C PRO P 102 57.85 49.66 -7.24
N LYS P 103 56.62 49.19 -7.53
CA LYS P 103 56.17 49.27 -8.91
C LYS P 103 56.01 50.70 -9.39
N MET P 104 55.81 51.64 -8.47
CA MET P 104 55.69 53.05 -8.78
C MET P 104 57.04 53.71 -9.10
N ARG P 105 58.14 53.01 -8.87
CA ARG P 105 59.46 53.65 -9.01
C ARG P 105 59.65 54.21 -10.41
N ASN P 106 59.34 53.41 -11.44
CA ASN P 106 59.65 53.81 -12.81
C ASN P 106 58.48 54.48 -13.55
N LEU P 107 57.42 54.86 -12.85
CA LEU P 107 56.32 55.58 -13.47
C LEU P 107 56.71 57.05 -13.62
N THR P 108 56.62 57.57 -14.85
CA THR P 108 56.90 58.97 -15.13
C THR P 108 55.63 59.80 -15.14
N GLU P 109 55.83 61.10 -15.24
CA GLU P 109 54.73 62.02 -15.15
C GLU P 109 53.74 61.77 -16.28
N LYS P 110 54.21 61.54 -17.50
CA LYS P 110 53.24 61.21 -18.54
C LYS P 110 52.57 59.86 -18.31
N ASP P 111 53.30 58.87 -17.78
CA ASP P 111 52.66 57.62 -17.38
C ASP P 111 51.45 57.88 -16.49
N LEU P 112 51.58 58.80 -15.54
CA LEU P 112 50.48 59.05 -14.62
C LEU P 112 49.27 59.56 -15.36
N VAL P 113 49.51 60.38 -16.38
CA VAL P 113 48.42 60.97 -17.13
C VAL P 113 47.70 59.89 -17.92
N ALA P 114 48.46 59.00 -18.58
CA ALA P 114 47.89 57.89 -19.34
C ALA P 114 47.06 56.99 -18.44
N ILE P 115 47.53 56.75 -17.19
CA ILE P 115 46.78 55.95 -16.24
C ILE P 115 45.51 56.67 -15.82
N ALA P 116 45.65 57.93 -15.44
CA ALA P 116 44.44 58.67 -15.09
C ALA P 116 43.50 58.76 -16.29
N GLY P 117 44.03 58.85 -17.51
CA GLY P 117 43.15 58.94 -18.64
C GLY P 117 42.35 57.66 -18.81
N HIS P 118 43.05 56.52 -18.72
CA HIS P 118 42.36 55.23 -18.83
C HIS P 118 41.21 55.15 -17.86
N ILE P 119 41.46 55.57 -16.61
CA ILE P 119 40.42 55.45 -15.59
C ILE P 119 39.19 56.26 -15.97
N LEU P 120 39.37 57.43 -16.60
CA LEU P 120 38.23 58.27 -16.94
C LEU P 120 37.56 57.86 -18.25
N VAL P 121 38.31 57.26 -19.18
CA VAL P 121 37.76 56.78 -20.45
C VAL P 121 36.94 55.49 -20.26
N GLU P 122 37.42 54.57 -19.45
CA GLU P 122 36.84 53.23 -19.44
C GLU P 122 35.37 53.21 -19.05
N PRO P 123 34.90 53.99 -18.10
CA PRO P 123 33.44 54.04 -17.84
C PRO P 123 32.64 54.49 -19.04
N LYS P 124 33.21 55.34 -19.88
CA LYS P 124 32.48 55.81 -21.07
C LYS P 124 32.28 54.68 -22.05
N ILE P 125 33.18 53.70 -22.06
CA ILE P 125 33.08 52.56 -22.96
C ILE P 125 32.25 51.43 -22.35
N LEU P 126 32.57 51.02 -21.13
CA LEU P 126 32.01 49.82 -20.54
C LEU P 126 30.74 50.09 -19.75
N GLY P 127 30.48 51.33 -19.37
CA GLY P 127 29.28 51.62 -18.65
C GLY P 127 29.34 51.08 -17.23
N ASP P 128 28.22 50.53 -16.80
CA ASP P 128 28.07 50.08 -15.42
C ASP P 128 28.96 48.89 -15.09
N LYS P 129 29.51 48.20 -16.09
CA LYS P 129 30.49 47.16 -15.79
C LYS P 129 31.65 47.76 -15.00
N TRP P 130 32.21 48.86 -15.53
CA TRP P 130 33.29 49.57 -14.83
C TRP P 130 32.87 49.94 -13.41
N GLY P 131 33.50 49.29 -12.43
CA GLY P 131 33.16 49.53 -11.05
C GLY P 131 31.91 48.82 -10.53
N GLY P 132 31.26 47.96 -11.32
CA GLY P 132 30.01 47.34 -10.92
C GLY P 132 30.13 45.95 -10.33
N GLY P 133 31.23 45.26 -10.64
CA GLY P 133 31.51 43.97 -10.07
C GLY P 133 30.90 42.83 -10.85
N LYS P 134 30.90 41.67 -10.20
CA LYS P 134 30.51 40.42 -10.84
C LYS P 134 29.08 40.41 -11.37
N VAL P 135 28.19 41.26 -10.85
CA VAL P 135 26.82 41.28 -11.35
C VAL P 135 26.83 41.57 -12.84
N TYR P 136 27.77 42.39 -13.29
CA TYR P 136 27.83 42.87 -14.66
C TYR P 136 28.87 42.17 -15.48
N TYR P 137 29.51 41.12 -14.95
CA TYR P 137 30.51 40.39 -15.72
C TYR P 137 29.88 39.76 -16.95
N ALA Q 4 64.53 40.07 -33.31
CA ALA Q 4 65.37 39.40 -34.30
C ALA Q 4 65.54 37.90 -33.97
N GLN Q 5 64.43 37.14 -34.01
CA GLN Q 5 64.46 35.74 -33.59
C GLN Q 5 64.35 34.78 -34.79
N LEU Q 6 65.28 34.93 -35.73
CA LEU Q 6 65.62 33.92 -36.74
C LEU Q 6 67.13 34.00 -37.05
N THR Q 7 67.73 35.17 -36.77
CA THR Q 7 69.17 35.38 -36.88
C THR Q 7 70.00 34.40 -36.04
N MET Q 8 69.36 33.63 -35.15
CA MET Q 8 70.09 32.64 -34.33
C MET Q 8 69.27 31.39 -34.03
N ILE Q 9 67.92 31.47 -34.03
CA ILE Q 9 67.12 30.28 -33.76
C ILE Q 9 67.25 29.30 -34.92
N ALA Q 10 66.65 29.61 -36.07
CA ALA Q 10 66.50 28.68 -37.19
C ALA Q 10 67.67 27.69 -37.26
N MET Q 11 68.87 28.20 -37.00
CA MET Q 11 70.06 27.35 -37.03
C MET Q 11 69.99 26.22 -36.02
N ILE Q 12 69.38 26.50 -34.85
CA ILE Q 12 69.31 25.49 -33.79
C ILE Q 12 68.37 24.36 -34.20
N GLY Q 13 67.18 24.71 -34.69
CA GLY Q 13 66.23 23.69 -35.09
C GLY Q 13 66.70 22.85 -36.25
N ILE Q 14 67.56 23.40 -37.10
CA ILE Q 14 68.10 22.65 -38.23
C ILE Q 14 69.26 21.77 -37.81
N ALA Q 15 69.97 22.15 -36.75
CA ALA Q 15 71.12 21.37 -36.32
C ALA Q 15 70.76 19.89 -36.19
N GLY Q 16 69.68 19.61 -35.49
CA GLY Q 16 69.26 18.25 -35.26
C GLY Q 16 69.10 17.44 -36.53
N PRO Q 17 68.15 17.83 -37.40
CA PRO Q 17 67.94 17.03 -38.61
C PRO Q 17 69.13 17.08 -39.56
N MET Q 18 69.94 18.15 -39.54
CA MET Q 18 71.10 18.14 -40.41
C MET Q 18 72.09 17.05 -40.01
N ILE Q 19 72.22 16.75 -38.71
CA ILE Q 19 73.08 15.64 -38.29
C ILE Q 19 72.63 14.33 -38.92
N ILE Q 20 71.31 14.11 -39.00
CA ILE Q 20 70.77 12.87 -39.56
C ILE Q 20 70.93 12.85 -41.09
N PHE Q 21 70.74 14.00 -41.74
CA PHE Q 21 70.92 14.08 -43.18
C PHE Q 21 72.38 13.87 -43.60
N LEU Q 22 73.32 14.06 -42.68
CA LEU Q 22 74.74 13.87 -42.97
C LEU Q 22 75.21 12.45 -42.65
N LEU Q 23 74.61 11.80 -41.66
CA LEU Q 23 74.99 10.43 -41.34
C LEU Q 23 74.37 9.45 -42.33
N ALA Q 24 73.08 9.61 -42.61
CA ALA Q 24 72.57 9.11 -43.87
C ALA Q 24 73.07 10.03 -44.97
N VAL Q 25 73.32 9.44 -46.15
CA VAL Q 25 74.00 10.09 -47.27
C VAL Q 25 75.51 9.89 -47.12
N ARG Q 26 75.96 9.44 -45.94
CA ARG Q 26 77.34 9.01 -45.73
C ARG Q 26 77.37 7.70 -44.95
N ARG Q 27 76.29 6.91 -45.06
CA ARG Q 27 75.99 5.76 -44.20
C ARG Q 27 76.86 5.61 -42.95
N GLY Q 28 76.37 6.11 -41.81
CA GLY Q 28 76.99 5.90 -40.52
C GLY Q 28 76.10 5.04 -39.61
N ASN Q 29 76.68 4.65 -38.48
CA ASN Q 29 75.98 3.80 -37.51
C ASN Q 29 74.82 4.61 -36.91
N LEU Q 30 73.74 4.70 -37.68
CA LEU Q 30 72.48 5.27 -37.20
C LEU Q 30 71.70 4.20 -36.45
N THR R 1 -3.37 32.86 -54.03
CA THR R 1 -2.95 32.40 -55.36
C THR R 1 -1.56 31.74 -55.31
N ILE R 2 -0.61 32.27 -56.08
CA ILE R 2 0.76 31.75 -56.14
C ILE R 2 1.65 32.69 -55.35
N THR R 3 1.84 32.38 -54.06
CA THR R 3 2.51 33.24 -53.11
C THR R 3 4.04 33.10 -53.25
N PRO R 4 4.78 34.04 -52.70
CA PRO R 4 6.26 33.88 -52.75
C PRO R 4 6.75 32.56 -52.17
N SER R 5 6.26 32.14 -51.01
CA SER R 5 6.74 30.87 -50.46
C SER R 5 6.39 29.69 -51.36
N LEU R 6 5.27 29.78 -52.09
CA LEU R 6 4.99 28.71 -53.05
C LEU R 6 6.02 28.72 -54.15
N LYS R 7 6.44 29.91 -54.61
CA LYS R 7 7.55 29.99 -55.58
C LYS R 7 8.83 29.40 -54.98
N GLY R 8 9.12 29.74 -53.71
CA GLY R 8 10.31 29.17 -53.06
C GLY R 8 10.26 27.65 -53.02
N PHE R 9 9.09 27.11 -52.70
CA PHE R 9 8.90 25.67 -52.71
C PHE R 9 9.31 25.05 -54.05
N PHE R 10 8.74 25.56 -55.15
CA PHE R 10 9.07 25.04 -56.48
C PHE R 10 10.54 25.24 -56.79
N ILE R 11 11.10 26.37 -56.36
CA ILE R 11 12.54 26.56 -56.48
C ILE R 11 13.28 25.40 -55.81
N GLY R 12 12.94 25.12 -54.55
CA GLY R 12 13.61 24.04 -53.83
C GLY R 12 13.38 22.69 -54.47
N LEU R 13 12.14 22.45 -54.94
CA LEU R 13 11.81 21.18 -55.56
C LEU R 13 12.62 20.93 -56.83
N LEU R 14 12.78 21.97 -57.66
CA LEU R 14 13.58 21.79 -58.86
C LEU R 14 15.07 21.69 -58.54
N SER R 15 15.53 22.41 -57.53
CA SER R 15 16.95 22.33 -57.20
C SER R 15 17.31 20.94 -56.69
N GLY R 16 16.49 20.38 -55.81
CA GLY R 16 16.69 19.02 -55.41
C GLY R 16 16.68 18.07 -56.58
N ALA R 17 15.66 18.20 -57.43
CA ALA R 17 15.54 17.36 -58.62
C ALA R 17 16.77 17.45 -59.50
N VAL R 18 17.22 18.67 -59.79
CA VAL R 18 18.47 18.85 -60.54
C VAL R 18 19.60 18.09 -59.89
N VAL R 19 19.76 18.28 -58.57
CA VAL R 19 20.89 17.71 -57.86
C VAL R 19 20.84 16.18 -57.93
N LEU R 20 19.67 15.61 -57.64
CA LEU R 20 19.57 14.15 -57.62
C LEU R 20 19.73 13.57 -59.02
N GLY R 21 19.09 14.20 -60.02
CA GLY R 21 19.22 13.70 -61.38
C GLY R 21 20.65 13.81 -61.90
N LEU R 22 21.23 14.99 -61.78
CA LEU R 22 22.65 15.12 -62.10
C LEU R 22 23.47 14.05 -61.40
N THR R 23 23.26 13.88 -60.10
CA THR R 23 24.03 12.87 -59.39
C THR R 23 23.89 11.51 -60.06
N PHE R 24 22.65 11.13 -60.42
CA PHE R 24 22.43 9.80 -60.97
C PHE R 24 22.84 9.72 -62.43
N ALA R 25 22.75 10.83 -63.16
CA ALA R 25 23.30 10.84 -64.52
C ALA R 25 24.78 10.48 -64.51
N VAL R 26 25.53 11.03 -63.55
CA VAL R 26 26.96 10.77 -63.50
C VAL R 26 27.23 9.32 -63.16
N LEU R 27 26.51 8.78 -62.17
CA LEU R 27 26.76 7.42 -61.73
C LEU R 27 26.38 6.40 -62.79
N ILE R 28 25.26 6.64 -63.49
CA ILE R 28 24.90 5.72 -64.58
C ILE R 28 26.01 5.70 -65.62
N ALA R 29 26.50 6.88 -66.00
CA ALA R 29 27.59 6.99 -66.97
C ALA R 29 28.85 6.25 -66.50
N ILE R 30 29.38 6.60 -65.32
CA ILE R 30 30.61 5.95 -64.87
C ILE R 30 30.44 4.43 -64.85
N SER R 31 29.29 3.96 -64.37
CA SER R 31 29.10 2.53 -64.19
C SER R 31 29.01 1.84 -65.53
N GLN R 32 28.75 2.57 -66.60
CA GLN R 32 28.76 1.94 -67.91
C GLN R 32 30.16 1.86 -68.48
N ILE R 33 31.02 2.82 -68.19
CA ILE R 33 32.37 2.79 -68.74
C ILE R 33 33.21 1.74 -68.03
N ASP R 34 33.14 1.69 -66.70
CA ASP R 34 34.10 0.92 -65.92
C ASP R 34 33.33 -0.20 -65.25
N LYS R 35 33.14 -1.29 -65.98
CA LYS R 35 32.35 -2.42 -65.53
C LYS R 35 33.25 -3.52 -64.99
N VAL R 36 32.66 -4.34 -64.13
CA VAL R 36 33.30 -5.57 -63.70
C VAL R 36 33.25 -6.60 -64.83
N GLN R 37 34.28 -7.47 -64.89
CA GLN R 37 34.45 -8.35 -66.06
C GLN R 37 33.47 -9.53 -66.06
N ARG R 38 33.71 -10.52 -65.21
CA ARG R 38 32.91 -11.74 -65.17
C ARG R 38 33.14 -12.61 -66.41
N MET S 1 90.02 46.17 -23.93
CA MET S 1 89.92 44.70 -24.12
C MET S 1 88.47 44.26 -24.41
N THR S 2 87.59 45.23 -24.69
CA THR S 2 86.24 44.93 -25.18
C THR S 2 86.29 44.32 -26.57
N ILE S 3 87.17 44.85 -27.43
CA ILE S 3 87.45 44.19 -28.69
C ILE S 3 87.65 42.69 -28.47
N LEU S 4 88.49 42.33 -27.49
CA LEU S 4 88.91 40.94 -27.34
C LEU S 4 87.84 40.06 -26.68
N PHE S 5 87.16 40.57 -25.65
CA PHE S 5 86.02 39.82 -25.10
C PHE S 5 84.96 39.57 -26.16
N GLN S 6 84.45 40.64 -26.80
CA GLN S 6 83.41 40.51 -27.81
C GLN S 6 83.95 39.83 -29.07
N LEU S 7 84.80 38.81 -28.91
CA LEU S 7 85.34 38.10 -30.05
C LEU S 7 85.63 36.65 -29.68
N ALA S 8 86.17 36.44 -28.48
CA ALA S 8 86.19 35.10 -27.91
C ALA S 8 84.77 34.59 -27.74
N LEU S 9 83.83 35.48 -27.46
CA LEU S 9 82.44 35.09 -27.28
C LEU S 9 81.77 34.82 -28.61
N ALA S 10 82.11 35.61 -29.63
CA ALA S 10 81.77 35.23 -30.99
C ALA S 10 82.34 33.86 -31.32
N ALA S 11 83.64 33.68 -31.06
CA ALA S 11 84.32 32.45 -31.44
C ALA S 11 83.77 31.25 -30.69
N LEU S 12 83.46 31.43 -29.40
CA LEU S 12 82.93 30.32 -28.62
C LEU S 12 81.66 29.79 -29.26
N VAL S 13 80.72 30.69 -29.59
CA VAL S 13 79.45 30.27 -30.16
C VAL S 13 79.68 29.56 -31.49
N ILE S 14 80.52 30.13 -32.35
CA ILE S 14 80.89 29.48 -33.60
C ILE S 14 81.50 28.12 -33.32
N LEU S 15 82.55 28.10 -32.52
CA LEU S 15 83.13 26.82 -32.14
C LEU S 15 82.04 25.84 -31.72
N SER S 16 81.14 26.29 -30.84
CA SER S 16 80.13 25.40 -30.27
C SER S 16 79.22 24.83 -31.35
N PHE S 17 78.66 25.69 -32.21
CA PHE S 17 77.86 25.21 -33.32
C PHE S 17 78.59 24.17 -34.14
N VAL S 18 79.85 24.44 -34.45
CA VAL S 18 80.63 23.54 -35.31
C VAL S 18 80.82 22.16 -34.68
N MET S 19 80.91 22.08 -33.35
CA MET S 19 81.11 20.77 -32.74
C MET S 19 79.81 20.07 -32.38
N VAL S 20 78.73 20.80 -32.15
CA VAL S 20 77.43 20.15 -32.00
C VAL S 20 77.13 19.30 -33.23
N ILE S 21 77.37 19.87 -34.42
CA ILE S 21 77.19 19.10 -35.66
C ILE S 21 78.32 18.11 -35.83
N GLY S 22 79.56 18.57 -35.69
CA GLY S 22 80.70 17.78 -36.08
C GLY S 22 80.87 16.50 -35.29
N VAL S 23 80.99 16.63 -33.97
CA VAL S 23 81.32 15.48 -33.11
C VAL S 23 80.38 14.29 -33.35
N PRO S 24 79.06 14.44 -33.33
CA PRO S 24 78.21 13.27 -33.62
C PRO S 24 78.47 12.68 -35.00
N VAL S 25 78.66 13.52 -36.01
CA VAL S 25 78.95 12.98 -37.34
C VAL S 25 80.29 12.27 -37.33
N ALA S 26 81.26 12.76 -36.55
CA ALA S 26 82.59 12.15 -36.51
C ALA S 26 82.58 10.84 -35.72
N TYR S 27 81.85 10.81 -34.59
CA TYR S 27 81.76 9.61 -33.78
C TYR S 27 81.01 8.48 -34.50
N ALA S 28 80.14 8.82 -35.45
CA ALA S 28 79.33 7.82 -36.13
C ALA S 28 79.87 7.43 -37.50
N SER S 29 80.70 8.27 -38.13
CA SER S 29 81.42 7.88 -39.34
C SER S 29 82.72 7.17 -38.98
N PRO S 30 82.78 5.83 -39.04
CA PRO S 30 84.07 5.15 -38.82
C PRO S 30 85.10 5.47 -39.90
N GLN S 31 84.69 6.07 -41.02
CA GLN S 31 85.60 6.48 -42.09
C GLN S 31 86.82 7.16 -41.51
N ASP S 32 86.60 8.33 -40.90
CA ASP S 32 87.66 9.06 -40.21
C ASP S 32 87.15 9.27 -38.79
N TRP S 33 87.40 8.27 -37.96
CA TRP S 33 87.59 8.47 -36.55
C TRP S 33 89.08 8.66 -36.23
N ASP S 34 89.92 8.77 -37.27
CA ASP S 34 91.37 8.96 -37.11
C ASP S 34 91.78 10.42 -37.30
N ARG S 35 91.63 10.96 -38.51
CA ARG S 35 91.76 12.41 -38.68
C ARG S 35 90.81 13.13 -37.73
N SER S 36 89.56 12.67 -37.70
CA SER S 36 88.58 13.23 -36.77
C SER S 36 89.13 13.28 -35.34
N LYS S 37 89.76 12.20 -34.87
CA LYS S 37 90.25 12.21 -33.49
C LYS S 37 91.20 13.37 -33.25
N GLN S 38 92.21 13.52 -34.12
CA GLN S 38 93.06 14.71 -34.04
C GLN S 38 92.20 15.98 -33.98
N LEU S 39 91.15 16.04 -34.80
CA LEU S 39 90.37 17.25 -34.93
C LEU S 39 89.68 17.64 -33.63
N ILE S 40 88.87 16.73 -33.07
CA ILE S 40 87.97 17.14 -32.00
C ILE S 40 88.69 17.24 -30.67
N PHE S 41 89.86 16.62 -30.54
CA PHE S 41 90.68 16.78 -29.34
C PHE S 41 91.16 18.23 -29.21
N LEU S 42 91.64 18.79 -30.31
CA LEU S 42 92.09 20.18 -30.31
C LEU S 42 90.91 21.14 -30.22
N GLY S 43 89.80 20.81 -30.89
CA GLY S 43 88.60 21.62 -30.75
C GLY S 43 88.06 21.63 -29.34
N SER S 44 88.16 20.50 -28.64
CA SER S 44 87.72 20.44 -27.26
C SER S 44 88.62 21.27 -26.36
N GLY S 45 89.94 21.21 -26.60
CA GLY S 45 90.84 22.08 -25.87
C GLY S 45 90.59 23.54 -26.20
N LEU S 46 90.38 23.84 -27.47
CA LEU S 46 90.08 25.22 -27.87
C LEU S 46 88.79 25.72 -27.22
N TRP S 47 87.76 24.88 -27.20
CA TRP S 47 86.51 25.28 -26.57
C TRP S 47 86.72 25.56 -25.09
N ILE S 48 87.41 24.66 -24.39
CA ILE S 48 87.74 24.92 -23.00
C ILE S 48 88.39 26.29 -22.86
N ALA S 49 89.48 26.51 -23.58
CA ALA S 49 90.24 27.74 -23.45
C ALA S 49 89.39 28.96 -23.77
N LEU S 50 88.51 28.86 -24.75
CA LEU S 50 87.64 29.98 -25.11
C LEU S 50 86.68 30.32 -23.98
N VAL S 51 86.03 29.30 -23.41
CA VAL S 51 85.20 29.53 -22.23
C VAL S 51 86.00 30.26 -21.17
N LEU S 52 87.20 29.76 -20.88
CA LEU S 52 88.03 30.34 -19.83
C LEU S 52 88.42 31.78 -20.11
N VAL S 53 88.48 32.17 -21.39
CA VAL S 53 88.85 33.53 -21.75
C VAL S 53 87.69 34.48 -21.54
N VAL S 54 86.52 34.15 -22.09
CA VAL S 54 85.32 34.83 -21.66
C VAL S 54 85.17 34.55 -20.17
N GLY S 55 84.54 35.43 -19.46
CA GLY S 55 84.47 35.14 -18.02
C GLY S 55 85.69 35.62 -17.26
N VAL S 56 86.88 35.26 -17.70
CA VAL S 56 88.06 36.05 -17.33
C VAL S 56 87.88 37.49 -17.83
N LEU S 57 87.72 37.64 -19.14
CA LEU S 57 87.49 38.96 -19.71
C LEU S 57 86.16 39.56 -19.30
N ASN S 58 85.21 38.71 -18.88
CA ASN S 58 83.93 39.22 -18.42
C ASN S 58 84.08 40.33 -17.40
N PHE S 59 85.11 40.24 -16.55
CA PHE S 59 85.19 41.19 -15.46
C PHE S 59 85.68 42.55 -15.93
N PHE S 60 86.34 42.61 -17.08
CA PHE S 60 86.80 43.89 -17.62
C PHE S 60 85.74 44.62 -18.41
N VAL S 61 84.61 43.98 -18.74
CA VAL S 61 83.54 44.62 -19.47
C VAL S 61 82.31 44.90 -18.61
N VAL S 62 82.07 44.10 -17.56
CA VAL S 62 80.86 44.20 -16.73
C VAL S 62 79.64 44.35 -17.65
N ASP T 1 32.86 41.25 -56.88
CA ASP T 1 33.79 42.37 -57.05
C ASP T 1 35.22 41.88 -57.34
N TRP T 2 36.16 42.82 -57.31
CA TRP T 2 37.55 42.51 -57.64
C TRP T 2 38.20 41.55 -56.65
N ARG T 3 37.72 41.53 -55.40
CA ARG T 3 38.34 40.68 -54.38
C ARG T 3 38.20 39.20 -54.74
N VAL T 4 37.15 38.86 -55.49
CA VAL T 4 36.88 37.47 -55.83
C VAL T 4 37.88 36.96 -56.83
N LEU T 5 38.25 37.78 -57.81
CA LEU T 5 39.30 37.37 -58.74
C LEU T 5 40.63 37.33 -58.02
N VAL T 6 40.90 38.31 -57.15
CA VAL T 6 42.06 38.21 -56.26
C VAL T 6 42.09 36.83 -55.60
N VAL T 7 41.00 36.49 -54.90
CA VAL T 7 40.95 35.24 -54.15
C VAL T 7 41.14 34.05 -55.08
N LEU T 8 40.52 34.08 -56.27
CA LEU T 8 40.44 32.91 -57.10
C LEU T 8 41.65 32.70 -58.00
N LEU T 9 42.47 33.71 -58.20
CA LEU T 9 43.60 33.56 -59.11
C LEU T 9 44.58 32.49 -58.67
N PRO T 10 45.01 32.43 -57.40
CA PRO T 10 45.88 31.31 -57.02
C PRO T 10 45.25 29.95 -57.30
N VAL T 11 43.95 29.78 -57.02
CA VAL T 11 43.37 28.46 -57.20
C VAL T 11 43.35 28.10 -58.69
N LEU T 12 43.00 29.06 -59.57
CA LEU T 12 43.06 28.83 -61.01
C LEU T 12 44.47 28.49 -61.48
N LEU T 13 45.47 29.27 -61.06
CA LEU T 13 46.85 28.96 -61.43
C LEU T 13 47.22 27.58 -60.94
N ALA T 14 46.79 27.23 -59.72
CA ALA T 14 47.16 25.95 -59.13
C ALA T 14 46.63 24.80 -59.97
N ALA T 15 45.33 24.85 -60.29
CA ALA T 15 44.74 23.86 -61.20
C ALA T 15 45.39 23.90 -62.58
N GLY T 16 45.62 25.11 -63.11
CA GLY T 16 46.33 25.22 -64.37
C GLY T 16 47.66 24.49 -64.34
N TRP T 17 48.47 24.77 -63.32
CA TRP T 17 49.78 24.15 -63.17
C TRP T 17 49.67 22.63 -63.07
N ALA T 18 48.72 22.14 -62.28
CA ALA T 18 48.57 20.70 -62.11
C ALA T 18 47.99 20.06 -63.36
N VAL T 19 47.13 20.76 -64.07
CA VAL T 19 46.62 20.22 -65.33
C VAL T 19 47.76 20.00 -66.31
N ARG T 20 48.66 20.99 -66.39
CA ARG T 20 49.77 20.90 -67.32
C ARG T 20 50.74 19.78 -66.93
N ASN T 21 51.03 19.62 -65.64
CA ASN T 21 52.01 18.62 -65.22
C ASN T 21 51.49 17.19 -65.32
N ILE T 22 50.18 16.98 -65.34
CA ILE T 22 49.62 15.64 -65.25
C ILE T 22 48.91 15.22 -66.53
N LEU T 23 48.52 16.17 -67.39
CA LEU T 23 47.78 15.86 -68.63
C LEU T 23 48.31 14.64 -69.39
N PRO T 24 49.60 14.53 -69.73
CA PRO T 24 50.07 13.33 -70.43
C PRO T 24 49.69 12.01 -69.76
N TYR T 25 49.88 11.92 -68.44
CA TYR T 25 49.60 10.65 -67.75
C TYR T 25 48.09 10.41 -67.61
N ALA T 26 47.30 11.48 -67.59
CA ALA T 26 45.86 11.33 -67.45
C ALA T 26 45.22 10.75 -68.70
N VAL T 27 45.81 10.97 -69.88
CA VAL T 27 45.22 10.40 -71.08
C VAL T 27 45.55 8.91 -71.22
N LYS T 28 46.70 8.48 -70.70
CA LYS T 28 47.02 7.05 -70.69
C LYS T 28 46.00 6.25 -69.87
N GLN T 29 45.45 6.85 -68.80
CA GLN T 29 44.44 6.16 -67.99
C GLN T 29 43.10 6.13 -68.72
N VAL T 30 42.75 7.23 -69.37
CA VAL T 30 41.46 7.34 -70.04
C VAL T 30 41.38 6.40 -71.24
N GLN T 31 42.49 6.26 -71.98
CA GLN T 31 42.54 5.31 -73.10
C GLN T 31 42.29 3.88 -72.61
N LYS T 32 42.88 3.52 -71.46
CA LYS T 32 42.77 2.16 -70.95
C LYS T 32 41.33 1.80 -70.55
N LEU T 33 40.43 2.77 -70.40
CA LEU T 33 39.05 2.48 -70.04
C LEU T 33 38.20 1.98 -71.23
N LEU T 34 38.86 1.38 -72.24
CA LEU T 34 38.19 0.86 -73.45
C LEU T 34 37.72 2.02 -74.33
N ALA U 1 -31.32 -37.10 -40.45
CA ALA U 1 -32.74 -36.75 -40.29
C ALA U 1 -32.95 -35.24 -40.51
N ASN U 2 -34.06 -34.69 -39.99
CA ASN U 2 -34.39 -33.30 -40.23
C ASN U 2 -33.90 -32.40 -39.09
N LEU U 3 -34.15 -31.10 -39.26
CA LEU U 3 -33.51 -30.10 -38.42
C LEU U 3 -33.86 -30.32 -36.96
N TRP U 4 -35.15 -30.45 -36.68
CA TRP U 4 -35.57 -30.55 -35.28
C TRP U 4 -34.99 -31.79 -34.60
N GLU U 5 -34.78 -32.88 -35.34
CA GLU U 5 -34.20 -34.06 -34.72
C GLU U 5 -32.71 -33.88 -34.45
N ARG U 6 -31.99 -33.17 -35.34
CA ARG U 6 -30.60 -32.81 -35.07
C ARG U 6 -30.50 -31.99 -33.78
N PHE U 7 -31.31 -30.94 -33.67
CA PHE U 7 -31.33 -30.11 -32.48
C PHE U 7 -31.60 -30.96 -31.25
N CYS U 8 -32.65 -31.79 -31.29
CA CYS U 8 -32.98 -32.62 -30.14
C CYS U 8 -31.81 -33.49 -29.73
N ASN U 9 -31.11 -34.05 -30.72
CA ASN U 9 -30.02 -34.97 -30.45
C ASN U 9 -28.83 -34.24 -29.85
N TRP U 10 -28.62 -32.99 -30.26
CA TRP U 10 -27.59 -32.20 -29.65
C TRP U 10 -27.95 -31.82 -28.22
N VAL U 11 -29.19 -31.38 -28.01
CA VAL U 11 -29.63 -30.95 -26.69
C VAL U 11 -29.40 -32.06 -25.68
N THR U 12 -29.80 -33.29 -26.02
CA THR U 12 -29.71 -34.46 -25.14
C THR U 12 -28.41 -35.24 -25.31
N SER U 13 -27.45 -34.72 -26.07
CA SER U 13 -26.18 -35.41 -26.24
C SER U 13 -25.49 -35.64 -24.91
N THR U 14 -25.09 -36.88 -24.68
CA THR U 14 -24.17 -37.26 -23.62
C THR U 14 -22.71 -37.04 -23.99
N ASP U 15 -22.44 -36.43 -25.14
CA ASP U 15 -21.08 -36.13 -25.58
C ASP U 15 -20.69 -34.68 -25.36
N ASN U 16 -21.63 -33.84 -24.92
CA ASN U 16 -21.31 -32.44 -24.63
C ASN U 16 -20.58 -32.35 -23.30
N ARG U 17 -19.53 -31.52 -23.26
CA ARG U 17 -18.68 -31.40 -22.07
C ARG U 17 -19.50 -31.06 -20.83
N LEU U 18 -20.46 -30.16 -21.01
CA LEU U 18 -21.52 -29.92 -20.04
C LEU U 18 -22.84 -30.41 -20.63
N TYR U 19 -23.60 -31.17 -19.85
CA TYR U 19 -24.85 -31.67 -20.39
C TYR U 19 -25.83 -30.51 -20.52
N VAL U 20 -26.54 -30.43 -21.64
CA VAL U 20 -27.57 -29.39 -21.78
C VAL U 20 -28.91 -29.98 -21.31
N GLY U 21 -29.60 -30.69 -22.19
CA GLY U 21 -30.87 -31.31 -21.87
C GLY U 21 -32.01 -30.32 -21.90
N TRP U 22 -33.24 -30.84 -21.81
CA TRP U 22 -34.41 -29.97 -21.94
C TRP U 22 -34.52 -29.08 -20.70
N PHE U 23 -34.29 -29.64 -19.52
CA PHE U 23 -34.24 -28.77 -18.35
C PHE U 23 -33.14 -27.74 -18.51
N GLY U 24 -32.07 -28.09 -19.22
CA GLY U 24 -30.98 -27.14 -19.36
C GLY U 24 -31.34 -25.97 -20.22
N VAL U 25 -32.34 -26.15 -21.11
CA VAL U 25 -32.72 -25.11 -22.05
C VAL U 25 -33.34 -23.94 -21.31
N ILE U 26 -34.06 -24.21 -20.21
CA ILE U 26 -34.56 -23.18 -19.31
C ILE U 26 -33.46 -22.77 -18.30
N MET U 27 -32.72 -23.74 -17.78
CA MET U 27 -31.75 -23.45 -16.70
C MET U 27 -30.71 -22.44 -17.13
N ILE U 28 -30.19 -22.58 -18.34
CA ILE U 28 -29.05 -21.77 -18.75
C ILE U 28 -29.40 -20.30 -18.85
N PRO U 29 -30.45 -19.91 -19.55
CA PRO U 29 -30.75 -18.47 -19.63
C PRO U 29 -31.19 -17.88 -18.30
N THR U 30 -31.92 -18.64 -17.47
CA THR U 30 -32.39 -18.06 -16.21
C THR U 30 -31.24 -17.87 -15.22
N LEU U 31 -30.34 -18.85 -15.13
CA LEU U 31 -29.14 -18.70 -14.33
C LEU U 31 -28.22 -17.59 -14.86
N LEU U 32 -28.11 -17.43 -16.18
CA LEU U 32 -27.26 -16.35 -16.67
C LEU U 32 -27.84 -14.98 -16.33
N ALA U 33 -29.14 -14.81 -16.50
CA ALA U 33 -29.74 -13.52 -16.17
C ALA U 33 -29.60 -13.23 -14.68
N ALA U 34 -29.82 -14.25 -13.84
CA ALA U 34 -29.70 -14.03 -12.40
C ALA U 34 -28.27 -13.64 -12.02
N THR U 35 -27.29 -14.35 -12.57
CA THR U 35 -25.90 -14.13 -12.22
C THR U 35 -25.45 -12.76 -12.67
N ILE U 36 -25.78 -12.40 -13.91
CA ILE U 36 -25.33 -11.13 -14.45
C ILE U 36 -25.96 -9.98 -13.66
N CYS U 37 -27.27 -10.03 -13.44
CA CYS U 37 -27.91 -8.98 -12.66
C CYS U 37 -27.33 -8.91 -11.24
N PHE U 38 -27.15 -10.05 -10.59
CA PHE U 38 -26.60 -10.08 -9.24
C PHE U 38 -25.21 -9.46 -9.16
N VAL U 39 -24.32 -9.80 -10.09
CA VAL U 39 -22.96 -9.28 -10.04
C VAL U 39 -22.96 -7.77 -10.23
N ILE U 40 -23.81 -7.26 -11.12
CA ILE U 40 -23.82 -5.83 -11.37
C ILE U 40 -24.47 -5.04 -10.22
N ALA U 41 -25.52 -5.59 -9.63
CA ALA U 41 -26.15 -4.89 -8.53
C ALA U 41 -25.26 -4.91 -7.28
N PHE U 42 -24.60 -6.04 -7.02
CA PHE U 42 -23.72 -6.12 -5.85
C PHE U 42 -22.60 -5.08 -5.92
N ILE U 43 -22.11 -4.77 -7.11
CA ILE U 43 -20.98 -3.83 -7.26
C ILE U 43 -21.47 -2.38 -7.30
N ALA U 44 -22.59 -2.13 -8.00
CA ALA U 44 -22.96 -0.77 -8.38
C ALA U 44 -24.38 -0.32 -8.07
N ALA U 45 -25.28 -1.20 -7.65
CA ALA U 45 -26.66 -0.77 -7.41
C ALA U 45 -26.74 0.33 -6.36
N PRO U 46 -27.61 1.32 -6.54
CA PRO U 46 -27.74 2.38 -5.57
C PRO U 46 -28.61 1.92 -4.41
N PRO U 47 -28.72 2.73 -3.35
CA PRO U 47 -29.48 2.30 -2.16
C PRO U 47 -30.94 1.95 -2.46
N VAL U 48 -31.45 0.96 -1.71
CA VAL U 48 -32.77 0.37 -1.87
C VAL U 48 -33.61 0.61 -0.60
N ASP U 49 -34.87 1.06 -0.79
CA ASP U 49 -35.82 1.27 0.30
C ASP U 49 -36.56 -0.03 0.61
N ILE U 50 -35.88 -0.87 1.39
CA ILE U 50 -36.34 -2.22 1.66
C ILE U 50 -37.65 -2.19 2.41
N ASP U 51 -37.74 -1.35 3.44
CA ASP U 51 -38.90 -1.40 4.32
C ASP U 51 -40.02 -0.45 3.88
N GLY U 52 -39.87 0.21 2.72
CA GLY U 52 -40.93 1.07 2.21
C GLY U 52 -41.12 2.35 2.99
N ILE U 53 -40.14 2.72 3.80
CA ILE U 53 -40.33 3.91 4.61
C ILE U 53 -39.42 5.04 4.18
N ARG U 54 -39.03 5.04 2.90
CA ARG U 54 -38.19 6.09 2.36
C ARG U 54 -36.88 6.21 3.15
N GLU U 55 -36.33 5.06 3.52
CA GLU U 55 -35.10 4.95 4.28
C GLU U 55 -34.22 3.94 3.56
N PRO U 56 -33.51 4.36 2.55
CA PRO U 56 -32.81 3.41 1.69
C PRO U 56 -31.58 2.80 2.36
N VAL U 57 -31.41 1.49 2.21
CA VAL U 57 -30.26 0.77 2.70
C VAL U 57 -29.28 0.60 1.56
N SER U 58 -28.02 0.94 1.79
CA SER U 58 -26.99 0.79 0.77
C SER U 58 -26.39 -0.61 0.83
N GLY U 59 -26.42 -1.33 -0.29
CA GLY U 59 -25.93 -2.68 -0.31
C GLY U 59 -24.76 -2.93 -1.24
N SER U 60 -24.40 -2.00 -2.11
CA SER U 60 -23.38 -2.29 -3.10
C SER U 60 -21.97 -1.80 -2.71
N LEU U 61 -20.95 -2.49 -3.21
CA LEU U 61 -19.56 -2.13 -2.92
C LEU U 61 -19.28 -0.66 -3.20
N LEU U 62 -19.77 -0.15 -4.32
CA LEU U 62 -19.42 1.21 -4.72
C LEU U 62 -20.10 2.26 -3.86
N TYR U 63 -21.17 1.90 -3.15
CA TYR U 63 -21.82 2.83 -2.24
C TYR U 63 -21.43 2.60 -0.80
N GLY U 64 -20.23 2.11 -0.59
CA GLY U 64 -19.67 2.08 0.73
C GLY U 64 -19.64 0.75 1.40
N ASN U 65 -19.87 -0.34 0.69
CA ASN U 65 -19.83 -1.65 1.34
C ASN U 65 -18.52 -2.34 1.05
N ASN U 66 -18.26 -3.37 1.84
CA ASN U 66 -17.29 -4.39 1.56
C ASN U 66 -17.99 -5.70 1.28
N ILE U 67 -17.18 -6.75 1.09
CA ILE U 67 -17.70 -8.06 0.74
C ILE U 67 -18.60 -8.57 1.84
N ILE U 68 -18.31 -8.21 3.10
CA ILE U 68 -19.10 -8.79 4.18
C ILE U 68 -20.41 -8.04 4.37
N THR U 69 -20.44 -6.74 4.11
CA THR U 69 -21.60 -5.94 4.44
C THR U 69 -22.53 -5.77 3.26
N GLY U 70 -22.06 -6.02 2.08
CA GLY U 70 -22.80 -5.76 0.87
C GLY U 70 -23.89 -6.77 0.63
N ALA U 71 -24.85 -6.35 -0.17
CA ALA U 71 -25.91 -7.28 -0.52
C ALA U 71 -26.68 -6.71 -1.68
N VAL U 72 -27.43 -7.57 -2.31
CA VAL U 72 -28.58 -7.12 -3.09
C VAL U 72 -29.75 -7.11 -2.14
N VAL U 73 -30.40 -5.97 -2.08
CA VAL U 73 -31.36 -5.65 -1.03
C VAL U 73 -32.77 -6.02 -1.46
N PRO U 74 -33.54 -6.72 -0.63
CA PRO U 74 -34.92 -7.07 -0.96
C PRO U 74 -35.77 -5.87 -1.38
N SER U 75 -36.76 -6.17 -2.20
CA SER U 75 -37.61 -5.11 -2.74
C SER U 75 -38.53 -4.52 -1.67
N SER U 76 -38.98 -3.29 -1.92
CA SER U 76 -39.71 -2.44 -0.99
C SER U 76 -40.95 -3.10 -0.38
N ASN U 77 -41.11 -2.91 0.93
CA ASN U 77 -42.34 -3.31 1.58
C ASN U 77 -43.56 -2.70 0.90
N ALA U 78 -43.41 -1.49 0.35
CA ALA U 78 -44.53 -0.85 -0.32
C ALA U 78 -45.06 -1.71 -1.46
N ILE U 79 -44.18 -2.50 -2.08
CA ILE U 79 -44.54 -3.45 -3.15
C ILE U 79 -45.20 -4.70 -2.62
N GLY U 80 -44.83 -5.17 -1.43
CA GLY U 80 -45.44 -6.39 -0.91
C GLY U 80 -45.08 -7.59 -1.77
N LEU U 81 -46.11 -8.31 -2.21
CA LEU U 81 -45.97 -9.47 -3.11
C LEU U 81 -46.32 -9.15 -4.55
N HIS U 82 -46.51 -7.89 -4.88
CA HIS U 82 -46.76 -7.51 -6.25
C HIS U 82 -45.53 -7.79 -7.09
N PHE U 83 -45.79 -8.13 -8.35
CA PHE U 83 -44.78 -8.44 -9.36
C PHE U 83 -44.24 -7.12 -9.87
N TYR U 84 -42.92 -6.99 -9.91
CA TYR U 84 -42.29 -5.70 -10.21
C TYR U 84 -41.21 -5.90 -11.25
N PRO U 85 -41.59 -6.38 -12.45
CA PRO U 85 -40.64 -6.46 -13.55
C PRO U 85 -40.12 -5.08 -13.84
N ILE U 86 -39.02 -5.03 -14.61
CA ILE U 86 -38.50 -3.74 -15.06
C ILE U 86 -39.58 -2.95 -15.80
N TRP U 87 -40.38 -3.62 -16.64
CA TRP U 87 -41.31 -2.85 -17.49
C TRP U 87 -42.45 -2.23 -16.70
N GLU U 88 -42.57 -2.53 -15.42
CA GLU U 88 -43.60 -1.92 -14.59
C GLU U 88 -43.13 -0.65 -13.91
N ALA U 89 -41.86 -0.31 -14.05
CA ALA U 89 -41.33 0.91 -13.47
C ALA U 89 -41.42 2.01 -14.52
N ALA U 90 -41.57 3.24 -14.06
CA ALA U 90 -41.51 4.34 -15.00
C ALA U 90 -40.09 4.57 -15.53
N SER U 91 -39.09 4.07 -14.82
CA SER U 91 -37.70 4.28 -15.19
C SER U 91 -36.86 3.29 -14.41
N LEU U 92 -35.65 3.04 -14.92
CA LEU U 92 -34.69 2.20 -14.22
C LEU U 92 -34.35 2.81 -12.87
N ASP U 93 -34.25 4.13 -12.80
CA ASP U 93 -34.01 4.83 -11.55
C ASP U 93 -35.07 4.46 -10.49
N GLU U 94 -36.35 4.40 -10.88
CA GLU U 94 -37.40 3.99 -9.95
C GLU U 94 -37.26 2.53 -9.53
N TRP U 95 -37.09 1.66 -10.53
CA TRP U 95 -36.83 0.24 -10.30
C TRP U 95 -35.68 0.03 -9.29
N LEU U 96 -34.57 0.75 -9.44
CA LEU U 96 -33.43 0.52 -8.53
C LEU U 96 -33.77 0.97 -7.12
N TYR U 97 -34.42 2.12 -7.00
CA TYR U 97 -34.84 2.63 -5.69
C TYR U 97 -35.72 1.64 -4.95
N ASN U 98 -36.64 0.99 -5.65
CA ASN U 98 -37.60 0.14 -4.98
C ASN U 98 -37.17 -1.31 -4.91
N GLY U 99 -35.98 -1.64 -5.40
CA GLY U 99 -35.41 -2.96 -5.16
C GLY U 99 -35.72 -3.98 -6.22
N GLY U 100 -36.02 -3.53 -7.45
CA GLY U 100 -36.37 -4.43 -8.52
C GLY U 100 -35.37 -5.53 -8.82
N PRO U 101 -34.07 -5.26 -8.73
CA PRO U 101 -33.11 -6.35 -9.03
C PRO U 101 -33.32 -7.59 -8.20
N TYR U 102 -33.70 -7.42 -6.94
CA TYR U 102 -33.92 -8.56 -6.06
C TYR U 102 -34.95 -9.51 -6.64
N GLN U 103 -36.08 -8.97 -7.10
CA GLN U 103 -37.12 -9.81 -7.68
C GLN U 103 -36.58 -10.52 -8.91
N LEU U 104 -35.89 -9.78 -9.77
CA LEU U 104 -35.40 -10.40 -11.00
C LEU U 104 -34.46 -11.55 -10.69
N ILE U 105 -33.54 -11.34 -9.73
CA ILE U 105 -32.58 -12.35 -9.40
C ILE U 105 -33.24 -13.57 -8.79
N ILE U 106 -34.09 -13.37 -7.79
CA ILE U 106 -34.61 -14.56 -7.09
C ILE U 106 -35.48 -15.41 -8.00
N PHE U 107 -36.29 -14.76 -8.83
CA PHE U 107 -37.20 -15.52 -9.69
C PHE U 107 -36.44 -16.29 -10.74
N HIS U 108 -35.46 -15.66 -11.38
CA HIS U 108 -34.67 -16.40 -12.35
C HIS U 108 -33.86 -17.46 -11.67
N PHE U 109 -33.48 -17.23 -10.42
CA PHE U 109 -32.66 -18.19 -9.73
C PHE U 109 -33.50 -19.38 -9.26
N LEU U 110 -34.65 -19.12 -8.65
CA LEU U 110 -35.47 -20.25 -8.24
C LEU U 110 -35.81 -21.14 -9.45
N LEU U 111 -36.10 -20.52 -10.60
CA LEU U 111 -36.39 -21.29 -11.79
C LEU U 111 -35.19 -22.08 -12.29
N GLY U 112 -34.05 -21.41 -12.49
CA GLY U 112 -32.82 -22.11 -12.87
C GLY U 112 -32.43 -23.25 -11.95
N ALA U 113 -32.48 -23.02 -10.63
CA ALA U 113 -32.09 -24.10 -9.70
C ALA U 113 -33.11 -25.24 -9.71
N SER U 114 -34.39 -24.96 -9.94
CA SER U 114 -35.36 -26.05 -10.08
C SER U 114 -35.04 -26.91 -11.29
N CYS U 115 -34.59 -26.28 -12.37
CA CYS U 115 -34.26 -26.99 -13.60
C CYS U 115 -32.91 -27.67 -13.47
N TYR U 116 -32.02 -27.08 -12.68
CA TYR U 116 -30.81 -27.77 -12.25
C TYR U 116 -31.15 -29.08 -11.57
N MET U 117 -32.23 -29.12 -10.81
CA MET U 117 -32.61 -30.37 -10.17
C MET U 117 -33.08 -31.35 -11.22
N GLY U 118 -33.97 -30.88 -12.09
CA GLY U 118 -34.47 -31.73 -13.16
C GLY U 118 -33.38 -32.21 -14.08
N ARG U 119 -32.38 -31.35 -14.33
CA ARG U 119 -31.24 -31.72 -15.17
C ARG U 119 -30.43 -32.86 -14.56
N GLN U 120 -30.39 -32.93 -13.24
CA GLN U 120 -29.69 -34.05 -12.61
C GLN U 120 -30.42 -35.36 -12.88
N TRP U 121 -31.75 -35.36 -12.73
CA TRP U 121 -32.49 -36.54 -13.14
C TRP U 121 -32.24 -36.84 -14.61
N GLU U 122 -32.31 -35.82 -15.46
CA GLU U 122 -32.27 -36.06 -16.90
C GLU U 122 -30.98 -36.75 -17.31
N LEU U 123 -29.81 -36.24 -16.87
CA LEU U 123 -28.58 -36.92 -17.24
C LEU U 123 -28.50 -38.34 -16.65
N SER U 124 -28.99 -38.53 -15.42
CA SER U 124 -28.91 -39.87 -14.86
C SER U 124 -29.67 -40.86 -15.72
N TYR U 125 -30.80 -40.43 -16.28
CA TYR U 125 -31.53 -41.27 -17.24
C TYR U 125 -30.69 -41.56 -18.47
N ARG U 126 -30.07 -40.53 -19.08
CA ARG U 126 -29.28 -40.74 -20.31
C ARG U 126 -28.05 -41.59 -20.07
N LEU U 127 -27.57 -41.67 -18.84
CA LEU U 127 -26.38 -42.45 -18.54
C LEU U 127 -26.70 -43.86 -18.05
N GLY U 128 -27.95 -44.17 -17.78
CA GLY U 128 -28.31 -45.48 -17.26
C GLY U 128 -28.18 -45.61 -15.76
N MET U 129 -28.28 -44.50 -15.05
CA MET U 129 -28.07 -44.45 -13.61
C MET U 129 -29.40 -44.56 -12.89
N ARG U 130 -29.32 -44.92 -11.62
CA ARG U 130 -30.47 -44.75 -10.77
C ARG U 130 -30.69 -43.26 -10.55
N PRO U 131 -31.91 -42.84 -10.22
CA PRO U 131 -32.34 -41.47 -10.56
C PRO U 131 -32.36 -40.47 -9.42
N TRP U 132 -32.00 -40.87 -8.19
CA TRP U 132 -32.39 -40.17 -6.97
C TRP U 132 -31.32 -39.21 -6.42
N ILE U 133 -30.20 -38.98 -7.11
CA ILE U 133 -29.36 -37.82 -6.76
C ILE U 133 -30.21 -36.56 -6.63
N CYS U 134 -31.11 -36.34 -7.60
CA CYS U 134 -31.90 -35.13 -7.60
C CYS U 134 -32.79 -35.03 -6.37
N VAL U 135 -33.22 -36.17 -5.81
CA VAL U 135 -33.94 -36.13 -4.54
C VAL U 135 -33.08 -35.50 -3.45
N ALA U 136 -31.82 -35.91 -3.38
CA ALA U 136 -30.90 -35.35 -2.39
C ALA U 136 -30.79 -33.86 -2.54
N TYR U 137 -30.69 -33.39 -3.78
CA TYR U 137 -30.55 -31.96 -4.05
C TYR U 137 -31.80 -31.20 -3.66
N SER U 138 -32.96 -31.88 -3.61
CA SER U 138 -34.20 -31.23 -3.22
C SER U 138 -34.15 -30.66 -1.82
N ALA U 139 -33.18 -31.08 -1.00
CA ALA U 139 -33.19 -30.57 0.37
C ALA U 139 -32.65 -29.16 0.33
N PRO U 140 -31.49 -28.92 -0.30
CA PRO U 140 -31.04 -27.52 -0.45
C PRO U 140 -31.97 -26.67 -1.29
N LEU U 141 -32.54 -27.22 -2.37
CA LEU U 141 -33.46 -26.43 -3.19
C LEU U 141 -34.65 -25.96 -2.36
N ALA U 142 -35.23 -26.87 -1.58
CA ALA U 142 -36.39 -26.50 -0.77
C ALA U 142 -36.04 -25.46 0.26
N SER U 143 -34.81 -25.56 0.84
CA SER U 143 -34.30 -24.53 1.73
C SER U 143 -34.30 -23.16 1.07
N ALA U 144 -33.83 -23.10 -0.17
CA ALA U 144 -33.78 -21.83 -0.89
C ALA U 144 -35.18 -21.30 -1.14
N PHE U 145 -36.09 -22.17 -1.57
CA PHE U 145 -37.47 -21.76 -1.81
C PHE U 145 -38.07 -21.15 -0.56
N ALA U 146 -37.69 -21.68 0.60
CA ALA U 146 -38.28 -21.24 1.85
C ALA U 146 -37.88 -19.81 2.17
N VAL U 147 -36.60 -19.49 2.09
CA VAL U 147 -36.20 -18.16 2.54
C VAL U 147 -36.45 -17.12 1.48
N PHE U 148 -36.53 -17.50 0.20
CA PHE U 148 -36.70 -16.51 -0.86
C PHE U 148 -38.14 -16.41 -1.34
N LEU U 149 -38.96 -17.43 -1.15
CA LEU U 149 -40.31 -17.43 -1.72
C LEU U 149 -41.43 -17.71 -0.72
N ILE U 150 -41.35 -18.84 -0.01
CA ILE U 150 -42.46 -19.23 0.87
C ILE U 150 -42.63 -18.22 1.99
N TYR U 151 -41.50 -17.82 2.63
CA TYR U 151 -41.55 -16.99 3.84
C TYR U 151 -42.07 -15.62 3.43
N PRO U 152 -41.64 -15.05 2.29
CA PRO U 152 -42.32 -13.82 1.81
C PRO U 152 -43.80 -13.99 1.56
N ILE U 153 -44.23 -15.14 1.03
CA ILE U 153 -45.67 -15.37 0.82
C ILE U 153 -46.43 -15.28 2.13
N GLY U 154 -46.02 -16.05 3.13
CA GLY U 154 -46.75 -16.08 4.38
C GLY U 154 -46.76 -14.74 5.08
N GLN U 155 -45.71 -13.96 4.88
CA GLN U 155 -45.59 -12.71 5.60
C GLN U 155 -46.05 -11.52 4.78
N GLY U 156 -46.27 -11.72 3.50
CA GLY U 156 -46.92 -10.73 2.64
C GLY U 156 -45.98 -9.79 1.93
N SER U 157 -44.68 -10.08 1.90
CA SER U 157 -43.75 -9.13 1.33
C SER U 157 -42.42 -9.80 1.05
N PHE U 158 -41.91 -9.49 -0.13
CA PHE U 158 -40.57 -9.89 -0.49
C PHE U 158 -39.56 -9.06 0.26
N SER U 159 -40.01 -7.97 0.90
CA SER U 159 -39.17 -7.18 1.80
C SER U 159 -38.68 -8.00 2.99
N ASP U 160 -39.35 -9.11 3.30
CA ASP U 160 -38.96 -10.04 4.32
C ASP U 160 -38.35 -11.33 3.76
N GLY U 161 -38.08 -11.40 2.46
CA GLY U 161 -37.21 -12.45 1.99
C GLY U 161 -35.79 -12.23 2.49
N MET U 162 -34.98 -13.28 2.40
CA MET U 162 -33.60 -13.20 2.80
C MET U 162 -32.82 -12.30 1.85
N PRO U 163 -32.04 -11.34 2.37
CA PRO U 163 -31.20 -10.54 1.47
C PRO U 163 -30.09 -11.37 0.82
N LEU U 164 -29.64 -10.92 -0.36
CA LEU U 164 -28.52 -11.58 -1.03
C LEU U 164 -27.22 -10.93 -0.54
N GLY U 165 -26.82 -11.33 0.65
CA GLY U 165 -25.59 -10.77 1.20
C GLY U 165 -25.22 -11.46 2.49
N ILE U 166 -23.93 -11.37 2.81
CA ILE U 166 -23.40 -12.02 4.00
C ILE U 166 -24.07 -11.43 5.26
N SER U 167 -23.98 -10.12 5.45
CA SER U 167 -24.61 -9.54 6.64
C SER U 167 -26.11 -9.54 6.53
N GLY U 168 -26.64 -9.33 5.32
CA GLY U 168 -28.08 -9.46 5.12
C GLY U 168 -28.62 -10.77 5.63
N THR U 169 -27.86 -11.86 5.45
CA THR U 169 -28.29 -13.16 5.92
C THR U 169 -28.39 -13.17 7.43
N PHE U 170 -27.37 -12.58 8.11
CA PHE U 170 -27.42 -12.51 9.56
C PHE U 170 -28.63 -11.71 10.00
N ASN U 171 -28.85 -10.55 9.38
CA ASN U 171 -30.03 -9.74 9.69
C ASN U 171 -31.27 -10.61 9.69
N PHE U 172 -31.44 -11.41 8.63
CA PHE U 172 -32.62 -12.23 8.45
C PHE U 172 -32.77 -13.26 9.57
N MET U 173 -31.67 -13.89 9.99
CA MET U 173 -31.69 -14.89 11.06
C MET U 173 -32.05 -14.31 12.40
N ILE U 174 -31.53 -13.13 12.71
CA ILE U 174 -31.80 -12.51 13.99
C ILE U 174 -33.26 -12.12 14.09
N VAL U 175 -33.75 -11.41 13.09
CA VAL U 175 -35.15 -11.02 13.07
C VAL U 175 -36.04 -12.26 13.12
N PHE U 176 -35.60 -13.37 12.52
CA PHE U 176 -36.41 -14.57 12.52
C PHE U 176 -36.53 -15.13 13.91
N GLN U 177 -35.44 -15.03 14.69
CA GLN U 177 -35.44 -15.59 16.01
C GLN U 177 -36.39 -14.82 16.90
N ALA U 178 -36.37 -13.50 16.81
CA ALA U 178 -37.29 -12.67 17.58
C ALA U 178 -38.75 -12.85 17.17
N GLU U 179 -39.01 -13.06 15.87
CA GLU U 179 -40.39 -13.13 15.40
C GLU U 179 -40.95 -14.55 15.45
N HIS U 180 -40.11 -15.58 15.56
CA HIS U 180 -40.63 -16.96 15.54
C HIS U 180 -40.00 -17.93 16.51
N ASN U 181 -39.01 -17.53 17.30
CA ASN U 181 -38.28 -18.40 18.22
C ASN U 181 -37.88 -19.71 17.53
N ILE U 182 -37.27 -19.55 16.36
CA ILE U 182 -36.85 -20.71 15.58
C ILE U 182 -35.91 -21.63 16.37
N LEU U 183 -35.09 -21.09 17.28
CA LEU U 183 -34.22 -21.97 18.08
C LEU U 183 -35.04 -22.99 18.88
N MET U 184 -36.18 -22.56 19.43
CA MET U 184 -37.09 -23.48 20.10
C MET U 184 -38.01 -24.25 19.15
N HIS U 185 -37.75 -24.30 17.87
CA HIS U 185 -38.62 -25.08 16.99
C HIS U 185 -38.01 -26.45 16.71
N PRO U 186 -38.78 -27.53 16.83
CA PRO U 186 -38.20 -28.86 16.62
C PRO U 186 -37.63 -29.08 15.24
N PHE U 187 -38.20 -28.44 14.21
CA PHE U 187 -37.73 -28.70 12.85
C PHE U 187 -36.34 -28.12 12.63
N HIS U 188 -36.04 -26.96 13.23
CA HIS U 188 -34.70 -26.41 13.14
C HIS U 188 -33.74 -27.17 14.05
N GLN U 189 -34.22 -27.68 15.18
CA GLN U 189 -33.40 -28.61 15.95
C GLN U 189 -33.10 -29.86 15.14
N LEU U 190 -34.07 -30.32 14.33
CA LEU U 190 -33.82 -31.43 13.41
C LEU U 190 -32.79 -31.03 12.36
N GLY U 191 -32.86 -29.78 11.90
CA GLY U 191 -31.91 -29.32 10.89
C GLY U 191 -30.49 -29.28 11.42
N VAL U 192 -30.32 -28.88 12.69
CA VAL U 192 -28.99 -28.82 13.32
C VAL U 192 -28.46 -30.24 13.55
N ALA U 193 -29.29 -31.14 14.03
CA ALA U 193 -28.86 -32.53 14.03
C ALA U 193 -28.54 -32.99 12.62
N GLY U 194 -29.26 -32.47 11.62
CA GLY U 194 -29.01 -32.88 10.26
C GLY U 194 -27.61 -32.50 9.82
N VAL U 195 -27.23 -31.25 10.04
CA VAL U 195 -25.96 -30.76 9.51
C VAL U 195 -24.80 -31.11 10.44
N PHE U 196 -24.93 -30.97 11.77
CA PHE U 196 -23.89 -31.51 12.64
C PHE U 196 -23.66 -32.98 12.32
N GLY U 197 -24.74 -33.75 12.28
CA GLY U 197 -24.60 -35.16 12.02
C GLY U 197 -24.04 -35.43 10.65
N GLY U 198 -24.38 -34.60 9.67
CA GLY U 198 -23.77 -34.73 8.36
C GLY U 198 -22.25 -34.56 8.45
N ALA U 199 -21.82 -33.49 9.10
CA ALA U 199 -20.39 -33.22 9.27
C ALA U 199 -19.66 -34.36 10.00
N LEU U 200 -20.19 -34.74 11.17
CA LEU U 200 -19.70 -35.88 11.95
C LEU U 200 -19.55 -37.13 11.10
N PHE U 201 -20.64 -37.55 10.45
CA PHE U 201 -20.61 -38.76 9.63
C PHE U 201 -19.73 -38.61 8.42
N CYS U 202 -19.63 -37.37 7.90
CA CYS U 202 -18.70 -37.07 6.83
C CYS U 202 -17.26 -37.36 7.29
N ALA U 203 -16.89 -36.78 8.43
CA ALA U 203 -15.54 -36.98 8.98
C ALA U 203 -15.30 -38.44 9.34
N MET U 204 -16.29 -39.08 9.97
CA MET U 204 -16.22 -40.51 10.30
C MET U 204 -15.90 -41.34 9.08
N HIS U 205 -16.74 -41.25 8.05
CA HIS U 205 -16.55 -42.09 6.87
C HIS U 205 -15.24 -41.79 6.18
N GLY U 206 -14.91 -40.51 6.00
CA GLY U 206 -13.62 -40.17 5.43
C GLY U 206 -12.48 -40.76 6.26
N SER U 207 -12.56 -40.62 7.57
CA SER U 207 -11.48 -41.12 8.41
C SER U 207 -11.40 -42.65 8.39
N LEU U 208 -12.56 -43.33 8.24
CA LEU U 208 -12.56 -44.78 8.38
C LEU U 208 -12.06 -45.43 7.11
N VAL U 209 -12.53 -44.94 5.97
CA VAL U 209 -12.02 -45.39 4.69
C VAL U 209 -10.54 -45.03 4.53
N THR U 210 -10.18 -43.79 4.85
CA THR U 210 -8.77 -43.40 4.84
C THR U 210 -7.92 -44.28 5.76
N SER U 211 -8.48 -44.76 6.87
CA SER U 211 -7.68 -45.55 7.80
C SER U 211 -7.38 -46.95 7.28
N SER U 212 -8.13 -47.41 6.30
CA SER U 212 -8.04 -48.79 5.85
C SER U 212 -7.60 -48.86 4.39
N LEU U 213 -7.08 -47.77 3.87
CA LEU U 213 -6.41 -47.78 2.59
C LEU U 213 -5.39 -48.93 2.56
N ILE U 214 -5.34 -49.63 1.44
CA ILE U 214 -4.43 -50.75 1.26
C ILE U 214 -3.07 -50.21 0.91
N ARG U 215 -2.02 -50.67 1.60
CA ARG U 215 -0.67 -50.24 1.26
C ARG U 215 -0.40 -50.53 -0.20
N GLU U 216 -0.34 -49.47 -1.01
CA GLU U 216 -0.08 -49.56 -2.44
C GLU U 216 1.03 -48.59 -2.88
N THR U 217 1.68 -47.94 -1.93
CA THR U 217 2.60 -46.84 -2.20
C THR U 217 3.74 -46.85 -1.18
N THR U 218 4.79 -46.08 -1.47
CA THR U 218 5.85 -45.81 -0.51
C THR U 218 5.56 -44.57 0.31
N GLU U 219 6.39 -44.33 1.33
CA GLU U 219 6.15 -43.18 2.19
C GLU U 219 6.57 -41.85 1.56
N THR U 220 7.20 -41.86 0.39
CA THR U 220 7.56 -40.62 -0.28
C THR U 220 6.56 -40.18 -1.34
N GLU U 221 5.52 -40.96 -1.58
CA GLU U 221 4.53 -40.56 -2.55
C GLU U 221 3.18 -40.45 -1.85
N SER U 222 2.31 -39.62 -2.42
CA SER U 222 0.96 -39.52 -1.90
C SER U 222 0.33 -40.90 -1.87
N ALA U 223 -0.27 -41.23 -0.73
CA ALA U 223 -1.09 -42.43 -0.67
C ALA U 223 -2.12 -42.43 -1.79
N ASN U 224 -2.58 -41.23 -2.18
CA ASN U 224 -3.63 -41.13 -3.20
C ASN U 224 -3.27 -41.84 -4.50
N TYR U 225 -1.98 -42.02 -4.81
CA TYR U 225 -1.62 -42.69 -6.06
C TYR U 225 -1.78 -44.20 -6.00
N GLY U 226 -2.02 -44.78 -4.82
CA GLY U 226 -2.42 -46.18 -4.74
C GLY U 226 -3.77 -46.50 -5.37
N TYR U 227 -4.52 -45.50 -5.78
CA TYR U 227 -5.80 -45.72 -6.45
C TYR U 227 -5.65 -45.24 -7.89
N LYS U 228 -6.13 -46.04 -8.85
CA LYS U 228 -6.14 -45.69 -10.26
C LYS U 228 -7.58 -45.60 -10.76
N PHE U 229 -7.86 -44.59 -11.57
CA PHE U 229 -9.24 -44.30 -11.93
C PHE U 229 -9.82 -45.41 -12.79
N GLY U 230 -10.99 -45.91 -12.38
CA GLY U 230 -11.67 -47.01 -13.03
C GLY U 230 -11.16 -48.37 -12.63
N GLN U 231 -10.23 -48.45 -11.68
CA GLN U 231 -9.67 -49.75 -11.31
C GLN U 231 -10.78 -50.68 -10.86
N GLU U 232 -10.60 -51.96 -11.18
CA GLU U 232 -11.60 -52.98 -10.87
C GLU U 232 -11.90 -53.02 -9.38
N GLU U 233 -10.86 -53.09 -8.55
CA GLU U 233 -10.97 -53.48 -7.16
C GLU U 233 -11.12 -52.28 -6.24
N GLU U 234 -11.55 -52.55 -5.00
CA GLU U 234 -11.59 -51.54 -3.96
C GLU U 234 -10.19 -51.30 -3.39
N THR U 235 -9.92 -50.04 -3.02
CA THR U 235 -8.65 -49.63 -2.45
C THR U 235 -8.66 -49.56 -0.94
N TYR U 236 -9.73 -50.01 -0.29
CA TYR U 236 -9.69 -50.11 1.15
C TYR U 236 -10.33 -51.41 1.60
N ASN U 237 -9.96 -51.79 2.82
CA ASN U 237 -10.36 -53.04 3.43
C ASN U 237 -11.54 -52.71 4.33
N ILE U 238 -12.74 -52.92 3.80
CA ILE U 238 -13.95 -52.53 4.54
C ILE U 238 -14.12 -53.43 5.76
N VAL U 239 -13.76 -54.71 5.62
CA VAL U 239 -13.75 -55.62 6.77
C VAL U 239 -12.89 -55.04 7.89
N ALA U 240 -11.72 -54.46 7.55
CA ALA U 240 -10.86 -53.89 8.58
C ALA U 240 -11.48 -52.64 9.20
N ALA U 241 -12.14 -51.80 8.40
CA ALA U 241 -12.77 -50.60 8.94
C ALA U 241 -13.91 -50.97 9.89
N HIS U 242 -14.66 -52.01 9.56
CA HIS U 242 -15.69 -52.50 10.46
C HIS U 242 -15.05 -53.09 11.72
N GLY U 243 -14.03 -53.93 11.55
CA GLY U 243 -13.29 -54.45 12.68
C GLY U 243 -12.80 -53.37 13.64
N TYR U 244 -12.24 -52.28 13.10
CA TYR U 244 -11.89 -51.14 13.93
C TYR U 244 -13.11 -50.52 14.57
N PHE U 245 -14.13 -50.17 13.75
CA PHE U 245 -15.21 -49.34 14.24
C PHE U 245 -16.15 -50.15 15.12
N GLY U 246 -16.40 -51.41 14.74
CA GLY U 246 -17.19 -52.30 15.57
C GLY U 246 -16.64 -52.46 16.98
N ARG U 247 -15.31 -52.46 17.12
CA ARG U 247 -14.74 -52.49 18.46
C ARG U 247 -14.77 -51.12 19.13
N LEU U 248 -14.64 -50.03 18.36
CA LEU U 248 -14.66 -48.71 18.96
C LEU U 248 -15.94 -48.52 19.76
N ILE U 249 -17.06 -49.07 19.27
CA ILE U 249 -18.33 -48.95 19.97
C ILE U 249 -18.82 -50.34 20.38
N PHE U 250 -19.53 -51.02 19.48
CA PHE U 250 -19.78 -52.45 19.59
C PHE U 250 -20.21 -52.94 18.20
N GLN U 251 -20.10 -54.26 18.00
CA GLN U 251 -20.02 -54.83 16.66
C GLN U 251 -21.19 -54.45 15.75
N TYR U 252 -22.36 -54.15 16.33
CA TYR U 252 -23.56 -53.94 15.55
C TYR U 252 -23.97 -52.48 15.44
N ALA U 253 -23.32 -51.60 16.18
CA ALA U 253 -23.42 -50.19 15.88
C ALA U 253 -22.65 -49.82 14.65
N SER U 254 -22.07 -50.83 13.99
CA SER U 254 -21.20 -50.62 12.84
C SER U 254 -21.78 -51.27 11.59
N PHE U 255 -21.45 -50.67 10.46
CA PHE U 255 -21.99 -51.08 9.17
C PHE U 255 -20.93 -51.89 8.46
N ASN U 256 -21.28 -53.11 8.07
CA ASN U 256 -20.42 -53.90 7.20
C ASN U 256 -20.92 -53.96 5.76
N ASN U 257 -22.14 -53.47 5.49
CA ASN U 257 -22.68 -53.39 4.15
C ASN U 257 -22.44 -51.99 3.60
N SER U 258 -21.67 -51.90 2.52
CA SER U 258 -21.33 -50.62 1.94
C SER U 258 -22.57 -49.87 1.48
N ARG U 259 -23.51 -50.59 0.85
CA ARG U 259 -24.70 -49.96 0.30
C ARG U 259 -25.54 -49.36 1.40
N SER U 260 -25.75 -50.13 2.48
CA SER U 260 -26.50 -49.60 3.62
C SER U 260 -25.76 -48.43 4.27
N LEU U 261 -24.44 -48.50 4.37
CA LEU U 261 -23.68 -47.40 4.94
C LEU U 261 -23.88 -46.13 4.12
N HIS U 262 -23.69 -46.21 2.78
CA HIS U 262 -23.81 -45.00 1.97
C HIS U 262 -25.27 -44.52 1.90
N PHE U 263 -26.26 -45.40 2.03
CA PHE U 263 -27.63 -44.88 2.04
C PHE U 263 -27.87 -44.07 3.31
N PHE U 264 -27.34 -44.54 4.44
CA PHE U 264 -27.42 -43.74 5.66
C PHE U 264 -26.77 -42.38 5.50
N LEU U 265 -25.58 -42.32 4.86
CA LEU U 265 -24.92 -41.04 4.64
C LEU U 265 -25.80 -40.08 3.83
N ALA U 266 -26.54 -40.62 2.86
CA ALA U 266 -27.40 -39.76 2.06
C ALA U 266 -28.58 -39.26 2.88
N ALA U 267 -29.22 -40.18 3.61
CA ALA U 267 -30.50 -39.90 4.22
C ALA U 267 -30.38 -38.98 5.42
N TRP U 268 -29.32 -39.11 6.23
CA TRP U 268 -29.29 -38.31 7.46
C TRP U 268 -29.36 -36.81 7.20
N PRO U 269 -28.41 -36.20 6.49
CA PRO U 269 -28.50 -34.77 6.20
C PRO U 269 -29.69 -34.40 5.33
N VAL U 270 -30.09 -35.27 4.41
CA VAL U 270 -31.17 -34.86 3.50
C VAL U 270 -32.46 -34.70 4.28
N VAL U 271 -32.77 -35.70 5.09
CA VAL U 271 -33.98 -35.62 5.91
C VAL U 271 -33.90 -34.42 6.82
N GLY U 272 -32.81 -34.28 7.57
CA GLY U 272 -32.70 -33.17 8.50
C GLY U 272 -32.87 -31.82 7.81
N VAL U 273 -32.26 -31.66 6.65
CA VAL U 273 -32.45 -30.38 5.97
C VAL U 273 -33.87 -30.25 5.37
N TRP U 274 -34.51 -31.36 4.94
CA TRP U 274 -35.94 -31.27 4.66
C TRP U 274 -36.68 -30.70 5.85
N PHE U 275 -36.36 -31.20 7.06
CA PHE U 275 -37.13 -30.70 8.21
C PHE U 275 -36.86 -29.22 8.46
N THR U 276 -35.60 -28.76 8.38
CA THR U 276 -35.41 -27.33 8.68
C THR U 276 -36.00 -26.44 7.59
N ALA U 277 -35.97 -26.90 6.33
CA ALA U 277 -36.69 -26.19 5.26
C ALA U 277 -38.20 -26.18 5.52
N LEU U 278 -38.74 -27.25 6.09
CA LEU U 278 -40.15 -27.25 6.43
C LEU U 278 -40.40 -26.36 7.61
N GLY U 279 -39.36 -26.18 8.43
CA GLY U 279 -39.51 -25.31 9.58
C GLY U 279 -39.61 -23.86 9.20
N ILE U 280 -38.78 -23.40 8.26
CA ILE U 280 -38.94 -22.04 7.75
C ILE U 280 -40.28 -21.90 7.04
N SER U 281 -40.62 -22.90 6.25
CA SER U 281 -41.83 -22.90 5.44
C SER U 281 -43.10 -22.89 6.29
N THR U 282 -43.07 -23.35 7.53
CA THR U 282 -44.27 -23.32 8.37
C THR U 282 -44.27 -22.16 9.36
N MET U 283 -43.11 -21.75 9.87
CA MET U 283 -43.04 -20.45 10.55
C MET U 283 -43.41 -19.32 9.62
N ALA U 284 -43.39 -19.58 8.32
CA ALA U 284 -43.92 -18.63 7.34
C ALA U 284 -45.39 -18.37 7.59
N PHE U 285 -46.09 -19.34 8.18
CA PHE U 285 -47.48 -19.23 8.53
C PHE U 285 -47.67 -19.10 10.02
N ASN U 286 -46.64 -18.57 10.68
CA ASN U 286 -46.65 -18.17 12.09
C ASN U 286 -47.04 -19.30 13.04
N LEU U 287 -46.72 -20.55 12.71
CA LEU U 287 -46.71 -21.62 13.70
C LEU U 287 -45.28 -21.68 14.26
N ASN U 288 -45.08 -21.09 15.45
CA ASN U 288 -43.73 -20.72 15.87
C ASN U 288 -43.17 -21.73 16.85
N GLY U 289 -41.94 -21.44 17.34
CA GLY U 289 -41.25 -22.36 18.25
C GLY U 289 -41.96 -22.46 19.59
N PHE U 290 -41.62 -23.47 20.39
CA PHE U 290 -42.30 -23.64 21.65
C PHE U 290 -42.14 -22.38 22.48
N ASN U 291 -43.15 -22.08 23.27
CA ASN U 291 -43.17 -20.89 24.10
C ASN U 291 -43.31 -21.34 25.55
N PHE U 292 -42.31 -21.07 26.36
CA PHE U 292 -42.29 -21.47 27.76
C PHE U 292 -42.06 -20.25 28.64
N ASN U 293 -42.51 -19.09 28.16
CA ASN U 293 -42.35 -17.85 28.90
C ASN U 293 -43.27 -17.87 30.10
N HIS U 294 -42.67 -17.69 31.29
CA HIS U 294 -43.39 -17.76 32.56
C HIS U 294 -44.06 -19.11 32.74
N SER U 295 -43.42 -20.18 32.25
CA SER U 295 -44.03 -21.49 32.34
C SER U 295 -43.87 -22.13 33.72
N VAL U 296 -42.91 -21.69 34.51
CA VAL U 296 -42.74 -22.16 35.88
C VAL U 296 -43.12 -21.03 36.84
N ILE U 297 -44.02 -21.34 37.78
CA ILE U 297 -44.36 -20.41 38.85
C ILE U 297 -44.40 -21.16 40.17
N ASP U 298 -44.16 -20.42 41.27
CA ASP U 298 -44.05 -20.96 42.62
C ASP U 298 -45.42 -21.01 43.31
N ALA U 299 -45.42 -21.45 44.57
CA ALA U 299 -46.71 -21.69 45.22
C ALA U 299 -47.56 -20.43 45.26
N LYS U 300 -46.93 -19.28 45.53
CA LYS U 300 -47.65 -18.00 45.50
C LYS U 300 -48.04 -17.61 44.07
N GLY U 301 -47.21 -17.95 43.08
CA GLY U 301 -47.40 -17.50 41.72
C GLY U 301 -46.39 -16.51 41.20
N ASN U 302 -45.30 -16.27 41.92
CA ASN U 302 -44.18 -15.57 41.32
C ASN U 302 -43.69 -16.34 40.10
N VAL U 303 -43.25 -15.61 39.08
CA VAL U 303 -42.56 -16.26 37.97
C VAL U 303 -41.19 -16.71 38.46
N ILE U 304 -40.86 -17.97 38.20
CA ILE U 304 -39.53 -18.55 38.42
C ILE U 304 -38.94 -18.77 37.03
N ASN U 305 -38.08 -17.84 36.62
CA ASN U 305 -37.45 -17.89 35.31
C ASN U 305 -36.75 -19.21 35.09
N THR U 306 -36.79 -19.66 33.84
CA THR U 306 -35.92 -20.69 33.30
C THR U 306 -35.08 -20.09 32.17
N TRP U 307 -34.29 -20.96 31.56
CA TRP U 307 -33.47 -20.54 30.43
C TRP U 307 -34.33 -20.04 29.26
N ALA U 308 -35.59 -20.51 29.16
CA ALA U 308 -36.48 -20.06 28.08
C ALA U 308 -36.83 -18.59 28.27
N ASP U 309 -36.99 -18.15 29.53
CA ASP U 309 -37.24 -16.74 29.82
C ASP U 309 -36.00 -15.90 29.53
N ILE U 310 -34.79 -16.46 29.64
CA ILE U 310 -33.61 -15.66 29.31
C ILE U 310 -33.53 -15.51 27.80
N ILE U 311 -33.77 -16.60 27.07
CA ILE U 311 -33.87 -16.48 25.61
C ILE U 311 -34.85 -15.37 25.26
N ASN U 312 -36.01 -15.34 25.93
CA ASN U 312 -37.05 -14.38 25.59
C ASN U 312 -36.61 -12.95 25.83
N ARG U 313 -35.78 -12.70 26.85
CA ARG U 313 -35.22 -11.36 27.02
C ARG U 313 -34.39 -10.95 25.84
N ALA U 314 -33.67 -11.91 25.24
CA ALA U 314 -32.87 -11.60 24.05
C ALA U 314 -33.75 -11.29 22.85
N ASN U 315 -34.69 -12.20 22.58
CA ASN U 315 -35.71 -12.03 21.54
C ASN U 315 -36.33 -10.65 21.60
N LEU U 316 -36.71 -10.23 22.81
CA LEU U 316 -37.32 -8.91 23.01
C LEU U 316 -36.38 -7.78 22.63
N GLY U 317 -35.09 -7.93 22.88
CA GLY U 317 -34.18 -6.90 22.40
C GLY U 317 -34.14 -6.81 20.88
N MET U 318 -34.13 -7.97 20.22
CA MET U 318 -34.17 -8.00 18.76
C MET U 318 -35.47 -7.39 18.24
N GLU U 319 -36.58 -7.78 18.86
CA GLU U 319 -37.89 -7.35 18.43
C GLU U 319 -37.98 -5.84 18.42
N VAL U 320 -37.54 -5.19 19.51
CA VAL U 320 -37.92 -3.78 19.63
C VAL U 320 -36.95 -2.86 18.93
N MET U 321 -35.84 -3.37 18.46
CA MET U 321 -34.91 -2.54 17.74
C MET U 321 -35.01 -2.72 16.25
N HIS U 322 -35.40 -3.90 15.76
CA HIS U 322 -35.35 -4.12 14.30
C HIS U 322 -36.31 -3.17 13.59
N GLU U 323 -35.89 -2.69 12.42
CA GLU U 323 -36.74 -1.83 11.61
C GLU U 323 -37.32 -0.72 12.50
N ARG U 324 -36.42 -0.06 13.23
CA ARG U 324 -36.78 0.84 14.33
C ARG U 324 -37.73 1.97 13.93
N ASN U 325 -37.87 2.29 12.65
CA ASN U 325 -38.74 3.39 12.21
C ASN U 325 -40.02 2.91 11.52
N ALA U 326 -40.25 1.60 11.48
CA ALA U 326 -41.21 1.00 10.56
C ALA U 326 -42.54 0.68 11.20
N HIS U 327 -42.64 0.70 12.53
CA HIS U 327 -43.86 0.29 13.24
C HIS U 327 -44.53 1.50 13.88
N ASN U 328 -45.84 1.65 13.65
CA ASN U 328 -46.61 2.72 14.23
C ASN U 328 -47.55 2.24 15.33
N PHE U 329 -47.84 0.94 15.35
CA PHE U 329 -48.83 0.31 16.20
C PHE U 329 -48.14 -0.85 16.89
N PRO U 330 -48.64 -1.27 18.05
CA PRO U 330 -47.75 -1.89 19.05
C PRO U 330 -47.43 -3.35 18.84
N LEU U 331 -48.14 -4.02 17.95
CA LEU U 331 -47.90 -5.41 17.64
C LEU U 331 -47.31 -5.51 16.25
N ASP U 332 -46.35 -6.39 16.10
CA ASP U 332 -45.64 -6.59 14.85
C ASP U 332 -46.17 -7.89 14.28
N LEU U 333 -47.30 -7.77 13.55
CA LEU U 333 -48.14 -8.90 13.17
C LEU U 333 -47.73 -9.56 11.86
N ALA U 334 -46.77 -8.98 11.16
CA ALA U 334 -46.13 -9.62 10.01
C ALA U 334 -44.80 -9.04 9.86
N GLY V 1 6.55 -37.55 -6.98
CA GLY V 1 7.61 -37.07 -6.11
C GLY V 1 7.07 -36.87 -4.72
N LEU V 2 7.80 -36.14 -3.88
CA LEU V 2 7.27 -35.85 -2.56
C LEU V 2 6.13 -34.84 -2.71
N PRO V 3 5.00 -35.04 -2.02
CA PRO V 3 4.01 -33.99 -1.92
C PRO V 3 4.57 -32.72 -1.30
N TRP V 4 3.97 -31.57 -1.63
CA TRP V 4 4.49 -30.34 -1.05
C TRP V 4 4.58 -30.40 0.47
N TYR V 5 3.68 -31.14 1.14
CA TYR V 5 3.62 -31.08 2.61
C TYR V 5 4.63 -32.01 3.30
N ARG V 6 5.42 -32.75 2.54
CA ARG V 6 6.45 -33.64 3.04
C ARG V 6 7.87 -33.19 2.66
N VAL V 7 8.06 -31.97 2.17
CA VAL V 7 9.36 -31.63 1.60
C VAL V 7 10.46 -31.81 2.64
N HIS V 8 10.21 -31.42 3.88
CA HIS V 8 11.28 -31.32 4.89
C HIS V 8 11.65 -32.65 5.51
N THR V 9 11.02 -33.75 5.09
CA THR V 9 11.31 -35.09 5.57
C THR V 9 12.56 -35.66 4.93
N VAL V 10 13.16 -35.00 3.94
CA VAL V 10 14.48 -35.39 3.50
C VAL V 10 15.54 -35.24 4.59
N LEU V 11 15.24 -34.53 5.68
CA LEU V 11 16.21 -34.35 6.74
C LEU V 11 16.21 -35.46 7.77
N ILE V 12 15.25 -36.39 7.73
CA ILE V 12 14.99 -37.27 8.87
C ILE V 12 16.18 -38.19 9.13
N ASN V 13 16.85 -38.65 8.06
CA ASN V 13 18.02 -39.52 8.13
C ASN V 13 19.28 -38.76 7.75
N ASP V 14 19.32 -37.47 8.05
CA ASP V 14 20.44 -36.60 7.66
C ASP V 14 20.72 -35.68 8.83
N PRO V 15 21.40 -36.18 9.86
CA PRO V 15 21.72 -35.36 11.04
C PRO V 15 22.44 -34.06 10.71
N GLY V 16 23.41 -34.06 9.79
CA GLY V 16 24.12 -32.81 9.52
C GLY V 16 23.19 -31.76 8.98
N ARG V 17 22.44 -32.10 7.94
CA ARG V 17 21.53 -31.15 7.35
C ARG V 17 20.35 -30.83 8.26
N LEU V 18 19.99 -31.73 9.18
CA LEU V 18 19.06 -31.34 10.23
C LEU V 18 19.62 -30.19 11.06
N ILE V 19 20.90 -30.30 11.43
CA ILE V 19 21.48 -29.26 12.24
C ILE V 19 21.50 -27.97 11.46
N ALA V 20 21.77 -28.09 10.15
CA ALA V 20 21.85 -26.88 9.32
C ALA V 20 20.49 -26.18 9.28
N ALA V 21 19.42 -26.96 9.13
CA ALA V 21 18.06 -26.42 9.13
C ALA V 21 17.74 -25.78 10.46
N HIS V 22 18.12 -26.46 11.55
CA HIS V 22 17.92 -25.94 12.89
C HIS V 22 18.73 -24.67 13.12
N LEU V 23 19.92 -24.57 12.55
CA LEU V 23 20.69 -23.35 12.69
C LEU V 23 20.01 -22.20 11.97
N MET V 24 19.53 -22.46 10.75
CA MET V 24 18.88 -21.42 9.96
C MET V 24 17.62 -20.92 10.64
N HIS V 25 16.80 -21.83 11.17
CA HIS V 25 15.67 -21.39 11.98
C HIS V 25 16.12 -20.52 13.13
N THR V 26 17.17 -20.96 13.85
CA THR V 26 17.70 -20.18 14.95
C THR V 26 18.11 -18.79 14.47
N ALA V 27 18.79 -18.70 13.32
CA ALA V 27 19.23 -17.42 12.81
C ALA V 27 18.04 -16.52 12.48
N LEU V 28 16.98 -17.11 11.94
CA LEU V 28 15.77 -16.38 11.59
C LEU V 28 15.14 -15.75 12.83
N VAL V 29 15.00 -16.52 13.90
CA VAL V 29 14.38 -16.04 15.12
C VAL V 29 15.17 -14.89 15.70
N ALA V 30 16.47 -15.13 15.94
CA ALA V 30 17.37 -14.09 16.43
C ALA V 30 17.33 -12.83 15.55
N GLY V 31 17.38 -13.02 14.22
CA GLY V 31 17.22 -11.90 13.31
C GLY V 31 15.92 -11.14 13.54
N TRP V 32 14.86 -11.88 13.83
CA TRP V 32 13.57 -11.26 14.09
C TRP V 32 13.61 -10.42 15.36
N ALA V 33 14.09 -11.01 16.46
CA ALA V 33 14.25 -10.25 17.69
C ALA V 33 15.03 -8.98 17.45
N GLY V 34 16.18 -9.12 16.79
CA GLY V 34 16.96 -7.94 16.45
C GLY V 34 16.14 -6.93 15.69
N SER V 35 15.48 -7.37 14.62
CA SER V 35 14.76 -6.45 13.74
C SER V 35 13.60 -5.80 14.46
N MET V 36 12.84 -6.62 15.20
CA MET V 36 11.71 -6.09 15.95
C MET V 36 12.15 -5.00 16.92
N ALA V 37 13.28 -5.20 17.62
CA ALA V 37 13.74 -4.22 18.59
C ALA V 37 14.14 -2.92 17.90
N LEU V 38 14.84 -3.01 16.78
CA LEU V 38 15.16 -1.77 16.04
C LEU V 38 13.90 -1.01 15.65
N TYR V 39 12.90 -1.70 15.09
CA TYR V 39 11.64 -1.04 14.80
C TYR V 39 11.04 -0.38 16.04
N GLU V 40 11.10 -1.03 17.20
CA GLU V 40 10.47 -0.42 18.37
C GLU V 40 11.23 0.82 18.83
N LEU V 41 12.57 0.81 18.75
CA LEU V 41 13.36 1.97 19.13
C LEU V 41 13.06 3.14 18.21
N ALA V 42 12.84 2.87 16.92
CA ALA V 42 12.57 3.94 15.98
C ALA V 42 11.21 4.58 16.20
N THR V 43 10.27 3.90 16.86
CA THR V 43 8.93 4.41 17.02
C THR V 43 8.55 4.76 18.46
N PHE V 44 9.36 4.38 19.45
CA PHE V 44 9.01 4.58 20.86
C PHE V 44 9.19 6.04 21.24
N ASP V 45 8.23 6.57 21.99
CA ASP V 45 8.37 7.89 22.57
C ASP V 45 8.78 7.70 24.02
N PRO V 46 9.99 8.07 24.44
CA PRO V 46 10.39 7.84 25.83
C PRO V 46 9.99 8.95 26.78
N SER V 47 9.35 9.99 26.28
CA SER V 47 9.21 11.25 27.00
C SER V 47 8.21 11.20 28.17
N ASP V 48 7.43 10.14 28.36
CA ASP V 48 6.40 10.14 29.42
C ASP V 48 6.06 8.73 29.90
N PRO V 49 6.79 8.23 30.90
CA PRO V 49 6.47 6.90 31.45
C PRO V 49 5.23 6.85 32.34
N VAL V 50 4.64 7.98 32.65
CA VAL V 50 3.38 8.04 33.37
C VAL V 50 2.20 7.81 32.41
N LEU V 51 1.95 8.74 31.49
CA LEU V 51 0.74 8.67 30.70
C LEU V 51 0.97 8.08 29.32
N ASN V 52 2.22 7.84 28.93
CA ASN V 52 2.52 7.21 27.64
C ASN V 52 3.58 6.13 27.78
N PRO V 53 3.36 5.16 28.66
CA PRO V 53 4.34 4.07 28.81
C PRO V 53 4.35 3.14 27.61
N MET V 54 5.34 2.24 27.61
CA MET V 54 5.59 1.36 26.47
C MET V 54 4.34 0.60 26.04
N TRP V 55 3.55 0.09 27.00
CA TRP V 55 2.42 -0.76 26.66
C TRP V 55 1.24 0.01 26.05
N ARG V 56 1.31 1.34 25.98
CA ARG V 56 0.34 2.14 25.26
C ARG V 56 0.72 2.36 23.81
N GLN V 57 1.97 2.05 23.47
CA GLN V 57 2.58 2.34 22.18
C GLN V 57 2.81 1.07 21.37
N GLY V 58 2.23 -0.04 21.78
CA GLY V 58 2.30 -1.27 21.00
C GLY V 58 3.63 -1.96 21.06
N MET V 59 4.42 -1.69 22.09
CA MET V 59 5.73 -2.29 22.22
C MET V 59 5.61 -3.71 22.72
N PHE V 60 6.20 -4.65 21.99
CA PHE V 60 6.09 -6.08 22.27
C PHE V 60 7.34 -6.70 22.87
N VAL V 61 8.52 -6.38 22.33
CA VAL V 61 9.77 -6.95 22.80
C VAL V 61 10.50 -6.03 23.77
N LEU V 62 10.25 -4.73 23.67
CA LEU V 62 10.79 -3.80 24.65
C LEU V 62 10.48 -4.21 26.09
N PRO V 63 9.27 -4.65 26.43
CA PRO V 63 9.06 -5.15 27.79
C PRO V 63 9.82 -6.42 28.14
N PHE V 64 10.20 -7.29 27.21
CA PHE V 64 10.97 -8.46 27.61
C PHE V 64 12.43 -8.10 27.92
N MET V 65 12.97 -7.10 27.22
CA MET V 65 14.28 -6.55 27.56
C MET V 65 14.25 -5.85 28.92
N ALA V 66 13.25 -4.99 29.14
CA ALA V 66 13.04 -4.34 30.44
C ALA V 66 12.90 -5.34 31.57
N ARG V 67 12.20 -6.44 31.33
CA ARG V 67 11.88 -7.39 32.39
C ARG V 67 13.15 -7.93 33.05
N LEU V 68 14.20 -8.19 32.27
CA LEU V 68 15.40 -8.84 32.76
C LEU V 68 16.54 -7.85 32.95
N GLY V 69 16.28 -6.57 32.81
CA GLY V 69 17.29 -5.63 33.25
C GLY V 69 17.74 -4.59 32.24
N VAL V 70 17.43 -4.75 30.96
CA VAL V 70 17.79 -3.71 30.00
C VAL V 70 16.78 -2.57 30.07
N THR V 71 17.23 -1.38 30.45
CA THR V 71 16.31 -0.28 30.70
C THR V 71 16.70 1.04 30.06
N GLY V 72 17.88 1.17 29.46
CA GLY V 72 18.29 2.44 28.90
C GLY V 72 18.81 2.31 27.48
N SER V 73 18.88 3.45 26.82
CA SER V 73 19.26 3.58 25.43
C SER V 73 20.53 4.39 25.31
N TRP V 74 21.34 4.04 24.32
CA TRP V 74 22.55 4.81 24.05
C TRP V 74 22.28 6.29 23.84
N SER V 75 21.05 6.65 23.53
CA SER V 75 20.69 8.05 23.34
C SER V 75 20.44 8.77 24.66
N GLY V 76 20.55 8.06 25.79
CA GLY V 76 20.62 8.72 27.08
C GLY V 76 19.36 8.69 27.93
N TRP V 77 18.24 8.19 27.40
CA TRP V 77 17.05 8.02 28.20
C TRP V 77 16.99 6.61 28.76
N SER V 78 16.24 6.45 29.86
CA SER V 78 15.80 5.16 30.36
C SER V 78 14.27 5.09 30.45
N ILE V 79 13.74 3.87 30.54
CA ILE V 79 12.30 3.68 30.64
C ILE V 79 11.73 4.17 31.96
N THR V 80 12.54 4.29 33.01
CA THR V 80 12.10 4.92 34.24
C THR V 80 12.13 6.44 34.17
N GLY V 81 12.31 7.02 33.00
CA GLY V 81 12.25 8.47 32.87
C GLY V 81 13.41 9.22 33.49
N GLU V 82 14.55 8.57 33.64
CA GLU V 82 15.75 9.21 34.15
C GLU V 82 16.64 9.54 32.97
N THR V 83 17.12 10.78 32.93
CA THR V 83 17.95 11.27 31.84
C THR V 83 19.42 11.28 32.26
N GLY V 84 20.31 11.37 31.27
CA GLY V 84 21.72 11.35 31.55
C GLY V 84 22.20 10.05 32.18
N ILE V 85 21.91 8.94 31.51
CA ILE V 85 22.28 7.61 31.96
C ILE V 85 23.29 7.05 30.96
N ASP V 86 24.23 6.25 31.46
CA ASP V 86 25.19 5.57 30.58
C ASP V 86 25.02 4.08 30.79
N PRO V 87 24.30 3.38 29.90
CA PRO V 87 24.06 1.95 30.10
C PRO V 87 25.18 1.06 29.62
N GLY V 88 26.28 1.63 29.13
CA GLY V 88 27.26 0.76 28.56
C GLY V 88 26.74 0.07 27.34
N PHE V 89 27.32 -1.10 27.05
CA PHE V 89 26.95 -1.79 25.82
C PHE V 89 25.53 -2.33 25.88
N TRP V 90 25.10 -2.87 27.01
CA TRP V 90 23.83 -3.60 27.05
C TRP V 90 22.66 -2.63 27.23
N SER V 91 22.55 -1.75 26.27
CA SER V 91 21.36 -0.96 26.07
C SER V 91 20.43 -1.72 25.11
N PHE V 92 19.24 -1.15 24.90
CA PHE V 92 18.30 -1.72 23.92
C PHE V 92 18.96 -1.83 22.56
N GLU V 93 19.70 -0.80 22.15
CA GLU V 93 20.43 -0.83 20.89
C GLU V 93 21.45 -1.97 20.84
N GLY V 94 22.24 -2.17 21.90
CA GLY V 94 23.27 -3.21 21.88
C GLY V 94 22.72 -4.62 21.94
N VAL V 95 21.60 -4.81 22.66
CA VAL V 95 20.92 -6.10 22.62
C VAL V 95 20.45 -6.39 21.21
N ALA V 96 19.92 -5.38 20.53
CA ALA V 96 19.40 -5.60 19.18
C ALA V 96 20.55 -5.96 18.25
N LEU V 97 21.65 -5.21 18.34
CA LEU V 97 22.85 -5.50 17.55
C LEU V 97 23.34 -6.91 17.80
N ALA V 98 23.45 -7.30 19.05
CA ALA V 98 23.99 -8.60 19.36
C ALA V 98 23.12 -9.69 18.76
N HIS V 99 21.81 -9.45 18.65
CA HIS V 99 20.98 -10.48 18.01
C HIS V 99 21.17 -10.49 16.49
N ILE V 100 21.43 -9.34 15.86
CA ILE V 100 21.74 -9.34 14.41
C ILE V 100 23.04 -10.06 14.14
N VAL V 101 24.11 -9.67 14.84
CA VAL V 101 25.36 -10.37 14.68
C VAL V 101 25.16 -11.86 14.90
N LEU V 102 24.45 -12.22 15.97
CA LEU V 102 24.30 -13.64 16.25
C LEU V 102 23.61 -14.33 15.10
N SER V 103 22.53 -13.71 14.60
CA SER V 103 21.83 -14.25 13.44
C SER V 103 22.78 -14.49 12.28
N GLY V 104 23.68 -13.54 12.00
CA GLY V 104 24.59 -13.71 10.87
C GLY V 104 25.58 -14.84 11.07
N LEU V 105 26.12 -14.97 12.28
CA LEU V 105 27.01 -16.09 12.58
C LEU V 105 26.32 -17.44 12.37
N LEU V 106 25.06 -17.55 12.83
CA LEU V 106 24.30 -18.79 12.68
C LEU V 106 23.98 -19.08 11.22
N PHE V 107 23.67 -18.04 10.44
CA PHE V 107 23.52 -18.21 8.99
C PHE V 107 24.76 -18.90 8.43
N LEU V 108 25.95 -18.43 8.81
CA LEU V 108 27.18 -18.99 8.27
C LEU V 108 27.34 -20.45 8.70
N ALA V 109 27.13 -20.74 9.99
CA ALA V 109 27.26 -22.12 10.48
C ALA V 109 26.30 -23.06 9.76
N ALA V 110 25.12 -22.56 9.37
CA ALA V 110 24.16 -23.39 8.65
C ALA V 110 24.69 -23.76 7.26
N CYS V 111 25.42 -22.84 6.62
CA CYS V 111 25.99 -23.17 5.33
C CYS V 111 27.06 -24.25 5.46
N TRP V 112 27.91 -24.17 6.49
CA TRP V 112 28.97 -25.16 6.62
C TRP V 112 28.37 -26.52 6.87
N HIS V 113 27.43 -26.61 7.79
CA HIS V 113 26.84 -27.90 8.13
C HIS V 113 25.99 -28.48 7.01
N TRP V 114 25.37 -27.63 6.16
CA TRP V 114 24.67 -28.11 4.97
C TRP V 114 25.64 -28.71 3.96
N VAL V 115 26.78 -28.08 3.75
CA VAL V 115 27.70 -28.57 2.73
C VAL V 115 28.47 -29.78 3.23
N TYR V 116 29.03 -29.70 4.43
CA TYR V 116 29.77 -30.82 5.04
C TYR V 116 28.81 -31.63 5.91
N TRP V 117 27.75 -32.11 5.25
CA TRP V 117 26.69 -32.87 5.89
C TRP V 117 27.12 -34.28 6.30
N ASP V 118 28.14 -34.83 5.65
CA ASP V 118 28.51 -36.25 5.82
C ASP V 118 29.67 -36.41 6.81
N LEU V 119 29.50 -35.90 8.02
CA LEU V 119 30.54 -36.07 9.02
C LEU V 119 30.42 -37.42 9.71
N GLU V 120 31.57 -38.04 9.98
CA GLU V 120 31.57 -39.40 10.52
C GLU V 120 30.93 -39.47 11.90
N LEU V 121 30.86 -38.35 12.61
CA LEU V 121 30.21 -38.30 13.91
C LEU V 121 28.78 -38.82 13.87
N PHE V 122 28.10 -38.67 12.73
CA PHE V 122 26.70 -38.99 12.63
C PHE V 122 26.46 -40.41 12.17
N ARG V 123 27.52 -41.19 11.99
CA ARG V 123 27.43 -42.56 11.47
C ARG V 123 27.76 -43.56 12.56
N ASP V 124 26.79 -44.41 12.87
CA ASP V 124 26.93 -45.44 13.88
C ASP V 124 28.16 -46.29 13.59
N PRO V 125 29.18 -46.28 14.47
CA PRO V 125 30.38 -47.09 14.18
C PRO V 125 30.06 -48.54 13.86
N ARG V 126 29.06 -49.10 14.55
CA ARG V 126 28.64 -50.48 14.37
C ARG V 126 28.26 -50.72 12.92
N THR V 127 27.11 -50.18 12.51
CA THR V 127 26.51 -50.50 11.21
C THR V 127 26.91 -49.55 10.09
N GLY V 128 27.42 -48.36 10.42
CA GLY V 128 27.73 -47.37 9.42
C GLY V 128 26.54 -46.55 8.96
N GLU V 129 25.34 -46.84 9.44
CA GLU V 129 24.21 -46.03 9.05
C GLU V 129 24.20 -44.73 9.84
N PRO V 130 23.62 -43.66 9.29
CA PRO V 130 23.37 -42.47 10.11
C PRO V 130 22.61 -42.87 11.36
N ALA V 131 23.14 -42.47 12.51
CA ALA V 131 22.47 -42.79 13.75
C ALA V 131 22.76 -41.72 14.78
N LEU V 132 21.75 -41.45 15.60
CA LEU V 132 21.81 -40.50 16.69
C LEU V 132 21.33 -41.18 17.95
N ASP V 133 22.18 -41.17 18.98
CA ASP V 133 21.84 -41.79 20.26
C ASP V 133 21.01 -40.79 21.05
N LEU V 134 19.70 -40.75 20.75
CA LEU V 134 18.83 -39.74 21.37
C LEU V 134 18.78 -39.84 22.89
N PRO V 135 18.71 -41.02 23.50
CA PRO V 135 18.77 -41.06 24.97
C PRO V 135 19.97 -40.33 25.57
N LYS V 136 21.16 -40.54 25.00
CA LYS V 136 22.37 -39.87 25.51
C LYS V 136 22.34 -38.37 25.20
N MET V 137 21.87 -37.99 24.00
CA MET V 137 21.73 -36.56 23.68
C MET V 137 20.83 -35.85 24.66
N PHE V 138 19.74 -36.51 25.07
CA PHE V 138 18.82 -35.86 26.01
C PHE V 138 19.51 -35.58 27.33
N GLY V 139 20.27 -36.56 27.85
CA GLY V 139 21.07 -36.34 29.05
C GLY V 139 22.00 -35.15 28.91
N ILE V 140 22.78 -35.12 27.82
CA ILE V 140 23.65 -33.97 27.58
C ILE V 140 22.85 -32.66 27.60
N HIS V 141 21.81 -32.58 26.75
CA HIS V 141 21.07 -31.32 26.63
C HIS V 141 20.38 -30.95 27.93
N LEU V 142 19.98 -31.92 28.71
CA LEU V 142 19.29 -31.66 29.97
C LEU V 142 20.27 -31.11 31.00
N PHE V 143 21.43 -31.75 31.10
CA PHE V 143 22.51 -31.26 31.95
C PHE V 143 22.81 -29.81 31.62
N LEU V 144 22.83 -29.48 30.31
CA LEU V 144 23.18 -28.12 29.89
C LEU V 144 22.09 -27.13 30.26
N ALA V 145 20.82 -27.52 30.07
CA ALA V 145 19.70 -26.67 30.45
C ALA V 145 19.69 -26.45 31.94
N GLY V 146 19.93 -27.51 32.70
CA GLY V 146 20.05 -27.39 34.14
C GLY V 146 21.06 -26.34 34.58
N LEU V 147 22.27 -26.39 34.00
CA LEU V 147 23.32 -25.43 34.31
C LEU V 147 22.94 -24.00 33.94
N LEU V 148 22.40 -23.78 32.73
CA LEU V 148 21.92 -22.46 32.37
C LEU V 148 20.83 -22.02 33.31
N CYS V 149 19.89 -22.91 33.60
CA CYS V 149 18.77 -22.54 34.45
C CYS V 149 19.28 -22.19 35.86
N PHE V 150 20.16 -23.03 36.44
CA PHE V 150 20.77 -22.70 37.73
C PHE V 150 21.50 -21.37 37.69
N GLY V 151 22.45 -21.24 36.76
CA GLY V 151 23.21 -20.01 36.66
C GLY V 151 22.37 -18.78 36.42
N PHE V 152 21.30 -18.90 35.61
CA PHE V 152 20.41 -17.76 35.41
C PHE V 152 19.77 -17.36 36.73
N GLY V 153 19.30 -18.35 37.49
CA GLY V 153 18.75 -18.04 38.80
C GLY V 153 19.78 -17.55 39.80
N ALA V 154 20.94 -18.23 39.87
CA ALA V 154 21.88 -17.97 40.97
C ALA V 154 22.61 -16.63 40.79
N PHE V 155 22.84 -16.18 39.56
CA PHE V 155 23.65 -14.98 39.31
C PHE V 155 22.88 -13.82 38.72
N HIS V 156 22.17 -14.04 37.61
CA HIS V 156 21.40 -12.96 37.00
C HIS V 156 20.32 -12.43 37.94
N LEU V 157 19.41 -13.31 38.38
CA LEU V 157 18.25 -12.85 39.14
C LEU V 157 18.63 -12.36 40.54
N THR V 158 19.49 -13.09 41.25
CA THR V 158 19.94 -12.67 42.58
C THR V 158 20.74 -11.38 42.54
N GLY V 159 21.36 -11.09 41.41
CA GLY V 159 22.24 -9.94 41.34
C GLY V 159 23.67 -10.18 41.82
N LEU V 160 24.05 -11.43 42.15
CA LEU V 160 25.43 -11.77 42.47
C LEU V 160 26.35 -11.41 41.34
N PHE V 161 25.88 -11.64 40.12
CA PHE V 161 26.61 -11.33 38.92
C PHE V 161 25.55 -11.07 37.84
N GLY V 162 25.02 -9.86 37.83
CA GLY V 162 23.94 -9.53 36.92
C GLY V 162 22.97 -8.56 37.54
N PRO V 163 21.93 -8.18 36.79
CA PRO V 163 21.11 -7.03 37.16
C PRO V 163 19.88 -7.32 38.02
N GLY V 164 19.50 -8.55 38.24
CA GLY V 164 18.20 -8.76 38.84
C GLY V 164 17.06 -8.86 37.81
N MET V 165 15.90 -8.30 38.18
CA MET V 165 14.68 -8.38 37.37
C MET V 165 13.73 -7.27 37.80
N TRP V 166 12.74 -7.03 36.95
CA TRP V 166 11.78 -5.97 37.19
C TRP V 166 10.91 -6.37 38.38
N VAL V 167 10.77 -5.47 39.32
CA VAL V 167 9.93 -5.69 40.48
C VAL V 167 9.23 -4.37 40.67
N SER V 168 8.03 -4.40 41.25
CA SER V 168 7.29 -3.19 41.51
C SER V 168 6.42 -3.40 42.73
N ASP V 169 5.77 -2.32 43.15
CA ASP V 169 4.78 -2.36 44.19
C ASP V 169 3.45 -2.96 43.67
N PRO V 170 2.49 -3.15 44.55
CA PRO V 170 1.24 -3.82 44.12
C PRO V 170 0.40 -3.02 43.15
N TYR V 171 0.68 -1.73 42.94
CA TYR V 171 -0.15 -0.89 42.08
C TYR V 171 0.65 -0.33 40.91
N GLY V 172 1.82 -0.91 40.62
CA GLY V 172 2.54 -0.54 39.41
C GLY V 172 3.00 0.89 39.33
N LEU V 173 3.39 1.48 40.45
CA LEU V 173 3.78 2.88 40.47
C LEU V 173 5.29 3.11 40.51
N THR V 174 6.06 2.17 41.07
CA THR V 174 7.46 2.43 41.39
C THR V 174 8.34 1.33 40.84
N GLY V 175 7.96 0.71 39.72
CA GLY V 175 8.71 -0.42 39.22
C GLY V 175 10.14 -0.05 38.89
N SER V 176 11.01 -1.04 38.99
CA SER V 176 12.40 -0.85 38.60
C SER V 176 13.10 -2.19 38.67
N VAL V 177 14.34 -2.22 38.23
CA VAL V 177 15.09 -3.46 38.21
C VAL V 177 15.90 -3.55 39.49
N GLN V 178 15.72 -4.66 40.22
CA GLN V 178 16.24 -4.86 41.57
C GLN V 178 16.70 -6.29 41.69
N PRO V 179 17.79 -6.56 42.40
CA PRO V 179 18.12 -7.94 42.71
C PRO V 179 17.01 -8.54 43.55
N VAL V 180 16.80 -9.83 43.39
CA VAL V 180 15.75 -10.52 44.13
C VAL V 180 16.36 -11.70 44.83
N ALA V 181 16.12 -11.78 46.13
CA ALA V 181 16.54 -12.87 47.00
C ALA V 181 15.57 -14.04 46.86
N PRO V 182 16.06 -15.27 46.88
CA PRO V 182 15.15 -16.40 46.71
C PRO V 182 14.27 -16.59 47.94
N GLU V 183 13.06 -17.04 47.67
CA GLU V 183 12.05 -17.34 48.67
C GLU V 183 11.95 -18.85 48.69
N TRP V 184 12.43 -19.46 49.76
CA TRP V 184 12.46 -20.90 49.88
C TRP V 184 11.20 -21.42 50.52
N GLY V 185 10.41 -20.53 51.05
CA GLY V 185 9.22 -20.93 51.76
C GLY V 185 8.10 -21.32 50.81
N PRO V 186 6.97 -21.69 51.40
CA PRO V 186 5.83 -22.07 50.57
C PRO V 186 5.29 -20.91 49.77
N ASP V 187 5.61 -19.67 50.16
CA ASP V 187 5.19 -18.52 49.39
C ASP V 187 5.98 -18.40 48.11
N GLY V 188 6.98 -19.26 47.93
CA GLY V 188 7.72 -19.29 46.69
C GLY V 188 6.85 -19.69 45.52
N PHE V 189 5.80 -20.46 45.78
CA PHE V 189 4.86 -20.95 44.77
C PHE V 189 3.72 -19.98 44.50
N ASN V 190 3.73 -18.85 45.14
CA ASN V 190 2.79 -17.79 44.90
C ASN V 190 3.25 -17.06 43.64
N PRO V 191 2.49 -17.11 42.54
CA PRO V 191 2.95 -16.50 41.28
C PRO V 191 3.23 -15.02 41.41
N TYR V 192 2.74 -14.39 42.46
CA TYR V 192 2.97 -12.98 42.66
C TYR V 192 4.16 -12.70 43.55
N ASN V 193 4.92 -13.73 43.96
CA ASN V 193 6.11 -13.51 44.77
C ASN V 193 7.33 -13.67 43.88
N PRO V 194 8.08 -12.61 43.60
CA PRO V 194 9.21 -12.76 42.68
C PRO V 194 10.34 -13.62 43.24
N GLY V 195 10.55 -13.61 44.56
CA GLY V 195 11.55 -14.51 45.14
C GLY V 195 11.32 -15.95 44.76
N GLY V 196 10.07 -16.31 44.46
CA GLY V 196 9.80 -17.68 44.03
C GLY V 196 10.42 -17.97 42.69
N VAL V 197 10.54 -16.95 41.86
CA VAL V 197 11.14 -17.14 40.55
C VAL V 197 12.61 -17.44 40.68
N VAL V 198 13.30 -16.75 41.60
CA VAL V 198 14.71 -17.07 41.84
C VAL V 198 14.82 -18.47 42.38
N ALA V 199 14.10 -18.76 43.45
CA ALA V 199 14.19 -20.09 44.05
C ALA V 199 13.93 -21.14 43.02
N HIS V 200 12.92 -20.90 42.17
CA HIS V 200 12.54 -21.91 41.22
C HIS V 200 13.72 -22.28 40.33
N HIS V 201 14.39 -21.26 39.79
CA HIS V 201 15.48 -21.55 38.87
C HIS V 201 16.67 -22.21 39.56
N ILE V 202 16.95 -21.84 40.80
CA ILE V 202 18.04 -22.50 41.51
C ILE V 202 17.70 -23.97 41.75
N ALA V 203 16.53 -24.24 42.35
CA ALA V 203 16.21 -25.61 42.71
C ALA V 203 15.97 -26.47 41.49
N ALA V 204 15.21 -25.96 40.51
CA ALA V 204 15.02 -26.71 39.28
C ALA V 204 16.33 -26.88 38.52
N GLY V 205 17.17 -25.83 38.51
CA GLY V 205 18.47 -25.96 37.87
C GLY V 205 19.25 -27.16 38.39
N ILE V 206 19.42 -27.21 39.72
CA ILE V 206 20.10 -28.34 40.34
C ILE V 206 19.43 -29.65 39.94
N VAL V 207 18.12 -29.72 40.05
CA VAL V 207 17.43 -30.95 39.68
C VAL V 207 17.67 -31.30 38.22
N GLY V 208 17.73 -30.29 37.35
CA GLY V 208 18.05 -30.56 35.96
C GLY V 208 19.46 -31.06 35.78
N ILE V 209 20.41 -30.50 36.54
CA ILE V 209 21.78 -30.98 36.51
C ILE V 209 21.81 -32.46 36.86
N ILE V 210 21.09 -32.85 37.92
CA ILE V 210 21.19 -34.22 38.38
C ILE V 210 20.41 -35.16 37.51
N ALA V 211 19.26 -34.70 37.00
CA ALA V 211 18.51 -35.52 36.07
C ALA V 211 19.33 -35.79 34.84
N GLY V 212 20.00 -34.75 34.32
CA GLY V 212 20.85 -34.94 33.14
C GLY V 212 22.01 -35.88 33.38
N LEU V 213 22.57 -35.85 34.60
CA LEU V 213 23.60 -36.83 34.94
C LEU V 213 23.05 -38.24 34.79
N PHE V 214 21.89 -38.51 35.40
CA PHE V 214 21.25 -39.82 35.27
C PHE V 214 21.04 -40.17 33.79
N HIS V 215 20.53 -39.23 33.01
CA HIS V 215 20.22 -39.58 31.63
C HIS V 215 21.47 -39.74 30.77
N ILE V 216 22.63 -39.23 31.21
CA ILE V 216 23.86 -39.53 30.45
C ILE V 216 24.37 -40.93 30.76
N LEU V 217 24.22 -41.37 32.02
CA LEU V 217 24.85 -42.60 32.49
C LEU V 217 24.03 -43.88 32.32
N VAL V 218 22.71 -43.85 32.46
CA VAL V 218 21.95 -45.09 32.56
C VAL V 218 21.02 -45.18 31.36
N ARG V 219 21.09 -46.30 30.67
CA ARG V 219 20.32 -46.49 29.46
C ARG V 219 18.85 -46.67 29.79
N PRO V 220 17.98 -46.35 28.83
CA PRO V 220 16.57 -46.62 29.03
C PRO V 220 16.31 -48.12 29.04
N PRO V 221 15.31 -48.56 29.80
CA PRO V 221 14.93 -49.96 29.74
C PRO V 221 14.38 -50.32 28.40
N GLN V 222 14.66 -51.54 27.99
CA GLN V 222 14.08 -52.06 26.75
C GLN V 222 12.58 -51.82 26.67
N ARG V 223 11.84 -52.07 27.77
CA ARG V 223 10.39 -51.88 27.76
C ARG V 223 10.03 -50.48 27.29
N LEU V 224 10.68 -49.47 27.89
CA LEU V 224 10.41 -48.08 27.54
C LEU V 224 11.00 -47.71 26.19
N TYR V 225 12.14 -48.32 25.82
CA TYR V 225 12.74 -48.02 24.52
C TYR V 225 11.82 -48.46 23.39
N LYS V 226 11.30 -49.70 23.47
CA LYS V 226 10.36 -50.18 22.46
C LYS V 226 9.05 -49.39 22.49
N ALA V 227 8.43 -49.25 23.67
CA ALA V 227 7.10 -48.65 23.75
C ALA V 227 7.07 -47.23 23.18
N LEU V 228 8.17 -46.49 23.28
CA LEU V 228 8.21 -45.10 22.88
C LEU V 228 9.01 -44.88 21.61
N ARG V 229 9.41 -45.96 20.94
CA ARG V 229 10.13 -45.89 19.67
C ARG V 229 11.36 -44.99 19.78
N MET V 230 12.17 -45.25 20.79
CA MET V 230 13.28 -44.36 21.14
C MET V 230 14.41 -44.35 20.10
N GLY V 231 14.44 -45.30 19.18
CA GLY V 231 15.27 -45.18 17.99
C GLY V 231 14.71 -44.36 16.84
N ASN V 232 13.59 -43.68 17.04
CA ASN V 232 12.97 -42.91 15.96
C ASN V 232 12.87 -41.47 16.40
N ILE V 233 13.47 -40.57 15.63
CA ILE V 233 13.53 -39.18 16.06
C ILE V 233 12.17 -38.50 16.05
N GLU V 234 11.20 -39.03 15.30
CA GLU V 234 9.87 -38.47 15.38
C GLU V 234 9.26 -38.63 16.75
N THR V 235 9.67 -39.63 17.54
CA THR V 235 9.14 -39.69 18.90
C THR V 235 9.53 -38.45 19.68
N VAL V 236 10.72 -37.89 19.41
CA VAL V 236 11.20 -36.75 20.18
C VAL V 236 10.43 -35.51 19.80
N LEU V 237 10.15 -35.36 18.51
CA LEU V 237 9.27 -34.28 18.03
C LEU V 237 7.92 -34.35 18.70
N SER V 238 7.32 -35.54 18.71
CA SER V 238 6.02 -35.67 19.33
C SER V 238 6.05 -35.22 20.79
N SER V 239 7.01 -35.72 21.58
CA SER V 239 7.08 -35.30 22.98
C SER V 239 7.59 -33.88 23.12
N SER V 240 8.42 -33.40 22.22
CA SER V 240 8.84 -32.01 22.34
C SER V 240 7.68 -31.04 22.08
N ILE V 241 6.92 -31.25 20.99
CA ILE V 241 5.71 -30.45 20.76
C ILE V 241 4.79 -30.48 21.98
N ALA V 242 4.60 -31.66 22.58
CA ALA V 242 3.72 -31.73 23.74
C ALA V 242 4.16 -30.77 24.84
N ALA V 243 5.48 -30.71 25.11
CA ALA V 243 5.99 -29.87 26.19
C ALA V 243 5.93 -28.39 25.84
N VAL V 244 6.04 -28.09 24.55
CA VAL V 244 5.94 -26.71 24.08
C VAL V 244 4.52 -26.17 24.27
N PHE V 245 3.48 -26.93 23.91
CA PHE V 245 2.14 -26.37 24.05
C PHE V 245 1.72 -26.30 25.51
N PHE V 246 2.10 -27.29 26.30
CA PHE V 246 2.00 -27.11 27.74
C PHE V 246 2.66 -25.79 28.16
N ALA V 247 3.92 -25.58 27.77
CA ALA V 247 4.60 -24.34 28.17
C ALA V 247 3.84 -23.12 27.66
N ALA V 248 3.32 -23.18 26.43
CA ALA V 248 2.63 -22.02 25.86
C ALA V 248 1.32 -21.73 26.57
N PHE V 249 0.58 -22.76 26.98
CA PHE V 249 -0.62 -22.49 27.75
C PHE V 249 -0.30 -21.84 29.09
N VAL V 250 0.78 -22.25 29.77
CA VAL V 250 1.07 -21.65 31.07
C VAL V 250 1.43 -20.19 30.92
N VAL V 251 2.19 -19.89 29.91
CA VAL V 251 2.61 -18.51 29.67
C VAL V 251 1.45 -17.61 29.18
N ALA V 252 0.46 -18.16 28.47
CA ALA V 252 -0.76 -17.40 28.17
C ALA V 252 -1.53 -17.16 29.45
N GLY V 253 -1.62 -18.17 30.28
CA GLY V 253 -2.31 -18.04 31.53
C GLY V 253 -1.72 -16.97 32.41
N THR V 254 -0.42 -17.08 32.73
CA THR V 254 0.20 -16.10 33.63
C THR V 254 0.18 -14.72 33.02
N MET V 255 0.21 -14.61 31.70
CA MET V 255 0.08 -13.28 31.13
C MET V 255 -1.33 -12.73 31.32
N TRP V 256 -2.36 -13.58 31.23
CA TRP V 256 -3.71 -13.02 31.31
C TRP V 256 -4.04 -12.65 32.74
N TYR V 257 -3.56 -13.45 33.71
CA TYR V 257 -3.94 -13.31 35.11
C TYR V 257 -3.03 -12.39 35.89
N GLY V 258 -1.77 -12.25 35.48
CA GLY V 258 -0.84 -11.52 36.29
C GLY V 258 0.01 -12.52 37.03
N SER V 259 1.31 -12.33 36.92
CA SER V 259 2.29 -12.97 37.76
C SER V 259 3.36 -11.93 38.04
N ALA V 260 4.34 -12.34 38.84
CA ALA V 260 5.51 -11.50 39.09
C ALA V 260 6.36 -11.31 37.83
N THR V 261 6.24 -12.19 36.83
CA THR V 261 6.96 -12.09 35.56
C THR V 261 6.16 -11.41 34.44
N THR V 262 4.98 -10.89 34.73
CA THR V 262 4.20 -10.14 33.74
C THR V 262 3.69 -8.85 34.38
N PRO V 263 4.60 -7.93 34.71
CA PRO V 263 4.22 -6.74 35.52
C PRO V 263 3.44 -5.71 34.74
N ILE V 264 2.65 -4.90 35.47
CA ILE V 264 1.68 -4.07 34.76
C ILE V 264 2.34 -2.83 34.17
N GLU V 265 3.51 -2.44 34.66
CA GLU V 265 4.23 -1.32 34.06
C GLU V 265 4.87 -1.69 32.74
N LEU V 266 5.09 -2.98 32.49
CA LEU V 266 5.67 -3.40 31.23
C LEU V 266 4.62 -3.85 30.21
N PHE V 267 3.54 -4.47 30.67
CA PHE V 267 2.50 -5.06 29.81
C PHE V 267 1.13 -4.42 29.97
N GLY V 268 0.96 -3.49 30.91
CA GLY V 268 -0.33 -2.92 31.22
C GLY V 268 -1.11 -3.77 32.20
N PRO V 269 -2.26 -3.27 32.62
CA PRO V 269 -3.01 -3.98 33.64
C PRO V 269 -3.80 -5.14 33.05
N THR V 270 -4.35 -5.94 33.94
CA THR V 270 -5.12 -7.10 33.57
C THR V 270 -6.58 -6.68 33.48
N ARG V 271 -7.39 -7.52 32.86
CA ARG V 271 -8.82 -7.24 32.88
C ARG V 271 -9.43 -7.36 34.27
N TYR V 272 -8.86 -8.24 35.12
CA TYR V 272 -9.35 -8.53 36.47
C TYR V 272 -9.15 -7.38 37.44
N GLN V 273 -8.21 -6.47 37.14
CA GLN V 273 -8.13 -5.25 37.92
C GLN V 273 -9.32 -4.33 37.65
N TRP V 274 -9.84 -4.32 36.43
CA TRP V 274 -11.04 -3.53 36.18
C TRP V 274 -12.26 -4.20 36.82
N ASP V 275 -12.41 -5.52 36.67
CA ASP V 275 -13.57 -6.19 37.23
C ASP V 275 -13.68 -5.96 38.72
N SER V 276 -12.57 -6.01 39.43
CA SER V 276 -12.58 -5.94 40.88
C SER V 276 -12.36 -4.53 41.40
N SER V 277 -12.31 -3.54 40.51
CA SER V 277 -12.13 -2.14 40.93
C SER V 277 -10.90 -2.03 41.83
N TYR V 278 -9.86 -2.80 41.45
CA TYR V 278 -8.65 -2.92 42.22
C TYR V 278 -7.92 -1.58 42.39
N PHE V 279 -7.94 -0.74 41.36
CA PHE V 279 -7.29 0.56 41.41
C PHE V 279 -8.20 1.62 42.00
N GLN V 280 -9.50 1.48 41.78
CA GLN V 280 -10.46 2.43 42.34
C GLN V 280 -10.47 2.34 43.86
N GLN V 281 -10.52 1.13 44.41
CA GLN V 281 -10.42 0.93 45.86
C GLN V 281 -9.20 1.67 46.44
N GLU V 282 -8.01 1.39 45.89
CA GLU V 282 -6.78 1.99 46.39
C GLU V 282 -6.81 3.51 46.30
N ILE V 283 -7.33 4.05 45.20
CA ILE V 283 -7.51 5.50 45.08
C ILE V 283 -8.41 6.00 46.19
N ASN V 284 -9.46 5.25 46.51
CA ASN V 284 -10.42 5.72 47.50
C ASN V 284 -9.82 5.65 48.90
N ARG V 285 -9.05 4.59 49.19
CA ARG V 285 -8.27 4.52 50.42
C ARG V 285 -7.50 5.81 50.63
N ARG V 286 -6.70 6.18 49.62
CA ARG V 286 -5.81 7.32 49.79
C ARG V 286 -6.59 8.60 49.95
N VAL V 287 -7.78 8.68 49.36
CA VAL V 287 -8.57 9.88 49.54
C VAL V 287 -9.17 9.90 50.95
N GLN V 288 -9.82 8.81 51.36
CA GLN V 288 -10.41 8.77 52.70
C GLN V 288 -9.36 9.11 53.76
N ALA V 289 -8.17 8.52 53.64
CA ALA V 289 -7.04 8.87 54.50
C ALA V 289 -6.81 10.37 54.53
N SER V 290 -6.51 10.96 53.36
CA SER V 290 -6.29 12.42 53.30
C SER V 290 -7.38 13.18 54.05
N LEU V 291 -8.64 12.88 53.79
CA LEU V 291 -9.72 13.61 54.45
C LEU V 291 -9.75 13.33 55.96
N ALA V 292 -9.08 12.27 56.40
CA ALA V 292 -9.02 11.96 57.82
C ALA V 292 -7.98 12.82 58.53
N SER V 293 -7.02 13.39 57.80
CA SER V 293 -6.02 14.30 58.34
C SER V 293 -6.29 15.74 57.93
N GLY V 294 -7.55 16.08 57.70
CA GLY V 294 -7.93 17.47 57.51
C GLY V 294 -7.69 18.10 56.15
N ALA V 295 -7.35 17.33 55.13
CA ALA V 295 -7.20 17.90 53.80
C ALA V 295 -8.57 18.19 53.17
N THR V 296 -8.62 19.22 52.33
CA THR V 296 -9.83 19.49 51.58
C THR V 296 -10.02 18.44 50.49
N LEU V 297 -11.25 18.38 49.94
CA LEU V 297 -11.50 17.47 48.83
C LEU V 297 -10.48 17.69 47.72
N GLU V 298 -10.34 18.95 47.31
CA GLU V 298 -9.37 19.33 46.28
C GLU V 298 -7.97 18.86 46.65
N GLU V 299 -7.62 18.92 47.94
CA GLU V 299 -6.27 18.53 48.32
C GLU V 299 -6.09 17.02 48.25
N ALA V 300 -7.08 16.27 48.71
CA ALA V 300 -6.96 14.82 48.78
C ALA V 300 -6.93 14.21 47.39
N TRP V 301 -7.81 14.68 46.49
CA TRP V 301 -7.82 14.21 45.11
C TRP V 301 -6.64 14.73 44.32
N SER V 302 -6.18 15.95 44.64
CA SER V 302 -4.98 16.47 44.03
C SER V 302 -3.74 15.64 44.38
N ALA V 303 -3.82 14.83 45.42
CA ALA V 303 -2.67 14.05 45.86
C ALA V 303 -2.61 12.67 45.21
N ILE V 304 -3.63 12.25 44.48
CA ILE V 304 -3.55 10.99 43.73
C ILE V 304 -2.61 11.17 42.55
N PRO V 305 -1.60 10.32 42.38
CA PRO V 305 -0.73 10.44 41.19
C PRO V 305 -1.51 10.14 39.91
N GLU V 306 -1.15 10.84 38.83
CA GLU V 306 -1.78 10.57 37.55
C GLU V 306 -1.64 9.11 37.17
N LYS V 307 -0.48 8.52 37.48
CA LYS V 307 -0.21 7.15 37.07
C LYS V 307 -1.25 6.21 37.64
N LEU V 308 -1.70 6.48 38.85
CA LEU V 308 -2.68 5.61 39.49
C LEU V 308 -4.09 5.86 38.96
N ALA V 309 -4.47 7.13 38.79
CA ALA V 309 -5.70 7.44 38.08
C ALA V 309 -5.75 6.77 36.71
N PHE V 310 -4.61 6.76 35.99
CA PHE V 310 -4.59 6.20 34.64
C PHE V 310 -4.81 4.70 34.66
N TYR V 311 -4.39 4.02 35.71
CA TYR V 311 -4.72 2.61 35.80
C TYR V 311 -6.25 2.39 35.97
N ASP V 312 -6.95 3.36 36.56
CA ASP V 312 -8.39 3.20 36.81
C ASP V 312 -9.23 3.74 35.64
N TYR V 313 -8.99 3.17 34.46
CA TYR V 313 -9.50 3.69 33.20
C TYR V 313 -9.66 2.52 32.25
N ILE V 314 -10.87 2.33 31.74
CA ILE V 314 -11.21 1.09 31.02
C ILE V 314 -10.49 1.01 29.69
N GLY V 315 -10.09 2.15 29.12
CA GLY V 315 -9.25 2.16 27.94
C GLY V 315 -7.93 1.44 28.08
N ASN V 316 -7.51 1.14 29.31
CA ASN V 316 -6.29 0.37 29.53
C ASN V 316 -6.59 -1.06 29.88
N ASN V 317 -7.86 -1.40 29.98
CA ASN V 317 -8.27 -2.78 30.20
C ASN V 317 -7.96 -3.60 28.95
N PRO V 318 -7.23 -4.72 29.07
CA PRO V 318 -6.89 -5.48 27.86
C PRO V 318 -8.06 -6.14 27.18
N ALA V 319 -9.21 -6.33 27.86
CA ALA V 319 -10.34 -7.04 27.29
C ALA V 319 -11.34 -6.09 26.62
N LYS V 320 -10.89 -4.92 26.20
CA LYS V 320 -11.72 -3.92 25.55
C LYS V 320 -11.43 -3.75 24.06
N GLY V 321 -10.62 -4.61 23.47
CA GLY V 321 -10.13 -4.39 22.15
C GLY V 321 -10.92 -5.14 21.11
N GLY V 322 -10.33 -5.26 19.92
CA GLY V 322 -10.91 -6.03 18.83
C GLY V 322 -9.80 -6.62 18.00
N LEU V 323 -10.15 -7.67 17.24
CA LEU V 323 -9.17 -8.48 16.55
C LEU V 323 -8.52 -7.76 15.36
N PHE V 324 -9.26 -6.89 14.69
CA PHE V 324 -8.71 -6.16 13.55
C PHE V 324 -8.59 -4.68 13.84
N ARG V 325 -8.75 -4.29 15.09
CA ARG V 325 -8.37 -2.97 15.52
C ARG V 325 -6.89 -3.05 15.83
N THR V 326 -6.07 -2.62 14.88
CA THR V 326 -4.63 -2.86 14.87
C THR V 326 -3.89 -1.70 15.49
N GLY V 327 -2.71 -2.01 16.01
CA GLY V 327 -1.75 -1.00 16.36
C GLY V 327 -1.75 -0.68 17.84
N PRO V 328 -1.09 0.41 18.18
CA PRO V 328 -1.00 0.82 19.58
C PRO V 328 -2.34 1.34 20.10
N MET V 329 -2.51 1.20 21.41
CA MET V 329 -3.66 1.76 22.10
C MET V 329 -3.81 3.23 21.79
N ASN V 330 -2.69 3.95 21.61
CA ASN V 330 -2.79 5.39 21.37
C ASN V 330 -3.48 5.70 20.03
N LYS V 331 -3.67 4.72 19.17
CA LYS V 331 -4.39 4.94 17.93
C LYS V 331 -5.91 4.86 18.13
N GLY V 332 -6.35 4.32 19.28
CA GLY V 332 -7.74 4.28 19.65
C GLY V 332 -8.16 5.53 20.36
N ASP V 333 -8.11 5.51 21.69
CA ASP V 333 -8.51 6.66 22.48
C ASP V 333 -7.54 7.84 22.36
N GLY V 334 -6.35 7.63 21.82
CA GLY V 334 -5.41 8.73 21.60
C GLY V 334 -4.28 8.67 22.61
N ILE V 335 -3.40 9.68 22.58
CA ILE V 335 -2.25 9.77 23.48
C ILE V 335 -2.65 10.52 24.74
N ALA V 336 -2.65 9.82 25.88
CA ALA V 336 -3.12 10.44 27.12
C ALA V 336 -2.20 11.59 27.53
N GLN V 337 -2.78 12.75 27.74
CA GLN V 337 -2.03 13.96 28.05
C GLN V 337 -2.10 14.33 29.53
N ALA V 338 -3.29 14.26 30.13
CA ALA V 338 -3.41 14.70 31.51
C ALA V 338 -4.64 14.09 32.17
N TRP V 339 -4.55 13.94 33.48
CA TRP V 339 -5.74 13.66 34.26
C TRP V 339 -6.61 14.91 34.31
N LYS V 340 -7.87 14.77 33.96
CA LYS V 340 -8.79 15.90 34.06
C LYS V 340 -9.23 16.14 35.49
N GLY V 341 -9.14 15.10 36.31
CA GLY V 341 -9.61 15.22 37.65
C GLY V 341 -10.77 14.30 37.92
N HIS V 342 -11.02 14.08 39.20
CA HIS V 342 -12.07 13.19 39.59
C HIS V 342 -13.37 13.95 39.54
N ALA V 343 -14.32 13.37 38.80
CA ALA V 343 -15.60 14.00 38.53
C ALA V 343 -16.54 13.55 39.63
N VAL V 344 -17.17 14.52 40.28
CA VAL V 344 -18.16 14.26 41.31
C VAL V 344 -19.49 14.79 40.81
N PHE V 345 -20.46 13.93 40.74
CA PHE V 345 -21.78 14.32 40.27
C PHE V 345 -22.68 14.46 41.48
N ARG V 346 -23.53 15.48 41.46
CA ARG V 346 -24.55 15.68 42.47
C ARG V 346 -25.85 16.06 41.79
N ASN V 347 -26.98 15.61 42.32
CA ASN V 347 -28.24 16.12 41.79
C ASN V 347 -28.59 17.46 42.43
N LYS V 348 -29.80 17.95 42.11
CA LYS V 348 -30.26 19.23 42.63
C LYS V 348 -30.26 19.25 44.17
N GLU V 349 -30.65 18.14 44.82
CA GLU V 349 -30.61 18.10 46.28
C GLU V 349 -29.14 18.01 46.90
N GLY V 350 -28.03 18.19 46.20
CA GLY V 350 -26.73 18.07 46.80
C GLY V 350 -26.25 16.66 47.01
N GLU V 351 -27.15 15.68 47.06
CA GLU V 351 -26.73 14.29 47.19
C GLU V 351 -25.80 13.91 46.04
N GLU V 352 -24.69 13.26 46.39
CA GLU V 352 -23.67 12.86 45.44
C GLU V 352 -24.08 11.58 44.74
N LEU V 353 -23.87 11.55 43.42
CA LEU V 353 -24.27 10.39 42.62
C LEU V 353 -23.06 9.79 41.92
N PHE V 354 -23.22 8.53 41.52
CA PHE V 354 -22.12 7.71 41.03
C PHE V 354 -22.46 7.06 39.69
N VAL V 355 -21.78 7.46 38.63
CA VAL V 355 -21.95 6.78 37.36
C VAL V 355 -21.66 5.28 37.50
N ARG V 356 -22.60 4.47 37.05
CA ARG V 356 -22.41 3.04 36.91
C ARG V 356 -21.37 2.76 35.81
N ARG V 357 -20.36 1.98 36.13
CA ARG V 357 -19.22 1.83 35.25
C ARG V 357 -19.48 0.77 34.21
N MET V 358 -18.79 0.93 33.08
CA MET V 358 -18.86 -0.01 31.95
C MET V 358 -18.21 -1.34 32.30
N PRO V 359 -18.95 -2.44 32.25
CA PRO V 359 -18.30 -3.76 32.29
C PRO V 359 -17.66 -4.09 30.95
N ALA V 360 -16.58 -4.89 31.02
CA ALA V 360 -15.80 -5.18 29.84
C ALA V 360 -16.63 -5.83 28.73
N PHE V 361 -17.70 -6.53 29.08
CA PHE V 361 -18.43 -7.28 28.07
C PHE V 361 -19.10 -6.37 27.03
N PHE V 362 -19.32 -5.11 27.35
CA PHE V 362 -20.23 -4.25 26.64
C PHE V 362 -19.49 -3.29 25.73
N GLU V 363 -19.72 -3.39 24.41
CA GLU V 363 -19.20 -2.41 23.49
C GLU V 363 -19.75 -1.02 23.77
N SER V 364 -20.98 -0.95 24.27
CA SER V 364 -21.62 0.31 24.60
C SER V 364 -22.44 0.07 25.87
N PHE V 365 -22.74 1.15 26.58
CA PHE V 365 -23.38 1.00 27.87
C PHE V 365 -24.11 2.28 28.16
N PRO V 366 -25.27 2.22 28.78
CA PRO V 366 -26.00 3.45 29.09
C PRO V 366 -25.39 4.15 30.29
N VAL V 367 -25.75 5.41 30.42
CA VAL V 367 -25.31 6.29 31.51
C VAL V 367 -26.37 6.28 32.61
N ILE V 368 -26.09 5.58 33.71
CA ILE V 368 -27.00 5.50 34.84
C ILE V 368 -26.23 5.92 36.10
N LEU V 369 -26.79 6.86 36.85
CA LEU V 369 -26.21 7.37 38.09
C LEU V 369 -27.10 6.90 39.23
N THR V 370 -26.48 6.29 40.23
CA THR V 370 -27.14 5.82 41.43
C THR V 370 -26.62 6.61 42.62
N ASP V 371 -27.32 6.48 43.72
CA ASP V 371 -26.87 7.10 44.95
C ASP V 371 -25.99 6.09 45.68
N LYS V 372 -25.46 6.49 46.84
CA LYS V 372 -24.57 5.60 47.59
C LYS V 372 -25.17 4.22 47.77
N ASN V 373 -26.48 4.09 47.65
CA ASN V 373 -27.14 2.82 47.92
C ASN V 373 -27.52 2.06 46.66
N GLY V 374 -27.23 2.60 45.48
CA GLY V 374 -27.58 1.92 44.26
C GLY V 374 -28.97 2.21 43.76
N VAL V 375 -29.69 3.15 44.36
CA VAL V 375 -30.93 3.62 43.74
C VAL V 375 -30.61 4.48 42.54
N VAL V 376 -31.22 4.16 41.39
CA VAL V 376 -31.10 5.02 40.22
C VAL V 376 -31.66 6.39 40.53
N LYS V 377 -30.89 7.43 40.23
CA LYS V 377 -31.36 8.79 40.49
C LYS V 377 -31.24 9.69 39.28
N ALA V 378 -30.47 9.28 38.26
CA ALA V 378 -30.29 10.07 37.07
C ALA V 378 -29.81 9.14 35.96
N ASP V 379 -30.12 9.52 34.73
CA ASP V 379 -29.74 8.70 33.58
C ASP V 379 -29.89 9.56 32.34
N ILE V 380 -29.26 9.14 31.26
CA ILE V 380 -29.49 9.75 29.96
C ILE V 380 -30.52 8.88 29.26
N PRO V 381 -31.73 9.36 29.02
CA PRO V 381 -32.78 8.48 28.52
C PRO V 381 -32.67 8.28 27.00
N PHE V 382 -33.24 7.19 26.56
CA PHE V 382 -33.44 6.94 25.14
C PHE V 382 -34.77 7.57 24.70
N ARG V 383 -35.91 6.97 25.03
CA ARG V 383 -37.19 7.64 24.83
C ARG V 383 -37.31 8.80 25.78
N ARG V 384 -37.56 9.99 25.27
CA ARG V 384 -37.63 11.14 26.15
C ARG V 384 -39.02 11.37 26.74
N ALA V 385 -40.08 10.82 26.13
CA ALA V 385 -41.43 11.31 26.44
C ALA V 385 -41.88 10.96 27.84
N GLU V 386 -41.48 9.82 28.36
CA GLU V 386 -41.86 9.42 29.72
C GLU V 386 -40.63 9.32 30.61
N SER V 387 -39.63 10.17 30.37
CA SER V 387 -38.42 10.10 31.16
C SER V 387 -38.60 10.84 32.49
N LYS V 388 -38.20 10.20 33.55
CA LYS V 388 -38.33 10.79 34.86
C LYS V 388 -37.00 11.00 35.57
N TYR V 389 -35.87 10.54 35.00
CA TYR V 389 -34.57 10.66 35.66
C TYR V 389 -33.57 11.50 34.88
N SER V 390 -34.01 12.35 33.96
CA SER V 390 -33.09 13.07 33.11
C SER V 390 -32.26 14.05 33.92
N PHE V 391 -31.06 14.37 33.39
CA PHE V 391 -30.16 15.31 34.04
C PHE V 391 -30.82 16.68 34.18
N GLU V 392 -31.58 17.07 33.17
CA GLU V 392 -32.35 18.32 33.20
C GLU V 392 -33.38 18.34 34.32
N GLN V 393 -34.14 17.25 34.46
CA GLN V 393 -35.15 17.17 35.52
C GLN V 393 -34.47 17.13 36.89
N GLN V 394 -33.45 16.31 37.02
CA GLN V 394 -32.84 16.05 38.32
C GLN V 394 -31.79 17.10 38.68
N GLY V 395 -31.51 18.02 37.79
CA GLY V 395 -30.56 19.08 38.02
C GLY V 395 -29.20 18.58 38.44
N VAL V 396 -28.60 17.67 37.68
CA VAL V 396 -27.29 17.18 38.09
C VAL V 396 -26.23 18.08 37.50
N THR V 397 -25.17 18.21 38.29
CA THR V 397 -23.98 19.01 38.07
C THR V 397 -22.77 18.09 38.13
N VAL V 398 -21.63 18.59 37.69
CA VAL V 398 -20.37 17.90 37.88
C VAL V 398 -19.36 18.89 38.41
N SER V 399 -18.62 18.49 39.43
CA SER V 399 -17.53 19.27 40.01
C SER V 399 -16.26 18.43 39.97
N PHE V 400 -15.13 19.02 39.60
CA PHE V 400 -13.88 18.27 39.49
C PHE V 400 -12.91 18.56 40.65
N TYR V 401 -12.25 17.52 41.10
CA TYR V 401 -11.30 17.62 42.19
C TYR V 401 -10.01 16.93 41.77
N GLY V 402 -8.91 17.67 41.78
CA GLY V 402 -7.68 17.17 41.24
C GLY V 402 -7.58 17.46 39.77
N GLY V 403 -6.43 17.10 39.22
CA GLY V 403 -6.13 17.16 37.82
C GLY V 403 -6.35 18.53 37.22
N GLU V 404 -6.63 18.50 35.92
CA GLU V 404 -6.71 19.72 35.11
C GLU V 404 -7.83 20.65 35.56
N LEU V 405 -8.93 20.09 36.07
CA LEU V 405 -10.16 20.84 36.30
C LEU V 405 -10.44 21.08 37.77
N ASN V 406 -9.48 20.77 38.64
CA ASN V 406 -9.67 20.92 40.08
C ASN V 406 -10.35 22.25 40.40
N GLY V 407 -11.45 22.17 41.16
CA GLY V 407 -12.21 23.35 41.52
C GLY V 407 -13.26 23.80 40.52
N GLN V 408 -13.25 23.31 39.30
CA GLN V 408 -14.29 23.72 38.37
C GLN V 408 -15.56 22.88 38.57
N THR V 409 -16.71 23.52 38.31
CA THR V 409 -18.01 22.90 38.40
C THR V 409 -18.79 23.31 37.17
N PHE V 410 -19.50 22.36 36.55
CA PHE V 410 -20.32 22.62 35.37
C PHE V 410 -21.79 22.37 35.66
N THR V 411 -22.65 23.26 35.18
CA THR V 411 -24.07 23.08 35.44
C THR V 411 -24.92 22.97 34.17
N ASP V 412 -24.41 23.33 33.01
CA ASP V 412 -25.19 23.19 31.80
C ASP V 412 -25.31 21.71 31.47
N PRO V 413 -26.52 21.22 31.19
CA PRO V 413 -26.75 19.76 31.08
C PRO V 413 -25.92 19.13 29.98
N PRO V 414 -25.87 19.72 28.79
CA PRO V 414 -25.05 19.09 27.73
C PRO V 414 -23.61 18.82 28.13
N THR V 415 -23.02 19.70 28.92
CA THR V 415 -21.66 19.46 29.35
C THR V 415 -21.60 18.42 30.45
N VAL V 416 -22.53 18.46 31.41
CA VAL V 416 -22.54 17.42 32.44
C VAL V 416 -22.72 16.05 31.80
N LYS V 417 -23.49 15.99 30.71
CA LYS V 417 -23.73 14.71 30.05
C LYS V 417 -22.47 14.14 29.41
N SER V 418 -21.67 14.98 28.76
CA SER V 418 -20.48 14.46 28.12
C SER V 418 -19.45 13.95 29.14
N TYR V 419 -19.36 14.57 30.33
CA TYR V 419 -18.46 14.04 31.37
C TYR V 419 -19.05 12.79 32.01
N ALA V 420 -20.37 12.69 32.07
CA ALA V 420 -20.96 11.46 32.55
C ALA V 420 -20.75 10.32 31.55
N ARG V 421 -20.80 10.61 30.23
CA ARG V 421 -20.52 9.55 29.25
C ARG V 421 -19.09 9.04 29.41
N LYS V 422 -18.16 9.90 29.81
CA LYS V 422 -16.78 9.42 29.98
C LYS V 422 -16.58 8.73 31.33
N ALA V 423 -17.30 9.16 32.36
CA ALA V 423 -17.15 8.49 33.65
C ALA V 423 -17.51 7.01 33.61
N ILE V 424 -18.25 6.52 32.58
CA ILE V 424 -18.49 5.08 32.53
C ILE V 424 -17.18 4.34 32.31
N PHE V 425 -16.18 5.00 31.75
CA PHE V 425 -14.87 4.41 31.52
C PHE V 425 -13.92 4.55 32.72
N GLY V 426 -14.34 5.23 33.78
CA GLY V 426 -13.52 5.42 34.96
C GLY V 426 -13.04 6.84 35.02
N GLU V 427 -11.79 7.01 35.42
CA GLU V 427 -11.22 8.35 35.51
C GLU V 427 -11.05 8.94 34.11
N ILE V 428 -11.21 10.25 34.02
CA ILE V 428 -11.34 10.98 32.76
C ILE V 428 -10.02 11.65 32.42
N PHE V 429 -9.54 11.44 31.21
CA PHE V 429 -8.27 12.01 30.81
C PHE V 429 -8.40 12.88 29.58
N GLU V 430 -7.41 13.75 29.44
CA GLU V 430 -7.27 14.54 28.24
C GLU V 430 -6.43 13.70 27.29
N PHE V 431 -6.85 13.65 26.03
CA PHE V 431 -6.22 12.83 25.02
C PHE V 431 -5.85 13.70 23.82
N ASP V 432 -4.69 13.43 23.23
CA ASP V 432 -4.30 13.96 21.94
C ASP V 432 -4.77 12.95 20.89
N THR V 433 -5.79 13.31 20.11
CA THR V 433 -6.29 12.40 19.09
C THR V 433 -5.75 12.77 17.72
N GLU V 434 -5.01 13.86 17.64
CA GLU V 434 -4.60 14.40 16.36
C GLU V 434 -3.29 13.79 15.88
N THR V 435 -2.26 13.79 16.73
CA THR V 435 -0.95 13.31 16.30
C THR V 435 -1.05 12.01 15.49
N LEU V 436 -1.77 11.01 16.01
CA LEU V 436 -1.89 9.70 15.37
C LEU V 436 -3.18 9.53 14.61
N ASN V 437 -3.95 10.59 14.45
CA ASN V 437 -5.27 10.50 13.81
C ASN V 437 -6.03 9.31 14.41
N SER V 438 -6.24 9.36 15.72
CA SER V 438 -6.87 8.26 16.44
C SER V 438 -8.37 8.29 16.16
N ASP V 439 -8.95 7.10 16.08
CA ASP V 439 -10.31 6.92 15.64
C ASP V 439 -11.31 6.76 16.79
N GLY V 440 -10.81 6.63 18.04
CA GLY V 440 -11.67 6.65 19.21
C GLY V 440 -12.17 5.33 19.69
N ILE V 441 -11.62 4.23 19.17
CA ILE V 441 -12.12 2.88 19.42
C ILE V 441 -11.05 2.11 20.18
N PHE V 442 -11.46 1.46 21.24
CA PHE V 442 -10.50 0.86 22.15
C PHE V 442 -9.73 -0.24 21.43
N ARG V 443 -8.45 -0.32 21.77
CA ARG V 443 -7.61 -1.42 21.33
C ARG V 443 -7.10 -2.17 22.55
N THR V 444 -6.53 -3.34 22.30
CA THR V 444 -5.97 -4.13 23.39
C THR V 444 -4.48 -3.85 23.53
N SER V 445 -3.93 -4.36 24.60
CA SER V 445 -2.56 -4.10 24.96
C SER V 445 -1.71 -5.27 24.59
N PRO V 446 -0.38 -5.14 24.72
CA PRO V 446 0.51 -6.29 24.54
C PRO V 446 0.18 -7.47 25.41
N ARG V 447 -0.39 -7.26 26.62
CA ARG V 447 -0.84 -8.40 27.39
C ARG V 447 -1.90 -9.16 26.64
N GLY V 448 -2.83 -8.45 26.02
CA GLY V 448 -3.85 -9.01 25.14
C GLY V 448 -3.31 -9.79 23.97
N TRP V 449 -2.49 -9.15 23.14
CA TRP V 449 -1.99 -9.81 21.92
C TRP V 449 -1.16 -11.02 22.26
N PHE V 450 -0.26 -10.88 23.24
CA PHE V 450 0.56 -12.00 23.67
C PHE V 450 -0.33 -13.19 24.01
N THR V 451 -1.29 -12.99 24.91
CA THR V 451 -2.12 -14.09 25.37
C THR V 451 -2.84 -14.75 24.20
N PHE V 452 -3.40 -13.94 23.31
CA PHE V 452 -4.16 -14.48 22.19
C PHE V 452 -3.26 -15.35 21.34
N ALA V 453 -2.11 -14.83 20.96
CA ALA V 453 -1.24 -15.56 20.06
C ALA V 453 -0.79 -16.87 20.67
N HIS V 454 -0.45 -16.84 21.96
CA HIS V 454 0.11 -18.04 22.57
C HIS V 454 -0.98 -19.06 22.85
N ALA V 455 -2.14 -18.62 23.28
CA ALA V 455 -3.27 -19.56 23.40
C ALA V 455 -3.56 -20.24 22.08
N VAL V 456 -3.54 -19.49 21.00
CA VAL V 456 -3.83 -20.04 19.68
C VAL V 456 -2.74 -21.01 19.25
N PHE V 457 -1.49 -20.60 19.39
CA PHE V 457 -0.37 -21.48 19.03
C PHE V 457 -0.35 -22.72 19.91
N ALA V 458 -0.63 -22.57 21.21
CA ALA V 458 -0.68 -23.75 22.05
C ALA V 458 -1.71 -24.74 21.54
N LEU V 459 -2.90 -24.25 21.19
CA LEU V 459 -3.97 -25.14 20.72
C LEU V 459 -3.57 -25.82 19.43
N LEU V 460 -3.05 -25.07 18.47
CA LEU V 460 -2.57 -25.68 17.24
C LEU V 460 -1.47 -26.72 17.49
N PHE V 461 -0.56 -26.44 18.42
CA PHE V 461 0.54 -27.38 18.63
C PHE V 461 0.05 -28.69 19.25
N PHE V 462 -1.03 -28.67 20.03
CA PHE V 462 -1.69 -29.93 20.36
C PHE V 462 -1.94 -30.77 19.11
N PHE V 463 -2.46 -30.16 18.04
CA PHE V 463 -2.66 -30.96 16.85
C PHE V 463 -1.35 -31.54 16.35
N GLY V 464 -0.29 -30.73 16.30
CA GLY V 464 1.02 -31.27 15.94
C GLY V 464 1.45 -32.46 16.79
N HIS V 465 1.17 -32.41 18.09
CA HIS V 465 1.53 -33.54 18.96
C HIS V 465 0.77 -34.80 18.55
N ILE V 466 -0.54 -34.69 18.35
CA ILE V 466 -1.32 -35.84 17.90
C ILE V 466 -0.79 -36.33 16.56
N TRP V 467 -0.43 -35.41 15.68
CA TRP V 467 -0.02 -35.86 14.36
C TRP V 467 1.28 -36.62 14.42
N HIS V 468 2.30 -36.06 15.10
CA HIS V 468 3.58 -36.73 15.12
C HIS V 468 3.58 -37.90 16.11
N GLY V 469 2.78 -37.82 17.17
CA GLY V 469 2.62 -38.96 18.04
C GLY V 469 2.10 -40.18 17.30
N ALA V 470 1.06 -39.99 16.46
CA ALA V 470 0.51 -41.11 15.71
C ALA V 470 1.50 -41.64 14.68
N ARG V 471 2.18 -40.74 13.97
CA ARG V 471 3.12 -41.20 12.95
C ARG V 471 4.26 -42.01 13.56
N THR V 472 4.66 -41.69 14.79
CA THR V 472 5.68 -42.52 15.45
C THR V 472 5.14 -43.92 15.70
N LEU V 473 4.02 -44.01 16.41
CA LEU V 473 3.49 -45.28 16.87
C LEU V 473 2.87 -46.13 15.77
N PHE V 474 2.44 -45.53 14.67
CA PHE V 474 1.89 -46.26 13.52
C PHE V 474 2.77 -46.16 12.28
N ARG V 475 4.07 -45.95 12.46
CA ARG V 475 4.88 -45.74 11.27
C ARG V 475 4.79 -46.93 10.33
N ASP V 476 4.61 -48.12 10.88
CA ASP V 476 4.57 -49.31 10.05
C ASP V 476 3.43 -49.26 9.03
N VAL V 477 2.35 -48.52 9.31
CA VAL V 477 1.23 -48.46 8.38
C VAL V 477 0.99 -47.05 7.85
N PHE V 478 2.00 -46.18 7.88
CA PHE V 478 1.82 -44.83 7.35
C PHE V 478 1.38 -44.86 5.88
N SER V 479 2.06 -45.66 5.05
CA SER V 479 1.73 -45.76 3.64
C SER V 479 0.52 -46.63 3.37
N GLY V 480 -0.03 -47.28 4.40
CA GLY V 480 -1.24 -48.05 4.25
C GLY V 480 -1.22 -49.35 5.02
N ILE V 481 -2.40 -49.99 5.14
CA ILE V 481 -2.52 -51.23 5.89
C ILE V 481 -2.07 -52.40 5.03
N ASP V 482 -1.72 -53.50 5.68
CA ASP V 482 -1.05 -54.60 4.99
C ASP V 482 -2.00 -55.26 4.00
N PRO V 483 -1.60 -55.44 2.75
CA PRO V 483 -2.58 -55.93 1.75
C PRO V 483 -3.03 -57.38 1.97
N GLU V 484 -2.24 -58.19 2.68
CA GLU V 484 -2.59 -59.59 2.88
C GLU V 484 -2.97 -59.84 4.33
N LEU V 485 -3.98 -59.11 4.83
CA LEU V 485 -4.45 -59.16 6.21
C LEU V 485 -5.88 -59.70 6.24
N SER V 486 -6.15 -60.66 7.14
CA SER V 486 -7.34 -61.52 7.04
C SER V 486 -8.40 -61.23 8.10
N PRO V 487 -9.65 -61.69 7.87
CA PRO V 487 -10.70 -61.50 8.90
C PRO V 487 -10.45 -62.22 10.23
N GLU V 488 -9.64 -63.28 10.28
CA GLU V 488 -9.36 -63.90 11.57
C GLU V 488 -8.66 -62.93 12.51
N GLN V 489 -7.93 -61.96 11.94
CA GLN V 489 -7.29 -60.94 12.76
C GLN V 489 -8.30 -59.92 13.27
N VAL V 490 -9.20 -59.45 12.40
CA VAL V 490 -10.06 -58.33 12.74
C VAL V 490 -11.48 -58.71 13.11
N GLU V 491 -11.96 -59.89 12.71
CA GLU V 491 -13.29 -60.36 13.08
C GLU V 491 -13.30 -60.86 14.53
N TRP V 492 -14.50 -61.05 15.08
CA TRP V 492 -14.67 -61.31 16.50
C TRP V 492 -14.59 -62.80 16.82
N GLY V 493 -13.98 -63.11 17.97
CA GLY V 493 -14.00 -64.44 18.53
C GLY V 493 -12.87 -65.34 18.07
N PHE V 494 -12.39 -65.18 16.84
CA PHE V 494 -11.28 -66.00 16.37
C PHE V 494 -10.15 -66.02 17.40
N TYR V 495 -9.89 -64.88 18.04
CA TYR V 495 -8.83 -64.73 19.04
C TYR V 495 -9.41 -64.24 20.36
N GLN V 496 -8.81 -64.69 21.47
CA GLN V 496 -9.24 -64.26 22.78
C GLN V 496 -8.76 -62.86 23.14
N LYS V 497 -7.67 -62.42 22.52
CA LYS V 497 -7.09 -61.11 22.75
C LYS V 497 -6.93 -60.43 21.40
N VAL V 498 -7.37 -59.18 21.31
CA VAL V 498 -7.33 -58.46 20.03
C VAL V 498 -5.89 -58.25 19.61
N GLY V 499 -5.59 -58.61 18.36
CA GLY V 499 -4.32 -58.37 17.74
C GLY V 499 -3.33 -59.51 17.88
N ASP V 500 -3.49 -60.32 18.92
CA ASP V 500 -2.51 -61.35 19.28
C ASP V 500 -2.87 -62.64 18.58
N VAL V 501 -2.13 -62.98 17.52
CA VAL V 501 -2.39 -64.19 16.74
C VAL V 501 -2.24 -65.45 17.58
N THR V 502 -1.45 -65.38 18.66
CA THR V 502 -1.11 -66.54 19.48
C THR V 502 -2.22 -66.95 20.44
N THR V 503 -3.39 -66.31 20.38
CA THR V 503 -4.50 -66.57 21.29
C THR V 503 -5.64 -67.31 20.60
N ARG V 504 -5.33 -68.13 19.59
CA ARG V 504 -6.31 -68.87 18.81
C ARG V 504 -7.46 -69.43 19.65
N ARG V 505 -8.66 -69.47 19.08
CA ARG V 505 -9.78 -70.17 19.69
C ARG V 505 -10.11 -69.62 21.08
N ALA W 1 -46.84 -68.26 0.51
CA ALA W 1 -45.81 -67.46 -0.15
C ALA W 1 -46.31 -66.90 -1.48
N THR W 2 -47.63 -66.63 -1.56
CA THR W 2 -48.19 -65.87 -2.67
C THR W 2 -47.66 -64.44 -2.62
N ASN W 3 -46.57 -64.18 -3.34
CA ASN W 3 -45.71 -63.04 -3.04
C ASN W 3 -45.51 -63.06 -1.52
N ARG W 4 -45.50 -61.91 -0.86
CA ARG W 4 -45.66 -61.82 0.59
C ARG W 4 -44.34 -62.04 1.34
N ASP W 5 -43.23 -62.36 0.67
CA ASP W 5 -41.89 -62.41 1.26
C ASP W 5 -40.91 -61.85 0.24
N GLN W 6 -39.67 -61.58 0.67
CA GLN W 6 -38.72 -60.87 -0.21
C GLN W 6 -38.13 -61.77 -1.29
N GLU W 7 -38.09 -63.09 -1.05
CA GLU W 7 -37.50 -63.99 -2.03
C GLU W 7 -38.36 -64.09 -3.29
N SER W 8 -39.69 -64.13 -3.13
CA SER W 8 -40.59 -64.28 -4.28
C SER W 8 -40.96 -62.96 -4.93
N SER W 9 -41.10 -61.88 -4.16
CA SER W 9 -41.58 -60.63 -4.73
C SER W 9 -40.48 -59.68 -5.18
N GLY W 10 -39.28 -59.81 -4.62
CA GLY W 10 -38.18 -58.95 -4.99
C GLY W 10 -38.09 -57.66 -4.21
N PHE W 11 -39.09 -57.33 -3.41
CA PHE W 11 -39.07 -56.15 -2.56
C PHE W 11 -38.97 -56.58 -1.10
N ALA W 12 -38.24 -55.80 -0.31
CA ALA W 12 -38.09 -56.10 1.11
C ALA W 12 -39.32 -55.62 1.89
N TRP W 13 -39.36 -55.98 3.18
CA TRP W 13 -40.54 -55.70 4.00
C TRP W 13 -40.84 -54.22 4.06
N TRP W 14 -39.78 -53.37 4.19
CA TRP W 14 -39.98 -51.93 4.30
C TRP W 14 -40.48 -51.31 2.98
N ALA W 15 -40.49 -52.08 1.88
CA ALA W 15 -41.14 -51.68 0.64
C ALA W 15 -42.17 -52.74 0.24
N GLY W 16 -42.85 -53.29 1.24
CA GLY W 16 -43.72 -54.43 1.02
C GLY W 16 -44.97 -54.15 0.19
N ASN W 17 -45.51 -52.93 0.30
CA ASN W 17 -46.68 -52.58 -0.51
C ASN W 17 -46.36 -52.59 -2.00
N ALA W 18 -45.09 -52.51 -2.39
CA ALA W 18 -44.72 -52.76 -3.79
C ALA W 18 -44.93 -54.21 -4.19
N ARG W 19 -45.17 -55.12 -3.24
CA ARG W 19 -45.49 -56.49 -3.59
C ARG W 19 -46.86 -56.59 -4.25
N LEU W 20 -47.72 -55.57 -4.06
CA LEU W 20 -49.10 -55.57 -4.53
C LEU W 20 -49.27 -55.02 -5.92
N ILE W 21 -48.18 -54.75 -6.66
CA ILE W 21 -48.32 -54.01 -7.92
C ILE W 21 -49.13 -54.82 -8.94
N ASN W 22 -48.92 -56.14 -9.02
CA ASN W 22 -49.60 -56.95 -10.02
C ASN W 22 -50.55 -57.95 -9.39
N LEU W 23 -51.18 -57.54 -8.28
CA LEU W 23 -52.17 -58.29 -7.53
C LEU W 23 -53.36 -57.34 -7.41
N SER W 24 -54.18 -57.29 -8.46
CA SER W 24 -55.21 -56.26 -8.54
C SER W 24 -56.29 -56.41 -7.48
N GLY W 25 -56.54 -57.60 -6.98
CA GLY W 25 -57.59 -57.73 -6.00
C GLY W 25 -57.17 -57.31 -4.60
N LYS W 26 -55.96 -57.75 -4.21
CA LYS W 26 -55.39 -57.30 -2.94
C LYS W 26 -55.17 -55.79 -2.96
N LEU W 27 -54.69 -55.26 -4.09
CA LEU W 27 -54.52 -53.81 -4.22
C LEU W 27 -55.84 -53.07 -4.02
N LEU W 28 -56.94 -53.62 -4.55
CA LEU W 28 -58.24 -53.00 -4.36
C LEU W 28 -58.59 -52.90 -2.88
N GLY W 29 -58.39 -54.01 -2.14
CA GLY W 29 -58.56 -53.98 -0.70
C GLY W 29 -57.77 -52.90 0.01
N ALA W 30 -56.50 -52.73 -0.37
CA ALA W 30 -55.66 -51.70 0.25
C ALA W 30 -56.29 -50.33 0.10
N HIS W 31 -56.76 -50.00 -1.10
CA HIS W 31 -57.37 -48.70 -1.36
C HIS W 31 -58.69 -48.55 -0.60
N VAL W 32 -59.55 -49.56 -0.67
CA VAL W 32 -60.86 -49.43 -0.03
C VAL W 32 -60.69 -49.30 1.46
N ALA W 33 -59.85 -50.18 2.04
CA ALA W 33 -59.53 -50.09 3.46
C ALA W 33 -58.98 -48.71 3.79
N HIS W 34 -58.06 -48.20 2.97
CA HIS W 34 -57.51 -46.88 3.23
C HIS W 34 -58.56 -45.79 3.08
N ALA W 35 -59.43 -45.90 2.08
CA ALA W 35 -60.61 -45.04 2.04
C ALA W 35 -61.40 -45.17 3.33
N GLY W 36 -61.52 -46.40 3.84
CA GLY W 36 -62.09 -46.60 5.16
C GLY W 36 -61.51 -45.67 6.20
N LEU W 37 -60.17 -45.56 6.25
CA LEU W 37 -59.50 -44.75 7.27
C LEU W 37 -59.81 -43.28 7.10
N ILE W 38 -59.88 -42.81 5.85
CA ILE W 38 -60.18 -41.41 5.62
C ILE W 38 -61.58 -41.08 6.10
N VAL W 39 -62.55 -41.86 5.65
CA VAL W 39 -63.94 -41.62 6.06
C VAL W 39 -64.07 -41.81 7.57
N PHE W 40 -63.39 -42.80 8.15
CA PHE W 40 -63.33 -42.92 9.61
C PHE W 40 -62.88 -41.62 10.26
N TRP W 41 -61.74 -41.08 9.80
CA TRP W 41 -61.22 -39.86 10.42
C TRP W 41 -62.22 -38.72 10.31
N ALA W 42 -62.82 -38.54 9.13
CA ALA W 42 -63.79 -37.47 8.99
C ALA W 42 -64.92 -37.63 10.00
N GLY W 43 -65.31 -38.87 10.27
CA GLY W 43 -66.36 -39.13 11.22
C GLY W 43 -65.94 -38.93 12.66
N ALA W 44 -64.88 -39.62 13.08
CA ALA W 44 -64.45 -39.54 14.47
C ALA W 44 -64.08 -38.10 14.83
N MET W 45 -63.38 -37.41 13.94
CA MET W 45 -62.90 -36.08 14.24
C MET W 45 -64.05 -35.10 14.42
N THR W 46 -65.07 -35.16 13.55
CA THR W 46 -66.19 -34.25 13.67
C THR W 46 -66.92 -34.42 15.01
N LEU W 47 -67.02 -35.66 15.49
CA LEU W 47 -67.70 -35.90 16.75
C LEU W 47 -66.84 -35.42 17.91
N PHE W 48 -65.53 -35.58 17.76
CA PHE W 48 -64.63 -34.96 18.72
C PHE W 48 -64.87 -33.47 18.78
N GLU W 49 -64.97 -32.84 17.61
CA GLU W 49 -65.12 -31.39 17.61
C GLU W 49 -66.45 -30.99 18.24
N LEU W 50 -67.52 -31.74 17.91
CA LEU W 50 -68.82 -31.47 18.49
C LEU W 50 -68.78 -31.65 19.99
N ALA W 51 -68.23 -32.78 20.46
CA ALA W 51 -68.12 -33.02 21.89
C ALA W 51 -67.33 -31.92 22.60
N HIS W 52 -66.44 -31.23 21.89
CA HIS W 52 -65.65 -30.19 22.52
C HIS W 52 -66.16 -28.81 22.19
N PHE W 53 -67.23 -28.70 21.40
CA PHE W 53 -67.70 -27.41 20.92
C PHE W 53 -68.50 -26.67 21.98
N ILE W 54 -68.19 -25.38 22.11
CA ILE W 54 -68.92 -24.44 22.97
C ILE W 54 -69.46 -23.34 22.04
N PRO W 55 -70.78 -23.24 21.84
CA PRO W 55 -71.27 -22.32 20.80
C PRO W 55 -71.05 -20.85 21.09
N GLU W 56 -70.77 -20.45 22.33
CA GLU W 56 -70.53 -19.05 22.64
C GLU W 56 -69.10 -18.60 22.40
N LYS W 57 -68.19 -19.50 22.17
CA LYS W 57 -66.84 -19.10 21.75
C LYS W 57 -66.75 -19.12 20.23
N PRO W 58 -65.93 -18.26 19.63
CA PRO W 58 -65.69 -18.39 18.18
C PRO W 58 -65.14 -19.76 17.89
N MET W 59 -65.55 -20.31 16.75
CA MET W 59 -64.99 -21.57 16.27
C MET W 59 -63.47 -21.57 16.31
N TYR W 60 -62.83 -20.44 15.92
CA TYR W 60 -61.38 -20.34 15.76
C TYR W 60 -60.64 -20.24 17.09
N GLU W 61 -61.36 -20.03 18.21
CA GLU W 61 -60.77 -20.13 19.54
C GLU W 61 -60.78 -21.55 20.08
N GLN W 62 -61.35 -22.50 19.34
CA GLN W 62 -61.58 -23.83 19.89
C GLN W 62 -60.92 -24.94 19.10
N GLY W 63 -60.09 -24.61 18.12
CA GLY W 63 -59.27 -25.63 17.49
C GLY W 63 -60.01 -26.49 16.52
N LEU W 64 -60.98 -25.90 15.82
CA LEU W 64 -61.88 -26.65 14.96
C LEU W 64 -61.49 -26.45 13.52
N ILE W 65 -61.32 -27.55 12.80
CA ILE W 65 -61.05 -27.44 11.38
C ILE W 65 -62.16 -28.03 10.51
N LEU W 66 -62.98 -28.94 11.03
CA LEU W 66 -63.97 -29.60 10.17
C LEU W 66 -65.37 -29.01 10.29
N ILE W 67 -65.77 -28.64 11.50
CA ILE W 67 -67.04 -27.92 11.69
C ILE W 67 -67.06 -26.64 10.90
N PRO W 68 -65.99 -25.86 10.80
CA PRO W 68 -65.99 -24.72 9.86
C PRO W 68 -66.27 -25.12 8.43
N HIS W 69 -65.87 -26.32 7.99
CA HIS W 69 -66.16 -26.73 6.62
C HIS W 69 -67.67 -26.96 6.44
N ILE W 70 -68.31 -27.49 7.50
CA ILE W 70 -69.75 -27.77 7.46
C ILE W 70 -70.56 -26.50 7.51
N ALA W 71 -70.14 -25.54 8.35
CA ALA W 71 -70.83 -24.26 8.45
C ALA W 71 -70.78 -23.48 7.14
N THR W 72 -69.64 -23.54 6.44
CA THR W 72 -69.50 -22.78 5.20
C THR W 72 -70.51 -23.25 4.16
N LEU W 73 -70.86 -24.54 4.17
CA LEU W 73 -71.88 -25.12 3.33
C LEU W 73 -73.31 -24.80 3.79
N GLY W 74 -73.50 -24.03 4.86
CA GLY W 74 -74.79 -23.53 5.26
C GLY W 74 -75.60 -24.40 6.20
N TRP W 75 -74.95 -25.26 6.98
CA TRP W 75 -75.66 -26.05 7.97
C TRP W 75 -75.31 -25.56 9.36
N GLY W 76 -76.29 -25.54 10.26
CA GLY W 76 -76.06 -25.25 11.66
C GLY W 76 -75.81 -23.80 12.02
N VAL W 77 -76.08 -22.85 11.15
CA VAL W 77 -75.52 -21.52 11.30
C VAL W 77 -76.51 -20.49 10.78
N GLY W 78 -76.47 -19.30 11.38
CA GLY W 78 -77.35 -18.22 10.97
C GLY W 78 -76.61 -16.93 10.66
N PRO W 79 -77.31 -15.79 10.79
CA PRO W 79 -76.67 -14.49 10.54
C PRO W 79 -75.47 -14.25 11.44
N GLY W 80 -74.43 -13.67 10.85
CA GLY W 80 -73.14 -13.47 11.48
C GLY W 80 -72.33 -14.72 11.74
N GLY W 81 -72.78 -15.88 11.29
CA GLY W 81 -72.08 -17.11 11.60
C GLY W 81 -72.43 -17.71 12.95
N GLU W 82 -73.50 -17.24 13.59
CA GLU W 82 -73.91 -17.79 14.86
C GLU W 82 -74.37 -19.24 14.69
N VAL W 83 -73.89 -20.12 15.57
CA VAL W 83 -74.36 -21.50 15.52
C VAL W 83 -75.76 -21.57 16.12
N VAL W 84 -76.72 -22.02 15.32
CA VAL W 84 -78.12 -22.09 15.71
C VAL W 84 -78.61 -23.51 15.94
N ASP W 85 -78.03 -24.50 15.28
CA ASP W 85 -78.44 -25.89 15.45
C ASP W 85 -77.18 -26.73 15.27
N THR W 86 -76.73 -27.42 16.33
CA THR W 86 -75.60 -28.31 16.16
C THR W 86 -75.98 -29.65 15.57
N PHE W 87 -77.26 -29.93 15.34
CA PHE W 87 -77.61 -31.28 14.97
C PHE W 87 -76.98 -31.71 13.64
N PRO W 88 -76.95 -30.88 12.60
CA PRO W 88 -76.31 -31.32 11.35
C PRO W 88 -74.83 -31.72 11.49
N PHE W 89 -74.09 -31.08 12.39
CA PHE W 89 -72.72 -31.53 12.62
C PHE W 89 -72.70 -32.96 13.10
N PHE W 90 -73.59 -33.29 14.04
CA PHE W 90 -73.67 -34.65 14.54
C PHE W 90 -73.88 -35.61 13.41
N VAL W 91 -74.74 -35.24 12.46
CA VAL W 91 -75.15 -36.14 11.38
C VAL W 91 -73.99 -36.43 10.45
N VAL W 92 -73.31 -35.38 10.00
CA VAL W 92 -72.13 -35.56 9.16
C VAL W 92 -71.15 -36.50 9.87
N GLY W 93 -70.85 -36.20 11.13
CA GLY W 93 -70.01 -37.05 11.94
C GLY W 93 -70.41 -38.52 11.90
N VAL W 94 -71.65 -38.82 12.33
CA VAL W 94 -72.02 -40.24 12.47
C VAL W 94 -72.06 -40.93 11.12
N VAL W 95 -72.56 -40.25 10.10
CA VAL W 95 -72.79 -40.93 8.82
C VAL W 95 -71.48 -41.37 8.18
N HIS W 96 -70.45 -40.50 8.23
CA HIS W 96 -69.11 -40.87 7.76
C HIS W 96 -68.58 -42.05 8.55
N LEU W 97 -68.61 -41.95 9.88
CA LEU W 97 -68.07 -43.00 10.73
C LEU W 97 -68.74 -44.34 10.47
N ILE W 98 -70.08 -44.35 10.35
CA ILE W 98 -70.78 -45.59 10.01
C ILE W 98 -70.28 -46.11 8.66
N SER W 99 -70.36 -45.25 7.63
CA SER W 99 -69.87 -45.60 6.30
C SER W 99 -68.43 -46.12 6.34
N SER W 100 -67.61 -45.63 7.26
CA SER W 100 -66.22 -46.11 7.29
C SER W 100 -66.17 -47.60 7.57
N ALA W 101 -67.17 -48.13 8.30
CA ALA W 101 -67.19 -49.54 8.66
C ALA W 101 -67.53 -50.45 7.49
N VAL W 102 -68.34 -49.98 6.54
CA VAL W 102 -68.63 -50.83 5.38
C VAL W 102 -67.44 -50.81 4.41
N LEU W 103 -66.91 -49.61 4.16
CA LEU W 103 -65.60 -49.44 3.53
C LEU W 103 -64.51 -50.29 4.19
N GLY W 104 -64.39 -50.17 5.52
CA GLY W 104 -63.50 -51.06 6.25
C GLY W 104 -63.75 -52.52 5.95
N PHE W 105 -65.01 -52.95 6.05
CA PHE W 105 -65.36 -54.34 5.77
C PHE W 105 -64.97 -54.71 4.35
N GLY W 106 -65.31 -53.86 3.38
CA GLY W 106 -65.02 -54.21 2.00
C GLY W 106 -63.52 -54.28 1.73
N GLY W 107 -62.75 -53.40 2.36
CA GLY W 107 -61.32 -53.38 2.11
C GLY W 107 -60.60 -54.60 2.69
N VAL W 108 -60.95 -54.97 3.94
CA VAL W 108 -60.32 -56.13 4.56
C VAL W 108 -60.80 -57.43 3.93
N TYR W 109 -62.02 -57.47 3.39
CA TYR W 109 -62.41 -58.63 2.59
C TYR W 109 -61.50 -58.79 1.38
N HIS W 110 -61.37 -57.73 0.55
CA HIS W 110 -60.59 -57.84 -0.67
C HIS W 110 -59.12 -58.13 -0.41
N ALA W 111 -58.56 -57.66 0.70
CA ALA W 111 -57.11 -57.79 0.91
C ALA W 111 -56.75 -59.19 1.42
N ILE W 112 -57.66 -59.84 2.15
CA ILE W 112 -57.42 -61.13 2.78
C ILE W 112 -58.11 -62.25 2.02
N ARG W 113 -59.45 -62.25 2.04
CA ARG W 113 -60.24 -63.35 1.51
C ARG W 113 -60.39 -63.30 -0.01
N GLY W 114 -60.80 -62.17 -0.56
CA GLY W 114 -61.03 -62.04 -1.97
C GLY W 114 -59.92 -62.61 -2.83
N PRO W 115 -60.17 -62.70 -4.14
CA PRO W 115 -59.10 -63.10 -5.07
C PRO W 115 -57.94 -62.12 -5.03
N GLU W 116 -56.72 -62.66 -4.96
CA GLU W 116 -55.52 -61.83 -5.05
C GLU W 116 -55.54 -61.02 -6.32
N THR W 117 -55.95 -61.64 -7.43
CA THR W 117 -56.00 -61.03 -8.75
C THR W 117 -57.42 -61.13 -9.28
N LEU W 118 -57.87 -60.05 -9.91
CA LEU W 118 -59.24 -59.94 -10.41
C LEU W 118 -59.39 -60.41 -11.85
N GLU W 119 -58.30 -60.63 -12.58
CA GLU W 119 -58.36 -60.66 -14.05
C GLU W 119 -59.01 -61.92 -14.61
N GLU W 120 -59.20 -62.96 -13.79
CA GLU W 120 -59.82 -64.19 -14.23
C GLU W 120 -61.22 -64.35 -13.72
N TYR W 121 -61.50 -63.76 -12.57
CA TYR W 121 -62.84 -63.76 -11.98
C TYR W 121 -63.82 -62.93 -12.81
N SER W 122 -63.36 -61.83 -13.39
CA SER W 122 -64.23 -60.99 -14.19
C SER W 122 -63.37 -60.12 -15.09
N SER W 123 -63.73 -60.06 -16.38
CA SER W 123 -62.91 -59.30 -17.31
C SER W 123 -63.14 -57.79 -17.21
N PHE W 124 -64.08 -57.35 -16.40
CA PHE W 124 -64.37 -55.93 -16.29
C PHE W 124 -63.57 -55.27 -15.19
N PHE W 125 -63.46 -55.94 -14.04
CA PHE W 125 -62.77 -55.35 -12.90
C PHE W 125 -61.26 -55.56 -12.95
N GLY W 126 -60.81 -56.67 -13.51
CA GLY W 126 -59.38 -56.88 -13.65
C GLY W 126 -58.80 -55.90 -14.64
N TYR W 127 -57.51 -55.59 -14.46
CA TYR W 127 -56.85 -54.59 -15.29
C TYR W 127 -55.37 -54.92 -15.40
N ASP W 128 -54.78 -54.54 -16.52
CA ASP W 128 -53.34 -54.51 -16.63
C ASP W 128 -52.89 -53.07 -16.79
N TRP W 129 -51.86 -52.69 -16.02
CA TRP W 129 -51.33 -51.34 -16.04
C TRP W 129 -51.03 -50.88 -17.46
N LYS W 130 -50.60 -51.80 -18.32
CA LYS W 130 -50.17 -51.45 -19.66
C LYS W 130 -51.32 -51.36 -20.66
N ASP W 131 -52.50 -51.82 -20.28
CA ASP W 131 -53.71 -51.66 -21.09
C ASP W 131 -54.05 -50.18 -21.13
N LYS W 132 -53.70 -49.51 -22.23
CA LYS W 132 -53.97 -48.08 -22.32
C LYS W 132 -55.46 -47.81 -22.45
N ASN W 133 -56.22 -48.72 -23.04
CA ASN W 133 -57.64 -48.48 -23.18
C ASN W 133 -58.36 -48.67 -21.84
N LYS W 134 -58.01 -49.72 -21.10
CA LYS W 134 -58.62 -49.94 -19.79
C LYS W 134 -58.22 -48.87 -18.78
N MET W 135 -56.99 -48.35 -18.88
CA MET W 135 -56.59 -47.33 -17.92
C MET W 135 -57.40 -46.05 -18.12
N THR W 136 -57.49 -45.54 -19.35
CA THR W 136 -58.32 -44.36 -19.55
C THR W 136 -59.79 -44.62 -19.31
N THR W 137 -60.23 -45.87 -19.37
CA THR W 137 -61.62 -46.15 -19.03
C THR W 137 -61.84 -45.96 -17.52
N ILE W 138 -60.94 -46.49 -16.69
CA ILE W 138 -61.05 -46.23 -15.25
C ILE W 138 -60.97 -44.73 -14.98
N LEU W 139 -59.96 -44.08 -15.57
CA LEU W 139 -59.83 -42.64 -15.47
C LEU W 139 -61.16 -41.97 -15.77
N GLY W 140 -61.80 -42.39 -16.86
CA GLY W 140 -63.01 -41.74 -17.29
C GLY W 140 -64.15 -41.91 -16.29
N PHE W 141 -64.32 -43.11 -15.75
CA PHE W 141 -65.33 -43.32 -14.72
C PHE W 141 -65.09 -42.40 -13.54
N HIS W 142 -63.86 -42.31 -13.09
CA HIS W 142 -63.60 -41.47 -11.95
C HIS W 142 -63.76 -40.00 -12.31
N LEU W 143 -63.43 -39.61 -13.54
CA LEU W 143 -63.70 -38.25 -13.97
C LEU W 143 -65.17 -37.91 -13.77
N ILE W 144 -66.07 -38.81 -14.18
CA ILE W 144 -67.51 -38.57 -14.07
C ILE W 144 -67.94 -38.44 -12.61
N VAL W 145 -67.50 -39.39 -11.78
CA VAL W 145 -67.76 -39.29 -10.35
C VAL W 145 -67.34 -37.94 -9.80
N LEU W 146 -66.18 -37.44 -10.23
CA LEU W 146 -65.73 -36.14 -9.76
C LEU W 146 -66.66 -35.05 -10.25
N GLY W 147 -67.08 -35.16 -11.52
CA GLY W 147 -67.97 -34.14 -12.07
C GLY W 147 -69.30 -34.10 -11.33
N ILE W 148 -69.84 -35.29 -11.04
CA ILE W 148 -71.01 -35.39 -10.18
C ILE W 148 -70.78 -34.63 -8.88
N GLY W 149 -69.62 -34.86 -8.26
CA GLY W 149 -69.37 -34.25 -6.96
C GLY W 149 -69.35 -32.74 -7.01
N ALA W 150 -68.70 -32.18 -8.04
CA ALA W 150 -68.72 -30.74 -8.24
C ALA W 150 -70.15 -30.22 -8.31
N LEU W 151 -71.03 -30.97 -8.98
CA LEU W 151 -72.42 -30.55 -9.13
C LEU W 151 -73.23 -30.73 -7.85
N LEU W 152 -72.79 -31.59 -6.92
CA LEU W 152 -73.43 -31.66 -5.62
C LEU W 152 -73.32 -30.33 -4.88
N LEU W 153 -72.12 -29.73 -4.90
CA LEU W 153 -71.94 -28.41 -4.30
C LEU W 153 -72.88 -27.39 -4.95
N VAL W 154 -72.97 -27.43 -6.28
CA VAL W 154 -73.93 -26.58 -6.97
C VAL W 154 -75.35 -26.86 -6.47
N ALA W 155 -75.73 -28.14 -6.41
CA ALA W 155 -77.03 -28.52 -5.86
C ALA W 155 -77.27 -27.91 -4.50
N LYS W 156 -76.27 -27.97 -3.61
CA LYS W 156 -76.44 -27.42 -2.28
C LYS W 156 -76.65 -25.92 -2.32
N ALA W 157 -75.91 -25.24 -3.19
CA ALA W 157 -75.94 -23.79 -3.24
C ALA W 157 -77.23 -23.28 -3.88
N MET W 158 -77.78 -23.97 -4.88
CA MET W 158 -78.93 -23.44 -5.60
C MET W 158 -80.27 -24.01 -5.18
N PHE W 159 -80.31 -25.27 -4.77
CA PHE W 159 -81.56 -25.95 -4.51
C PHE W 159 -81.74 -26.39 -3.07
N PHE W 160 -80.67 -26.70 -2.34
CA PHE W 160 -80.81 -27.27 -1.00
C PHE W 160 -80.31 -26.35 0.11
N GLY W 161 -80.62 -25.05 0.00
CA GLY W 161 -80.47 -24.14 1.11
C GLY W 161 -79.32 -23.15 1.06
N GLY W 162 -78.44 -23.23 0.06
CA GLY W 162 -77.39 -22.24 -0.10
C GLY W 162 -76.15 -22.51 0.73
N LEU W 163 -75.31 -21.47 0.81
CA LEU W 163 -73.99 -21.52 1.41
C LEU W 163 -73.83 -20.30 2.33
N TYR W 164 -72.87 -20.38 3.26
CA TYR W 164 -72.62 -19.22 4.08
C TYR W 164 -71.93 -18.17 3.21
N ASP W 165 -72.44 -16.95 3.25
CA ASP W 165 -71.92 -15.87 2.45
C ASP W 165 -71.48 -14.76 3.39
N THR W 166 -70.18 -14.71 3.66
CA THR W 166 -69.63 -13.69 4.53
C THR W 166 -69.85 -12.30 3.97
N TRP W 167 -69.96 -12.16 2.66
CA TRP W 167 -70.28 -10.87 2.09
C TRP W 167 -71.79 -10.54 2.13
N ALA W 168 -72.62 -11.39 2.68
CA ALA W 168 -74.01 -11.05 2.73
C ALA W 168 -74.20 -9.88 3.70
N PRO W 169 -75.01 -8.89 3.34
CA PRO W 169 -75.22 -7.76 4.26
C PRO W 169 -75.85 -8.22 5.57
N GLY W 170 -75.77 -7.31 6.55
CA GLY W 170 -76.04 -7.71 7.92
C GLY W 170 -75.11 -8.80 8.39
N GLY W 171 -73.81 -8.61 8.14
CA GLY W 171 -72.76 -9.38 8.78
C GLY W 171 -72.59 -10.80 8.29
N GLY W 172 -73.19 -11.15 7.17
CA GLY W 172 -73.12 -12.50 6.65
C GLY W 172 -74.33 -13.32 7.06
N ASP W 173 -74.59 -14.35 6.27
CA ASP W 173 -75.83 -15.11 6.40
C ASP W 173 -75.77 -16.24 5.39
N VAL W 174 -76.50 -17.31 5.65
CA VAL W 174 -76.69 -18.30 4.61
C VAL W 174 -77.56 -17.69 3.52
N ARG W 175 -77.36 -18.14 2.28
CA ARG W 175 -78.01 -17.51 1.13
C ARG W 175 -78.02 -18.45 -0.06
N VAL W 176 -79.18 -18.60 -0.69
CA VAL W 176 -79.30 -19.41 -1.88
C VAL W 176 -78.76 -18.62 -3.07
N ILE W 177 -78.06 -19.31 -3.96
CA ILE W 177 -77.45 -18.72 -5.13
C ILE W 177 -78.35 -19.02 -6.32
N THR W 178 -78.76 -17.98 -7.02
CA THR W 178 -79.67 -18.12 -8.15
C THR W 178 -79.08 -17.66 -9.46
N ASN W 179 -78.13 -16.73 -9.43
CA ASN W 179 -77.41 -16.34 -10.63
C ASN W 179 -75.95 -16.76 -10.54
N PRO W 180 -75.68 -18.06 -10.65
CA PRO W 180 -74.30 -18.49 -10.85
C PRO W 180 -73.68 -17.75 -12.04
N THR W 181 -72.37 -17.57 -11.98
CA THR W 181 -71.66 -16.93 -13.07
C THR W 181 -71.26 -17.98 -14.08
N LEU W 182 -71.75 -17.83 -15.31
CA LEU W 182 -71.47 -18.77 -16.39
C LEU W 182 -70.57 -18.18 -17.43
N ASP W 183 -70.52 -16.86 -17.51
CA ASP W 183 -69.65 -16.19 -18.45
C ASP W 183 -68.27 -16.80 -18.29
N PRO W 184 -67.73 -17.46 -19.32
CA PRO W 184 -66.39 -18.04 -19.19
C PRO W 184 -65.29 -16.99 -19.16
N ARG W 185 -65.60 -15.74 -19.52
CA ARG W 185 -64.63 -14.65 -19.43
C ARG W 185 -64.26 -14.37 -17.99
N VAL W 186 -65.23 -14.52 -17.09
CA VAL W 186 -64.96 -14.48 -15.67
C VAL W 186 -64.38 -15.80 -15.19
N ILE W 187 -65.10 -16.89 -15.45
CA ILE W 187 -64.72 -18.18 -14.87
C ILE W 187 -63.27 -18.49 -15.23
N PHE W 188 -62.94 -18.35 -16.49
CA PHE W 188 -61.59 -18.67 -16.94
C PHE W 188 -60.66 -17.49 -16.84
N GLY W 189 -61.19 -16.30 -16.58
CA GLY W 189 -60.33 -15.17 -16.29
C GLY W 189 -59.48 -15.40 -15.05
N TYR W 190 -60.09 -16.00 -14.03
CA TYR W 190 -59.40 -16.33 -12.79
C TYR W 190 -58.13 -17.13 -13.03
N LEU W 191 -58.17 -18.03 -14.03
CA LEU W 191 -57.04 -18.90 -14.32
C LEU W 191 -55.91 -18.18 -14.99
N LEU W 192 -56.20 -17.12 -15.71
CA LEU W 192 -55.15 -16.34 -16.36
C LEU W 192 -54.67 -15.19 -15.48
N LYS W 193 -55.32 -14.95 -14.36
CA LYS W 193 -54.81 -13.97 -13.40
C LYS W 193 -53.42 -14.37 -12.93
N SER W 194 -52.59 -13.37 -12.72
CA SER W 194 -51.26 -13.59 -12.16
C SER W 194 -51.40 -14.09 -10.72
N PRO W 195 -50.55 -15.02 -10.29
CA PRO W 195 -50.55 -15.41 -8.86
C PRO W 195 -49.90 -14.41 -7.93
N PHE W 196 -49.56 -13.21 -8.40
CA PHE W 196 -48.80 -12.28 -7.60
C PHE W 196 -49.72 -11.31 -6.85
N GLY W 197 -49.09 -10.45 -6.05
CA GLY W 197 -49.84 -9.59 -5.18
C GLY W 197 -50.83 -8.73 -5.95
N GLY W 198 -52.00 -8.55 -5.36
CA GLY W 198 -53.07 -7.78 -5.98
C GLY W 198 -53.89 -8.52 -7.02
N GLU W 199 -53.54 -9.76 -7.36
CA GLU W 199 -54.20 -10.49 -8.42
C GLU W 199 -54.60 -11.82 -7.84
N GLY W 200 -53.61 -12.61 -7.42
CA GLY W 200 -53.85 -13.80 -6.65
C GLY W 200 -54.45 -14.98 -7.38
N TRP W 201 -54.45 -14.98 -8.72
CA TRP W 201 -54.84 -16.17 -9.46
C TRP W 201 -56.24 -16.60 -8.99
N ILE W 202 -56.52 -17.90 -8.84
CA ILE W 202 -57.86 -18.35 -8.45
C ILE W 202 -58.16 -18.13 -6.99
N VAL W 203 -57.13 -17.84 -6.19
CA VAL W 203 -57.30 -17.60 -4.76
C VAL W 203 -58.07 -16.31 -4.51
N SER W 204 -58.11 -15.43 -5.51
CA SER W 204 -58.81 -14.16 -5.38
C SER W 204 -60.34 -14.26 -5.48
N VAL W 205 -60.92 -15.43 -5.78
CA VAL W 205 -62.39 -15.51 -5.96
C VAL W 205 -63.08 -15.07 -4.68
N ASN W 206 -63.97 -14.07 -4.82
CA ASN W 206 -64.42 -13.32 -3.66
C ASN W 206 -65.93 -13.22 -3.59
N ASN W 207 -66.66 -14.07 -4.30
CA ASN W 207 -68.11 -14.10 -4.19
C ASN W 207 -68.59 -15.50 -4.55
N LEU W 208 -69.77 -15.84 -4.04
CA LEU W 208 -70.24 -17.22 -4.19
C LEU W 208 -70.78 -17.50 -5.57
N GLU W 209 -71.27 -16.49 -6.29
CA GLU W 209 -71.73 -16.67 -7.66
C GLU W 209 -70.61 -17.21 -8.55
N ASP W 210 -69.42 -16.60 -8.46
CA ASP W 210 -68.26 -17.14 -9.16
C ASP W 210 -67.93 -18.56 -8.68
N VAL W 211 -68.06 -18.80 -7.38
CA VAL W 211 -67.68 -20.12 -6.88
C VAL W 211 -68.63 -21.18 -7.45
N VAL W 212 -69.94 -20.92 -7.38
CA VAL W 212 -70.92 -21.89 -7.84
C VAL W 212 -70.81 -22.08 -9.35
N GLY W 213 -70.68 -20.99 -10.09
CA GLY W 213 -70.50 -21.10 -11.53
C GLY W 213 -69.26 -21.88 -11.92
N GLY W 214 -68.17 -21.74 -11.16
CA GLY W 214 -66.97 -22.48 -11.48
C GLY W 214 -67.17 -23.96 -11.35
N HIS W 215 -67.96 -24.35 -10.37
CA HIS W 215 -68.26 -25.75 -10.13
C HIS W 215 -69.29 -26.33 -11.10
N ILE W 216 -70.11 -25.49 -11.74
CA ILE W 216 -70.90 -25.96 -12.88
C ILE W 216 -69.97 -26.29 -14.05
N TRP W 217 -69.07 -25.36 -14.39
CA TRP W 217 -68.12 -25.61 -15.48
C TRP W 217 -67.29 -26.84 -15.21
N ILE W 218 -66.71 -26.94 -14.00
CA ILE W 218 -65.82 -28.05 -13.69
C ILE W 218 -66.58 -29.38 -13.71
N GLY W 219 -67.82 -29.38 -13.18
CA GLY W 219 -68.58 -30.62 -13.21
C GLY W 219 -68.87 -31.08 -14.62
N LEU W 220 -69.26 -30.14 -15.48
CA LEU W 220 -69.51 -30.48 -16.87
C LEU W 220 -68.23 -30.82 -17.61
N ILE W 221 -67.11 -30.23 -17.19
CA ILE W 221 -65.86 -30.56 -17.85
C ILE W 221 -65.47 -31.97 -17.50
N CYS W 222 -65.60 -32.32 -16.23
CA CYS W 222 -65.18 -33.64 -15.79
C CYS W 222 -66.06 -34.72 -16.38
N ILE W 223 -67.39 -34.52 -16.37
CA ILE W 223 -68.31 -35.51 -16.95
C ILE W 223 -68.01 -35.73 -18.42
N ALA W 224 -67.59 -34.69 -19.12
CA ALA W 224 -67.37 -34.80 -20.55
C ALA W 224 -66.03 -35.41 -20.89
N GLY W 225 -65.01 -35.09 -20.09
CA GLY W 225 -63.74 -35.80 -20.18
C GLY W 225 -63.86 -37.25 -19.80
N GLY W 226 -64.70 -37.58 -18.83
CA GLY W 226 -64.95 -38.98 -18.54
C GLY W 226 -65.39 -39.72 -19.80
N ILE W 227 -66.39 -39.19 -20.48
CA ILE W 227 -66.94 -39.82 -21.67
C ILE W 227 -65.88 -39.89 -22.75
N TRP W 228 -65.24 -38.75 -23.00
CA TRP W 228 -64.09 -38.70 -23.88
C TRP W 228 -63.20 -39.90 -23.69
N HIS W 229 -62.79 -40.14 -22.44
CA HIS W 229 -61.72 -41.10 -22.16
C HIS W 229 -62.24 -42.53 -22.16
N ILE W 230 -63.43 -42.73 -21.60
CA ILE W 230 -64.08 -44.01 -21.67
C ILE W 230 -64.11 -44.50 -23.11
N LEU W 231 -64.30 -43.57 -24.06
CA LEU W 231 -64.53 -43.92 -25.46
C LEU W 231 -63.28 -43.92 -26.32
N THR W 232 -62.28 -43.14 -25.94
CA THR W 232 -61.07 -42.96 -26.74
C THR W 232 -59.96 -43.85 -26.22
N THR W 233 -58.91 -43.97 -27.04
CA THR W 233 -57.60 -44.43 -26.62
C THR W 233 -56.57 -43.33 -26.90
N PRO W 234 -55.50 -43.29 -26.12
CA PRO W 234 -54.46 -42.27 -26.30
C PRO W 234 -53.91 -42.21 -27.71
N PHE W 235 -53.70 -40.98 -28.20
CA PHE W 235 -53.13 -40.75 -29.51
C PHE W 235 -51.64 -41.06 -29.52
N GLY W 236 -51.08 -41.15 -30.73
CA GLY W 236 -49.67 -41.50 -30.87
C GLY W 236 -48.76 -40.59 -30.09
N TRP W 237 -48.95 -39.29 -30.21
CA TRP W 237 -48.08 -38.34 -29.52
C TRP W 237 -48.06 -38.61 -28.01
N ALA W 238 -49.24 -38.81 -27.41
CA ALA W 238 -49.29 -39.09 -25.98
C ALA W 238 -48.62 -40.42 -25.65
N ARG W 239 -48.78 -41.42 -26.52
CA ARG W 239 -48.17 -42.70 -26.22
C ARG W 239 -46.64 -42.59 -26.14
N ARG W 240 -46.05 -41.75 -27.00
CA ARG W 240 -44.61 -41.60 -27.04
C ARG W 240 -44.07 -40.70 -25.92
N ALA W 241 -44.93 -39.93 -25.28
CA ALA W 241 -44.47 -38.95 -24.32
C ALA W 241 -44.48 -39.48 -22.89
N PHE W 242 -45.24 -40.53 -22.60
CA PHE W 242 -45.44 -40.97 -21.23
C PHE W 242 -44.90 -42.37 -21.02
N ILE W 243 -44.73 -42.66 -19.74
CA ILE W 243 -44.40 -44.00 -19.25
C ILE W 243 -45.72 -44.65 -18.86
N TRP W 244 -45.92 -45.88 -19.30
CA TRP W 244 -47.17 -46.59 -19.03
C TRP W 244 -46.84 -47.75 -18.11
N SER W 245 -46.86 -47.45 -16.82
CA SER W 245 -46.65 -48.44 -15.78
C SER W 245 -47.50 -48.01 -14.61
N GLY W 246 -47.72 -48.96 -13.70
CA GLY W 246 -48.40 -48.66 -12.47
C GLY W 246 -47.68 -47.62 -11.62
N GLU W 247 -46.34 -47.67 -11.61
CA GLU W 247 -45.63 -46.73 -10.76
C GLU W 247 -45.64 -45.33 -11.37
N ALA W 248 -45.56 -45.26 -12.68
CA ALA W 248 -45.61 -43.95 -13.33
C ALA W 248 -46.93 -43.23 -13.05
N TYR W 249 -48.07 -43.94 -13.19
CA TYR W 249 -49.36 -43.33 -12.88
C TYR W 249 -49.38 -42.82 -11.45
N LEU W 250 -48.84 -43.60 -10.51
CA LEU W 250 -48.67 -43.11 -9.14
C LEU W 250 -47.94 -41.79 -9.12
N SER W 251 -46.79 -41.72 -9.81
CA SER W 251 -45.98 -40.51 -9.77
C SER W 251 -46.73 -39.32 -10.37
N TYR W 252 -47.51 -39.56 -11.43
CA TYR W 252 -48.30 -38.47 -12.02
C TYR W 252 -49.28 -37.91 -11.01
N SER W 253 -49.92 -38.77 -10.22
CA SER W 253 -50.90 -38.31 -9.24
C SER W 253 -50.24 -37.67 -8.02
N LEU W 254 -49.07 -38.17 -7.59
CA LEU W 254 -48.32 -37.48 -6.54
C LEU W 254 -47.97 -36.06 -6.95
N GLY W 255 -47.50 -35.90 -8.18
CA GLY W 255 -47.42 -34.59 -8.81
C GLY W 255 -48.66 -33.72 -8.63
N ALA W 256 -49.80 -34.17 -9.16
CA ALA W 256 -51.06 -33.44 -9.05
C ALA W 256 -51.37 -33.07 -7.60
N LEU W 257 -51.32 -34.05 -6.70
CA LEU W 257 -51.70 -33.78 -5.32
C LEU W 257 -50.79 -32.72 -4.69
N SER W 258 -49.51 -32.77 -5.03
CA SER W 258 -48.56 -31.76 -4.54
C SER W 258 -49.00 -30.37 -4.92
N MET W 259 -49.16 -30.15 -6.21
CA MET W 259 -49.65 -28.86 -6.71
C MET W 259 -50.89 -28.45 -5.96
N MET W 260 -51.82 -29.38 -5.74
CA MET W 260 -53.08 -29.03 -5.10
C MET W 260 -52.89 -28.65 -3.64
N GLY W 261 -52.06 -29.38 -2.91
CA GLY W 261 -51.77 -29.03 -1.51
C GLY W 261 -51.19 -27.63 -1.38
N PHE W 262 -50.28 -27.25 -2.28
CA PHE W 262 -49.73 -25.90 -2.27
C PHE W 262 -50.82 -24.86 -2.52
N ILE W 263 -51.74 -25.14 -3.45
CA ILE W 263 -52.83 -24.22 -3.70
C ILE W 263 -53.76 -24.12 -2.48
N ALA W 264 -54.18 -25.26 -1.91
CA ALA W 264 -54.96 -25.18 -0.68
C ALA W 264 -54.24 -24.36 0.39
N THR W 265 -52.93 -24.51 0.50
CA THR W 265 -52.21 -23.74 1.51
C THR W 265 -52.46 -22.25 1.31
N CYS W 266 -52.31 -21.77 0.07
CA CYS W 266 -52.54 -20.36 -0.14
C CYS W 266 -54.02 -19.97 -0.05
N PHE W 267 -54.94 -20.85 -0.47
CA PHE W 267 -56.38 -20.57 -0.28
C PHE W 267 -56.71 -20.25 1.17
N VAL W 268 -56.31 -21.14 2.09
CA VAL W 268 -56.71 -20.99 3.47
C VAL W 268 -56.00 -19.83 4.13
N TRP W 269 -54.81 -19.44 3.62
CA TRP W 269 -54.08 -18.31 4.19
C TRP W 269 -54.65 -16.96 3.73
N PHE W 270 -54.99 -16.83 2.45
CA PHE W 270 -55.43 -15.54 1.93
C PHE W 270 -56.95 -15.37 1.75
N ASN W 271 -57.70 -16.42 1.49
CA ASN W 271 -59.09 -16.26 1.03
C ASN W 271 -60.05 -16.24 2.21
N ASN W 272 -60.84 -15.19 2.32
CA ASN W 272 -61.83 -15.11 3.38
C ASN W 272 -63.27 -15.22 2.86
N THR W 273 -63.44 -15.76 1.65
CA THR W 273 -64.76 -16.08 1.08
C THR W 273 -65.13 -17.54 1.40
N VAL W 274 -64.48 -18.51 0.74
CA VAL W 274 -64.74 -19.92 1.07
C VAL W 274 -64.03 -20.39 2.33
N TYR W 275 -63.31 -19.52 2.98
CA TYR W 275 -62.88 -19.76 4.35
C TYR W 275 -63.26 -18.51 5.12
N PRO W 276 -64.51 -18.45 5.58
CA PRO W 276 -64.98 -17.23 6.27
C PRO W 276 -64.20 -17.01 7.54
N SER W 277 -63.83 -15.74 7.77
CA SER W 277 -63.10 -15.43 9.00
C SER W 277 -64.00 -15.60 10.24
N GLU W 278 -65.33 -15.42 10.11
CA GLU W 278 -66.26 -15.79 11.20
C GLU W 278 -65.92 -17.17 11.75
N PHE W 279 -65.56 -18.10 10.87
CA PHE W 279 -65.29 -19.48 11.26
C PHE W 279 -63.80 -19.79 11.48
N TYR W 280 -62.91 -19.27 10.64
CA TYR W 280 -61.52 -19.70 10.61
C TYR W 280 -60.62 -18.71 11.30
N GLY W 281 -61.16 -17.60 11.78
CA GLY W 281 -60.36 -16.53 12.28
C GLY W 281 -59.88 -15.68 11.12
N PRO W 282 -59.32 -14.53 11.44
CA PRO W 282 -58.88 -13.58 10.40
C PRO W 282 -57.64 -14.05 9.64
N THR W 283 -57.51 -13.56 8.40
CA THR W 283 -56.30 -13.85 7.64
C THR W 283 -55.15 -13.07 8.27
N GLY W 284 -53.93 -13.45 7.96
CA GLY W 284 -52.79 -12.70 8.43
C GLY W 284 -52.92 -11.25 7.97
N PRO W 285 -53.23 -11.07 6.68
CA PRO W 285 -53.38 -9.69 6.19
C PRO W 285 -54.46 -8.96 6.91
N GLU W 286 -55.52 -9.69 7.21
CA GLU W 286 -56.71 -9.09 7.79
C GLU W 286 -56.43 -8.63 9.21
N ALA W 287 -55.84 -9.48 10.03
CA ALA W 287 -55.47 -9.08 11.39
C ALA W 287 -54.59 -7.83 11.38
N SER W 288 -53.58 -7.81 10.52
CA SER W 288 -52.71 -6.65 10.39
C SER W 288 -53.48 -5.39 9.97
N GLN W 289 -54.36 -5.49 8.96
CA GLN W 289 -55.18 -4.32 8.64
C GLN W 289 -56.05 -3.92 9.84
N ALA W 290 -56.65 -4.89 10.52
CA ALA W 290 -57.54 -4.58 11.64
C ALA W 290 -56.85 -3.77 12.73
N GLN W 291 -55.56 -4.01 12.95
CA GLN W 291 -54.82 -3.24 13.96
C GLN W 291 -54.71 -1.79 13.56
N ALA W 292 -54.42 -1.53 12.28
CA ALA W 292 -54.36 -0.14 11.84
C ALA W 292 -55.70 0.54 12.05
N MET W 293 -56.78 -0.14 11.64
CA MET W 293 -58.14 0.34 11.86
C MET W 293 -58.37 0.68 13.33
N THR W 294 -58.12 -0.29 14.21
CA THR W 294 -58.32 -0.09 15.65
C THR W 294 -57.74 1.21 16.16
N PHE W 295 -56.46 1.47 15.86
CA PHE W 295 -55.79 2.62 16.45
C PHE W 295 -56.08 3.90 15.71
N LEU W 296 -56.39 3.82 14.41
CA LEU W 296 -57.09 4.93 13.78
C LEU W 296 -58.35 5.30 14.56
N ILE W 297 -59.19 4.31 14.90
CA ILE W 297 -60.46 4.62 15.58
C ILE W 297 -60.22 5.29 16.92
N ARG W 298 -59.32 4.71 17.72
CA ARG W 298 -59.02 5.25 19.03
C ARG W 298 -58.52 6.68 18.97
N ASP W 299 -57.50 6.91 18.15
CA ASP W 299 -56.91 8.22 18.10
C ASP W 299 -57.86 9.25 17.51
N GLN W 300 -58.63 8.86 16.48
CA GLN W 300 -59.61 9.81 15.97
C GLN W 300 -60.63 10.14 17.05
N LYS W 301 -61.06 9.15 17.83
CA LYS W 301 -61.96 9.46 18.93
C LYS W 301 -61.33 10.48 19.90
N LEU W 302 -60.01 10.50 20.04
CA LEU W 302 -59.36 11.46 20.93
C LEU W 302 -59.17 12.83 20.31
N GLY W 303 -59.43 12.97 19.01
CA GLY W 303 -59.23 14.24 18.32
C GLY W 303 -58.16 14.28 17.24
N ALA W 304 -57.48 13.17 16.94
CA ALA W 304 -56.46 13.19 15.90
C ALA W 304 -57.11 13.37 14.53
N ASN W 305 -56.58 14.29 13.75
CA ASN W 305 -56.92 14.39 12.34
C ASN W 305 -56.08 13.34 11.65
N VAL W 306 -56.66 12.16 11.46
CA VAL W 306 -55.87 11.03 11.03
C VAL W 306 -55.35 11.16 9.60
N GLY W 307 -55.90 12.04 8.79
CA GLY W 307 -55.52 12.08 7.39
C GLY W 307 -54.31 12.96 7.16
N SER W 308 -54.14 13.94 8.04
CA SER W 308 -52.97 14.81 7.98
C SER W 308 -51.87 14.45 9.00
N ALA W 309 -51.97 13.32 9.69
CA ALA W 309 -50.93 12.97 10.68
C ALA W 309 -49.75 12.34 9.97
N GLN W 310 -48.64 13.07 9.97
CA GLN W 310 -47.38 12.62 9.42
C GLN W 310 -46.65 11.77 10.48
N GLY W 311 -46.34 10.51 10.15
CA GLY W 311 -45.56 9.68 11.03
C GLY W 311 -44.09 10.01 11.00
N PRO W 312 -43.31 9.24 11.77
CA PRO W 312 -41.86 9.51 11.91
C PRO W 312 -41.09 9.52 10.60
N THR W 313 -41.47 8.65 9.67
CA THR W 313 -40.74 8.49 8.42
C THR W 313 -41.06 9.58 7.42
N GLY W 314 -42.15 10.34 7.62
CA GLY W 314 -42.67 11.26 6.64
C GLY W 314 -43.93 10.74 5.98
N LEU W 315 -44.08 9.41 5.94
CA LEU W 315 -45.31 8.75 5.53
C LEU W 315 -46.41 8.92 6.58
N GLY W 316 -47.64 8.88 6.10
CA GLY W 316 -48.78 9.04 6.98
C GLY W 316 -48.77 8.01 8.09
N LYS W 317 -49.13 8.45 9.27
CA LYS W 317 -49.13 7.52 10.39
C LYS W 317 -50.30 6.55 10.31
N TYR W 318 -51.45 6.99 9.78
CA TYR W 318 -52.62 6.13 9.65
C TYR W 318 -52.95 5.76 8.20
N LEU W 319 -52.74 6.69 7.28
CA LEU W 319 -53.17 6.59 5.91
C LEU W 319 -52.03 7.05 5.03
N MET W 320 -51.86 6.37 3.90
CA MET W 320 -50.84 6.70 2.92
C MET W 320 -51.32 6.19 1.58
N ARG W 321 -50.50 6.33 0.54
CA ARG W 321 -50.82 5.86 -0.79
C ARG W 321 -50.11 4.57 -1.10
N SER W 322 -50.84 3.62 -1.69
CA SER W 322 -50.22 2.47 -2.31
C SER W 322 -49.39 3.00 -3.46
N PRO W 323 -48.51 2.20 -4.06
CA PRO W 323 -47.73 2.71 -5.18
C PRO W 323 -48.55 3.00 -6.44
N THR W 324 -49.80 2.56 -6.54
CA THR W 324 -50.66 3.07 -7.62
C THR W 324 -51.61 4.19 -7.14
N GLY W 325 -51.43 4.70 -5.91
CA GLY W 325 -52.09 5.90 -5.44
C GLY W 325 -53.31 5.68 -4.58
N GLU W 326 -53.78 4.45 -4.45
CA GLU W 326 -54.92 4.18 -3.59
C GLU W 326 -54.63 4.60 -2.16
N ILE W 327 -55.65 5.10 -1.47
CA ILE W 327 -55.50 5.40 -0.06
C ILE W 327 -55.64 4.11 0.73
N ILE W 328 -54.66 3.86 1.59
CA ILE W 328 -54.48 2.59 2.29
C ILE W 328 -54.00 2.89 3.70
N PHE W 329 -54.11 1.90 4.57
CA PHE W 329 -53.62 2.04 5.94
C PHE W 329 -52.10 2.05 5.95
N GLY W 330 -51.54 2.95 6.78
CA GLY W 330 -50.10 3.11 6.88
C GLY W 330 -49.47 2.14 7.86
N GLY W 331 -48.17 2.30 8.03
CA GLY W 331 -47.43 1.39 8.89
C GLY W 331 -46.93 0.19 8.08
N GLU W 332 -46.39 -0.81 8.78
CA GLU W 332 -45.94 -2.01 8.08
C GLU W 332 -47.04 -2.60 7.22
N THR W 333 -48.31 -2.39 7.60
CA THR W 333 -49.46 -3.00 6.93
C THR W 333 -49.67 -2.47 5.51
N MET W 334 -48.86 -1.52 5.07
CA MET W 334 -48.81 -1.11 3.69
C MET W 334 -48.62 -2.26 2.72
N ARG W 335 -48.00 -3.36 3.18
CA ARG W 335 -47.83 -4.54 2.33
C ARG W 335 -49.15 -5.29 2.11
N PHE W 336 -50.16 -5.02 2.95
CA PHE W 336 -51.39 -5.81 2.96
C PHE W 336 -52.58 -5.06 2.37
N TRP W 337 -52.33 -4.00 1.61
CA TRP W 337 -53.45 -3.17 1.17
C TRP W 337 -54.33 -3.87 0.15
N ASP W 338 -53.93 -5.02 -0.35
CA ASP W 338 -54.77 -5.83 -1.22
C ASP W 338 -55.89 -6.52 -0.46
N PHE W 339 -55.79 -6.56 0.87
CA PHE W 339 -56.82 -7.21 1.68
C PHE W 339 -58.20 -6.62 1.37
N ARG W 340 -59.18 -7.49 1.28
CA ARG W 340 -60.58 -7.07 1.15
C ARG W 340 -61.40 -7.89 2.13
N GLY W 341 -62.25 -7.22 2.91
CA GLY W 341 -63.16 -7.90 3.82
C GLY W 341 -64.42 -7.13 4.17
N PRO W 342 -65.52 -7.86 4.45
CA PRO W 342 -66.83 -7.17 4.54
C PRO W 342 -66.86 -6.12 5.61
N TRP W 343 -66.00 -6.22 6.64
CA TRP W 343 -65.97 -5.23 7.69
C TRP W 343 -65.26 -3.97 7.25
N LEU W 344 -64.50 -4.02 6.17
CA LEU W 344 -63.68 -2.88 5.78
C LEU W 344 -64.20 -2.16 4.55
N GLU W 345 -64.81 -2.89 3.63
CA GLU W 345 -65.22 -2.30 2.35
C GLU W 345 -66.22 -1.14 2.48
N PRO W 346 -67.04 -1.05 3.53
CA PRO W 346 -67.91 0.15 3.65
C PRO W 346 -67.14 1.45 3.64
N LEU W 347 -65.88 1.46 4.08
CA LEU W 347 -65.10 2.69 4.09
C LEU W 347 -64.39 2.95 2.77
N ARG W 348 -64.52 2.06 1.81
CA ARG W 348 -63.83 2.17 0.55
C ARG W 348 -64.63 3.04 -0.41
N GLY W 349 -63.92 3.94 -1.08
CA GLY W 349 -64.43 4.77 -2.13
C GLY W 349 -63.66 4.53 -3.41
N PRO W 350 -63.88 5.35 -4.44
CA PRO W 350 -63.14 5.13 -5.69
C PRO W 350 -61.64 5.24 -5.57
N ASN W 351 -61.13 6.08 -4.67
CA ASN W 351 -59.70 6.32 -4.54
C ASN W 351 -59.06 5.55 -3.40
N GLY W 352 -59.70 4.49 -2.93
CA GLY W 352 -59.29 3.81 -1.72
C GLY W 352 -60.15 4.20 -0.54
N LEU W 353 -59.60 4.01 0.66
CA LEU W 353 -60.27 4.44 1.87
C LEU W 353 -60.69 5.88 1.75
N ASP W 354 -61.93 6.17 2.14
CA ASP W 354 -62.50 7.49 2.02
C ASP W 354 -62.43 8.20 3.36
N LEU W 355 -61.85 9.39 3.39
CA LEU W 355 -61.60 10.05 4.67
C LEU W 355 -62.89 10.59 5.28
N ASN W 356 -63.87 10.96 4.45
CA ASN W 356 -65.15 11.37 4.99
C ASN W 356 -65.86 10.20 5.66
N LYS W 357 -65.77 9.02 5.07
CA LYS W 357 -66.42 7.86 5.67
C LYS W 357 -65.72 7.48 6.96
N ILE W 358 -64.40 7.62 6.98
CA ILE W 358 -63.62 7.38 8.18
C ILE W 358 -63.96 8.38 9.27
N LYS W 359 -64.11 9.64 8.91
CA LYS W 359 -64.48 10.64 9.90
C LYS W 359 -65.92 10.48 10.37
N ASN W 360 -66.81 9.85 9.61
CA ASN W 360 -68.24 9.89 9.94
C ASN W 360 -68.97 8.56 10.09
N ASP W 361 -68.54 7.50 9.41
CA ASP W 361 -69.42 6.36 9.14
C ASP W 361 -68.99 5.04 9.76
N ILE W 362 -67.97 5.04 10.59
CA ILE W 362 -67.52 3.81 11.24
C ILE W 362 -68.50 3.42 12.33
N GLN W 363 -69.10 2.27 12.19
CA GLN W 363 -70.11 1.77 13.11
C GLN W 363 -69.43 0.95 14.19
N PRO W 364 -70.10 0.80 15.35
CA PRO W 364 -69.52 -0.03 16.40
C PRO W 364 -69.27 -1.44 15.98
N TRP W 365 -70.00 -1.99 15.03
CA TRP W 365 -69.74 -3.38 14.69
C TRP W 365 -68.39 -3.52 14.00
N GLN W 366 -68.00 -2.49 13.21
CA GLN W 366 -66.69 -2.46 12.60
C GLN W 366 -65.59 -2.32 13.64
N GLU W 367 -65.77 -1.42 14.61
CA GLU W 367 -64.76 -1.28 15.65
C GLU W 367 -64.59 -2.58 16.42
N ARG W 368 -65.70 -3.29 16.68
CA ARG W 368 -65.66 -4.58 17.36
C ARG W 368 -64.99 -5.65 16.52
N ARG W 369 -65.34 -5.75 15.21
CA ARG W 369 -64.72 -6.77 14.37
CA ARG W 369 -64.72 -6.77 14.38
C ARG W 369 -63.23 -6.50 14.23
N ALA W 370 -62.85 -5.23 14.19
CA ALA W 370 -61.45 -4.90 14.01
C ALA W 370 -60.64 -5.26 15.27
N ALA W 371 -61.18 -4.97 16.46
CA ALA W 371 -60.55 -5.38 17.72
C ALA W 371 -60.51 -6.90 17.86
N GLU W 372 -61.61 -7.57 17.59
CA GLU W 372 -61.62 -9.03 17.58
C GLU W 372 -60.54 -9.60 16.65
N TYR W 373 -60.43 -9.07 15.44
CA TYR W 373 -59.54 -9.73 14.48
C TYR W 373 -58.08 -9.45 14.80
N MET W 374 -57.78 -8.23 15.27
CA MET W 374 -56.42 -7.87 15.62
C MET W 374 -55.87 -8.70 16.78
N THR W 375 -56.75 -9.13 17.72
CA THR W 375 -56.38 -9.99 18.84
C THR W 375 -56.63 -11.47 18.56
N HIS W 376 -56.95 -11.85 17.31
CA HIS W 376 -56.98 -13.25 16.91
C HIS W 376 -56.17 -13.44 15.65
N ALA W 377 -55.13 -12.60 15.52
CA ALA W 377 -54.21 -12.70 14.41
C ALA W 377 -53.56 -14.08 14.38
N PRO W 378 -53.33 -14.64 13.20
CA PRO W 378 -52.84 -16.03 13.21
C PRO W 378 -51.33 -16.07 13.50
N LEU W 379 -50.97 -15.77 14.75
CA LEU W 379 -49.61 -15.96 15.29
C LEU W 379 -49.70 -16.78 16.58
N GLY W 380 -48.85 -17.79 16.73
CA GLY W 380 -48.82 -18.53 17.98
C GLY W 380 -47.81 -19.65 17.97
N SER W 381 -47.64 -20.27 19.13
CA SER W 381 -46.54 -21.21 19.29
C SER W 381 -47.02 -22.63 19.06
N LEU W 382 -46.08 -23.48 18.68
CA LEU W 382 -46.35 -24.88 18.45
C LEU W 382 -47.17 -25.50 19.58
N ASN W 383 -46.91 -25.09 20.83
CA ASN W 383 -47.70 -25.53 21.98
C ASN W 383 -48.89 -24.61 22.24
N SER W 384 -49.28 -23.80 21.28
CA SER W 384 -50.55 -23.07 21.29
C SER W 384 -50.57 -21.98 22.35
N VAL W 385 -49.48 -21.25 22.49
CA VAL W 385 -49.49 -19.98 23.18
C VAL W 385 -49.74 -18.92 22.10
N GLY W 386 -50.83 -18.19 22.26
CA GLY W 386 -51.23 -17.24 21.25
C GLY W 386 -50.46 -15.93 21.37
N GLY W 387 -50.18 -15.35 20.21
CA GLY W 387 -49.57 -14.07 20.09
C GLY W 387 -48.20 -14.22 19.47
N VAL W 388 -47.42 -13.16 19.61
CA VAL W 388 -46.07 -13.07 19.07
C VAL W 388 -45.14 -13.98 19.86
N ALA W 389 -43.93 -14.19 19.31
CA ALA W 389 -43.03 -15.19 19.86
C ALA W 389 -42.56 -14.81 21.26
N THR W 390 -42.59 -13.53 21.59
CA THR W 390 -42.17 -13.01 22.87
C THR W 390 -43.33 -12.86 23.88
N GLU W 391 -44.53 -13.29 23.55
CA GLU W 391 -45.65 -13.15 24.48
CA GLU W 391 -45.64 -13.14 24.48
C GLU W 391 -45.53 -14.13 25.64
N ILE W 392 -46.12 -13.75 26.79
CA ILE W 392 -46.17 -14.65 27.94
C ILE W 392 -47.36 -15.61 27.77
N ASN W 393 -47.24 -16.77 28.42
CA ASN W 393 -48.34 -17.73 28.54
C ASN W 393 -49.56 -17.07 29.16
N SER W 394 -50.75 -17.52 28.69
CA SER W 394 -52.04 -16.99 29.14
C SER W 394 -53.12 -17.38 28.13
N VAL W 395 -52.94 -16.97 26.88
CA VAL W 395 -53.89 -17.19 25.79
C VAL W 395 -53.55 -18.50 25.09
N ASN W 396 -54.50 -19.43 25.05
CA ASN W 396 -54.30 -20.73 24.43
C ASN W 396 -54.95 -20.71 23.05
N PHE W 397 -54.16 -20.43 22.00
CA PHE W 397 -54.72 -20.11 20.68
C PHE W 397 -53.68 -20.26 19.58
N VAL W 398 -54.05 -21.01 18.54
CA VAL W 398 -53.36 -20.97 17.26
C VAL W 398 -54.43 -21.03 16.18
N SER W 399 -54.33 -20.13 15.22
CA SER W 399 -55.38 -19.98 14.23
C SER W 399 -55.56 -21.26 13.42
N PRO W 400 -56.81 -21.70 13.19
CA PRO W 400 -57.04 -22.77 12.19
C PRO W 400 -56.34 -22.51 10.86
N ARG W 401 -56.25 -21.24 10.46
CA ARG W 401 -55.55 -20.91 9.23
C ARG W 401 -54.07 -21.32 9.27
N SER W 402 -53.38 -21.11 10.41
CA SER W 402 -52.00 -21.59 10.58
C SER W 402 -51.93 -23.11 10.53
N TRP W 403 -52.77 -23.79 11.33
CA TRP W 403 -52.75 -25.25 11.34
C TRP W 403 -52.96 -25.80 9.95
N LEU W 404 -53.94 -25.23 9.24
CA LEU W 404 -54.33 -25.79 7.96
C LEU W 404 -53.28 -25.45 6.91
N ALA W 405 -52.71 -24.25 6.98
CA ALA W 405 -51.69 -23.88 6.01
C ALA W 405 -50.39 -24.63 6.25
N THR W 406 -49.93 -24.68 7.51
CA THR W 406 -48.66 -25.34 7.75
C THR W 406 -48.77 -26.81 7.37
N SER W 407 -49.90 -27.42 7.68
CA SER W 407 -50.01 -28.87 7.58
C SER W 407 -49.99 -29.27 6.12
N HIS W 408 -50.65 -28.48 5.29
CA HIS W 408 -50.76 -28.83 3.89
C HIS W 408 -49.56 -28.38 3.08
N PHE W 409 -48.72 -27.48 3.61
CA PHE W 409 -47.44 -27.24 2.97
C PHE W 409 -46.52 -28.46 3.09
N VAL W 410 -46.22 -28.84 4.33
CA VAL W 410 -45.51 -30.07 4.67
C VAL W 410 -45.98 -31.18 3.73
N LEU W 411 -47.27 -31.48 3.77
CA LEU W 411 -47.83 -32.59 2.98
C LEU W 411 -47.63 -32.38 1.48
N ALA W 412 -47.85 -31.16 0.97
CA ALA W 412 -47.55 -30.89 -0.43
C ALA W 412 -46.06 -31.06 -0.74
N PHE W 413 -45.19 -30.61 0.16
CA PHE W 413 -43.78 -30.73 -0.10
C PHE W 413 -43.39 -32.19 -0.25
N PHE W 414 -43.80 -33.04 0.70
CA PHE W 414 -43.40 -34.45 0.64
C PHE W 414 -44.06 -35.19 -0.49
N PHE W 415 -45.22 -34.74 -0.96
CA PHE W 415 -45.80 -35.40 -2.12
C PHE W 415 -45.09 -34.99 -3.40
N LEU W 416 -44.45 -33.82 -3.44
CA LEU W 416 -43.53 -33.49 -4.54
C LEU W 416 -42.31 -34.41 -4.50
N VAL W 417 -41.72 -34.61 -3.32
CA VAL W 417 -40.60 -35.53 -3.19
C VAL W 417 -41.02 -36.92 -3.65
N GLY W 418 -42.22 -37.35 -3.26
CA GLY W 418 -42.72 -38.63 -3.74
C GLY W 418 -42.76 -38.69 -5.26
N HIS W 419 -43.30 -37.64 -5.90
CA HIS W 419 -43.35 -37.55 -7.35
C HIS W 419 -41.98 -37.82 -7.99
N LEU W 420 -40.97 -37.07 -7.56
CA LEU W 420 -39.62 -37.25 -8.10
C LEU W 420 -39.13 -38.68 -7.86
N TRP W 421 -39.24 -39.18 -6.64
CA TRP W 421 -38.83 -40.55 -6.34
C TRP W 421 -39.47 -41.50 -7.33
N HIS W 422 -40.81 -41.52 -7.38
CA HIS W 422 -41.48 -42.55 -8.18
C HIS W 422 -41.41 -42.25 -9.66
N ALA W 423 -41.39 -40.97 -10.04
CA ALA W 423 -41.24 -40.65 -11.46
C ALA W 423 -39.90 -41.13 -11.97
N GLY W 424 -38.82 -40.72 -11.33
CA GLY W 424 -37.51 -41.18 -11.75
C GLY W 424 -37.43 -42.69 -11.74
N ARG W 425 -37.96 -43.33 -10.69
CA ARG W 425 -37.82 -44.78 -10.60
C ARG W 425 -38.64 -45.46 -11.69
N ALA W 426 -39.80 -44.90 -12.02
CA ALA W 426 -40.63 -45.47 -13.08
C ALA W 426 -39.93 -45.41 -14.42
N ARG W 427 -39.21 -44.31 -14.69
CA ARG W 427 -38.40 -44.18 -15.89
C ARG W 427 -37.29 -45.23 -15.92
N ALA W 428 -36.46 -45.25 -14.87
CA ALA W 428 -35.45 -46.29 -14.70
C ALA W 428 -36.02 -47.70 -14.92
N ALA W 429 -37.12 -48.03 -14.25
CA ALA W 429 -37.64 -49.38 -14.35
C ALA W 429 -38.10 -49.70 -15.76
N ALA W 430 -38.68 -48.71 -16.44
CA ALA W 430 -39.16 -48.93 -17.80
C ALA W 430 -38.01 -49.13 -18.79
N ALA W 431 -36.90 -48.41 -18.58
CA ALA W 431 -35.71 -48.64 -19.39
C ALA W 431 -34.90 -49.80 -18.84
N GLY W 432 -35.24 -50.31 -17.66
CA GLY W 432 -34.60 -51.49 -17.14
C GLY W 432 -33.24 -51.32 -16.48
N PHE W 433 -32.96 -50.19 -15.83
CA PHE W 433 -31.75 -50.10 -15.03
C PHE W 433 -32.04 -49.61 -13.62
N GLU W 434 -33.23 -49.95 -13.10
CA GLU W 434 -33.57 -49.47 -11.78
C GLU W 434 -32.82 -50.20 -10.67
N LYS W 435 -32.23 -51.35 -10.95
CA LYS W 435 -31.53 -52.13 -9.93
C LYS W 435 -30.02 -51.90 -9.99
N GLY W 436 -29.57 -51.03 -10.87
CA GLY W 436 -28.18 -50.65 -10.95
C GLY W 436 -27.67 -50.81 -12.35
N ILE W 437 -26.35 -50.67 -12.49
CA ILE W 437 -25.71 -50.67 -13.81
C ILE W 437 -25.21 -52.06 -14.15
N ASP W 438 -25.40 -52.44 -15.42
CA ASP W 438 -24.96 -53.73 -15.91
C ASP W 438 -23.46 -53.68 -16.11
N ARG W 439 -22.75 -54.47 -15.30
CA ARG W 439 -21.29 -54.44 -15.32
C ARG W 439 -20.75 -54.75 -16.71
N GLU W 440 -21.42 -55.67 -17.43
CA GLU W 440 -21.00 -56.16 -18.74
C GLU W 440 -21.31 -55.21 -19.88
N SER W 441 -21.96 -54.08 -19.63
CA SER W 441 -22.30 -53.19 -20.74
C SER W 441 -22.54 -51.79 -20.21
N GLU W 442 -21.68 -51.38 -19.30
CA GLU W 442 -21.83 -50.11 -18.65
C GLU W 442 -21.87 -49.02 -19.71
N PRO W 443 -22.95 -48.28 -19.83
CA PRO W 443 -23.10 -47.42 -21.02
C PRO W 443 -22.01 -46.38 -21.16
N VAL W 444 -21.60 -45.77 -20.05
CA VAL W 444 -20.57 -44.74 -20.10
C VAL W 444 -19.30 -45.28 -20.72
N LEU W 445 -19.01 -46.56 -20.51
CA LEU W 445 -17.78 -47.14 -21.08
C LEU W 445 -17.81 -47.24 -22.59
N SER W 446 -18.98 -47.09 -23.23
CA SER W 446 -19.06 -47.05 -24.69
C SER W 446 -19.10 -45.63 -25.20
N MET W 447 -18.89 -44.67 -24.34
CA MET W 447 -19.01 -43.30 -24.77
C MET W 447 -17.63 -42.69 -24.94
N PRO W 448 -17.48 -41.77 -25.88
CA PRO W 448 -16.20 -41.07 -26.02
C PRO W 448 -15.93 -40.25 -24.77
N SER W 449 -14.64 -40.11 -24.45
CA SER W 449 -14.19 -39.26 -23.37
C SER W 449 -14.62 -37.82 -23.60
N LEU W 450 -14.97 -37.13 -22.51
CA LEU W 450 -15.32 -35.72 -22.57
C LEU W 450 -14.14 -34.83 -22.93
N ASP W 451 -12.93 -35.31 -22.69
CA ASP W 451 -11.72 -34.58 -23.01
C ASP W 451 -10.59 -35.58 -23.18
N ARG X 1 5.30 -64.60 32.68
CA ARG X 1 4.51 -63.43 32.32
C ARG X 1 4.30 -62.58 33.55
N GLY X 2 4.90 -61.39 33.56
CA GLY X 2 4.71 -60.48 34.68
C GLY X 2 3.27 -60.08 34.87
N TRP X 3 2.98 -59.51 36.04
CA TRP X 3 1.62 -59.11 36.35
C TRP X 3 1.11 -58.04 35.37
N PHE X 4 2.02 -57.19 34.89
CA PHE X 4 1.64 -56.19 33.91
C PHE X 4 1.15 -56.86 32.63
N ASP X 5 1.89 -57.87 32.16
CA ASP X 5 1.54 -58.52 30.92
C ASP X 5 0.26 -59.33 31.06
N ILE X 6 -0.03 -59.83 32.27
CA ILE X 6 -1.28 -60.55 32.50
C ILE X 6 -2.47 -59.59 32.52
N LEU X 7 -2.30 -58.41 33.12
CA LEU X 7 -3.37 -57.42 33.11
C LEU X 7 -3.61 -56.91 31.69
N ASP X 8 -2.55 -56.72 30.92
CA ASP X 8 -2.67 -56.39 29.51
C ASP X 8 -3.57 -57.39 28.80
N ASP X 9 -3.24 -58.68 28.90
CA ASP X 9 -4.06 -59.70 28.23
C ASP X 9 -5.54 -59.49 28.53
N TRP X 10 -5.87 -59.33 29.81
CA TRP X 10 -7.28 -59.32 30.18
C TRP X 10 -7.99 -58.05 29.72
N LEU X 11 -7.26 -56.93 29.61
CA LEU X 11 -7.87 -55.67 29.20
C LEU X 11 -8.07 -55.61 27.71
N LYS X 12 -7.24 -56.32 26.95
CA LYS X 12 -7.36 -56.32 25.51
C LYS X 12 -8.10 -57.55 25.00
N ARG X 13 -8.91 -58.18 25.84
CA ARG X 13 -9.69 -59.33 25.39
C ARG X 13 -10.77 -58.92 24.38
N ASP X 14 -11.02 -59.82 23.44
CA ASP X 14 -12.08 -59.64 22.46
C ASP X 14 -13.41 -59.96 23.12
N ARG X 15 -14.11 -58.93 23.58
CA ARG X 15 -15.40 -59.09 24.23
C ARG X 15 -16.39 -58.15 23.54
N PHE X 16 -17.64 -58.23 23.96
CA PHE X 16 -18.68 -57.44 23.32
C PHE X 16 -18.38 -55.95 23.41
N VAL X 17 -17.80 -55.53 24.54
CA VAL X 17 -17.40 -54.15 24.76
C VAL X 17 -15.93 -54.17 25.14
N PHE X 18 -15.07 -53.76 24.19
CA PHE X 18 -13.64 -53.71 24.41
C PHE X 18 -13.33 -52.69 25.49
N VAL X 19 -12.37 -53.04 26.36
CA VAL X 19 -12.01 -52.23 27.51
C VAL X 19 -10.69 -51.51 27.21
N GLY X 20 -9.59 -52.24 27.33
CA GLY X 20 -8.26 -51.69 27.08
C GLY X 20 -7.76 -50.83 28.22
N TRP X 21 -6.48 -50.44 28.10
CA TRP X 21 -5.92 -49.48 29.06
C TRP X 21 -6.67 -48.16 28.99
N SER X 22 -7.00 -47.70 27.79
CA SER X 22 -7.73 -46.45 27.64
C SER X 22 -9.02 -46.48 28.44
N GLY X 23 -9.62 -47.68 28.60
CA GLY X 23 -10.89 -47.77 29.29
C GLY X 23 -10.84 -47.29 30.72
N ILE X 24 -9.69 -47.46 31.38
CA ILE X 24 -9.56 -47.06 32.79
C ILE X 24 -9.73 -45.56 32.96
N LEU X 25 -9.42 -44.78 31.94
CA LEU X 25 -9.77 -43.37 31.92
C LEU X 25 -11.20 -43.15 31.36
N LEU X 26 -11.56 -43.87 30.30
CA LEU X 26 -12.77 -43.55 29.55
C LEU X 26 -14.04 -43.84 30.33
N PHE X 27 -14.21 -45.09 30.76
CA PHE X 27 -15.49 -45.51 31.31
C PHE X 27 -15.89 -44.82 32.60
N PRO X 28 -15.00 -44.58 33.57
CA PRO X 28 -15.43 -43.82 34.75
C PRO X 28 -15.73 -42.36 34.43
N CYS X 29 -14.91 -41.70 33.64
CA CYS X 29 -15.11 -40.29 33.42
C CYS X 29 -16.33 -40.02 32.54
N ALA X 30 -16.60 -40.91 31.58
CA ALA X 30 -17.76 -40.73 30.73
C ALA X 30 -19.05 -41.04 31.46
N TYR X 31 -19.10 -42.18 32.16
CA TYR X 31 -20.26 -42.51 32.99
C TYR X 31 -20.61 -41.36 33.94
N LEU X 32 -19.60 -40.72 34.55
CA LEU X 32 -19.84 -39.70 35.56
C LEU X 32 -20.25 -38.36 34.97
N ALA X 33 -19.71 -37.99 33.81
CA ALA X 33 -20.17 -36.79 33.11
C ALA X 33 -21.62 -36.94 32.70
N LEU X 34 -21.89 -38.02 31.99
CA LEU X 34 -23.23 -38.47 31.66
C LEU X 34 -24.13 -38.52 32.88
N GLY X 35 -23.70 -39.28 33.89
CA GLY X 35 -24.53 -39.44 35.08
C GLY X 35 -24.76 -38.14 35.79
N GLY X 36 -23.73 -37.30 35.88
CA GLY X 36 -23.89 -36.02 36.55
C GLY X 36 -24.85 -35.12 35.80
N TRP X 37 -24.86 -35.21 34.46
CA TRP X 37 -25.80 -34.44 33.66
C TRP X 37 -27.25 -34.86 33.91
N LEU X 38 -27.51 -36.15 33.78
CA LEU X 38 -28.81 -36.70 34.11
C LEU X 38 -29.23 -36.35 35.53
N THR X 39 -28.32 -36.52 36.49
CA THR X 39 -28.69 -36.25 37.88
C THR X 39 -29.08 -34.79 38.08
N GLY X 40 -28.37 -33.89 37.43
CA GLY X 40 -28.56 -32.46 37.64
C GLY X 40 -29.74 -31.90 36.90
N THR X 41 -29.94 -32.36 35.66
CA THR X 41 -31.14 -31.93 34.94
C THR X 41 -32.39 -32.54 35.58
N THR X 42 -32.27 -33.70 36.24
CA THR X 42 -33.45 -34.28 36.87
C THR X 42 -33.79 -33.63 38.22
N PHE X 43 -32.79 -33.28 39.03
CA PHE X 43 -33.04 -32.95 40.43
C PHE X 43 -32.49 -31.62 40.92
N VAL X 44 -31.61 -30.95 40.20
CA VAL X 44 -30.83 -29.86 40.77
C VAL X 44 -31.26 -28.54 40.17
N THR X 45 -31.27 -27.51 41.01
CA THR X 45 -31.67 -26.16 40.67
C THR X 45 -30.47 -25.32 40.23
N SER X 46 -30.78 -24.14 39.72
CA SER X 46 -29.84 -23.06 39.47
C SER X 46 -30.28 -21.81 40.20
N TRP X 47 -31.09 -22.00 41.25
CA TRP X 47 -31.69 -20.85 41.93
C TRP X 47 -30.62 -19.95 42.55
N TYR X 48 -29.60 -20.52 43.25
CA TYR X 48 -28.64 -19.70 43.99
C TYR X 48 -27.53 -19.16 43.10
N THR X 49 -27.31 -19.78 41.95
CA THR X 49 -26.28 -19.36 41.01
C THR X 49 -26.78 -18.41 39.95
N HIS X 50 -28.04 -18.60 39.49
CA HIS X 50 -28.59 -17.92 38.32
C HIS X 50 -29.97 -17.29 38.51
N GLY X 51 -30.75 -17.67 39.53
CA GLY X 51 -32.13 -17.23 39.65
C GLY X 51 -33.06 -17.96 38.72
N LEU X 52 -32.80 -19.23 38.45
CA LEU X 52 -33.47 -19.99 37.44
C LEU X 52 -33.76 -21.37 38.03
N ALA X 53 -34.92 -21.91 37.67
CA ALA X 53 -35.22 -23.33 37.77
C ALA X 53 -34.59 -24.07 36.60
N SER X 54 -34.17 -25.32 36.84
CA SER X 54 -33.33 -25.98 35.84
C SER X 54 -33.46 -27.50 35.88
N SER X 55 -34.43 -28.06 36.60
CA SER X 55 -34.57 -29.51 36.71
C SER X 55 -36.00 -29.96 36.39
N TYR X 56 -36.16 -31.23 36.04
CA TYR X 56 -37.49 -31.81 35.95
C TYR X 56 -38.24 -31.64 37.27
N LEU X 57 -37.52 -31.81 38.37
CA LEU X 57 -38.12 -31.66 39.70
C LEU X 57 -38.80 -30.31 39.84
N GLU X 58 -38.21 -29.26 39.30
CA GLU X 58 -38.81 -27.95 39.45
C GLU X 58 -39.90 -27.69 38.43
N GLY X 59 -40.11 -28.59 37.47
CA GLY X 59 -41.09 -28.34 36.43
C GLY X 59 -40.52 -27.92 35.10
N CYS X 60 -39.21 -28.02 34.92
CA CYS X 60 -38.63 -27.78 33.61
C CYS X 60 -38.84 -29.03 32.76
N ASN X 61 -38.87 -28.82 31.44
CA ASN X 61 -38.98 -29.91 30.49
C ASN X 61 -37.63 -30.16 29.83
N PHE X 62 -37.62 -31.06 28.84
CA PHE X 62 -36.36 -31.49 28.28
C PHE X 62 -35.62 -30.34 27.60
N LEU X 63 -36.32 -29.34 27.11
CA LEU X 63 -35.62 -28.29 26.40
C LEU X 63 -35.05 -27.26 27.37
N THR X 64 -35.65 -27.08 28.54
CA THR X 64 -35.26 -25.98 29.41
C THR X 64 -34.46 -26.43 30.62
N VAL X 65 -34.34 -27.74 30.89
CA VAL X 65 -33.48 -28.16 31.99
C VAL X 65 -32.02 -27.92 31.59
N ALA X 66 -31.20 -27.66 32.59
CA ALA X 66 -29.76 -27.44 32.43
C ALA X 66 -29.06 -27.86 33.71
N VAL X 67 -27.82 -28.31 33.57
CA VAL X 67 -26.84 -28.17 34.65
C VAL X 67 -26.16 -26.84 34.39
N SER X 68 -26.40 -25.85 35.26
CA SER X 68 -25.98 -24.49 34.99
C SER X 68 -24.62 -24.19 35.58
N THR X 69 -24.02 -23.14 35.03
CA THR X 69 -22.70 -22.74 35.46
C THR X 69 -22.73 -22.19 36.89
N PRO X 70 -21.64 -22.32 37.63
CA PRO X 70 -21.59 -21.76 38.98
C PRO X 70 -21.68 -20.25 38.95
N ALA X 71 -21.97 -19.69 40.12
CA ALA X 71 -22.09 -18.25 40.23
C ALA X 71 -20.79 -17.55 39.82
N ASN X 72 -20.96 -16.37 39.23
CA ASN X 72 -19.81 -15.52 38.94
C ASN X 72 -18.86 -15.38 40.14
N SER X 73 -19.39 -15.42 41.36
CA SER X 73 -18.57 -15.11 42.54
C SER X 73 -17.59 -16.22 42.90
N MET X 74 -17.73 -17.42 42.33
CA MET X 74 -16.76 -18.50 42.46
C MET X 74 -15.50 -18.34 41.59
N GLY X 75 -15.43 -17.29 40.76
CA GLY X 75 -14.34 -17.17 39.81
C GLY X 75 -14.17 -18.41 38.96
N HIS X 76 -12.90 -18.81 38.79
CA HIS X 76 -12.56 -20.04 38.08
C HIS X 76 -12.28 -21.19 39.02
N SER X 77 -12.88 -21.15 40.21
CA SER X 77 -12.72 -22.20 41.19
C SER X 77 -13.00 -23.55 40.57
N LEU X 78 -12.14 -24.51 40.89
CA LEU X 78 -12.39 -25.90 40.53
C LEU X 78 -13.64 -26.44 41.18
N LEU X 79 -14.03 -25.86 42.33
CA LEU X 79 -15.25 -26.28 43.00
C LEU X 79 -15.20 -27.77 43.34
N LEU X 80 -14.05 -28.21 43.83
CA LEU X 80 -13.93 -29.56 44.36
C LEU X 80 -14.94 -29.75 45.51
N LEU X 81 -15.41 -30.98 45.66
CA LEU X 81 -16.38 -31.25 46.71
C LEU X 81 -15.77 -31.06 48.10
N TRP X 82 -14.51 -31.42 48.25
CA TRP X 82 -13.71 -31.24 49.45
C TRP X 82 -12.94 -29.91 49.45
N GLY X 83 -13.35 -28.96 48.62
CA GLY X 83 -12.68 -27.70 48.51
C GLY X 83 -13.20 -26.71 49.51
N PRO X 84 -12.69 -25.49 49.48
CA PRO X 84 -13.06 -24.53 50.53
C PRO X 84 -14.46 -23.96 50.38
N GLU X 85 -15.09 -24.07 49.20
CA GLU X 85 -16.38 -23.43 49.04
C GLU X 85 -17.49 -24.31 49.60
N ALA X 86 -17.47 -25.61 49.25
CA ALA X 86 -18.49 -26.54 49.68
C ALA X 86 -18.10 -27.29 50.95
N GLN X 87 -16.79 -27.42 51.19
CA GLN X 87 -16.27 -28.04 52.42
C GLN X 87 -16.80 -29.45 52.62
N GLY X 88 -17.02 -30.20 51.54
CA GLY X 88 -17.44 -31.58 51.61
C GLY X 88 -18.95 -31.78 51.70
N ASP X 89 -19.71 -30.71 51.71
CA ASP X 89 -21.17 -30.81 51.83
C ASP X 89 -21.76 -31.02 50.44
N PHE X 90 -22.22 -32.24 50.16
CA PHE X 90 -22.77 -32.56 48.86
C PHE X 90 -23.91 -31.63 48.49
N THR X 91 -24.83 -31.42 49.41
CA THR X 91 -25.99 -30.60 49.09
C THR X 91 -25.55 -29.20 48.71
N ARG X 92 -24.59 -28.66 49.44
CA ARG X 92 -24.19 -27.29 49.16
C ARG X 92 -23.40 -27.24 47.86
N TRP X 93 -22.67 -28.31 47.55
CA TRP X 93 -21.92 -28.42 46.32
C TRP X 93 -22.86 -28.28 45.13
N CYS X 94 -23.95 -29.05 45.12
CA CYS X 94 -24.95 -28.93 44.06
C CYS X 94 -25.47 -27.49 43.97
N GLN X 95 -25.84 -26.91 45.10
CA GLN X 95 -26.44 -25.59 45.07
C GLN X 95 -25.47 -24.53 44.56
N LEU X 96 -24.17 -24.74 44.73
CA LEU X 96 -23.18 -23.73 44.34
C LEU X 96 -22.64 -23.94 42.94
N GLY X 97 -23.02 -25.02 42.29
CA GLY X 97 -22.68 -25.24 40.91
C GLY X 97 -21.67 -26.33 40.66
N GLY X 98 -21.37 -27.17 41.66
CA GLY X 98 -20.26 -28.08 41.53
C GLY X 98 -20.45 -29.15 40.51
N LEU X 99 -21.70 -29.49 40.20
CA LEU X 99 -21.95 -30.47 39.14
C LEU X 99 -21.48 -29.96 37.80
N TRP X 100 -21.45 -28.62 37.59
CA TRP X 100 -20.98 -28.09 36.31
C TRP X 100 -19.49 -28.36 36.12
N THR X 101 -18.67 -28.09 37.15
CA THR X 101 -17.25 -28.45 37.03
C THR X 101 -17.08 -29.97 37.03
N PHE X 102 -17.89 -30.69 37.82
CA PHE X 102 -17.86 -32.15 37.81
C PHE X 102 -18.03 -32.71 36.40
N ILE X 103 -19.04 -32.21 35.69
CA ILE X 103 -19.29 -32.66 34.32
C ILE X 103 -18.19 -32.17 33.39
N ALA X 104 -17.90 -30.87 33.45
CA ALA X 104 -16.88 -30.29 32.59
C ALA X 104 -15.58 -31.07 32.65
N LEU X 105 -15.07 -31.32 33.85
CA LEU X 105 -13.74 -31.93 33.98
C LEU X 105 -13.76 -33.43 33.75
N HIS X 106 -14.80 -34.15 34.20
CA HIS X 106 -14.81 -35.57 33.89
C HIS X 106 -15.02 -35.80 32.40
N GLY X 107 -15.75 -34.89 31.74
CA GLY X 107 -15.94 -35.03 30.29
C GLY X 107 -14.66 -34.72 29.54
N ALA X 108 -13.96 -33.66 29.93
CA ALA X 108 -12.64 -33.41 29.37
C ALA X 108 -11.79 -34.66 29.39
N PHE X 109 -11.71 -35.32 30.55
CA PHE X 109 -10.83 -36.49 30.66
C PHE X 109 -11.42 -37.70 29.95
N GLY X 110 -12.77 -37.79 29.87
CA GLY X 110 -13.38 -38.87 29.12
C GLY X 110 -13.13 -38.75 27.63
N LEU X 111 -13.02 -37.53 27.12
CA LEU X 111 -12.74 -37.32 25.69
C LEU X 111 -11.32 -37.71 25.34
N ILE X 112 -10.38 -37.31 26.17
CA ILE X 112 -9.05 -37.90 26.14
C ILE X 112 -9.14 -39.42 26.07
N GLY X 113 -9.77 -40.03 27.06
CA GLY X 113 -9.90 -41.47 27.06
C GLY X 113 -10.47 -42.01 25.76
N PHE X 114 -11.46 -41.29 25.18
CA PHE X 114 -12.04 -41.78 23.93
C PHE X 114 -11.03 -41.73 22.79
N MET X 115 -10.25 -40.66 22.72
CA MET X 115 -9.27 -40.58 21.66
C MET X 115 -8.19 -41.64 21.83
N LEU X 116 -7.66 -41.81 23.06
CA LEU X 116 -6.71 -42.89 23.30
C LEU X 116 -7.29 -44.24 22.91
N ARG X 117 -8.58 -44.42 23.17
CA ARG X 117 -9.23 -45.65 22.75
C ARG X 117 -9.17 -45.80 21.24
N GLN X 118 -9.39 -44.70 20.52
CA GLN X 118 -9.32 -44.79 19.07
C GLN X 118 -7.92 -45.21 18.65
N PHE X 119 -6.90 -44.67 19.35
CA PHE X 119 -5.50 -45.05 19.07
C PHE X 119 -5.26 -46.52 19.46
N GLU X 120 -5.72 -46.93 20.64
CA GLU X 120 -5.46 -48.27 21.14
C GLU X 120 -6.03 -49.32 20.19
N ILE X 121 -7.31 -49.16 19.83
CA ILE X 121 -7.99 -50.10 18.94
C ILE X 121 -7.38 -50.08 17.54
N ALA X 122 -7.01 -48.91 17.06
CA ALA X 122 -6.41 -48.87 15.72
C ALA X 122 -5.11 -49.64 15.71
N ARG X 123 -4.28 -49.46 16.75
CA ARG X 123 -3.01 -50.18 16.83
C ARG X 123 -3.23 -51.70 16.84
N LEU X 124 -4.07 -52.21 17.74
CA LEU X 124 -4.24 -53.65 17.81
C LEU X 124 -4.83 -54.21 16.52
N VAL X 125 -5.77 -53.49 15.89
CA VAL X 125 -6.41 -54.00 14.69
C VAL X 125 -5.53 -53.81 13.45
N GLY X 126 -4.63 -52.86 13.46
CA GLY X 126 -3.68 -52.69 12.38
C GLY X 126 -4.04 -51.66 11.32
N VAL X 127 -4.94 -50.74 11.63
CA VAL X 127 -5.31 -49.68 10.69
C VAL X 127 -4.64 -48.37 11.09
N ARG X 128 -4.61 -47.45 10.13
CA ARG X 128 -4.05 -46.13 10.38
C ARG X 128 -5.00 -45.33 11.27
N PRO X 129 -4.48 -44.47 12.12
CA PRO X 129 -5.29 -43.83 13.17
C PRO X 129 -5.99 -42.54 12.74
N TYR X 130 -6.47 -42.49 11.51
CA TYR X 130 -7.05 -41.25 10.98
C TYR X 130 -8.35 -40.86 11.68
N ASN X 131 -9.09 -41.84 12.19
CA ASN X 131 -10.28 -41.53 12.95
C ASN X 131 -9.92 -40.82 14.25
N ALA X 132 -8.89 -41.31 14.95
CA ALA X 132 -8.42 -40.61 16.14
C ALA X 132 -8.02 -39.19 15.79
N ILE X 133 -7.32 -39.00 14.67
CA ILE X 133 -6.91 -37.67 14.25
C ILE X 133 -8.12 -36.80 13.96
N ALA X 134 -9.15 -37.36 13.31
CA ALA X 134 -10.41 -36.65 13.08
C ALA X 134 -11.04 -36.19 14.39
N PHE X 135 -11.05 -37.05 15.43
CA PHE X 135 -11.65 -36.67 16.72
C PHE X 135 -10.93 -35.49 17.39
N SER X 136 -9.79 -35.08 16.88
CA SER X 136 -9.14 -33.89 17.40
C SER X 136 -10.03 -32.66 17.28
N ALA X 137 -10.86 -32.58 16.22
CA ALA X 137 -11.69 -31.39 16.04
C ALA X 137 -12.76 -31.28 17.12
N PRO X 138 -13.56 -32.30 17.42
CA PRO X 138 -14.44 -32.21 18.61
C PRO X 138 -13.69 -31.80 19.88
N ILE X 139 -12.46 -32.26 20.06
CA ILE X 139 -11.76 -31.91 21.30
C ILE X 139 -11.37 -30.43 21.29
N ALA X 140 -10.92 -29.92 20.15
CA ALA X 140 -10.64 -28.49 20.04
C ALA X 140 -11.88 -27.65 20.38
N VAL X 141 -13.04 -28.04 19.86
CA VAL X 141 -14.26 -27.31 20.19
C VAL X 141 -14.53 -27.38 21.68
N PHE X 142 -14.50 -28.59 22.22
CA PHE X 142 -14.92 -28.72 23.61
C PHE X 142 -14.03 -27.88 24.52
N VAL X 143 -12.71 -27.94 24.31
CA VAL X 143 -11.76 -27.24 25.17
C VAL X 143 -11.86 -25.73 24.99
N SER X 144 -11.99 -25.27 23.74
CA SER X 144 -12.06 -23.84 23.45
C SER X 144 -13.27 -23.19 24.09
N VAL X 145 -14.44 -23.82 23.90
CA VAL X 145 -15.74 -23.28 24.30
C VAL X 145 -16.01 -23.50 25.78
N PHE X 146 -15.77 -24.70 26.27
CA PHE X 146 -16.12 -24.94 27.66
C PHE X 146 -15.03 -24.61 28.68
N LEU X 147 -13.77 -24.53 28.26
CA LEU X 147 -12.68 -24.30 29.21
C LEU X 147 -12.00 -22.97 28.95
N ILE X 148 -11.43 -22.78 27.77
CA ILE X 148 -10.63 -21.58 27.52
C ILE X 148 -11.50 -20.34 27.61
N TYR X 149 -12.65 -20.35 26.91
CA TYR X 149 -13.49 -19.16 26.90
C TYR X 149 -13.83 -18.66 28.31
N PRO X 150 -14.27 -19.48 29.24
CA PRO X 150 -14.53 -18.96 30.59
C PRO X 150 -13.27 -18.56 31.34
N LEU X 151 -12.15 -19.25 31.10
CA LEU X 151 -10.90 -18.90 31.78
C LEU X 151 -10.40 -17.54 31.37
N GLY X 152 -10.75 -17.10 30.16
CA GLY X 152 -10.47 -15.73 29.78
C GLY X 152 -11.46 -14.74 30.35
N GLN X 153 -12.68 -15.18 30.66
CA GLN X 153 -13.69 -14.26 31.16
C GLN X 153 -13.53 -14.15 32.68
N SER X 154 -14.53 -13.56 33.34
CA SER X 154 -14.45 -13.32 34.75
C SER X 154 -14.66 -14.60 35.55
N SER X 155 -15.31 -15.61 34.98
CA SER X 155 -15.57 -16.82 35.73
C SER X 155 -16.22 -17.88 34.85
N TRP X 156 -16.40 -19.05 35.44
CA TRP X 156 -17.13 -20.14 34.79
C TRP X 156 -18.58 -19.77 34.52
N PHE X 157 -19.12 -18.75 35.19
CA PHE X 157 -20.51 -18.34 34.97
C PHE X 157 -20.82 -18.15 33.50
N PHE X 158 -19.85 -17.61 32.76
CA PHE X 158 -20.08 -17.21 31.40
C PHE X 158 -19.72 -18.30 30.41
N ALA X 159 -19.39 -19.47 30.89
CA ALA X 159 -19.27 -20.59 29.99
C ALA X 159 -20.66 -21.07 29.62
N PRO X 160 -20.78 -22.07 28.77
CA PRO X 160 -22.10 -22.61 28.44
C PRO X 160 -22.61 -23.53 29.54
N SER X 161 -23.86 -23.33 29.93
CA SER X 161 -24.54 -24.32 30.73
C SER X 161 -24.96 -25.51 29.86
N PHE X 162 -24.99 -26.69 30.48
CA PHE X 162 -25.30 -27.93 29.76
C PHE X 162 -26.81 -28.12 29.66
N GLY X 163 -27.44 -27.49 28.66
CA GLY X 163 -28.87 -27.67 28.42
C GLY X 163 -29.24 -27.20 27.03
N VAL X 164 -30.38 -27.69 26.54
CA VAL X 164 -30.83 -27.32 25.18
C VAL X 164 -31.00 -25.82 25.05
N ALA X 165 -31.81 -25.22 25.92
CA ALA X 165 -32.09 -23.81 25.83
C ALA X 165 -31.00 -22.97 26.47
N ALA X 166 -30.28 -23.52 27.44
CA ALA X 166 -29.08 -22.86 27.90
C ALA X 166 -28.09 -22.64 26.76
N ILE X 167 -28.00 -23.59 25.84
CA ILE X 167 -27.05 -23.42 24.75
C ILE X 167 -27.57 -22.41 23.74
N PHE X 168 -28.88 -22.42 23.49
CA PHE X 168 -29.48 -21.37 22.67
C PHE X 168 -29.17 -19.98 23.25
N ARG X 169 -29.36 -19.81 24.54
CA ARG X 169 -29.00 -18.54 25.19
C ARG X 169 -27.57 -18.15 24.88
N PHE X 170 -26.66 -19.13 24.91
CA PHE X 170 -25.23 -18.92 24.66
C PHE X 170 -25.00 -18.38 23.25
N LEU X 171 -25.72 -18.94 22.28
CA LEU X 171 -25.71 -18.48 20.88
C LEU X 171 -26.08 -17.01 20.81
N LEU X 172 -27.18 -16.65 21.44
CA LEU X 172 -27.64 -15.29 21.32
C LEU X 172 -26.75 -14.36 22.14
N PHE X 173 -26.27 -14.78 23.31
CA PHE X 173 -25.26 -13.95 23.98
C PHE X 173 -24.11 -13.67 23.01
N PHE X 174 -23.63 -14.72 22.35
CA PHE X 174 -22.52 -14.53 21.44
C PHE X 174 -22.84 -13.58 20.30
N GLN X 175 -24.09 -13.57 19.80
CA GLN X 175 -24.44 -12.57 18.80
C GLN X 175 -24.41 -11.17 19.40
N GLY X 176 -25.07 -10.98 20.54
CA GLY X 176 -25.27 -9.62 21.04
C GLY X 176 -24.03 -9.00 21.65
N PHE X 177 -23.14 -9.80 22.19
CA PHE X 177 -21.98 -9.21 22.85
C PHE X 177 -20.73 -9.30 22.01
N HIS X 178 -20.58 -10.36 21.24
CA HIS X 178 -19.38 -10.58 20.49
C HIS X 178 -19.55 -10.35 19.00
N ASN X 179 -20.78 -10.17 18.50
CA ASN X 179 -21.04 -10.12 17.08
C ASN X 179 -20.36 -11.29 16.40
N TRP X 180 -20.58 -12.49 16.95
CA TRP X 180 -19.86 -13.68 16.49
C TRP X 180 -20.18 -14.04 15.04
N THR X 181 -21.36 -13.64 14.49
CA THR X 181 -21.63 -14.02 13.10
C THR X 181 -20.67 -13.34 12.14
N LEU X 182 -20.17 -12.17 12.49
CA LEU X 182 -19.24 -11.42 11.67
C LEU X 182 -17.82 -11.97 11.72
N ASN X 183 -17.54 -12.99 12.54
CA ASN X 183 -16.17 -13.43 12.76
C ASN X 183 -15.72 -14.39 11.66
N PRO X 184 -14.62 -14.11 10.95
CA PRO X 184 -14.24 -15.01 9.83
C PRO X 184 -13.92 -16.40 10.27
N PHE X 185 -13.45 -16.57 11.52
CA PHE X 185 -13.16 -17.91 12.03
C PHE X 185 -14.43 -18.74 12.22
N HIS X 186 -15.51 -18.12 12.68
CA HIS X 186 -16.80 -18.81 12.75
C HIS X 186 -17.30 -19.10 11.33
N MET X 187 -17.02 -18.20 10.38
CA MET X 187 -17.50 -18.34 9.01
C MET X 187 -16.84 -19.51 8.31
N MET X 188 -15.55 -19.69 8.54
CA MET X 188 -14.88 -20.90 8.07
C MET X 188 -15.46 -22.13 8.73
N GLY X 189 -15.80 -22.04 10.01
CA GLY X 189 -16.40 -23.19 10.66
C GLY X 189 -17.73 -23.56 10.04
N VAL X 190 -18.59 -22.57 9.82
CA VAL X 190 -19.87 -22.79 9.14
C VAL X 190 -19.64 -23.49 7.82
N ALA X 191 -18.72 -22.96 7.01
CA ALA X 191 -18.39 -23.58 5.73
C ALA X 191 -18.00 -25.05 5.88
N GLY X 192 -17.13 -25.39 6.84
CA GLY X 192 -16.76 -26.79 7.02
C GLY X 192 -17.88 -27.69 7.52
N VAL X 193 -18.78 -27.16 8.36
CA VAL X 193 -19.89 -27.96 8.83
C VAL X 193 -20.91 -28.13 7.71
N LEU X 194 -21.27 -27.03 7.06
CA LEU X 194 -22.27 -27.13 5.99
C LEU X 194 -21.72 -27.89 4.81
N GLY X 195 -20.46 -27.63 4.44
CA GLY X 195 -19.82 -28.40 3.38
C GLY X 195 -19.59 -29.85 3.77
N GLY X 196 -19.37 -30.13 5.04
CA GLY X 196 -19.34 -31.49 5.50
C GLY X 196 -20.67 -32.19 5.31
N ALA X 197 -21.76 -31.55 5.73
CA ALA X 197 -23.07 -32.12 5.49
C ALA X 197 -23.31 -32.29 3.99
N LEU X 198 -22.83 -31.34 3.19
CA LEU X 198 -23.00 -31.45 1.76
C LEU X 198 -22.22 -32.66 1.22
N LEU X 199 -20.97 -32.78 1.59
CA LEU X 199 -20.18 -33.93 1.20
C LEU X 199 -20.84 -35.23 1.65
N CYS X 200 -21.31 -35.28 2.89
CA CYS X 200 -22.00 -36.46 3.38
C CYS X 200 -23.12 -36.86 2.43
N ALA X 201 -24.05 -35.93 2.15
CA ALA X 201 -25.24 -36.28 1.36
C ALA X 201 -24.90 -36.63 -0.08
N ILE X 202 -24.01 -35.85 -0.71
CA ILE X 202 -23.73 -36.04 -2.14
C ILE X 202 -22.91 -37.32 -2.39
N HIS X 203 -22.06 -37.72 -1.44
CA HIS X 203 -21.32 -38.96 -1.60
C HIS X 203 -22.24 -40.16 -1.41
N GLY X 204 -23.12 -40.07 -0.41
CA GLY X 204 -24.09 -41.14 -0.19
C GLY X 204 -25.04 -41.31 -1.37
N ALA X 205 -25.63 -40.21 -1.86
CA ALA X 205 -26.56 -40.32 -2.97
C ALA X 205 -25.84 -40.76 -4.23
N THR X 206 -24.59 -40.32 -4.42
CA THR X 206 -23.88 -40.71 -5.63
C THR X 206 -23.63 -42.20 -5.65
N VAL X 207 -23.15 -42.76 -4.55
CA VAL X 207 -22.89 -44.20 -4.51
C VAL X 207 -24.19 -44.97 -4.69
N GLU X 208 -25.24 -44.55 -4.01
CA GLU X 208 -26.52 -45.24 -4.13
C GLU X 208 -27.08 -45.18 -5.56
N ASN X 209 -26.67 -44.21 -6.38
CA ASN X 209 -27.26 -44.05 -7.70
C ASN X 209 -26.29 -44.36 -8.82
N THR X 210 -25.18 -45.03 -8.49
CA THR X 210 -24.26 -45.59 -9.48
C THR X 210 -23.96 -47.05 -9.19
N LEU X 211 -24.65 -47.64 -8.22
CA LEU X 211 -24.52 -49.05 -7.92
C LEU X 211 -24.49 -49.86 -9.20
N PHE X 212 -23.70 -50.93 -9.20
CA PHE X 212 -23.81 -51.96 -10.22
C PHE X 212 -24.93 -52.91 -9.83
N GLN X 213 -25.52 -53.55 -10.84
CA GLN X 213 -26.58 -54.55 -10.62
C GLN X 213 -25.88 -55.85 -10.26
N ASP X 214 -25.84 -56.16 -8.98
CA ASP X 214 -25.09 -57.32 -8.53
C ASP X 214 -25.98 -58.43 -8.00
N GLY X 215 -27.26 -58.14 -7.79
CA GLY X 215 -28.28 -59.15 -7.60
C GLY X 215 -29.48 -58.84 -8.49
N GLU X 216 -30.56 -59.65 -8.36
CA GLU X 216 -31.75 -59.51 -9.19
CA GLU X 216 -31.74 -59.48 -9.20
C GLU X 216 -32.94 -58.92 -8.43
N GLY X 217 -32.73 -58.47 -7.20
CA GLY X 217 -33.84 -57.91 -6.43
C GLY X 217 -33.97 -56.40 -6.57
N ALA X 218 -35.15 -55.91 -6.21
CA ALA X 218 -35.39 -54.47 -6.19
C ALA X 218 -34.81 -53.79 -4.95
N SER X 219 -34.63 -54.53 -3.86
CA SER X 219 -33.84 -54.06 -2.73
C SER X 219 -32.38 -54.36 -3.01
N THR X 220 -31.61 -53.31 -3.31
CA THR X 220 -30.24 -53.40 -3.78
C THR X 220 -29.22 -53.58 -2.67
N PHE X 221 -29.65 -53.54 -1.40
CA PHE X 221 -28.78 -53.70 -0.25
C PHE X 221 -28.25 -55.11 -0.08
N ARG X 222 -28.95 -56.10 -0.61
CA ARG X 222 -28.57 -57.50 -0.47
C ARG X 222 -27.50 -57.90 -1.47
N ALA X 223 -27.30 -57.11 -2.52
CA ALA X 223 -26.22 -57.39 -3.46
C ALA X 223 -24.87 -56.85 -3.01
N PHE X 224 -24.51 -57.00 -1.74
CA PHE X 224 -23.18 -56.59 -1.29
C PHE X 224 -22.62 -57.59 -0.30
N ASN X 225 -21.46 -58.16 -0.64
CA ASN X 225 -20.71 -59.01 0.26
C ASN X 225 -19.47 -58.28 0.77
N PRO X 226 -19.36 -57.98 2.07
CA PRO X 226 -18.20 -57.20 2.56
C PRO X 226 -16.85 -57.78 2.22
N THR X 227 -16.76 -59.07 1.92
CA THR X 227 -15.50 -59.68 1.50
C THR X 227 -15.27 -59.61 -0.02
N GLN X 228 -16.18 -59.04 -0.80
CA GLN X 228 -15.97 -59.02 -2.22
C GLN X 228 -14.77 -58.14 -2.58
N ALA X 229 -14.18 -58.44 -3.74
CA ALA X 229 -13.09 -57.63 -4.24
C ALA X 229 -13.60 -56.34 -4.89
N GLU X 230 -14.72 -56.44 -5.60
CA GLU X 230 -15.13 -55.41 -6.55
C GLU X 230 -15.73 -54.19 -5.87
N GLU X 231 -15.45 -53.00 -6.42
CA GLU X 231 -16.25 -51.81 -6.12
C GLU X 231 -17.72 -52.10 -6.38
N THR X 232 -18.55 -51.71 -5.45
CA THR X 232 -19.98 -51.96 -5.55
C THR X 232 -20.69 -50.89 -6.41
N TYR X 233 -20.03 -49.77 -6.68
CA TYR X 233 -20.53 -48.77 -7.58
C TYR X 233 -19.45 -48.38 -8.57
N SER X 234 -19.86 -47.59 -9.56
CA SER X 234 -19.01 -47.23 -10.67
C SER X 234 -18.43 -45.84 -10.48
N MET X 235 -17.12 -45.79 -10.22
CA MET X 235 -16.45 -44.50 -10.15
C MET X 235 -16.51 -43.81 -11.50
N VAL X 236 -16.42 -44.59 -12.58
CA VAL X 236 -16.35 -44.04 -13.91
C VAL X 236 -17.65 -43.34 -14.28
N THR X 237 -18.80 -43.96 -14.00
CA THR X 237 -20.05 -43.29 -14.34
C THR X 237 -20.33 -42.14 -13.38
N ALA X 238 -19.99 -42.29 -12.09
CA ALA X 238 -20.10 -41.16 -11.17
C ALA X 238 -19.33 -39.95 -11.69
N ASN X 239 -18.07 -40.18 -12.10
CA ASN X 239 -17.22 -39.11 -12.58
C ASN X 239 -17.82 -38.43 -13.81
N ARG X 240 -18.38 -39.22 -14.74
CA ARG X 240 -18.94 -38.58 -15.93
C ARG X 240 -20.16 -37.73 -15.58
N PHE X 241 -21.06 -38.28 -14.79
CA PHE X 241 -22.23 -37.54 -14.36
C PHE X 241 -21.86 -36.19 -13.81
N TRP X 242 -20.97 -36.17 -12.82
CA TRP X 242 -20.66 -34.92 -12.16
C TRP X 242 -19.80 -34.00 -13.02
N SER X 243 -18.92 -34.53 -13.85
CA SER X 243 -18.18 -33.68 -14.77
C SER X 243 -19.15 -32.90 -15.65
N GLN X 244 -20.21 -33.57 -16.14
CA GLN X 244 -21.17 -32.94 -17.03
C GLN X 244 -22.20 -32.10 -16.30
N ILE X 245 -22.56 -32.46 -15.08
CA ILE X 245 -23.54 -31.68 -14.32
C ILE X 245 -22.91 -30.43 -13.73
N PHE X 246 -21.80 -30.60 -13.01
CA PHE X 246 -21.18 -29.54 -12.21
C PHE X 246 -19.84 -29.07 -12.78
N GLY X 247 -19.31 -29.74 -13.80
CA GLY X 247 -18.12 -29.25 -14.46
C GLY X 247 -16.87 -29.97 -13.99
N ILE X 248 -16.77 -30.25 -12.69
CA ILE X 248 -15.70 -31.09 -12.17
C ILE X 248 -16.32 -32.28 -11.42
N ALA X 249 -15.47 -33.28 -11.20
CA ALA X 249 -15.81 -34.45 -10.40
C ALA X 249 -14.55 -35.01 -9.74
N PHE X 250 -14.72 -35.67 -8.59
CA PHE X 250 -13.65 -36.53 -8.11
C PHE X 250 -13.39 -37.62 -9.14
N SER X 251 -12.11 -37.96 -9.30
CA SER X 251 -11.67 -39.16 -9.98
C SER X 251 -10.92 -40.10 -9.07
N ASN X 252 -10.49 -39.64 -7.89
CA ASN X 252 -9.65 -40.43 -7.02
C ASN X 252 -10.40 -40.74 -5.73
N LYS X 253 -10.64 -42.02 -5.49
CA LYS X 253 -11.46 -42.45 -4.37
C LYS X 253 -10.78 -42.13 -3.04
N ARG X 254 -9.47 -42.26 -2.99
CA ARG X 254 -8.73 -41.95 -1.77
C ARG X 254 -8.76 -40.46 -1.49
N TRP X 255 -8.45 -39.64 -2.48
CA TRP X 255 -8.53 -38.21 -2.24
C TRP X 255 -9.92 -37.84 -1.78
N LEU X 256 -10.94 -38.48 -2.35
CA LEU X 256 -12.32 -38.14 -2.01
C LEU X 256 -12.62 -38.40 -0.54
N HIS X 257 -12.23 -39.57 -0.02
CA HIS X 257 -12.47 -39.80 1.40
C HIS X 257 -11.48 -39.06 2.30
N PHE X 258 -10.30 -38.69 1.81
CA PHE X 258 -9.48 -37.82 2.63
C PHE X 258 -10.11 -36.43 2.73
N PHE X 259 -10.68 -35.95 1.62
CA PHE X 259 -11.33 -34.65 1.64
C PHE X 259 -12.53 -34.64 2.58
N MET X 260 -13.24 -35.76 2.69
CA MET X 260 -14.38 -35.84 3.59
C MET X 260 -13.95 -35.72 5.04
N LEU X 261 -12.78 -36.25 5.36
CA LEU X 261 -12.18 -36.03 6.68
C LEU X 261 -11.84 -34.56 6.88
N PHE X 262 -11.02 -34.03 5.96
CA PHE X 262 -10.42 -32.72 6.07
C PHE X 262 -11.42 -31.60 6.30
N VAL X 263 -12.47 -31.55 5.47
CA VAL X 263 -13.35 -30.40 5.42
C VAL X 263 -14.00 -30.12 6.77
N PRO X 264 -14.79 -31.03 7.34
CA PRO X 264 -15.41 -30.71 8.64
C PRO X 264 -14.39 -30.60 9.78
N VAL X 265 -13.37 -31.46 9.79
CA VAL X 265 -12.31 -31.35 10.82
C VAL X 265 -11.66 -29.98 10.79
N THR X 266 -11.26 -29.52 9.61
CA THR X 266 -10.67 -28.18 9.55
C THR X 266 -11.68 -27.08 9.90
N GLY X 267 -12.97 -27.22 9.57
CA GLY X 267 -13.92 -26.20 9.99
C GLY X 267 -14.01 -26.04 11.50
N LEU X 268 -14.12 -27.15 12.23
CA LEU X 268 -14.28 -27.03 13.67
C LEU X 268 -13.04 -26.41 14.30
N TRP X 269 -11.86 -26.73 13.77
CA TRP X 269 -10.62 -26.15 14.30
C TRP X 269 -10.58 -24.65 14.09
N MET X 270 -11.03 -24.18 12.94
CA MET X 270 -11.04 -22.74 12.71
C MET X 270 -11.97 -22.07 13.69
N SER X 271 -13.17 -22.63 13.89
CA SER X 271 -14.10 -21.98 14.80
C SER X 271 -13.52 -21.89 16.21
N ALA X 272 -12.77 -22.91 16.60
CA ALA X 272 -12.13 -22.93 17.92
C ALA X 272 -11.14 -21.80 18.07
N ILE X 273 -10.37 -21.53 17.03
CA ILE X 273 -9.49 -20.37 17.08
C ILE X 273 -10.29 -19.13 17.38
N GLY X 274 -11.42 -18.95 16.74
CA GLY X 274 -12.15 -17.72 16.94
C GLY X 274 -12.60 -17.57 18.38
N VAL X 275 -13.05 -18.67 18.98
CA VAL X 275 -13.50 -18.63 20.34
C VAL X 275 -12.36 -18.29 21.28
N VAL X 276 -11.15 -18.78 21.01
CA VAL X 276 -10.01 -18.37 21.86
C VAL X 276 -9.89 -16.85 21.80
N GLY X 277 -10.04 -16.27 20.63
CA GLY X 277 -10.09 -14.82 20.55
C GLY X 277 -11.12 -14.21 21.48
N LEU X 278 -12.35 -14.76 21.46
CA LEU X 278 -13.49 -14.20 22.23
C LEU X 278 -13.32 -14.39 23.74
N ALA X 279 -12.53 -15.39 24.13
CA ALA X 279 -12.05 -15.53 25.50
C ALA X 279 -11.48 -14.23 26.05
N LEU X 280 -10.89 -13.43 25.18
CA LEU X 280 -10.30 -12.15 25.50
C LEU X 280 -11.15 -10.96 25.06
N ASN X 281 -12.39 -11.20 24.65
CA ASN X 281 -13.18 -10.19 23.96
C ASN X 281 -12.46 -9.64 22.73
N LEU X 282 -11.49 -10.36 22.17
CA LEU X 282 -10.86 -9.96 20.90
C LEU X 282 -11.80 -10.36 19.75
N ARG X 283 -12.74 -9.49 19.47
CA ARG X 283 -13.86 -9.79 18.58
C ARG X 283 -13.59 -9.14 17.23
N SER X 284 -14.25 -9.67 16.20
CA SER X 284 -14.47 -8.90 14.98
C SER X 284 -15.86 -8.28 15.11
N TYR X 285 -15.96 -7.23 15.90
CA TYR X 285 -17.23 -6.62 16.20
C TYR X 285 -17.60 -5.56 15.18
N ASP X 286 -16.66 -4.71 14.80
CA ASP X 286 -16.94 -3.55 13.99
C ASP X 286 -16.11 -3.51 12.72
N PHE X 287 -16.54 -2.61 11.84
CA PHE X 287 -15.74 -2.16 10.69
C PHE X 287 -15.55 -0.65 10.89
N ILE X 288 -14.31 -0.24 11.14
CA ILE X 288 -14.09 1.13 11.55
C ILE X 288 -14.58 2.09 10.46
N SER X 289 -14.20 1.82 9.22
CA SER X 289 -14.62 2.67 8.11
C SER X 289 -16.13 2.83 8.06
N GLN X 290 -16.90 1.78 8.32
CA GLN X 290 -18.36 1.97 8.33
C GLN X 290 -18.79 2.91 9.44
N GLU X 291 -18.13 2.77 10.59
CA GLU X 291 -18.50 3.58 11.75
C GLU X 291 -18.08 5.03 11.58
N ILE X 292 -16.91 5.29 10.98
CA ILE X 292 -16.53 6.68 10.77
C ILE X 292 -17.55 7.36 9.85
N ARG X 293 -17.93 6.68 8.77
CA ARG X 293 -18.91 7.20 7.82
C ARG X 293 -20.29 7.37 8.47
N ALA X 294 -20.76 6.33 9.17
CA ALA X 294 -22.12 6.35 9.71
C ALA X 294 -22.27 7.48 10.71
N ALA X 295 -21.24 7.69 11.53
CA ALA X 295 -21.29 8.73 12.55
C ALA X 295 -21.45 10.11 11.93
N GLU X 296 -20.87 10.30 10.76
CA GLU X 296 -20.83 11.60 10.11
C GLU X 296 -21.95 11.79 9.12
N ASP X 297 -22.54 10.70 8.62
CA ASP X 297 -23.52 10.72 7.54
C ASP X 297 -24.73 9.95 8.02
N PRO X 298 -25.76 10.63 8.50
CA PRO X 298 -26.94 9.95 9.02
C PRO X 298 -27.81 9.30 7.96
N GLU X 299 -27.44 9.39 6.68
CA GLU X 299 -28.16 8.70 5.63
C GLU X 299 -27.46 7.43 5.18
N PHE X 300 -26.32 7.12 5.77
CA PHE X 300 -25.57 5.92 5.42
C PHE X 300 -26.04 4.78 6.30
N GLU X 301 -26.58 3.76 5.68
CA GLU X 301 -27.10 2.60 6.41
C GLU X 301 -26.82 1.35 5.60
N THR X 302 -26.36 0.31 6.28
CA THR X 302 -26.09 -0.95 5.62
C THR X 302 -26.68 -2.04 6.50
N PHE X 303 -26.59 -3.27 6.04
CA PHE X 303 -27.00 -4.34 6.92
C PHE X 303 -26.05 -4.47 8.11
N TYR X 304 -24.82 -3.99 7.97
CA TYR X 304 -23.89 -4.04 9.11
C TYR X 304 -24.41 -3.18 10.25
N THR X 305 -24.78 -1.92 9.97
CA THR X 305 -25.28 -1.04 11.01
C THR X 305 -26.61 -1.52 11.59
N LYS X 306 -27.51 -2.04 10.74
CA LYS X 306 -28.78 -2.58 11.22
C LYS X 306 -28.53 -3.70 12.22
N ASN X 307 -27.54 -4.56 11.95
CA ASN X 307 -27.31 -5.68 12.82
C ASN X 307 -26.76 -5.24 14.17
N LEU X 308 -25.97 -4.15 14.21
CA LEU X 308 -25.46 -3.64 15.48
C LEU X 308 -26.59 -3.10 16.35
N LEU X 309 -27.56 -2.44 15.74
CA LEU X 309 -28.72 -1.97 16.49
C LEU X 309 -29.44 -3.12 17.16
N LEU X 310 -29.46 -4.28 16.52
CA LEU X 310 -30.07 -5.46 17.11
C LEU X 310 -29.22 -5.95 18.27
N ASN X 311 -27.91 -6.03 18.06
CA ASN X 311 -27.00 -6.38 19.17
C ASN X 311 -27.24 -5.45 20.36
N GLU X 312 -27.39 -4.15 20.11
CA GLU X 312 -27.64 -3.22 21.21
C GLU X 312 -28.93 -3.56 21.94
N GLY X 313 -29.98 -3.98 21.21
CA GLY X 313 -31.20 -4.45 21.85
C GLY X 313 -30.96 -5.66 22.74
N ILE X 314 -30.27 -6.67 22.21
CA ILE X 314 -30.04 -7.91 22.95
C ILE X 314 -29.31 -7.61 24.27
N ARG X 315 -28.28 -6.78 24.22
CA ARG X 315 -27.48 -6.51 25.41
C ARG X 315 -28.30 -5.89 26.52
N ALA X 316 -28.98 -4.79 26.22
CA ALA X 316 -29.72 -4.06 27.25
C ALA X 316 -30.93 -4.82 27.75
N TRP X 317 -31.60 -5.58 26.89
CA TRP X 317 -32.83 -6.25 27.29
C TRP X 317 -32.54 -7.54 28.02
N MET X 318 -31.38 -8.14 27.79
CA MET X 318 -31.12 -9.44 28.37
C MET X 318 -30.15 -9.38 29.54
N ALA X 319 -29.34 -8.29 29.70
CA ALA X 319 -28.23 -8.35 30.67
C ALA X 319 -28.70 -8.43 32.12
N PRO X 320 -29.73 -7.68 32.52
CA PRO X 320 -30.06 -7.66 33.97
C PRO X 320 -30.39 -9.03 34.51
N GLN X 321 -31.14 -9.82 33.75
CA GLN X 321 -31.56 -11.14 34.16
C GLN X 321 -30.54 -12.20 33.85
N ASP X 322 -29.76 -11.97 32.80
CA ASP X 322 -28.76 -12.96 32.41
C ASP X 322 -27.50 -12.85 33.29
N GLN X 323 -27.20 -11.67 33.82
CA GLN X 323 -26.07 -11.46 34.73
C GLN X 323 -26.57 -10.82 36.03
N PRO X 324 -27.33 -11.58 36.82
CA PRO X 324 -28.03 -10.98 37.95
C PRO X 324 -27.08 -10.44 39.00
N HIS X 325 -25.91 -11.05 39.11
CA HIS X 325 -24.89 -10.62 40.07
C HIS X 325 -24.37 -9.23 39.80
N GLU X 326 -24.66 -8.63 38.63
CA GLU X 326 -24.23 -7.25 38.37
C GLU X 326 -25.19 -6.23 38.95
N ASN X 327 -26.37 -6.68 39.39
CA ASN X 327 -27.44 -5.79 39.87
C ASN X 327 -27.74 -4.65 38.88
N PHE X 328 -27.78 -4.99 37.60
CA PHE X 328 -28.13 -3.98 36.60
C PHE X 328 -29.56 -3.51 36.79
N VAL X 329 -29.76 -2.21 36.88
CA VAL X 329 -31.10 -1.63 36.96
C VAL X 329 -31.22 -0.63 35.82
N PHE X 330 -32.03 -0.98 34.81
CA PHE X 330 -32.22 -0.10 33.64
C PHE X 330 -33.63 0.48 33.65
N PRO X 331 -33.82 1.72 34.07
CA PRO X 331 -35.15 2.32 33.94
C PRO X 331 -35.66 2.11 32.53
N GLU X 332 -36.99 1.99 32.42
CA GLU X 332 -37.68 1.96 31.14
C GLU X 332 -37.09 2.94 30.16
N GLU X 333 -36.80 4.16 30.63
CA GLU X 333 -36.44 5.24 29.72
C GLU X 333 -35.08 5.06 29.06
N VAL X 334 -34.21 4.20 29.59
CA VAL X 334 -32.90 4.05 28.97
C VAL X 334 -32.90 2.92 27.95
N LEU X 335 -33.83 2.00 28.06
CA LEU X 335 -33.88 0.84 27.16
C LEU X 335 -34.01 1.27 25.72
N PRO X 336 -33.05 0.96 24.86
CA PRO X 336 -33.21 1.26 23.43
C PRO X 336 -34.40 0.53 22.82
N ARG X 337 -35.19 1.25 22.06
CA ARG X 337 -36.32 0.70 21.32
C ARG X 337 -36.66 1.61 20.17
N GLY X 338 -37.11 1.01 19.08
CA GLY X 338 -37.60 1.75 17.95
C GLY X 338 -39.00 2.26 18.25
N ASN X 339 -39.65 2.75 17.20
CA ASN X 339 -40.99 3.27 17.33
C ASN X 339 -41.98 2.14 17.62
N ALA X 340 -42.94 2.45 18.51
CA ALA X 340 -44.07 1.60 18.81
C ALA X 340 -43.74 0.34 19.57
N LEU X 341 -42.76 -0.42 19.12
CA LEU X 341 -42.50 -1.70 19.76
C LEU X 341 -41.81 -1.51 21.14
N GLY Y 1 -18.44 -62.15 13.74
CA GLY Y 1 -18.13 -63.28 14.60
C GLY Y 1 -18.83 -63.21 15.94
N THR Y 2 -18.43 -64.08 16.86
CA THR Y 2 -19.06 -64.21 18.18
C THR Y 2 -18.03 -63.96 19.27
N THR Y 3 -18.22 -62.88 20.05
CA THR Y 3 -17.30 -62.63 21.17
C THR Y 3 -17.53 -63.56 22.35
N GLY Y 4 -18.56 -64.41 22.31
CA GLY Y 4 -18.72 -65.50 23.27
C GLY Y 4 -19.86 -65.37 24.24
N GLU Y 5 -20.49 -64.20 24.35
CA GLU Y 5 -21.54 -63.96 25.34
C GLU Y 5 -22.86 -64.59 24.90
N ARG Y 6 -23.88 -64.45 25.77
CA ARG Y 6 -25.20 -65.00 25.47
C ARG Y 6 -26.00 -64.00 24.62
N PRO Y 7 -26.51 -64.41 23.46
CA PRO Y 7 -27.29 -63.49 22.63
C PRO Y 7 -28.45 -62.83 23.36
N PHE Y 8 -28.73 -61.57 22.99
CA PHE Y 8 -29.79 -60.79 23.63
C PHE Y 8 -31.18 -61.27 23.21
N SER Y 9 -31.39 -61.48 21.90
CA SER Y 9 -32.61 -62.13 21.42
C SER Y 9 -32.95 -63.35 22.26
N ASP Y 10 -31.90 -64.00 22.78
CA ASP Y 10 -32.02 -65.23 23.53
C ASP Y 10 -32.38 -64.97 24.99
N ILE Y 11 -31.85 -63.89 25.57
CA ILE Y 11 -32.04 -63.62 26.99
C ILE Y 11 -33.42 -63.05 27.27
N ILE Y 12 -33.86 -62.10 26.45
CA ILE Y 12 -35.08 -61.36 26.74
C ILE Y 12 -36.31 -62.20 26.46
N THR Y 13 -36.20 -63.13 25.51
CA THR Y 13 -37.26 -64.09 25.27
C THR Y 13 -37.26 -65.22 26.28
N SER Y 14 -36.24 -65.33 27.12
CA SER Y 14 -36.18 -66.40 28.11
C SER Y 14 -37.08 -66.07 29.28
N VAL Y 15 -37.65 -67.11 29.87
CA VAL Y 15 -38.55 -66.91 31.00
C VAL Y 15 -37.75 -66.55 32.24
N ARG Y 16 -36.66 -67.27 32.49
CA ARG Y 16 -35.81 -66.94 33.61
C ARG Y 16 -35.53 -65.44 33.64
N TYR Y 17 -35.29 -64.87 32.46
CA TYR Y 17 -35.05 -63.45 32.36
C TYR Y 17 -36.21 -62.67 32.94
N TRP Y 18 -37.44 -63.03 32.56
CA TRP Y 18 -38.58 -62.23 32.97
C TRP Y 18 -39.01 -62.51 34.40
N VAL Y 19 -38.87 -63.76 34.87
CA VAL Y 19 -38.99 -64.02 36.31
C VAL Y 19 -38.21 -62.99 37.10
N ILE Y 20 -36.94 -62.76 36.73
CA ILE Y 20 -36.09 -61.86 37.49
C ILE Y 20 -36.53 -60.41 37.30
N HIS Y 21 -36.84 -60.04 36.06
CA HIS Y 21 -37.02 -58.62 35.77
C HIS Y 21 -38.48 -58.16 35.78
N SER Y 22 -39.43 -59.08 35.85
CA SER Y 22 -40.79 -58.71 36.24
C SER Y 22 -40.84 -58.12 37.64
N ILE Y 23 -39.85 -58.40 38.47
CA ILE Y 23 -39.75 -57.83 39.81
C ILE Y 23 -38.89 -56.56 39.83
N THR Y 24 -37.65 -56.68 39.36
CA THR Y 24 -36.61 -55.66 39.63
C THR Y 24 -36.95 -54.33 38.99
N ILE Y 25 -37.36 -54.35 37.73
CA ILE Y 25 -37.69 -53.13 36.99
C ILE Y 25 -38.79 -52.36 37.71
N PRO Y 26 -39.97 -52.95 37.95
CA PRO Y 26 -40.97 -52.19 38.72
C PRO Y 26 -40.46 -51.73 40.06
N ALA Y 27 -39.62 -52.54 40.71
CA ALA Y 27 -39.11 -52.19 42.03
C ALA Y 27 -38.26 -50.93 41.96
N LEU Y 28 -37.38 -50.85 40.96
CA LEU Y 28 -36.58 -49.64 40.74
C LEU Y 28 -37.46 -48.45 40.42
N PHE Y 29 -38.41 -48.62 39.52
CA PHE Y 29 -39.40 -47.60 39.29
C PHE Y 29 -40.00 -47.09 40.59
N ILE Y 30 -40.45 -48.02 41.44
CA ILE Y 30 -41.12 -47.58 42.66
C ILE Y 30 -40.13 -46.93 43.61
N ALA Y 31 -38.90 -47.44 43.68
CA ALA Y 31 -37.88 -46.73 44.44
C ALA Y 31 -37.80 -45.27 44.00
N GLY Y 32 -37.79 -45.04 42.68
CA GLY Y 32 -37.58 -43.69 42.17
C GLY Y 32 -38.77 -42.79 42.45
N TRP Y 33 -39.97 -43.32 42.18
CA TRP Y 33 -41.17 -42.68 42.66
C TRP Y 33 -41.01 -42.28 44.11
N LEU Y 34 -40.78 -43.26 44.98
CA LEU Y 34 -40.65 -42.98 46.40
C LEU Y 34 -39.65 -41.85 46.64
N PHE Y 35 -38.49 -41.94 45.98
CA PHE Y 35 -37.47 -40.91 46.13
C PHE Y 35 -38.05 -39.51 46.05
N VAL Y 36 -38.96 -39.28 45.10
CA VAL Y 36 -39.61 -37.97 44.98
C VAL Y 36 -40.84 -37.85 45.88
N SER Y 37 -41.71 -38.87 45.94
CA SER Y 37 -42.91 -38.74 46.77
C SER Y 37 -42.58 -38.59 48.25
N THR Y 38 -41.47 -39.16 48.69
CA THR Y 38 -41.11 -38.89 50.07
C THR Y 38 -40.57 -37.47 50.28
N GLY Y 39 -40.39 -36.68 49.22
CA GLY Y 39 -39.72 -35.41 49.40
C GLY Y 39 -38.24 -35.53 49.64
N LEU Y 40 -37.69 -36.72 49.45
CA LEU Y 40 -36.30 -36.94 49.83
C LEU Y 40 -35.35 -36.27 48.84
N ALA Y 41 -35.71 -36.30 47.54
CA ALA Y 41 -34.93 -35.62 46.50
C ALA Y 41 -34.71 -34.15 46.81
N TYR Y 42 -35.69 -33.48 47.40
CA TYR Y 42 -35.50 -32.06 47.71
C TYR Y 42 -34.34 -31.85 48.70
N ASP Y 43 -34.26 -32.68 49.74
CA ASP Y 43 -33.29 -32.38 50.78
C ASP Y 43 -31.88 -32.85 50.42
N VAL Y 44 -31.77 -33.94 49.67
CA VAL Y 44 -30.49 -34.39 49.15
C VAL Y 44 -29.83 -33.29 48.31
N PHE Y 45 -30.55 -32.81 47.28
CA PHE Y 45 -29.97 -31.92 46.27
C PHE Y 45 -30.15 -30.44 46.57
N GLY Y 46 -30.94 -30.08 47.57
CA GLY Y 46 -31.11 -28.69 47.91
C GLY Y 46 -32.01 -27.93 46.97
N THR Y 47 -32.88 -28.65 46.29
CA THR Y 47 -33.77 -28.01 45.33
C THR Y 47 -34.96 -27.39 46.06
N PRO Y 48 -35.26 -26.12 45.83
CA PRO Y 48 -36.46 -25.54 46.43
C PRO Y 48 -37.72 -26.32 46.04
N ARG Y 49 -38.61 -26.48 47.03
CA ARG Y 49 -40.00 -26.86 46.82
C ARG Y 49 -40.77 -25.63 46.33
N PRO Y 50 -41.99 -25.80 45.84
CA PRO Y 50 -42.71 -24.64 45.33
C PRO Y 50 -42.87 -23.51 46.33
N ASP Y 51 -42.82 -23.79 47.62
CA ASP Y 51 -43.07 -22.74 48.61
C ASP Y 51 -41.79 -22.12 49.17
N SER Y 52 -40.64 -22.52 48.67
CA SER Y 52 -39.40 -22.09 49.33
C SER Y 52 -38.46 -21.37 48.38
N TYR Y 53 -38.98 -20.88 47.25
CA TYR Y 53 -38.18 -20.08 46.34
C TYR Y 53 -37.91 -18.71 46.93
N TYR Y 54 -38.96 -18.07 47.43
CA TYR Y 54 -38.95 -16.72 47.99
C TYR Y 54 -39.50 -16.76 49.42
N ALA Y 55 -39.13 -15.75 50.20
CA ALA Y 55 -39.90 -15.46 51.40
C ALA Y 55 -41.17 -14.73 51.02
N GLN Y 56 -42.15 -14.76 51.92
CA GLN Y 56 -43.51 -14.39 51.52
C GLN Y 56 -43.54 -13.06 50.80
N GLU Y 57 -42.74 -12.10 51.25
CA GLU Y 57 -42.84 -10.75 50.74
C GLU Y 57 -41.58 -10.28 50.03
N GLN Y 58 -40.66 -11.19 49.74
CA GLN Y 58 -39.44 -10.83 49.03
C GLN Y 58 -39.60 -11.12 47.53
N ARG Y 59 -38.97 -10.28 46.73
CA ARG Y 59 -38.97 -10.42 45.29
C ARG Y 59 -37.56 -10.57 44.73
N SER Y 60 -36.54 -10.39 45.56
CA SER Y 60 -35.15 -10.56 45.16
C SER Y 60 -34.76 -12.03 45.26
N ILE Y 61 -33.68 -12.37 44.56
CA ILE Y 61 -33.24 -13.76 44.44
C ILE Y 61 -32.10 -14.02 45.43
N PRO Y 62 -32.08 -15.18 46.08
CA PRO Y 62 -30.94 -15.50 46.96
C PRO Y 62 -29.72 -15.89 46.14
N LEU Y 63 -29.14 -14.92 45.46
CA LEU Y 63 -27.92 -15.12 44.69
C LEU Y 63 -26.69 -15.14 45.60
N VAL Y 64 -25.89 -16.19 45.48
CA VAL Y 64 -24.60 -16.23 46.15
C VAL Y 64 -23.68 -15.14 45.58
N THR Y 65 -23.11 -14.32 46.48
CA THR Y 65 -22.23 -13.24 46.07
C THR Y 65 -20.82 -13.34 46.64
N ASP Y 66 -20.46 -14.43 47.29
CA ASP Y 66 -19.09 -14.50 47.79
C ASP Y 66 -18.58 -15.91 47.56
N ARG Y 67 -17.30 -16.02 47.22
CA ARG Y 67 -16.73 -17.31 46.93
C ARG Y 67 -16.65 -18.18 48.18
N PHE Y 68 -16.05 -17.65 49.25
CA PHE Y 68 -15.68 -18.46 50.40
C PHE Y 68 -16.68 -18.39 51.54
N GLU Y 69 -17.44 -17.28 51.62
CA GLU Y 69 -18.60 -17.13 52.48
C GLU Y 69 -19.84 -17.74 51.87
N ALA Y 70 -19.66 -18.62 50.89
CA ALA Y 70 -20.74 -18.97 49.98
C ALA Y 70 -21.70 -19.97 50.62
N LYS Y 71 -21.16 -21.05 51.17
CA LYS Y 71 -21.98 -22.04 51.84
C LYS Y 71 -22.71 -21.43 53.03
N GLN Y 72 -22.11 -20.44 53.69
CA GLN Y 72 -22.79 -19.71 54.76
C GLN Y 72 -23.91 -18.83 54.21
N GLN Y 73 -23.67 -18.16 53.08
CA GLN Y 73 -24.70 -17.31 52.49
C GLN Y 73 -25.99 -18.08 52.22
N VAL Y 74 -25.87 -19.30 51.67
CA VAL Y 74 -27.04 -20.11 51.36
C VAL Y 74 -27.79 -20.46 52.64
N GLU Y 75 -27.05 -20.87 53.67
CA GLU Y 75 -27.68 -21.20 54.95
C GLU Y 75 -28.42 -20.00 55.51
N THR Y 76 -27.79 -18.83 55.55
CA THR Y 76 -28.48 -17.67 56.13
C THR Y 76 -29.74 -17.34 55.34
N PHE Y 77 -29.75 -17.59 54.03
CA PHE Y 77 -30.94 -17.32 53.24
C PHE Y 77 -32.02 -18.35 53.51
N LEU Y 78 -31.64 -19.60 53.80
CA LEU Y 78 -32.61 -20.63 54.14
C LEU Y 78 -33.25 -20.37 55.49
N GLU Y 79 -32.64 -19.54 56.33
CA GLU Y 79 -33.24 -19.20 57.61
C GLU Y 79 -34.27 -18.10 57.46
N GLN Y 80 -34.08 -17.16 56.53
CA GLN Y 80 -35.03 -16.07 56.38
C GLN Y 80 -36.35 -16.52 55.80
N LEU Y 81 -36.49 -17.82 55.49
CA LEU Y 81 -37.73 -18.34 54.92
C LEU Y 81 -38.78 -18.62 55.99
N LYS Y 82 -38.36 -18.92 57.21
CA LYS Y 82 -39.26 -19.27 58.31
C LYS Y 82 -39.78 -18.03 59.02
N SER Z 1 -23.77 -73.21 27.09
CA SER Z 1 -22.89 -72.93 28.24
C SER Z 1 -22.32 -71.51 28.21
N TYR Z 2 -23.25 -70.43 28.36
CA TYR Z 2 -22.71 -69.09 28.46
C TYR Z 2 -22.58 -68.66 29.91
N PRO Z 3 -21.61 -67.81 30.21
CA PRO Z 3 -21.68 -67.04 31.46
C PRO Z 3 -22.95 -66.20 31.48
N ILE Z 4 -23.40 -65.86 32.69
CA ILE Z 4 -24.47 -64.89 32.86
C ILE Z 4 -23.93 -63.56 33.38
N PHE Z 5 -22.83 -63.55 34.12
CA PHE Z 5 -22.21 -62.34 34.61
C PHE Z 5 -20.92 -62.11 33.83
N THR Z 6 -20.95 -61.09 32.99
CA THR Z 6 -19.80 -60.72 32.19
C THR Z 6 -19.56 -59.21 32.37
N VAL Z 7 -18.53 -58.74 31.68
CA VAL Z 7 -18.25 -57.31 31.59
C VAL Z 7 -19.42 -56.61 30.92
N ARG Z 8 -19.88 -57.13 29.79
CA ARG Z 8 -21.10 -56.69 29.13
C ARG Z 8 -22.25 -56.55 30.13
N TRP Z 9 -22.43 -57.58 30.96
CA TRP Z 9 -23.42 -57.52 32.03
C TRP Z 9 -23.28 -56.25 32.86
N VAL Z 10 -22.09 -56.02 33.44
CA VAL Z 10 -21.91 -54.81 34.25
C VAL Z 10 -22.32 -53.59 33.45
N ALA Z 11 -22.01 -53.58 32.15
CA ALA Z 11 -22.21 -52.37 31.36
C ALA Z 11 -23.69 -52.03 31.23
N VAL Z 12 -24.55 -53.04 31.04
CA VAL Z 12 -25.97 -52.77 30.83
C VAL Z 12 -26.61 -52.32 32.13
N HIS Z 13 -26.19 -52.90 33.26
CA HIS Z 13 -26.80 -52.58 34.54
C HIS Z 13 -26.27 -51.30 35.14
N THR Z 14 -25.06 -50.87 34.78
CA THR Z 14 -24.64 -49.54 35.20
C THR Z 14 -25.49 -48.49 34.54
N LEU Z 15 -26.04 -48.80 33.37
CA LEU Z 15 -26.88 -47.86 32.66
C LEU Z 15 -28.35 -48.04 33.00
N ALA Z 16 -28.86 -49.28 32.89
CA ALA Z 16 -30.30 -49.50 32.87
C ALA Z 16 -30.92 -49.37 34.26
N VAL Z 17 -30.21 -49.72 35.32
CA VAL Z 17 -30.88 -49.70 36.62
C VAL Z 17 -31.06 -48.25 37.06
N PRO Z 18 -30.09 -47.37 36.91
CA PRO Z 18 -30.38 -45.97 37.28
C PRO Z 18 -31.44 -45.38 36.38
N THR Z 19 -31.54 -45.85 35.13
CA THR Z 19 -32.49 -45.29 34.16
C THR Z 19 -33.92 -45.50 34.64
N ILE Z 20 -34.24 -46.70 35.11
CA ILE Z 20 -35.62 -46.97 35.56
C ILE Z 20 -35.91 -46.18 36.83
N PHE Z 21 -34.97 -46.21 37.77
CA PHE Z 21 -35.12 -45.42 38.99
C PHE Z 21 -35.43 -43.97 38.64
N PHE Z 22 -34.66 -43.40 37.72
CA PHE Z 22 -34.87 -42.02 37.31
C PHE Z 22 -36.26 -41.81 36.72
N LEU Z 23 -36.70 -42.77 35.90
CA LEU Z 23 -38.02 -42.66 35.25
C LEU Z 23 -39.16 -42.66 36.28
N GLY Z 24 -39.10 -43.57 37.26
CA GLY Z 24 -40.10 -43.54 38.31
C GLY Z 24 -40.09 -42.21 39.03
N ALA Z 25 -38.89 -41.69 39.29
CA ALA Z 25 -38.76 -40.36 39.88
C ALA Z 25 -39.42 -39.29 39.02
N ILE Z 26 -39.17 -39.32 37.70
CA ILE Z 26 -39.74 -38.32 36.80
C ILE Z 26 -41.26 -38.52 36.65
N ALA Z 27 -41.72 -39.78 36.63
CA ALA Z 27 -43.16 -40.05 36.64
C ALA Z 27 -43.83 -39.34 37.81
N ALA Z 28 -43.32 -39.56 39.02
CA ALA Z 28 -43.92 -38.95 40.20
C ALA Z 28 -43.97 -37.44 40.06
N MET Z 29 -43.00 -36.85 39.35
CA MET Z 29 -42.98 -35.40 39.22
C MET Z 29 -44.21 -34.88 38.49
N GLN Z 30 -44.89 -35.70 37.69
CA GLN Z 30 -46.00 -35.16 36.91
C GLN Z 30 -47.22 -34.90 37.78
N PHE Z 31 -47.17 -35.30 39.07
CA PHE Z 31 -48.29 -35.09 39.97
C PHE Z 31 -47.98 -34.10 41.07
N ILE Z 32 -46.89 -33.34 40.95
CA ILE Z 32 -46.58 -32.30 41.91
C ILE Z 32 -47.39 -31.08 41.54
N GLN Z 33 -48.23 -30.64 42.45
CA GLN Z 33 -48.94 -29.37 42.31
C GLN Z 33 -48.12 -28.30 43.01
N ARG Z 34 -48.28 -27.05 42.58
CA ARG Z 34 -47.63 -25.94 43.25
C ARG Z 34 -48.44 -25.49 44.45
N ALA AA 1 32.94 -41.15 4.87
CA ALA AA 1 32.52 -40.00 5.68
C ALA AA 1 33.70 -39.21 6.23
N ARG AA 2 33.49 -37.89 6.29
CA ARG AA 2 34.53 -36.92 6.68
C ARG AA 2 34.79 -37.02 8.18
N ARG AA 3 36.03 -37.31 8.55
CA ARG AA 3 36.46 -37.17 9.93
C ARG AA 3 37.03 -35.78 10.14
N THR AA 4 36.74 -35.22 11.30
CA THR AA 4 37.27 -33.92 11.68
C THR AA 4 37.80 -34.02 13.08
N TRP AA 5 38.60 -33.03 13.47
CA TRP AA 5 39.15 -33.00 14.82
C TRP AA 5 38.04 -33.09 15.86
N LEU AA 6 37.11 -32.13 15.82
CA LEU AA 6 36.03 -32.07 16.79
C LEU AA 6 35.19 -33.33 16.76
N GLY AA 7 34.90 -33.84 15.57
CA GLY AA 7 34.16 -35.07 15.48
C GLY AA 7 34.81 -36.16 16.31
N ASP AA 8 36.08 -36.44 16.01
CA ASP AA 8 36.81 -37.48 16.75
C ASP AA 8 36.67 -37.28 18.26
N ILE AA 9 36.73 -36.04 18.72
CA ILE AA 9 36.59 -35.79 20.16
C ILE AA 9 35.20 -36.16 20.65
N LEU AA 10 34.16 -35.90 19.83
CA LEU AA 10 32.79 -36.09 20.27
C LEU AA 10 32.31 -37.52 20.11
N ARG AA 11 32.88 -38.26 19.15
CA ARG AA 11 32.53 -39.62 18.77
C ARG AA 11 31.95 -40.53 19.86
N PRO AA 12 32.52 -40.60 21.07
CA PRO AA 12 31.96 -41.53 22.05
C PRO AA 12 30.58 -41.14 22.53
N LEU AA 13 30.31 -39.84 22.63
CA LEU AA 13 28.98 -39.37 23.01
C LEU AA 13 27.90 -39.81 22.04
N ASN AA 14 28.27 -40.27 20.86
CA ASN AA 14 27.30 -40.72 19.87
C ASN AA 14 27.66 -42.09 19.37
N SER AA 15 27.92 -42.99 20.31
CA SER AA 15 28.44 -44.30 19.99
C SER AA 15 27.58 -45.43 20.49
N GLU AA 16 26.71 -45.17 21.47
CA GLU AA 16 25.88 -46.20 22.08
C GLU AA 16 24.47 -46.28 21.47
N TYR AA 17 24.35 -45.95 20.19
CA TYR AA 17 23.05 -46.12 19.54
C TYR AA 17 22.49 -47.50 19.90
N GLY AA 18 21.25 -47.51 20.40
CA GLY AA 18 20.48 -48.73 20.57
C GLY AA 18 20.73 -49.50 21.83
N LYS AA 19 21.67 -49.07 22.67
CA LYS AA 19 21.97 -49.77 23.92
C LYS AA 19 20.85 -49.55 24.93
N VAL AA 20 20.44 -50.62 25.63
CA VAL AA 20 19.33 -50.52 26.57
C VAL AA 20 19.59 -51.36 27.82
N ALA AA 21 19.05 -50.89 28.94
CA ALA AA 21 18.95 -51.70 30.15
C ALA AA 21 17.93 -52.83 29.97
N PRO AA 22 18.28 -54.06 30.33
CA PRO AA 22 17.33 -55.17 30.12
C PRO AA 22 15.99 -54.95 30.81
N GLY AA 23 14.94 -55.43 30.16
CA GLY AA 23 13.64 -55.44 30.77
C GLY AA 23 13.17 -54.06 31.18
N TRP AA 24 12.71 -53.96 32.42
CA TRP AA 24 12.01 -52.78 32.90
C TRP AA 24 12.92 -51.76 33.55
N GLY AA 25 14.15 -52.17 33.91
CA GLY AA 25 15.13 -51.26 34.47
C GLY AA 25 14.46 -50.33 35.45
N THR AA 26 14.77 -49.05 35.35
CA THR AA 26 14.37 -48.05 36.32
C THR AA 26 12.91 -47.58 36.19
N THR AA 27 12.05 -48.29 35.46
CA THR AA 27 10.69 -47.80 35.26
C THR AA 27 9.98 -47.53 36.58
N PRO AA 28 9.98 -48.45 37.56
CA PRO AA 28 9.28 -48.15 38.83
C PRO AA 28 9.77 -46.89 39.52
N LEU AA 29 11.07 -46.64 39.47
CA LEU AA 29 11.61 -45.41 40.04
C LEU AA 29 11.12 -44.19 39.26
N MET AA 30 11.07 -44.30 37.93
CA MET AA 30 10.49 -43.23 37.12
C MET AA 30 9.04 -42.96 37.48
N ALA AA 31 8.27 -44.01 37.76
CA ALA AA 31 6.86 -43.80 38.06
C ALA AA 31 6.71 -43.07 39.38
N VAL AA 32 7.57 -43.37 40.36
CA VAL AA 32 7.54 -42.64 41.62
C VAL AA 32 7.75 -41.15 41.39
N PHE AA 33 8.73 -40.80 40.57
CA PHE AA 33 8.97 -39.39 40.27
C PHE AA 33 7.77 -38.75 39.58
N MET AA 34 7.29 -39.38 38.50
CA MET AA 34 6.08 -38.89 37.84
C MET AA 34 4.98 -38.63 38.85
N GLY AA 35 4.65 -39.65 39.65
CA GLY AA 35 3.60 -39.50 40.63
C GLY AA 35 3.87 -38.37 41.62
N LEU AA 36 5.14 -38.19 42.00
CA LEU AA 36 5.48 -37.08 42.89
C LEU AA 36 5.29 -35.73 42.19
N PHE AA 37 5.73 -35.64 40.94
CA PHE AA 37 5.62 -34.40 40.17
C PHE AA 37 4.16 -34.00 40.00
N LEU AA 38 3.33 -34.96 39.64
CA LEU AA 38 1.90 -34.73 39.57
C LEU AA 38 1.37 -34.11 40.86
N VAL AA 39 1.65 -34.73 42.02
CA VAL AA 39 1.07 -34.16 43.24
C VAL AA 39 1.62 -32.77 43.45
N PHE AA 40 2.81 -32.54 42.94
CA PHE AA 40 3.44 -31.24 43.06
C PHE AA 40 2.82 -30.22 42.10
N LEU AA 41 2.54 -30.61 40.85
CA LEU AA 41 1.74 -29.77 39.98
C LEU AA 41 0.37 -29.48 40.58
N LEU AA 42 -0.28 -30.50 41.13
CA LEU AA 42 -1.57 -30.28 41.77
C LEU AA 42 -1.49 -29.16 42.81
N ILE AA 43 -0.46 -29.20 43.66
CA ILE AA 43 -0.34 -28.19 44.72
C ILE AA 43 -0.20 -26.82 44.11
N ILE AA 44 0.59 -26.70 43.04
CA ILE AA 44 0.88 -25.39 42.45
C ILE AA 44 -0.39 -24.79 41.85
N LEU AA 45 -1.16 -25.61 41.12
CA LEU AA 45 -2.39 -25.15 40.48
C LEU AA 45 -3.43 -24.72 41.49
N GLU AA 46 -3.62 -25.55 42.52
CA GLU AA 46 -4.65 -25.28 43.51
C GLU AA 46 -4.32 -24.06 44.34
N ILE AA 47 -3.04 -23.73 44.51
CA ILE AA 47 -2.64 -22.47 45.12
C ILE AA 47 -3.00 -21.30 44.21
N TYR AA 48 -2.69 -21.41 42.91
CA TYR AA 48 -3.04 -20.35 41.95
C TYR AA 48 -4.56 -20.20 41.85
N ASN AA 49 -5.29 -21.32 41.91
CA ASN AA 49 -6.75 -21.31 41.84
C ASN AA 49 -7.42 -20.82 43.11
N SER AA 50 -6.67 -20.74 44.22
CA SER AA 50 -7.20 -20.56 45.59
C SER AA 50 -8.24 -21.62 45.99
N THR AA 51 -8.09 -22.83 45.47
CA THR AA 51 -8.72 -23.99 46.07
C THR AA 51 -7.96 -24.44 47.33
N LEU AA 52 -6.63 -24.46 47.28
CA LEU AA 52 -5.78 -24.63 48.45
C LEU AA 52 -5.34 -23.26 48.94
N ILE AA 53 -5.68 -22.93 50.18
CA ILE AA 53 -5.23 -21.70 50.82
C ILE AA 53 -4.24 -22.05 51.92
N LEU AA 54 -3.07 -21.43 51.90
CA LEU AA 54 -2.02 -21.70 52.86
C LEU AA 54 -1.70 -20.45 53.66
N ASP AA 55 -1.29 -20.62 54.91
CA ASP AA 55 -0.93 -19.47 55.74
C ASP AA 55 0.34 -18.80 55.21
N GLY AA 56 0.32 -17.47 55.14
CA GLY AA 56 1.42 -16.69 54.60
C GLY AA 56 1.46 -16.55 53.09
N VAL AA 57 0.60 -17.25 52.36
CA VAL AA 57 0.61 -17.24 50.90
C VAL AA 57 -0.61 -16.43 50.45
N ASN AA 58 -0.39 -15.23 49.97
CA ASN AA 58 -1.45 -14.35 49.51
C ASN AA 58 -1.37 -14.20 47.98
N VAL AA 59 -2.15 -15.01 47.25
CA VAL AA 59 -2.17 -14.95 45.79
C VAL AA 59 -2.95 -13.70 45.39
N SER AA 60 -2.30 -12.56 45.51
CA SER AA 60 -2.82 -11.27 45.08
C SER AA 60 -1.62 -10.41 44.68
N TRP AA 61 -1.86 -9.41 43.84
CA TRP AA 61 -0.79 -8.50 43.49
C TRP AA 61 -0.20 -7.86 44.75
N LYS AA 62 -0.96 -7.82 45.84
CA LYS AA 62 -0.50 -7.28 47.10
C LYS AA 62 0.44 -8.25 47.82
N ALA AA 63 1.22 -9.01 47.06
CA ALA AA 63 2.36 -9.76 47.60
C ALA AA 63 3.64 -9.08 47.12
N FME BA 1 -40.07 0.68 -22.44
CN FME BA 1 -39.22 0.31 -23.46
O1 FME BA 1 -38.86 -0.87 -23.59
CA FME BA 1 -40.53 -0.34 -21.53
CB FME BA 1 -41.27 0.26 -20.32
CG FME BA 1 -40.33 1.07 -19.40
SD FME BA 1 -38.86 0.18 -18.92
CE FME BA 1 -38.35 1.06 -17.48
C FME BA 1 -41.43 -1.35 -22.22
O FME BA 1 -41.29 -2.57 -22.09
H FME BA 1 -40.37 1.61 -22.31
HCN FME BA 1 -38.89 1.16 -24.12
HA FME BA 1 -39.66 -0.97 -21.15
HB2 FME BA 1 -41.74 -0.58 -19.74
HB3 FME BA 1 -42.09 0.92 -20.70
HG2 FME BA 1 -40.88 1.36 -18.47
HG3 FME BA 1 -40.01 2.00 -19.92
HE1 FME BA 1 -37.30 0.75 -17.29
HE2 FME BA 1 -39.05 0.76 -16.67
HE3 FME BA 1 -38.44 2.14 -17.74
N GLU BA 2 -42.40 -0.80 -22.98
CA GLU BA 2 -43.33 -1.56 -23.81
C GLU BA 2 -42.53 -2.50 -24.71
N THR BA 3 -41.47 -1.95 -25.28
CA THR BA 3 -40.60 -2.74 -26.15
C THR BA 3 -39.87 -3.82 -25.38
N LEU BA 4 -39.39 -3.52 -24.17
CA LEU BA 4 -38.73 -4.52 -23.36
C LEU BA 4 -39.70 -5.65 -23.00
N LYS BA 5 -40.93 -5.28 -22.61
CA LYS BA 5 -41.92 -6.28 -22.18
C LYS BA 5 -42.19 -7.31 -23.25
N ILE BA 6 -42.52 -6.85 -24.46
CA ILE BA 6 -42.72 -7.74 -25.61
C ILE BA 6 -41.50 -8.61 -25.87
N THR BA 7 -40.32 -8.00 -25.93
CA THR BA 7 -39.13 -8.81 -26.17
C THR BA 7 -38.98 -9.93 -25.14
N VAL BA 8 -39.24 -9.65 -23.85
CA VAL BA 8 -39.12 -10.72 -22.86
C VAL BA 8 -40.20 -11.76 -23.06
N TYR BA 9 -41.43 -11.33 -23.37
CA TYR BA 9 -42.51 -12.31 -23.57
C TYR BA 9 -42.17 -13.28 -24.70
N ILE BA 10 -41.68 -12.76 -25.81
CA ILE BA 10 -41.33 -13.63 -26.92
C ILE BA 10 -40.22 -14.60 -26.51
N VAL BA 11 -39.12 -14.05 -26.00
CA VAL BA 11 -38.02 -14.88 -25.54
C VAL BA 11 -38.51 -15.98 -24.60
N VAL BA 12 -39.20 -15.59 -23.53
CA VAL BA 12 -39.67 -16.60 -22.60
C VAL BA 12 -40.49 -17.64 -23.36
N THR BA 13 -41.38 -17.15 -24.20
CA THR BA 13 -42.28 -18.04 -24.92
C THR BA 13 -41.49 -19.03 -25.75
N PHE BA 14 -40.55 -18.53 -26.53
CA PHE BA 14 -39.71 -19.40 -27.34
C PHE BA 14 -39.06 -20.50 -26.50
N PHE BA 15 -38.43 -20.13 -25.38
CA PHE BA 15 -37.74 -21.16 -24.61
C PHE BA 15 -38.71 -22.16 -24.02
N VAL BA 16 -39.83 -21.67 -23.52
CA VAL BA 16 -40.84 -22.58 -22.97
C VAL BA 16 -41.31 -23.59 -24.03
N LEU BA 17 -41.50 -23.16 -25.28
CA LEU BA 17 -41.94 -24.10 -26.31
C LEU BA 17 -40.84 -25.12 -26.61
N LEU BA 18 -39.58 -24.69 -26.62
CA LEU BA 18 -38.51 -25.67 -26.78
C LEU BA 18 -38.60 -26.74 -25.71
N PHE BA 19 -38.90 -26.34 -24.48
CA PHE BA 19 -38.90 -27.31 -23.41
C PHE BA 19 -40.01 -28.31 -23.61
N VAL BA 20 -41.20 -27.80 -23.92
CA VAL BA 20 -42.37 -28.67 -24.08
C VAL BA 20 -42.15 -29.63 -25.23
N PHE BA 21 -41.78 -29.08 -26.38
CA PHE BA 21 -41.63 -29.89 -27.58
C PHE BA 21 -40.45 -30.84 -27.48
N GLY BA 22 -39.40 -30.43 -26.78
CA GLY BA 22 -38.29 -31.34 -26.61
C GLY BA 22 -38.71 -32.58 -25.86
N PHE BA 23 -39.40 -32.41 -24.75
CA PHE BA 23 -39.82 -33.57 -23.97
C PHE BA 23 -40.91 -34.36 -24.67
N LEU BA 24 -41.66 -33.71 -25.56
CA LEU BA 24 -42.67 -34.41 -26.33
C LEU BA 24 -42.07 -35.25 -27.43
N SER BA 25 -40.82 -35.00 -27.79
CA SER BA 25 -40.18 -35.71 -28.90
C SER BA 25 -39.61 -37.04 -28.43
N GLY BA 26 -40.45 -37.86 -27.83
CA GLY BA 26 -40.02 -39.21 -27.57
C GLY BA 26 -38.93 -39.30 -26.52
N ASP BA 27 -39.00 -38.45 -25.51
CA ASP BA 27 -37.97 -38.46 -24.50
C ASP BA 27 -37.78 -39.83 -23.85
N PRO BA 28 -38.79 -40.67 -23.68
CA PRO BA 28 -38.51 -41.98 -23.09
C PRO BA 28 -37.53 -42.80 -23.91
N ALA BA 29 -37.53 -42.70 -25.24
CA ALA BA 29 -36.59 -43.50 -26.04
C ALA BA 29 -35.14 -43.06 -25.88
N ARG BA 30 -34.90 -41.87 -25.33
CA ARG BA 30 -33.55 -41.30 -25.32
C ARG BA 30 -32.83 -41.76 -24.05
N ASN BA 31 -32.37 -43.01 -24.09
CA ASN BA 31 -31.63 -43.60 -23.00
C ASN BA 31 -30.78 -44.72 -23.58
N PRO BA 32 -29.76 -45.18 -22.84
CA PRO BA 32 -28.73 -46.03 -23.45
C PRO BA 32 -29.09 -47.48 -23.56
N LYS BA 33 -30.23 -47.89 -23.00
CA LYS BA 33 -30.63 -49.28 -22.96
C LYS BA 33 -31.86 -49.49 -23.92
N ARG BA 34 -33.05 -49.55 -23.37
CA ARG BA 34 -34.22 -49.95 -24.16
C ARG BA 34 -34.85 -48.75 -24.85
N LYS BA 35 -35.05 -48.88 -26.17
CA LYS BA 35 -35.86 -47.91 -26.93
C LYS BA 35 -37.30 -48.39 -26.96
N ASP BA 36 -37.86 -48.46 -25.76
CA ASP BA 36 -39.18 -49.04 -25.47
C ASP BA 36 -39.75 -49.87 -26.62
N GLY CA 1 -34.39 -70.91 26.26
CA GLY CA 1 -33.95 -69.62 25.75
C GLY CA 1 -34.60 -69.27 24.42
N GLY CA 2 -35.65 -68.47 24.49
CA GLY CA 2 -36.54 -68.27 23.36
C GLY CA 2 -37.93 -68.83 23.62
N ARG CA 3 -38.40 -68.74 24.86
CA ARG CA 3 -39.71 -69.24 25.21
C ARG CA 3 -40.81 -68.22 24.94
N ILE CA 4 -40.48 -66.93 24.99
CA ILE CA 4 -41.43 -65.84 24.79
C ILE CA 4 -41.11 -65.17 23.45
N PRO CA 5 -41.98 -65.26 22.44
CA PRO CA 5 -41.60 -64.81 21.10
C PRO CA 5 -41.29 -63.32 21.07
N LEU CA 6 -40.28 -62.98 20.25
CA LEU CA 6 -39.73 -61.64 20.28
C LEU CA 6 -40.79 -60.59 19.96
N TRP CA 7 -41.62 -60.82 18.96
CA TRP CA 7 -42.61 -59.83 18.58
C TRP CA 7 -43.49 -59.44 19.78
N ILE CA 8 -43.80 -60.40 20.64
CA ILE CA 8 -44.60 -60.10 21.83
C ILE CA 8 -43.87 -59.10 22.71
N VAL CA 9 -42.62 -59.41 23.07
CA VAL CA 9 -41.87 -58.51 23.96
C VAL CA 9 -41.77 -57.12 23.34
N ALA CA 10 -41.61 -57.04 22.01
CA ALA CA 10 -41.56 -55.75 21.33
C ALA CA 10 -42.80 -54.92 21.63
N THR CA 11 -43.99 -55.46 21.35
CA THR CA 11 -45.23 -54.73 21.61
C THR CA 11 -45.32 -54.33 23.08
N VAL CA 12 -45.06 -55.27 23.99
CA VAL CA 12 -45.10 -54.95 25.42
C VAL CA 12 -44.23 -53.74 25.71
N ALA CA 13 -42.94 -53.86 25.36
CA ALA CA 13 -42.00 -52.77 25.60
C ALA CA 13 -42.54 -51.46 25.04
N GLY CA 14 -42.82 -51.42 23.73
CA GLY CA 14 -43.35 -50.24 23.08
C GLY CA 14 -44.54 -49.61 23.79
N MET CA 15 -45.64 -50.34 23.95
CA MET CA 15 -46.75 -49.83 24.75
C MET CA 15 -46.27 -49.36 26.12
N GLY CA 16 -45.14 -49.88 26.60
CA GLY CA 16 -44.60 -49.40 27.87
C GLY CA 16 -44.06 -47.99 27.79
N VAL CA 17 -43.23 -47.71 26.76
CA VAL CA 17 -42.69 -46.37 26.63
C VAL CA 17 -43.82 -45.39 26.35
N ILE CA 18 -44.64 -45.70 25.33
CA ILE CA 18 -45.76 -44.86 24.91
C ILE CA 18 -46.49 -44.33 26.12
N VAL CA 19 -46.69 -45.19 27.12
CA VAL CA 19 -47.35 -44.76 28.34
C VAL CA 19 -46.51 -43.73 29.08
N ILE CA 20 -45.23 -44.03 29.30
CA ILE CA 20 -44.40 -43.13 30.09
C ILE CA 20 -44.31 -41.76 29.41
N VAL CA 21 -44.03 -41.76 28.12
CA VAL CA 21 -43.96 -40.50 27.39
C VAL CA 21 -45.29 -39.77 27.45
N GLY CA 22 -46.37 -40.47 27.12
CA GLY CA 22 -47.69 -39.87 27.23
C GLY CA 22 -47.88 -39.16 28.55
N LEU CA 23 -47.33 -39.72 29.61
CA LEU CA 23 -47.48 -39.11 30.91
C LEU CA 23 -46.70 -37.82 30.99
N PHE CA 24 -45.50 -37.80 30.41
CA PHE CA 24 -44.68 -36.61 30.44
C PHE CA 24 -45.34 -35.48 29.67
N PHE CA 25 -45.99 -35.80 28.53
CA PHE CA 25 -46.75 -34.77 27.83
C PHE CA 25 -48.00 -34.35 28.61
N TYR CA 26 -48.71 -35.28 29.26
CA TYR CA 26 -49.74 -34.88 30.22
C TYR CA 26 -49.18 -33.85 31.21
N GLY CA 27 -48.04 -34.17 31.84
CA GLY CA 27 -47.49 -33.28 32.87
C GLY CA 27 -47.09 -31.90 32.36
N ALA CA 28 -46.81 -31.78 31.07
CA ALA CA 28 -46.60 -30.47 30.49
C ALA CA 28 -47.82 -29.57 30.63
N TYR CA 29 -49.02 -30.12 30.88
CA TYR CA 29 -50.21 -29.31 31.07
C TYR CA 29 -50.76 -29.33 32.50
N ALA CA 30 -50.24 -30.16 33.38
CA ALA CA 30 -50.77 -30.31 34.73
C ALA CA 30 -49.65 -30.03 35.71
N GLY CA 31 -49.97 -29.26 36.75
CA GLY CA 31 -49.06 -29.13 37.88
C GLY CA 31 -47.85 -28.24 37.56
N LEU CA 32 -46.67 -28.62 38.09
CA LEU CA 32 -45.45 -27.84 37.86
C LEU CA 32 -45.18 -27.67 36.37
N GLY CA 33 -44.92 -26.43 35.98
CA GLY CA 33 -44.48 -26.13 34.63
C GLY CA 33 -45.57 -25.96 33.59
N SER CA 34 -46.83 -25.80 34.01
CA SER CA 34 -47.95 -25.69 33.09
C SER CA 34 -48.37 -24.26 32.89
N SER CA 35 -47.62 -23.32 33.47
CA SER CA 35 -47.93 -21.89 33.42
C SER CA 35 -49.16 -21.53 34.25
N LEU CA 36 -49.85 -22.51 34.81
CA LEU CA 36 -51.15 -22.22 35.43
C LEU CA 36 -51.02 -22.00 36.96
N LYS DA 1 -71.00 -29.72 22.75
CA LYS DA 1 -71.46 -30.96 23.37
C LYS DA 1 -72.14 -31.90 22.37
N LEU DA 2 -71.97 -33.20 22.58
CA LEU DA 2 -72.82 -34.17 21.91
C LEU DA 2 -74.26 -33.97 22.37
N PRO DA 3 -75.25 -34.55 21.69
CA PRO DA 3 -76.59 -34.62 22.27
C PRO DA 3 -76.53 -35.34 23.60
N GLU DA 4 -77.27 -34.81 24.59
CA GLU DA 4 -77.21 -35.33 25.94
C GLU DA 4 -77.49 -36.84 26.02
N ALA DA 5 -78.20 -37.39 25.03
CA ALA DA 5 -78.43 -38.83 24.98
C ALA DA 5 -77.11 -39.59 24.91
N TYR DA 6 -76.20 -39.15 24.04
CA TYR DA 6 -74.94 -39.82 23.78
C TYR DA 6 -73.82 -39.36 24.70
N ALA DA 7 -74.14 -38.67 25.80
CA ALA DA 7 -73.11 -38.12 26.67
C ALA DA 7 -72.27 -39.23 27.34
N ILE DA 8 -72.88 -40.37 27.65
CA ILE DA 8 -72.12 -41.48 28.20
C ILE DA 8 -70.98 -41.89 27.29
N PHE DA 9 -71.08 -41.60 25.99
CA PHE DA 9 -70.04 -41.96 25.03
C PHE DA 9 -68.98 -40.88 24.85
N ASP DA 10 -68.91 -39.91 25.75
CA ASP DA 10 -67.98 -38.82 25.60
C ASP DA 10 -66.52 -39.27 25.72
N PRO DA 11 -66.19 -40.21 26.61
CA PRO DA 11 -64.78 -40.63 26.70
C PRO DA 11 -64.38 -41.58 25.58
N LEU DA 12 -65.32 -42.39 25.08
CA LEU DA 12 -65.04 -43.15 23.87
C LEU DA 12 -64.84 -42.21 22.68
N VAL DA 13 -65.58 -41.12 22.63
CA VAL DA 13 -65.47 -40.22 21.50
C VAL DA 13 -64.14 -39.47 21.54
N ASP DA 14 -63.66 -39.14 22.74
CA ASP DA 14 -62.40 -38.42 22.89
C ASP DA 14 -61.21 -39.20 22.35
N VAL DA 15 -61.29 -40.54 22.32
CA VAL DA 15 -60.18 -41.38 21.88
C VAL DA 15 -60.34 -41.88 20.45
N LEU DA 16 -61.51 -41.71 19.84
CA LEU DA 16 -61.75 -42.32 18.53
C LEU DA 16 -60.82 -41.81 17.44
N PRO DA 17 -60.57 -40.51 17.33
CA PRO DA 17 -59.77 -40.01 16.19
C PRO DA 17 -58.30 -40.43 16.22
N VAL DA 18 -57.76 -40.91 17.36
CA VAL DA 18 -56.41 -41.46 17.34
C VAL DA 18 -56.36 -42.86 16.76
N ILE DA 19 -57.51 -43.48 16.52
CA ILE DA 19 -57.51 -44.88 16.11
C ILE DA 19 -56.80 -45.07 14.79
N PRO DA 20 -56.96 -44.23 13.77
CA PRO DA 20 -56.26 -44.50 12.50
C PRO DA 20 -54.74 -44.63 12.63
N VAL DA 21 -54.11 -43.99 13.62
CA VAL DA 21 -52.68 -44.18 13.83
C VAL DA 21 -52.36 -45.61 14.31
N LEU DA 22 -53.28 -46.24 15.06
CA LEU DA 22 -53.02 -47.60 15.52
C LEU DA 22 -52.93 -48.60 14.37
N PHE DA 23 -53.53 -48.28 13.23
CA PHE DA 23 -53.40 -49.15 12.06
C PHE DA 23 -51.96 -49.20 11.59
N LEU DA 24 -51.30 -48.06 11.58
CA LEU DA 24 -49.89 -48.03 11.18
C LEU DA 24 -49.05 -48.77 12.20
N ALA DA 25 -49.38 -48.61 13.49
CA ALA DA 25 -48.67 -49.31 14.55
C ALA DA 25 -48.99 -50.80 14.51
N LEU DA 26 -50.20 -51.14 14.07
CA LEU DA 26 -50.58 -52.54 14.01
C LEU DA 26 -49.89 -53.25 12.85
N ALA DA 27 -49.61 -52.55 11.76
CA ALA DA 27 -48.88 -53.18 10.68
C ALA DA 27 -47.47 -53.59 11.13
N PHE DA 28 -46.84 -52.85 12.04
CA PHE DA 28 -45.51 -53.21 12.48
C PHE DA 28 -45.55 -54.39 13.43
N VAL DA 29 -46.50 -54.40 14.37
CA VAL DA 29 -46.74 -55.58 15.19
C VAL DA 29 -46.88 -56.81 14.30
N TRP DA 30 -47.49 -56.65 13.12
CA TRP DA 30 -47.78 -57.77 12.22
C TRP DA 30 -46.51 -58.29 11.55
N GLN DA 31 -45.64 -57.38 11.12
CA GLN DA 31 -44.42 -57.83 10.45
C GLN DA 31 -43.42 -58.42 11.43
N ALA DA 32 -43.42 -57.90 12.66
CA ALA DA 32 -42.67 -58.58 13.71
C ALA DA 32 -43.23 -59.97 13.97
N ALA DA 33 -44.56 -60.14 13.83
CA ALA DA 33 -45.16 -61.47 13.92
C ALA DA 33 -44.58 -62.39 12.87
N VAL DA 34 -44.42 -61.89 11.65
CA VAL DA 34 -43.94 -62.71 10.54
C VAL DA 34 -42.45 -62.53 10.30
N GLY DA 35 -41.76 -61.85 11.20
CA GLY DA 35 -40.31 -61.69 11.09
C GLY DA 35 -39.81 -60.89 9.90
N PHE DA 36 -40.60 -59.91 9.45
CA PHE DA 36 -40.17 -59.01 8.38
C PHE DA 36 -39.66 -59.80 7.17
N ARG DA 37 -40.37 -60.87 6.84
CA ARG DA 37 -40.13 -61.60 5.60
C ARG DA 37 -40.21 -60.62 4.45
N GLU EA 2 30.53 -36.34 -3.84
CA GLU EA 2 29.97 -36.34 -2.49
C GLU EA 2 28.50 -35.90 -2.41
N PRO EA 3 27.72 -36.05 -3.49
CA PRO EA 3 26.35 -35.49 -3.49
C PRO EA 3 25.42 -36.20 -2.51
N ASN EA 4 24.46 -35.43 -1.97
CA ASN EA 4 23.66 -35.93 -0.84
C ASN EA 4 22.64 -36.95 -1.32
N PRO EA 5 22.56 -38.11 -0.69
CA PRO EA 5 21.64 -39.17 -1.16
C PRO EA 5 20.21 -38.97 -0.72
N ASN EA 6 19.91 -37.98 0.09
CA ASN EA 6 18.57 -37.81 0.62
C ASN EA 6 17.72 -36.87 -0.21
N ARG EA 7 18.30 -36.12 -1.15
CA ARG EA 7 17.53 -35.25 -2.05
C ARG EA 7 16.36 -36.01 -2.65
N GLN EA 8 15.20 -35.37 -2.70
CA GLN EA 8 14.04 -35.92 -3.39
C GLN EA 8 13.42 -34.87 -4.29
N PRO EA 9 12.81 -35.29 -5.38
CA PRO EA 9 12.04 -34.34 -6.18
C PRO EA 9 10.64 -34.13 -5.59
N VAL EA 10 10.14 -32.94 -5.81
CA VAL EA 10 8.88 -32.52 -5.25
C VAL EA 10 7.88 -32.39 -6.37
N GLU EA 11 6.60 -32.64 -6.06
CA GLU EA 11 5.57 -32.59 -7.10
C GLU EA 11 4.35 -31.81 -6.60
N LEU EA 12 3.70 -31.12 -7.56
CA LEU EA 12 2.36 -30.56 -7.37
C LEU EA 12 1.63 -30.65 -8.71
N ASN EA 13 0.59 -31.49 -8.76
CA ASN EA 13 -0.12 -31.73 -10.01
C ASN EA 13 -1.07 -30.58 -10.31
N ARG EA 14 -1.66 -30.61 -11.50
CA ARG EA 14 -2.52 -29.50 -11.90
C ARG EA 14 -3.72 -29.35 -10.98
N THR EA 15 -4.33 -30.47 -10.62
CA THR EA 15 -5.49 -30.43 -9.75
C THR EA 15 -5.14 -29.82 -8.41
N SER EA 16 -3.95 -30.09 -7.90
CA SER EA 16 -3.54 -29.48 -6.64
C SER EA 16 -3.31 -27.98 -6.80
N LEU EA 17 -2.77 -27.54 -7.94
CA LEU EA 17 -2.66 -26.10 -8.20
C LEU EA 17 -4.04 -25.45 -8.21
N TYR EA 18 -4.99 -26.06 -8.90
CA TYR EA 18 -6.32 -25.47 -8.97
C TYR EA 18 -6.95 -25.36 -7.59
N LEU EA 19 -6.90 -26.46 -6.82
CA LEU EA 19 -7.42 -26.41 -5.46
C LEU EA 19 -6.70 -25.39 -4.60
N GLY EA 20 -5.36 -25.33 -4.73
CA GLY EA 20 -4.60 -24.43 -3.91
C GLY EA 20 -4.86 -22.98 -4.24
N LEU EA 21 -4.93 -22.65 -5.53
CA LEU EA 21 -5.27 -21.28 -5.94
C LEU EA 21 -6.66 -20.87 -5.46
N LEU EA 22 -7.62 -21.80 -5.51
CA LEU EA 22 -8.97 -21.48 -5.08
C LEU EA 22 -9.01 -21.17 -3.61
N LEU EA 23 -8.32 -22.00 -2.82
CA LEU EA 23 -8.13 -21.76 -1.39
C LEU EA 23 -7.57 -20.37 -1.14
N ILE EA 24 -6.50 -20.00 -1.83
CA ILE EA 24 -5.88 -18.69 -1.58
C ILE EA 24 -6.86 -17.57 -1.95
N LEU EA 25 -7.45 -17.66 -3.14
CA LEU EA 25 -8.32 -16.59 -3.60
C LEU EA 25 -9.51 -16.45 -2.67
N VAL EA 26 -10.08 -17.57 -2.23
CA VAL EA 26 -11.25 -17.43 -1.38
C VAL EA 26 -10.85 -16.91 -0.01
N LEU EA 27 -9.69 -17.35 0.53
CA LEU EA 27 -9.23 -16.75 1.77
C LEU EA 27 -9.03 -15.24 1.62
N ALA EA 28 -8.45 -14.81 0.49
CA ALA EA 28 -8.25 -13.37 0.29
C ALA EA 28 -9.57 -12.62 0.26
N LEU EA 29 -10.53 -13.13 -0.53
CA LEU EA 29 -11.85 -12.50 -0.62
C LEU EA 29 -12.53 -12.46 0.74
N LEU EA 30 -12.23 -13.43 1.60
CA LEU EA 30 -12.84 -13.46 2.92
C LEU EA 30 -12.18 -12.45 3.86
N PHE EA 31 -10.85 -12.44 3.93
CA PHE EA 31 -10.14 -11.65 4.94
C PHE EA 31 -9.90 -10.21 4.52
N SER EA 32 -9.95 -9.93 3.21
CA SER EA 32 -9.65 -8.60 2.70
C SER EA 32 -10.53 -7.54 3.35
N SER EA 33 -11.80 -7.85 3.58
CA SER EA 33 -12.65 -6.83 4.18
C SER EA 33 -12.10 -6.42 5.54
N TYR EA 34 -11.62 -7.40 6.31
CA TYR EA 34 -11.09 -7.19 7.65
C TYR EA 34 -9.73 -6.49 7.63
N PHE EA 35 -8.98 -6.70 6.56
CA PHE EA 35 -7.71 -6.01 6.41
C PHE EA 35 -7.93 -4.54 6.13
N PHE EA 36 -8.92 -4.21 5.29
CA PHE EA 36 -9.23 -2.81 5.05
C PHE EA 36 -9.98 -2.21 6.24
N ASN EA 37 -10.81 -2.99 6.90
CA ASN EA 37 -11.54 -2.54 8.07
C ASN EA 37 -12.32 -1.27 7.77
N FME FA 1 -14.13 5.82 1.70
CN FME FA 1 -13.75 7.13 1.60
O1 FME FA 1 -13.51 7.84 2.60
CA FME FA 1 -14.28 5.16 2.97
CB FME FA 1 -14.82 3.74 2.88
CG FME FA 1 -16.15 3.66 2.15
SD FME FA 1 -17.47 4.27 3.15
CE FME FA 1 -17.56 3.03 4.41
C FME FA 1 -12.91 5.17 3.59
O FME FA 1 -11.89 4.90 2.97
H FME FA 1 -14.32 5.28 0.88
HCN FME FA 1 -13.66 7.50 0.55
HA FME FA 1 -15.00 5.69 3.66
HB2 FME FA 1 -14.93 3.34 3.92
HB3 FME FA 1 -14.05 3.10 2.36
HG2 FME FA 1 -16.36 2.60 1.86
HG3 FME FA 1 -16.10 4.25 1.20
HE1 FME FA 1 -18.54 3.18 4.92
HE2 FME FA 1 -16.69 3.22 5.08
HE3 FME FA 1 -17.49 2.05 3.88
N GLU FA 2 -12.88 5.52 4.86
CA GLU FA 2 -11.62 5.67 5.55
C GLU FA 2 -11.13 4.29 5.97
N VAL FA 3 -10.64 3.55 4.98
CA VAL FA 3 -10.12 2.21 5.18
C VAL FA 3 -8.63 2.22 5.53
N ASN FA 4 -8.16 1.10 6.01
CA ASN FA 4 -6.75 0.90 6.33
C ASN FA 4 -5.93 0.80 5.06
N GLN FA 5 -5.05 1.77 4.80
CA GLN FA 5 -4.33 1.75 3.54
C GLN FA 5 -3.18 0.73 3.53
N LEU FA 6 -2.80 0.14 4.67
CA LEU FA 6 -1.98 -1.06 4.60
C LEU FA 6 -2.78 -2.30 4.20
N GLY FA 7 -4.10 -2.19 4.02
CA GLY FA 7 -4.90 -3.35 3.66
C GLY FA 7 -4.67 -3.76 2.23
N LEU FA 8 -4.41 -2.80 1.35
CA LEU FA 8 -4.14 -3.13 -0.04
C LEU FA 8 -2.91 -4.01 -0.16
N ILE FA 9 -1.84 -3.69 0.58
CA ILE FA 9 -0.58 -4.44 0.42
C ILE FA 9 -0.69 -5.76 1.15
N ALA FA 10 -1.36 -5.80 2.30
CA ALA FA 10 -1.59 -7.07 2.96
C ALA FA 10 -2.41 -8.03 2.09
N THR FA 11 -3.49 -7.52 1.49
CA THR FA 11 -4.31 -8.37 0.62
C THR FA 11 -3.49 -8.84 -0.58
N ALA FA 12 -2.78 -7.92 -1.22
CA ALA FA 12 -2.00 -8.26 -2.41
C ALA FA 12 -0.93 -9.32 -2.13
N LEU FA 13 -0.15 -9.17 -1.06
CA LEU FA 13 0.88 -10.18 -0.75
C LEU FA 13 0.26 -11.48 -0.27
N PHE FA 14 -0.87 -11.38 0.42
CA PHE FA 14 -1.60 -12.56 0.86
C PHE FA 14 -1.93 -13.47 -0.31
N VAL FA 15 -2.34 -12.87 -1.42
CA VAL FA 15 -2.62 -13.60 -2.66
C VAL FA 15 -1.33 -14.01 -3.35
N LEU FA 16 -0.48 -13.03 -3.66
CA LEU FA 16 0.67 -13.25 -4.55
C LEU FA 16 1.63 -14.31 -4.00
N VAL FA 17 2.07 -14.19 -2.75
CA VAL FA 17 3.13 -15.05 -2.26
C VAL FA 17 2.72 -16.52 -2.30
N PRO FA 18 1.68 -16.95 -1.60
CA PRO FA 18 1.33 -18.39 -1.68
C PRO FA 18 0.96 -18.82 -3.09
N SER FA 19 0.34 -17.97 -3.91
CA SER FA 19 0.00 -18.39 -5.27
C SER FA 19 1.26 -18.64 -6.11
N VAL FA 20 2.23 -17.74 -6.03
CA VAL FA 20 3.54 -17.94 -6.67
C VAL FA 20 4.18 -19.23 -6.22
N PHE FA 21 4.12 -19.51 -4.92
CA PHE FA 21 4.69 -20.76 -4.43
C PHE FA 21 4.09 -21.96 -5.16
N LEU FA 22 2.75 -21.99 -5.25
CA LEU FA 22 2.08 -23.09 -5.96
C LEU FA 22 2.48 -23.15 -7.42
N ILE FA 23 2.48 -22.01 -8.09
CA ILE FA 23 2.80 -21.99 -9.50
C ILE FA 23 4.19 -22.54 -9.74
N ILE FA 24 5.17 -22.07 -8.96
CA ILE FA 24 6.54 -22.59 -9.09
C ILE FA 24 6.57 -24.09 -8.97
N LEU FA 25 5.95 -24.64 -7.92
CA LEU FA 25 5.97 -26.09 -7.78
C LEU FA 25 5.27 -26.77 -8.95
N TYR FA 26 4.17 -26.21 -9.47
CA TYR FA 26 3.43 -26.91 -10.51
C TYR FA 26 4.21 -26.95 -11.82
N VAL FA 27 4.81 -25.82 -12.19
CA VAL FA 27 5.51 -25.74 -13.47
C VAL FA 27 6.73 -26.67 -13.50
N GLN FA 28 7.54 -26.66 -12.44
CA GLN FA 28 8.70 -27.54 -12.39
C GLN FA 28 8.26 -29.00 -12.38
N THR FA 29 7.03 -29.27 -11.95
CA THR FA 29 6.47 -30.61 -12.04
C THR FA 29 6.22 -30.99 -13.51
N GLU FA 30 5.53 -30.12 -14.26
CA GLU FA 30 5.18 -30.39 -15.66
C GLU FA 30 6.39 -30.53 -16.56
N SER FA 31 7.58 -30.09 -16.12
CA SER FA 31 8.76 -30.15 -16.98
C SER FA 31 9.71 -31.29 -16.64
N GLN FA 32 9.34 -32.20 -15.75
CA GLN FA 32 10.16 -33.40 -15.49
C GLN FA 32 9.40 -34.68 -15.73
N GLN GA 1 -67.45 8.75 -15.48
CA GLN GA 1 -68.74 8.33 -14.93
C GLN GA 1 -68.60 8.06 -13.42
N THR GA 2 -69.57 7.34 -12.86
CA THR GA 2 -69.45 6.84 -11.50
C THR GA 2 -68.61 5.56 -11.56
N LEU GA 3 -67.30 5.71 -11.35
CA LEU GA 3 -66.44 4.55 -11.25
C LEU GA 3 -66.50 3.96 -9.85
N THR GA 4 -65.99 2.74 -9.72
CA THR GA 4 -65.84 2.10 -8.43
C THR GA 4 -64.37 1.83 -8.16
N TYR GA 5 -64.05 1.61 -6.89
CA TYR GA 5 -62.70 1.19 -6.51
C TYR GA 5 -62.21 0.08 -7.42
N ASP GA 6 -63.04 -0.93 -7.64
CA ASP GA 6 -62.61 -2.07 -8.44
C ASP GA 6 -62.34 -1.69 -9.89
N ASP GA 7 -62.92 -0.60 -10.37
CA ASP GA 7 -62.54 -0.11 -11.69
C ASP GA 7 -61.16 0.51 -11.65
N ILE GA 8 -60.86 1.23 -10.57
CA ILE GA 8 -59.65 2.03 -10.51
C ILE GA 8 -58.44 1.25 -9.97
N VAL GA 9 -58.66 0.24 -9.11
CA VAL GA 9 -57.56 -0.27 -8.31
C VAL GA 9 -56.44 -0.74 -9.21
N GLY GA 10 -55.22 -0.30 -8.91
CA GLY GA 10 -54.04 -0.72 -9.62
C GLY GA 10 -53.72 0.00 -10.91
N THR GA 11 -54.56 0.92 -11.34
CA THR GA 11 -54.37 1.56 -12.64
C THR GA 11 -53.54 2.83 -12.56
N GLY GA 12 -53.33 3.39 -11.39
CA GLY GA 12 -52.66 4.67 -11.28
C GLY GA 12 -53.59 5.86 -11.24
N LEU GA 13 -54.89 5.64 -11.48
CA LEU GA 13 -55.89 6.71 -11.49
C LEU GA 13 -56.22 7.22 -10.09
N ALA GA 14 -56.04 6.41 -9.05
CA ALA GA 14 -56.26 6.92 -7.71
C ALA GA 14 -55.34 8.07 -7.36
N ASN GA 15 -54.21 8.23 -8.05
CA ASN GA 15 -53.32 9.36 -7.81
C ASN GA 15 -53.62 10.56 -8.69
N LYS GA 16 -54.75 10.56 -9.39
CA LYS GA 16 -55.10 11.63 -10.30
C LYS GA 16 -56.26 12.41 -9.73
N CYS GA 17 -56.18 13.73 -9.83
CA CYS GA 17 -57.29 14.58 -9.45
C CYS GA 17 -58.36 14.59 -10.52
N PRO GA 18 -59.63 14.81 -10.15
CA PRO GA 18 -60.68 14.90 -11.15
C PRO GA 18 -60.46 16.08 -12.08
N THR GA 19 -61.15 16.04 -13.21
CA THR GA 19 -60.96 17.07 -14.21
C THR GA 19 -62.31 17.55 -14.72
N LEU GA 20 -62.27 18.66 -15.40
CA LEU GA 20 -63.46 19.32 -15.88
C LEU GA 20 -63.40 19.35 -17.40
N ASP GA 21 -64.59 19.29 -18.01
CA ASP GA 21 -64.72 19.29 -19.46
C ASP GA 21 -64.06 20.53 -20.01
N ASP GA 22 -63.57 20.44 -21.24
CA ASP GA 22 -62.91 21.59 -21.85
C ASP GA 22 -63.86 22.75 -22.06
N THR GA 23 -65.14 22.54 -21.82
CA THR GA 23 -66.16 23.55 -22.04
C THR GA 23 -66.63 24.18 -20.76
N ALA GA 24 -65.97 23.90 -19.64
CA ALA GA 24 -66.38 24.47 -18.36
C ALA GA 24 -65.54 25.72 -18.17
N ARG GA 25 -65.99 26.80 -18.79
CA ARG GA 25 -65.31 28.07 -18.69
C ARG GA 25 -66.27 29.14 -18.18
N GLY GA 26 -67.07 28.77 -17.19
CA GLY GA 26 -68.09 29.63 -16.63
C GLY GA 26 -67.64 30.44 -15.43
N ALA GA 27 -68.58 30.71 -14.53
CA ALA GA 27 -68.33 31.64 -13.44
C ALA GA 27 -69.13 31.20 -12.23
N TYR GA 28 -68.48 31.20 -11.06
CA TYR GA 28 -69.18 30.88 -9.82
C TYR GA 28 -69.48 32.16 -9.07
N PRO GA 29 -70.74 32.57 -8.98
CA PRO GA 29 -71.08 33.81 -8.26
C PRO GA 29 -70.86 33.68 -6.76
N ILE GA 30 -70.18 34.67 -6.18
CA ILE GA 30 -69.85 34.71 -4.76
C ILE GA 30 -70.79 35.72 -4.09
N ASP GA 31 -71.58 35.23 -3.13
CA ASP GA 31 -72.54 36.03 -2.38
C ASP GA 31 -71.95 36.40 -1.03
N SER GA 32 -71.60 37.68 -0.86
CA SER GA 32 -70.81 38.09 0.30
C SER GA 32 -71.51 37.79 1.62
N SER GA 33 -72.85 37.84 1.66
CA SER GA 33 -73.57 37.49 2.87
C SER GA 33 -73.44 36.02 3.21
N GLN GA 34 -73.14 35.19 2.21
CA GLN GA 34 -73.01 33.76 2.35
C GLN GA 34 -71.65 33.37 2.93
N THR GA 35 -71.57 32.14 3.40
CA THR GA 35 -70.32 31.54 3.86
C THR GA 35 -70.05 30.28 3.06
N TYR GA 36 -68.79 30.05 2.72
CA TYR GA 36 -68.44 29.03 1.76
C TYR GA 36 -67.39 28.09 2.33
N ARG GA 37 -67.22 26.96 1.65
CA ARG GA 37 -66.23 25.97 2.02
C ARG GA 37 -65.71 25.31 0.76
N ILE GA 38 -64.45 24.90 0.82
CA ILE GA 38 -63.88 23.92 -0.11
C ILE GA 38 -64.15 22.55 0.48
N ALA GA 39 -64.96 21.76 -0.21
CA ALA GA 39 -65.27 20.42 0.28
C ALA GA 39 -64.23 19.40 -0.14
N ARG GA 40 -63.55 19.62 -1.25
CA ARG GA 40 -62.47 18.75 -1.69
C ARG GA 40 -61.50 19.58 -2.50
N LEU GA 41 -60.24 19.63 -2.06
CA LEU GA 41 -59.18 20.23 -2.85
C LEU GA 41 -58.15 19.14 -3.15
N CYS GA 42 -57.82 18.98 -4.43
CA CYS GA 42 -56.96 17.93 -4.92
C CYS GA 42 -55.79 18.58 -5.65
N LEU GA 43 -54.56 18.18 -5.33
CA LEU GA 43 -53.38 18.68 -6.03
C LEU GA 43 -52.55 17.51 -6.52
N GLN GA 44 -52.33 17.46 -7.82
CA GLN GA 44 -51.57 16.39 -8.48
C GLN GA 44 -50.32 16.99 -9.08
N PRO GA 45 -49.16 16.79 -8.48
CA PRO GA 45 -47.93 17.33 -9.09
C PRO GA 45 -47.66 16.59 -10.38
N THR GA 46 -47.09 17.30 -11.36
CA THR GA 46 -46.64 16.69 -12.60
C THR GA 46 -45.16 16.92 -12.85
N THR GA 47 -44.55 17.91 -12.23
CA THR GA 47 -43.11 18.06 -12.39
C THR GA 47 -42.50 18.57 -11.10
N PHE GA 48 -41.33 18.03 -10.80
CA PHE GA 48 -40.51 18.45 -9.66
C PHE GA 48 -39.20 19.04 -10.17
N LEU GA 49 -38.95 20.28 -9.82
CA LEU GA 49 -37.75 20.98 -10.24
C LEU GA 49 -36.96 21.40 -9.01
N VAL GA 50 -35.64 21.21 -9.05
CA VAL GA 50 -34.77 21.47 -7.91
C VAL GA 50 -33.68 22.44 -8.33
N LYS GA 51 -33.48 23.47 -7.52
CA LYS GA 51 -32.47 24.46 -7.80
C LYS GA 51 -31.06 23.87 -7.61
N GLU GA 52 -30.26 23.92 -8.66
CA GLU GA 52 -28.89 23.42 -8.61
C GLU GA 52 -28.01 24.37 -7.81
N GLU GA 53 -26.97 23.81 -7.18
CA GLU GA 53 -26.04 24.62 -6.39
C GLU GA 53 -25.08 25.34 -7.32
N PRO GA 54 -25.25 26.65 -7.57
CA PRO GA 54 -24.26 27.35 -8.40
C PRO GA 54 -22.94 27.47 -7.63
N LYS GA 55 -21.87 26.90 -8.19
CA LYS GA 55 -20.59 26.83 -7.49
C LYS GA 55 -20.11 28.23 -7.11
N ASN GA 56 -18.99 28.30 -6.37
CA ASN GA 56 -18.58 29.56 -5.74
C ASN GA 56 -18.55 30.71 -6.74
N LYS GA 57 -17.93 30.50 -7.89
CA LYS GA 57 -17.95 31.53 -8.93
C LYS GA 57 -19.37 31.91 -9.31
N ARG GA 58 -20.31 30.95 -9.17
CA ARG GA 58 -21.72 31.15 -9.49
C ARG GA 58 -21.91 32.04 -10.72
N GLN GA 59 -23.09 32.66 -10.83
CA GLN GA 59 -23.51 33.53 -11.91
C GLN GA 59 -25.04 33.52 -11.80
N GLU GA 60 -25.60 32.30 -11.73
CA GLU GA 60 -27.01 32.11 -11.46
C GLU GA 60 -27.39 30.62 -11.50
N ALA GA 61 -28.10 30.17 -10.46
CA ALA GA 61 -28.64 28.82 -10.44
C ALA GA 61 -29.88 28.71 -11.32
N GLU GA 62 -30.10 27.53 -11.87
CA GLU GA 62 -31.33 27.20 -12.56
C GLU GA 62 -32.09 26.14 -11.77
N PHE GA 63 -33.37 25.99 -12.08
CA PHE GA 63 -34.14 24.87 -11.59
C PHE GA 63 -34.04 23.73 -12.59
N VAL GA 64 -33.52 22.60 -12.16
CA VAL GA 64 -33.27 21.53 -13.11
C VAL GA 64 -34.32 20.45 -12.95
N PRO GA 65 -34.71 19.79 -14.03
CA PRO GA 65 -35.70 18.71 -13.93
C PRO GA 65 -35.14 17.52 -13.17
N THR GA 66 -36.05 16.70 -12.67
CA THR GA 66 -35.69 15.57 -11.83
C THR GA 66 -36.58 14.40 -12.21
N LYS GA 67 -36.17 13.23 -11.73
CA LYS GA 67 -36.88 11.98 -11.97
C LYS GA 67 -37.53 11.53 -10.68
N LEU GA 68 -38.84 11.24 -10.74
CA LEU GA 68 -39.55 10.72 -9.59
C LEU GA 68 -39.27 9.22 -9.43
N VAL GA 69 -38.99 8.79 -8.21
CA VAL GA 69 -38.62 7.40 -7.97
C VAL GA 69 -39.57 6.72 -7.00
N THR GA 70 -40.57 7.42 -6.51
CA THR GA 70 -41.43 6.93 -5.45
C THR GA 70 -42.84 6.58 -5.94
N ARG GA 71 -43.07 6.65 -7.24
CA ARG GA 71 -44.24 6.13 -7.95
C ARG GA 71 -45.45 6.99 -7.71
N GLU GA 72 -46.65 6.47 -7.98
CA GLU GA 72 -47.88 7.29 -7.98
C GLU GA 72 -48.38 7.43 -6.55
N THR GA 73 -47.57 8.13 -5.75
CA THR GA 73 -47.83 8.30 -4.32
C THR GA 73 -47.76 9.76 -3.93
N THR GA 74 -47.97 10.66 -4.88
CA THR GA 74 -47.54 12.04 -4.74
C THR GA 74 -48.66 13.05 -4.51
N SER GA 75 -49.91 12.68 -4.73
CA SER GA 75 -50.96 13.69 -4.77
C SER GA 75 -51.53 14.03 -3.38
N LEU GA 76 -52.03 15.26 -3.27
CA LEU GA 76 -52.74 15.77 -2.10
C LEU GA 76 -54.23 15.86 -2.42
N ASP GA 77 -55.08 15.38 -1.50
CA ASP GA 77 -56.49 15.23 -1.83
C ASP GA 77 -57.30 15.21 -0.55
N GLN GA 78 -58.62 15.34 -0.72
CA GLN GA 78 -59.58 15.33 0.38
C GLN GA 78 -59.30 16.45 1.35
N ILE GA 79 -58.70 17.52 0.85
CA ILE GA 79 -58.39 18.70 1.63
C ILE GA 79 -59.64 19.56 1.71
N GLN GA 80 -59.90 20.09 2.90
CA GLN GA 80 -61.10 20.88 3.19
C GLN GA 80 -60.74 22.12 3.98
N GLY GA 81 -61.63 23.11 3.90
CA GLY GA 81 -61.45 24.37 4.58
C GLY GA 81 -62.57 25.32 4.19
N GLU GA 82 -62.66 26.39 4.96
CA GLU GA 82 -63.66 27.39 4.67
C GLU GA 82 -63.11 28.39 3.67
N LEU GA 83 -63.94 28.75 2.73
CA LEU GA 83 -63.68 29.87 1.85
C LEU GA 83 -64.37 31.10 2.45
N LYS GA 84 -63.59 32.00 3.04
CA LYS GA 84 -64.11 33.23 3.60
C LYS GA 84 -64.21 34.30 2.52
N VAL GA 85 -65.15 35.22 2.70
CA VAL GA 85 -65.20 36.42 1.88
C VAL GA 85 -64.69 37.57 2.74
N ASN GA 86 -63.54 38.12 2.39
CA ASN GA 86 -63.03 39.25 3.14
C ASN GA 86 -63.85 40.50 2.84
N SER GA 87 -63.69 41.49 3.72
CA SER GA 87 -64.45 42.73 3.57
C SER GA 87 -64.02 43.50 2.33
N ASP GA 88 -62.77 43.32 1.88
CA ASP GA 88 -62.34 43.97 0.64
C ASP GA 88 -62.75 43.19 -0.59
N GLY GA 89 -63.52 42.11 -0.41
CA GLY GA 89 -64.08 41.37 -1.51
C GLY GA 89 -63.25 40.21 -1.97
N SER GA 90 -62.01 40.09 -1.50
CA SER GA 90 -61.21 38.92 -1.80
C SER GA 90 -61.80 37.70 -1.13
N LEU GA 91 -61.37 36.53 -1.61
CA LEU GA 91 -61.66 35.26 -0.97
C LEU GA 91 -60.38 34.75 -0.32
N THR GA 92 -60.53 34.11 0.83
CA THR GA 92 -59.40 33.46 1.48
C THR GA 92 -59.82 32.07 1.88
N PHE GA 93 -59.02 31.11 1.42
CA PHE GA 93 -59.17 29.72 1.78
C PHE GA 93 -58.22 29.41 2.93
N VAL GA 94 -58.76 28.80 3.99
CA VAL GA 94 -58.02 28.42 5.18
C VAL GA 94 -58.15 26.91 5.32
N GLU GA 95 -57.06 26.20 5.05
CA GLU GA 95 -57.10 24.75 5.17
C GLU GA 95 -57.35 24.33 6.61
N GLU GA 96 -58.29 23.40 6.78
CA GLU GA 96 -58.53 22.78 8.07
C GLU GA 96 -57.86 21.40 8.18
N ASP GA 97 -58.15 20.50 7.25
CA ASP GA 97 -57.68 19.12 7.32
C ASP GA 97 -57.58 18.59 5.88
N GLY GA 98 -57.14 17.34 5.75
CA GLY GA 98 -57.00 16.69 4.47
C GLY GA 98 -55.77 15.82 4.43
N ILE GA 99 -55.58 15.08 3.34
CA ILE GA 99 -54.32 14.38 3.12
C ILE GA 99 -53.42 15.40 2.42
N ASP GA 100 -52.71 16.19 3.23
CA ASP GA 100 -52.13 17.44 2.78
C ASP GA 100 -50.62 17.40 2.73
N PHE GA 101 -50.02 16.21 2.67
CA PHE GA 101 -48.59 16.03 2.58
C PHE GA 101 -48.32 14.68 1.93
N GLN GA 102 -47.29 14.61 1.08
CA GLN GA 102 -46.77 13.33 0.60
C GLN GA 102 -45.24 13.43 0.61
N PRO GA 103 -44.54 12.46 1.23
CA PRO GA 103 -43.10 12.37 1.02
C PRO GA 103 -42.81 11.97 -0.41
N VAL GA 104 -41.86 12.64 -1.03
CA VAL GA 104 -41.51 12.40 -2.41
C VAL GA 104 -40.00 12.34 -2.48
N THR GA 105 -39.46 11.45 -3.27
CA THR GA 105 -38.04 11.43 -3.55
C THR GA 105 -37.89 11.53 -5.04
N VAL GA 106 -37.19 12.55 -5.49
CA VAL GA 106 -36.85 12.70 -6.88
C VAL GA 106 -35.33 12.55 -6.98
N GLN GA 107 -34.84 12.35 -8.18
CA GLN GA 107 -33.44 12.09 -8.38
C GLN GA 107 -32.88 13.04 -9.42
N MET GA 108 -31.74 13.64 -9.12
CA MET GA 108 -31.07 14.57 -10.01
C MET GA 108 -30.08 13.84 -10.89
N ALA GA 109 -29.70 14.50 -11.97
CA ALA GA 109 -28.62 14.00 -12.79
C ALA GA 109 -27.40 13.77 -11.90
N GLY GA 110 -26.69 12.68 -12.17
CA GLY GA 110 -25.58 12.28 -11.34
C GLY GA 110 -25.95 11.31 -10.23
N GLY GA 111 -27.22 11.27 -9.83
CA GLY GA 111 -27.68 10.28 -8.89
C GLY GA 111 -28.11 10.81 -7.55
N GLU GA 112 -28.01 12.11 -7.28
CA GLU GA 112 -28.41 12.62 -5.97
C GLU GA 112 -29.92 12.43 -5.77
N ARG GA 113 -30.31 11.71 -4.71
CA ARG GA 113 -31.70 11.62 -4.29
C ARG GA 113 -32.08 12.83 -3.43
N ILE GA 114 -33.21 13.45 -3.74
CA ILE GA 114 -33.69 14.62 -3.03
C ILE GA 114 -35.07 14.31 -2.48
N PRO GA 115 -35.20 14.01 -1.20
CA PRO GA 115 -36.53 13.87 -0.61
C PRO GA 115 -37.13 15.20 -0.24
N LEU GA 116 -38.45 15.23 -0.21
CA LEU GA 116 -39.13 16.46 0.14
C LEU GA 116 -40.49 16.10 0.70
N LEU GA 117 -41.01 16.97 1.55
CA LEU GA 117 -42.35 16.80 2.09
C LEU GA 117 -43.24 17.72 1.27
N PHE GA 118 -43.67 17.22 0.12
CA PHE GA 118 -44.63 17.96 -0.69
C PHE GA 118 -45.90 18.16 0.11
N THR GA 119 -46.26 19.42 0.37
CA THR GA 119 -47.30 19.71 1.36
C THR GA 119 -47.88 21.09 1.10
N VAL GA 120 -49.09 21.27 1.64
CA VAL GA 120 -49.69 22.58 1.83
C VAL GA 120 -50.28 22.68 3.25
N LYS GA 121 -49.63 22.08 4.23
CA LYS GA 121 -50.16 22.15 5.59
C LYS GA 121 -50.34 23.60 6.00
N ASN GA 122 -51.50 23.90 6.59
CA ASN GA 122 -51.84 25.24 7.08
C ASN GA 122 -51.86 26.25 5.95
N LEU GA 123 -52.35 25.81 4.79
CA LEU GA 123 -52.44 26.71 3.66
C LEU GA 123 -53.40 27.85 3.98
N VAL GA 124 -53.00 29.04 3.59
CA VAL GA 124 -53.88 30.19 3.55
C VAL GA 124 -53.61 30.83 2.22
N ALA GA 125 -54.62 30.87 1.35
CA ALA GA 125 -54.45 31.40 0.01
C ALA GA 125 -55.58 32.38 -0.28
N SER GA 126 -55.21 33.53 -0.80
CA SER GA 126 -56.17 34.60 -0.97
C SER GA 126 -56.24 35.03 -2.43
N THR GA 127 -57.41 35.54 -2.81
CA THR GA 127 -57.58 36.15 -4.13
C THR GA 127 -57.20 37.62 -4.08
N GLN GA 128 -57.14 38.23 -5.28
CA GLN GA 128 -57.14 39.68 -5.41
C GLN GA 128 -58.45 40.22 -4.84
N PRO GA 129 -58.51 41.53 -4.54
CA PRO GA 129 -59.67 42.09 -3.87
C PRO GA 129 -60.88 42.15 -4.80
N ASN GA 130 -62.02 42.41 -4.18
CA ASN GA 130 -63.29 42.63 -4.87
C ASN GA 130 -63.54 41.55 -5.94
N VAL GA 131 -63.66 40.32 -5.47
CA VAL GA 131 -63.98 39.19 -6.34
C VAL GA 131 -65.46 38.88 -6.17
N THR GA 132 -66.25 39.23 -7.18
CA THR GA 132 -67.68 38.97 -7.17
C THR GA 132 -68.00 37.61 -7.74
N SER GA 133 -67.02 36.96 -8.36
CA SER GA 133 -67.24 35.65 -8.94
C SER GA 133 -65.90 34.97 -9.14
N ILE GA 134 -65.91 33.65 -9.08
CA ILE GA 134 -64.73 32.89 -9.47
C ILE GA 134 -64.86 32.53 -10.96
N THR GA 135 -63.83 32.88 -11.71
CA THR GA 135 -63.75 32.81 -13.16
C THR GA 135 -62.44 32.15 -13.55
N THR GA 136 -62.30 31.97 -14.86
CA THR GA 136 -61.12 31.38 -15.49
C THR GA 136 -59.98 32.36 -15.59
N SER GA 137 -59.98 33.41 -14.78
CA SER GA 137 -58.79 34.22 -14.59
C SER GA 137 -58.55 34.50 -13.10
N THR GA 138 -59.19 33.73 -12.23
CA THR GA 138 -59.04 33.90 -10.80
C THR GA 138 -57.77 33.18 -10.35
N ASP GA 139 -56.96 33.88 -9.57
CA ASP GA 139 -55.77 33.32 -8.97
C ASP GA 139 -55.92 33.40 -7.46
N PHE GA 140 -55.35 32.42 -6.78
CA PHE GA 140 -55.05 32.50 -5.36
C PHE GA 140 -53.56 32.45 -5.18
N LYS GA 141 -53.06 33.21 -4.25
CA LYS GA 141 -51.68 33.05 -3.81
C LYS GA 141 -51.69 32.81 -2.32
N GLY GA 142 -50.79 31.98 -1.83
CA GLY GA 142 -50.88 31.54 -0.46
C GLY GA 142 -49.54 31.11 0.09
N GLU GA 143 -49.53 30.82 1.38
CA GLU GA 143 -48.36 30.26 2.01
C GLU GA 143 -48.80 29.12 2.92
N PHE GA 144 -47.87 28.19 3.13
CA PHE GA 144 -48.14 27.00 3.94
C PHE GA 144 -46.92 26.69 4.79
N ASN GA 145 -47.09 25.77 5.73
CA ASN GA 145 -45.97 25.34 6.55
C ASN GA 145 -45.37 24.07 5.98
N VAL GA 146 -44.04 23.96 6.07
CA VAL GA 146 -43.36 22.72 5.73
C VAL GA 146 -42.64 22.23 6.97
N PRO GA 147 -43.22 21.27 7.69
CA PRO GA 147 -42.54 20.68 8.85
C PRO GA 147 -41.38 19.77 8.40
N SER GA 148 -40.58 19.40 9.37
CA SER GA 148 -39.48 18.50 9.11
C SER GA 148 -40.01 17.26 8.38
N TYR GA 149 -39.19 16.78 7.44
CA TYR GA 149 -39.55 15.61 6.66
C TYR GA 149 -39.73 14.39 7.54
N ARG GA 150 -38.80 14.16 8.48
CA ARG GA 150 -38.95 13.15 9.50
C ARG GA 150 -39.46 13.84 10.76
N THR GA 151 -40.28 13.14 11.53
CA THR GA 151 -40.73 13.72 12.80
C THR GA 151 -39.80 13.25 13.91
N ALA GA 152 -40.11 13.64 15.15
CA ALA GA 152 -39.13 13.64 16.25
C ALA GA 152 -38.67 12.26 16.65
N ASN GA 153 -39.53 11.23 16.52
CA ASN GA 153 -39.18 9.86 16.91
C ASN GA 153 -38.24 9.18 15.94
N PHE GA 154 -37.85 9.84 14.86
CA PHE GA 154 -37.21 9.13 13.77
C PHE GA 154 -35.77 8.87 14.16
N LEU GA 155 -35.35 7.63 14.06
CA LEU GA 155 -33.99 7.26 14.47
C LEU GA 155 -33.10 7.06 13.26
N ASP GA 156 -31.90 7.69 13.29
CA ASP GA 156 -30.96 7.53 12.19
C ASP GA 156 -30.33 6.16 12.29
N PRO GA 157 -29.52 5.77 11.29
CA PRO GA 157 -29.02 4.41 11.23
C PRO GA 157 -28.11 4.02 12.40
N LYS GA 158 -27.54 4.99 13.12
CA LYS GA 158 -26.78 4.67 14.32
C LYS GA 158 -27.58 4.87 15.60
N GLY GA 159 -28.92 4.91 15.50
CA GLY GA 159 -29.84 4.97 16.62
C GLY GA 159 -30.00 6.33 17.28
N ARG GA 160 -29.57 7.42 16.62
CA ARG GA 160 -29.68 8.76 17.16
C ARG GA 160 -30.99 9.42 16.72
N GLY GA 161 -31.55 10.24 17.59
CA GLY GA 161 -32.80 10.88 17.28
C GLY GA 161 -33.02 12.12 18.13
N LEU GA 162 -34.12 12.82 17.82
CA LEU GA 162 -34.51 13.97 18.62
C LEU GA 162 -35.28 13.57 19.89
N ALA GA 163 -36.50 13.05 19.74
CA ALA GA 163 -37.33 12.64 20.87
C ALA GA 163 -36.98 11.26 21.40
N SER GA 164 -36.11 10.54 20.71
CA SER GA 164 -35.65 9.24 21.14
C SER GA 164 -34.24 9.08 20.61
N GLY GA 165 -33.59 7.98 20.98
CA GLY GA 165 -32.33 7.69 20.36
C GLY GA 165 -31.14 8.03 21.25
N TYR GA 166 -30.00 7.44 20.88
CA TYR GA 166 -28.71 7.84 21.39
C TYR GA 166 -28.47 9.32 21.14
N ASP GA 167 -27.74 9.95 22.06
CA ASP GA 167 -27.36 11.34 21.91
C ASP GA 167 -25.88 11.49 21.58
N SER GA 168 -25.22 10.41 21.17
CA SER GA 168 -23.81 10.48 20.80
C SER GA 168 -23.50 9.40 19.77
N ALA GA 169 -22.27 9.43 19.24
CA ALA GA 169 -21.81 8.37 18.33
C ALA GA 169 -21.24 7.22 19.15
N ILE GA 170 -22.09 6.26 19.50
CA ILE GA 170 -21.69 5.30 20.51
C ILE GA 170 -20.65 4.31 20.00
N ALA GA 171 -20.52 4.16 18.67
CA ALA GA 171 -19.52 3.28 18.09
C ALA GA 171 -18.11 3.88 18.13
N LEU GA 172 -17.99 5.18 18.40
CA LEU GA 172 -16.72 5.90 18.48
C LEU GA 172 -16.59 6.40 19.91
N PRO GA 173 -16.39 5.50 20.89
CA PRO GA 173 -16.50 5.90 22.31
C PRO GA 173 -15.63 7.06 22.70
N GLN GA 174 -14.43 7.18 22.15
CA GLN GA 174 -13.54 8.26 22.60
C GLN GA 174 -13.12 9.17 21.46
N ALA GA 175 -13.97 9.24 20.43
CA ALA GA 175 -13.84 10.28 19.44
C ALA GA 175 -14.06 11.66 20.08
N LYS GA 176 -13.53 12.67 19.42
CA LYS GA 176 -13.86 14.03 19.82
C LYS GA 176 -15.27 14.34 19.31
N GLU GA 177 -16.17 14.60 20.25
CA GLU GA 177 -17.57 14.76 19.90
C GLU GA 177 -17.82 16.04 19.11
N GLU GA 178 -16.82 16.91 19.01
CA GLU GA 178 -17.05 18.27 18.53
C GLU GA 178 -17.35 18.30 17.04
N GLU GA 179 -16.59 17.56 16.21
CA GLU GA 179 -16.90 17.62 14.78
C GLU GA 179 -18.09 16.74 14.40
N LEU GA 180 -18.66 15.99 15.35
CA LEU GA 180 -19.82 15.15 15.15
C LEU GA 180 -21.12 15.82 15.62
N ALA GA 181 -21.04 17.07 16.09
CA ALA GA 181 -22.18 17.68 16.76
C ALA GA 181 -23.39 17.80 15.84
N ARG GA 182 -23.19 18.26 14.61
CA ARG GA 182 -24.30 18.49 13.70
C ARG GA 182 -25.04 17.21 13.33
N ALA GA 183 -24.39 16.06 13.42
CA ALA GA 183 -25.06 14.78 13.24
C ALA GA 183 -25.61 14.17 14.53
N ASN GA 184 -25.02 14.51 15.67
CA ASN GA 184 -25.44 13.95 16.94
C ASN GA 184 -26.68 14.66 17.47
N VAL GA 185 -26.84 15.91 17.09
CA VAL GA 185 -27.87 16.78 17.62
C VAL GA 185 -28.91 16.95 16.52
N LYS GA 186 -30.03 16.28 16.65
CA LYS GA 186 -31.05 16.39 15.64
C LYS GA 186 -31.85 17.65 15.86
N ARG GA 187 -32.14 18.36 14.77
CA ARG GA 187 -32.96 19.56 14.77
C ARG GA 187 -34.19 19.39 13.91
N PHE GA 188 -35.26 20.05 14.30
CA PHE GA 188 -36.55 19.95 13.64
C PHE GA 188 -36.89 21.29 13.00
N SER GA 189 -37.00 21.30 11.69
CA SER GA 189 -37.21 22.55 10.97
C SER GA 189 -38.69 22.76 10.70
N LEU GA 190 -39.07 24.01 10.67
CA LEU GA 190 -40.38 24.41 10.17
C LEU GA 190 -40.13 25.60 9.27
N THR GA 191 -40.40 25.45 8.00
CA THR GA 191 -40.21 26.52 7.06
C THR GA 191 -41.55 26.78 6.38
N LYS GA 192 -41.60 27.83 5.57
CA LYS GA 192 -42.79 28.24 4.84
C LYS GA 192 -42.62 27.94 3.35
N GLY GA 193 -43.74 27.75 2.65
CA GLY GA 193 -43.72 27.66 1.21
C GLY GA 193 -44.78 28.57 0.62
N GLN GA 194 -44.65 28.85 -0.67
CA GLN GA 194 -45.62 29.67 -1.39
C GLN GA 194 -46.20 28.86 -2.53
N ILE GA 195 -47.47 29.12 -2.84
CA ILE GA 195 -48.19 28.40 -3.89
C ILE GA 195 -49.06 29.42 -4.63
N SER GA 196 -49.15 29.26 -5.94
CA SER GA 196 -50.13 29.96 -6.78
C SER GA 196 -51.05 28.89 -7.34
N LEU GA 197 -52.35 29.16 -7.29
CA LEU GA 197 -53.35 28.32 -7.93
C LEU GA 197 -54.13 29.17 -8.92
N ASN GA 198 -54.12 28.75 -10.17
CA ASN GA 198 -54.62 29.55 -11.27
C ASN GA 198 -55.81 28.81 -11.83
N VAL GA 199 -56.99 29.37 -11.59
CA VAL GA 199 -58.22 28.75 -12.02
C VAL GA 199 -58.31 28.89 -13.52
N ALA GA 200 -58.48 27.77 -14.22
CA ALA GA 200 -58.64 27.80 -15.67
C ALA GA 200 -59.95 27.19 -16.14
N LYS GA 201 -60.68 26.52 -15.27
CA LYS GA 201 -61.89 25.81 -15.67
C LYS GA 201 -62.85 25.94 -14.51
N VAL GA 202 -64.08 26.33 -14.82
CA VAL GA 202 -65.12 26.56 -13.82
C VAL GA 202 -66.40 25.95 -14.35
N ASP GA 203 -67.06 25.19 -13.51
CA ASP GA 203 -68.41 24.74 -13.73
C ASP GA 203 -69.30 25.51 -12.73
N GLY GA 204 -69.78 26.68 -13.15
CA GLY GA 204 -70.59 27.51 -12.25
C GLY GA 204 -71.80 26.81 -11.67
N ARG GA 205 -72.32 25.80 -12.38
CA ARG GA 205 -73.44 25.03 -11.85
C ARG GA 205 -73.04 24.26 -10.60
N THR GA 206 -72.10 23.34 -10.73
CA THR GA 206 -71.72 22.43 -9.67
C THR GA 206 -70.71 23.00 -8.69
N GLY GA 207 -70.16 24.18 -8.96
CA GLY GA 207 -69.12 24.74 -8.11
C GLY GA 207 -67.80 24.00 -8.14
N GLU GA 208 -67.53 23.26 -9.20
CA GLU GA 208 -66.25 22.63 -9.40
C GLU GA 208 -65.33 23.60 -10.12
N ILE GA 209 -64.07 23.65 -9.69
CA ILE GA 209 -63.05 24.39 -10.42
C ILE GA 209 -61.78 23.56 -10.54
N ALA GA 210 -60.95 23.97 -11.48
CA ALA GA 210 -59.74 23.23 -11.83
C ALA GA 210 -58.75 24.19 -12.46
N GLY GA 211 -57.48 23.84 -12.32
CA GLY GA 211 -56.46 24.70 -12.85
C GLY GA 211 -55.09 24.12 -12.69
N THR GA 212 -54.12 24.99 -12.73
CA THR GA 212 -52.73 24.62 -12.54
C THR GA 212 -52.21 25.29 -11.28
N PHE GA 213 -51.22 24.67 -10.68
CA PHE GA 213 -50.60 25.23 -9.48
C PHE GA 213 -49.10 25.18 -9.66
N GLU GA 214 -48.44 26.13 -9.02
CA GLU GA 214 -47.01 26.04 -8.81
C GLU GA 214 -46.75 26.34 -7.35
N SER GA 215 -45.85 25.58 -6.76
CA SER GA 215 -45.43 25.84 -5.40
C SER GA 215 -43.91 25.81 -5.32
N GLU GA 216 -43.42 26.46 -4.28
CA GLU GA 216 -42.00 26.52 -3.98
C GLU GA 216 -41.85 26.26 -2.50
N GLN GA 217 -40.91 25.39 -2.16
CA GLN GA 217 -40.66 24.97 -0.79
C GLN GA 217 -39.27 24.35 -0.75
N LEU GA 218 -38.83 24.05 0.46
CA LEU GA 218 -37.55 23.40 0.70
C LEU GA 218 -37.71 21.89 0.77
N SER GA 219 -36.61 21.19 0.46
CA SER GA 219 -36.56 19.75 0.64
C SER GA 219 -36.08 19.43 2.06
N ASP GA 220 -35.96 18.13 2.32
CA ASP GA 220 -35.48 17.57 3.57
C ASP GA 220 -34.06 18.04 3.89
N ASP GA 221 -33.84 18.46 5.14
CA ASP GA 221 -32.48 18.72 5.65
C ASP GA 221 -31.92 17.60 6.51
N ASP GA 222 -32.65 16.48 6.68
CA ASP GA 222 -32.21 15.31 7.46
C ASP GA 222 -31.98 15.73 8.92
N MET GA 223 -33.03 16.32 9.48
CA MET GA 223 -33.01 16.87 10.83
C MET GA 223 -31.71 17.63 11.11
N GLY GA 224 -31.37 18.52 10.20
CA GLY GA 224 -30.26 19.43 10.40
C GLY GA 224 -28.91 18.95 9.96
N ALA GA 225 -28.77 17.71 9.52
CA ALA GA 225 -27.48 17.23 9.10
C ALA GA 225 -26.96 17.89 7.82
N HIS GA 226 -27.82 18.40 6.94
CA HIS GA 226 -27.29 19.03 5.74
C HIS GA 226 -28.23 20.13 5.26
N GLU GA 227 -27.77 20.87 4.31
CA GLU GA 227 -28.58 21.99 3.87
C GLU GA 227 -29.68 21.48 2.94
N PRO GA 228 -30.85 22.09 2.98
CA PRO GA 228 -31.91 21.69 2.04
C PRO GA 228 -31.69 22.32 0.67
N HIS GA 229 -32.46 21.82 -0.27
CA HIS GA 229 -32.51 22.36 -1.62
C HIS GA 229 -33.82 23.11 -1.78
N GLU GA 230 -33.81 24.06 -2.68
CA GLU GA 230 -35.05 24.69 -3.09
C GLU GA 230 -35.73 23.83 -4.15
N VAL GA 231 -37.03 23.67 -4.02
CA VAL GA 231 -37.80 22.83 -4.89
C VAL GA 231 -38.96 23.63 -5.44
N LYS GA 232 -39.23 23.45 -6.72
CA LYS GA 232 -40.39 24.04 -7.37
C LYS GA 232 -41.26 22.91 -7.90
N ILE GA 233 -42.49 22.85 -7.44
CA ILE GA 233 -43.42 21.81 -7.85
C ILE GA 233 -44.51 22.45 -8.70
N GLN GA 234 -44.83 21.79 -9.81
CA GLN GA 234 -45.87 22.25 -10.73
C GLN GA 234 -46.84 21.11 -10.93
N GLY GA 235 -48.11 21.47 -11.12
CA GLY GA 235 -49.11 20.46 -11.41
C GLY GA 235 -50.47 21.09 -11.63
N VAL GA 236 -51.49 20.28 -11.39
CA VAL GA 236 -52.87 20.64 -11.58
C VAL GA 236 -53.64 20.43 -10.29
N PHE GA 237 -54.80 21.08 -10.22
CA PHE GA 237 -55.66 20.96 -9.06
C PHE GA 237 -57.11 20.92 -9.51
N TYR GA 238 -57.91 20.47 -8.58
CA TYR GA 238 -59.34 20.42 -8.68
C TYR GA 238 -59.85 20.81 -7.31
N ALA GA 239 -60.89 21.62 -7.25
CA ALA GA 239 -61.61 21.88 -6.01
C ALA GA 239 -63.10 21.90 -6.30
N SER GA 240 -63.89 21.48 -5.32
CA SER GA 240 -65.33 21.72 -5.32
C SER GA 240 -65.68 22.68 -4.19
N ILE GA 241 -66.51 23.67 -4.51
CA ILE GA 241 -67.02 24.66 -3.56
C ILE GA 241 -68.45 24.29 -3.19
N GLU GA 242 -68.76 24.40 -1.91
CA GLU GA 242 -70.10 24.19 -1.39
C GLU GA 242 -70.46 25.39 -0.52
N PRO GA 243 -71.68 25.90 -0.61
CA PRO GA 243 -72.16 26.80 0.44
C PRO GA 243 -72.03 26.14 1.81
N ALA GA 244 -71.72 26.94 2.82
CA ALA GA 244 -71.39 26.37 4.13
C ALA GA 244 -72.59 26.29 5.07
N FME HA 1 -10.03 2.04 -4.13
CN FME HA 1 -11.23 1.91 -4.74
O1 FME HA 1 -11.56 0.88 -5.35
CA FME HA 1 -9.06 0.99 -4.20
CB FME HA 1 -7.76 1.31 -3.44
CG FME HA 1 -8.04 1.82 -2.03
SD FME HA 1 -6.50 1.96 -1.10
CE FME HA 1 -5.48 2.53 -2.41
C FME HA 1 -9.54 -0.33 -3.62
O FME HA 1 -9.18 -1.44 -4.05
H FME HA 1 -9.80 2.86 -3.61
HCN FME HA 1 -11.88 2.81 -4.65
HA FME HA 1 -8.83 0.81 -5.29
HB2 FME HA 1 -7.18 2.07 -4.03
HB3 FME HA 1 -7.15 0.37 -3.40
HG2 FME HA 1 -8.73 1.13 -1.49
HG3 FME HA 1 -8.53 2.81 -2.07
HE1 FME HA 1 -4.53 2.87 -1.94
HE2 FME HA 1 -6.04 3.37 -2.89
HE3 FME HA 1 -5.34 1.67 -3.10
N GLU HA 2 -10.37 -0.20 -2.59
CA GLU HA 2 -10.90 -1.38 -1.92
C GLU HA 2 -11.93 -2.06 -2.85
N THR HA 3 -12.77 -1.28 -3.55
CA THR HA 3 -13.73 -1.87 -4.48
C THR HA 3 -13.00 -2.63 -5.60
N ILE HA 4 -12.00 -1.99 -6.19
CA ILE HA 4 -11.22 -2.61 -7.24
C ILE HA 4 -10.66 -3.93 -6.77
N THR HA 5 -10.18 -3.98 -5.53
CA THR HA 5 -9.51 -5.16 -4.99
C THR HA 5 -10.47 -6.33 -4.85
N TYR HA 6 -11.64 -6.10 -4.24
CA TYR HA 6 -12.64 -7.16 -4.13
C TYR HA 6 -13.07 -7.68 -5.51
N VAL HA 7 -13.20 -6.79 -6.49
CA VAL HA 7 -13.66 -7.19 -7.82
C VAL HA 7 -12.57 -7.94 -8.56
N PHE HA 8 -11.32 -7.53 -8.33
CA PHE HA 8 -10.22 -8.25 -8.93
C PHE HA 8 -10.20 -9.70 -8.44
N ILE HA 9 -10.28 -9.88 -7.12
CA ILE HA 9 -10.19 -11.25 -6.59
C ILE HA 9 -11.36 -12.09 -7.10
N PHE HA 10 -12.57 -11.51 -7.09
CA PHE HA 10 -13.74 -12.23 -7.60
C PHE HA 10 -13.51 -12.62 -9.05
N ALA HA 11 -12.97 -11.70 -9.84
CA ALA HA 11 -12.70 -11.96 -11.25
C ALA HA 11 -11.68 -13.08 -11.46
N CYS HA 12 -10.63 -13.13 -10.62
CA CYS HA 12 -9.68 -14.24 -10.71
C CYS HA 12 -10.32 -15.59 -10.45
N ILE HA 13 -11.24 -15.66 -9.48
CA ILE HA 13 -11.90 -16.92 -9.18
C ILE HA 13 -12.70 -17.41 -10.38
N ILE HA 14 -13.40 -16.49 -11.04
CA ILE HA 14 -14.20 -16.88 -12.19
C ILE HA 14 -13.31 -17.42 -13.30
N ALA HA 15 -12.12 -16.83 -13.45
CA ALA HA 15 -11.17 -17.36 -14.43
C ALA HA 15 -10.62 -18.71 -14.00
N LEU HA 16 -10.43 -18.92 -12.70
CA LEU HA 16 -10.01 -20.24 -12.19
C LEU HA 16 -11.03 -21.30 -12.54
N PHE HA 17 -12.32 -21.01 -12.26
CA PHE HA 17 -13.40 -21.91 -12.67
C PHE HA 17 -13.28 -22.35 -14.12
N PHE HA 18 -13.02 -21.41 -15.03
CA PHE HA 18 -12.95 -21.73 -16.45
C PHE HA 18 -11.83 -22.75 -16.75
N PHE HA 19 -10.63 -22.51 -16.20
CA PHE HA 19 -9.52 -23.42 -16.45
C PHE HA 19 -9.69 -24.73 -15.73
N ALA HA 20 -10.31 -24.71 -14.54
CA ALA HA 20 -10.40 -25.96 -13.80
C ALA HA 20 -11.38 -26.91 -14.47
N ILE HA 21 -12.31 -26.39 -15.27
CA ILE HA 21 -13.29 -27.19 -15.96
C ILE HA 21 -12.75 -27.61 -17.32
N PHE HA 22 -12.47 -26.61 -18.14
CA PHE HA 22 -12.13 -26.83 -19.53
C PHE HA 22 -10.67 -27.23 -19.73
N PHE HA 23 -9.79 -26.84 -18.82
CA PHE HA 23 -8.39 -27.24 -18.88
C PHE HA 23 -8.00 -28.07 -17.66
N ARG HA 24 -8.84 -29.04 -17.32
CA ARG HA 24 -8.48 -29.94 -16.25
C ARG HA 24 -7.50 -31.00 -16.71
N GLU HA 25 -6.87 -31.67 -15.75
CA GLU HA 25 -6.29 -32.99 -15.98
C GLU HA 25 -7.41 -33.93 -16.38
N PRO HA 26 -7.42 -34.46 -17.59
CA PRO HA 26 -8.52 -35.35 -18.00
C PRO HA 26 -8.44 -36.67 -17.28
N PRO HA 27 -9.56 -37.18 -16.78
CA PRO HA 27 -9.52 -38.47 -16.12
C PRO HA 27 -9.47 -39.58 -17.16
N ARG HA 28 -8.58 -40.54 -16.99
CA ARG HA 28 -8.46 -41.66 -17.90
C ARG HA 28 -8.53 -42.95 -17.09
N ILE HA 29 -8.69 -44.08 -17.80
CA ILE HA 29 -8.92 -45.36 -17.13
C ILE HA 29 -7.68 -46.25 -17.15
N THR HA 30 -6.76 -46.02 -16.21
CA THR HA 30 -5.46 -46.70 -16.19
C THR HA 30 -5.59 -48.17 -15.77
N GLU IA 1 -24.19 26.25 20.04
CA GLU IA 1 -25.33 26.77 19.28
C GLU IA 1 -26.42 25.72 19.05
N LEU IA 2 -26.04 24.44 19.12
CA LEU IA 2 -26.88 23.33 18.70
C LEU IA 2 -27.40 22.57 19.90
N VAL IA 3 -28.72 22.59 20.10
CA VAL IA 3 -29.28 21.91 21.25
C VAL IA 3 -30.40 20.98 20.83
N ASN IA 4 -30.55 19.91 21.56
CA ASN IA 4 -31.71 19.04 21.47
C ASN IA 4 -32.83 19.72 22.22
N VAL IA 5 -33.89 20.12 21.50
CA VAL IA 5 -34.97 20.90 22.09
C VAL IA 5 -35.84 20.08 23.03
N VAL IA 6 -35.82 18.75 22.93
CA VAL IA 6 -36.66 17.98 23.83
C VAL IA 6 -35.95 17.83 25.17
N ASP IA 7 -34.64 17.61 25.12
CA ASP IA 7 -33.90 17.57 26.37
C ASP IA 7 -34.01 18.90 27.11
N GLU IA 8 -33.87 20.00 26.38
CA GLU IA 8 -34.05 21.32 27.00
C GLU IA 8 -35.42 21.49 27.63
N LYS IA 9 -36.46 20.89 27.03
CA LYS IA 9 -37.79 21.04 27.61
C LYS IA 9 -37.92 20.31 28.92
N LEU IA 10 -37.19 19.18 29.07
CA LEU IA 10 -37.26 18.44 30.31
C LEU IA 10 -36.74 19.25 31.50
N GLY IA 11 -35.96 20.30 31.26
CA GLY IA 11 -35.50 21.16 32.33
C GLY IA 11 -36.45 22.29 32.67
N THR IA 12 -37.50 22.47 31.87
CA THR IA 12 -38.60 23.37 32.15
C THR IA 12 -39.68 22.64 32.94
N ALA IA 13 -40.84 23.31 33.12
CA ALA IA 13 -41.99 22.73 33.81
C ALA IA 13 -42.63 21.56 33.06
N TYR IA 14 -42.42 21.47 31.74
CA TYR IA 14 -42.81 20.28 30.99
C TYR IA 14 -42.27 19.01 31.65
N GLY IA 15 -41.06 19.09 32.23
CA GLY IA 15 -40.43 17.96 32.89
C GLY IA 15 -41.10 17.52 34.19
N GLU IA 16 -41.94 18.37 34.80
CA GLU IA 16 -42.56 18.04 36.09
C GLU IA 16 -44.07 18.00 36.05
N LYS IA 17 -44.70 18.84 35.24
CA LYS IA 17 -46.15 18.97 35.22
C LYS IA 17 -46.66 18.59 33.84
N ILE IA 18 -47.98 18.47 33.73
CA ILE IA 18 -48.61 18.29 32.42
C ILE IA 18 -48.63 19.64 31.73
N ASP IA 19 -47.96 19.73 30.60
CA ASP IA 19 -47.88 20.95 29.81
C ASP IA 19 -49.07 20.97 28.83
N LEU IA 20 -50.06 21.82 29.12
CA LEU IA 20 -51.26 21.92 28.30
C LEU IA 20 -50.98 22.26 26.85
N ASN IA 21 -49.86 22.90 26.57
CA ASN IA 21 -49.51 23.24 25.20
C ASN IA 21 -48.71 22.15 24.50
N ASN IA 22 -48.18 21.16 25.23
CA ASN IA 22 -47.15 20.30 24.66
C ASN IA 22 -47.30 18.81 24.95
N THR IA 23 -47.76 18.43 26.14
CA THR IA 23 -47.71 17.03 26.55
C THR IA 23 -48.67 16.16 25.76
N ASN IA 24 -48.30 14.88 25.61
CA ASN IA 24 -49.15 13.90 24.96
C ASN IA 24 -50.40 13.61 25.82
N ILE IA 25 -51.50 13.29 25.14
CA ILE IA 25 -52.81 13.20 25.77
C ILE IA 25 -52.92 12.04 26.76
N ALA IA 26 -52.02 11.07 26.70
CA ALA IA 26 -52.01 9.97 27.64
C ALA IA 26 -51.60 10.38 29.04
N ALA IA 27 -50.84 11.47 29.18
CA ALA IA 27 -50.42 11.92 30.49
C ALA IA 27 -51.62 12.27 31.40
N PHE IA 28 -52.73 12.70 30.82
CA PHE IA 28 -53.94 13.11 31.57
C PHE IA 28 -54.63 11.95 32.23
N ILE IA 29 -54.17 10.73 32.00
CA ILE IA 29 -54.64 9.57 32.71
C ILE IA 29 -54.16 9.54 34.14
N GLN IA 30 -53.16 10.38 34.45
CA GLN IA 30 -52.49 10.39 35.74
C GLN IA 30 -53.38 10.87 36.86
N TYR IA 31 -54.36 11.71 36.54
CA TYR IA 31 -55.23 12.31 37.54
C TYR IA 31 -56.68 12.00 37.24
N ARG IA 32 -57.47 11.90 38.30
CA ARG IA 32 -58.83 11.40 38.19
C ARG IA 32 -59.72 12.39 37.44
N GLY IA 33 -60.55 11.84 36.57
CA GLY IA 33 -61.57 12.63 35.89
C GLY IA 33 -61.18 13.33 34.61
N LEU IA 34 -59.89 13.36 34.26
CA LEU IA 34 -59.47 14.13 33.10
C LEU IA 34 -59.61 13.35 31.80
N TYR IA 35 -59.66 12.02 31.86
CA TYR IA 35 -59.47 11.23 30.65
C TYR IA 35 -60.70 10.39 30.32
N PRO IA 36 -61.15 10.39 29.06
CA PRO IA 36 -60.65 11.11 27.88
C PRO IA 36 -61.31 12.45 27.54
N THR IA 37 -62.49 12.68 28.12
CA THR IA 37 -63.35 13.78 27.69
C THR IA 37 -62.63 15.12 27.76
N LEU IA 38 -62.12 15.48 28.95
CA LEU IA 38 -61.50 16.78 29.10
C LEU IA 38 -60.11 16.83 28.47
N ALA IA 39 -59.36 15.73 28.50
CA ALA IA 39 -58.07 15.70 27.82
C ALA IA 39 -58.21 16.09 26.37
N LYS IA 40 -59.23 15.57 25.70
CA LYS IA 40 -59.48 15.92 24.31
C LYS IA 40 -59.78 17.41 24.17
N LEU IA 41 -60.65 17.95 25.03
CA LEU IA 41 -60.96 19.38 24.94
C LEU IA 41 -59.73 20.23 25.19
N ILE IA 42 -58.95 19.87 26.19
CA ILE IA 42 -57.75 20.66 26.46
C ILE IA 42 -56.87 20.69 25.22
N VAL IA 43 -56.71 19.53 24.58
CA VAL IA 43 -55.80 19.46 23.44
C VAL IA 43 -56.37 20.19 22.25
N LYS IA 44 -57.65 20.00 21.96
CA LYS IA 44 -58.25 20.66 20.81
C LYS IA 44 -58.12 22.19 20.93
N ASN IA 45 -58.26 22.74 22.13
CA ASN IA 45 -58.22 24.19 22.33
C ASN IA 45 -56.85 24.69 22.76
N ALA IA 46 -55.80 23.99 22.36
CA ALA IA 46 -54.60 23.77 23.17
C ALA IA 46 -53.66 24.93 23.36
N PRO IA 47 -53.52 25.83 22.44
CA PRO IA 47 -52.57 26.93 22.71
C PRO IA 47 -53.17 27.91 23.72
N TYR IA 48 -52.77 27.80 25.00
CA TYR IA 48 -53.17 28.68 26.09
C TYR IA 48 -52.00 29.55 26.54
N GLU IA 49 -52.29 30.79 26.96
CA GLU IA 49 -51.25 31.66 27.47
C GLU IA 49 -50.98 31.43 28.94
N SER IA 50 -51.99 30.96 29.67
CA SER IA 50 -51.90 30.74 31.11
C SER IA 50 -52.70 29.51 31.43
N VAL IA 51 -52.28 28.78 32.46
CA VAL IA 51 -52.96 27.55 32.82
C VAL IA 51 -54.44 27.79 33.11
N GLU IA 52 -54.79 28.99 33.61
CA GLU IA 52 -56.17 29.23 34.06
C GLU IA 52 -57.09 29.51 32.89
N ASP IA 53 -56.52 29.88 31.74
CA ASP IA 53 -57.29 30.02 30.52
C ASP IA 53 -58.02 28.74 30.19
N VAL IA 54 -57.61 27.62 30.77
CA VAL IA 54 -58.29 26.38 30.50
C VAL IA 54 -59.67 26.32 31.14
N LEU IA 55 -59.99 27.21 32.09
CA LEU IA 55 -61.32 27.21 32.67
C LEU IA 55 -62.34 27.91 31.79
N ASN IA 56 -61.86 28.65 30.80
CA ASN IA 56 -62.69 29.33 29.83
C ASN IA 56 -62.99 28.51 28.59
N ILE IA 57 -62.76 27.21 28.63
CA ILE IA 57 -63.01 26.45 27.41
C ILE IA 57 -64.51 26.40 27.16
N PRO IA 58 -64.97 26.85 25.99
CA PRO IA 58 -66.41 26.85 25.71
C PRO IA 58 -67.03 25.49 25.95
N GLY IA 59 -68.08 25.46 26.76
CA GLY IA 59 -68.85 24.27 26.94
C GLY IA 59 -68.65 23.49 28.22
N LEU IA 60 -67.60 23.76 28.99
CA LEU IA 60 -67.38 22.98 30.21
C LEU IA 60 -68.69 22.87 30.97
N THR IA 61 -68.87 21.79 31.71
CA THR IA 61 -69.93 21.77 32.69
C THR IA 61 -69.40 22.30 34.03
N GLU IA 62 -70.32 22.57 34.96
CA GLU IA 62 -69.88 23.05 36.26
C GLU IA 62 -69.05 21.98 36.95
N ARG IA 63 -69.33 20.70 36.70
CA ARG IA 63 -68.51 19.66 37.31
C ARG IA 63 -67.14 19.60 36.65
N GLN IA 64 -67.08 19.88 35.34
CA GLN IA 64 -65.82 19.89 34.60
C GLN IA 64 -64.92 21.01 35.08
N LYS IA 65 -65.46 22.23 35.24
CA LYS IA 65 -64.65 23.32 35.77
C LYS IA 65 -64.13 22.99 37.15
N GLN IA 66 -64.90 22.23 37.93
CA GLN IA 66 -64.42 21.86 39.24
C GLN IA 66 -63.25 20.89 39.13
N ILE IA 67 -63.42 19.84 38.32
CA ILE IA 67 -62.36 18.86 38.10
C ILE IA 67 -61.09 19.55 37.63
N LEU IA 68 -61.26 20.53 36.75
CA LEU IA 68 -60.11 21.29 36.27
C LEU IA 68 -59.49 22.11 37.41
N ARG IA 69 -60.32 22.75 38.23
CA ARG IA 69 -59.77 23.56 39.30
C ARG IA 69 -59.00 22.69 40.30
N GLU IA 70 -59.47 21.47 40.54
CA GLU IA 70 -58.76 20.53 41.40
C GLU IA 70 -57.39 20.12 40.84
N ASN IA 71 -57.16 20.29 39.54
CA ASN IA 71 -55.93 19.80 38.92
C ASN IA 71 -55.10 20.90 38.28
N LEU IA 72 -55.49 22.17 38.45
CA LEU IA 72 -54.59 23.22 38.02
C LEU IA 72 -53.20 23.05 38.61
N GLU IA 73 -53.12 22.60 39.87
CA GLU IA 73 -51.79 22.43 40.46
C GLU IA 73 -50.94 21.44 39.66
N HIS IA 74 -51.59 20.57 38.88
CA HIS IA 74 -50.89 19.57 38.07
C HIS IA 74 -50.58 20.05 36.65
N PHE IA 75 -50.96 21.27 36.26
CA PHE IA 75 -50.81 21.72 34.88
C PHE IA 75 -49.74 22.80 34.81
N THR IA 76 -49.14 22.95 33.63
CA THR IA 76 -48.29 24.08 33.35
C THR IA 76 -48.50 24.48 31.90
N VAL IA 77 -47.92 25.61 31.51
CA VAL IA 77 -47.84 25.97 30.11
C VAL IA 77 -46.41 26.44 29.86
N THR IA 78 -45.83 25.94 28.79
CA THR IA 78 -44.61 26.49 28.24
C THR IA 78 -44.89 26.78 26.77
N GLU IA 79 -43.98 27.50 26.17
CA GLU IA 79 -44.08 27.76 24.75
C GLU IA 79 -44.26 26.47 23.98
N VAL IA 80 -45.11 26.51 22.95
CA VAL IA 80 -45.34 25.36 22.09
C VAL IA 80 -44.03 24.96 21.43
N GLU IA 81 -43.69 23.67 21.52
CA GLU IA 81 -42.49 23.15 20.88
C GLU IA 81 -42.91 22.36 19.64
N THR IA 82 -42.44 22.81 18.47
CA THR IA 82 -42.86 22.23 17.20
C THR IA 82 -42.66 20.72 17.14
N ALA IA 83 -41.53 20.22 17.63
CA ALA IA 83 -41.25 18.79 17.56
C ALA IA 83 -42.13 17.96 18.49
N LEU IA 84 -42.87 18.59 19.41
CA LEU IA 84 -43.71 17.79 20.28
C LEU IA 84 -45.14 17.74 19.81
N VAL IA 85 -45.56 18.72 19.03
CA VAL IA 85 -46.95 18.87 18.65
C VAL IA 85 -47.20 18.55 17.18
N GLU IA 86 -46.16 18.54 16.34
CA GLU IA 86 -46.34 18.11 14.96
C GLU IA 86 -46.56 16.60 14.87
N GLY IA 87 -46.96 16.16 13.68
CA GLY IA 87 -47.17 14.75 13.41
C GLY IA 87 -48.32 14.13 14.14
N GLY IA 88 -49.22 14.94 14.71
CA GLY IA 88 -50.24 14.38 15.58
C GLY IA 88 -49.68 13.79 16.84
N ASP IA 89 -48.41 14.08 17.17
CA ASP IA 89 -47.76 13.40 18.29
C ASP IA 89 -48.46 13.67 19.62
N ARG IA 90 -49.17 14.78 19.77
CA ARG IA 90 -49.96 14.92 20.99
C ARG IA 90 -51.05 13.86 21.13
N TYR IA 91 -51.51 13.25 20.04
CA TYR IA 91 -52.51 12.19 20.17
C TYR IA 91 -51.89 10.81 20.23
N ASN IA 92 -50.74 10.62 19.63
CA ASN IA 92 -50.08 9.33 19.62
C ASN IA 92 -48.61 9.63 19.34
N ASN IA 93 -47.75 9.40 20.34
CA ASN IA 93 -46.35 9.79 20.27
C ASN IA 93 -45.43 8.58 20.06
N GLY IA 94 -45.98 7.45 19.63
CA GLY IA 94 -45.20 6.28 19.32
C GLY IA 94 -44.89 5.39 20.49
N LEU IA 95 -45.31 5.79 21.69
CA LEU IA 95 -45.10 5.04 22.91
C LEU IA 95 -46.38 4.32 23.28
N TYR IA 96 -46.30 3.02 23.45
CA TYR IA 96 -47.38 2.22 24.02
C TYR IA 96 -46.91 1.68 25.34
N LYS IA 97 -47.06 0.39 25.64
CA LYS IA 97 -46.41 -0.17 26.80
C LYS IA 97 -44.93 -0.43 26.47
N ALA JA 1 -42.68 -18.79 49.41
CA ALA JA 1 -43.91 -17.97 49.38
C ALA JA 1 -45.06 -18.90 49.10
N GLU JA 2 -46.28 -18.50 49.44
CA GLU JA 2 -47.44 -19.31 49.13
C GLU JA 2 -48.66 -18.40 49.02
N LEU JA 3 -49.76 -18.98 48.53
CA LEU JA 3 -50.99 -18.23 48.29
C LEU JA 3 -51.81 -18.27 49.57
N THR JA 4 -51.80 -17.16 50.29
CA THR JA 4 -52.31 -17.12 51.65
C THR JA 4 -53.52 -16.20 51.72
N PRO JA 5 -54.38 -16.40 52.72
CA PRO JA 5 -55.57 -15.56 52.85
C PRO JA 5 -55.26 -14.08 52.89
N GLU JA 6 -54.08 -13.70 53.36
CA GLU JA 6 -53.78 -12.28 53.40
C GLU JA 6 -53.52 -11.73 52.00
N VAL JA 7 -52.87 -12.54 51.13
CA VAL JA 7 -52.75 -12.19 49.72
C VAL JA 7 -54.12 -12.12 49.07
N LEU JA 8 -54.95 -13.10 49.37
CA LEU JA 8 -56.27 -13.28 48.80
C LEU JA 8 -57.33 -12.40 49.45
N THR JA 9 -56.94 -11.30 50.07
CA THR JA 9 -57.88 -10.38 50.72
C THR JA 9 -57.83 -9.05 49.98
N VAL JA 10 -58.94 -8.68 49.32
CA VAL JA 10 -59.00 -7.47 48.51
C VAL JA 10 -60.22 -6.64 48.92
N PRO JA 11 -60.22 -5.35 48.55
CA PRO JA 11 -61.38 -4.50 48.79
C PRO JA 11 -62.65 -5.04 48.12
N LEU JA 12 -63.70 -5.14 48.93
CA LEU JA 12 -65.02 -5.45 48.42
C LEU JA 12 -65.67 -4.21 47.80
N ASN JA 13 -65.61 -3.09 48.49
CA ASN JA 13 -66.20 -1.85 48.07
C ASN JA 13 -65.23 -0.73 48.39
N SER JA 14 -65.65 0.49 48.15
CA SER JA 14 -64.76 1.60 48.46
C SER JA 14 -64.88 2.05 49.91
N GLU JA 15 -65.92 1.60 50.62
CA GLU JA 15 -66.06 1.91 52.03
C GLU JA 15 -64.84 1.50 52.85
N GLY JA 16 -64.06 0.54 52.35
CA GLY JA 16 -63.01 -0.08 53.12
C GLY JA 16 -63.29 -1.53 53.46
N LYS JA 17 -64.56 -1.92 53.48
CA LYS JA 17 -64.94 -3.32 53.56
C LYS JA 17 -64.04 -4.15 52.67
N THR JA 18 -63.57 -5.28 53.19
CA THR JA 18 -62.76 -6.19 52.39
C THR JA 18 -63.44 -7.55 52.39
N ILE JA 19 -62.84 -8.48 51.66
CA ILE JA 19 -63.36 -9.83 51.50
C ILE JA 19 -62.18 -10.75 51.23
N THR JA 20 -62.32 -12.01 51.60
CA THR JA 20 -61.22 -12.95 51.48
C THR JA 20 -61.63 -14.13 50.63
N LEU JA 21 -60.77 -14.44 49.68
CA LEU JA 21 -61.02 -15.41 48.64
C LEU JA 21 -60.28 -16.69 48.97
N THR JA 22 -60.80 -17.80 48.45
CA THR JA 22 -60.16 -19.10 48.55
C THR JA 22 -59.20 -19.32 47.38
N GLU JA 23 -58.27 -20.27 47.56
CA GLU JA 23 -57.46 -20.69 46.43
C GLU JA 23 -58.36 -20.95 45.23
N LYS JA 24 -59.47 -21.66 45.47
CA LYS JA 24 -60.34 -22.13 44.38
C LYS JA 24 -60.93 -20.96 43.58
N GLN JA 25 -61.33 -19.90 44.26
CA GLN JA 25 -61.93 -18.78 43.54
C GLN JA 25 -60.88 -18.02 42.73
N TYR JA 26 -59.71 -17.79 43.31
CA TYR JA 26 -58.66 -17.11 42.56
C TYR JA 26 -58.30 -17.89 41.31
N LEU JA 27 -58.18 -19.21 41.41
CA LEU JA 27 -57.89 -20.03 40.24
C LEU JA 27 -59.05 -20.02 39.24
N GLU JA 28 -60.28 -20.13 39.74
CA GLU JA 28 -61.46 -19.92 38.91
C GLU JA 28 -61.38 -18.59 38.16
N GLY JA 29 -61.07 -17.52 38.90
CA GLY JA 29 -60.96 -16.22 38.29
C GLY JA 29 -59.89 -16.14 37.22
N LYS JA 30 -58.76 -16.83 37.42
CA LYS JA 30 -57.71 -16.87 36.40
C LYS JA 30 -58.21 -17.61 35.16
N ARG JA 31 -58.72 -18.83 35.33
CA ARG JA 31 -59.32 -19.56 34.23
C ARG JA 31 -60.33 -18.68 33.47
N LEU JA 32 -61.15 -17.93 34.19
CA LEU JA 32 -62.23 -17.22 33.51
C LEU JA 32 -61.70 -15.97 32.81
N PHE JA 33 -60.80 -15.24 33.47
CA PHE JA 33 -60.09 -14.13 32.84
C PHE JA 33 -59.42 -14.57 31.55
N GLN JA 34 -58.83 -15.77 31.54
CA GLN JA 34 -58.22 -16.30 30.31
C GLN JA 34 -59.29 -16.55 29.25
N TYR JA 35 -60.43 -17.12 29.66
CA TYR JA 35 -61.52 -17.43 28.73
C TYR JA 35 -62.05 -16.18 28.06
N ALA JA 36 -62.35 -15.15 28.85
CA ALA JA 36 -63.13 -14.03 28.37
C ALA JA 36 -62.35 -12.72 28.23
N CYS JA 37 -61.14 -12.63 28.73
CA CYS JA 37 -60.53 -11.29 28.84
C CYS JA 37 -59.11 -11.24 28.31
N ALA JA 38 -58.41 -12.35 28.34
CA ALA JA 38 -56.96 -12.28 28.21
C ALA JA 38 -56.55 -11.99 26.78
N SER JA 39 -57.42 -12.31 25.81
CA SER JA 39 -57.17 -11.95 24.41
C SER JA 39 -56.82 -10.47 24.28
N CYS JA 40 -57.43 -9.61 25.11
CA CYS JA 40 -57.02 -8.21 25.10
C CYS JA 40 -56.19 -7.80 26.30
N HIS JA 41 -56.29 -8.49 27.44
CA HIS JA 41 -55.69 -7.98 28.68
C HIS JA 41 -54.56 -8.83 29.25
N VAL JA 42 -54.02 -9.77 28.49
CA VAL JA 42 -52.95 -10.61 28.99
C VAL JA 42 -51.96 -9.81 29.85
N GLY JA 43 -51.66 -10.35 31.04
CA GLY JA 43 -50.70 -9.75 31.97
C GLY JA 43 -51.04 -8.37 32.46
N GLY JA 44 -52.30 -7.93 32.31
CA GLY JA 44 -52.77 -6.68 32.85
C GLY JA 44 -52.61 -5.46 31.98
N ILE JA 45 -52.18 -5.63 30.73
CA ILE JA 45 -52.19 -4.50 29.79
C ILE JA 45 -53.52 -4.52 29.04
N THR JA 46 -53.65 -3.65 28.05
CA THR JA 46 -54.80 -3.68 27.14
C THR JA 46 -54.28 -3.50 25.71
N LYS JA 47 -54.29 -4.58 24.94
CA LYS JA 47 -53.71 -4.57 23.60
C LYS JA 47 -54.35 -3.54 22.68
N THR JA 48 -55.66 -3.36 22.78
CA THR JA 48 -56.36 -2.48 21.84
C THR JA 48 -56.38 -1.05 22.31
N ASN JA 49 -55.78 -0.77 23.44
CA ASN JA 49 -55.61 0.58 23.93
C ASN JA 49 -54.60 0.54 25.05
N PRO JA 50 -53.30 0.55 24.72
CA PRO JA 50 -52.27 0.35 25.77
C PRO JA 50 -52.26 1.42 26.83
N SER JA 51 -52.89 2.58 26.62
CA SER JA 51 -52.82 3.67 27.60
C SER JA 51 -53.52 3.31 28.91
N LEU JA 52 -54.36 2.30 28.90
CA LEU JA 52 -55.15 1.90 30.04
C LEU JA 52 -54.78 0.47 30.37
N ASP JA 53 -54.35 0.25 31.61
CA ASP JA 53 -53.99 -1.07 32.09
C ASP JA 53 -54.90 -1.40 33.25
N LEU JA 54 -54.64 -2.54 33.87
CA LEU JA 54 -55.43 -3.05 34.99
C LEU JA 54 -54.66 -2.97 36.30
N ARG JA 55 -53.57 -2.19 36.34
CA ARG JA 55 -52.91 -1.93 37.62
C ARG JA 55 -53.94 -1.37 38.61
N THR JA 56 -53.83 -1.80 39.85
CA THR JA 56 -54.74 -1.30 40.87
C THR JA 56 -54.63 0.22 41.01
N GLU JA 57 -53.45 0.81 40.80
CA GLU JA 57 -53.37 2.26 40.89
C GLU JA 57 -54.17 2.92 39.78
N THR JA 58 -54.14 2.34 38.58
CA THR JA 58 -54.96 2.86 37.49
C THR JA 58 -56.43 2.75 37.82
N LEU JA 59 -56.86 1.56 38.25
CA LEU JA 59 -58.25 1.30 38.59
C LEU JA 59 -58.73 2.24 39.69
N ALA JA 60 -57.87 2.53 40.65
CA ALA JA 60 -58.25 3.38 41.78
C ALA JA 60 -58.64 4.76 41.30
N LEU JA 61 -57.96 5.27 40.29
CA LEU JA 61 -58.19 6.62 39.82
C LEU JA 61 -59.22 6.67 38.71
N ALA JA 62 -59.87 5.55 38.40
CA ALA JA 62 -60.99 5.64 37.45
C ALA JA 62 -62.24 6.19 38.14
N THR JA 63 -63.12 6.72 37.32
CA THR JA 63 -64.40 7.23 37.75
C THR JA 63 -65.53 6.40 37.17
N PRO JA 64 -66.35 5.74 38.00
CA PRO JA 64 -66.14 5.52 39.42
C PRO JA 64 -64.87 4.69 39.67
N PRO JA 65 -64.44 4.58 40.93
CA PRO JA 65 -63.23 3.79 41.24
C PRO JA 65 -63.48 2.31 41.08
N ARG JA 66 -62.42 1.60 40.69
CA ARG JA 66 -62.52 0.19 40.32
C ARG JA 66 -61.44 -0.66 40.98
N ASP JA 67 -60.76 -0.15 41.98
CA ASP JA 67 -59.82 -0.98 42.75
C ASP JA 67 -60.54 -1.79 43.80
N ASN JA 68 -61.74 -2.28 43.47
CA ASN JA 68 -62.56 -3.04 44.42
C ASN JA 68 -63.54 -3.88 43.63
N ILE JA 69 -64.01 -4.96 44.26
CA ILE JA 69 -64.75 -5.97 43.54
C ILE JA 69 -66.08 -5.43 43.02
N GLU JA 70 -66.75 -4.59 43.81
CA GLU JA 70 -68.07 -4.13 43.41
C GLU JA 70 -67.98 -3.29 42.15
N GLY JA 71 -67.08 -2.29 42.14
CA GLY JA 71 -66.91 -1.46 40.96
C GLY JA 71 -66.33 -2.19 39.76
N LEU JA 72 -65.58 -3.28 39.98
CA LEU JA 72 -65.15 -4.08 38.84
C LEU JA 72 -66.30 -4.92 38.31
N VAL JA 73 -67.10 -5.48 39.21
CA VAL JA 73 -68.30 -6.20 38.78
C VAL JA 73 -69.23 -5.26 38.03
N ASP JA 74 -69.42 -4.06 38.56
CA ASP JA 74 -70.26 -3.11 37.86
C ASP JA 74 -69.68 -2.78 36.49
N TYR JA 75 -68.34 -2.75 36.39
CA TYR JA 75 -67.72 -2.42 35.11
C TYR JA 75 -67.97 -3.51 34.10
N MET JA 76 -67.93 -4.78 34.54
CA MET JA 76 -68.29 -5.88 33.67
C MET JA 76 -69.77 -5.92 33.36
N LYS JA 77 -70.62 -5.26 34.17
CA LYS JA 77 -72.05 -5.18 33.83
C LYS JA 77 -72.30 -4.02 32.87
N ASN JA 78 -71.74 -2.85 33.17
CA ASN JA 78 -72.06 -1.63 32.45
C ASN JA 78 -70.82 -0.76 32.35
N PRO JA 79 -69.87 -1.14 31.47
CA PRO JA 79 -68.58 -0.44 31.41
C PRO JA 79 -68.68 1.01 30.96
N THR JA 80 -67.71 1.81 31.40
CA THR JA 80 -67.65 3.23 31.05
C THR JA 80 -66.22 3.63 30.74
N THR JA 81 -66.08 4.84 30.21
CA THR JA 81 -64.76 5.40 29.99
C THR JA 81 -64.12 5.75 31.34
N TYR JA 82 -62.82 6.03 31.29
CA TYR JA 82 -62.05 6.21 32.52
C TYR JA 82 -62.62 7.33 33.37
N ASP JA 83 -63.26 8.31 32.74
CA ASP JA 83 -63.81 9.44 33.46
C ASP JA 83 -65.27 9.25 33.81
N GLY JA 84 -65.85 8.12 33.42
CA GLY JA 84 -67.22 7.78 33.72
C GLY JA 84 -68.26 8.47 32.86
N GLU JA 85 -67.85 9.34 31.93
CA GLU JA 85 -68.80 10.14 31.18
C GLU JA 85 -69.49 9.37 30.05
N GLN JA 86 -68.99 8.21 29.65
CA GLN JA 86 -69.62 7.51 28.55
C GLN JA 86 -69.63 6.02 28.81
N GLU JA 87 -70.72 5.39 28.44
CA GLU JA 87 -70.87 3.96 28.54
C GLU JA 87 -70.34 3.32 27.27
N ILE JA 88 -69.72 2.14 27.39
CA ILE JA 88 -68.99 1.60 26.24
C ILE JA 88 -69.32 0.12 26.03
N ALA JA 89 -70.44 -0.34 26.59
CA ALA JA 89 -70.92 -1.70 26.33
C ALA JA 89 -70.96 -2.03 24.84
N GLU JA 90 -71.16 -1.03 23.99
CA GLU JA 90 -71.24 -1.30 22.56
C GLU JA 90 -69.95 -1.88 22.02
N VAL JA 91 -68.80 -1.58 22.65
CA VAL JA 91 -67.51 -2.03 22.14
C VAL JA 91 -66.67 -2.69 23.23
N HIS JA 92 -67.24 -2.88 24.42
CA HIS JA 92 -66.48 -3.56 25.45
C HIS JA 92 -67.36 -4.67 26.00
N PRO JA 93 -66.85 -5.91 26.08
CA PRO JA 93 -67.70 -7.00 26.56
C PRO JA 93 -68.28 -6.70 27.94
N SER JA 94 -69.56 -6.98 28.09
CA SER JA 94 -70.26 -6.74 29.33
C SER JA 94 -71.53 -7.60 29.32
N LEU JA 95 -72.10 -7.76 30.51
CA LEU JA 95 -73.38 -8.47 30.59
C LEU JA 95 -74.46 -7.70 29.87
N ARG JA 96 -74.38 -6.37 29.90
CA ARG JA 96 -75.28 -5.54 29.11
C ARG JA 96 -75.17 -5.88 27.64
N SER JA 97 -74.00 -6.36 27.18
CA SER JA 97 -73.76 -6.65 25.77
C SER JA 97 -73.45 -8.12 25.52
N ALA JA 98 -74.04 -9.01 26.31
CA ALA JA 98 -73.89 -10.44 26.07
C ALA JA 98 -74.38 -10.89 24.68
N ASP JA 99 -75.23 -10.12 24.00
CA ASP JA 99 -75.69 -10.58 22.69
C ASP JA 99 -74.57 -10.53 21.66
N ILE JA 100 -73.83 -9.40 21.61
CA ILE JA 100 -72.72 -9.26 20.67
C ILE JA 100 -71.38 -9.70 21.23
N PHE JA 101 -71.28 -9.98 22.51
CA PHE JA 101 -70.05 -10.52 23.10
C PHE JA 101 -70.40 -11.87 23.68
N PRO JA 102 -70.64 -12.86 22.82
CA PRO JA 102 -71.26 -14.11 23.28
C PRO JA 102 -70.61 -14.74 24.49
N LYS JA 103 -69.28 -14.62 24.65
CA LYS JA 103 -68.61 -15.31 25.77
C LYS JA 103 -69.12 -14.83 27.13
N MET JA 104 -69.78 -13.65 27.21
CA MET JA 104 -70.35 -13.20 28.47
C MET JA 104 -71.71 -13.82 28.77
N ARG JA 105 -72.38 -14.43 27.77
CA ARG JA 105 -73.75 -14.89 27.94
C ARG JA 105 -73.91 -15.80 29.15
N ASN JA 106 -72.97 -16.71 29.37
CA ASN JA 106 -73.12 -17.76 30.36
C ASN JA 106 -72.39 -17.45 31.67
N LEU JA 107 -71.99 -16.21 31.88
CA LEU JA 107 -71.27 -15.87 33.09
C LEU JA 107 -72.27 -15.65 34.21
N THR JA 108 -72.07 -16.37 35.31
CA THR JA 108 -72.83 -16.17 36.52
C THR JA 108 -72.23 -15.01 37.31
N GLU JA 109 -73.06 -14.38 38.14
CA GLU JA 109 -72.56 -13.26 38.92
C GLU JA 109 -71.40 -13.68 39.81
N LYS JA 110 -71.39 -14.94 40.29
CA LYS JA 110 -70.23 -15.39 41.04
C LYS JA 110 -69.01 -15.49 40.14
N ASP JA 111 -69.21 -15.78 38.85
CA ASP JA 111 -68.10 -15.82 37.92
C ASP JA 111 -67.46 -14.43 37.81
N LEU JA 112 -68.26 -13.38 37.70
CA LEU JA 112 -67.69 -12.05 37.58
C LEU JA 112 -66.83 -11.69 38.79
N VAL JA 113 -67.26 -12.08 39.98
CA VAL JA 113 -66.49 -11.69 41.16
C VAL JA 113 -65.15 -12.43 41.18
N ALA JA 114 -65.15 -13.71 40.79
CA ALA JA 114 -63.89 -14.44 40.61
C ALA JA 114 -62.96 -13.70 39.65
N ILE JA 115 -63.49 -13.18 38.56
CA ILE JA 115 -62.65 -12.43 37.62
C ILE JA 115 -62.10 -11.17 38.28
N ALA JA 116 -62.93 -10.51 39.10
CA ALA JA 116 -62.51 -9.30 39.79
C ALA JA 116 -61.40 -9.59 40.79
N GLY JA 117 -61.58 -10.63 41.62
CA GLY JA 117 -60.58 -10.96 42.59
C GLY JA 117 -59.27 -11.32 41.94
N HIS JA 118 -59.34 -12.15 40.89
CA HIS JA 118 -58.12 -12.41 40.15
C HIS JA 118 -57.44 -11.10 39.79
N ILE JA 119 -58.16 -10.21 39.10
CA ILE JA 119 -57.55 -8.94 38.69
C ILE JA 119 -56.97 -8.19 39.89
N LEU JA 120 -57.62 -8.26 41.03
CA LEU JA 120 -57.14 -7.47 42.16
C LEU JA 120 -56.03 -8.18 42.92
N VAL JA 121 -56.03 -9.51 42.90
CA VAL JA 121 -55.00 -10.27 43.56
C VAL JA 121 -53.71 -10.30 42.74
N GLU JA 122 -53.81 -10.35 41.40
CA GLU JA 122 -52.64 -10.69 40.59
C GLU JA 122 -51.48 -9.71 40.75
N PRO JA 123 -51.68 -8.39 40.78
CA PRO JA 123 -50.56 -7.47 41.02
C PRO JA 123 -49.87 -7.62 42.39
N LYS JA 124 -50.58 -8.18 43.38
CA LYS JA 124 -49.95 -8.40 44.68
C LYS JA 124 -48.91 -9.51 44.59
N ILE JA 125 -49.12 -10.43 43.65
CA ILE JA 125 -48.21 -11.52 43.38
C ILE JA 125 -47.12 -11.13 42.39
N LEU JA 126 -47.48 -10.42 41.32
CA LEU JA 126 -46.52 -10.17 40.25
C LEU JA 126 -45.92 -8.80 40.32
N GLY JA 127 -46.48 -7.90 41.12
CA GLY JA 127 -45.99 -6.56 41.21
C GLY JA 127 -46.01 -5.87 39.86
N ASP JA 128 -44.85 -5.37 39.46
CA ASP JA 128 -44.76 -4.50 38.30
C ASP JA 128 -45.05 -5.25 37.00
N LYS JA 129 -44.86 -6.57 36.98
CA LYS JA 129 -45.09 -7.33 35.76
C LYS JA 129 -46.52 -7.14 35.28
N TRP JA 130 -47.47 -7.14 36.21
CA TRP JA 130 -48.88 -6.98 35.89
C TRP JA 130 -49.14 -5.54 35.45
N GLY JA 131 -49.68 -5.37 34.25
CA GLY JA 131 -49.81 -4.05 33.66
C GLY JA 131 -48.52 -3.41 33.19
N GLY JA 132 -47.38 -4.08 33.37
CA GLY JA 132 -46.12 -3.51 32.98
C GLY JA 132 -45.87 -3.59 31.49
N GLY JA 133 -46.16 -4.74 30.89
CA GLY JA 133 -45.82 -4.93 29.49
C GLY JA 133 -44.49 -5.64 29.33
N LYS JA 134 -44.03 -5.67 28.06
CA LYS JA 134 -42.89 -6.51 27.66
C LYS JA 134 -41.60 -6.11 28.36
N VAL JA 135 -41.53 -4.89 28.89
CA VAL JA 135 -40.35 -4.50 29.64
C VAL JA 135 -40.12 -5.48 30.76
N TYR JA 136 -41.21 -6.01 31.34
CA TYR JA 136 -41.12 -6.76 32.59
C TYR JA 136 -41.25 -8.26 32.37
N TYR JA 137 -41.35 -8.72 31.13
CA TYR JA 137 -41.50 -10.15 30.88
C TYR JA 137 -40.29 -10.92 31.36
N GLU KA 1 -63.82 -41.15 34.76
CA GLU KA 1 -63.87 -39.98 33.89
C GLU KA 1 -62.75 -40.04 32.86
N VAL KA 2 -61.53 -39.70 33.28
CA VAL KA 2 -60.36 -39.97 32.44
C VAL KA 2 -59.90 -41.40 32.58
N ILE KA 3 -60.44 -42.13 33.57
CA ILE KA 3 -60.27 -43.58 33.59
C ILE KA 3 -61.14 -44.22 32.52
N ALA KA 4 -62.36 -43.69 32.35
CA ALA KA 4 -63.20 -44.09 31.23
C ALA KA 4 -62.43 -43.93 29.93
N GLN KA 5 -61.85 -42.75 29.72
CA GLN KA 5 -61.02 -42.54 28.53
C GLN KA 5 -59.96 -43.62 28.41
N LEU KA 6 -59.25 -43.90 29.53
CA LEU KA 6 -58.13 -44.83 29.51
C LEU KA 6 -58.57 -46.29 29.44
N THR KA 7 -59.72 -46.65 30.03
CA THR KA 7 -60.23 -48.00 29.85
C THR KA 7 -60.72 -48.23 28.42
N MET KA 8 -61.39 -47.23 27.82
CA MET KA 8 -61.75 -47.34 26.41
C MET KA 8 -60.51 -47.55 25.54
N ILE KA 9 -59.52 -46.65 25.65
CA ILE KA 9 -58.32 -46.78 24.80
C ILE KA 9 -57.42 -47.94 25.23
N ALA KA 10 -57.54 -48.43 26.47
CA ALA KA 10 -56.85 -49.67 26.82
C ALA KA 10 -57.41 -50.85 26.02
N MET KA 11 -58.74 -50.92 25.89
CA MET KA 11 -59.38 -52.04 25.20
C MET KA 11 -59.22 -51.90 23.69
N ILE KA 12 -59.44 -50.70 23.17
CA ILE KA 12 -59.28 -50.49 21.73
C ILE KA 12 -57.87 -50.90 21.32
N GLY KA 13 -56.88 -50.47 22.09
CA GLY KA 13 -55.49 -50.64 21.68
C GLY KA 13 -55.01 -52.09 21.75
N ILE KA 14 -55.48 -52.84 22.73
CA ILE KA 14 -55.14 -54.26 22.76
C ILE KA 14 -55.89 -55.02 21.67
N ALA KA 15 -56.97 -54.45 21.15
CA ALA KA 15 -57.74 -55.13 20.10
C ALA KA 15 -56.85 -55.57 18.96
N GLY KA 16 -55.87 -54.74 18.59
CA GLY KA 16 -55.03 -54.99 17.45
C GLY KA 16 -54.09 -56.14 17.67
N PRO KA 17 -53.20 -56.00 18.67
CA PRO KA 17 -52.25 -57.07 18.97
C PRO KA 17 -52.93 -58.41 19.20
N MET KA 18 -54.19 -58.38 19.60
CA MET KA 18 -54.89 -59.64 19.87
C MET KA 18 -55.18 -60.37 18.57
N ILE KA 19 -55.68 -59.66 17.56
CA ILE KA 19 -55.98 -60.30 16.28
C ILE KA 19 -54.75 -61.05 15.79
N ILE KA 20 -53.61 -60.35 15.77
CA ILE KA 20 -52.33 -60.96 15.44
C ILE KA 20 -52.10 -62.18 16.32
N PHE KA 21 -52.41 -62.04 17.61
CA PHE KA 21 -52.14 -63.10 18.57
C PHE KA 21 -53.02 -64.32 18.30
N LEU KA 22 -54.33 -64.09 18.17
CA LEU KA 22 -55.24 -65.16 17.79
C LEU KA 22 -54.76 -65.88 16.52
N LEU KA 23 -54.60 -65.14 15.41
CA LEU KA 23 -54.25 -65.78 14.15
C LEU KA 23 -52.94 -66.57 14.25
N ALA KA 24 -52.08 -66.24 15.21
CA ALA KA 24 -50.82 -66.97 15.35
C ALA KA 24 -51.05 -68.35 15.97
N VAL KA 25 -51.87 -68.41 17.02
CA VAL KA 25 -52.29 -69.69 17.57
C VAL KA 25 -52.89 -70.59 16.50
N ARG KA 26 -53.87 -70.06 15.75
CA ARG KA 26 -54.64 -70.90 14.84
C ARG KA 26 -53.87 -71.27 13.57
N ARG KA 27 -52.53 -71.22 13.65
CA ARG KA 27 -51.68 -71.11 12.46
C ARG KA 27 -52.49 -70.45 11.36
N GLY KA 28 -52.90 -69.21 11.62
CA GLY KA 28 -53.59 -68.42 10.63
C GLY KA 28 -52.65 -68.08 9.50
N ASN KA 29 -53.20 -67.32 8.55
CA ASN KA 29 -52.46 -66.93 7.37
C ASN KA 29 -51.97 -65.50 7.52
N LEU KA 30 -51.06 -65.30 8.48
CA LEU KA 30 -50.44 -63.99 8.69
C LEU KA 30 -49.59 -63.64 7.47
N THR LA 1 1.92 -24.47 59.12
CA THR LA 1 0.67 -24.77 59.82
C THR LA 1 -0.34 -25.36 58.84
N ILE LA 2 -1.29 -26.14 59.37
CA ILE LA 2 -2.21 -26.92 58.56
C ILE LA 2 -3.57 -26.21 58.54
N THR LA 3 -4.06 -25.89 57.34
CA THR LA 3 -5.30 -25.16 57.17
C THR LA 3 -6.43 -26.09 56.78
N PRO LA 4 -7.68 -25.63 56.87
CA PRO LA 4 -8.79 -26.49 56.44
C PRO LA 4 -8.67 -26.99 54.99
N SER LA 5 -8.29 -26.14 54.04
CA SER LA 5 -8.23 -26.58 52.65
C SER LA 5 -7.05 -27.51 52.39
N LEU LA 6 -5.96 -27.36 53.14
CA LEU LA 6 -4.88 -28.34 53.07
C LEU LA 6 -5.37 -29.71 53.52
N LYS LA 7 -6.17 -29.74 54.59
CA LYS LA 7 -6.79 -30.99 55.02
C LYS LA 7 -7.75 -31.50 53.96
N GLY LA 8 -8.45 -30.57 53.29
CA GLY LA 8 -9.18 -30.94 52.09
C GLY LA 8 -8.27 -31.55 51.03
N PHE LA 9 -7.17 -30.85 50.71
CA PHE LA 9 -6.22 -31.38 49.74
C PHE LA 9 -5.83 -32.81 50.07
N PHE LA 10 -5.48 -33.07 51.33
CA PHE LA 10 -5.10 -34.44 51.72
C PHE LA 10 -6.29 -35.38 51.62
N ILE LA 11 -7.48 -34.93 52.04
CA ILE LA 11 -8.66 -35.76 51.92
C ILE LA 11 -8.84 -36.26 50.50
N GLY LA 12 -8.84 -35.34 49.52
CA GLY LA 12 -9.01 -35.73 48.13
C GLY LA 12 -7.83 -36.52 47.61
N LEU LA 13 -6.64 -36.19 48.07
CA LEU LA 13 -5.49 -36.97 47.66
C LEU LA 13 -5.66 -38.42 48.09
N LEU LA 14 -6.13 -38.64 49.31
CA LEU LA 14 -6.29 -40.02 49.77
C LEU LA 14 -7.53 -40.65 49.16
N SER LA 15 -8.62 -39.89 49.05
CA SER LA 15 -9.79 -40.40 48.33
C SER LA 15 -9.40 -40.88 46.94
N GLY LA 16 -8.57 -40.10 46.23
CA GLY LA 16 -8.20 -40.49 44.88
C GLY LA 16 -7.30 -41.71 44.85
N ALA LA 17 -6.29 -41.74 45.72
CA ALA LA 17 -5.45 -42.93 45.82
C ALA LA 17 -6.29 -44.19 46.06
N VAL LA 18 -7.26 -44.09 46.94
CA VAL LA 18 -8.04 -45.27 47.29
C VAL LA 18 -8.87 -45.74 46.11
N VAL LA 19 -9.47 -44.81 45.36
CA VAL LA 19 -10.18 -45.16 44.13
C VAL LA 19 -9.24 -45.84 43.14
N LEU LA 20 -8.07 -45.24 42.91
CA LEU LA 20 -7.11 -45.86 42.00
C LEU LA 20 -6.72 -47.26 42.50
N GLY LA 21 -6.48 -47.40 43.80
CA GLY LA 21 -6.07 -48.67 44.36
C GLY LA 21 -7.06 -49.79 44.09
N LEU LA 22 -8.30 -49.60 44.55
CA LEU LA 22 -9.33 -50.60 44.32
C LEU LA 22 -9.35 -51.01 42.86
N THR LA 23 -9.39 -50.03 41.95
CA THR LA 23 -9.58 -50.35 40.54
C THR LA 23 -8.56 -51.38 40.09
N PHE LA 24 -7.28 -51.11 40.35
CA PHE LA 24 -6.23 -52.02 39.87
C PHE LA 24 -6.13 -53.29 40.70
N ALA LA 25 -6.41 -53.21 42.00
CA ALA LA 25 -6.59 -54.42 42.79
C ALA LA 25 -7.60 -55.35 42.15
N VAL LA 26 -8.84 -54.86 41.97
CA VAL LA 26 -9.88 -55.61 41.27
C VAL LA 26 -9.35 -56.17 39.97
N LEU LA 27 -8.76 -55.29 39.16
CA LEU LA 27 -8.44 -55.64 37.78
C LEU LA 27 -7.34 -56.68 37.72
N ILE LA 28 -6.25 -56.47 38.48
CA ILE LA 28 -5.19 -57.48 38.52
C ILE LA 28 -5.76 -58.82 38.98
N ALA LA 29 -6.53 -58.80 40.08
CA ALA LA 29 -7.16 -60.03 40.57
C ALA LA 29 -7.95 -60.75 39.48
N ILE LA 30 -8.84 -60.04 38.76
CA ILE LA 30 -9.62 -60.71 37.72
C ILE LA 30 -8.70 -61.25 36.64
N SER LA 31 -7.78 -60.42 36.14
CA SER LA 31 -6.97 -60.83 35.00
C SER LA 31 -6.10 -62.04 35.31
N GLN LA 32 -5.81 -62.28 36.60
CA GLN LA 32 -5.06 -63.46 37.00
C GLN LA 32 -5.93 -64.72 37.02
N ILE LA 33 -7.22 -64.59 37.32
CA ILE LA 33 -8.13 -65.72 37.23
C ILE LA 33 -8.50 -66.01 35.79
N ASP LA 34 -9.16 -65.04 35.13
CA ASP LA 34 -9.70 -65.21 33.79
C ASP LA 34 -8.56 -64.91 32.82
N LYS LA 35 -7.75 -65.93 32.57
CA LYS LA 35 -6.52 -65.79 31.81
C LYS LA 35 -6.73 -66.28 30.39
N VAL LA 36 -5.99 -65.66 29.46
CA VAL LA 36 -5.98 -66.11 28.09
C VAL LA 36 -5.16 -67.40 27.99
N GLN LA 37 -5.43 -68.17 26.93
CA GLN LA 37 -4.81 -69.47 26.75
C GLN LA 37 -4.10 -69.51 25.39
N ARG LA 38 -2.92 -70.14 25.37
CA ARG LA 38 -2.10 -70.24 24.16
C ARG LA 38 -1.53 -71.66 24.02
N MET MA 1 -88.50 -43.79 24.91
CA MET MA 1 -87.93 -44.98 25.61
C MET MA 1 -86.40 -44.80 25.82
N THR MA 2 -86.06 -43.87 26.72
CA THR MA 2 -84.67 -43.49 26.94
C THR MA 2 -83.75 -44.67 27.22
N ILE MA 3 -84.29 -45.82 27.62
CA ILE MA 3 -83.49 -46.90 28.16
C ILE MA 3 -83.25 -47.92 27.06
N LEU MA 4 -84.23 -48.07 26.17
CA LEU MA 4 -84.10 -48.98 25.03
C LEU MA 4 -83.23 -48.39 23.92
N PHE MA 5 -83.04 -47.08 23.89
CA PHE MA 5 -82.09 -46.49 22.95
C PHE MA 5 -80.65 -46.72 23.42
N GLN MA 6 -80.39 -46.49 24.70
CA GLN MA 6 -79.07 -46.78 25.24
C GLN MA 6 -78.75 -48.26 25.16
N LEU MA 7 -79.77 -49.11 25.29
CA LEU MA 7 -79.61 -50.54 25.06
C LEU MA 7 -79.07 -50.81 23.67
N ALA MA 8 -79.82 -50.41 22.63
CA ALA MA 8 -79.42 -50.72 21.27
C ALA MA 8 -78.05 -50.14 20.94
N LEU MA 9 -77.74 -48.96 21.47
CA LEU MA 9 -76.49 -48.30 21.12
C LEU MA 9 -75.29 -49.10 21.64
N ALA MA 10 -75.42 -49.71 22.82
CA ALA MA 10 -74.36 -50.59 23.28
C ALA MA 10 -74.39 -51.93 22.54
N ALA MA 11 -75.58 -52.43 22.22
CA ALA MA 11 -75.65 -53.57 21.32
C ALA MA 11 -74.84 -53.32 20.06
N LEU MA 12 -74.94 -52.10 19.52
CA LEU MA 12 -74.09 -51.71 18.39
C LEU MA 12 -72.62 -51.75 18.78
N VAL MA 13 -72.26 -51.08 19.88
CA VAL MA 13 -70.85 -50.94 20.27
C VAL MA 13 -70.23 -52.30 20.54
N ILE MA 14 -70.87 -53.08 21.40
CA ILE MA 14 -70.56 -54.49 21.59
C ILE MA 14 -71.24 -55.27 20.47
N LEU MA 15 -70.50 -55.52 19.40
CA LEU MA 15 -70.93 -56.22 18.20
C LEU MA 15 -70.03 -55.69 17.09
N SER MA 16 -69.85 -54.37 17.09
CA SER MA 16 -68.68 -53.78 16.49
C SER MA 16 -67.42 -54.30 17.18
N PHE MA 17 -67.29 -54.02 18.47
CA PHE MA 17 -66.12 -54.48 19.20
C PHE MA 17 -65.92 -55.98 19.01
N VAL MA 18 -67.00 -56.75 18.92
CA VAL MA 18 -66.85 -58.16 18.59
C VAL MA 18 -66.28 -58.25 17.18
N MET MA 19 -67.11 -57.90 16.20
CA MET MA 19 -66.79 -58.15 14.80
C MET MA 19 -65.49 -57.50 14.34
N VAL MA 20 -65.04 -56.46 15.04
CA VAL MA 20 -63.76 -55.84 14.69
C VAL MA 20 -62.63 -56.86 14.80
N ILE MA 21 -62.57 -57.58 15.94
CA ILE MA 21 -61.58 -58.64 16.11
C ILE MA 21 -61.96 -59.90 15.32
N GLY MA 22 -63.23 -60.20 15.17
CA GLY MA 22 -63.61 -61.52 14.70
C GLY MA 22 -63.52 -61.72 13.21
N VAL MA 23 -63.97 -60.74 12.42
CA VAL MA 23 -63.95 -60.87 10.97
C VAL MA 23 -62.53 -61.08 10.43
N PRO MA 24 -61.49 -60.37 10.91
CA PRO MA 24 -60.15 -60.64 10.37
C PRO MA 24 -59.57 -61.99 10.78
N VAL MA 25 -59.86 -62.48 11.99
CA VAL MA 25 -59.41 -63.82 12.35
C VAL MA 25 -60.15 -64.87 11.51
N ALA MA 26 -61.48 -64.83 11.53
CA ALA MA 26 -62.27 -65.70 10.67
C ALA MA 26 -61.69 -65.75 9.26
N TYR MA 27 -61.38 -64.59 8.70
CA TYR MA 27 -61.03 -64.47 7.28
C TYR MA 27 -59.71 -65.14 6.96
N ALA MA 28 -58.73 -65.06 7.86
CA ALA MA 28 -57.41 -65.63 7.59
C ALA MA 28 -57.15 -66.94 8.31
N SER MA 29 -58.15 -67.49 9.00
CA SER MA 29 -58.05 -68.86 9.49
C SER MA 29 -58.61 -69.80 8.44
N PRO MA 30 -57.85 -70.78 7.96
CA PRO MA 30 -58.34 -71.64 6.87
C PRO MA 30 -59.27 -72.72 7.36
N GLN MA 31 -59.25 -73.03 8.65
CA GLN MA 31 -60.03 -74.11 9.21
C GLN MA 31 -61.50 -73.90 8.86
N ASP MA 32 -62.12 -72.89 9.48
CA ASP MA 32 -63.56 -72.72 9.40
C ASP MA 32 -63.94 -71.53 8.52
N TRP MA 33 -63.56 -71.58 7.23
CA TRP MA 33 -64.17 -70.69 6.25
C TRP MA 33 -65.67 -70.92 6.18
N ASP MA 34 -66.13 -72.14 6.47
CA ASP MA 34 -67.54 -72.49 6.42
C ASP MA 34 -68.22 -72.43 7.79
N ARG MA 35 -67.54 -72.88 8.86
CA ARG MA 35 -68.10 -72.76 10.20
C ARG MA 35 -68.37 -71.31 10.58
N SER MA 36 -67.72 -70.35 9.91
CA SER MA 36 -67.83 -68.94 10.24
C SER MA 36 -68.52 -68.10 9.18
N LYS MA 37 -68.67 -68.60 7.95
CA LYS MA 37 -69.43 -67.86 6.93
C LYS MA 37 -70.77 -67.40 7.49
N GLN MA 38 -71.51 -68.32 8.11
CA GLN MA 38 -72.80 -67.97 8.69
C GLN MA 38 -72.63 -66.86 9.71
N LEU MA 39 -71.74 -67.07 10.68
CA LEU MA 39 -71.41 -66.09 11.71
C LEU MA 39 -71.35 -64.66 11.20
N ILE MA 40 -70.33 -64.34 10.39
CA ILE MA 40 -70.11 -62.95 10.00
C ILE MA 40 -71.31 -62.40 9.25
N PHE MA 41 -72.01 -63.26 8.50
CA PHE MA 41 -73.21 -62.83 7.79
C PHE MA 41 -74.30 -62.38 8.75
N LEU MA 42 -74.43 -63.08 9.88
CA LEU MA 42 -75.45 -62.73 10.84
C LEU MA 42 -75.08 -61.48 11.61
N GLY MA 43 -73.84 -61.40 12.09
CA GLY MA 43 -73.40 -60.17 12.69
C GLY MA 43 -73.61 -58.98 11.76
N SER MA 44 -73.33 -59.17 10.48
CA SER MA 44 -73.46 -58.08 9.51
C SER MA 44 -74.87 -57.52 9.51
N GLY MA 45 -75.86 -58.40 9.32
CA GLY MA 45 -77.25 -57.97 9.40
C GLY MA 45 -77.59 -57.42 10.77
N LEU MA 46 -77.06 -58.05 11.81
CA LEU MA 46 -77.28 -57.55 13.17
C LEU MA 46 -76.76 -56.13 13.32
N TRP MA 47 -75.50 -55.92 12.95
CA TRP MA 47 -74.93 -54.57 12.92
C TRP MA 47 -75.84 -53.62 12.15
N ILE MA 48 -76.11 -53.92 10.88
CA ILE MA 48 -76.90 -53.00 10.04
C ILE MA 48 -78.23 -52.70 10.70
N ALA MA 49 -78.99 -53.76 11.03
CA ALA MA 49 -80.27 -53.54 11.67
C ALA MA 49 -80.12 -52.68 12.91
N LEU MA 50 -79.08 -52.95 13.70
CA LEU MA 50 -78.85 -52.16 14.90
C LEU MA 50 -78.66 -50.68 14.59
N VAL MA 51 -77.94 -50.36 13.51
CA VAL MA 51 -77.71 -48.96 13.16
C VAL MA 51 -79.02 -48.29 12.80
N LEU MA 52 -79.84 -48.96 12.00
CA LEU MA 52 -81.15 -48.43 11.70
C LEU MA 52 -81.96 -48.21 12.97
N VAL MA 53 -81.92 -49.19 13.88
CA VAL MA 53 -82.74 -49.09 15.08
C VAL MA 53 -82.27 -47.94 15.96
N VAL MA 54 -80.94 -47.84 16.19
CA VAL MA 54 -80.40 -46.66 16.89
C VAL MA 54 -80.76 -45.41 16.12
N GLY MA 55 -80.81 -45.50 14.79
CA GLY MA 55 -81.07 -44.33 13.97
C GLY MA 55 -82.48 -43.78 14.12
N VAL MA 56 -83.47 -44.67 14.31
CA VAL MA 56 -84.84 -44.20 14.50
C VAL MA 56 -85.07 -43.81 15.95
N LEU MA 57 -84.53 -44.59 16.88
CA LEU MA 57 -84.71 -44.23 18.29
C LEU MA 57 -84.12 -42.85 18.59
N ASN MA 58 -83.01 -42.49 17.93
CA ASN MA 58 -82.44 -41.17 18.16
C ASN MA 58 -83.51 -40.10 18.12
N PHE MA 59 -84.45 -40.24 17.18
CA PHE MA 59 -85.48 -39.24 16.93
C PHE MA 59 -86.63 -39.31 17.90
N PHE MA 60 -86.57 -40.21 18.88
CA PHE MA 60 -87.53 -40.24 19.96
C PHE MA 60 -86.94 -39.69 21.26
N VAL MA 61 -85.62 -39.43 21.30
CA VAL MA 61 -84.96 -38.95 22.50
C VAL MA 61 -83.92 -37.87 22.22
N VAL MA 62 -83.86 -37.39 20.97
CA VAL MA 62 -82.78 -36.47 20.56
C VAL MA 62 -83.00 -35.06 21.09
N ASP NA 1 -33.73 -40.21 57.16
CA ASP NA 1 -34.54 -40.77 58.23
C ASP NA 1 -35.34 -41.99 57.73
N TRP NA 2 -36.65 -41.98 57.99
CA TRP NA 2 -37.51 -43.10 57.59
C TRP NA 2 -37.56 -43.29 56.08
N ARG NA 3 -37.20 -42.27 55.31
CA ARG NA 3 -37.31 -42.33 53.86
C ARG NA 3 -36.09 -42.98 53.21
N VAL NA 4 -34.93 -42.90 53.87
CA VAL NA 4 -33.75 -43.61 53.40
C VAL NA 4 -34.07 -45.09 53.26
N LEU NA 5 -35.05 -45.57 54.04
CA LEU NA 5 -35.43 -46.98 54.12
C LEU NA 5 -36.42 -47.38 53.02
N VAL NA 6 -37.52 -46.63 52.90
CA VAL NA 6 -38.57 -47.01 51.96
C VAL NA 6 -38.07 -46.90 50.52
N VAL NA 7 -37.24 -45.88 50.23
CA VAL NA 7 -36.68 -45.76 48.89
C VAL NA 7 -35.81 -46.97 48.57
N LEU NA 8 -35.02 -47.42 49.54
CA LEU NA 8 -34.11 -48.54 49.29
C LEU NA 8 -34.85 -49.86 49.31
N LEU NA 9 -35.92 -49.95 50.09
CA LEU NA 9 -36.72 -51.16 50.24
C LEU NA 9 -36.93 -51.91 48.92
N PRO NA 10 -37.73 -51.40 47.97
CA PRO NA 10 -37.93 -52.15 46.72
C PRO NA 10 -36.64 -52.53 46.02
N VAL NA 11 -35.58 -51.72 46.15
CA VAL NA 11 -34.31 -52.06 45.52
C VAL NA 11 -33.71 -53.31 46.16
N LEU NA 12 -33.80 -53.39 47.49
CA LEU NA 12 -33.24 -54.54 48.19
C LEU NA 12 -34.01 -55.81 47.87
N LEU NA 13 -35.34 -55.78 48.01
CA LEU NA 13 -36.20 -56.87 47.52
C LEU NA 13 -35.71 -57.32 46.15
N ALA NA 14 -35.75 -56.40 45.18
CA ALA NA 14 -35.37 -56.72 43.80
C ALA NA 14 -34.02 -57.43 43.73
N ALA NA 15 -33.14 -57.16 44.68
CA ALA NA 15 -31.81 -57.79 44.67
C ALA NA 15 -31.86 -59.22 45.18
N GLY NA 16 -32.58 -59.47 46.27
CA GLY NA 16 -32.81 -60.83 46.70
C GLY NA 16 -33.46 -61.68 45.61
N TRP NA 17 -34.59 -61.20 45.08
CA TRP NA 17 -35.37 -62.00 44.13
C TRP NA 17 -34.54 -62.41 42.92
N ALA NA 18 -33.65 -61.54 42.45
CA ALA NA 18 -32.74 -61.93 41.37
C ALA NA 18 -31.62 -62.82 41.88
N VAL NA 19 -31.10 -62.53 43.08
CA VAL NA 19 -29.96 -63.27 43.62
C VAL NA 19 -30.37 -64.67 44.03
N ARG NA 20 -31.60 -64.84 44.56
CA ARG NA 20 -32.07 -66.18 44.90
C ARG NA 20 -32.46 -66.96 43.66
N ASN NA 21 -32.84 -66.27 42.58
CA ASN NA 21 -33.29 -66.94 41.36
C ASN NA 21 -32.17 -67.33 40.41
N ILE NA 22 -31.04 -66.62 40.44
CA ILE NA 22 -29.90 -66.96 39.59
C ILE NA 22 -28.75 -67.53 40.39
N LEU NA 23 -28.92 -67.68 41.70
CA LEU NA 23 -27.90 -68.26 42.58
C LEU NA 23 -27.31 -69.56 42.04
N PRO NA 24 -28.11 -70.54 41.58
CA PRO NA 24 -27.51 -71.79 41.09
C PRO NA 24 -26.67 -71.61 39.83
N TYR NA 25 -27.31 -71.15 38.75
CA TYR NA 25 -26.59 -70.91 37.50
C TYR NA 25 -25.36 -70.03 37.72
N ALA NA 26 -25.39 -69.21 38.78
CA ALA NA 26 -24.23 -68.40 39.12
C ALA NA 26 -23.08 -69.25 39.65
N VAL NA 27 -23.36 -70.15 40.61
CA VAL NA 27 -22.31 -70.97 41.20
C VAL NA 27 -21.55 -71.77 40.15
N LYS NA 28 -22.20 -72.12 39.04
CA LYS NA 28 -21.49 -72.75 37.94
C LYS NA 28 -20.27 -71.92 37.54
N GLN NA 29 -20.49 -70.63 37.26
CA GLN NA 29 -19.39 -69.68 37.03
C GLN NA 29 -18.31 -69.90 38.09
N VAL NA 30 -17.37 -70.80 37.78
CA VAL NA 30 -16.42 -71.30 38.76
C VAL NA 30 -15.37 -72.18 38.10
N GLN NA 31 -14.61 -71.63 37.15
CA GLN NA 31 -13.55 -72.37 36.49
C GLN NA 31 -12.48 -71.42 35.96
FE FE2 OA . 37.68 -9.29 -27.09
CL CL PA . 26.52 24.38 -1.46
CL CL QA . 35.02 34.08 4.43
MG CLA RA . 32.64 15.56 -15.51
CHA CLA RA . 34.57 13.79 -13.20
CHB CLA RA . 32.64 12.74 -17.51
CHC CLA RA . 29.94 16.72 -17.18
CHD CLA RA . 32.12 18.00 -13.10
NA CLA RA . 33.54 13.63 -15.35
C1A CLA RA . 34.32 13.11 -14.33
C2A CLA RA . 34.72 11.68 -14.62
C3A CLA RA . 34.42 11.56 -16.11
C4A CLA RA . 33.44 12.70 -16.35
CMA CLA RA . 35.66 11.70 -16.95
CAA CLA RA . 33.81 10.78 -13.79
CBA CLA RA . 34.15 9.30 -13.96
CGA CLA RA . 35.30 8.99 -13.06
O1A CLA RA . 35.83 9.76 -12.26
O2A CLA RA . 35.76 7.72 -13.19
NB CLA RA . 31.49 14.83 -17.05
C1B CLA RA . 31.71 13.72 -17.80
C2B CLA RA . 30.74 13.67 -18.97
C3B CLA RA . 29.97 14.83 -18.83
C4B CLA RA . 30.46 15.55 -17.63
CMB CLA RA . 30.73 12.55 -19.95
CAB CLA RA . 28.88 15.38 -19.60
CBB CLA RA . 28.27 14.78 -20.63
NC CLA RA . 31.32 17.09 -15.22
C1C CLA RA . 30.32 17.46 -16.06
C2C CLA RA . 29.68 18.70 -15.63
C3C CLA RA . 30.33 19.08 -14.44
C4C CLA RA . 31.33 18.07 -14.23
CMC CLA RA . 28.59 19.38 -16.31
CAC CLA RA . 30.15 20.29 -13.61
CBC CLA RA . 28.82 20.44 -12.92
ND CLA RA . 33.26 15.95 -13.68
C1D CLA RA . 33.03 17.02 -12.83
C2D CLA RA . 33.83 16.86 -11.59
C3D CLA RA . 34.43 15.65 -11.68
C4D CLA RA . 34.04 15.09 -12.99
CMD CLA RA . 33.85 17.79 -10.49
CAD CLA RA . 35.26 14.68 -11.02
OBD CLA RA . 35.73 14.72 -9.88
CBD CLA RA . 35.37 13.45 -11.96
CGD CLA RA . 36.83 13.22 -12.21
O1D CLA RA . 37.53 13.66 -13.14
O2D CLA RA . 37.37 12.45 -11.20
CED CLA RA . 38.71 12.10 -11.33
C1 CLA RA . 36.88 7.38 -12.35
C2 CLA RA . 36.50 6.23 -11.52
C3 CLA RA . 36.02 6.33 -10.30
C4 CLA RA . 35.84 7.59 -9.55
C5 CLA RA . 35.69 5.08 -9.64
C6 CLA RA . 36.56 4.78 -8.45
C7 CLA RA . 36.22 3.37 -8.04
C8 CLA RA . 36.78 2.88 -6.72
C9 CLA RA . 38.28 2.73 -6.84
C10 CLA RA . 36.11 1.57 -6.33
C11 CLA RA . 34.74 1.72 -5.70
C12 CLA RA . 34.19 0.44 -5.11
C13 CLA RA . 32.70 0.56 -4.70
C14 CLA RA . 32.52 1.51 -3.53
C15 CLA RA . 32.11 -0.79 -4.36
C16 CLA RA . 31.72 -1.60 -5.58
C17 CLA RA . 31.64 -3.09 -5.23
C18 CLA RA . 30.21 -3.58 -5.29
C19 CLA RA . 30.15 -5.02 -4.85
C20 CLA RA . 29.37 -2.74 -4.37
HHB CLA RA . 32.76 11.92 -18.25
HHC CLA RA . 29.12 17.18 -17.76
HHD CLA RA . 32.01 18.81 -12.35
H2A CLA RA . 35.81 11.49 -14.40
H3A CLA RA . 33.93 10.57 -16.34
HMA1 CLA RA . 35.40 11.82 -18.02
HMA2 CLA RA . 36.32 10.81 -16.86
HMA3 CLA RA . 36.25 12.60 -16.64
HAA1 CLA RA . 32.74 10.95 -14.11
HAA2 CLA RA . 33.89 11.05 -12.71
HBA1 CLA RA . 34.42 9.08 -15.02
HBA2 CLA RA . 33.27 8.67 -13.68
HMB1 CLA RA . 30.55 12.94 -20.99
HMB2 CLA RA . 29.92 11.83 -19.70
HMB3 CLA RA . 31.71 12.01 -19.94
HAB CLA RA . 28.56 16.39 -19.27
HBB1 CLA RA . 28.55 13.78 -20.99
HBB2 CLA RA . 27.44 15.27 -21.17
HMC1 CLA RA . 28.30 20.33 -15.77
HMC2 CLA RA . 27.68 18.72 -16.36
HMC3 CLA RA . 28.89 19.65 -17.36
HAC1 CLA RA . 30.31 21.20 -14.26
HAC2 CLA RA . 30.95 20.31 -12.82
HBC1 CLA RA . 28.67 21.50 -12.61
HBC2 CLA RA . 28.78 19.79 -12.02
HBC3 CLA RA . 27.99 20.16 -13.62
HMD1 CLA RA . 34.81 17.72 -9.93
HMD2 CLA RA . 33.01 17.60 -9.77
HMD3 CLA RA . 33.76 18.85 -10.87
HBD CLA RA . 34.93 12.52 -11.51
HED1 CLA RA . 38.91 11.44 -10.46
HED2 CLA RA . 39.24 13.09 -11.31
HED3 CLA RA . 38.75 11.58 -12.32
H11 CLA RA . 37.15 8.28 -11.73
H12 CLA RA . 37.75 7.14 -13.02
H2 CLA RA . 36.63 5.25 -12.01
H41 CLA RA . 35.46 7.40 -8.52
H42 CLA RA . 35.09 8.26 -10.06
H43 CLA RA . 36.79 8.16 -9.46
H51 CLA RA . 35.78 4.24 -10.38
H52 CLA RA . 34.61 5.11 -9.32
H61 CLA RA . 36.34 5.49 -7.60
H62 CLA RA . 37.64 4.87 -8.70
H71 CLA RA . 36.59 2.69 -8.85
H72 CLA RA . 35.10 3.28 -8.01
H8 CLA RA . 36.57 3.63 -5.90
H91 CLA RA . 38.72 2.43 -5.85
H92 CLA RA . 38.75 3.69 -7.17
H93 CLA RA . 38.52 1.93 -7.58
H101 CLA RA . 36.78 1.02 -5.62
H102 CLA RA . 36.02 0.93 -7.25
H111 CLA RA . 34.02 2.10 -6.48
H112 CLA RA . 34.80 2.51 -4.90
H121 CLA RA . 34.80 0.18 -4.20
H122 CLA RA . 34.31 -0.39 -5.85
H13 CLA RA . 32.15 0.99 -5.58
H141 CLA RA . 31.52 1.35 -3.04
H142 CLA RA . 32.57 2.57 -3.87
H143 CLA RA . 33.31 1.34 -2.76
H151 CLA RA . 31.19 -0.66 -3.72
H152 CLA RA . 32.84 -1.38 -3.75
H161 CLA RA . 32.48 -1.45 -6.39
H162 CLA RA . 30.74 -1.24 -5.97
H171 CLA RA . 32.05 -3.27 -4.21
H172 CLA RA . 32.26 -3.68 -5.94
H18 CLA RA . 29.83 -3.52 -6.34
H191 CLA RA . 29.14 -5.45 -5.06
H192 CLA RA . 30.35 -5.09 -3.75
H193 CLA RA . 30.91 -5.63 -5.39
H201 CLA RA . 28.44 -3.27 -4.09
H202 CLA RA . 29.10 -1.78 -4.87
H203 CLA RA . 29.94 -2.50 -3.43
MG CLA SA . 30.79 16.66 -27.45
CHA CLA SA . 33.90 16.71 -25.86
CHB CLA SA . 32.35 15.98 -30.46
CHC CLA SA . 27.73 16.01 -28.84
CHD CLA SA . 29.29 16.58 -24.23
NA CLA SA . 32.83 16.48 -28.05
C1A CLA SA . 33.96 16.45 -27.22
C2A CLA SA . 35.19 16.08 -28.04
C3A CLA SA . 34.70 16.32 -29.49
C4A CLA SA . 33.18 16.22 -29.35
CMA CLA SA . 35.07 17.72 -29.94
CAA CLA SA . 35.66 14.63 -27.86
CBA CLA SA . 34.59 13.58 -27.90
CGA CLA SA . 35.18 12.20 -27.93
O1A CLA SA . 36.35 11.84 -27.82
O2A CLA SA . 34.24 11.24 -28.11
NB CLA SA . 30.16 16.06 -29.27
C1B CLA SA . 30.93 15.94 -30.40
C2B CLA SA . 30.03 15.89 -31.58
C3B CLA SA . 28.73 15.91 -31.12
C4B CLA SA . 28.80 16.02 -29.67
CMB CLA SA . 30.53 15.77 -32.94
CAB CLA SA . 27.47 15.89 -31.83
CBB CLA SA . 27.31 15.56 -33.10
NC CLA SA . 28.89 16.28 -26.67
C1C CLA SA . 27.78 16.07 -27.44
C2C CLA SA . 26.59 15.97 -26.64
C3C CLA SA . 27.02 16.10 -25.32
C4C CLA SA . 28.47 16.34 -25.36
CMC CLA SA . 25.25 15.71 -27.14
CAC CLA SA . 26.19 16.09 -24.13
CBC CLA SA . 25.39 17.36 -24.15
ND CLA SA . 31.38 16.64 -25.49
C1D CLA SA . 30.65 16.74 -24.28
C2D CLA SA . 31.55 17.02 -23.16
C3D CLA SA . 32.81 17.10 -23.72
C4D CLA SA . 32.66 16.82 -25.16
CMD CLA SA . 31.12 17.21 -21.78
CAD CLA SA . 34.22 17.31 -23.47
OBD CLA SA . 34.78 17.73 -22.46
CBD CLA SA . 34.92 17.05 -24.84
CGD CLA SA . 35.53 18.31 -25.33
O1D CLA SA . 35.03 19.43 -25.44
O2D CLA SA . 36.79 18.22 -25.72
CED CLA SA . 37.27 19.52 -25.99
C1 CLA SA . 34.68 9.88 -28.23
C2 CLA SA . 34.88 9.56 -29.66
C3 CLA SA . 36.04 9.12 -30.18
C4 CLA SA . 37.28 8.97 -29.40
C5 CLA SA . 36.18 8.77 -31.61
C6 CLA SA . 36.93 9.85 -32.38
C7 CLA SA . 36.09 11.10 -32.37
C8 CLA SA . 36.51 12.22 -33.31
C9 CLA SA . 35.60 13.42 -33.09
C10 CLA SA . 36.51 11.83 -34.80
C11 CLA SA . 37.34 12.79 -35.63
C12 CLA SA . 37.61 12.28 -37.05
C13 CLA SA . 38.39 13.34 -37.84
C14 CLA SA . 37.56 14.58 -38.12
C15 CLA SA . 38.99 12.80 -39.14
C16 CLA SA . 37.95 12.35 -40.18
C17 CLA SA . 38.57 12.12 -41.55
C18 CLA SA . 39.81 11.21 -41.53
C19 CLA SA . 39.68 10.13 -42.58
C20 CLA SA . 41.07 12.01 -41.77
HHB CLA SA . 32.82 15.81 -31.44
HHC CLA SA . 26.72 15.97 -29.29
HHD CLA SA . 28.80 16.66 -23.24
H2A CLA SA . 36.03 16.76 -27.71
H3A CLA SA . 35.09 15.53 -30.18
HMA1 CLA SA . 34.62 17.93 -30.94
HMA2 CLA SA . 36.17 17.83 -30.03
HMA3 CLA SA . 34.70 18.48 -29.22
HAA1 CLA SA . 36.19 14.56 -26.87
HAA2 CLA SA . 36.41 14.41 -28.67
HBA1 CLA SA . 33.96 13.71 -28.83
HBA2 CLA SA . 33.92 13.67 -27.02
HMB1 CLA SA . 29.90 16.36 -33.65
HMB2 CLA SA . 30.52 14.70 -33.27
HMB3 CLA SA . 31.58 16.15 -33.01
HAB CLA SA . 26.60 16.19 -31.22
HBB1 CLA SA . 28.13 15.23 -33.75
HBB2 CLA SA . 26.33 15.56 -33.59
HMC1 CLA SA . 24.53 15.58 -26.29
HMC2 CLA SA . 25.22 14.79 -27.77
HMC3 CLA SA . 24.89 16.57 -27.76
HAC1 CLA SA . 26.81 16.03 -23.20
HAC2 CLA SA . 25.51 15.20 -24.13
HBC1 CLA SA . 24.68 17.39 -23.30
HBC2 CLA SA . 24.80 17.44 -25.10
HBC3 CLA SA . 26.07 18.24 -24.08
HMD1 CLA SA . 31.83 17.90 -21.23
HMD2 CLA SA . 31.09 16.24 -21.23
HMD3 CLA SA . 30.10 17.67 -21.74
HBD CLA SA . 35.64 16.22 -24.64
HED1 CLA SA . 38.35 19.35 -26.27
HED2 CLA SA . 37.13 20.06 -25.02
HED3 CLA SA . 36.63 19.87 -26.83
H11 CLA SA . 33.92 9.21 -27.75
H12 CLA SA . 35.66 9.78 -27.66
H2 CLA SA . 33.98 9.70 -30.30
H41 CLA SA . 38.13 8.63 -30.03
H42 CLA SA . 37.15 8.23 -28.58
H43 CLA SA . 37.58 9.94 -28.93
H51 CLA SA . 35.16 8.63 -32.05
H52 CLA SA . 36.73 7.79 -31.69
H61 CLA SA . 37.14 9.51 -33.43
H62 CLA SA . 37.93 10.04 -31.89
H71 CLA SA . 36.08 11.50 -31.32
H72 CLA SA . 35.03 10.80 -32.62
H8 CLA SA . 37.59 12.48 -33.08
H91 CLA SA . 36.08 14.35 -33.50
H92 CLA SA . 35.43 13.58 -32.00
H93 CLA SA . 34.62 13.27 -33.59
H101 CLA SA . 35.46 11.82 -35.18
H102 CLA SA . 36.91 10.78 -34.91
H111 CLA SA . 38.32 12.96 -35.11
H112 CLA SA . 36.82 13.77 -35.68
H121 CLA SA . 36.65 12.06 -37.56
H122 CLA SA . 38.20 11.33 -37.00
H13 CLA SA . 39.25 13.63 -37.17
H141 CLA SA . 37.93 15.11 -39.02
H142 CLA SA . 37.61 15.29 -37.24
H143 CLA SA . 36.49 14.31 -38.29
H151 CLA SA . 39.64 11.93 -38.92
H152 CLA SA . 39.63 13.59 -39.61
H161 CLA SA . 37.15 13.14 -40.27
H162 CLA SA . 37.46 11.41 -39.83
H171 CLA SA . 38.86 13.10 -42.00
H172 CLA SA . 37.80 11.66 -42.23
H18 CLA SA . 39.88 10.74 -40.51
H191 CLA SA . 40.53 9.40 -42.48
H192 CLA SA . 39.71 10.57 -43.61
H193 CLA SA . 38.72 9.57 -42.45
H201 CLA SA . 41.96 11.33 -41.79
H202 CLA SA . 41.22 12.76 -40.96
H203 CLA SA . 41.02 12.54 -42.75
CHA PHO TA . 37.24 -2.16 -11.02
CHB PHO TA . 33.65 0.59 -9.53
CHC PHO TA . 34.61 3.61 -13.17
CHD PHO TA . 38.12 0.85 -14.90
NA PHO TA . 35.40 -0.69 -10.63
C1A PHO TA . 36.20 -1.79 -10.26
C2A PHO TA . 35.67 -2.44 -8.98
C3A PHO TA . 34.31 -1.74 -8.80
C4A PHO TA . 34.46 -0.53 -9.72
CMA PHO TA . 33.11 -2.52 -9.33
CAA PHO TA . 36.62 -2.23 -7.79
CBA PHO TA . 36.17 -3.02 -6.57
CGA PHO TA . 36.96 -2.66 -5.34
O1A PHO TA . 37.76 -1.73 -5.20
O2A PHO TA . 36.73 -3.54 -4.30
NB PHO TA . 34.41 1.89 -11.44
C1B PHO TA . 33.63 1.69 -10.31
C2B PHO TA . 32.73 2.86 -10.18
C3B PHO TA . 33.04 3.68 -11.21
C4B PHO TA . 34.09 3.08 -12.05
CMB PHO TA . 31.73 3.00 -9.11
CAB PHO TA . 32.45 4.93 -11.58
CBB PHO TA . 32.16 5.93 -10.78
NC PHO TA . 36.28 2.00 -13.79
C1C PHO TA . 35.62 3.10 -14.00
C2C PHO TA . 36.11 3.76 -15.26
C3C PHO TA . 37.13 3.01 -15.74
C4C PHO TA . 37.26 1.87 -14.79
CMC PHO TA . 35.53 4.96 -15.82
CAC PHO TA . 37.95 3.19 -16.97
CBC PHO TA . 39.41 3.45 -16.69
ND PHO TA . 37.29 -0.32 -12.87
C1D PHO TA . 38.14 -0.23 -14.01
C2D PHO TA . 39.05 -1.33 -14.04
C3D PHO TA . 38.78 -2.04 -12.84
C4D PHO TA . 37.67 -1.44 -12.18
CMD PHO TA . 40.09 -1.58 -15.01
CAD PHO TA . 39.16 -3.20 -12.08
OBD PHO TA . 40.04 -4.01 -12.27
CBD PHO TA . 38.20 -3.31 -10.86
CGD PHO TA . 37.60 -4.69 -10.84
O1D PHO TA . 37.93 -5.64 -10.12
O2D PHO TA . 36.61 -4.87 -11.78
CED PHO TA . 35.77 -6.06 -11.64
C1 PHO TA . 37.03 -3.17 -2.95
C2 PHO TA . 35.89 -2.46 -2.30
C3 PHO TA . 34.76 -3.05 -1.90
C4 PHO TA . 34.62 -4.49 -2.14
C5 PHO TA . 33.61 -2.37 -1.19
C6 PHO TA . 33.90 -0.97 -0.62
C7 PHO TA . 32.69 -0.25 -0.05
C8 PHO TA . 33.03 1.11 0.58
C9 PHO TA . 33.79 0.87 1.88
C10 PHO TA . 31.74 1.88 0.82
C11 PHO TA . 31.82 3.26 1.47
C12 PHO TA . 32.76 4.21 0.76
C13 PHO TA . 32.46 4.35 -0.73
C14 PHO TA . 33.49 5.20 -1.43
C15 PHO TA . 31.03 4.92 -0.91
C16 PHO TA . 30.71 5.46 -2.28
C17 PHO TA . 29.48 6.31 -2.12
C18 PHO TA . 28.96 6.74 -3.48
C19 PHO TA . 29.81 7.88 -4.03
C20 PHO TA . 27.52 7.09 -3.43
HHB PHO TA . 32.96 0.55 -8.66
HHC PHO TA . 34.21 4.58 -13.50
HHD PHO TA . 38.86 0.82 -15.72
H2A PHO TA . 35.53 -3.54 -9.13
H3A PHO TA . 34.18 -1.50 -7.72
HMA1 PHO TA . 32.16 -2.00 -9.09
HMA2 PHO TA . 33.07 -3.54 -8.88
HMA3 PHO TA . 33.17 -2.63 -10.44
HAA1 PHO TA . 36.66 -1.13 -7.53
HAA2 PHO TA . 37.67 -2.54 -8.06
HBA1 PHO TA . 36.28 -4.12 -6.75
HBA2 PHO TA . 35.08 -2.81 -6.34
HMB1 PHO TA . 31.47 4.08 -8.94
HMB2 PHO TA . 32.12 2.59 -8.14
HMB3 PHO TA . 30.78 2.45 -9.36
HAB PHO TA . 32.22 5.02 -12.67
HBB1 PHO TA . 32.39 5.90 -9.71
HBB2 PHO TA . 31.70 6.85 -11.16
HMC1 PHO TA . 34.72 4.70 -16.57
HMC2 PHO TA . 36.31 5.57 -16.35
HMC3 PHO TA . 35.06 5.59 -15.01
HAC1 PHO TA . 37.54 4.04 -17.58
HAC2 PHO TA . 37.87 2.26 -17.60
HBC1 PHO TA . 39.99 3.57 -17.64
HBC2 PHO TA . 39.87 2.59 -16.13
HBC3 PHO TA . 39.54 4.37 -16.07
HMD1 PHO TA . 40.04 -2.63 -15.38
HMD2 PHO TA . 41.10 -1.41 -14.55
HMD3 PHO TA . 40.00 -0.89 -15.88
HBD PHO TA . 38.75 -3.19 -9.88
HED1 PHO TA . 34.95 -6.01 -12.40
HED2 PHO TA . 35.34 -6.10 -10.61
HED3 PHO TA . 36.40 -6.97 -11.82
H11 PHO TA . 37.95 -2.54 -2.97
H12 PHO TA . 37.26 -4.13 -2.40
H2 PHO TA . 36.05 -1.37 -2.16
H41 PHO TA . 33.64 -4.88 -1.77
H42 PHO TA . 35.42 -5.07 -1.62
H43 PHO TA . 34.69 -4.74 -3.23
H51 PHO TA . 33.28 -3.05 -0.35
H52 PHO TA . 32.74 -2.31 -1.90
H61 PHO TA . 34.35 -0.34 -1.43
H62 PHO TA . 34.68 -1.06 0.19
H71 PHO TA . 32.20 -0.89 0.72
H72 PHO TA . 31.93 -0.08 -0.87
H8 PHO TA . 33.66 1.72 -0.12
H91 PHO TA . 33.88 1.83 2.45
H92 PHO TA . 34.82 0.49 1.66
H93 PHO TA . 33.25 0.12 2.51
H101 PHO TA . 31.07 1.24 1.46
H102 PHO TA . 31.22 1.99 -0.17
H111 PHO TA . 32.16 3.15 2.54
H112 PHO TA . 30.79 3.72 1.50
H121 PHO TA . 33.81 3.85 0.91
H122 PHO TA . 32.69 5.22 1.26
H13 PHO TA . 32.49 3.34 -1.21
H141 PHO TA . 33.43 5.06 -2.54
H142 PHO TA . 34.51 4.91 -1.11
H143 PHO TA . 33.34 6.28 -1.20
H151 PHO TA . 30.88 5.75 -0.18
H152 PHO TA . 30.30 4.11 -0.68
H161 PHO TA . 30.52 4.62 -3.01
H162 PHO TA . 31.56 6.07 -2.69
H171 PHO TA . 29.71 7.21 -1.48
H172 PHO TA . 28.68 5.73 -1.57
H18 PHO TA . 29.06 5.87 -4.20
H191 PHO TA . 29.29 8.36 -4.90
H192 PHO TA . 30.80 7.50 -4.37
H193 PHO TA . 29.97 8.65 -3.24
H201 PHO TA . 27.14 7.34 -4.44
H202 PHO TA . 27.36 7.96 -2.76
H203 PHO TA . 26.93 6.23 -3.03
HNB PHO TA . 35.09 1.26 -11.77
HND PHO TA . 36.57 0.32 -12.63
MG CLA UA . 41.17 1.05 11.74
CHA CLA UA . 41.12 4.35 12.62
CHB CLA UA . 43.93 1.62 9.85
CHC CLA UA . 41.71 -2.40 11.33
CHD CLA UA . 38.78 0.36 14.11
NA CLA UA . 42.31 2.72 11.32
C1A CLA UA . 42.13 4.01 11.77
C2A CLA UA . 43.21 4.94 11.22
C3A CLA UA . 43.80 4.12 10.10
C4A CLA UA . 43.35 2.72 10.46
CMA CLA UA . 43.23 4.57 8.80
CAA CLA UA . 44.26 5.33 12.26
CBA CLA UA . 45.01 4.15 12.87
CGA CLA UA . 46.11 4.67 13.79
O1A CLA UA . 46.24 5.80 14.28
O2A CLA UA . 47.07 3.73 14.07
NB CLA UA . 42.51 -0.15 10.79
C1B CLA UA . 43.57 0.29 10.07
C2B CLA UA . 44.34 -0.84 9.51
C3B CLA UA . 43.72 -2.00 9.91
C4B CLA UA . 42.56 -1.56 10.72
CMB CLA UA . 45.53 -0.59 8.72
CAB CLA UA . 44.02 -3.41 9.72
CBB CLA UA . 44.63 -3.92 8.69
NC CLA UA . 40.44 -0.65 12.53
C1C CLA UA . 40.70 -1.95 12.20
C2C CLA UA . 39.86 -2.87 12.90
C3C CLA UA . 39.04 -2.07 13.69
C4C CLA UA . 39.40 -0.71 13.46
CMC CLA UA . 39.92 -4.32 12.78
CAC CLA UA . 38.00 -2.48 14.60
CBC CLA UA . 38.64 -2.79 15.92
ND CLA UA . 40.22 2.04 13.10
C1D CLA UA . 39.17 1.66 13.97
C2D CLA UA . 38.59 2.87 14.60
C3D CLA UA . 39.30 3.93 14.11
C4D CLA UA . 40.30 3.36 13.20
CMD CLA UA . 37.49 2.91 15.53
CAD CLA UA . 39.46 5.37 14.11
OBD CLA UA . 38.79 6.25 14.63
CBD CLA UA . 40.66 5.65 13.17
CGD CLA UA . 40.15 6.55 12.08
O1D CLA UA . 39.66 6.22 11.01
O2D CLA UA . 40.18 7.86 12.33
CED CLA UA . 39.86 8.74 11.27
C1 CLA UA . 48.27 4.20 14.73
C2 CLA UA . 49.20 3.04 14.78
C3 CLA UA . 50.12 2.75 13.83
C4 CLA UA . 50.33 3.59 12.62
C5 CLA UA . 50.96 1.53 13.99
C6 CLA UA . 52.41 1.62 13.52
C7 CLA UA . 53.07 0.27 13.72
C8 CLA UA . 54.21 -0.02 12.74
C9 CLA UA . 55.37 -0.60 13.53
HHB CLA UA . 44.75 1.80 9.13
HHC CLA UA . 41.78 -3.49 11.15
HHD CLA UA . 37.94 0.13 14.78
H2A CLA UA . 42.70 5.89 10.86
H3A CLA UA . 44.93 4.13 10.08
HMA1 CLA UA . 43.07 3.71 8.11
HMA2 CLA UA . 43.92 5.29 8.28
HMA3 CLA UA . 42.25 5.07 8.95
HAA1 CLA UA . 43.77 5.91 13.08
HAA2 CLA UA . 45.00 6.02 11.78
HBA1 CLA UA . 45.48 3.53 12.06
HBA2 CLA UA . 44.31 3.51 13.45
HMB1 CLA UA . 46.08 -1.54 8.52
HMB2 CLA UA . 46.21 0.12 9.26
HMB3 CLA UA . 45.25 -0.12 7.73
HAB CLA UA . 43.66 -4.05 10.54
HBB1 CLA UA . 44.97 -3.30 7.84
HBB2 CLA UA . 44.84 -5.00 8.59
HMC1 CLA UA . 39.31 -4.81 13.58
HMC2 CLA UA . 40.97 -4.68 12.88
HMC3 CLA UA . 39.54 -4.65 11.78
HAC1 CLA UA . 37.45 -3.39 14.22
HAC2 CLA UA . 37.23 -1.67 14.73
HBC1 CLA UA . 37.86 -3.08 16.67
HBC2 CLA UA . 39.19 -1.90 16.30
HBC3 CLA UA . 39.36 -3.64 15.81
HMD1 CLA UA . 37.22 3.97 15.80
HMD2 CLA UA . 37.76 2.37 16.48
HMD3 CLA UA . 36.58 2.42 15.09
HBD CLA UA . 41.49 6.15 13.74
HED1 CLA UA . 40.22 9.74 11.62
HED2 CLA UA . 38.75 8.66 11.18
HED3 CLA UA . 40.44 8.32 10.40
H11 CLA UA . 48.01 4.58 15.76
H12 CLA UA . 48.71 5.06 14.14
H2 CLA UA . 49.08 2.40 15.67
H41 CLA UA . 50.78 3.00 11.79
H42 CLA UA . 51.03 4.44 12.83
H43 CLA UA . 49.38 4.03 12.25
H51 CLA UA . 50.46 0.69 13.44
H52 CLA UA . 50.97 1.25 15.08
H61 CLA UA . 52.95 2.41 14.10
H62 CLA UA . 52.43 1.91 12.44
H71 CLA UA . 52.30 -0.53 13.63
H72 CLA UA . 53.47 0.22 14.77
H91 CLA UA . 56.23 -0.82 12.85
H92 CLA UA . 55.06 -1.55 14.04
H93 CLA UA . 55.70 0.13 14.32
C01 8CT VA . 42.69 -11.90 11.51
C02 8CT VA . 43.09 -12.10 10.12
C03 8CT VA . 42.24 -11.94 9.10
C04 8CT VA . 42.67 -12.14 7.69
C05 8CT VA . 44.08 -12.70 7.54
C06 8CT VA . 45.03 -12.20 8.58
C07 8CT VA . 44.51 -12.48 9.98
C08 8CT VA . 41.77 -13.12 6.99
C09 8CT VA . 42.58 -10.83 6.94
C10 8CT VA . 40.84 -11.55 9.32
C11 8CT VA . 40.51 -10.27 9.56
C12 8CT VA . 39.15 -9.82 9.80
C13 8CT VA . 38.91 -8.64 10.39
C14 8CT VA . 37.60 -8.08 10.59
C15 8CT VA . 37.46 -6.76 10.82
C16 8CT VA . 36.20 -6.06 10.93
C17 8CT VA . 36.22 -4.88 11.53
C18 8CT VA . 35.09 -4.00 11.66
C19 8CT VA . 35.25 -2.76 12.16
C20 8CT VA . 34.10 -1.89 12.15
C21 8CT VA . 34.09 -0.57 12.41
C22 8CT VA . 35.27 0.08 13.01
C23 8CT VA . 32.81 0.13 12.41
C24 8CT VA . 32.61 1.28 13.07
C25 8CT VA . 31.27 1.74 13.34
C26 8CT VA . 30.93 2.96 13.83
C27 8CT VA . 31.92 3.81 14.53
C28 8CT VA . 29.52 3.34 13.89
C29 8CT VA . 29.04 4.34 14.64
C30 8CT VA . 27.66 4.88 14.58
C31 8CT VA . 27.25 5.59 13.53
C32 8CT VA . 25.89 6.18 13.33
C33 8CT VA . 24.86 5.65 14.30
C34 8CT VA . 25.43 5.35 15.68
C35 8CT VA . 26.77 4.61 15.76
C36 8CT VA . 26.55 3.14 16.01
C37 8CT VA . 27.42 5.12 17.03
C38 8CT VA . 28.13 5.85 12.36
C39 8CT VA . 34.98 -6.88 10.96
C40 8CT VA . 38.09 -10.79 9.42
H1 8CT VA . 41.70 -12.30 11.67
H2 8CT VA . 42.68 -10.85 11.75
H3 8CT VA . 43.37 -12.41 12.18
H6 8CT VA . 44.49 -12.47 6.56
H7 8CT VA . 44.07 -13.79 7.59
H8 8CT VA . 45.19 -11.14 8.45
H9 8CT VA . 46.00 -12.66 8.44
H10 8CT VA . 45.13 -11.98 10.71
H11 8CT VA . 44.69 -13.52 10.24
H12 8CT VA . 40.82 -12.67 6.76
H13 8CT VA . 41.60 -13.99 7.61
H14 8CT VA . 42.20 -13.45 6.07
H15 8CT VA . 41.55 -10.51 6.87
H16 8CT VA . 42.97 -10.94 5.95
H17 8CT VA . 43.13 -10.06 7.44
H18 8CT VA . 40.09 -12.30 9.29
H19 8CT VA . 41.29 -9.53 9.57
H20 8CT VA . 39.73 -8.06 10.75
H21 8CT VA . 36.74 -8.71 10.56
H22 8CT VA . 38.36 -6.19 10.93
H23 8CT VA . 37.13 -4.55 11.97
H24 8CT VA . 34.13 -4.32 11.35
H25 8CT VA . 36.18 -2.44 12.55
H26 8CT VA . 33.17 -2.36 11.92
H27 8CT VA . 35.35 1.12 12.70
H28 8CT VA . 36.19 -0.40 12.74
H29 8CT VA . 35.20 0.09 14.09
H30 8CT VA . 31.99 -0.29 11.87
H31 8CT VA . 33.45 1.85 13.38
H32 8CT VA . 30.48 1.05 13.14
H33 8CT VA . 31.82 4.84 14.22
H34 8CT VA . 32.93 3.48 14.30
H35 8CT VA . 31.77 3.76 15.60
H36 8CT VA . 28.84 2.76 13.30
H37 8CT VA . 29.70 4.80 15.34
H40 8CT VA . 25.55 6.04 12.30
H42 8CT VA . 24.41 4.78 13.85
H43 8CT VA . 24.07 6.40 14.36
H44 8CT VA . 24.66 4.79 16.21
H45 8CT VA . 25.49 6.29 16.21
H46 8CT VA . 25.73 2.98 16.70
H47 8CT VA . 27.45 2.69 16.44
H48 8CT VA . 26.32 2.62 15.09
H49 8CT VA . 26.72 5.16 17.84
H50 8CT VA . 27.83 6.10 16.89
H51 8CT VA . 28.24 4.47 17.32
H52 8CT VA . 27.74 6.63 11.71
H53 8CT VA . 28.25 4.96 11.73
H54 8CT VA . 29.13 6.16 12.65
H55 8CT VA . 34.17 -6.34 11.43
H56 8CT VA . 35.15 -7.80 11.51
H57 8CT VA . 34.65 -7.15 9.96
H58 8CT VA . 37.14 -10.28 9.32
H59 8CT VA . 38.00 -11.56 10.16
H60 8CT VA . 38.33 -11.25 8.48
H272 8CT VA . 25.91 7.27 13.36
C2 PL9 WA . 38.03 -2.86 -34.33
C3 PL9 WA . 37.50 -3.32 -33.16
C4 PL9 WA . 37.34 -4.80 -32.96
C5 PL9 WA . 37.78 -5.71 -34.01
C6 PL9 WA . 38.33 -5.20 -35.16
C1 PL9 WA . 38.47 -3.74 -35.34
C7 PL9 WA . 37.08 -2.30 -32.16
C8 PL9 WA . 37.00 -0.88 -32.66
C9 PL9 WA . 37.95 0.05 -32.43
C10 PL9 WA . 39.23 -0.24 -31.76
C11 PL9 WA . 37.89 1.37 -33.21
C12 PL9 WA . 39.03 1.42 -34.27
C13 PL9 WA . 39.79 2.72 -34.08
C14 PL9 WA . 39.25 3.95 -34.29
C15 PL9 WA . 39.80 5.14 -33.52
C16 PL9 WA . 38.55 4.35 -35.60
C17 PL9 WA . 37.47 5.48 -35.50
C18 PL9 WA . 37.00 5.91 -36.88
C19 PL9 WA . 37.03 7.15 -37.41
C20 PL9 WA . 37.18 8.32 -36.51
C21 PL9 WA . 37.55 7.26 -38.85
C22 PL9 WA . 37.14 8.51 -39.66
C23 PL9 WA . 35.69 8.46 -39.90
C24 PL9 WA . 34.96 9.57 -39.93
C25 PL9 WA . 34.02 9.88 -38.87
C26 PL9 WA . 34.86 10.34 -41.23
C27 PL9 WA . 33.40 10.83 -41.54
C28 PL9 WA . 33.19 10.79 -43.04
C29 PL9 WA . 33.31 11.89 -43.82
C30 PL9 WA . 33.41 13.23 -43.21
C31 PL9 WA . 32.83 11.93 -45.23
C32 PL9 WA . 33.76 12.64 -46.27
C33 PL9 WA . 32.97 12.62 -47.57
C34 PL9 WA . 33.49 12.81 -48.81
C35 PL9 WA . 34.82 12.37 -49.23
C36 PL9 WA . 32.64 13.61 -49.78
C37 PL9 WA . 32.48 12.97 -51.20
C38 PL9 WA . 31.01 13.28 -51.60
C39 PL9 WA . 30.63 14.17 -52.53
C40 PL9 WA . 29.69 13.76 -53.61
C41 PL9 WA . 30.84 15.61 -52.25
C42 PL9 WA . 29.52 16.40 -52.26
C43 PL9 WA . 29.85 17.90 -52.25
C44 PL9 WA . 29.54 18.80 -53.22
C45 PL9 WA . 28.71 18.40 -54.39
C46 PL9 WA . 29.46 20.26 -52.90
C47 PL9 WA . 29.97 21.27 -53.98
C48 PL9 WA . 29.08 22.51 -53.89
C49 PL9 WA . 28.30 23.04 -54.87
C50 PL9 WA . 27.69 22.12 -55.90
C51 PL9 WA . 27.70 24.43 -54.80
C52 PL9 WA . 37.63 -7.20 -33.78
C53 PL9 WA . 38.79 -6.06 -36.21
O1 PL9 WA . 36.88 -5.22 -31.93
O2 PL9 WA . 38.93 -3.20 -36.31
HC2 PL9 WA . 38.15 -1.83 -34.53
HC71 PL9 WA . 37.75 -2.32 -31.29
HC72 PL9 WA . 36.09 -2.56 -31.73
HC8 PL9 WA . 36.15 -0.60 -33.22
H101 PL9 WA . 39.90 0.62 -31.74
H102 PL9 WA . 39.78 -1.04 -32.25
H103 PL9 WA . 39.10 -0.54 -30.73
H111 PL9 WA . 38.00 2.23 -32.54
H112 PL9 WA . 36.94 1.48 -33.72
H121 PL9 WA . 38.59 1.37 -35.25
H122 PL9 WA . 39.68 0.57 -34.13
H13 PL9 WA . 40.78 2.66 -33.76
H151 PL9 WA . 39.14 6.00 -33.58
H152 PL9 WA . 40.78 5.45 -33.91
H153 PL9 WA . 39.94 4.90 -32.47
H161 PL9 WA . 38.07 3.48 -36.03
H162 PL9 WA . 39.30 4.68 -36.32
H171 PL9 WA . 37.90 6.31 -34.96
H172 PL9 WA . 36.66 5.11 -34.90
H18 PL9 WA . 36.60 5.12 -37.47
H201 PL9 WA . 37.30 9.27 -37.05
H202 PL9 WA . 38.05 8.25 -35.85
H203 PL9 WA . 36.31 8.46 -35.86
H211 PL9 WA . 37.22 6.41 -39.43
H212 PL9 WA . 38.63 7.24 -38.87
H221 PL9 WA . 37.69 8.52 -40.59
H222 PL9 WA . 37.41 9.39 -39.10
H23 PL9 WA . 35.21 7.53 -40.05
H251 PL9 WA . 33.61 10.88 -38.94
H252 PL9 WA . 34.48 9.82 -37.87
H253 PL9 WA . 33.17 9.21 -38.84
H261 PL9 WA . 35.17 9.75 -42.09
H262 PL9 WA . 35.49 11.20 -41.26
H271 PL9 WA . 33.30 11.82 -41.11
H272 PL9 WA . 32.72 10.20 -40.99
H28 PL9 WA . 32.95 9.87 -43.46
H301 PL9 WA . 33.20 14.01 -43.95
H302 PL9 WA . 34.42 13.41 -42.82
H303 PL9 WA . 32.70 13.34 -42.39
H311 PL9 WA . 31.87 12.43 -45.29
H312 PL9 WA . 32.68 10.91 -45.61
H321 PL9 WA . 34.69 12.10 -46.35
H322 PL9 WA . 33.97 13.65 -45.95
H33 PL9 WA . 31.94 12.43 -47.48
H351 PL9 WA . 34.92 12.33 -50.32
H352 PL9 WA . 35.07 11.38 -48.87
H353 PL9 WA . 35.61 13.03 -48.88
H361 PL9 WA . 33.06 14.59 -49.96
H362 PL9 WA . 31.63 13.76 -49.42
H371 PL9 WA . 32.66 11.91 -51.16
H372 PL9 WA . 33.18 13.40 -51.89
H38 PL9 WA . 30.27 12.73 -51.09
H401 PL9 WA . 29.78 14.44 -54.46
H402 PL9 WA . 28.66 13.79 -53.24
H403 PL9 WA . 29.92 12.74 -53.93
H411 PL9 WA . 31.50 16.08 -52.98
H412 PL9 WA . 31.30 15.77 -51.27
H421 PL9 WA . 28.93 16.12 -51.40
H422 PL9 WA . 28.96 16.14 -53.15
H43 PL9 WA . 30.36 18.26 -51.40
H451 PL9 WA . 28.48 19.22 -55.07
H452 PL9 WA . 27.74 18.00 -54.12
H453 PL9 WA . 29.16 17.64 -55.02
H461 PL9 WA . 30.01 20.48 -51.98
H462 PL9 WA . 28.42 20.54 -52.68
H471 PL9 WA . 29.91 20.81 -54.97
H472 PL9 WA . 31.02 21.51 -53.81
H48 PL9 WA . 29.09 23.00 -52.95
H501 PL9 WA . 27.48 22.63 -56.85
H502 PL9 WA . 26.74 21.69 -55.57
H503 PL9 WA . 28.34 21.27 -56.15
H511 PL9 WA . 27.17 24.71 -55.71
H512 PL9 WA . 28.43 25.21 -54.64
H513 PL9 WA . 26.97 24.52 -53.99
H521 PL9 WA . 38.58 -7.78 -33.86
H522 PL9 WA . 36.95 -7.72 -34.49
H523 PL9 WA . 37.23 -7.49 -32.78
H531 PL9 WA . 39.12 -5.53 -37.12
H532 PL9 WA . 38.04 -6.77 -36.57
H533 PL9 WA . 39.64 -6.68 -35.94
C1 LMG XA . 47.58 10.72 15.83
O1 LMG XA . 48.43 9.73 15.30
C2 LMG XA . 46.92 10.19 17.17
O2 LMG XA . 46.12 9.07 16.86
C3 LMG XA . 45.99 11.33 17.66
O3 LMG XA . 45.39 10.88 18.88
C4 LMG XA . 46.87 12.61 17.90
O4 LMG XA . 47.77 12.35 18.95
C5 LMG XA . 47.67 12.91 16.59
O5 LMG XA . 47.78 15.25 16.33
C6 LMG XA . 48.58 14.14 16.75
O6 LMG XA . 48.47 11.78 16.24
C7 LMG XA . 49.50 10.23 14.55
C8 LMG XA . 49.56 9.39 13.26
C9 LMG XA . 50.39 8.16 13.55
O7 LMG XA . 48.23 8.94 12.91
C10 LMG XA . 48.06 8.14 11.80
O9 LMG XA . 47.68 6.99 11.99
C11 LMG XA . 48.85 8.53 10.62
C12 LMG XA . 48.53 7.56 9.50
C13 LMG XA . 47.00 7.51 9.22
C14 LMG XA . 46.73 6.80 7.85
C15 LMG XA . 45.64 7.55 7.04
C16 LMG XA . 45.28 6.76 5.73
C17 LMG XA . 45.55 7.64 4.50
C18 LMG XA . 45.26 6.76 3.25
C19 LMG XA . 46.38 6.92 2.23
C20 LMG XA . 46.56 5.59 1.58
C21 LMG XA . 47.85 5.66 0.75
C22 LMG XA . 48.43 4.28 0.84
O8 LMG XA . 51.71 8.63 13.85
C28 LMG XA . 52.48 9.01 12.81
O10 LMG XA . 52.20 10.07 12.29
C29 LMG XA . 53.86 8.44 12.81
C30 LMG XA . 54.49 8.40 11.37
C31 LMG XA . 54.22 9.70 10.58
C32 LMG XA . 54.94 9.57 9.27
C33 LMG XA . 53.92 9.72 8.14
C34 LMG XA . 54.59 9.33 6.83
C35 LMG XA . 54.13 10.28 5.74
C36 LMG XA . 54.74 9.67 4.51
C37 LMG XA . 54.17 10.28 3.23
C38 LMG XA . 54.47 9.22 2.20
C39 LMG XA . 53.74 9.51 0.88
C40 LMG XA . 53.31 8.14 0.30
C41 LMG XA . 53.72 8.02 -1.12
C42 LMG XA . 52.57 7.30 -1.77
C43 LMG XA . 53.05 6.78 -3.09
HC1 LMG XA . 46.82 11.00 15.05
HC2 LMG XA . 47.72 9.92 17.89
HO2 LMG XA . 46.70 8.39 16.55
HC3 LMG XA . 45.20 11.55 16.89
HO3 LMG XA . 44.65 11.47 19.06
HC4 LMG XA . 46.21 13.50 18.12
HO4 LMG XA . 47.25 12.05 19.69
HC5 LMG XA . 46.94 13.13 15.77
HO5 LMG XA . 47.49 15.05 15.43
HC61 LMG XA . 49.50 14.00 16.15
HC62 LMG XA . 48.91 14.21 17.81
HC71 LMG XA . 50.41 10.15 15.17
HC72 LMG XA . 49.31 11.30 14.38
HC8 LMG XA . 50.01 10.00 12.42
HC91 LMG XA . 50.40 7.48 12.67
HC92 LMG XA . 49.96 7.60 14.41
H111 LMG XA . 49.95 8.54 10.85
H112 LMG XA . 48.64 9.58 10.32
H121 LMG XA . 48.89 6.54 9.77
H122 LMG XA . 49.08 7.83 8.57
H131 LMG XA . 46.55 8.53 9.21
H132 LMG XA . 46.45 7.00 10.03
H141 LMG XA . 46.42 5.74 8.00
H142 LMG XA . 47.66 6.73 7.24
H151 LMG XA . 45.96 8.58 6.79
H152 LMG XA . 44.72 7.71 7.65
H161 LMG XA . 44.23 6.43 5.75
H162 LMG XA . 45.85 5.83 5.67
H171 LMG XA . 46.59 8.04 4.50
H172 LMG XA . 44.92 8.56 4.51
H181 LMG XA . 44.28 7.00 2.80
H182 LMG XA . 45.14 5.69 3.53
H191 LMG XA . 47.35 7.27 2.67
H192 LMG XA . 46.18 7.70 1.46
H201 LMG XA . 45.70 5.29 0.93
H202 LMG XA . 46.62 4.74 2.30
H211 LMG XA . 48.58 6.42 1.11
H212 LMG XA . 47.69 5.95 -0.31
H291 LMG XA . 53.84 7.43 13.25
H292 LMG XA . 54.51 9.03 13.50
H301 LMG XA . 54.13 7.55 10.77
H302 LMG XA . 55.59 8.25 11.40
H311 LMG XA . 54.54 10.60 11.14
H312 LMG XA . 53.13 9.88 10.44
H321 LMG XA . 55.49 8.61 9.23
H322 LMG XA . 55.75 10.33 9.21
H331 LMG XA . 53.50 10.76 8.09
H332 LMG XA . 53.01 9.10 8.33
H341 LMG XA . 54.38 8.28 6.53
H342 LMG XA . 55.70 9.33 6.89
H351 LMG XA . 54.45 11.33 5.94
H352 LMG XA . 53.02 10.36 5.69
H361 LMG XA . 54.60 8.58 4.48
H362 LMG XA . 55.85 9.79 4.50
H371 LMG XA . 54.62 11.26 2.95
H372 LMG XA . 53.09 10.50 3.28
H381 LMG XA . 54.18 8.20 2.55
H382 LMG XA . 55.55 9.11 2.00
H391 LMG XA . 54.37 10.04 0.14
H392 LMG XA . 52.86 10.16 1.00
H401 LMG XA . 52.21 7.96 0.37
H402 LMG XA . 53.73 7.27 0.87
H411 LMG XA . 54.70 7.49 -1.20
H412 LMG XA . 53.93 9.03 -1.54
H421 LMG XA . 51.69 7.98 -1.86
H422 LMG XA . 52.18 6.50 -1.09
MG CLA YA . 29.26 8.44 -8.70
CHA CLA YA . 26.35 7.68 -10.48
CHB CLA YA . 29.23 5.24 -7.43
CHC CLA YA . 32.69 8.59 -7.91
CHD CLA YA . 29.63 11.28 -10.65
NA CLA YA . 28.00 6.77 -8.93
C1A CLA YA . 26.81 6.67 -9.69
C2A CLA YA . 26.16 5.29 -9.49
C3A CLA YA . 26.85 4.81 -8.20
C4A CLA YA . 28.15 5.63 -8.18
CMA CLA YA . 25.99 5.14 -6.99
CAA CLA YA . 26.47 4.51 -10.78
CBA CLA YA . 27.94 4.57 -11.19
CGA CLA YA . 28.25 3.44 -12.11
O1A CLA YA . 27.42 2.63 -12.55
O2A CLA YA . 29.59 3.41 -12.47
NB CLA YA . 30.72 7.12 -7.91
C1B CLA YA . 30.44 5.94 -7.33
C2B CLA YA . 31.60 5.48 -6.52
C3B CLA YA . 32.54 6.43 -6.64
C4B CLA YA . 32.03 7.48 -7.54
CMB CLA YA . 31.61 4.22 -5.77
CAB CLA YA . 33.86 6.55 -6.06
CBB CLA YA . 34.43 5.64 -5.33
NC CLA YA . 30.91 9.63 -9.30
C1C CLA YA . 32.16 9.63 -8.75
C2C CLA YA . 32.86 10.87 -9.11
C3C CLA YA . 31.95 11.67 -9.78
C4C CLA YA . 30.74 10.88 -9.91
CMC CLA YA . 34.22 11.22 -8.77
CAC CLA YA . 32.17 13.00 -10.33
CBC CLA YA . 32.16 14.08 -9.31
ND CLA YA . 28.30 9.25 -10.28
C1D CLA YA . 28.50 10.53 -10.85
C2D CLA YA . 27.31 10.90 -11.63
C3D CLA YA . 26.42 9.85 -11.48
C4D CLA YA . 27.10 8.87 -10.63
CMD CLA YA . 27.19 12.12 -12.40
CAD CLA YA . 25.11 9.33 -11.82
OBD CLA YA . 24.22 9.87 -12.46
CBD CLA YA . 25.02 7.93 -11.18
CGD CLA YA . 23.93 7.97 -10.16
O1D CLA YA . 23.75 8.90 -9.39
O2D CLA YA . 23.16 6.84 -10.08
CED CLA YA . 22.25 6.79 -9.01
C1 CLA YA . 30.01 2.36 -13.39
C2 CLA YA . 30.37 1.22 -12.52
C3 CLA YA . 29.80 0.03 -12.41
C4 CLA YA . 28.63 -0.41 -13.23
C5 CLA YA . 30.31 -0.97 -11.43
C6 CLA YA . 29.34 -1.18 -10.25
C7 CLA YA . 29.34 0.06 -9.39
C8 CLA YA . 28.29 0.05 -8.30
C9 CLA YA . 26.94 0.45 -8.89
C10 CLA YA . 28.72 1.00 -7.17
C11 CLA YA . 27.78 0.99 -5.97
C12 CLA YA . 28.42 1.81 -4.84
C13 CLA YA . 27.63 1.79 -3.53
C14 CLA YA . 27.89 2.93 -2.56
C15 CLA YA . 28.06 0.53 -2.82
C16 CLA YA . 27.16 0.21 -1.67
C17 CLA YA . 27.22 -1.26 -1.39
C18 CLA YA . 28.53 -1.62 -0.73
C19 CLA YA . 28.51 -1.23 0.74
C20 CLA YA . 28.73 -3.11 -0.87
HHB CLA YA . 29.16 4.29 -6.87
HHC CLA YA . 33.73 8.74 -7.56
HHD CLA YA . 29.66 12.28 -11.11
H2A CLA YA . 25.06 5.29 -9.30
H3A CLA YA . 27.10 3.71 -8.23
HMA1 CLA YA . 26.63 5.32 -6.09
HMA2 CLA YA . 25.30 4.29 -6.75
HMA3 CLA YA . 25.36 6.04 -7.17
HAA1 CLA YA . 25.85 4.94 -11.62
HAA2 CLA YA . 26.17 3.44 -10.65
HBA1 CLA YA . 28.59 4.49 -10.27
HBA2 CLA YA . 28.16 5.55 -11.69
HMB1 CLA YA . 32.39 3.54 -6.19
HMB2 CLA YA . 30.62 3.71 -5.86
HMB3 CLA YA . 31.84 4.40 -4.69
HAB CLA YA . 34.38 7.50 -6.27
HBB1 CLA YA . 33.96 4.68 -5.08
HBB2 CLA YA . 35.43 5.80 -4.91
HMC1 CLA YA . 34.51 12.19 -9.24
HMC2 CLA YA . 34.94 10.44 -9.12
HMC3 CLA YA . 34.34 11.33 -7.66
HAC1 CLA YA . 31.37 13.23 -11.10
HAC2 CLA YA . 33.15 13.03 -10.88
HBC1 CLA YA . 32.36 15.07 -9.81
HBC2 CLA YA . 32.96 13.90 -8.56
HBC3 CLA YA . 31.18 14.12 -8.79
HMD1 CLA YA . 26.16 12.23 -12.82
HMD2 CLA YA . 27.92 12.13 -13.25
HMD3 CLA YA . 27.40 13.02 -11.75
HBD CLA YA . 24.83 7.16 -11.97
HED1 CLA YA . 22.05 5.70 -8.88
HED2 CLA YA . 21.38 7.38 -9.37
HED3 CLA YA . 22.81 7.25 -8.16
H11 CLA YA . 30.89 2.73 -13.99
H12 CLA YA . 29.17 2.12 -14.08
H2 CLA YA . 31.25 1.45 -11.89
H41 CLA YA . 28.41 -1.50 -13.10
H42 CLA YA . 28.81 -0.23 -14.33
H43 CLA YA . 27.70 0.15 -12.95
H51 CLA YA . 31.30 -0.62 -11.03
H52 CLA YA . 30.48 -1.95 -11.95
H61 CLA YA . 29.64 -2.07 -9.65
H62 CLA YA . 28.30 -1.38 -10.65
H71 CLA YA . 29.18 0.96 -10.05
H72 CLA YA . 30.35 0.17 -8.93
H8 CLA YA . 28.20 -0.97 -7.86
H91 CLA YA . 26.17 0.51 -8.08
H92 CLA YA . 26.61 -0.32 -9.63
H93 CLA YA . 27.01 1.43 -9.40
H101 CLA YA . 28.78 2.04 -7.56
H102 CLA YA . 29.74 0.72 -6.82
H111 CLA YA . 27.60 -0.06 -5.62
H112 CLA YA . 26.78 1.42 -6.24
H121 CLA YA . 28.53 2.87 -5.18
H122 CLA YA . 29.45 1.41 -4.65
H13 CLA YA . 26.54 1.87 -3.81
H141 CLA YA . 27.15 2.91 -1.72
H142 CLA YA . 27.80 3.91 -3.09
H143 CLA YA . 28.92 2.86 -2.13
H151 CLA YA . 29.11 0.64 -2.44
H152 CLA YA . 28.06 -0.34 -3.53
H161 CLA YA . 26.11 0.51 -1.92
H162 CLA YA . 27.47 0.80 -0.77
H171 CLA YA . 27.11 -1.84 -2.35
H172 CLA YA . 26.36 -1.56 -0.73
H18 CLA YA . 29.39 -1.06 -1.21
H191 CLA YA . 29.48 -1.50 1.23
H192 CLA YA . 27.68 -1.77 1.27
H193 CLA YA . 28.35 -0.13 0.84
H201 CLA YA . 29.75 -3.40 -0.52
H202 CLA YA . 28.62 -3.42 -1.94
H203 CLA YA . 27.98 -3.67 -0.27
O6 SQD ZA . 51.58 -2.34 -32.54
C44 SQD ZA . 52.28 -2.38 -31.30
C45 SQD ZA . 51.48 -1.53 -30.32
C46 SQD ZA . 52.42 -0.81 -29.35
O47 SQD ZA . 50.62 -0.67 -31.05
C7 SQD ZA . 49.21 -0.77 -30.93
O49 SQD ZA . 48.76 -1.77 -30.36
C8 SQD ZA . 48.34 0.48 -31.21
C9 SQD ZA . 47.95 1.08 -29.84
C10 SQD ZA . 47.81 2.62 -29.88
C11 SQD ZA . 48.19 3.19 -28.49
C12 SQD ZA . 47.69 4.62 -28.28
C13 SQD ZA . 47.53 4.99 -26.79
C14 SQD ZA . 46.25 5.85 -26.57
C15 SQD ZA . 46.46 6.94 -25.52
C16 SQD ZA . 45.61 8.20 -25.74
C17 SQD ZA . 44.33 8.16 -24.87
C18 SQD ZA . 43.27 9.22 -25.28
C19 SQD ZA . 42.29 9.48 -24.13
C20 SQD ZA . 41.35 10.60 -24.50
O48 SQD ZA . 53.01 0.33 -29.95
C23 SQD ZA . 52.89 1.58 -29.30
O10 SQD ZA . 52.05 1.70 -28.41
C24 SQD ZA . 53.58 2.81 -29.92
C25 SQD ZA . 53.33 4.08 -29.09
C26 SQD ZA . 54.61 4.92 -28.92
C27 SQD ZA . 54.40 6.34 -29.47
C28 SQD ZA . 54.84 7.42 -28.47
C29 SQD ZA . 53.90 8.64 -28.62
C30 SQD ZA . 54.61 9.90 -28.10
C31 SQD ZA . 54.66 10.97 -29.20
C32 SQD ZA . 55.43 12.18 -28.63
C33 SQD ZA . 56.72 12.41 -29.41
C34 SQD ZA . 56.67 13.66 -30.30
C35 SQD ZA . 57.10 13.34 -31.72
C36 SQD ZA . 57.87 14.50 -32.33
C37 SQD ZA . 57.05 15.76 -32.24
C38 SQD ZA . 57.29 16.63 -33.45
C1 SQD ZA . 51.86 -3.44 -33.37
C2 SQD ZA . 51.07 -3.77 -34.61
O2 SQD ZA . 49.75 -3.45 -34.64
C3 SQD ZA . 51.18 -5.27 -34.60
O3 SQD ZA . 50.38 -5.79 -35.58
C4 SQD ZA . 52.62 -5.70 -34.68
O4 SQD ZA . 52.67 -7.00 -34.23
C5 SQD ZA . 53.55 -4.85 -33.82
C6 SQD ZA . 55.02 -4.97 -34.18
O5 SQD ZA . 53.20 -3.49 -33.79
S SQD ZA . 56.09 -4.32 -32.89
O7 SQD ZA . 55.62 -4.54 -31.53
O8 SQD ZA . 57.44 -4.90 -33.03
O9 SQD ZA . 56.07 -2.88 -32.92
H441 SQD ZA . 53.16 -2.02 -31.40
H442 SQD ZA . 52.33 -3.29 -30.98
H45 SQD ZA . 50.93 -2.09 -29.75
H461 SQD ZA . 53.12 -1.43 -29.09
H462 SQD ZA . 51.91 -0.54 -28.58
H81 SQD ZA . 47.53 0.21 -31.70
H82 SQD ZA . 48.83 1.12 -31.74
H91 SQD ZA . 48.64 0.84 -29.20
H92 SQD ZA . 47.10 0.69 -29.57
H101 SQD ZA . 46.90 2.85 -30.08
H102 SQD ZA . 48.40 2.97 -30.55
H111 SQD ZA . 49.16 3.19 -28.41
H112 SQD ZA . 47.81 2.63 -27.80
H121 SQD ZA . 46.83 4.72 -28.72
H122 SQD ZA . 48.33 5.23 -28.68
H131 SQD ZA . 48.30 5.50 -26.51
H132 SQD ZA . 47.45 4.17 -26.28
H141 SQD ZA . 45.54 5.27 -26.27
H142 SQD ZA . 46.01 6.27 -27.41
H151 SQD ZA . 47.40 7.20 -25.53
H152 SQD ZA . 46.24 6.58 -24.65
H161 SQD ZA . 45.36 8.26 -26.67
H162 SQD ZA . 46.13 8.99 -25.50
H171 SQD ZA . 44.58 8.32 -23.95
H172 SQD ZA . 43.94 7.28 -24.95
H181 SQD ZA . 42.77 8.88 -26.05
H182 SQD ZA . 43.72 10.04 -25.53
H191 SQD ZA . 42.80 9.75 -23.34
H192 SQD ZA . 41.79 8.68 -23.94
H241 SQD ZA . 53.24 2.95 -30.82
H242 SQD ZA . 54.54 2.65 -29.96
H251 SQD ZA . 53.00 3.81 -28.21
H252 SQD ZA . 52.65 4.61 -29.53
H261 SQD ZA . 55.33 4.49 -29.41
H262 SQD ZA . 54.84 4.97 -27.98
H271 SQD ZA . 53.45 6.46 -29.67
H272 SQD ZA . 54.91 6.45 -30.29
H281 SQD ZA . 55.75 7.68 -28.66
H282 SQD ZA . 54.78 7.06 -27.57
H291 SQD ZA . 53.10 8.49 -28.10
H292 SQD ZA . 53.68 8.76 -29.55
H301 SQD ZA . 55.50 9.67 -27.83
H302 SQD ZA . 54.12 10.24 -27.33
H311 SQD ZA . 53.75 11.24 -29.43
H312 SQD ZA . 55.12 10.62 -29.97
H321 SQD ZA . 55.63 12.02 -27.70
H322 SQD ZA . 54.87 12.97 -28.71
H331 SQD ZA . 56.89 11.64 -29.97
H332 SQD ZA . 57.46 12.50 -28.78
H341 SQD ZA . 57.26 14.34 -29.94
H342 SQD ZA . 55.76 14.00 -30.31
H351 SQD ZA . 56.32 13.16 -32.26
H352 SQD ZA . 57.67 12.55 -31.71
H361 SQD ZA . 58.06 14.31 -33.27
H362 SQD ZA . 58.70 14.62 -31.85
H371 SQD ZA . 57.31 16.25 -31.44
H372 SQD ZA . 56.11 15.54 -32.19
H381 SQD ZA . 56.87 17.50 -33.32
H382 SQD ZA . 56.91 16.21 -34.23
H383 SQD ZA . 58.25 16.76 -33.58
H1 SQD ZA . 51.56 -4.06 -32.68
H2 SQD ZA . 51.37 -3.27 -35.38
HO2 SQD ZA . 49.38 -3.83 -35.30
H3 SQD ZA . 50.80 -5.66 -33.79
HO3 SQD ZA . 50.67 -6.56 -35.80
H4 SQD ZA . 52.90 -5.62 -35.60
HO4 SQD ZA . 52.84 -7.51 -34.89
H5 SQD ZA . 53.53 -5.26 -32.95
H61 SQD ZA . 55.19 -4.49 -35.00
H62 SQD ZA . 55.24 -5.91 -34.31
C44 SQD AB . 36.84 -21.71 2.70
C45 SQD AB . 36.79 -20.43 1.85
C46 SQD AB . 35.39 -19.83 1.68
O47 SQD AB . 37.63 -19.41 2.39
C7 SQD AB . 38.17 -18.32 1.65
O49 SQD AB . 37.98 -18.16 0.45
C8 SQD AB . 39.28 -17.51 2.30
C9 SQD AB . 39.07 -16.05 1.93
C10 SQD AB . 37.94 -15.40 2.72
C11 SQD AB . 37.54 -14.09 2.03
C12 SQD AB . 37.29 -12.98 3.05
C13 SQD AB . 36.01 -12.19 2.70
C14 SQD AB . 36.00 -10.79 3.32
C15 SQD AB . 36.09 -9.75 2.20
C16 SQD AB . 35.64 -8.39 2.67
C17 SQD AB . 34.47 -7.93 1.79
C18 SQD AB . 34.28 -6.43 2.02
C19 SQD AB . 32.80 -6.13 2.23
C20 SQD AB . 32.06 -6.51 0.98
C21 SQD AB . 30.74 -5.76 0.99
C22 SQD AB . 29.76 -6.39 0.03
O48 SQD AB . 34.74 -19.68 2.94
C23 SQD AB . 34.25 -18.43 3.43
O10 SQD AB . 34.29 -17.44 2.72
C24 SQD AB . 34.01 -18.32 4.94
C25 SQD AB . 33.72 -16.93 5.55
C26 SQD AB . 33.70 -17.13 7.09
C27 SQD AB . 33.76 -15.85 7.98
C28 SQD AB . 33.40 -16.16 9.46
C29 SQD AB . 34.32 -15.47 10.51
C30 SQD AB . 33.59 -15.17 11.83
C31 SQD AB . 34.00 -16.07 13.02
C32 SQD AB . 33.14 -15.74 14.27
C33 SQD AB . 33.91 -15.92 15.59
C34 SQD AB . 32.96 -15.93 16.81
C35 SQD AB . 32.74 -14.52 17.38
C36 SQD AB . 31.95 -14.61 18.69
C37 SQD AB . 31.67 -13.23 19.28
C38 SQD AB . 31.57 -13.32 20.78
H45 SQD AB . 37.07 -20.71 0.97
H461 SQD AB . 34.86 -20.42 1.13
H462 SQD AB . 35.46 -18.96 1.26
H81 SQD AB . 40.14 -17.81 1.98
H82 SQD AB . 39.24 -17.61 3.27
H91 SQD AB . 38.85 -15.99 0.99
H92 SQD AB . 39.89 -15.56 2.10
H101 SQD AB . 38.25 -15.22 3.63
H102 SQD AB . 37.18 -16.00 2.75
H111 SQD AB . 36.73 -14.23 1.52
H112 SQD AB . 38.25 -13.81 1.43
H121 SQD AB . 38.05 -12.37 3.06
H122 SQD AB . 37.19 -13.37 3.93
H131 SQD AB . 35.24 -12.69 3.02
H132 SQD AB . 35.96 -12.11 1.74
H141 SQD AB . 36.76 -10.68 3.92
H142 SQD AB . 35.19 -10.66 3.82
H151 SQD AB . 35.51 -10.03 1.47
H152 SQD AB . 37.00 -9.69 1.89
H161 SQD AB . 36.37 -7.75 2.59
H162 SQD AB . 35.36 -8.43 3.61
H171 SQD AB . 33.66 -8.41 2.05
H172 SQD AB . 34.67 -8.11 0.86
H181 SQD AB . 34.60 -5.96 1.23
H182 SQD AB . 34.79 -6.16 2.80
H191 SQD AB . 32.68 -5.18 2.41
H192 SQD AB . 32.47 -6.65 2.98
H201 SQD AB . 31.91 -7.47 0.95
H202 SQD AB . 32.58 -6.27 0.19
H211 SQD AB . 30.89 -4.84 0.73
H212 SQD AB . 30.37 -5.79 1.89
H221 SQD AB . 29.00 -5.80 -0.08
H222 SQD AB . 29.45 -7.24 0.39
H223 SQD AB . 30.18 -6.53 -0.82
H241 SQD AB . 34.81 -18.65 5.37
H242 SQD AB . 33.26 -18.89 5.15
H251 SQD AB . 32.86 -16.60 5.24
H252 SQD AB . 34.42 -16.30 5.29
H261 SQD AB . 34.47 -17.67 7.33
H262 SQD AB . 32.89 -17.60 7.32
H271 SQD AB . 33.12 -15.19 7.63
H272 SQD AB . 34.64 -15.47 7.94
H281 SQD AB . 33.45 -17.12 9.59
H282 SQD AB . 32.49 -15.87 9.62
H291 SQD AB . 34.65 -14.64 10.14
H292 SQD AB . 35.07 -16.06 10.70
H301 SQD AB . 32.64 -15.27 11.69
H302 SQD AB . 33.78 -14.24 12.08
H311 SQD AB . 34.95 -15.92 13.23
H312 SQD AB . 33.87 -17.00 12.78
H321 SQD AB . 32.37 -16.33 14.27
H322 SQD AB . 32.85 -14.82 14.20
H331 SQD AB . 34.54 -15.20 15.69
H332 SQD AB . 34.38 -16.77 15.57
H341 SQD AB . 33.35 -16.49 17.50
H342 SQD AB . 32.11 -16.29 16.55
H351 SQD AB . 32.25 -13.99 16.74
H352 SQD AB . 33.59 -14.11 17.55
H361 SQD AB . 32.46 -15.13 19.33
H362 SQD AB . 31.10 -15.04 18.50
H371 SQD AB . 30.84 -12.90 18.92
H372 SQD AB . 32.40 -12.63 19.04
H381 SQD AB . 31.21 -12.49 21.13
H382 SQD AB . 32.46 -13.46 21.16
H383 SQD AB . 30.99 -14.06 21.03
C1A DGD BB . 29.10 0.99 18.18
C2A DGD BB . 28.57 -0.18 17.45
C3A DGD BB . 29.37 -0.41 16.15
C4A DGD BB . 29.45 -1.89 15.84
C5A DGD BB . 28.91 -2.16 14.45
C6A DGD BB . 28.55 -3.66 14.32
C7A DGD BB . 29.89 -4.36 14.07
C8A DGD BB . 29.62 -5.80 13.73
C9A DGD BB . 30.97 -6.50 13.57
CAA DGD BB . 30.80 -7.66 12.60
CBA DGD BB . 31.53 -8.91 13.16
CCA DGD BB . 31.49 -9.96 12.05
CDA DGD BB . 32.93 -10.24 11.46
CEA DGD BB . 32.83 -10.31 9.93
CFA DGD BB . 33.74 -11.39 9.32
CGA DGD BB . 34.11 -10.95 7.84
CHA DGD BB . 33.53 -11.86 6.71
CIA DGD BB . 32.14 -11.34 6.29
O1A DGD BB . 30.10 1.63 17.93
C1B DGD BB . 29.84 0.96 23.79
C2B DGD BB . 30.62 -0.16 23.12
C3B DGD BB . 31.87 -0.56 23.93
C4B DGD BB . 33.00 0.49 23.74
C5B DGD BB . 33.14 1.15 25.15
C6B DGD BB . 34.50 1.91 25.21
C7B DGD BB . 35.51 0.87 25.60
C8B DGD BB . 36.29 0.59 24.36
C9B DGD BB . 36.26 -0.89 24.17
CAB DGD BB . 37.14 -1.12 22.98
CBB DGD BB . 36.28 -1.60 21.85
CCB DGD BB . 37.08 -2.75 21.27
CDB DGD BB . 36.30 -3.10 20.05
CEB DGD BB . 36.60 -4.54 19.73
CFB DGD BB . 38.06 -4.57 19.11
CGB DGD BB . 38.90 -5.63 19.84
CHB DGD BB . 39.46 -6.65 18.84
CIB DGD BB . 39.97 -7.84 19.66
O1B DGD BB . 29.70 1.12 25.01
O1G DGD BB . 28.69 0.92 19.46
C1G DGD BB . 29.49 1.62 20.43
C2G DGD BB . 28.65 1.75 21.71
O2G DGD BB . 29.50 1.99 22.87
C3G DGD BB . 27.74 3.00 21.37
O3G DGD BB . 28.08 4.01 22.32
C1D DGD BB . 27.07 4.96 22.61
C2D DGD BB . 27.69 5.88 23.66
O2D DGD BB . 28.02 5.05 24.75
C3D DGD BB . 26.53 6.83 24.03
O3D DGD BB . 26.98 7.69 25.00
C4D DGD BB . 26.07 7.67 22.75
O4D DGD BB . 27.05 8.61 22.38
C5D DGD BB . 25.83 6.71 21.46
O5D DGD BB . 24.63 8.17 20.01
C6D DGD BB . 25.86 7.44 20.05
O6D DGD BB . 26.83 5.67 21.36
C1E DGD BB . 23.93 8.27 18.78
C2E DGD BB . 22.96 9.57 18.77
O2E DGD BB . 23.69 10.69 19.28
C3E DGD BB . 21.66 9.31 19.66
O3E DGD BB . 20.76 10.37 19.43
C4E DGD BB . 21.01 7.97 19.18
O4E DGD BB . 20.72 8.04 17.81
C5E DGD BB . 22.06 6.84 19.42
O6E DGD BB . 23.22 7.05 18.61
C6E DGD BB . 21.55 5.36 19.09
O5E DGD BB . 21.21 5.32 17.72
HA21 DGD BB . 27.49 -0.03 17.25
HA22 DGD BB . 28.62 -1.08 18.12
HA31 DGD BB . 30.39 0.02 16.23
HA32 DGD BB . 28.91 0.14 15.31
HA41 DGD BB . 28.88 -2.47 16.60
HA42 DGD BB . 30.49 -2.26 15.92
HA51 DGD BB . 29.65 -1.87 13.67
HA52 DGD BB . 28.03 -1.52 14.23
HA61 DGD BB . 27.81 -3.82 13.51
HA62 DGD BB . 28.02 -4.02 15.22
HA71 DGD BB . 30.54 -4.24 14.97
HA72 DGD BB . 30.45 -3.81 13.29
HA81 DGD BB . 28.99 -5.86 12.81
HA82 DGD BB . 28.97 -6.27 14.49
HA91 DGD BB . 31.34 -6.83 14.56
HA92 DGD BB . 31.75 -5.77 13.22
HAT1 DGD BB . 31.18 -7.38 11.58
HAT2 DGD BB . 29.71 -7.86 12.42
HAE1 DGD BB . 31.05 -9.26 14.09
HAE2 DGD BB . 32.56 -8.67 13.47
HAW1 DGD BB . 30.82 -9.65 11.22
HAW2 DGD BB . 31.05 -10.91 12.40
HAH1 DGD BB . 33.39 -11.20 11.84
HAH2 DGD BB . 33.69 -9.49 11.76
HAF1 DGD BB . 33.07 -9.31 9.50
HAF2 DGD BB . 31.77 -10.47 9.64
HAN1 DGD BB . 33.25 -12.38 9.32
HAN2 DGD BB . 34.65 -11.56 9.92
HAS1 DGD BB . 35.21 -10.91 7.72
HAS2 DGD BB . 33.78 -9.91 7.66
HAV1 DGD BB . 33.48 -12.91 7.07
HAV2 DGD BB . 34.23 -11.88 5.86
HAG1 DGD BB . 31.59 -12.10 5.71
HAG2 DGD BB . 32.22 -10.44 5.66
HAG3 DGD BB . 31.53 -11.07 7.16
HB21 DGD BB . 30.90 0.15 22.09
HB22 DGD BB . 29.95 -1.04 22.99
HB31 DGD BB . 32.22 -1.57 23.62
HB32 DGD BB . 31.62 -0.69 24.99
HB41 DGD BB . 32.78 1.24 22.94
HB42 DGD BB . 33.96 0.04 23.40
HB51 DGD BB . 33.06 0.40 25.96
HB52 DGD BB . 32.29 1.83 25.36
HB61 DGD BB . 34.53 2.75 25.93
HB62 DGD BB . 34.82 2.41 24.27
HB71 DGD BB . 35.06 -0.07 25.98
HB72 DGD BB . 36.19 1.16 26.42
HB81 DGD BB . 37.32 1.00 24.46
HB82 DGD BB . 35.86 1.16 23.50
HB91 DGD BB . 35.23 -1.27 24.03
HB92 DGD BB . 36.61 -1.43 25.08
HBT1 DGD BB . 37.94 -1.87 23.19
HBT2 DGD BB . 37.69 -0.21 22.68
HBE1 DGD BB . 36.07 -0.80 21.11
HBE2 DGD BB . 35.26 -1.91 22.19
HBW1 DGD BB . 37.17 -3.58 21.98
HBW2 DGD BB . 38.12 -2.45 21.06
HBH1 DGD BB . 36.56 -2.42 19.20
HBH2 DGD BB . 35.21 -2.93 20.20
HBF1 DGD BB . 35.84 -4.95 19.04
HBF2 DGD BB . 36.51 -5.16 20.65
HBN1 DGD BB . 38.52 -3.57 19.16
HBN2 DGD BB . 38.01 -4.78 18.01
HBS1 DGD BB . 38.28 -6.09 20.62
HBS2 DGD BB . 39.69 -5.11 20.41
HBV1 DGD BB . 40.24 -6.17 18.20
HBV2 DGD BB . 38.67 -6.92 18.09
HBG1 DGD BB . 40.89 -8.26 19.24
HBG2 DGD BB . 39.26 -8.66 19.70
HBG3 DGD BB . 40.19 -7.57 20.69
HG11 DGD BB . 29.77 2.66 20.10
HG12 DGD BB . 30.44 1.11 20.69
HG2 DGD BB . 28.05 0.83 21.92
HG31 DGD BB . 26.66 2.71 21.43
HG32 DGD BB . 27.89 3.33 20.32
HD1 DGD BB . 26.12 4.46 22.94
HD2 DGD BB . 28.58 6.46 23.29
HO2D DGD BB . 28.42 4.26 24.39
HD3 DGD BB . 25.64 6.24 24.37
HO3D DGD BB . 26.94 7.21 25.84
HD4 DGD BB . 25.10 8.16 22.99
HO4D DGD BB . 27.10 9.25 23.08
HD5 DGD BB . 24.82 6.23 21.60
HD61 DGD BB . 25.91 6.76 19.17
HD62 DGD BB . 26.70 8.15 19.92
HE1 DGD BB . 24.60 8.31 17.88
HE2 DGD BB . 22.66 9.71 17.70
HO2E DGD BB . 24.42 10.34 19.78
HE3 DGD BB . 21.95 9.24 20.73
HO3E DGD BB . 20.19 10.11 18.72
HE4 DGD BB . 20.08 7.74 19.77
HO4E DGD BB . 21.54 7.93 17.35
HE5 DGD BB . 22.32 6.80 20.51
HE61 DGD BB . 20.67 5.11 19.74
HE62 DGD BB . 22.33 4.61 19.34
HO5E DGD BB . 21.98 5.59 17.24
O1 OEX CB . 35.45 27.52 -1.79
CA1 OEX CB . 35.79 25.25 -1.60
MN1 OEX CB . 33.51 27.72 -2.21
O2 OEX CB . 35.27 26.49 0.50
MN2 OEX CB . 35.32 28.28 -0.18
O3 OEX CB . 33.46 27.93 -0.33
MN3 OEX CB . 33.38 26.37 0.72
O4 OEX CB . 33.45 24.78 1.70
MN4 OEX CB . 32.99 23.72 0.41
O5 OEX CB . 33.28 25.33 -0.99
MG CLA DB . -6.56 19.55 -53.59
CHA CLA DB . -8.86 21.51 -55.34
CHB CLA DB . -8.50 16.78 -54.44
CHC CLA DB . -4.01 17.37 -52.61
CHD CLA DB . -4.33 22.18 -53.44
NA CLA DB . -8.45 19.21 -54.72
C1A CLA DB . -9.25 20.19 -55.30
C2A CLA DB . -10.51 19.55 -55.87
C3A CLA DB . -10.49 18.12 -55.29
C4A CLA DB . -9.05 18.01 -54.79
CMA CLA DB . -11.55 17.93 -54.24
CAA CLA DB . -10.47 19.35 -57.37
CBA CLA DB . -10.12 20.56 -58.17
CGA CLA DB . -10.06 20.17 -59.59
O1A CLA DB . -10.91 19.60 -60.28
O2A CLA DB . -8.85 20.51 -60.12
NB CLA DB . -6.31 17.52 -53.55
C1B CLA DB . -7.20 16.57 -53.93
C2B CLA DB . -6.67 15.21 -53.62
C3B CLA DB . -5.41 15.35 -53.10
C4B CLA DB . -5.17 16.82 -53.05
CMB CLA DB . -7.37 13.96 -53.87
CAB CLA DB . -4.46 14.35 -52.67
CBB CLA DB . -3.91 14.33 -51.45
NC CLA DB . -4.56 19.74 -53.05
C1C CLA DB . -3.73 18.75 -52.59
C2C CLA DB . -2.43 19.30 -52.18
C3C CLA DB . -2.51 20.66 -52.45
C4C CLA DB . -3.86 20.94 -52.99
CMC CLA DB . -1.31 18.50 -51.69
CAC CLA DB . -1.44 21.67 -52.26
CBC CLA DB . -1.73 22.63 -51.16
ND CLA DB . -6.53 21.39 -54.19
C1D CLA DB . -5.57 22.40 -54.03
C2D CLA DB . -6.11 23.67 -54.58
C3D CLA DB . -7.38 23.39 -55.03
C4D CLA DB . -7.59 21.95 -54.81
CMD CLA DB . -5.45 24.98 -54.64
CAD CLA DB . -8.53 23.93 -55.71
OBD CLA DB . -8.72 25.07 -56.15
CBD CLA DB . -9.54 22.75 -55.86
CGD CLA DB . -10.77 23.14 -55.05
O1D CLA DB . -11.81 22.52 -54.82
O2D CLA DB . -10.62 24.40 -54.55
CED CLA DB . -11.26 24.80 -53.35
C1 CLA DB . -8.12 19.49 -60.84
C2 CLA DB . -7.55 18.54 -59.84
C3 CLA DB . -6.55 17.69 -60.16
C4 CLA DB . -5.97 17.65 -61.53
C5 CLA DB . -5.99 16.74 -59.14
C6 CLA DB . -5.23 17.41 -58.00
C7 CLA DB . -4.16 18.40 -58.44
C8 CLA DB . -3.91 19.51 -57.41
C9 CLA DB . -3.90 18.83 -56.05
C10 CLA DB . -4.89 20.70 -57.40
C11 CLA DB . -5.16 21.41 -58.72
C12 CLA DB . -5.50 22.88 -58.51
C13 CLA DB . -6.53 23.48 -59.46
C14 CLA DB . -6.00 23.59 -60.88
C15 CLA DB . -7.00 24.86 -59.01
C16 CLA DB . -8.25 25.31 -59.77
C17 CLA DB . -8.96 26.48 -59.11
C18 CLA DB . -8.14 27.77 -59.09
C19 CLA DB . -7.32 27.93 -57.80
C20 CLA DB . -9.08 28.93 -59.31
HHB CLA DB . -9.14 15.89 -54.58
HHC CLA DB . -3.20 16.70 -52.26
HHD CLA DB . -3.66 23.04 -53.31
H2A CLA DB . -11.35 20.23 -55.54
H3A CLA DB . -10.63 17.32 -56.07
HMA1 CLA DB . -11.97 16.90 -54.27
HMA2 CLA DB . -12.39 18.66 -54.39
HMA3 CLA DB . -11.13 18.10 -53.22
HAA1 CLA DB . -11.48 18.98 -57.71
HAA2 CLA DB . -9.73 18.54 -57.61
HBA1 CLA DB . -9.13 20.98 -57.84
HBA2 CLA DB . -10.90 21.36 -58.03
HMB1 CLA DB . -6.89 13.12 -53.30
HMB2 CLA DB . -7.34 13.71 -54.96
HMB3 CLA DB . -8.44 14.03 -53.55
HAB CLA DB . -4.23 13.58 -53.42
HBB1 CLA DB . -4.14 15.10 -50.71
HBB2 CLA DB . -3.20 13.56 -51.11
HMC1 CLA DB . -0.41 19.14 -51.53
HMC2 CLA DB . -1.04 17.69 -52.42
HMC3 CLA DB . -1.57 18.01 -50.72
HAC1 CLA DB . -1.28 22.25 -53.22
HAC2 CLA DB . -0.46 21.16 -52.04
HBC1 CLA DB . -0.86 23.29 -50.97
HBC2 CLA DB . -1.97 22.07 -50.21
HBC3 CLA DB . -2.62 23.26 -51.42
HMD1 CLA DB . -6.18 25.79 -54.89
HMD2 CLA DB . -4.64 24.98 -55.41
HMD3 CLA DB . -4.99 25.23 -53.65
HBD CLA DB . -9.82 22.58 -56.94
HED1 CLA DB . -11.79 25.75 -53.62
HED2 CLA DB . -10.42 24.93 -52.62
HED3 CLA DB . -11.94 23.94 -53.11
H11 CLA DB . -7.32 19.98 -61.45
H12 CLA DB . -8.84 18.97 -61.53
H2 CLA DB . -7.99 18.58 -58.83
H41 CLA DB . -5.32 16.75 -61.67
H42 CLA DB . -5.34 18.55 -61.73
H43 CLA DB . -6.76 17.61 -62.32
H51 CLA DB . -5.30 16.03 -59.67
H52 CLA DB . -6.84 16.14 -58.72
H61 CLA DB . -4.74 16.61 -57.38
H62 CLA DB . -5.95 17.94 -57.33
H71 CLA DB . -4.49 18.85 -59.42
H72 CLA DB . -3.21 17.84 -58.64
H8 CLA DB . -2.94 19.99 -57.70
H91 CLA DB . -3.33 19.45 -55.32
H92 CLA DB . -3.44 17.83 -56.12
H93 CLA DB . -4.95 18.71 -55.68
H101 CLA DB . -4.49 21.47 -56.68
H102 CLA DB . -5.87 20.35 -56.99
H111 CLA DB . -6.00 20.89 -59.25
H112 CLA DB . -4.27 21.32 -59.38
H121 CLA DB . -4.55 23.46 -58.58
H122 CLA DB . -5.88 22.98 -57.46
H13 CLA DB . -7.40 22.76 -59.46
H141 CLA DB . -6.83 23.53 -61.62
H142 CLA DB . -5.28 22.76 -61.10
H143 CLA DB . -5.46 24.56 -61.02
H151 CLA DB . -6.18 25.61 -59.19
H152 CLA DB . -7.21 24.86 -57.92
H161 CLA DB . -8.96 24.45 -59.84
H162 CLA DB . -7.96 25.60 -60.82
H171 CLA DB . -9.23 26.21 -58.06
H172 CLA DB . -9.93 26.68 -59.65
H18 CLA DB . -7.37 27.75 -59.91
H191 CLA DB . -6.88 28.95 -57.75
H192 CLA DB . -6.49 27.18 -57.78
H193 CLA DB . -7.97 27.77 -56.90
H201 CLA DB . -8.53 29.89 -59.33
H202 CLA DB . -9.85 28.98 -58.50
H203 CLA DB . -9.62 28.83 -60.29
MG CLA EB . -4.64 13.34 -45.77
CHA CLA EB . -2.55 13.97 -43.07
CHB CLA EB . -6.18 16.31 -45.19
CHC CLA EB . -6.11 13.21 -48.89
CHD CLA EB . -2.56 10.65 -46.68
NA CLA EB . -4.44 14.79 -44.31
C1A CLA EB . -3.52 14.90 -43.26
C2A CLA EB . -3.75 16.18 -42.43
C3A CLA EB . -5.15 16.60 -42.92
C4A CLA EB . -5.29 15.86 -44.25
CMA CLA EB . -6.27 16.20 -41.97
CAA CLA EB . -2.71 17.25 -42.69
CBA CLA EB . -2.51 18.19 -41.50
CGA CLA EB . -1.70 17.60 -40.36
O1A CLA EB . -2.03 17.55 -39.18
O2A CLA EB . -0.50 17.08 -40.70
NB CLA EB . -5.98 14.54 -46.85
C1B CLA EB . -6.43 15.75 -46.46
C2B CLA EB . -7.22 16.38 -47.56
C3B CLA EB . -7.20 15.49 -48.63
C4B CLA EB . -6.39 14.31 -48.18
CMB CLA EB . -7.84 17.69 -47.44
CAB CLA EB . -7.75 15.57 -49.98
CBB CLA EB . -8.67 16.44 -50.41
NC CLA EB . -4.33 12.17 -47.50
C1C CLA EB . -5.16 12.19 -48.59
C2C CLA EB . -4.88 11.04 -49.47
C3C CLA EB . -3.89 10.31 -48.82
C4C CLA EB . -3.57 11.01 -47.59
CMC CLA EB . -5.52 10.78 -50.78
CAC CLA EB . -3.23 9.07 -49.26
CBC CLA EB . -3.91 7.80 -48.76
ND CLA EB . -2.97 12.49 -45.11
C1D CLA EB . -2.27 11.34 -45.52
C2D CLA EB . -1.20 11.02 -44.53
C3D CLA EB . -1.26 12.02 -43.61
C4D CLA EB . -2.38 12.91 -43.99
CMD CLA EB . -0.27 9.90 -44.64
CAD CLA EB . -0.68 12.53 -42.39
OBD CLA EB . 0.25 12.05 -41.73
CBD CLA EB . -1.50 13.81 -42.01
CGD CLA EB . -2.13 13.55 -40.66
O1D CLA EB . -2.88 12.62 -40.36
O2D CLA EB . -1.91 14.44 -39.68
CED CLA EB . -2.66 14.22 -38.49
C1 CLA EB . 0.38 16.57 -39.64
C2 CLA EB . 1.28 15.58 -40.28
C3 CLA EB . 2.40 15.95 -40.92
C4 CLA EB . 2.81 17.35 -41.00
C5 CLA EB . 3.31 14.97 -41.54
C6 CLA EB . 4.63 14.95 -40.78
C7 CLA EB . 5.57 13.92 -41.38
C8 CLA EB . 6.88 13.90 -40.61
C9 CLA EB . 7.50 15.28 -40.61
C10 CLA EB . 7.89 12.93 -41.21
C11 CLA EB . 8.96 12.58 -40.18
C12 CLA EB . 8.78 11.18 -39.65
C13 CLA EB . 9.99 10.77 -38.81
C14 CLA EB . 9.96 9.28 -38.56
C15 CLA EB . 10.01 11.58 -37.52
C16 CLA EB . 11.11 11.13 -36.60
C17 CLA EB . 12.04 12.28 -36.23
C18 CLA EB . 11.36 13.33 -35.35
C19 CLA EB . 11.37 12.90 -33.90
C20 CLA EB . 12.09 14.64 -35.50
HHB CLA EB . -6.78 17.20 -44.93
HHC CLA EB . -6.68 13.05 -49.83
HHD CLA EB . -1.96 9.75 -46.92
H2A CLA EB . -3.72 15.91 -41.34
H3A CLA EB . -5.17 17.71 -43.09
HMA1 CLA EB . -7.04 17.00 -41.91
HMA2 CLA EB . -5.87 16.03 -40.94
HMA3 CLA EB . -6.76 15.27 -42.32
HAA1 CLA EB . -3.03 17.86 -43.58
HAA2 CLA EB . -1.73 16.77 -42.94
HBA1 CLA EB . -3.52 18.48 -41.11
HBA2 CLA EB . -1.99 19.11 -41.87
HMB1 CLA EB . -8.93 17.64 -47.70
HMB2 CLA EB . -7.34 18.43 -48.13
HMB3 CLA EB . -7.74 18.08 -46.39
HAB CLA EB . -7.33 14.81 -50.68
HBB1 CLA EB . -9.13 17.19 -49.76
HBB2 CLA EB . -9.04 16.44 -51.45
HMC1 CLA EB . -4.92 10.05 -51.39
HMC2 CLA EB . -5.62 11.73 -51.37
HMC3 CLA EB . -6.55 10.35 -50.65
HAC1 CLA EB . -2.16 9.07 -48.91
HAC2 CLA EB . -3.20 9.05 -50.38
HBC1 CLA EB . -3.39 6.91 -49.18
HBC2 CLA EB . -4.98 7.79 -49.07
HBC3 CLA EB . -3.85 7.75 -47.64
HMD1 CLA EB . 0.35 9.82 -43.71
HMD2 CLA EB . 0.43 10.04 -45.50
HMD3 CLA EB . -0.81 8.93 -44.79
HBD CLA EB . -0.83 14.71 -41.97
HED1 CLA EB . -2.52 15.15 -37.91
HED2 CLA EB . -2.19 13.32 -38.05
HED3 CLA EB . -3.72 14.07 -38.86
H11 CLA EB . -0.26 16.10 -38.84
H12 CLA EB . 0.94 17.43 -39.20
H2 CLA EB . 0.99 14.52 -40.19
H41 CLA EB . 3.71 17.48 -41.64
H42 CLA EB . 3.07 17.76 -39.98
H43 CLA EB . 1.99 17.99 -41.42
H51 CLA EB . 3.50 15.25 -42.62
H52 CLA EB . 2.85 13.95 -41.54
H61 CLA EB . 4.44 14.70 -39.70
H62 CLA EB . 5.11 15.96 -40.81
H71 CLA EB . 5.75 14.17 -42.45
H72 CLA EB . 5.09 12.92 -41.34
H8 CLA EB . 6.66 13.56 -39.56
H91 CLA EB . 8.61 15.21 -40.53
H92 CLA EB . 7.11 15.86 -39.73
H93 CLA EB . 7.23 15.83 -41.54
H101 CLA EB . 8.37 13.38 -42.12
H102 CLA EB . 7.37 11.99 -41.53
H111 CLA EB . 8.94 13.32 -39.34
H112 CLA EB . 9.98 12.68 -40.66
H121 CLA EB . 8.66 10.47 -40.52
H122 CLA EB . 7.85 11.13 -39.04
H13 CLA EB . 10.94 11.00 -39.37
H141 CLA EB . 10.97 8.84 -38.77
H142 CLA EB . 9.22 8.78 -39.23
H143 CLA EB . 9.70 9.06 -37.51
H151 CLA EB . 9.03 11.48 -36.98
H152 CLA EB . 10.15 12.67 -37.75
H161 CLA EB . 11.70 10.32 -37.10
H162 CLA EB . 10.67 10.69 -35.67
H171 CLA EB . 12.40 12.78 -37.16
H172 CLA EB . 12.93 11.88 -35.69
H18 CLA EB . 10.29 13.44 -35.66
H191 CLA EB . 10.69 13.56 -33.29
H192 CLA EB . 12.40 12.99 -33.47
H193 CLA EB . 11.03 11.85 -33.78
H201 CLA EB . 11.52 15.46 -35.02
H202 CLA EB . 12.23 14.89 -36.58
H203 CLA EB . 13.11 14.59 -35.02
MG CLA FB . -8.10 8.39 -39.32
CHA CLA FB . -8.55 9.94 -36.27
CHB CLA FB . -5.38 10.34 -39.81
CHC CLA FB . -6.88 6.11 -41.60
CHD CLA FB . -10.34 5.79 -38.22
NA CLA FB . -7.19 9.91 -38.23
C1A CLA FB . -7.56 10.46 -37.01
C2A CLA FB . -6.61 11.60 -36.61
C3A CLA FB . -5.98 11.96 -37.96
C4A CLA FB . -6.17 10.65 -38.74
CMA CLA FB . -6.75 13.09 -38.58
CAA CLA FB . -5.63 11.13 -35.54
CBA CLA FB . -4.81 9.91 -35.88
CGA CLA FB . -3.53 10.29 -36.50
O1A CLA FB . -2.94 11.39 -36.49
O2A CLA FB . -2.96 9.26 -37.18
NB CLA FB . -6.49 8.28 -40.51
C1B CLA FB . -5.47 9.18 -40.57
C2B CLA FB . -4.49 8.82 -41.62
C3B CLA FB . -4.94 7.63 -42.13
C4B CLA FB . -6.20 7.28 -41.44
CMB CLA FB . -3.29 9.62 -41.93
CAB CLA FB . -4.35 6.77 -43.11
CBB CLA FB . -3.74 7.18 -44.19
NC CLA FB . -8.63 6.43 -39.88
C1C CLA FB . -7.98 5.70 -40.86
C2C CLA FB . -8.47 4.37 -40.97
C3C CLA FB . -9.41 4.24 -39.96
C4C CLA FB . -9.53 5.54 -39.32
CMC CLA FB . -7.93 3.37 -41.90
CAC CLA FB . -10.21 3.05 -39.62
CBC CLA FB . -9.67 2.28 -38.46
ND CLA FB . -9.27 7.93 -37.66
C1D CLA FB . -10.21 6.90 -37.43
C2D CLA FB . -10.90 7.20 -36.17
C3D CLA FB . -10.30 8.35 -35.65
C4D CLA FB . -9.27 8.76 -36.64
CMD CLA FB . -11.92 6.31 -35.64
CAD CLA FB . -10.20 9.29 -34.57
OBD CLA FB . -10.71 9.30 -33.46
CBD CLA FB . -9.14 10.36 -34.96
CGD CLA FB . -9.79 11.72 -35.01
O1D CLA FB . -9.49 12.73 -34.36
O2D CLA FB . -10.87 11.79 -35.85
CED CLA FB . -11.75 12.89 -35.63
C1 CLA FB . -1.85 9.65 -38.01
C2 CLA FB . -1.43 8.38 -38.63
C3 CLA FB . -0.53 8.28 -39.60
C4 CLA FB . 0.18 9.47 -40.11
C5 CLA FB . -0.15 6.95 -40.18
C6 CLA FB . -0.68 6.65 -41.55
C7 CLA FB . -0.06 5.39 -42.11
C8 CLA FB . 0.93 5.71 -43.22
C9 CLA FB . 0.09 5.84 -44.45
C10 CLA FB . 1.99 4.65 -43.46
C11 CLA FB . 2.97 4.95 -44.56
C12 CLA FB . 3.93 6.09 -44.26
C13 CLA FB . 5.30 5.88 -44.88
C14 CLA FB . 6.07 4.75 -44.25
C15 CLA FB . 6.14 7.14 -44.77
C16 CLA FB . 7.15 7.22 -45.90
C17 CLA FB . 6.51 7.77 -47.16
C18 CLA FB . 7.56 8.26 -48.16
C19 CLA FB . 8.02 7.13 -49.06
C20 CLA FB . 6.99 9.42 -48.99
HHB CLA FB . -4.60 11.06 -40.10
HHC CLA FB . -6.55 5.41 -42.38
HHD CLA FB . -11.14 5.06 -37.98
H2A CLA FB . -7.16 12.48 -36.18
H3A CLA FB . -4.88 12.20 -37.91
HMA1 CLA FB . -6.83 12.97 -39.69
HMA2 CLA FB . -6.24 14.07 -38.37
HMA3 CLA FB . -7.79 13.15 -38.15
HAA1 CLA FB . -6.19 10.92 -34.60
HAA2 CLA FB . -4.91 11.96 -35.32
HBA1 CLA FB . -5.39 9.25 -36.58
HBA2 CLA FB . -4.61 9.32 -34.95
HMB1 CLA FB . -2.71 9.14 -42.75
HMB2 CLA FB . -2.64 9.69 -41.03
HMB3 CLA FB . -3.59 10.65 -42.25
HAB CLA FB . -4.45 5.69 -42.89
HBB1 CLA FB . -3.65 8.24 -44.44
HBB2 CLA FB . -3.28 6.48 -44.92
HMC1 CLA FB . -8.60 2.47 -41.95
HMC2 CLA FB . -6.92 3.04 -41.57
HMC3 CLA FB . -7.85 3.80 -42.92
HAC1 CLA FB . -10.26 2.37 -40.51
HAC2 CLA FB . -11.27 3.36 -39.39
HBC1 CLA FB . -10.35 1.44 -38.21
HBC2 CLA FB . -9.58 2.95 -37.56
HBC3 CLA FB . -8.66 1.87 -38.71
HMD1 CLA FB . -12.39 6.75 -34.72
HMD2 CLA FB . -11.49 5.32 -35.37
HMD3 CLA FB . -12.73 6.13 -36.39
HBD CLA FB . -8.32 10.40 -34.19
HED1 CLA FB . -12.72 12.53 -36.08
HED2 CLA FB . -11.28 13.73 -36.18
HED3 CLA FB . -11.77 13.00 -34.52
H11 CLA FB . -1.04 10.11 -37.39
H12 CLA FB . -2.19 10.41 -38.77
H2 CLA FB . -1.94 7.49 -38.22
H41 CLA FB . 0.73 9.25 -41.06
H42 CLA FB . 0.94 9.84 -39.37
H43 CLA FB . -0.52 10.30 -40.32
H51 CLA FB . -0.51 6.15 -39.47
H52 CLA FB . 0.98 6.89 -40.20
H61 CLA FB . -0.48 7.50 -42.24
H62 CLA FB . -1.80 6.52 -41.51
H71 CLA FB . -0.87 4.71 -42.49
H72 CLA FB . 0.46 4.83 -41.28
H8 CLA FB . 1.51 6.64 -42.95
H91 CLA FB . 0.58 6.54 -45.19
H92 CLA FB . -0.92 6.26 -44.19
H93 CLA FB . -0.05 4.85 -44.94
H101 CLA FB . 1.46 3.68 -43.71
H102 CLA FB . 2.56 4.48 -42.51
H111 CLA FB . 2.40 5.19 -45.50
H112 CLA FB . 3.56 4.02 -44.77
H121 CLA FB . 4.02 6.18 -43.14
H122 CLA FB . 3.47 7.04 -44.63
H13 CLA FB . 5.10 5.62 -45.96
H141 CLA FB . 7.17 4.90 -44.39
H142 CLA FB . 5.78 3.78 -44.70
H143 CLA FB . 5.86 4.70 -43.15
H151 CLA FB . 6.69 7.15 -43.79
H152 CLA FB . 5.49 8.05 -44.80
H161 CLA FB . 7.57 6.21 -46.11
H162 CLA FB . 8.00 7.87 -45.60
H171 CLA FB . 5.83 8.61 -46.89
H172 CLA FB . 5.89 6.97 -47.64
H18 CLA FB . 8.45 8.66 -47.59
H191 CLA FB . 8.76 7.51 -49.80
H192 CLA FB . 7.14 6.69 -49.61
H193 CLA FB . 8.49 6.33 -48.45
H201 CLA FB . 7.74 9.76 -49.74
H202 CLA FB . 6.74 10.28 -48.33
H203 CLA FB . 6.07 9.10 -49.53
MG CLA GB . -1.36 4.98 -28.13
CHA CLA GB . -3.92 6.54 -30.12
CHB CLA GB . -3.68 4.75 -25.60
CHC CLA GB . 0.66 2.65 -26.57
CHD CLA GB . 0.51 4.60 -31.03
NA CLA GB . -3.50 5.60 -27.93
C1A CLA GB . -4.31 6.29 -28.83
C2A CLA GB . -5.62 6.68 -28.17
C3A CLA GB . -5.52 6.08 -26.76
C4A CLA GB . -4.13 5.44 -26.73
CMA CLA GB . -5.74 7.06 -25.67
CAA CLA GB . -6.78 6.12 -28.92
CBA CLA GB . -6.65 4.66 -29.38
CGA CLA GB . -7.99 4.18 -29.88
O1A CLA GB . -9.07 4.75 -29.79
O2A CLA GB . -8.00 2.93 -30.45
NB CLA GB . -1.46 3.92 -26.38
C1B CLA GB . -2.46 4.05 -25.46
C2B CLA GB . -2.11 3.20 -24.29
C3B CLA GB . -0.90 2.62 -24.56
C4B CLA GB . -0.46 3.07 -25.89
CMB CLA GB . -2.98 3.07 -23.10
CAB CLA GB . -0.15 1.68 -23.78
CBB CLA GB . -0.11 1.61 -22.44
NC CLA GB . 0.33 3.88 -28.68
C1C CLA GB . 1.01 3.01 -27.88
C2C CLA GB . 2.15 2.44 -28.60
C3C CLA GB . 2.08 2.96 -29.91
C4C CLA GB . 0.95 3.87 -29.92
CMC CLA GB . 3.08 1.44 -28.02
CAC CLA GB . 3.01 2.75 -31.04
CBC CLA GB . 4.40 3.31 -30.77
ND CLA GB . -1.56 5.50 -30.04
C1D CLA GB . -0.63 5.35 -31.11
C2D CLA GB . -1.15 6.04 -32.32
C3D CLA GB . -2.40 6.48 -31.98
C4D CLA GB . -2.62 6.12 -30.57
CMD CLA GB . -0.49 6.18 -33.64
CAD CLA GB . -3.55 7.15 -32.49
OBD CLA GB . -3.77 7.62 -33.63
CBD CLA GB . -4.61 7.17 -31.33
CGD CLA GB . -5.07 8.57 -31.18
O1D CLA GB . -6.21 9.04 -31.41
O2D CLA GB . -4.06 9.36 -30.70
CED CLA GB . -4.19 10.76 -30.85
C1 CLA GB . -9.21 2.66 -31.15
C2 CLA GB . -9.22 1.37 -31.86
C3 CLA GB . -8.68 1.06 -33.05
C4 CLA GB . -7.87 1.99 -33.85
C5 CLA GB . -8.86 -0.31 -33.63
C6 CLA GB . -10.16 -0.39 -34.43
C7 CLA GB . -10.38 -1.75 -35.07
C8 CLA GB . -11.51 -1.70 -36.09
C9 CLA GB . -12.69 -0.89 -35.60
C10 CLA GB . -12.01 -3.08 -36.44
C11 CLA GB . -11.76 -3.37 -37.90
C12 CLA GB . -12.05 -4.80 -38.24
C13 CLA GB . -13.26 -4.90 -39.14
C14 CLA GB . -14.13 -6.08 -38.73
C15 CLA GB . -12.80 -4.99 -40.60
C16 CLA GB . -13.51 -4.02 -41.56
C17 CLA GB . -14.94 -3.68 -41.18
C18 CLA GB . -15.80 -3.20 -42.35
C19 CLA GB . -16.24 -4.37 -43.20
C20 CLA GB . -17.03 -2.46 -41.85
HHB CLA GB . -4.34 4.76 -24.72
HHC CLA GB . 1.36 1.98 -26.05
HHD CLA GB . 1.15 4.55 -31.93
H2A CLA GB . -5.69 7.80 -28.14
H3A CLA GB . -6.29 5.26 -26.64
HMA1 CLA GB . -5.32 6.68 -24.70
HMA2 CLA GB . -6.82 7.27 -25.52
HMA3 CLA GB . -5.23 8.03 -25.90
HAA1 CLA GB . -6.97 6.75 -29.83
HAA2 CLA GB . -7.70 6.20 -28.27
HBA1 CLA GB . -6.31 4.01 -28.52
HBA2 CLA GB . -5.89 4.59 -30.20
HMB1 CLA GB . -2.78 2.08 -22.59
HMB2 CLA GB . -4.06 3.10 -23.39
HMB3 CLA GB . -2.77 3.90 -22.37
HAB CLA GB . 0.45 0.97 -24.39
HBB1 CLA GB . -0.67 2.30 -21.79
HBB2 CLA GB . 0.49 0.86 -21.91
HMC1 CLA GB . 3.93 1.24 -28.71
HMC2 CLA GB . 2.55 0.47 -27.82
HMC3 CLA GB . 3.49 1.81 -27.05
HAC1 CLA GB . 2.60 3.23 -31.97
HAC2 CLA GB . 3.10 1.65 -31.25
HBC1 CLA GB . 5.04 3.20 -31.68
HBC2 CLA GB . 4.88 2.76 -29.91
HBC3 CLA GB . 4.33 4.39 -30.50
HMD1 CLA GB . -1.05 6.89 -34.29
HMD2 CLA GB . -0.43 5.19 -34.16
HMD3 CLA GB . 0.55 6.57 -33.52
HBD CLA GB . -5.51 6.54 -31.55
HED1 CLA GB . -3.15 11.13 -30.77
HED2 CLA GB . -4.87 11.05 -30.01
HED3 CLA GB . -4.64 10.87 -31.87
H11 CLA GB . -9.34 3.51 -31.88
H12 CLA GB . -10.04 2.70 -30.39
H2 CLA GB . -9.77 0.59 -31.30
H41 CLA GB . -7.17 1.45 -34.52
H42 CLA GB . -7.26 2.67 -33.20
H43 CLA GB . -8.52 2.64 -34.48
H51 CLA GB . -8.87 -1.07 -32.81
H52 CLA GB . -7.99 -0.55 -34.30
H61 CLA GB . -10.17 0.40 -35.23
H62 CLA GB . -11.03 -0.16 -33.75
H71 CLA GB . -10.62 -2.50 -34.26
H72 CLA GB . -9.43 -2.08 -35.55
H8 CLA GB . -11.07 -1.20 -37.00
H91 CLA GB . -13.57 -1.04 -36.28
H92 CLA GB . -12.45 0.19 -35.58
H93 CLA GB . -12.98 -1.21 -34.56
H101 CLA GB . -13.10 -3.17 -36.23
H102 CLA GB . -11.49 -3.85 -35.82
H111 CLA GB . -10.69 -3.13 -38.16
H112 CLA GB . -12.40 -2.69 -38.53
H121 CLA GB . -12.24 -5.38 -37.28
H122 CLA GB . -11.15 -5.26 -38.73
H13 CLA GB . -13.90 -3.98 -39.05
H141 CLA GB . -14.87 -6.31 -39.53
H142 CLA GB . -14.69 -5.84 -37.78
H143 CLA GB . -13.51 -6.98 -38.54
H151 CLA GB . -12.96 -6.03 -40.98
H152 CLA GB . -11.71 -4.79 -40.67
H161 CLA GB . -13.51 -4.47 -42.59
H162 CLA GB . -12.92 -3.08 -41.62
H171 CLA GB . -14.92 -2.87 -40.40
H172 CLA GB . -15.43 -4.57 -40.72
H18 CLA GB . -15.18 -2.50 -42.98
H191 CLA GB . -16.77 -4.01 -44.11
H192 CLA GB . -16.94 -5.03 -42.61
H193 CLA GB . -15.36 -4.98 -43.52
H201 CLA GB . -17.67 -2.13 -42.70
H202 CLA GB . -16.73 -1.54 -41.28
H203 CLA GB . -17.63 -3.11 -41.17
MG CLA HB . -12.63 0.99 -29.05
CHA CLA HB . -11.38 3.88 -27.62
CHB CLA HB . -15.08 2.85 -30.54
CHC CLA HB . -13.24 -1.51 -31.31
CHD CLA HB . -9.66 -0.60 -28.15
NA CLA HB . -13.13 3.01 -29.04
C1A CLA HB . -12.53 4.05 -28.34
C2A CLA HB . -13.28 5.36 -28.55
C3A CLA HB . -14.61 4.93 -29.22
C4A CLA HB . -14.25 3.52 -29.67
CMA CLA HB . -15.70 4.95 -28.18
CAA CLA HB . -12.46 6.30 -29.40
CBA CLA HB . -12.07 5.67 -30.72
CGA CLA HB . -10.90 6.38 -31.30
O1A CLA HB . -10.47 7.50 -31.02
O2A CLA HB . -10.21 5.62 -32.20
NB CLA HB . -13.94 0.71 -30.63
C1B CLA HB . -14.89 1.58 -31.03
C2B CLA HB . -15.73 0.98 -32.11
C3B CLA HB . -15.20 -0.26 -32.33
C4B CLA HB . -14.04 -0.43 -31.41
CMB CLA HB . -16.89 1.64 -32.75
CAB CLA HB . -15.60 -1.25 -33.30
CBB CLA HB . -16.68 -2.02 -33.15
NC CLA HB . -11.68 -0.73 -29.59
C1C CLA HB . -12.13 -1.67 -30.42
C2C CLA HB . -11.27 -2.83 -30.42
C3C CLA HB . -10.23 -2.56 -29.54
C4C CLA HB . -10.53 -1.25 -29.01
CMC CLA HB . -11.40 -4.02 -31.28
CAC CLA HB . -9.08 -3.42 -29.22
CBC CLA HB . -7.86 -3.12 -30.05
ND CLA HB . -10.87 1.48 -28.16
C1D CLA HB . -9.77 0.70 -27.76
C2D CLA HB . -8.86 1.49 -26.91
C3D CLA HB . -9.44 2.73 -26.77
C4D CLA HB . -10.69 2.66 -27.58
CMD CLA HB . -7.57 1.00 -26.38
CAD CLA HB . -9.37 4.07 -26.26
OBD CLA HB . -8.56 4.66 -25.57
CBD CLA HB . -10.64 4.82 -26.72
CGD CLA HB . -11.50 5.07 -25.54
O1D CLA HB . -12.03 6.09 -25.17
O2D CLA HB . -11.71 3.97 -24.79
CED CLA HB . -12.59 4.05 -23.68
C1 CLA HB . -9.10 6.36 -32.73
C2 CLA HB . -8.53 5.44 -33.72
C3 CLA HB . -7.57 5.81 -34.57
C4 CLA HB . -7.03 7.19 -34.51
C5 CLA HB . -7.07 4.82 -35.56
C6 CLA HB . -6.14 5.39 -36.63
C7 CLA HB . -5.78 4.30 -37.62
C8 CLA HB . -4.33 4.37 -38.05
C9 CLA HB . -3.99 5.74 -38.59
C10 CLA HB . -4.07 3.22 -39.03
C11 CLA HB . -3.67 3.58 -40.45
C12 CLA HB . -3.21 2.33 -41.16
C13 CLA HB . -4.08 1.97 -42.37
C14 CLA HB . -4.08 0.49 -42.58
C15 CLA HB . -3.66 2.64 -43.67
C16 CLA HB . -4.98 2.85 -44.41
C17 CLA HB . -4.85 3.06 -45.86
C18 CLA HB . -5.62 4.31 -46.22
C19 CLA HB . -5.08 4.67 -47.58
C20 CLA HB . -7.10 4.02 -46.17
HHB CLA HB . -15.98 3.38 -30.87
HHC CLA HB . -13.42 -2.36 -31.99
HHD CLA HB . -8.81 -1.19 -27.75
H2A CLA HB . -13.48 5.84 -27.55
H3A CLA HB . -14.90 5.54 -30.12
HMA1 CLA HB . -16.46 4.15 -28.36
HMA2 CLA HB . -16.24 5.93 -28.18
HMA3 CLA HB . -15.28 4.79 -27.15
HAA1 CLA HB . -11.53 6.60 -28.84
HAA2 CLA HB . -13.05 7.23 -29.59
HBA1 CLA HB . -12.93 5.72 -31.45
HBA2 CLA HB . -11.82 4.58 -30.57
HMB1 CLA HB . -17.24 1.04 -33.64
HMB2 CLA HB . -16.62 2.67 -33.09
HMB3 CLA HB . -17.74 1.71 -32.02
HAB CLA HB . -14.95 -1.33 -34.19
HBB1 CLA HB . -17.29 -1.92 -32.27
HBB2 CLA HB . -16.99 -2.77 -33.88
HMC1 CLA HB . -10.94 -4.91 -30.80
HMC2 CLA HB . -10.91 -3.85 -32.27
HMC3 CLA HB . -12.49 -4.24 -31.46
HAC1 CLA HB . -9.35 -4.49 -29.35
HAC2 CLA HB . -8.81 -3.28 -28.13
HBC1 CLA HB . -6.99 -3.72 -29.69
HBC2 CLA HB . -7.60 -2.03 -29.99
HBC3 CLA HB . -8.05 -3.37 -31.12
HMD1 CLA HB . -7.10 1.76 -25.69
HMD2 CLA HB . -6.84 0.79 -27.20
HMD3 CLA HB . -7.70 0.05 -25.79
HBD CLA HB . -10.33 5.77 -27.25
HED1 CLA HB . -12.24 3.23 -23.00
HED2 CLA HB . -13.60 3.87 -24.12
HED3 CLA HB . -12.43 5.07 -23.27
H11 CLA HB . -8.39 6.59 -31.90
H12 CLA HB . -9.47 7.32 -33.18
H2 CLA HB . -8.94 4.42 -33.72
H41 CLA HB . -6.39 7.43 -35.39
H42 CLA HB . -6.40 7.34 -33.59
H43 CLA HB . -7.85 7.96 -34.47
H51 CLA HB . -7.95 4.35 -36.07
H52 CLA HB . -6.53 4.01 -35.02
H61 CLA HB . -5.22 5.80 -36.15
H62 CLA HB . -6.64 6.24 -37.17
H71 CLA HB . -6.45 4.40 -38.51
H72 CLA HB . -6.00 3.30 -37.15
H8 CLA HB . -3.63 4.23 -37.18
H91 CLA HB . -2.94 5.76 -38.97
H92 CLA HB . -4.11 6.50 -37.80
H93 CLA HB . -4.68 5.99 -39.44
H101 CLA HB . -5.00 2.59 -39.08
H102 CLA HB . -3.25 2.58 -38.60
H111 CLA HB . -2.86 4.35 -40.43
H112 CLA HB . -4.55 4.04 -40.97
H121 CLA HB . -3.20 1.48 -40.44
H122 CLA HB . -2.15 2.49 -41.51
H13 CLA HB . -5.11 2.35 -42.12
H141 CLA HB . -4.41 0.24 -43.61
H142 CLA HB . -4.77 -0.02 -41.86
H143 CLA HB . -3.05 0.07 -42.42
H151 CLA HB . -2.96 2.00 -44.27
H152 CLA HB . -3.13 3.62 -43.50
H161 CLA HB . -5.50 3.73 -43.95
H162 CLA HB . -5.63 1.95 -44.22
H171 CLA HB . -5.26 2.18 -46.42
H172 CLA HB . -3.77 3.18 -46.15
H18 CLA HB . -5.50 5.18 -45.52
H191 CLA HB . -5.58 5.59 -47.96
H192 CLA HB . -5.27 3.84 -48.31
H193 CLA HB . -3.97 4.85 -47.53
H201 CLA HB . -7.68 4.87 -46.59
H202 CLA HB . -7.44 3.87 -45.11
H203 CLA HB . -7.34 3.10 -46.74
MG CLA IB . -19.35 5.92 -35.43
CHA CLA IB . -21.62 6.17 -32.70
CHB CLA IB . -16.85 5.40 -32.98
CHC CLA IB . -17.25 4.38 -37.73
CHD CLA IB . -21.98 5.63 -37.55
NA CLA IB . -19.26 5.85 -33.15
C1A CLA IB . -20.32 6.03 -32.26
C2A CLA IB . -19.85 5.98 -30.79
C3A CLA IB . -18.30 5.96 -30.95
C4A CLA IB . -18.09 5.73 -32.46
CMA CLA IB . -17.66 7.20 -30.42
CAA CLA IB . -20.43 4.79 -30.04
CBA CLA IB . -20.11 3.44 -30.67
CGA CLA IB . -19.18 2.65 -29.79
O1A CLA IB . -18.43 3.03 -28.89
O2A CLA IB . -19.18 1.33 -30.10
NB CLA IB . -17.40 5.06 -35.37
C1B CLA IB . -16.54 5.06 -34.32
C2B CLA IB . -15.24 4.51 -34.79
C3B CLA IB . -15.35 4.22 -36.11
C4B CLA IB . -16.72 4.57 -36.50
CMB CLA IB . -14.04 4.35 -33.96
CAB CLA IB . -14.35 3.71 -37.01
CBB CLA IB . -13.98 2.43 -37.06
NC CLA IB . -19.53 5.22 -37.26
C1C CLA IB . -18.58 4.71 -38.09
C2C CLA IB . -19.15 4.41 -39.40
C3C CLA IB . -20.50 4.76 -39.32
C4C CLA IB . -20.72 5.29 -38.01
CMC CLA IB . -18.45 3.79 -40.52
CAC CLA IB . -21.53 4.63 -40.38
CBC CLA IB . -22.37 3.40 -40.21
ND CLA IB . -21.31 5.96 -35.24
C1D CLA IB . -22.30 5.90 -36.25
C2D CLA IB . -23.63 6.10 -35.66
C3D CLA IB . -23.41 6.25 -34.32
C4D CLA IB . -21.96 6.13 -34.09
CMD CLA IB . -24.90 6.05 -36.39
CAD CLA IB . -24.05 6.36 -33.03
OBD CLA IB . -25.23 6.35 -32.76
CBD CLA IB . -22.92 6.37 -31.96
CGD CLA IB . -23.02 7.71 -31.35
O1D CLA IB . -23.44 8.74 -31.90
O2D CLA IB . -22.65 7.79 -30.06
CED CLA IB . -23.30 8.79 -29.28
C1 CLA IB . -18.20 0.49 -29.50
C2 CLA IB . -18.42 -0.86 -30.06
C3 CLA IB . -17.74 -1.94 -29.70
C4 CLA IB . -16.59 -1.90 -28.74
C5 CLA IB . -18.08 -3.25 -30.34
C6 CLA IB . -19.03 -4.03 -29.49
C7 CLA IB . -19.30 -5.35 -30.15
C8 CLA IB . -19.89 -6.39 -29.21
C9 CLA IB . -20.59 -7.47 -30.02
C10 CLA IB . -20.83 -5.70 -28.27
C11 CLA IB . -21.68 -6.63 -27.45
C12 CLA IB . -23.10 -6.13 -27.37
C13 CLA IB . -23.27 -4.77 -26.69
C14 CLA IB . -23.44 -4.93 -25.18
C15 CLA IB . -24.48 -4.06 -27.27
C16 CLA IB . -24.15 -3.41 -28.60
C17 CLA IB . -25.36 -3.30 -29.52
C18 CLA IB . -25.97 -1.90 -29.57
C19 CLA IB . -26.64 -1.66 -30.92
C20 CLA IB . -26.94 -1.66 -28.44
HHB CLA IB . -16.00 5.42 -32.29
HHC CLA IB . -16.62 3.95 -38.53
HHD CLA IB . -22.80 5.68 -38.30
H2A CLA IB . -20.19 6.92 -30.26
H3A CLA IB . -17.86 5.07 -30.42
HMA1 CLA IB . -16.62 7.31 -30.82
HMA2 CLA IB . -17.60 7.18 -29.31
HMA3 CLA IB . -18.25 8.11 -30.71
HAA1 CLA IB . -21.54 4.91 -29.97
HAA2 CLA IB . -20.02 4.80 -29.00
HBA1 CLA IB . -19.63 3.60 -31.67
HBA2 CLA IB . -21.05 2.87 -30.82
HMB1 CLA IB . -13.24 3.81 -34.53
HMB2 CLA IB . -14.27 3.76 -33.03
HMB3 CLA IB . -13.64 5.35 -33.66
HAB CLA IB . -13.88 4.47 -37.66
HBB1 CLA IB . -14.44 1.68 -36.42
HBB2 CLA IB . -13.21 2.06 -37.75
HMC1 CLA IB . -18.83 4.18 -41.49
HMC2 CLA IB . -18.59 2.68 -40.50
HMC3 CLA IB . -17.35 4.01 -40.46
HAC1 CLA IB . -21.04 4.60 -41.39
HAC2 CLA IB . -22.20 5.54 -40.37
HBC1 CLA IB . -23.20 3.39 -40.96
HBC2 CLA IB . -22.81 3.37 -39.18
HBC3 CLA IB . -21.74 2.49 -40.36
HMD1 CLA IB . -25.75 6.37 -35.73
HMD2 CLA IB . -25.11 5.01 -36.75
HMD3 CLA IB . -24.88 6.73 -37.28
HBD CLA IB . -23.02 5.55 -31.20
HED1 CLA IB . -22.70 8.84 -28.35
HED2 CLA IB . -24.33 8.39 -29.15
HED3 CLA IB . -23.24 9.71 -29.92
H11 CLA IB . -18.32 0.51 -28.39
H12 CLA IB . -17.17 0.89 -29.76
H2 CLA IB . -19.22 -0.91 -30.83
H41 CLA IB . -16.00 -2.84 -28.76
H42 CLA IB . -16.94 -1.74 -27.69
H43 CLA IB . -15.88 -1.07 -28.97
H51 CLA IB . -17.14 -3.84 -30.52
H52 CLA IB . -18.54 -3.05 -31.35
H61 CLA IB . -20.00 -3.46 -29.35
H62 CLA IB . -18.60 -4.19 -28.47
H71 CLA IB . -18.34 -5.73 -30.58
H72 CLA IB . -20.00 -5.17 -31.01
H8 CLA IB . -19.10 -6.92 -28.61
H91 CLA IB . -20.44 -8.47 -29.54
H92 CLA IB . -20.18 -7.50 -31.06
H93 CLA IB . -21.68 -7.26 -30.08
H101 CLA IB . -21.51 -5.03 -28.87
H102 CLA IB . -20.24 -5.05 -27.59
H111 CLA IB . -21.24 -6.71 -26.41
H112 CLA IB . -21.66 -7.66 -27.90
H121 CLA IB . -23.73 -6.89 -26.82
H122 CLA IB . -23.51 -6.07 -28.41
H13 CLA IB . -22.34 -4.15 -26.86
H141 CLA IB . -23.68 -3.96 -24.70
H142 CLA IB . -22.49 -5.32 -24.73
H143 CLA IB . -24.25 -5.66 -24.95
H151 CLA IB . -24.86 -3.28 -26.56
H152 CLA IB . -25.32 -4.79 -27.42
H161 CLA IB . -23.34 -4.00 -29.11
H162 CLA IB . -23.73 -2.38 -28.42
H171 CLA IB . -26.14 -4.03 -29.18
H172 CLA IB . -25.05 -3.60 -30.56
H18 CLA IB . -25.13 -1.15 -29.45
H191 CLA IB . -26.99 -0.60 -30.99
H192 CLA IB . -27.51 -2.34 -31.04
H193 CLA IB . -25.93 -1.85 -31.76
H201 CLA IB . -27.53 -0.72 -28.61
H202 CLA IB . -26.40 -1.57 -27.47
H203 CLA IB . -27.68 -2.50 -28.37
MG CLA JB . -3.53 6.49 -17.02
CHA CLA JB . -4.05 8.42 -14.23
CHB CLA JB . -2.28 9.16 -18.60
CHC CLA JB . -2.06 4.38 -19.35
CHD CLA JB . -4.20 3.60 -15.03
NA CLA JB . -3.24 8.48 -16.47
C1A CLA JB . -3.56 9.12 -15.29
C2A CLA JB . -3.13 10.60 -15.30
C3A CLA JB . -2.82 10.82 -16.81
C4A CLA JB . -2.75 9.41 -17.33
CMA CLA JB . -3.78 11.74 -17.52
CAA CLA JB . -1.85 10.80 -14.47
CBA CLA JB . -0.70 9.91 -14.90
CGA CLA JB . 0.50 9.96 -14.00
O1A CLA JB . 0.64 10.49 -12.91
O2A CLA JB . 1.55 9.27 -14.55
NB CLA JB . -2.43 6.71 -18.64
C1B CLA JB . -2.08 7.89 -19.16
C2B CLA JB . -1.31 7.71 -20.39
C3B CLA JB . -1.24 6.38 -20.63
C4B CLA JB . -1.96 5.72 -19.52
CMB CLA JB . -0.76 8.84 -21.12
CAB CLA JB . -0.59 5.60 -21.65
CBB CLA JB . -0.42 5.91 -22.91
NC CLA JB . -3.27 4.39 -17.22
C1C CLA JB . -2.70 3.74 -18.26
C2C CLA JB . -2.69 2.29 -18.07
C3C CLA JB . -3.21 2.09 -16.81
C4C CLA JB . -3.62 3.40 -16.30
CMC CLA JB . -2.09 1.31 -18.98
CAC CLA JB . -3.36 0.81 -16.14
CBC CLA JB . -2.20 0.57 -15.18
ND CLA JB . -4.03 6.03 -15.10
C1D CLA JB . -4.37 4.82 -14.43
C2D CLA JB . -4.82 5.12 -13.06
C3D CLA JB . -4.70 6.48 -12.95
C4D CLA JB . -4.23 7.01 -14.24
CMD CLA JB . -5.20 4.14 -12.01
CAD CLA JB . -4.88 7.62 -12.07
OBD CLA JB . -5.31 7.66 -10.95
CBD CLA JB . -4.42 8.86 -12.84
CGD CLA JB . -5.48 9.88 -12.84
O1D CLA JB . -5.37 11.05 -12.56
O2D CLA JB . -6.70 9.40 -13.23
CED CLA JB . -7.81 10.12 -12.73
C1 CLA JB . 2.74 9.05 -13.78
C2 CLA JB . 3.75 8.54 -14.70
C3 CLA JB . 4.90 8.03 -14.25
C4 CLA JB . 5.17 7.98 -12.79
C5 CLA JB . 5.94 7.50 -15.16
C6 CLA JB . 6.02 6.00 -15.00
C7 CLA JB . 6.97 5.35 -15.98
C8 CLA JB . 8.18 4.73 -15.29
C9 CLA JB . 8.92 5.85 -14.60
C10 CLA JB . 9.08 4.03 -16.30
C11 CLA JB . 9.69 2.72 -15.82
C12 CLA JB . 11.15 2.66 -16.21
C13 CLA JB . 11.70 1.26 -16.51
C14 CLA JB . 11.59 0.35 -15.30
C15 CLA JB . 13.14 1.48 -16.97
C16 CLA JB . 13.96 0.23 -17.21
C17 CLA JB . 14.28 -0.07 -18.67
C18 CLA JB . 15.63 -0.77 -18.88
C19 CLA JB . 15.91 -1.80 -17.82
C20 CLA JB . 15.74 -1.47 -20.22
HHB CLA JB . -2.02 10.02 -19.24
HHC CLA JB . -1.63 3.72 -20.12
HHD CLA JB . -4.55 2.70 -14.49
H2A CLA JB . -3.97 11.24 -14.92
H3A CLA JB . -1.82 11.30 -16.95
HMA1 CLA JB . -3.41 12.00 -18.54
HMA2 CLA JB . -3.93 12.69 -16.94
HMA3 CLA JB . -4.79 11.26 -17.64
HAA1 CLA JB . -2.08 10.61 -13.39
HAA2 CLA JB . -1.54 11.87 -14.56
HBA1 CLA JB . -0.36 10.21 -15.93
HBA2 CLA JB . -1.05 8.85 -14.96
HMB1 CLA JB . -0.43 8.53 -22.15
HMB2 CLA JB . 0.12 9.28 -20.57
HMB3 CLA JB . -1.54 9.65 -21.24
HAB CLA JB . -0.20 4.64 -21.26
HBB1 CLA JB . -0.81 6.85 -23.31
HBB2 CLA JB . 0.10 5.24 -23.62
HMC1 CLA JB . -2.29 0.26 -18.65
HMC2 CLA JB . -0.97 1.43 -19.04
HMC3 CLA JB . -2.50 1.41 -20.02
HAC1 CLA JB . -3.39 -0.02 -16.89
HAC2 CLA JB . -4.33 0.77 -15.57
HBC1 CLA JB . -2.39 -0.34 -14.57
HBC2 CLA JB . -2.10 1.45 -14.50
HBC3 CLA JB . -1.26 0.45 -15.76
HMD1 CLA JB . -5.49 4.65 -11.06
HMD2 CLA JB . -4.34 3.45 -11.79
HMD3 CLA JB . -6.07 3.52 -12.35
HBD CLA JB . -3.52 9.31 -12.34
HED1 CLA JB . -8.68 9.43 -12.93
HED2 CLA JB . -7.82 11.06 -13.32
HED3 CLA JB . -7.57 10.25 -11.64
H11 CLA JB . 2.50 8.32 -12.96
H12 CLA JB . 3.05 10.03 -13.31
H2 CLA JB . 3.52 8.60 -15.78
H41 CLA JB . 6.20 7.60 -12.58
H42 CLA JB . 4.45 7.30 -12.26
H43 CLA JB . 5.09 8.98 -12.31
H51 CLA JB . 6.93 7.98 -14.93
H52 CLA JB . 5.68 7.77 -16.22
H61 CLA JB . 5.00 5.56 -15.12
H62 CLA JB . 6.36 5.76 -13.95
H71 CLA JB . 7.30 6.10 -16.74
H72 CLA JB . 6.41 4.55 -16.54
H8 CLA JB . 7.86 3.96 -14.53
H91 CLA JB . 10.01 5.61 -14.55
H92 CLA JB . 8.54 5.98 -13.56
H93 CLA JB . 8.79 6.80 -15.16
H101 CLA JB . 9.92 4.72 -16.58
H102 CLA JB . 8.49 3.84 -17.23
H111 CLA JB . 9.12 1.86 -16.28
H112 CLA JB . 9.57 2.63 -14.71
H121 CLA JB . 11.74 3.11 -15.38
H122 CLA JB . 11.30 3.30 -17.12
H13 CLA JB . 11.10 0.72 -17.28
H141 CLA JB . 11.34 -0.70 -15.62
H142 CLA JB . 10.79 0.70 -14.61
H143 CLA JB . 12.55 0.32 -14.73
H151 CLA JB . 13.68 2.11 -16.22
H152 CLA JB . 13.12 2.06 -17.93
H161 CLA JB . 13.42 -0.65 -16.77
H162 CLA JB . 14.93 0.33 -16.65
H171 CLA JB . 14.27 0.88 -19.25
H172 CLA JB . 13.47 -0.73 -19.09
H18 CLA JB . 16.38 0.08 -18.84
H191 CLA JB . 16.78 -2.44 -18.12
H192 CLA JB . 15.03 -2.46 -17.65
H193 CLA JB . 16.18 -1.31 -16.85
H201 CLA JB . 16.75 -1.92 -20.33
H202 CLA JB . 15.58 -0.75 -21.06
H203 CLA JB . 14.98 -2.28 -20.30
MG CLA KB . 13.59 1.53 -42.16
CHA CLA KB . 13.07 -1.17 -44.24
CHB CLA KB . 16.92 0.67 -42.02
CHC CLA KB . 14.36 4.65 -40.74
CHD CLA KB . 10.48 2.80 -43.08
NA CLA KB . 14.80 -0.07 -42.96
C1A CLA KB . 14.40 -1.08 -43.82
C2A CLA KB . 15.54 -2.02 -44.14
C3A CLA KB . 16.57 -1.62 -43.07
C4A CLA KB . 16.10 -0.23 -42.64
CMA CLA KB . 16.46 -2.63 -42.01
CAA CLA KB . 16.10 -1.90 -45.57
CBA CLA KB . 16.70 -0.57 -45.92
CGA CLA KB . 15.58 0.36 -46.23
O1A CLA KB . 14.44 0.07 -46.69
O2A CLA KB . 15.96 1.64 -45.99
NB CLA KB . 15.30 2.49 -41.51
C1B CLA KB . 16.54 1.94 -41.52
C2B CLA KB . 17.50 2.88 -40.87
C3B CLA KB . 16.78 3.98 -40.52
C4B CLA KB . 15.36 3.75 -40.91
CMB CLA KB . 18.94 2.60 -40.70
CAB CLA KB . 17.20 5.18 -39.83
CBB CLA KB . 18.22 5.14 -38.95
NC CLA KB . 12.64 3.41 -42.02
C1C CLA KB . 13.08 4.51 -41.33
C2C CLA KB . 12.03 5.51 -41.23
C3C CLA KB . 10.93 4.99 -41.92
C4C CLA KB . 11.32 3.66 -42.39
CMC CLA KB . 12.21 6.81 -40.58
CAC CLA KB . 9.61 5.57 -42.14
CBC CLA KB . 8.81 5.67 -40.88
ND CLA KB . 12.12 1.01 -43.38
C1D CLA KB . 10.84 1.55 -43.51
C2D CLA KB . 9.97 0.56 -44.20
C3D CLA KB . 10.76 -0.51 -44.51
C4D CLA KB . 12.11 -0.16 -43.99
CMD CLA KB . 8.56 0.77 -44.39
CAD CLA KB . 10.84 -1.84 -45.10
OBD CLA KB . 9.98 -2.52 -45.65
CBD CLA KB . 12.33 -2.28 -44.93
CGD CLA KB . 12.43 -3.57 -44.19
O1D CLA KB . 12.37 -3.79 -43.01
O2D CLA KB . 12.66 -4.64 -44.98
CED CLA KB . 12.73 -5.87 -44.30
C1 CLA KB . 15.01 2.72 -46.06
C2 CLA KB . 15.80 3.94 -46.42
C3 CLA KB . 15.84 5.07 -45.72
C4 CLA KB . 15.07 5.23 -44.48
C5 CLA KB . 16.63 6.27 -46.13
C6 CLA KB . 15.73 7.17 -46.97
C7 CLA KB . 16.31 8.53 -47.23
C8 CLA KB . 15.18 9.52 -47.43
C9 CLA KB . 14.35 9.06 -48.60
C10 CLA KB . 15.70 10.92 -47.65
C11 CLA KB . 14.65 11.99 -47.46
C12 CLA KB . 15.14 13.36 -47.89
C13 CLA KB . 14.09 14.41 -47.57
C14 CLA KB . 13.24 14.67 -48.78
C15 CLA KB . 14.77 15.69 -47.09
C16 CLA KB . 13.83 16.87 -47.02
C17 CLA KB . 13.03 16.83 -45.78
C18 CLA KB . 13.15 18.10 -44.98
C19 CLA KB . 12.09 19.09 -45.44
C20 CLA KB . 12.98 17.75 -43.52
HHB CLA KB . 17.98 0.38 -41.88
HHC CLA KB . 14.53 5.55 -40.13
HHD CLA KB . 9.45 3.14 -43.28
H2A CLA KB . 15.14 -3.08 -44.03
H3A CLA KB . 17.63 -1.50 -43.46
HMA1 CLA KB . 16.91 -2.26 -41.06
HMA2 CLA KB . 16.98 -3.58 -42.29
HMA3 CLA KB . 15.39 -2.88 -41.81
HAA1 CLA KB . 15.28 -2.14 -46.30
HAA2 CLA KB . 16.89 -2.69 -45.70
HBA1 CLA KB . 17.38 -0.66 -46.81
HBA2 CLA KB . 17.29 -0.17 -45.06
HMB1 CLA KB . 19.53 3.55 -40.75
HMB2 CLA KB . 19.29 1.91 -41.50
HMB3 CLA KB . 19.12 2.12 -39.70
HAB CLA KB . 16.65 6.10 -40.07
HBB1 CLA KB . 18.76 4.23 -38.72
HBB2 CLA KB . 18.58 6.03 -38.42
HMC1 CLA KB . 11.22 7.30 -40.39
HMC2 CLA KB . 12.83 7.49 -41.21
HMC3 CLA KB . 12.72 6.69 -39.58
HAC1 CLA KB . 9.04 4.97 -42.88
HAC2 CLA KB . 9.73 6.60 -42.57
HBC1 CLA KB . 7.88 6.25 -41.05
HBC2 CLA KB . 9.41 6.18 -40.08
HBC3 CLA KB . 8.54 4.65 -40.52
HMD1 CLA KB . 8.10 -0.09 -44.95
HMD2 CLA KB . 8.36 1.70 -44.97
HMD3 CLA KB . 8.03 0.86 -43.40
HBD CLA KB . 12.75 -2.42 -45.96
HED1 CLA KB . 13.07 -6.59 -45.08
HED2 CLA KB . 11.69 -6.03 -43.93
HED3 CLA KB . 13.48 -5.69 -43.49
H11 CLA KB . 14.50 2.84 -45.08
H12 CLA KB . 14.24 2.48 -46.84
H2 CLA KB . 16.39 3.84 -47.35
H41 CLA KB . 14.94 6.31 -44.20
H42 CLA KB . 15.56 4.73 -43.61
H43 CLA KB . 14.04 4.79 -44.57
H51 CLA KB . 17.54 5.97 -46.70
H52 CLA KB . 16.99 6.83 -45.22
H61 CLA KB . 14.74 7.29 -46.47
H62 CLA KB . 15.55 6.67 -47.96
H71 CLA KB . 16.98 8.50 -48.12
H72 CLA KB . 16.95 8.83 -46.34
H8 CLA KB . 14.53 9.56 -46.51
H91 CLA KB . 13.59 9.84 -48.87
H92 CLA KB . 13.80 8.12 -48.35
H93 CLA KB . 14.99 8.88 -49.49
H101 CLA KB . 16.11 11.00 -48.69
H102 CLA KB . 16.55 11.12 -46.95
H111 CLA KB . 14.34 12.01 -46.38
H112 CLA KB . 13.73 11.71 -48.05
H121 CLA KB . 15.37 13.35 -48.98
H122 CLA KB . 16.11 13.59 -47.35
H13 CLA KB . 13.42 14.04 -46.74
H141 CLA KB . 12.22 15.03 -48.48
H142 CLA KB . 13.12 13.73 -49.38
H143 CLA KB . 13.71 15.45 -49.43
H151 CLA KB . 15.62 15.95 -47.78
H152 CLA KB . 15.20 15.54 -46.07
H161 CLA KB . 13.15 16.88 -47.92
H162 CLA KB . 14.42 17.83 -47.06
H171 CLA KB . 13.36 15.96 -45.14
H172 CLA KB . 11.95 16.65 -46.03
H18 CLA KB . 14.14 18.61 -45.13
H191 CLA KB . 12.15 20.02 -44.84
H192 CLA KB . 11.06 18.64 -45.31
H193 CLA KB . 12.23 19.34 -46.52
H201 CLA KB . 13.03 18.65 -42.88
H202 CLA KB . 13.79 17.04 -43.20
H203 CLA KB . 11.99 17.25 -43.34
MG CLA LB . 1.24 -0.44 -52.68
CHA CLA LB . 3.74 -2.29 -54.14
CHB CLA LB . 2.41 -1.28 -49.69
CHC CLA LB . -0.68 2.09 -51.22
CHD CLA LB . 0.52 1.02 -55.82
NA CLA LB . 2.90 -1.59 -52.04
C1A CLA LB . 3.75 -2.38 -52.79
C2A CLA LB . 4.64 -3.26 -51.91
C3A CLA LB . 4.03 -3.04 -50.50
C4A CLA LB . 3.07 -1.87 -50.72
CMA CLA LB . 3.32 -4.28 -50.02
CAA CLA LB . 6.12 -2.89 -52.02
CBA CLA LB . 6.49 -1.67 -51.23
CGA CLA LB . 7.86 -1.26 -51.69
O1A CLA LB . 8.53 -1.81 -52.55
O2A CLA LB . 8.30 -0.15 -51.03
NB CLA LB . 0.83 0.20 -50.86
C1B CLA LB . 1.49 -0.24 -49.75
C2B CLA LB . 1.08 0.50 -48.54
C3B CLA LB . 0.21 1.46 -48.96
C4B CLA LB . 0.05 1.28 -50.44
CMB CLA LB . 1.68 0.26 -47.21
CAB CLA LB . -0.43 2.47 -48.24
CBB CLA LB . -0.88 2.25 -47.00
NC CLA LB . 0.14 1.19 -53.36
C1C CLA LB . -0.62 2.04 -52.62
C2C CLA LB . -1.34 2.99 -53.47
C3C CLA LB . -0.97 2.71 -54.77
C4C CLA LB . -0.08 1.57 -54.70
CMC CLA LB . -2.17 4.09 -53.01
CAC CLA LB . -1.44 3.41 -55.98
CBC CLA LB . -2.73 2.80 -56.46
ND CLA LB . 2.03 -0.42 -54.52
C1D CLA LB . 1.54 0.12 -55.74
C2D CLA LB . 2.27 -0.49 -56.86
C3D CLA LB . 3.08 -1.48 -56.32
C4D CLA LB . 2.88 -1.39 -54.86
CMD CLA LB . 2.10 -0.10 -58.25
CAD CLA LB . 4.12 -2.46 -56.54
OBD CLA LB . 4.74 -2.78 -57.54
CBD CLA LB . 4.44 -3.11 -55.18
CGD CLA LB . 3.90 -4.50 -55.21
O1D CLA LB . 4.49 -5.56 -54.98
O2D CLA LB . 2.57 -4.53 -55.59
CED CLA LB . 2.00 -5.84 -55.78
C1 CLA LB . 9.70 0.20 -51.04
C2 CLA LB . 9.95 1.14 -49.89
C3 CLA LB . 10.68 0.84 -48.80
C4 CLA LB . 11.33 -0.47 -48.59
C5 CLA LB . 10.93 1.77 -47.68
C6 CLA LB . 10.61 3.25 -47.94
C7 CLA LB . 11.37 4.05 -46.89
C8 CLA LB . 11.13 5.56 -46.89
C9 CLA LB . 11.68 6.21 -48.16
C10 CLA LB . 11.74 6.18 -45.62
C11 CLA LB . 11.38 7.64 -45.36
C12 CLA LB . 12.16 8.24 -44.20
C13 CLA LB . 12.26 9.75 -44.24
C14 CLA LB . 12.93 10.28 -42.97
C15 CLA LB . 10.91 10.43 -44.36
C16 CLA LB . 10.99 11.95 -44.35
C17 CLA LB . 9.61 12.46 -44.73
C18 CLA LB . 9.50 13.90 -45.22
C19 CLA LB . 10.51 14.33 -46.25
C20 CLA LB . 8.16 14.02 -45.91
HHB CLA LB . 2.62 -1.66 -48.67
HHC CLA LB . -1.35 2.84 -50.77
HHD CLA LB . 0.16 1.33 -56.81
H2A CLA LB . 4.55 -4.34 -52.22
H3A CLA LB . 4.80 -2.72 -49.75
HMA1 CLA LB . 2.92 -4.14 -48.99
HMA2 CLA LB . 4.01 -5.15 -50.02
HMA3 CLA LB . 2.46 -4.52 -50.69
HAA1 CLA LB . 6.37 -2.72 -53.10
HAA2 CLA LB . 6.74 -3.76 -51.67
HBA1 CLA LB . 6.50 -1.90 -50.13
HBA2 CLA LB . 5.76 -0.85 -51.41
HMB1 CLA LB . 1.49 1.12 -46.53
HMB2 CLA LB . 2.79 0.12 -47.31
HMB3 CLA LB . 1.24 -0.66 -46.74
HAB CLA LB . -0.54 3.45 -48.74
HBB1 CLA LB . -0.78 1.28 -46.51
HBB2 CLA LB . -1.38 3.03 -46.40
HMC1 CLA LB . -2.73 4.54 -53.87
HMC2 CLA LB . -1.55 4.89 -52.53
HMC3 CLA LB . -2.92 3.74 -52.26
HAC1 CLA LB . -0.66 3.36 -56.79
HAC2 CLA LB . -1.60 4.50 -55.76
HBC1 CLA LB . -3.08 3.32 -57.38
HBC2 CLA LB . -3.52 2.88 -55.67
HBC3 CLA LB . -2.57 1.72 -56.71
HMD1 CLA LB . 2.55 -0.85 -58.94
HMD2 CLA LB . 2.59 0.90 -58.45
HMD3 CLA LB . 1.01 -0.01 -58.51
HBD CLA LB . 5.55 -3.10 -55.00
HED1 CLA LB . 0.91 -5.64 -55.91
HED2 CLA LB . 2.26 -6.38 -54.84
HED3 CLA LB . 2.52 -6.22 -56.69
H11 CLA LB . 9.94 0.67 -52.02
H12 CLA LB . 10.29 -0.76 -50.93
H2 CLA LB . 9.48 2.13 -50.01
H41 CLA LB . 11.87 -0.52 -47.61
H42 CLA LB . 12.10 -0.69 -49.39
H43 CLA LB . 10.59 -1.31 -48.61
H51 CLA LB . 12.01 1.70 -47.40
H52 CLA LB . 10.32 1.43 -46.80
H61 CLA LB . 9.51 3.43 -47.86
H62 CLA LB . 10.93 3.55 -48.97
H71 CLA LB . 12.46 3.85 -47.03
H72 CLA LB . 11.09 3.63 -45.88
H8 CLA LB . 10.01 5.79 -46.89
H91 CLA LB . 11.51 7.30 -48.15
H92 CLA LB . 11.18 5.77 -49.06
H93 CLA LB . 12.78 6.01 -48.24
H101 CLA LB . 12.86 6.10 -45.68
H102 CLA LB . 11.40 5.58 -44.73
H111 CLA LB . 10.28 7.73 -45.16
H112 CLA LB . 11.59 8.23 -46.29
H121 CLA LB . 13.18 7.79 -44.19
H122 CLA LB . 11.67 7.93 -43.24
H13 CLA LB . 12.89 10.01 -45.13
H141 CLA LB . 13.25 11.34 -43.12
H142 CLA LB . 13.83 9.67 -42.72
H143 CLA LB . 12.22 10.24 -42.12
H151 CLA LB . 10.24 10.10 -43.52
H152 CLA LB . 10.41 10.11 -45.32
H161 CLA LB . 11.76 12.32 -45.08
H162 CLA LB . 11.29 12.33 -43.34
H171 CLA LB . 8.94 12.35 -43.83
H172 CLA LB . 9.20 11.79 -45.53
H18 CLA LB . 9.65 14.56 -44.32
H191 CLA LB . 10.26 15.33 -46.66
H192 CLA LB . 10.55 13.60 -47.10
H193 CLA LB . 11.54 14.38 -45.79
H201 CLA LB . 8.01 15.06 -46.30
H202 CLA LB . 7.32 13.79 -45.20
H203 CLA LB . 8.09 13.31 -46.77
MG CLA MB . 2.85 -3.87 -44.67
CHA CLA MB . -0.10 -4.14 -42.75
CHB CLA MB . 2.82 -0.50 -43.94
CHC CLA MB . 5.24 -3.44 -46.87
CHD CLA MB . 2.13 -7.13 -45.82
NA CLA MB . 1.57 -2.60 -43.60
C1A CLA MB . 0.52 -2.93 -42.75
C2A CLA MB . 0.09 -1.77 -41.86
C3A CLA MB . 0.85 -0.60 -42.49
C4A CLA MB . 1.85 -1.28 -43.39
CMA CLA MB . -0.03 0.25 -43.35
CAA CLA MB . 0.56 -1.99 -40.42
CBA CLA MB . -0.13 -1.11 -39.38
CGA CLA MB . -1.50 -1.63 -39.04
O1A CLA MB . -2.03 -2.75 -39.19
O2A CLA MB . -2.30 -0.69 -38.49
NB CLA MB . 3.78 -2.29 -45.25
C1B CLA MB . 3.73 -1.00 -44.84
C2B CLA MB . 4.74 -0.15 -45.54
C3B CLA MB . 5.42 -0.95 -46.35
C4B CLA MB . 4.85 -2.34 -46.20
CMB CLA MB . 4.94 1.29 -45.38
CAB CLA MB . 6.51 -0.60 -47.24
CBB CLA MB . 7.62 -1.29 -47.37
NC CLA MB . 3.58 -5.07 -45.97
C1C CLA MB . 4.67 -4.74 -46.74
C2C CLA MB . 5.07 -5.90 -47.53
C3C CLA MB . 4.16 -6.91 -47.29
C4C CLA MB . 3.21 -6.39 -46.31
CMC CLA MB . 6.21 -5.93 -48.45
CAC CLA MB . 4.07 -8.27 -47.85
CBC CLA MB . 5.16 -9.13 -47.32
ND CLA MB . 1.48 -5.37 -44.34
C1D CLA MB . 1.29 -6.66 -44.89
C2D CLA MB . 0.08 -7.30 -44.31
C3D CLA MB . -0.48 -6.38 -43.46
C4D CLA MB . 0.40 -5.18 -43.57
CMD CLA MB . -0.36 -8.65 -44.64
CAD CLA MB . -1.61 -6.08 -42.61
OBD CLA MB . -2.64 -6.75 -42.39
CBD CLA MB . -1.38 -4.62 -42.12
CGD CLA MB . -2.58 -3.81 -42.57
O1D CLA MB . -3.38 -3.19 -41.90
O2D CLA MB . -2.76 -3.68 -43.91
CED CLA MB . -3.74 -2.68 -44.29
C1 CLA MB . -3.47 -1.27 -37.87
C2 CLA MB . -4.54 -1.24 -38.89
C3 CLA MB . -5.75 -0.65 -38.68
C4 CLA MB . -6.12 0.02 -37.41
C5 CLA MB . -6.80 -0.64 -39.71
C6 CLA MB . -8.00 -1.51 -39.35
C7 CLA MB . -7.69 -2.99 -39.25
C8 CLA MB . -7.32 -3.65 -40.59
C9 CLA MB . -8.38 -3.48 -41.65
C10 CLA MB . -7.04 -5.14 -40.41
C11 CLA MB . -5.89 -5.32 -39.43
C12 CLA MB . -4.92 -6.41 -39.86
C13 CLA MB . -3.91 -6.84 -38.78
C14 CLA MB . -2.95 -5.75 -38.39
C15 CLA MB . -3.19 -8.10 -39.31
C16 CLA MB . -1.93 -8.33 -38.55
C17 CLA MB . -1.35 -9.75 -38.70
C18 CLA MB . -1.04 -10.24 -40.09
C19 CLA MB . -0.33 -9.26 -41.03
C20 CLA MB . -0.12 -11.43 -39.90
HHB CLA MB . 2.88 0.56 -43.67
HHC CLA MB . 6.08 -3.35 -47.58
HHD CLA MB . 1.96 -8.14 -46.23
H2A CLA MB . -1.02 -1.66 -41.91
H3A CLA MB . 1.34 -0.01 -41.68
HMA1 CLA MB . 0.48 1.22 -43.61
HMA2 CLA MB . -0.98 0.49 -42.84
HMA3 CLA MB . -0.27 -0.27 -44.31
HAA1 CLA MB . 1.67 -1.79 -40.37
HAA2 CLA MB . 0.40 -3.07 -40.15
HBA1 CLA MB . -0.23 -0.07 -39.78
HBA2 CLA MB . 0.49 -1.07 -38.45
HMB1 CLA MB . 5.34 1.74 -46.32
HMB2 CLA MB . 5.67 1.50 -44.55
HMB3 CLA MB . 3.97 1.80 -45.13
HAB CLA MB . 6.35 0.34 -47.82
HBB1 CLA MB . 7.80 -2.21 -46.80
HBB2 CLA MB . 8.44 -0.99 -48.05
HMC1 CLA MB . 6.27 -6.92 -48.98
HMC2 CLA MB . 7.17 -5.77 -47.90
HMC3 CLA MB . 6.11 -5.13 -49.23
HAC1 CLA MB . 4.16 -8.22 -48.97
HAC2 CLA MB . 3.08 -8.74 -47.61
HBC1 CLA MB . 5.07 -10.16 -47.73
HBC2 CLA MB . 5.09 -9.18 -46.20
HBC3 CLA MB . 6.16 -8.71 -47.59
HMD1 CLA MB . -1.22 -8.96 -43.99
HMD2 CLA MB . 0.47 -9.39 -44.51
HMD3 CLA MB . -0.71 -8.72 -45.71
HBD CLA MB . -1.28 -4.59 -40.99
HED1 CLA MB . -3.76 -2.73 -45.41
HED2 CLA MB . -3.32 -1.73 -43.87
HED3 CLA MB . -4.68 -3.03 -43.80
H11 CLA MB . -3.73 -0.68 -36.96
H12 CLA MB . -3.22 -2.33 -37.56
H2 CLA MB . -4.31 -1.75 -39.85
H41 CLA MB . -7.15 0.44 -37.45
H42 CLA MB . -5.42 0.86 -37.17
H43 CLA MB . -6.09 -0.69 -36.55
H51 CLA MB . -6.38 -1.00 -40.68
H52 CLA MB . -7.16 0.42 -39.86
H61 CLA MB . -8.81 -1.37 -40.11
H62 CLA MB . -8.42 -1.18 -38.36
H71 CLA MB . -8.59 -3.51 -38.83
H72 CLA MB . -6.85 -3.13 -38.53
H8 CLA MB . -6.38 -3.14 -40.93
H91 CLA MB . -8.20 -4.18 -42.50
H92 CLA MB . -8.37 -2.44 -42.04
H93 CLA MB . -9.39 -3.70 -41.23
H101 CLA MB . -6.77 -5.60 -41.40
H102 CLA MB . -7.95 -5.67 -40.03
H111 CLA MB . -6.30 -5.56 -38.42
H112 CLA MB . -5.33 -4.34 -39.33
H121 CLA MB . -4.37 -6.04 -40.77
H122 CLA MB . -5.53 -7.30 -40.18
H13 CLA MB . -4.47 -7.05 -37.82
H141 CLA MB . -2.52 -5.94 -37.37
H142 CLA MB . -3.46 -4.75 -38.35
H143 CLA MB . -2.11 -5.68 -39.12
H151 CLA MB . -2.95 -7.98 -40.40
H152 CLA MB . -3.85 -9.00 -39.21
H161 CLA MB . -2.11 -8.13 -37.46
H162 CLA MB . -1.15 -7.60 -38.89
H171 CLA MB . -2.07 -10.47 -38.24
H172 CLA MB . -0.41 -9.80 -38.09
H18 CLA MB . -2.02 -10.45 -40.61
H191 CLA MB . -0.02 -9.79 -41.96
H192 CLA MB . 0.58 -8.84 -40.54
H193 CLA MB . -1.02 -8.42 -41.30
H201 CLA MB . 0.21 -11.84 -40.89
H202 CLA MB . -0.65 -12.25 -39.34
H203 CLA MB . 0.79 -11.14 -39.32
MG CLA NB . 10.04 -7.67 -31.15
CHA CLA NB . 11.98 -10.58 -30.36
CHB CLA NB . 7.37 -9.82 -31.72
CHC CLA NB . 7.92 -5.03 -31.14
CHD CLA NB . 12.55 -5.76 -29.82
NA CLA NB . 9.76 -9.85 -31.00
C1A CLA NB . 10.70 -10.85 -30.77
C2A CLA NB . 10.15 -12.25 -30.96
C3A CLA NB . 8.73 -11.96 -31.49
C4A CLA NB . 8.58 -10.44 -31.41
CMA CLA NB . 8.63 -12.40 -32.91
CAA CLA NB . 10.12 -12.91 -29.59
CBA CLA NB . 9.55 -12.00 -28.50
CGA CLA NB . 9.37 -12.76 -27.23
O1A CLA NB . 9.17 -13.96 -27.08
O2A CLA NB . 9.45 -11.96 -26.14
NB CLA NB . 8.02 -7.46 -31.39
C1B CLA NB . 7.12 -8.42 -31.70
C2B CLA NB . 5.83 -7.77 -32.12
C3B CLA NB . 5.98 -6.43 -31.95
C4B CLA NB . 7.39 -6.21 -31.48
CMB CLA NB . 4.64 -8.51 -32.56
CAB CLA NB . 5.11 -5.31 -32.18
CBB CLA NB . 3.82 -5.40 -32.46
NC CLA NB . 10.20 -5.79 -30.62
C1C CLA NB . 9.25 -4.81 -30.72
C2C CLA NB . 9.73 -3.51 -30.26
C3C CLA NB . 11.02 -3.77 -29.82
C4C CLA NB . 11.31 -5.17 -30.07
CMC CLA NB . 8.96 -2.24 -30.20
CAC CLA NB . 11.96 -2.79 -29.23
CBC CLA NB . 11.90 -2.78 -27.74
ND CLA NB . 11.83 -8.03 -30.15
C1D CLA NB . 12.81 -7.09 -29.85
C2D CLA NB . 14.07 -7.83 -29.54
C3D CLA NB . 13.78 -9.18 -29.68
C4D CLA NB . 12.39 -9.24 -30.09
CMD CLA NB . 15.32 -7.25 -29.12
CAD CLA NB . 14.30 -10.54 -29.60
OBD CLA NB . 15.39 -11.00 -29.28
CBD CLA NB . 13.16 -11.47 -30.08
CGD CLA NB . 13.64 -12.18 -31.29
O1D CLA NB . 13.86 -11.68 -32.37
O2D CLA NB . 13.80 -13.51 -31.13
CED CLA NB . 13.93 -14.26 -32.33
C1 CLA NB . 9.41 -12.57 -24.83
C2 CLA NB . 9.22 -11.49 -23.81
C3 CLA NB . 9.00 -11.79 -22.50
C4 CLA NB . 8.98 -13.18 -22.05
C5 CLA NB . 8.82 -10.76 -21.43
C6 CLA NB . 8.99 -9.32 -21.89
C7 CLA NB . 8.61 -8.34 -20.81
C8 CLA NB . 8.97 -6.92 -21.25
C9 CLA NB . 10.41 -6.63 -20.96
C10 CLA NB . 8.21 -5.80 -20.58
C11 CLA NB . 6.71 -5.99 -20.59
C12 CLA NB . 5.94 -4.76 -20.99
C13 CLA NB . 4.42 -4.88 -20.87
C14 CLA NB . 4.04 -6.23 -20.28
C15 CLA NB . 3.53 -4.85 -22.11
C16 CLA NB . 3.81 -3.86 -23.20
C17 CLA NB . 3.30 -2.52 -22.80
C18 CLA NB . 3.05 -1.67 -24.02
C19 CLA NB . 1.73 -2.06 -24.64
C20 CLA NB . 4.11 -1.89 -25.06
HHB CLA NB . 6.53 -10.46 -32.02
HHC CLA NB . 7.27 -4.12 -31.18
HHD CLA NB . 13.38 -5.08 -29.58
H2A CLA NB . 10.74 -12.85 -31.70
H3A CLA NB . 7.94 -12.44 -30.84
HMA1 CLA NB . 7.64 -12.11 -33.35
HMA2 CLA NB . 8.74 -13.50 -33.00
HMA3 CLA NB . 9.42 -11.92 -33.52
HAA1 CLA NB . 11.17 -13.21 -29.30
HAA2 CLA NB . 9.51 -13.85 -29.63
HBA1 CLA NB . 8.57 -11.58 -28.82
HBA2 CLA NB . 10.26 -11.14 -28.31
HMB1 CLA NB . 3.78 -8.33 -31.86
HMB2 CLA NB . 4.85 -9.60 -32.58
HMB3 CLA NB . 4.34 -8.18 -33.59
HAB CLA NB . 5.60 -4.32 -32.08
HBB1 CLA NB . 3.30 -6.37 -32.56
HBB2 CLA NB . 3.19 -4.52 -32.62
HMC1 CLA NB . 9.63 -1.38 -29.97
HMC2 CLA NB . 8.18 -2.29 -29.39
HMC3 CLA NB . 8.44 -2.04 -31.17
HAC1 CLA NB . 11.73 -1.76 -29.62
HAC2 CLA NB . 13.01 -3.04 -29.55
HBC1 CLA NB . 12.73 -2.16 -27.32
HBC2 CLA NB . 11.99 -3.81 -27.35
HBC3 CLA NB . 10.92 -2.35 -27.40
HMD1 CLA NB . 16.11 -8.04 -28.99
HMD2 CLA NB . 15.21 -6.71 -28.14
HMD3 CLA NB . 15.69 -6.52 -29.88
HBD CLA NB . 12.88 -12.22 -29.29
HED1 CLA NB . 13.98 -15.32 -31.98
HED2 CLA NB . 14.88 -13.88 -32.78
HED3 CLA NB . 13.01 -14.00 -32.91
H11 CLA NB . 10.37 -13.12 -24.67
H12 CLA NB . 8.56 -13.29 -24.80
H2 CLA NB . 9.27 -10.45 -24.17
H41 CLA NB . 8.87 -13.25 -20.94
H42 CLA NB . 9.92 -13.73 -22.32
H43 CLA NB . 8.13 -13.75 -22.51
H51 CLA NB . 9.56 -10.97 -20.61
H52 CLA NB . 7.80 -10.89 -20.99
H61 CLA NB . 8.35 -9.14 -22.81
H62 CLA NB . 10.05 -9.15 -22.20
H71 CLA NB . 9.13 -8.61 -19.85
H72 CLA NB . 7.50 -8.41 -20.61
H8 CLA NB . 8.73 -6.93 -22.35
H91 CLA NB . 10.72 -5.68 -21.48
H92 CLA NB . 11.07 -7.46 -21.34
H93 CLA NB . 10.58 -6.51 -19.87
H101 CLA NB . 8.45 -4.84 -21.10
H102 CLA NB . 8.54 -5.69 -19.52
H111 CLA NB . 6.38 -6.33 -19.57
H112 CLA NB . 6.46 -6.82 -21.30
H121 CLA NB . 6.20 -4.50 -22.04
H122 CLA NB . 6.29 -3.91 -20.34
H13 CLA NB . 4.22 -3.96 -20.26
H141 CLA NB . 2.93 -6.34 -20.21
H142 CLA NB . 4.47 -6.35 -19.25
H143 CLA NB . 4.43 -7.06 -20.92
H151 CLA NB . 2.47 -4.66 -21.78
H152 CLA NB . 3.54 -5.87 -22.58
H161 CLA NB . 3.33 -4.19 -24.16
H162 CLA NB . 4.93 -3.81 -23.39
H171 CLA NB . 4.04 -2.01 -22.13
H172 CLA NB . 2.35 -2.63 -22.22
H18 CLA NB . 3.08 -0.59 -23.70
H191 CLA NB . 1.75 -1.89 -25.75
H192 CLA NB . 0.90 -1.46 -24.19
H193 CLA NB . 1.52 -3.14 -24.46
H201 CLA NB . 4.16 -1.03 -25.76
H202 CLA NB . 3.88 -2.81 -25.67
H203 CLA NB . 5.11 -2.03 -24.59
MG CLA OB . 1.90 -10.17 -33.69
CHA CLA OB . 1.09 -7.15 -35.34
CHB CLA OB . 0.66 -8.88 -30.84
CHC CLA OB . 3.65 -12.58 -31.88
CHD CLA OB . 3.87 -10.94 -36.44
NA CLA OB . 1.10 -8.28 -33.20
C1A CLA OB . 0.68 -7.26 -34.06
C2A CLA OB . -0.30 -6.34 -33.36
C3A CLA OB . -0.22 -6.81 -31.89
C4A CLA OB . 0.56 -8.10 -31.97
CMA CLA OB . 0.52 -5.81 -31.01
CAA CLA OB . -1.70 -6.51 -33.95
CBA CLA OB . -2.40 -7.83 -33.71
CGA CLA OB . -3.69 -7.84 -34.52
O1A CLA OB . -3.88 -7.99 -35.71
O2A CLA OB . -4.79 -7.58 -33.80
NB CLA OB . 2.14 -10.63 -31.70
C1B CLA OB . 1.38 -10.07 -30.73
C2B CLA OB . 1.42 -10.93 -29.53
C3B CLA OB . 2.28 -11.99 -29.81
C4B CLA OB . 2.76 -11.79 -31.20
CMB CLA OB . 0.68 -10.55 -28.31
CAB CLA OB . 2.82 -13.07 -29.01
CBB CLA OB . 2.32 -13.46 -27.82
NC CLA OB . 3.47 -11.48 -34.07
C1C CLA OB . 3.99 -12.42 -33.24
C2C CLA OB . 4.92 -13.27 -33.97
C3C CLA OB . 5.00 -12.80 -35.26
C4C CLA OB . 4.07 -11.69 -35.30
CMC CLA OB . 5.63 -14.37 -33.34
CAC CLA OB . 5.79 -13.31 -36.43
CBC CLA OB . 7.06 -12.56 -36.74
ND CLA OB . 2.40 -9.26 -35.49
C1D CLA OB . 3.13 -9.82 -36.55
C2D CLA OB . 2.98 -8.98 -37.74
C3D CLA OB . 2.22 -7.90 -37.33
C4D CLA OB . 1.89 -8.15 -35.91
CMD CLA OB . 3.62 -9.31 -39.03
CAD CLA OB . 1.59 -6.66 -37.69
OBD CLA OB . 1.63 -6.10 -38.77
CBD CLA OB . 0.80 -6.17 -36.44
CGD CLA OB . 1.06 -4.79 -35.96
O1D CLA OB . 0.23 -3.94 -35.63
O2D CLA OB . 2.40 -4.54 -35.92
CED CLA OB . 2.72 -3.23 -35.49
C1 CLA OB . -5.92 -7.06 -34.49
C2 CLA OB . -5.64 -5.68 -35.02
C3 CLA OB . -6.29 -4.59 -34.58
C4 CLA OB . -7.32 -4.64 -33.52
C5 CLA OB . -6.02 -3.25 -35.15
C6 CLA OB . -5.36 -2.26 -34.18
C7 CLA OB . -4.12 -2.81 -33.48
C8 CLA OB . -3.61 -2.00 -32.28
C9 CLA OB . -2.31 -2.60 -31.88
C10 CLA OB . -4.52 -2.06 -31.07
C11 CLA OB . -4.52 -0.85 -30.17
C12 CLA OB . -4.95 0.46 -30.79
C13 CLA OB . -3.79 1.40 -30.53
C14 CLA OB . -3.76 1.74 -29.06
C15 CLA OB . -3.84 2.65 -31.37
C16 CLA OB . -3.74 2.27 -32.82
C17 CLA OB . -2.64 3.04 -33.46
C18 CLA OB . -2.20 2.39 -34.75
C19 CLA OB . -3.33 1.70 -35.45
C20 CLA OB . -1.57 3.40 -35.64
HHB CLA OB . 0.15 -8.53 -29.93
HHC CLA OB . 4.16 -13.40 -31.35
HHD CLA OB . 4.37 -11.31 -37.36
H2A CLA OB . 0.02 -5.27 -33.48
H3A CLA OB . -1.24 -7.00 -31.49
HMA1 CLA OB . 0.74 -6.25 -30.01
HMA2 CLA OB . -0.09 -4.89 -30.85
HMA3 CLA OB . 1.49 -5.51 -31.47
HAA1 CLA OB . -1.64 -6.34 -35.05
HAA2 CLA OB . -2.34 -5.70 -33.52
HBA1 CLA OB . -2.63 -7.97 -32.62
HBA2 CLA OB . -1.74 -8.68 -34.04
HMB1 CLA OB . 1.28 -10.80 -27.39
HMB2 CLA OB . -0.30 -11.10 -28.27
HMB3 CLA OB . 0.47 -9.44 -28.31
HAB CLA OB . 3.70 -13.58 -29.44
HBB1 CLA OB . 1.43 -13.01 -27.38
HBB2 CLA OB . 2.76 -14.29 -27.24
HMC1 CLA OB . 6.11 -15.02 -34.10
HMC2 CLA OB . 4.93 -15.00 -32.73
HMC3 CLA OB . 6.43 -13.98 -32.66
HAC1 CLA OB . 5.15 -13.28 -37.35
HAC2 CLA OB . 6.06 -14.38 -36.25
HBC1 CLA OB . 7.55 -12.99 -37.66
HBC2 CLA OB . 7.78 -12.66 -35.89
HBC3 CLA OB . 6.85 -11.49 -36.92
HMD1 CLA OB . 3.59 -8.43 -39.72
HMD2 CLA OB . 3.08 -10.15 -39.53
HMD3 CLA OB . 4.69 -9.61 -38.88
HBD CLA OB . -0.27 -6.15 -36.80
HED1 CLA OB . 3.76 -3.08 -35.84
HED2 CLA OB . 2.60 -3.28 -34.38
HED3 CLA OB . 1.96 -2.58 -36.00
H11 CLA OB . -6.79 -7.05 -33.77
H12 CLA OB . -6.17 -7.77 -35.33
H2 CLA OB . -4.85 -5.62 -35.79
H41 CLA OB . -7.71 -3.62 -33.27
H42 CLA OB . -6.91 -5.07 -32.57
H43 CLA OB . -8.20 -5.27 -33.83
H51 CLA OB . -7.00 -2.82 -35.51
H52 CLA OB . -5.36 -3.37 -36.05
H61 CLA OB . -6.11 -1.97 -33.39
H62 CLA OB . -5.08 -1.33 -34.73
H71 CLA OB . -3.31 -2.89 -34.24
H72 CLA OB . -4.36 -3.86 -33.14
H8 CLA OB . -3.54 -0.91 -32.57
H91 CLA OB . -1.81 -1.98 -31.10
H92 CLA OB . -1.63 -2.67 -32.76
H93 CLA OB . -2.47 -3.63 -31.47
H101 CLA OB . -4.22 -2.95 -30.45
H102 CLA OB . -5.57 -2.24 -31.42
H111 CLA OB . -3.49 -0.72 -29.76
H112 CLA OB . -5.20 -1.07 -29.30
H121 CLA OB . -5.91 0.84 -30.32
H122 CLA OB . -5.16 0.35 -31.89
H13 CLA OB . -2.84 0.88 -30.83
H141 CLA OB . -3.47 2.81 -28.91
H142 CLA OB . -3.02 1.10 -28.53
H143 CLA OB . -4.76 1.57 -28.60
H151 CLA OB . -3.00 3.35 -31.11
H152 CLA OB . -4.79 3.22 -31.19
H161 CLA OB . -4.71 2.48 -33.35
H162 CLA OB . -3.56 1.17 -32.92
H171 CLA OB . -1.76 3.09 -32.76
H172 CLA OB . -2.96 4.08 -33.66
H18 CLA OB . -1.44 1.60 -34.49
H191 CLA OB . -3.03 1.43 -36.49
H192 CLA OB . -4.22 2.38 -35.50
H193 CLA OB . -3.62 0.78 -34.90
H201 CLA OB . -1.66 3.09 -36.71
H202 CLA OB . -0.49 3.53 -35.40
H203 CLA OB . -2.08 4.39 -35.52
MG CLA PB . 0.35 -4.37 -26.46
CHA CLA PB . 2.12 -7.01 -25.35
CHB CLA PB . 2.55 -4.00 -29.16
CHC CLA PB . -1.01 -1.26 -27.24
CHD CLA PB . -1.41 -4.28 -23.44
NA CLA PB . 2.09 -5.32 -27.11
C1A CLA PB . 2.61 -6.49 -26.54
C2A CLA PB . 3.75 -7.06 -27.37
C3A CLA PB . 3.91 -5.99 -28.47
C4A CLA PB . 2.77 -5.01 -28.26
CMA CLA PB . 5.21 -5.27 -28.23
CAA CLA PB . 3.41 -8.43 -27.89
CBA CLA PB . 4.42 -9.08 -28.81
CGA CLA PB . 5.66 -9.52 -28.12
O1A CLA PB . 5.98 -10.66 -27.80
O2A CLA PB . 6.49 -8.48 -27.85
NB CLA PB . 0.67 -2.95 -27.96
C1B CLA PB . 1.54 -3.03 -29.00
C2B CLA PB . 1.30 -1.89 -29.92
C3B CLA PB . 0.29 -1.15 -29.38
C4B CLA PB . -0.09 -1.77 -28.11
CMB CLA PB . 2.07 -1.66 -31.14
CAB CLA PB . -0.24 0.11 -29.80
CBB CLA PB . -0.17 0.58 -31.03
NC CLA PB . -0.94 -3.05 -25.49
C1C CLA PB . -1.38 -1.86 -26.02
C2C CLA PB . -2.33 -1.25 -25.16
C3C CLA PB . -2.48 -2.07 -24.05
C4C CLA PB . -1.59 -3.21 -24.30
CMC CLA PB . -3.00 0.01 -25.44
CAC CLA PB . -3.35 -1.85 -22.89
CBC CLA PB . -2.73 -1.04 -21.80
ND CLA PB . 0.35 -5.30 -24.75
C1D CLA PB . -0.51 -5.26 -23.64
C2D CLA PB . -0.24 -6.40 -22.75
C3D CLA PB . 0.77 -7.11 -23.36
C4D CLA PB . 1.08 -6.40 -24.61
CMD CLA PB . -0.92 -6.64 -21.47
CAD CLA PB . 1.67 -8.24 -23.26
OBD CLA PB . 1.87 -9.05 -22.36
CBD CLA PB . 2.49 -8.25 -24.59
CGD CLA PB . 3.94 -8.37 -24.24
O1D CLA PB . 4.76 -7.49 -24.08
O2D CLA PB . 4.30 -9.66 -24.12
CED CLA PB . 5.57 -9.90 -23.54
C1 CLA PB . 7.71 -8.84 -27.12
C2 CLA PB . 7.96 -7.74 -26.16
C3 CLA PB . 8.68 -6.68 -26.47
C4 CLA PB . 9.29 -6.53 -27.80
C5 CLA PB . 8.87 -5.62 -25.49
C6 CLA PB . 8.73 -4.23 -26.04
C7 CLA PB . 8.77 -3.22 -24.92
C8 CLA PB . 7.78 -2.08 -25.12
C9 CLA PB . 8.27 -0.98 -26.02
C10 CLA PB . 7.48 -1.48 -23.77
C11 CLA PB . 8.72 -0.92 -23.13
C12 CLA PB . 8.97 -1.54 -21.77
C13 CLA PB . 7.93 -1.16 -20.74
C14 CLA PB . 7.58 0.31 -20.87
C15 CLA PB . 8.44 -1.41 -19.32
C16 CLA PB . 7.27 -1.45 -18.34
C17 CLA PB . 7.75 -0.98 -16.98
C18 CLA PB . 6.64 -0.85 -15.94
C19 CLA PB . 6.13 -2.21 -15.53
C20 CLA PB . 7.18 -0.11 -14.74
HHB CLA PB . 3.19 -3.93 -30.05
HHC CLA PB . -1.50 -0.31 -27.47
HHD CLA PB . -2.05 -4.32 -22.54
H2A CLA PB . 4.70 -7.13 -26.77
H3A CLA PB . 3.81 -6.44 -29.49
HMA1 CLA PB . 5.35 -4.42 -28.96
HMA2 CLA PB . 6.08 -5.96 -28.35
HMA3 CLA PB . 5.25 -4.83 -27.21
HAA1 CLA PB . 2.42 -8.36 -28.43
HAA2 CLA PB . 3.25 -9.10 -27.00
HBA1 CLA PB . 4.70 -8.35 -29.62
HBA2 CLA PB . 3.95 -9.98 -29.30
HMB1 CLA PB . 2.34 -0.58 -31.22
HMB2 CLA PB . 1.46 -1.93 -32.04
HMB3 CLA PB . 3.01 -2.27 -31.13
HAB CLA PB . -0.75 0.68 -29.00
HBB1 CLA PB . 0.28 0.03 -31.87
HBB2 CLA PB . -0.60 1.57 -31.29
HMC1 CLA PB . -3.38 0.48 -24.51
HMC2 CLA PB . -3.86 -0.14 -26.13
HMC3 CLA PB . -2.29 0.73 -25.93
HAC1 CLA PB . -3.67 -2.83 -22.46
HAC2 CLA PB . -4.30 -1.33 -23.22
HBC1 CLA PB . -3.51 -0.76 -21.05
HBC2 CLA PB . -2.29 -0.10 -22.23
HBC3 CLA PB . -1.93 -1.63 -21.29
HMD1 CLA PB . -0.36 -7.40 -20.87
HMD2 CLA PB . -1.96 -7.02 -21.64
HMD3 CLA PB . -0.98 -5.70 -20.88
HBD CLA PB . 2.21 -9.13 -25.23
HED1 CLA PB . 5.76 -10.98 -23.74
HED2 CLA PB . 5.43 -9.66 -22.46
HED3 CLA PB . 6.25 -9.21 -24.08
H11 CLA PB . 8.55 -8.95 -27.86
H12 CLA PB . 7.55 -9.82 -26.60
H2 CLA PB . 7.51 -7.86 -25.16
H41 CLA PB . 10.04 -5.70 -27.82
H42 CLA PB . 8.52 -6.29 -28.57
H43 CLA PB . 9.81 -7.46 -28.12
H51 CLA PB . 9.90 -5.74 -25.02
H52 CLA PB . 8.13 -5.76 -24.66
H61 CLA PB . 7.77 -4.13 -26.60
H62 CLA PB . 9.56 -4.02 -26.76
H71 CLA PB . 9.81 -2.81 -24.83
H72 CLA PB . 8.55 -3.75 -23.95
H8 CLA PB . 6.88 -2.52 -25.64
H91 CLA PB . 7.89 0.01 -25.67
H92 CLA PB . 7.93 -1.14 -27.07
H93 CLA PB . 9.39 -0.93 -26.01
H101 CLA PB . 7.03 -2.26 -23.10
H102 CLA PB . 6.72 -0.66 -23.89
H111 CLA PB . 8.62 0.19 -23.03
H112 CLA PB . 9.60 -1.11 -23.79
H121 CLA PB . 9.99 -1.23 -21.41
H122 CLA PB . 8.99 -2.66 -21.88
H13 CLA PB . 7.01 -1.78 -20.93
H141 CLA PB . 7.16 0.70 -19.90
H142 CLA PB . 6.81 0.47 -21.67
H143 CLA PB . 8.48 0.90 -21.13
H151 CLA PB . 9.15 -0.60 -19.02
H152 CLA PB . 8.99 -2.37 -19.27
H161 CLA PB . 6.86 -2.49 -18.26
H162 CLA PB . 6.44 -0.79 -18.70
H171 CLA PB . 8.24 0.03 -17.08
H172 CLA PB . 8.52 -1.69 -16.60
H18 CLA PB . 5.78 -0.29 -16.39
H191 CLA PB . 5.20 -2.12 -14.92
H192 CLA PB . 6.90 -2.74 -14.90
H193 CLA PB . 5.92 -2.85 -16.42
H201 CLA PB . 6.45 -0.15 -13.90
H202 CLA PB . 7.37 0.96 -14.99
H203 CLA PB . 8.14 -0.56 -14.40
MG CLA QB . 3.77 -15.43 -23.43
CHA CLA QB . 4.43 -18.81 -23.62
CHB CLA QB . 1.07 -15.91 -25.50
CHC CLA QB . 2.44 -12.29 -22.53
CHD CLA QB . 6.03 -15.14 -20.82
NA CLA QB . 2.95 -17.10 -24.38
C1A CLA QB . 3.42 -18.42 -24.41
C2A CLA QB . 2.55 -19.31 -25.32
C3A CLA QB . 1.69 -18.27 -26.10
C4A CLA QB . 1.88 -17.00 -25.25
CMA CLA QB . 2.18 -18.01 -27.51
CAA CLA QB . 1.69 -20.26 -24.50
CBA CLA QB . 0.95 -19.65 -23.30
CGA CLA QB . 1.74 -19.65 -22.01
O1A CLA QB . 2.38 -20.55 -21.48
O2A CLA QB . 1.65 -18.44 -21.36
NB CLA QB . 2.09 -14.31 -23.92
C1B CLA QB . 1.15 -14.68 -24.84
C2B CLA QB . 0.21 -13.57 -25.05
C3B CLA QB . 0.60 -12.56 -24.22
C4B CLA QB . 1.78 -13.00 -23.48
CMB CLA QB . -0.97 -13.60 -25.91
CAB CLA QB . 0.03 -11.26 -24.01
CBB CLA QB . -0.53 -10.53 -24.96
NC CLA QB . 4.23 -13.97 -22.05
C1C CLA QB . 3.64 -12.73 -21.87
C2C CLA QB . 4.28 -11.99 -20.80
C3C CLA QB . 5.27 -12.82 -20.29
C4C CLA QB . 5.24 -14.04 -21.09
CMC CLA QB . 3.86 -10.66 -20.32
CAC CLA QB . 6.17 -12.55 -19.16
CBC CLA QB . 5.57 -13.22 -17.95
ND CLA QB . 5.04 -16.62 -22.47
C1D CLA QB . 5.94 -16.37 -21.43
C2D CLA QB . 6.68 -17.58 -21.11
C3D CLA QB . 6.13 -18.56 -21.91
C4D CLA QB . 5.12 -17.90 -22.74
CMD CLA QB . 7.70 -17.72 -20.04
CAD CLA QB . 6.13 -19.96 -22.28
OBD CLA QB . 6.83 -20.84 -21.82
CBD CLA QB . 5.02 -20.17 -23.37
CGD CLA QB . 5.57 -20.70 -24.66
O1D CLA QB . 5.02 -21.12 -25.67
O2D CLA QB . 6.90 -20.65 -24.76
CED CLA QB . 7.40 -21.30 -25.91
C1 CLA QB . 2.36 -18.29 -20.11
C2 CLA QB . 2.36 -16.83 -19.78
C3 CLA QB . 1.46 -16.22 -18.98
C4 CLA QB . 0.37 -16.98 -18.31
C5 CLA QB . 1.54 -14.75 -18.73
C6 CLA QB . 0.71 -14.30 -17.53
C7 CLA QB . 0.99 -12.87 -17.09
C8 CLA QB . 0.00 -12.41 -16.01
C9 CLA QB . -1.44 -12.48 -16.51
C10 CLA QB . 0.31 -10.99 -15.55
C11 CLA QB . -0.61 -10.59 -14.42
C12 CLA QB . 0.06 -9.76 -13.33
C13 CLA QB . -0.95 -9.22 -12.31
C14 CLA QB . -1.93 -10.32 -11.93
C15 CLA QB . -1.68 -7.96 -12.82
C16 CLA QB . -2.89 -7.51 -12.02
C17 CLA QB . -2.66 -6.28 -11.16
C18 CLA QB . -1.67 -6.45 -10.01
C19 CLA QB . -1.40 -5.12 -9.35
C20 CLA QB . -2.18 -7.41 -8.96
HHB CLA QB . 0.28 -16.00 -26.27
HHC CLA QB . 2.04 -11.30 -22.23
HHD CLA QB . 6.81 -15.02 -20.04
H2A CLA QB . 3.21 -19.89 -26.00
H3A CLA QB . 0.61 -18.60 -26.11
HMA1 CLA QB . 1.62 -17.17 -27.98
HMA2 CLA QB . 2.05 -18.92 -28.14
HMA3 CLA QB . 3.26 -17.75 -27.51
HAA1 CLA QB . 2.35 -21.10 -24.12
HAA2 CLA QB . 0.93 -20.74 -25.17
HBA1 CLA QB . 0.00 -20.20 -23.14
HBA2 CLA QB . 0.70 -18.58 -23.55
HMB1 CLA QB . -1.73 -12.85 -25.55
HMB2 CLA QB . -1.44 -14.61 -25.90
HMB3 CLA QB . -0.69 -13.34 -26.96
HAB CLA QB . 0.08 -10.90 -22.96
HBB1 CLA QB . -0.62 -10.87 -25.99
HBB2 CLA QB . -0.97 -9.54 -24.76
HMC1 CLA QB . 4.58 -10.26 -19.56
HMC2 CLA QB . 2.85 -10.72 -19.84
HMC3 CLA QB . 3.80 -9.93 -21.17
HAC1 CLA QB . 6.30 -11.45 -18.97
HAC2 CLA QB . 7.21 -12.96 -19.34
HBC1 CLA QB . 6.21 -13.06 -17.05
HBC2 CLA QB . 5.44 -14.31 -18.13
HBC3 CLA QB . 4.56 -12.78 -17.74
HMD1 CLA QB . 8.06 -18.78 -19.98
HMD2 CLA QB . 7.27 -17.43 -19.04
HMD3 CLA QB . 8.58 -17.06 -20.24
HBD CLA QB . 4.30 -20.93 -22.95
HED1 CLA QB . 8.50 -21.31 -25.75
HED2 CLA QB . 7.07 -20.64 -26.76
HED3 CLA QB . 6.92 -22.30 -25.90
H11 CLA QB . 3.39 -18.70 -20.22
H12 CLA QB . 1.81 -18.89 -19.31
H2 CLA QB . 3.18 -16.26 -20.25
H41 CLA QB . -0.53 -16.34 -18.15
H42 CLA QB . 0.69 -17.36 -17.31
H43 CLA QB . 0.06 -17.86 -18.91
H51 CLA QB . 1.20 -14.21 -19.65
H52 CLA QB . 2.61 -14.47 -18.56
H61 CLA QB . 0.90 -14.99 -16.67
H62 CLA QB . -0.37 -14.39 -17.78
H71 CLA QB . 0.95 -12.19 -17.97
H72 CLA QB . 2.05 -12.81 -16.69
H8 CLA QB . 0.10 -13.11 -15.14
H91 CLA QB . -2.10 -11.85 -15.86
H92 CLA QB . -1.80 -13.55 -16.46
H93 CLA QB . -1.51 -12.13 -17.56
H101 CLA QB . 0.20 -10.27 -16.40
H102 CLA QB . 1.38 -10.93 -15.20
H111 CLA QB . -1.04 -11.51 -13.96
H112 CLA QB . -1.47 -10.01 -14.85
H121 CLA QB . 0.61 -8.91 -13.80
H122 CLA QB . 0.82 -10.40 -12.80
H13 CLA QB . -0.41 -8.89 -11.38
H141 CLA QB . -2.33 -10.15 -10.89
H142 CLA QB . -1.43 -11.32 -11.95
H143 CLA QB . -2.79 -10.34 -12.63
H151 CLA QB . -2.02 -8.14 -13.88
H152 CLA QB . -0.96 -7.10 -12.86
H161 CLA QB . -3.22 -8.35 -11.35
H162 CLA QB . -3.74 -7.30 -12.72
H171 CLA QB . -3.64 -5.95 -10.72
H172 CLA QB . -2.30 -5.44 -11.81
H18 CLA QB . -0.72 -6.87 -10.46
H191 CLA QB . -0.63 -5.22 -8.55
H192 CLA QB . -2.34 -4.73 -8.88
H193 CLA QB . -1.05 -4.37 -10.09
H201 CLA QB . -1.54 -7.36 -8.04
H202 CLA QB . -2.16 -8.45 -9.34
H203 CLA QB . -3.22 -7.15 -8.67
MG CLA RB . -7.56 -11.25 -42.12
CHA CLA RB . -6.59 -10.58 -38.82
CHB CLA RB . -10.47 -9.55 -41.48
CHC CLA RB . -9.04 -12.74 -44.81
CHD CLA RB . -5.19 -13.92 -42.11
NA CLA RB . -8.30 -10.17 -40.45
C1A CLA RB . -7.74 -9.95 -39.21
C2A CLA RB . -8.60 -9.03 -38.34
C3A CLA RB . -9.75 -8.64 -39.29
C4A CLA RB . -9.50 -9.49 -40.51
CMA CLA RB . -11.09 -8.91 -38.65
CAA CLA RB . -7.78 -7.82 -37.95
CBA CLA RB . -8.56 -6.72 -37.28
CGA CLA RB . -9.19 -7.17 -36.02
O1A CLA RB . -8.98 -8.19 -35.38
O2A CLA RB . -10.15 -6.28 -35.58
NB CLA RB . -9.34 -11.11 -42.97
C1B CLA RB . -10.38 -10.33 -42.62
C2B CLA RB . -11.45 -10.44 -43.63
C3B CLA RB . -11.05 -11.33 -44.56
C4B CLA RB . -9.71 -11.80 -44.14
CMB CLA RB . -12.71 -9.74 -43.49
CAB CLA RB . -11.67 -11.86 -45.72
CBB CLA RB . -12.32 -13.01 -45.67
NC CLA RB . -7.16 -12.97 -43.27
C1C CLA RB . -7.80 -13.29 -44.42
C2C CLA RB . -7.11 -14.35 -45.13
C3C CLA RB . -6.05 -14.71 -44.32
C4C CLA RB . -6.09 -13.85 -43.17
CMC CLA RB . -7.55 -14.96 -46.41
CAC CLA RB . -5.07 -15.78 -44.53
CBC CLA RB . -5.36 -16.98 -43.68
ND CLA RB . -6.18 -12.08 -40.87
C1D CLA RB . -5.21 -13.10 -41.01
C2D CLA RB . -4.34 -13.15 -39.81
C3D CLA RB . -4.83 -12.21 -38.96
C4D CLA RB . -6.00 -11.59 -39.64
CMD CLA RB . -3.20 -14.04 -39.54
CAD CLA RB . -4.68 -11.64 -37.65
OBD CLA RB . -3.90 -12.00 -36.78
CBD CLA RB . -5.81 -10.56 -37.53
CGD CLA RB . -6.67 -10.97 -36.41
O1D CLA RB . -7.35 -11.97 -36.35
O2D CLA RB . -6.65 -10.13 -35.36
CED CLA RB . -6.90 -10.68 -34.09
C1 CLA RB . -10.60 -6.34 -34.23
C2 CLA RB . -11.80 -7.20 -34.15
C3 CLA RB . -13.08 -6.76 -34.05
C4 CLA RB . -13.57 -5.35 -34.04
C5 CLA RB . -14.15 -7.77 -34.00
C6 CLA RB . -14.12 -8.53 -35.29
C7 CLA RB . -15.48 -9.13 -35.53
C8 CLA RB . -15.54 -9.55 -36.99
C9 CLA RB . -16.73 -8.87 -37.65
C10 CLA RB . -15.50 -11.08 -37.11
C11 CLA RB . -16.72 -11.84 -36.63
C12 CLA RB . -16.53 -13.36 -36.65
C13 CLA RB . -16.07 -13.95 -38.01
C14 CLA RB . -17.11 -14.90 -38.59
C15 CLA RB . -14.70 -14.67 -37.92
C16 CLA RB . -13.98 -14.68 -39.25
C17 CLA RB . -13.21 -13.38 -39.45
C18 CLA RB . -12.58 -13.25 -40.82
C19 CLA RB . -12.54 -14.53 -41.58
C20 CLA RB . -11.16 -12.77 -40.69
HHB CLA RB . -11.38 -8.93 -41.35
HHC CLA RB . -9.47 -13.14 -45.74
HHD CLA RB . -4.40 -14.70 -42.16
H2A CLA RB . -8.97 -9.58 -37.43
H3A CLA RB . -9.69 -7.56 -39.60
HMA1 CLA RB . -11.92 -8.63 -39.33
HMA2 CLA RB . -11.21 -8.34 -37.70
HMA3 CLA RB . -11.20 -10.00 -38.42
HAA1 CLA RB . -7.28 -7.41 -38.86
HAA2 CLA RB . -6.96 -8.15 -37.24
HBA1 CLA RB . -9.34 -6.34 -37.98
HBA2 CLA RB . -7.86 -5.86 -37.05
HMB1 CLA RB . -13.21 -9.63 -44.48
HMB2 CLA RB . -12.55 -8.72 -43.05
HMB3 CLA RB . -13.40 -10.31 -42.81
HAB CLA RB . -11.57 -11.27 -46.65
HBB1 CLA RB . -12.40 -13.58 -44.74
HBB2 CLA RB . -12.82 -13.45 -46.54
HMC1 CLA RB . -6.93 -15.85 -46.66
HMC2 CLA RB . -7.43 -14.21 -47.25
HMC3 CLA RB . -8.62 -15.26 -46.37
HAC1 CLA RB . -4.05 -15.40 -44.30
HAC2 CLA RB . -5.07 -16.08 -45.62
HBC1 CLA RB . -4.62 -17.79 -43.88
HBC2 CLA RB . -6.38 -17.37 -43.90
HBC3 CLA RB . -5.31 -16.71 -42.60
HMD1 CLA RB . -2.66 -13.74 -38.61
HMD2 CLA RB . -2.46 -14.01 -40.40
HMD3 CLA RB . -3.54 -15.10 -39.42
HBD CLA RB . -5.36 -9.54 -37.36
HED1 CLA RB . -6.80 -9.81 -33.39
HED2 CLA RB . -6.10 -11.46 -33.98
HED3 CLA RB . -7.94 -11.09 -34.18
H11 CLA RB . -10.81 -5.30 -33.89
H12 CLA RB . -9.76 -6.76 -33.61
H2 CLA RB . -11.59 -8.29 -34.18
H41 CLA RB . -14.48 -5.24 -33.40
H42 CLA RB . -13.83 -5.00 -35.07
H43 CLA RB . -12.78 -4.66 -33.64
H51 CLA RB . -15.15 -7.26 -33.84
H52 CLA RB . -13.98 -8.45 -33.12
H61 CLA RB . -13.35 -9.33 -35.24
H62 CLA RB . -13.85 -7.85 -36.13
H71 CLA RB . -16.29 -8.39 -35.29
H72 CLA RB . -15.64 -10.02 -34.86
H8 CLA RB . -14.64 -9.21 -37.56
H91 CLA RB . -17.00 -9.42 -38.59
H92 CLA RB . -16.48 -7.82 -37.90
H93 CLA RB . -17.60 -8.88 -36.96
H101 CLA RB . -14.61 -11.47 -36.55
H102 CLA RB . -15.34 -11.35 -38.20
H111 CLA RB . -17.61 -11.57 -37.26
H112 CLA RB . -16.96 -11.51 -35.58
H121 CLA RB . -17.51 -13.85 -36.37
H122 CLA RB . -15.78 -13.64 -35.86
H13 CLA RB . -15.94 -13.08 -38.70
H141 CLA RB . -17.01 -14.96 -39.70
H142 CLA RB . -18.15 -14.53 -38.35
H143 CLA RB . -16.99 -15.92 -38.17
H151 CLA RB . -14.84 -15.73 -37.57
H152 CLA RB . -14.05 -14.17 -37.16
H161 CLA RB . -14.72 -14.83 -40.09
H162 CLA RB . -13.27 -15.56 -39.30
H171 CLA RB . -12.42 -13.30 -38.67
H172 CLA RB . -13.92 -12.52 -39.30
H18 CLA RB . -13.22 -12.51 -41.37
H191 CLA RB . -11.95 -14.41 -42.53
H192 CLA RB . -13.57 -14.86 -41.85
H193 CLA RB . -12.05 -15.34 -40.97
H201 CLA RB . -10.65 -12.78 -41.69
H202 CLA RB . -10.58 -13.43 -40.01
H203 CLA RB . -11.12 -11.73 -40.28
MG CLA SB . -11.85 -17.36 -36.61
CHA CLA SB . -14.17 -20.00 -36.81
CHB CLA SB . -13.95 -15.95 -34.14
CHC CLA SB . -10.43 -14.33 -37.06
CHD CLA SB . -10.50 -18.38 -39.72
NA CLA SB . -13.80 -17.88 -35.64
C1A CLA SB . -14.45 -19.12 -35.78
C2A CLA SB . -15.49 -19.33 -34.67
C3A CLA SB . -15.48 -17.99 -33.94
C4A CLA SB . -14.31 -17.20 -34.57
CMA CLA SB . -16.73 -17.18 -34.20
CAA CLA SB . -15.11 -20.49 -33.77
CBA CLA SB . -16.18 -20.83 -32.73
CGA CLA SB . -17.39 -21.20 -33.54
O1A CLA SB . -17.39 -21.95 -34.52
O2A CLA SB . -18.51 -20.51 -33.16
NB CLA SB . -12.09 -15.57 -35.71
C1B CLA SB . -12.96 -15.16 -34.75
C2B CLA SB . -12.79 -13.70 -34.45
C3B CLA SB . -11.79 -13.26 -35.27
C4B CLA SB . -11.37 -14.42 -36.10
CMB CLA SB . -13.57 -12.98 -33.45
CAB CLA SB . -11.23 -11.96 -35.50
CBB CLA SB . -11.11 -10.99 -34.62
NC CLA SB . -10.59 -16.57 -38.01
C1C CLA SB . -10.02 -15.36 -37.92
C2C CLA SB . -9.04 -15.15 -38.98
C3C CLA SB . -9.12 -16.26 -39.81
C4C CLA SB . -10.10 -17.15 -39.20
CMC CLA SB . -8.20 -13.97 -39.15
CAC CLA SB . -8.32 -16.52 -41.02
CBC CLA SB . -8.98 -15.93 -42.24
ND CLA SB . -12.23 -18.80 -38.00
C1D CLA SB . -11.53 -19.14 -39.18
C2D CLA SB . -12.05 -20.42 -39.67
C3D CLA SB . -13.05 -20.80 -38.78
C4D CLA SB . -13.16 -19.75 -37.79
CMD CLA SB . -11.58 -21.10 -40.87
CAD CLA SB . -14.05 -21.78 -38.47
OBD CLA SB . -14.37 -22.77 -39.10
CBD CLA SB . -14.81 -21.30 -37.20
CGD CLA SB . -16.30 -21.17 -37.56
O1D CLA SB . -17.25 -21.92 -37.30
O2D CLA SB . -16.61 -20.09 -38.34
CED CLA SB . -18.00 -19.95 -38.57
C1 CLA SB . -19.87 -21.00 -33.29
C2 CLA SB . -20.44 -20.84 -34.66
C3 CLA SB . -21.03 -19.74 -35.21
C4 CLA SB . -21.58 -19.81 -36.62
C5 CLA SB . -21.17 -18.42 -34.52
C6 CLA SB . -20.69 -17.20 -35.34
C7 CLA SB . -21.46 -15.91 -35.07
C8 CLA SB . -20.59 -14.65 -35.09
C9 CLA SB . -20.25 -14.22 -33.68
C10 CLA SB . -21.25 -13.47 -35.82
C11 CLA SB . -20.32 -12.29 -36.05
C12 CLA SB . -20.99 -11.15 -36.82
C13 CLA SB . -20.02 -10.04 -37.21
C14 CLA SB . -20.63 -8.65 -37.15
C15 CLA SB . -19.48 -10.27 -38.61
HHB CLA SB . -14.45 -15.52 -33.25
HHC CLA SB . -9.93 -13.36 -37.21
HHD CLA SB . -9.97 -18.76 -40.61
H2A CLA SB . -16.50 -19.56 -35.14
H3A CLA SB . -15.29 -18.17 -32.85
HMA1 CLA SB . -16.99 -16.53 -33.31
HMA2 CLA SB . -17.61 -17.85 -34.40
HMA3 CLA SB . -16.61 -16.51 -35.09
HAA1 CLA SB . -14.16 -20.23 -33.22
HAA2 CLA SB . -14.89 -21.40 -34.38
HBA1 CLA SB . -16.40 -19.94 -32.08
HBA2 CLA SB . -15.86 -21.68 -32.07
HMB1 CLA SB . -13.45 -11.88 -33.59
HMB2 CLA SB . -13.23 -13.24 -32.41
HMB3 CLA SB . -14.66 -13.24 -33.55
HAB CLA SB . -10.87 -11.81 -36.54
HBB1 CLA SB . -11.44 -11.10 -33.57
HBB2 CLA SB . -10.67 -10.02 -34.87
HMC1 CLA SB . -7.75 -13.95 -40.18
HMC2 CLA SB . -7.37 -13.97 -38.41
HMC3 CLA SB . -8.80 -13.04 -39.02
HAC1 CLA SB . -8.18 -17.63 -41.15
HAC2 CLA SB . -7.29 -16.07 -40.90
HBC1 CLA SB . -8.46 -16.29 -43.16
HBC2 CLA SB . -8.95 -14.82 -42.20
HBC3 CLA SB . -10.04 -16.26 -42.28
HMD1 CLA SB . -12.22 -21.99 -41.09
HMD2 CLA SB . -10.53 -21.45 -40.73
HMD3 CLA SB . -11.61 -20.41 -41.74
HBD CLA SB . -14.72 -22.03 -36.34
HED1 CLA SB . -18.08 -19.11 -39.30
HED2 CLA SB . -18.43 -19.74 -37.56
HED3 CLA SB . -18.30 -20.95 -38.99
H11 CLA SB . -20.50 -20.44 -32.54
H12 CLA SB . -19.85 -22.09 -33.00
H2 CLA SB . -20.37 -21.77 -35.26
H41 CLA SB . -22.18 -18.91 -36.86
H42 CLA SB . -22.24 -20.71 -36.74
H43 CLA SB . -20.76 -19.88 -37.37
H51 CLA SB . -20.59 -18.46 -33.56
H52 CLA SB . -22.25 -18.27 -34.26
H61 CLA SB . -20.77 -17.44 -36.44
H62 CLA SB . -19.60 -17.02 -35.12
H71 CLA SB . -21.96 -16.01 -34.06
H72 CLA SB . -22.28 -15.83 -35.83
H8 CLA SB . -19.66 -14.91 -35.65
H91 CLA SB . -19.31 -13.62 -33.66
H92 CLA SB . -20.10 -15.12 -33.03
H93 CLA SB . -21.07 -13.60 -33.24
H101 CLA SB . -22.14 -13.12 -35.23
H102 CLA SB . -21.64 -13.82 -36.81
H111 CLA SB . -19.42 -12.63 -36.60
H112 CLA SB . -19.97 -11.91 -35.05
H121 CLA SB . -21.81 -10.72 -36.18
H122 CLA SB . -21.48 -11.57 -37.74
H13 CLA SB . -19.19 -10.07 -36.45
H141 CLA SB . -19.83 -7.87 -37.13
H142 CLA SB . -21.26 -8.53 -36.23
H143 CLA SB . -21.27 -8.45 -38.04
C01 8CT TB . -0.38 -1.53 -8.56
C02 8CT TB . -0.21 -0.18 -9.08
C03 8CT TB . -0.85 0.25 -10.17
C04 8CT TB . -0.63 1.61 -10.68
C05 8CT TB . 0.39 2.44 -9.93
C06 8CT TB . 0.49 2.10 -8.48
C07 8CT TB . 0.75 0.62 -8.31
C08 8CT TB . -0.09 1.52 -12.09
C09 8CT TB . -1.96 2.33 -10.71
C10 8CT TB . -1.82 -0.57 -10.92
C11 8CT TB . -1.45 -1.38 -11.91
C12 8CT TB . -2.30 -2.41 -12.51
C13 8CT TB . -1.79 -3.17 -13.48
C14 8CT TB . -2.53 -4.25 -14.11
C15 8CT TB . -2.11 -4.75 -15.27
C16 8CT TB . -2.74 -5.87 -15.93
C17 8CT TB . -2.00 -6.61 -16.77
C18 8CT TB . -2.45 -7.84 -17.37
C19 8CT TB . -1.74 -8.45 -18.34
C20 8CT TB . -2.19 -9.70 -18.88
C21 8CT TB . -1.50 -10.54 -19.69
C22 8CT TB . -0.06 -10.37 -19.93
C23 8CT TB . -2.15 -11.79 -20.07
C24 8CT TB . -1.65 -12.70 -20.91
C25 8CT TB . -2.46 -13.86 -21.23
C26 8CT TB . -2.10 -15.01 -21.86
C27 8CT TB . -0.68 -15.44 -21.84
C28 8CT TB . -3.15 -15.82 -22.48
C29 8CT TB . -2.97 -17.07 -22.93
C30 8CT TB . -3.99 -17.93 -23.53
C31 8CT TB . -5.17 -18.17 -22.96
C32 8CT TB . -6.25 -19.04 -23.50
C33 8CT TB . -6.08 -19.26 -24.98
C34 8CT TB . -4.67 -19.64 -25.26
C35 8CT TB . -3.64 -18.60 -24.83
C36 8CT TB . -3.44 -17.59 -25.94
C37 8CT TB . -2.38 -19.43 -24.68
C38 8CT TB . -5.61 -17.58 -21.67
C39 8CT TB . -4.22 -5.97 -15.95
C40 8CT TB . -3.75 -2.22 -12.40
H1 8CT TB . -0.27 -2.26 -9.35
H2 8CT TB . -1.38 -1.64 -8.13
H3 8CT TB . 0.35 -1.74 -7.79
H6 8CT TB . 0.17 3.51 -10.02
H7 8CT TB . 1.38 2.32 -10.39
H8 8CT TB . -0.42 2.38 -7.97
H9 8CT TB . 1.28 2.68 -8.01
H10 8CT TB . 0.74 0.36 -7.26
H11 8CT TB . 1.78 0.40 -8.57
H12 8CT TB . -0.85 1.17 -12.78
H13 8CT TB . 0.75 0.84 -12.14
H14 8CT TB . 0.25 2.48 -12.45
H15 8CT TB . -2.54 2.02 -11.56
H16 8CT TB . -1.81 3.40 -10.79
H17 8CT TB . -2.52 2.14 -9.82
H18 8CT TB . -2.85 -0.48 -10.67
H19 8CT TB . -0.45 -1.28 -12.28
H20 8CT TB . -0.79 -3.01 -13.82
H21 8CT TB . -3.40 -4.62 -13.64
H22 8CT TB . -1.25 -4.28 -15.73
H23 8CT TB . -1.02 -6.30 -17.01
H24 8CT TB . -3.37 -8.28 -17.05
H25 8CT TB . -0.84 -7.99 -18.70
H26 8CT TB . -3.19 -9.99 -18.61
H27 8CT TB . 0.45 -11.33 -19.93
H28 8CT TB . 0.40 -9.77 -19.16
H29 8CT TB . 0.14 -9.89 -20.87
H30 8CT TB . -3.11 -12.01 -19.68
H31 8CT TB . -0.68 -12.59 -21.33
H32 8CT TB . -3.49 -13.79 -20.93
H33 8CT TB . -0.60 -16.44 -21.40
H34 8CT TB . -0.08 -14.76 -21.27
H35 8CT TB . -0.29 -15.49 -22.85
H36 8CT TB . -4.11 -15.38 -22.56
H37 8CT TB . -1.98 -17.49 -22.83
H40 8CT TB . -7.24 -18.64 -23.28
H42 8CT TB . -6.36 -18.36 -25.52
H43 8CT TB . -6.77 -20.03 -25.30
H44 8CT TB . -4.59 -19.84 -26.32
H45 8CT TB . -4.48 -20.60 -24.78
H46 8CT TB . -3.50 -18.07 -26.91
H47 8CT TB . -2.47 -17.12 -25.86
H48 8CT TB . -4.20 -16.81 -25.91
H49 8CT TB . -2.34 -20.19 -25.44
H50 8CT TB . -2.34 -19.91 -23.72
H51 8CT TB . -1.50 -18.80 -24.78
H52 8CT TB . -6.44 -18.12 -21.24
H53 8CT TB . -5.92 -16.55 -21.78
H54 8CT TB . -4.81 -17.60 -20.93
H55 8CT TB . -4.57 -6.36 -16.89
H56 8CT TB . -4.66 -5.00 -15.78
H57 8CT TB . -4.56 -6.63 -15.16
H58 8CT TB . -4.29 -2.94 -13.01
H59 8CT TB . -4.05 -1.23 -12.73
H60 8CT TB . -4.08 -2.33 -11.38
H272 8CT TB . -6.31 -19.98 -22.97
C1 BCR UB . 2.83 1.04 -18.11
C2 BCR UB . 3.77 1.94 -17.31
C3 BCR UB . 3.19 2.21 -15.94
C4 BCR UB . 3.02 0.93 -15.16
C5 BCR UB . 2.35 -0.11 -15.98
C6 BCR UB . 2.26 -0.06 -17.30
C7 BCR UB . 1.59 -1.10 -18.04
C8 BCR UB . 0.27 -1.25 -17.94
C9 BCR UB . -0.42 -2.36 -18.52
C10 BCR UB . -1.70 -2.56 -18.15
C11 BCR UB . -2.65 -3.34 -18.89
C33 BCR UB . 1.78 -1.22 -15.20
C31 BCR UB . 3.65 0.51 -19.29
C32 BCR UB . 1.71 1.90 -18.65
C34 BCR UB . 0.18 -2.96 -19.72
C12 BCR UB . -3.87 -3.55 -18.38
C13 BCR UB . -4.83 -4.47 -18.97
C14 BCR UB . -6.07 -4.58 -18.46
C15 BCR UB . -7.11 -5.44 -18.96
C16 BCR UB . -8.33 -5.47 -18.40
C17 BCR UB . -9.29 -6.44 -18.86
C18 BCR UB . -10.52 -6.68 -18.37
C19 BCR UB . -11.35 -7.69 -19.02
C20 BCR UB . -12.55 -8.09 -18.52
C21 BCR UB . -13.32 -9.08 -19.21
C22 BCR UB . -14.52 -9.58 -18.86
C23 BCR UB . -15.19 -10.48 -19.78
C24 BCR UB . -16.23 -11.26 -19.46
C25 BCR UB . -17.00 -12.08 -20.40
C26 BCR UB . -16.53 -13.25 -20.83
C27 BCR UB . -17.22 -14.14 -21.77
C28 BCR UB . -18.70 -13.88 -21.85
C29 BCR UB . -18.99 -12.42 -21.93
C30 BCR UB . -18.31 -11.56 -20.87
C35 BCR UB . -4.38 -5.35 -20.06
C36 BCR UB . -11.05 -6.09 -17.13
C37 BCR UB . -15.01 -9.54 -17.46
C38 BCR UB . -15.21 -13.78 -20.39
C39 BCR UB . -19.20 -11.28 -19.68
C40 BCR UB . -18.20 -10.24 -21.58
HC21 BCR UB . 3.94 2.89 -17.82
HC22 BCR UB . 4.75 1.50 -17.21
HC31 BCR UB . 2.24 2.72 -16.04
HC32 BCR UB . 3.84 2.90 -15.40
HC41 BCR UB . 2.49 1.12 -14.24
HC42 BCR UB . 3.98 0.59 -14.78
HC7 BCR UB . 2.17 -1.74 -18.67
HC8 BCR UB . -0.29 -0.51 -17.41
H10C BCR UB . -2.06 -2.12 -17.24
H11C BCR UB . -2.36 -3.75 -19.83
H331 BCR UB . 2.08 -2.18 -15.61
H332 BCR UB . 0.69 -1.17 -15.21
H333 BCR UB . 2.10 -1.17 -14.17
H311 BCR UB . 2.99 0.12 -20.05
H312 BCR UB . 4.29 -0.29 -18.97
H313 BCR UB . 4.25 1.28 -19.72
H321 BCR UB . 1.25 1.42 -19.50
H322 BCR UB . 2.07 2.86 -18.95
H323 BCR UB . 0.94 2.04 -17.90
H341 BCR UB . -0.34 -3.87 -20.00
H342 BCR UB . 1.21 -3.23 -19.55
H343 BCR UB . 0.14 -2.29 -20.56
H12C BCR UB . -4.15 -3.01 -17.50
H14C BCR UB . -6.31 -3.99 -17.62
H15C BCR UB . -6.91 -6.07 -19.80
H16C BCR UB . -8.57 -4.78 -17.62
H17C BCR UB . -8.97 -7.03 -19.68
H19C BCR UB . -11.04 -8.12 -19.94
H20C BCR UB . -12.89 -7.67 -17.61
H21C BCR UB . -12.88 -9.46 -20.11
H23C BCR UB . -14.82 -10.52 -20.78
H24C BCR UB . -16.53 -11.28 -18.43
H271 BCR UB . -17.03 -15.20 -21.54
H272 BCR UB . -16.78 -14.10 -22.76
H281 BCR UB . -19.18 -14.33 -20.98
H282 BCR UB . -19.11 -14.42 -22.71
H291 BCR UB . -20.05 -12.28 -21.90
H292 BCR UB . -18.69 -12.08 -22.92
H351 BCR UB . -4.86 -6.32 -19.99
H352 BCR UB . -3.31 -5.50 -20.01
H353 BCR UB . -4.63 -4.93 -21.02
H361 BCR UB . -12.00 -5.62 -17.28
H362 BCR UB . -10.37 -5.34 -16.73
H363 BCR UB . -11.19 -6.85 -16.36
H371 BCR UB . -16.03 -9.16 -17.43
H372 BCR UB . -14.38 -8.90 -16.85
H373 BCR UB . -15.00 -10.52 -17.02
H381 BCR UB . -14.81 -14.52 -21.08
H382 BCR UB . -15.27 -14.27 -19.41
H383 BCR UB . -14.47 -13.00 -20.29
H391 BCR UB . -20.22 -11.12 -20.00
H392 BCR UB . -18.86 -10.42 -19.14
H393 BCR UB . -19.19 -12.13 -19.00
H401 BCR UB . -19.14 -9.97 -22.05
H402 BCR UB . -17.44 -10.27 -22.35
H403 BCR UB . -17.94 -9.45 -20.88
C01 8CT VB . -21.84 -5.51 -36.47
C02 8CT VB . -22.21 -4.41 -35.56
C03 8CT VB . -21.45 -4.09 -34.54
C04 8CT VB . -21.80 -2.95 -33.65
C05 8CT VB . -23.10 -2.25 -33.97
C06 8CT VB . -23.43 -2.30 -35.42
C07 8CT VB . -23.48 -3.75 -35.87
C08 8CT VB . -21.96 -3.42 -32.23
C09 8CT VB . -20.65 -1.96 -33.73
C10 8CT VB . -20.17 -4.75 -34.28
C11 8CT VB . -20.08 -5.95 -33.72
C12 8CT VB . -18.82 -6.68 -33.54
C13 8CT VB . -18.86 -8.02 -33.47
C14 8CT VB . -17.97 -8.81 -32.67
C15 8CT VB . -18.23 -10.11 -32.51
C16 8CT VB . -17.28 -11.08 -32.01
C17 8CT VB . -17.75 -12.28 -31.65
C18 8CT VB . -16.92 -13.44 -31.41
C19 8CT VB . -17.49 -14.59 -31.02
C20 8CT VB . -16.65 -15.71 -30.66
C21 8CT VB . -17.04 -16.98 -30.55
C22 8CT VB . -18.35 -17.44 -31.05
C23 8CT VB . -16.22 -17.92 -29.78
C24 8CT VB . -16.56 -19.21 -29.56
C25 8CT VB . -15.68 -20.05 -28.77
C26 8CT VB . -15.90 -21.34 -28.42
C27 8CT VB . -17.05 -22.08 -28.95
C28 8CT VB . -14.82 -22.09 -27.79
C29 8CT VB . -14.90 -23.32 -27.29
C30 8CT VB . -13.91 -23.86 -26.40
C31 8CT VB . -13.72 -23.30 -25.20
C32 8CT VB . -12.72 -23.71 -24.22
C33 8CT VB . -12.17 -25.09 -24.47
C34 8CT VB . -11.90 -25.31 -25.92
C35 8CT VB . -13.04 -24.97 -26.87
C36 8CT VB . -13.91 -26.19 -27.17
C37 8CT VB . -12.30 -24.56 -28.11
C38 8CT VB . -14.53 -22.16 -24.74
C39 8CT VB . -16.01 -10.60 -31.48
C40 8CT VB . -17.58 -5.91 -33.27
H1 8CT VB . -21.50 -6.37 -35.91
H2 8CT VB . -21.04 -5.19 -37.13
H3 8CT VB . -22.68 -5.79 -37.07
H6 8CT VB . -23.07 -1.21 -33.65
H7 8CT VB . -23.93 -2.69 -33.40
H8 8CT VB . -22.69 -1.74 -35.99
H9 8CT VB . -24.38 -1.80 -35.61
H10 8CT VB . -23.74 -3.80 -36.92
H11 8CT VB . -24.34 -4.25 -35.42
H12 8CT VB . -21.00 -3.55 -31.76
H13 8CT VB . -22.50 -4.35 -32.21
H14 8CT VB . -22.51 -2.70 -31.66
H15 8CT VB . -19.79 -2.34 -33.22
H16 8CT VB . -20.93 -1.02 -33.30
H17 8CT VB . -20.37 -1.79 -34.76
H18 8CT VB . -19.28 -4.24 -34.56
H19 8CT VB . -20.98 -6.41 -33.37
H20 8CT VB . -19.60 -8.54 -34.03
H21 8CT VB . -17.13 -8.36 -32.21
H22 8CT VB . -19.20 -10.46 -32.80
H23 8CT VB . -18.80 -12.41 -31.54
H24 8CT VB . -15.87 -13.39 -31.55
H25 8CT VB . -18.56 -14.67 -30.98
H26 8CT VB . -15.63 -15.47 -30.46
H27 8CT VB . -18.31 -18.44 -31.44
H28 8CT VB . -18.72 -16.80 -31.83
H29 8CT VB . -19.10 -17.44 -30.26
H30 8CT VB . -15.31 -17.58 -29.35
H31 8CT VB . -17.45 -19.60 -29.98
H32 8CT VB . -14.77 -19.59 -28.42
H33 8CT VB . -16.79 -23.11 -29.14
H34 8CT VB . -17.40 -21.63 -29.87
H35 8CT VB . -17.87 -22.06 -28.24
H36 8CT VB . -13.87 -21.58 -27.70
H37 8CT VB . -15.73 -23.94 -27.58
H40 8CT VB . -13.11 -23.64 -23.20
H42 8CT VB . -12.89 -25.82 -24.09
H43 8CT VB . -11.28 -25.23 -23.86
H44 8CT VB . -11.57 -26.33 -26.04
H45 8CT VB . -11.02 -24.71 -26.16
H46 8CT VB . -13.31 -27.09 -27.22
H47 8CT VB . -14.43 -26.07 -28.12
H48 8CT VB . -14.66 -26.33 -26.40
H49 8CT VB . -11.54 -25.30 -28.36
H50 8CT VB . -11.80 -23.62 -27.96
H51 8CT VB . -12.96 -24.47 -28.95
H52 8CT VB . -14.17 -21.77 -23.80
H53 8CT VB . -15.57 -22.44 -24.58
H54 8CT VB . -14.52 -21.34 -25.45
H55 8CT VB . -15.54 -11.37 -30.86
H56 8CT VB . -16.15 -9.73 -30.88
H57 8CT VB . -15.33 -10.37 -32.29
H58 8CT VB . -16.91 -6.49 -32.66
H59 8CT VB . -17.80 -5.00 -32.76
H60 8CT VB . -17.07 -5.67 -34.19
H272 8CT VB . -11.91 -23.00 -24.15
C1 LMG WB . -2.73 9.04 -7.93
O1 LMG WB . -1.85 9.02 -9.06
C2 LMG WB . -1.97 9.99 -6.90
O2 LMG WB . -0.91 9.22 -6.36
C3 LMG WB . -2.94 10.33 -5.75
O3 LMG WB . -2.27 11.24 -4.96
C4 LMG WB . -4.20 10.99 -6.34
O4 LMG WB . -3.80 12.11 -7.07
C5 LMG WB . -4.86 9.97 -7.29
O5 LMG WB . -6.69 9.71 -8.77
C6 LMG WB . -6.19 10.59 -7.79
O6 LMG WB . -3.98 9.65 -8.42
C7 LMG WB . -1.95 7.89 -9.92
C8 LMG WB . -0.54 7.24 -9.94
C9 LMG WB . -0.31 6.53 -8.55
O7 LMG WB . -0.58 6.19 -10.94
C10 LMG WB . -0.63 6.44 -12.30
O9 LMG WB . -1.08 7.51 -12.68
C11 LMG WB . -0.63 5.16 -13.09
C12 LMG WB . -0.70 5.28 -14.61
C13 LMG WB . 0.61 5.70 -15.20
C14 LMG WB . 0.52 5.31 -16.67
C15 LMG WB . 1.05 6.43 -17.54
C16 LMG WB . 2.51 6.11 -17.95
C17 LMG WB . 2.73 7.03 -19.13
C18 LMG WB . 4.20 7.28 -19.28
C19 LMG WB . 4.80 6.30 -20.31
C20 LMG WB . 6.08 5.79 -19.65
C21 LMG WB . 6.74 4.78 -20.54
C22 LMG WB . 8.15 4.69 -20.02
C23 LMG WB . 8.71 3.32 -20.36
C24 LMG WB . 10.24 3.46 -20.33
C25 LMG WB . 10.89 2.18 -20.78
O8 LMG WB . 0.90 7.06 -7.91
C28 LMG WB . 2.04 6.27 -7.91
O10 LMG WB . 2.43 5.76 -6.87
C29 LMG WB . 2.93 6.50 -9.09
C30 LMG WB . 4.06 5.48 -9.09
C31 LMG WB . 3.62 4.36 -10.02
C32 LMG WB . 4.87 3.98 -10.78
C33 LMG WB . 4.38 3.16 -11.93
C34 LMG WB . 5.23 1.95 -12.02
C35 LMG WB . 4.69 1.08 -10.96
C36 LMG WB . 5.01 -0.30 -11.33
C37 LMG WB . 4.37 -1.12 -10.28
C38 LMG WB . 4.57 -2.50 -10.79
C39 LMG WB . 3.27 -2.89 -11.42
C40 LMG WB . 3.68 -4.17 -12.09
C41 LMG WB . 2.69 -5.22 -11.72
C42 LMG WB . 1.55 -4.97 -12.71
C43 LMG WB . 1.70 -5.96 -13.86
HC1 LMG WB . -2.96 8.03 -7.51
HC2 LMG WB . -1.64 10.92 -7.44
HO2 LMG WB . -0.96 8.36 -6.77
HC3 LMG WB . -3.22 9.39 -5.20
HO3 LMG WB . -2.91 11.90 -4.70
HC4 LMG WB . -4.91 11.25 -5.51
HO4 LMG WB . -4.54 12.72 -7.06
HC5 LMG WB . -5.08 9.01 -6.76
HO5 LMG WB . -6.10 9.79 -9.52
HC61 LMG WB . -5.97 11.61 -8.19
HC62 LMG WB . -6.87 10.72 -6.93
HC71 LMG WB . -2.30 8.24 -10.91
HC72 LMG WB . -2.74 7.22 -9.51
HC8 LMG WB . 0.26 8.01 -10.14
HC91 LMG WB . -0.21 5.44 -8.71
HC92 LMG WB . -1.19 6.70 -7.89
H111 LMG WB . -1.49 4.54 -12.75
H112 LMG WB . 0.27 4.57 -12.80
H121 LMG WB . -1.48 6.01 -14.88
H122 LMG WB . -1.02 4.32 -15.04
H131 LMG WB . 1.48 5.20 -14.72
H132 LMG WB . 0.81 6.78 -15.08
H141 LMG WB . -0.52 5.08 -16.96
H142 LMG WB . 1.08 4.38 -16.89
H151 LMG WB . 1.00 7.40 -17.00
H152 LMG WB . 0.42 6.58 -18.43
H161 LMG WB . 2.66 5.05 -18.20
H162 LMG WB . 3.23 6.30 -17.14
H171 LMG WB . 2.17 7.98 -19.01
H172 LMG WB . 2.31 6.60 -20.06
H181 LMG WB . 4.73 7.22 -18.30
H182 LMG WB . 4.41 8.34 -19.57
H191 LMG WB . 5.02 6.75 -21.30
H192 LMG WB . 4.13 5.45 -20.57
H201 LMG WB . 5.91 5.33 -18.64
H202 LMG WB . 6.81 6.60 -19.43
H211 LMG WB . 6.73 5.05 -21.62
H212 LMG WB . 6.25 3.77 -20.53
H221 LMG WB . 8.19 4.88 -18.91
H222 LMG WB . 8.79 5.50 -20.43
H231 LMG WB . 8.34 2.98 -21.36
H232 LMG WB . 8.34 2.55 -19.65
H241 LMG WB . 10.57 3.75 -19.31
H242 LMG WB . 10.55 4.32 -20.97
H291 LMG WB . 3.33 7.53 -9.07
H292 LMG WB . 2.35 6.45 -10.02
H301 LMG WB . 4.28 5.06 -8.09
H302 LMG WB . 5.03 5.88 -9.42
H311 LMG WB . 2.80 4.67 -10.69
H312 LMG WB . 3.19 3.51 -9.47
H321 LMG WB . 5.57 3.43 -10.13
H322 LMG WB . 5.43 4.88 -11.09
H331 LMG WB . 4.40 3.75 -12.90
H332 LMG WB . 3.29 2.91 -11.84
H341 LMG WB . 6.31 2.14 -11.87
H342 LMG WB . 5.20 1.45 -13.01
H351 LMG WB . 3.59 1.25 -10.84
H352 LMG WB . 5.11 1.37 -9.97
H361 LMG WB . 6.10 -0.50 -11.38
H362 LMG WB . 4.65 -0.59 -12.33
H371 LMG WB . 3.29 -0.90 -10.13
H372 LMG WB . 4.82 -1.00 -9.27
H381 LMG WB . 4.85 -3.24 -10.00
H382 LMG WB . 5.40 -2.59 -11.52
H391 LMG WB . 2.87 -2.16 -12.15
H392 LMG WB . 2.44 -3.05 -10.72
H401 LMG WB . 4.70 -4.52 -11.81
H402 LMG WB . 3.74 -4.09 -13.21
H411 LMG WB . 2.39 -5.13 -10.65
H412 LMG WB . 3.15 -6.23 -11.79
H421 LMG WB . 1.56 -3.92 -13.06
H422 LMG WB . 0.57 -5.06 -12.20
C1 UNL XB . -27.52 2.68 -32.06
C10 UNL XB . -18.74 0.44 -37.32
C11 UNL XB . -17.51 -0.51 -37.33
C12 UNL XB . -17.95 -1.97 -37.43
C13 UNL XB . -16.79 -2.91 -37.08
C14 UNL XB . -17.26 -4.37 -37.02
C15 UNL XB . -17.87 -4.79 -38.35
C2 UNL XB . -26.65 2.71 -33.32
C3 UNL XB . -25.64 1.55 -33.37
C4 UNL XB . -24.57 1.90 -34.42
C5 UNL XB . -23.28 2.39 -33.74
C6 UNL XB . -22.23 2.67 -34.80
C7 UNL XB . -20.90 1.95 -34.57
C8 UNL XB . -20.12 1.98 -35.88
C9 UNL XB . -18.97 0.97 -35.89
O1 UNL XB . -27.70 1.63 -31.38
O2 UNL XB . -28.08 3.76 -31.69
H21 UNL XB . -26.17 3.55 -33.34
H22 UNL XB . -27.24 2.64 -34.09
H31 UNL XB . -26.10 0.74 -33.61
H32 UNL XB . -25.23 1.45 -32.50
H41 UNL XB . -24.90 2.60 -35.00
H42 UNL XB . -24.37 1.11 -34.94
H51 UNL XB . -22.95 1.70 -33.14
H52 UNL XB . -23.47 3.19 -33.24
H61 UNL XB . -22.05 3.64 -34.80
H62 UNL XB . -22.57 2.41 -35.67
H71 UNL XB . -21.08 1.03 -34.30
H72 UNL XB . -20.41 2.39 -33.86
H81 UNL XB . -19.75 2.87 -36.00
H82 UNL XB . -20.72 1.78 -36.61
H91 UNL XB . -19.20 0.22 -35.32
H92 UNL XB . -18.17 1.40 -35.58
H101 UNL XB . -18.57 1.19 -37.92
H102 UNL XB . -19.51 -0.04 -37.63
H111 UNL XB . -17.01 -0.38 -36.50
H112 UNL XB . -16.93 -0.29 -38.07
H121 UNL XB . -18.23 -2.14 -38.34
H122 UNL XB . -18.68 -2.13 -36.82
H131 UNL XB . -16.42 -2.66 -36.22
H132 UNL XB . -16.09 -2.82 -37.76
H141 UNL XB . -17.91 -4.47 -36.32
H142 UNL XB . -16.49 -4.94 -36.82
O7 LMG YB . 18.95 -4.77 -50.39
C10 LMG YB . 17.81 -5.32 -49.91
O9 LMG YB . 17.77 -6.53 -49.74
C11 LMG YB . 16.59 -4.44 -50.07
C12 LMG YB . 16.83 -2.92 -49.77
C13 LMG YB . 15.59 -2.09 -50.17
C14 LMG YB . 15.92 -0.55 -50.27
C15 LMG YB . 14.63 0.25 -50.64
C16 LMG YB . 14.98 1.63 -51.27
C17 LMG YB . 14.38 2.75 -50.42
C18 LMG YB . 14.83 4.09 -50.97
C19 LMG YB . 13.61 4.97 -51.22
C20 LMG YB . 14.10 6.35 -51.61
O8 LMG YB . 21.67 -3.78 -48.75
C28 LMG YB . 21.02 -3.67 -47.55
O10 LMG YB . 20.68 -4.68 -46.95
C29 LMG YB . 20.57 -2.27 -47.20
C30 LMG YB . 21.21 -1.12 -48.03
C31 LMG YB . 20.13 -0.32 -48.76
C32 LMG YB . 20.19 1.19 -48.38
C33 LMG YB . 20.05 2.00 -49.64
C34 LMG YB . 19.28 3.29 -49.38
C35 LMG YB . 19.87 4.42 -50.26
C36 LMG YB . 18.76 5.42 -50.67
C37 LMG YB . 19.44 6.76 -50.90
C38 LMG YB . 18.39 7.76 -51.45
C39 LMG YB . 19.13 9.15 -51.65
C40 LMG YB . 18.08 10.12 -52.17
H111 LMG YB . 15.79 -4.82 -49.40
H112 LMG YB . 16.19 -4.55 -51.09
H121 LMG YB . 17.72 -2.55 -50.31
H122 LMG YB . 17.05 -2.77 -48.69
H131 LMG YB . 14.76 -2.24 -49.45
H132 LMG YB . 15.16 -2.43 -51.13
H141 LMG YB . 16.71 -0.36 -51.02
H142 LMG YB . 16.34 -0.17 -49.31
H151 LMG YB . 13.98 0.41 -49.75
H152 LMG YB . 13.99 -0.32 -51.34
H161 LMG YB . 14.62 1.68 -52.31
H162 LMG YB . 16.07 1.74 -51.37
H171 LMG YB . 14.67 2.63 -49.35
H172 LMG YB . 13.27 2.67 -50.39
H181 LMG YB . 15.43 3.96 -51.89
H182 LMG YB . 15.55 4.59 -50.29
H191 LMG YB . 12.93 5.05 -50.34
H192 LMG YB . 12.93 4.57 -52.00
H291 LMG YB . 20.75 -2.09 -46.13
H292 LMG YB . 19.47 -2.22 -47.30
H301 LMG YB . 21.93 -1.49 -48.79
H302 LMG YB . 21.81 -0.42 -47.42
H311 LMG YB . 19.11 -0.72 -48.54
H312 LMG YB . 20.20 -0.45 -49.85
H321 LMG YB . 21.14 1.39 -47.84
H322 LMG YB . 19.41 1.42 -47.63
H331 LMG YB . 19.56 1.40 -50.45
H332 LMG YB . 21.06 2.23 -50.08
H341 LMG YB . 19.29 3.60 -48.31
H342 LMG YB . 18.19 3.20 -49.58
H351 LMG YB . 20.37 3.97 -51.14
H352 LMG YB . 20.70 4.92 -49.71
H361 LMG YB . 17.97 5.52 -49.91
H362 LMG YB . 18.20 5.11 -51.57
H371 LMG YB . 20.29 6.69 -51.60
H372 LMG YB . 19.89 7.17 -49.97
H381 LMG YB . 17.50 7.90 -50.78
H382 LMG YB . 17.91 7.44 -52.41
H391 LMG YB . 19.98 9.09 -52.37
H392 LMG YB . 19.60 9.54 -50.74
O1 LHG ZB . 22.47 -13.08 -24.51
C1 LHG ZB . 23.24 -13.14 -25.70
C2 LHG ZB . 22.28 -13.45 -26.77
O2 LHG ZB . 22.56 -14.73 -27.36
C3 LHG ZB . 22.29 -12.40 -27.87
O3 LHG ZB . 20.97 -12.63 -28.33
P LHG ZB . 20.55 -12.33 -29.82
O4 LHG ZB . 21.69 -11.98 -30.67
O5 LHG ZB . 19.39 -13.27 -30.00
O6 LHG ZB . 19.97 -10.84 -29.50
C4 LHG ZB . 18.97 -10.72 -28.54
C5 LHG ZB . 19.20 -9.43 -27.89
C6 LHG ZB . 19.53 -8.30 -28.85
O7 LHG ZB . 17.97 -9.12 -27.29
C7 LHG ZB . 17.99 -9.16 -25.94
O9 LHG ZB . 18.88 -9.74 -25.30
C8 LHG ZB . 16.61 -8.94 -25.43
C9 LHG ZB . 16.67 -8.72 -23.92
C10 LHG ZB . 16.72 -7.25 -23.64
O8 LHG ZB . 19.54 -7.09 -28.00
C23 LHG ZB . 20.11 -5.95 -28.51
O10 LHG ZB . 20.64 -6.01 -29.57
C24 LHG ZB . 20.39 -4.70 -27.66
C11 LHG ZB . 16.70 -7.17 -22.13
C12 LHG ZB . 15.69 -6.19 -21.68
C13 LHG ZB . 15.90 -6.05 -20.21
C14 LHG ZB . 14.84 -5.22 -19.55
C15 LHG ZB . 13.95 -6.19 -18.79
C16 LHG ZB . 12.86 -5.42 -18.09
C17 LHG ZB . 13.16 -5.36 -16.62
C18 LHG ZB . 12.16 -4.39 -16.10
C19 LHG ZB . 10.81 -5.00 -15.84
C20 LHG ZB . 9.89 -3.80 -15.64
C21 LHG ZB . 9.41 -3.74 -14.23
C22 LHG ZB . 8.35 -4.81 -14.06
C25 LHG ZB . 19.21 -4.01 -26.95
C26 LHG ZB . 19.51 -2.53 -26.39
C27 LHG ZB . 18.23 -1.69 -26.65
C28 LHG ZB . 17.60 -1.02 -25.45
C29 LHG ZB . 16.17 -0.48 -25.86
C30 LHG ZB . 15.08 -0.43 -24.72
C31 LHG ZB . 14.69 -1.73 -24.04
C32 LHG ZB . 13.21 -2.16 -24.12
C33 LHG ZB . 13.14 -3.58 -23.56
C34 LHG ZB . 13.49 -4.69 -24.57
C35 LHG ZB . 12.72 -5.96 -24.29
C36 LHG ZB . 12.72 -6.77 -25.58
C37 LHG ZB . 12.31 -8.18 -25.24
C38 LHG ZB . 12.20 -9.05 -26.47
HO1 LHG ZB . 22.89 -12.51 -24.06
HC11 LHG ZB . 23.94 -13.80 -25.65
HC12 LHG ZB . 23.72 -12.31 -25.87
HC2 LHG ZB . 21.37 -13.43 -26.44
H02 LHG ZB . 21.84 -14.89 -27.79
HC31 LHG ZB . 22.96 -12.57 -28.56
HC32 LHG ZB . 22.42 -11.51 -27.53
HC41 LHG ZB . 19.02 -11.46 -27.91
HC42 LHG ZB . 18.09 -10.76 -28.96
HC5 LHG ZB . 19.98 -9.55 -27.32
HC61 LHG ZB . 18.88 -8.30 -29.57
HC62 LHG ZB . 20.37 -8.51 -29.29
HC81 LHG ZB . 16.03 -9.70 -25.60
HC82 LHG ZB . 16.19 -8.17 -25.84
HC91 LHG ZB . 17.46 -9.15 -23.54
HC92 LHG ZB . 15.91 -9.12 -23.49
H101 LHG ZB . 15.94 -6.80 -24.03
H102 LHG ZB . 17.51 -6.85 -24.01
H241 LHG ZB . 20.84 -4.02 -28.18
H242 LHG ZB . 21.06 -4.90 -26.97
H111 LHG ZB . 17.58 -6.92 -21.80
H112 LHG ZB . 16.49 -8.05 -21.76
H121 LHG ZB . 14.80 -6.52 -21.90
H122 LHG ZB . 15.83 -5.35 -22.16
H131 LHG ZB . 16.77 -5.63 -20.05
H132 LHG ZB . 15.91 -6.93 -19.81
H141 LHG ZB . 14.33 -4.74 -20.22
H142 LHG ZB . 15.24 -4.57 -18.96
H151 LHG ZB . 14.50 -6.68 -18.14
H152 LHG ZB . 13.58 -6.84 -19.40
H161 LHG ZB . 12.00 -5.85 -18.25
H162 LHG ZB . 12.80 -4.52 -18.46
H171 LHG ZB . 14.06 -5.06 -16.45
H172 LHG ZB . 13.06 -6.23 -16.21
H181 LHG ZB . 12.07 -3.66 -16.73
H182 LHG ZB . 12.49 -3.99 -15.27
H191 LHG ZB . 10.80 -5.56 -15.05
H192 LHG ZB . 10.50 -5.54 -16.59
H201 LHG ZB . 9.12 -3.82 -16.23
H202 LHG ZB . 10.34 -2.97 -15.85
H211 LHG ZB . 9.00 -2.88 -14.02
H212 LHG ZB . 10.12 -3.91 -13.59
H221 LHG ZB . 8.15 -4.87 -13.12
H222 LHG ZB . 8.73 -5.64 -14.40
H223 LHG ZB . 7.58 -4.53 -14.59
H251 LHG ZB . 18.93 -4.56 -26.21
H252 LHG ZB . 18.47 -3.95 -27.57
H261 LHG ZB . 20.27 -2.14 -26.84
H262 LHG ZB . 19.71 -2.55 -25.44
H271 LHG ZB . 17.58 -2.27 -27.07
H272 LHG ZB . 18.46 -1.00 -27.31
H281 LHG ZB . 18.15 -0.29 -25.13
H282 LHG ZB . 17.51 -1.65 -24.72
H291 LHG ZB . 15.83 -1.02 -26.58
H292 LHG ZB . 16.27 0.42 -26.21
H301 LHG ZB . 14.28 -0.04 -25.10
H302 LHG ZB . 15.37 0.19 -24.04
H311 LHG ZB . 14.94 -1.65 -23.10
H312 LHG ZB . 15.24 -2.44 -24.41
H321 LHG ZB . 12.92 -2.13 -25.04
H322 LHG ZB . 12.66 -1.55 -23.61
H331 LHG ZB . 12.24 -3.74 -23.21
H332 LHG ZB . 13.75 -3.65 -22.79
H341 LHG ZB . 14.44 -4.90 -24.55
H342 LHG ZB . 13.27 -4.41 -25.47
H351 LHG ZB . 11.81 -5.77 -24.01
H352 LHG ZB . 13.13 -6.47 -23.56
H361 LHG ZB . 13.61 -6.77 -25.97
H362 LHG ZB . 12.10 -6.38 -26.22
H371 LHG ZB . 11.44 -8.19 -24.81
H372 LHG ZB . 12.95 -8.59 -24.65
H381 LHG ZB . 12.24 -9.97 -26.17
H382 LHG ZB . 12.97 -8.83 -27.03
H383 LHG ZB . 11.36 -8.84 -26.90
O6 SQD AC . -4.09 -26.98 -22.09
C44 SQD AC . -4.07 -26.42 -20.79
C45 SQD AC . -3.21 -25.15 -20.78
C46 SQD AC . -2.11 -25.34 -19.73
O47 SQD AC . -2.78 -24.88 -22.11
C7 SQD AC . -2.28 -23.60 -22.51
O49 SQD AC . -1.30 -23.51 -23.25
C8 SQD AC . -2.84 -22.32 -21.89
C9 SQD AC . -1.74 -21.70 -21.02
C10 SQD AC . -2.18 -20.32 -20.55
C11 SQD AC . -3.07 -20.45 -19.31
C12 SQD AC . -2.63 -19.48 -18.21
C13 SQD AC . -3.03 -18.04 -18.51
C14 SQD AC . -3.55 -17.28 -17.28
C15 SQD AC . -3.91 -15.84 -17.66
C16 SQD AC . -5.39 -15.64 -18.01
C17 SQD AC . -5.70 -14.19 -18.42
C18 SQD AC . -7.22 -13.87 -18.31
C19 SQD AC . -7.49 -12.38 -18.61
C20 SQD AC . -8.36 -12.24 -19.84
C21 SQD AC . -9.09 -10.90 -19.83
C22 SQD AC . -9.38 -10.50 -21.25
O48 SQD AC . -2.68 -25.93 -18.56
C23 SQD AC . -3.25 -25.08 -17.57
O10 SQD AC . -3.81 -24.06 -17.95
C24 SQD AC . -2.60 -25.05 -16.21
C25 SQD AC . -2.45 -23.59 -15.75
C26 SQD AC . -3.77 -23.16 -15.10
C27 SQD AC . -3.77 -21.63 -15.01
C28 SQD AC . -4.70 -21.25 -13.85
C29 SQD AC . -5.19 -19.82 -14.05
C30 SQD AC . -5.77 -19.35 -12.72
C31 SQD AC . -6.49 -18.00 -12.86
C32 SQD AC . -5.60 -16.96 -13.57
C33 SQD AC . -5.94 -15.52 -13.07
C34 SQD AC . -5.63 -14.43 -14.12
C35 SQD AC . -5.64 -13.05 -13.50
C36 SQD AC . -4.64 -12.09 -14.14
C37 SQD AC . -5.31 -11.14 -15.10
C38 SQD AC . -4.51 -9.86 -15.15
C1 SQD AC . -3.13 -27.98 -22.29
C2 SQD AC . -3.53 -29.38 -21.90
O2 SQD AC . -4.37 -29.37 -20.81
C3 SQD AC . -2.23 -30.06 -21.60
O3 SQD AC . -2.46 -31.41 -21.43
C4 SQD AC . -1.16 -29.84 -22.65
O4 SQD AC . 0.08 -29.84 -22.02
C5 SQD AC . -1.28 -28.55 -23.44
C6 SQD AC . -0.69 -28.73 -24.82
O5 SQD AC . -2.59 -28.03 -23.58
S SQD AC . -0.69 -27.18 -25.73
O7 SQD AC . -1.97 -26.49 -25.67
O8 SQD AC . 0.37 -26.27 -25.25
O9 SQD AC . -0.56 -27.51 -27.14
H441 SQD AC . -3.71 -27.06 -20.16
H442 SQD AC . -4.99 -26.20 -20.52
H45 SQD AC . -3.69 -24.36 -20.48
H461 SQD AC . -1.71 -24.49 -19.51
H462 SQD AC . -1.42 -25.93 -20.09
H81 SQD AC . -3.61 -22.54 -21.33
H82 SQD AC . -3.11 -21.70 -22.58
H91 SQD AC . -0.93 -21.62 -21.54
H92 SQD AC . -1.57 -22.27 -20.25
H101 SQD AC . -2.67 -19.88 -21.26
H102 SQD AC . -1.39 -19.79 -20.33
H111 SQD AC . -3.02 -21.35 -18.97
H112 SQD AC . -3.99 -20.25 -19.55
H121 SQD AC . -1.66 -19.52 -18.13
H122 SQD AC . -3.04 -19.76 -17.38
H131 SQD AC . -3.73 -18.05 -19.18
H132 SQD AC . -2.26 -17.58 -18.87
H141 SQD AC . -2.85 -17.27 -16.61
H142 SQD AC . -4.33 -17.72 -16.93
H151 SQD AC . -3.38 -15.56 -18.42
H152 SQD AC . -3.71 -15.26 -16.90
H161 SQD AC . -5.93 -15.89 -17.24
H162 SQD AC . -5.60 -16.23 -18.76
H171 SQD AC . -5.42 -14.04 -19.34
H172 SQD AC . -5.21 -13.59 -17.83
H181 SQD AC . -7.52 -14.08 -17.41
H182 SQD AC . -7.70 -14.42 -18.94
H191 SQD AC . -6.65 -11.93 -18.74
H192 SQD AC . -7.96 -11.99 -17.85
H201 SQD AC . -9.00 -12.96 -19.87
H202 SQD AC . -7.79 -12.29 -20.63
H211 SQD AC . -8.52 -10.23 -19.41
H212 SQD AC . -9.92 -10.99 -19.33
H221 SQD AC . -9.80 -9.63 -21.26
H222 SQD AC . -9.98 -11.14 -21.66
H223 SQD AC . -8.56 -10.46 -21.76
H241 SQD AC . -1.73 -25.46 -16.26
H242 SQD AC . -3.15 -25.53 -15.57
H251 SQD AC . -2.26 -23.03 -16.52
H252 SQD AC . -1.73 -23.53 -15.11
H261 SQD AC . -3.84 -23.54 -14.21
H262 SQD AC . -4.52 -23.45 -15.65
H271 SQD AC . -4.09 -21.24 -15.83
H272 SQD AC . -2.88 -21.30 -14.84
H281 SQD AC . -4.21 -21.32 -13.01
H282 SQD AC . -5.46 -21.86 -13.84
H291 SQD AC . -5.86 -19.79 -14.74
H292 SQD AC . -4.44 -19.24 -14.30
H301 SQD AC . -5.05 -19.26 -12.07
H302 SQD AC . -6.41 -20.01 -12.40
H311 SQD AC . -6.72 -17.67 -11.99
H312 SQD AC . -7.29 -18.13 -13.39
H321 SQD AC . -5.76 -17.00 -14.53
H322 SQD AC . -4.67 -17.15 -13.39
H331 SQD AC . -5.41 -15.34 -12.28
H332 SQD AC . -6.88 -15.48 -12.85
H341 SQD AC . -6.29 -14.47 -14.83
H342 SQD AC . -4.75 -14.60 -14.51
H351 SQD AC . -5.44 -13.13 -12.56
H352 SQD AC . -6.54 -12.67 -13.61
H361 SQD AC . -3.97 -12.61 -14.61
H362 SQD AC . -4.21 -11.58 -13.43
H371 SQD AC . -6.22 -10.95 -14.79
H372 SQD AC . -5.34 -11.54 -15.98
H381 SQD AC . -5.00 -9.21 -15.69
H382 SQD AC . -3.65 -10.03 -15.55
H383 SQD AC . -4.40 -9.51 -14.26
H1 SQD AC . -2.46 -27.65 -21.67
H2 SQD AC . -4.05 -29.86 -22.56
HO2 SQD AC . -5.16 -29.57 -21.06
H3 SQD AC . -1.87 -29.71 -20.76
HO3 SQD AC . -3.14 -31.52 -20.94
H4 SQD AC . -1.24 -30.57 -23.29
HO4 SQD AC . 0.61 -30.33 -22.46
H5 SQD AC . -0.73 -27.90 -22.99
H61 SQD AC . -1.20 -29.38 -25.31
H62 SQD AC . 0.23 -29.03 -24.73
HO8 SQD AC . 0.72 -25.88 -25.91
C1 UNL BC . -15.45 23.70 -49.79
C10 UNL BC . -14.91 19.72 -58.70
C2 UNL BC . -15.35 24.37 -51.15
C3 UNL BC . -16.42 23.72 -52.06
C4 UNL BC . -15.76 22.52 -52.74
C5 UNL BC . -16.86 21.57 -53.21
C6 UNL BC . -16.32 20.45 -54.08
C7 UNL BC . -15.34 20.99 -55.16
C8 UNL BC . -15.08 19.94 -56.25
C9 UNL BC . -14.53 20.60 -57.52
O1 UNL BC . -16.45 23.91 -49.00
O2 UNL BC . -14.55 22.89 -49.48
H21 UNL BC . -14.47 24.22 -51.53
H22 UNL BC . -15.52 25.32 -51.08
H31 UNL BC . -16.72 24.35 -52.72
H32 UNL BC . -17.17 23.43 -51.51
H41 UNL BC . -15.18 22.06 -52.12
H42 UNL BC . -15.24 22.82 -53.50
H51 UNL BC . -17.52 22.07 -53.72
H52 UNL BC . -17.29 21.18 -52.43
H61 UNL BC . -17.06 20.01 -54.53
H62 UNL BC . -15.84 19.81 -53.52
H71 UNL BC . -14.50 21.23 -54.73
H72 UNL BC . -15.73 21.79 -55.56
H81 UNL BC . -15.91 19.50 -56.45
H82 UNL BC . -14.44 19.30 -55.91
H91 UNL BC . -13.56 20.65 -57.45
H92 UNL BC . -14.90 21.48 -57.62
C1 UNL CC . -6.74 7.15 -3.99
C10 UNL CC . -4.75 -2.09 -7.77
C11 UNL CC . -4.24 -3.19 -6.84
C12 UNL CC . -5.30 -4.28 -6.67
C13 UNL CC . -4.63 -5.65 -6.62
C14 UNL CC . -5.14 -6.43 -5.39
C15 UNL CC . -4.69 -7.89 -5.34
C16 UNL CC . -3.50 -8.16 -6.27
C2 UNL CC . -5.99 6.17 -4.89
C3 UNL CC . -6.47 6.23 -6.34
C4 UNL CC . -5.64 5.27 -7.22
C5 UNL CC . -6.07 3.84 -6.91
C6 UNL CC . -5.29 2.83 -7.75
C7 UNL CC . -5.24 1.52 -6.93
C8 UNL CC . -5.53 0.30 -7.82
C9 UNL CC . -5.40 -0.96 -6.96
O1 UNL CC . -7.24 6.72 -2.90
O2 UNL CC . -6.85 8.37 -4.32
H21 UNL CC . -6.11 5.28 -4.55
H22 UNL CC . -5.05 6.39 -4.87
H31 UNL CC . -6.37 7.13 -6.68
H32 UNL CC . -7.40 5.97 -6.38
H41 UNL CC . -4.70 5.38 -7.03
H42 UNL CC . -5.81 5.46 -8.16
H51 UNL CC . -7.02 3.74 -7.09
H52 UNL CC . -5.91 3.66 -5.96
H61 UNL CC . -4.40 3.15 -7.92
H62 UNL CC . -5.74 2.68 -8.59
H71 UNL CC . -5.90 1.56 -6.23
H72 UNL CC . -4.35 1.43 -6.55
H81 UNL CC . -4.90 0.26 -8.55
H82 UNL CC . -6.43 0.36 -8.17
H91 UNL CC . -6.28 -1.26 -6.68
H92 UNL CC . -4.85 -0.77 -6.19
H101 UNL CC . -3.99 -1.72 -8.26
H102 UNL CC . -5.39 -2.45 -8.39
H111 UNL CC . -4.03 -2.81 -5.98
H112 UNL CC . -3.45 -3.59 -7.23
H121 UNL CC . -5.92 -4.25 -7.42
H122 UNL CC . -5.79 -4.12 -5.84
H131 UNL CC . -3.67 -5.55 -6.54
H132 UNL CC . -4.84 -6.15 -7.42
H141 UNL CC . -6.12 -6.40 -5.41
H142 UNL CC . -4.83 -5.98 -4.60
H151 UNL CC . -5.43 -8.46 -5.62
H152 UNL CC . -4.43 -8.11 -4.43
C1 UNL DC . -6.11 -3.77 -62.24
C10 UNL DC . -8.67 5.37 -61.16
C2 UNL DC . -7.13 -3.36 -61.18
C3 UNL DC . -6.65 -2.24 -60.26
C4 UNL DC . -7.89 -1.54 -59.65
C5 UNL DC . -7.85 -0.05 -59.97
C6 UNL DC . -9.24 0.58 -59.88
C7 UNL DC . -9.33 1.77 -60.85
C8 UNL DC . -8.42 2.94 -60.43
C9 UNL DC . -8.24 3.95 -61.57
O1 UNL DC . -5.15 -3.00 -62.52
O2 UNL DC . -6.25 -4.87 -62.86
H21 UNL DC . -7.34 -4.14 -60.64
H22 UNL DC . -7.93 -3.06 -61.63
H31 UNL DC . -6.12 -1.61 -60.75
H32 UNL DC . -6.11 -2.61 -59.54
H41 UNL DC . -7.89 -1.66 -58.69
H42 UNL DC . -8.69 -1.93 -60.04
H51 UNL DC . -7.51 0.07 -60.87
H52 UNL DC . -7.26 0.39 -59.34
H61 UNL DC . -9.39 0.89 -58.98
H62 UNL DC . -9.91 -0.08 -60.12
H71 UNL DC . -10.24 2.08 -60.88
H72 UNL DC . -9.06 1.47 -61.73
H81 UNL DC . -7.55 2.59 -60.18
H82 UNL DC . -8.81 3.39 -59.67
H91 UNL DC . -8.78 3.67 -62.33
H92 UNL DC . -7.30 3.97 -61.83
C10 UNL EC . -13.28 1.34 -59.44
C11 UNL EC . -14.13 1.95 -58.32
C12 UNL EC . -13.74 3.39 -57.95
C13 UNL EC . -14.74 3.93 -56.91
C14 UNL EC . -14.27 3.67 -55.48
C15 UNL EC . -15.26 4.24 -54.46
C16 UNL EC . -16.20 3.14 -53.97
C17 UNL EC . -16.88 3.56 -52.67
C18 UNL EC . -17.42 2.29 -52.00
C3 UNL EC . -12.01 -7.01 -61.50
C4 UNL EC . -12.98 -6.04 -60.77
C5 UNL EC . -12.37 -4.63 -60.70
C6 UNL EC . -13.45 -3.53 -60.77
C7 UNL EC . -13.39 -2.52 -59.62
C8 UNL EC . -12.85 -1.13 -60.04
C9 UNL EC . -13.90 -0.02 -59.84
H41 UNL EC . -13.14 -6.37 -59.87
H42 UNL EC . -13.82 -6.01 -61.26
H51 UNL EC . -11.76 -4.52 -61.45
H52 UNL EC . -11.88 -4.54 -59.88
H61 UNL EC . -14.32 -3.96 -60.75
H62 UNL EC . -13.34 -3.05 -61.61
H71 UNL EC . -12.81 -2.88 -58.92
H72 UNL EC . -14.28 -2.40 -59.27
H81 UNL EC . -12.61 -1.16 -60.97
H82 UNL EC . -12.07 -0.93 -59.51
H91 UNL EC . -14.50 -0.29 -59.13
H92 UNL EC . -14.39 0.10 -60.65
H101 UNL EC . -13.27 1.94 -60.21
H102 UNL EC . -12.36 1.20 -59.13
H111 UNL EC . -14.03 1.39 -57.53
H112 UNL EC . -15.06 1.95 -58.60
H121 UNL EC . -13.75 3.94 -58.74
H122 UNL EC . -12.84 3.39 -57.57
H131 UNL EC . -15.60 3.49 -57.04
H132 UNL EC . -14.84 4.88 -57.04
H141 UNL EC . -13.40 4.09 -55.35
H142 UNL EC . -14.18 2.71 -55.33
H151 UNL EC . -15.78 4.94 -54.88
H152 UNL EC . -14.78 4.61 -53.70
H161 UNL EC . -15.69 2.33 -53.83
H162 UNL EC . -16.87 2.98 -54.65
H171 UNL EC . -17.62 4.16 -52.86
H172 UNL EC . -16.25 3.99 -52.09
H181 UNL EC . -17.93 2.53 -51.21
H182 UNL EC . -16.68 1.72 -51.76
H183 UNL EC . -18.00 1.82 -52.62
MG CLA FC . 67.79 18.98 1.46
CHA CLA FC . 66.73 22.11 0.48
CHB CLA FC . 64.55 18.49 2.72
CHC CLA FC . 68.26 15.54 1.57
CHD CLA FC . 70.52 19.25 -0.70
NA CLA FC . 65.88 20.16 1.59
C1A CLA FC . 65.74 21.47 1.17
C2A CLA FC . 64.37 22.03 1.49
C3A CLA FC . 63.76 20.89 2.35
C4A CLA FC . 64.78 19.76 2.23
CMA CLA FC . 63.55 21.33 3.76
CAA CLA FC . 63.61 22.35 0.18
CBA CLA FC . 63.57 21.24 -0.86
CGA CLA FC . 62.40 20.36 -0.56
O1A CLA FC . 61.25 20.71 -0.41
O2A CLA FC . 62.71 19.03 -0.44
NB CLA FC . 66.62 17.32 2.01
C1B CLA FC . 65.42 17.39 2.63
C2B CLA FC . 65.09 16.07 3.21
C3B CLA FC . 66.11 15.22 2.91
C4B CLA FC . 67.10 16.00 2.14
CMB CLA FC . 63.86 15.72 3.91
CAB CLA FC . 66.20 13.84 3.30
CBB CLA FC . 66.45 12.81 2.50
NC CLA FC . 69.20 17.68 0.69
C1C CLA FC . 69.26 16.34 0.92
C2C CLA FC . 70.41 15.76 0.24
C3C CLA FC . 70.99 16.79 -0.50
C4C CLA FC . 70.23 17.99 -0.18
CMC CLA FC . 70.78 14.34 0.25
CAC CLA FC . 72.12 16.68 -1.41
CBC CLA FC . 71.61 16.57 -2.83
ND CLA FC . 68.56 20.32 0.31
C1D CLA FC . 69.72 20.35 -0.50
C2D CLA FC . 69.90 21.71 -1.05
C3D CLA FC . 68.84 22.44 -0.62
C4D CLA FC . 67.99 21.51 0.16
CMD CLA FC . 70.98 22.18 -1.90
CAD CLA FC . 68.17 23.72 -0.75
OBD CLA FC . 68.50 24.78 -1.28
CBD CLA FC . 66.80 23.51 -0.05
CGD CLA FC . 66.82 24.44 1.11
O1D CLA FC . 67.21 24.17 2.24
O2D CLA FC . 66.40 25.71 0.88
CED CLA FC . 66.92 26.69 1.76
C1 CLA FC . 61.74 18.09 0.01
C2 CLA FC . 62.44 16.83 0.39
C3 CLA FC . 62.35 15.65 -0.25
C4 CLA FC . 61.51 15.48 -1.47
C5 CLA FC . 63.11 14.44 0.21
C6 CLA FC . 62.29 13.49 1.10
C7 CLA FC . 63.03 12.17 1.34
C8 CLA FC . 62.16 11.16 2.06
C9 CLA FC . 61.78 11.74 3.41
C10 CLA FC . 62.80 9.79 2.27
C11 CLA FC . 62.99 8.99 1.00
C12 CLA FC . 64.07 7.94 1.23
C13 CLA FC . 64.34 7.08 0.00
C14 CLA FC . 63.05 6.51 -0.57
C15 CLA FC . 65.37 5.98 0.30
C16 CLA FC . 64.82 4.77 1.02
C17 CLA FC . 65.90 3.70 1.05
C18 CLA FC . 65.37 2.41 1.65
C19 CLA FC . 66.44 1.41 1.95
C20 CLA FC . 64.66 2.69 2.95
HHB CLA FC . 63.61 18.32 3.26
HHC CLA FC . 68.48 14.46 1.63
HHD CLA FC . 71.44 19.37 -1.29
H2A CLA FC . 64.41 22.97 2.09
H3A CLA FC . 62.79 20.53 1.92
HMA1 CLA FC . 63.17 20.49 4.39
HMA2 CLA FC . 62.81 22.17 3.82
HMA3 CLA FC . 64.51 21.69 4.22
HAA1 CLA FC . 64.08 23.24 -0.29
HAA2 CLA FC . 62.55 22.61 0.44
HBA1 CLA FC . 64.51 20.64 -0.84
HBA2 CLA FC . 63.46 21.68 -1.90
HMB1 CLA FC . 63.71 14.61 3.93
HMB2 CLA FC . 62.97 16.18 3.40
HMB3 CLA FC . 63.89 16.10 4.97
HAB CLA FC . 66.02 13.67 4.38
HBB1 CLA FC . 66.64 12.95 1.42
HBB2 CLA FC . 66.50 11.78 2.86
HMC1 CLA FC . 71.71 14.17 -0.35
HMC2 CLA FC . 69.97 13.71 -0.19
HMC3 CLA FC . 70.96 13.98 1.29
HAC1 CLA FC . 72.75 15.79 -1.16
HAC2 CLA FC . 72.78 17.58 -1.32
HBC1 CLA FC . 72.46 16.63 -3.55
HBC2 CLA FC . 70.89 17.40 -3.04
HBC3 CLA FC . 71.09 15.59 -2.98
HMD1 CLA FC . 70.95 23.30 -2.01
HMD2 CLA FC . 70.92 21.73 -2.92
HMD3 CLA FC . 71.98 21.91 -1.47
HBD CLA FC . 65.96 23.68 -0.78
HED1 CLA FC . 66.19 27.53 1.68
HED2 CLA FC . 67.93 26.92 1.33
HED3 CLA FC . 66.94 26.19 2.75
H11 CLA FC . 61.00 17.91 -0.83
H12 CLA FC . 61.18 18.52 0.88
H2 CLA FC . 63.08 16.93 1.28
H41 CLA FC . 61.47 14.41 -1.79
H42 CLA FC . 61.91 16.07 -2.33
H43 CLA FC . 60.46 15.82 -1.29
H51 CLA FC . 64.02 14.77 0.77
H52 CLA FC . 63.45 13.87 -0.70
H61 CLA FC . 61.30 13.28 0.62
H62 CLA FC . 62.08 13.99 2.08
H71 CLA FC . 63.95 12.39 1.94
H72 CLA FC . 63.37 11.77 0.36
H8 CLA FC . 61.26 10.97 1.40
H91 CLA FC . 61.81 10.94 4.19
H92 CLA FC . 60.74 12.17 3.37
H93 CLA FC . 62.50 12.55 3.69
H101 CLA FC . 62.18 9.20 2.99
H102 CLA FC . 63.81 9.94 2.75
H111 CLA FC . 63.28 9.66 0.16
H112 CLA FC . 62.03 8.50 0.73
H121 CLA FC . 63.76 7.28 2.09
H122 CLA FC . 65.01 8.45 1.54
H13 CLA FC . 64.78 7.74 -0.80
H141 CLA FC . 63.26 5.66 -1.25
H142 CLA FC . 62.50 7.29 -1.15
H143 CLA FC . 62.38 6.15 0.25
H151 CLA FC . 66.20 6.40 0.92
H152 CLA FC . 65.83 5.63 -0.67
H161 CLA FC . 63.91 4.38 0.49
H162 CLA FC . 64.51 5.04 2.06
H171 CLA FC . 66.76 4.06 1.65
H172 CLA FC . 66.27 3.50 0.01
H18 CLA FC . 64.66 1.97 0.89
H191 CLA FC . 65.99 0.48 2.36
H192 CLA FC . 67.16 1.83 2.69
H193 CLA FC . 67.00 1.15 1.01
H201 CLA FC . 64.48 1.75 3.52
H202 CLA FC . 63.67 3.17 2.76
H203 CLA FC . 65.27 3.37 3.59
MG CLA GC . 61.27 18.48 -10.20
CHA CLA GC . 62.05 20.26 -7.41
CHB CLA GC . 62.32 21.04 -12.15
CHC CLA GC . 60.93 16.45 -13.04
CHD CLA GC . 61.07 15.54 -8.19
NA CLA GC . 62.04 20.34 -9.82
C1A CLA GC . 62.24 20.94 -8.58
C2A CLA GC . 62.80 22.37 -8.73
C3A CLA GC . 62.73 22.62 -10.25
C4A CLA GC . 62.35 21.24 -10.80
CMA CLA GC . 61.73 23.71 -10.55
CAA CLA GC . 64.26 22.55 -8.36
CBA CLA GC . 65.19 21.40 -8.76
CGA CLA GC . 66.38 21.34 -7.82
O1A CLA GC . 66.83 22.25 -7.14
O2A CLA GC . 66.99 20.11 -7.74
NB CLA GC . 61.55 18.70 -12.22
C1B CLA GC . 61.95 19.86 -12.81
C2B CLA GC . 61.93 19.71 -14.30
C3B CLA GC . 61.55 18.41 -14.54
C4B CLA GC . 61.29 17.75 -13.23
CMB CLA GC . 62.31 20.77 -15.25
CAB CLA GC . 61.40 17.73 -15.81
CBB CLA GC . 60.51 18.11 -16.72
NC CLA GC . 61.03 16.38 -10.57
C1C CLA GC . 60.83 15.79 -11.78
C2C CLA GC . 60.52 14.38 -11.60
C3C CLA GC . 60.57 14.11 -10.24
C4C CLA GC . 60.90 15.38 -9.59
CMC CLA GC . 60.26 13.42 -12.68
CAC CLA GC . 60.31 12.82 -9.59
CBC CLA GC . 58.85 12.61 -9.27
ND CLA GC . 61.55 17.91 -8.25
C1D CLA GC . 61.41 16.70 -7.54
C2D CLA GC . 61.54 16.96 -6.10
C3D CLA GC . 61.65 18.33 -5.99
C4D CLA GC . 61.72 18.86 -7.36
CMD CLA GC . 61.45 16.00 -5.00
CAD CLA GC . 61.85 19.45 -5.12
OBD CLA GC . 61.88 19.49 -3.91
CBD CLA GC . 62.12 20.70 -5.99
CGD CLA GC . 61.11 21.75 -5.71
O1D CLA GC . 61.24 22.97 -5.76
O2D CLA GC . 59.88 21.30 -5.34
CED CLA GC . 58.85 22.30 -5.32
C1 CLA GC . 67.99 19.89 -6.72
C2 CLA GC . 69.32 19.90 -7.41
C3 CLA GC . 70.14 18.85 -7.44
C4 CLA GC . 69.78 17.57 -6.77
C5 CLA GC . 71.47 18.88 -8.14
C6 CLA GC . 72.66 19.07 -7.18
C7 CLA GC . 72.50 20.32 -6.33
C8 CLA GC . 73.67 20.63 -5.40
C9 CLA GC . 73.84 19.61 -4.31
C10 CLA GC . 73.36 22.00 -4.81
C11 CLA GC . 74.50 22.59 -4.00
C12 CLA GC . 74.21 24.04 -3.64
C13 CLA GC . 74.83 24.43 -2.29
C14 CLA GC . 74.14 25.60 -1.61
C15 CLA GC . 76.32 24.71 -2.43
C16 CLA GC . 76.69 26.12 -2.78
C17 CLA GC . 78.21 26.25 -2.78
C18 CLA GC . 78.75 26.79 -1.46
C19 CLA GC . 79.87 25.91 -0.98
C20 CLA GC . 79.23 28.21 -1.54
HHB CLA GC . 62.59 21.89 -12.80
HHC CLA GC . 60.70 15.81 -13.92
HHD CLA GC . 60.90 14.64 -7.57
H2A CLA GC . 62.14 23.00 -8.08
H3A CLA GC . 63.72 22.89 -10.70
HMA1 CLA GC . 61.76 23.98 -11.64
HMA2 CLA GC . 61.94 24.63 -9.96
HMA3 CLA GC . 60.69 23.38 -10.31
HAA1 CLA GC . 64.34 22.69 -7.26
HAA2 CLA GC . 64.64 23.49 -8.85
HBA1 CLA GC . 65.55 21.55 -9.81
HBA2 CLA GC . 64.64 20.43 -8.71
HMB1 CLA GC . 62.10 20.45 -16.31
HMB2 CLA GC . 63.40 20.99 -15.16
HMB3 CLA GC . 61.74 21.71 -15.04
HAB CLA GC . 62.07 16.87 -15.98
HBB1 CLA GC . 59.85 18.97 -16.55
HBB2 CLA GC . 60.39 17.60 -17.68
HMC1 CLA GC . 59.92 12.45 -12.28
HMC2 CLA GC . 61.19 13.24 -13.29
HMC3 CLA GC . 59.47 13.82 -13.37
HAC1 CLA GC . 60.91 12.74 -8.64
HAC2 CLA GC . 60.66 11.98 -10.26
HBC1 CLA GC . 58.68 11.57 -8.89
HBC2 CLA GC . 58.23 12.75 -10.19
HBC3 CLA GC . 58.51 13.33 -8.49
HMD1 CLA GC . 61.22 16.51 -4.03
HMD2 CLA GC . 62.42 15.45 -4.88
HMD3 CLA GC . 60.64 15.25 -5.20
HBD CLA GC . 63.14 21.09 -5.73
HED1 CLA GC . 58.02 21.83 -4.74
HED2 CLA GC . 58.63 22.47 -6.40
HED3 CLA GC . 59.34 23.17 -4.81
H11 CLA GC . 67.78 18.91 -6.22
H12 CLA GC . 67.91 20.70 -5.95
H2 CLA GC . 69.60 20.85 -7.89
H41 CLA GC . 70.56 16.79 -6.91
H42 CLA GC . 68.81 17.16 -7.16
H43 CLA GC . 69.65 17.71 -5.66
H51 CLA GC . 71.45 19.72 -8.89
H52 CLA GC . 71.59 17.93 -8.72
H61 CLA GC . 73.61 19.13 -7.76
H62 CLA GC . 72.74 18.17 -6.51
H71 CLA GC . 71.56 20.21 -5.72
H72 CLA GC . 72.32 21.18 -7.02
H8 CLA GC . 74.64 20.63 -5.95
H91 CLA GC . 74.58 19.96 -3.55
H92 CLA GC . 74.20 18.65 -4.74
H93 CLA GC . 72.87 19.42 -3.80
H101 CLA GC . 72.46 21.93 -4.16
H102 CLA GC . 73.12 22.71 -5.65
H111 CLA GC . 75.45 22.52 -4.60
H112 CLA GC . 74.65 21.98 -3.08
H121 CLA GC . 73.10 24.18 -3.59
H122 CLA GC . 74.60 24.70 -4.45
H13 CLA GC . 74.68 23.54 -1.60
H141 CLA GC . 74.74 25.97 -0.74
H142 CLA GC . 73.14 25.29 -1.24
H143 CLA GC . 74.01 26.45 -2.33
H151 CLA GC . 76.75 24.03 -3.23
H152 CLA GC . 76.84 24.44 -1.47
H161 CLA GC . 76.25 26.83 -2.03
H162 CLA GC . 76.28 26.40 -3.78
H171 CLA GC . 78.53 26.93 -3.62
H172 CLA GC . 78.66 25.24 -2.99
H18 CLA GC . 77.90 26.78 -0.73
H191 CLA GC . 80.21 26.25 0.03
H192 CLA GC . 80.74 25.96 -1.69
H193 CLA GC . 79.54 24.85 -0.90
H201 CLA GC . 79.45 28.61 -0.52
H202 CLA GC . 78.45 28.86 -2.01
H203 CLA GC . 80.16 28.28 -2.15
MG CLA HC . 72.72 22.47 -10.00
CHA CLA HC . 69.76 24.06 -9.16
CHB CLA HC . 74.27 24.31 -7.42
CHC CLA HC . 75.40 20.14 -9.68
CHD CLA HC . 70.91 20.07 -11.68
NA CLA HC . 72.08 23.93 -8.50
C1A CLA HC . 70.82 24.53 -8.46
C2A CLA HC . 70.79 25.76 -7.54
C3A CLA HC . 72.25 25.82 -6.97
C4A CLA HC . 72.94 24.63 -7.68
CMA CLA HC . 72.91 27.17 -7.16
CAA CLA HC . 69.73 25.64 -6.46
CBA CLA HC . 69.59 24.28 -5.83
CGA CLA HC . 68.36 24.20 -4.99
O1A CLA HC . 67.53 25.07 -4.71
O2A CLA HC . 68.21 22.94 -4.48
NB CLA HC . 74.50 22.24 -8.75
C1B CLA HC . 74.98 23.21 -7.93
C2B CLA HC . 76.43 22.93 -7.63
C3B CLA HC . 76.75 21.77 -8.27
C4B CLA HC . 75.53 21.30 -8.99
CMB CLA HC . 77.27 23.76 -6.76
CAB CLA HC . 78.00 21.06 -8.30
CBB CLA HC . 78.47 20.35 -7.27
NC CLA HC . 73.12 20.51 -10.63
C1C CLA HC . 74.26 19.78 -10.46
C2C CLA HC . 74.12 18.48 -11.12
C3C CLA HC . 72.81 18.42 -11.60
C4C CLA HC . 72.22 19.71 -11.32
CMC CLA HC . 75.13 17.43 -11.11
CAC CLA HC . 72.17 17.29 -12.30
CBC CLA HC . 71.29 16.47 -11.36
ND CLA HC . 70.79 22.10 -10.42
C1D CLA HC . 70.21 21.17 -11.28
C2D CLA HC . 68.80 21.57 -11.55
C3D CLA HC . 68.54 22.63 -10.71
C4D CLA HC . 69.82 22.92 -10.03
CMD CLA HC . 67.88 20.87 -12.47
CAD CLA HC . 67.59 23.64 -10.26
OBD CLA HC . 66.43 23.86 -10.61
CBD CLA HC . 68.33 24.51 -9.22
CGD CLA HC . 68.35 25.95 -9.62
O1D CLA HC . 67.82 26.90 -9.06
O2D CLA HC . 69.06 26.13 -10.75
CED CLA HC . 69.31 27.48 -11.09
C1 CLA HC . 66.94 22.59 -3.87
C2 CLA HC . 67.22 21.22 -3.40
C3 CLA HC . 66.46 20.12 -3.51
C4 CLA HC . 65.13 20.07 -4.18
C5 CLA HC . 67.07 18.87 -3.02
C6 CLA HC . 66.26 17.88 -2.24
C7 CLA HC . 67.06 16.61 -2.36
C8 CLA HC . 66.07 15.46 -2.35
C9 CLA HC . 66.72 14.27 -1.70
C10 CLA HC . 65.60 15.22 -3.78
C11 CLA HC . 66.60 14.61 -4.74
C12 CLA HC . 66.46 15.17 -6.16
C13 CLA HC . 65.05 15.04 -6.75
C14 CLA HC . 64.57 13.61 -6.80
C15 CLA HC . 64.95 15.59 -8.18
C16 CLA HC . 65.13 17.09 -8.19
C17 CLA HC . 64.90 17.65 -9.57
C18 CLA HC . 65.83 17.10 -10.62
C19 CLA HC . 65.49 17.76 -11.95
C20 CLA HC . 67.27 17.34 -10.25
HHB CLA HC . 74.83 24.98 -6.76
HHC CLA HC . 76.22 19.40 -9.65
HHD CLA HC . 70.40 19.37 -12.37
H2A CLA HC . 70.55 26.66 -8.17
H3A CLA HC . 72.29 25.60 -5.87
HMA1 CLA HC . 73.99 27.13 -6.89
HMA2 CLA HC . 72.42 27.94 -6.52
HMA3 CLA HC . 72.84 27.51 -8.23
HAA1 CLA HC . 68.74 25.94 -6.89
HAA2 CLA HC . 69.97 26.38 -5.65
HBA1 CLA HC . 70.49 24.06 -5.19
HBA2 CLA HC . 69.54 23.50 -6.64
HMB1 CLA HC . 78.35 23.69 -7.07
HMB2 CLA HC . 77.20 23.41 -5.69
HMB3 CLA HC . 76.95 24.84 -6.80
HAB CLA HC . 78.57 21.13 -9.25
HBB1 CLA HC . 77.93 20.26 -6.33
HBB2 CLA HC . 79.44 19.82 -7.31
HMC1 CLA HC . 74.82 16.57 -11.75
HMC2 CLA HC . 75.30 17.05 -10.07
HMC3 CLA HC . 76.11 17.81 -11.50
HAC1 CLA HC . 72.96 16.62 -12.75
HAC2 CLA HC . 71.55 17.67 -13.15
HBC1 CLA HC . 70.84 15.61 -11.92
HBC2 CLA HC . 70.46 17.11 -10.96
HBC3 CLA HC . 71.89 16.08 -10.52
HMD1 CLA HC . 66.92 21.46 -12.59
HMD2 CLA HC . 67.61 19.86 -12.06
HMD3 CLA HC . 68.34 20.73 -13.48
HBD CLA HC . 67.78 24.37 -8.24
HED1 CLA HC . 69.73 27.41 -12.13
HED2 CLA HC . 70.03 27.83 -10.32
HED3 CLA HC . 68.30 27.95 -11.03
H11 CLA HC . 66.11 22.63 -4.63
H12 CLA HC . 66.70 23.30 -3.04
H2 CLA HC . 68.21 21.14 -2.91
H41 CLA HC . 64.63 19.08 -4.03
H42 CLA HC . 65.22 20.25 -5.27
H43 CLA HC . 64.44 20.85 -3.77
H51 CLA HC . 67.96 19.16 -2.39
H52 CLA HC . 67.48 18.33 -3.93
H61 CLA HC . 65.23 17.77 -2.65
H62 CLA HC . 66.15 18.20 -1.16
H71 CLA HC . 67.78 16.52 -1.51
H72 CLA HC . 67.66 16.61 -3.30
H8 CLA HC . 65.15 15.68 -1.74
H91 CLA HC . 66.10 13.35 -1.87
H92 CLA HC . 66.83 14.43 -0.60
H93 CLA HC . 67.73 14.09 -2.13
H101 CLA HC . 65.26 16.20 -4.22
H102 CLA HC . 64.70 14.55 -3.76
H111 CLA HC . 66.47 13.50 -4.75
H112 CLA HC . 67.64 14.80 -4.35
H121 CLA HC . 67.19 14.63 -6.81
H122 CLA HC . 66.76 16.25 -6.14
H13 CLA HC . 64.40 15.66 -6.07
H141 CLA HC . 63.64 13.53 -7.40
H142 CLA HC . 64.37 13.23 -5.77
H143 CLA HC . 65.35 12.95 -7.27
H151 CLA HC . 63.95 15.34 -8.62
H152 CLA HC . 65.73 15.13 -8.83
H161 CLA HC . 66.18 17.34 -7.84
H162 CLA HC . 64.42 17.56 -7.46
H171 CLA HC . 65.01 18.77 -9.53
H172 CLA HC . 63.83 17.44 -9.87
H18 CLA HC . 65.71 15.98 -10.72
H191 CLA HC . 66.07 17.28 -12.78
H192 CLA HC . 65.76 18.85 -11.92
H193 CLA HC . 64.41 17.66 -12.17
H201 CLA HC . 67.95 17.11 -11.11
H202 CLA HC . 67.57 16.70 -9.39
H203 CLA HC . 67.43 18.41 -9.96
MG CLA IC . 58.72 26.58 -17.33
CHA CLA IC . 57.23 29.70 -18.25
CHB CLA IC . 56.51 26.46 -14.72
CHC CLA IC . 59.31 23.22 -17.00
CHD CLA IC . 60.15 26.54 -20.52
NA CLA IC . 57.20 27.94 -16.57
C1A CLA IC . 56.74 29.15 -17.10
C2A CLA IC . 55.58 29.72 -16.27
C3A CLA IC . 55.64 28.84 -14.98
C4A CLA IC . 56.50 27.66 -15.44
CMA CLA IC . 56.21 29.64 -13.85
CAA CLA IC . 54.23 29.63 -17.04
CBA CLA IC . 53.93 28.28 -17.69
CGA CLA IC . 52.68 28.30 -18.58
O1A CLA IC . 52.00 29.25 -19.00
O2A CLA IC . 52.30 27.03 -18.93
NB CLA IC . 58.01 25.08 -16.12
C1B CLA IC . 57.27 25.33 -15.03
C2B CLA IC . 57.38 24.19 -14.10
C3B CLA IC . 58.18 23.23 -14.69
C4B CLA IC . 58.59 23.81 -16.01
CMB CLA IC . 56.64 24.16 -12.86
CAB CLA IC . 58.58 21.95 -14.14
CBB CLA IC . 58.64 20.77 -14.75
NC CLA IC . 59.57 25.19 -18.50
C1C CLA IC . 59.75 23.87 -18.18
C2C CLA IC . 60.42 23.18 -19.25
C3C CLA IC . 60.64 24.12 -20.25
C4C CLA IC . 60.15 25.38 -19.75
CMC CLA IC . 60.70 21.74 -19.28
CAC CLA IC . 61.22 23.91 -21.59
CBC CLA IC . 60.11 23.67 -22.60
ND CLA IC . 58.82 27.82 -18.98
C1D CLA IC . 59.50 27.69 -20.19
C2D CLA IC . 59.39 28.93 -20.97
C3D CLA IC . 58.57 29.75 -20.26
C4D CLA IC . 58.19 28.99 -19.05
CMD CLA IC . 60.06 29.16 -22.25
CAD CLA IC . 57.88 31.04 -20.22
OBD CLA IC . 57.90 31.98 -20.98
CBD CLA IC . 56.96 31.00 -18.96
CGD CLA IC . 57.26 32.19 -18.10
O1D CLA IC . 56.49 32.85 -17.45
O2D CLA IC . 58.59 32.54 -18.06
CED CLA IC . 59.02 33.44 -17.05
C1 CLA IC . 51.44 26.70 -20.05
C2 CLA IC . 51.03 25.27 -19.84
C3 CLA IC . 51.34 24.21 -20.62
C4 CLA IC . 52.14 24.37 -21.87
C5 CLA IC . 50.83 22.85 -20.25
C6 CLA IC . 51.61 21.64 -20.76
C7 CLA IC . 50.80 20.36 -20.63
C8 CLA IC . 51.63 19.15 -21.02
C9 CLA IC . 51.83 19.05 -22.52
C10 CLA IC . 51.03 17.83 -20.53
C11 CLA IC . 52.08 17.01 -19.79
C12 CLA IC . 51.64 15.60 -19.47
C13 CLA IC . 52.83 14.66 -19.34
C14 CLA IC . 54.00 15.34 -18.65
HHB CLA IC . 55.86 26.41 -13.83
HHC CLA IC . 59.59 22.16 -16.90
HHD CLA IC . 60.73 26.53 -21.47
H2A CLA IC . 55.76 30.81 -16.01
H3A CLA IC . 54.66 28.40 -14.67
HMA1 CLA IC . 55.83 29.29 -12.87
HMA2 CLA IC . 55.95 30.72 -13.97
HMA3 CLA IC . 57.33 29.57 -13.83
HAA1 CLA IC . 54.23 30.42 -17.84
HAA2 CLA IC . 53.39 29.87 -16.34
HBA1 CLA IC . 53.79 27.51 -16.89
HBA2 CLA IC . 54.81 27.97 -18.31
HMB1 CLA IC . 56.90 23.23 -12.27
HMB2 CLA IC . 55.54 24.15 -13.06
HMB3 CLA IC . 56.89 25.05 -12.23
HAB CLA IC . 58.86 22.01 -13.07
HBB1 CLA IC . 58.36 20.66 -15.81
HBB2 CLA IC . 58.97 19.86 -14.24
HMC1 CLA IC . 61.12 21.43 -20.27
HMC2 CLA IC . 59.77 21.14 -19.10
HMC3 CLA IC . 61.46 21.46 -18.50
HAC1 CLA IC . 61.92 23.03 -21.59
HAC2 CLA IC . 61.83 24.80 -21.90
HBC1 CLA IC . 60.53 23.62 -23.63
HBC2 CLA IC . 59.37 24.51 -22.55
HBC3 CLA IC . 59.58 22.72 -22.37
HMD1 CLA IC . 59.85 30.20 -22.62
HMD2 CLA IC . 59.70 28.43 -23.02
HMD3 CLA IC . 61.17 29.04 -22.15
HBD CLA IC . 55.88 31.04 -19.28
HED1 CLA IC . 60.02 33.77 -17.40
HED2 CLA IC . 59.04 32.81 -16.12
HED3 CLA IC . 58.24 34.23 -17.05
H11 CLA IC . 52.01 26.83 -21.01
H12 CLA IC . 50.56 27.39 -20.05
H2 CLA IC . 50.41 25.11 -18.94
H41 CLA IC . 51.88 23.59 -22.62
H42 CLA IC . 53.24 24.28 -21.66
H43 CLA IC . 51.98 25.37 -22.35
H51 CLA IC . 49.78 22.77 -20.64
H52 CLA IC . 50.78 22.79 -19.13
H61 CLA IC . 52.57 21.54 -20.16
H62 CLA IC . 51.91 21.79 -21.83
H71 CLA IC . 49.88 20.43 -21.28
H72 CLA IC . 50.43 20.26 -19.56
H8 CLA IC . 52.63 19.30 -20.53
H91 CLA IC . 52.36 18.10 -22.78
H92 CLA IC . 52.44 19.91 -22.89
H93 CLA IC . 50.84 19.06 -23.04
H101 CLA IC . 50.64 17.24 -21.40
H102 CLA IC . 50.17 18.03 -19.85
H111 CLA IC . 52.34 17.54 -18.83
H112 CLA IC . 53.01 16.98 -20.41
H121 CLA IC . 50.96 15.23 -20.28
H122 CLA IC . 51.04 15.60 -18.52
H141 CLA IC . 54.70 14.58 -18.23
H142 CLA IC . 53.65 15.99 -17.83
H143 CLA IC . 54.57 15.97 -19.38
MG CLA JC . 56.00 -1.11 -4.55
CHA CLA JC . 57.60 -4.21 -4.79
CHB CLA JC . 53.07 -2.72 -5.27
CHC CLA JC . 54.23 1.71 -3.70
CHD CLA JC . 58.81 0.19 -2.95
NA CLA JC . 55.49 -3.08 -5.04
C1A CLA JC . 56.30 -4.22 -5.18
C2A CLA JC . 55.58 -5.43 -5.75
C3A CLA JC . 54.20 -4.81 -6.08
C4A CLA JC . 54.24 -3.43 -5.45
CMA CLA JC . 54.04 -4.68 -7.56
CAA CLA JC . 55.49 -6.70 -4.86
CBA CLA JC . 54.76 -6.59 -3.55
CGA CLA JC . 55.54 -5.79 -2.57
O1A CLA JC . 56.70 -5.97 -2.11
O2A CLA JC . 54.87 -4.68 -2.16
NB CLA JC . 54.06 -0.66 -4.39
C1B CLA JC . 53.02 -1.45 -4.76
C2B CLA JC . 51.76 -0.71 -4.64
C3B CLA JC . 52.05 0.55 -4.21
C4B CLA JC . 53.53 0.63 -4.12
CMB CLA JC . 50.48 -1.31 -4.98
CAB CLA JC . 51.18 1.68 -4.02
CBB CLA JC . 49.93 1.59 -3.64
NC CLA JC . 56.46 0.60 -3.48
C1C CLA JC . 55.62 1.68 -3.41
C2C CLA JC . 56.31 2.85 -2.87
C3C CLA JC . 57.59 2.44 -2.57
C4C CLA JC . 57.68 1.03 -2.99
CMC CLA JC . 55.69 4.14 -2.62
CAC CLA JC . 58.61 3.29 -1.92
CBC CLA JC . 59.71 3.63 -2.85
ND CLA JC . 57.82 -1.75 -4.12
C1D CLA JC . 58.90 -1.07 -3.49
C2D CLA JC . 60.04 -2.00 -3.44
C3D CLA JC . 59.58 -3.23 -3.87
C4D CLA JC . 58.19 -3.02 -4.26
CMD CLA JC . 61.35 -1.61 -2.91
CAD CLA JC . 59.88 -4.63 -4.11
OBD CLA JC . 60.93 -5.24 -3.90
CBD CLA JC . 58.62 -5.33 -4.70
CGD CLA JC . 59.02 -5.95 -6.00
O1D CLA JC . 59.11 -7.15 -6.33
O2D CLA JC . 59.39 -5.01 -6.91
CED CLA JC . 60.05 -5.53 -8.06
C1 CLA JC . 55.55 -3.90 -1.14
C2 CLA JC . 54.61 -2.82 -0.70
C3 CLA JC . 54.96 -1.54 -0.52
C4 CLA JC . 56.36 -1.04 -0.71
C5 CLA JC . 53.96 -0.52 -0.06
C6 CLA JC . 52.65 -0.57 -0.81
C7 CLA JC . 51.61 0.35 -0.17
C8 CLA JC . 50.41 -0.44 0.33
C9 CLA JC . 49.31 -0.34 -0.70
C10 CLA JC . 49.95 0.08 1.68
C11 CLA JC . 50.98 -0.16 2.75
C12 CLA JC . 50.40 -0.81 3.99
C13 CLA JC . 50.85 -0.13 5.28
C14 CLA JC . 51.73 -1.07 6.11
C15 CLA JC . 49.63 0.38 6.05
C16 CLA JC . 49.96 1.60 6.88
C17 CLA JC . 48.85 1.84 7.87
C18 CLA JC . 49.20 2.91 8.90
C19 CLA JC . 49.90 4.08 8.24
C20 CLA JC . 47.96 3.37 9.61
HHB CLA JC . 52.12 -3.21 -5.55
HHC CLA JC . 53.72 2.68 -3.57
HHD CLA JC . 59.71 0.59 -2.43
H2A CLA JC . 56.16 -5.78 -6.65
H3A CLA JC . 53.36 -5.41 -5.59
HMA1 CLA JC . 53.03 -4.29 -7.83
HMA2 CLA JC . 54.17 -5.67 -8.07
HMA3 CLA JC . 54.80 -3.98 -7.98
HAA1 CLA JC . 56.54 -7.03 -4.65
HAA2 CLA JC . 55.00 -7.51 -5.46
HBA1 CLA JC . 54.58 -7.62 -3.13
HBA2 CLA JC . 53.76 -6.10 -3.70
HMB1 CLA JC . 49.74 -0.52 -5.29
HMB2 CLA JC . 50.05 -1.87 -4.09
HMB3 CLA JC . 50.60 -2.04 -5.83
HAB CLA JC . 51.65 2.67 -4.23
HBB1 CLA JC . 49.47 0.63 -3.39
HBB2 CLA JC . 49.26 2.47 -3.49
HMC1 CLA JC . 56.47 4.94 -2.53
HMC2 CLA JC . 55.10 4.12 -1.67
HMC3 CLA JC . 55.01 4.42 -3.46
HAC1 CLA JC . 59.03 2.79 -1.02
HAC2 CLA JC . 58.13 4.24 -1.56
HBC1 CLA JC . 60.07 4.67 -2.64
HBC2 CLA JC . 59.35 3.58 -3.90
HBC3 CLA JC . 60.55 2.91 -2.72
HMD1 CLA JC . 62.09 -2.44 -3.04
HMD2 CLA JC . 61.29 -1.37 -1.81
HMD3 CLA JC . 61.75 -0.71 -3.44
HBD CLA JC . 58.19 -6.14 -4.06
HED1 CLA JC . 60.58 -4.64 -8.49
HED2 CLA JC . 59.21 -5.91 -8.70
HED3 CLA JC . 60.73 -6.32 -7.66
H11 CLA JC . 56.50 -3.48 -1.58
H12 CLA JC . 55.83 -4.58 -0.29
H2 CLA JC . 53.58 -3.16 -0.54
H41 CLA JC . 56.45 0.04 -0.45
H42 CLA JC . 56.69 -1.16 -1.77
H43 CLA JC . 57.09 -1.60 -0.07
H51 CLA JC . 54.42 0.51 -0.18
H52 CLA JC . 53.78 -0.66 1.04
H61 CLA JC . 52.26 -1.62 -0.81
H62 CLA JC . 52.80 -0.27 -1.87
H71 CLA JC . 51.29 1.11 -0.92
H72 CLA JC . 52.09 0.90 0.68
H8 CLA JC . 50.70 -1.51 0.47
H91 CLA JC . 48.41 -0.90 -0.35
H92 CLA JC . 49.64 -0.76 -1.67
H93 CLA JC . 49.02 0.73 -0.85
H101 CLA JC . 48.98 -0.42 1.96
H102 CLA JC . 49.73 1.18 1.60
H111 CLA JC . 51.45 0.82 3.03
H112 CLA JC . 51.79 -0.80 2.34
H121 CLA JC . 50.71 -1.89 4.01
H122 CLA JC . 49.28 -0.78 3.93
H13 CLA JC . 51.51 0.76 5.04
H141 CLA JC . 51.85 -0.67 7.15
H142 CLA JC . 52.73 -1.18 5.65
H143 CLA JC . 51.26 -2.08 6.18
H151 CLA JC . 49.25 -0.43 6.73
H152 CLA JC . 48.81 0.63 5.34
H161 CLA JC . 50.08 2.49 6.22
H162 CLA JC . 50.93 1.46 7.42
H171 CLA JC . 48.61 0.89 8.40
H172 CLA JC . 47.92 2.16 7.33
H18 CLA JC . 49.91 2.46 9.66
H191 CLA JC . 50.01 4.92 8.97
H192 CLA JC . 49.31 4.44 7.36
H193 CLA JC . 50.91 3.78 7.89
H201 CLA JC . 48.19 4.20 10.31
H202 CLA JC . 47.50 2.54 10.20
H203 CLA JC . 47.20 3.74 8.87
MG CLA KC . 71.13 0.40 3.10
CHA CLA KC . 70.53 -2.81 4.04
CHB CLA KC . 69.47 -0.20 0.09
CHC CLA KC . 70.77 3.89 2.38
CHD CLA KC . 72.01 1.26 6.31
NA CLA KC . 70.17 -1.24 2.24
C1A CLA KC . 70.14 -2.52 2.78
C2A CLA KC . 69.51 -3.49 1.79
C3A CLA KC . 69.43 -2.69 0.50
C4A CLA KC . 69.69 -1.27 0.95
CMA CLA KC . 70.44 -3.15 -0.52
CAA CLA KC . 68.16 -3.87 2.33
CBA CLA KC . 67.22 -2.68 2.36
CGA CLA KC . 65.90 -3.11 2.93
O1A CLA KC . 65.49 -4.25 3.13
O2A CLA KC . 65.09 -2.06 3.24
NB CLA KC . 70.32 1.63 1.49
C1B CLA KC . 69.67 1.16 0.40
C2B CLA KC . 69.24 2.29 -0.47
C3B CLA KC . 69.58 3.43 0.18
C4B CLA KC . 70.26 3.04 1.44
CMB CLA KC . 68.48 2.11 -1.75
CAB CLA KC . 69.35 4.80 -0.20
CBB CLA KC . 69.41 5.24 -1.46
NC CLA KC . 71.37 2.26 4.15
C1C CLA KC . 71.33 3.52 3.65
C2C CLA KC . 71.86 4.46 4.64
C3C CLA KC . 72.17 3.70 5.76
C4C CLA KC . 71.85 2.33 5.43
CMC CLA KC . 72.02 5.91 4.50
CAC CLA KC . 72.72 4.18 7.03
CBC CLA KC . 71.60 4.43 8.01
ND CLA KC . 71.19 -0.47 4.79
C1D CLA KC . 71.72 -0.04 6.03
C2D CLA KC . 71.82 -1.19 6.95
C3D CLA KC . 71.37 -2.28 6.24
C4D CLA KC . 71.00 -1.78 4.90
CMD CLA KC . 72.27 -1.12 8.34
CAD CLA KC . 71.05 -3.69 6.29
OBD CLA KC . 71.07 -4.43 7.27
CBD CLA KC . 70.61 -4.10 4.85
CGD CLA KC . 71.65 -4.99 4.24
O1D CLA KC . 71.49 -6.06 3.64
O2D CLA KC . 72.90 -4.47 4.41
CED CLA KC . 74.03 -5.15 3.86
C1 CLA KC . 63.72 -2.36 3.53
C2 CLA KC . 63.39 -1.84 4.87
C3 CLA KC . 62.71 -2.55 5.79
C4 CLA KC . 62.27 -3.96 5.56
C5 CLA KC . 62.34 -1.92 7.10
C6 CLA KC . 61.97 -0.45 6.95
C7 CLA KC . 60.73 0.01 7.70
C8 CLA KC . 60.58 1.55 7.78
C9 CLA KC . 60.23 1.97 9.19
C10 CLA KC . 59.53 2.09 6.79
C11 CLA KC . 59.23 3.60 6.84
C12 CLA KC . 58.50 4.12 5.59
C13 CLA KC . 57.52 5.30 5.76
C14 CLA KC . 56.29 5.18 4.87
C15 CLA KC . 58.16 6.67 5.48
C16 CLA KC . 58.35 7.47 6.75
C17 CLA KC . 59.68 7.17 7.42
C18 CLA KC . 59.52 7.02 8.94
C19 CLA KC . 58.84 8.23 9.55
C20 CLA KC . 60.86 6.78 9.63
HHB CLA KC . 69.10 -0.43 -0.92
HHC CLA KC . 70.75 4.97 2.16
HHD CLA KC . 72.41 1.49 7.31
H2A CLA KC . 70.15 -4.40 1.62
H3A CLA KC . 68.40 -2.75 0.06
HMA1 CLA KC . 70.31 -2.62 -1.49
HMA2 CLA KC . 70.35 -4.24 -0.71
HMA3 CLA KC . 71.49 -2.95 -0.16
HAA1 CLA KC . 68.28 -4.28 3.37
HAA2 CLA KC . 67.72 -4.68 1.70
HBA1 CLA KC . 67.07 -2.27 1.33
HBA2 CLA KC . 67.65 -1.86 3.01
HMB1 CLA KC . 67.91 3.04 -2.00
HMB2 CLA KC . 67.75 1.27 -1.66
HMB3 CLA KC . 69.18 1.89 -2.59
HAB CLA KC . 69.12 5.49 0.64
HBB1 CLA KC . 69.64 4.58 -2.29
HBB2 CLA KC . 69.23 6.30 -1.74
HMC1 CLA KC . 72.50 6.34 5.42
HMC2 CLA KC . 71.03 6.41 4.36
HMC3 CLA KC . 72.67 6.15 3.62
HAC1 CLA KC . 73.30 5.12 6.88
HAC2 CLA KC . 73.43 3.43 7.47
HBC1 CLA KC . 72.02 4.71 9.00
HBC2 CLA KC . 70.99 3.51 8.14
HBC3 CLA KC . 70.94 5.25 7.65
HMD1 CLA KC . 72.48 -2.14 8.75
HMD2 CLA KC . 71.48 -0.65 8.99
HMD3 CLA KC . 73.21 -0.50 8.43
HBD CLA KC . 69.62 -4.63 4.91
HED1 CLA KC . 74.90 -4.66 4.36
HED2 CLA KC . 73.95 -4.95 2.76
HED3 CLA KC . 73.87 -6.22 4.16
H11 CLA KC . 63.59 -3.47 3.48
H12 CLA KC . 63.09 -1.88 2.73
H2 CLA KC . 63.74 -0.81 5.08
H41 CLA KC . 61.63 -4.34 6.39
H42 CLA KC . 63.14 -4.65 5.45
H43 CLA KC . 61.66 -4.04 4.61
H51 CLA KC . 63.21 -2.03 7.81
H52 CLA KC . 61.48 -2.49 7.55
H61 CLA KC . 61.81 -0.23 5.85
H62 CLA KC . 62.85 0.18 7.28
H71 CLA KC . 60.77 -0.42 8.74
H72 CLA KC . 59.82 -0.43 7.20
H8 CLA KC . 61.58 2.00 7.49
H91 CLA KC . 60.24 3.09 9.27
H92 CLA KC . 60.97 1.56 9.92
H93 CLA KC . 59.22 1.60 9.47
H101 CLA KC . 58.56 1.55 6.97
H102 CLA KC . 59.87 1.84 5.75
H111 CLA KC . 60.20 4.16 6.96
H112 CLA KC . 58.61 3.82 7.74
H121 CLA KC . 57.93 3.25 5.14
H122 CLA KC . 59.29 4.42 4.84
H13 CLA KC . 57.23 5.24 6.84
H141 CLA KC . 55.69 6.12 4.88
H142 CLA KC . 55.63 4.35 5.21
H143 CLA KC . 56.58 4.98 3.81
H151 CLA KC . 57.51 7.26 4.77
H152 CLA KC . 59.16 6.53 4.98
H161 CLA KC . 57.52 7.24 7.45
H162 CLA KC . 58.30 8.56 6.50
H171 CLA KC . 60.40 8.00 7.21
H172 CLA KC . 60.11 6.24 7.00
H18 CLA KC . 58.89 6.10 9.11
H191 CLA KC . 59.02 8.25 10.65
H192 CLA KC . 57.74 8.18 9.37
H193 CLA KC . 59.23 9.17 9.10
H201 CLA KC . 60.73 6.71 10.73
H202 CLA KC . 61.57 7.62 9.41
H203 CLA KC . 61.32 5.82 9.27
MG CLA LC . 67.89 1.38 -5.22
CHA CLA LC . 69.72 4.31 -6.04
CHB CLA LC . 65.56 3.48 -3.73
CHC CLA LC . 66.63 -1.21 -3.30
CHD CLA LC . 70.56 -0.49 -6.07
NA CLA LC . 67.70 3.55 -4.95
C1A CLA LC . 68.52 4.58 -5.43
C2A CLA LC . 67.91 5.95 -5.16
C3A CLA LC . 66.48 5.62 -4.63
C4A CLA LC . 66.57 4.11 -4.41
CMA CLA LC . 66.12 6.34 -3.34
CAA CLA LC . 67.86 6.82 -6.44
CBA CLA LC . 67.27 8.20 -6.19
CGA CLA LC . 68.16 8.90 -5.22
O1A CLA LC . 69.36 8.74 -5.10
O2A CLA LC . 67.51 9.79 -4.42
NB CLA LC . 66.37 1.18 -3.83
C1B CLA LC . 65.52 2.13 -3.40
C2B CLA LC . 64.51 1.55 -2.48
C3B CLA LC . 64.83 0.24 -2.33
C4B CLA LC . 66.01 -0.01 -3.18
CMB CLA LC . 63.42 2.32 -1.88
CAB CLA LC . 64.29 -0.80 -1.51
CBB CLA LC . 63.65 -0.60 -0.38
NC CLA LC . 68.44 -0.48 -4.82
C1C CLA LC . 67.77 -1.44 -4.11
C2C CLA LC . 68.44 -2.72 -4.17
C3C CLA LC . 69.56 -2.48 -4.95
C4C CLA LC . 69.55 -1.09 -5.33
CMC CLA LC . 67.97 -3.95 -3.50
CAC CLA LC . 70.64 -3.40 -5.32
CBC CLA LC . 71.87 -3.06 -4.50
ND CLA LC . 69.72 1.76 -5.85
C1D CLA LC . 70.67 0.83 -6.32
C2D CLA LC . 71.73 1.53 -7.04
C3D CLA LC . 71.45 2.86 -6.89
C4D CLA LC . 70.18 2.96 -6.17
CMD CLA LC . 72.91 0.90 -7.62
CAD CLA LC . 71.88 4.17 -7.20
OBD CLA LC . 72.92 4.49 -7.75
CBD CLA LC . 70.77 5.14 -6.72
CGD CLA LC . 71.45 6.13 -5.84
O1D CLA LC . 72.12 7.08 -6.25
O2D CLA LC . 71.28 5.87 -4.52
CED CLA LC . 71.69 6.88 -3.58
C1 CLA LC . 68.18 10.49 -3.37
C2 CLA LC . 68.35 9.54 -2.26
C3 CLA LC . 67.93 9.77 -1.00
C4 CLA LC . 67.22 11.01 -0.65
C5 CLA LC . 68.13 8.77 0.09
C6 CLA LC . 68.85 9.33 1.33
C7 CLA LC . 69.08 8.28 2.40
C8 CLA LC . 67.80 7.88 3.12
C9 CLA LC . 67.50 8.89 4.21
C10 CLA LC . 67.96 6.42 3.58
C11 CLA LC . 67.52 6.10 5.00
C12 CLA LC . 68.19 4.79 5.39
C13 CLA LC . 67.23 3.78 5.98
C14 CLA LC . 66.95 4.12 7.42
C15 CLA LC . 67.87 2.41 5.88
C16 CLA LC . 67.09 1.39 6.67
C17 CLA LC . 67.27 0.00 6.06
C18 CLA LC . 66.95 -1.13 7.04
C19 CLA LC . 67.88 -1.10 8.22
C20 CLA LC . 67.06 -2.47 6.37
HHB CLA LC . 64.68 4.07 -3.44
HHC CLA LC . 66.25 -2.09 -2.75
HHD CLA LC . 71.33 -1.16 -6.50
H2A CLA LC . 68.51 6.48 -4.38
H3A CLA LC . 65.72 5.86 -5.42
HMA1 CLA LC . 65.13 5.98 -2.95
HMA2 CLA LC . 66.04 7.44 -3.51
HMA3 CLA LC . 66.89 6.16 -2.56
HAA1 CLA LC . 67.25 6.29 -7.21
HAA2 CLA LC . 68.90 6.93 -6.84
HBA1 CLA LC . 66.23 8.11 -5.76
HBA2 CLA LC . 67.20 8.78 -7.14
HMB1 CLA LC . 62.58 1.64 -1.59
HMB2 CLA LC . 63.04 3.08 -2.61
HMB3 CLA LC . 63.79 2.85 -0.96
HAB CLA LC . 64.44 -1.82 -1.90
HBB1 CLA LC . 63.48 0.41 0.01
HBB2 CLA LC . 63.24 -1.41 0.25
HMC1 CLA LC . 68.74 -4.76 -3.55
HMC2 CLA LC . 67.03 -4.33 -3.98
HMC3 CLA LC . 67.75 -3.75 -2.42
HAC1 CLA LC . 70.88 -3.30 -6.42
HAC2 CLA LC . 70.34 -4.46 -5.15
HBC1 CLA LC . 72.68 -3.81 -4.71
HBC2 CLA LC . 71.62 -3.10 -3.41
HBC3 CLA LC . 72.24 -2.04 -4.76
HMD1 CLA LC . 73.61 1.69 -8.02
HMD2 CLA LC . 72.61 0.24 -8.48
HMD3 CLA LC . 73.46 0.29 -6.87
HBD CLA LC . 70.26 5.67 -7.57
HED1 CLA LC . 71.92 6.30 -2.66
HED2 CLA LC . 70.79 7.54 -3.51
HED3 CLA LC . 72.57 7.34 -4.07
H11 CLA LC . 67.54 11.38 -3.08
H12 CLA LC . 69.16 10.87 -3.77
H2 CLA LC . 68.86 8.60 -2.52
H41 CLA LC . 66.81 10.96 0.39
H42 CLA LC . 66.35 11.21 -1.34
H43 CLA LC . 67.89 11.91 -0.69
H51 CLA LC . 68.72 7.90 -0.31
H52 CLA LC . 67.13 8.37 0.41
H61 CLA LC . 68.24 10.17 1.75
H62 CLA LC . 69.84 9.76 1.01
H71 CLA LC . 69.83 8.67 3.14
H72 CLA LC . 69.55 7.37 1.93
H8 CLA LC . 66.89 7.90 2.47
H91 CLA LC . 66.60 8.59 4.79
H92 CLA LC . 67.31 9.90 3.77
H93 CLA LC . 68.37 8.97 4.92
H101 CLA LC . 69.03 6.14 3.48
H102 CLA LC . 67.37 5.78 2.88
H111 CLA LC . 66.40 6.00 5.05
H112 CLA LC . 67.81 6.92 5.69
H121 CLA LC . 69.00 5.02 6.13
H122 CLA LC . 68.68 4.36 4.48
H13 CLA LC . 66.26 3.80 5.42
H141 CLA LC . 66.00 3.63 7.75
H142 CLA LC . 66.84 5.22 7.56
H143 CLA LC . 67.77 3.76 8.08
H151 CLA LC . 68.93 2.44 6.26
H152 CLA LC . 67.92 2.08 4.82
H161 CLA LC . 66.00 1.66 6.69
H162 CLA LC . 67.44 1.38 7.74
H171 CLA LC . 68.33 -0.11 5.72
H172 CLA LC . 66.62 -0.09 5.15
H18 CLA LC . 65.88 -0.98 7.38
H191 CLA LC . 67.89 -2.09 8.74
H192 CLA LC . 67.55 -0.31 8.96
H193 CLA LC . 68.92 -0.86 7.89
H201 CLA LC . 66.81 -3.30 7.07
H202 CLA LC . 68.10 -2.64 6.00
H203 CLA LC . 66.37 -2.54 5.49
MG CLA MC . 59.61 2.97 -18.05
CHA CLA MC . 59.32 0.75 -20.77
CHB CLA MC . 63.01 3.01 -18.64
CHC CLA MC . 59.83 5.85 -16.22
CHD CLA MC . 56.09 3.35 -18.21
NA CLA MC . 60.94 2.03 -19.48
C1A CLA MC . 60.60 1.10 -20.48
C2A CLA MC . 61.80 0.62 -21.26
C3A CLA MC . 62.99 1.18 -20.42
C4A CLA MC . 62.30 2.16 -19.45
CMA CLA MC . 63.68 0.04 -19.72
CAA CLA MC . 61.80 1.19 -22.67
CBA CLA MC . 61.24 2.59 -22.76
CGA CLA MC . 61.46 3.25 -24.10
O1A CLA MC . 62.28 2.94 -24.97
O2A CLA MC . 60.65 4.33 -24.35
NB CLA MC . 61.11 4.19 -17.52
C1B CLA MC . 62.44 3.95 -17.74
C2B CLA MC . 63.25 4.87 -16.91
C3B CLA MC . 62.38 5.68 -16.21
C4B CLA MC . 61.00 5.28 -16.64
CMB CLA MC . 64.72 4.88 -16.95
CAB CLA MC . 62.65 6.77 -15.34
CBB CLA MC . 63.74 6.88 -14.55
NC CLA MC . 58.22 4.34 -17.36
C1C CLA MC . 58.53 5.40 -16.56
C2C CLA MC . 57.32 6.06 -16.10
C3C CLA MC . 56.26 5.35 -16.65
C4C CLA MC . 56.83 4.25 -17.43
CMC CLA MC . 57.33 7.23 -15.22
CAC CLA MC . 54.81 5.61 -16.45
CBC CLA MC . 54.07 6.08 -17.67
ND CLA MC . 58.01 2.34 -19.29
C1D CLA MC . 56.62 2.47 -19.14
C2D CLA MC . 55.94 1.51 -20.06
C3D CLA MC . 56.94 0.81 -20.70
C4D CLA MC . 58.19 1.36 -20.16
CMD CLA MC . 54.50 1.35 -20.26
CAD CLA MC . 57.28 -0.20 -21.67
OBD CLA MC . 56.62 -0.99 -22.30
CBD CLA MC . 58.81 -0.31 -21.68
CGD CLA MC . 59.18 -1.60 -21.03
O1D CLA MC . 58.56 -2.23 -20.16
O2D CLA MC . 60.33 -2.16 -21.42
CED CLA MC . 60.86 -3.18 -20.59
C1 CLA MC . 60.88 5.01 -25.60
C2 CLA MC . 60.20 6.33 -25.61
C3 CLA MC . 59.02 6.57 -26.20
C4 CLA MC . 58.22 5.52 -26.92
C5 CLA MC . 58.46 7.96 -26.15
C6 CLA MC . 57.54 8.20 -24.96
C7 CLA MC . 56.95 9.59 -25.14
C8 CLA MC . 56.02 10.10 -24.03
C9 CLA MC . 54.87 9.16 -23.77
C10 CLA MC . 55.53 11.47 -24.47
C11 CLA MC . 55.71 12.59 -23.45
C12 CLA MC . 55.42 13.93 -24.12
C13 CLA MC . 55.69 15.20 -23.29
C14 CLA MC . 55.34 15.05 -21.82
C15 CLA MC . 54.96 16.44 -23.83
C16 CLA MC . 55.17 16.70 -25.31
C17 CLA MC . 55.56 18.15 -25.64
C18 CLA MC . 55.83 18.39 -27.13
C19 CLA MC . 56.81 17.39 -27.72
C20 CLA MC . 56.27 19.80 -27.46
HHB CLA MC . 64.11 2.97 -18.69
HHC CLA MC . 59.88 6.75 -15.57
HHD CLA MC . 54.99 3.36 -18.08
H2A CLA MC . 61.81 -0.50 -21.28
H3A CLA MC . 63.72 1.77 -21.03
HMA1 CLA MC . 64.00 0.33 -18.68
HMA2 CLA MC . 64.58 -0.29 -20.27
HMA3 CLA MC . 62.99 -0.85 -19.62
HAA1 CLA MC . 61.18 0.51 -23.32
HAA2 CLA MC . 62.84 1.18 -23.07
HBA1 CLA MC . 61.70 3.23 -21.97
HBA2 CLA MC . 60.12 2.56 -22.57
HMB1 CLA MC . 65.11 5.89 -16.68
HMB2 CLA MC . 65.08 4.61 -17.98
HMB3 CLA MC . 65.13 4.13 -16.22
HAB CLA MC . 61.88 7.57 -15.34
HBB1 CLA MC . 64.50 6.11 -14.52
HBB2 CLA MC . 63.91 7.74 -13.90
HMC1 CLA MC . 56.30 7.48 -14.87
HMC2 CLA MC . 57.74 8.13 -15.75
HMC3 CLA MC . 57.97 7.05 -14.32
HAC1 CLA MC . 54.68 6.39 -15.64
HAC2 CLA MC . 54.32 4.68 -16.07
HBC1 CLA MC . 52.98 6.11 -17.47
HBC2 CLA MC . 54.27 5.39 -18.52
HBC3 CLA MC . 54.41 7.10 -17.96
HMD1 CLA MC . 54.28 0.43 -20.87
HMD2 CLA MC . 54.07 2.23 -20.80
HMD3 CLA MC . 53.97 1.25 -19.28
HBD CLA MC . 59.18 -0.20 -22.74
HED1 CLA MC . 61.88 -3.37 -21.01
HED2 CLA MC . 60.14 -4.02 -20.71
HED3 CLA MC . 60.87 -2.73 -19.57
H11 CLA MC . 60.49 4.35 -26.42
H12 CLA MC . 61.99 5.13 -25.72
H2 CLA MC . 60.74 7.13 -25.09
H41 CLA MC . 57.29 5.95 -27.38
H42 CLA MC . 57.89 4.70 -26.22
H43 CLA MC . 58.81 5.04 -27.74
H51 CLA MC . 57.90 8.15 -27.10
H52 CLA MC . 59.32 8.67 -26.12
H61 CLA MC . 58.12 8.15 -24.00
H62 CLA MC . 56.74 7.43 -24.91
H71 CLA MC . 56.37 9.58 -26.10
H72 CLA MC . 57.80 10.30 -25.27
H8 CLA MC . 56.58 10.18 -23.05
H91 CLA MC . 54.28 9.50 -22.88
H92 CLA MC . 55.25 8.13 -23.57
H93 CLA MC . 54.19 9.12 -24.65
H101 CLA MC . 54.43 11.40 -24.71
H102 CLA MC . 56.06 11.78 -25.41
H111 CLA MC . 56.75 12.57 -23.04
H112 CLA MC . 55.03 12.42 -22.58
H121 CLA MC . 54.34 13.92 -24.41
H122 CLA MC . 56.02 13.97 -25.06
H13 CLA MC . 56.82 15.33 -23.40
H141 CLA MC . 55.51 16.01 -21.28
H142 CLA MC . 55.97 14.26 -21.34
H143 CLA MC . 54.27 14.76 -21.70
H151 CLA MC . 55.29 17.34 -23.26
H152 CLA MC . 53.86 16.33 -23.65
H161 CLA MC . 54.23 16.45 -25.87
H162 CLA MC . 55.97 16.02 -25.70
H171 CLA MC . 56.47 18.42 -25.06
H172 CLA MC . 54.74 18.84 -25.31
H18 CLA MC . 54.82 18.24 -27.63
H191 CLA MC . 57.15 17.72 -28.73
H192 CLA MC . 56.34 16.38 -27.81
H193 CLA MC . 57.71 17.30 -27.06
H201 CLA MC . 56.58 19.88 -28.53
H202 CLA MC . 57.14 20.09 -26.82
H203 CLA MC . 55.45 20.52 -27.28
MG CLA NC . 68.20 4.95 -16.17
CHA CLA NC . 67.96 6.18 -12.84
CHB CLA NC . 67.92 7.94 -17.37
CHC CLA NC . 67.86 3.47 -19.23
CHD CLA NC . 68.15 1.64 -14.72
NA CLA NC . 67.98 6.73 -15.22
C1A CLA NC . 67.93 7.10 -13.85
C2A CLA NC . 67.84 8.63 -13.68
C3A CLA NC . 67.77 9.11 -15.15
C4A CLA NC . 67.91 7.84 -16.00
CMA CLA NC . 66.43 9.73 -15.41
CAA CLA NC . 69.01 9.28 -12.97
CBA CLA NC . 68.80 10.76 -12.76
CGA CLA NC . 68.13 11.04 -11.45
O1A CLA NC . 67.55 10.23 -10.69
O2A CLA NC . 68.14 12.36 -11.08
NB CLA NC . 67.95 5.56 -17.94
C1B CLA NC . 67.94 6.87 -18.28
C2B CLA NC . 67.85 7.06 -19.76
C3B CLA NC . 67.85 5.78 -20.30
C4B CLA NC . 67.90 4.82 -19.15
CMB CLA NC . 67.84 8.38 -20.38
CAB CLA NC . 67.79 5.30 -21.66
CBB CLA NC . 68.00 6.02 -22.76
NC CLA NC . 68.00 2.94 -16.82
C1C CLA NC . 67.87 2.58 -18.14
C2C CLA NC . 67.82 1.13 -18.32
C3C CLA NC . 67.92 0.61 -17.03
C4C CLA NC . 68.05 1.75 -16.11
CMC CLA NC . 67.70 0.48 -19.62
CAC CLA NC . 67.96 -0.81 -16.61
CBC CLA NC . 66.59 -1.37 -16.28
ND CLA NC . 68.15 4.05 -14.24
C1D CLA NC . 68.20 2.69 -13.84
C2D CLA NC . 68.21 2.66 -12.37
C3D CLA NC . 68.08 3.96 -11.94
C4D CLA NC . 68.05 4.79 -13.14
CMD CLA NC . 68.28 1.44 -11.56
CAD CLA NC . 68.02 4.85 -10.80
OBD CLA NC . 68.03 4.59 -9.62
CBD CLA NC . 67.92 6.31 -11.33
CGD CLA NC . 66.71 7.01 -10.79
O1D CLA NC . 66.61 7.64 -9.71
O2D CLA NC . 65.64 6.94 -11.64
CED CLA NC . 64.53 6.15 -11.22
C1 CLA NC . 67.26 12.73 -10.00
C2 CLA NC . 67.87 12.18 -8.76
C3 CLA NC . 68.90 12.80 -8.19
C4 CLA NC . 69.44 14.05 -8.76
C5 CLA NC . 69.52 12.24 -6.96
C6 CLA NC . 70.97 11.89 -7.22
C7 CLA NC . 71.17 10.47 -7.67
C8 CLA NC . 72.21 10.35 -8.80
C9 CLA NC . 71.77 11.07 -10.06
C10 CLA NC . 72.41 8.87 -9.06
C11 CLA NC . 72.33 8.38 -10.50
C12 CLA NC . 71.93 6.94 -10.45
C13 CLA NC . 72.67 6.09 -11.47
C14 CLA NC . 72.32 6.53 -12.87
C15 CLA NC . 72.27 4.63 -11.30
C16 CLA NC . 73.47 3.71 -11.20
C17 CLA NC . 73.38 2.58 -12.20
C18 CLA NC . 74.74 1.92 -12.41
C19 CLA NC . 75.08 1.90 -13.89
C20 CLA NC . 74.74 0.50 -11.90
HHB CLA NC . 67.88 8.95 -17.80
HHC CLA NC . 67.81 3.00 -20.23
HHD CLA NC . 68.18 0.62 -14.30
H2A CLA NC . 66.90 8.83 -13.08
H3A CLA NC . 68.65 9.77 -15.39
HMA1 CLA NC . 66.32 9.98 -16.50
HMA2 CLA NC . 66.32 10.68 -14.84
HMA3 CLA NC . 65.60 9.05 -15.12
HAA1 CLA NC . 69.94 9.11 -13.58
HAA2 CLA NC . 69.17 8.78 -11.98
HBA1 CLA NC . 68.17 11.18 -13.59
HBA2 CLA NC . 69.79 11.29 -12.77
HMB1 CLA NC . 67.20 8.38 -21.30
HMB2 CLA NC . 68.88 8.69 -20.67
HMB3 CLA NC . 67.43 9.15 -19.67
HAB CLA NC . 67.54 4.21 -21.74
HBB1 CLA NC . 68.25 7.08 -22.72
HBB2 CLA NC . 67.94 5.60 -23.78
HMC1 CLA NC . 67.60 -0.63 -19.49
HMC2 CLA NC . 68.61 0.67 -20.26
HMC3 CLA NC . 66.80 0.84 -20.17
HAC1 CLA NC . 68.62 -0.92 -15.72
HAC2 CLA NC . 68.41 -1.43 -17.43
HBC1 CLA NC . 66.66 -2.47 -16.10
HBC2 CLA NC . 65.88 -1.18 -17.12
HBC3 CLA NC . 66.19 -0.88 -15.35
HMD1 CLA NC . 67.91 1.63 -10.52
HMD2 CLA NC . 69.33 1.07 -11.49
HMD3 CLA NC . 67.64 0.63 -12.01
HBD CLA NC . 68.80 6.91 -10.97
HED1 CLA NC . 63.77 6.31 -12.03
HED2 CLA NC . 64.24 6.60 -10.23
HED3 CLA NC . 64.94 5.12 -11.16
H11 CLA NC . 66.24 12.29 -10.19
H12 CLA NC . 67.16 13.85 -9.96
H2 CLA NC . 67.43 11.25 -8.34
H41 CLA NC . 70.32 14.43 -8.17
H42 CLA NC . 68.68 14.86 -8.78
H43 CLA NC . 69.79 13.90 -9.82
H51 CLA NC . 68.96 11.31 -6.64
H52 CLA NC . 69.44 12.98 -6.12
H61 CLA NC . 71.57 12.06 -6.28
H62 CLA NC . 71.38 12.58 -8.00
H71 CLA NC . 70.19 10.06 -8.02
H72 CLA NC . 71.49 9.85 -6.79
H8 CLA NC . 73.18 10.84 -8.49
H91 CLA NC . 72.50 10.89 -10.88
H92 CLA NC . 71.71 12.17 -9.87
H93 CLA NC . 70.76 10.71 -10.38
H101 CLA NC . 71.64 8.30 -8.47
H102 CLA NC . 73.41 8.58 -8.67
H111 CLA NC . 73.31 8.51 -11.03
H112 CLA NC . 71.58 8.98 -11.08
H121 CLA NC . 70.83 6.86 -10.62
H122 CLA NC . 72.14 6.55 -9.42
H13 CLA NC . 73.78 6.21 -11.31
H141 CLA NC . 72.85 5.89 -13.63
H142 CLA NC . 72.64 7.60 -13.03
H143 CLA NC . 71.23 6.45 -13.05
H151 CLA NC . 71.64 4.31 -12.15
H152 CLA NC . 71.65 4.52 -10.36
H161 CLA NC . 73.53 3.28 -10.16
H162 CLA NC . 74.41 4.29 -11.37
H171 CLA NC . 73.00 2.97 -13.18
H172 CLA NC . 72.65 1.81 -11.84
H18 CLA NC . 75.50 2.51 -11.84
H191 CLA NC . 76.06 1.39 -14.05
H192 CLA NC . 75.17 2.95 -14.28
H193 CLA NC . 74.30 1.37 -14.46
H201 CLA NC . 75.69 -0.01 -12.18
H202 CLA NC . 73.89 -0.07 -12.33
H203 CLA NC . 74.65 0.48 -10.79
MG CLA OC . 64.21 13.20 -18.37
CHA CLA OC . 63.55 11.32 -21.16
CHB CLA OC . 63.14 10.67 -16.34
CHC CLA OC . 64.39 15.36 -15.63
CHD CLA OC . 64.67 16.03 -20.49
NA CLA OC . 63.38 11.33 -18.70
C1A CLA OC . 63.35 10.68 -19.96
C2A CLA OC . 63.07 9.20 -19.79
C3A CLA OC . 62.73 9.06 -18.28
C4A CLA OC . 63.12 10.44 -17.71
CMA CLA OC . 61.25 8.70 -18.04
CAA CLA OC . 64.28 8.40 -20.23
CBA CLA OC . 64.06 6.88 -20.13
CGA CLA OC . 62.93 6.38 -20.99
O1A CLA OC . 63.04 5.65 -21.98
O2A CLA OC . 61.67 6.79 -20.62
NB CLA OC . 63.77 13.04 -16.33
C1B CLA OC . 63.48 11.89 -15.70
C2B CLA OC . 63.59 12.07 -14.23
C3B CLA OC . 63.94 13.41 -14.03
C4B CLA OC . 64.06 14.05 -15.38
CMB CLA OC . 63.39 11.01 -13.24
CAB CLA OC . 64.13 14.14 -12.80
CBB CLA OC . 64.45 13.60 -11.63
NC CLA OC . 64.52 15.30 -18.11
C1C CLA OC . 64.62 15.96 -16.90
C2C CLA OC . 64.94 17.38 -17.14
C3C CLA OC . 64.98 17.54 -18.53
C4C CLA OC . 64.72 16.24 -19.11
CMC CLA OC . 65.11 18.45 -16.14
CAC CLA OC . 65.19 18.77 -19.33
CBC CLA OC . 63.84 19.40 -19.64
ND CLA OC . 64.15 13.64 -20.35
C1D CLA OC . 64.40 14.84 -21.10
C2D CLA OC . 64.29 14.55 -22.54
C3D CLA OC . 64.03 13.21 -22.63
C4D CLA OC . 63.92 12.69 -21.25
CMD CLA OC . 64.44 15.57 -23.58
CAD CLA OC . 63.74 12.10 -23.51
OBD CLA OC . 63.71 12.04 -24.73
CBD CLA OC . 63.40 10.86 -22.61
CGD CLA OC . 62.02 10.31 -22.95
O1D CLA OC . 61.82 9.18 -23.38
O2D CLA OC . 60.94 11.14 -22.76
CED CLA OC . 59.76 10.55 -22.26
C1 CLA OC . 60.52 6.15 -21.24
C2 CLA OC . 59.30 6.94 -20.90
C3 CLA OC . 58.04 6.56 -21.20
C4 CLA OC . 57.66 5.31 -21.90
C5 CLA OC . 56.86 7.38 -20.85
C6 CLA OC . 57.14 8.50 -19.86
C7 CLA OC . 55.82 9.16 -19.54
C8 CLA OC . 55.90 10.00 -18.28
C9 CLA OC . 54.53 10.19 -17.66
C10 CLA OC . 56.50 11.35 -18.64
C11 CLA OC . 57.87 11.53 -18.04
C12 CLA OC . 58.09 13.02 -17.94
C13 CLA OC . 59.53 13.40 -18.21
C14 CLA OC . 60.30 13.41 -16.90
C15 CLA OC . 59.61 14.76 -18.87
C16 CLA OC . 60.48 14.71 -20.11
C17 CLA OC . 60.96 16.10 -20.50
C18 CLA OC . 60.20 16.70 -21.67
C19 CLA OC . 60.58 18.15 -21.86
C20 CLA OC . 60.50 15.97 -22.96
HHB CLA OC . 62.88 9.83 -15.68
HHC CLA OC . 64.47 16.04 -14.77
HHD CLA OC . 64.89 16.89 -21.15
H2A CLA OC . 62.17 8.91 -20.41
H3A CLA OC . 63.37 8.28 -17.77
HMA1 CLA OC . 60.90 9.08 -17.04
HMA2 CLA OC . 61.10 7.59 -18.07
HMA3 CLA OC . 60.60 9.16 -18.82
HAA1 CLA OC . 65.15 8.68 -19.58
HAA2 CLA OC . 64.54 8.66 -21.27
HBA1 CLA OC . 63.85 6.60 -19.06
HBA2 CLA OC . 65.01 6.36 -20.43
HMB1 CLA OC . 64.36 10.74 -12.75
HMB2 CLA OC . 62.97 10.09 -13.74
HMB3 CLA OC . 62.67 11.34 -12.45
HAB CLA OC . 63.99 15.23 -12.89
HBB1 CLA OC . 64.61 12.52 -11.51
HBB2 CLA OC . 64.58 14.19 -10.70
HMC1 CLA OC . 65.39 19.41 -16.62
HMC2 CLA OC . 65.90 18.17 -15.40
HMC3 CLA OC . 64.15 18.60 -15.57
HAC1 CLA OC . 65.74 18.55 -20.29
HAC2 CLA OC . 65.84 19.50 -18.76
HBC1 CLA OC . 63.99 20.38 -20.15
HBC2 CLA OC . 63.27 19.56 -18.70
HBC3 CLA OC . 63.26 18.73 -20.31
HMD1 CLA OC . 64.16 15.15 -24.58
HMD2 CLA OC . 65.49 15.94 -23.64
HMD3 CLA OC . 63.77 16.45 -23.38
HBD CLA OC . 64.13 10.04 -22.80
HED1 CLA OC . 58.96 11.28 -22.51
HED2 CLA OC . 59.96 10.44 -21.16
HED3 CLA OC . 59.69 9.57 -22.81
H11 CLA OC . 60.44 5.09 -20.83
H12 CLA OC . 60.70 6.10 -22.35
H2 CLA OC . 59.51 7.90 -20.39
H41 CLA OC . 56.55 5.24 -22.05
H42 CLA OC . 57.98 4.39 -21.33
H43 CLA OC . 58.14 5.24 -22.91
H51 CLA OC . 56.07 6.71 -20.42
H52 CLA OC . 56.43 7.82 -21.79
H61 CLA OC . 57.84 9.25 -20.31
H62 CLA OC . 57.62 8.11 -18.93
H71 CLA OC . 55.03 8.36 -19.42
H72 CLA OC . 55.50 9.80 -20.40
H8 CLA OC . 56.56 9.47 -17.52
H91 CLA OC . 54.60 10.84 -16.76
H92 CLA OC . 54.10 9.20 -17.37
H93 CLA OC . 53.84 10.66 -18.40
H101 CLA OC . 55.82 12.16 -18.27
H102 CLA OC . 56.56 11.45 -19.75
H111 CLA OC . 58.65 11.05 -18.68
H112 CLA OC . 57.93 11.05 -17.03
H121 CLA OC . 57.78 13.37 -16.92
H122 CLA OC . 57.42 13.53 -18.68
H13 CLA OC . 60.01 12.64 -18.90
H141 CLA OC . 61.36 13.73 -17.07
H142 CLA OC . 60.30 12.39 -16.45
H143 CLA OC . 59.83 14.11 -16.18
H151 CLA OC . 60.03 15.51 -18.16
H152 CLA OC . 58.58 15.11 -19.15
H161 CLA OC . 59.90 14.25 -20.96
H162 CLA OC . 61.36 14.05 -19.93
H171 CLA OC . 62.04 16.04 -20.77
H172 CLA OC . 60.86 16.78 -19.62
H18 CLA OC . 59.10 16.61 -21.43
H191 CLA OC . 59.86 18.65 -22.57
H192 CLA OC . 61.61 18.23 -22.29
H193 CLA OC . 60.56 18.70 -20.89
H201 CLA OC . 60.05 16.51 -23.83
H202 CLA OC . 60.10 14.94 -22.92
H203 CLA OC . 61.61 15.90 -23.12
MG CLA PC . 67.15 5.64 -27.00
CHA CLA PC . 69.11 3.16 -28.73
CHB CLA PC . 70.05 6.92 -25.80
CHC CLA PC . 65.38 8.43 -26.00
CHD CLA PC . 64.41 4.68 -29.04
NA CLA PC . 69.27 5.08 -27.24
C1A CLA PC . 69.85 4.00 -27.93
C2A CLA PC . 71.38 3.93 -27.73
C3A CLA PC . 71.65 5.19 -26.83
C4A CLA PC . 70.24 5.78 -26.57
CMA CLA PC . 72.41 4.90 -25.56
CAA CLA PC . 72.18 3.89 -29.02
CBA CLA PC . 71.78 5.02 -29.97
CGA CLA PC . 72.59 5.12 -31.24
O1A CLA PC . 73.62 4.52 -31.58
O2A CLA PC . 72.05 6.07 -32.09
NB CLA PC . 67.59 7.32 -26.04
C1B CLA PC . 68.83 7.61 -25.54
C2B CLA PC . 68.73 8.87 -24.73
C3B CLA PC . 67.43 9.29 -24.79
C4B CLA PC . 66.68 8.32 -25.63
CMB CLA PC . 69.83 9.58 -24.10
CAB CLA PC . 66.85 10.46 -24.21
CBB CLA PC . 67.18 10.92 -23.01
NC CLA PC . 65.20 6.41 -27.43
C1C CLA PC . 64.69 7.54 -26.88
C2C CLA PC . 63.32 7.73 -27.33
C3C CLA PC . 63.01 6.69 -28.20
C4C CLA PC . 64.22 5.84 -28.24
CMC CLA PC . 62.51 8.87 -26.95
CAC CLA PC . 61.70 6.50 -28.89
CBC CLA PC . 61.75 6.80 -30.38
ND CLA PC . 66.79 4.27 -28.49
C1D CLA PC . 65.58 3.97 -29.18
C2D CLA PC . 65.81 2.77 -30.04
C3D CLA PC . 67.13 2.40 -29.86
C4D CLA PC . 67.70 3.37 -28.91
CMD CLA PC . 64.80 2.18 -30.91
CAD CLA PC . 68.18 1.47 -30.26
OBD CLA PC . 68.14 0.48 -30.98
CBD CLA PC . 69.49 1.96 -29.58
CGD CLA PC . 70.14 0.88 -28.77
O1D CLA PC . 69.80 0.47 -27.66
O2D CLA PC . 71.24 0.32 -29.35
CED CLA PC . 71.61 -0.97 -28.84
C1 CLA PC . 72.76 6.37 -33.30
C2 CLA PC . 72.31 7.74 -33.68
C3 CLA PC . 73.06 8.59 -34.40
C4 CLA PC . 74.43 8.22 -34.89
C5 CLA PC . 72.51 9.95 -34.76
C6 CLA PC . 73.09 11.15 -34.03
C7 CLA PC . 72.69 11.13 -32.57
C8 CLA PC . 73.36 12.20 -31.73
C9 CLA PC . 73.80 11.64 -30.38
C10 CLA PC . 72.42 13.42 -31.60
C11 CLA PC . 72.82 14.44 -30.57
C12 CLA PC . 73.10 15.79 -31.19
C13 CLA PC . 73.72 16.74 -30.19
C14 CLA PC . 73.25 18.16 -30.53
C15 CLA PC . 75.24 16.62 -30.17
C16 CLA PC . 75.94 17.37 -29.05
C17 CLA PC . 77.44 17.27 -29.27
C18 CLA PC . 78.31 18.00 -28.26
C19 CLA PC . 77.82 17.86 -26.83
C20 CLA PC . 79.71 17.42 -28.37
HHB CLA PC . 70.95 7.34 -25.32
HHC CLA PC . 64.79 9.27 -25.61
HHD CLA PC . 63.53 4.32 -29.59
H2A CLA PC . 71.63 2.98 -27.17
H3A CLA PC . 72.24 5.94 -27.42
HMA1 CLA PC . 72.52 5.83 -24.94
HMA2 CLA PC . 73.43 4.51 -25.78
HMA3 CLA PC . 71.87 4.13 -24.94
HAA1 CLA PC . 72.03 2.91 -29.54
HAA2 CLA PC . 73.28 3.97 -28.79
HBA1 CLA PC . 71.86 6.00 -29.43
HBA2 CLA PC . 70.71 4.87 -30.27
HMB1 CLA PC . 69.58 10.67 -23.99
HMB2 CLA PC . 70.76 9.48 -24.70
HMB3 CLA PC . 70.02 9.15 -23.08
HAB CLA PC . 66.10 10.99 -24.83
HBB1 CLA PC . 67.93 10.41 -22.37
HBB2 CLA PC . 66.74 11.83 -22.57
HMC1 CLA PC . 61.62 8.98 -27.65
HMC2 CLA PC . 63.09 9.82 -27.00
HMC3 CLA PC . 62.11 8.76 -25.92
HAC1 CLA PC . 60.92 7.17 -28.42
HAC2 CLA PC . 61.35 5.45 -28.74
HBC1 CLA PC . 60.75 6.59 -30.84
HBC2 CLA PC . 62.52 6.16 -30.86
HBC3 CLA PC . 62.00 7.87 -30.54
HMD1 CLA PC . 65.22 1.28 -31.45
HMD2 CLA PC . 64.45 2.92 -31.68
HMD3 CLA PC . 63.91 1.85 -30.32
HBD CLA PC . 70.22 2.24 -30.39
HED1 CLA PC . 72.62 -1.16 -29.31
HED2 CLA PC . 70.80 -1.65 -29.21
HED3 CLA PC . 71.63 -0.83 -27.74
H11 CLA PC . 72.49 5.61 -34.08
H12 CLA PC . 73.86 6.33 -33.10
H2 CLA PC . 71.30 8.01 -33.33
H41 CLA PC . 75.02 9.12 -35.18
H42 CLA PC . 74.37 7.55 -35.78
H43 CLA PC . 75.01 7.67 -34.10
H51 CLA PC . 71.39 9.92 -34.58
H52 CLA PC . 72.67 10.09 -35.86
H61 CLA PC . 72.72 12.10 -34.50
H62 CLA PC . 74.21 11.15 -34.11
H71 CLA PC . 72.94 10.12 -32.15
H72 CLA PC . 71.58 11.24 -32.50
H8 CLA PC . 74.31 12.58 -32.23
H91 CLA PC . 74.68 12.20 -29.99
H92 CLA PC . 74.08 10.56 -30.48
H93 CLA PC . 72.97 11.72 -29.64
H101 CLA PC . 71.40 13.04 -31.34
H102 CLA PC . 72.35 13.93 -32.60
H111 CLA PC . 73.74 14.09 -30.03
H112 CLA PC . 72.01 14.54 -29.81
H121 CLA PC . 72.14 16.21 -31.59
H122 CLA PC . 73.80 15.64 -32.07
H13 CLA PC . 73.38 16.51 -29.14
H141 CLA PC . 73.92 18.92 -30.05
H142 CLA PC . 72.22 18.32 -30.16
H143 CLA PC . 73.27 18.32 -31.63
H151 CLA PC . 75.65 16.97 -31.15
H152 CLA PC . 75.52 15.53 -30.08
H161 CLA PC . 75.66 16.95 -28.05
H162 CLA PC . 75.62 18.45 -29.06
H171 CLA PC . 77.67 17.67 -30.29
H172 CLA PC . 77.72 16.19 -29.27
H18 CLA PC . 78.29 19.10 -28.50
H191 CLA PC . 78.53 18.35 -26.14
H192 CLA PC . 77.74 16.78 -26.57
H193 CLA PC . 76.82 18.33 -26.72
H201 CLA PC . 80.40 17.92 -27.65
H202 CLA PC . 80.11 17.55 -29.41
H203 CLA PC . 79.70 16.33 -28.13
MG CLA QC . 78.56 7.23 -10.43
CHA CLA QC . 76.45 9.56 -11.78
CHB CLA QC . 80.16 9.83 -8.68
CHC CLA QC . 81.28 5.19 -9.58
CHD CLA QC . 77.79 5.05 -13.03
NA CLA QC . 78.29 9.29 -10.25
C1A CLA QC . 77.29 10.05 -10.86
C2A CLA QC . 77.38 11.52 -10.47
C3A CLA QC . 78.54 11.56 -9.48
C4A CLA QC . 79.04 10.12 -9.45
CMA CLA QC . 79.65 12.46 -9.96
CAA CLA QC . 76.13 11.97 -9.77
CBA CLA QC . 76.11 13.47 -9.55
CGA CLA QC . 75.08 13.72 -8.51
O1A CLA QC . 74.36 12.87 -7.98
O2A CLA QC . 74.94 15.03 -8.12
NB CLA QC . 80.43 7.48 -9.32
C1B CLA QC . 80.78 8.58 -8.61
C2B CLA QC . 81.98 8.28 -7.77
C3B CLA QC . 82.30 6.97 -8.01
C4B CLA QC . 81.31 6.43 -9.01
CMB CLA QC . 82.58 9.28 -6.88
CAB CLA QC . 83.36 6.18 -7.48
CBB CLA QC . 84.30 5.61 -8.22
NC CLA QC . 79.33 5.42 -11.13
C1C CLA QC . 80.35 4.69 -10.56
C2C CLA QC . 80.42 3.37 -11.17
C3C CLA QC . 79.52 3.40 -12.24
C4C CLA QC . 78.84 4.68 -12.19
CMC CLA QC . 81.36 2.32 -10.77
CAC CLA QC . 79.21 2.31 -13.21
CBC CLA QC . 79.86 2.49 -14.57
ND CLA QC . 77.29 7.16 -11.95
C1D CLA QC . 77.05 6.20 -12.92
C2D CLA QC . 75.94 6.66 -13.79
C3D CLA QC . 75.61 7.93 -13.33
C4D CLA QC . 76.57 8.21 -12.25
CMD CLA QC . 75.35 5.89 -14.87
CAD CLA QC . 74.82 9.10 -13.54
OBD CLA QC . 73.93 9.25 -14.33
CBD CLA QC . 75.34 10.21 -12.60
CGD CLA QC . 75.82 11.43 -13.31
O1D CLA QC . 75.45 12.59 -13.14
O2D CLA QC . 76.78 11.17 -14.24
CED CLA QC . 77.16 12.28 -15.05
C1 CLA QC . 74.16 15.25 -6.92
C2 CLA QC . 75.03 15.85 -5.86
C3 CLA QC . 75.79 16.91 -6.07
C4 CLA QC . 75.91 17.59 -7.37
C5 CLA QC . 76.60 17.45 -4.96
C6 CLA QC . 77.89 16.69 -4.85
C7 CLA QC . 78.98 17.52 -5.47
C8 CLA QC . 80.23 16.74 -5.85
C9 CLA QC . 79.97 16.02 -7.16
C10 CLA QC . 80.69 15.81 -4.73
C11 CLA QC . 81.66 14.72 -5.16
C12 CLA QC . 83.09 15.23 -5.28
C13 CLA QC . 83.99 14.54 -4.25
C14 CLA QC . 85.27 15.31 -4.05
C15 CLA QC . 84.23 13.07 -4.65
C16 CLA QC . 84.04 12.12 -3.49
C17 CLA QC . 84.22 10.68 -3.93
C18 CLA QC . 84.49 9.74 -2.76
C19 CLA QC . 83.60 8.52 -2.86
C20 CLA QC . 85.93 9.30 -2.74
HHB CLA QC . 80.60 10.64 -8.09
HHC CLA QC . 82.06 4.46 -9.28
HHD CLA QC . 77.54 4.36 -13.86
H2A CLA QC . 77.55 12.12 -11.41
H3A CLA QC . 78.18 11.88 -8.46
HMA1 CLA QC . 80.43 12.61 -9.16
HMA2 CLA QC . 79.26 13.47 -10.24
HMA3 CLA QC . 80.16 12.03 -10.85
HAA1 CLA QC . 76.05 11.45 -8.77
HAA2 CLA QC . 75.23 11.66 -10.36
HBA1 CLA QC . 75.84 14.01 -10.50
HBA2 CLA QC . 77.12 13.84 -9.21
HMB1 CLA QC . 83.00 8.78 -5.97
HMB2 CLA QC . 81.82 10.03 -6.56
HMB3 CLA QC . 83.42 9.81 -7.40
HAB CLA QC . 83.36 6.06 -6.39
HBB1 CLA QC . 84.30 5.72 -9.32
HBB2 CLA QC . 85.11 5.01 -7.80
HMC1 CLA QC . 81.25 1.42 -11.43
HMC2 CLA QC . 81.17 2.01 -9.71
HMC3 CLA QC . 82.42 2.67 -10.85
HAC1 CLA QC . 78.09 2.24 -13.36
HAC2 CLA QC . 79.54 1.33 -12.79
HBC1 CLA QC . 79.52 1.68 -15.27
HBC2 CLA QC . 80.97 2.43 -14.48
HBC3 CLA QC . 79.59 3.48 -15.01
HMD1 CLA QC . 74.78 6.55 -15.57
HMD2 CLA QC . 74.66 5.11 -14.47
HMD3 CLA QC . 76.15 5.37 -15.46
HBD CLA QC . 74.49 10.55 -11.95
HED1 CLA QC . 77.81 11.83 -15.84
HED2 CLA QC . 77.70 12.96 -14.34
HED3 CLA QC . 76.19 12.69 -15.43
H11 CLA QC . 73.74 14.26 -6.59
H12 CLA QC . 73.31 15.94 -7.18
H2 CLA QC . 75.00 15.34 -4.88
H41 CLA QC . 76.27 18.64 -7.26
H42 CLA QC . 74.92 17.63 -7.90
H43 CLA QC . 76.63 17.06 -8.04
H51 CLA QC . 76.03 17.39 -3.99
H52 CLA QC . 76.82 18.54 -5.14
H61 CLA QC . 77.82 15.70 -5.37
H62 CLA QC . 78.14 16.48 -3.76
H71 CLA QC . 79.26 18.34 -4.75
H72 CLA QC . 78.56 18.02 -6.38
H8 CLA QC . 81.11 17.44 -6.00
H91 CLA QC . 80.92 15.84 -7.71
H92 CLA QC . 79.31 16.65 -7.82
H93 CLA QC . 79.46 15.05 -6.98
H101 CLA QC . 79.79 15.32 -4.28
H102 CLA QC . 81.18 16.42 -3.93
H111 CLA QC . 81.33 14.31 -6.16
H112 CLA QC . 81.62 13.88 -4.42
H121 CLA QC . 83.10 16.33 -5.11
H122 CLA QC . 83.47 15.03 -6.31
H13 CLA QC . 83.46 14.52 -3.25
H141 CLA QC . 85.93 14.79 -3.31
H142 CLA QC . 85.07 16.34 -3.69
H143 CLA QC . 85.84 15.39 -5.01
H151 CLA QC . 85.28 12.96 -5.03
H152 CLA QC . 83.54 12.78 -5.48
H161 CLA QC . 83.01 12.25 -3.06
H162 CLA QC . 84.76 12.36 -2.67
H171 CLA QC . 85.07 10.62 -4.66
H172 CLA QC . 83.30 10.34 -4.47
H18 CLA QC . 84.27 10.29 -1.81
H191 CLA QC . 83.85 7.79 -2.05
H192 CLA QC . 83.73 8.02 -3.85
H193 CLA QC . 82.53 8.81 -2.75
H201 CLA QC . 86.10 8.56 -1.92
H202 CLA QC . 86.61 10.17 -2.56
H203 CLA QC . 86.22 8.83 -3.70
MG CLA RC . 83.60 8.55 -19.10
CHA CLA RC . 86.37 6.85 -20.44
CHB CLA RC . 83.33 6.20 -16.69
CHC CLA RC . 81.52 10.62 -17.31
CHD CLA RC . 84.67 11.42 -21.01
NA CLA RC . 84.68 6.80 -18.68
C1A CLA RC . 85.77 6.25 -19.37
C2A CLA RC . 86.24 4.96 -18.69
C3A CLA RC . 85.14 4.69 -17.62
C4A CLA RC . 84.32 5.99 -17.64
CMA CLA RC . 84.31 3.47 -17.94
CAA CLA RC . 87.63 5.13 -18.06
CBA CLA RC . 87.68 6.13 -16.92
CGA CLA RC . 89.07 6.42 -16.39
O1A CLA RC . 89.97 5.63 -16.10
O2A CLA RC . 89.26 7.75 -16.26
NB CLA RC . 82.64 8.46 -17.33
C1B CLA RC . 82.53 7.33 -16.59
C2B CLA RC . 81.39 7.47 -15.64
C3B CLA RC . 80.85 8.72 -15.81
C4B CLA RC . 81.65 9.36 -16.88
CMB CLA RC . 81.05 6.41 -14.70
CAB CLA RC . 79.78 9.40 -15.16
CBB CLA RC . 79.41 9.19 -13.90
NC CLA RC . 83.15 10.60 -19.17
C1C CLA RC . 82.24 11.21 -18.36
C2C CLA RC . 82.10 12.61 -18.71
C3C CLA RC . 83.03 12.85 -19.71
C4C CLA RC . 83.68 11.58 -20.01
CMC CLA RC . 81.19 13.55 -18.03
CAC CLA RC . 83.32 14.12 -20.37
CBC CLA RC . 84.35 14.88 -19.54
ND CLA RC . 85.11 9.07 -20.50
C1D CLA RC . 85.38 10.25 -21.23
C2D CLA RC . 86.43 9.97 -22.23
C3D CLA RC . 86.77 8.64 -22.03
C4D CLA RC . 85.98 8.17 -20.88
CMD CLA RC . 86.96 10.89 -23.24
CAD CLA RC . 87.65 7.56 -22.43
OBD CLA RC . 88.38 7.50 -23.41
CBD CLA RC . 87.46 6.41 -21.39
CGD CLA RC . 87.06 5.14 -22.07
O1D CLA RC . 86.37 4.22 -21.63
O2D CLA RC . 87.52 5.02 -23.34
CED CLA RC . 87.53 3.72 -23.90
C1 CLA RC . 90.49 8.26 -15.69
C2 CLA RC . 90.02 9.03 -14.51
C3 CLA RC . 90.34 10.31 -14.26
C4 CLA RC . 91.20 11.15 -15.13
C5 CLA RC . 89.80 10.99 -13.06
C6 CLA RC . 88.78 12.05 -13.45
C7 CLA RC . 88.48 12.97 -12.30
C8 CLA RC . 87.22 13.75 -12.62
C9 CLA RC . 87.44 14.55 -13.89
C10 CLA RC . 86.86 14.62 -11.42
C11 CLA RC . 85.55 14.18 -10.82
C12 CLA RC . 85.10 15.18 -9.78
C13 CLA RC . 83.58 15.33 -9.70
C14 CLA RC . 82.95 13.99 -9.34
C15 CLA RC . 83.00 15.96 -10.97
C16 CLA RC . 81.96 17.05 -10.69
C17 CLA RC . 82.44 18.48 -10.91
C18 CLA RC . 81.33 19.44 -11.35
C19 CLA RC . 81.75 20.90 -11.50
C20 CLA RC . 80.15 19.33 -10.39
HHB CLA RC . 83.18 5.42 -15.93
HHC CLA RC . 80.79 11.28 -16.80
HHD CLA RC . 84.90 12.29 -21.64
H2A CLA RC . 86.27 4.14 -19.45
H3A CLA RC . 85.60 4.57 -16.60
HMA1 CLA RC . 83.57 3.29 -17.13
HMA2 CLA RC . 84.96 2.57 -18.03
HMA3 CLA RC . 83.76 3.61 -18.90
HAA1 CLA RC . 88.36 5.45 -18.86
HAA2 CLA RC . 87.98 4.12 -17.68
HBA1 CLA RC . 87.06 5.75 -16.07
HBA2 CLA RC . 87.24 7.10 -17.27
HMB1 CLA RC . 79.97 6.49 -14.40
HMB2 CLA RC . 81.69 6.48 -13.78
HMB3 CLA RC . 81.22 5.41 -15.18
HAB CLA RC . 79.24 10.15 -15.79
HBB1 CLA RC . 79.92 8.46 -13.26
HBB2 CLA RC . 78.57 9.73 -13.43
HMC1 CLA RC . 81.18 14.53 -18.56
HMC2 CLA RC . 81.51 13.72 -16.97
HMC3 CLA RC . 80.14 13.15 -18.03
HAC1 CLA RC . 82.40 14.74 -20.48
HAC2 CLA RC . 83.71 13.95 -21.41
HBC1 CLA RC . 84.64 15.81 -20.06
HBC2 CLA RC . 85.25 14.25 -19.40
HBC3 CLA RC . 83.92 15.13 -18.55
HMD1 CLA RC . 87.70 10.38 -23.89
HMD2 CLA RC . 87.48 11.75 -22.74
HMD3 CLA RC . 86.14 11.30 -23.87
HBD CLA RC . 88.45 6.26 -20.85
HED1 CLA RC . 88.45 3.70 -24.53
HED2 CLA RC . 86.58 3.66 -24.47
HED3 CLA RC . 87.57 3.05 -23.00
H11 CLA RC . 91.02 8.90 -16.45
H12 CLA RC . 91.16 7.40 -15.41
H2 CLA RC . 89.38 8.47 -13.83
H41 CLA RC . 91.37 12.16 -14.70
H42 CLA RC . 90.75 11.29 -16.15
H43 CLA RC . 92.21 10.67 -15.28
H51 CLA RC . 90.65 11.46 -12.49
H52 CLA RC . 89.33 10.23 -12.38
H61 CLA RC . 87.83 11.54 -13.78
H62 CLA RC . 89.16 12.64 -14.31
H71 CLA RC . 89.35 13.65 -12.12
H72 CLA RC . 88.35 12.37 -11.35
H8 CLA RC . 86.35 13.06 -12.81
H91 CLA RC . 86.70 15.38 -13.96
H92 CLA RC . 87.31 13.89 -14.79
H93 CLA RC . 88.47 14.98 -13.92
H101 CLA RC . 86.78 15.69 -11.75
H102 CLA RC . 87.67 14.57 -10.65
H111 CLA RC . 85.67 13.16 -10.37
H112 CLA RC . 84.78 14.09 -11.62
H121 CLA RC . 85.56 16.17 -10.01
H122 CLA RC . 85.49 14.85 -8.78
H13 CLA RC . 83.32 16.04 -8.86
H141 CLA RC . 81.90 14.13 -8.99
H142 CLA RC . 83.52 13.48 -8.54
H143 CLA RC . 82.93 13.32 -10.24
H151 CLA RC . 82.52 15.17 -11.60
H152 CLA RC . 83.82 16.41 -11.59
H161 CLA RC . 81.61 16.95 -9.64
H162 CLA RC . 81.07 16.87 -11.36
H171 CLA RC . 83.25 18.49 -11.69
H172 CLA RC . 82.90 18.87 -9.96
H18 CLA RC . 81.02 19.12 -12.38
H191 CLA RC . 80.89 21.52 -11.89
H192 CLA RC . 82.61 20.99 -12.21
H193 CLA RC . 82.06 21.32 -10.51
H201 CLA RC . 79.26 19.87 -10.79
H202 CLA RC . 80.41 19.76 -9.40
H203 CLA RC . 79.87 18.26 -10.24
C01 8CT SC . 82.20 32.30 -19.26
C02 8CT SC . 81.57 33.09 -18.19
C03 8CT SC . 81.82 32.86 -16.90
C04 8CT SC . 81.19 33.69 -15.83
C05 8CT SC . 80.16 34.69 -16.33
C06 8CT SC . 80.55 35.28 -17.64
C07 8CT SC . 80.74 34.20 -18.69
C08 8CT SC . 80.48 32.88 -14.78
C09 8CT SC . 82.27 34.51 -15.16
C10 8CT SC . 82.66 31.75 -16.49
C11 8CT SC . 82.33 30.47 -16.74
C12 8CT SC . 82.97 29.32 -16.11
C13 8CT SC . 82.73 28.07 -16.54
C14 8CT SC . 83.33 26.88 -15.96
C15 8CT SC . 82.82 25.66 -16.19
C16 8CT SC . 83.03 24.49 -15.35
C17 8CT SC . 82.66 23.28 -15.83
C18 8CT SC . 82.71 22.03 -15.09
C19 8CT SC . 82.46 20.87 -15.70
C20 8CT SC . 82.57 19.64 -14.95
C21 8CT SC . 81.99 18.47 -15.23
C22 8CT SC . 80.52 18.36 -15.39
C23 8CT SC . 82.71 17.23 -14.96
C24 8CT SC . 82.21 16.01 -15.14
C25 8CT SC . 82.96 14.89 -14.63
C26 8CT SC . 82.54 13.62 -14.47
C27 8CT SC . 81.12 13.26 -14.44
C28 8CT SC . 83.49 12.62 -14.01
C29 8CT SC . 83.13 11.38 -13.70
C30 8CT SC . 84.06 10.29 -13.44
C31 8CT SC . 84.94 9.90 -14.36
C32 8CT SC . 85.93 8.81 -14.23
C33 8CT SC . 86.14 8.42 -12.78
C34 8CT SC . 84.83 8.38 -12.02
C35 8CT SC . 83.98 9.63 -12.10
C36 8CT SC . 84.30 10.64 -11.00
C37 8CT SC . 82.57 9.16 -11.80
C38 8CT SC . 85.02 10.54 -15.68
C39 8CT SC . 83.35 24.70 -13.92
C40 8CT SC . 83.51 29.57 -14.77
H1 8CT SC . 81.84 31.27 -19.23
H2 8CT SC . 83.28 32.28 -19.13
H3 8CT SC . 81.98 32.71 -20.22
H6 8CT SC . 80.03 35.50 -15.61
H7 8CT SC . 79.19 34.22 -16.43
H8 8CT SC . 81.47 35.86 -17.54
H9 8CT SC . 79.80 35.99 -17.97
H10 8CT SC . 81.13 34.63 -19.60
H11 8CT SC . 79.77 33.85 -19.02
H12 8CT SC . 81.18 32.35 -14.16
H13 8CT SC . 79.82 32.16 -15.23
H14 8CT SC . 79.89 33.51 -14.14
H15 8CT SC . 83.00 33.86 -14.70
H16 8CT SC . 81.84 35.13 -14.39
H17 8CT SC . 82.77 35.14 -15.88
H18 8CT SC . 83.56 31.96 -15.97
H19 8CT SC . 81.55 30.29 -17.45
H20 8CT SC . 82.05 27.91 -17.36
H21 8CT SC . 84.18 26.99 -15.33
H22 8CT SC . 82.23 25.55 -17.07
H23 8CT SC . 82.29 23.23 -16.83
H24 8CT SC . 82.95 22.05 -14.06
H25 8CT SC . 82.17 20.85 -16.74
H26 8CT SC . 83.19 19.71 -14.08
H27 8CT SC . 80.26 17.75 -16.25
H28 8CT SC . 80.07 19.33 -15.54
H29 8CT SC . 80.06 17.92 -14.52
H30 8CT SC . 83.71 17.30 -14.59
H31 8CT SC . 81.28 15.88 -15.65
H32 8CT SC . 83.96 15.11 -14.35
H33 8CT SC . 80.93 12.38 -15.03
H34 8CT SC . 80.51 14.07 -14.82
H35 8CT SC . 80.80 13.06 -13.42
H36 8CT SC . 84.52 12.91 -13.92
H37 8CT SC . 82.09 11.16 -13.64
H40 8CT SC . 86.88 9.06 -14.69
H42 8CT SC . 86.83 9.12 -12.34
H43 8CT SC . 86.63 7.45 -12.76
H44 8CT SC . 85.08 8.15 -10.99
H45 8CT SC . 84.27 7.52 -12.38
H46 8CT SC . 84.39 10.13 -10.04
H47 8CT SC . 83.52 11.38 -10.91
H48 8CT SC . 85.24 11.14 -11.21
H49 8CT SC . 82.56 8.51 -10.94
H50 8CT SC . 82.16 8.61 -12.63
H51 8CT SC . 81.92 9.99 -11.60
H52 8CT SC . 85.52 9.92 -16.41
H53 8CT SC . 85.56 11.49 -15.65
H54 8CT SC . 84.04 10.77 -16.09
H55 8CT SC . 82.79 24.02 -13.32
H56 8CT SC . 83.10 25.71 -13.64
H57 8CT SC . 84.40 24.54 -13.75
H58 8CT SC . 83.67 28.65 -14.23
H59 8CT SC . 82.85 30.19 -14.19
H60 8CT SC . 84.47 30.08 -14.82
H272 8CT SC . 85.67 7.94 -14.83
C01 8CT TC . 57.73 -3.65 3.53
C02 8CT TC . 58.51 -4.57 2.70
C03 8CT TC . 59.28 -4.11 1.75
C04 8CT TC . 60.06 -5.05 0.91
C05 8CT TC . 59.61 -6.48 1.00
C06 8CT TC . 59.38 -6.89 2.41
C07 8CT TC . 58.36 -6.00 3.09
C08 8CT TC . 59.93 -4.68 -0.55
C09 8CT TC . 61.51 -4.91 1.33
C10 8CT TC . 59.41 -2.70 1.44
C11 8CT TC . 59.84 -1.80 2.32
C12 8CT TC . 60.00 -0.36 2.07
C13 8CT TC . 60.52 0.41 3.04
C14 8CT TC . 60.69 1.84 2.93
C15 8CT TC . 61.39 2.51 3.85
C16 8CT TC . 61.57 3.95 3.92
C17 8CT TC . 62.43 4.46 4.82
C18 8CT TC . 63.01 5.79 4.72
C19 8CT TC . 63.09 6.61 5.77
C20 8CT TC . 63.64 7.93 5.58
C21 8CT TC . 64.34 8.65 6.49
C22 8CT TC . 65.09 7.94 7.51
C23 8CT TC . 64.44 10.10 6.41
C24 8CT TC . 65.05 10.88 7.32
C25 8CT TC . 65.08 12.31 7.09
C26 8CT TC . 65.69 13.27 7.83
C27 8CT TC . 66.79 12.96 8.78
C28 8CT TC . 65.35 14.68 7.57
C29 8CT TC . 65.86 15.73 8.23
C30 8CT TC . 65.56 17.12 7.90
C31 8CT TC . 66.19 17.73 6.89
C32 8CT TC . 65.99 19.11 6.45
C33 8CT TC . 64.78 19.79 7.02
C34 8CT TC . 64.39 19.32 8.39
C35 8CT TC . 64.53 17.83 8.70
C36 8CT TC . 63.20 17.13 8.57
C37 8CT TC . 64.88 17.79 10.20
C38 8CT TC . 67.24 17.06 6.09
C39 8CT TC . 61.01 4.82 2.87
C40 8CT TC . 60.06 0.10 0.67
H1 8CT TC . 57.32 -2.85 2.92
H2 8CT TC . 58.35 -3.20 4.29
H3 8CT TC . 56.92 -4.17 4.01
H6 8CT TC . 60.34 -7.16 0.55
H7 8CT TC . 58.69 -6.64 0.43
H8 8CT TC . 60.32 -6.85 2.96
H9 8CT TC . 59.06 -7.92 2.46
H10 8CT TC . 58.40 -6.12 4.16
H11 8CT TC . 57.36 -6.36 2.87
H12 8CT TC . 60.58 -3.86 -0.80
H13 8CT TC . 58.92 -4.39 -0.78
H14 8CT TC . 60.19 -5.52 -1.17
H15 8CT TC . 61.91 -3.97 1.01
H16 8CT TC . 62.11 -5.70 0.90
H17 8CT TC . 61.60 -4.97 2.41
H18 8CT TC . 59.14 -2.38 0.45
H19 8CT TC . 60.09 -2.16 3.30
H20 8CT TC . 60.83 -0.04 3.96
H21 8CT TC . 60.23 2.35 2.12
H22 8CT TC . 61.89 1.92 4.60
H23 8CT TC . 62.72 3.88 5.65
H24 8CT TC . 63.38 6.12 3.78
H25 8CT TC . 62.75 6.29 6.74
H26 8CT TC . 63.47 8.37 4.63
H27 8CT TC . 66.06 8.37 7.66
H28 8CT TC . 65.24 6.90 7.26
H29 8CT TC . 64.58 7.97 8.47
H30 8CT TC . 64.01 10.59 5.56
H31 8CT TC . 65.49 10.44 8.19
H32 8CT TC . 64.55 12.64 6.23
H33 8CT TC . 67.59 13.70 8.68
H34 8CT TC . 67.21 11.98 8.56
H35 8CT TC . 66.44 12.97 9.79
H36 8CT TC . 64.66 14.86 6.79
H37 8CT TC . 66.52 15.54 9.05
H40 8CT TC . 65.96 19.19 5.36
H42 8CT TC . 63.96 19.63 6.32
H43 8CT TC . 64.97 20.86 7.02
H44 8CT TC . 63.37 19.64 8.55
H45 8CT TC . 64.97 19.91 9.09
H46 8CT TC . 62.43 17.64 9.15
H47 8CT TC . 63.26 16.10 8.91
H48 8CT TC . 62.88 17.12 7.53
H49 8CT TC . 64.31 18.52 10.74
H50 8CT TC . 65.93 18.00 10.35
H51 8CT TC . 64.68 16.82 10.62
H52 8CT TC . 67.97 17.77 5.71
H53 8CT TC . 66.83 16.54 5.23
H54 8CT TC . 67.79 16.32 6.67
H55 8CT TC . 60.82 5.81 3.27
H56 8CT TC . 60.08 4.41 2.51
H57 8CT TC . 61.69 4.91 2.04
H58 8CT TC . 59.86 1.16 0.61
H59 8CT TC . 59.32 -0.40 0.06
H60 8CT TC . 61.02 -0.09 0.23
H272 8CT TC . 66.87 19.72 6.65
C1A DGD UC . 47.67 16.53 5.02
C2A DGD UC . 47.19 15.17 5.05
C3A DGD UC . 48.11 14.23 4.24
C4A DGD UC . 47.66 12.78 4.52
C5A DGD UC . 48.63 11.78 3.92
C6A DGD UC . 48.43 10.37 4.48
C7A DGD UC . 49.85 9.77 4.65
C8A DGD UC . 49.81 8.27 5.04
C9A DGD UC . 51.12 7.95 5.82
CAA DGD UC . 51.17 6.49 6.28
CBA DGD UC . 51.25 5.48 5.08
CCA DGD UC . 52.67 5.53 4.42
CDA DGD UC . 52.92 4.25 3.51
CEA DGD UC . 53.94 4.55 2.38
CFA DGD UC . 54.58 3.24 1.82
CGA DGD UC . 56.09 3.45 1.71
O1A DGD UC . 47.59 17.40 5.93
C1B DGD UC . 52.69 16.04 4.43
C2B DGD UC . 53.60 15.70 3.38
C3B DGD UC . 53.32 14.30 3.00
C4B DGD UC . 51.97 14.20 2.40
C5B DGD UC . 52.08 13.09 1.39
C6B DGD UC . 50.61 12.86 1.07
C7B DGD UC . 50.53 12.83 -0.41
C8B DGD UC . 49.58 11.74 -0.71
C9B DGD UC . 49.73 11.47 -2.18
CAB DGD UC . 48.92 10.26 -2.42
CBB DGD UC . 49.20 9.90 -3.86
CCB DGD UC . 48.05 9.06 -4.23
CDB DGD UC . 48.40 8.58 -5.60
CEB DGD UC . 47.24 7.72 -6.08
CFB DGD UC . 47.85 6.36 -6.43
CGB DGD UC . 46.86 5.59 -7.31
O1B DGD UC . 52.58 15.37 5.44
O1G DGD UC . 48.70 16.47 4.13
C1G DGD UC . 49.54 17.62 3.97
C2G DGD UC . 50.82 17.47 4.87
O2G DGD UC . 51.79 16.96 4.02
C3G DGD UC . 51.29 18.90 5.26
O3G DGD UC . 50.44 19.23 6.33
C1D DGD UC . 50.21 20.58 6.48
C2D DGD UC . 48.98 20.72 7.47
O2D DGD UC . 47.78 20.45 6.68
C3D DGD UC . 48.95 22.18 7.99
O3D DGD UC . 47.99 22.28 9.04
C4D DGD UC . 50.35 22.58 8.61
O4D DGD UC . 50.68 21.72 9.65
C5D DGD UC . 51.34 22.41 7.47
O5D DGD UC . 52.80 24.21 7.68
C6D DGD UC . 52.78 22.81 7.84
O6D DGD UC . 51.42 21.02 7.07
C1E DGD UC . 53.07 24.94 8.87
C2E DGD UC . 52.20 26.22 8.87
O2E DGD UC . 50.81 25.84 8.92
C3E DGD UC . 52.53 26.98 7.61
O3E DGD UC . 51.77 28.17 7.67
C4E DGD UC . 54.10 27.33 7.64
O4E DGD UC . 54.47 28.09 8.76
C5E DGD UC . 54.88 26.03 7.74
O6E DGD UC . 54.45 25.26 8.87
C6E DGD UC . 56.39 26.21 7.99
O5E DGD UC . 56.81 27.43 7.36
HA21 DGD UC . 46.15 15.16 4.66
HA22 DGD UC . 47.11 14.85 6.11
HA31 DGD UC . 49.17 14.37 4.52
HA32 DGD UC . 48.06 14.46 3.17
HA41 DGD UC . 46.63 12.61 4.12
HA42 DGD UC . 47.56 12.61 5.62
HA51 DGD UC . 49.68 12.13 4.08
HA52 DGD UC . 48.54 11.78 2.81
HA61 DGD UC . 47.77 9.77 3.82
HA62 DGD UC . 47.85 10.41 5.43
HA71 DGD UC . 50.40 10.38 5.39
HA72 DGD UC . 50.42 9.95 3.71
HA81 DGD UC . 49.69 7.64 4.13
HA82 DGD UC . 48.90 8.04 5.61
HA91 DGD UC . 51.21 8.65 6.67
HA92 DGD UC . 52.00 8.19 5.17
HAT1 DGD UC . 50.28 6.28 6.93
HAT2 DGD UC . 52.03 6.35 6.98
HAE1 DGD UC . 50.44 5.70 4.35
HAE2 DGD UC . 51.00 4.45 5.43
HAW1 DGD UC . 53.47 5.61 5.18
HAW2 DGD UC . 52.79 6.45 3.80
HAH1 DGD UC . 51.98 3.86 3.05
HAH2 DGD UC . 53.29 3.38 4.10
HAF1 DGD UC . 54.72 5.25 2.75
HAF2 DGD UC . 53.44 5.13 1.56
HAN1 DGD UC . 54.16 2.96 0.83
HAN2 DGD UC . 54.36 2.37 2.46
HB21 DGD UC . 54.65 15.84 3.70
HB22 DGD UC . 53.46 16.39 2.52
HB31 DGD UC . 53.41 13.63 3.88
HB32 DGD UC . 54.10 13.91 2.30
HB41 DGD UC . 51.64 15.15 1.93
HB42 DGD UC . 51.18 14.00 3.15
HB51 DGD UC . 52.60 12.20 1.79
HB52 DGD UC . 52.70 13.35 0.51
HB61 DGD UC . 49.91 13.63 1.45
HB62 DGD UC . 50.17 11.94 1.49
HB71 DGD UC . 51.51 12.63 -0.91
HB72 DGD UC . 50.20 13.77 -0.87
HB81 DGD UC . 48.55 12.03 -0.43
HB82 DGD UC . 49.78 10.85 -0.08
HB91 DGD UC . 50.80 11.35 -2.47
HB92 DGD UC . 49.41 12.34 -2.79
HBT1 DGD UC . 47.84 10.43 -2.26
HBT2 DGD UC . 49.19 9.42 -1.75
HBE1 DGD UC . 50.17 9.38 -3.98
HBE2 DGD UC . 49.30 10.81 -4.50
HBW1 DGD UC . 47.10 9.63 -4.20
HBW2 DGD UC . 47.90 8.24 -3.50
HBH1 DGD UC . 49.36 8.00 -5.60
HBH2 DGD UC . 48.60 9.42 -6.30
HBF1 DGD UC . 46.72 8.21 -6.92
HBF2 DGD UC . 46.46 7.66 -5.28
HBN1 DGD UC . 48.12 5.81 -5.51
HBN2 DGD UC . 48.83 6.50 -6.93
HG11 DGD UC . 49.05 18.58 4.27
HG12 DGD UC . 49.90 17.77 2.93
HG2 DGD UC . 50.59 16.86 5.80
HG31 DGD UC . 51.21 19.60 4.39
HG32 DGD UC . 52.37 18.92 5.53
HD1 DGD UC . 50.02 21.12 5.51
HD2 DGD UC . 49.09 20.01 8.34
HO2D DGD UC . 47.63 19.50 6.70
HD3 DGD UC . 48.74 22.84 7.12
HO3D DGD UC . 48.27 23.03 9.58
HD4 DGD UC . 50.39 23.65 8.97
HO4D DGD UC . 50.77 20.84 9.27
HD5 DGD UC . 51.01 23.01 6.57
HD61 DGD UC . 53.57 22.36 7.22
HD62 DGD UC . 53.06 22.58 8.89
HE1 DGD UC . 52.94 24.36 9.82
HE2 DGD UC . 52.45 26.83 9.78
HO2E DGD UC . 50.36 26.52 9.41
HE3 DGD UC . 52.29 26.37 6.70
HO3E DGD UC . 51.72 28.52 6.78
HE4 DGD UC . 54.34 27.88 6.70
HO4E DGD UC . 54.22 28.98 8.59
HE5 DGD UC . 54.77 25.47 6.78
HE61 DGD UC . 56.95 25.34 7.58
HE62 DGD UC . 56.60 26.23 9.08
HO5E DGD UC . 57.17 27.19 6.51
C1A DGD VC . 52.08 28.54 -24.42
C2A DGD VC . 52.05 28.37 -25.89
C3A DGD VC . 53.10 27.36 -26.26
C4A DGD VC . 52.60 25.97 -25.90
C5A DGD VC . 51.41 25.59 -26.78
C6A DGD VC . 51.44 24.10 -27.12
C7A DGD VC . 51.13 23.37 -25.80
C8A DGD VC . 52.17 22.30 -25.51
C9A DGD VC . 51.44 20.94 -25.47
CAA DGD VC . 52.25 19.90 -26.26
CBA DGD VC . 51.35 19.32 -27.37
CCA DGD VC . 52.14 19.23 -28.72
CDA DGD VC . 52.26 20.65 -29.39
CEA DGD VC . 52.89 20.46 -30.81
CFA DGD VC . 52.75 21.75 -31.66
CGA DGD VC . 51.70 21.48 -32.77
O1A DGD VC . 52.41 27.70 -23.60
C1B DGD VC . 55.04 28.90 -21.55
C2B DGD VC . 55.76 27.67 -22.03
C3B DGD VC . 55.95 26.70 -20.89
C4B DGD VC . 56.20 25.29 -21.43
C5B DGD VC . 56.49 24.45 -20.23
C6B DGD VC . 55.14 23.93 -19.66
C7B DGD VC . 55.51 23.41 -18.25
C8B DGD VC . 54.29 23.58 -17.39
C9B DGD VC . 54.18 22.34 -16.53
CAB DGD VC . 52.93 22.58 -15.67
CBB DGD VC . 52.17 21.26 -15.61
CCB DGD VC . 50.72 21.64 -15.33
CDB DGD VC . 50.01 20.42 -15.77
CEB DGD VC . 48.58 20.68 -15.50
CFB DGD VC . 47.99 21.07 -16.86
CGB DGD VC . 46.73 21.83 -16.54
O1B DGD VC . 54.95 29.30 -20.38
O1G DGD VC . 52.28 29.83 -24.13
C1G DGD VC . 52.40 30.18 -22.75
C2G DGD VC . 53.84 30.72 -22.45
O2G DGD VC . 54.78 29.72 -22.62
C3G DGD VC . 54.14 31.82 -23.46
O3G DGD VC . 53.06 32.69 -23.20
C1D DGD VC . 53.31 33.60 -22.17
C2D DGD VC . 52.65 34.93 -22.61
O2D DGD VC . 53.47 35.46 -23.63
C3D DGD VC . 52.75 35.85 -21.38
O3D DGD VC . 52.04 37.02 -21.62
C4D DGD VC . 52.09 35.18 -20.07
O4D DGD VC . 50.69 35.03 -20.14
C5D DGD VC . 52.73 33.74 -19.89
O5D DGD VC . 52.06 33.74 -17.65
C6D DGD VC . 51.98 32.92 -18.78
O6D DGD VC . 52.59 33.02 -21.04
C1E DGD VC . 53.17 33.59 -16.84
C2E DGD VC . 52.81 33.41 -15.28
O2E DGD VC . 51.99 32.31 -15.09
C3E DGD VC . 52.11 34.69 -14.76
O3E DGD VC . 51.94 34.52 -13.40
C4E DGD VC . 53.03 35.92 -15.02
O4E DGD VC . 54.28 35.76 -14.37
C5E DGD VC . 53.30 35.99 -16.54
O6E DGD VC . 53.89 34.80 -17.05
C6E DGD VC . 54.32 37.10 -16.90
O5E DGD VC . 53.66 38.21 -16.61
HA21 DGD VC . 52.21 29.36 -26.38
HA22 DGD VC . 51.02 28.07 -26.21
HA31 DGD VC . 54.05 27.57 -25.74
HA32 DGD VC . 53.33 27.41 -27.33
HA41 DGD VC . 52.32 25.92 -24.82
HA42 DGD VC . 53.42 25.22 -26.01
HA51 DGD VC . 51.40 26.22 -27.71
HA52 DGD VC . 50.45 25.87 -26.27
HA61 DGD VC . 52.42 23.82 -27.57
HA62 DGD VC . 50.71 23.86 -27.93
HA71 DGD VC . 50.10 22.97 -25.84
HA72 DGD VC . 51.06 24.12 -24.99
HA81 DGD VC . 52.71 22.52 -24.56
HA82 DGD VC . 52.98 22.34 -26.26
HA91 DGD VC . 50.42 21.06 -25.89
HA92 DGD VC . 51.27 20.62 -24.42
HAT1 DGD VC . 52.63 19.10 -25.58
HAT2 DGD VC . 53.18 20.35 -26.67
HAE1 DGD VC . 50.44 19.94 -27.48
HAE2 DGD VC . 50.95 18.33 -27.06
HAW1 DGD VC . 51.67 18.53 -29.43
HAW2 DGD VC . 53.15 18.81 -28.57
HAH1 DGD VC . 52.89 21.37 -28.80
HAH2 DGD VC . 51.29 21.18 -29.48
HAF1 DGD VC . 52.42 19.59 -31.31
HAF2 DGD VC . 53.95 20.17 -30.72
HAN1 DGD VC . 53.71 22.06 -32.11
HAN2 DGD VC . 52.45 22.62 -31.05
HB21 DGD VC . 56.74 27.98 -22.47
HB22 DGD VC . 55.20 27.21 -22.87
HB31 DGD VC . 55.07 26.71 -20.22
HB32 DGD VC . 56.79 27.02 -20.23
HB41 DGD VC . 57.04 25.26 -22.17
HB42 DGD VC . 55.34 24.90 -22.02
HB51 DGD VC . 57.06 25.02 -19.47
HB52 DGD VC . 57.18 23.62 -20.48
HB61 DGD VC . 54.66 23.13 -20.24
HB62 DGD VC . 54.34 24.69 -19.59
HB71 DGD VC . 56.36 23.94 -17.78
HB72 DGD VC . 55.84 22.35 -18.23
HB81 DGD VC . 53.39 23.74 -18.03
HB82 DGD VC . 54.36 24.51 -16.79
HB91 DGD VC . 55.11 22.18 -15.93
HB92 DGD VC . 54.12 21.41 -17.15
HBT1 DGD VC . 52.28 23.38 -16.08
HBT2 DGD VC . 53.18 22.91 -14.64
HBE1 DGD VC . 52.57 20.57 -14.84
HBE2 DGD VC . 52.26 20.68 -16.56
HBW1 DGD VC . 50.42 22.56 -15.88
HBW2 DGD VC . 50.55 21.90 -14.27
HBH1 DGD VC . 50.37 19.52 -15.23
HBH2 DGD VC . 50.19 20.20 -16.85
HBF1 DGD VC . 48.47 21.46 -14.72
HBF2 DGD VC . 48.11 19.78 -15.06
HBN1 DGD VC . 47.79 20.19 -17.49
HBN2 DGD VC . 48.70 21.67 -17.47
HG11 DGD VC . 52.23 29.31 -22.06
HG12 DGD VC . 51.68 30.98 -22.43
HG2 DGD VC . 53.85 31.14 -21.40
HG31 DGD VC . 54.17 31.43 -24.50
HG32 DGD VC . 55.15 32.28 -23.29
HD1 DGD VC . 54.39 33.72 -21.93
HD2 DGD VC . 51.60 34.78 -22.97
HO2D DGD VC . 53.75 34.73 -24.18
HD3 DGD VC . 53.84 36.01 -21.18
HO3D DGD VC . 52.54 37.72 -21.20
HD4 DGD VC . 52.35 35.82 -19.19
HO4D DGD VC . 50.46 34.98 -21.07
HD5 DGD VC . 53.82 33.83 -19.65
HD61 DGD VC . 52.44 31.93 -18.55
HD62 DGD VC . 50.91 32.70 -19.00
HE1 DGD VC . 53.81 32.72 -17.13
HE2 DGD VC . 53.80 33.27 -14.78
HO2E DGD VC . 51.27 32.60 -14.54
HE3 DGD VC . 51.13 34.82 -15.29
HO3E DGD VC . 52.74 34.12 -13.06
HE4 DGD VC . 52.53 36.86 -14.66
HO4E DGD VC . 54.53 36.63 -14.03
HE5 DGD VC . 52.32 36.21 -17.06
HE61 DGD VC . 54.62 37.05 -17.98
HE62 DGD VC . 55.27 36.99 -16.32
HO5E DGD VC . 54.10 38.61 -15.86
C1A DGD WC . 43.96 28.52 -26.75
C2A DGD WC . 43.38 27.22 -26.44
C3A DGD WC . 42.57 26.71 -27.60
C4A DGD WC . 42.14 25.33 -27.19
C5A DGD WC . 43.15 24.32 -27.72
C6A DGD WC . 43.38 23.23 -26.72
C7A DGD WC . 42.02 22.64 -26.46
C8A DGD WC . 42.05 21.13 -26.38
C9A DGD WC . 43.16 20.68 -25.38
CAA DGD WC . 42.90 19.23 -24.88
CBA DGD WC . 42.40 18.31 -26.04
CCA DGD WC . 41.50 17.23 -25.43
CDA DGD WC . 40.15 17.20 -26.16
CEA DGD WC . 39.83 15.73 -26.51
CFA DGD WC . 39.98 15.47 -28.00
CGA DGD WC . 39.71 13.98 -28.23
O1A DGD WC . 44.28 28.96 -27.82
C1B DGD WC . 47.34 29.14 -23.32
C2B DGD WC . 48.62 28.58 -23.76
C3B DGD WC . 49.19 27.69 -22.74
C4B DGD WC . 48.21 26.62 -22.31
C5B DGD WC . 48.32 25.58 -23.37
C6B DGD WC . 47.80 24.30 -22.69
C7B DGD WC . 47.34 23.40 -23.83
C8B DGD WC . 46.54 22.35 -23.17
C9B DGD WC . 47.50 21.29 -22.71
CAB DGD WC . 46.72 19.98 -22.85
CBB DGD WC . 47.67 19.04 -23.48
CCB DGD WC . 46.91 17.77 -23.65
CDB DGD WC . 48.00 16.82 -24.00
CEB DGD WC . 48.51 16.22 -22.74
CFB DGD WC . 49.69 15.40 -23.21
CGB DGD WC . 49.08 14.14 -23.78
O1B DGD WC . 47.03 29.37 -22.15
O1G DGD WC . 44.46 28.99 -25.62
C1G DGD WC . 44.75 30.33 -25.50
C2G DGD WC . 45.56 30.44 -24.21
O2G DGD WC . 46.74 29.77 -24.38
C3G DGD WC . 45.94 31.90 -24.06
O3G DGD WC . 44.65 32.50 -23.95
C1D DGD WC . 44.79 33.92 -23.93
C2D DGD WC . 43.39 34.43 -24.37
O2D DGD WC . 43.32 34.16 -25.75
C3D DGD WC . 43.36 35.93 -24.11
O3D DGD WC . 42.04 36.42 -24.32
C4D DGD WC . 43.65 36.15 -22.59
O4D DGD WC . 42.75 35.41 -21.82
C5D DGD WC . 45.08 35.59 -22.26
O5D DGD WC . 45.21 36.97 -20.29
C6D DGD WC . 45.40 35.63 -20.72
O6D DGD WC . 45.12 34.21 -22.60
C1E DGD WC . 45.96 37.45 -19.22
C2E DGD WC . 45.29 38.75 -18.71
O2E DGD WC . 43.97 38.46 -18.31
C3E DGD WC . 45.24 39.77 -19.82
O3E DGD WC . 44.73 40.92 -19.16
C4E DGD WC . 46.68 40.03 -20.34
O4E DGD WC . 47.47 40.51 -19.27
C5E DGD WC . 47.27 38.70 -20.81
O6E DGD WC . 47.27 37.71 -19.73
C6E DGD WC . 48.76 38.79 -21.24
O5E DGD WC . 49.09 37.51 -21.76
HA21 DGD WC . 42.78 27.32 -25.51
HA22 DGD WC . 44.21 26.52 -26.17
HA31 DGD WC . 43.15 26.70 -28.53
HA32 DGD WC . 41.70 27.36 -27.81
HA41 DGD WC . 41.12 25.11 -27.58
HA42 DGD WC . 42.05 25.26 -26.09
HA51 DGD WC . 44.10 24.84 -28.00
HA52 DGD WC . 42.79 23.91 -28.69
HA61 DGD WC . 43.88 23.62 -25.81
HA62 DGD WC . 44.12 22.49 -27.10
HA71 DGD WC . 41.33 23.01 -27.25
HA72 DGD WC . 41.61 23.12 -25.55
HA81 DGD WC . 42.20 20.70 -27.39
HA82 DGD WC . 41.05 20.75 -26.09
HA91 DGD WC . 43.22 21.40 -24.54
HA92 DGD WC . 44.15 20.75 -25.89
HAT1 DGD WC . 42.16 19.26 -24.04
HAT2 DGD WC . 43.81 18.82 -24.39
HAE1 DGD WC . 43.26 17.88 -26.58
HAE2 DGD WC . 41.87 18.89 -26.81
HAW1 DGD WC . 41.34 17.40 -24.36
HAW2 DGD WC . 41.97 16.23 -25.49
HAH1 DGD WC . 40.14 17.82 -27.09
HAH2 DGD WC . 39.33 17.64 -25.56
HAF1 DGD WC . 38.79 15.48 -26.17
HAF2 DGD WC . 40.47 15.04 -25.92
HAN1 DGD WC . 41.00 15.74 -28.36
HAN2 DGD WC . 39.30 16.10 -28.61
HB21 DGD WC . 49.31 29.40 -24.00
HB22 DGD WC . 48.45 28.04 -24.71
HB31 DGD WC . 49.53 28.29 -21.87
HB32 DGD WC . 50.13 27.24 -23.12
HB41 DGD WC . 47.18 27.00 -22.20
HB42 DGD WC . 48.43 26.21 -21.29
HB51 DGD WC . 49.36 25.46 -23.76
HB52 DGD WC . 47.76 25.85 -24.29
HB61 DGD WC . 46.96 24.45 -21.99
HB62 DGD WC . 48.53 23.77 -22.07
HB71 DGD WC . 48.16 22.95 -24.41
HB72 DGD WC . 46.74 23.91 -24.60
HB81 DGD WC . 45.78 21.96 -23.87
HB82 DGD WC . 45.95 22.78 -22.34
HB91 DGD WC . 47.83 21.47 -21.66
HB92 DGD WC . 48.44 21.29 -23.29
HBT1 DGD WC . 45.81 20.08 -23.47
HBT2 DGD WC . 46.36 19.58 -21.88
HBE1 DGD WC . 48.59 18.90 -22.87
HBE2 DGD WC . 48.06 19.43 -24.45
HBW1 DGD WC . 46.13 17.84 -24.43
HBW2 DGD WC . 46.36 17.48 -22.72
HBH1 DGD WC . 48.82 17.33 -24.56
HBH2 DGD WC . 47.64 16.03 -24.70
HBF1 DGD WC . 47.73 15.62 -22.23
HBF2 DGD WC . 48.77 17.00 -21.99
HBN1 DGD WC . 50.41 15.20 -22.39
HBN2 DGD WC . 50.31 15.95 -23.93
HG11 DGD WC . 43.86 30.99 -25.42
HG12 DGD WC . 45.38 30.74 -26.33
HG2 DGD WC . 44.93 30.08 -23.34
HG31 DGD WC . 46.54 32.26 -24.92
HG32 DGD WC . 46.59 32.07 -23.17
HD1 DGD WC . 45.62 34.31 -24.59
HD2 DGD WC . 42.55 33.95 -23.79
HO2D DGD WC . 44.19 34.34 -26.12
HD3 DGD WC . 44.12 36.42 -24.76
HO3D DGD WC . 41.65 35.86 -24.99
HD4 DGD WC . 43.63 37.25 -22.38
HO4D DGD WC . 42.31 36.04 -21.24
HD5 DGD WC . 45.87 36.17 -22.82
HD61 DGD WC . 46.44 35.33 -20.46
HD62 DGD WC . 44.75 34.97 -20.11
HE1 DGD WC . 46.14 36.70 -18.39
HE2 DGD WC . 45.94 39.09 -17.86
HO2E DGD WC . 43.85 37.52 -18.36
HE3 DGD WC . 44.60 39.42 -20.67
HO3E DGD WC . 45.28 41.65 -19.45
HE4 DGD WC . 46.66 40.74 -21.21
HO4E DGD WC . 48.35 40.63 -19.61
HE5 DGD WC . 46.69 38.34 -21.70
HE61 DGD WC . 49.40 39.07 -20.38
HE62 DGD WC . 48.89 39.60 -22.00
HO5E DGD WC . 49.50 37.03 -21.05
C1 LMG XC . 57.03 35.95 -21.90
O1 LMG XC . 57.82 35.07 -22.68
C2 LMG XC . 57.04 35.33 -20.45
O2 LMG XC . 56.14 34.26 -20.52
C3 LMG XC . 56.46 36.39 -19.48
O3 LMG XC . 56.55 35.84 -18.19
C4 LMG XC . 57.28 37.74 -19.59
O4 LMG XC . 58.64 37.49 -19.24
C5 LMG XC . 57.17 38.18 -21.08
O5 LMG XC . 57.68 39.88 -22.68
C6 LMG XC . 57.83 39.57 -21.29
O6 LMG XC . 57.77 37.22 -21.91
C7 LMG XC . 57.45 34.96 -24.05
C8 LMG XC . 58.31 33.78 -24.61
C9 LMG XC . 57.52 32.50 -24.42
O7 LMG XC . 58.44 33.96 -25.99
C10 LMG XC . 59.67 34.18 -26.47
O9 LMG XC . 60.34 35.07 -25.95
C11 LMG XC . 60.18 32.96 -27.16
C12 LMG XC . 59.63 32.91 -28.58
C13 LMG XC . 60.26 31.77 -29.40
C14 LMG XC . 59.63 30.44 -28.93
C15 LMG XC . 60.08 29.31 -29.85
C16 LMG XC . 58.95 28.31 -30.02
C17 LMG XC . 59.53 27.03 -30.56
C18 LMG XC . 58.73 25.89 -29.97
C19 LMG XC . 59.35 24.59 -30.44
C20 LMG XC . 58.68 23.45 -29.64
C21 LMG XC . 59.39 22.17 -30.05
C22 LMG XC . 59.06 21.97 -31.51
O8 LMG XC . 58.20 31.45 -25.11
C28 LMG XC . 57.39 30.44 -25.59
O10 LMG XC . 56.21 30.68 -25.84
C29 LMG XC . 57.96 29.06 -25.43
C30 LMG XC . 57.07 28.01 -26.08
C31 LMG XC . 57.75 26.67 -25.92
C32 LMG XC . 56.77 25.55 -26.36
C33 LMG XC . 57.17 24.38 -25.52
C34 LMG XC . 56.59 23.08 -26.07
C35 LMG XC . 55.68 22.44 -24.99
C36 LMG XC . 56.51 22.09 -23.74
C37 LMG XC . 55.84 20.89 -23.01
C38 LMG XC . 56.85 20.50 -21.94
C39 LMG XC . 56.32 19.32 -21.14
C40 LMG XC . 56.87 19.46 -19.73
C41 LMG XC . 56.10 18.50 -18.84
C42 LMG XC . 56.81 18.57 -17.52
C43 LMG XC . 55.79 18.66 -16.39
HC1 LMG XC . 55.99 36.11 -22.29
HC2 LMG XC . 58.07 35.04 -20.17
HO2 LMG XC . 56.62 33.48 -20.24
HC3 LMG XC . 55.40 36.60 -19.77
HO3 LMG XC . 56.22 34.95 -18.25
HC4 LMG XC . 56.85 38.53 -18.93
HO4 LMG XC . 58.92 36.73 -19.73
HC5 LMG XC . 56.09 38.30 -21.34
HO5 LMG XC . 57.94 40.79 -22.77
HC61 LMG XC . 58.89 39.50 -20.97
HC62 LMG XC . 57.34 40.31 -20.61
HC71 LMG XC . 57.65 35.93 -24.55
HC72 LMG XC . 56.36 34.79 -24.11
HC8 LMG XC . 59.31 33.72 -24.10
HC91 LMG XC . 56.49 32.63 -24.83
HC92 LMG XC . 57.43 32.26 -23.34
H111 LMG XC . 59.90 32.06 -26.59
H112 LMG XC . 61.29 32.96 -27.15
H121 LMG XC . 59.82 33.88 -29.09
H122 LMG XC . 58.53 32.80 -28.56
H131 LMG XC . 61.37 31.74 -29.29
H132 LMG XC . 60.10 31.92 -30.48
H141 LMG XC . 58.53 30.49 -28.91
H142 LMG XC . 59.91 30.20 -27.88
H151 LMG XC . 60.99 28.79 -29.47
H152 LMG XC . 60.40 29.69 -30.85
H161 LMG XC . 58.16 28.71 -30.68
H162 LMG XC . 58.43 28.15 -29.06
H171 LMG XC . 60.62 26.94 -30.32
H172 LMG XC . 59.52 27.02 -31.67
H181 LMG XC . 57.65 25.96 -30.25
H182 LMG XC . 58.68 25.95 -28.86
H191 LMG XC . 60.46 24.54 -30.30
H192 LMG XC . 59.23 24.40 -31.52
H201 LMG XC . 57.59 23.37 -29.82
H202 LMG XC . 58.74 23.59 -28.54
H211 LMG XC . 59.06 21.28 -29.47
H212 LMG XC . 60.48 22.19 -29.91
H291 LMG XC . 58.11 28.85 -24.36
H292 LMG XC . 58.98 29.04 -25.87
H301 LMG XC . 56.87 28.20 -27.16
H302 LMG XC . 56.05 27.96 -25.64
H311 LMG XC . 58.11 26.50 -24.88
H312 LMG XC . 58.70 26.62 -26.51
H321 LMG XC . 56.84 25.37 -27.46
H322 LMG XC . 55.72 25.88 -26.21
H331 LMG XC . 56.86 24.52 -24.45
H332 LMG XC . 58.28 24.30 -25.43
H341 LMG XC . 57.37 22.35 -26.39
H342 LMG XC . 56.01 23.22 -27.01
H351 LMG XC . 55.16 21.54 -25.40
H352 LMG XC . 54.84 23.14 -24.74
H361 LMG XC . 56.60 22.94 -23.05
H362 LMG XC . 57.54 21.83 -23.99
H371 LMG XC . 55.63 20.03 -23.68
H372 LMG XC . 54.86 21.15 -22.56
H381 LMG XC . 57.08 21.34 -21.23
H382 LMG XC . 57.85 20.25 -22.36
H391 LMG XC . 56.61 18.33 -21.57
H392 LMG XC . 55.21 19.26 -21.12
H401 LMG XC . 56.78 20.50 -19.32
H402 LMG XC . 57.97 19.26 -19.65
H411 LMG XC . 56.09 17.48 -19.30
H412 LMG XC . 55.02 18.78 -18.80
H421 LMG XC . 57.51 19.42 -17.51
H422 LMG XC . 57.48 17.68 -17.40
C01 8CT YC . 79.26 31.74 -22.16
C02 8CT YC . 77.97 32.33 -22.57
C03 8CT YC . 77.25 31.85 -23.59
C04 8CT YC . 75.96 32.51 -24.01
C05 8CT YC . 75.65 33.80 -23.27
C06 8CT YC . 76.09 33.74 -21.84
C07 8CT YC . 77.56 33.48 -21.74
C08 8CT YC . 76.04 32.89 -25.47
C09 8CT YC . 74.80 31.56 -23.85
C10 8CT YC . 77.70 30.72 -24.39
C11 8CT YC . 77.61 29.46 -23.95
C12 8CT YC . 77.81 28.28 -24.79
C13 8CT YC . 77.36 27.09 -24.37
C14 8CT YC . 77.04 25.97 -25.24
C15 8CT YC . 76.52 24.87 -24.67
C16 8CT YC . 76.53 23.55 -25.24
C17 8CT YC . 75.82 22.60 -24.61
C18 8CT YC . 75.38 21.39 -25.24
C19 8CT YC . 74.83 20.41 -24.52
C20 8CT YC . 74.38 19.23 -25.23
C21 8CT YC . 73.91 18.10 -24.68
C22 8CT YC . 73.49 18.03 -23.26
C23 8CT YC . 73.75 16.95 -25.56
C24 8CT YC . 73.15 15.81 -25.19
C25 8CT YC . 72.50 14.98 -26.19
C26 8CT YC . 71.64 13.98 -25.93
C27 8CT YC . 70.71 14.09 -24.78
C28 8CT YC . 71.33 13.03 -26.99
C29 8CT YC . 70.55 11.96 -26.84
C30 8CT YC . 70.38 10.93 -27.87
C31 8CT YC . 71.28 9.97 -28.03
C32 8CT YC . 71.25 8.90 -29.05
C33 8CT YC . 69.88 8.73 -29.68
C34 8CT YC . 69.19 10.05 -29.89
C35 8CT YC . 69.18 11.02 -28.74
C36 8CT YC . 67.93 10.88 -27.91
C37 8CT YC . 69.09 12.39 -29.40
C38 8CT YC . 72.51 9.86 -27.22
C39 8CT YC . 77.21 23.29 -26.52
C40 8CT YC . 78.53 28.41 -26.08
H1 8CT YC . 79.87 31.54 -23.02
H2 8CT YC . 79.09 30.82 -21.63
H3 8CT YC . 79.79 32.42 -21.50
H6 8CT YC . 74.59 34.02 -23.31
H7 8CT YC . 76.14 34.64 -23.75
H8 8CT YC . 75.52 32.97 -21.32
H9 8CT YC . 75.82 34.67 -21.35
H10 8CT YC . 77.85 33.36 -20.71
H11 8CT YC . 78.11 34.39 -22.01
H12 8CT YC . 75.97 32.03 -26.10
H13 8CT YC . 76.96 33.40 -25.68
H14 8CT YC . 75.23 33.55 -25.73
H15 8CT YC . 74.84 30.77 -24.57
H16 8CT YC . 73.86 32.09 -23.97
H17 8CT YC . 74.80 31.11 -22.86
H18 8CT YC . 78.10 30.91 -25.36
H19 8CT YC . 77.40 29.30 -22.92
H20 8CT YC . 77.20 26.93 -23.32
H21 8CT YC . 77.22 26.03 -26.28
H22 8CT YC . 76.05 25.00 -23.72
H23 8CT YC . 75.56 22.74 -23.59
H24 8CT YC . 75.52 21.26 -26.29
H25 8CT YC . 74.70 20.51 -23.47
H26 8CT YC . 74.45 19.28 -26.29
H27 8CT YC . 72.56 17.49 -23.15
H28 8CT YC . 73.35 19.01 -22.83
H29 8CT YC . 74.22 17.51 -22.66
H30 8CT YC . 74.13 17.00 -26.56
H31 8CT YC . 73.14 15.52 -24.17
H32 8CT YC . 72.74 15.19 -27.20
H33 8CT YC . 69.70 13.83 -25.09
H34 8CT YC . 70.69 15.10 -24.40
H35 8CT YC . 71.01 13.43 -23.99
H36 8CT YC . 71.77 13.21 -27.94
H37 8CT YC . 70.00 11.85 -25.92
H40 8CT YC . 71.59 7.94 -28.65
H42 8CT YC . 69.29 8.08 -29.03
H43 8CT YC . 70.01 8.19 -30.61
H44 8CT YC . 68.18 9.82 -30.20
H45 8CT YC . 69.65 10.50 -30.76
H46 8CT YC . 67.05 10.77 -28.54
H47 8CT YC . 67.78 11.76 -27.29
H48 8CT YC . 67.99 10.02 -27.26
H49 8CT YC . 68.41 12.36 -30.23
H50 8CT YC . 70.05 12.69 -29.76
H51 8CT YC . 68.74 13.12 -28.70
H52 8CT YC . 73.31 9.36 -27.75
H53 8CT YC . 72.34 9.30 -26.30
H54 8CT YC . 72.89 10.83 -26.92
H55 8CT YC . 77.62 22.29 -26.54
H56 8CT YC . 78.02 23.99 -26.67
H57 8CT YC . 76.52 23.40 -27.34
H58 8CT YC . 78.96 27.47 -26.38
H59 8CT YC . 79.32 29.13 -26.00
H60 8CT YC . 77.86 28.73 -26.86
H272 8CT YC . 71.99 9.04 -29.83
C1 UNL ZC . 71.53 18.98 23.53
C10 UNL ZC . 73.69 10.38 18.93
C2 UNL ZC . 71.62 17.62 22.89
C3 UNL ZC . 72.60 17.81 21.75
C4 UNL ZC . 72.99 16.44 21.24
C5 UNL ZC . 74.11 16.58 20.21
C6 UNL ZC . 74.17 15.34 19.34
C7 UNL ZC . 73.90 14.10 20.19
C8 UNL ZC . 74.19 12.88 19.28
C9 UNL ZC . 73.54 11.61 19.86
O1 UNL ZC . 71.24 19.97 22.80
O2 UNL ZC . 71.75 19.11 24.76
H21 UNL ZC . 70.75 17.33 22.56
H22 UNL ZC . 71.95 16.96 23.53
H31 UNL ZC . 73.40 18.28 22.07
H32 UNL ZC . 72.19 18.33 21.04
H41 UNL ZC . 72.22 16.02 20.80
H42 UNL ZC . 73.29 15.88 21.97
H51 UNL ZC . 74.96 16.69 20.68
H52 UNL ZC . 73.95 17.36 19.65
H61 UNL ZC . 75.04 15.26 18.93
H62 UNL ZC . 73.49 15.40 18.64
H71 UNL ZC . 72.99 14.08 20.49
H72 UNL ZC . 74.50 14.09 20.96
H81 UNL ZC . 75.15 12.75 19.21
H82 UNL ZC . 73.82 13.05 18.41
H91 UNL ZC . 72.61 11.77 20.00
H92 UNL ZC . 73.97 11.40 20.70
C1 UNL AD . 78.90 18.21 14.32
C10 UNL AD . 86.29 11.49 11.64
C2 UNL AD . 79.81 17.15 13.72
C3 UNL AD . 80.15 16.13 14.80
C4 UNL AD . 80.66 14.78 14.22
C5 UNL AD . 82.10 14.45 14.59
C6 UNL AD . 82.40 13.01 14.17
C7 UNL AD . 83.88 12.64 14.38
C8 UNL AD . 84.64 12.64 13.06
C9 UNL AD . 85.80 11.64 13.08
O1 UNL AD . 78.03 17.85 15.17
O2 UNL AD . 78.98 19.43 13.99
H21 UNL AD . 80.62 17.57 13.39
H22 UNL AD . 79.35 16.70 12.98
H31 UNL AD . 79.37 15.96 15.34
H32 UNL AD . 80.86 16.50 15.36
H41 UNL AD . 80.58 14.83 13.25
H42 UNL AD . 80.08 14.07 14.55
H51 UNL AD . 82.22 14.54 15.54
H52 UNL AD . 82.71 15.06 14.13
H61 UNL AD . 82.18 12.91 13.24
H62 UNL AD . 81.84 12.41 14.70
H71 UNL AD . 83.92 11.76 14.78
H72 UNL AD . 84.28 13.29 14.98
H81 UNL AD . 84.99 13.53 12.89
H82 UNL AD . 84.03 12.40 12.34
H91 UNL AD . 85.49 10.78 13.42
H92 UNL AD . 86.51 11.97 13.64
C10 UNL BD . 77.07 29.65 -8.36
C11 UNL BD . 77.89 28.38 -8.65
C12 UNL BD . 77.08 27.29 -9.37
C13 UNL BD . 77.87 25.99 -9.58
C14 UNL BD . 77.08 25.00 -10.45
C15 UNL BD . 77.92 23.80 -10.92
C16 UNL BD . 77.12 22.93 -11.91
C17 UNL BD . 78.00 21.82 -12.51
C18 UNL BD . 77.23 20.56 -12.89
C3 UNL BD . 81.09 36.47 -7.34
C4 UNL BD . 79.76 35.85 -7.75
C5 UNL BD . 78.95 35.47 -6.51
C6 UNL BD . 77.86 34.45 -6.89
C7 UNL BD . 78.35 33.01 -6.82
C8 UNL BD . 77.28 32.02 -7.36
C9 UNL BD . 77.87 30.61 -7.45
H41 UNL BD . 79.93 35.04 -8.28
H42 UNL BD . 79.25 36.48 -8.29
H51 UNL BD . 78.53 36.27 -6.14
H52 UNL BD . 79.54 35.07 -5.84
H61 UNL BD . 77.56 34.64 -7.80
H62 UNL BD . 77.11 34.56 -6.28
H71 UNL BD . 78.55 32.78 -5.90
H72 UNL BD . 79.14 32.92 -7.35
H81 UNL BD . 76.99 32.31 -8.24
H82 UNL BD . 76.52 32.01 -6.75
H91 UNL BD . 77.89 30.23 -6.56
H92 UNL BD . 78.77 30.68 -7.80
H101 UNL BD . 76.87 30.10 -9.19
H102 UNL BD . 76.24 29.40 -7.91
H111 UNL BD . 78.22 28.03 -7.82
H112 UNL BD . 78.65 28.62 -9.21
H121 UNL BD . 76.80 27.63 -10.24
H122 UNL BD . 76.29 27.09 -8.84
H131 UNL BD . 78.06 25.59 -8.73
H132 UNL BD . 78.71 26.21 -10.03
H141 UNL BD . 76.74 25.47 -11.22
H142 UNL BD . 76.33 24.67 -9.93
H151 UNL BD . 78.17 23.27 -10.15
H152 UNL BD . 78.73 24.13 -11.36
H161 UNL BD . 76.79 23.49 -12.64
H162 UNL BD . 76.36 22.53 -11.45
H171 UNL BD . 78.67 21.58 -11.83
H172 UNL BD . 78.45 22.17 -13.30
H181 UNL BD . 77.85 19.87 -13.14
H182 UNL BD . 76.65 20.77 -13.65
H183 UNL BD . 76.69 20.28 -12.14
C BCT CD . 38.39 -11.39 -27.70
O1 BCT CD . 38.27 -11.24 -26.49
O2 BCT CD . 38.13 -10.59 -28.69
O3 BCT CD . 38.62 -12.78 -28.11
HO3 BCT CD . 38.41 -13.32 -27.49
CHA PHO DD . 30.56 5.12 -34.59
CHB PHO DD . 31.52 9.61 -33.02
CHC PHO DD . 29.73 8.56 -28.70
CHD PHO DD . 28.86 3.94 -30.13
NA PHO DD . 30.88 7.25 -33.47
C1A PHO DD . 30.92 6.42 -34.63
C2A PHO DD . 31.39 7.17 -35.83
C3A PHO DD . 31.93 8.46 -35.23
C4A PHO DD . 31.37 8.43 -33.82
CMA PHO DD . 33.46 8.43 -35.23
CAA PHO DD . 30.25 7.48 -36.78
CBA PHO DD . 30.84 8.07 -38.02
CGA PHO DD . 29.81 8.69 -38.86
O1A PHO DD . 28.60 8.80 -38.64
O2A PHO DD . 30.37 9.23 -39.99
NB PHO DD . 30.49 8.79 -31.00
C1B PHO DD . 31.14 9.75 -31.74
C2B PHO DD . 31.31 10.94 -30.89
C3B PHO DD . 30.79 10.64 -29.66
C4B PHO DD . 30.24 9.26 -29.71
CMB PHO DD . 32.00 12.14 -31.37
CAB PHO DD . 30.81 11.41 -28.45
CBB PHO DD . 30.61 12.72 -28.37
NC PHO DD . 29.36 6.36 -29.77
C1C PHO DD . 29.36 7.18 -28.71
C2C PHO DD . 28.96 6.44 -27.50
C3C PHO DD . 28.74 5.14 -27.91
C4C PHO DD . 28.94 5.07 -29.37
CMC PHO DD . 29.00 6.95 -26.13
CAC PHO DD . 28.40 4.00 -27.08
CBC PHO DD . 27.08 3.30 -27.38
ND PHO DD . 29.60 4.97 -32.23
C1D PHO DD . 29.19 3.86 -31.50
C2D PHO DD . 29.24 2.71 -32.36
C3D PHO DD . 29.72 3.16 -33.59
C4D PHO DD . 29.96 4.55 -33.45
CMD PHO DD . 28.84 1.36 -32.00
CAD PHO DD . 30.08 2.77 -34.94
OBD PHO DD . 29.94 1.69 -35.48
CBD PHO DD . 30.69 4.03 -35.62
CGD PHO DD . 32.10 3.81 -36.07
O1D PHO DD . 32.53 3.41 -37.15
O2D PHO DD . 32.98 4.08 -35.06
CED PHO DD . 34.22 3.39 -35.19
C1 PHO DD . 29.43 9.80 -40.88
C2 PHO DD . 29.36 11.21 -40.45
C3 PHO DD . 28.22 11.88 -40.40
C4 PHO DD . 26.93 11.27 -40.76
C5 PHO DD . 28.14 13.30 -39.97
C6 PHO DD . 27.43 13.47 -38.63
C7 PHO DD . 27.19 14.92 -38.35
C8 PHO DD . 26.80 15.23 -36.91
C9 PHO DD . 25.68 14.34 -36.50
C10 PHO DD . 26.38 16.69 -36.78
C11 PHO DD . 27.50 17.69 -37.01
C12 PHO DD . 28.60 17.65 -35.95
C13 PHO DD . 29.64 18.73 -36.21
C14 PHO DD . 30.24 18.62 -37.61
C15 PHO DD . 30.77 18.71 -35.18
C16 PHO DD . 30.32 19.42 -33.93
C17 PHO DD . 31.41 19.56 -32.91
C18 PHO DD . 30.95 20.40 -31.72
C19 PHO DD . 32.10 20.56 -30.71
C20 PHO DD . 29.83 19.69 -31.06
HHB PHO DD . 32.00 10.47 -33.52
HHC PHO DD . 29.59 9.07 -27.73
HHD PHO DD . 28.51 2.99 -29.67
H2A PHO DD . 32.20 6.59 -36.33
H3A PHO DD . 31.54 9.37 -35.75
HMA1 PHO DD . 33.88 9.44 -35.48
HMA2 PHO DD . 33.84 7.70 -35.99
HMA3 PHO DD . 33.86 8.13 -34.23
HAA1 PHO DD . 29.54 8.21 -36.30
HAA2 PHO DD . 29.68 6.55 -37.02
HBA1 PHO DD . 31.35 7.28 -38.64
HBA2 PHO DD . 31.60 8.86 -37.77
HMB1 PHO DD . 31.75 13.01 -30.71
HMB2 PHO DD . 31.68 12.40 -32.41
HMB3 PHO DD . 33.10 12.00 -31.37
HAB PHO DD . 31.02 10.83 -27.54
HBB1 PHO DD . 30.37 13.35 -29.24
HBB2 PHO DD . 30.63 13.25 -27.42
HMC1 PHO DD . 29.86 6.51 -25.57
HMC2 PHO DD . 28.05 6.67 -25.58
HMC3 PHO DD . 29.09 8.06 -26.13
HAC1 PHO DD . 28.38 4.33 -26.00
HAC2 PHO DD . 29.22 3.23 -27.16
HBC1 PHO DD . 26.93 2.44 -26.68
HBC2 PHO DD . 27.06 2.93 -28.43
HBC3 PHO DD . 26.23 4.02 -27.24
HMD1 PHO DD . 29.54 0.61 -32.45
HMD2 PHO DD . 27.81 1.14 -32.38
HMD3 PHO DD . 28.85 1.22 -30.89
HBD PHO DD . 30.09 4.24 -36.55
HED1 PHO DD . 34.65 3.24 -34.16
HED2 PHO DD . 34.92 3.99 -35.81
HED3 PHO DD . 34.04 2.40 -35.67
H11 PHO DD . 28.44 9.27 -40.78
H12 PHO DD . 29.80 9.69 -41.94
H2 PHO DD . 30.32 11.67 -40.16
H41 PHO DD . 26.10 12.02 -40.70
H42 PHO DD . 26.68 10.43 -40.08
H43 PHO DD . 26.95 10.87 -41.80
H51 PHO DD . 27.60 13.88 -40.79
H52 PHO DD . 29.18 13.72 -39.92
H61 PHO DD . 28.04 13.02 -37.82
H62 PHO DD . 26.45 12.92 -38.64
H71 PHO DD . 26.37 15.30 -39.02
H72 PHO DD . 28.12 15.50 -38.60
H8 PHO DD . 27.71 15.07 -36.25
H91 PHO DD . 25.16 14.75 -35.60
H92 PHO DD . 26.08 13.32 -36.24
H93 PHO DD . 24.94 14.23 -37.33
H101 PHO DD . 25.96 16.84 -35.75
H102 PHO DD . 25.55 16.89 -37.52
H111 PHO DD . 27.07 18.72 -37.03
H112 PHO DD . 27.96 17.51 -38.02
H121 PHO DD . 29.07 16.63 -35.96
H122 PHO DD . 28.14 17.78 -34.94
H13 PHO DD . 29.10 19.71 -36.11
H141 PHO DD . 31.18 19.22 -37.68
H142 PHO DD . 29.52 19.00 -38.37
H143 PHO DD . 30.48 17.56 -37.85
H151 PHO DD . 31.69 19.22 -35.59
H152 PHO DD . 31.06 17.66 -34.93
H161 PHO DD . 29.45 18.86 -33.48
H162 PHO DD . 29.94 20.44 -34.21
H171 PHO DD . 32.31 20.04 -33.39
H172 PHO DD . 31.73 18.55 -32.56
H18 PHO DD . 30.63 21.41 -32.07
H191 PHO DD . 31.71 20.96 -29.75
H192 PHO DD . 32.88 21.25 -31.12
H193 PHO DD . 32.57 19.56 -30.51
H201 PHO DD . 29.72 20.03 -30.00
H202 PHO DD . 29.99 18.59 -31.07
H203 PHO DD . 28.87 19.90 -31.60
HNB PHO DD . 30.22 7.90 -31.34
HND PHO DD . 29.60 5.90 -31.90
MG CLA ED . 25.41 13.63 -18.79
CHA CLA ED . 24.03 13.53 -21.96
CHB CLA ED . 27.07 10.71 -19.50
CHC CLA ED . 27.54 14.23 -16.16
CHD CLA ED . 24.33 16.99 -18.52
NA CLA ED . 25.44 12.33 -20.40
C1A CLA ED . 24.74 12.44 -21.61
C2A CLA ED . 24.93 11.18 -22.47
C3A CLA ED . 25.62 10.19 -21.51
C4A CLA ED . 26.09 11.12 -20.37
CMA CLA ED . 24.65 9.12 -21.02
CAA CLA ED . 25.77 11.49 -23.68
CBA CLA ED . 25.64 10.36 -24.64
CGA CLA ED . 26.62 10.59 -25.76
O1A CLA ED . 27.57 9.87 -26.03
O2A CLA ED . 26.42 11.72 -26.52
NB CLA ED . 27.00 12.66 -17.97
C1B CLA ED . 27.50 11.47 -18.40
C2B CLA ED . 28.60 11.04 -17.49
C3B CLA ED . 28.73 12.04 -16.57
C4B CLA ED . 27.76 13.10 -16.89
CMB CLA ED . 29.34 9.78 -17.65
CAB CLA ED . 29.61 12.23 -15.45
CBB CLA ED . 29.94 11.29 -14.58
NC CLA ED . 25.86 15.29 -17.57
C1C CLA ED . 26.58 15.23 -16.44
C2C CLA ED . 26.34 16.41 -15.62
C3C CLA ED . 25.42 17.18 -16.28
C4C CLA ED . 25.12 16.46 -17.50
CMC CLA ED . 26.98 16.71 -14.34
CAC CLA ED . 24.81 18.48 -15.91
CBC CLA ED . 23.30 18.35 -15.76
ND CLA ED . 24.46 15.00 -19.92
C1D CLA ED . 24.08 16.33 -19.69
C2D CLA ED . 23.28 16.82 -20.83
C3D CLA ED . 23.15 15.73 -21.67
C4D CLA ED . 23.94 14.66 -21.09
CMD CLA ED . 22.73 18.17 -21.00
CAD CLA ED . 22.62 15.27 -22.94
OBD CLA ED . 21.93 15.87 -23.71
CBD CLA ED . 23.14 13.81 -23.15
CGD CLA ED . 22.02 12.84 -23.09
O1D CLA ED . 21.53 12.31 -22.06
O2D CLA ED . 21.55 12.55 -24.34
CED CLA ED . 20.48 11.65 -24.58
C1 CLA ED . 27.33 11.94 -27.64
C2 CLA ED . 26.52 12.34 -28.80
C3 CLA ED . 26.01 11.44 -29.64
C4 CLA ED . 26.22 9.99 -29.47
C5 CLA ED . 25.17 11.87 -30.80
C6 CLA ED . 25.69 11.40 -32.15
C7 CLA ED . 27.19 11.56 -32.32
C8 CLA ED . 27.62 11.34 -33.79
C9 CLA ED . 27.83 9.87 -34.09
C10 CLA ED . 28.85 12.21 -34.06
C11 CLA ED . 29.75 11.83 -35.22
C12 CLA ED . 30.85 12.85 -35.38
C13 CLA ED . 31.29 12.99 -36.82
C14 CLA ED . 31.71 11.64 -37.38
C15 CLA ED . 32.43 13.98 -37.05
C16 CLA ED . 32.86 14.86 -35.89
C17 CLA ED . 34.10 15.58 -36.34
C18 CLA ED . 34.38 16.93 -35.69
C19 CLA ED . 34.45 16.86 -34.18
C20 CLA ED . 35.74 17.41 -36.15
HHB CLA ED . 27.54 9.73 -19.66
HHC CLA ED . 28.17 14.40 -15.26
HHD CLA ED . 23.89 17.99 -18.36
H2A CLA ED . 23.92 10.79 -22.79
H3A CLA ED . 26.53 9.71 -21.98
HMA1 CLA ED . 25.18 8.18 -20.75
HMA2 CLA ED . 23.89 8.88 -21.80
HMA3 CLA ED . 24.10 9.47 -20.11
HAA1 CLA ED . 26.84 11.64 -23.38
HAA2 CLA ED . 25.42 12.45 -24.16
HBA1 CLA ED . 24.60 10.31 -25.05
HBA2 CLA ED . 25.88 9.39 -24.13
HMB1 CLA ED . 30.23 9.76 -16.97
HMB2 CLA ED . 29.70 9.67 -18.71
HMB3 CLA ED . 28.68 8.90 -17.41
HAB CLA ED . 30.03 13.25 -15.36
HBB1 CLA ED . 29.55 10.27 -14.68
HBB2 CLA ED . 30.61 11.49 -13.74
HMC1 CLA ED . 26.66 17.71 -13.96
HMC2 CLA ED . 28.09 16.72 -14.45
HMC3 CLA ED . 26.71 15.94 -13.57
HAC1 CLA ED . 25.05 19.24 -16.70
HAC2 CLA ED . 25.25 18.84 -14.95
HBC1 CLA ED . 22.88 19.29 -15.32
HBC2 CLA ED . 23.06 17.49 -15.09
HBC3 CLA ED . 22.83 18.17 -16.76
HMD1 CLA ED . 22.09 18.23 -21.91
HMD2 CLA ED . 23.55 18.92 -21.09
HMD3 CLA ED . 22.11 18.45 -20.12
HBD CLA ED . 23.68 13.77 -24.13
HED1 CLA ED . 20.60 11.37 -25.65
HED2 CLA ED . 19.57 12.26 -24.35
HED3 CLA ED . 20.67 10.82 -23.86
H11 CLA ED . 27.90 10.99 -27.84
H12 CLA ED . 28.06 12.75 -27.35
H2 CLA ED . 26.36 13.42 -28.92
H41 CLA ED . 25.73 9.41 -30.29
H42 CLA ED . 25.80 9.62 -28.50
H43 CLA ED . 27.31 9.73 -29.48
H51 CLA ED . 25.11 12.99 -30.80
H52 CLA ED . 24.13 11.49 -30.64
H61 CLA ED . 25.17 11.97 -32.97
H62 CLA ED . 25.43 10.32 -32.28
H71 CLA ED . 27.73 10.84 -31.66
H72 CLA ED . 27.48 12.60 -32.00
H8 CLA ED . 26.79 11.65 -34.50
H91 CLA ED . 27.87 9.70 -35.19
H92 CLA ED . 27.01 9.26 -33.66
H93 CLA ED . 28.80 9.52 -33.64
H101 CLA ED . 29.48 12.21 -33.14
H102 CLA ED . 28.50 13.25 -34.23
H111 CLA ED . 29.15 11.76 -36.16
H112 CLA ED . 30.19 10.81 -35.04
H121 CLA ED . 31.73 12.54 -34.74
H122 CLA ED . 30.49 13.84 -35.01
H13 CLA ED . 30.38 13.38 -37.36
H141 CLA ED . 31.76 11.68 -38.50
H142 CLA ED . 30.99 10.84 -37.08
H143 CLA ED . 32.73 11.36 -37.00
H151 CLA ED . 32.13 14.66 -37.88
H152 CLA ED . 33.34 13.42 -37.38
H161 CLA ED . 33.07 14.24 -34.97
H162 CLA ED . 32.05 15.59 -35.61
H171 CLA ED . 34.04 15.75 -37.44
H172 CLA ED . 34.99 14.92 -36.17
H18 CLA ED . 33.56 17.62 -35.97
H191 CLA ED . 34.45 17.88 -33.74
H192 CLA ED . 35.39 16.34 -33.86
H193 CLA ED . 33.58 16.30 -33.78
H201 CLA ED . 36.02 18.37 -35.65
H202 CLA ED . 35.74 17.58 -37.25
H203 CLA ED . 36.53 16.65 -35.91
MG CLA FD . 20.86 19.31 -49.15
CHA CLA FD . 18.83 21.73 -47.83
CHB CLA FD . 18.73 16.92 -47.96
CHC CLA FD . 22.46 17.06 -51.09
CHD CLA FD . 22.74 21.86 -50.80
NA CLA FD . 19.11 19.33 -48.08
C1A CLA FD . 18.40 20.44 -47.62
C2A CLA FD . 17.13 20.07 -46.85
C3A CLA FD . 17.35 18.57 -46.66
C4A CLA FD . 18.45 18.23 -47.64
CMA CLA FD . 17.76 18.24 -45.26
CAA CLA FD . 15.88 20.34 -47.65
CBA CLA FD . 15.82 19.60 -49.00
CGA CLA FD . 14.51 19.88 -49.67
O1A CLA FD . 13.59 20.59 -49.27
O2A CLA FD . 14.38 19.26 -50.89
NB CLA FD . 20.62 17.42 -49.45
C1B CLA FD . 19.75 16.57 -48.84
C2B CLA FD . 20.07 15.17 -49.19
C3B CLA FD . 21.12 15.22 -50.06
C4B CLA FD . 21.49 16.64 -50.24
CMB CLA FD . 19.39 13.99 -48.67
CAB CLA FD . 21.75 14.12 -50.75
CBB CLA FD . 21.03 13.16 -51.30
NC CLA FD . 22.32 19.45 -50.70
C1C CLA FD . 22.85 18.38 -51.32
C2C CLA FD . 23.88 18.77 -52.28
C3C CLA FD . 23.98 20.15 -52.18
C4C CLA FD . 23.01 20.56 -51.18
CMC CLA FD . 24.60 17.86 -53.17
CAC CLA FD . 24.87 21.02 -52.94
CBC CLA FD . 24.12 21.69 -54.09
ND CLA FD . 20.84 21.29 -49.36
C1D CLA FD . 21.72 22.24 -49.95
C2D CLA FD . 21.33 23.60 -49.51
C3D CLA FD . 20.26 23.46 -48.67
C4D CLA FD . 19.97 22.02 -48.62
CMD CLA FD . 22.02 24.80 -49.89
CAD CLA FD . 19.28 24.13 -47.86
OBD CLA FD . 19.11 25.32 -47.63
CBD CLA FD . 18.38 23.02 -47.25
CGD CLA FD . 18.60 23.02 -45.78
O1D CLA FD . 19.44 22.38 -45.16
O2D CLA FD . 17.77 23.84 -45.09
CED CLA FD . 18.20 24.47 -43.91
C1 CLA FD . 13.28 19.71 -51.72
C2 CLA FD . 13.41 19.00 -53.00
C3 CLA FD . 13.31 17.67 -53.09
C4 CLA FD . 13.01 16.82 -51.93
C5 CLA FD . 13.47 17.00 -54.42
C6 CLA FD . 12.33 16.06 -54.75
C7 CLA FD . 12.55 15.52 -56.13
C8 CLA FD . 11.23 15.04 -56.74
C9 CLA FD . 11.00 13.63 -56.25
C10 CLA FD . 11.25 15.10 -58.28
C11 CLA FD . 10.64 16.34 -58.91
C12 CLA FD . 11.09 16.44 -60.37
C13 CLA FD . 10.61 17.65 -61.19
C14 CLA FD . 9.44 18.37 -60.56
C15 CLA FD . 10.27 17.21 -62.62
C16 CLA FD . 10.71 18.17 -63.71
C17 CLA FD . 9.91 19.47 -63.72
C18 CLA FD . 9.86 20.28 -65.02
C19 CLA FD . 10.40 21.69 -64.85
C20 CLA FD . 10.53 19.63 -66.22
HHB CLA FD . 18.13 16.11 -47.50
HHC CLA FD . 23.00 16.30 -51.67
HHD CLA FD . 23.40 22.66 -51.21
H2A CLA FD . 17.10 20.65 -45.89
H3A CLA FD . 16.42 18.00 -46.95
HMA1 CLA FD . 17.63 17.15 -45.04
HMA2 CLA FD . 17.12 18.81 -44.52
HMA3 CLA FD . 18.82 18.52 -45.08
HAA1 CLA FD . 15.79 21.44 -47.84
HAA2 CLA FD . 14.99 20.04 -47.03
HBA1 CLA FD . 15.92 18.49 -48.83
HBA2 CLA FD . 16.66 19.94 -49.66
HMB1 CLA FD . 20.03 13.07 -48.80
HMB2 CLA FD . 18.42 13.83 -49.23
HMB3 CLA FD . 19.15 14.11 -47.58
HAB CLA FD . 22.85 14.12 -50.79
HBB1 CLA FD . 19.93 13.15 -51.23
HBB2 CLA FD . 21.47 12.31 -51.84
HMC1 CLA FD . 25.23 18.44 -53.91
HMC2 CLA FD . 23.89 17.22 -53.76
HMC3 CLA FD . 25.28 17.18 -52.59
HAC1 CLA FD . 25.72 20.42 -53.36
HAC2 CLA FD . 25.31 21.80 -52.28
HBC1 CLA FD . 24.81 22.42 -54.60
HBC2 CLA FD . 23.24 22.24 -53.70
HBC3 CLA FD . 23.78 20.93 -54.83
HMD1 CLA FD . 21.55 25.69 -49.41
HMD2 CLA FD . 21.99 24.95 -51.00
HMD3 CLA FD . 23.10 24.76 -49.58
HBD CLA FD . 17.30 23.22 -47.52
HED1 CLA FD . 17.26 24.68 -43.35
HED2 CLA FD . 18.73 25.39 -44.28
HED3 CLA FD . 18.87 23.72 -43.42
H11 CLA FD . 13.34 20.82 -51.84
H12 CLA FD . 12.31 19.46 -51.20
H2 CLA FD . 13.61 19.63 -53.89
H41 CLA FD . 13.26 15.74 -52.13
H42 CLA FD . 11.93 16.86 -51.65
H43 CLA FD . 13.60 17.12 -51.04
H51 CLA FD . 14.45 16.44 -54.43
H52 CLA FD . 13.54 17.80 -55.22
H61 CLA FD . 11.35 16.59 -54.70
H62 CLA FD . 12.29 15.22 -54.01
H71 CLA FD . 13.28 14.66 -56.08
H72 CLA FD . 13.01 16.31 -56.78
H8 CLA FD . 10.39 15.72 -56.43
H91 CLA FD . 10.03 13.24 -56.63
H92 CLA FD . 10.99 13.61 -55.13
H93 CLA FD . 11.81 12.96 -56.61
H101 CLA FD . 10.69 14.20 -58.68
H102 CLA FD . 12.31 15.00 -58.63
H111 CLA FD . 10.96 17.26 -58.35
H112 CLA FD . 9.52 16.31 -58.84
H121 CLA FD . 10.75 15.50 -60.88
H122 CLA FD . 12.21 16.42 -60.38
H13 CLA FD . 11.46 18.40 -61.22
H141 CLA FD . 9.06 19.18 -61.23
H142 CLA FD . 9.75 18.85 -59.60
H143 CLA FD . 8.60 17.66 -60.35
H151 CLA FD . 9.16 17.06 -62.71
H152 CLA FD . 10.74 16.21 -62.83
H161 CLA FD . 10.59 17.67 -64.71
H162 CLA FD . 11.80 18.41 -63.58
H171 CLA FD . 10.33 20.14 -62.93
H172 CLA FD . 8.85 19.23 -63.43
H18 CLA FD . 8.77 20.33 -65.29
H191 CLA FD . 10.31 22.27 -65.79
H192 CLA FD . 11.48 21.66 -64.54
H193 CLA FD . 9.83 22.23 -64.04
H201 CLA FD . 10.53 20.31 -67.09
H202 CLA FD . 9.99 18.69 -66.51
H203 CLA FD . 11.58 19.36 -65.98
C01 8CT GD . 28.23 25.22 -45.89
C02 8CT GD . 27.70 25.35 -47.26
C03 8CT GD . 28.20 24.70 -48.32
C04 8CT GD . 27.61 24.86 -49.66
C05 8CT GD . 26.60 25.98 -49.73
C06 8CT GD . 25.70 25.89 -48.54
C07 8CT GD . 26.51 26.22 -47.33
C08 8CT GD . 28.68 25.17 -50.69
C09 8CT GD . 26.90 23.61 -50.13
C10 8CT GD . 29.36 23.82 -48.29
C11 8CT GD . 30.40 24.01 -47.49
C12 8CT GD . 31.52 23.09 -47.43
C13 8CT GD . 32.62 23.47 -46.75
C14 8CT GD . 33.78 22.66 -46.45
C15 8CT GD . 34.77 23.13 -45.70
C16 8CT GD . 35.96 22.39 -45.31
C17 8CT GD . 36.75 22.93 -44.38
C18 8CT GD . 37.95 22.33 -43.83
C19 8CT GD . 38.64 23.04 -42.91
C20 8CT GD . 39.75 22.47 -42.20
C21 8CT GD . 40.29 22.91 -41.05
C22 8CT GD . 40.28 24.33 -40.65
C23 8CT GD . 41.28 22.09 -40.40
C24 8CT GD . 41.98 22.50 -39.34
C25 8CT GD . 42.82 21.55 -38.68
C26 8CT GD . 43.86 21.81 -37.89
C27 8CT GD . 44.03 23.09 -37.19
C28 8CT GD . 44.61 20.67 -37.38
C29 8CT GD . 45.75 20.81 -36.72
C30 8CT GD . 46.20 19.85 -35.73
C31 8CT GD . 46.08 20.13 -34.43
C32 8CT GD . 46.46 19.23 -33.32
C33 8CT GD . 46.55 17.82 -33.81
C34 8CT GD . 47.38 17.77 -35.06
C35 8CT GD . 46.76 18.57 -36.20
C36 8CT GD . 45.66 17.77 -36.88
C37 8CT GD . 47.88 18.78 -37.23
C38 8CT GD . 45.51 21.41 -33.95
C39 8CT GD . 36.12 20.99 -45.75
C40 8CT GD . 31.26 21.70 -47.85
H1 8CT GD . 29.05 25.90 -45.72
H2 8CT GD . 28.58 24.21 -45.71
H3 8CT GD . 27.46 25.44 -45.16
H6 8CT GD . 26.01 25.93 -50.64
H7 8CT GD . 27.09 26.95 -49.74
H8 8CT GD . 25.26 24.90 -48.46
H9 8CT GD . 24.86 26.56 -48.65
H10 8CT GD . 25.90 26.14 -46.44
H11 8CT GD . 26.76 27.27 -47.32
H12 8CT GD . 29.23 24.28 -50.94
H13 8CT GD . 29.38 25.89 -50.29
H14 8CT GD . 28.25 25.58 -51.59
H15 8CT GD . 27.63 22.87 -50.43
H16 8CT GD . 26.26 23.83 -50.97
H17 8CT GD . 26.30 23.21 -49.33
H18 8CT GD . 29.36 22.98 -48.95
H19 8CT GD . 30.42 24.87 -46.87
H20 8CT GD . 32.66 24.47 -46.36
H21 8CT GD . 33.82 21.67 -46.87
H22 8CT GD . 34.67 24.14 -45.35
H23 8CT GD . 36.50 23.89 -44.00
H24 8CT GD . 38.28 21.36 -44.12
H25 8CT GD . 38.34 24.04 -42.71
H26 8CT GD . 40.18 21.59 -42.65
H27 8CT GD . 40.04 24.44 -39.60
H28 8CT GD . 39.54 24.89 -41.20
H29 8CT GD . 41.24 24.80 -40.81
H30 8CT GD . 41.45 21.09 -40.76
H31 8CT GD . 41.92 23.52 -39.02
H32 8CT GD . 42.56 20.52 -38.85
H33 8CT GD . 44.30 22.93 -36.16
H34 8CT GD . 43.11 23.66 -37.20
H35 8CT GD . 44.80 23.68 -37.66
H36 8CT GD . 44.21 19.70 -37.56
H37 8CT GD . 46.37 21.65 -36.92
H40 8CT GD . 45.80 19.31 -32.47
H42 8CT GD . 45.56 17.43 -33.96
H43 8CT GD . 46.99 17.21 -33.02
H44 8CT GD . 47.51 16.74 -35.34
H45 8CT GD . 48.37 18.13 -34.83
H46 8CT GD . 45.91 16.72 -36.89
H47 8CT GD . 45.53 18.10 -37.90
H48 8CT GD . 44.72 17.90 -36.36
H49 8CT GD . 48.51 17.91 -37.28
H50 8CT GD . 48.49 19.63 -36.96
H51 8CT GD . 47.47 18.96 -38.20
H52 8CT GD . 45.74 21.58 -32.90
H53 8CT GD . 44.44 21.44 -34.05
H54 8CT GD . 45.91 22.25 -34.49
H55 8CT GD . 37.16 20.72 -45.76
H56 8CT GD . 35.72 20.86 -46.74
H57 8CT GD . 35.59 20.33 -45.07
H58 8CT GD . 32.14 21.10 -47.78
H59 8CT GD . 30.92 21.67 -48.88
H60 8CT GD . 30.50 21.24 -47.24
H272 8CT GD . 47.40 19.54 -32.84
C2 PL9 HD . 37.20 -9.72 -17.93
C3 PL9 HD . 36.69 -10.35 -16.83
C4 PL9 HD . 36.65 -11.81 -16.81
C5 PL9 HD . 37.16 -12.53 -17.90
C6 PL9 HD . 37.65 -11.88 -19.00
C1 PL9 HD . 37.66 -10.48 -19.06
C7 PL9 HD . 36.20 -9.56 -15.68
C8 PL9 HD . 34.91 -8.83 -15.84
C9 PL9 HD . 33.97 -8.79 -14.91
C10 PL9 HD . 33.75 -9.83 -13.91
C11 PL9 HD . 32.85 -7.98 -15.16
C12 PL9 HD . 33.00 -6.74 -14.45
C13 PL9 HD . 31.79 -5.97 -14.74
C14 PL9 HD . 31.53 -4.83 -14.09
C15 PL9 HD . 32.27 -4.49 -12.84
C16 PL9 HD . 30.61 -3.75 -14.64
C17 PL9 HD . 29.54 -4.24 -15.69
C18 PL9 HD . 28.61 -3.14 -16.09
C19 PL9 HD . 27.43 -2.85 -15.52
C20 PL9 HD . 26.75 -3.82 -14.64
C21 PL9 HD . 26.69 -1.58 -15.94
C22 PL9 HD . 25.26 -1.90 -16.67
C23 PL9 HD . 24.61 -0.62 -17.19
C24 PL9 HD . 23.44 -0.63 -17.83
C25 PL9 HD . 22.98 -1.80 -18.55
C26 PL9 HD . 22.84 0.67 -18.31
C27 PL9 HD . 21.44 0.78 -17.80
C28 PL9 HD . 21.50 1.00 -16.34
C29 PL9 HD . 20.71 0.35 -15.49
C30 PL9 HD . 20.12 -1.00 -15.81
C31 PL9 HD . 20.69 0.62 -14.03
C32 PL9 HD . 22.00 1.08 -13.47
C33 PL9 HD . 21.71 1.52 -12.09
C34 PL9 HD . 22.35 2.52 -11.48
C35 PL9 HD . 22.20 3.92 -11.85
C36 PL9 HD . 23.02 2.24 -10.18
C37 PL9 HD . 22.13 2.81 -9.10
C38 PL9 HD . 22.86 2.67 -7.80
C39 PL9 HD . 22.23 2.92 -6.67
C40 PL9 HD . 20.83 3.38 -6.75
C41 PL9 HD . 22.70 2.27 -5.43
C42 PL9 HD . 22.81 3.30 -4.34
C43 PL9 HD . 23.33 2.65 -3.08
C44 PL9 HD . 23.73 3.38 -2.05
C45 PL9 HD . 23.63 4.87 -2.12
C46 PL9 HD . 24.10 2.80 -0.73
C47 PL9 HD . 22.87 2.71 0.13
C48 PL9 HD . 23.14 1.78 1.21
C49 PL9 HD . 22.23 1.48 2.15
C50 PL9 HD . 22.73 0.79 3.38
C51 PL9 HD . 20.81 1.28 1.86
C52 PL9 HD . 37.12 -13.97 -17.81
C53 PL9 HD . 38.19 -12.56 -20.17
O1 PL9 HD . 36.16 -12.37 -15.85
O2 PL9 HD . 38.06 -9.86 -20.04
HC2 PL9 HD . 37.26 -8.67 -17.99
HC71 PL9 HD . 36.96 -8.82 -15.38
HC72 PL9 HD . 36.11 -10.21 -14.79
HC8 PL9 HD . 34.74 -8.32 -16.75
H101 PL9 HD . 32.83 -9.69 -13.36
H102 PL9 HD . 34.55 -9.87 -13.17
H103 PL9 HD . 33.68 -10.82 -14.35
H111 PL9 HD . 31.93 -8.46 -14.84
H112 PL9 HD . 32.74 -7.77 -16.23
H121 PL9 HD . 33.90 -6.23 -14.79
H122 PL9 HD . 33.11 -6.94 -13.39
H13 PL9 HD . 31.12 -6.32 -15.46
H151 PL9 HD . 31.90 -3.58 -12.38
H152 PL9 HD . 33.35 -4.36 -13.03
H153 PL9 HD . 32.18 -5.30 -12.09
H161 PL9 HD . 31.21 -2.98 -15.13
H162 PL9 HD . 30.08 -3.27 -13.83
H171 PL9 HD . 29.01 -5.08 -15.25
H172 PL9 HD . 30.08 -4.63 -16.55
H18 PL9 HD . 28.94 -2.55 -16.90
H201 PL9 HD . 25.77 -3.47 -14.30
H202 PL9 HD . 27.33 -4.03 -13.74
H203 PL9 HD . 26.58 -4.78 -15.13
H211 PL9 HD . 27.28 -0.99 -16.65
H212 PL9 HD . 26.49 -0.93 -15.10
H221 PL9 HD . 24.62 -2.39 -15.96
H222 PL9 HD . 25.45 -2.59 -17.48
H23 PL9 HD . 25.10 0.30 -17.03
H251 PL9 HD . 22.00 -1.67 -19.01
H252 PL9 HD . 22.89 -2.68 -17.92
H253 PL9 HD . 23.65 -2.08 -19.37
H261 PL9 HD . 22.82 0.76 -19.39
H262 PL9 HD . 23.39 1.54 -17.99
H271 PL9 HD . 20.90 -0.11 -18.08
H272 PL9 HD . 20.95 1.59 -18.33
H28 PL9 HD . 22.21 1.68 -15.99
H301 PL9 HD . 19.41 -1.32 -15.04
H302 PL9 HD . 20.91 -1.76 -15.89
H303 PL9 HD . 19.59 -0.97 -16.77
H311 PL9 HD . 20.39 -0.26 -13.47
H312 PL9 HD . 19.96 1.39 -13.79
H321 PL9 HD . 22.40 1.89 -14.06
H322 PL9 HD . 22.71 0.26 -13.47
H33 PL9 HD . 20.95 1.01 -11.57
H351 PL9 HD . 22.67 4.59 -11.15
H352 PL9 HD . 21.15 4.22 -11.91
H353 PL9 HD . 22.63 4.13 -12.83
H361 PL9 HD . 24.00 2.71 -10.08
H362 PL9 HD . 23.15 1.19 -9.98
H371 PL9 HD . 21.19 2.27 -9.09
H372 PL9 HD . 21.93 3.85 -9.32
H38 PL9 HD . 23.86 2.35 -7.82
H401 PL9 HD . 20.50 3.73 -5.77
H402 PL9 HD . 20.19 2.56 -7.09
H403 PL9 HD . 20.75 4.21 -7.47
H411 PL9 HD . 23.67 1.80 -5.53
H412 PL9 HD . 22.02 1.49 -5.09
H421 PL9 HD . 21.84 3.74 -4.17
H422 PL9 HD . 23.47 4.09 -4.67
H43 PL9 HD . 23.37 1.60 -3.03
H451 PL9 HD . 23.99 5.37 -1.22
H452 PL9 HD . 22.62 5.24 -2.25
H453 PL9 HD . 24.20 5.32 -2.93
H461 PL9 HD . 24.83 3.42 -0.22
H462 PL9 HD . 24.53 1.81 -0.83
H471 PL9 HD . 22.03 2.36 -0.46
H472 PL9 HD . 22.62 3.69 0.52
H48 PL9 HD . 24.10 1.36 1.26
H501 PL9 HD . 22.12 -0.08 3.65
H502 PL9 HD . 22.73 1.45 4.24
H503 PL9 HD . 23.75 0.43 3.26
H511 PL9 HD . 20.25 0.98 2.74
H512 PL9 HD . 20.63 0.51 1.11
H513 PL9 HD . 20.33 2.18 1.49
H521 PL9 HD . 38.12 -14.46 -17.75
H522 PL9 HD . 36.64 -14.47 -18.68
H523 PL9 HD . 36.58 -14.38 -16.93
H531 PL9 HD . 38.48 -11.88 -20.98
H532 PL9 HD . 37.49 -13.26 -20.64
H533 PL9 HD . 39.08 -13.16 -19.97
C1 LMG ID . 42.17 31.76 -32.91
O1 LMG ID . 43.00 30.66 -33.25
C2 LMG ID . 42.83 32.43 -31.68
O2 LMG ID . 42.61 31.56 -30.62
C3 LMG ID . 42.02 33.68 -31.34
O3 LMG ID . 42.68 34.22 -30.21
C4 LMG ID . 42.05 34.67 -32.55
O4 LMG ID . 43.37 35.18 -32.74
C5 LMG ID . 41.58 33.83 -33.85
O5 LMG ID . 41.04 35.75 -35.02
C6 LMG ID . 41.80 34.62 -35.14
O6 LMG ID . 42.33 32.64 -33.99
C7 LMG ID . 42.60 29.96 -34.44
C8 LMG ID . 42.04 28.63 -33.95
C9 LMG ID . 41.75 27.71 -35.17
O7 LMG ID . 43.08 27.97 -33.22
C10 LMG ID . 42.92 27.63 -31.89
O9 LMG ID . 41.91 27.96 -31.29
C11 LMG ID . 44.24 27.43 -31.22
C12 LMG ID . 44.78 26.08 -31.58
C13 LMG ID . 43.96 24.97 -30.97
C14 LMG ID . 43.61 24.02 -32.12
C15 LMG ID . 42.59 22.99 -31.64
C16 LMG ID . 43.32 21.78 -31.14
C17 LMG ID . 42.79 20.59 -31.90
C18 LMG ID . 41.40 20.28 -31.35
C19 LMG ID . 41.01 18.81 -31.68
C20 LMG ID . 40.67 18.73 -33.21
C21 LMG ID . 39.15 18.47 -33.38
C22 LMG ID . 38.90 16.98 -33.56
C23 LMG ID . 38.17 16.51 -32.30
C24 LMG ID . 38.45 15.02 -32.23
C25 LMG ID . 37.67 14.43 -31.06
O8 LMG ID . 41.62 26.35 -34.64
C28 LMG ID . 41.33 25.41 -35.56
O10 LMG ID . 41.04 25.81 -36.68
C29 LMG ID . 40.98 24.03 -35.02
C30 LMG ID . 40.12 23.23 -36.09
C31 LMG ID . 39.97 21.77 -35.60
C32 LMG ID . 38.95 20.98 -36.48
C33 LMG ID . 39.71 19.92 -37.36
C34 LMG ID . 38.87 19.49 -38.65
C35 LMG ID . 39.43 18.11 -39.18
C36 LMG ID . 39.04 17.96 -40.68
C37 LMG ID . 40.27 18.25 -41.59
C38 LMG ID . 40.47 17.01 -42.49
C39 LMG ID . 41.71 17.16 -43.39
C40 LMG ID . 41.66 15.99 -44.39
C41 LMG ID . 43.09 15.40 -44.59
C42 LMG ID . 43.19 14.88 -46.09
C43 LMG ID . 42.93 13.37 -46.16
HC1 LMG ID . 41.11 31.46 -32.73
HC2 LMG ID . 43.90 32.66 -31.90
HO2 LMG ID . 43.28 31.73 -29.97
HC3 LMG ID . 40.95 33.43 -31.16
HO3 LMG ID . 42.32 35.08 -30.08
HC4 LMG ID . 41.32 35.50 -32.38
HO4 LMG ID . 43.51 35.83 -32.05
HC5 LMG ID . 40.48 33.63 -33.73
HO5 LMG ID . 40.56 35.85 -35.84
HC61 LMG ID . 41.50 33.98 -36.00
HC62 LMG ID . 42.89 34.81 -35.26
HC71 LMG ID . 43.50 29.87 -35.10
HC72 LMG ID . 41.87 30.59 -34.98
HC8 LMG ID . 41.11 28.80 -33.35
HC91 LMG ID . 42.57 27.76 -35.92
HC92 LMG ID . 40.81 28.02 -35.68
H111 LMG ID . 44.13 27.54 -30.12
H112 LMG ID . 44.95 28.23 -31.51
H121 LMG ID . 45.84 25.99 -31.24
H122 LMG ID . 44.82 25.96 -32.68
H131 LMG ID . 43.05 25.35 -30.47
H132 LMG ID . 44.50 24.43 -30.17
H141 LMG ID . 44.51 23.50 -32.51
H142 LMG ID . 43.21 24.58 -32.99
H151 LMG ID . 41.89 22.70 -32.45
H152 LMG ID . 41.93 23.40 -30.86
H161 LMG ID . 43.18 21.66 -30.05
H162 LMG ID . 44.41 21.89 -31.25
H171 LMG ID . 43.47 19.71 -31.81
H172 LMG ID . 42.77 20.79 -32.99
H181 LMG ID . 40.63 20.99 -31.73
H182 LMG ID . 41.35 20.47 -30.25
H191 LMG ID . 40.17 18.42 -31.08
H192 LMG ID . 41.83 18.08 -31.46
H201 LMG ID . 41.22 17.93 -33.74
H202 LMG ID . 40.94 19.63 -33.78
H211 LMG ID . 38.71 19.01 -34.25
H212 LMG ID . 38.54 18.84 -32.52
H221 LMG ID . 39.85 16.43 -33.72
H222 LMG ID . 38.30 16.78 -34.47
H231 LMG ID . 37.08 16.74 -32.35
H232 LMG ID . 38.53 17.06 -31.40
H241 LMG ID . 39.54 14.84 -32.13
H242 LMG ID . 38.18 14.54 -33.19
H291 LMG ID . 40.42 24.13 -34.08
H292 LMG ID . 41.89 23.48 -34.76
H301 LMG ID . 40.57 23.23 -37.11
H302 LMG ID . 39.11 23.65 -36.26
H311 LMG ID . 39.68 21.74 -34.53
H312 LMG ID . 40.95 21.25 -35.60
H321 LMG ID . 38.36 21.70 -37.10
H322 LMG ID . 38.19 20.52 -35.82
H331 LMG ID . 39.98 19.01 -36.75
H332 LMG ID . 40.72 20.31 -37.66
H341 LMG ID . 38.89 20.25 -39.45
H342 LMG ID . 37.78 19.40 -38.44
H351 LMG ID . 39.05 17.28 -38.56
H352 LMG ID . 40.53 18.07 -39.04
H361 LMG ID . 38.20 18.62 -40.96
H362 LMG ID . 38.65 16.95 -40.89
H371 LMG ID . 41.20 18.45 -41.01
H372 LMG ID . 40.15 19.16 -42.22
H381 LMG ID . 39.58 16.81 -43.14
H382 LMG ID . 40.56 16.06 -41.91
H391 LMG ID . 42.67 17.14 -42.83
H392 LMG ID . 41.75 18.12 -43.94
H401 LMG ID . 41.26 16.28 -45.39
H402 LMG ID . 40.98 15.16 -44.08
H411 LMG ID . 43.27 14.59 -43.84
H412 LMG ID . 43.85 16.16 -44.34
H421 LMG ID . 44.17 15.15 -46.51
H422 LMG ID . 42.47 15.46 -46.71
O6 SQD JD . 39.31 5.87 -63.41
C44 SQD JD . 38.44 6.75 -62.74
C45 SQD JD . 37.35 7.26 -63.67
C46 SQD JD . 36.03 7.10 -62.91
O48 SQD JD . 36.25 7.44 -61.54
C23 SQD JD . 36.60 8.78 -61.19
O10 SQD JD . 37.72 9.20 -61.45
C24 SQD JD . 35.53 9.77 -60.71
C25 SQD JD . 34.34 9.03 -60.09
C26 SQD JD . 33.91 9.60 -58.71
C27 SQD JD . 33.08 10.91 -58.77
C28 SQD JD . 31.55 10.66 -58.78
C29 SQD JD . 30.80 11.82 -58.08
C30 SQD JD . 29.59 12.33 -58.89
C31 SQD JD . 28.66 13.19 -57.99
C32 SQD JD . 27.99 14.36 -58.74
C33 SQD JD . 27.81 15.52 -57.75
C34 SQD JD . 26.58 16.40 -58.08
C35 SQD JD . 26.40 17.35 -56.91
C36 SQD JD . 26.45 18.78 -57.36
C37 SQD JD . 25.15 19.21 -58.02
C38 SQD JD . 24.93 20.69 -57.83
C1 SQD JD . 39.28 4.53 -63.01
C2 SQD JD . 40.34 3.65 -63.62
O2 SQD JD . 40.52 3.95 -64.94
C3 SQD JD . 39.81 2.26 -63.45
O3 SQD JD . 40.74 1.35 -63.91
C4 SQD JD . 39.46 1.95 -62.02
O4 SQD JD . 38.61 0.86 -62.06
C5 SQD JD . 38.78 3.09 -61.29
C6 SQD JD . 38.87 2.89 -59.80
O5 SQD JD . 39.26 4.38 -61.61
S SQD JD . 37.51 3.58 -58.86
O7 SQD JD . 37.67 3.06 -57.52
O8 SQD JD . 37.48 5.06 -58.85
O9 SQD JD . 36.24 3.06 -59.29
H441 SQD JD . 38.95 7.50 -62.40
H442 SQD JD . 38.02 6.27 -62.00
H461 SQD JD . 35.74 6.17 -62.97
H462 SQD JD . 35.36 7.69 -63.29
H241 SQD JD . 35.23 10.29 -61.47
H242 SQD JD . 35.93 10.37 -60.06
H251 SQD JD . 34.58 8.10 -59.96
H252 SQD JD . 33.59 9.09 -60.69
H261 SQD JD . 34.71 9.78 -58.19
H262 SQD JD . 33.37 8.93 -58.26
H271 SQD JD . 33.32 11.38 -59.57
H272 SQD JD . 33.30 11.45 -58.00
H281 SQD JD . 31.36 9.83 -58.31
H282 SQD JD . 31.25 10.59 -59.69
H291 SQD JD . 31.42 12.55 -57.95
H292 SQD JD . 30.48 11.51 -57.21
H301 SQD JD . 29.09 11.58 -59.24
H302 SQD JD . 29.91 12.88 -59.62
H311 SQD JD . 29.19 13.56 -57.26
H312 SQD JD . 27.96 12.61 -57.64
H321 SQD JD . 27.13 14.07 -59.08
H322 SQD JD . 28.56 14.64 -59.48
H331 SQD JD . 28.60 16.08 -57.79
H332 SQD JD . 27.70 15.16 -56.87
H341 SQD JD . 25.80 15.85 -58.19
H342 SQD JD . 26.74 16.90 -58.89
H351 SQD JD . 27.10 17.19 -56.25
H352 SQD JD . 25.53 17.18 -56.50
H361 SQD JD . 27.18 18.89 -57.99
H362 SQD JD . 26.62 19.35 -56.59
H371 SQD JD . 24.42 18.71 -57.61
H372 SQD JD . 25.19 19.01 -58.97
H381 SQD JD . 24.04 20.93 -58.15
H382 SQD JD . 25.60 21.19 -58.34
H383 SQD JD . 25.00 20.91 -56.89
H1 SQD JD . 38.41 4.26 -63.37
H2 SQD JD . 41.22 3.78 -63.24
HO2 SQD JD . 39.99 4.57 -65.17
H3 SQD JD . 39.04 2.14 -64.01
HO3 SQD JD . 40.34 0.73 -64.32
H4 SQD JD . 40.28 1.76 -61.54
HO4 SQD JD . 38.82 0.37 -62.72
H5 SQD JD . 37.83 3.03 -61.51
H61 SQD JD . 39.69 3.31 -59.49
H62 SQD JD . 38.91 1.93 -59.62
O1 LHG KD . 23.97 -17.01 -19.99
C1 LHG KD . 25.29 -16.43 -19.76
C2 LHG KD . 26.17 -17.56 -19.54
O2 LHG KD . 25.73 -18.31 -18.42
C3 LHG KD . 27.64 -17.19 -19.34
O3 LHG KD . 27.76 -16.57 -18.04
P LHG KD . 29.33 -16.27 -17.53
O4 LHG KD . 29.63 -17.41 -16.67
O5 LHG KD . 30.01 -15.73 -18.74
O6 LHG KD . 28.99 -15.02 -16.58
C4 LHG KD . 28.83 -15.19 -15.25
C5 LHG KD . 28.15 -13.89 -14.76
C6 LHG KD . 27.69 -14.07 -13.30
O7 LHG KD . 29.10 -12.87 -14.82
C7 LHG KD . 28.78 -11.86 -15.68
O9 LHG KD . 27.84 -11.88 -16.47
C8 LHG KD . 29.76 -10.78 -15.56
C9 LHG KD . 29.08 -9.45 -15.69
C10 LHG KD . 28.18 -9.28 -14.49
O8 LHG KD . 26.88 -12.99 -13.01
C23 LHG KD . 26.23 -13.02 -11.84
O10 LHG KD . 26.49 -13.94 -11.05
C24 LHG KD . 25.39 -11.77 -11.42
C11 LHG KD . 28.62 -8.02 -13.83
C12 LHG KD . 27.71 -7.79 -12.65
C13 LHG KD . 28.53 -7.04 -11.57
C14 LHG KD . 27.82 -5.83 -10.98
C15 LHG KD . 27.72 -6.03 -9.46
C16 LHG KD . 27.78 -4.69 -8.75
C17 LHG KD . 26.44 -4.00 -8.81
C18 LHG KD . 26.15 -3.63 -7.43
C19 LHG KD . 25.17 -2.50 -7.29
C20 LHG KD . 24.79 -2.63 -5.85
C21 LHG KD . 24.33 -1.31 -5.31
C22 LHG KD . 23.79 -1.59 -3.89
C25 LHG KD . 25.55 -11.33 -9.98
C26 LHG KD . 26.81 -10.55 -9.62
C27 LHG KD . 26.65 -10.28 -8.15
C28 LHG KD . 27.90 -10.27 -7.33
C29 LHG KD . 28.78 -9.24 -7.97
C30 LHG KD . 30.00 -8.72 -7.13
C31 LHG KD . 29.85 -8.58 -5.62
C32 LHG KD . 30.97 -9.23 -4.83
C33 LHG KD . 32.01 -8.19 -4.39
C34 LHG KD . 32.95 -8.70 -3.33
C35 LHG KD . 34.42 -8.27 -3.54
C36 LHG KD . 35.33 -9.36 -3.05
C37 LHG KD . 36.40 -8.74 -2.24
C38 LHG KD . 37.02 -9.75 -1.30
HO1 LHG KD . 24.11 -17.51 -20.67
HC11 LHG KD . 25.29 -15.83 -19.01
HC12 LHG KD . 25.58 -15.89 -20.51
HC2 LHG KD . 26.22 -18.13 -20.33
H02 LHG KD . 26.46 -18.50 -18.03
HC31 LHG KD . 27.94 -16.58 -20.03
HC32 LHG KD . 28.20 -17.98 -19.38
HC41 LHG KD . 29.68 -15.33 -14.80
HC42 LHG KD . 28.28 -15.97 -15.06
HC5 LHG KD . 27.38 -13.75 -15.34
HC61 LHG KD . 28.49 -14.14 -12.76
HC62 LHG KD . 27.26 -14.94 -13.23
HC81 LHG KD . 30.46 -10.85 -16.24
HC82 LHG KD . 30.22 -10.80 -14.71
HC91 LHG KD . 28.56 -9.40 -16.52
HC92 LHG KD . 29.72 -8.73 -15.75
H101 LHG KD . 28.26 -10.06 -13.91
H102 LHG KD . 27.25 -9.24 -14.78
H241 LHG KD . 24.43 -11.91 -11.56
H242 LHG KD . 25.57 -11.01 -11.98
H111 LHG KD . 28.57 -7.28 -14.45
H112 LHG KD . 29.54 -8.10 -13.54
H121 LHG KD . 27.39 -8.65 -12.35
H122 LHG KD . 26.96 -7.27 -12.96
H131 LHG KD . 29.37 -6.76 -11.95
H132 LHG KD . 28.72 -7.67 -10.85
H141 LHG KD . 26.93 -5.74 -11.37
H142 LHG KD . 28.32 -5.03 -11.19
H151 LHG KD . 28.44 -6.60 -9.17
H152 LHG KD . 26.88 -6.48 -9.25
H161 LHG KD . 28.46 -4.13 -9.16
H162 LHG KD . 28.03 -4.82 -7.82
H171 LHG KD . 25.76 -4.59 -9.18
H172 LHG KD . 26.47 -3.21 -9.38
H181 LHG KD . 26.98 -3.38 -6.98
H182 LHG KD . 25.80 -4.40 -6.96
H191 LHG KD . 24.40 -2.60 -7.87
H192 LHG KD . 25.57 -1.63 -7.49
H201 LHG KD . 25.53 -2.94 -5.30
H202 LHG KD . 24.08 -3.27 -5.70
H211 LHG KD . 23.62 -0.92 -5.83
H212 LHG KD . 25.06 -0.66 -5.23
H221 LHG KD . 23.40 -0.76 -3.57
H222 LHG KD . 24.55 -1.85 -3.35
H223 LHG KD . 23.14 -2.29 -3.97
H251 LHG KD . 25.52 -12.11 -9.40
H252 LHG KD . 24.79 -10.77 -9.74
H261 LHG KD . 26.87 -9.74 -10.12
H262 LHG KD . 27.61 -11.08 -9.79
H271 LHG KD . 26.04 -10.95 -7.79
H272 LHG KD . 26.21 -9.42 -8.06
H281 LHG KD . 28.33 -11.14 -7.34
H282 LHG KD . 27.71 -10.04 -6.41
H291 LHG KD . 28.24 -8.48 -8.21
H292 LHG KD . 29.12 -9.60 -8.81
H301 LHG KD . 30.26 -7.86 -7.49
H302 LHG KD . 30.75 -9.31 -7.30
H311 LHG KD . 28.99 -8.95 -5.36
H312 LHG KD . 29.80 -7.63 -5.41
H321 LHG KD . 31.38 -9.91 -5.38
H322 LHG KD . 30.59 -9.67 -4.06
H331 LHG KD . 31.56 -7.40 -4.07
H332 LHG KD . 32.54 -7.91 -5.16
H341 LHG KD . 32.92 -9.67 -3.30
H342 LHG KD . 32.67 -8.38 -2.46
H351 LHG KD . 34.61 -7.45 -3.07
H352 LHG KD . 34.59 -8.10 -4.48
H361 LHG KD . 35.73 -9.83 -3.81
H362 LHG KD . 34.83 -10.00 -2.52
H371 LHG KD . 36.05 -8.02 -1.69
H372 LHG KD . 37.11 -8.38 -2.79
H381 LHG KD . 37.93 -9.48 -1.16
H382 LHG KD . 36.96 -10.61 -1.75
H383 LHG KD . 36.50 -9.73 -0.48
O1 LHG LD . 58.26 -4.84 -24.65
C1 LHG LD . 58.31 -3.99 -23.53
C2 LHG LD . 57.10 -4.31 -22.76
O2 LHG LD . 57.18 -5.64 -22.18
C3 LHG LD . 55.88 -4.14 -23.74
O3 LHG LD . 54.97 -4.97 -23.25
P LHG LD . 54.54 -6.37 -23.92
O4 LHG LD . 54.57 -6.33 -25.40
O5 LHG LD . 54.98 -7.39 -22.95
O6 LHG LD . 52.88 -5.90 -23.57
C4 LHG LD . 52.20 -5.04 -24.49
C5 LHG LD . 51.27 -4.11 -23.68
C6 LHG LD . 50.67 -4.72 -22.39
O7 LHG LD . 51.98 -2.91 -23.28
C7 LHG LD . 52.32 -2.01 -24.29
O9 LHG LD . 52.27 -2.31 -25.46
C8 LHG LD . 53.23 -0.98 -23.77
C9 LHG LD . 53.41 0.08 -24.85
C10 LHG LD . 53.78 1.41 -24.23
O8 LHG LD . 49.84 -3.62 -21.93
C23 LHG LD . 48.96 -3.85 -20.92
O10 LHG LD . 48.89 -4.96 -20.49
C24 LHG LD . 47.85 -2.85 -20.62
C11 LHG LD . 54.73 2.07 -25.19
C12 LHG LD . 54.17 3.37 -25.66
C13 LHG LD . 54.05 4.35 -24.48
C14 LHG LD . 52.63 4.93 -24.44
C15 LHG LD . 52.45 5.88 -25.64
C16 LHG LD . 50.98 6.23 -25.86
C17 LHG LD . 50.43 7.08 -24.74
C18 LHG LD . 50.90 8.48 -24.99
C19 LHG LD . 49.94 9.34 -25.79
C20 LHG LD . 50.57 9.38 -27.19
C25 LHG LD . 47.59 -2.45 -19.21
C26 LHG LD . 46.77 -1.10 -19.06
C27 LHG LD . 47.82 0.02 -19.10
C28 LHG LD . 47.63 1.10 -20.11
C29 LHG LD . 48.89 1.97 -20.10
C30 LHG LD . 49.61 2.11 -21.43
C31 LHG LD . 50.84 2.94 -21.51
C32 LHG LD . 50.61 4.44 -21.56
C33 LHG LD . 51.76 5.11 -20.78
C34 LHG LD . 52.12 6.53 -21.20
C35 LHG LD . 51.34 7.59 -20.44
C36 LHG LD . 51.74 8.93 -21.05
C37 LHG LD . 50.93 9.97 -20.37
C38 LHG LD . 51.56 11.35 -20.41
HO1 LHG LD . 58.26 -5.61 -24.28
HC11 LHG LD . 58.34 -3.05 -23.79
HC12 LHG LD . 59.13 -4.12 -23.02
HC2 LHG LD . 56.91 -3.74 -22.00
H02 LHG LD . 56.70 -5.56 -21.48
HC31 LHG LD . 56.11 -4.38 -24.65
HC32 LHG LD . 55.55 -3.22 -23.74
HC41 LHG LD . 51.69 -5.58 -25.12
HC42 LHG LD . 52.85 -4.53 -25.00
HC5 LHG LD . 50.55 -3.99 -24.34
HC61 LHG LD . 51.38 -4.99 -21.80
HC62 LHG LD . 50.20 -5.55 -22.60
HC81 LHG LD . 54.10 -1.33 -23.53
HC82 LHG LD . 52.88 -0.55 -22.97
HC91 LHG LD . 52.60 0.18 -25.37
HC92 LHG LD . 54.10 -0.19 -25.48
H101 LHG LD . 54.19 1.26 -23.36
H102 LHG LD . 52.98 1.95 -24.08
H241 LHG LD . 47.01 -3.16 -20.97
H242 LHG LD . 48.00 -2.02 -21.12
H111 LHG LD . 54.88 1.48 -25.95
H112 LHG LD . 55.58 2.22 -24.76
H121 LHG LD . 53.30 3.19 -26.06
H122 LHG LD . 54.76 3.71 -26.35
H131 LHG LD . 54.70 5.07 -24.60
H132 LHG LD . 54.26 3.89 -23.65
H141 LHG LD . 52.51 5.40 -23.60
H142 LHG LD . 52.00 4.20 -24.47
H151 LHG LD . 52.81 5.45 -26.44
H152 LHG LD . 52.97 6.69 -25.48
H161 LHG LD . 50.47 5.42 -25.94
H162 LHG LD . 50.89 6.71 -26.71
H171 LHG LD . 50.76 6.77 -23.87
H172 LHG LD . 49.46 7.04 -24.71
H181 LHG LD . 51.75 8.44 -25.46
H182 LHG LD . 51.07 8.92 -24.14
H191 LHG LD . 49.84 10.23 -25.43
H192 LHG LD . 49.04 8.95 -25.83
H251 LHG LD . 48.43 -2.35 -18.73
H252 LHG LD . 47.10 -3.15 -18.76
H261 LHG LD . 46.28 -1.07 -18.23
H262 LHG LD . 46.14 -0.99 -19.79
H271 LHG LD . 48.68 -0.40 -19.25
H272 LHG LD . 47.85 0.42 -18.21
H281 LHG LD . 46.85 1.63 -19.90
H282 LHG LD . 47.50 0.73 -21.00
H291 LHG LD . 49.52 1.60 -19.46
H292 LHG LD . 48.67 2.85 -19.77
H301 LHG LD . 48.97 2.47 -22.07
H302 LHG LD . 49.82 1.23 -21.76
H311 LHG LD . 51.35 2.66 -22.29
H312 LHG LD . 51.39 2.72 -20.73
H321 LHG LD . 49.75 4.65 -21.16
H322 LHG LD . 50.59 4.74 -22.48
H331 LHG LD . 52.56 4.57 -20.86
H332 LHG LD . 51.53 5.13 -19.83
H341 LHG LD . 51.94 6.65 -22.15
H342 LHG LD . 53.06 6.70 -21.07
H351 LHG LD . 51.55 7.57 -19.49
H352 LHG LD . 50.38 7.45 -20.52
H361 LHG LD . 51.55 8.93 -22.00
H362 LHG LD . 52.68 9.09 -20.91
H371 LHG LD . 50.80 9.75 -19.43
H372 LHG LD . 50.06 10.06 -20.79
H381 LHG LD . 50.86 11.98 -20.24
H382 LHG LD . 51.95 11.45 -21.29
H383 LHG LD . 52.23 11.36 -19.71
O1 LMG MD . 20.62 -8.95 -57.93
O2 LMG MD . 23.70 -7.93 -53.24
C7 LMG MD . 19.81 -8.69 -56.78
C8 LMG MD . 19.38 -7.16 -56.83
C9 LMG MD . 18.13 -6.95 -55.87
O7 LMG MD . 20.55 -6.33 -56.37
C10 LMG MD . 20.67 -5.86 -55.07
O9 LMG MD . 21.28 -6.55 -54.26
C11 LMG MD . 20.34 -4.39 -54.96
C12 LMG MD . 20.76 -3.81 -53.62
C13 LMG MD . 19.66 -2.99 -52.95
C14 LMG MD . 19.94 -1.52 -53.19
C15 LMG MD . 18.64 -0.83 -53.44
C16 LMG MD . 18.83 0.68 -53.36
C17 LMG MD . 17.95 1.36 -54.42
C18 LMG MD . 17.31 2.61 -53.82
C19 LMG MD . 17.23 3.67 -54.89
C20 LMG MD . 16.65 4.91 -54.23
O8 LMG MD . 17.35 -5.75 -56.30
C28 LMG MD . 16.74 -4.96 -55.30
O10 LMG MD . 17.30 -4.94 -54.20
C29 LMG MD . 15.50 -4.13 -55.68
C30 LMG MD . 15.12 -2.96 -54.64
C31 LMG MD . 14.66 -1.65 -55.41
C32 LMG MD . 13.71 -0.78 -54.52
C33 LMG MD . 13.10 0.39 -55.40
C34 LMG MD . 12.95 1.74 -54.59
C35 LMG MD . 12.01 2.67 -55.45
C36 LMG MD . 12.52 4.16 -55.37
C37 LMG MD . 11.29 5.13 -55.51
C38 LMG MD . 11.91 6.53 -55.76
C39 LMG MD . 10.96 7.65 -55.31
C40 LMG MD . 11.53 8.90 -55.92
HC71 LMG MD . 20.39 -8.97 -55.89
HC72 LMG MD . 18.94 -9.39 -56.83
HC8 LMG MD . 19.08 -6.81 -57.85
HC91 LMG MD . 18.46 -6.83 -54.82
HC92 LMG MD . 17.48 -7.86 -55.90
H111 LMG MD . 19.26 -4.23 -55.12
H112 LMG MD . 20.84 -3.83 -55.79
H121 LMG MD . 21.67 -3.18 -53.74
H122 LMG MD . 21.07 -4.63 -52.94
H131 LMG MD . 19.59 -3.20 -51.87
H132 LMG MD . 18.66 -3.27 -53.34
H141 LMG MD . 20.63 -1.36 -54.04
H142 LMG MD . 20.46 -1.06 -52.32
H151 LMG MD . 17.86 -1.15 -52.73
H152 LMG MD . 18.23 -1.10 -54.43
H161 LMG MD . 19.89 0.94 -53.50
H162 LMG MD . 18.60 1.04 -52.36
H171 LMG MD . 17.19 0.66 -54.81
H172 LMG MD . 18.55 1.61 -55.32
H181 LMG MD . 17.87 2.97 -52.93
H182 LMG MD . 16.31 2.39 -53.39
H191 LMG MD . 16.60 3.38 -55.76
H192 LMG MD . 18.21 3.91 -55.35
H291 LMG MD . 14.64 -4.80 -55.80
H292 LMG MD . 15.65 -3.68 -56.69
H301 LMG MD . 15.96 -2.69 -53.98
H302 LMG MD . 14.31 -3.26 -53.94
H311 LMG MD . 14.16 -1.90 -56.36
H312 LMG MD . 15.53 -1.07 -55.74
H321 LMG MD . 14.29 -0.39 -53.65
H322 LMG MD . 12.94 -1.42 -54.06
H331 LMG MD . 12.12 0.08 -55.84
H332 LMG MD . 13.73 0.54 -56.32
H341 LMG MD . 13.92 2.24 -54.38
H342 LMG MD . 12.54 1.59 -53.56
H351 LMG MD . 10.97 2.58 -55.08
H352 LMG MD . 11.97 2.30 -56.49
H361 LMG MD . 13.26 4.38 -56.16
H362 LMG MD . 13.07 4.37 -54.44
H371 LMG MD . 10.65 5.16 -54.60
H372 LMG MD . 10.59 4.86 -56.32
H381 LMG MD . 12.16 6.69 -56.84
H382 LMG MD . 12.90 6.66 -55.26
H391 LMG MD . 10.88 7.76 -54.20
H392 LMG MD . 9.91 7.51 -55.63
O1 LHG ND . 52.73 -0.15 -44.80
C1 LHG ND . 52.19 0.77 -45.77
C2 LHG ND . 50.70 0.45 -46.06
O2 LHG ND . 50.30 -0.80 -45.49
C3 LHG ND . 50.32 0.32 -47.56
O3 LHG ND . 50.67 1.63 -48.08
P LHG ND . 49.58 2.85 -48.39
O4 LHG ND . 50.35 4.14 -48.40
O5 LHG ND . 48.55 2.30 -49.33
O6 LHG ND . 48.97 2.86 -46.85
C4 LHG ND . 49.09 4.01 -46.09
C5 LHG ND . 48.36 3.66 -44.84
C6 LHG ND . 49.34 3.20 -43.75
O7 LHG ND . 47.77 4.88 -44.44
C7 LHG ND . 46.57 5.16 -45.06
O9 LHG ND . 45.62 4.39 -45.01
C8 LHG ND . 46.53 6.56 -45.55
C9 LHG ND . 45.08 6.95 -45.96
C10 LHG ND . 44.36 7.77 -44.88
O8 LHG ND . 48.53 2.79 -42.63
C23 LHG ND . 49.00 1.76 -41.80
O10 LHG ND . 48.96 1.90 -40.58
C24 LHG ND . 49.57 0.43 -42.39
C11 LHG ND . 43.72 8.98 -45.60
C12 LHG ND . 42.33 8.66 -46.10
C13 LHG ND . 41.56 9.98 -46.28
C14 LHG ND . 40.31 9.83 -47.13
C15 LHG ND . 39.15 9.32 -46.25
C16 LHG ND . 37.81 9.77 -46.85
C17 LHG ND . 36.68 8.79 -46.49
C18 LHG ND . 36.33 9.08 -45.04
C19 LHG ND . 36.26 7.87 -44.10
C20 LHG ND . 35.22 6.87 -44.69
C21 LHG ND . 33.80 7.41 -44.75
C22 LHG ND . 33.07 6.94 -43.54
C25 LHG ND . 49.69 -0.76 -41.42
C26 LHG ND . 48.82 -2.00 -41.74
C27 LHG ND . 48.75 -2.80 -40.42
C28 LHG ND . 47.43 -3.52 -40.10
C29 LHG ND . 46.26 -2.52 -40.25
C30 LHG ND . 46.45 -1.08 -39.73
C31 LHG ND . 46.43 -0.88 -38.23
C32 LHG ND . 46.20 0.55 -37.79
C33 LHG ND . 47.20 0.84 -36.65
C34 LHG ND . 47.02 2.17 -35.92
C35 LHG ND . 45.75 2.14 -35.07
C36 LHG ND . 44.66 2.96 -35.79
C37 LHG ND . 43.42 2.88 -34.97
C38 LHG ND . 43.16 4.11 -34.19
HO1 LHG ND . 53.50 -0.33 -45.12
HC11 LHG ND . 52.71 0.74 -46.59
HC12 LHG ND . 52.28 1.69 -45.46
HC2 LHG ND . 50.17 1.20 -45.75
H02 LHG ND . 49.46 -0.69 -45.40
HC31 LHG ND . 49.37 0.14 -47.69
HC32 LHG ND . 50.82 -0.37 -48.01
HC41 LHG ND . 48.70 4.77 -46.55
HC42 LHG ND . 50.02 4.22 -45.93
HC5 LHG ND . 47.76 2.93 -45.01
HC61 LHG ND . 49.95 3.93 -43.57
HC62 LHG ND . 49.89 2.50 -44.14
HC81 LHG ND . 47.11 6.70 -46.32
HC82 LHG ND . 46.82 7.19 -44.87
HC91 LHG ND . 44.58 6.15 -46.15
HC92 LHG ND . 45.11 7.46 -46.79
H101 LHG ND . 44.99 8.05 -44.21
H102 LHG ND . 43.69 7.22 -44.44
H241 LHG ND . 50.45 0.56 -42.78
H242 LHG ND . 49.05 0.13 -43.15
H111 LHG ND . 44.28 9.24 -46.36
H112 LHG ND . 43.68 9.74 -44.99
H121 LHG ND . 41.90 8.08 -45.46
H122 LHG ND . 42.42 8.19 -46.95
H131 LHG ND . 42.15 10.63 -46.68
H132 LHG ND . 41.31 10.30 -45.40
H141 LHG ND . 40.49 9.20 -47.85
H142 LHG ND . 40.09 10.68 -47.53
H151 LHG ND . 39.26 9.67 -45.35
H152 LHG ND . 39.18 8.35 -46.19
H161 LHG ND . 37.89 9.84 -47.81
H162 LHG ND . 37.58 10.65 -46.51
H171 LHG ND . 36.99 7.87 -46.60
H172 LHG ND . 35.92 8.91 -47.07
H181 LHG ND . 35.48 9.54 -45.02
H182 LHG ND . 36.99 9.71 -44.68
H191 LHG ND . 35.98 8.13 -43.20
H192 LHG ND . 37.12 7.44 -44.01
H201 LHG ND . 35.19 6.05 -44.17
H202 LHG ND . 35.47 6.61 -45.58
H211 LHG ND . 33.33 7.09 -45.53
H212 LHG ND . 33.78 8.38 -44.75
H221 LHG ND . 32.17 7.28 -43.59
H222 LHG ND . 33.54 7.29 -42.76
H223 LHG ND . 33.10 5.97 -43.55
H251 LHG ND . 49.46 -0.45 -40.53
H252 LHG ND . 50.61 -1.05 -41.39
H261 LHG ND . 49.22 -2.54 -42.45
H262 LHG ND . 47.93 -1.74 -42.04
H271 LHG ND . 48.94 -2.18 -39.70
H272 LHG ND . 49.46 -3.45 -40.44
H281 LHG ND . 47.45 -3.88 -39.21
H282 LHG ND . 47.30 -4.26 -40.71
H291 LHG ND . 45.48 -2.89 -39.80
H292 LHG ND . 46.02 -2.46 -41.19
H301 LHG ND . 45.77 -0.52 -40.11
H302 LHG ND . 47.29 -0.74 -40.07
H311 LHG ND . 47.27 -1.21 -37.88
H312 LHG ND . 45.74 -1.46 -37.86
H321 LHG ND . 45.29 0.67 -37.49
H322 LHG ND . 46.34 1.15 -38.54
H331 LHG ND . 48.10 0.81 -37.02
H332 LHG ND . 47.14 0.12 -36.01
H341 LHG ND . 46.96 2.90 -36.55
H342 LHG ND . 47.77 2.34 -35.34
H351 LHG ND . 45.91 2.51 -34.19
H352 LHG ND . 45.44 1.22 -34.95
H361 LHG ND . 44.51 2.61 -36.68
H362 LHG ND . 44.95 3.88 -35.87
H371 LHG ND . 43.46 2.15 -34.34
H372 LHG ND . 42.64 2.74 -35.54
H381 LHG ND . 42.27 4.03 -33.81
H382 LHG ND . 43.22 4.86 -34.80
H383 LHG ND . 43.84 4.16 -33.50
C1 UNL OD . 29.31 38.74 -52.61
C10 UNL OD . 35.72 30.83 -52.86
C2 UNL OD . 30.13 38.20 -53.79
C3 UNL OD . 29.79 36.73 -54.11
C4 UNL OD . 30.48 35.78 -53.13
C5 UNL OD . 30.83 34.45 -53.81
C6 UNL OD . 31.86 33.67 -52.97
C7 UNL OD . 33.28 33.77 -53.53
C8 UNL OD . 33.92 32.37 -53.68
C9 UNL OD . 35.01 32.17 -52.62
O1 UNL OD . 29.47 39.94 -52.27
O2 UNL OD . 28.50 37.98 -51.97
H21 UNL OD . 31.06 38.27 -53.58
H22 UNL OD . 29.92 38.74 -54.58
H31 UNL OD . 30.08 36.54 -55.00
H32 UNL OD . 28.83 36.61 -54.04
H41 UNL OD . 29.89 35.60 -52.38
H42 UNL OD . 31.30 36.19 -52.81
H51 UNL OD . 31.21 34.62 -54.69
H52 UNL OD . 30.02 33.91 -53.90
H61 UNL OD . 31.60 32.73 -52.94
H62 UNL OD . 31.86 34.03 -52.07
H71 UNL OD . 33.83 34.31 -52.93
H72 UNL OD . 33.25 34.19 -54.41
H81 UNL OD . 34.31 32.29 -54.56
H82 UNL OD . 33.24 31.70 -53.56
H91 UNL OD . 34.60 32.17 -51.74
H92 UNL OD . 35.66 32.89 -52.68
CHA HEM PD . 47.20 13.76 -55.95
CHB HEM PD . 45.69 17.70 -58.15
CHC HEM PD . 45.62 19.92 -53.90
CHD HEM PD . 47.07 15.96 -51.67
C1A HEM PD . 47.00 14.70 -56.90
C2A HEM PD . 47.39 14.57 -58.29
C3A HEM PD . 46.95 15.65 -58.94
C4A HEM PD . 46.29 16.50 -57.96
CMA HEM PD . 47.14 15.93 -60.45
CAA HEM PD . 48.12 13.36 -58.89
CBA HEM PD . 49.62 13.53 -58.72
CGA HEM PD . 50.32 12.33 -59.32
O1A HEM PD . 49.65 11.30 -59.69
O2A HEM PD . 51.58 12.41 -59.40
C1B HEM PD . 45.52 18.63 -57.17
C2B HEM PD . 45.04 19.98 -57.36
C3B HEM PD . 45.02 20.57 -56.16
C4B HEM PD . 45.53 19.62 -55.22
CMB HEM PD . 44.61 20.57 -58.71
CAB HEM PD . 44.62 21.99 -55.70
CBB HEM PD . 44.48 23.04 -56.52
C1C HEM PD . 46.01 19.06 -52.95
C2C HEM PD . 46.15 19.42 -51.56
C3C HEM PD . 46.56 18.34 -50.91
C4C HEM PD . 46.68 17.26 -51.87
CMC HEM PD . 45.88 20.83 -50.99
CAC HEM PD . 46.84 18.34 -49.39
CBC HEM PD . 47.40 17.34 -48.74
C1D HEM PD . 47.08 14.99 -52.64
C2D HEM PD . 47.08 13.54 -52.42
C3D HEM PD . 47.12 12.92 -53.58
C4D HEM PD . 47.15 13.96 -54.60
CMD HEM PD . 47.06 12.86 -51.03
CAD HEM PD . 47.10 11.39 -53.83
CBD HEM PD . 45.64 11.08 -54.20
CGD HEM PD . 45.21 9.63 -54.35
O1D HEM PD . 44.32 9.20 -53.58
O2D HEM PD . 45.69 8.89 -55.27
NA HEM PD . 46.33 15.87 -56.73
NB HEM PD . 45.83 18.44 -55.84
NC HEM PD . 46.35 17.75 -53.12
ND HEM PD . 47.13 15.22 -54.01
FE HEM PD . 46.43 16.74 -54.93
HHB HEM PD . 45.36 17.91 -59.05
HHC HEM PD . 45.40 20.83 -53.62
HHD HEM PD . 47.35 15.70 -50.78
HMA HEM PD . 48.10 15.91 -60.67
HMAA HEM PD . 46.78 16.82 -60.67
HMAB HEM PD . 46.67 15.25 -60.97
HAA HEM PD . 47.92 13.29 -59.83
HAAA HEM PD . 47.83 12.56 -58.43
HBA HEM PD . 49.83 13.59 -57.77
HBAA HEM PD . 49.91 14.32 -59.18
HMB HEM PD . 44.00 21.31 -58.56
HMBA HEM PD . 44.16 19.88 -59.23
HMBB HEM PD . 45.40 20.88 -59.19
HAB HEM PD . 44.47 22.13 -54.76
HBB HEM PD . 44.23 23.91 -56.14
HBBA HEM PD . 44.63 22.94 -57.47
HMC HEM PD . 46.56 21.44 -51.31
HMCA HEM PD . 45.89 20.80 -50.03
HMCB HEM PD . 45.00 21.13 -51.29
HAC HEM PD . 46.59 19.13 -48.89
HBC HEM PD . 47.55 17.40 -47.79
HBCA HEM PD . 47.66 16.53 -49.22
HMD HEM PD . 46.93 11.90 -51.14
HMDA HEM PD . 46.32 13.23 -50.49
HMDB HEM PD . 47.91 13.03 -50.58
HAD HEM PD . 47.35 10.91 -53.02
HADA HEM PD . 47.69 11.15 -54.55
HBD HEM PD . 45.47 11.52 -55.05
HBDA HEM PD . 45.08 11.48 -53.51
HHA HEM PD . 47.41 12.85 -56.25
C1 BCR QD . 4.14 3.81 -49.62
C2 BCR QD . 5.46 3.11 -49.84
C3 BCR QD . 5.30 1.82 -50.59
C4 BCR QD . 4.66 2.08 -51.94
C5 BCR QD . 3.52 3.01 -51.87
C6 BCR QD . 3.24 3.81 -50.84
C7 BCR QD . 2.10 4.71 -50.83
C8 BCR QD . 1.92 5.65 -51.76
C9 BCR QD . 0.80 6.59 -51.79
C10 BCR QD . 0.77 7.59 -52.67
C11 BCR QD . -0.13 8.73 -52.62
C33 BCR QD . 2.72 2.99 -53.09
C31 BCR QD . 4.51 5.22 -49.19
C32 BCR QD . 3.47 3.13 -48.46
C34 BCR QD . -0.25 6.45 -50.75
C12 BCR QD . 0.21 9.88 -53.22
C13 BCR QD . -0.56 11.12 -53.21
C14 BCR QD . -0.07 12.19 -53.84
C15 BCR QD . -0.62 13.52 -53.81
C16 BCR QD . 0.03 14.48 -54.51
C17 BCR QD . -0.46 15.83 -54.56
C18 BCR QD . 0.19 16.87 -55.08
C19 BCR QD . -0.46 18.17 -55.13
C20 BCR QD . 0.19 19.31 -55.38
C21 BCR QD . -0.51 20.60 -55.40
C22 BCR QD . 0.04 21.81 -55.65
C23 BCR QD . -0.85 22.97 -55.81
C24 BCR QD . -0.42 24.23 -55.82
C25 BCR QD . -1.23 25.45 -55.96
C26 BCR QD . -1.70 26.08 -54.90
C27 BCR QD . -2.52 27.33 -54.89
C28 BCR QD . -2.55 28.06 -56.21
C29 BCR QD . -2.38 27.17 -57.42
C30 BCR QD . -1.46 25.96 -57.33
C35 BCR QD . -1.69 11.28 -52.28
C36 BCR QD . 1.67 16.85 -55.25
C37 BCR QD . 1.52 22.04 -55.62
C38 BCR QD . -1.45 25.59 -53.51
C39 BCR QD . -0.14 26.19 -58.03
C40 BCR QD . -2.18 24.91 -58.17
HC21 BCR QD . 5.95 2.89 -48.90
HC22 BCR QD . 6.15 3.74 -50.39
HC31 BCR QD . 4.69 1.13 -50.02
HC32 BCR QD . 6.26 1.34 -50.71
HC41 BCR QD . 4.39 1.13 -52.39
HC42 BCR QD . 5.42 2.43 -52.63
HC7 BCR QD . 1.39 4.61 -50.04
HC8 BCR QD . 2.64 5.73 -52.55
H10C BCR QD . 1.47 7.58 -53.49
H11C BCR QD . -1.05 8.63 -52.10
H331 BCR QD . 2.94 3.85 -53.70
H332 BCR QD . 1.66 3.01 -52.85
H333 BCR QD . 2.92 2.10 -53.66
H311 BCR QD . 3.72 5.66 -48.61
H312 BCR QD . 4.68 5.84 -50.06
H313 BCR QD . 5.41 5.20 -48.60
H321 BCR QD . 2.56 3.64 -48.18
H322 BCR QD . 4.12 3.11 -47.60
H323 BCR QD . 3.21 2.11 -48.71
H341 BCR QD . -1.15 6.97 -51.04
H342 BCR QD . 0.08 6.85 -49.80
H343 BCR QD . -0.49 5.41 -50.59
H12C BCR QD . 1.13 9.89 -53.76
H14C BCR QD . 0.81 12.06 -54.42
H15C BCR QD . -1.51 13.75 -53.27
H16C BCR QD . 0.93 14.22 -55.02
H17C BCR QD . -1.43 15.99 -54.13
H19C BCR QD . -1.52 18.23 -54.95
H20C BCR QD . 1.23 19.28 -55.58
H21C BCR QD . -1.56 20.55 -55.19
H23C BCR QD . -1.90 22.78 -55.92
H24C BCR QD . 0.63 24.38 -55.73
H271 BCR QD . -2.20 28.01 -54.11
H272 BCR QD . -3.54 27.13 -54.56
H281 BCR QD . -1.77 28.82 -56.17
H282 BCR QD . -3.49 28.60 -56.26
H291 BCR QD . -2.05 27.83 -58.22
H292 BCR QD . -3.38 26.87 -57.71
H351 BCR QD . -1.64 12.23 -51.78
H352 BCR QD . -1.69 10.50 -51.54
H353 BCR QD . -2.63 11.24 -52.83
H361 BCR QD . 1.97 17.29 -56.18
H362 BCR QD . 2.05 15.84 -55.22
H363 BCR QD . 2.16 17.41 -54.46
H371 BCR QD . 1.81 22.68 -56.43
H372 BCR QD . 2.04 21.10 -55.71
H373 BCR QD . 1.80 22.50 -54.68
H381 BCR QD . -2.13 26.04 -52.80
H382 BCR QD . -0.45 25.80 -53.18
H383 BCR QD . -1.59 24.52 -53.44
H391 BCR QD . -0.27 26.72 -58.96
H392 BCR QD . 0.35 25.24 -58.24
H393 BCR QD . 0.52 26.77 -57.39
H401 BCR QD . -2.54 25.34 -59.09
H402 BCR QD . -3.01 24.49 -57.64
H403 BCR QD . -1.51 24.11 -58.42
C1A DGD RD . 8.15 21.03 -36.57
C2A DGD RD . 9.27 20.77 -37.56
C3A DGD RD . 9.33 19.27 -37.94
C4A DGD RD . 10.76 18.84 -38.25
C5A DGD RD . 10.83 17.39 -38.72
C6A DGD RD . 11.97 17.20 -39.71
C7A DGD RD . 12.12 15.68 -39.95
C8A DGD RD . 13.56 15.40 -40.46
C9A DGD RD . 13.71 13.90 -40.66
CAA DGD RD . 14.73 13.42 -39.67
CBA DGD RD . 14.99 11.90 -39.87
CCA DGD RD . 14.09 11.09 -38.90
CDA DGD RD . 14.79 9.72 -38.60
CEA DGD RD . 14.66 9.42 -37.09
CFA DGD RD . 14.70 7.91 -36.81
CGA DGD RD . 14.48 7.75 -35.29
O1A DGD RD . 7.44 20.21 -36.02
C1B DGD RD . 5.08 21.15 -37.91
C2B DGD RD . 4.57 19.75 -37.97
C3B DGD RD . 4.29 19.17 -36.55
C4B DGD RD . 3.42 17.92 -36.55
C5B DGD RD . 4.11 16.85 -37.38
C6B DGD RD . 4.73 15.81 -36.44
C7B DGD RD . 6.16 16.23 -36.27
C8B DGD RD . 6.80 14.99 -35.74
C9B DGD RD . 8.00 15.41 -34.99
CAB DGD RD . 7.45 15.84 -33.66
CBB DGD RD . 7.50 14.61 -32.77
CCB DGD RD . 8.03 15.05 -31.40
CDB DGD RD . 6.88 15.81 -30.86
CEB DGD RD . 7.41 16.82 -29.92
CFB DGD RD . 6.77 16.53 -28.61
CGB DGD RD . 7.89 16.65 -27.58
O1B DGD RD . 5.90 21.62 -38.66
O1G DGD RD . 7.70 22.32 -36.65
C1G DGD RD . 6.76 22.76 -35.70
C2G DGD RD . 5.45 22.98 -36.47
O2G DGD RD . 4.88 21.71 -36.71
C3G DGD RD . 4.48 23.76 -35.56
O3G DGD RD . 5.22 24.98 -35.38
C1D DGD RD . 5.19 25.51 -34.06
C2D DGD RD . 5.86 26.86 -34.13
O2D DGD RD . 7.11 26.55 -34.58
C3D DGD RD . 5.93 27.38 -32.70
O3D DGD RD . 6.48 28.70 -32.68
C4D DGD RD . 4.48 27.49 -32.17
O4D DGD RD . 3.73 28.46 -32.86
C5D DGD RD . 3.73 26.11 -32.41
O5D DGD RD . 1.59 27.16 -32.92
C6D DGD RD . 2.18 26.16 -32.07
O6D DGD RD . 3.82 25.69 -33.77
C1E DGD RD . 0.13 27.34 -32.72
C2E DGD RD . -0.57 28.05 -33.97
O2E DGD RD . -0.10 27.49 -35.16
C3E DGD RD . -0.25 29.60 -33.99
O3E DGD RD . -0.91 30.11 -35.11
C4E DGD RD . -0.83 30.24 -32.70
O4E DGD RD . -2.25 30.00 -32.68
C5E DGD RD . -0.04 29.56 -31.50
O6E DGD RD . -0.10 28.10 -31.48
C6E DGD RD . -0.52 29.98 -30.04
O5E DGD RD . -1.72 29.32 -29.77
HA21 DGD RD . 10.23 21.13 -37.12
HA22 DGD RD . 9.11 21.42 -38.45
HA31 DGD RD . 8.67 19.05 -38.80
HA32 DGD RD . 8.93 18.64 -37.11
HA41 DGD RD . 11.41 18.99 -37.36
HA42 DGD RD . 11.20 19.51 -39.03
HA51 DGD RD . 9.86 17.08 -39.16
HA52 DGD RD . 10.94 16.70 -37.84
HA61 DGD RD . 12.90 17.67 -39.33
HA62 DGD RD . 11.77 17.76 -40.64
HA71 DGD RD . 11.33 15.33 -40.64
HA72 DGD RD . 11.88 15.13 -39.01
HA81 DGD RD . 14.32 15.82 -39.76
HA82 DGD RD . 13.76 15.98 -41.39
HA91 DGD RD . 14.02 13.68 -41.70
HA92 DGD RD . 12.74 13.39 -40.53
HAT1 DGD RD . 14.39 13.65 -38.62
HAT2 DGD RD . 15.67 14.02 -39.75
HAE1 DGD RD . 16.06 11.67 -39.72
HAE2 DGD RD . 14.81 11.62 -40.92
HAW1 DGD RD . 13.08 10.92 -39.32
HAW2 DGD RD . 13.90 11.63 -37.97
HAH1 DGD RD . 15.87 9.70 -38.89
HAH2 DGD RD . 14.36 8.87 -39.18
HAF1 DGD RD . 13.73 9.88 -36.70
HAF2 DGD RD . 15.46 9.96 -36.53
HAN1 DGD RD . 15.65 7.44 -37.13
HAN2 DGD RD . 13.92 7.36 -37.38
HB21 DGD RD . 5.33 19.12 -38.50
HB22 DGD RD . 3.67 19.72 -38.59
HB31 DGD RD . 3.84 19.95 -35.92
HB32 DGD RD . 5.25 18.95 -36.04
HB41 DGD RD . 2.39 18.14 -36.94
HB42 DGD RD . 3.22 17.56 -35.51
HB51 DGD RD . 4.86 17.30 -38.06
HB52 DGD RD . 3.39 16.39 -38.09
HB61 DGD RD . 4.69 14.76 -36.82
HB62 DGD RD . 4.25 15.71 -35.46
HB71 DGD RD . 6.32 17.08 -35.58
HB72 DGD RD . 6.66 16.57 -37.20
HB81 DGD RD . 7.03 14.29 -36.58
HB82 DGD RD . 6.06 14.43 -35.12
HB91 DGD RD . 8.57 16.21 -35.51
HB92 DGD RD . 8.74 14.58 -34.90
HBT1 DGD RD . 6.41 16.23 -33.72
HBT2 DGD RD . 8.04 16.66 -33.20
HBE1 DGD RD . 8.13 13.81 -33.21
HBE2 DGD RD . 6.50 14.13 -32.67
HBW1 DGD RD . 8.95 15.66 -31.50
HBW2 DGD RD . 8.33 14.19 -30.77
HBH1 DGD RD . 6.15 15.13 -30.36
HBH2 DGD RD . 6.29 16.29 -31.68
HBF1 DGD RD . 7.20 17.84 -30.30
HBF2 DGD RD . 8.51 16.75 -29.89
HBN1 DGD RD . 6.28 15.54 -28.60
HBN2 DGD RD . 5.92 17.23 -28.41
HG11 DGD RD . 7.03 23.72 -35.20
HG12 DGD RD . 6.55 22.02 -34.89
HG2 DGD RD . 5.66 23.57 -37.40
HG31 DGD RD . 4.28 23.21 -34.60
HG32 DGD RD . 3.48 23.90 -36.03
HD1 DGD RD . 5.68 24.80 -33.33
HD2 DGD RD . 5.32 27.61 -34.76
HO2D DGD RD . 7.00 25.93 -35.30
HD3 DGD RD . 6.53 26.68 -32.07
HO3D DGD RD . 7.37 28.62 -33.02
HD4 DGD RD . 4.54 27.70 -31.07
HO4D DGD RD . 3.12 28.85 -32.23
HD5 DGD RD . 4.21 25.32 -31.78
HD61 DGD RD . 1.97 26.42 -31.02
HD62 DGD RD . 1.65 25.21 -32.26
HE1 DGD RD . -0.36 26.36 -32.50
HE2 DGD RD . -1.66 27.86 -33.83
HO2E DGD RD . -0.53 27.95 -35.87
HE3 DGD RD . 0.85 29.78 -34.05
HO3E DGD RD . -0.70 31.03 -35.17
HE4 DGD RD . -0.65 31.35 -32.59
HO4E DGD RD . -2.67 30.86 -32.68
HE5 DGD RD . 1.02 29.90 -31.59
HE61 DGD RD . -0.64 31.08 -29.99
HE62 DGD RD . 0.27 29.73 -29.29
HO5E DGD RD . -1.50 28.47 -29.37
C1 UNL SD . -2.78 0.09 -61.66
C10 UNL SD . -4.57 8.83 -57.15
C11 UNL SD . -4.98 9.95 -56.19
C12 UNL SD . -3.93 11.08 -56.12
C13 UNL SD . -4.64 12.45 -56.06
C14 UNL SD . -3.68 13.64 -56.11
C15 UNL SD . -2.76 13.54 -57.33
C16 UNL SD . -2.67 14.88 -58.08
C17 UNL SD . -1.66 14.71 -59.24
C18 UNL SD . -0.61 15.82 -59.25
C2 UNL SD . -2.85 1.39 -60.84
C3 UNL SD . -3.67 2.42 -61.60
C4 UNL SD . -3.48 3.79 -60.95
C5 UNL SD . -4.69 4.20 -60.09
C6 UNL SD . -5.09 5.66 -60.37
C7 UNL SD . -4.53 6.62 -59.31
C8 UNL SD . -5.41 6.61 -58.06
C9 UNL SD . -5.81 8.02 -57.60
H21 UNL SD . -1.95 1.73 -60.71
H22 UNL SD . -3.26 1.21 -59.99
H31 UNL SD . -4.61 2.18 -61.57
H32 UNL SD . -3.38 2.46 -62.53
H41 UNL SD . -3.35 4.46 -61.64
H42 UNL SD . -2.69 3.76 -60.38
H51 UNL SD . -4.45 4.10 -59.15
H52 UNL SD . -5.43 3.62 -60.29
H61 UNL SD . -6.06 5.72 -60.36
H62 UNL SD . -4.75 5.92 -61.24
H71 UNL SD . -4.51 7.52 -59.68
H72 UNL SD . -3.63 6.35 -59.07
H81 UNL SD . -4.93 6.17 -57.34
H82 UNL SD . -6.22 6.11 -58.24
H91 UNL SD . -6.42 7.95 -56.85
H92 UNL SD . -6.23 8.49 -58.33
H101 UNL SD . -4.15 9.21 -57.93
H102 UNL SD . -3.95 8.22 -56.70
H111 UNL SD . -5.09 9.57 -55.30
H112 UNL SD . -5.82 10.32 -56.48
H121 UNL SD . -3.37 11.04 -56.91
H122 UNL SD . -3.38 10.96 -55.34
H131 UNL SD . -5.14 12.49 -55.23
H132 UNL SD . -5.25 12.51 -56.81
H141 UNL SD . -3.14 13.66 -55.30
H142 UNL SD . -4.19 14.47 -56.17
H151 UNL SD . -3.10 12.87 -57.93
H152 UNL SD . -1.87 13.29 -57.03
H161 UNL SD . -2.36 15.57 -57.48
H162 UNL SD . -3.54 15.11 -58.44
H171 UNL SD . -2.14 14.71 -60.07
H172 UNL SD . -1.21 13.85 -59.13
H181 UNL SD . 0.02 15.66 -59.96
H182 UNL SD . -0.15 15.85 -58.39
H183 UNL SD . -1.05 16.68 -59.39
C1 UNL TD . 32.66 4.44 25.85
C10 UNL TD . 33.58 -0.49 16.67
C11 UNL TD . 34.39 -1.79 16.58
C12 UNL TD . 33.61 -3.00 16.03
C13 UNL TD . 34.56 -4.20 16.07
C14 UNL TD . 34.06 -5.39 15.23
C15 UNL TD . 35.21 -6.40 15.10
C2 UNL TD . 33.08 5.55 24.90
C3 UNL TD . 33.86 4.92 23.74
C4 UNL TD . 33.00 3.99 22.87
C5 UNL TD . 33.78 3.31 21.72
C6 UNL TD . 32.94 2.80 20.53
C7 UNL TD . 33.84 2.34 19.37
C8 UNL TD . 33.22 1.34 18.38
C9 UNL TD . 34.29 0.53 17.59
H21 UNL TD . 33.65 6.18 25.37
H22 UNL TD . 32.30 6.01 24.56
H31 UNL TD . 34.60 4.41 24.09
H32 UNL TD . 34.21 5.64 23.17
H41 UNL TD . 32.27 4.51 22.49
H42 UNL TD . 32.62 3.30 23.44
H51 UNL TD . 34.26 2.55 22.10
H52 UNL TD . 34.43 3.95 21.38
H61 UNL TD . 32.36 3.52 20.22
H62 UNL TD . 32.39 2.06 20.83
H71 UNL TD . 34.63 1.93 19.75
H72 UNL TD . 34.11 3.12 18.87
H81 UNL TD . 32.68 1.83 17.75
H82 UNL TD . 32.67 0.72 18.87
H91 UNL TD . 34.87 0.05 18.22
H92 UNL TD . 34.83 1.13 17.06
H101 UNL TD . 33.49 -0.11 15.78
H102 UNL TD . 32.71 -0.69 17.03
H111 UNL TD . 34.70 -2.01 17.47
H112 UNL TD . 35.15 -1.63 15.99
H121 UNL TD . 33.33 -2.82 15.11
H122 UNL TD . 32.83 -3.17 16.57
H131 UNL TD . 34.65 -4.49 16.99
H132 UNL TD . 35.42 -3.93 15.73
H141 UNL TD . 33.79 -5.08 14.35
H142 UNL TD . 33.31 -5.81 15.68
C1 UNL UD . 53.60 37.31 -27.73
C10 UNL UD . 54.42 27.06 -29.74
C2 UNL UD . 53.27 36.13 -26.80
C3 UNL UD . 53.32 34.82 -27.58
C4 UNL UD . 53.54 33.65 -26.62
C5 UNL UD . 53.08 32.35 -27.29
C6 UNL UD . 53.98 31.95 -28.47
C7 UNL UD . 53.41 30.74 -29.23
C8 UNL UD . 54.38 29.55 -29.19
C9 UNL UD . 53.86 28.43 -30.11
O1 UNL UD . 54.51 37.17 -28.61
O2 UNL UD . 52.97 38.40 -27.66
H21 UNL UD . 52.39 36.25 -26.42
H22 UNL UD . 53.92 36.11 -26.08
H31 UNL UD . 54.04 34.84 -28.23
H32 UNL UD . 52.47 34.69 -28.05
H41 UNL UD . 53.02 33.80 -25.81
H42 UNL UD . 54.48 33.59 -26.40
H51 UNL UD . 52.18 32.46 -27.62
H52 UNL UD . 53.11 31.63 -26.63
H61 UNL UD . 54.86 31.73 -28.13
H62 UNL UD . 54.05 32.71 -29.08
H71 UNL UD . 53.27 31.00 -30.16
H72 UNL UD . 52.57 30.48 -28.83
H81 UNL UD . 54.44 29.21 -28.28
H82 UNL UD . 55.26 29.82 -29.49
H91 UNL UD . 54.11 28.64 -31.03
H92 UNL UD . 52.88 28.41 -30.05
O1 LHG VD . 16.75 -17.67 -20.98
C1 LHG VD . 18.15 -17.20 -20.94
C2 LHG VD . 19.06 -18.38 -21.28
O2 LHG VD . 19.02 -19.38 -20.20
C3 LHG VD . 20.52 -18.00 -21.51
O3 LHG VD . 20.52 -17.41 -22.80
P LHG VD . 21.68 -16.35 -23.18
O4 LHG VD . 22.88 -16.74 -22.37
O5 LHG VD . 21.53 -15.88 -24.55
O6 LHG VD . 20.96 -15.17 -22.27
C4 LHG VD . 21.63 -14.65 -21.19
C5 LHG VD . 20.71 -13.59 -20.59
C6 LHG VD . 21.18 -13.26 -19.19
O7 LHG VD . 20.86 -12.52 -21.47
C7 LHG VD . 19.74 -11.86 -21.77
O9 LHG VD . 18.76 -11.96 -21.13
C8 LHG VD . 20.02 -10.73 -22.65
C9 LHG VD . 19.67 -9.48 -21.92
C10 LHG VD . 20.79 -9.26 -20.88
O8 LHG VD . 20.39 -12.18 -18.75
C23 LHG VD . 19.21 -12.44 -18.13
O10 LHG VD . 18.51 -13.39 -18.48
C24 LHG VD . 18.55 -11.30 -17.52
C11 LHG VD . 20.15 -8.46 -19.76
C12 LHG VD . 21.32 -7.85 -19.12
C13 LHG VD . 20.95 -7.32 -17.79
C14 LHG VD . 22.08 -7.45 -16.86
C15 LHG VD . 22.09 -6.20 -16.03
C16 LHG VD . 22.95 -6.45 -14.86
C17 LHG VD . 23.50 -5.11 -14.36
C18 LHG VD . 22.49 -4.60 -13.36
C19 LHG VD . 22.74 -3.18 -12.99
C20 LHG VD . 23.83 -3.34 -11.99
C21 LHG VD . 24.86 -2.22 -12.17
C22 LHG VD . 24.39 -0.97 -11.51
C25 LHG VD . 17.14 -11.02 -17.94
C26 LHG VD . 16.25 -10.53 -16.84
C27 LHG VD . 15.23 -9.63 -17.49
C28 LHG VD . 14.02 -9.35 -16.61
C29 LHG VD . 12.77 -9.32 -17.43
C30 LHG VD . 11.61 -10.08 -16.80
C31 LHG VD . 10.24 -9.96 -17.51
C32 LHG VD . 9.44 -8.78 -17.10
C33 LHG VD . 8.34 -9.26 -16.18
C34 LHG VD . 6.98 -9.47 -16.81
C35 LHG VD . 6.09 -8.24 -16.84
C36 LHG VD . 4.65 -8.69 -16.75
C37 LHG VD . 3.79 -7.46 -16.73
C38 LHG VD . 2.39 -7.69 -17.22
HO1 LHG VD . 16.84 -18.52 -20.94
HC11 LHG VD . 18.37 -16.84 -20.06
HC12 LHG VD . 18.29 -16.47 -21.56
HC2 LHG VD . 18.81 -18.76 -22.14
H02 LHG VD . 18.83 -20.09 -20.63
HC31 LHG VD . 21.10 -18.77 -21.48
HC32 LHG VD . 20.83 -17.36 -20.85
HC41 LHG VD . 22.47 -14.25 -21.47
HC42 LHG VD . 21.84 -15.34 -20.54
HC5 LHG VD . 19.80 -13.91 -20.49
HC61 LHG VD . 22.14 -13.08 -19.23
HC62 LHG VD . 21.11 -14.06 -18.65
HC81 LHG VD . 19.50 -10.77 -23.47
HC82 LHG VD . 20.94 -10.69 -22.92
HC91 LHG VD . 18.81 -9.55 -21.50
HC92 LHG VD . 19.62 -8.72 -22.53
H101 LHG VD . 21.53 -8.79 -21.28
H102 LHG VD . 21.11 -10.11 -20.56
H241 LHG VD . 19.06 -10.49 -17.66
H242 LHG VD . 18.55 -11.37 -16.55
H111 LHG VD . 19.65 -9.03 -19.15
H112 LHG VD . 19.53 -7.80 -20.11
H121 LHG VD . 21.63 -7.14 -19.70
H122 LHG VD . 22.01 -8.53 -19.05
H131 LHG VD . 20.19 -7.83 -17.45
H132 LHG VD . 20.69 -6.39 -17.88
H141 LHG VD . 22.92 -7.53 -17.36
H142 LHG VD . 21.98 -8.24 -16.32
H151 LHG VD . 21.18 -5.99 -15.75
H152 LHG VD . 22.41 -5.45 -16.55
H161 LHG VD . 23.68 -7.05 -15.10
H162 LHG VD . 22.44 -6.89 -14.16
H171 LHG VD . 23.61 -4.49 -15.09
H172 LHG VD . 24.37 -5.23 -13.94
H181 LHG VD . 22.50 -5.15 -12.57
H182 LHG VD . 21.60 -4.68 -13.73
H191 LHG VD . 21.96 -2.75 -12.60
H192 LHG VD . 23.02 -2.64 -13.75
H201 LHG VD . 24.29 -4.19 -12.06
H202 LHG VD . 23.51 -3.30 -11.08
H211 LHG VD . 25.00 -2.02 -13.10
H212 LHG VD . 25.70 -2.45 -11.76
H221 LHG VD . 24.95 -0.25 -11.85
H222 LHG VD . 24.50 -1.09 -10.56
H223 LHG VD . 23.46 -0.85 -11.76
H251 LHG VD . 16.75 -11.82 -18.31
H252 LHG VD . 17.14 -10.34 -18.65
H261 LHG VD . 16.78 -10.04 -16.17
H262 LHG VD . 15.82 -11.27 -16.39
H271 LHG VD . 14.94 -10.04 -18.32
H272 LHG VD . 15.67 -8.78 -17.72
H281 LHG VD . 14.13 -8.49 -16.17
H282 LHG VD . 13.94 -10.02 -15.92
H291 LHG VD . 12.96 -9.70 -18.31
H292 LHG VD . 12.50 -8.41 -17.58
H301 LHG VD . 11.51 -9.79 -15.89
H302 LHG VD . 11.85 -11.01 -16.74
H311 LHG VD . 9.75 -10.78 -17.32
H312 LHG VD . 10.39 -9.95 -18.46
H321 LHG VD . 9.09 -8.34 -17.88
H322 LHG VD . 10.02 -8.14 -16.64
H331 LHG VD . 8.23 -8.61 -15.47
H332 LHG VD . 8.61 -10.08 -15.76
H341 LHG VD . 6.51 -10.17 -16.33
H342 LHG VD . 7.09 -9.78 -17.72
H351 LHG VD . 6.23 -7.73 -17.65
H352 LHG VD . 6.29 -7.65 -16.09
H361 LHG VD . 4.51 -9.20 -15.95
H362 LHG VD . 4.42 -9.24 -17.51
H371 LHG VD . 4.16 -6.76 -17.29
H372 LHG VD . 3.71 -7.11 -15.83
H381 LHG VD . 1.83 -7.02 -16.81
H382 LHG VD . 2.15 -8.59 -16.95
H383 LHG VD . 2.42 -7.60 -18.19
C1 UNL WD . 6.38 -23.28 -19.23
C10 UNL WD . 4.15 -14.01 -13.46
C11 UNL WD . 3.77 -13.66 -12.02
C12 UNL WD . 2.32 -13.20 -11.95
C13 UNL WD . 2.25 -11.91 -11.15
C2 UNL WD . 6.86 -21.90 -18.77
C3 UNL WD . 5.91 -21.29 -17.74
C4 UNL WD . 5.72 -19.79 -17.97
C5 UNL WD . 5.14 -19.20 -16.70
C6 UNL WD . 5.35 -17.69 -16.58
C7 UNL WD . 4.35 -17.19 -15.51
C8 UNL WD . 4.88 -15.92 -14.86
C9 UNL WD . 3.92 -15.50 -13.75
O1 UNL WD . 6.93 -24.34 -18.81
O2 UNL WD . 5.44 -23.35 -20.07
H21 UNL WD . 6.92 -21.32 -19.55
H22 UNL WD . 7.74 -21.99 -18.38
H31 UNL WD . 6.28 -21.43 -16.86
H32 UNL WD . 5.04 -21.73 -17.82
H41 UNL WD . 5.11 -19.64 -18.71
H42 UNL WD . 6.57 -19.37 -18.16
H51 UNL WD . 5.57 -19.62 -15.94
H52 UNL WD . 4.19 -19.37 -16.68
H61 UNL WD . 5.16 -17.26 -17.43
H62 UNL WD . 6.25 -17.50 -16.30
H71 UNL WD . 4.24 -17.87 -14.84
H72 UNL WD . 3.50 -17.00 -15.93
H81 UNL WD . 4.95 -15.21 -15.52
H82 UNL WD . 5.76 -16.09 -14.48
H91 UNL WD . 4.09 -16.02 -12.94
H92 UNL WD . 2.99 -15.63 -14.03
H101 UNL WD . 3.61 -13.48 -14.06
H102 UNL WD . 5.09 -13.80 -13.61
H111 UNL WD . 4.36 -12.95 -11.70
H112 UNL WD . 3.90 -14.44 -11.46
H121 UNL WD . 1.78 -13.89 -11.52
H122 UNL WD . 1.99 -13.04 -12.85
C1 UNL XD . 12.87 -14.90 -3.03
C10 UNL XD . 16.60 -24.95 -6.62
C2 UNL XD . 13.77 -16.13 -2.81
C3 UNL XD . 13.30 -17.38 -3.52
C4 UNL XD . 14.45 -18.08 -4.28
C5 UNL XD . 14.07 -19.56 -4.52
C6 UNL XD . 15.15 -20.36 -5.29
C7 UNL XD . 14.93 -21.86 -5.10
C8 UNL XD . 15.93 -22.63 -5.95
C9 UNL XD . 16.12 -24.06 -5.47
H21 UNL XD . 13.81 -16.31 -1.86
H22 UNL XD . 14.67 -15.92 -3.13
H31 UNL XD . 12.61 -17.15 -4.16
H32 UNL XD . 12.93 -18.00 -2.87
H41 UNL XD . 15.26 -18.03 -3.75
H42 UNL XD . 14.60 -17.64 -5.13
H51 UNL XD . 13.26 -19.58 -5.02
H52 UNL XD . 13.95 -19.98 -3.65
H61 UNL XD . 16.03 -20.11 -4.96
H62 UNL XD . 15.07 -20.14 -6.23
H71 UNL XD . 14.03 -22.10 -5.35
H72 UNL XD . 15.06 -22.09 -4.16
H81 UNL XD . 16.79 -22.16 -5.93
H82 UNL XD . 15.61 -22.64 -6.87
H91 UNL XD . 15.28 -24.41 -5.12
H92 UNL XD . 16.79 -24.08 -4.76
C1 BCR YD . 30.15 -11.35 0.15
C2 BCR YD . 31.33 -11.27 -0.79
C3 BCR YD . 32.61 -11.10 -0.04
C4 BCR YD . 32.81 -12.32 0.83
C5 BCR YD . 31.61 -12.63 1.62
C6 BCR YD . 30.38 -12.20 1.35
C7 BCR YD . 29.26 -12.58 2.24
C8 BCR YD . 28.01 -12.08 2.18
C9 BCR YD . 26.93 -12.56 3.05
C10 BCR YD . 25.70 -12.00 2.98
C11 BCR YD . 24.54 -12.37 3.76
C33 BCR YD . 31.93 -13.48 2.78
C31 BCR YD . 29.02 -11.88 -0.70
C32 BCR YD . 29.87 -9.92 0.61
C34 BCR YD . 27.23 -13.63 4.01
C12 BCR YD . 23.42 -11.63 3.65
C13 BCR YD . 22.22 -11.75 4.46
C14 BCR YD . 21.10 -11.08 4.11
C15 BCR YD . 19.95 -10.94 4.96
C16 BCR YD . 18.76 -10.59 4.45
C17 BCR YD . 17.74 -10.09 5.32
C18 BCR YD . 16.52 -9.67 4.98
C19 BCR YD . 15.60 -9.32 6.05
C20 BCR YD . 14.37 -8.82 5.87
C21 BCR YD . 13.60 -8.50 7.04
C22 BCR YD . 12.47 -7.76 7.12
C23 BCR YD . 11.98 -7.48 8.46
C24 BCR YD . 10.88 -6.77 8.76
C25 BCR YD . 10.50 -6.43 10.13
C26 BCR YD . 10.44 -7.34 11.12
C27 BCR YD . 10.11 -7.11 12.52
C28 BCR YD . 10.09 -5.65 12.86
C29 BCR YD . 9.48 -4.82 11.76
C30 BCR YD . 10.12 -5.02 10.39
C35 BCR YD . 22.19 -12.67 5.61
C36 BCR YD . 16.16 -9.31 3.60
C37 BCR YD . 11.96 -7.00 5.96
C38 BCR YD . 10.74 -8.77 10.97
C39 BCR YD . 11.29 -4.10 10.15
C40 BCR YD . 9.02 -4.56 9.45
HC21 BCR YD . 31.22 -10.44 -1.49
HC22 BCR YD . 31.40 -12.16 -1.40
HC31 BCR YD . 32.58 -10.20 0.57
HC32 BCR YD . 33.44 -10.97 -0.72
HC41 BCR YD . 33.69 -12.17 1.46
HC42 BCR YD . 33.13 -13.15 0.23
HC7 BCR YD . 29.47 -13.31 2.98
HC8 BCR YD . 27.79 -11.31 1.48
H10C BCR YD . 25.56 -11.19 2.30
H11C BCR YD . 24.59 -13.21 4.41
H331 BCR YD . 31.34 -14.39 2.77
H332 BCR YD . 31.71 -12.96 3.71
H333 BCR YD . 32.97 -13.75 2.79
H311 BCR YD . 28.09 -11.42 -0.44
H312 BCR YD . 28.92 -12.95 -0.57
H313 BCR YD . 29.21 -11.69 -1.75
H321 BCR YD . 28.81 -9.73 0.59
H322 BCR YD . 30.36 -9.22 -0.04
H323 BCR YD . 30.23 -9.77 1.61
H341 BCR YD . 26.41 -13.78 4.70
H342 BCR YD . 28.11 -13.38 4.60
H343 BCR YD . 27.41 -14.56 3.51
H12C BCR YD . 23.43 -10.88 2.88
H14C BCR YD . 21.05 -10.63 3.14
H15C BCR YD . 20.04 -11.12 6.00
H16C BCR YD . 18.60 -10.67 3.40
H17C BCR YD . 18.01 -10.05 6.36
H19C BCR YD . 15.92 -9.45 7.06
H20C BCR YD . 13.99 -8.66 4.89
H21C BCR YD . 13.98 -8.92 7.95
H23C BCR YD . 12.56 -7.86 9.27
H24C BCR YD . 10.25 -6.45 7.96
H271 BCR YD . 10.79 -7.65 13.20
H272 BCR YD . 9.17 -7.58 12.80
H281 BCR YD . 11.11 -5.34 13.06
H282 BCR YD . 9.54 -5.52 13.79
H291 BCR YD . 9.53 -3.78 12.07
H292 BCR YD . 8.42 -5.04 11.74
H351 BCR YD . 21.79 -12.17 6.48
H352 BCR YD . 23.18 -13.02 5.85
H353 BCR YD . 21.57 -13.54 5.40
H361 BCR YD . 15.16 -9.64 3.34
H362 BCR YD . 16.83 -9.75 2.88
H363 BCR YD . 16.18 -8.24 3.45
H371 BCR YD . 10.88 -7.06 5.92
H372 BCR YD . 12.36 -7.39 5.04
H373 BCR YD . 12.23 -5.96 6.04
H381 BCR YD . 10.12 -9.39 11.61
H382 BCR YD . 11.76 -9.00 11.23
H383 BCR YD . 10.58 -9.11 9.95
H391 BCR YD . 11.10 -3.11 10.53
H392 BCR YD . 11.49 -4.01 9.08
H393 BCR YD . 12.19 -4.48 10.63
H401 BCR YD . 8.56 -3.66 9.82
H402 BCR YD . 8.25 -5.31 9.35
H403 BCR YD . 9.41 -4.36 8.47
C10 UNL ZD . 12.78 1.69 10.56
C11 UNL ZD . 13.96 1.07 11.32
C12 UNL ZD . 13.78 -0.44 11.47
C13 UNL ZD . 14.98 -1.21 10.88
C14 UNL ZD . 14.42 -2.44 10.19
C15 UNL ZD . 15.52 -3.41 9.76
C16 UNL ZD . 15.23 -3.87 8.33
C17 UNL ZD . 15.89 -5.21 8.02
C18 UNL ZD . 15.90 -5.44 6.49
C3 UNL ZD . 5.01 5.00 11.93
C4 UNL ZD . 6.06 4.07 11.29
C5 UNL ZD . 7.45 4.70 11.44
C6 UNL ZD . 8.53 3.64 11.12
C7 UNL ZD . 9.95 4.19 11.31
C8 UNL ZD . 10.91 3.29 10.52
C9 UNL ZD . 12.10 2.80 11.36
H41 UNL ZD . 5.85 3.96 10.35
H42 UNL ZD . 6.04 3.20 11.72
H51 UNL ZD . 7.56 5.02 12.35
H52 UNL ZD . 7.53 5.44 10.82
H61 UNL ZD . 8.42 3.36 10.20
H62 UNL ZD . 8.40 2.89 11.71
H71 UNL ZD . 10.18 4.18 12.25
H72 UNL ZD . 10.00 5.09 10.97
H81 UNL ZD . 11.25 3.78 9.76
H82 UNL ZD . 10.42 2.51 10.21
H91 UNL ZD . 11.79 2.46 12.21
H92 UNL ZD . 12.72 3.53 11.51
H101 UNL ZD . 13.12 2.07 9.73
H102 UNL ZD . 12.13 1.00 10.36
H111 UNL ZD . 14.00 1.47 12.20
H112 UNL ZD . 14.78 1.25 10.84
H121 UNL ZD . 12.98 -0.72 11.00
H122 UNL ZD . 13.70 -0.66 12.41
H131 UNL ZD . 15.58 -1.48 11.59
H132 UNL ZD . 15.45 -0.65 10.25
H141 UNL ZD . 13.92 -2.16 9.40
H142 UNL ZD . 13.81 -2.91 10.79
H151 UNL ZD . 15.55 -4.17 10.36
H152 UNL ZD . 16.38 -2.94 9.79
H161 UNL ZD . 15.57 -3.21 7.70
H162 UNL ZD . 14.28 -3.97 8.21
H171 UNL ZD . 15.40 -5.92 8.46
H172 UNL ZD . 16.81 -5.20 8.35
H181 UNL ZD . 16.21 -6.33 6.30
H182 UNL ZD . 16.48 -4.79 6.07
H183 UNL ZD . 15.00 -5.33 6.15
C10 UNL AE . 5.64 -2.06 6.69
C11 UNL AE . 6.77 -2.30 5.68
C12 UNL AE . 6.91 -3.78 5.32
C13 UNL AE . 6.80 -4.02 3.81
C14 UNL AE . 8.00 -3.40 3.10
C15 UNL AE . 8.89 -4.50 2.54
C16 UNL AE . 8.46 -4.86 1.11
C17 UNL AE . 9.27 -4.07 0.06
C18 UNL AE . 9.59 -4.95 -1.17
C4 UNL AE . 1.79 3.15 9.48
C5 UNL AE . 3.28 2.81 9.44
C6 UNL AE . 3.47 1.30 9.63
C7 UNL AE . 4.85 0.86 9.15
C8 UNL AE . 4.81 -0.55 8.55
C9 UNL AE . 5.76 -0.68 7.34
H51 UNL AE . 3.74 3.29 10.15
H52 UNL AE . 3.65 3.08 8.58
H61 UNL AE . 2.79 0.83 9.11
H62 UNL AE . 3.37 1.08 10.57
H71 UNL AE . 5.47 0.86 9.91
H72 UNL AE . 5.17 1.48 8.48
H81 UNL AE . 3.90 -0.74 8.25
H82 UNL AE . 5.07 -1.20 9.22
H91 UNL AE . 6.68 -0.56 7.64
H92 UNL AE . 5.55 0.00 6.68
H101 UNL AE . 4.79 -2.12 6.23
H102 UNL AE . 5.70 -2.75 7.37
H111 UNL AE . 7.61 -1.99 6.05
H112 UNL AE . 6.58 -1.80 4.87
H121 UNL AE . 6.21 -4.28 5.76
H122 UNL AE . 7.78 -4.10 5.63
H131 UNL AE . 5.99 -3.61 3.47
H132 UNL AE . 6.78 -4.97 3.63
H141 UNL AE . 8.51 -2.86 3.73
H142 UNL AE . 7.69 -2.83 2.37
H151 UNL AE . 8.83 -5.29 3.10
H152 UNL AE . 9.81 -4.19 2.52
H161 UNL AE . 7.51 -4.65 1.00
H162 UNL AE . 8.60 -5.81 0.97
H171 UNL AE . 10.10 -3.77 0.47
H172 UNL AE . 8.75 -3.30 -0.22
H181 UNL AE . 10.19 -4.46 -1.77
H182 UNL AE . 8.77 -5.16 -1.63
H183 UNL AE . 10.02 -5.76 -0.88
FE HEC BE . 43.96 52.22 -5.36
CHA HEC BE . 41.53 53.82 -3.48
CHB HEC BE . 43.70 54.46 -7.75
CHC HEC BE . 46.55 50.68 -6.91
CHD HEC BE . 43.87 49.64 -3.00
NA HEC BE . 42.84 53.80 -5.53
C1A HEC BE . 41.87 54.33 -4.71
C2A HEC BE . 41.29 55.52 -5.34
C3A HEC BE . 41.91 55.66 -6.50
C4A HEC BE . 42.88 54.60 -6.66
CMA HEC BE . 41.63 56.74 -7.55
CAA HEC BE . 40.17 56.43 -4.80
CBA HEC BE . 38.80 55.90 -5.28
CGA HEC BE . 37.68 56.80 -4.87
O1A HEC BE . 37.90 58.02 -4.71
O2A HEC BE . 36.52 56.31 -4.76
NB HEC BE . 44.96 52.50 -7.01
C1B HEC BE . 44.71 53.54 -7.88
C2B HEC BE . 45.69 53.50 -8.92
C3B HEC BE . 46.48 52.45 -8.71
C4B HEC BE . 46.03 51.80 -7.50
CMB HEC BE . 45.75 54.51 -10.08
CAB HEC BE . 47.69 52.04 -9.57
CBB HEC BE . 48.67 52.95 -9.70
NC HEC BE . 44.92 50.50 -5.03
C1C HEC BE . 46.00 50.06 -5.80
C2C HEC BE . 46.47 48.80 -5.25
C3C HEC BE . 45.70 48.49 -4.21
C4C HEC BE . 44.76 49.58 -4.02
CMC HEC BE . 47.64 47.99 -5.87
CAC HEC BE . 45.84 47.27 -3.26
CBC HEC BE . 47.07 46.83 -2.96
ND HEC BE . 42.88 51.80 -3.56
C1D HEC BE . 43.07 50.72 -2.72
C2D HEC BE . 42.29 50.93 -1.53
C3D HEC BE . 41.66 52.08 -1.67
C4D HEC BE . 42.01 52.64 -2.97
CMD HEC BE . 42.23 49.97 -0.32
CAD HEC BE . 40.73 52.78 -0.69
CBD HEC BE . 41.57 53.79 0.10
CGD HEC BE . 40.74 54.51 1.12
O1D HEC BE . 40.71 54.09 2.31
O2D HEC BE . 40.07 55.50 0.76
HHA HEC BE . 40.91 54.34 -2.93
HHB HEC BE . 43.55 55.06 -8.51
HHC HEC BE . 47.35 50.29 -7.30
HHD HEC BE . 43.78 48.85 -2.42
HMA1 HEC BE . 40.72 56.64 -7.89
HMA2 HEC BE . 42.28 56.65 -8.29
HMA3 HEC BE . 41.74 57.62 -7.14
HAA1 HEC BE . 40.29 57.33 -5.14
HAA2 HEC BE . 40.19 56.44 -3.84
HBA1 HEC BE . 38.65 55.02 -4.87
HBA2 HEC BE . 38.81 55.81 -6.24
HMB1 HEC BE . 44.92 54.46 -10.60
HMB2 HEC BE . 46.50 54.28 -10.66
HMB3 HEC BE . 45.86 55.41 -9.73
HAB HEC BE . 47.74 51.18 -9.99
HBB1 HEC BE . 49.45 52.74 -10.23
HBB2 HEC BE . 48.59 53.81 -9.26
HMC1 HEC BE . 47.56 48.02 -6.84
HMC2 HEC BE . 47.58 47.07 -5.58
HMC3 HEC BE . 48.48 48.38 -5.60
HAC HEC BE . 45.05 46.84 -2.89
HBC1 HEC BE . 47.19 46.06 -2.38
HBC2 HEC BE . 47.85 47.27 -3.35
HMD1 HEC BE . 41.75 50.41 0.42
HMD2 HEC BE . 43.15 49.75 -0.04
HMD3 HEC BE . 41.75 49.15 -0.57
HAD1 HEC BE . 40.33 52.14 -0.09
HAD2 HEC BE . 40.03 53.25 -1.18
HBD1 HEC BE . 41.95 54.43 -0.52
HBD2 HEC BE . 42.29 53.32 0.55
C1 BCR CE . 74.75 26.59 -29.54
C2 BCR CE . 75.61 27.79 -29.18
C3 BCR CE . 74.86 28.78 -28.35
C4 BCR CE . 74.18 28.16 -27.15
C5 BCR CE . 73.87 26.71 -27.28
C6 BCR CE . 74.12 25.98 -28.35
C7 BCR CE . 73.79 24.54 -28.45
C8 BCR CE . 72.62 24.15 -28.93
C9 BCR CE . 72.26 22.76 -29.19
C10 BCR CE . 71.32 22.47 -30.11
C11 BCR CE . 70.58 21.22 -30.21
C33 BCR CE . 73.25 26.12 -26.06
C31 BCR CE . 75.64 25.59 -30.27
C32 BCR CE . 73.65 27.08 -30.45
C34 BCR CE . 72.74 21.77 -28.22
C12 BCR CE . 69.87 20.95 -31.32
C13 BCR CE . 68.86 19.92 -31.49
C14 BCR CE . 68.03 20.04 -32.55
C15 BCR CE . 66.92 19.15 -32.84
C16 BCR CE . 65.94 19.52 -33.69
C17 BCR CE . 64.89 18.58 -33.97
C18 BCR CE . 63.75 18.78 -34.66
C19 BCR CE . 62.87 17.65 -34.89
C20 BCR CE . 61.74 17.73 -35.61
C21 BCR CE . 60.89 16.58 -35.67
C22 BCR CE . 59.75 16.44 -36.37
C23 BCR CE . 59.22 15.10 -36.39
C24 BCR CE . 58.33 14.66 -37.26
C25 BCR CE . 57.84 13.29 -37.22
C26 BCR CE . 58.66 12.28 -37.53
C27 BCR CE . 58.33 10.85 -37.49
C28 BCR CE . 56.98 10.55 -36.87
C29 BCR CE . 55.99 11.66 -37.15
C30 BCR CE . 56.48 13.02 -36.70
C35 BCR CE . 68.95 18.66 -30.71
C36 BCR CE . 63.42 20.06 -35.33
C37 BCR CE . 58.96 17.58 -36.88
C38 BCR CE . 60.04 12.51 -38.00
C39 BCR CE . 56.57 13.12 -35.19
C40 BCR CE . 55.43 14.02 -37.15
HC21 BCR CE . 75.99 28.28 -30.07
HC22 BCR CE . 76.50 27.48 -28.63
HC31 BCR CE . 74.13 29.28 -28.97
HC32 BCR CE . 75.54 29.56 -28.02
HC41 BCR CE . 73.28 28.73 -26.91
HC42 BCR CE . 74.78 28.34 -26.26
HC7 BCR CE . 74.52 23.83 -28.11
HC8 BCR CE . 71.88 24.90 -29.14
H10C BCR CE . 71.07 23.21 -30.84
H11C BCR CE . 70.62 20.53 -29.40
H331 BCR CE . 73.74 25.19 -25.79
H332 BCR CE . 72.20 25.92 -26.23
H333 BCR CE . 73.34 26.80 -25.23
H311 BCR CE . 75.04 24.86 -30.79
H312 BCR CE . 76.29 25.07 -29.59
H313 BCR CE . 76.26 26.10 -31.00
H321 BCR CE . 73.35 26.30 -31.12
H322 BCR CE . 73.99 27.93 -31.03
H323 BCR CE . 72.80 27.38 -29.87
H341 BCR CE . 72.47 20.76 -28.51
H342 BCR CE . 72.34 21.94 -27.24
H343 BCR CE . 73.82 21.80 -28.14
H12C BCR CE . 70.07 21.59 -32.16
H14C BCR CE . 68.19 20.84 -33.23
H15C BCR CE . 66.88 18.19 -32.39
H16C BCR CE . 65.95 20.49 -34.14
H17C BCR CE . 65.06 17.60 -33.57
H19C BCR CE . 63.11 16.71 -34.47
H20C BCR CE . 61.49 18.63 -36.14
H21C BCR CE . 61.20 15.76 -35.07
H23C BCR CE . 59.58 14.42 -35.66
H24C BCR CE . 57.95 15.32 -38.01
H271 BCR CE . 59.10 10.27 -36.98
H272 BCR CE . 58.40 10.39 -38.48
H281 BCR CE . 57.12 10.41 -35.80
H282 BCR CE . 56.63 9.60 -37.26
H291 BCR CE . 55.06 11.40 -36.68
H292 BCR CE . 55.79 11.65 -38.22
H351 BCR CE . 67.97 18.26 -30.54
H352 BCR CE . 69.42 18.84 -29.76
H353 BCR CE . 69.53 17.93 -31.25
H361 BCR CE . 63.14 19.92 -36.36
H362 BCR CE . 64.26 20.75 -35.32
H363 BCR CE . 62.60 20.56 -34.84
H371 BCR CE . 58.69 17.42 -37.91
H372 BCR CE . 59.52 18.49 -36.80
H373 BCR CE . 58.05 17.68 -36.30
H381 BCR CE . 60.48 11.61 -38.43
H382 BCR CE . 60.70 12.82 -37.19
H383 BCR CE . 60.10 13.28 -38.75
H391 BCR CE . 55.73 12.64 -34.73
H392 BCR CE . 56.59 14.16 -34.88
H393 BCR CE . 57.48 12.65 -34.83
H401 BCR CE . 54.45 13.68 -36.88
H402 BCR CE . 55.46 14.14 -38.22
H403 BCR CE . 55.61 14.98 -36.71
C1 UNL DE . 15.63 32.15 -54.33
C10 UNL DE . 19.97 23.04 -52.76
C11 UNL DE . 19.90 21.60 -53.23
C12 UNL DE . 18.49 21.06 -52.98
C13 UNL DE . 18.52 19.82 -52.11
C14 UNL DE . 19.26 18.77 -52.89
C15 UNL DE . 18.84 17.33 -52.58
C16 UNL DE . 17.52 17.09 -51.88
C17 UNL DE . 17.50 15.56 -51.71
C18 UNL DE . 16.09 15.00 -51.79
C2 UNL DE . 17.09 31.72 -54.12
C3 UNL DE . 17.33 30.24 -54.42
C4 UNL DE . 18.34 29.65 -53.44
C5 UNL DE . 18.30 28.11 -53.46
C6 UNL DE . 19.04 27.51 -54.67
C7 UNL DE . 20.17 26.55 -54.23
C8 UNL DE . 19.63 25.36 -53.43
C9 UNL DE . 20.21 24.02 -53.89
O1 UNL DE . 14.68 31.71 -53.61
O2 UNL DE . 15.39 32.98 -55.26
H21 UNL DE . 17.32 31.88 -53.18
H22 UNL DE . 17.66 32.24 -54.68
H31 UNL DE . 17.67 30.16 -55.33
H32 UNL DE . 16.49 29.76 -54.34
H41 UNL DE . 18.11 29.96 -52.55
H42 UNL DE . 19.22 29.96 -53.68
H51 UNL DE . 17.37 27.82 -53.49
H52 UNL DE . 18.72 27.78 -52.65
H61 UNL DE . 19.43 28.23 -55.19
H62 UNL DE . 18.40 27.02 -55.21
H71 UNL DE . 20.81 27.04 -53.69
H72 UNL DE . 20.61 26.21 -55.02
H81 UNL DE . 18.66 25.33 -53.52
H82 UNL DE . 19.86 25.49 -52.49
H91 UNL DE . 21.15 24.11 -54.07
H92 UNL DE . 19.76 23.72 -54.69
H101 UNL DE . 19.13 23.27 -52.32
H102 UNL DE . 20.69 23.13 -52.11
H111 UNL DE . 20.55 21.06 -52.75
H112 UNL DE . 20.11 21.56 -54.18
H121 UNL DE . 18.08 20.85 -53.84
H122 UNL DE . 17.97 21.75 -52.53
H131 UNL DE . 17.62 19.52 -51.92
H132 UNL DE . 18.99 20.01 -51.28
H141 UNL DE . 20.20 18.86 -52.69
H142 UNL DE . 19.11 18.94 -53.83
H151 UNL DE . 19.54 16.95 -52.04
H152 UNL DE . 18.80 16.87 -53.44
H161 UNL DE . 16.77 17.39 -52.42
H162 UNL DE . 17.50 17.54 -51.01
H171 UNL DE . 17.88 15.35 -50.85
H172 UNL DE . 18.04 15.17 -52.42
H181 UNL DE . 16.13 14.03 -51.87
H182 UNL DE . 15.63 15.37 -52.57
H183 UNL DE . 15.59 15.24 -50.99
FE FE2 EE . -17.51 -43.96 0.68
CL CL FE . -33.63 -4.71 11.20
CL CL GE . -47.21 -0.75 12.11
C BCT HE . -16.72 -45.74 -0.64
O1 BCT HE . -16.72 -46.00 0.58
O2 BCT HE . -17.05 -44.71 -1.22
O3 BCT HE . -16.09 -46.80 -1.48
HO3 BCT HE . -16.19 -47.57 -1.13
MG CLA IE . -29.92 -22.04 12.32
CHA CLA IE . -31.14 -22.19 9.07
CHB CLA IE . -27.80 -24.68 11.58
CHC CLA IE . -27.95 -21.19 15.04
CHD CLA IE . -31.58 -18.91 12.68
NA CLA IE . -29.55 -23.25 10.58
C1A CLA IE . -30.21 -23.17 9.35
C2A CLA IE . -29.67 -24.25 8.43
C3A CLA IE . -29.01 -25.26 9.39
C4A CLA IE . -28.72 -24.34 10.59
CMA CLA IE . -29.90 -26.45 9.70
CAA CLA IE . -28.67 -23.52 7.54
CBA CLA IE . -28.12 -24.36 6.41
CGA CLA IE . -29.16 -24.47 5.34
O1A CLA IE . -30.24 -23.87 5.30
O2A CLA IE . -28.83 -25.33 4.33
NB CLA IE . -28.13 -22.77 13.11
C1B CLA IE . -27.50 -23.89 12.72
C2B CLA IE . -26.38 -24.18 13.70
C3B CLA IE . -26.42 -23.19 14.67
C4B CLA IE . -27.58 -22.30 14.33
CMB CLA IE . -25.54 -25.37 13.59
CAB CLA IE . -25.60 -22.98 15.86
CBB CLA IE . -24.43 -23.60 16.15
NC CLA IE . -29.78 -20.36 13.57
C1C CLA IE . -28.98 -20.26 14.68
C2C CLA IE . -29.32 -19.05 15.45
C3C CLA IE . -30.37 -18.42 14.80
C4C CLA IE . -30.65 -19.25 13.63
CMC CLA IE . -28.67 -18.59 16.67
CAC CLA IE . -31.06 -17.19 15.24
CBC CLA IE . -30.23 -15.95 15.20
ND CLA IE . -31.06 -20.79 11.23
C1D CLA IE . -31.79 -19.60 11.53
C2D CLA IE . -32.70 -19.24 10.41
C3D CLA IE . -32.43 -20.18 9.45
C4D CLA IE . -31.44 -21.13 9.99
CMD CLA IE . -33.64 -18.09 10.37
CAD CLA IE . -32.69 -20.59 8.10
OBD CLA IE . -33.29 -19.98 7.25
CBD CLA IE . -31.95 -21.90 7.84
CGD CLA IE . -32.94 -22.92 7.40
O1D CLA IE . -33.53 -23.75 8.06
O2D CLA IE . -33.09 -22.83 6.05
CED CLA IE . -34.11 -23.66 5.50
C1 CLA IE . -29.79 -25.51 3.26
C2 CLA IE . -29.11 -25.23 1.97
C3 CLA IE . -29.12 -24.03 1.38
C4 CLA IE . -29.85 -22.90 2.02
C5 CLA IE . -28.40 -23.76 0.10
C6 CLA IE . -29.28 -23.74 -1.16
C7 CLA IE . -28.34 -23.84 -2.32
C8 CLA IE . -28.88 -23.42 -3.67
C9 CLA IE . -30.04 -24.32 -4.12
C10 CLA IE . -27.74 -23.49 -4.67
C11 CLA IE . -26.93 -22.21 -4.57
C12 CLA IE . -25.88 -22.10 -5.63
C13 CLA IE . -24.89 -20.97 -5.43
C14 CLA IE . -25.56 -19.61 -5.54
C15 CLA IE . -23.88 -21.02 -6.57
C16 CLA IE . -22.66 -21.85 -6.31
C17 CLA IE . -21.80 -21.71 -7.56
C18 CLA IE . -20.33 -21.91 -7.32
C19 CLA IE . -20.01 -23.38 -7.43
C20 CLA IE . -19.54 -21.12 -8.33
HHB CLA IE . -27.26 -25.64 11.48
HHC CLA IE . -27.42 -20.95 15.97
HHD CLA IE . -32.21 -18.01 12.86
H2A CLA IE . -30.47 -24.79 7.84
H3A CLA IE . -28.05 -25.67 9.01
HMA1 CLA IE . -29.77 -26.79 10.76
HMA2 CLA IE . -29.66 -27.30 9.03
HMA3 CLA IE . -30.98 -26.19 9.55
HAA1 CLA IE . -27.82 -23.16 8.18
HAA2 CLA IE . -29.17 -22.61 7.10
HBA1 CLA IE . -27.86 -25.38 6.79
HBA2 CLA IE . -27.20 -23.89 6.00
HMB1 CLA IE . -25.22 -25.72 14.60
HMB2 CLA IE . -24.62 -25.14 12.98
HMB3 CLA IE . -26.09 -26.20 13.08
HAB CLA IE . -26.02 -22.23 16.55
HBB1 CLA IE . -23.97 -24.34 15.50
HBB2 CLA IE . -23.85 -23.39 17.07
HMC1 CLA IE . -29.30 -17.81 17.18
HMC2 CLA IE . -27.68 -18.12 16.44
HMC3 CLA IE . -28.50 -19.43 17.38
HAC1 CLA IE . -31.44 -17.33 16.28
HAC2 CLA IE . -31.96 -17.03 14.59
HBC1 CLA IE . -30.79 -15.09 15.63
HBC2 CLA IE . -29.94 -15.70 14.15
HBC3 CLA IE . -29.29 -16.10 15.79
HMD1 CLA IE . -34.57 -18.36 9.80
HMD2 CLA IE . -33.17 -17.21 9.87
HMD3 CLA IE . -33.94 -17.79 11.40
HBD CLA IE . -31.20 -21.82 6.99
HED1 CLA IE . -33.73 -23.89 4.46
HED2 CLA IE . -35.02 -23.01 5.51
HED3 CLA IE . -34.14 -24.54 6.18
H11 CLA IE . -30.65 -24.80 3.42
H12 CLA IE . -30.19 -26.56 3.29
H2 CLA IE . -28.59 -26.10 1.51
H41 CLA IE . -29.54 -21.92 1.58
H42 CLA IE . -29.64 -22.85 3.11
H43 CLA IE . -30.95 -22.99 1.88
H51 CLA IE . -27.60 -24.54 -0.03
H52 CLA IE . -27.88 -22.76 0.19
H61 CLA IE . -29.88 -22.79 -1.22
H62 CLA IE . -30.00 -24.59 -1.17
H71 CLA IE . -27.98 -24.90 -2.39
H72 CLA IE . -27.44 -23.21 -2.09
H8 CLA IE . -29.30 -22.37 -3.63
H91 CLA IE . -30.33 -24.09 -5.18
H92 CLA IE . -30.93 -24.15 -3.46
H93 CLA IE . -29.74 -25.39 -4.04
H101 CLA IE . -28.13 -23.62 -5.71
H102 CLA IE . -27.09 -24.38 -4.45
H111 CLA IE . -26.44 -22.15 -3.56
H112 CLA IE . -27.62 -21.33 -4.63
H121 CLA IE . -26.41 -21.97 -6.62
H122 CLA IE . -25.33 -23.08 -5.67
H13 CLA IE . -24.44 -21.08 -4.41
H141 CLA IE . -24.83 -18.80 -5.28
H142 CLA IE . -26.42 -19.53 -4.84
H143 CLA IE . -25.93 -19.42 -6.58
H151 CLA IE . -23.53 -19.98 -6.80
H152 CLA IE . -24.38 -21.42 -7.49
H161 CLA IE . -22.95 -22.93 -6.13
H162 CLA IE . -22.13 -21.51 -5.39
H171 CLA IE . -21.94 -20.68 -7.97
H172 CLA IE . -22.14 -22.44 -8.33
H18 CLA IE . -20.05 -21.56 -6.29
H191 CLA IE . -18.96 -23.57 -7.12
H192 CLA IE . -20.13 -23.72 -8.49
H193 CLA IE . -20.69 -23.99 -6.79
H201 CLA IE . -18.45 -21.38 -8.25
H202 CLA IE . -19.65 -20.03 -8.14
H203 CLA IE . -19.88 -21.34 -9.37
MG CLA JE . -25.80 -29.10 21.28
CHA CLA JE . -28.69 -29.60 19.44
CHB CLA JE . -25.94 -32.37 22.32
CHC CLA JE . -22.65 -28.78 22.53
CHD CLA JE . -25.39 -25.96 19.56
NA CLA JE . -27.15 -30.69 20.95
C1A CLA JE . -28.27 -30.72 20.10
C2A CLA JE . -28.89 -32.11 20.06
C3A CLA JE . -28.18 -32.79 21.26
C4A CLA JE . -26.97 -31.91 21.51
CMA CLA JE . -28.92 -32.68 22.56
CAA CLA JE . -28.60 -32.79 18.71
CBA CLA JE . -27.14 -32.75 18.33
CGA CLA JE . -26.80 -33.69 17.23
O1A CLA JE . -27.51 -34.34 16.44
O2A CLA JE . -25.43 -33.80 17.13
NB CLA JE . -24.57 -30.34 22.28
C1B CLA JE . -24.79 -31.61 22.60
C2B CLA JE . -23.65 -32.15 23.37
C3B CLA JE . -22.72 -31.16 23.45
C4B CLA JE . -23.29 -29.97 22.75
CMB CLA JE . -23.58 -33.53 23.87
CAB CLA JE . -21.43 -31.20 24.08
CBB CLA JE . -21.10 -30.38 25.07
NC CLA JE . -24.23 -27.65 21.01
C1C CLA JE . -23.05 -27.70 21.67
C2C CLA JE . -22.27 -26.49 21.44
C3C CLA JE . -23.04 -25.71 20.59
C4C CLA JE . -24.28 -26.43 20.33
CMC CLA JE . -20.92 -26.21 21.97
CAC CLA JE . -22.66 -24.42 20.00
CBC CLA JE . -22.76 -23.31 21.00
ND CLA JE . -26.72 -28.02 19.72
C1D CLA JE . -26.53 -26.69 19.28
C2D CLA JE . -27.77 -26.28 18.55
C3D CLA JE . -28.64 -27.35 18.62
C4D CLA JE . -27.93 -28.40 19.35
CMD CLA JE . -27.95 -24.97 17.95
CAD CLA JE . -29.96 -27.86 18.27
OBD CLA JE . -30.92 -27.34 17.70
CBD CLA JE . -30.00 -29.31 18.77
CGD CLA JE . -31.06 -29.42 19.80
O1D CLA JE . -31.24 -28.62 20.69
O2D CLA JE . -31.89 -30.50 19.75
CED CLA JE . -32.79 -30.54 20.86
C1 CLA JE . -24.97 -34.61 16.02
C2 CLA JE . -24.65 -35.97 16.53
C3 CLA JE . -25.21 -37.11 16.13
C4 CLA JE . -26.30 -37.17 15.11
C5 CLA JE . -24.73 -38.39 16.69
C6 CLA JE . -25.57 -38.93 17.85
C7 CLA JE . -25.47 -38.04 19.06
C8 CLA JE . -26.49 -38.36 20.15
C9 CLA JE . -26.92 -37.09 20.87
C10 CLA JE . -25.92 -39.39 21.13
C11 CLA JE . -26.76 -40.63 21.35
C12 CLA JE . -26.92 -40.93 22.84
C13 CLA JE . -27.39 -42.35 23.12
C14 CLA JE . -28.85 -42.52 22.75
C15 CLA JE . -27.19 -42.73 24.59
C16 CLA JE . -26.10 -43.77 24.82
C17 CLA JE . -26.35 -45.05 24.04
C18 CLA JE . -25.85 -46.30 24.76
C19 CLA JE . -26.91 -46.78 25.74
C20 CLA JE . -25.53 -47.42 23.79
HHB CLA JE . -26.03 -33.37 22.76
HHC CLA JE . -21.70 -28.61 23.06
HHD CLA JE . -25.32 -24.93 19.16
H2A CLA JE . -30.00 -32.08 20.21
H3A CLA JE . -27.96 -33.85 20.94
HMA1 CLA JE . -28.44 -33.28 23.36
HMA2 CLA JE . -29.98 -33.03 22.45
HMA3 CLA JE . -28.95 -31.61 22.91
HAA1 CLA JE . -29.20 -32.29 17.91
HAA2 CLA JE . -28.93 -33.87 18.75
HBA1 CLA JE . -26.51 -33.01 19.23
HBA2 CLA JE . -26.87 -31.71 18.02
HMB1 CLA JE . -22.58 -33.72 24.36
HMB2 CLA JE . -23.70 -34.25 23.03
HMB3 CLA JE . -24.39 -33.72 24.63
HAB CLA JE . -20.73 -31.98 23.71
HBB1 CLA JE . -21.79 -29.61 25.43
HBB2 CLA JE . -20.12 -30.42 25.57
HMC1 CLA JE . -20.54 -25.21 21.62
HMC2 CLA JE . -20.19 -26.99 21.64
HMC3 CLA JE . -20.93 -26.20 23.09
HAC1 CLA JE . -23.33 -24.20 19.13
HAC2 CLA JE . -21.62 -24.47 19.60
HBC1 CLA JE . -22.46 -22.35 20.52
HBC2 CLA JE . -22.08 -23.52 21.87
HBC3 CLA JE . -23.80 -23.23 21.37
HMD1 CLA JE . -28.98 -24.87 17.52
HMD2 CLA JE . -27.20 -24.78 17.13
HMD3 CLA JE . -27.82 -24.16 18.72
HBD CLA JE . -30.18 -29.99 17.89
HED1 CLA JE . -33.26 -31.55 20.76
HED2 CLA JE . -33.47 -29.68 20.68
HED3 CLA JE . -32.12 -30.42 21.75
H11 CLA JE . -24.07 -34.11 15.59
H12 CLA JE . -25.79 -34.64 15.26
H2 CLA JE . -23.86 -35.98 17.30
H41 CLA JE . -26.68 -38.21 14.98
H42 CLA JE . -25.93 -36.82 14.11
H43 CLA JE . -27.16 -36.52 15.40
H51 CLA JE . -23.67 -38.24 17.05
H52 CLA JE . -24.70 -39.15 15.87
H61 CLA JE . -25.22 -39.97 18.12
H62 CLA JE . -26.64 -39.00 17.53
H71 CLA JE . -25.60 -36.97 18.74
H72 CLA JE . -24.44 -38.12 19.50
H8 CLA JE . -27.41 -38.82 19.69
H91 CLA JE . -27.96 -37.20 21.27
H92 CLA JE . -26.91 -36.23 20.16
H93 CLA JE . -26.23 -36.87 21.72
H101 CLA JE . -25.76 -38.89 22.13
H102 CLA JE . -24.90 -39.71 20.76
H111 CLA JE . -26.28 -41.51 20.83
H112 CLA JE . -27.77 -40.49 20.88
H121 CLA JE . -27.65 -40.20 23.26
H122 CLA JE . -25.93 -40.76 23.33
H13 CLA JE . -26.78 -43.05 22.48
H141 CLA JE . -29.22 -43.53 23.07
H142 CLA JE . -29.00 -42.44 21.64
H143 CLA JE . -29.48 -41.75 23.25
H151 CLA JE . -28.14 -43.13 25.02
H152 CLA JE . -26.92 -41.81 25.18
H161 CLA JE . -26.03 -44.02 25.91
H162 CLA JE . -25.11 -43.35 24.51
H171 CLA JE . -25.83 -44.99 23.04
H172 CLA JE . -27.44 -45.16 23.83
H18 CLA JE . -24.91 -46.04 25.32
H191 CLA JE . -26.53 -47.65 26.33
H192 CLA JE . -27.83 -47.10 25.19
H193 CLA JE . -27.18 -45.96 26.45
H201 CLA JE . -25.31 -48.36 24.34
H202 CLA JE . -24.65 -47.15 23.17
H203 CLA JE . -26.39 -47.60 23.10
CHA PHO KE . -25.38 -29.05 -4.53
CHB PHO KE . -24.36 -24.84 -2.53
CHC PHO KE . -25.75 -26.70 1.73
CHD PHO KE . -26.55 -31.03 -0.11
NA PHO KE . -24.81 -27.13 -3.24
C1A PHO KE . -24.96 -27.78 -4.48
C2A PHO KE . -24.58 -26.85 -5.64
C3A PHO KE . -23.88 -25.68 -4.88
C4A PHO KE . -24.39 -25.90 -3.46
CMA PHO KE . -22.35 -25.72 -4.95
CAA PHO KE . -25.72 -26.32 -6.47
CBA PHO KE . -25.20 -25.87 -7.82
CGA PHO KE . -26.24 -25.07 -8.57
O1A PHO KE . -27.42 -24.91 -8.26
O2A PHO KE . -25.77 -24.38 -9.67
NB PHO KE . -25.18 -26.11 -0.61
C1B PHO KE . -24.75 -24.96 -1.24
C2B PHO KE . -24.72 -23.86 -0.22
C3B PHO KE . -25.11 -24.42 0.97
C4B PHO KE . -25.40 -25.86 0.75
CMB PHO KE . -24.29 -22.51 -0.47
CAB PHO KE . -25.20 -23.87 2.28
CBB PHO KE . -25.64 -22.65 2.56
NC PHO KE . -26.06 -28.72 0.50
C1C PHO KE . -26.03 -28.06 1.65
C2C PHO KE . -26.35 -28.92 2.82
C3C PHO KE . -26.56 -30.18 2.30
C4C PHO KE . -26.38 -30.06 0.82
CMC PHO KE . -26.41 -28.49 4.23
CAC PHO KE . -26.93 -31.43 3.00
CBC PHO KE . -28.33 -31.84 2.64
ND PHO KE . -25.77 -29.70 -2.06
C1D PHO KE . -26.28 -30.88 -1.48
C2D PHO KE . -26.49 -31.84 -2.51
C3D PHO KE . -26.15 -31.19 -3.73
C4D PHO KE . -25.74 -29.84 -3.38
CMD PHO KE . -26.97 -33.21 -2.32
CAD PHO KE . -26.09 -31.33 -5.17
OBD PHO KE . -26.39 -32.25 -5.92
CBD PHO KE . -25.63 -29.95 -5.71
CGD PHO KE . -24.41 -30.19 -6.57
O1D PHO KE . -24.39 -30.21 -7.78
O2D PHO KE . -23.25 -30.43 -5.83
CED PHO KE . -21.99 -30.25 -6.50
C1 PHO KE . -26.73 -23.56 -10.35
C2 PHO KE . -26.55 -22.11 -10.03
C3 PHO KE . -25.47 -21.47 -10.47
C4 PHO KE . -24.40 -22.21 -11.20
C5 PHO KE . -25.17 -20.03 -10.23
C6 PHO KE . -26.26 -19.30 -9.50
C7 PHO KE . -25.80 -17.92 -9.20
C8 PHO KE . -26.92 -17.06 -8.63
C9 PHO KE . -27.83 -16.49 -9.73
C10 PHO KE . -26.23 -15.96 -7.83
C11 PHO KE . -27.13 -14.87 -7.29
C12 PHO KE . -28.25 -15.37 -6.41
C13 PHO KE . -27.78 -16.14 -5.17
C14 PHO KE . -28.99 -16.83 -4.58
C15 PHO KE . -27.02 -15.19 -4.21
C16 PHO KE . -26.86 -15.63 -2.77
C17 PHO KE . -25.97 -14.66 -2.02
C18 PHO KE . -25.45 -15.26 -0.70
C19 PHO KE . -26.57 -15.70 0.23
C20 PHO KE . -24.52 -14.30 0.01
HHB PHO KE . -24.01 -23.87 -2.90
HHC PHO KE . -25.83 -26.28 2.75
HHD PHO KE . -26.92 -32.02 0.21
H2A PHO KE . -23.88 -27.42 -6.31
H3A PHO KE . -24.23 -24.69 -5.29
HMA1 PHO KE . -21.91 -24.86 -4.42
HMA2 PHO KE . -22.01 -25.71 -6.01
HMA3 PHO KE . -21.97 -26.66 -4.47
HAA1 PHO KE . -26.21 -25.46 -5.94
HAA2 PHO KE . -26.50 -27.11 -6.60
HBA1 PHO KE . -24.91 -26.74 -8.45
HBA2 PHO KE . -24.28 -25.21 -7.70
HMB1 PHO KE . -24.81 -21.78 0.20
HMB2 PHO KE . -24.50 -22.23 -1.53
HMB3 PHO KE . -23.19 -22.41 -0.30
HAB PHO KE . -24.86 -24.54 3.10
HBB1 PHO KE . -26.03 -21.96 1.80
HBB2 PHO KE . -25.69 -22.29 3.60
HMC1 PHO KE . -25.45 -28.70 4.75
HMC2 PHO KE . -27.23 -29.04 4.77
HMC3 PHO KE . -26.62 -27.39 4.29
HAC1 PHO KE . -26.86 -31.28 4.12
HAC2 PHO KE . -26.21 -32.25 2.72
HBC1 PHO KE . -28.53 -32.90 2.96
HBC2 PHO KE . -28.49 -31.78 1.53
HBC3 PHO KE . -29.08 -31.18 3.13
HMD1 PHO KE . -26.30 -33.94 -2.85
HMD2 PHO KE . -28.00 -33.34 -2.74
HMD3 PHO KE . -27.00 -33.48 -1.24
HBD PHO KE . -26.43 -29.50 -6.35
HED1 PHO KE . -21.22 -30.91 -6.03
HED2 PHO KE . -21.66 -29.18 -6.41
HED3 PHO KE . -22.10 -30.51 -7.58
H11 PHO KE . -27.76 -23.91 -10.04
H12 PHO KE . -26.61 -23.75 -11.45
H2 PHO KE . -27.34 -21.63 -9.44
H41 PHO KE . -23.59 -21.51 -11.54
H42 PHO KE . -24.82 -22.71 -12.12
H43 PHO KE . -23.94 -23.00 -10.57
H51 PHO KE . -24.99 -19.54 -11.22
H52 PHO KE . -24.21 -19.97 -9.65
H61 PHO KE . -26.51 -19.83 -8.54
H62 PHO KE . -27.19 -19.28 -10.12
H71 PHO KE . -25.42 -17.44 -10.13
H72 PHO KE . -24.95 -17.94 -8.46
H8 PHO KE . -27.59 -17.66 -7.97
H91 PHO KE . -28.79 -16.15 -9.29
H92 PHO KE . -28.03 -17.27 -10.50
H93 PHO KE . -27.33 -15.62 -10.22
H101 PHO KE . -25.44 -15.50 -8.48
H102 PHO KE . -25.71 -16.46 -6.96
H111 PHO KE . -27.58 -14.30 -8.15
H112 PHO KE . -26.50 -14.13 -6.70
H121 PHO KE . -28.91 -16.05 -7.03
H122 PHO KE . -28.88 -14.51 -6.09
H13 PHO KE . -27.01 -16.92 -5.41
H141 PHO KE . -28.68 -17.61 -3.85
H142 PHO KE . -29.58 -17.32 -5.39
H143 PHO KE . -29.65 -16.10 -4.07
H151 PHO KE . -27.54 -14.20 -4.22
H152 PHO KE . -25.98 -15.03 -4.64
H161 PHO KE . -26.43 -16.65 -2.73
H162 PHO KE . -27.87 -15.67 -2.28
H171 PHO KE . -26.55 -13.71 -1.80
H172 PHO KE . -25.10 -14.37 -2.67
H18 PHO KE . -24.86 -16.18 -0.97
H191 PHO KE . -26.14 -16.11 1.19
H192 PHO KE . -27.19 -16.50 -0.25
H193 PHO KE . -27.24 -14.84 0.47
H201 PHO KE . -24.29 -14.67 1.04
H202 PHO KE . -24.99 -13.29 0.10
H203 PHO KE . -23.56 -14.21 -0.54
HNB PHO KE . -25.31 -26.99 -1.05
HND PHO KE . -25.48 -28.90 -1.54
MG CLA LE . -36.45 -13.48 -17.83
CHA CLA LE . -38.45 -11.27 -16.10
CHB CLA LE . -38.36 -16.01 -16.83
CHC CLA LE . -34.94 -15.51 -20.13
CHD CLA LE . -34.75 -10.74 -19.20
NA CLA LE . -38.11 -13.58 -16.63
C1A CLA LE . -38.85 -12.57 -16.04
C2A CLA LE . -40.05 -13.13 -15.26
C3A CLA LE . -39.71 -14.65 -15.19
C4A CLA LE . -38.68 -14.77 -16.33
CMA CLA LE . -39.16 -15.02 -13.86
CAA CLA LE . -41.41 -13.00 -15.94
CBA CLA LE . -41.36 -12.89 -17.44
CGA CLA LE . -42.77 -12.68 -17.91
O1A CLA LE . -43.64 -11.93 -17.44
O2A CLA LE . -43.08 -13.46 -18.96
NB CLA LE . -36.58 -15.35 -18.33
C1B CLA LE . -37.44 -16.27 -17.85
C2B CLA LE . -37.32 -17.58 -18.57
C3B CLA LE . -36.35 -17.43 -19.51
C4B CLA LE . -35.90 -16.03 -19.38
CMB CLA LE . -38.15 -18.77 -18.33
CAB CLA LE . -35.83 -18.35 -20.49
CBB CLA LE . -35.62 -19.67 -20.27
NC CLA LE . -35.13 -13.18 -19.36
C1C CLA LE . -34.58 -14.16 -20.10
C2C CLA LE . -33.55 -13.62 -20.93
C3C CLA LE . -33.51 -12.26 -20.70
C4C CLA LE . -34.48 -12.00 -19.70
CMC CLA LE . -32.78 -14.42 -21.84
CAC CLA LE . -32.68 -11.25 -21.35
CBC CLA LE . -33.51 -10.67 -22.46
ND CLA LE . -36.57 -11.52 -17.74
C1D CLA LE . -35.76 -10.48 -18.30
C2D CLA LE . -36.08 -9.17 -17.71
C3D CLA LE . -37.09 -9.41 -16.79
C4D CLA LE . -37.37 -10.88 -16.89
CMD CLA LE . -35.37 -7.95 -18.08
CAD CLA LE . -38.02 -8.87 -15.82
OBD CLA LE . -38.17 -7.78 -15.29
CBD CLA LE . -38.90 -10.03 -15.38
CGD CLA LE . -38.68 -10.14 -13.90
O1D CLA LE . -37.85 -10.86 -13.34
O2D CLA LE . -39.49 -9.36 -13.16
CED CLA LE . -39.40 -9.60 -11.76
C1 CLA LE . -44.45 -13.88 -19.05
C2 CLA LE . -44.42 -15.15 -19.80
C3 CLA LE . -45.10 -15.42 -20.92
C4 CLA LE . -46.02 -14.45 -21.58
C5 CLA LE . -44.91 -16.73 -21.58
C6 CLA LE . -46.14 -17.63 -21.64
C7 CLA LE . -45.95 -18.74 -22.65
C8 CLA LE . -47.11 -18.86 -23.63
C9 CLA LE . -47.12 -20.30 -24.13
C10 CLA LE . -47.03 -17.82 -24.76
C11 CLA LE . -48.01 -16.66 -24.63
C12 CLA LE . -48.02 -15.71 -25.83
C13 CLA LE . -47.36 -14.35 -25.58
C14 CLA LE . -48.23 -13.44 -24.73
C15 CLA LE . -47.00 -13.71 -26.92
C16 CLA LE . -46.00 -12.58 -26.72
C17 CLA LE . -46.30 -11.28 -27.46
C18 CLA LE . -47.60 -10.58 -27.07
C19 CLA LE . -47.85 -9.50 -28.10
C20 CLA LE . -47.63 -9.97 -25.67
HHB CLA LE . -38.88 -16.88 -16.41
HHC CLA LE . -34.39 -16.15 -20.84
HHD CLA LE . -34.13 -9.89 -19.55
H2A CLA LE . -40.06 -12.57 -14.29
H3A CLA LE . -40.59 -15.30 -15.42
HMA1 CLA LE . -39.43 -16.08 -13.61
HMA2 CLA LE . -39.57 -14.36 -13.06
HMA3 CLA LE . -38.05 -14.93 -13.85
HAA1 CLA LE . -41.93 -12.10 -15.54
HAA2 CLA LE . -42.04 -13.89 -15.68
HBA1 CLA LE . -40.94 -13.83 -17.90
HBA2 CLA LE . -40.70 -12.03 -17.76
HMB1 CLA LE . -37.84 -19.60 -19.02
HMB2 CLA LE . -39.23 -18.54 -18.52
HMB3 CLA LE . -38.04 -19.12 -17.27
HAB CLA LE . -35.60 -17.90 -21.47
HBB1 CLA LE . -35.82 -20.13 -19.30
HBB2 CLA LE . -35.22 -20.34 -21.04
HMC1 CLA LE . -31.98 -13.81 -22.34
HMC2 CLA LE . -33.43 -14.85 -22.65
HMC3 CLA LE . -32.29 -15.27 -21.31
HAC1 CLA LE . -31.74 -11.68 -21.75
HAC2 CLA LE . -32.38 -10.44 -20.63
HBC1 CLA LE . -32.93 -9.91 -23.01
HBC2 CLA LE . -34.43 -10.20 -22.04
HBC3 CLA LE . -33.82 -11.48 -23.16
HMD1 CLA LE . -35.78 -7.07 -17.52
HMD2 CLA LE . -35.48 -7.74 -19.18
HMD3 CLA LE . -34.28 -8.03 -17.85
HBD CLA LE . -39.99 -9.84 -15.64
HED1 CLA LE . -40.35 -9.15 -11.35
HED2 CLA LE . -38.47 -9.06 -11.44
HED3 CLA LE . -39.35 -10.71 -11.67
H11 CLA LE . -45.05 -13.08 -19.58
H12 CLA LE . -44.87 -14.02 -18.02
H2 CLA LE . -43.77 -15.91 -19.36
H41 CLA LE . -46.59 -14.93 -22.42
H42 CLA LE . -45.46 -13.59 -22.02
H43 CLA LE . -46.76 -14.04 -20.86
H51 CLA LE . -44.10 -17.28 -21.02
H52 CLA LE . -44.54 -16.56 -22.62
H61 CLA LE . -47.04 -17.02 -21.92
H62 CLA LE . -46.34 -18.07 -20.62
H71 CLA LE . -45.82 -19.72 -22.09
H72 CLA LE . -44.99 -18.56 -23.20
H8 CLA LE . -48.09 -18.64 -23.12
H91 CLA LE . -47.83 -20.40 -24.99
H92 CLA LE . -47.44 -21.00 -23.32
H93 CLA LE . -46.10 -20.59 -24.48
H101 CLA LE . -47.22 -18.34 -25.74
H102 CLA LE . -45.98 -17.42 -24.81
H111 CLA LE . -47.75 -16.08 -23.71
H112 CLA LE . -49.04 -17.08 -24.48
H121 CLA LE . -49.09 -15.54 -26.13
H122 CLA LE . -47.52 -16.22 -26.68
H13 CLA LE . -46.41 -14.51 -24.99
H141 CLA LE . -47.66 -13.03 -23.87
H142 CLA LE . -49.11 -13.99 -24.33
H143 CLA LE . -48.62 -12.58 -25.34
H151 CLA LE . -47.91 -13.30 -27.43
H152 CLA LE . -46.55 -14.47 -27.62
H161 CLA LE . -44.99 -12.93 -27.05
H162 CLA LE . -45.93 -12.35 -25.63
H171 CLA LE . -46.33 -11.49 -28.56
H172 CLA LE . -45.45 -10.56 -27.28
H18 CLA LE . -48.40 -11.37 -27.03
H191 CLA LE . -48.71 -8.86 -27.78
H192 CLA LE . -48.11 -9.96 -29.08
H193 CLA LE . -46.95 -8.86 -28.23
H201 CLA LE . -48.61 -9.45 -25.49
H202 CLA LE . -46.82 -9.22 -25.57
H203 CLA LE . -47.50 -10.75 -24.89
C1 BCR ME . -29.22 -22.90 -25.17
C2 BCR ME . -29.92 -23.93 -26.02
C3 BCR ME . -31.21 -23.42 -26.56
C4 BCR ME . -30.89 -22.27 -27.47
C5 BCR ME . -30.05 -21.26 -26.77
C6 BCR ME . -29.31 -21.52 -25.71
C7 BCR ME . -28.53 -20.47 -25.06
C8 BCR ME . -29.11 -19.44 -24.43
C9 BCR ME . -28.37 -18.38 -23.79
C10 BCR ME . -29.02 -17.36 -23.20
C11 BCR ME . -28.39 -16.15 -22.70
C33 BCR ME . -30.14 -19.91 -27.33
C31 BCR ME . -27.75 -23.32 -25.08
C32 BCR ME . -29.81 -22.95 -23.79
C34 BCR ME . -26.90 -18.53 -23.72
C12 BCR ME . -29.06 -15.31 -21.87
C13 BCR ME . -28.46 -14.23 -21.12
C14 BCR ME . -29.24 -13.42 -20.40
C15 BCR ME . -28.84 -12.18 -19.78
C16 BCR ME . -29.63 -11.58 -18.87
C17 BCR ME . -29.20 -10.36 -18.22
C18 BCR ME . -29.98 -9.54 -17.49
C19 BCR ME . -29.34 -8.42 -16.86
C20 BCR ME . -30.02 -7.44 -16.25
C21 BCR ME . -29.30 -6.41 -15.53
C22 BCR ME . -29.81 -5.24 -15.12
C23 BCR ME . -28.89 -4.28 -14.51
C24 BCR ME . -29.21 -3.05 -14.12
C25 BCR ME . -28.36 -2.19 -13.29
C26 BCR ME . -28.02 -2.45 -12.02
C27 BCR ME . -27.17 -1.65 -11.14
C28 BCR ME . -26.37 -0.59 -11.88
C29 BCR ME . -27.22 0.03 -12.97
C30 BCR ME . -27.89 -0.92 -13.94
C35 BCR ME . -27.04 -13.90 -21.32
C36 BCR ME . -31.47 -9.54 -17.57
C37 BCR ME . -31.18 -4.81 -15.52
C38 BCR ME . -28.44 -3.66 -11.27
C39 BCR ME . -27.03 -1.30 -15.13
C40 BCR ME . -29.06 -0.13 -14.52
HC21 BCR ME . -30.10 -24.84 -25.46
HC22 BCR ME . -29.29 -24.25 -26.86
HC31 BCR ME . -31.86 -23.11 -25.76
HC32 BCR ME . -31.75 -24.20 -27.09
HC41 BCR ME . -31.79 -21.84 -27.87
HC42 BCR ME . -30.42 -22.63 -28.38
HC7 BCR ME . -27.46 -20.55 -25.09
HC8 BCR ME . -30.19 -19.40 -24.42
H10C BCR ME . -30.08 -17.42 -23.06
H11C BCR ME . -27.39 -15.93 -23.00
H331 BCR ME . -29.16 -19.53 -27.55
H332 BCR ME . -30.61 -19.25 -26.62
H333 BCR ME . -30.72 -19.91 -28.24
H311 BCR ME . -27.25 -22.79 -24.30
H312 BCR ME . -27.24 -23.11 -26.01
H313 BCR ME . -27.67 -24.38 -24.88
H321 BCR ME . -29.15 -22.49 -23.08
H322 BCR ME . -29.97 -23.98 -23.50
H323 BCR ME . -30.76 -22.45 -23.77
H341 BCR ME . -26.46 -17.76 -23.10
H342 BCR ME . -26.46 -18.45 -24.70
H343 BCR ME . -26.62 -19.48 -23.30
H12C BCR ME . -30.11 -15.47 -21.79
H14C BCR ME . -30.26 -13.71 -20.26
H15C BCR ME . -27.92 -11.74 -20.05
H16C BCR ME . -30.56 -12.01 -18.63
H17C BCR ME . -28.18 -10.10 -18.34
H19C BCR ME . -28.28 -8.34 -16.88
H20C BCR ME . -31.08 -7.44 -16.28
H21C BCR ME . -28.27 -6.61 -15.34
H23C BCR ME . -27.88 -4.61 -14.38
H24C BCR ME . -30.15 -2.66 -14.43
H271 BCR ME . -26.50 -2.26 -10.54
H272 BCR ME . -27.74 -1.18 -10.34
H281 BCR ME . -25.47 -1.04 -12.27
H282 BCR ME . -26.04 0.15 -11.17
H291 BCR ME . -26.57 0.71 -13.52
H292 BCR ME . -27.95 0.66 -12.49
H351 BCR ME . -26.88 -12.83 -21.31
H352 BCR ME . -26.68 -14.29 -22.26
H353 BCR ME . -26.44 -14.33 -20.53
H361 BCR ME . -31.92 -9.50 -16.59
H362 BCR ME . -31.85 -10.42 -18.07
H363 BCR ME . -31.85 -8.69 -18.12
H371 BCR ME . -31.69 -4.35 -14.68
H372 BCR ME . -31.76 -5.67 -15.84
H373 BCR ME . -31.14 -4.11 -16.34
H381 BCR ME . -28.45 -3.49 -10.20
H382 BCR ME . -27.76 -4.49 -11.45
H383 BCR ME . -29.43 -3.99 -11.55
H391 BCR ME . -26.55 -0.42 -15.54
H392 BCR ME . -27.63 -1.75 -15.91
H393 BCR ME . -26.27 -2.01 -14.83
H401 BCR ME . -28.75 0.88 -14.76
H402 BCR ME . -29.87 -0.06 -13.83
H403 BCR ME . -29.42 -0.58 -15.43
C2 PL9 NE . -19.26 -46.44 9.66
C3 PL9 NE . -18.83 -45.49 8.76
C4 PL9 NE . -17.88 -45.90 7.66
C5 PL9 NE . -17.44 -47.31 7.58
C6 PL9 NE . -17.89 -48.23 8.49
C1 PL9 NE . -18.83 -47.83 9.57
C7 PL9 NE . -19.34 -44.04 8.93
C8 PL9 NE . -20.00 -43.69 10.25
C9 PL9 NE . -21.31 -43.87 10.48
C10 PL9 NE . -22.21 -44.58 9.55
C11 PL9 NE . -21.85 -43.64 11.86
C12 PL9 NE . -22.57 -44.90 12.38
C13 PL9 NE . -22.67 -44.67 13.85
C14 PL9 NE . -23.79 -44.84 14.52
C15 PL9 NE . -24.71 -45.96 14.19
C16 PL9 NE . -24.10 -44.11 15.83
C17 PL9 NE . -22.85 -43.88 16.76
C18 PL9 NE . -23.17 -43.96 18.25
C19 PL9 NE . -23.93 -44.89 18.93
C20 PL9 NE . -24.14 -46.28 18.47
C21 PL9 NE . -24.35 -44.57 20.33
C22 PL9 NE . -23.30 -45.01 21.37
C23 PL9 NE . -22.60 -43.80 21.93
C24 PL9 NE . -21.64 -43.92 22.86
C25 PL9 NE . -20.44 -43.10 22.87
C26 PL9 NE . -21.98 -44.60 24.16
C27 PL9 NE . -22.18 -43.58 25.30
C28 PL9 NE . -21.19 -43.86 26.42
C29 PL9 NE . -21.57 -44.22 27.65
C30 PL9 NE . -23.00 -44.48 27.95
C31 PL9 NE . -20.63 -44.70 28.74
C32 PL9 NE . -20.92 -46.16 29.21
C33 PL9 NE . -20.15 -46.44 30.48
C34 PL9 NE . -20.30 -47.62 31.12
C35 PL9 NE . -21.15 -48.70 30.50
C36 PL9 NE . -19.41 -47.85 32.36
C37 PL9 NE . -19.56 -49.21 33.13
C38 PL9 NE . -18.19 -49.87 33.22
C39 PL9 NE . -17.63 -50.46 32.16
C40 PL9 NE . -18.20 -50.23 30.85
C41 PL9 NE . -16.49 -51.49 32.28
C42 PL9 NE . -15.89 -51.59 33.71
C43 PL9 NE . -15.04 -50.39 34.00
C44 PL9 NE . -13.73 -50.30 33.78
C45 PL9 NE . -12.87 -51.47 33.39
C46 PL9 NE . -12.94 -49.16 34.29
C47 PL9 NE . -12.49 -49.41 35.71
C48 PL9 NE . -12.66 -48.14 36.45
C49 PL9 NE . -13.54 -47.97 37.44
C50 PL9 NE . -14.86 -48.60 37.29
C51 PL9 NE . -13.41 -46.98 38.54
C52 PL9 NE . -16.50 -47.69 6.47
C53 PL9 NE . -17.51 -49.61 8.44
O1 PL9 NE . -17.49 -45.05 6.87
O2 PL9 NE . -19.29 -48.61 10.42
HC2 PL9 NE . -19.93 -46.20 10.45
HC71 PL9 NE . -20.04 -43.78 8.12
HC72 PL9 NE . -18.51 -43.32 8.77
HC8 PL9 NE . -19.40 -43.30 11.02
H101 PL9 NE . -23.25 -44.50 9.83
H102 PL9 NE . -21.99 -45.64 9.50
H103 PL9 NE . -22.13 -44.21 8.53
H111 PL9 NE . -22.56 -42.80 11.86
H112 PL9 NE . -21.05 -43.36 12.55
H121 PL9 NE . -21.97 -45.77 12.15
H122 PL9 NE . -23.53 -45.00 11.92
H13 PL9 NE . -21.81 -44.37 14.36
H151 PL9 NE . -25.64 -45.91 14.78
H152 PL9 NE . -24.25 -46.94 14.39
H153 PL9 NE . -25.00 -45.95 13.13
H161 PL9 NE . -24.84 -44.66 16.39
H162 PL9 NE . -24.54 -43.14 15.60
H171 PL9 NE . -22.43 -42.92 16.50
H172 PL9 NE . -22.12 -44.62 16.48
H18 PL9 NE . -22.74 -43.18 18.81
H201 PL9 NE . -24.53 -46.93 19.26
H202 PL9 NE . -23.20 -46.75 18.13
H203 PL9 NE . -24.83 -46.36 17.63
H211 PL9 NE . -25.28 -45.06 20.58
H212 PL9 NE . -24.52 -43.51 20.47
H221 PL9 NE . -22.61 -45.67 20.88
H222 PL9 NE . -23.81 -45.55 22.14
H23 PL9 NE . -22.86 -42.83 21.59
H251 PL9 NE . -19.74 -43.36 23.66
H252 PL9 NE . -20.65 -42.03 22.99
H253 PL9 NE . -19.87 -43.16 21.94
H261 PL9 NE . -21.22 -45.30 24.48
H262 PL9 NE . -22.88 -45.19 24.10
H271 PL9 NE . -23.21 -43.65 25.62
H272 PL9 NE . -22.08 -42.59 24.87
H28 PL9 NE . -20.17 -43.75 26.20
H301 PL9 NE . -23.18 -44.55 29.02
H302 PL9 NE . -23.34 -45.42 27.49
H303 PL9 NE . -23.64 -43.67 27.56
H311 PL9 NE . -20.69 -44.06 29.62
H312 PL9 NE . -19.59 -44.66 28.41
H321 PL9 NE . -20.62 -46.84 28.42
H322 PL9 NE . -21.98 -46.26 29.37
H33 PL9 NE . -19.51 -45.70 30.85
H351 PL9 NE . -21.25 -49.57 31.16
H352 PL9 NE . -20.73 -49.09 29.58
H353 PL9 NE . -22.16 -48.37 30.27
H361 PL9 NE . -19.58 -47.09 33.12
H362 PL9 NE . -18.35 -47.81 32.10
H371 PL9 NE . -20.26 -49.86 32.60
H372 PL9 NE . -19.97 -49.03 34.12
H38 PL9 NE . -17.70 -49.84 34.15
H401 PL9 NE . -17.68 -50.82 30.09
H402 PL9 NE . -18.11 -49.16 30.59
H403 PL9 NE . -19.26 -50.51 30.85
H411 PL9 NE . -15.67 -51.25 31.61
H412 PL9 NE . -16.82 -52.49 32.01
H421 PL9 NE . -15.31 -52.50 33.78
H422 PL9 NE . -16.70 -51.67 34.42
H43 PL9 NE . -15.54 -49.55 34.40
H451 PL9 NE . -11.81 -51.27 33.44
H452 PL9 NE . -13.04 -51.83 32.38
H453 PL9 NE . -13.02 -52.34 34.02
H461 PL9 NE . -13.54 -48.26 34.28
H462 PL9 NE . -12.07 -48.98 33.68
H471 PL9 NE . -11.45 -49.73 35.72
H472 PL9 NE . -13.08 -50.20 36.17
H48 PL9 NE . -12.03 -47.33 36.17
H501 PL9 NE . -15.67 -47.98 37.67
H502 PL9 NE . -14.92 -49.56 37.83
H503 PL9 NE . -15.10 -48.83 36.25
H511 PL9 NE . -14.21 -47.07 39.28
H512 PL9 NE . -13.45 -45.95 38.19
H513 PL9 NE . -12.49 -47.08 39.10
H521 PL9 NE . -16.76 -48.64 5.95
H522 PL9 NE . -15.44 -47.84 6.80
H523 PL9 NE . -16.42 -46.94 5.65
H531 PL9 NE . -17.91 -50.21 9.27
H532 PL9 NE . -16.43 -49.77 8.47
H533 PL9 NE . -17.84 -50.13 7.55
O6 SQD OE . -30.97 -51.88 5.61
C44 SQD OE . -31.82 -51.42 4.54
C45 SQD OE . -32.25 -49.96 4.76
C46 SQD OE . -33.77 -49.75 4.56
O47 SQD OE . -31.75 -49.50 6.02
C7 SQD OE . -30.37 -49.26 6.12
O49 SQD OE . -29.69 -49.25 5.10
C8 SQD OE . -29.74 -49.04 7.48
C9 SQD OE . -29.81 -47.56 7.83
C10 SQD OE . -31.23 -47.26 8.31
C11 SQD OE . -31.46 -45.75 8.40
C12 SQD OE . -32.93 -45.49 8.69
C13 SQD OE . -33.58 -44.69 7.55
C14 SQD OE . -32.95 -43.31 7.35
C15 SQD OE . -32.81 -42.55 8.67
C16 SQD OE . -33.30 -41.12 8.50
C17 SQD OE . -33.02 -40.43 9.85
C18 SQD OE . -33.26 -38.94 9.69
C19 SQD OE . -32.36 -38.21 10.68
C20 SQD OE . -32.72 -36.74 10.67
C21 SQD OE . -31.65 -36.04 11.48
C22 SQD OE . -32.19 -34.69 11.85
O48 SQD OE . -34.31 -48.65 5.27
C23 SQD OE . -35.42 -48.87 6.17
O10 SQD OE . -35.40 -49.77 7.00
C24 SQD OE . -36.59 -47.91 6.28
C25 SQD OE . -36.61 -47.27 7.68
C26 SQD OE . -37.18 -48.21 8.76
C27 SQD OE . -38.69 -48.37 8.64
C28 SQD OE . -39.42 -47.10 9.09
C29 SQD OE . -39.97 -47.32 10.51
C30 SQD OE . -40.88 -46.16 10.92
C31 SQD OE . -41.07 -46.30 12.45
C32 SQD OE . -42.50 -45.94 12.90
C33 SQD OE . -43.05 -47.08 13.76
C34 SQD OE . -44.35 -46.61 14.43
C35 SQD OE . -44.76 -47.57 15.54
C36 SQD OE . -46.00 -47.07 16.24
C37 SQD OE . -45.65 -46.21 17.44
C38 SQD OE . -45.61 -47.05 18.69
C1 SQD OE . -30.26 -53.07 5.36
C2 SQD OE . -29.12 -53.50 6.26
O2 SQD OE . -28.39 -52.46 6.77
C3 SQD OE . -28.31 -54.43 5.40
O3 SQD OE . -27.33 -55.00 6.18
C4 SQD OE . -29.13 -55.53 4.77
O4 SQD OE . -28.47 -55.93 3.63
C5 SQD OE . -30.54 -55.10 4.39
C6 SQD OE . -31.53 -56.23 4.19
O5 SQD OE . -31.08 -54.20 5.31
S SQD OE . -33.02 -55.64 3.35
O7 SQD OE . -33.97 -55.17 4.33
O8 SQD OE . -32.73 -54.62 2.32
O9 SQD OE . -33.70 -56.70 2.68
H441 SQD OE . -32.61 -51.99 4.51
H442 SQD OE . -31.34 -51.49 3.70
H45 SQD OE . -31.90 -49.41 4.06
H461 SQD OE . -34.23 -50.57 4.85
H462 SQD OE . -33.93 -49.62 3.61
H81 SQD OE . -28.81 -49.33 7.46
H82 SQD OE . -30.22 -49.55 8.14
H91 SQD OE . -29.61 -47.03 7.04
H92 SQD OE . -29.17 -47.35 8.53
H101 SQD OE . -31.36 -47.66 9.18
H102 SQD OE . -31.86 -47.65 7.68
H111 SQD OE . -31.22 -45.33 7.56
H112 SQD OE . -30.92 -45.37 9.11
H121 SQD OE . -33.00 -44.99 9.51
H122 SQD OE . -33.38 -46.34 8.79
H131 SQD OE . -34.53 -44.59 7.76
H132 SQD OE . -33.50 -45.20 6.73
H141 SQD OE . -33.52 -42.79 6.75
H142 SQD OE . -32.08 -43.42 6.95
H151 SQD OE . -31.87 -42.54 8.93
H152 SQD OE . -33.34 -43.00 9.36
H161 SQD OE . -34.26 -41.11 8.32
H162 SQD OE . -32.82 -40.67 7.80
H171 SQD OE . -32.09 -40.59 10.11
H172 SQD OE . -33.61 -40.79 10.53
H181 SQD OE . -34.18 -38.73 9.88
H182 SQD OE . -33.05 -38.66 8.79
H191 SQD OE . -31.43 -38.32 10.41
H192 SQD OE . -32.49 -38.57 11.56
H201 SQD OE . -33.59 -36.60 11.07
H202 SQD OE . -32.72 -36.40 9.76
H211 SQD OE . -30.84 -35.94 10.95
H212 SQD OE . -31.45 -36.55 12.28
H221 SQD OE . -31.48 -34.15 12.22
H222 SQD OE . -32.89 -34.79 12.52
H223 SQD OE . -32.55 -34.26 11.07
H241 SQD OE . -37.42 -48.39 6.14
H242 SQD OE . -36.51 -47.21 5.61
H251 SQD OE . -37.17 -46.47 7.64
H252 SQD OE . -35.70 -47.02 7.92
H261 SQD OE . -36.97 -47.84 9.63
H262 SQD OE . -36.76 -49.08 8.68
H271 SQD OE . -38.98 -49.12 9.20
H272 SQD OE . -38.92 -48.56 7.72
H281 SQD OE . -40.16 -46.91 8.48
H282 SQD OE . -38.81 -46.36 9.09
H291 SQD OE . -39.22 -47.38 11.12
H292 SQD OE . -40.47 -48.15 10.53
H301 SQD OE . -41.74 -46.22 10.47
H302 SQD OE . -40.47 -45.31 10.71
H311 SQD OE . -40.46 -45.71 12.90
H312 SQD OE . -40.89 -47.21 12.70
H321 SQD OE . -43.07 -45.83 12.11
H322 SQD OE . -42.49 -45.12 13.41
H331 SQD OE . -42.40 -47.32 14.43
H332 SQD OE . -43.24 -47.86 13.20
H341 SQD OE . -45.06 -46.58 13.77
H342 SQD OE . -44.21 -45.74 14.80
H351 SQD OE . -44.03 -47.64 16.18
H352 SQD OE . -44.94 -48.45 15.16
H361 SQD OE . -46.53 -47.83 16.53
H362 SQD OE . -46.52 -46.53 15.61
H371 SQD OE . -46.34 -45.52 17.55
H372 SQD OE . -44.79 -45.81 17.30
H381 SQD OE . -45.48 -46.48 19.46
H382 SQD OE . -44.88 -47.68 18.63
H383 SQD OE . -46.44 -47.53 18.79
H1 SQD OE . -29.88 -52.77 4.53
H2 SQD OE . -29.41 -53.90 7.09
HO2 SQD OE . -28.78 -51.73 6.57
H3 SQD OE . -27.87 -53.93 4.70
HO3 SQD OE . -26.81 -55.46 5.69
H4 SQD OE . -29.21 -56.25 5.41
HO4 SQD OE . -28.15 -56.72 3.75
H5 SQD OE . -30.46 -54.75 3.49
H61 SQD OE . -31.77 -56.60 5.06
H62 SQD OE . -31.11 -56.92 3.65
HO8 SQD OE . -32.82 -53.85 2.65
O6 SQD PE . -18.57 -27.89 -27.73
C44 SQD PE . -17.86 -27.65 -26.52
C45 SQD PE . -18.71 -26.79 -25.56
C46 SQD PE . -19.72 -27.66 -24.80
O47 SQD PE . -17.91 -26.02 -24.66
C7 SQD PE . -18.24 -24.68 -24.26
O49 SQD PE . -18.65 -24.38 -23.17
C8 SQD PE . -18.26 -23.51 -25.24
C9 SQD PE . -18.83 -22.28 -24.51
C10 SQD PE . -18.69 -21.06 -25.45
C11 SQD PE . -20.02 -20.26 -25.57
C12 SQD PE . -20.15 -19.48 -26.89
C13 SQD PE . -20.25 -17.96 -26.69
C14 SQD PE . -21.55 -17.33 -27.24
C15 SQD PE . -21.36 -16.61 -28.59
C16 SQD PE . -22.06 -15.24 -28.62
C17 SQD PE . -22.00 -14.58 -30.02
C18 SQD PE . -21.88 -13.03 -29.94
C19 SQD PE . -23.20 -12.32 -29.57
C20 SQD PE . -22.97 -11.03 -28.79
C21 SQD PE . -23.13 -9.75 -29.62
C22 SQD PE . -22.39 -9.80 -30.95
O48 SQD PE . -21.06 -27.24 -25.00
C23 SQD PE . -21.90 -26.82 -23.92
O10 SQD PE . -22.82 -27.56 -23.61
C24 SQD PE . -21.81 -25.40 -23.31
C25 SQD PE . -22.61 -25.23 -22.00
C26 SQD PE . -22.55 -23.77 -21.42
C27 SQD PE . -23.31 -23.67 -20.06
C28 SQD PE . -23.39 -22.25 -19.43
C29 SQD PE . -23.66 -22.32 -17.89
C30 SQD PE . -24.13 -21.01 -17.23
C31 SQD PE . -23.81 -20.96 -15.70
C32 SQD PE . -23.87 -19.53 -15.11
C33 SQD PE . -23.11 -19.40 -13.75
C34 SQD PE . -21.66 -18.88 -13.85
H441 SQD PE . -17.03 -27.18 -26.72
H442 SQD PE . -17.66 -28.50 -26.10
H45 SQD PE . -19.22 -26.18 -26.12
H461 SQD PE . -19.52 -27.62 -23.86
H462 SQD PE . -19.64 -28.58 -25.11
H81 SQD PE . -18.83 -23.72 -26.00
H82 SQD PE . -17.36 -23.32 -25.55
H91 SQD PE . -18.32 -22.12 -23.69
H92 SQD PE . -19.76 -22.43 -24.28
H101 SQD PE . -18.44 -21.39 -26.33
H102 SQD PE . -18.00 -20.48 -25.10
H111 SQD PE . -20.05 -19.63 -24.83
H112 SQD PE . -20.75 -20.88 -25.49
H121 SQD PE . -20.95 -19.79 -27.35
H122 SQD PE . -19.37 -19.67 -27.44
H131 SQD PE . -19.49 -17.54 -27.13
H132 SQD PE . -20.22 -17.77 -25.74
H141 SQD PE . -21.89 -16.69 -26.60
H142 SQD PE . -22.20 -18.04 -27.37
H151 SQD PE . -21.73 -17.16 -29.30
H152 SQD PE . -20.41 -16.47 -28.74
H161 SQD PE . -21.64 -14.65 -27.98
H162 SQD PE . -22.99 -15.37 -28.38
H171 SQD PE . -22.81 -14.80 -30.50
H172 SQD PE . -21.23 -14.92 -30.49
H181 SQD PE . -21.59 -12.70 -30.80
H182 SQD PE . -21.21 -12.81 -29.27
H191 SQD PE . -23.73 -12.93 -29.02
H192 SQD PE . -23.68 -12.12 -30.38
H201 SQD PE . -22.07 -11.04 -28.44
H202 SQD PE . -23.60 -10.99 -28.06
H211 SQD PE . -22.79 -9.00 -29.11
H212 SQD PE . -24.07 -9.62 -29.80
H221 SQD PE . -22.44 -8.93 -31.38
H222 SQD PE . -22.79 -10.48 -31.51
H223 SQD PE . -21.46 -10.02 -30.79
H241 SQD PE . -22.15 -24.77 -23.97
H242 SQD PE . -20.87 -25.22 -23.12
H251 SQD PE . -22.24 -25.84 -21.33
H252 SQD PE . -23.53 -25.45 -22.17
H261 SQD PE . -22.96 -23.16 -22.05
H262 SQD PE . -21.62 -23.53 -21.28
H271 SQD PE . -22.87 -24.25 -19.43
H272 SQD PE . -24.22 -23.98 -20.21
H281 SQD PE . -24.11 -21.75 -19.85
H282 SQD PE . -22.55 -21.78 -19.58
H291 SQD PE . -22.83 -22.59 -17.46
H292 SQD PE . -24.34 -22.99 -17.74
H301 SQD PE . -25.10 -20.93 -17.35
H302 SQD PE . -23.69 -20.26 -17.67
H311 SQD PE . -22.92 -21.31 -15.57
H312 SQD PE . -24.45 -21.52 -15.23
H321 SQD PE . -24.80 -19.30 -14.96
H322 SQD PE . -23.47 -18.92 -15.74
H331 SQD PE . -23.09 -20.29 -13.35
H332 SQD PE . -23.62 -18.80 -13.19
C1 UNL QE . -25.96 -29.28 -33.84
C10 UNL QE . -26.47 -19.59 -29.24
C2 UNL QE . -25.58 -28.06 -32.99
C3 UNL QE . -26.83 -27.19 -32.75
C4 UNL QE . -26.65 -26.23 -31.56
C5 UNL QE . -27.46 -24.94 -31.79
C6 UNL QE . -28.03 -24.28 -30.52
C7 UNL QE . -27.03 -23.36 -29.82
C8 UNL QE . -27.43 -21.87 -29.84
C9 UNL QE . -26.44 -21.10 -28.94
O1 UNL QE . -27.17 -29.41 -34.22
O2 UNL QE . -25.07 -30.14 -34.15
H21 UNL QE . -24.91 -27.54 -33.46
H22 UNL QE . -25.22 -28.35 -32.14
H31 UNL QE . -27.58 -27.78 -32.56
H32 UNL QE . -27.01 -26.67 -33.55
H41 UNL QE . -25.71 -26.00 -31.46
H42 UNL QE . -26.96 -26.65 -30.74
H51 UNL QE . -28.20 -25.15 -32.38
H52 UNL QE . -26.88 -24.29 -32.23
H61 UNL QE . -28.29 -24.97 -29.90
H62 UNL QE . -28.81 -23.76 -30.76
H71 UNL QE . -26.17 -23.45 -30.25
H72 UNL QE . -26.96 -23.63 -28.89
H81 UNL QE . -28.33 -21.76 -29.51
H82 UNL QE . -27.38 -21.54 -30.75
H91 UNL QE . -25.55 -21.42 -29.11
H92 UNL QE . -26.68 -21.24 -28.02
O1 OEX RE . -42.35 -8.39 11.34
CA1 OEX RE . -41.43 -9.46 9.51
MN1 OEX RE . -40.84 -7.46 12.27
O2 OEX RE . -42.27 -7.15 9.24
MN2 OEX RE . -43.12 -6.84 10.82
O3 OEX RE . -41.43 -6.07 11.24
MN3 OEX RE . -40.85 -6.03 9.35
O4 OEX RE . -40.04 -5.89 7.58
MN4 OEX RE . -38.84 -7.15 7.80
O5 OEX RE . -39.69 -7.64 9.82
O6 SQD SE . 23.73 -24.77 -3.68
C44 SQD SE . 22.53 -24.77 -2.93
C45 SQD SE . 21.70 -23.52 -3.23
C46 SQD SE . 20.68 -23.75 -4.36
O47 SQD SE . 21.15 -23.02 -2.00
C7 SQD SE . 20.01 -23.57 -1.36
O49 SQD SE . 19.56 -24.65 -1.72
C8 SQD SE . 19.07 -22.55 -0.74
C9 SQD SE . 17.99 -22.26 -1.78
C10 SQD SE . 17.03 -21.19 -1.27
C11 SQD SE . 17.66 -19.80 -1.34
C12 SQD SE . 16.77 -18.74 -0.69
C13 SQD SE . 17.14 -18.55 0.77
C14 SQD SE . 16.52 -17.27 1.32
C15 SQD SE . 17.51 -16.11 1.18
C16 SQD SE . 17.56 -15.24 2.42
C17 SQD SE . 18.49 -15.89 3.47
C18 SQD SE . 18.83 -14.92 4.60
C19 SQD SE . 17.92 -15.19 5.79
C20 SQD SE . 18.14 -14.15 6.86
C21 SQD SE . 19.29 -14.54 7.77
C22 SQD SE . 18.74 -14.68 9.16
O48 SQD SE . 21.15 -23.13 -5.54
C23 SQD SE . 20.62 -21.86 -5.95
O10 SQD SE . 20.06 -21.81 -7.02
C24 SQD SE . 20.28 -20.75 -4.96
C25 SQD SE . 19.50 -19.63 -5.69
C26 SQD SE . 19.03 -18.53 -4.71
C27 SQD SE . 18.90 -17.17 -5.42
C28 SQD SE . 19.22 -15.97 -4.49
C29 SQD SE . 17.94 -15.41 -3.80
C30 SQD SE . 18.22 -14.11 -3.02
C31 SQD SE . 16.93 -13.59 -2.35
C32 SQD SE . 17.20 -12.51 -1.28
C33 SQD SE . 16.72 -12.96 0.12
C1 SQD SE . 23.83 -25.82 -4.61
C2 SQD SE . 25.07 -25.99 -5.46
O2 SQD SE . 25.70 -24.85 -5.92
C3 SQD SE . 24.54 -26.82 -6.62
O3 SQD SE . 25.54 -27.01 -7.55
C4 SQD SE . 23.93 -28.13 -6.15
O4 SQD SE . 22.93 -28.47 -7.04
C5 SQD SE . 23.34 -28.14 -4.75
C6 SQD SE . 23.80 -29.35 -3.96
O5 SQD SE . 23.61 -27.02 -3.94
S SQD SE . 22.64 -29.78 -2.67
O7 SQD SE . 22.78 -28.94 -1.50
O8 SQD SE . 21.25 -29.70 -3.17
O9 SQD SE . 22.89 -31.13 -2.14
H441 SQD SE . 22.75 -24.79 -1.98
H442 SQD SE . 22.01 -25.55 -3.16
H45 SQD SE . 22.25 -22.83 -3.63
H461 SQD SE . 19.82 -23.37 -4.11
H462 SQD SE . 20.58 -24.70 -4.51
H81 SQD SE . 19.54 -21.73 -0.53
H82 SQD SE . 18.66 -22.91 0.06
H91 SQD SE . 17.49 -23.08 -1.95
H92 SQD SE . 18.40 -21.96 -2.59
H101 SQD SE . 16.81 -21.38 -0.34
H102 SQD SE . 16.22 -21.20 -1.81
H111 SQD SE . 17.79 -19.56 -2.27
H112 SQD SE . 18.52 -19.81 -0.89
H121 SQD SE . 15.85 -19.02 -0.76
H122 SQD SE . 16.89 -17.89 -1.17
H131 SQD SE . 18.11 -18.50 0.87
H132 SQD SE . 16.81 -19.31 1.29
H141 SQD SE . 16.30 -17.38 2.26
H142 SQD SE . 15.72 -17.06 0.82
H151 SQD SE . 17.25 -15.56 0.43
H152 SQD SE . 18.40 -16.48 1.02
H161 SQD SE . 16.67 -15.15 2.80
H162 SQD SE . 17.90 -14.36 2.19
H171 SQD SE . 19.31 -16.16 3.03
H172 SQD SE . 18.05 -16.67 3.84
H181 SQD SE . 18.69 -14.01 4.30
H182 SQD SE . 19.75 -15.04 4.88
H191 SQD SE . 18.11 -16.07 6.15
H192 SQD SE . 16.99 -15.16 5.50
H201 SQD SE . 17.34 -14.05 7.38
H202 SQD SE . 18.34 -13.30 6.43
H211 SQD SE . 19.98 -13.85 7.74
H212 SQD SE . 19.67 -15.38 7.47
H221 SQD SE . 19.46 -14.88 9.77
H222 SQD SE . 18.09 -15.39 9.18
H223 SQD SE . 18.31 -13.85 9.42
H241 SQD SE . 21.09 -20.38 -4.59
H242 SQD SE . 19.74 -21.11 -4.25
H251 SQD SE . 18.72 -20.02 -6.12
H252 SQD SE . 20.07 -19.23 -6.36
H261 SQD SE . 19.69 -18.45 -3.99
H262 SQD SE . 18.17 -18.78 -4.34
H271 SQD SE . 17.99 -17.07 -5.76
H272 SQD SE . 19.52 -17.14 -6.17
H281 SQD SE . 19.63 -15.26 -5.01
H282 SQD SE . 19.84 -16.27 -3.81
H291 SQD SE . 17.61 -16.09 -3.19
H292 SQD SE . 17.28 -15.23 -4.49
H301 SQD SE . 18.56 -13.43 -3.62
H302 SQD SE . 18.88 -14.29 -2.33
H311 SQD SE . 16.48 -14.34 -1.91
H312 SQD SE . 16.36 -13.23 -3.02
H321 SQD SE . 16.74 -11.70 -1.52
H322 SQD SE . 18.16 -12.33 -1.25
H1 SQD SE . 23.16 -25.52 -5.24
H2 SQD SE . 25.82 -26.36 -4.96
HO2 SQD SE . 26.28 -25.07 -6.51
H3 SQD SE . 23.85 -26.34 -7.09
HO3 SQD SE . 25.27 -26.76 -8.31
H4 SQD SE . 24.66 -28.77 -6.15
HO4 SQD SE . 22.51 -29.15 -6.74
H5 SQD SE . 22.38 -28.22 -4.91
H61 SQD SE . 24.67 -29.15 -3.56
H62 SQD SE . 23.90 -30.10 -4.57
HO8 SQD SE . 20.71 -29.82 -2.52
MG CLA TE . 9.30 -26.45 50.14
CHA CLA TE . 10.53 -25.52 53.35
CHB CLA TE . 12.65 -27.27 49.36
CHC CLA TE . 8.27 -27.97 47.27
CHD CLA TE . 6.11 -26.35 51.39
NA CLA TE . 11.27 -26.24 51.15
C1A CLA TE . 11.50 -25.96 52.51
C2A CLA TE . 12.95 -26.24 52.95
C3A CLA TE . 13.62 -26.39 51.55
C4A CLA TE . 12.44 -26.68 50.59
CMA CLA TE . 14.32 -25.14 51.11
CAA CLA TE . 13.16 -27.45 53.87
CBA CLA TE . 11.97 -28.19 54.51
CGA CLA TE . 11.94 -28.19 56.03
O1A CLA TE . 12.80 -28.65 56.80
O2A CLA TE . 10.79 -27.64 56.62
NB CLA TE . 10.28 -27.40 48.59
C1B CLA TE . 11.63 -27.59 48.44
C2B CLA TE . 11.88 -28.21 47.10
C3B CLA TE . 10.65 -28.40 46.52
C4B CLA TE . 9.62 -27.91 47.46
CMB CLA TE . 13.23 -28.58 46.62
CAB CLA TE . 10.32 -29.01 45.28
CBB CLA TE . 9.49 -28.53 44.34
NC CLA TE . 7.54 -27.11 49.48
C1C CLA TE . 7.28 -27.61 48.23
C2C CLA TE . 5.83 -27.70 48.02
C3C CLA TE . 5.23 -27.26 49.20
C4C CLA TE . 6.32 -26.87 50.11
CMC CLA TE . 5.17 -28.20 46.82
CAC CLA TE . 3.80 -27.17 49.49
CBC CLA TE . 3.33 -25.77 49.18
ND CLA TE . 8.47 -26.02 51.89
C1D CLA TE . 7.10 -25.94 52.26
C2D CLA TE . 6.97 -25.38 53.63
C3D CLA TE . 8.27 -25.15 54.05
C4D CLA TE . 9.16 -25.59 52.97
CMD CLA TE . 5.72 -25.14 54.36
CAD CLA TE . 9.09 -24.70 55.17
OBD CLA TE . 8.71 -24.25 56.24
CBD CLA TE . 10.59 -24.96 54.76
CGD CLA TE . 11.55 -23.79 54.92
O1D CLA TE . 12.58 -23.77 55.59
O2D CLA TE . 11.23 -22.62 54.30
CED CLA TE . 10.63 -21.62 55.11
C1 CLA TE . 10.82 -27.36 58.06
C2 CLA TE . 9.59 -26.64 58.54
C3 CLA TE . 8.33 -27.14 58.53
C4 CLA TE . 7.16 -26.37 59.04
C5 CLA TE . 8.08 -28.50 57.97
C6 CLA TE . 7.74 -28.41 56.49
C7 CLA TE . 8.48 -29.38 55.57
C8 CLA TE . 8.33 -29.04 54.07
C9 CLA TE . 6.86 -29.01 53.71
C10 CLA TE . 9.14 -29.97 53.14
C11 CLA TE . 8.56 -30.40 51.78
C12 CLA TE . 9.46 -30.06 50.59
C13 CLA TE . 10.40 -31.17 50.16
C14 CLA TE . 11.73 -31.06 50.88
C15 CLA TE . 10.66 -31.20 48.64
C16 CLA TE . 10.69 -32.60 48.05
C17 CLA TE . 10.37 -32.62 46.57
C18 CLA TE . 11.53 -32.92 45.60
C19 CLA TE . 12.91 -32.41 45.98
C20 CLA TE . 11.57 -34.41 45.27
HHB CLA TE . 13.68 -27.53 49.07
HHC CLA TE . 7.88 -28.32 46.30
HHD CLA TE . 5.08 -26.28 51.75
H2A CLA TE . 13.31 -25.36 53.54
H3A CLA TE . 14.32 -27.27 51.57
HMA1 CLA TE . 15.19 -25.38 50.44
HMA2 CLA TE . 14.70 -24.57 51.98
HMA3 CLA TE . 13.63 -24.48 50.53
HAA1 CLA TE . 13.82 -27.11 54.71
HAA2 CLA TE . 13.73 -28.21 53.28
HBA1 CLA TE . 12.00 -29.27 54.18
HBA2 CLA TE . 11.02 -27.74 54.15
HMB1 CLA TE . 13.15 -29.23 45.72
HMB2 CLA TE . 13.79 -29.12 47.42
HMB3 CLA TE . 13.81 -27.66 46.35
HAB CLA TE . 10.82 -29.99 45.11
HBB1 CLA TE . 8.97 -27.56 44.45
HBB2 CLA TE . 9.29 -29.07 43.41
HMC1 CLA TE . 4.05 -28.21 46.96
HMC2 CLA TE . 5.50 -29.25 46.59
HMC3 CLA TE . 5.39 -27.56 45.94
HAC1 CLA TE . 3.60 -27.41 50.57
HAC2 CLA TE . 3.21 -27.91 48.89
HBC1 CLA TE . 2.23 -25.70 49.28
HBC2 CLA TE . 3.61 -25.50 48.14
HBC3 CLA TE . 3.80 -25.05 49.89
HMD1 CLA TE . 5.91 -24.57 55.29
HMD2 CLA TE . 5.23 -26.10 54.63
HMD3 CLA TE . 5.01 -24.55 53.72
HBD CLA TE . 11.01 -25.71 55.49
HED1 CLA TE . 10.24 -20.87 54.38
HED2 CLA TE . 11.48 -21.25 55.75
HED3 CLA TE . 9.83 -22.17 55.67
H11 CLA TE . 11.74 -26.75 58.26
H12 CLA TE . 10.91 -28.35 58.58
H2 CLA TE . 9.79 -25.62 58.93
H41 CLA TE . 6.28 -27.05 59.22
H42 CLA TE . 6.83 -25.59 58.31
H43 CLA TE . 7.39 -25.85 60.01
H51 CLA TE . 7.25 -28.99 58.53
H52 CLA TE . 9.00 -29.14 58.12
H61 CLA TE . 7.95 -27.37 56.14
H62 CLA TE . 6.64 -28.59 56.37
H71 CLA TE . 8.11 -30.41 55.77
H72 CLA TE . 9.57 -29.37 55.85
H8 CLA TE . 8.77 -28.02 53.90
H91 CLA TE . 6.72 -28.54 52.70
H92 CLA TE . 6.29 -28.41 54.45
H93 CLA TE . 6.45 -30.05 53.68
H101 CLA TE . 9.36 -30.91 53.71
H102 CLA TE . 10.12 -29.48 52.94
H111 CLA TE . 7.57 -29.91 51.64
H112 CLA TE . 8.39 -31.50 51.80
H121 CLA TE . 10.07 -29.15 50.86
H122 CLA TE . 8.80 -29.77 49.73
H13 CLA TE . 9.89 -32.14 50.44
H141 CLA TE . 12.51 -31.69 50.38
H142 CLA TE . 11.64 -31.39 51.94
H143 CLA TE . 12.09 -30.00 50.87
H151 CLA TE . 11.64 -30.70 48.42
H152 CLA TE . 9.87 -30.61 48.11
H161 CLA TE . 9.94 -33.24 48.60
H162 CLA TE . 11.70 -33.05 48.22
H171 CLA TE . 9.95 -31.63 46.28
H172 CLA TE . 9.57 -33.39 46.39
H18 CLA TE . 11.27 -32.32 44.68
H191 CLA TE . 13.61 -32.49 45.11
H192 CLA TE . 13.33 -33.02 46.83
H193 CLA TE . 12.86 -31.34 46.30
H201 CLA TE . 12.36 -34.62 44.51
H202 CLA TE . 10.58 -34.75 44.87
H203 CLA TE . 11.79 -35.00 46.19
MG CLA UE . 9.13 -24.52 40.15
CHA CLA UE . 6.34 -23.49 38.21
CHB CLA UE . 8.52 -21.99 42.29
CHC CLA UE . 11.21 -26.02 42.49
CHD CLA UE . 9.20 -27.49 38.19
NA CLA UE . 7.71 -23.02 40.18
C1A CLA UE . 6.69 -22.69 39.27
C2A CLA UE . 6.05 -21.37 39.66
C3A CLA UE . 6.96 -20.83 40.78
C4A CLA UE . 7.79 -22.04 41.13
CMA CLA UE . 7.87 -19.68 40.35
CAA CLA UE . 4.67 -21.65 40.23
CBA CLA UE . 3.85 -20.40 40.37
CGA CLA UE . 3.10 -20.19 39.08
O1A CLA UE . 3.03 -19.18 38.40
O2A CLA UE . 2.48 -21.32 38.67
NB CLA UE . 9.81 -24.06 42.04
C1B CLA UE . 9.41 -22.98 42.75
C2B CLA UE . 10.11 -22.95 44.07
C3B CLA UE . 10.89 -24.10 44.13
C4B CLA UE . 10.67 -24.83 42.86
CMB CLA UE . 9.88 -21.90 45.05
CAB CLA UE . 11.70 -24.62 45.21
CBB CLA UE . 11.55 -24.34 46.51
NC CLA UE . 9.98 -26.40 40.32
C1C CLA UE . 10.88 -26.75 41.30
C2C CLA UE . 11.49 -28.04 40.98
C3C CLA UE . 10.93 -28.45 39.80
C4C CLA UE . 10.00 -27.41 39.36
CMC CLA UE . 12.48 -28.76 41.80
CAC CLA UE . 11.21 -29.70 39.12
CBC CLA UE . 12.40 -29.61 38.20
ND CLA UE . 7.99 -25.39 38.60
C1D CLA UE . 8.24 -26.55 37.84
C2D CLA UE . 7.31 -26.54 36.70
C3D CLA UE . 6.54 -25.43 36.83
C4D CLA UE . 7.02 -24.73 38.01
CMD CLA UE . 7.23 -27.56 35.70
CAD CLA UE . 5.52 -24.63 36.20
OBD CLA UE . 5.03 -24.82 35.08
CBD CLA UE . 5.31 -23.38 37.10
CGD CLA UE . 5.57 -22.20 36.24
O1D CLA UE . 6.48 -22.07 35.44
O2D CLA UE . 4.78 -21.12 36.33
CED CLA UE . 5.14 -20.06 35.44
C1 CLA UE . 1.85 -21.26 37.37
C2 CLA UE . 1.77 -22.64 36.81
C3 CLA UE . 0.81 -23.50 37.14
C4 CLA UE . -0.26 -23.19 38.13
C5 CLA UE . 0.80 -24.87 36.54
C6 CLA UE . -0.40 -25.03 35.64
C7 CLA UE . -0.90 -26.45 35.59
C8 CLA UE . -1.76 -26.72 34.34
C9 CLA UE . -3.23 -26.93 34.66
C10 CLA UE . -1.11 -27.92 33.63
C11 CLA UE . -1.91 -28.54 32.51
C12 CLA UE . -2.18 -27.62 31.34
C13 CLA UE . -3.15 -28.30 30.40
C14 CLA UE . -2.53 -29.43 29.62
C15 CLA UE . -3.79 -27.32 29.44
C16 CLA UE . -5.21 -27.00 29.88
C17 CLA UE . -6.05 -26.48 28.73
C18 CLA UE . -7.18 -25.53 29.11
C19 CLA UE . -7.44 -25.36 30.60
C20 CLA UE . -6.89 -24.20 28.45
HHB CLA UE . 8.40 -21.09 42.94
HHC CLA UE . 11.96 -26.48 43.15
HHD CLA UE . 9.34 -28.35 37.52
H2A CLA UE . 6.01 -20.68 38.78
H3A CLA UE . 6.32 -20.49 41.64
HMA1 CLA UE . 8.02 -18.96 41.18
HMA2 CLA UE . 7.44 -19.13 39.49
HMA3 CLA UE . 8.87 -20.07 40.04
HAA1 CLA UE . 4.78 -22.14 41.25
HAA2 CLA UE . 4.14 -22.38 39.57
HBA1 CLA UE . 4.52 -19.51 40.57
HBA2 CLA UE . 3.13 -20.49 41.22
HMB1 CLA UE . 10.78 -21.75 45.69
HMB2 CLA UE . 9.02 -22.17 45.71
HMB3 CLA UE . 9.64 -20.93 44.54
HAB CLA UE . 12.50 -25.32 44.88
HBB1 CLA UE . 10.77 -23.65 46.87
HBB2 CLA UE . 12.19 -24.76 47.29
HMC1 CLA UE . 12.89 -29.64 41.24
HMC2 CLA UE . 12.02 -29.14 42.75
HMC3 CLA UE . 13.34 -28.09 42.07
HAC1 CLA UE . 10.32 -30.02 38.51
HAC2 CLA UE . 11.39 -30.51 39.87
HBC1 CLA UE . 12.57 -30.59 37.69
HBC2 CLA UE . 13.32 -29.36 38.79
HBC3 CLA UE . 12.24 -28.81 37.44
HMD1 CLA UE . 6.51 -27.27 34.90
HMD2 CLA UE . 6.89 -28.53 36.15
HMD3 CLA UE . 8.23 -27.73 35.22
HBD CLA UE . 4.27 -23.35 37.53
HED1 CLA UE . 4.46 -19.22 35.73
HED2 CLA UE . 4.93 -20.48 34.42
HED3 CLA UE . 6.22 -19.88 35.65
H11 CLA UE . 2.47 -20.58 36.71
H12 CLA UE . 0.82 -20.81 37.50
H2 CLA UE . 2.55 -22.90 36.08
H41 CLA UE . -0.84 -24.11 38.41
H42 CLA UE . -1.00 -22.45 37.71
H43 CLA UE . 0.15 -22.76 39.07
H51 CLA UE . 0.77 -25.64 37.36
H52 CLA UE . 1.75 -25.03 35.97
H61 CLA UE . -0.13 -24.70 34.59
H62 CLA UE . -1.23 -24.35 35.99
H71 CLA UE . -1.50 -26.66 36.52
H72 CLA UE . -0.02 -27.15 35.61
H8 CLA UE . -1.78 -25.82 33.66
H91 CLA UE . -3.85 -26.67 33.77
H92 CLA UE . -3.54 -26.28 35.52
H93 CLA UE . -3.42 -28.00 34.93
H101 CLA UE . -0.90 -28.71 34.39
H102 CLA UE . -0.12 -27.58 33.21
H111 CLA UE . -2.89 -28.90 32.92
H112 CLA UE . -1.36 -29.45 32.14
H121 CLA UE . -1.21 -27.39 30.81
H122 CLA UE . -2.59 -26.65 31.70
H13 CLA UE . -3.95 -28.75 31.06
H141 CLA UE . -3.21 -29.76 28.79
H142 CLA UE . -2.31 -30.30 30.27
H143 CLA UE . -1.56 -29.10 29.15
H151 CLA UE . -3.82 -27.74 28.40
H152 CLA UE . -3.19 -26.38 29.39
H161 CLA UE . -5.18 -26.23 30.69
H162 CLA UE . -5.68 -27.92 30.32
H171 CLA UE . -6.50 -27.36 28.20
H172 CLA UE . -5.39 -25.97 28.00
H18 CLA UE . -8.15 -25.98 28.74
H191 CLA UE . -8.41 -24.84 30.77
H192 CLA UE . -6.61 -24.75 31.06
H193 CLA UE . -7.46 -26.35 31.10
H201 CLA UE . -7.60 -23.43 28.80
H202 CLA UE . -6.97 -24.29 27.34
H203 CLA UE . -5.86 -23.86 28.70
MG CLA VE . 12.79 -20.20 33.30
CHA CLA VE . 11.54 -17.06 32.77
CHB CLA VE . 9.61 -21.18 34.40
CHC CLA VE . 13.60 -23.50 32.81
CHD CLA VE . 15.62 -19.34 31.41
NA CLA VE . 10.90 -19.29 33.50
C1A CLA VE . 10.67 -17.92 33.33
C2A CLA VE . 9.24 -17.55 33.70
C3A CLA VE . 8.77 -18.78 34.52
C4A CLA VE . 9.80 -19.86 34.11
CMA CLA VE . 8.80 -18.37 35.95
CAA CLA VE . 8.44 -17.37 32.39
CBA CLA VE . 8.35 -18.58 31.47
CGA CLA VE . 7.36 -19.62 31.87
O1A CLA VE . 6.35 -19.56 32.55
O2A CLA VE . 7.67 -20.82 31.39
NB CLA VE . 11.79 -21.98 33.58
C1B CLA VE . 10.53 -22.17 34.06
C2B CLA VE . 10.26 -23.62 34.21
C3B CLA VE . 11.38 -24.28 33.76
C4B CLA VE . 12.38 -23.24 33.37
CMB CLA VE . 9.01 -24.15 34.74
CAB CLA VE . 11.65 -25.69 33.64
CBB CLA VE . 11.21 -26.57 34.52
NC CLA VE . 14.42 -21.20 32.44
C1C CLA VE . 14.57 -22.55 32.41
C2C CLA VE . 15.76 -22.91 31.70
C3C CLA VE . 16.32 -21.74 31.22
C4C CLA VE . 15.47 -20.68 31.72
CMC CLA VE . 16.21 -24.27 31.46
CAC CLA VE . 17.54 -21.57 30.39
CBC CLA VE . 17.20 -21.15 28.98
ND CLA VE . 13.48 -18.64 32.31
C1D CLA VE . 14.69 -18.36 31.64
C2D CLA VE . 14.74 -16.94 31.25
C3D CLA VE . 13.57 -16.39 31.65
C4D CLA VE . 12.83 -17.49 32.31
CMD CLA VE . 15.79 -16.27 30.53
CAD CLA VE . 12.74 -15.22 31.66
OBD CLA VE . 12.85 -14.14 31.13
CBD CLA VE . 11.45 -15.58 32.45
CGD CLA VE . 11.31 -14.61 33.58
O1D CLA VE . 10.41 -13.77 33.76
O2D CLA VE . 12.27 -14.60 34.55
CED CLA VE . 12.28 -13.36 35.27
C1 CLA VE . 6.81 -21.85 31.84
C2 CLA VE . 7.59 -23.04 31.51
C3 CLA VE . 7.13 -24.28 31.59
C4 CLA VE . 5.72 -24.56 32.00
C5 CLA VE . 8.07 -25.39 31.24
C6 CLA VE . 7.50 -26.77 31.12
C7 CLA VE . 8.64 -27.76 30.94
C8 CLA VE . 8.40 -29.12 31.58
C9 CLA VE . 9.70 -29.89 31.60
C10 CLA VE . 7.35 -29.91 30.82
C11 CLA VE . 6.69 -31.01 31.65
C12 CLA VE . 5.32 -31.37 31.11
C13 CLA VE . 4.85 -32.72 31.61
C14 CLA VE . 4.57 -33.58 30.39
C15 CLA VE . 3.67 -32.51 32.52
C16 CLA VE . 3.01 -33.78 33.06
C17 CLA VE . 3.46 -34.16 34.45
C18 CLA VE . 2.79 -35.45 34.88
C19 CLA VE . 3.30 -35.95 36.21
C20 CLA VE . 1.29 -35.26 34.99
HHB CLA VE . 8.69 -21.49 34.93
HHC CLA VE . 13.88 -24.55 32.65
HHD CLA VE . 16.59 -19.03 30.94
H2A CLA VE . 9.21 -16.63 34.32
H3A CLA VE . 7.76 -19.20 34.25
HMA1 CLA VE . 8.74 -19.27 36.62
HMA2 CLA VE . 7.93 -17.71 36.19
HMA3 CLA VE . 9.73 -17.82 36.19
HAA1 CLA VE . 8.89 -16.53 31.82
HAA2 CLA VE . 7.39 -17.08 32.67
HBA1 CLA VE . 9.37 -19.08 31.43
HBA2 CLA VE . 8.10 -18.24 30.44
HMB1 CLA VE . 8.94 -25.26 34.55
HMB2 CLA VE . 8.13 -23.66 34.24
HMB3 CLA VE . 8.94 -23.96 35.84
HAB CLA VE . 12.25 -25.99 32.77
HBB1 CLA VE . 10.62 -26.28 35.41
HBB2 CLA VE . 11.41 -27.65 34.44
HMC1 CLA VE . 17.30 -24.30 31.21
HMC2 CLA VE . 15.65 -24.74 30.62
HMC3 CLA VE . 16.05 -24.91 32.38
HAC1 CLA VE . 18.11 -22.54 30.35
HAC2 CLA VE . 18.23 -20.81 30.85
HBC1 CLA VE . 18.13 -21.11 28.35
HBC2 CLA VE . 16.73 -20.14 28.99
HBC3 CLA VE . 16.48 -21.87 28.52
HMD1 CLA VE . 15.77 -15.16 30.72
HMD2 CLA VE . 15.69 -16.44 29.43
HMD3 CLA VE . 16.80 -16.65 30.85
HBD CLA VE . 10.51 -15.46 31.83
HED1 CLA VE . 13.28 -13.36 35.76
HED2 CLA VE . 11.42 -13.45 35.96
HED3 CLA VE . 12.16 -12.59 34.47
H11 CLA VE . 5.82 -21.82 31.28
H12 CLA VE . 6.60 -21.74 32.93
H2 CLA VE . 8.63 -22.84 31.20
H41 CLA VE . 5.57 -25.62 32.31
H42 CLA VE . 5.00 -24.35 31.16
H43 CLA VE . 5.41 -23.91 32.86
H51 CLA VE . 8.87 -25.41 32.03
H52 CLA VE . 8.58 -25.13 30.28
H61 CLA VE . 6.81 -26.83 30.24
H62 CLA VE . 6.91 -27.04 32.02
H71 CLA VE . 9.57 -27.31 31.36
H72 CLA VE . 8.82 -27.90 29.83
H8 CLA VE . 8.04 -28.97 32.64
H91 CLA VE . 9.52 -30.94 31.96
H92 CLA VE . 10.44 -29.40 32.27
H93 CLA VE . 10.14 -29.95 30.57
H101 CLA VE . 7.81 -30.37 29.92
H102 CLA VE . 6.56 -29.20 30.47
H111 CLA VE . 6.60 -30.66 32.71
H112 CLA VE . 7.35 -31.91 31.65
H121 CLA VE . 5.36 -31.37 29.98
H122 CLA VE . 4.59 -30.57 31.42
H13 CLA VE . 5.63 -33.27 32.21
H141 CLA VE . 4.39 -34.63 30.69
H142 CLA VE . 5.42 -33.55 29.67
H143 CLA VE . 3.66 -33.21 29.86
H151 CLA VE . 2.88 -31.92 31.97
H152 CLA VE . 3.98 -31.89 33.40
H161 CLA VE . 3.24 -34.63 32.36
H162 CLA VE . 1.90 -33.64 33.07
H171 CLA VE . 3.22 -33.34 35.17
H172 CLA VE . 4.58 -34.29 34.46
H18 CLA VE . 3.01 -36.23 34.08
H191 CLA VE . 2.87 -36.96 36.45
H192 CLA VE . 3.03 -35.25 37.03
H193 CLA VE . 4.42 -36.06 36.19
H201 CLA VE . 0.82 -36.14 35.50
H202 CLA VE . 0.83 -35.17 33.98
H203 CLA VE . 1.05 -34.35 35.58
MG CLA WE . 6.34 -17.26 21.98
CHA CLA WE . 7.95 -16.60 25.03
CHB CLA WE . 7.50 -14.29 20.76
CHC CLA WE . 5.58 -18.29 18.64
CHD CLA WE . 5.71 -20.51 23.08
NA CLA WE . 7.47 -15.69 22.81
C1A CLA WE . 8.05 -15.59 24.11
C2A CLA WE . 8.72 -14.22 24.31
C3A CLA WE . 8.58 -13.57 22.91
C4A CLA WE . 7.77 -14.57 22.09
CMA CLA WE . 7.99 -12.19 22.99
CAA CLA WE . 10.18 -14.23 24.77
CBA CLA WE . 10.93 -15.35 24.08
CGA CLA WE . 12.40 -15.12 24.21
O1A CLA WE . 13.01 -14.17 24.69
O2A CLA WE . 13.15 -16.14 23.71
NB CLA WE . 6.42 -16.43 20.08
C1B CLA WE . 6.87 -15.16 19.86
C2B CLA WE . 6.69 -14.81 18.43
C3B CLA WE . 6.16 -15.92 17.81
C4B CLA WE . 6.02 -16.99 18.84
CMB CLA WE . 7.12 -13.55 17.84
CAB CLA WE . 5.89 -16.13 16.43
CBB CLA WE . 5.36 -15.21 15.64
NC CLA WE . 5.64 -18.99 21.08
C1C CLA WE . 5.38 -19.20 19.72
C2C CLA WE . 5.03 -20.57 19.50
C3C CLA WE . 5.08 -21.21 20.74
C4C CLA WE . 5.43 -20.22 21.73
CMC CLA WE . 4.75 -21.08 18.16
CAC CLA WE . 4.81 -22.63 20.99
CBC CLA WE . 3.36 -22.98 21.18
ND CLA WE . 6.61 -18.32 23.69
C1D CLA WE . 6.30 -19.67 23.99
C2D CLA WE . 6.69 -19.94 25.39
C3D CLA WE . 7.32 -18.81 25.84
C4D CLA WE . 7.28 -17.83 24.73
CMD CLA WE . 6.45 -21.21 26.07
CAD CLA WE . 8.00 -18.16 26.95
OBD CLA WE . 8.20 -18.56 28.10
CBD CLA WE . 8.51 -16.80 26.45
CGD CLA WE . 8.08 -15.82 27.46
O1D CLA WE . 8.76 -15.09 28.18
O2D CLA WE . 6.72 -15.77 27.58
CED CLA WE . 6.18 -14.84 28.49
C1 CLA WE . 14.52 -16.08 24.08
C2 CLA WE . 15.06 -17.42 23.79
C3 CLA WE . 16.06 -17.92 24.51
C4 CLA WE . 16.71 -17.13 25.59
C5 CLA WE . 16.58 -19.29 24.22
C6 CLA WE . 18.06 -19.34 23.94
C7 CLA WE . 18.70 -20.18 25.02
C8 CLA WE . 20.23 -20.21 25.00
C9 CLA WE . 20.84 -19.05 24.23
C10 CLA WE . 20.78 -21.50 24.41
C11 CLA WE . 21.92 -22.00 25.26
C12 CLA WE . 22.92 -22.83 24.48
C13 CLA WE . 24.22 -22.97 25.29
C14 CLA WE . 25.44 -22.79 24.40
C15 CLA WE . 24.27 -24.30 26.01
C16 CLA WE . 24.73 -24.13 27.45
C17 CLA WE . 26.12 -23.54 27.56
C18 CLA WE . 26.64 -23.59 29.00
C19 CLA WE . 25.62 -23.03 29.98
C20 CLA WE . 27.98 -22.88 29.17
HHB CLA WE . 7.81 -13.31 20.36
HHC CLA WE . 5.37 -18.65 17.62
HHD CLA WE . 5.40 -21.52 23.43
H2A CLA WE . 8.13 -13.71 25.13
H3A CLA WE . 9.57 -13.51 22.39
HMA1 CLA WE . 8.26 -11.58 22.10
HMA2 CLA WE . 8.37 -11.65 23.90
HMA3 CLA WE . 6.88 -12.23 23.06
HAA1 CLA WE . 10.24 -14.37 25.89
HAA2 CLA WE . 10.65 -13.24 24.54
HBA1 CLA WE . 10.65 -15.39 22.99
HBA2 CLA WE . 10.67 -16.34 24.54
HMB1 CLA WE . 7.14 -13.62 16.72
HMB2 CLA WE . 8.15 -13.28 18.20
HMB3 CLA WE . 6.42 -12.73 18.14
HAB CLA WE . 6.15 -17.13 16.05
HBB1 CLA WE . 5.07 -14.21 16.01
HBB2 CLA WE . 5.16 -15.39 14.57
HMC1 CLA WE . 4.58 -22.18 18.20
HMC2 CLA WE . 5.62 -20.88 17.48
HMC3 CLA WE . 3.85 -20.60 17.73
HAC1 CLA WE . 5.37 -22.96 21.91
HAC2 CLA WE . 5.21 -23.24 20.14
HBC1 CLA WE . 3.27 -23.96 21.72
HBC2 CLA WE . 2.85 -23.08 20.19
HBC3 CLA WE . 2.85 -22.20 21.78
HMD1 CLA WE . 6.71 -21.13 27.16
HMD2 CLA WE . 7.06 -22.03 25.63
HMD3 CLA WE . 5.37 -21.50 26.00
HBD CLA WE . 9.63 -16.73 26.35
HED1 CLA WE . 5.14 -15.23 28.68
HED2 CLA WE . 6.21 -13.87 27.94
HED3 CLA WE . 6.87 -14.90 29.36
H11 CLA WE . 14.60 -15.82 25.17
H12 CLA WE . 15.03 -15.29 23.48
H2 CLA WE . 14.57 -17.99 22.97
H41 CLA WE . 17.53 -17.71 26.09
H42 CLA WE . 15.99 -16.83 26.38
H43 CLA WE . 17.18 -16.19 25.19
H51 CLA WE . 16.02 -19.70 23.34
H52 CLA WE . 16.35 -19.95 25.10
H61 CLA WE . 18.50 -18.32 23.94
H62 CLA WE . 18.25 -19.80 22.93
H71 CLA WE . 18.31 -21.23 24.94
H72 CLA WE . 18.37 -19.78 26.02
H8 CLA WE . 20.54 -20.13 26.08
H91 CLA WE . 21.96 -19.10 24.28
H92 CLA WE . 20.51 -18.08 24.67
H93 CLA WE . 20.52 -19.10 23.16
H101 CLA WE . 21.12 -21.34 23.36
H102 CLA WE . 19.97 -22.29 24.38
H111 CLA WE . 21.51 -22.61 26.10
H112 CLA WE . 22.45 -21.12 25.71
H121 CLA WE . 23.14 -22.33 23.49
H122 CLA WE . 22.49 -23.84 24.26
H13 CLA WE . 24.23 -22.14 26.05
H141 CLA WE . 26.37 -23.02 24.97
H142 CLA WE . 25.51 -21.74 24.03
H143 CLA WE . 25.40 -23.48 23.52
H151 CLA WE . 24.97 -25.00 25.50
H152 CLA WE . 23.26 -24.79 26.01
H161 CLA WE . 24.70 -25.13 27.97
H162 CLA WE . 24.01 -23.46 27.99
H171 CLA WE . 26.12 -22.47 27.21
H172 CLA WE . 26.83 -24.10 26.89
H18 CLA WE . 26.83 -24.68 29.25
H191 CLA WE . 26.09 -22.88 30.98
H192 CLA WE . 24.76 -23.72 30.08
H193 CLA WE . 25.25 -22.03 29.61
H201 CLA WE . 28.34 -22.95 30.22
H202 CLA WE . 27.89 -21.80 28.91
H203 CLA WE . 28.75 -23.33 28.50
MG CLA XE . 17.61 -13.50 22.71
CHA CLA XE . 14.66 -11.87 23.54
CHB CLA XE . 18.95 -12.54 25.61
CHC CLA XE . 20.08 -15.98 22.40
CHD CLA XE . 15.80 -15.15 20.12
NA CLA XE . 16.88 -12.37 24.30
C1A CLA XE . 15.66 -11.71 24.44
C2A CLA XE . 15.60 -10.91 25.73
C3A CLA XE . 17.07 -10.96 26.23
C4A CLA XE . 17.69 -12.05 25.36
CMA CLA XE . 17.77 -9.65 26.02
CAA CLA XE . 14.63 -11.51 26.73
CBA CLA XE . 14.94 -12.97 27.04
CGA CLA XE . 13.77 -13.68 27.57
O1A CLA XE . 12.74 -13.27 28.17
O2A CLA XE . 13.98 -15.00 27.38
NB CLA XE . 19.23 -14.16 23.77
C1B CLA XE . 19.64 -13.55 24.90
C2B CLA XE . 20.96 -14.08 25.32
C3B CLA XE . 21.30 -15.07 24.42
C4B CLA XE . 20.18 -15.13 23.43
CMB CLA XE . 21.67 -13.62 26.53
CAB CLA XE . 22.44 -15.96 24.43
CBB CLA XE . 23.08 -16.49 23.39
NC CLA XE . 17.90 -15.18 21.48
C1C CLA XE . 19.00 -15.99 21.47
C2C CLA XE . 18.91 -16.96 20.42
C3C CLA XE . 17.70 -16.72 19.79
C4C CLA XE . 17.07 -15.61 20.45
CMC CLA XE . 19.88 -18.01 20.07
CAC CLA XE . 17.15 -17.45 18.65
CBC CLA XE . 16.31 -18.57 19.15
ND CLA XE . 15.68 -13.56 21.95
C1D CLA XE . 15.12 -14.19 20.83
C2D CLA XE . 13.76 -13.71 20.63
C3D CLA XE . 13.50 -12.77 21.61
C4D CLA XE . 14.74 -12.73 22.41
CMD CLA XE . 12.92 -14.25 19.60
CAD CLA XE . 12.57 -11.90 22.28
OBD CLA XE . 11.39 -11.66 22.09
CBD CLA XE . 13.33 -11.23 23.46
CGD CLA XE . 13.58 -9.81 23.10
O1D CLA XE . 13.43 -8.79 23.73
O2D CLA XE . 14.03 -9.64 21.86
CED CLA XE . 14.37 -8.31 21.50
C1 CLA XE . 13.06 -15.83 28.08
C2 CLA XE . 13.32 -17.24 27.71
C3 CLA XE . 12.53 -18.21 28.17
C4 CLA XE . 11.38 -17.84 29.02
C5 CLA XE . 12.72 -19.65 27.82
C6 CLA XE . 12.57 -20.57 29.01
C7 CLA XE . 12.81 -22.04 28.71
C8 CLA XE . 11.56 -22.92 28.81
C9 CLA XE . 10.91 -22.91 30.16
C10 CLA XE . 11.98 -24.33 28.40
C11 CLA XE . 11.99 -25.38 29.51
C12 CLA XE . 12.47 -26.69 28.96
C13 CLA XE . 13.76 -27.12 29.64
C14 CLA XE . 14.74 -27.84 28.74
C15 CLA XE . 13.40 -27.98 30.84
C16 CLA XE . 14.47 -27.74 31.88
C17 CLA XE . 14.45 -28.80 32.93
C18 CLA XE . 14.70 -28.20 34.31
C19 CLA XE . 14.55 -29.26 35.35
C20 CLA XE . 16.06 -27.58 34.45
HHB CLA XE . 19.49 -12.12 26.47
HHC CLA XE . 20.86 -16.73 22.24
HHD CLA XE . 15.31 -15.57 19.22
H2A CLA XE . 15.27 -9.86 25.49
H3A CLA XE . 17.10 -11.26 27.31
HMA1 CLA XE . 18.82 -9.69 26.41
HMA2 CLA XE . 17.24 -8.82 26.55
HMA3 CLA XE . 17.82 -9.39 24.93
HAA1 CLA XE . 13.58 -11.44 26.32
HAA2 CLA XE . 14.65 -10.92 27.68
HBA1 CLA XE . 15.78 -13.03 27.78
HBA2 CLA XE . 15.28 -13.49 26.10
HMB1 CLA XE . 22.72 -14.02 26.55
HMB2 CLA XE . 21.14 -13.98 27.46
HMB3 CLA XE . 21.72 -12.50 26.56
HAB CLA XE . 22.78 -16.20 25.45
HBB1 CLA XE . 22.80 -16.27 22.34
HBB2 CLA XE . 23.94 -17.16 23.51
HMC1 CLA XE . 19.87 -18.22 18.97
HMC2 CLA XE . 19.66 -18.95 20.62
HMC3 CLA XE . 20.93 -17.68 20.35
HAC1 CLA XE . 17.98 -17.86 18.02
HAC2 CLA XE . 16.53 -16.77 18.00
HBC1 CLA XE . 15.80 -19.09 18.31
HBC2 CLA XE . 15.53 -18.17 19.85
HBC3 CLA XE . 16.94 -19.31 19.71
HMD1 CLA XE . 11.93 -13.74 19.58
HMD2 CLA XE . 12.75 -15.34 19.77
HMD3 CLA XE . 13.40 -14.12 18.59
HBD CLA XE . 12.73 -11.35 24.40
HED1 CLA XE . 14.27 -8.29 20.39
HED2 CLA XE . 15.41 -8.18 21.87
HED3 CLA XE . 13.60 -7.69 22.04
H11 CLA XE . 12.01 -15.51 27.79
H12 CLA XE . 13.19 -15.66 29.19
H2 CLA XE . 14.19 -17.43 27.06
H41 CLA XE . 10.68 -18.70 29.17
H42 CLA XE . 10.79 -17.01 28.59
H43 CLA XE . 11.72 -17.50 30.04
H51 CLA XE . 13.74 -19.78 27.36
H52 CLA XE . 11.97 -19.93 27.02
H61 CLA XE . 11.55 -20.45 29.44
H62 CLA XE . 13.30 -20.24 29.80
H71 CLA XE . 13.59 -22.43 29.42
H72 CLA XE . 13.25 -22.13 27.68
H8 CLA XE . 10.77 -22.52 28.12
H91 CLA XE . 10.15 -23.72 30.23
H92 CLA XE . 10.41 -21.93 30.34
H93 CLA XE . 11.68 -23.07 30.96
H101 CLA XE . 13.03 -24.29 27.97
H102 CLA XE . 11.31 -24.69 27.59
H111 CLA XE . 10.95 -25.48 29.92
H112 CLA XE . 12.65 -25.03 30.35
H121 CLA XE . 12.63 -26.60 27.85
H122 CLA XE . 11.68 -27.47 29.11
H13 CLA XE . 14.31 -26.19 29.96
H141 CLA XE . 15.38 -28.53 29.33
H142 CLA XE . 15.40 -27.11 28.20
H143 CLA XE . 14.20 -28.45 27.97
H151 CLA XE . 13.37 -29.08 30.56
H152 CLA XE . 12.40 -27.73 31.24
H161 CLA XE . 14.30 -26.74 32.36
H162 CLA XE . 15.48 -27.71 31.39
H171 CLA XE . 15.25 -29.57 32.70
H172 CLA XE . 13.47 -29.34 32.92
H18 CLA XE . 13.95 -27.36 34.44
H191 CLA XE . 14.55 -28.81 36.37
H192 CLA XE . 15.39 -29.99 35.28
H193 CLA XE . 13.58 -29.81 35.20
H201 CLA XE . 16.20 -27.15 35.47
H202 CLA XE . 16.21 -26.76 33.70
H203 CLA XE . 16.86 -28.35 34.28
MG CLA YE . 22.00 -12.34 32.23
CHA CLA YE . 22.97 -9.06 31.31
CHB CLA YE . 19.69 -12.19 29.62
CHC CLA YE . 21.81 -15.84 32.02
CHD CLA YE . 24.96 -12.68 34.00
NA CLA YE . 21.41 -10.80 30.69
C1A CLA YE . 21.89 -9.49 30.57
C2A CLA YE . 21.07 -8.72 29.54
C3A CLA YE . 19.89 -9.69 29.21
C4A CLA YE . 20.33 -11.00 29.87
CMA CLA YE . 18.54 -9.22 29.68
CAA CLA YE . 21.91 -8.34 28.31
CBA CLA YE . 22.61 -9.50 27.66
CGA CLA YE . 22.14 -9.74 26.25
O1A CLA YE . 21.21 -9.20 25.64
O2A CLA YE . 22.83 -10.71 25.61
NB CLA YE . 20.98 -13.73 31.09
C1B CLA YE . 20.04 -13.45 30.15
C2B CLA YE . 19.40 -14.71 29.67
C3B CLA YE . 19.99 -15.74 30.34
C4B CLA YE . 20.99 -15.14 31.25
CMB CLA YE . 18.36 -14.75 28.65
CAB CLA YE . 19.79 -17.16 30.26
CBB CLA YE . 19.36 -17.81 29.18
NC CLA YE . 23.08 -13.94 32.98
C1C CLA YE . 22.80 -15.27 32.87
C2C CLA YE . 23.74 -16.09 33.56
C3C CLA YE . 24.68 -15.19 34.05
C4C CLA YE . 24.25 -13.85 33.72
CMC CLA YE . 23.69 -17.55 33.57
CAC CLA YE . 25.88 -15.51 34.78
CBC CLA YE . 27.08 -15.53 33.87
ND CLA YE . 23.55 -11.17 32.64
C1D CLA YE . 24.67 -11.43 33.48
C2D CLA YE . 25.44 -10.18 33.63
C3D CLA YE . 24.81 -9.24 32.84
C4D CLA YE . 23.66 -9.91 32.23
CMD CLA YE . 26.67 -10.03 34.40
CAD CLA YE . 24.88 -7.91 32.33
OBD CLA YE . 25.72 -7.03 32.50
CBD CLA YE . 23.70 -7.77 31.34
CGD CLA YE . 22.91 -6.62 31.83
O1D CLA YE . 22.63 -6.32 32.97
O2D CLA YE . 22.52 -5.76 30.90
CED CLA YE . 22.05 -4.56 31.49
C1 CLA YE . 22.41 -10.98 24.25
C2 CLA YE . 23.47 -11.84 23.70
C3 CLA YE . 23.42 -12.47 22.51
C4 CLA YE . 22.23 -12.39 21.59
C5 CLA YE . 24.59 -13.32 22.13
C6 CLA YE . 25.23 -13.00 20.82
C7 CLA YE . 26.53 -12.22 20.98
C8 CLA YE . 27.36 -12.02 19.70
C9 CLA YE . 28.24 -13.23 19.46
C10 CLA YE . 28.29 -10.81 19.89
C11 CLA YE . 27.76 -9.48 19.38
C12 CLA YE . 28.66 -8.29 19.68
C13 CLA YE . 29.29 -7.68 18.40
C14 CLA YE . 30.60 -8.37 18.00
C15 CLA YE . 29.51 -6.16 18.48
C16 CLA YE . 30.79 -5.71 19.20
C17 CLA YE . 31.00 -4.20 19.22
C18 CLA YE . 31.34 -3.63 20.60
C19 CLA YE . 32.61 -4.20 21.19
C20 CLA YE . 31.51 -2.12 20.54
HHB CLA YE . 18.82 -12.16 28.95
HHC CLA YE . 21.75 -16.95 32.01
HHD CLA YE . 25.83 -12.75 34.68
H2A CLA YE . 20.68 -7.76 30.01
H3A CLA YE . 19.82 -9.83 28.09
HMA1 CLA YE . 17.72 -9.88 29.29
HMA2 CLA YE . 18.32 -8.18 29.35
HMA3 CLA YE . 18.48 -9.24 30.80
HAA1 CLA YE . 22.68 -7.58 28.61
HAA2 CLA YE . 21.24 -7.84 27.55
HBA1 CLA YE . 22.41 -10.44 28.25
HBA2 CLA YE . 23.71 -9.33 27.63
HMB1 CLA YE . 17.77 -15.69 28.71
HMB2 CLA YE . 18.82 -14.67 27.62
HMB3 CLA YE . 17.66 -13.88 28.78
HAB CLA YE . 20.01 -17.71 31.19
HBB1 CLA YE . 19.12 -17.29 28.23
HBB2 CLA YE . 19.22 -18.90 29.16
HMC1 CLA YE . 24.35 -17.97 34.37
HMC2 CLA YE . 24.04 -17.96 32.59
HMC3 CLA YE . 22.65 -17.92 33.75
HAC1 CLA YE . 25.78 -16.52 35.28
HAC2 CLA YE . 26.05 -14.76 35.60
HBC1 CLA YE . 28.02 -15.62 34.46
HBC2 CLA YE . 27.11 -14.59 33.27
HBC3 CLA YE . 27.02 -16.40 33.17
HMD1 CLA YE . 26.95 -8.95 34.50
HMD2 CLA YE . 27.52 -10.56 33.90
HMD3 CLA YE . 26.56 -10.45 35.43
HBD CLA YE . 24.06 -7.56 30.28
HED1 CLA YE . 21.64 -3.98 30.62
HED2 CLA YE . 22.97 -4.12 31.95
HED3 CLA YE . 21.28 -4.91 32.22
H11 CLA YE . 22.32 -10.01 23.69
H12 CLA YE . 21.41 -11.49 24.26
H2 CLA YE . 24.36 -11.94 24.35
H41 CLA YE . 22.28 -13.17 20.79
H42 CLA YE . 22.16 -11.40 21.09
H43 CLA YE . 21.27 -12.55 22.14
H51 CLA YE . 24.26 -14.39 22.13
H52 CLA YE . 25.37 -13.21 22.95
H61 CLA YE . 24.52 -12.41 20.19
H62 CLA YE . 25.45 -13.95 20.27
H71 CLA YE . 27.15 -12.74 21.75
H72 CLA YE . 26.27 -11.21 21.40
H8 CLA YE . 26.67 -11.87 18.83
H91 CLA YE . 28.71 -13.16 18.45
H92 CLA YE . 27.62 -14.16 19.50
H93 CLA YE . 29.04 -13.29 20.23
H101 CLA YE . 29.26 -11.02 19.36
H102 CLA YE . 28.53 -10.70 20.98
H111 CLA YE . 26.75 -9.30 19.85
H112 CLA YE . 27.59 -9.56 18.27
H121 CLA YE . 29.47 -8.63 20.37
H122 CLA YE . 28.08 -7.51 20.21
H13 CLA YE . 28.54 -7.85 17.59
H141 CLA YE . 31.12 -7.80 17.20
H142 CLA YE . 30.39 -9.40 17.61
H143 CLA YE . 31.29 -8.46 18.88
H151 CLA YE . 28.64 -5.68 19.01
H152 CLA YE . 29.54 -5.73 17.44
H161 CLA YE . 31.67 -6.19 18.69
H162 CLA YE . 30.76 -6.09 20.25
H171 CLA YE . 30.07 -3.70 18.85
H172 CLA YE . 31.83 -3.94 18.51
H18 CLA YE . 30.47 -3.90 21.27
H191 CLA YE . 32.87 -3.68 22.14
H192 CLA YE . 33.46 -4.08 20.47
H193 CLA YE . 32.48 -5.29 21.40
H201 CLA YE . 32.03 -1.75 21.46
H202 CLA YE . 30.51 -1.62 20.46
H203 CLA YE . 32.13 -1.83 19.65
MG CLA ZE . 4.09 -7.52 16.52
CHA CLA ZE . 2.72 -4.40 16.30
CHB CLA ZE . 2.02 -8.20 19.07
CHC CLA ZE . 4.72 -10.84 16.07
CHD CLA ZE . 5.56 -7.00 13.30
NA CLA ZE . 2.74 -6.42 17.59
C1A CLA ZE . 2.28 -5.15 17.34
C2A CLA ZE . 1.14 -4.76 18.29
C3A CLA ZE . 1.18 -5.85 19.36
C4A CLA ZE . 2.04 -6.90 18.65
CMA CLA ZE . 1.74 -5.33 20.70
CAA CLA ZE . -0.19 -4.75 17.51
CBA CLA ZE . -0.52 -6.06 16.83
CGA CLA ZE . -1.76 -5.86 15.98
O1A CLA ZE . -2.35 -4.84 15.62
O2A CLA ZE . -2.24 -7.08 15.60
NB CLA ZE . 3.55 -9.17 17.43
C1B CLA ZE . 2.72 -9.24 18.48
C2B CLA ZE . 2.58 -10.64 18.93
C3B CLA ZE . 3.33 -11.37 18.09
C4B CLA ZE . 3.94 -10.46 17.11
CMB CLA ZE . 1.70 -11.06 20.02
CAB CLA ZE . 3.51 -12.78 18.03
CBB CLA ZE . 3.83 -13.52 19.08
NC CLA ZE . 5.02 -8.68 14.97
C1C CLA ZE . 5.23 -10.01 15.06
C2C CLA ZE . 5.98 -10.50 13.91
C3C CLA ZE . 6.18 -9.40 13.09
C4C CLA ZE . 5.60 -8.28 13.80
CMC CLA ZE . 6.36 -11.91 13.71
CAC CLA ZE . 6.84 -9.35 11.76
CBC CLA ZE . 5.81 -9.31 10.64
ND CLA ZE . 4.23 -6.11 15.13
C1D CLA ZE . 4.91 -5.97 13.91
C2D CLA ZE . 4.72 -4.60 13.41
C3D CLA ZE . 3.90 -3.96 14.31
C4D CLA ZE . 3.60 -4.94 15.33
CMD CLA ZE . 5.23 -4.06 12.17
CAD CLA ZE . 3.19 -2.75 14.58
OBD CLA ZE . 3.13 -1.71 13.95
CBD CLA ZE . 2.38 -3.00 15.87
CGD CLA ZE . 2.72 -1.91 16.81
O1D CLA ZE . 1.97 -1.20 17.47
O2D CLA ZE . 4.06 -1.71 16.87
CED CLA ZE . 4.53 -0.61 17.61
C1 CLA ZE . -2.91 -7.19 14.34
C2 CLA ZE . -3.13 -8.64 14.19
C3 CLA ZE . -4.12 -9.20 13.51
C4 CLA ZE . -5.12 -8.42 12.75
C5 CLA ZE . -4.26 -10.68 13.47
C6 CLA ZE . -4.39 -11.20 12.06
C7 CLA ZE . -4.47 -12.70 12.03
C8 CLA ZE . -5.05 -13.06 10.66
C9 CLA ZE . -6.47 -13.56 10.90
C10 CLA ZE . -4.18 -14.02 9.87
C11 CLA ZE . -4.44 -15.48 10.18
C12 CLA ZE . -5.53 -16.07 9.31
C13 CLA ZE . -5.15 -17.40 8.66
C14 CLA ZE . -4.54 -17.20 7.30
C15 CLA ZE . -6.35 -18.33 8.51
C16 CLA ZE . -6.00 -19.52 7.65
C17 CLA ZE . -6.79 -20.75 8.03
C18 CLA ZE . -6.34 -21.96 7.23
C19 CLA ZE . -5.38 -22.83 8.02
C20 CLA ZE . -7.51 -22.81 6.79
HHB CLA ZE . 1.39 -8.46 19.94
HHC CLA ZE . 4.98 -11.91 15.99
HHD CLA ZE . 6.09 -6.79 12.36
H2A CLA ZE . 1.33 -3.74 18.73
H3A CLA ZE . 0.19 -6.30 19.61
HMA1 CLA ZE . 1.62 -6.09 21.51
HMA2 CLA ZE . 1.20 -4.40 21.01
HMA3 CLA ZE . 2.82 -5.08 20.61
HAA1 CLA ZE . -0.15 -3.93 16.73
HAA2 CLA ZE . -1.02 -4.48 18.21
HBA1 CLA ZE . -0.71 -6.85 17.60
HBA2 CLA ZE . 0.33 -6.39 16.19
HMB1 CLA ZE . 1.89 -12.12 20.31
HMB2 CLA ZE . 0.62 -10.96 19.72
HMB3 CLA ZE . 1.87 -10.40 20.92
HAB CLA ZE . 3.37 -13.23 17.03
HBB1 CLA ZE . 3.98 -13.08 20.07
HBB2 CLA ZE . 3.98 -14.61 19.03
HMC1 CLA ZE . 6.91 -12.04 12.75
HMC2 CLA ZE . 5.45 -12.56 13.68
HMC3 CLA ZE . 7.02 -12.26 14.55
HAC1 CLA ZE . 7.50 -10.24 11.61
HAC2 CLA ZE . 7.49 -8.44 11.69
HBC1 CLA ZE . 6.33 -9.28 9.66
HBC2 CLA ZE . 5.17 -8.40 10.74
HBC3 CLA ZE . 5.16 -10.22 10.68
HMD1 CLA ZE . 4.92 -2.99 12.03
HMD2 CLA ZE . 4.85 -4.65 11.30
HMD3 CLA ZE . 6.36 -4.10 12.16
HBD CLA ZE . 1.27 -2.98 15.72
HED1 CLA ZE . 5.57 -0.45 17.23
HED2 CLA ZE . 4.47 -0.96 18.67
HED3 CLA ZE . 3.82 0.21 17.36
H11 CLA ZE . -2.26 -6.77 13.53
H12 CLA ZE . -3.87 -6.62 14.37
H2 CLA ZE . -2.37 -9.27 14.71
H41 CLA ZE . -6.06 -9.01 12.57
H42 CLA ZE . -4.72 -8.11 11.76
H43 CLA ZE . -5.41 -7.49 13.30
H51 CLA ZE . -5.15 -10.99 14.07
H52 CLA ZE . -3.35 -11.15 13.94
H61 CLA ZE . -3.51 -10.86 11.45
H62 CLA ZE . -5.31 -10.76 11.60
H71 CLA ZE . -5.11 -13.08 12.86
H72 CLA ZE . -3.45 -13.15 12.16
H8 CLA ZE . -5.09 -12.15 10.00
H91 CLA ZE . -6.95 -13.84 9.93
H92 CLA ZE . -7.08 -12.76 11.39
H93 CLA ZE . -6.46 -14.46 11.57
H101 CLA ZE . -3.10 -13.80 10.07
H102 CLA ZE . -4.35 -13.85 8.77
H111 CLA ZE . -4.74 -15.57 11.27
H112 CLA ZE . -3.50 -16.06 10.05
H121 CLA ZE . -5.79 -15.33 8.52
H122 CLA ZE . -6.44 -16.22 9.94
H13 CLA ZE . -4.39 -17.88 9.34
H141 CLA ZE . -3.79 -17.99 7.07
H142 CLA ZE . -4.04 -16.20 7.23
H143 CLA ZE . -5.34 -17.23 6.50
H151 CLA ZE . -7.22 -17.78 8.04
H152 CLA ZE . -6.70 -18.69 9.52
H161 CLA ZE . -4.90 -19.74 7.75
H162 CLA ZE . -6.19 -19.27 6.57
H171 CLA ZE . -7.88 -20.57 7.84
H172 CLA ZE . -6.68 -20.96 9.12
H18 CLA ZE . -5.81 -21.57 6.31
H191 CLA ZE . -4.98 -23.64 7.37
H192 CLA ZE . -5.90 -23.29 8.89
H193 CLA ZE . -4.53 -22.22 8.40
H201 CLA ZE . -7.16 -23.72 6.24
H202 CLA ZE . -8.18 -22.23 6.10
H203 CLA ZE . -8.12 -23.13 7.67
MG CLA AF . -0.06 -36.93 24.45
CHA CLA AF . 2.42 -39.39 24.01
CHB CLA AF . -2.20 -39.10 22.82
CHC CLA AF . -2.68 -35.05 25.43
CHD CLA AF . 2.06 -35.35 26.76
NA CLA AF . 0.15 -38.81 23.47
C1A CLA AF . 1.24 -39.72 23.44
C2A CLA AF . 0.95 -41.02 22.66
C3A CLA AF . -0.38 -40.61 21.98
C4A CLA AF . -0.88 -39.44 22.81
CMA CLA AF . -0.03 -40.06 20.63
CAA CLA AF . 0.95 -42.29 23.50
CBA CLA AF . -0.03 -42.38 24.66
CGA CLA AF . 0.29 -41.44 25.76
O1A CLA AF . 1.37 -41.14 26.20
O2A CLA AF . -0.81 -40.85 26.34
NB CLA AF . -2.08 -37.06 24.20
C1B CLA AF . -2.75 -38.01 23.50
C2B CLA AF . -4.19 -37.70 23.47
C3B CLA AF . -4.34 -36.55 24.19
C4B CLA AF . -2.99 -36.11 24.66
CMB CLA AF . -5.16 -38.54 22.80
CAB CLA AF . -5.55 -35.85 24.45
CBB CLA AF . -6.57 -35.85 23.59
NC CLA AF . -0.31 -35.63 25.99
C1C CLA AF . -1.43 -34.87 26.14
C2C CLA AF . -1.13 -33.73 27.00
C3C CLA AF . 0.24 -33.77 27.26
C4C CLA AF . 0.74 -34.97 26.64
CMC CLA AF . -2.11 -32.72 27.44
CAC CLA AF . 1.08 -32.84 28.02
CBC CLA AF . 0.85 -32.98 29.52
ND CLA AF . 1.77 -37.27 25.30
C1D CLA AF . 2.57 -36.46 26.13
C2D CLA AF . 3.97 -36.98 26.13
C3D CLA AF . 3.98 -38.08 25.30
C4D CLA AF . 2.58 -38.23 24.84
CMD CLA AF . 5.07 -36.37 26.85
CAD CLA AF . 4.75 -39.15 24.69
OBD CLA AF . 5.94 -39.43 24.71
CBD CLA AF . 3.75 -40.04 23.91
CGD CLA AF . 4.22 -40.15 22.52
O1D CLA AF . 4.21 -39.22 21.73
O2D CLA AF . 4.70 -41.37 22.13
CED CLA AF . 5.31 -41.40 20.84
C1 CLA AF . -0.61 -39.79 27.31
C2 CLA AF . -1.56 -40.01 28.42
C3 CLA AF . -2.68 -39.31 28.62
C4 CLA AF . -3.11 -38.17 27.79
C5 CLA AF . -3.55 -39.64 29.76
C6 CLA AF . -3.38 -38.65 30.90
C7 CLA AF . -4.37 -38.97 31.98
C8 CLA AF . -3.83 -38.48 33.32
C9 CLA AF . -2.89 -39.52 33.90
C10 CLA AF . -4.96 -38.20 34.29
C11 CLA AF . -4.73 -36.89 35.00
C12 CLA AF . -5.45 -36.90 36.32
C13 CLA AF . -5.47 -35.54 36.99
C14 CLA AF . -4.72 -35.55 38.32
C15 CLA AF . -6.92 -35.12 37.17
C16 CLA AF . -7.09 -33.80 37.89
C17 CLA AF . -7.28 -32.60 36.97
C18 CLA AF . -7.08 -31.33 37.78
C19 CLA AF . -7.85 -31.37 39.09
C20 CLA AF . -7.47 -30.09 37.01
HHB CLA AF . -2.89 -39.72 22.24
HHC CLA AF . -3.42 -34.25 25.57
HHD CLA AF . 2.73 -34.75 27.39
H2A CLA AF . 1.76 -41.22 21.91
H3A CLA AF . -1.12 -41.45 22.00
HMA1 CLA AF . -0.95 -39.87 20.02
HMA2 CLA AF . 0.61 -40.78 20.06
HMA3 CLA AF . 0.53 -39.10 20.72
HAA1 CLA AF . 1.98 -42.42 23.92
HAA2 CLA AF . 0.75 -43.16 22.82
HBA1 CLA AF . -0.01 -43.43 25.07
HBA2 CLA AF . -1.06 -42.16 24.28
HMB1 CLA AF . -6.15 -38.50 23.33
HMB2 CLA AF . -4.81 -39.60 22.78
HMB3 CLA AF . -5.31 -38.19 21.74
HAB CLA AF . -5.59 -35.28 25.39
HBB1 CLA AF . -6.53 -36.40 22.65
HBB2 CLA AF . -7.51 -35.32 23.77
HMC1 CLA AF . -1.61 -31.93 28.07
HMC2 CLA AF . -2.92 -33.19 28.05
HMC3 CLA AF . -2.59 -32.21 26.56
HAC1 CLA AF . 0.85 -31.78 27.72
HAC2 CLA AF . 2.16 -33.01 27.80
HBC1 CLA AF . 1.61 -32.39 30.08
HBC2 CLA AF . 0.93 -34.06 29.81
HBC3 CLA AF . -0.17 -32.60 29.79
HMD1 CLA AF . 6.05 -36.76 26.48
HMD2 CLA AF . 5.00 -36.60 27.95
HMD3 CLA AF . 5.06 -35.26 26.74
HBD CLA AF . 3.69 -41.07 24.36
HED1 CLA AF . 5.40 -42.49 20.60
HED2 CLA AF . 6.28 -40.88 20.98
HED3 CLA AF . 4.57 -40.85 20.19
H11 CLA AF . -0.78 -38.80 26.81
H12 CLA AF . 0.46 -39.83 27.67
H2 CLA AF . -1.29 -40.85 29.10
H41 CLA AF . -3.94 -37.59 28.27
H42 CLA AF . -3.49 -38.52 26.79
H43 CLA AF . -2.26 -37.46 27.60
H51 CLA AF . -3.32 -40.67 30.12
H52 CLA AF . -4.62 -39.63 29.42
H61 CLA AF . -3.51 -37.61 30.53
H62 CLA AF . -2.33 -38.72 31.31
H71 CLA AF . -4.57 -40.07 32.01
H72 CLA AF . -5.35 -38.47 31.75
H8 CLA AF . -3.27 -37.53 33.16
H91 CLA AF . -2.47 -39.16 34.87
H92 CLA AF . -2.04 -39.71 33.20
H93 CLA AF . -3.43 -40.48 34.08
H101 CLA AF . -5.03 -39.03 35.05
H102 CLA AF . -5.94 -38.17 33.75
H111 CLA AF . -5.09 -36.04 34.36
H112 CLA AF . -3.62 -36.73 35.16
H121 CLA AF . -4.96 -37.66 36.98
H122 CLA AF . -6.51 -37.25 36.14
H13 CLA AF . -4.91 -34.80 36.35
H141 CLA AF . -4.16 -34.60 38.47
H142 CLA AF . -3.99 -36.40 38.35
H143 CLA AF . -5.44 -35.67 39.18
H151 CLA AF . -7.47 -35.91 37.75
H152 CLA AF . -7.42 -35.05 36.16
H161 CLA AF . -6.18 -33.61 38.53
H162 CLA AF . -7.96 -33.87 38.58
H171 CLA AF . -8.31 -32.62 36.52
H172 CLA AF . -6.55 -32.64 36.12
H18 CLA AF . -5.98 -31.26 37.99
H191 CLA AF . -7.97 -30.34 39.49
H192 CLA AF . -7.29 -31.99 39.84
H193 CLA AF . -8.85 -31.82 38.94
H201 CLA AF . -7.49 -29.20 37.69
H202 CLA AF . -8.46 -30.21 36.54
H203 CLA AF . -6.72 -29.89 36.20
MG CLA BF . 13.81 -38.72 33.09
CHA CLA BF . 13.17 -41.93 31.94
CHB CLA BF . 12.37 -37.53 30.23
CHC CLA BF . 13.42 -35.52 34.55
CHD CLA BF . 14.31 -40.01 36.24
NA CLA BF . 12.86 -39.61 31.39
C1A CLA BF . 12.89 -40.97 31.03
C2A CLA BF . 12.54 -41.21 29.57
C3A CLA BF . 12.43 -39.77 29.05
C4A CLA BF . 12.55 -38.89 30.30
CMA CLA BF . 13.56 -39.49 28.13
CAA CLA BF . 11.21 -41.95 29.43
CBA CLA BF . 10.07 -41.24 30.12
CGA CLA BF . 8.82 -42.05 30.00
O1A CLA BF . 8.72 -43.23 29.70
O2A CLA BF . 7.68 -41.30 30.23
NB CLA BF . 13.09 -36.87 32.49
C1B CLA BF . 12.51 -36.63 31.29
C2B CLA BF . 12.11 -35.20 31.20
C3B CLA BF . 12.43 -34.62 32.41
C4B CLA BF . 13.04 -35.68 33.25
CMB CLA BF . 11.42 -34.65 30.05
CAB CLA BF . 12.24 -33.27 32.89
CBB CLA BF . 12.21 -32.22 32.08
NC CLA BF . 13.96 -37.90 34.96
C1C CLA BF . 13.87 -36.58 35.36
C2C CLA BF . 14.15 -36.44 36.79
C3C CLA BF . 14.29 -37.74 37.25
C4C CLA BF . 14.22 -38.63 36.12
CMC CLA BF . 14.09 -35.20 37.56
CAC CLA BF . 14.61 -38.16 38.61
CBC CLA BF . 16.11 -38.38 38.69
ND CLA BF . 13.70 -40.51 33.96
C1D CLA BF . 14.03 -40.91 35.26
C2D CLA BF . 14.03 -42.38 35.34
C3D CLA BF . 13.76 -42.84 34.08
C4D CLA BF . 13.54 -41.63 33.26
CMD CLA BF . 14.28 -43.14 36.57
CAD CLA BF . 13.53 -43.98 33.22
OBD CLA BF . 13.57 -45.17 33.45
CBD CLA BF . 13.23 -43.42 31.82
CGD CLA BF . 14.39 -43.80 30.94
O1D CLA BF . 14.40 -44.27 29.79
O2D CLA BF . 15.57 -43.56 31.62
CED CLA BF . 16.79 -43.37 30.88
C1 CLA BF . 6.39 -41.96 30.20
C2 CLA BF . 5.37 -40.88 30.03
C3 CLA BF . 4.63 -40.71 28.92
C4 CLA BF . 4.72 -41.60 27.74
C5 CLA BF . 3.59 -39.62 28.77
C6 CLA BF . 3.22 -38.84 30.03
C7 CLA BF . 1.80 -38.32 29.90
C8 CLA BF . 1.44 -37.24 30.89
C9 CLA BF . 1.34 -37.85 32.27
C10 CLA BF . 0.13 -36.57 30.47
C11 CLA BF . -0.48 -35.66 31.53
C12 CLA BF . -1.72 -34.98 30.96
C13 CLA BF . -2.61 -34.23 31.94
C14 CLA BF . -3.80 -33.61 31.21
C15 CLA BF . -1.95 -33.09 32.69
C16 CLA BF . -1.99 -33.33 34.18
C17 CLA BF . -3.16 -32.64 34.84
C18 CLA BF . -2.70 -31.43 35.63
C19 CLA BF . -3.86 -30.45 35.76
C20 CLA BF . -2.15 -31.80 36.99
HHB CLA BF . 12.08 -37.10 29.25
HHC CLA BF . 13.39 -34.52 35.01
HHD CLA BF . 14.62 -40.41 37.23
H2A CLA BF . 13.37 -41.81 29.09
H3A CLA BF . 11.43 -39.58 28.57
HMA1 CLA BF . 13.47 -38.47 27.68
HMA2 CLA BF . 13.58 -40.22 27.29
HMA3 CLA BF . 14.54 -39.54 28.67
HAA1 CLA BF . 11.32 -42.98 29.85
HAA2 CLA BF . 10.99 -42.06 28.33
HBA1 CLA BF . 9.91 -40.22 29.66
HBA2 CLA BF . 10.32 -41.08 31.21
HMB1 CLA BF . 10.75 -33.81 30.34
HMB2 CLA BF . 10.79 -35.44 29.55
HMB3 CLA BF . 12.16 -34.26 29.30
HAB CLA BF . 12.11 -33.17 33.98
HBB1 CLA BF . 12.34 -32.31 31.00
HBB2 CLA BF . 12.06 -31.19 32.44
HMC1 CLA BF . 14.24 -35.39 38.65
HMC2 CLA BF . 13.10 -34.70 37.43
HMC3 CLA BF . 14.89 -34.48 37.22
HAC1 CLA BF . 14.07 -39.11 38.87
HAC2 CLA BF . 14.28 -37.40 39.36
HBC1 CLA BF . 16.40 -38.66 39.72
HBC2 CLA BF . 16.64 -37.44 38.40
HBC3 CLA BF . 16.42 -39.19 37.99
HMD1 CLA BF . 14.09 -44.23 36.41
HMD2 CLA BF . 13.61 -42.78 37.40
HMD3 CLA BF . 15.34 -43.01 36.91
HBD CLA BF . 12.27 -43.85 31.44
HED1 CLA BF . 17.58 -43.47 31.65
HED2 CLA BF . 16.68 -42.34 30.45
HED3 CLA BF . 16.77 -44.20 30.13
H11 CLA BF . 6.24 -42.53 31.16
H12 CLA BF . 6.37 -42.68 29.34
H2 CLA BF . 5.25 -40.23 30.91
H41 CLA BF . 4.04 -41.27 26.92
H42 CLA BF . 4.46 -42.65 28.00
H43 CLA BF . 5.77 -41.61 27.32
H51 CLA BF . 2.67 -40.09 28.35
H52 CLA BF . 3.98 -38.90 28.00
H61 CLA BF . 3.92 -37.98 30.18
H62 CLA BF . 3.31 -39.50 30.94
H71 CLA BF . 1.10 -39.20 30.02
H72 CLA BF . 1.66 -37.94 28.85
H8 CLA BF . 2.22 -36.43 30.91
H91 CLA BF . 1.20 -37.05 33.04
H92 CLA BF . 2.27 -38.42 32.51
H93 CLA BF . 0.48 -38.56 32.31
H101 CLA BF . -0.62 -37.37 30.21
H102 CLA BF . 0.30 -35.97 29.54
H111 CLA BF . 0.26 -34.89 31.84
H112 CLA BF . -0.75 -36.26 32.44
H121 CLA BF . -2.33 -35.77 30.45
H122 CLA BF . -1.38 -34.26 30.16
H13 CLA BF . -2.91 -35.02 32.70
H141 CLA BF . -4.50 -33.13 31.93
H142 CLA BF . -4.36 -34.39 30.64
H143 CLA BF . -3.45 -32.84 30.48
H151 CLA BF . -2.46 -32.12 32.45
H152 CLA BF . -0.87 -32.99 32.37
H161 CLA BF . -1.04 -32.95 34.64
H162 CLA BF . -2.05 -34.43 34.37
H171 CLA BF . -3.69 -33.36 35.53
H172 CLA BF . -3.92 -32.32 34.07
H18 CLA BF . -1.85 -30.94 35.08
H191 CLA BF . -3.57 -29.59 36.41
H192 CLA BF . -4.74 -30.96 36.21
H193 CLA BF . -4.15 -30.06 34.76
H201 CLA BF . -1.83 -30.89 37.55
H202 CLA BF . -1.27 -32.47 36.88
H203 CLA BF . -2.93 -32.33 37.60
MG CLA CF . 12.18 -35.18 25.06
CHA CLA CF . 14.18 -32.49 24.52
CHB CLA CF . 10.23 -33.24 27.09
CHC CLA CF . 10.67 -37.96 26.12
CHD CLA CF . 14.71 -37.24 23.59
NA CLA CF . 12.25 -33.21 25.71
C1A CLA CF . 13.06 -32.20 25.23
C2A CLA CF . 12.56 -30.82 25.63
C3A CLA CF . 11.48 -31.12 26.66
C4A CLA CF . 11.28 -32.63 26.46
CMA CLA CF . 11.90 -30.80 28.06
CAA CLA CF . 11.88 -30.14 24.45
CBA CLA CF . 11.60 -28.69 24.79
CGA CLA CF . 12.78 -27.96 24.28
O1A CLA CF . 13.56 -28.29 23.40
O2A CLA CF . 12.99 -26.80 24.93
NB CLA CF . 10.80 -35.50 26.40
C1B CLA CF . 9.99 -34.61 27.01
C2B CLA CF . 8.80 -35.29 27.64
C3B CLA CF . 8.95 -36.60 27.36
C4B CLA CF . 10.21 -36.77 26.58
CMB CLA CF . 7.75 -34.58 28.37
CAB CLA CF . 8.15 -37.73 27.70
CBB CLA CF . 7.97 -38.10 28.97
NC CLA CF . 12.62 -37.22 24.86
C1C CLA CF . 11.77 -38.17 25.26
C2C CLA CF . 12.21 -39.49 24.81
C3C CLA CF . 13.41 -39.30 24.12
C4C CLA CF . 13.63 -37.87 24.15
CMC CLA CF . 11.51 -40.74 25.11
CAC CLA CF . 14.31 -40.31 23.53
CBC CLA CF . 13.94 -40.82 22.18
ND CLA CF . 13.98 -34.99 24.25
C1D CLA CF . 14.90 -35.89 23.63
C2D CLA CF . 16.05 -35.15 23.09
C3D CLA CF . 15.84 -33.83 23.42
C4D CLA CF . 14.52 -33.80 24.14
CMD CLA CF . 17.16 -35.76 22.39
CAD CLA CF . 16.36 -32.48 23.40
OBD CLA CF . 17.41 -32.02 23.00
CBD CLA CF . 15.30 -31.59 24.08
CGD CLA CF . 15.89 -30.88 25.24
O1D CLA CF . 16.12 -29.69 25.38
O2D CLA CF . 16.14 -31.68 26.31
CED CLA CF . 16.80 -30.94 27.34
C1 CLA CF . 14.04 -25.97 24.38
C2 CLA CF . 15.22 -25.97 25.28
C3 CLA CF . 15.69 -24.84 25.87
C4 CLA CF . 14.99 -23.53 25.68
C5 CLA CF . 16.90 -24.84 26.77
C6 CLA CF . 18.23 -24.28 26.24
C7 CLA CF . 18.88 -25.11 25.15
C8 CLA CF . 19.17 -26.55 25.54
C9 CLA CF . 20.30 -26.65 26.55
C10 CLA CF . 19.51 -27.45 24.36
C11 CLA CF . 18.40 -27.45 23.34
C12 CLA CF . 18.40 -28.73 22.52
C13 CLA CF . 17.60 -28.52 21.21
C14 CLA CF . 16.10 -28.64 21.39
C15 CLA CF . 18.08 -29.41 20.07
C16 CLA CF . 17.53 -30.80 20.02
C17 CLA CF . 17.10 -31.17 18.60
C18 CLA CF . 17.18 -32.66 18.42
C19 CLA CF . 17.42 -32.97 16.98
C20 CLA CF . 15.92 -33.35 18.90
HHB CLA CF . 9.55 -32.63 27.70
HHC CLA CF . 10.12 -38.88 26.41
HHD CLA CF . 15.47 -37.86 23.07
H2A CLA CF . 13.44 -30.24 26.02
H3A CLA CF . 10.53 -30.56 26.44
HMA1 CLA CF . 11.08 -30.99 28.78
HMA2 CLA CF . 12.22 -29.74 28.14
HMA3 CLA CF . 12.78 -31.44 28.36
HAA1 CLA CF . 10.91 -30.66 24.21
HAA2 CLA CF . 12.53 -30.21 23.54
HBA1 CLA CF . 11.49 -28.54 25.89
HBA2 CLA CF . 10.67 -28.33 24.29
HMB1 CLA CF . 6.77 -35.13 28.27
HMB2 CLA CF . 7.62 -33.55 27.96
HMB3 CLA CF . 8.02 -34.51 29.45
HAB CLA CF . 7.69 -38.27 26.86
HBB1 CLA CF . 8.42 -37.55 29.79
HBB2 CLA CF . 7.35 -38.98 29.25
HMC1 CLA CF . 12.06 -41.62 24.68
HMC2 CLA CF . 10.48 -40.74 24.68
HMC3 CLA CF . 11.42 -40.89 26.21
HAC1 CLA CF . 14.38 -41.20 24.23
HAC2 CLA CF . 15.35 -39.88 23.47
HBC1 CLA CF . 14.63 -41.65 21.87
HBC2 CLA CF . 14.02 -40.00 21.43
HBC3 CLA CF . 12.89 -41.21 22.19
HMD1 CLA CF . 17.86 -34.98 22.00
HMD2 CLA CF . 16.81 -36.37 21.51
HMD3 CLA CF . 17.75 -36.44 23.06
HBD CLA CF . 14.94 -30.84 23.32
HED1 CLA CF . 17.06 -31.72 28.10
HED2 CLA CF . 16.04 -30.21 27.68
HED3 CLA CF . 17.69 -30.49 26.83
H11 CLA CF . 13.63 -24.93 24.25
H12 CLA CF . 14.31 -26.37 23.36
H2 CLA CF . 15.71 -26.94 25.45
H41 CLA CF . 15.47 -22.72 26.28
H42 CLA CF . 13.92 -23.60 25.99
H43 CLA CF . 15.01 -23.22 24.60
H51 CLA CF . 17.08 -25.90 27.09
H52 CLA CF . 16.63 -24.25 27.70
H61 CLA CF . 18.95 -24.19 27.10
H62 CLA CF . 18.06 -23.24 25.85
H71 CLA CF . 19.83 -24.62 24.85
H72 CLA CF . 18.20 -25.10 24.26
H8 CLA CF . 18.21 -26.94 26.01
H91 CLA CF . 20.67 -27.70 26.63
H92 CLA CF . 19.95 -26.31 27.55
H93 CLA CF . 21.15 -26.00 26.24
H101 CLA CF . 19.70 -28.50 24.72
H102 CLA CF . 20.46 -27.10 23.88
H111 CLA CF . 18.51 -26.57 22.67
H112 CLA CF . 17.41 -27.34 23.87
H121 CLA CF . 17.95 -29.57 23.11
H122 CLA CF . 19.45 -29.03 22.27
H13 CLA CF . 17.80 -27.45 20.91
H141 CLA CF . 15.62 -29.03 20.47
H142 CLA CF . 15.66 -27.64 21.62
H143 CLA CF . 15.86 -29.32 22.24
H151 CLA CF . 19.20 -29.49 20.13
H152 CLA CF . 17.84 -28.92 19.10
H161 CLA CF . 16.66 -30.90 20.71
H162 CLA CF . 18.32 -31.54 20.37
H171 CLA CF . 17.76 -30.67 17.85
H172 CLA CF . 16.05 -30.81 18.41
H18 CLA CF . 18.02 -33.08 19.06
H191 CLA CF . 17.39 -34.07 16.80
H192 CLA CF . 18.43 -32.58 16.68
H193 CLA CF . 16.65 -32.48 16.35
H201 CLA CF . 15.84 -34.36 18.45
H202 CLA CF . 15.02 -32.76 18.59
H203 CLA CF . 15.91 -33.44 20.01
MG CLA DF . 4.75 -31.19 11.68
CHA CLA DF . 4.54 -32.79 8.63
CHB CLA DF . 8.19 -31.09 11.28
CHC CLA DF . 5.07 -28.83 14.14
CHD CLA DF . 1.33 -30.72 11.62
NA CLA DF . 6.09 -31.76 10.17
C1A CLA DF . 5.80 -32.51 9.05
C2A CLA DF . 7.06 -32.96 8.31
C3A CLA DF . 8.20 -32.46 9.22
C4A CLA DF . 7.47 -31.68 10.30
CMA CLA DF . 9.02 -33.59 9.84
CAA CLA DF . 7.12 -32.30 6.94
CBA CLA DF . 6.78 -30.82 7.01
CGA CLA DF . 6.98 -30.19 5.68
O1A CLA DF . 7.60 -30.63 4.70
O2A CLA DF . 6.30 -28.99 5.62
NB CLA DF . 6.34 -30.13 12.53
C1B CLA DF . 7.66 -30.31 12.31
C2B CLA DF . 8.44 -29.51 13.30
C3B CLA DF . 7.54 -28.87 14.11
C4B CLA DF . 6.23 -29.29 13.64
CMB CLA DF . 9.89 -29.40 13.36
CAB CLA DF . 7.67 -27.99 15.24
CBB CLA DF . 8.66 -28.00 16.11
NC CLA DF . 3.52 -30.05 12.66
C1C CLA DF . 3.81 -29.17 13.65
C2C CLA DF . 2.62 -28.56 14.20
C3C CLA DF . 1.56 -29.05 13.43
C4C CLA DF . 2.12 -29.99 12.50
CMC CLA DF . 2.63 -27.58 15.28
CAC CLA DF . 0.12 -28.75 13.59
CBC CLA DF . -0.36 -27.65 12.69
ND CLA DF . 3.20 -31.60 10.43
C1D CLA DF . 1.81 -31.51 10.61
C2D CLA DF . 1.14 -32.31 9.56
C3D CLA DF . 2.14 -32.80 8.77
C4D CLA DF . 3.41 -32.35 9.37
CMD CLA DF . -0.28 -32.52 9.29
CAD CLA DF . 2.46 -33.63 7.65
OBD CLA DF . 1.72 -34.31 6.99
CBD CLA DF . 4.01 -33.61 7.50
CGD CLA DF . 4.45 -35.04 7.61
O1D CLA DF . 4.20 -35.81 8.52
O2D CLA DF . 5.13 -35.54 6.55
CED CLA DF . 5.29 -36.95 6.58
C1 CLA DF . 6.31 -28.28 4.38
C2 CLA DF . 5.57 -27.01 4.61
C3 CLA DF . 5.58 -26.04 3.69
C4 CLA DF . 6.37 -26.22 2.47
C5 CLA DF . 4.85 -24.72 3.81
C6 CLA DF . 3.81 -24.67 4.91
C7 CLA DF . 3.25 -23.27 5.04
C8 CLA DF . 2.73 -22.96 6.43
C9 CLA DF . 1.34 -23.48 6.65
C10 CLA DF . 2.70 -21.45 6.62
C11 CLA DF . 4.08 -20.93 6.98
C12 CLA DF . 4.12 -20.33 8.37
C13 CLA DF . 5.23 -19.27 8.49
C14 CLA DF . 6.56 -19.69 7.86
C15 CLA DF . 5.50 -18.80 9.93
C16 CLA DF . 5.84 -19.87 10.96
C17 CLA DF . 5.01 -19.68 12.21
C18 CLA DF . 5.71 -20.08 13.50
C19 CLA DF . 4.93 -19.52 14.67
C20 CLA DF . 5.71 -21.58 13.72
HHB CLA DF . 9.29 -31.22 11.26
HHC CLA DF . 5.10 -28.14 15.00
HHD CLA DF . 0.24 -30.67 11.75
H2A CLA DF . 7.07 -34.08 8.23
H3A CLA DF . 8.88 -31.77 8.64
HMA1 CLA DF . 9.73 -33.19 10.59
HMA2 CLA DF . 9.60 -34.12 9.06
HMA3 CLA DF . 8.35 -34.33 10.35
HAA1 CLA DF . 6.39 -32.82 6.25
HAA2 CLA DF . 8.14 -32.42 6.51
HBA1 CLA DF . 7.41 -30.31 7.77
HBA2 CLA DF . 5.70 -30.70 7.32
HMB1 CLA DF . 10.20 -28.38 13.71
HMB2 CLA DF . 10.33 -29.58 12.35
HMB3 CLA DF . 10.31 -30.16 14.08
HAB CLA DF . 6.86 -27.25 15.35
HBB1 CLA DF . 9.49 -28.73 16.02
HBB2 CLA DF . 8.72 -27.32 16.96
HMC1 CLA DF . 1.59 -27.29 15.57
HMC2 CLA DF . 3.18 -26.65 14.97
HMC3 CLA DF . 3.14 -28.00 16.19
HAC1 CLA DF . -0.09 -28.47 14.66
HAC2 CLA DF . -0.48 -29.67 13.38
HBC1 CLA DF . -1.47 -27.63 12.69
HBC2 CLA DF . 0.02 -27.83 11.65
HBC3 CLA DF . 0.03 -26.67 13.05
HMD1 CLA DF . -0.42 -33.17 8.39
HMD2 CLA DF . -0.80 -31.54 9.11
HMD3 CLA DF . -0.77 -33.02 10.16
HBD CLA DF . 4.34 -33.16 6.53
HED1 CLA DF . 5.93 -37.17 5.69
HED2 CLA DF . 4.25 -37.35 6.51
HED3 CLA DF . 5.79 -37.15 7.56
H11 CLA DF . 5.82 -28.92 3.60
H12 CLA DF . 7.38 -28.09 4.08
H2 CLA DF . 5.03 -26.92 5.56
H41 CLA DF . 6.22 -25.37 1.75
H42 CLA DF . 6.09 -27.15 1.93
H43 CLA DF . 7.47 -26.27 2.69
H51 CLA DF . 4.35 -24.51 2.83
H52 CLA DF . 5.61 -23.92 3.98
H61 CLA DF . 4.27 -24.98 5.89
H62 CLA DF . 2.97 -25.39 4.69
H71 CLA DF . 2.43 -23.15 4.29
H72 CLA DF . 4.06 -22.54 4.77
H8 CLA DF . 3.41 -23.47 7.17
H91 CLA DF . 0.90 -23.03 7.58
H92 CLA DF . 1.36 -24.59 6.76
H93 CLA DF . 0.69 -23.22 5.79
H101 CLA DF . 1.98 -21.18 7.43
H102 CLA DF . 2.35 -20.94 5.68
H111 CLA DF . 4.40 -20.17 6.23
H112 CLA DF . 4.82 -21.78 6.92
H121 CLA DF . 4.29 -21.14 9.12
H122 CLA DF . 3.12 -19.87 8.60
H13 CLA DF . 4.81 -18.40 7.90
H141 CLA DF . 7.27 -18.83 7.86
H142 CLA DF . 6.40 -20.01 6.81
H143 CLA DF . 7.01 -20.54 8.43
H151 CLA DF . 4.61 -18.25 10.32
H152 CLA DF . 6.36 -18.08 9.93
H161 CLA DF . 6.93 -19.82 11.22
H162 CLA DF . 5.65 -20.89 10.53
H171 CLA DF . 4.08 -20.30 12.12
H172 CLA DF . 4.69 -18.61 12.29
H18 CLA DF . 6.77 -19.70 13.44
H191 CLA DF . 5.50 -19.64 15.62
H192 CLA DF . 3.94 -20.04 14.78
H193 CLA DF . 4.72 -18.42 14.52
H201 CLA DF . 6.03 -21.83 14.76
H202 CLA DF . 6.42 -22.07 13.01
H203 CLA DF . 4.70 -22.00 13.54
MG CLA EF . 13.22 -29.60 13.83
CHA CLA EF . 12.93 -29.02 17.18
CHB CLA EF . 12.97 -26.30 13.19
CHC CLA EF . 12.75 -30.28 10.43
CHD CLA EF . 12.97 -33.01 14.46
NA CLA EF . 12.86 -27.96 15.00
C1A CLA EF . 12.93 -27.90 16.39
C2A CLA EF . 13.01 -26.46 16.88
C3A CLA EF . 12.85 -25.63 15.58
C4A CLA EF . 12.90 -26.69 14.50
CMA CLA EF . 11.56 -24.83 15.59
CAA CLA EF . 14.36 -26.18 17.54
CBA CLA EF . 15.52 -26.29 16.59
CGA CLA EF . 16.76 -26.20 17.40
O1A CLA EF . 17.41 -27.11 17.88
O2A CLA EF . 17.18 -24.92 17.54
NB CLA EF . 12.86 -28.51 12.13
C1B CLA EF . 12.96 -27.16 12.09
C2B CLA EF . 13.00 -26.68 10.70
C3B CLA EF . 12.94 -27.81 9.89
C4B CLA EF . 12.85 -28.98 10.81
CMB CLA EF . 13.09 -25.26 10.41
CAB CLA EF . 12.92 -28.00 8.45
CBB CLA EF . 13.27 -27.10 7.52
NC CLA EF . 12.91 -31.29 12.67
C1C CLA EF . 12.77 -31.39 11.32
C2C CLA EF . 12.62 -32.79 10.90
C3C CLA EF . 12.70 -33.56 12.03
C4C CLA EF . 12.88 -32.60 13.14
CMC CLA EF . 12.49 -33.28 9.54
CAC CLA EF . 12.62 -35.04 12.11
CBC CLA EF . 11.27 -35.52 12.61
ND CLA EF . 12.89 -30.82 15.41
C1D CLA EF . 12.97 -32.21 15.55
C2D CLA EF . 12.99 -32.57 16.97
C3D CLA EF . 12.91 -31.39 17.67
C4D CLA EF . 12.88 -30.34 16.63
CMD CLA EF . 13.04 -33.96 17.45
CAD CLA EF . 12.83 -30.71 18.95
OBD CLA EF . 12.64 -31.13 20.09
CBD CLA EF . 12.96 -29.20 18.66
CGD CLA EF . 11.80 -28.50 19.28
O1D CLA EF . 11.78 -27.61 20.13
O2D CLA EF . 10.63 -28.97 18.81
CED CLA EF . 9.50 -28.60 19.58
C1 CLA EF . 18.22 -24.66 18.51
C2 CLA EF . 17.57 -24.59 19.84
C3 CLA EF . 17.34 -23.42 20.45
C4 CLA EF . 17.79 -22.12 19.86
C5 CLA EF . 16.65 -23.35 21.75
C6 CLA EF . 15.37 -22.49 21.66
C7 CLA EF . 14.68 -22.71 20.33
C8 CLA EF . 13.26 -22.19 20.16
C9 CLA EF . 12.44 -23.17 19.40
C10 CLA EF . 13.18 -20.93 19.33
C11 CLA EF . 12.04 -20.10 19.81
C12 CLA EF . 12.23 -19.48 21.19
C13 CLA EF . 10.83 -19.09 21.69
C14 CLA EF . 10.26 -17.89 20.98
C15 CLA EF . 10.92 -18.87 23.19
C16 CLA EF . 10.34 -20.05 23.95
C17 CLA EF . 10.96 -21.35 23.54
C18 CLA EF . 10.27 -22.57 24.13
C19 CLA EF . 8.89 -22.73 23.51
C20 CLA EF . 10.20 -22.43 25.61
HHB CLA EF . 13.05 -25.22 12.98
HHC CLA EF . 12.64 -30.52 9.37
HHD CLA EF . 13.04 -34.10 14.64
H2A CLA EF . 12.16 -26.29 17.60
H3A CLA EF . 13.73 -24.93 15.42
HMA1 CLA EF . 11.49 -24.18 14.69
HMA2 CLA EF . 11.50 -24.18 16.49
HMA3 CLA EF . 10.67 -25.51 15.60
HAA1 CLA EF . 14.50 -26.88 18.39
HAA2 CLA EF . 14.33 -25.14 17.98
HBA1 CLA EF . 15.49 -25.46 15.83
HBA2 CLA EF . 15.49 -27.26 16.04
HMB1 CLA EF . 12.65 -25.04 9.40
HMB2 CLA EF . 14.16 -24.92 10.42
HMB3 CLA EF . 12.52 -24.67 11.18
HAB CLA EF . 12.58 -29.01 8.14
HBB1 CLA EF . 13.61 -26.08 7.79
HBB2 CLA EF . 13.25 -27.31 6.45
HMC1 CLA EF . 12.21 -34.37 9.54
HMC2 CLA EF . 13.44 -33.15 8.97
HMC3 CLA EF . 11.68 -32.73 9.00
HAC1 CLA EF . 13.42 -35.42 12.79
HAC2 CLA EF . 12.81 -35.49 11.09
HBC1 CLA EF . 11.13 -36.60 12.34
HBC2 CLA EF . 10.45 -34.92 12.14
HBC3 CLA EF . 11.22 -35.41 13.72
HMD1 CLA EF . 13.16 -33.99 18.57
HMD2 CLA EF . 13.89 -34.52 16.98
HMD3 CLA EF . 12.08 -34.50 17.20
HBD CLA EF . 13.93 -28.83 19.09
HED1 CLA EF . 8.71 -29.31 19.25
HED2 CLA EF . 9.32 -27.54 19.30
HED3 CLA EF . 9.84 -28.75 20.64
H11 CLA EF . 18.74 -23.70 18.24
H12 CLA EF . 18.97 -25.50 18.47
H2 CLA EF . 17.27 -25.54 20.29
H41 CLA EF . 17.53 -21.27 20.53
H42 CLA EF . 17.29 -21.95 18.87
H43 CLA EF . 18.88 -22.11 19.70
H51 CLA EF . 17.35 -22.93 22.53
H52 CLA EF . 16.39 -24.39 22.09
H61 CLA EF . 15.63 -21.41 21.78
H62 CLA EF . 14.67 -22.75 22.50
H71 CLA EF . 14.67 -23.83 20.13
H72 CLA EF . 15.33 -22.26 19.54
H8 CLA EF . 12.89 -22.01 21.21
H91 CLA EF . 11.46 -22.72 19.12
H92 CLA EF . 12.26 -24.09 20.01
H93 CLA EF . 12.98 -23.47 18.46
H101 CLA EF . 13.04 -21.20 18.25
H102 CLA EF . 14.13 -20.36 19.41
H111 CLA EF . 11.11 -20.73 19.82
H112 CLA EF . 11.87 -19.28 19.06
H121 CLA EF . 12.90 -18.59 21.13
H122 CLA EF . 12.72 -20.21 21.88
H13 CLA EF . 10.11 -19.93 21.45
H141 CLA EF . 9.18 -17.78 21.23
H142 CLA EF . 10.37 -17.99 19.88
H143 CLA EF . 10.79 -16.96 21.30
H151 CLA EF . 10.36 -17.94 23.48
H152 CLA EF . 11.98 -18.72 23.51
H161 CLA EF . 9.24 -20.10 23.79
H162 CLA EF . 10.50 -19.90 25.06
H171 CLA EF . 12.04 -21.37 23.86
H172 CLA EF . 10.94 -21.43 22.43
H18 CLA EF . 10.85 -23.50 23.91
H191 CLA EF . 8.31 -23.52 24.05
H192 CLA EF . 9.00 -23.04 22.43
H193 CLA EF . 8.33 -21.78 23.55
H201 CLA EF . 9.90 -23.40 26.08
H202 CLA EF . 9.45 -21.65 25.90
H203 CLA EF . 11.19 -22.12 26.03
MG CLA FF . 9.57 -21.14 13.86
CHA CLA FF . 9.25 -22.41 10.60
CHB CLA FF . 8.42 -23.94 15.05
CHC CLA FF . 9.16 -19.48 16.85
CHD CLA FF . 10.06 -17.90 12.39
NA CLA FF . 8.85 -22.82 12.93
C1A CLA FF . 8.93 -23.26 11.61
C2A CLA FF . 8.57 -24.73 11.46
C3A CLA FF . 8.13 -25.10 12.89
C4A CLA FF . 8.47 -23.87 13.71
CMA CLA FF . 6.63 -25.37 12.93
CAA CLA FF . 9.63 -25.65 10.92
CBA CLA FF . 9.19 -27.10 10.79
CGA CLA FF . 8.34 -27.44 9.59
O1A CLA FF . 8.67 -27.90 8.49
O2A CLA FF . 7.04 -27.19 9.87
NB CLA FF . 8.94 -21.59 15.57
C1B CLA FF . 8.64 -22.86 15.91
C2B CLA FF . 8.38 -22.93 17.35
C3B CLA FF . 8.60 -21.68 17.87
C4B CLA FF . 8.93 -20.79 16.75
CMB CLA FF . 7.98 -24.17 18.00
CAB CLA FF . 8.51 -21.13 19.21
CBB CLA FF . 8.28 -21.81 20.33
NC CLA FF . 9.69 -19.12 14.50
C1C CLA FF . 9.56 -18.68 15.77
C2C CLA FF . 9.75 -17.25 15.93
C3C CLA FF . 9.97 -16.77 14.63
C4C CLA FF . 9.93 -17.96 13.76
CMC CLA FF . 9.66 -16.53 17.21
CAC CLA FF . 10.21 -15.38 14.20
CBC CLA FF . 8.94 -14.57 14.03
ND CLA FF . 9.63 -20.28 11.98
C1D CLA FF . 9.89 -18.97 11.55
C2D CLA FF . 9.98 -18.94 10.09
C3D CLA FF . 9.80 -20.24 9.67
C4D CLA FF . 9.53 -21.03 10.88
CMD CLA FF . 10.23 -17.70 9.34
CAD CLA FF . 9.62 -21.15 8.55
OBD CLA FF . 9.55 -20.87 7.35
CBD CLA FF . 9.35 -22.58 9.11
CGD CLA FF . 8.12 -23.15 8.45
O1D CLA FF . 6.93 -23.11 8.80
O2D CLA FF . 8.44 -23.78 7.31
CED CLA FF . 7.46 -24.32 6.45
C1 CLA FF . 6.03 -27.56 8.88
C2 CLA FF . 5.02 -26.50 8.98
C3 CLA FF . 3.99 -26.55 9.81
C4 CLA FF . 3.73 -27.70 10.71
C5 CLA FF . 3.05 -25.41 9.83
C6 CLA FF . 2.91 -24.73 11.18
C7 CLA FF . 1.83 -23.68 11.06
C8 CLA FF . 1.85 -22.62 12.15
C9 CLA FF . 2.18 -23.20 13.51
C10 CLA FF . 0.51 -21.94 12.23
C11 CLA FF . 0.19 -21.31 10.89
C12 CLA FF . -0.54 -19.99 11.03
C13 CLA FF . -1.40 -19.66 9.81
C14 CLA FF . -2.39 -20.77 9.49
C15 CLA FF . -0.56 -19.35 8.59
C16 CLA FF . -0.09 -17.92 8.65
C17 CLA FF . -1.15 -16.98 8.09
C18 CLA FF . -0.63 -15.56 7.97
C19 CLA FF . 0.67 -15.48 7.18
C20 CLA FF . -1.69 -14.67 7.34
HHB CLA FF . 8.17 -24.90 15.53
HHC CLA FF . 9.05 -18.97 17.82
HHD CLA FF . 10.31 -16.92 11.94
H2A CLA FF . 7.73 -24.76 10.70
H3A CLA FF . 8.73 -25.97 13.27
HMA1 CLA FF . 6.30 -25.64 13.97
HMA2 CLA FF . 6.35 -26.21 12.26
HMA3 CLA FF . 6.05 -24.47 12.62
HAA1 CLA FF . 10.52 -25.60 11.60
HAA2 CLA FF . 9.96 -25.28 9.91
HBA1 CLA FF . 8.62 -27.37 11.71
HBA2 CLA FF . 10.11 -27.74 10.74
HMB1 CLA FF . 7.17 -23.98 18.75
HMB2 CLA FF . 8.85 -24.63 18.54
HMB3 CLA FF . 7.60 -24.91 17.25
HAB CLA FF . 8.67 -20.04 19.26
HBB1 CLA FF . 8.10 -22.89 20.35
HBB2 CLA FF . 8.23 -21.31 21.31
HMC1 CLA FF . 9.63 -15.43 17.05
HMC2 CLA FF . 10.55 -16.76 17.85
HMC3 CLA FF . 8.74 -16.83 17.76
HAC1 CLA FF . 10.77 -15.38 13.23
HAC2 CLA FF . 10.87 -14.87 14.95
HBC1 CLA FF . 9.20 -13.49 13.88
HBC2 CLA FF . 8.31 -14.67 14.94
HBC3 CLA FF . 8.38 -14.93 13.14
HMD1 CLA FF . 9.72 -17.74 8.34
HMD2 CLA FF . 11.33 -17.57 9.18
HMD3 CLA FF . 9.85 -16.81 9.90
HBD CLA FF . 10.18 -23.30 8.88
HED1 CLA FF . 8.02 -25.08 5.84
HED2 CLA FF . 7.07 -23.44 5.87
HED3 CLA FF . 6.71 -24.77 7.14
H11 CLA FF . 5.61 -28.57 9.12
H12 CLA FF . 6.50 -27.60 7.86
H2 CLA FF . 5.16 -25.63 8.31
H41 CLA FF . 2.79 -27.55 11.30
H42 CLA FF . 4.57 -27.85 11.43
H43 CLA FF . 3.61 -28.65 10.13
H51 CLA FF . 2.04 -25.78 9.50
H52 CLA FF . 3.39 -24.66 9.07
H61 CLA FF . 3.88 -24.26 11.48
H62 CLA FF . 2.65 -25.47 11.97
H71 CLA FF . 0.83 -24.20 11.07
H72 CLA FF . 1.92 -23.18 10.06
H8 CLA FF . 2.67 -21.88 11.88
H91 CLA FF . 2.14 -22.40 14.30
H92 CLA FF . 3.20 -23.64 13.51
H93 CLA FF . 1.44 -23.99 13.78
H101 CLA FF . 0.52 -21.14 13.03
H102 CLA FF . -0.29 -22.67 12.51
H111 CLA FF . -0.44 -22.03 10.29
H112 CLA FF . 1.14 -21.15 10.32
H121 CLA FF . 0.22 -19.17 11.19
H122 CLA FF . -1.18 -20.02 11.96
H13 CLA FF . -2.00 -18.74 10.09
H141 CLA FF . -3.31 -20.35 9.03
H142 CLA FF . -2.67 -21.32 10.41
H143 CLA FF . -1.94 -21.49 8.77
H151 CLA FF . -1.15 -19.51 7.65
H152 CLA FF . 0.33 -20.03 8.54
H161 CLA FF . 0.85 -17.80 8.07
H162 CLA FF . 0.14 -17.64 9.71
H171 CLA FF . -2.04 -16.99 8.77
H172 CLA FF . -1.48 -17.35 7.09
H18 CLA FF . -0.41 -15.18 9.00
H191 CLA FF . 0.82 -14.45 6.78
H192 CLA FF . 0.64 -16.20 6.32
H193 CLA FF . 1.53 -15.75 7.83
H201 CLA FF . -1.38 -13.60 7.37
H202 CLA FF . -2.65 -14.76 7.89
H203 CLA FF . -1.86 -14.96 6.28
MG CLA GF . 11.93 -25.55 3.04
CHA CLA GF . 13.13 -27.52 0.52
CHB CLA GF . 14.85 -25.70 4.64
CHC CLA GF . 10.96 -22.84 4.98
CHD CLA GF . 9.17 -24.79 0.85
NA CLA GF . 13.60 -26.55 2.69
C1A CLA GF . 13.96 -27.31 1.57
C2A CLA GF . 15.38 -27.84 1.69
C3A CLA GF . 15.74 -27.51 3.18
C4A CLA GF . 14.67 -26.51 3.55
CMA CLA GF . 15.71 -28.70 4.11
CAA CLA GF . 16.32 -27.20 0.67
CBA CLA GF . 16.22 -25.68 0.55
CGA CLA GF . 15.21 -25.19 -0.45
O1A CLA GF . 15.06 -25.51 -1.63
O2A CLA GF . 14.37 -24.23 0.06
NB CLA GF . 12.77 -24.45 4.53
C1B CLA GF . 13.93 -24.74 5.10
C2B CLA GF . 14.18 -23.89 6.29
C3B CLA GF . 13.08 -23.07 6.40
C4B CLA GF . 12.16 -23.43 5.28
CMB CLA GF . 15.43 -24.02 7.04
CAB CLA GF . 12.72 -22.04 7.36
CBB CLA GF . 12.97 -22.11 8.66
NC CLA GF . 10.34 -24.15 2.94
C1C CLA GF . 10.11 -23.17 3.89
C2C CLA GF . 8.90 -22.43 3.59
C3C CLA GF . 8.43 -22.94 2.39
C4C CLA GF . 9.33 -24.03 2.01
CMC CLA GF . 8.37 -21.31 4.35
CAC CLA GF . 7.25 -22.45 1.63
CBC CLA GF . 7.69 -21.48 0.55
ND CLA GF . 11.15 -26.09 1.16
C1D CLA GF . 9.99 -25.79 0.44
C2D CLA GF . 9.97 -26.58 -0.80
C3D CLA GF . 11.17 -27.27 -0.83
C4D CLA GF . 11.86 -26.90 0.40
CMD CLA GF . 8.91 -26.62 -1.83
CAD CLA GF . 12.06 -28.12 -1.59
OBD CLA GF . 12.06 -28.56 -2.74
CBD CLA GF . 13.31 -28.34 -0.71
CGD CLA GF . 13.52 -29.81 -0.53
O1D CLA GF . 14.53 -30.36 -0.09
O2D CLA GF . 12.47 -30.57 -0.93
CED CLA GF . 12.69 -31.96 -0.82
C1 CLA GF . 13.33 -23.75 -0.81
C2 CLA GF . 12.46 -22.88 0.05
C3 CLA GF . 12.70 -21.58 0.19
C4 CLA GF . 13.86 -20.98 -0.48
C5 CLA GF . 11.86 -20.69 1.02
C6 CLA GF . 11.70 -19.27 0.47
C7 CLA GF . 12.05 -18.22 1.50
C8 CLA GF . 10.89 -17.29 1.85
C9 CLA GF . 9.57 -18.04 2.07
C10 CLA GF . 10.72 -16.26 0.74
C11 CLA GF . 9.56 -15.32 1.00
C12 CLA GF . 10.00 -13.88 0.75
C13 CLA GF . 9.00 -12.84 1.21
C14 CLA GF . 8.39 -12.10 0.02
C15 CLA GF . 9.68 -11.86 2.17
C16 CLA GF . 8.69 -11.14 3.06
C17 CLA GF . 7.99 -10.01 2.34
C18 CLA GF . 7.56 -8.92 3.28
C19 CLA GF . 6.38 -8.14 2.75
C20 CLA GF . 8.73 -7.98 3.55
HHB CLA GF . 15.78 -25.79 5.21
HHC CLA GF . 10.59 -22.02 5.64
HHD CLA GF . 8.30 -24.55 0.21
H2A CLA GF . 15.38 -28.96 1.51
H3A CLA GF . 16.76 -27.05 3.20
HMA1 CLA GF . 15.77 -28.35 5.18
HMA2 CLA GF . 16.57 -29.37 3.92
HMA3 CLA GF . 14.78 -29.28 3.99
HAA1 CLA GF . 16.11 -27.64 -0.34
HAA2 CLA GF . 17.37 -27.47 0.93
HBA1 CLA GF . 17.23 -25.28 0.26
HBA2 CLA GF . 15.97 -25.26 1.55
HMB1 CLA GF . 15.39 -23.38 7.96
HMB2 CLA GF . 16.30 -23.70 6.41
HMB3 CLA GF . 15.59 -25.08 7.34
HAB CLA GF . 12.22 -21.17 6.92
HBB1 CLA GF . 13.49 -22.96 9.10
HBB2 CLA GF . 12.68 -21.31 9.35
HMC1 CLA GF . 7.47 -20.87 3.84
HMC2 CLA GF . 9.12 -20.50 4.46
HMC3 CLA GF . 8.05 -21.64 5.37
HAC1 CLA GF . 6.52 -21.94 2.31
HAC2 CLA GF . 6.70 -23.32 1.16
HBC1 CLA GF . 6.82 -21.20 -0.10
HBC2 CLA GF . 8.47 -21.97 -0.10
HBC3 CLA GF . 8.13 -20.57 1.01
HMD1 CLA GF . 9.11 -27.43 -2.58
HMD2 CLA GF . 8.86 -25.64 -2.38
HMD3 CLA GF . 7.91 -26.81 -1.37
HBD CLA GF . 14.25 -27.94 -1.22
HED1 CLA GF . 11.80 -32.42 -1.30
HED2 CLA GF . 12.78 -32.14 0.28
HED3 CLA GF . 13.65 -32.12 -1.39
H11 CLA GF . 12.78 -24.62 -1.23
H12 CLA GF . 13.81 -23.17 -1.65
H2 CLA GF . 11.63 -23.38 0.55
H41 CLA GF . 14.18 -20.03 0.03
H42 CLA GF . 13.64 -20.74 -1.54
H43 CLA GF . 14.74 -21.67 -0.46
H51 CLA GF . 12.30 -20.62 2.05
H52 CLA GF . 10.84 -21.15 1.13
H61 CLA GF . 10.64 -19.13 0.12
H62 CLA GF . 12.36 -19.15 -0.43
H71 CLA GF . 12.91 -17.62 1.10
H72 CLA GF . 12.40 -18.74 2.42
H8 CLA GF . 11.12 -16.77 2.82
H91 CLA GF . 8.99 -17.56 2.89
H92 CLA GF . 9.78 -19.10 2.35
H93 CLA GF . 8.96 -18.03 1.14
H101 CLA GF . 10.56 -16.78 -0.23
H102 CLA GF . 11.67 -15.66 0.65
H111 CLA GF . 9.20 -15.44 2.04
H112 CLA GF . 8.71 -15.58 0.32
H121 CLA GF . 10.20 -13.76 -0.35
H122 CLA GF . 10.98 -13.72 1.28
H13 CLA GF . 8.14 -13.34 1.75
H141 CLA GF . 7.34 -11.80 0.23
H142 CLA GF . 8.39 -12.76 -0.88
H143 CLA GF . 8.98 -11.19 -0.22
H151 CLA GF . 10.26 -11.09 1.59
H152 CLA GF . 10.41 -12.41 2.82
H161 CLA GF . 9.21 -10.73 3.96
H162 CLA GF . 7.91 -11.87 3.43
H171 CLA GF . 7.09 -10.41 1.80
H172 CLA GF . 8.67 -9.58 1.56
H18 CLA GF . 7.25 -9.38 4.27
H191 CLA GF . 6.21 -7.22 3.36
H192 CLA GF . 5.45 -8.77 2.80
H193 CLA GF . 6.55 -7.85 1.69
H201 CLA GF . 8.46 -7.20 4.28
H202 CLA GF . 9.05 -7.48 2.60
H203 CLA GF . 9.61 -8.55 3.95
MG CLA HF . 23.74 -31.05 20.89
CHA CLA HF . 21.76 -28.92 19.01
CHB CLA HF . 25.03 -28.19 22.50
CHC CLA HF . 26.39 -32.90 22.05
CHD CLA HF . 23.22 -33.56 18.37
NA CLA HF . 23.40 -28.85 20.77
C1A CLA HF . 22.42 -28.25 20.00
C2A CLA HF . 22.32 -26.75 20.33
C3A CLA HF . 23.34 -26.56 21.49
C4A CLA HF . 23.97 -27.95 21.63
CMA CLA HF . 24.34 -25.50 21.13
CAA CLA HF . 20.92 -26.40 20.80
CBA CLA HF . 20.79 -25.05 21.47
CGA CLA HF . 21.20 -23.95 20.54
O1A CLA HF . 21.49 -24.06 19.37
O2A CLA HF . 21.26 -22.72 21.15
NB CLA HF . 25.44 -30.63 22.06
C1B CLA HF . 25.69 -29.44 22.69
C2B CLA HF . 26.80 -29.64 23.66
C3B CLA HF . 27.19 -30.95 23.56
C4B CLA HF . 26.32 -31.62 22.55
CMB CLA HF . 27.35 -28.56 24.46
CAB CLA HF . 28.21 -31.62 24.33
CBB CLA HF . 29.09 -32.47 23.88
NC CLA HF . 24.52 -32.85 20.34
C1C CLA HF . 25.56 -33.44 21.02
C2C CLA HF . 25.82 -34.77 20.50
C3C CLA HF . 24.97 -34.94 19.41
C4C CLA HF . 24.18 -33.75 19.34
CMC CLA HF . 26.86 -35.66 20.97
CAC CLA HF . 24.87 -36.10 18.54
CBC CLA HF . 25.82 -36.01 17.37
ND CLA HF . 22.68 -31.32 19.20
C1D CLA HF . 22.49 -32.41 18.32
C2D CLA HF . 21.51 -32.06 17.29
C3D CLA HF . 21.21 -30.74 17.53
C4D CLA HF . 21.99 -30.29 18.69
CMD CLA HF . 21.04 -32.98 16.26
CAD CLA HF . 20.45 -29.61 17.03
OBD CLA HF . 19.74 -29.56 16.04
CBD CLA HF . 20.78 -28.41 17.97
CGD CLA HF . 21.34 -27.25 17.22
O1D CLA HF . 22.53 -27.13 16.96
O2D CLA HF . 20.42 -26.31 16.83
CED CLA HF . 20.93 -25.14 16.19
C1 CLA HF . 21.47 -21.51 20.39
C2 CLA HF . 22.89 -21.46 19.99
C3 CLA HF . 23.76 -20.49 20.30
C4 CLA HF . 23.42 -19.30 21.10
C5 CLA HF . 25.17 -20.60 19.83
C6 CLA HF . 26.03 -21.24 20.89
C7 CLA HF . 27.46 -21.12 20.43
C8 CLA HF . 28.10 -22.44 20.12
C9 CLA HF . 28.08 -23.34 21.33
C10 CLA HF . 29.51 -22.12 19.65
C11 CLA HF . 30.01 -23.04 18.56
C12 CLA HF . 30.82 -24.15 19.20
C13 CLA HF . 31.52 -25.10 18.23
C14 CLA HF . 32.47 -24.26 17.39
C15 CLA HF . 30.61 -25.89 17.30
C16 CLA HF . 30.33 -27.31 17.78
C17 CLA HF . 29.60 -27.27 19.12
C18 CLA HF . 28.55 -28.36 19.31
C19 CLA HF . 27.35 -27.77 20.03
C20 CLA HF . 29.11 -29.48 20.15
HHB CLA HF . 25.41 -27.35 23.09
HHC CLA HF . 27.16 -33.58 22.47
HHD CLA HF . 23.04 -34.35 17.61
H2A CLA HF . 22.59 -26.16 19.41
H3A CLA HF . 22.84 -26.32 22.46
HMA1 CLA HF . 25.24 -25.57 21.80
HMA2 CLA HF . 23.89 -24.48 21.25
HMA3 CLA HF . 24.68 -25.62 20.07
HAA1 CLA HF . 20.56 -27.20 21.51
HAA2 CLA HF . 20.23 -26.42 19.92
HBA1 CLA HF . 21.44 -25.02 22.38
HBA2 CLA HF . 19.73 -24.88 21.79
HMB1 CLA HF . 27.73 -28.96 25.44
HMB2 CLA HF . 26.56 -27.80 24.68
HMB3 CLA HF . 28.20 -28.06 23.93
HAB CLA HF . 28.21 -31.34 25.40
HBB1 CLA HF . 29.14 -32.75 22.82
HBB2 CLA HF . 29.85 -32.93 24.53
HMC1 CLA HF . 26.82 -36.63 20.42
HMC2 CLA HF . 26.72 -35.87 22.06
HMC3 CLA HF . 27.87 -35.21 20.82
HAC1 CLA HF . 23.83 -36.21 18.16
HAC2 CLA HF . 25.10 -37.05 19.12
HBC1 CLA HF . 26.05 -37.03 16.98
HBC2 CLA HF . 26.77 -35.53 17.68
HBC3 CLA HF . 25.35 -35.40 16.55
HMD1 CLA HF . 20.34 -32.45 15.56
HMD2 CLA HF . 20.49 -33.84 16.71
HMD3 CLA HF . 21.90 -33.38 15.67
HBD CLA HF . 19.82 -28.08 18.45
HED1 CLA HF . 20.14 -24.36 16.35
HED2 CLA HF . 21.07 -25.44 15.12
HED3 CLA HF . 21.88 -24.94 16.74
H11 CLA HF . 21.19 -20.63 21.05
H12 CLA HF . 20.79 -21.52 19.50
H2 CLA HF . 23.21 -22.33 19.39
H41 CLA HF . 24.31 -18.62 21.20
H42 CLA HF . 23.08 -19.57 22.13
H43 CLA HF . 22.60 -18.71 20.63
H51 CLA HF . 25.56 -19.58 19.58
H52 CLA HF . 25.19 -21.21 18.89
H61 CLA HF . 25.75 -22.32 21.03
H62 CLA HF . 25.89 -20.73 21.88
H71 CLA HF . 28.04 -20.60 21.24
H72 CLA HF . 27.49 -20.46 19.53
H8 CLA HF . 27.56 -23.02 19.32
H91 CLA HF . 29.07 -23.86 21.46
H92 CLA HF . 27.28 -24.11 21.25
H93 CLA HF . 27.90 -22.73 22.26
H101 CLA HF . 30.22 -22.17 20.52
H102 CLA HF . 29.54 -21.06 19.27
H111 CLA HF . 30.64 -22.47 17.82
H112 CLA HF . 29.14 -23.47 17.99
H121 CLA HF . 30.15 -24.75 19.86
H122 CLA HF . 31.60 -23.68 19.86
H13 CLA HF . 32.04 -25.88 18.84
H141 CLA HF . 33.37 -24.84 17.11
H142 CLA HF . 32.80 -23.36 17.96
H143 CLA HF . 31.96 -23.91 16.45
H151 CLA HF . 31.07 -25.95 16.28
H152 CLA HF . 29.62 -25.36 17.18
H161 CLA HF . 31.30 -27.87 17.89
H162 CLA HF . 29.71 -27.86 17.03
H171 CLA HF . 29.10 -26.27 19.23
H172 CLA HF . 30.36 -27.36 19.94
H18 CLA HF . 28.25 -28.77 18.31
H191 CLA HF . 26.61 -28.56 20.28
H192 CLA HF . 26.84 -27.01 19.38
H193 CLA HF . 27.66 -27.27 20.97
H201 CLA HF . 28.35 -30.29 20.29
H202 CLA HF . 29.41 -29.12 21.16
H203 CLA HF . 30.01 -29.93 19.66
MG CLA IF . 29.05 -27.36 14.29
CHA CLA IF . 32.25 -27.46 13.07
CHB CLA IF . 29.22 -23.86 14.35
CHC CLA IF . 26.25 -27.17 16.35
CHD CLA IF . 29.23 -30.78 15.07
NA CLA IF . 30.48 -25.93 13.79
C1A CLA IF . 31.69 -26.22 13.13
C2A CLA IF . 32.31 -24.97 12.54
C3A CLA IF . 31.37 -23.86 13.01
C4A CLA IF . 30.24 -24.59 13.75
CMA CLA IF . 32.10 -22.96 13.98
CAA CLA IF . 32.38 -25.07 11.03
CBA CLA IF . 33.03 -23.83 10.43
CGA CLA IF . 34.48 -23.75 10.74
O1A CLA IF . 35.21 -24.63 11.20
O2A CLA IF . 34.99 -22.51 10.47
NB CLA IF . 27.92 -25.82 15.10
C1B CLA IF . 28.19 -24.47 15.06
C2B CLA IF . 27.20 -23.74 15.89
C3B CLA IF . 26.38 -24.69 16.43
C4B CLA IF . 26.82 -26.01 15.94
CMB CLA IF . 27.21 -22.31 16.02
CAB CLA IF . 25.28 -24.62 17.33
CBB CLA IF . 24.46 -23.61 17.42
NC CLA IF . 27.94 -28.69 15.43
C1C CLA IF . 26.76 -28.43 16.09
C2C CLA IF . 26.14 -29.64 16.62
C3C CLA IF . 27.02 -30.66 16.30
C4C CLA IF . 28.12 -30.07 15.54
CMC CLA IF . 24.90 -29.73 17.42
CAC CLA IF . 26.89 -32.07 16.61
CBC CLA IF . 27.61 -32.36 17.92
ND CLA IF . 30.38 -28.82 14.19
C1D CLA IF . 30.31 -30.20 14.45
C2D CLA IF . 31.54 -30.85 14.00
C3D CLA IF . 32.34 -29.85 13.48
C4D CLA IF . 31.56 -28.60 13.61
CMD CLA IF . 31.85 -32.26 14.16
CAD CLA IF . 33.61 -29.51 12.89
OBD CLA IF . 34.60 -30.21 12.74
CBD CLA IF . 33.58 -27.99 12.57
CGD CLA IF . 34.78 -27.37 13.24
O1D CLA IF . 35.83 -26.94 12.80
O2D CLA IF . 34.70 -27.32 14.58
CED CLA IF . 34.56 -26.02 15.09
C1 CLA IF . 36.17 -22.03 11.16
C2 CLA IF . 36.01 -22.26 12.63
C3 CLA IF . 36.15 -21.29 13.56
C4 CLA IF . 36.47 -19.88 13.19
C5 CLA IF . 35.97 -21.60 15.03
C6 CLA IF . 35.10 -20.62 15.83
C7 CLA IF . 34.79 -21.16 17.22
C8 CLA IF . 33.49 -20.59 17.85
C9 CLA IF . 33.39 -19.10 17.64
C10 CLA IF . 33.38 -20.99 19.32
C11 CLA IF . 33.63 -19.87 20.32
C12 CLA IF . 33.95 -20.39 21.71
C13 CLA IF . 32.73 -20.61 22.61
C14 CLA IF . 31.90 -19.34 22.75
C15 CLA IF . 33.17 -21.11 23.98
HHB CLA IF . 29.21 -22.76 14.28
HHC CLA IF . 25.31 -27.13 16.93
HHD CLA IF . 29.23 -31.88 15.20
H2A CLA IF . 33.35 -24.84 12.96
H3A CLA IF . 30.94 -23.31 12.13
HMA1 CLA IF . 31.40 -22.54 14.74
HMA2 CLA IF . 32.58 -22.11 13.45
HMA3 CLA IF . 32.91 -23.52 14.52
HAA1 CLA IF . 31.35 -25.20 10.62
HAA2 CLA IF . 32.98 -25.97 10.74
HBA1 CLA IF . 32.51 -22.92 10.83
HBA2 CLA IF . 32.89 -23.85 9.32
HMB1 CLA IF . 26.70 -22.01 16.97
HMB2 CLA IF . 26.68 -21.83 15.16
HMB3 CLA IF . 28.26 -21.93 16.06
HAB CLA IF . 25.17 -25.51 17.98
HBB1 CLA IF . 24.54 -22.72 16.77
HBB2 CLA IF . 23.63 -23.61 18.13
HMC1 CLA IF . 24.68 -30.78 17.71
HMC2 CLA IF . 24.03 -29.34 16.82
HMC3 CLA IF . 24.99 -29.11 18.35
HAC1 CLA IF . 27.32 -32.70 15.80
HAC2 CLA IF . 25.80 -32.35 16.72
HBC1 CLA IF . 27.60 -33.46 18.14
HBC2 CLA IF . 27.11 -31.82 18.77
HBC3 CLA IF . 28.67 -32.02 17.85
HMD1 CLA IF . 32.92 -32.46 13.93
HMD2 CLA IF . 31.22 -32.89 13.49
HMD3 CLA IF . 31.66 -32.58 15.23
HBD CLA IF . 33.63 -27.77 11.47
HED1 CLA IF . 34.99 -26.08 16.12
HED2 CLA IF . 33.46 -25.83 15.07
HED3 CLA IF . 35.15 -25.39 14.38
H11 CLA IF . 36.30 -20.94 10.93
H12 CLA IF . 37.06 -22.60 10.76
H2 CLA IF . 35.78 -23.30 12.91
H41 CLA IF . 36.74 -19.27 14.09
H42 CLA IF . 35.60 -19.38 12.69
H43 CLA IF . 37.34 -19.83 12.49
H51 CLA IF . 36.99 -21.65 15.49
H52 CLA IF . 35.52 -22.63 15.10
H61 CLA IF . 34.15 -20.44 15.28
H62 CLA IF . 35.63 -19.65 15.92
H71 CLA IF . 35.65 -20.93 17.90
H72 CLA IF . 34.71 -22.28 17.16
H8 CLA IF . 32.62 -21.06 17.31
H91 CLA IF . 32.52 -18.69 18.22
H92 CLA IF . 33.22 -18.86 16.56
H93 CLA IF . 34.32 -18.59 17.98
H101 CLA IF . 34.10 -21.81 19.54
H102 CLA IF . 32.35 -21.39 19.51
H111 CLA IF . 32.73 -19.20 20.37
H112 CLA IF . 34.48 -19.23 19.95
H121 CLA IF . 34.65 -19.67 22.21
H122 CLA IF . 34.50 -21.36 21.60
H13 CLA IF . 32.07 -21.38 22.12
H141 CLA IF . 31.34 -19.34 23.72
H142 CLA IF . 31.17 -19.25 21.92
H143 CLA IF . 32.56 -18.44 22.73
C1 BCR JF . 2.57 -6.48 8.03
C2 BCR JF . 1.15 -5.95 7.78
C3 BCR JF . 0.92 -5.35 6.41
C4 BCR JF . 1.50 -6.20 5.32
C5 BCR JF . 2.92 -6.52 5.61
C6 BCR JF . 3.42 -6.66 6.84
C7 BCR JF . 4.82 -7.00 7.05
C8 BCR JF . 5.26 -8.26 7.01
C9 BCR JF . 6.66 -8.64 6.90
C10 BCR JF . 6.96 -9.95 6.76
C11 BCR JF . 8.30 -10.49 6.71
C33 BCR JF . 3.77 -6.68 4.42
C31 BCR JF . 2.36 -7.80 8.74
C32 BCR JF . 3.30 -5.53 8.96
C34 BCR JF . 7.71 -7.64 7.24
C12 BCR JF . 8.49 -11.81 6.69
C13 BCR JF . 9.77 -12.46 6.60
C14 BCR JF . 9.80 -13.78 6.35
C15 BCR JF . 10.99 -14.52 6.09
C16 BCR JF . 10.97 -15.85 6.06
C17 BCR JF . 12.20 -16.53 5.76
C18 BCR JF . 12.33 -17.80 5.36
C19 BCR JF . 13.68 -18.35 5.29
C20 BCR JF . 14.00 -19.50 4.67
C21 BCR JF . 15.39 -19.89 4.57
C22 BCR JF . 15.87 -20.99 3.94
C23 BCR JF . 17.31 -21.24 3.99
C24 BCR JF . 17.88 -22.28 3.38
C25 BCR JF . 19.31 -22.58 3.35
C26 BCR JF . 20.20 -21.68 2.94
C27 BCR JF . 21.66 -21.87 2.86
C28 BCR JF . 22.16 -23.00 3.72
C29 BCR JF . 21.21 -24.18 3.81
C30 BCR JF . 19.71 -23.94 3.78
C35 BCR JF . 11.01 -11.68 6.79
C36 BCR JF . 11.17 -18.69 5.15
C37 BCR JF . 14.98 -22.06 3.48
C38 BCR JF . 19.82 -20.32 2.51
C39 BCR JF . 19.06 -24.22 5.12
C40 BCR JF . 19.17 -25.00 2.84
HC21 BCR JF . 0.89 -5.19 8.51
HC22 BCR JF . 0.42 -6.74 7.92
HC31 BCR JF . 1.34 -4.36 6.39
HC32 BCR JF . -0.14 -5.22 6.26
HC41 BCR JF . 1.39 -5.70 4.37
HC42 BCR JF . 0.91 -7.09 5.18
HC7 BCR JF . 5.50 -6.21 7.25
HC8 BCR JF . 4.53 -9.05 7.05
H10C BCR JF . 6.16 -10.66 6.66
H11C BCR JF . 9.13 -9.82 6.69
H331 BCR JF . 4.23 -7.66 4.43
H332 BCR JF . 4.55 -5.94 4.41
H333 BCR JF . 3.18 -6.59 3.53
H311 BCR JF . 3.28 -8.16 9.18
H312 BCR JF . 2.00 -8.55 8.06
H313 BCR JF . 1.63 -7.70 9.54
H321 BCR JF . 4.12 -6.04 9.44
H322 BCR JF . 2.64 -5.15 9.71
H323 BCR JF . 3.70 -4.70 8.41
H341 BCR JF . 8.67 -8.09 7.34
H342 BCR JF . 7.48 -7.15 8.17
H343 BCR JF . 7.77 -6.88 6.48
H12C BCR JF . 7.62 -12.43 6.75
H14C BCR JF . 8.87 -14.31 6.34
H15C BCR JF . 11.91 -14.02 5.90
H16C BCR JF . 10.07 -16.39 6.25
H17C BCR JF . 13.08 -15.95 5.89
H19C BCR JF . 14.48 -17.82 5.76
H20C BCR JF . 13.23 -20.11 4.27
H21C BCR JF . 16.08 -19.24 5.06
H23C BCR JF . 17.91 -20.57 4.55
H24C BCR JF . 17.23 -22.95 2.85
H271 BCR JF . 22.20 -20.96 3.09
H272 BCR JF . 21.99 -22.02 1.83
H281 BCR JF . 22.35 -22.60 4.71
H282 BCR JF . 23.12 -23.31 3.34
H291 BCR JF . 21.49 -24.72 4.70
H292 BCR JF . 21.50 -24.84 2.99
H351 BCR JF . 11.79 -12.31 7.18
H352 BCR JF . 10.85 -10.88 7.48
H353 BCR JF . 11.33 -11.26 5.85
H361 BCR JF . 11.27 -19.28 4.25
H362 BCR JF . 10.25 -18.12 5.06
H363 BCR JF . 11.04 -19.37 5.97
H371 BCR JF . 14.86 -22.01 2.41
H372 BCR JF . 14.00 -21.96 3.94
H373 BCR JF . 15.39 -23.02 3.74
H381 BCR JF . 20.60 -19.86 1.91
H382 BCR JF . 19.64 -19.66 3.35
H383 BCR JF . 18.92 -20.32 1.90
H391 BCR JF . 19.53 -25.07 5.60
H392 BCR JF . 18.00 -24.45 5.00
H393 BCR JF . 19.14 -23.37 5.78
H401 BCR JF . 19.56 -25.97 3.10
H402 BCR JF . 19.45 -24.79 1.83
H403 BCR JF . 18.09 -25.04 2.88
C1 BCR KF . 2.50 -13.94 11.61
C2 BCR KF . 1.05 -13.48 11.54
C3 BCR KF . 0.95 -12.09 11.02
C4 BCR KF . 1.54 -11.99 9.64
C5 BCR KF . 2.82 -12.67 9.52
C6 BCR KF . 3.28 -13.55 10.40
C7 BCR KF . 4.57 -14.18 10.24
C8 BCR KF . 5.68 -13.44 10.18
C9 BCR KF . 7.00 -14.00 10.21
C10 BCR KF . 8.05 -13.17 10.26
C11 BCR KF . 9.44 -13.56 10.18
C33 BCR KF . 3.60 -12.26 8.33
C31 BCR KF . 2.44 -15.45 11.76
C32 BCR KF . 3.16 -13.38 12.83
C34 BCR KF . 7.13 -15.45 10.40
C12 BCR KF . 10.39 -12.62 10.13
C13 BCR KF . 11.79 -12.93 10.27
C14 BCR KF . 12.67 -11.93 10.21
C15 BCR KF . 14.10 -12.16 10.10
C16 BCR KF . 14.93 -11.14 9.85
C17 BCR KF . 16.35 -11.34 10.02
C18 BCR KF . 17.30 -10.41 9.81
C19 BCR KF . 18.73 -10.78 9.84
C20 BCR KF . 19.72 -9.93 9.58
C21 BCR KF . 21.11 -10.34 9.69
C22 BCR KF . 22.18 -9.73 9.13
C23 BCR KF . 23.53 -10.18 9.46
C24 BCR KF . 24.63 -9.95 8.74
C25 BCR KF . 25.92 -10.61 8.95
C26 BCR KF . 26.29 -11.69 8.27
C27 BCR KF . 27.54 -12.44 8.44
C28 BCR KF . 28.59 -11.57 9.09
C29 BCR KF . 28.00 -10.99 10.31
C30 BCR KF . 26.85 -10.08 10.00
C35 BCR KF . 12.22 -14.35 10.27
C36 BCR KF . 16.92 -9.01 9.55
C37 BCR KF . 22.01 -8.48 8.39
C38 BCR KF . 25.43 -12.32 7.23
C39 BCR KF . 27.30 -8.67 9.64
C40 BCR KF . 26.16 -9.98 11.34
HC21 BCR KF . 0.58 -13.52 12.52
HC22 BCR KF . 0.46 -14.14 10.91
HC31 BCR KF . 1.46 -11.40 11.70
HC32 BCR KF . -0.09 -11.76 11.02
HC41 BCR KF . 1.61 -10.94 9.34
HC42 BCR KF . 0.82 -12.35 8.91
HC7 BCR KF . 4.62 -15.25 10.18
HC8 BCR KF . 5.57 -12.38 10.11
H10C BCR KF . 7.86 -12.12 10.38
H11C BCR KF . 9.68 -14.60 10.15
H331 BCR KF . 4.03 -13.14 7.85
H332 BCR KF . 4.40 -11.59 8.61
H333 BCR KF . 2.96 -11.76 7.62
H311 BCR KF . 3.41 -15.84 12.06
H312 BCR KF . 2.16 -15.92 10.84
H313 BCR KF . 1.74 -15.72 12.52
H321 BCR KF . 4.00 -13.99 13.12
H322 BCR KF . 2.47 -13.34 13.65
H323 BCR KF . 3.52 -12.38 12.64
H341 BCR KF . 8.14 -15.71 10.68
H342 BCR KF . 6.89 -15.99 9.49
H343 BCR KF . 6.46 -15.80 11.17
H12C BCR KF . 10.09 -11.61 9.97
H14C BCR KF . 12.34 -10.93 10.25
H15C BCR KF . 14.49 -13.14 10.23
H16C BCR KF . 14.53 -10.21 9.53
H17C BCR KF . 16.66 -12.31 10.34
H19C BCR KF . 18.99 -11.80 10.07
H20C BCR KF . 19.49 -8.93 9.28
H21C BCR KF . 21.28 -11.23 10.26
H23C BCR KF . 23.65 -10.74 10.36
H24C BCR KF . 24.57 -9.23 7.94
H271 BCR KF . 27.92 -12.85 7.50
H272 BCR KF . 27.41 -13.36 9.00
H281 BCR KF . 28.92 -10.81 8.38
H282 BCR KF . 29.48 -12.16 9.30
H291 BCR KF . 28.77 -10.49 10.86
H292 BCR KF . 27.69 -11.81 10.94
H351 BCR KF . 13.15 -14.46 9.70
H352 BCR KF . 11.47 -14.98 9.83
H353 BCR KF . 12.40 -14.69 11.28
H361 BCR KF . 17.53 -8.33 10.13
H362 BCR KF . 15.89 -8.82 9.81
H363 BCR KF . 17.05 -8.76 8.52
H371 BCR KF . 22.92 -7.89 8.42
H372 BCR KF . 21.21 -7.89 8.82
H373 BCR KF . 21.77 -8.68 7.35
H381 BCR KF . 25.68 -13.36 7.06
H382 BCR KF . 25.52 -11.82 6.27
H383 BCR KF . 24.38 -12.30 7.50
H391 BCR KF . 28.11 -8.36 10.29
H392 BCR KF . 26.50 -7.96 9.76
H393 BCR KF . 27.65 -8.62 8.62
H401 BCR KF . 26.88 -9.74 12.11
H402 BCR KF . 25.69 -10.91 11.59
H403 BCR KF . 25.41 -9.20 11.34
C01 8CT LF . 29.98 -17.01 25.03
C02 8CT LF . 29.55 -15.68 25.52
C03 8CT LF . 28.60 -14.98 24.92
C04 8CT LF . 28.17 -13.64 25.42
C05 8CT LF . 29.07 -13.08 26.49
C06 8CT LF . 29.52 -14.13 27.45
C07 8CT LF . 30.27 -15.23 26.73
C08 8CT LF . 28.13 -12.60 24.36
C09 8CT LF . 26.77 -13.80 25.99
C10 8CT LF . 27.92 -15.49 23.75
C11 8CT LF . 28.58 -15.68 22.61
C12 8CT LF . 28.14 -16.60 21.58
C13 8CT LF . 29.01 -16.84 20.59
C14 8CT LF . 28.80 -17.85 19.57
C15 8CT LF . 28.88 -17.51 18.28
C16 8CT LF . 28.64 -18.41 17.16
C17 8CT LF . 29.54 -18.41 16.17
C18 8CT LF . 29.58 -19.32 15.04
C19 8CT LF . 30.58 -19.20 14.15
C20 8CT LF . 30.40 -19.65 12.79
C21 8CT LF . 31.35 -19.86 11.86
C22 8CT LF . 32.72 -19.43 12.04
C23 8CT LF . 30.91 -20.28 10.52
C24 8CT LF . 31.75 -20.67 9.53
C25 8CT LF . 31.24 -20.90 8.19
C26 8CT LF . 31.97 -21.18 7.09
C27 8CT LF . 33.45 -21.25 7.13
C28 8CT LF . 31.29 -21.53 5.86
C29 8CT LF . 31.88 -21.60 4.66
C30 8CT LF . 31.15 -21.82 3.42
C31 8CT LF . 30.36 -20.90 2.90
C32 8CT LF . 29.57 -21.02 1.66
C33 8CT LF . 30.06 -22.12 0.73
C34 8CT LF . 30.53 -23.34 1.47
C35 8CT LF . 31.33 -23.15 2.75
C36 8CT LF . 32.82 -23.40 2.56
C37 8CT LF . 30.80 -24.24 3.65
C38 8CT LF . 30.19 -19.58 3.57
C39 8CT LF . 27.27 -18.89 16.95
C40 8CT LF . 26.68 -16.78 21.43
H1 8CT LF . 30.30 -16.94 24.00
H2 8CT LF . 29.16 -17.72 25.08
H3 8CT LF . 30.80 -17.39 25.63
H6 8CT LF . 28.58 -12.28 27.04
H7 8CT LF . 29.95 -12.60 26.05
H8 8CT LF . 28.66 -14.54 27.96
H9 8CT LF . 30.14 -13.69 28.22
H10 8CT LF . 30.47 -16.05 27.41
H11 8CT LF . 31.28 -14.90 26.49
H12 8CT LF . 27.15 -12.54 23.91
H13 8CT LF . 28.84 -12.82 23.58
H14 8CT LF . 28.37 -11.63 24.76
H15 8CT LF . 26.06 -13.98 25.20
H16 8CT LF . 26.46 -12.90 26.51
H17 8CT LF . 26.72 -14.61 26.69
H18 8CT LF . 26.88 -15.73 23.82
H19 8CT LF . 29.47 -15.13 22.45
H20 8CT LF . 29.91 -16.28 20.53
H21 8CT LF . 28.58 -18.85 19.87
H22 8CT LF . 29.14 -16.49 18.06
H23 8CT LF . 30.31 -17.68 16.18
H24 8CT LF . 28.84 -20.08 14.93
H25 8CT LF . 31.50 -18.76 14.46
H26 8CT LF . 29.39 -19.82 12.51
H27 8CT LF . 33.43 -20.13 11.60
H28 8CT LF . 32.98 -19.33 13.09
H29 8CT LF . 32.90 -18.46 11.57
H30 8CT LF . 29.87 -20.28 10.28
H31 8CT LF . 32.78 -20.80 9.75
H32 8CT LF . 30.19 -20.85 8.09
H33 8CT LF . 33.81 -22.02 6.48
H34 8CT LF . 33.81 -21.44 8.13
H35 8CT LF . 33.88 -20.31 6.80
H36 8CT LF . 30.24 -21.74 5.93
H37 8CT LF . 32.94 -21.48 4.61
H40 8CT LF . 29.52 -20.08 1.12
H42 8CT LF . 30.85 -21.70 0.12
H43 8CT LF . 29.24 -22.35 0.05
H44 8CT LF . 31.11 -23.91 0.75
H45 8CT LF . 29.66 -23.94 1.66
H46 8CT LF . 32.99 -24.20 1.85
H47 8CT LF . 33.28 -23.68 3.50
H48 8CT LF . 33.32 -22.50 2.20
H49 8CT LF . 30.83 -25.19 3.15
H50 8CT LF . 29.77 -24.05 3.92
H51 8CT LF . 31.38 -24.32 4.56
H52 8CT LF . 29.37 -19.01 3.14
H53 8CT LF . 31.08 -18.96 3.50
H54 8CT LF . 29.98 -19.69 4.63
H55 8CT LF . 27.06 -18.98 15.90
H56 8CT LF . 26.55 -18.20 17.38
H57 8CT LF . 27.12 -19.86 17.42
H58 8CT LF . 26.44 -17.23 20.48
H59 8CT LF . 26.15 -15.84 21.49
H60 8CT LF . 26.29 -17.42 22.20
H272 8CT LF . 28.51 -21.17 1.88
C1 LMG MF . -0.51 -0.22 11.97
O1 LMG MF . -0.91 -1.46 12.51
C2 LMG MF . -1.88 0.53 11.69
O2 LMG MF . -2.30 0.04 10.42
C3 LMG MF . -1.55 2.04 11.53
O3 LMG MF . -2.79 2.71 11.55
C4 LMG MF . -0.74 2.51 12.75
O4 LMG MF . -1.46 2.21 13.88
C5 LMG MF . 0.59 1.68 12.79
O5 LMG MF . 2.79 1.63 13.70
C6 LMG MF . 1.52 2.22 13.92
O6 LMG MF . 0.28 0.35 13.05
C7 LMG MF . 0.08 -2.46 12.39
C8 LMG MF . -0.62 -3.61 11.73
C9 LMG MF . -1.05 -3.17 10.35
O7 LMG MF . 0.32 -4.63 11.55
C10 LMG MF . 0.52 -5.39 12.63
O9 LMG MF . 0.09 -4.90 13.67
C11 LMG MF . 1.54 -6.48 12.49
C12 LMG MF . 0.97 -7.86 12.68
C13 LMG MF . 1.49 -8.62 13.89
C14 LMG MF . 0.29 -9.41 14.48
C15 LMG MF . 0.81 -10.44 15.47
C16 LMG MF . -0.28 -10.84 16.42
C17 LMG MF . -1.17 -11.84 15.77
C18 LMG MF . -0.78 -13.22 16.25
C19 LMG MF . -1.99 -14.15 15.95
C20 LMG MF . -1.67 -15.04 14.78
C21 LMG MF . -2.64 -16.20 14.91
C22 LMG MF . -3.00 -16.66 13.52
C23 LMG MF . -3.80 -17.97 13.62
C24 LMG MF . -4.08 -18.45 12.21
C25 LMG MF . -4.34 -19.95 12.24
O8 LMG MF . -1.83 -4.27 9.87
C28 LMG MF . -2.70 -3.98 8.90
O10 LMG MF . -3.32 -2.93 8.95
C29 LMG MF . -2.93 -5.09 7.94
C30 LMG MF . -4.02 -5.94 8.45
C31 LMG MF . -3.35 -6.98 9.26
C32 LMG MF . -3.14 -8.12 8.32
C33 LMG MF . -2.20 -9.01 8.97
C34 LMG MF . -1.16 -9.37 7.94
C35 LMG MF . -1.79 -10.41 7.11
C36 LMG MF . -0.70 -11.04 6.30
C37 LMG MF . -0.44 -10.12 5.12
C38 LMG MF . 0.91 -10.47 4.67
C39 LMG MF . 0.88 -11.67 3.79
C40 LMG MF . 2.32 -12.20 3.93
C41 LMG MF . 3.33 -11.14 3.58
C42 LMG MF . 4.59 -11.92 3.09
C43 LMG MF . 5.19 -12.70 4.22
HC1 LMG MF . 0.10 -0.24 11.02
HC2 LMG MF . -2.61 0.34 12.52
HO2 LMG MF . -3.18 0.38 10.29
HC3 LMG MF . -0.98 2.21 10.58
HO3 LMG MF . -3.39 2.14 12.03
HC4 LMG MF . -0.47 3.60 12.65
HO4 LMG MF . -1.31 2.91 14.50
HC5 LMG MF . 1.15 1.80 11.82
HO5 LMG MF . 2.75 0.76 14.09
HC61 LMG MF . 1.07 1.96 14.90
HC62 LMG MF . 1.53 3.34 13.87
HC71 LMG MF . 0.46 -2.68 13.41
HC72 LMG MF . 0.93 -2.05 11.81
HC8 LMG MF . -1.51 -3.94 12.33
HC91 LMG MF . -0.17 -2.97 9.70
HC92 LMG MF . -1.64 -2.22 10.40
H111 LMG MF . 2.36 -6.31 13.23
H112 LMG MF . 2.03 -6.40 11.50
H121 LMG MF . 1.16 -8.46 11.77
H122 LMG MF . -0.14 -7.79 12.75
H131 LMG MF . 1.93 -7.95 14.65
H132 LMG MF . 2.32 -9.31 13.62
H141 LMG MF . -0.30 -9.92 13.68
H142 LMG MF . -0.44 -8.74 14.98
H151 LMG MF . 1.68 -10.07 16.04
H152 LMG MF . 1.20 -11.34 14.95
H161 LMG MF . -0.86 -9.96 16.75
H162 LMG MF . 0.14 -11.24 17.36
H171 LMG MF . -1.11 -11.76 14.66
H172 LMG MF . -2.23 -11.63 15.98
H181 LMG MF . -0.49 -13.24 17.33
H182 LMG MF . 0.16 -13.59 15.77
H191 LMG MF . -2.92 -13.58 15.74
H192 LMG MF . -2.29 -14.78 16.81
H201 LMG MF . -0.63 -15.40 14.74
H202 LMG MF . -1.79 -14.55 13.78
H211 LMG MF . -3.57 -15.94 15.47
H212 LMG MF . -2.22 -17.05 15.49
H221 LMG MF . -2.08 -16.81 12.90
H222 LMG MF . -3.57 -15.88 12.98
H231 LMG MF . -4.74 -17.80 14.20
H232 LMG MF . -3.25 -18.73 14.22
H241 LMG MF . -3.23 -18.18 11.55
H242 LMG MF . -4.95 -17.89 11.79
H291 LMG MF . -1.99 -5.66 7.79
H292 LMG MF . -3.16 -4.68 6.94
H301 LMG MF . -4.64 -6.41 7.66
H302 LMG MF . -4.77 -5.40 9.06
H311 LMG MF . -3.94 -7.27 10.16
H312 LMG MF . -2.39 -6.63 9.71
H321 LMG MF . -2.80 -7.74 7.33
H322 LMG MF . -4.11 -8.61 8.09
H331 LMG MF . -2.70 -9.92 9.39
H332 LMG MF . -1.73 -8.55 9.88
H341 LMG MF . -0.20 -9.73 8.36
H342 LMG MF . -0.84 -8.51 7.32
H351 LMG MF . -2.61 -9.98 6.48
H352 LMG MF . -2.33 -11.15 7.75
H361 LMG MF . -0.96 -12.05 5.94
H362 LMG MF . 0.22 -11.20 6.87
H371 LMG MF . -0.51 -9.05 5.38
H372 LMG MF . -1.17 -10.24 4.30
H381 LMG MF . 1.60 -10.67 5.52
H382 LMG MF . 1.40 -9.64 4.13
H391 LMG MF . 0.63 -11.46 2.74
H392 LMG MF . 0.15 -12.45 4.09
H401 LMG MF . 2.53 -13.10 3.28
H402 LMG MF . 2.56 -12.58 4.96
H411 LMG MF . 3.51 -10.49 4.47
H412 LMG MF . 2.90 -10.44 2.83
H421 LMG MF . 5.31 -11.22 2.64
H422 LMG MF . 4.31 -12.57 2.24
C1 UNL NF . 25.47 -18.99 26.84
C10 UNL NF . 26.61 -11.23 30.25
C11 UNL NF . 27.26 -9.98 29.66
C12 UNL NF . 28.71 -9.87 30.14
C13 UNL NF . 29.20 -8.42 30.05
C14 UNL NF . 28.55 -7.60 31.18
C15 UNL NF . 29.58 -6.74 31.93
C16 UNL NF . 29.50 -5.25 31.56
C17 UNL NF . 29.17 -4.89 30.08
C18 UNL NF . 30.28 -5.20 29.06
C2 UNL NF . 26.16 -19.24 28.18
C3 UNL NF . 26.45 -17.94 28.92
C4 UNL NF . 25.22 -17.46 29.67
C5 UNL NF . 24.33 -16.60 28.76
C6 UNL NF . 24.04 -15.25 29.45
C7 UNL NF . 25.25 -14.33 29.29
C8 UNL NF . 24.95 -13.01 29.99
C9 UNL NF . 25.59 -11.81 29.29
O1 UNL NF . 26.16 -18.70 25.82
O2 UNL NF . 24.21 -19.10 26.79
H21 UNL NF . 27.00 -19.71 28.02
H22 UNL NF . 25.59 -19.80 28.74
H31 UNL NF . 26.73 -17.27 28.28
H32 UNL NF . 27.18 -18.09 29.56
H41 UNL NF . 25.49 -16.93 30.43
H42 UNL NF . 24.71 -18.23 29.97
H51 UNL NF . 23.48 -17.07 28.60
H52 UNL NF . 24.77 -16.45 27.91
H61 UNL NF . 23.87 -15.41 30.38
H62 UNL NF . 23.27 -14.84 29.03
H71 UNL NF . 25.42 -14.16 28.35
H72 UNL NF . 26.03 -14.74 29.69
H81 UNL NF . 25.29 -13.06 30.90
H82 UNL NF . 23.99 -12.89 30.01
H91 UNL NF . 24.91 -11.16 29.08
H92 UNL NF . 26.03 -12.11 28.47
H101 UNL NF . 27.30 -11.89 30.44
H102 UNL NF . 26.17 -10.99 31.09
H111 UNL NF . 26.76 -9.19 29.93
H112 UNL NF . 27.25 -10.04 28.68
H121 UNL NF . 29.27 -10.43 29.59
H122 UNL NF . 28.76 -10.16 31.07
H131 UNL NF . 28.96 -8.04 29.19
H132 UNL NF . 30.17 -8.39 30.14
H141 UNL NF . 28.13 -8.21 31.80
H142 UNL NF . 27.89 -7.01 30.79
H151 UNL NF . 30.46 -7.07 31.72
H152 UNL NF . 29.40 -6.84 32.88
H161 UNL NF . 30.35 -4.85 31.77
H162 UNL NF . 28.81 -4.84 32.11
H171 UNL NF . 28.99 -3.94 30.04
H172 UNL NF . 28.38 -5.39 29.83
H181 UNL NF . 30.01 -4.89 28.18
H182 UNL NF . 30.43 -6.16 29.02
H183 UNL NF . 31.11 -4.76 29.32
C1 LMG OF . 20.90 -14.00 48.11
O1 LMG OF . 21.97 -14.88 47.98
C2 LMG OF . 20.77 -13.81 49.68
O2 LMG OF . 19.90 -14.87 50.12
C3 LMG OF . 20.04 -12.44 50.01
O3 LMG OF . 20.35 -12.18 51.36
C4 LMG OF . 20.61 -11.29 49.14
O4 LMG OF . 22.00 -11.17 49.39
C5 LMG OF . 20.43 -11.73 47.67
O5 LMG OF . 19.60 -9.63 46.91
C6 LMG OF . 20.71 -10.53 46.76
O6 LMG OF . 21.35 -12.81 47.41
C7 LMG OF . 22.04 -15.48 46.72
C8 LMG OF . 22.58 -16.91 46.98
C9 LMG OF . 21.42 -17.80 47.50
O7 LMG OF . 23.04 -17.37 45.70
C10 LMG OF . 23.22 -18.69 45.42
O9 LMG OF . 22.36 -19.29 44.80
C11 LMG OF . 24.63 -19.13 45.58
C12 LMG OF . 25.47 -18.82 44.31
C13 LMG OF . 25.93 -20.07 43.59
C14 LMG OF . 27.30 -20.44 44.14
C15 LMG OF . 27.73 -21.76 43.44
C16 LMG OF . 26.91 -22.97 43.99
C17 LMG OF . 27.59 -24.30 43.59
C18 LMG OF . 27.04 -24.79 42.20
C19 LMG OF . 26.04 -25.97 42.39
C20 LMG OF . 25.90 -26.72 41.06
C21 LMG OF . 26.07 -28.23 41.31
C22 LMG OF . 26.71 -28.80 40.04
C23 LMG OF . 27.32 -30.16 40.38
C24 LMG OF . 28.11 -30.55 39.14
C25 LMG OF . 28.82 -31.87 39.40
C26 LMG OF . 28.47 -32.85 38.27
C27 LMG OF . 29.73 -33.12 37.48
O8 LMG OF . 21.90 -19.17 47.61
C28 LMG OF . 21.01 -20.16 47.98
O10 LMG OF . 19.86 -19.85 48.27
C29 LMG OF . 21.57 -21.55 48.15
C30 LMG OF . 22.29 -22.06 46.89
C31 LMG OF . 23.09 -23.33 47.25
C32 LMG OF . 23.61 -23.91 45.93
C33 LMG OF . 24.51 -25.13 46.24
C34 LMG OF . 23.86 -26.43 45.67
C35 LMG OF . 24.50 -27.67 46.35
C36 LMG OF . 23.93 -28.97 45.68
C37 LMG OF . 24.85 -29.41 44.49
C38 LMG OF . 24.65 -30.93 44.36
C39 LMG OF . 25.34 -31.45 43.08
C40 LMG OF . 25.57 -32.97 43.31
C41 LMG OF . 26.86 -33.37 42.60
C42 LMG OF . 26.75 -34.86 42.34
C43 LMG OF . 27.93 -35.30 41.48
C44 LMG OF . 27.99 -36.81 41.54
C45 LMG OF . 28.50 -37.32 40.23
HC1 LMG OF . 19.92 -14.33 47.66
HC2 LMG OF . 21.79 -13.81 50.12
HO2 LMG OF . 19.59 -14.63 50.98
HC3 LMG OF . 18.95 -12.54 49.80
HO3 LMG OF . 20.30 -11.23 51.47
HC4 LMG OF . 20.05 -10.34 49.33
HO4 LMG OF . 22.46 -11.53 48.63
HC5 LMG OF . 19.37 -12.05 47.46
HO5 LMG OF . 19.97 -8.77 47.03
HC61 LMG OF . 20.84 -10.91 45.72
HC62 LMG OF . 21.68 -10.08 47.06
HC71 LMG OF . 22.70 -14.86 46.09
HC72 LMG OF . 21.03 -15.45 46.26
HC8 LMG OF . 23.38 -16.98 47.76
HC91 LMG OF . 20.55 -17.74 46.81
HC92 LMG OF . 21.07 -17.43 48.49
H111 LMG OF . 24.67 -20.22 45.80
H112 LMG OF . 25.09 -18.65 46.47
H121 LMG OF . 26.34 -18.19 44.57
H122 LMG OF . 24.87 -18.20 43.60
H131 LMG OF . 25.99 -19.92 42.49
H132 LMG OF . 25.22 -20.91 43.72
H141 LMG OF . 27.28 -20.58 45.24
H142 LMG OF . 28.05 -19.65 43.96
H151 LMG OF . 28.81 -21.95 43.60
H152 LMG OF . 27.63 -21.69 42.34
H161 LMG OF . 25.87 -22.92 43.61
H162 LMG OF . 26.79 -22.90 45.08
H171 LMG OF . 27.43 -25.06 44.38
H172 LMG OF . 28.68 -24.18 43.57
H181 LMG OF . 27.87 -25.07 41.51
H182 LMG OF . 26.56 -23.95 41.64
H191 LMG OF . 25.03 -25.66 42.75
H192 LMG OF . 26.35 -26.69 43.19
H201 LMG OF . 26.64 -26.38 40.29
H202 LMG OF . 24.93 -26.53 40.54
H211 LMG OF . 25.11 -28.76 41.51
H212 LMG OF . 26.70 -28.47 42.18
H221 LMG OF . 27.49 -28.11 39.64
H222 LMG OF . 25.97 -28.90 39.22
H231 LMG OF . 26.53 -30.91 40.64
H232 LMG OF . 27.95 -30.12 41.30
H241 LMG OF . 28.83 -29.74 38.89
H242 LMG OF . 27.44 -30.61 38.27
H251 LMG OF . 28.53 -32.27 40.39
H252 LMG OF . 29.91 -31.70 39.49
H261 LMG OF . 27.66 -32.42 37.64
H262 LMG OF . 28.03 -33.77 38.69
H271 LMG OF . 29.52 -33.45 36.46
H272 LMG OF . 30.36 -33.89 37.95
H273 LMG OF . 30.36 -32.21 37.39
H291 LMG OF . 20.77 -22.24 48.45
H292 LMG OF . 22.27 -21.55 49.01
H301 LMG OF . 22.98 -21.32 46.44
H302 LMG OF . 21.58 -22.31 46.06
H311 LMG OF . 22.47 -24.06 47.81
H312 LMG OF . 23.91 -23.12 47.96
H321 LMG OF . 24.14 -23.12 45.35
H322 LMG OF . 22.74 -24.18 45.27
H331 LMG OF . 24.70 -25.22 47.34
H332 LMG OF . 25.55 -24.99 45.83
H341 LMG OF . 23.95 -26.52 44.56
H342 LMG OF . 22.76 -26.45 45.81
H351 LMG OF . 24.29 -27.65 47.45
H352 LMG OF . 25.60 -27.62 46.29
H361 LMG OF . 22.91 -28.82 45.30
H362 LMG OF . 23.84 -29.80 46.39
H371 LMG OF . 25.93 -29.18 44.66
H372 LMG OF . 24.61 -28.90 43.54
H381 LMG OF . 23.57 -31.22 44.34
H382 LMG OF . 25.03 -31.50 45.24
H391 LMG OF . 26.31 -30.95 42.86
H392 LMG OF . 24.76 -31.29 42.16
H401 LMG OF . 24.72 -33.60 42.94
H402 LMG OF . 25.64 -33.25 44.39
H411 LMG OF . 27.73 -33.08 43.22
H412 LMG OF . 26.99 -32.75 41.67
H421 LMG OF . 25.78 -35.09 41.86
H422 LMG OF . 26.69 -35.41 43.29
H431 LMG OF . 28.89 -34.86 41.83
H432 LMG OF . 27.85 -34.94 40.43
H441 LMG OF . 26.98 -37.24 41.78
H442 LMG OF . 28.61 -37.16 42.39
H451 LMG OF . 28.89 -38.34 40.35
H452 LMG OF . 29.32 -36.68 39.87
H453 LMG OF . 27.70 -37.32 39.48
O7 LMG PF . 0.46 -51.24 26.71
C10 LMG PF . 0.58 -49.88 26.95
O9 LMG PF . 1.01 -49.18 26.05
C11 LMG PF . -0.20 -49.45 28.15
C12 LMG PF . 0.27 -48.13 28.69
C13 LMG PF . -0.61 -47.57 29.89
C14 LMG PF . 0.14 -47.69 31.27
C15 LMG PF . -0.68 -46.94 32.29
C28 LMG PF . 4.69 -52.36 26.97
C29 LMG PF . 4.09 -50.97 27.19
C30 LMG PF . 5.07 -50.25 28.14
C31 LMG PF . 4.25 -49.50 29.21
C32 LMG PF . 5.08 -48.30 29.74
C33 LMG PF . 4.45 -47.76 31.09
C34 LMG PF . 4.28 -46.22 31.01
C35 LMG PF . 4.85 -45.57 32.27
C36 LMG PF . 3.81 -45.53 33.41
C37 LMG PF . 3.95 -44.12 34.04
C38 LMG PF . 3.35 -44.08 35.48
C39 LMG PF . 2.14 -43.11 35.47
C40 LMG PF . 2.26 -42.14 36.65
C41 LMG PF . 1.92 -42.95 37.89
C42 LMG PF . 3.13 -43.00 38.80
H111 LMG PF . -0.13 -50.23 28.94
H112 LMG PF . -1.28 -49.39 27.90
H121 LMG PF . 0.28 -47.38 27.88
H122 LMG PF . 1.33 -48.22 29.03
H131 LMG PF . -1.57 -48.10 29.94
H132 LMG PF . -0.88 -46.51 29.71
H141 LMG PF . 1.16 -47.27 31.23
H142 LMG PF . 0.27 -48.75 31.58
H291 LMG PF . 3.08 -50.98 27.63
H292 LMG PF . 3.98 -50.39 26.26
H301 LMG PF . 5.74 -49.56 27.60
H302 LMG PF . 5.79 -50.96 28.62
H311 LMG PF . 3.95 -50.21 30.01
H312 LMG PF . 3.28 -49.18 28.76
H321 LMG PF . 5.14 -47.49 28.97
H322 LMG PF . 6.15 -48.59 29.88
H331 LMG PF . 5.05 -48.03 31.98
H332 LMG PF . 3.47 -48.24 31.32
H341 LMG PF . 3.21 -45.97 30.86
H342 LMG PF . 4.77 -45.84 30.09
H351 LMG PF . 5.22 -44.55 32.08
H352 LMG PF . 5.75 -46.10 32.65
H361 LMG PF . 3.94 -46.32 34.17
H362 LMG PF . 2.76 -45.68 33.04
H371 LMG PF . 3.48 -43.33 33.43
H372 LMG PF . 5.02 -43.80 34.10
H381 LMG PF . 4.07 -43.76 36.25
H382 LMG PF . 3.01 -45.08 35.83
H391 LMG PF . 1.15 -43.63 35.54
H392 LMG PF . 2.04 -42.52 34.52
H401 LMG PF . 1.60 -41.27 36.49
H402 LMG PF . 3.28 -41.70 36.67
H411 LMG PF . 1.56 -43.95 37.60
H412 LMG PF . 1.03 -42.51 38.40
C1 UNL QF . 2.01 -50.35 21.90
C10 UNL QF . 0.92 -43.32 30.10
C11 UNL QF . 1.36 -42.47 31.29
C12 UNL QF . 0.13 -41.84 31.97
C13 UNL QF . -0.34 -42.60 33.21
C14 UNL QF . -0.54 -41.59 34.35
C2 UNL QF . 2.35 -48.85 22.06
C3 UNL QF . 2.90 -48.47 23.45
C4 UNL QF . 2.59 -46.99 23.76
C5 UNL QF . 3.18 -46.47 25.07
C6 UNL QF . 2.16 -45.61 25.82
C7 UNL QF . 2.78 -44.88 27.03
C8 UNL QF . 1.66 -44.55 28.05
C9 UNL QF . 2.09 -43.53 29.13
O1 UNL QF . 0.85 -50.78 22.24
O2 UNL QF . 2.88 -51.12 21.40
H21 UNL QF . 1.54 -48.33 21.90
H22 UNL QF . 3.02 -48.62 21.39
H31 UNL QF . 3.87 -48.62 23.47
H32 UNL QF . 2.49 -49.04 24.13
H41 UNL QF . 1.63 -46.89 23.79
H42 UNL QF . 2.95 -46.46 23.03
H51 UNL QF . 3.97 -45.93 24.87
H52 UNL QF . 3.44 -47.23 25.63
H61 UNL QF . 1.44 -46.19 26.14
H62 UNL QF . 1.80 -44.95 25.21
H71 UNL QF . 3.19 -44.05 26.73
H72 UNL QF . 3.45 -45.44 27.45
H81 UNL QF . 1.41 -45.38 28.50
H82 UNL QF . 0.90 -44.19 27.58
H91 UNL QF . 2.32 -42.69 28.70
H92 UNL QF . 2.86 -43.87 29.61
H101 UNL QF . 0.62 -44.18 30.41
H102 UNL QF . 0.20 -42.86 29.64
H111 UNL QF . 1.95 -41.77 30.99
H112 UNL QF . 1.82 -43.03 31.94
H121 UNL QF . -0.60 -41.83 31.32
H122 UNL QF . 0.35 -40.93 32.23
H131 UNL QF . 0.33 -43.26 33.46
H132 UNL QF . -1.17 -43.05 33.03
C1 UNL RF . 16.71 5.69 17.86
C10 UNL RF . 20.71 -0.98 10.88
C11 UNL RF . 20.33 -2.39 10.39
C12 UNL RF . 20.58 -2.58 8.88
C13 UNL RF . 21.35 -3.87 8.57
C14 UNL RF . 21.99 -3.77 7.16
C15 UNL RF . 21.90 -5.11 6.43
C16 UNL RF . 23.26 -5.50 5.86
C17 UNL RF . 23.12 -6.30 4.57
C18 UNL RF . 23.31 -7.81 4.81
C2 UNL RF . 17.47 4.64 17.07
C3 UNL RF . 16.48 4.04 16.05
C4 UNL RF . 17.09 2.94 15.15
C5 UNL RF . 18.43 2.35 15.66
C6 UNL RF . 19.44 2.19 14.51
C7 UNL RF . 18.84 1.40 13.33
C8 UNL RF . 19.95 0.96 12.38
C9 UNL RF . 19.56 -0.38 11.72
O1 UNL RF . 15.97 6.50 17.19
O2 UNL RF . 16.84 5.69 19.13
H21 UNL RF . 17.80 3.95 17.66
H22 UNL RF . 18.21 5.05 16.59
H31 UNL RF . 16.16 4.75 15.48
H32 UNL RF . 15.74 3.65 16.55
H41 UNL RF . 17.23 3.33 14.28
H42 UNL RF . 16.44 2.22 15.09
H51 UNL RF . 18.26 1.47 16.05
H52 UNL RF . 18.79 2.94 16.33
H61 UNL RF . 20.23 1.72 14.84
H62 UNL RF . 19.70 3.07 14.20
H71 UNL RF . 18.21 1.96 12.86
H72 UNL RF . 18.38 0.62 13.68
H81 UNL RF . 20.78 0.85 12.87
H82 UNL RF . 20.08 1.63 11.68
H91 UNL RF . 18.81 -0.24 11.14
H92 UNL RF . 19.33 -1.01 12.41
H101 UNL RF . 21.52 -1.03 11.42
H102 UNL RF . 20.88 -0.41 10.11
H111 UNL RF . 19.40 -2.55 10.58
H112 UNL RF . 20.87 -3.04 10.88
H121 UNL RF . 21.10 -1.82 8.56
H122 UNL RF . 19.72 -2.60 8.43
H131 UNL RF . 20.74 -4.62 8.60
H132 UNL RF . 22.06 -4.00 9.23
H141 UNL RF . 22.92 -3.52 7.26
H142 UNL RF . 21.51 -3.09 6.66
H151 UNL RF . 21.27 -5.02 5.70
H152 UNL RF . 21.60 -5.80 7.04
H161 UNL RF . 23.75 -6.03 6.52
H162 UNL RF . 23.77 -4.70 5.67
H171 UNL RF . 23.79 -6.00 3.93
H172 UNL RF . 22.23 -6.16 4.21
H181 UNL RF . 23.24 -8.29 3.97
H182 UNL RF . 22.63 -8.13 5.43
H183 UNL RF . 24.19 -7.97 5.20
C1 UNL SF . 22.63 -37.21 42.71
C10 UNL SF . 26.03 -46.00 37.86
C2 UNL SF . 23.71 -37.57 41.68
C3 UNL SF . 23.40 -39.00 41.21
C4 UNL SF . 23.59 -39.19 39.69
C5 UNL SF . 23.00 -40.55 39.24
C6 UNL SF . 24.08 -41.54 38.74
C7 UNL SF . 23.68 -43.03 38.82
C8 UNL SF . 24.94 -43.89 38.63
C9 UNL SF . 24.67 -45.28 38.03
H21 UNL SF . 24.59 -37.53 42.08
H22 UNL SF . 23.66 -36.95 40.92
H31 UNL SF . 22.48 -39.20 41.43
H32 UNL SF . 23.99 -39.60 41.68
H41 UNL SF . 24.54 -39.18 39.49
H42 UNL SF . 23.15 -38.48 39.22
H51 UNL SF . 22.39 -40.39 38.50
H52 UNL SF . 22.52 -40.96 39.98
H61 UNL SF . 24.88 -41.42 39.29
H62 UNL SF . 24.29 -41.34 37.83
H71 UNL SF . 23.04 -43.23 38.12
H72 UNL SF . 23.29 -43.21 39.69
H81 UNL SF . 25.35 -44.02 39.50
H82 UNL SF . 25.55 -43.42 38.05
H91 UNL SF . 24.24 -45.18 37.17
H92 UNL SF . 24.10 -45.79 38.62
MG CLA TF . -64.38 -27.40 -5.35
CHA CLA TF . -65.09 -26.06 -2.24
CHB CLA TF . -62.07 -24.93 -5.81
CHC CLA TF . -63.08 -29.12 -8.06
CHD CLA TF . -66.10 -30.32 -4.38
NA CLA TF . -63.76 -25.74 -4.22
C1A CLA TF . -64.15 -25.37 -2.94
C2A CLA TF . -63.39 -24.13 -2.41
C3A CLA TF . -62.59 -23.72 -3.68
C4A CLA TF . -62.80 -24.86 -4.65
CMA CLA TF . -63.08 -22.42 -4.24
CAA CLA TF . -62.48 -24.38 -1.19
CBA CLA TF . -61.68 -25.68 -1.19
CGA CLA TF . -60.32 -25.40 -1.77
O1A CLA TF . -59.45 -24.68 -1.30
O2A CLA TF . -60.05 -26.02 -2.97
NB CLA TF . -62.89 -27.07 -6.70
C1B CLA TF . -62.15 -25.95 -6.77
C2B CLA TF . -61.33 -25.97 -7.99
C3B CLA TF . -61.60 -27.17 -8.63
C4B CLA TF . -62.59 -27.89 -7.81
CMB CLA TF . -60.38 -24.88 -8.30
CAB CLA TF . -61.02 -27.78 -9.80
CBB CLA TF . -60.34 -27.15 -10.74
NC CLA TF . -64.62 -29.30 -6.12
C1C CLA TF . -64.05 -29.79 -7.28
C2C CLA TF . -64.48 -31.17 -7.53
C3C CLA TF . -65.27 -31.51 -6.45
C4C CLA TF . -65.38 -30.35 -5.58
CMC CLA TF . -64.05 -32.01 -8.66
CAC CLA TF . -65.89 -32.79 -6.22
CBC CLA TF . -65.19 -33.50 -5.07
ND CLA TF . -65.49 -28.05 -3.80
C1D CLA TF . -66.16 -29.24 -3.52
C2D CLA TF . -66.88 -29.11 -2.22
C3D CLA TF . -66.61 -27.84 -1.74
C4D CLA TF . -65.67 -27.28 -2.72
CMD CLA TF . -67.70 -30.15 -1.64
CAD CLA TF . -66.74 -26.90 -0.65
OBD CLA TF . -67.40 -26.91 0.38
CBD CLA TF . -65.76 -25.75 -0.94
CGD CLA TF . -66.59 -24.54 -1.13
O1D CLA TF . -66.95 -24.07 -2.20
O2D CLA TF . -67.05 -23.89 -0.07
CED CLA TF . -68.27 -23.22 -0.36
C1 CLA TF . -58.81 -25.55 -3.58
C2 CLA TF . -58.77 -26.18 -4.92
C3 CLA TF . -57.84 -27.03 -5.36
C4 CLA TF . -56.65 -27.52 -4.58
C5 CLA TF . -57.99 -27.56 -6.74
C6 CLA TF . -57.02 -27.00 -7.79
C7 CLA TF . -56.98 -27.90 -9.02
C8 CLA TF . -55.95 -27.41 -10.05
C9 CLA TF . -56.22 -25.97 -10.41
C10 CLA TF . -55.94 -28.23 -11.32
C11 CLA TF . -55.55 -29.67 -11.08
C12 CLA TF . -55.13 -30.35 -12.37
C13 CLA TF . -54.64 -31.76 -12.11
C14 CLA TF . -53.13 -31.80 -11.89
C15 CLA TF . -55.00 -32.70 -13.24
C16 CLA TF . -54.43 -32.19 -14.55
C17 CLA TF . -54.35 -33.30 -15.57
C18 CLA TF . -54.03 -32.76 -16.96
C19 CLA TF . -52.53 -32.53 -17.02
C20 CLA TF . -54.50 -33.68 -18.06
HHB CLA TF . -61.36 -24.11 -6.02
HHC CLA TF . -62.71 -29.68 -8.94
HHD CLA TF . -66.68 -31.22 -4.11
H2A CLA TF . -64.15 -23.37 -2.08
H3A CLA TF . -61.50 -23.66 -3.44
HMA1 CLA TF . -62.86 -22.35 -5.33
HMA2 CLA TF . -62.59 -21.55 -3.73
HMA3 CLA TF . -64.19 -22.32 -4.10
HAA1 CLA TF . -63.12 -24.37 -0.27
HAA2 CLA TF . -61.76 -23.53 -1.11
HBA1 CLA TF . -62.20 -26.46 -1.80
HBA2 CLA TF . -61.57 -26.07 -0.14
HMB1 CLA TF . -59.56 -25.25 -8.96
HMB2 CLA TF . -59.93 -24.49 -7.35
HMB3 CLA TF . -60.91 -24.04 -8.82
HAB CLA TF . -61.18 -28.88 -9.87
HBB1 CLA TF . -60.18 -26.07 -10.74
HBB2 CLA TF . -59.92 -27.68 -11.61
HMC1 CLA TF . -64.60 -32.98 -8.65
HMC2 CLA TF . -62.96 -32.22 -8.60
HMC3 CLA TF . -64.26 -31.49 -9.64
HAC1 CLA TF . -65.85 -33.43 -7.13
HAC2 CLA TF . -66.98 -32.66 -5.96
HBC1 CLA TF . -65.70 -34.47 -4.87
HBC2 CLA TF . -65.23 -32.86 -4.16
HBC3 CLA TF . -64.13 -33.68 -5.34
HMD1 CLA TF . -68.09 -29.84 -0.64
HMD2 CLA TF . -67.11 -31.09 -1.50
HMD3 CLA TF . -68.58 -30.38 -2.29
HBD CLA TF . -65.01 -25.65 -0.11
HED1 CLA TF . -68.56 -22.76 0.62
HED2 CLA TF . -68.94 -24.04 -0.70
HED3 CLA TF . -67.99 -22.49 -1.16
H11 CLA TF . -57.94 -25.87 -2.93
H12 CLA TF . -58.83 -24.43 -3.64
H2 CLA TF . -59.60 -25.88 -5.58
H41 CLA TF . -55.86 -27.95 -5.26
H42 CLA TF . -56.95 -28.32 -3.86
H43 CLA TF . -56.18 -26.69 -4.00
H51 CLA TF . -59.04 -27.36 -7.08
H52 CLA TF . -57.85 -28.68 -6.70
H61 CLA TF . -55.99 -26.92 -7.35
H62 CLA TF . -57.35 -25.97 -8.08
H71 CLA TF . -58.00 -27.92 -9.49
H72 CLA TF . -56.74 -28.94 -8.71
H8 CLA TF . -54.95 -27.51 -9.55
H91 CLA TF . -55.67 -25.70 -11.35
H92 CLA TF . -55.90 -25.29 -9.60
H93 CLA TF . -57.31 -25.81 -10.60
H101 CLA TF . -55.23 -27.77 -12.06
H102 CLA TF . -56.96 -28.21 -11.79
H111 CLA TF . -56.40 -30.21 -10.61
H112 CLA TF . -54.70 -29.69 -10.34
H121 CLA TF . -54.33 -29.75 -12.87
H122 CLA TF . -56.02 -30.37 -13.06
H13 CLA TF . -55.14 -32.11 -11.16
H141 CLA TF . -52.71 -32.79 -12.21
H142 CLA TF . -52.90 -31.64 -10.80
H143 CLA TF . -52.63 -31.00 -12.48
H151 CLA TF . -56.12 -32.80 -13.33
H152 CLA TF . -54.60 -33.74 -13.04
H161 CLA TF . -53.41 -31.76 -14.38
H162 CLA TF . -55.08 -31.36 -14.96
H171 CLA TF . -55.32 -33.86 -15.60
H172 CLA TF . -53.56 -34.03 -15.26
H18 CLA TF . -54.59 -31.79 -17.13
H191 CLA TF . -52.22 -32.29 -18.07
H192 CLA TF . -51.98 -33.43 -16.67
H193 CLA TF . -52.24 -31.67 -16.37
H201 CLA TF . -54.26 -33.24 -19.06
H202 CLA TF . -55.60 -33.83 -17.99
H203 CLA TF . -54.00 -34.67 -17.99
MG CLA UF . -55.96 -32.49 3.35
CHA CLA UF . -58.21 -29.99 2.65
CHB CLA UF . -57.56 -33.16 6.26
CHC CLA UF . -53.91 -35.04 3.64
CHD CLA UF . -54.61 -31.89 -0.02
NA CLA UF . -57.63 -31.68 4.33
C1A CLA UF . -58.42 -30.63 3.86
C2A CLA UF . -59.57 -30.38 4.83
C3A CLA UF . -59.32 -31.36 6.01
C4A CLA UF . -58.10 -32.14 5.54
CMA CLA UF . -59.10 -30.63 7.32
CAA CLA UF . -60.92 -30.70 4.15
CBA CLA UF . -60.97 -32.02 3.45
CGA CLA UF . -62.26 -32.15 2.64
O1A CLA UF . -63.40 -31.70 2.88
O2A CLA UF . -62.07 -32.93 1.53
NB CLA UF . -55.75 -33.79 4.69
C1B CLA UF . -56.45 -33.93 5.84
C2B CLA UF . -55.89 -35.09 6.61
C3B CLA UF . -54.88 -35.62 5.85
C4B CLA UF . -54.79 -34.81 4.63
CMB CLA UF . -56.45 -35.51 7.91
CAB CLA UF . -54.01 -36.75 6.10
CBB CLA UF . -53.45 -37.01 7.28
NC CLA UF . -54.59 -33.34 2.00
C1C CLA UF . -53.80 -34.37 2.40
C2C CLA UF . -52.81 -34.69 1.38
C3C CLA UF . -52.96 -33.76 0.37
C4C CLA UF . -54.06 -32.91 0.78
CMC CLA UF . -51.86 -35.79 1.48
CAC CLA UF . -52.22 -33.65 -0.89
CBC CLA UF . -50.91 -32.93 -0.70
ND CLA UF . -56.40 -31.38 1.51
C1D CLA UF . -55.73 -31.19 0.30
C2D CLA UF . -56.36 -30.10 -0.43
C3D CLA UF . -57.30 -29.58 0.43
C4D CLA UF . -57.26 -30.40 1.65
CMD CLA UF . -55.98 -29.68 -1.77
CAD CLA UF . -58.31 -28.58 0.61
OBD CLA UF . -58.65 -27.72 -0.20
CBD CLA UF . -58.86 -28.77 2.06
CGD CLA UF . -58.55 -27.65 3.01
O1D CLA UF . -59.23 -27.30 3.98
O2D CLA UF . -57.40 -26.99 2.71
CED CLA UF . -57.06 -25.84 3.49
C1 CLA UF . -63.07 -32.92 0.50
C2 CLA UF . -63.82 -34.20 0.58
C3 CLA UF . -63.87 -35.06 -0.46
C4 CLA UF . -63.16 -34.79 -1.72
C5 CLA UF . -64.65 -36.32 -0.43
C6 CLA UF . -65.99 -36.19 -1.18
C7 CLA UF . -66.89 -35.06 -0.69
C8 CLA UF . -68.10 -34.67 -1.59
C9 CLA UF . -67.70 -34.22 -2.96
C10 CLA UF . -68.86 -33.55 -0.87
C11 CLA UF . -70.19 -33.08 -1.45
C12 CLA UF . -70.71 -31.95 -0.53
C13 CLA UF . -72.09 -31.40 -0.89
C14 CLA UF . -72.31 -30.00 -0.29
C15 CLA UF . -73.22 -32.32 -0.46
C16 CLA UF . -74.54 -31.97 -1.17
C17 CLA UF . -75.66 -32.86 -0.71
C18 CLA UF . -77.08 -32.43 -1.12
C19 CLA UF . -77.48 -31.09 -0.52
C20 CLA UF . -77.21 -32.32 -2.61
HHB CLA UF . -58.01 -33.41 7.25
HHC CLA UF . -53.16 -35.85 3.79
HHD CLA UF . -54.08 -31.64 -0.97
H2A CLA UF . -59.51 -29.31 5.16
H3A CLA UF . -60.17 -32.06 6.16
HMA1 CLA UF . -58.88 -31.35 8.14
HMA2 CLA UF . -60.00 -30.03 7.61
HMA3 CLA UF . -58.23 -29.92 7.25
HAA1 CLA UF . -61.15 -29.89 3.41
HAA2 CLA UF . -61.73 -30.66 4.93
HBA1 CLA UF . -60.92 -32.86 4.19
HBA2 CLA UF . -60.10 -32.13 2.75
HMB1 CLA UF . -55.68 -36.09 8.49
HMB2 CLA UF . -57.35 -36.16 7.76
HMB3 CLA UF . -56.75 -34.62 8.51
HAB CLA UF . -53.82 -37.41 5.22
HBB1 CLA UF . -53.61 -36.37 8.15
HBB2 CLA UF . -52.81 -37.88 7.46
HMC1 CLA UF . -51.17 -35.79 0.60
HMC2 CLA UF . -52.40 -36.77 1.50
HMC3 CLA UF . -51.25 -35.71 2.41
HAC1 CLA UF . -52.84 -33.11 -1.65
HAC2 CLA UF . -52.02 -34.68 -1.31
HBC1 CLA UF . -50.30 -33.00 -1.65
HBC2 CLA UF . -50.33 -33.39 0.13
HBC3 CLA UF . -51.09 -31.85 -0.47
HMD1 CLA UF . -56.43 -28.69 -2.02
HMD2 CLA UF . -56.32 -30.42 -2.54
HMD3 CLA UF . -54.86 -29.58 -1.85
HBD CLA UF . -59.97 -28.85 1.91
HED1 CLA UF . -56.37 -25.26 2.83
HED2 CLA UF . -56.57 -26.27 4.40
HED3 CLA UF . -58.05 -25.36 3.68
H11 CLA UF . -62.56 -32.81 -0.49
H12 CLA UF . -63.75 -32.04 0.66
H2 CLA UF . -64.35 -34.40 1.53
H41 CLA UF . -63.24 -35.64 -2.42
H42 CLA UF . -62.08 -34.60 -1.55
H43 CLA UF . -63.58 -33.89 -2.25
H51 CLA UF . -64.85 -36.59 0.64
H52 CLA UF . -64.04 -37.14 -0.87
H61 CLA UF . -66.55 -37.17 -1.09
H62 CLA UF . -65.77 -36.04 -2.27
H71 CLA UF . -66.25 -34.16 -0.56
H72 CLA UF . -67.27 -35.35 0.32
H8 CLA UF . -68.75 -35.59 -1.73
H91 CLA UF . -68.58 -33.82 -3.52
H92 CLA UF . -67.27 -35.08 -3.54
H93 CLA UF . -66.92 -33.42 -2.90
H101 CLA UF . -68.19 -32.66 -0.83
H102 CLA UF . -69.06 -33.87 0.19
H111 CLA UF . -70.92 -33.92 -1.49
H112 CLA UF . -70.06 -32.71 -2.50
H121 CLA UF . -69.96 -31.13 -0.55
H122 CLA UF . -70.73 -32.35 0.52
H13 CLA UF . -72.10 -31.30 -2.01
H141 CLA UF . -72.67 -29.29 -1.08
H142 CLA UF . -71.38 -29.60 0.16
H143 CLA UF . -73.10 -30.04 0.50
H151 CLA UF . -73.39 -32.25 0.65
H152 CLA UF . -72.97 -33.39 -0.69
H161 CLA UF . -74.41 -32.08 -2.29
H162 CLA UF . -74.80 -30.90 -0.97
H171 CLA UF . -75.64 -32.93 0.41
H172 CLA UF . -75.48 -33.89 -1.11
H18 CLA UF . -77.76 -33.23 -0.74
H191 CLA UF . -78.56 -30.90 -0.70
H192 CLA UF . -76.89 -30.26 -0.97
H193 CLA UF . -77.30 -31.11 0.59
H201 CLA UF . -78.26 -32.08 -2.90
H202 CLA UF . -76.93 -33.29 -3.10
H203 CLA UF . -76.55 -31.51 -3.01
MG CLA VF . -67.16 -36.50 3.04
CHA CLA VF . -65.84 -33.71 4.52
CHB CLA VF . -70.11 -34.83 2.41
CHC CLA VF . -67.99 -38.90 0.73
CHD CLA VF . -63.84 -37.96 3.10
NA CLA VF . -67.85 -34.55 3.36
C1A CLA VF . -67.16 -33.58 4.12
C2A CLA VF . -68.06 -32.39 4.41
C3A CLA VF . -69.38 -32.71 3.62
C4A CLA VF . -69.13 -34.13 3.10
CMA CLA VF . -70.65 -32.51 4.41
CAA CLA VF . -67.38 -31.11 3.93
CBA CLA VF . -66.74 -31.21 2.54
CGA CLA VF . -65.93 -29.99 2.28
O1A CLA VF . -65.68 -29.05 3.05
O2A CLA VF . -65.43 -29.95 1.01
NB CLA VF . -68.77 -36.82 1.85
C1B CLA VF . -69.90 -36.09 1.81
C2B CLA VF . -70.87 -36.78 0.92
C3B CLA VF . -70.27 -37.92 0.46
C4B CLA VF . -68.91 -37.95 1.03
CMB CLA VF . -72.18 -36.25 0.62
CAB CLA VF . -70.71 -38.90 -0.47
CBB CLA VF . -71.47 -38.59 -1.53
NC CLA VF . -66.11 -38.15 2.12
C1C CLA VF . -66.67 -38.99 1.22
C2C CLA VF . -65.73 -40.00 0.78
C3C CLA VF . -64.55 -39.73 1.42
C4C CLA VF . -64.79 -38.58 2.29
CMC CLA VF . -66.03 -41.04 -0.20
CAC CLA VF . -63.30 -40.50 1.28
CBC CLA VF . -62.52 -40.01 0.07
ND CLA VF . -65.22 -35.99 3.58
C1D CLA VF . -64.00 -36.74 3.70
C2D CLA VF . -63.03 -35.96 4.53
C3D CLA VF . -63.68 -34.77 4.80
C4D CLA VF . -65.04 -34.85 4.22
CMD CLA VF . -61.67 -36.33 4.90
CAD CLA VF . -63.57 -33.49 5.46
OBD CLA VF . -62.59 -33.01 6.01
CBD CLA VF . -64.96 -32.80 5.33
CGD CLA VF . -65.54 -32.58 6.68
O1D CLA VF . -65.70 -31.51 7.29
O2D CLA VF . -65.90 -33.76 7.25
CED CLA VF . -66.33 -33.78 8.60
C1 CLA VF . -64.10 -29.39 0.93
C2 CLA VF . -63.78 -29.32 -0.51
C3 CLA VF . -62.58 -29.58 -1.02
C4 CLA VF . -61.41 -29.98 -0.19
C5 CLA VF . -62.43 -29.43 -2.49
C6 CLA VF . -62.41 -30.75 -3.22
C7 CLA VF . -61.78 -30.52 -4.58
C8 CLA VF . -60.35 -31.03 -4.65
C9 CLA VF . -59.75 -30.59 -5.95
C10 CLA VF . -60.30 -32.53 -4.60
C11 CLA VF . -58.95 -33.01 -4.14
C12 CLA VF . -59.01 -33.52 -2.72
C13 CLA VF . -57.64 -33.47 -2.06
C14 CLA VF . -56.55 -34.00 -2.99
C15 CLA VF . -57.65 -34.25 -0.75
C16 CLA VF . -58.57 -33.70 0.32
C17 CLA VF . -58.42 -34.40 1.65
C18 CLA VF . -58.58 -35.93 1.60
C19 CLA VF . -60.02 -36.31 1.26
C20 CLA VF . -58.12 -36.52 2.93
HHB CLA VF . -71.12 -34.39 2.32
HHC CLA VF . -68.28 -39.70 0.02
HHD CLA VF . -62.88 -38.50 3.27
H2A CLA VF . -68.26 -32.33 5.51
H3A CLA VF . -69.48 -32.04 2.73
HMA1 CLA VF . -71.55 -32.58 3.76
HMA2 CLA VF . -70.66 -31.51 4.92
HMA3 CLA VF . -70.75 -33.29 5.21
HAA1 CLA VF . -66.58 -30.82 4.67
HAA2 CLA VF . -68.13 -30.28 3.91
HBA1 CLA VF . -67.53 -31.31 1.76
HBA2 CLA VF . -66.08 -32.12 2.50
HMB1 CLA VF . -72.86 -37.06 0.25
HMB2 CLA VF . -72.11 -35.45 -0.16
HMB3 CLA VF . -72.65 -35.81 1.55
HAB CLA VF . -70.40 -39.94 -0.27
HBB1 CLA VF . -71.77 -37.55 -1.73
HBB2 CLA VF . -71.82 -39.34 -2.25
HMC1 CLA VF . -65.11 -41.65 -0.42
HMC2 CLA VF . -66.41 -40.61 -1.15
HMC3 CLA VF . -66.82 -41.74 0.20
HAC1 CLA VF . -63.52 -41.59 1.17
HAC2 CLA VF . -62.67 -40.38 2.20
HBC1 CLA VF . -61.55 -40.56 0.00
HBC2 CLA VF . -62.32 -38.92 0.16
HBC3 CLA VF . -63.11 -40.20 -0.85
HMD1 CLA VF . -61.20 -35.52 5.51
HMD2 CLA VF . -61.03 -36.50 4.00
HMD3 CLA VF . -61.66 -37.27 5.52
HBD CLA VF . -64.81 -31.81 4.80
HED1 CLA VF . -66.15 -34.83 8.93
HED2 CLA VF . -67.41 -33.49 8.53
HED3 CLA VF . -65.68 -33.02 9.10
H11 CLA VF . -63.38 -30.04 1.49
H12 CLA VF . -64.11 -28.37 1.40
H2 CLA VF . -64.61 -29.01 -1.15
H41 CLA VF . -60.45 -29.81 -0.75
H42 CLA VF . -61.46 -31.05 0.10
H43 CLA VF . -61.36 -29.38 0.74
H51 CLA VF . -61.48 -28.87 -2.70
H52 CLA VF . -63.29 -28.81 -2.87
H61 CLA VF . -63.45 -31.16 -3.34
H62 CLA VF . -61.82 -31.52 -2.64
H71 CLA VF . -61.80 -29.42 -4.81
H72 CLA VF . -62.40 -31.02 -5.36
H8 CLA VF . -59.77 -30.61 -3.77
H91 CLA VF . -58.71 -30.99 -6.05
H92 CLA VF . -59.73 -29.48 -6.01
H93 CLA VF . -60.37 -30.99 -6.80
H101 CLA VF . -60.52 -32.97 -5.61
H102 CLA VF . -61.08 -32.92 -3.90
H111 CLA VF . -58.22 -32.15 -4.20
H112 CLA VF . -58.58 -33.80 -4.83
H121 CLA VF . -59.38 -34.59 -2.74
H122 CLA VF . -59.74 -32.92 -2.13
H13 CLA VF . -57.40 -32.38 -1.84
H141 CLA VF . -55.62 -34.23 -2.42
H142 CLA VF . -56.30 -33.25 -3.78
H143 CLA VF . -56.89 -34.94 -3.50
H151 CLA VF . -56.61 -34.29 -0.33
H152 CLA VF . -57.95 -35.32 -0.96
H161 CLA VF . -59.63 -33.79 -0.02
H162 CLA VF . -58.36 -32.61 0.46
H171 CLA VF . -59.17 -33.99 2.37
H172 CLA VF . -57.40 -34.17 2.07
H18 CLA VF . -57.94 -36.37 0.80
H191 CLA VF . -60.15 -37.42 1.34
H192 CLA VF . -60.25 -36.01 0.21
H193 CLA VF . -60.74 -35.81 1.94
H201 CLA VF . -57.94 -37.62 2.83
H202 CLA VF . -58.88 -36.35 3.73
H203 CLA VF . -57.16 -36.04 3.26
MG CLA WF . -56.03 -32.59 14.42
CHA CLA WF . -56.44 -31.13 17.56
CHB CLA WF . -55.06 -29.60 13.18
CHC CLA WF . -54.88 -34.15 11.54
CHD CLA WF . -56.34 -35.69 15.93
NA CLA WF . -55.84 -30.68 15.26
C1A CLA WF . -56.07 -30.28 16.57
C2A CLA WF . -55.71 -28.81 16.75
C3A CLA WF . -55.55 -28.31 15.30
C4A CLA WF . -55.46 -29.61 14.50
CMA CLA WF . -56.72 -27.44 14.90
CAA CLA WF . -54.40 -28.71 17.55
CBA CLA WF . -53.25 -29.48 16.92
CGA CLA WF . -51.99 -29.49 17.78
O1A CLA WF . -51.81 -29.14 18.95
O2A CLA WF . -50.91 -29.96 17.10
NB CLA WF . -55.07 -31.98 12.70
C1B CLA WF . -54.96 -30.69 12.32
C2B CLA WF . -54.70 -30.62 10.85
C3B CLA WF . -54.64 -31.92 10.38
C4B CLA WF . -54.87 -32.79 11.56
CMB CLA WF . -54.54 -29.33 10.16
CAB CLA WF . -54.38 -32.52 9.08
CBB CLA WF . -53.72 -31.97 8.07
NC CLA WF . -55.74 -34.54 13.83
C1C CLA WF . -55.32 -34.99 12.60
C2C CLA WF . -55.25 -36.44 12.57
C3C CLA WF . -55.64 -36.85 13.85
C4C CLA WF . -55.95 -35.66 14.59
CMC CLA WF . -54.81 -37.30 11.46
CAC CLA WF . -55.73 -38.22 14.36
CBC CLA WF . -54.39 -38.65 14.94
ND CLA WF . -56.48 -33.29 16.24
C1D CLA WF . -56.60 -34.60 16.70
C2D CLA WF . -56.94 -34.62 18.12
C3D CLA WF . -56.91 -33.29 18.53
C4D CLA WF . -56.57 -32.52 17.32
CMD CLA WF . -57.17 -35.85 18.86
CAD CLA WF . -56.97 -32.36 19.65
OBD CLA WF . -57.05 -32.58 20.88
CBD CLA WF . -56.74 -30.94 19.04
CGD CLA WF . -57.90 -29.98 19.22
O1D CLA WF . -57.80 -28.77 19.45
O2D CLA WF . -59.17 -30.52 19.15
CED CLA WF . -60.31 -29.67 18.94
C1 CLA WF . -49.84 -30.44 17.96
C2 CLA WF . -48.72 -30.69 17.03
C3 CLA WF . -48.10 -31.86 16.94
C4 CLA WF . -48.48 -33.05 17.76
C5 CLA WF . -46.97 -31.97 15.99
C6 CLA WF . -47.04 -33.24 15.17
C7 CLA WF . -45.95 -33.15 14.15
C8 CLA WF . -45.78 -34.42 13.36
C9 CLA WF . -45.44 -35.57 14.29
C10 CLA WF . -44.70 -34.17 12.33
C11 CLA WF . -45.22 -34.25 10.91
C12 CLA WF . -45.46 -35.70 10.51
C13 CLA WF . -45.36 -35.92 9.00
C14 CLA WF . -43.89 -36.03 8.60
C15 CLA WF . -46.09 -34.84 8.21
HHB CLA WF . -54.80 -28.62 12.73
HHC CLA WF . -54.52 -34.67 10.63
HHD CLA WF . -56.44 -36.68 16.40
H2A CLA WF . -56.54 -28.26 17.27
H3A CLA WF . -54.59 -27.74 15.13
HMA1 CLA WF . -56.62 -27.12 13.83
HMA2 CLA WF . -56.76 -26.52 15.53
HMA3 CLA WF . -57.68 -28.00 15.02
HAA1 CLA WF . -54.57 -29.09 18.60
HAA2 CLA WF . -54.11 -27.62 17.65
HBA1 CLA WF . -53.00 -29.04 15.93
HBA2 CLA WF . -53.57 -30.55 16.76
HMB1 CLA WF . -54.81 -29.44 9.07
HMB2 CLA WF . -53.47 -29.00 10.22
HMB3 CLA WF . -55.20 -28.55 10.62
HAB CLA WF . -54.80 -33.54 8.98
HBB1 CLA WF . -53.32 -30.96 8.12
HBB2 CLA WF . -53.57 -32.49 7.11
HMC1 CLA WF . -54.87 -38.38 11.73
HMC2 CLA WF . -53.75 -37.07 11.18
HMC3 CLA WF . -55.45 -37.14 10.56
HAC1 CLA WF . -56.02 -38.92 13.54
HAC2 CLA WF . -56.52 -38.29 15.16
HBC1 CLA WF . -54.50 -39.66 15.41
HBC2 CLA WF . -54.05 -37.92 15.70
HBC3 CLA WF . -53.63 -38.72 14.12
HMD1 CLA WF . -57.51 -35.64 19.90
HMD2 CLA WF . -56.23 -36.47 18.92
HMD3 CLA WF . -57.95 -36.46 18.36
HBD CLA WF . -55.87 -30.51 19.61
HED1 CLA WF . -61.17 -30.27 19.33
HED2 CLA WF . -60.32 -29.51 17.83
HED3 CLA WF . -60.08 -28.75 19.53
H11 CLA WF . -50.18 -31.37 18.48
H12 CLA WF . -49.60 -29.65 18.72
H2 CLA WF . -48.42 -29.83 16.41
H41 CLA WF . -47.67 -33.81 17.77
H42 CLA WF . -49.40 -33.54 17.36
H43 CLA WF . -48.68 -32.76 18.82
H51 CLA WF . -46.00 -31.93 16.55
H52 CLA WF . -46.99 -31.08 15.30
H61 CLA WF . -48.04 -33.36 14.68
H62 CLA WF . -46.89 -34.15 15.83
H71 CLA WF . -44.99 -32.88 14.66
H72 CLA WF . -46.18 -32.30 13.45
H8 CLA WF . -46.72 -34.73 12.84
H91 CLA WF . -44.83 -36.33 13.75
H92 CLA WF . -46.39 -36.05 14.66
H93 CLA WF . -44.86 -35.20 15.17
H101 CLA WF . -43.86 -34.91 12.46
H102 CLA WF . -44.25 -33.14 12.50
H111 CLA WF . -44.48 -33.78 10.21
H112 CLA WF . -46.18 -33.67 10.83
H121 CLA WF . -46.48 -36.01 10.86
H122 CLA WF . -44.72 -36.35 11.04
H13 CLA WF . -45.85 -36.90 8.76
H141 CLA WF . -43.80 -36.34 7.53
H142 CLA WF . -43.37 -36.80 9.22
H143 CLA WF . -43.37 -35.05 8.72
MG CLA XF . -42.53 -34.12 -12.96
CHA CLA XF . -42.29 -36.50 -15.46
CHB CLA XF . -39.23 -33.88 -12.79
CHC CLA XF . -42.92 -31.28 -11.02
CHD CLA XF . -46.02 -34.08 -13.63
NA CLA XF . -41.08 -35.03 -13.90
C1A CLA XF . -41.14 -36.08 -14.86
C2A CLA XF . -39.79 -36.72 -15.06
C3A CLA XF . -38.86 -36.00 -14.03
C4A CLA XF . -39.77 -34.89 -13.52
CMA CLA XF . -38.42 -36.93 -12.91
CAA CLA XF . -39.29 -36.57 -16.48
CBA CLA XF . -39.12 -35.14 -16.91
CGA CLA XF . -40.39 -34.54 -17.37
O1A CLA XF . -41.25 -35.01 -18.13
O2A CLA XF . -40.55 -33.28 -16.85
NB CLA XF . -41.28 -32.80 -12.03
C1B CLA XF . -39.94 -32.83 -12.22
C2B CLA XF . -39.33 -31.65 -11.56
C3B CLA XF . -40.34 -30.91 -11.05
C4B CLA XF . -41.63 -31.64 -11.32
CMB CLA XF . -37.89 -31.35 -11.57
CAB CLA XF . -40.20 -29.65 -10.37
CBB CLA XF . -40.12 -29.51 -9.08
NC CLA XF . -44.17 -32.86 -12.52
C1C CLA XF . -44.10 -31.85 -11.60
C2C CLA XF . -45.46 -31.45 -11.26
C3C CLA XF . -46.36 -32.26 -11.96
C4C CLA XF . -45.51 -33.16 -12.73
CMC CLA XF . -45.72 -30.36 -10.33
CAC CLA XF . -47.86 -32.27 -11.96
CBC CLA XF . -48.41 -30.98 -12.45
ND CLA XF . -43.92 -35.00 -14.30
C1D CLA XF . -45.30 -34.94 -14.38
C2D CLA XF . -45.81 -35.90 -15.36
C3D CLA XF . -44.69 -36.50 -15.85
C4D CLA XF . -43.56 -35.94 -15.13
CMD CLA XF . -47.22 -36.02 -15.70
CAD CLA XF . -44.13 -37.47 -16.75
OBD CLA XF . -44.69 -38.14 -17.56
CBD CLA XF . -42.59 -37.51 -16.52
CGD CLA XF . -42.16 -38.89 -16.14
O1D CLA XF . -41.32 -39.54 -16.75
O2D CLA XF . -42.78 -39.46 -15.07
CED CLA XF . -42.53 -40.85 -14.99
C1 CLA XF . -41.78 -32.56 -17.09
C2 CLA XF . -41.77 -31.32 -16.25
C3 CLA XF . -42.82 -30.81 -15.57
C4 CLA XF . -44.17 -31.44 -15.60
C5 CLA XF . -42.74 -29.55 -14.75
C6 CLA XF . -41.35 -29.03 -14.43
C7 CLA XF . -41.34 -27.67 -13.73
C8 CLA XF . -40.14 -26.81 -14.16
C9 CLA XF . -39.16 -26.61 -13.04
C10 CLA XF . -40.56 -25.46 -14.74
C11 CLA XF . -40.23 -25.41 -16.24
C12 CLA XF . -40.45 -24.05 -16.90
C13 CLA XF . -41.90 -23.59 -16.85
C14 CLA XF . -42.79 -24.57 -17.60
C15 CLA XF . -42.06 -22.19 -17.45
C16 CLA XF . -41.79 -21.07 -16.46
C17 CLA XF . -41.89 -19.74 -17.19
C18 CLA XF . -42.70 -18.66 -16.48
C19 CLA XF . -42.69 -17.36 -17.25
C20 CLA XF . -44.15 -19.05 -16.38
HHB CLA XF . -38.14 -33.88 -12.66
HHC CLA XF . -43.09 -30.48 -10.27
HHD CLA XF . -47.13 -34.12 -13.74
H2A CLA XF . -39.89 -37.82 -14.82
H3A CLA XF . -37.96 -35.56 -14.52
HMA1 CLA XF . -37.87 -36.37 -12.12
HMA2 CLA XF . -37.75 -37.73 -13.30
HMA3 CLA XF . -39.30 -37.42 -12.43
HAA1 CLA XF . -40.01 -37.07 -17.17
HAA2 CLA XF . -38.31 -37.09 -16.57
HBA1 CLA XF . -38.38 -35.10 -17.76
HBA2 CLA XF . -38.71 -34.53 -16.06
HMB1 CLA XF . -37.69 -30.40 -11.02
HMB2 CLA XF . -37.52 -31.25 -12.62
HMB3 CLA XF . -37.33 -32.18 -11.05
HAB CLA XF . -40.17 -28.78 -11.04
HBB1 CLA XF . -40.15 -30.36 -8.39
HBB2 CLA XF . -40.00 -28.52 -8.60
HMC1 CLA XF . -46.82 -30.27 -10.12
HMC2 CLA XF . -45.37 -29.38 -10.75
HMC3 CLA XF . -45.20 -30.53 -9.35
HAC1 CLA XF . -48.24 -32.45 -10.91
HAC2 CLA XF . -48.25 -33.11 -12.59
HBC1 CLA XF . -49.52 -31.01 -12.48
HBC2 CLA XF . -48.02 -30.76 -13.48
HBC3 CLA XF . -48.09 -30.14 -11.78
HMD1 CLA XF . -47.37 -36.83 -16.46
HMD2 CLA XF . -47.61 -35.07 -16.14
HMD3 CLA XF . -47.83 -36.27 -14.80
HBD CLA XF . -42.04 -37.25 -17.46
HED1 CLA XF . -43.32 -41.23 -14.27
HED2 CLA XF . -41.48 -40.92 -14.60
HED3 CLA XF . -42.66 -41.21 -16.03
H11 CLA XF . -42.64 -33.23 -16.82
H12 CLA XF . -41.83 -32.32 -18.19
H2 CLA XF . -40.79 -30.83 -16.22
H41 CLA XF . -44.95 -30.77 -15.15
H42 CLA XF . -44.20 -32.39 -15.02
H43 CLA XF . -44.50 -31.68 -16.64
H51 CLA XF . -43.28 -29.73 -13.78
H52 CLA XF . -43.31 -28.75 -15.30
H61 CLA XF . -40.75 -28.94 -15.39
H62 CLA XF . -40.80 -29.78 -13.79
H71 CLA XF . -41.30 -27.84 -12.62
H72 CLA XF . -42.30 -27.14 -13.94
H8 CLA XF . -39.64 -27.38 -15.00
H91 CLA XF . -38.21 -26.16 -13.43
H92 CLA XF . -38.91 -27.58 -12.57
H93 CLA XF . -39.58 -25.92 -12.27
H101 CLA XF . -40.02 -24.63 -14.22
H102 CLA XF . -41.65 -25.29 -14.60
H111 CLA XF . -40.85 -26.18 -16.76
H112 CLA XF . -39.15 -25.71 -16.37
H121 CLA XF . -40.10 -24.12 -17.96
H122 CLA XF . -39.79 -23.30 -16.39
H13 CLA XF . -42.22 -23.55 -15.77
H141 CLA XF . -43.79 -24.12 -17.81
H142 CLA XF . -42.95 -25.50 -17.00
H143 CLA XF . -42.33 -24.86 -18.58
H151 CLA XF . -43.10 -22.06 -17.84
H152 CLA XF . -41.35 -22.05 -18.30
H161 CLA XF . -40.78 -21.18 -15.99
H162 CLA XF . -42.55 -21.10 -15.62
H171 CLA XF . -42.34 -19.92 -18.20
H172 CLA XF . -40.85 -19.35 -17.35
H18 CLA XF . -42.24 -18.55 -15.47
H191 CLA XF . -43.38 -16.62 -16.76
H192 CLA XF . -43.03 -17.52 -18.30
H193 CLA XF . -41.67 -16.92 -17.26
H201 CLA XF . -44.76 -18.22 -15.95
H202 CLA XF . -44.28 -19.96 -15.73
H203 CLA XF . -44.56 -19.30 -17.40
MG CLA YF . -57.62 -36.19 -20.57
CHA CLA YF . -55.69 -36.68 -23.31
CHB CLA YF . -55.07 -37.64 -18.68
CHC CLA YF . -58.99 -34.99 -17.56
CHD CLA YF . -59.69 -34.04 -22.28
NA CLA YF . -55.76 -37.09 -20.97
C1A CLA YF . -55.14 -37.22 -22.21
C2A CLA YF . -53.84 -37.99 -22.11
C3A CLA YF . -53.84 -38.51 -20.66
C4A CLA YF . -54.97 -37.71 -20.04
CMA CLA YF . -54.11 -39.98 -20.51
CAA CLA YF . -52.66 -37.06 -22.37
CBA CLA YF . -52.58 -36.01 -21.29
CGA CLA YF . -51.50 -35.04 -21.61
O1A CLA YF . -50.78 -34.92 -22.61
O2A CLA YF . -51.36 -34.24 -20.51
NB CLA YF . -57.10 -36.24 -18.55
C1B CLA YF . -56.06 -36.93 -18.01
C2B CLA YF . -56.08 -36.85 -16.54
C3B CLA YF . -57.17 -36.08 -16.22
C4B CLA YF . -57.85 -35.72 -17.48
CMB CLA YF . -55.07 -37.50 -15.67
CAB CLA YF . -57.73 -35.71 -14.96
CBB CLA YF . -57.67 -36.51 -13.88
NC CLA YF . -59.06 -34.79 -20.02
C1C CLA YF . -59.57 -34.56 -18.77
C2C CLA YF . -60.78 -33.75 -18.85
C3C CLA YF . -60.95 -33.45 -20.18
C4C CLA YF . -59.88 -34.10 -20.91
CMC CLA YF . -61.59 -33.31 -17.73
CAC CLA YF . -62.01 -32.66 -20.79
CBC CLA YF . -61.37 -31.36 -21.19
ND CLA YF . -57.79 -35.58 -22.34
C1D CLA YF . -58.72 -34.73 -22.97
C2D CLA YF . -58.43 -34.67 -24.41
C3D CLA YF . -57.29 -35.40 -24.59
C4D CLA YF . -56.90 -35.91 -23.25
CMD CLA YF . -59.20 -33.96 -25.43
CAD CLA YF . -56.29 -35.82 -25.54
OBD CLA YF . -56.15 -35.58 -26.74
CBD CLA YF . -55.26 -36.67 -24.75
CGD CLA YF . -55.39 -38.01 -25.40
O1D CLA YF . -54.51 -38.84 -25.60
O2D CLA YF . -56.67 -38.20 -25.81
CED CLA YF . -57.31 -39.47 -25.68
C1 CLA YF . -51.10 -32.85 -20.72
C2 CLA YF . -49.84 -32.87 -21.45
C3 CLA YF . -49.50 -31.99 -22.37
C4 CLA YF . -48.19 -32.13 -23.07
C5 CLA YF . -50.36 -30.83 -22.71
C6 CLA YF . -49.45 -29.62 -22.87
C7 CLA YF . -50.17 -28.29 -22.76
C8 CLA YF . -49.67 -27.35 -21.65
C9 CLA YF . -48.16 -27.43 -21.39
C10 CLA YF . -50.48 -27.63 -20.37
C11 CLA YF . -51.63 -26.66 -20.17
C12 CLA YF . -52.86 -26.88 -21.07
C13 CLA YF . -54.16 -26.48 -20.38
C14 CLA YF . -55.30 -27.17 -21.11
C15 CLA YF . -54.41 -24.97 -20.30
C16 CLA YF . -53.66 -24.28 -19.16
C17 CLA YF . -54.55 -23.63 -18.11
C18 CLA YF . -53.89 -22.43 -17.42
C19 CLA YF . -54.73 -21.19 -17.74
C20 CLA YF . -53.65 -22.66 -15.93
HHB CLA YF . -54.33 -38.18 -18.06
HHC CLA YF . -59.51 -34.70 -16.63
HHD CLA YF . -60.35 -33.38 -22.86
H2A CLA YF . -53.85 -38.84 -22.85
H3A CLA YF . -52.84 -38.28 -20.18
HMA1 CLA YF . -53.77 -40.36 -19.52
HMA2 CLA YF . -53.58 -40.58 -21.30
HMA3 CLA YF . -55.20 -40.19 -20.62
HAA1 CLA YF . -52.78 -36.57 -23.38
HAA2 CLA YF . -51.71 -37.66 -22.39
HBA1 CLA YF . -52.38 -36.49 -20.30
HBA2 CLA YF . -53.55 -35.46 -21.22
HMB1 CLA YF . -55.04 -37.00 -14.67
HMB2 CLA YF . -54.05 -37.43 -16.13
HMB3 CLA YF . -55.32 -38.58 -15.53
HAB CLA YF . -58.21 -34.72 -14.92
HBB1 CLA YF . -57.18 -37.49 -13.92
HBB2 CLA YF . -58.09 -36.24 -12.91
HMC1 CLA YF . -62.34 -32.55 -18.04
HMC2 CLA YF . -60.95 -32.87 -16.92
HMC3 CLA YF . -62.14 -34.18 -17.28
HAC1 CLA YF . -62.85 -32.49 -20.07
HAC2 CLA YF . -62.44 -33.18 -21.69
HBC1 CLA YF . -62.09 -30.76 -21.80
HBC2 CLA YF . -60.45 -31.55 -21.79
HBC3 CLA YF . -61.11 -30.78 -20.28
HMD1 CLA YF . -58.86 -34.23 -26.46
HMD2 CLA YF . -59.09 -32.84 -25.32
HMD3 CLA YF . -60.30 -34.20 -25.35
HBD CLA YF . -54.21 -36.27 -24.77
HED1 CLA YF . -58.22 -39.40 -26.33
HED2 CLA YF . -57.54 -39.54 -24.58
HED3 CLA YF . -56.55 -40.20 -26.03
H11 CLA YF . -51.02 -32.33 -19.73
H12 CLA YF . -51.94 -32.39 -21.31
H2 CLA YF . -49.16 -33.69 -21.18
H41 CLA YF . -48.19 -31.59 -24.05
H42 CLA YF . -47.95 -33.20 -23.27
H43 CLA YF . -47.36 -31.70 -22.45
H51 CLA YF . -51.12 -30.66 -21.88
H52 CLA YF . -50.94 -31.02 -23.65
H61 CLA YF . -48.94 -29.67 -23.87
H62 CLA YF . -48.65 -29.66 -22.09
H71 CLA YF . -51.26 -28.50 -22.59
H72 CLA YF . -50.09 -27.77 -23.75
H8 CLA YF . -49.83 -26.30 -22.00
H91 CLA YF . -47.80 -26.44 -20.99
H92 CLA YF . -47.61 -27.65 -22.33
H93 CLA YF . -47.94 -28.22 -20.64
H101 CLA YF . -49.79 -27.57 -19.48
H102 CLA YF . -50.88 -28.68 -20.41
H111 CLA YF . -51.26 -25.62 -20.32
H112 CLA YF . -51.96 -26.74 -19.10
H121 CLA YF . -52.90 -27.96 -21.36
H122 CLA YF . -52.71 -26.29 -22.00
H13 CLA YF . -54.09 -26.83 -19.32
H141 CLA YF . -56.28 -26.88 -20.66
H142 CLA YF . -55.20 -28.28 -21.07
H143 CLA YF . -55.31 -26.87 -22.19
H151 CLA YF . -55.50 -24.78 -20.16
H152 CLA YF . -54.11 -24.48 -21.26
H161 CLA YF . -53.00 -23.49 -19.60
H162 CLA YF . -52.99 -25.03 -18.66
H171 CLA YF . -54.81 -24.40 -17.32
H172 CLA YF . -55.51 -23.30 -18.58
H18 CLA YF . -52.85 -22.26 -17.81
H191 CLA YF . -54.33 -20.30 -17.21
H192 CLA YF . -55.79 -21.34 -17.43
H193 CLA YF . -54.71 -20.99 -18.84
H201 CLA YF . -53.32 -21.72 -15.43
H202 CLA YF . -52.86 -23.43 -15.77
H203 CLA YF . -54.59 -23.01 -15.43
MG CLA ZF . -53.33 -39.88 -13.87
CHA CLA ZF . -56.08 -40.38 -11.71
CHB CLA ZF . -52.96 -36.72 -12.61
CHC CLA ZF . -51.42 -39.05 -16.55
CHD CLA ZF . -54.12 -42.97 -15.35
NA CLA ZF . -54.41 -38.76 -12.45
C1A CLA ZF . -55.46 -39.16 -11.60
C2A CLA ZF . -55.79 -38.07 -10.57
C3A CLA ZF . -54.65 -37.05 -10.79
C4A CLA ZF . -53.96 -37.52 -12.05
CMA CLA ZF . -55.15 -35.65 -11.11
CAA CLA ZF . -55.82 -38.68 -9.17
CBA CLA ZF . -56.13 -37.69 -8.08
CGA CLA ZF . -57.39 -36.94 -8.37
O1A CLA ZF . -58.44 -37.29 -8.90
O2A CLA ZF . -57.30 -35.68 -7.92
NB CLA ZF . -52.33 -38.24 -14.42
C1B CLA ZF . -52.29 -37.04 -13.79
C2B CLA ZF . -51.40 -36.10 -14.55
C3B CLA ZF . -51.00 -36.77 -15.67
C4B CLA ZF . -51.59 -38.11 -15.61
CMB CLA ZF . -51.12 -34.73 -14.14
CAB CLA ZF . -50.24 -36.37 -16.79
CBB CLA ZF . -50.66 -35.52 -17.72
NC CLA ZF . -52.83 -40.83 -15.54
C1C CLA ZF . -51.98 -40.36 -16.51
C2C CLA ZF . -51.82 -41.34 -17.58
C3C CLA ZF . -52.59 -42.41 -17.24
C4C CLA ZF . -53.21 -42.11 -15.96
CMC CLA ZF . -51.03 -41.13 -18.79
CAC CLA ZF . -52.83 -43.64 -18.00
CBC CLA ZF . -54.02 -43.44 -18.91
ND CLA ZF . -54.82 -41.35 -13.70
C1D CLA ZF . -54.91 -42.64 -14.28
C2D CLA ZF . -55.93 -43.43 -13.63
C3D CLA ZF . -56.47 -42.58 -12.68
C4D CLA ZF . -55.70 -41.33 -12.74
CMD CLA ZF . -56.35 -44.78 -14.02
CAD CLA ZF . -57.47 -42.40 -11.66
OBD CLA ZF . -58.41 -43.12 -11.39
CBD CLA ZF . -57.20 -41.05 -10.94
CGD CLA ZF . -58.44 -40.23 -10.93
O1D CLA ZF . -59.42 -40.27 -10.20
O2D CLA ZF . -58.50 -39.33 -11.93
CED CLA ZF . -59.65 -38.50 -11.99
C1 CLA ZF . -58.37 -34.75 -8.21
C2 CLA ZF . -58.62 -34.58 -9.65
C3 CLA ZF . -59.10 -33.46 -10.23
C4 CLA ZF . -59.35 -32.23 -9.45
C5 CLA ZF . -59.35 -33.43 -11.70
C6 CLA ZF . -59.70 -32.07 -12.28
C7 CLA ZF . -59.71 -32.12 -13.81
C8 CLA ZF . -58.90 -31.00 -14.45
C9 CLA ZF . -59.32 -29.64 -13.91
C10 CLA ZF . -59.17 -31.11 -15.93
C11 CLA ZF . -58.26 -30.33 -16.83
C12 CLA ZF . -58.19 -31.08 -18.15
C13 CLA ZF . -57.17 -30.53 -19.13
C14 CLA ZF . -57.47 -29.07 -19.40
C15 CLA ZF . -57.20 -31.41 -20.38
C16 CLA ZF . -56.19 -31.03 -21.47
C17 CLA ZF . -55.78 -32.22 -22.34
C18 CLA ZF . -54.71 -31.91 -23.39
C19 CLA ZF . -53.75 -30.82 -22.96
C20 CLA ZF . -53.87 -33.14 -23.72
HHB CLA ZF . -52.69 -35.79 -12.10
HHC CLA ZF . -50.81 -38.82 -17.44
HHD CLA ZF . -54.20 -44.00 -15.75
H2A CLA ZF . -56.79 -37.60 -10.78
H3A CLA ZF . -53.99 -37.08 -9.88
HMA1 CLA ZF . -54.30 -34.92 -11.13
HMA2 CLA ZF . -55.88 -35.30 -10.33
HMA3 CLA ZF . -55.66 -35.63 -12.10
HAA1 CLA ZF . -54.82 -39.15 -8.96
HAA2 CLA ZF . -56.58 -39.50 -9.15
HBA1 CLA ZF . -55.29 -36.95 -7.99
HBA2 CLA ZF . -56.25 -38.22 -7.11
HMB1 CLA ZF . -50.89 -34.10 -15.04
HMB2 CLA ZF . -50.23 -34.71 -13.45
HMB3 CLA ZF . -52.00 -34.30 -13.61
HAB CLA ZF . -49.23 -36.81 -16.85
HBB1 CLA ZF . -51.65 -35.07 -17.67
HBB2 CLA ZF . -50.06 -35.24 -18.60
HMC1 CLA ZF . -51.05 -42.04 -19.44
HMC2 CLA ZF . -49.96 -40.91 -18.53
HMC3 CLA ZF . -51.43 -40.27 -19.38
HAC1 CLA ZF . -53.02 -44.50 -17.30
HAC2 CLA ZF . -51.93 -43.91 -18.60
HBC1 CLA ZF . -54.20 -44.36 -19.52
HBC2 CLA ZF . -53.84 -42.57 -19.60
HBC3 CLA ZF . -54.93 -43.22 -18.30
HMD1 CLA ZF . -57.20 -45.14 -13.39
HMD2 CLA ZF . -55.51 -45.51 -13.91
HMD3 CLA ZF . -56.68 -44.80 -15.09
HBD CLA ZF . -56.88 -41.23 -9.88
HED1 CLA ZF . -59.66 -38.14 -13.05
HED2 CLA ZF . -59.43 -37.70 -11.23
HED3 CLA ZF . -60.49 -39.17 -11.72
H11 CLA ZF . -58.08 -33.76 -7.74
H12 CLA ZF . -59.29 -35.13 -7.69
H2 CLA ZF . -58.39 -35.48 -10.27
H41 CLA ZF . -60.18 -31.63 -9.90
H42 CLA ZF . -58.45 -31.57 -9.41
H43 CLA ZF . -59.64 -32.46 -8.39
H51 CLA ZF . -60.18 -34.15 -11.92
H52 CLA ZF . -58.42 -33.81 -12.22
H61 CLA ZF . -58.97 -31.29 -11.94
H62 CLA ZF . -60.71 -31.74 -11.92
H71 CLA ZF . -60.77 -32.07 -14.16
H72 CLA ZF . -59.30 -33.11 -14.12
H8 CLA ZF . -57.80 -31.08 -14.21
H91 CLA ZF . -59.17 -28.85 -14.69
H92 CLA ZF . -58.72 -29.38 -13.01
H93 CLA ZF . -60.40 -29.66 -13.62
H101 CLA ZF . -60.22 -30.79 -16.12
H102 CLA ZF . -59.10 -32.20 -16.22
H111 CLA ZF . -57.25 -30.21 -16.38
H112 CLA ZF . -58.67 -29.29 -16.98
H121 CLA ZF . -59.20 -31.06 -18.62
H122 CLA ZF . -57.94 -32.15 -17.92
H13 CLA ZF . -56.12 -30.55 -18.72
H141 CLA ZF . -57.38 -28.84 -20.48
H142 CLA ZF . -56.75 -28.42 -18.84
H143 CLA ZF . -58.50 -28.80 -19.06
H151 CLA ZF . -58.23 -31.37 -20.84
H152 CLA ZF . -57.01 -32.47 -20.09
H161 CLA ZF . -55.28 -30.59 -21.00
H162 CLA ZF . -56.65 -30.24 -22.12
H171 CLA ZF . -56.69 -32.63 -22.87
H172 CLA ZF . -55.40 -33.04 -21.67
H18 CLA ZF . -55.27 -31.57 -24.30
H191 CLA ZF . -52.95 -30.68 -23.73
H192 CLA ZF . -53.28 -31.07 -21.98
H193 CLA ZF . -54.31 -29.85 -22.83
H201 CLA ZF . -53.09 -32.89 -24.47
H202 CLA ZF . -54.53 -33.95 -24.15
H203 CLA ZF . -53.38 -33.54 -22.80
MG CLA AG . -43.98 -44.11 -2.21
CHA CLA AG . -41.88 -46.93 -1.98
CHB CLA AG . -46.61 -46.27 -2.67
CHC CLA AG . -46.28 -41.59 -1.51
CHD CLA AG . -41.43 -42.22 -0.79
NA CLA AG . -44.15 -46.21 -2.37
C1A CLA AG . -43.18 -47.21 -2.25
C2A CLA AG . -43.77 -48.61 -2.39
C3A CLA AG . -45.20 -48.32 -2.87
C4A CLA AG . -45.36 -46.83 -2.61
CMA CLA AG . -45.38 -48.55 -4.36
CAA CLA AG . -43.72 -49.33 -1.06
CBA CLA AG . -44.03 -48.41 0.10
CGA CLA AG . -44.20 -49.15 1.40
O1A CLA AG . -44.41 -50.34 1.59
O2A CLA AG . -44.11 -48.33 2.50
NB CLA AG . -46.09 -43.94 -2.17
C1B CLA AG . -46.96 -44.93 -2.45
C2B CLA AG . -48.34 -44.39 -2.54
C3B CLA AG . -48.27 -43.06 -2.20
C4B CLA AG . -46.82 -42.76 -1.93
CMB CLA AG . -49.49 -45.25 -2.80
CAB CLA AG . -49.28 -42.06 -2.01
CBB CLA AG . -50.46 -42.02 -2.65
NC CLA AG . -43.89 -42.28 -1.30
C1C CLA AG . -44.90 -41.36 -1.20
C2C CLA AG . -44.35 -40.09 -0.71
C3C CLA AG . -42.98 -40.27 -0.51
C4C CLA AG . -42.71 -41.64 -0.90
CMC CLA AG . -45.15 -38.90 -0.47
CAC CLA AG . -41.98 -39.28 -0.03
CBC CLA AG . -41.83 -39.25 1.45
ND CLA AG . -42.09 -44.47 -1.46
C1D CLA AG . -41.12 -43.54 -1.04
C2D CLA AG . -39.80 -44.22 -0.95
C3D CLA AG . -40.03 -45.52 -1.35
C4D CLA AG . -41.47 -45.61 -1.65
CMD CLA AG . -38.58 -43.59 -0.48
CAD CLA AG . -39.46 -46.81 -1.55
OBD CLA AG . -38.30 -47.17 -1.45
CBD CLA AG . -40.64 -47.74 -2.02
CGD CLA AG . -40.40 -48.09 -3.46
O1D CLA AG . -39.76 -47.43 -4.28
O2D CLA AG . -41.00 -49.21 -3.91
CED CLA AG . -40.79 -49.51 -5.28
C1 CLA AG . -43.95 -48.98 3.77
C2 CLA AG . -44.15 -48.03 4.90
C3 CLA AG . -43.23 -47.80 5.85
C4 CLA AG . -41.90 -48.49 5.86
C5 CLA AG . -43.52 -46.86 6.97
C6 CLA AG . -43.33 -45.40 6.64
C7 CLA AG . -43.43 -44.56 7.92
C8 CLA AG . -43.34 -43.06 7.64
C9 CLA AG . -41.92 -42.66 7.29
C10 CLA AG . -43.83 -42.24 8.84
C11 CLA AG . -44.13 -40.80 8.44
C12 CLA AG . -44.32 -39.88 9.63
C13 CLA AG . -45.57 -40.14 10.48
C14 CLA AG . -46.82 -40.24 9.61
C15 CLA AG . -45.75 -39.00 11.48
C16 CLA AG . -45.81 -39.41 12.95
C17 CLA AG . -44.53 -39.08 13.74
C18 CLA AG . -44.78 -38.53 15.14
C19 CLA AG . -44.26 -39.44 16.22
HHB CLA AG . -47.46 -46.94 -2.93
HHC CLA AG . -46.94 -40.72 -1.38
HHD CLA AG . -40.60 -41.56 -0.49
H2A CLA AG . -43.20 -49.21 -3.14
H3A CLA AG . -45.93 -48.93 -2.28
HMA1 CLA AG . -46.29 -48.05 -4.74
HMA2 CLA AG . -45.45 -49.64 -4.59
HMA3 CLA AG . -44.50 -48.14 -4.93
HAA1 CLA AG . -42.70 -49.78 -0.91
HAA2 CLA AG . -44.45 -50.19 -1.07
HBA1 CLA AG . -44.99 -47.86 -0.11
HBA2 CLA AG . -43.21 -47.66 0.21
HMB1 CLA AG . -50.43 -44.77 -2.44
HMB2 CLA AG . -49.37 -46.24 -2.28
HMB3 CLA AG . -49.59 -45.44 -3.90
HAB CLA AG . -49.02 -41.28 -1.27
HBB1 CLA AG . -50.75 -42.78 -3.40
HBB2 CLA AG . -51.21 -41.24 -2.47
HMC1 CLA AG . -44.57 -38.14 0.11
HMC2 CLA AG . -46.07 -39.16 0.11
HMC3 CLA AG . -45.46 -38.44 -1.44
HAC1 CLA AG . -42.27 -38.24 -0.38
HAC2 CLA AG . -40.98 -39.49 -0.49
HBC1 CLA AG . -40.99 -38.57 1.73
HBC2 CLA AG . -41.60 -40.27 1.83
HBC3 CLA AG . -42.77 -38.88 1.92
HMD1 CLA AG . -37.71 -44.30 -0.61
HMD2 CLA AG . -38.65 -43.33 0.60
HMD3 CLA AG . -38.36 -42.66 -1.06
HBD CLA AG . -40.67 -48.64 -1.34
HED1 CLA AG . -41.51 -50.34 -5.48
HED2 CLA AG . -39.71 -49.81 -5.32
HED3 CLA AG . -41.02 -48.55 -5.79
H11 CLA AG . -42.92 -49.42 3.80
H12 CLA AG . -44.70 -49.82 3.82
H2 CLA AG . -45.12 -47.50 4.89
H41 CLA AG . -41.36 -48.33 6.83
H42 CLA AG . -41.24 -48.13 5.05
H43 CLA AG . -42.01 -49.61 5.73
H51 CLA AG . -42.87 -47.13 7.84
H52 CLA AG . -44.59 -47.03 7.30
H61 CLA AG . -44.12 -45.06 5.91
H62 CLA AG . -42.34 -45.23 6.15
H71 CLA AG . -42.61 -44.87 8.61
H72 CLA AG . -44.40 -44.80 8.43
H8 CLA AG . -44.00 -42.84 6.76
H91 CLA AG . -41.92 -41.66 6.77
H92 CLA AG . -41.45 -43.41 6.61
H93 CLA AG . -41.29 -42.57 8.22
H101 CLA AG . -43.05 -42.24 9.64
H102 CLA AG . -44.76 -42.71 9.26
H111 CLA AG . -45.06 -40.80 7.81
H112 CLA AG . -43.30 -40.42 7.80
H121 CLA AG . -44.36 -38.83 9.24
H122 CLA AG . -43.42 -39.96 10.29
H13 CLA AG . -45.43 -41.13 11.00
H141 CLA AG . -47.73 -40.16 10.24
H142 CLA AG . -46.84 -41.22 9.07
H143 CLA AG . -46.84 -39.42 8.86
H151 CLA AG . -46.70 -38.45 11.25
H152 CLA AG . -44.92 -38.27 11.36
H161 CLA AG . -46.00 -40.51 13.02
H162 CLA AG . -46.67 -38.89 13.44
H171 CLA AG . -43.92 -38.33 13.16
H172 CLA AG . -43.91 -40.00 13.82
H191 CLA AG . -44.49 -39.02 17.23
H192 CLA AG . -43.15 -39.56 16.12
H193 CLA AG . -44.74 -40.45 16.14
MG CLA BG . -52.55 -46.39 -4.35
CHA CLA BG . -53.81 -43.41 -5.50
CHB CLA BG . -53.47 -45.66 -1.18
CHC CLA BG . -50.67 -48.99 -3.25
CHD CLA BG . -51.09 -46.86 -7.68
NA CLA BG . -53.51 -44.84 -3.52
C1A CLA BG . -53.97 -43.66 -4.15
C2A CLA BG . -54.67 -42.75 -3.16
C3A CLA BG . -54.61 -43.53 -1.81
C4A CLA BG . -53.82 -44.77 -2.18
CMA CLA BG . -53.95 -42.72 -0.72
CAA CLA BG . -56.09 -42.48 -3.63
CBA CLA BG . -57.04 -41.91 -2.59
CGA CLA BG . -57.03 -40.41 -2.44
O1A CLA BG . -57.51 -39.77 -1.51
O2A CLA BG . -56.49 -39.66 -3.43
NB CLA BG . -52.13 -47.16 -2.54
C1B CLA BG . -52.72 -46.81 -1.36
C2B CLA BG . -52.39 -47.81 -0.29
C3B CLA BG . -51.59 -48.77 -0.89
C4B CLA BG . -51.40 -48.34 -2.31
CMB CLA BG . -52.90 -47.67 1.09
CAB CLA BG . -50.94 -49.96 -0.39
CBB CLA BG . -51.09 -50.49 0.84
NC CLA BG . -51.07 -47.59 -5.28
C1C CLA BG . -50.47 -48.62 -4.61
C2C CLA BG . -49.66 -49.41 -5.51
C3C CLA BG . -49.83 -48.87 -6.78
C4C CLA BG . -50.71 -47.71 -6.62
CMC CLA BG . -48.86 -50.60 -5.13
CAC CLA BG . -49.24 -49.33 -8.06
CBC CLA BG . -47.83 -48.81 -8.27
ND CLA BG . -52.38 -45.38 -6.21
C1D CLA BG . -51.89 -45.76 -7.50
C2D CLA BG . -52.33 -44.80 -8.50
C3D CLA BG . -53.00 -43.83 -7.76
C4D CLA BG . -53.01 -44.25 -6.36
CMD CLA BG . -52.01 -44.88 -9.94
CAD CLA BG . -53.75 -42.60 -7.82
OBD CLA BG . -53.94 -41.89 -8.78
CBD CLA BG . -54.31 -42.32 -6.40
CGD CLA BG . -53.86 -40.97 -5.94
O1D CLA BG . -54.47 -39.88 -5.96
O2D CLA BG . -52.57 -41.04 -5.49
CED CLA BG . -52.01 -39.82 -5.06
C1 CLA BG . -56.77 -38.22 -3.37
C2 CLA BG . -57.95 -37.92 -4.22
C3 CLA BG . -59.22 -37.80 -3.77
C4 CLA BG . -59.60 -37.97 -2.36
C5 CLA BG . -60.32 -37.53 -4.73
C6 CLA BG . -60.86 -38.79 -5.43
C7 CLA BG . -59.79 -39.65 -6.11
C8 CLA BG . -60.27 -40.75 -7.09
C9 CLA BG . -61.77 -40.67 -7.45
C10 CLA BG . -59.97 -42.18 -6.62
C11 CLA BG . -58.50 -42.55 -6.77
C12 CLA BG . -58.21 -43.43 -7.97
C13 CLA BG . -57.77 -44.89 -7.76
C14 CLA BG . -57.68 -45.30 -6.31
C15 CLA BG . -56.40 -45.24 -8.35
C16 CLA BG . -56.37 -45.90 -9.73
C17 CLA BG . -57.34 -47.05 -9.95
C18 CLA BG . -56.78 -48.42 -10.36
C19 CLA BG . -55.63 -48.84 -9.47
C20 CLA BG . -56.44 -48.55 -11.83
HHB CLA BG . -53.82 -45.44 -0.16
HHC CLA BG . -50.13 -49.90 -2.94
HHD CLA BG . -50.72 -47.07 -8.69
H2A CLA BG . -54.11 -41.78 -3.05
H3A CLA BG . -55.64 -43.86 -1.48
HMA1 CLA BG . -53.66 -43.36 0.14
HMA2 CLA BG . -54.64 -41.93 -0.34
HMA3 CLA BG . -53.03 -42.20 -1.10
HAA1 CLA BG . -56.53 -43.44 -4.01
HAA2 CLA BG . -56.05 -41.77 -4.50
HBA1 CLA BG . -56.77 -42.35 -1.58
HBA2 CLA BG . -58.09 -42.22 -2.84
HMB1 CLA BG . -52.10 -47.97 1.82
HMB2 CLA BG . -53.80 -48.30 1.24
HMB3 CLA BG . -53.17 -46.60 1.29
HAB CLA BG . -50.26 -50.45 -1.12
HBB1 CLA BG . -51.76 -50.03 1.59
HBB2 CLA BG . -50.58 -51.40 1.17
HMC1 CLA BG . -48.20 -50.93 -5.97
HMC2 CLA BG . -49.53 -51.46 -4.86
HMC3 CLA BG . -48.22 -50.37 -4.24
HAC1 CLA BG . -49.88 -49.00 -8.92
HAC2 CLA BG . -49.22 -50.45 -8.08
HBC1 CLA BG . -47.43 -49.21 -9.23
HBC2 CLA BG . -47.18 -49.14 -7.43
HBC3 CLA BG . -47.84 -47.70 -8.31
HMD1 CLA BG . -52.17 -43.88 -10.43
HMD2 CLA BG . -52.65 -45.64 -10.44
HMD3 CLA BG . -50.94 -45.16 -10.09
HBD CLA BG . -55.44 -42.33 -6.44
HED1 CLA BG . -50.91 -40.02 -5.05
HED2 CLA BG . -52.46 -39.66 -4.05
HED3 CLA BG . -52.34 -39.09 -5.85
H11 CLA BG . -55.87 -37.67 -3.73
H12 CLA BG . -56.96 -37.95 -2.30
H2 CLA BG . -57.72 -37.79 -5.29
H41 CLA BG . -60.65 -37.62 -2.17
H42 CLA BG . -58.93 -37.38 -1.68
H43 CLA BG . -59.54 -39.03 -2.04
H51 CLA BG . -59.94 -36.80 -5.51
H52 CLA BG . -61.16 -37.01 -4.19
H61 CLA BG . -61.62 -38.48 -6.19
H62 CLA BG . -61.39 -39.41 -4.65
H71 CLA BG . -59.18 -40.12 -5.31
H72 CLA BG . -59.11 -38.95 -6.67
H8 CLA BG . -59.69 -40.55 -8.03
H91 CLA BG . -62.04 -41.49 -8.16
H92 CLA BG . -61.99 -39.68 -7.94
H93 CLA BG . -62.40 -40.76 -6.53
H101 CLA BG . -60.59 -42.91 -7.19
H102 CLA BG . -60.25 -42.28 -5.53
H111 CLA BG . -58.17 -43.08 -5.84
H112 CLA BG . -57.90 -41.61 -6.86
H121 CLA BG . -57.42 -42.92 -8.56
H122 CLA BG . -59.14 -43.45 -8.60
H13 CLA BG . -58.60 -45.44 -8.29
H141 CLA BG . -57.46 -46.40 -6.23
H142 CLA BG . -58.65 -45.11 -5.79
H143 CLA BG . -56.87 -44.74 -5.79
H151 CLA BG . -55.87 -45.93 -7.65
H152 CLA BG . -55.78 -44.31 -8.42
H161 CLA BG . -55.34 -46.27 -9.93
H162 CLA BG . -56.59 -45.12 -10.50
H171 CLA BG . -58.08 -46.74 -10.73
H172 CLA BG . -57.92 -47.20 -8.99
H18 CLA BG . -57.63 -49.14 -10.22
H191 CLA BG . -55.37 -49.91 -9.65
H192 CLA BG . -55.89 -48.71 -8.39
H193 CLA BG . -54.73 -48.22 -9.69
H201 CLA BG . -56.16 -49.60 -12.08
H202 CLA BG . -55.58 -47.89 -12.10
H203 CLA BG . -57.31 -48.27 -12.46
MG CLA CG . -53.16 -42.27 4.09
CHA CLA CG . -50.63 -44.71 4.68
CHB CLA CG . -51.59 -41.40 1.27
CHC CLA CG . -55.08 -39.37 3.96
CHD CLA CG . -54.35 -42.87 7.29
NA CLA CG . -51.37 -42.94 3.20
C1A CLA CG . -50.54 -44.03 3.51
C2A CLA CG . -49.59 -44.36 2.37
C3A CLA CG . -49.85 -43.20 1.39
C4A CLA CG . -51.04 -42.45 1.96
CMA CLA CG . -48.66 -42.28 1.35
CAA CLA CG . -49.99 -45.67 1.74
CBA CLA CG . -49.11 -46.00 0.58
CGA CLA CG . -47.76 -46.38 1.10
O1A CLA CG . -47.31 -47.50 1.40
O2A CLA CG . -46.98 -45.28 1.30
NB CLA CG . -53.34 -40.67 2.86
C1B CLA CG . -52.66 -40.58 1.69
C2B CLA CG . -53.19 -39.43 0.91
C3B CLA CG . -54.19 -38.85 1.66
C4B CLA CG . -54.26 -39.62 2.92
CMB CLA CG . -52.66 -39.08 -0.39
CAB CLA CG . -55.02 -37.68 1.43
CBB CLA CG . -55.27 -37.07 0.27
NC CLA CG . -54.52 -41.34 5.34
C1C CLA CG . -55.23 -40.20 5.09
C2C CLA CG . -56.11 -39.88 6.21
C3C CLA CG . -55.88 -40.86 7.16
C4C CLA CG . -54.88 -41.78 6.61
CMC CLA CG . -57.02 -38.73 6.28
CAC CLA CG . -56.55 -40.95 8.47
CBC CLA CG . -55.97 -39.91 9.43
ND CLA CG . -52.65 -43.49 5.63
C1D CLA CG . -53.29 -43.66 6.87
C2D CLA CG . -52.65 -44.79 7.60
C3D CLA CG . -51.63 -45.22 6.81
C4D CLA CG . -51.67 -44.38 5.59
CMD CLA CG . -53.06 -45.27 8.92
CAD CLA CG . -50.56 -46.18 6.65
OBD CLA CG . -50.21 -47.10 7.40
CBD CLA CG . -49.85 -45.85 5.29
CGD CLA CG . -48.36 -45.62 5.50
O1D CLA CG . -47.47 -46.22 4.94
O2D CLA CG . -47.92 -44.72 6.43
CED CLA CG . -48.04 -43.34 6.17
C1 CLA CG . -45.61 -45.52 1.66
C2 CLA CG . -45.28 -44.37 2.53
C3 CLA CG . -44.04 -43.93 2.76
C4 CLA CG . -42.84 -44.50 2.11
C5 CLA CG . -43.87 -42.78 3.67
C6 CLA CG . -44.82 -41.67 3.34
C7 CLA CG . -44.45 -40.47 4.17
C8 CLA CG . -45.28 -39.26 3.77
C9 CLA CG . -44.61 -38.06 4.39
C10 CLA CG . -46.75 -39.53 4.15
C11 CLA CG . -47.57 -38.35 4.63
C12 CLA CG . -48.59 -38.75 5.67
C13 CLA CG . -49.78 -39.49 5.09
C14 CLA CG . -50.44 -38.78 3.94
C15 CLA CG . -50.80 -39.69 6.20
C16 CLA CG . -50.51 -40.98 6.92
C17 CLA CG . -51.32 -41.05 8.20
C18 CLA CG . -50.45 -41.09 9.43
C19 CLA CG . -50.42 -39.73 10.09
C20 CLA CG . -51.02 -42.15 10.33
HHB CLA CG . -51.16 -41.17 0.28
HHC CLA CG . -55.71 -38.46 3.94
HHD CLA CG . -54.81 -43.13 8.25
H2A CLA CG . -48.53 -44.39 2.73
H3A CLA CG . -50.10 -43.59 0.37
HMA1 CLA CG . -48.96 -41.24 1.11
HMA2 CLA CG . -47.92 -42.61 0.56
HMA3 CLA CG . -48.12 -42.27 2.33
HAA1 CLA CG . -51.06 -45.61 1.39
HAA2 CLA CG . -49.94 -46.49 2.51
HBA1 CLA CG . -49.00 -45.13 -0.10
HBA2 CLA CG . -49.53 -46.86 -0.01
HMB1 CLA CG . -52.49 -37.97 -0.46
HMB2 CLA CG . -53.36 -39.39 -1.20
HMB3 CLA CG . -51.67 -39.60 -0.56
HAB CLA CG . -55.48 -37.29 2.37
HBB1 CLA CG . -54.85 -37.43 -0.68
HBB2 CLA CG . -55.91 -36.19 0.20
HMC1 CLA CG . -57.58 -38.73 7.24
HMC2 CLA CG . -57.75 -38.76 5.44
HMC3 CLA CG . -56.45 -37.77 6.21
HAC1 CLA CG . -56.42 -41.97 8.91
HAC2 CLA CG . -57.66 -40.79 8.36
HBC1 CLA CG . -56.50 -39.97 10.41
HBC2 CLA CG . -56.10 -38.89 9.01
HBC3 CLA CG . -54.89 -40.10 9.59
HMD1 CLA CG . -52.46 -46.16 9.22
HMD2 CLA CG . -54.14 -45.56 8.93
HMD3 CLA CG . -52.91 -44.47 9.69
HBD CLA CG . -49.91 -46.73 4.59
HED1 CLA CG . -47.34 -42.86 6.89
HED2 CLA CG . -49.13 -43.12 6.37
HED3 CLA CG . -47.75 -43.24 5.10
H11 CLA CG . -44.97 -45.55 0.74
H12 CLA CG . -45.52 -46.50 2.20
H2 CLA CG . -46.15 -43.91 3.02
H41 CLA CG . -41.90 -44.12 2.58
H42 CLA CG . -42.79 -44.25 1.02
H43 CLA CG . -42.81 -45.62 2.20
H51 CLA CG . -42.81 -42.41 3.61
H52 CLA CG . -44.04 -43.13 4.73
H61 CLA CG . -45.88 -41.98 3.55
H62 CLA CG . -44.76 -41.41 2.25
H71 CLA CG . -43.37 -40.25 4.04
H72 CLA CG . -44.62 -40.71 5.25
H8 CLA CG . -45.34 -39.03 2.67
H91 CLA CG . -45.08 -37.12 4.03
H92 CLA CG . -43.53 -38.05 4.14
H93 CLA CG . -44.71 -38.10 5.51
H101 CLA CG . -46.76 -40.30 4.96
H102 CLA CG . -47.28 -39.97 3.26
H111 CLA CG . -48.07 -37.87 3.75
H112 CLA CG . -46.86 -37.58 5.06
H121 CLA CG . -48.94 -37.82 6.19
H122 CLA CG . -48.08 -39.39 6.43
H13 CLA CG . -49.40 -40.47 4.68
H141 CLA CG . -51.51 -39.10 3.83
H142 CLA CG . -49.91 -39.01 2.98
H143 CLA CG . -50.43 -37.68 4.09
H151 CLA CG . -51.84 -39.72 5.78
H152 CLA CG . -50.76 -38.84 6.93
H161 CLA CG . -49.42 -41.06 7.15
H162 CLA CG . -50.76 -41.86 6.26
H171 CLA CG . -51.97 -41.97 8.17
H172 CLA CG . -52.00 -40.17 8.25
H18 CLA CG . -49.38 -41.36 9.20
H191 CLA CG . -49.74 -39.74 10.97
H192 CLA CG . -51.45 -39.45 10.43
H193 CLA CG . -50.06 -38.96 9.36
H201 CLA CG . -50.46 -42.18 11.30
H202 CLA CG . -50.95 -43.15 9.85
H203 CLA CG . -52.10 -41.93 10.56
MG CLA DG . -49.10 -53.28 3.47
CHA CLA DG . -48.98 -56.59 2.20
CHB CLA DG . -52.54 -53.38 2.94
CHC CLA DG . -49.52 -50.38 5.37
CHD CLA DG . -45.92 -53.74 4.83
NA CLA DG . -50.53 -54.77 2.62
C1A CLA DG . -50.25 -56.04 2.11
C2A CLA DG . -51.52 -56.72 1.56
C3A CLA DG . -52.63 -55.67 1.85
C4A CLA DG . -51.86 -54.51 2.50
CMA CLA DG . -53.39 -55.30 0.59
CAA CLA DG . -51.81 -58.08 2.20
CBA CLA DG . -51.57 -58.10 3.68
CGA CLA DG . -51.80 -59.46 4.27
O1A CLA DG . -51.66 -60.57 3.76
O2A CLA DG . -52.22 -59.34 5.55
NB CLA DG . -50.73 -52.07 4.05
C1B CLA DG . -52.00 -52.25 3.61
C2B CLA DG . -52.83 -51.04 3.97
C3B CLA DG . -51.98 -50.17 4.66
C4B CLA DG . -50.63 -50.83 4.72
CMB CLA DG . -54.25 -50.91 3.65
CAB CLA DG . -52.23 -48.92 5.32
CBB CLA DG . -53.21 -48.06 5.05
NC CLA DG . -47.91 -52.23 4.83
C1C CLA DG . -48.23 -51.03 5.43
C2C CLA DG . -47.07 -50.53 6.20
C3C CLA DG . -46.05 -51.50 6.08
C4C CLA DG . -46.60 -52.55 5.19
CMC CLA DG . -47.08 -49.30 6.99
CAC CLA DG . -44.70 -51.47 6.64
CBC CLA DG . -44.50 -52.15 7.97
ND CLA DG . -47.71 -54.73 3.44
C1D CLA DG . -46.41 -54.76 4.04
C2D CLA DG . -45.75 -56.04 3.68
C3D CLA DG . -46.68 -56.74 2.92
C4D CLA DG . -47.89 -55.91 2.85
CMD CLA DG . -44.40 -56.42 4.10
CAD CLA DG . -46.96 -57.98 2.24
OBD CLA DG . -46.24 -58.93 2.00
CBD CLA DG . -48.45 -57.95 1.80
CGD CLA DG . -48.51 -58.22 0.33
O1D CLA DG . -48.23 -57.47 -0.60
O2D CLA DG . -48.92 -59.48 0.03
CED CLA DG . -48.57 -59.96 -1.26
C1 CLA DG . -52.08 -60.49 6.41
C2 CLA DG . -52.27 -60.01 7.80
C3 CLA DG . -53.23 -60.44 8.63
C4 CLA DG . -54.26 -61.45 8.27
C5 CLA DG . -53.32 -59.88 10.00
C6 CLA DG . -54.64 -59.15 10.21
C7 CLA DG . -54.76 -57.99 9.24
C8 CLA DG . -56.17 -57.43 9.21
C9 CLA DG . -56.37 -56.63 7.94
C10 CLA DG . -56.47 -56.60 10.47
C11 CLA DG . -57.66 -55.67 10.28
C12 CLA DG . -58.09 -55.05 11.61
C13 CLA DG . -59.43 -54.31 11.49
C14 CLA DG . -59.74 -53.59 12.81
C15 CLA DG . -60.56 -55.23 10.99
C16 CLA DG . -61.93 -55.12 11.64
C17 CLA DG . -62.81 -54.11 10.95
C18 CLA DG . -63.82 -54.75 10.01
C19 CLA DG . -64.24 -53.71 8.98
C20 CLA DG . -65.06 -55.25 10.71
HHB CLA DG . -53.63 -53.35 2.77
HHC CLA DG . -49.57 -49.41 5.91
HHD CLA DG . -44.88 -53.84 5.20
H2A CLA DG . -51.37 -56.88 0.46
H3A CLA DG . -53.37 -56.04 2.61
HMA1 CLA DG . -54.11 -54.46 0.79
HMA2 CLA DG . -53.98 -56.17 0.21
HMA3 CLA DG . -52.70 -54.97 -0.22
HAA1 CLA DG . -51.16 -58.86 1.71
HAA2 CLA DG . -52.88 -58.36 1.99
HBA1 CLA DG . -52.25 -57.37 4.18
HBA2 CLA DG . -50.51 -57.79 3.89
HMB1 CLA DG . -54.76 -50.28 4.43
HMB2 CLA DG . -54.74 -51.92 3.64
HMB3 CLA DG . -54.39 -50.43 2.65
HAB CLA DG . -51.51 -48.70 6.13
HBB1 CLA DG . -53.94 -48.22 4.25
HBB2 CLA DG . -53.34 -47.11 5.61
HMC1 CLA DG . -46.13 -49.21 7.59
HMC2 CLA DG . -47.94 -49.28 7.70
HMC3 CLA DG . -47.14 -48.40 6.32
HAC1 CLA DG . -44.38 -50.39 6.76
HAC2 CLA DG . -43.98 -51.93 5.90
HBC1 CLA DG . -43.50 -51.94 8.38
HBC2 CLA DG . -44.62 -53.25 7.86
HBC3 CLA DG . -45.28 -51.79 8.71
HMD1 CLA DG . -44.27 -57.53 4.04
HMD2 CLA DG . -44.21 -56.10 5.15
HMD3 CLA DG . -43.63 -55.95 3.43
HBD CLA DG . -49.05 -58.73 2.34
HED1 CLA DG . -49.04 -60.98 -1.30
HED2 CLA DG . -47.45 -59.96 -1.25
HED3 CLA DG . -49.02 -59.20 -1.95
H11 CLA DG . -51.05 -60.93 6.25
H12 CLA DG . -52.84 -61.26 6.11
H2 CLA DG . -51.54 -59.25 8.12
H41 CLA DG . -54.93 -61.69 9.13
H42 CLA DG . -53.80 -62.42 7.95
H43 CLA DG . -54.90 -61.10 7.43
H51 CLA DG . -52.46 -59.18 10.16
H52 CLA DG . -53.23 -60.71 10.75
H61 CLA DG . -54.69 -58.76 11.26
H62 CLA DG . -55.50 -59.85 10.07
H71 CLA DG . -54.47 -58.34 8.22
H72 CLA DG . -54.03 -57.19 9.53
H8 CLA DG . -56.93 -58.28 9.22
H91 CLA DG . -57.45 -56.44 7.76
H92 CLA DG . -55.94 -57.20 7.06
H93 CLA DG . -55.84 -55.65 8.01
H101 CLA DG . -55.57 -55.99 10.74
H102 CLA DG . -56.68 -57.29 11.33
H111 CLA DG . -58.51 -56.23 9.83
H112 CLA DG . -57.39 -54.85 9.56
H121 CLA DG . -57.30 -54.35 11.96
H122 CLA DG . -58.18 -55.86 12.38
H13 CLA DG . -59.36 -53.50 10.71
H141 CLA DG . -60.64 -52.95 12.70
H142 CLA DG . -58.88 -52.94 13.11
H143 CLA DG . -59.92 -54.33 13.63
H151 CLA DG . -60.23 -56.30 11.12
H152 CLA DG . -60.70 -55.07 9.89
H161 CLA DG . -61.82 -54.83 12.71
H162 CLA DG . -62.44 -56.12 11.62
H171 CLA DG . -62.17 -53.39 10.37
H172 CLA DG . -63.36 -53.51 11.72
H18 CLA DG . -63.34 -55.65 9.53
H191 CLA DG . -65.15 -54.06 8.43
H192 CLA DG . -63.41 -53.56 8.23
H193 CLA DG . -64.46 -52.74 9.47
H201 CLA DG . -65.79 -55.69 9.98
H202 CLA DG . -65.57 -54.42 11.25
H203 CLA DG . -64.81 -56.05 11.45
MG CLA EG . -63.53 -46.92 -8.95
CHA CLA EG . -62.71 -45.66 -5.82
CHB CLA EG . -66.50 -45.29 -8.86
CHC CLA EG . -64.61 -48.83 -11.62
CHD CLA EG . -60.73 -49.19 -8.63
NA CLA EG . -64.40 -45.69 -7.57
C1A CLA EG . -63.90 -45.21 -6.35
C2A CLA EG . -64.84 -44.18 -5.71
C3A CLA EG . -66.02 -44.11 -6.72
C4A CLA EG . -65.62 -45.10 -7.81
CMA CLA EG . -67.31 -44.54 -6.07
CAA CLA EG . -64.21 -42.81 -5.54
CBA CLA EG . -64.70 -42.07 -4.31
CGA CLA EG . -64.81 -40.60 -4.61
O1A CLA EG . -64.11 -39.91 -5.34
O2A CLA EG . -65.86 -40.00 -4.00
NB CLA EG . -65.24 -47.04 -10.00
C1B CLA EG . -66.30 -46.19 -9.91
C2B CLA EG . -67.25 -46.41 -11.06
C3B CLA EG . -66.69 -47.42 -11.82
C4B CLA EG . -65.42 -47.84 -11.16
CMB CLA EG . -68.49 -45.66 -11.25
CAB CLA EG . -67.16 -48.08 -12.98
CBB CLA EG . -68.20 -48.90 -13.02
NC CLA EG . -62.79 -48.70 -9.93
C1C CLA EG . -63.37 -49.24 -11.06
C2C CLA EG . -62.57 -50.33 -11.58
C3C CLA EG . -61.46 -50.44 -10.73
C4C CLA EG . -61.61 -49.41 -9.70
CMC CLA EG . -62.92 -51.16 -12.72
CAC CLA EG . -60.39 -51.42 -10.81
CBC CLA EG . -60.89 -52.77 -10.33
ND CLA EG . -62.05 -47.39 -7.60
C1D CLA EG . -60.93 -48.25 -7.65
C2D CLA EG . -60.06 -47.99 -6.48
C3D CLA EG . -60.71 -47.04 -5.72
C4D CLA EG . -61.95 -46.70 -6.46
CMD CLA EG . -58.81 -48.70 -6.26
CAD CLA EG . -60.69 -46.22 -4.52
OBD CLA EG . -59.86 -46.22 -3.61
CBD CLA EG . -61.97 -45.32 -4.53
CGD CLA EG . -62.89 -45.58 -3.37
O1D CLA EG . -63.05 -44.95 -2.34
O2D CLA EG . -63.66 -46.70 -3.53
CED CLA EG . -63.81 -47.46 -2.34
C1 CLA EG . -65.73 -38.65 -3.46
C2 CLA EG . -67.14 -38.15 -3.50
C3 CLA EG . -67.60 -37.55 -4.60
C4 CLA EG . -66.73 -37.33 -5.77
C5 CLA EG . -69.02 -37.06 -4.66
C6 CLA EG . -70.03 -38.21 -4.61
C7 CLA EG . -69.81 -39.19 -5.76
C8 CLA EG . -71.04 -39.79 -6.47
C9 CLA EG . -72.38 -39.31 -5.97
C10 CLA EG . -71.03 -41.32 -6.42
C11 CLA EG . -71.88 -41.92 -7.52
C12 CLA EG . -71.10 -42.88 -8.40
C13 CLA EG . -71.95 -43.52 -9.51
C14 CLA EG . -71.85 -45.04 -9.40
C15 CLA EG . -71.58 -43.02 -10.92
C16 CLA EG . -72.74 -42.98 -11.92
C17 CLA EG . -72.58 -43.97 -13.07
C18 CLA EG . -71.47 -43.61 -14.04
C19 CLA EG . -70.97 -44.84 -14.77
C20 CLA EG . -71.86 -42.55 -15.05
HHB CLA EG . -67.42 -44.70 -8.89
HHC CLA EG . -64.93 -49.39 -12.51
HHD CLA EG . -59.82 -49.82 -8.58
H2A CLA EG . -65.14 -44.58 -4.70
H3A CLA EG . -66.11 -43.09 -7.17
HMA1 CLA EG . -68.19 -44.29 -6.72
HMA2 CLA EG . -67.46 -44.02 -5.09
HMA3 CLA EG . -67.33 -45.63 -5.88
HAA1 CLA EG . -64.43 -42.19 -6.46
HAA2 CLA EG . -63.09 -42.92 -5.50
HBA1 CLA EG . -63.99 -42.22 -3.45
HBA2 CLA EG . -65.70 -42.45 -3.99
HMB1 CLA EG . -68.77 -45.65 -12.34
HMB2 CLA EG . -68.36 -44.59 -10.92
HMB3 CLA EG . -69.32 -46.12 -10.67
HAB CLA EG . -66.57 -47.86 -13.91
HBB1 CLA EG . -68.81 -49.11 -12.14
HBB2 CLA EG . -68.54 -49.40 -13.94
HMC1 CLA EG . -62.07 -51.82 -13.01
HMC2 CLA EG . -63.19 -50.52 -13.60
HMC3 CLA EG . -63.80 -51.81 -12.49
HAC1 CLA EG . -59.51 -51.10 -10.19
HAC2 CLA EG . -60.03 -51.52 -11.87
HBC1 CLA EG . -60.09 -53.54 -10.42
HBC2 CLA EG . -61.77 -53.08 -10.93
HBC3 CLA EG . -61.20 -52.69 -9.25
HMD1 CLA EG . -58.29 -48.30 -5.34
HMD2 CLA EG . -58.11 -48.58 -7.13
HMD3 CLA EG . -58.99 -49.79 -6.10
HBD CLA EG . -61.61 -44.25 -4.48
HED1 CLA EG . -64.05 -48.48 -2.70
HED2 CLA EG . -64.65 -46.95 -1.80
HED3 CLA EG . -62.82 -47.37 -1.84
H11 CLA EG . -65.04 -38.06 -4.10
H12 CLA EG . -65.32 -38.70 -2.42
H2 CLA EG . -67.75 -38.30 -2.59
H41 CLA EG . -67.31 -36.92 -6.64
H42 CLA EG . -66.25 -38.28 -6.10
H43 CLA EG . -65.92 -36.60 -5.54
H51 CLA EG . -69.16 -36.48 -5.61
H52 CLA EG . -69.20 -36.37 -3.81
H61 CLA EG . -71.07 -37.80 -4.67
H62 CLA EG . -69.94 -38.75 -3.63
H71 CLA EG . -69.19 -40.03 -5.35
H72 CLA EG . -69.18 -38.66 -6.52
H8 CLA EG . -70.93 -39.41 -7.53
H91 CLA EG . -73.20 -39.87 -6.47
H92 CLA EG . -72.50 -38.23 -6.17
H93 CLA EG . -72.46 -39.47 -4.86
H101 CLA EG . -71.41 -41.66 -5.43
H102 CLA EG . -69.98 -41.69 -6.53
H111 CLA EG . -72.30 -41.09 -8.16
H112 CLA EG . -72.75 -42.45 -7.07
H121 CLA EG . -70.67 -43.68 -7.75
H122 CLA EG . -70.24 -42.32 -8.86
H13 CLA EG . -73.02 -43.21 -9.35
H141 CLA EG . -72.17 -45.52 -10.36
H142 CLA EG . -72.50 -45.42 -8.57
H143 CLA EG . -70.80 -45.34 -9.18
H151 CLA EG . -70.78 -43.69 -11.35
H152 CLA EG . -71.14 -41.99 -10.86
H161 CLA EG . -72.82 -41.94 -12.35
H162 CLA EG . -73.70 -43.18 -11.38
H171 CLA EG . -73.55 -44.03 -13.63
H172 CLA EG . -72.38 -44.99 -12.64
H18 CLA EG . -70.63 -43.17 -13.42
H191 CLA EG . -70.07 -44.59 -15.38
H192 CLA EG . -71.77 -45.23 -15.46
H193 CLA EG . -70.71 -45.65 -14.05
H201 CLA EG . -71.00 -42.29 -15.71
H202 CLA EG . -72.19 -41.62 -14.52
H203 CLA EG . -72.70 -42.91 -15.69
MG CLA FG . -65.92 -55.34 -3.83
CHA CLA FG . -66.76 -58.63 -4.82
CHB CLA FG . -65.17 -54.66 -7.08
CHC CLA FG . -65.85 -52.07 -3.02
CHD CLA FG . -67.35 -56.13 -0.67
NA CLA FG . -65.88 -56.50 -5.61
C1A CLA FG . -66.33 -57.82 -5.82
C2A CLA FG . -66.27 -58.19 -7.28
C3A CLA FG . -65.47 -57.03 -7.92
C4A CLA FG . -65.50 -55.97 -6.81
CMA CLA FG . -64.09 -57.49 -8.33
CAA CLA FG . -67.68 -58.27 -7.84
CBA CLA FG . -68.60 -57.20 -7.28
CGA CLA FG . -69.62 -56.88 -8.29
O1A CLA FG . -69.60 -57.18 -9.48
O2A CLA FG . -70.68 -56.14 -7.81
NB CLA FG . -65.55 -53.69 -4.85
C1B CLA FG . -65.18 -53.59 -6.17
C2B CLA FG . -64.77 -52.18 -6.47
C3B CLA FG . -64.95 -51.45 -5.31
C4B CLA FG . -65.45 -52.40 -4.27
CMB CLA FG . -64.33 -51.71 -7.77
CAB CLA FG . -64.78 -50.05 -5.02
CBB CLA FG . -64.11 -49.16 -5.74
NC CLA FG . -66.41 -54.33 -2.11
C1C CLA FG . -66.33 -52.97 -2.01
C2C CLA FG . -66.89 -52.52 -0.74
C3C CLA FG . -67.38 -53.65 -0.13
C4C CLA FG . -67.05 -54.79 -0.97
CMC CLA FG . -66.99 -51.11 -0.29
CAC CLA FG . -68.07 -53.73 1.17
CBC CLA FG . -69.52 -53.43 1.04
ND CLA FG . -66.73 -56.97 -2.87
C1D CLA FG . -67.19 -57.17 -1.55
C2D CLA FG . -67.50 -58.60 -1.34
C3D CLA FG . -67.37 -59.19 -2.57
C4D CLA FG . -66.92 -58.14 -3.49
CMD CLA FG . -67.89 -59.20 -0.06
CAD CLA FG . -67.47 -60.44 -3.31
OBD CLA FG . -67.75 -61.57 -2.92
CBD CLA FG . -67.13 -60.08 -4.77
CGD CLA FG . -66.00 -60.97 -5.18
O1D CLA FG . -64.82 -60.67 -5.32
O2D CLA FG . -66.38 -62.26 -5.40
CED CLA FG . -65.35 -63.20 -5.70
C1 CLA FG . -71.87 -56.03 -8.63
C2 CLA FG . -72.29 -54.59 -8.67
C3 CLA FG . -73.55 -54.17 -8.43
C4 CLA FG . -74.68 -55.07 -8.08
C5 CLA FG . -73.87 -52.71 -8.49
C6 CLA FG . -74.37 -52.17 -7.17
C7 CLA FG . -73.23 -51.95 -6.19
C8 CLA FG . -73.40 -50.69 -5.34
C9 CLA FG . -74.74 -50.62 -4.65
C10 CLA FG . -73.18 -49.45 -6.20
C11 CLA FG . -73.42 -48.19 -5.41
C12 CLA FG . -72.48 -47.11 -5.91
C13 CLA FG . -72.68 -45.86 -5.09
C14 CLA FG . -73.99 -45.20 -5.41
C15 CLA FG . -71.53 -44.90 -5.33
C16 CLA FG . -71.07 -44.25 -4.04
C17 CLA FG . -70.18 -45.17 -3.20
C18 CLA FG . -69.56 -44.46 -1.99
C19 CLA FG . -70.35 -43.27 -1.46
C20 CLA FG . -68.14 -44.00 -2.29
HHB CLA FG . -64.88 -54.41 -8.11
HHC CLA FG . -65.82 -51.01 -2.71
HHD CLA FG . -67.73 -56.35 0.34
H2A CLA FG . -65.74 -59.18 -7.41
H3A CLA FG . -65.97 -56.58 -8.82
HMA1 CLA FG . -63.52 -56.66 -8.81
HMA2 CLA FG . -64.14 -58.33 -9.06
HMA3 CLA FG . -63.51 -57.84 -7.44
HAA1 CLA FG . -68.12 -59.28 -7.61
HAA2 CLA FG . -67.65 -58.17 -8.96
HBA1 CLA FG . -68.02 -56.27 -7.02
HBA2 CLA FG . -69.10 -57.56 -6.34
HMB1 CLA FG . -63.26 -51.36 -7.74
HMB2 CLA FG . -64.96 -50.85 -8.11
HMB3 CLA FG . -64.41 -52.53 -8.53
HAB CLA FG . -65.28 -49.73 -4.08
HBB1 CLA FG . -63.59 -49.41 -6.68
HBB2 CLA FG . -64.02 -48.10 -5.44
HMC1 CLA FG . -67.47 -51.07 0.73
HMC2 CLA FG . -67.62 -50.51 -1.00
HMC3 CLA FG . -65.98 -50.63 -0.22
HAC1 CLA FG . -67.61 -52.99 1.89
HAC2 CLA FG . -67.94 -54.75 1.62
HBC1 CLA FG . -70.06 -53.69 1.97
HBC2 CLA FG . -69.95 -54.02 0.19
HBC3 CLA FG . -69.67 -52.34 0.82
HMD1 CLA FG . -67.97 -60.31 -0.16
HMD2 CLA FG . -68.89 -58.81 0.26
HMD3 CLA FG . -67.14 -58.96 0.74
HBD CLA FG . -68.02 -60.25 -5.44
HED1 CLA FG . -65.91 -64.10 -6.08
HED2 CLA FG . -64.82 -63.33 -4.73
HED3 CLA FG . -64.74 -62.67 -6.49
H11 CLA FG . -72.67 -56.67 -8.19
H12 CLA FG . -71.62 -56.41 -9.66
H2 CLA FG . -71.49 -53.89 -8.91
H41 CLA FG . -75.65 -54.54 -8.13
H42 CLA FG . -74.56 -55.49 -7.06
H43 CLA FG . -74.74 -55.94 -8.79
H51 CLA FG . -74.64 -52.56 -9.29
H52 CLA FG . -72.95 -52.15 -8.82
H61 CLA FG . -75.11 -52.88 -6.73
H62 CLA FG . -74.91 -51.20 -7.34
H71 CLA FG . -72.27 -51.89 -6.77
H72 CLA FG . -73.16 -52.85 -5.53
H8 CLA FG . -72.62 -50.73 -4.52
H91 CLA FG . -74.68 -49.99 -3.73
H92 CLA FG . -75.08 -51.64 -4.36
H93 CLA FG . -75.51 -50.17 -5.34
H101 CLA FG . -73.87 -49.48 -7.09
H102 CLA FG . -72.13 -49.44 -6.60
H111 CLA FG . -73.26 -48.37 -4.32
H112 CLA FG . -74.49 -47.85 -5.53
H121 CLA FG . -72.69 -46.92 -7.00
H122 CLA FG . -71.42 -47.47 -5.83
H13 CLA FG . -72.69 -46.13 -4.00
H141 CLA FG . -73.99 -44.13 -5.11
H142 CLA FG . -74.83 -45.70 -4.86
H143 CLA FG . -74.21 -45.26 -6.50
H151 CLA FG . -71.83 -44.09 -6.05
H152 CLA FG . -70.65 -45.44 -5.80
H161 CLA FG . -71.97 -43.96 -3.44
H162 CLA FG . -70.50 -43.31 -4.26
H171 CLA FG . -69.37 -45.59 -3.84
H172 CLA FG . -70.79 -46.04 -2.83
H18 CLA FG . -69.55 -45.24 -1.17
H191 CLA FG . -69.89 -42.90 -0.51
H192 CLA FG . -71.41 -43.57 -1.25
H193 CLA FG . -70.35 -42.45 -2.21
H201 CLA FG . -67.67 -43.56 -1.38
H202 CLA FG . -68.15 -43.23 -3.10
H203 CLA FG . -67.52 -44.86 -2.63
C01 8CT GG . -77.28 -44.17 13.62
C02 8CT GG . -77.64 -42.75 13.69
C03 8CT GG . -78.04 -42.10 12.60
C04 8CT GG . -78.42 -40.66 12.67
C05 8CT GG . -78.05 -39.99 13.97
C06 8CT GG . -78.32 -40.89 15.14
C07 8CT GG . -77.48 -42.14 15.02
C08 8CT GG . -77.74 -39.88 11.56
C09 8CT GG . -79.92 -40.55 12.50
C10 8CT GG . -78.20 -42.77 11.31
C11 8CT GG . -77.21 -42.88 10.43
C12 8CT GG . -77.31 -43.68 9.22
C13 8CT GG . -76.24 -44.26 8.68
C14 8CT GG . -76.28 -45.05 7.47
C15 8CT GG . -75.37 -44.84 6.52
C16 8CT GG . -75.18 -45.72 5.39
C17 8CT GG . -74.00 -45.64 4.77
C18 8CT GG . -73.38 -46.70 4.01
C19 8CT GG . -72.64 -46.39 2.94
C20 8CT GG . -72.27 -47.45 2.01
C21 8CT GG . -71.06 -47.63 1.47
C22 8CT GG . -69.89 -46.96 2.05
C23 8CT GG . -70.91 -48.43 0.26
C24 8CT GG . -69.89 -48.29 -0.59
C25 8CT GG . -69.93 -48.91 -1.89
C26 8CT GG . -69.08 -48.73 -2.93
C27 8CT GG . -67.75 -48.14 -2.71
C28 8CT GG . -69.31 -49.51 -4.14
C29 8CT GG . -68.47 -49.55 -5.19
C30 8CT GG . -68.66 -50.33 -6.43
C31 8CT GG . -68.89 -51.64 -6.39
C32 8CT GG . -69.10 -52.56 -7.55
C33 8CT GG . -69.05 -51.86 -8.89
C34 8CT GG . -68.16 -50.64 -8.83
C35 8CT GG . -68.56 -49.64 -7.75
C36 8CT GG . -69.86 -48.94 -8.16
C37 8CT GG . -67.46 -48.60 -7.77
C38 8CT GG . -69.00 -52.40 -5.13
C39 8CT GG . -76.30 -46.53 4.90
C40 8CT GG . -78.58 -43.59 8.48
H1 8CT GG . -76.60 -44.37 12.81
H2 8CT GG . -78.16 -44.78 13.48
H3 8CT GG . -76.81 -44.48 14.55
H6 8CT GG . -78.59 -39.06 14.10
H7 8CT GG . -77.00 -39.70 13.98
H8 8CT GG . -79.37 -41.12 15.18
H9 8CT GG . -78.10 -40.36 16.06
H10 8CT GG . -77.74 -42.82 15.81
H11 8CT GG . -76.45 -41.92 15.26
H12 8CT GG . -78.21 -40.05 10.62
H13 8CT GG . -76.69 -40.16 11.47
H14 8CT GG . -77.78 -38.82 11.76
H15 8CT GG . -80.21 -40.78 11.49
H16 8CT GG . -80.25 -39.55 12.73
H17 8CT GG . -80.42 -41.23 13.17
H18 8CT GG . -79.15 -43.19 11.08
H19 8CT GG . -76.30 -42.34 10.61
H20 8CT GG . -75.29 -44.15 9.15
H21 8CT GG . -77.04 -45.79 7.35
H22 8CT GG . -74.75 -43.98 6.61
H23 8CT GG . -73.45 -44.73 4.81
H24 8CT GG . -73.51 -47.71 4.30
H25 8CT GG . -72.33 -45.39 2.76
H26 8CT GG . -73.06 -48.13 1.75
H27 8CT GG . -69.01 -47.60 2.02
H28 8CT GG . -70.05 -46.69 3.08
H29 8CT GG . -69.64 -46.06 1.51
H30 8CT GG . -71.65 -49.17 0.03
H31 8CT GG . -69.04 -47.70 -0.31
H32 8CT GG . -70.72 -49.61 -2.03
H33 8CT GG . -66.99 -48.77 -3.13
H34 8CT GG . -67.55 -48.03 -1.65
H35 8CT GG . -67.68 -47.17 -3.17
H36 8CT GG . -70.19 -50.10 -4.19
H37 8CT GG . -67.58 -48.95 -5.13
H40 8CT GG . -70.02 -53.12 -7.45
H42 8CT GG . -70.07 -51.60 -9.17
H43 8CT GG . -68.70 -52.57 -9.64
H44 8CT GG . -68.16 -50.18 -9.81
H45 8CT GG . -67.14 -50.98 -8.68
H46 8CT GG . -69.77 -48.52 -9.14
H47 8CT GG . -70.09 -48.13 -7.46
H48 8CT GG . -70.69 -49.63 -8.16
H49 8CT GG . -67.15 -48.39 -8.78
H50 8CT GG . -66.60 -48.94 -7.22
H51 8CT GG . -67.79 -47.68 -7.32
H52 8CT GG . -68.83 -53.46 -5.27
H53 8CT GG . -69.98 -52.29 -4.68
H54 8CT GG . -68.28 -52.07 -4.39
H55 8CT GG . -76.21 -46.72 3.84
H56 8CT GG . -77.24 -46.01 5.07
H57 8CT GG . -76.35 -47.47 5.42
H58 8CT GG . -78.46 -43.92 7.46
H59 8CT GG . -78.95 -42.58 8.46
H60 8CT GG . -79.34 -44.21 8.93
H272 8CT GG . -68.37 -53.38 -7.54
C1 BCR HG . -45.13 -34.14 -20.03
C2 BCR HG . -43.98 -34.52 -20.95
C3 BCR HG . -44.00 -33.70 -22.20
C4 BCR HG . -43.89 -32.23 -21.87
C5 BCR HG . -44.74 -31.84 -20.71
C6 BCR HG . -45.34 -32.68 -19.88
C7 BCR HG . -46.20 -32.25 -18.76
C8 BCR HG . -47.42 -31.68 -18.91
C9 BCR HG . -48.29 -31.29 -17.78
C10 BCR HG . -49.41 -30.55 -17.94
C11 BCR HG . -50.27 -30.06 -16.86
C33 BCR HG . -44.93 -30.39 -20.60
C31 BCR HG . -44.82 -34.77 -18.69
C32 BCR HG . -46.39 -34.76 -20.59
C34 BCR HG . -47.91 -31.82 -16.45
C12 BCR HG . -51.27 -29.17 -17.08
C13 BCR HG . -52.28 -28.77 -16.12
C14 BCR HG . -53.38 -28.12 -16.52
C15 BCR HG . -54.57 -27.93 -15.71
C16 BCR HG . -55.57 -27.11 -16.09
C17 BCR HG . -56.68 -26.92 -15.19
C18 BCR HG . -57.80 -26.23 -15.43
C19 BCR HG . -58.67 -25.87 -14.32
C20 BCR HG . -59.82 -25.21 -14.46
C21 BCR HG . -60.37 -24.48 -13.32
C22 BCR HG . -61.60 -23.90 -13.25
C23 BCR HG . -62.11 -23.58 -11.92
C24 BCR HG . -63.08 -22.70 -11.68
C25 BCR HG . -63.35 -22.17 -10.35
C26 BCR HG . -63.85 -22.91 -9.36
C27 BCR HG . -64.13 -22.47 -7.97
C28 BCR HG . -63.57 -21.10 -7.68
C29 BCR HG . -63.71 -20.19 -8.87
C30 BCR HG . -63.05 -20.73 -10.13
C35 BCR HG . -51.99 -28.79 -14.67
C36 BCR HG . -58.15 -25.84 -16.80
C37 BCR HG . -62.44 -23.61 -14.44
C38 BCR HG . -64.13 -24.36 -9.48
C39 BCR HG . -61.55 -20.49 -10.12
C40 BCR HG . -63.57 -19.88 -11.26
HC21 BCR HG . -44.02 -35.57 -21.20
HC22 BCR HG . -43.03 -34.38 -20.45
HC31 BCR HG . -44.91 -33.91 -22.76
HC32 BCR HG . -43.19 -34.00 -22.86
HC41 BCR HG . -44.13 -31.64 -22.75
HC42 BCR HG . -42.86 -31.97 -21.70
HC7 BCR HG . -45.82 -32.41 -17.78
HC8 BCR HG . -47.77 -31.48 -19.89
H10C BCR HG . -49.72 -30.29 -18.93
H11C BCR HG . -50.11 -30.42 -15.87
H331 BCR HG . -44.83 -30.07 -19.58
H332 BCR HG . -45.91 -30.12 -20.96
H333 BCR HG . -44.20 -29.87 -21.20
H311 BCR HG . -45.69 -34.79 -18.07
H312 BCR HG . -44.05 -34.21 -18.18
H313 BCR HG . -44.46 -35.78 -18.82
H321 BCR HG . -47.18 -34.76 -19.85
H322 BCR HG . -46.21 -35.78 -20.91
H323 BCR HG . -46.74 -34.20 -21.45
H341 BCR HG . -48.49 -31.36 -15.66
H342 BCR HG . -46.87 -31.64 -16.24
H343 BCR HG . -48.08 -32.89 -16.39
H12C BCR HG . -51.29 -28.72 -18.05
H14C BCR HG . -53.40 -27.71 -17.51
H15C BCR HG . -54.65 -28.45 -14.79
H16C BCR HG . -55.54 -26.62 -17.04
H17C BCR HG . -56.57 -27.39 -14.24
H19C BCR HG . -58.37 -26.13 -13.32
H20C BCR HG . -60.34 -25.24 -15.38
H21C BCR HG . -59.72 -24.39 -12.48
H23C BCR HG . -61.68 -24.11 -11.10
H24C BCR HG . -63.68 -22.35 -12.50
H271 BCR HG . -63.78 -23.19 -7.23
H272 BCR HG . -65.20 -22.49 -7.74
H281 BCR HG . -62.54 -21.21 -7.39
H282 BCR HG . -64.09 -20.70 -6.81
H291 BCR HG . -63.31 -19.23 -8.60
H292 BCR HG . -64.77 -20.02 -9.04
H351 BCR HG . -52.37 -27.89 -14.19
H352 BCR HG . -50.92 -28.82 -14.49
H353 BCR HG . -52.43 -29.64 -14.19
H361 BCR HG . -59.22 -25.89 -16.97
H362 BCR HG . -57.68 -26.47 -17.53
H363 BCR HG . -57.85 -24.82 -17.01
H371 BCR HG . -63.48 -23.87 -14.24
H372 BCR HG . -62.11 -24.19 -15.29
H373 BCR HG . -62.39 -22.57 -14.69
H381 BCR HG . -64.65 -24.75 -8.61
H382 BCR HG . -63.23 -24.95 -9.60
H383 BCR HG . -64.77 -24.58 -10.34
H391 BCR HG . -61.33 -19.49 -9.78
H392 BCR HG . -61.14 -20.62 -11.11
H393 BCR HG . -61.06 -21.19 -9.45
H401 BCR HG . -63.50 -18.84 -11.01
H402 BCR HG . -64.59 -20.11 -11.48
H403 BCR HG . -62.98 -20.03 -12.15
C1A DGD IG . -48.15 -15.34 -4.36
C2A DGD IG . -46.82 -15.66 -4.91
C3A DGD IG . -46.84 -16.96 -5.70
C4A DGD IG . -45.80 -16.77 -6.79
C5A DGD IG . -45.04 -18.03 -7.02
C6A DGD IG . -45.80 -18.97 -7.91
C7A DGD IG . -45.40 -18.62 -9.30
C8A DGD IG . -46.08 -19.60 -10.25
C9A DGD IG . -45.22 -19.73 -11.52
CAA DGD IG . -45.86 -20.81 -12.40
CBA DGD IG . -44.83 -21.34 -13.47
CCA DGD IG . -44.20 -22.72 -12.99
CDA DGD IG . -45.32 -23.78 -12.74
CEA DGD IG . -44.82 -25.23 -13.02
CFA DGD IG . -45.93 -26.29 -12.62
CGA DGD IG . -45.68 -27.59 -13.41
O1A DGD IG . -48.68 -14.22 -4.23
C1B DGD IG . -51.42 -18.48 -5.66
C2B DGD IG . -51.64 -19.95 -5.48
C3B DGD IG . -50.39 -20.71 -5.83
C4B DGD IG . -49.19 -20.10 -5.13
C5B DGD IG . -48.00 -20.76 -5.78
C6B DGD IG . -47.66 -22.02 -5.00
C7B DGD IG . -46.27 -21.82 -4.43
C8B DGD IG . -45.49 -23.06 -4.83
C9B DGD IG . -44.35 -23.16 -3.86
CAB DGD IG . -43.19 -23.82 -4.60
CBB DGD IG . -42.72 -24.92 -3.66
CCB DGD IG . -41.35 -25.28 -4.16
CDB DGD IG . -41.18 -26.58 -3.49
CEB DGD IG . -39.74 -26.80 -3.27
CFB DGD IG . -39.16 -27.23 -4.61
CGB DGD IG . -38.29 -28.44 -4.31
O1B DGD IG . -51.64 -17.87 -6.69
O1G DGD IG . -48.82 -16.51 -4.21
C1G DGD IG . -49.98 -16.41 -3.43
C2G DGD IG . -51.18 -16.48 -4.37
O2G DGD IG . -51.47 -17.85 -4.45
C3G DGD IG . -52.36 -15.72 -3.64
O3G DGD IG . -51.94 -14.39 -3.75
C1D DGD IG . -52.58 -13.51 -2.91
C2D DGD IG . -51.97 -12.10 -3.25
O2D DGD IG . -50.66 -12.07 -2.76
C3D DGD IG . -52.74 -11.10 -2.44
O3D DGD IG . -52.31 -9.83 -2.82
C4D DGD IG . -54.28 -11.19 -2.81
O4D DGD IG . -54.48 -10.92 -4.16
C5D DGD IG . -54.76 -12.64 -2.55
O5D DGD IG . -57.02 -12.42 -1.81
C6D DGD IG . -56.28 -12.88 -2.94
O6D DGD IG . -53.97 -13.57 -3.30
C1E DGD IG . -57.87 -11.34 -2.10
C2E DGD IG . -57.88 -10.36 -0.94
O2E DGD IG . -56.58 -9.85 -0.90
C3E DGD IG . -58.23 -11.07 0.37
O3E DGD IG . -58.32 -10.04 1.33
C4E DGD IG . -59.62 -11.76 0.20
O4E DGD IG . -60.67 -10.76 -0.01
C5E DGD IG . -59.59 -12.63 -1.06
O6E DGD IG . -59.17 -11.90 -2.23
C6E DGD IG . -60.97 -13.06 -1.47
O5E DGD IG . -61.53 -13.68 -0.34
HA21 DGD IG . -46.09 -15.71 -4.06
HA22 DGD IG . -46.47 -14.81 -5.53
HA31 DGD IG . -47.84 -17.16 -6.14
HA32 DGD IG . -46.62 -17.84 -5.07
HA41 DGD IG . -45.10 -15.96 -6.52
HA42 DGD IG . -46.28 -16.45 -7.73
HA51 DGD IG . -44.79 -18.52 -6.05
HA52 DGD IG . -44.03 -17.81 -7.45
HA61 DGD IG . -46.89 -18.88 -7.73
HA62 DGD IG . -45.60 -20.02 -7.64
HA71 DGD IG . -44.29 -18.63 -9.37
HA72 DGD IG . -45.64 -17.56 -9.50
HA81 DGD IG . -47.11 -19.27 -10.46
HA82 DGD IG . -46.23 -20.58 -9.74
HA91 DGD IG . -44.16 -19.96 -11.26
HA92 DGD IG . -45.16 -18.75 -12.05
HAT1 DGD IG . -46.78 -20.42 -12.89
HAT2 DGD IG . -46.24 -21.64 -11.76
HAE1 DGD IG . -44.05 -20.58 -13.63
HAE2 DGD IG . -45.33 -21.44 -14.45
HAW1 DGD IG . -43.60 -22.59 -12.06
HAW2 DGD IG . -43.48 -23.11 -13.73
HAH1 DGD IG . -46.23 -23.61 -13.35
HAH2 DGD IG . -45.72 -23.76 -11.69
HAF1 DGD IG . -43.87 -25.42 -12.47
HAF2 DGD IG . -44.53 -25.33 -14.08
HAN1 DGD IG . -46.95 -25.91 -12.83
HAN2 DGD IG . -45.94 -26.50 -11.54
HB21 DGD IG . -52.50 -20.27 -6.11
HB22 DGD IG . -51.96 -20.15 -4.44
HB31 DGD IG . -50.25 -20.74 -6.92
HB32 DGD IG . -50.50 -21.79 -5.56
HB41 DGD IG . -49.20 -20.25 -4.02
HB42 DGD IG . -49.15 -18.99 -5.22
HB51 DGD IG . -47.14 -20.06 -5.84
HB52 DGD IG . -48.20 -20.97 -6.86
HB61 DGD IG . -47.68 -22.96 -5.59
HB62 DGD IG . -48.36 -22.26 -4.18
HB71 DGD IG . -46.24 -21.69 -3.33
HB72 DGD IG . -45.75 -20.91 -4.79
HB81 DGD IG . -45.16 -22.99 -5.89
HB82 DGD IG . -46.15 -23.96 -4.82
HB91 DGD IG . -44.64 -23.74 -2.94
HB92 DGD IG . -44.08 -22.17 -3.46
HBT1 DGD IG . -42.36 -23.12 -4.84
HBT2 DGD IG . -43.49 -24.24 -5.58
HBE1 DGD IG . -43.41 -25.78 -3.65
HBE2 DGD IG . -42.70 -24.58 -2.60
HBW1 DGD IG . -40.59 -24.52 -3.88
HBW2 DGD IG . -41.31 -25.33 -5.26
HBH1 DGD IG . -41.61 -27.40 -4.10
HBH2 DGD IG . -41.74 -26.62 -2.53
HBF1 DGD IG . -39.59 -27.56 -2.47
HBF2 DGD IG . -39.27 -25.88 -2.87
HBN1 DGD IG . -38.59 -26.40 -5.09
HBN2 DGD IG . -39.95 -27.44 -5.34
HG11 DGD IG . -50.06 -15.45 -2.87
HG12 DGD IG . -50.10 -17.22 -2.68
HG2 DGD IG . -50.99 -15.98 -5.36
HG31 DGD IG . -52.49 -16.06 -2.58
HG32 DGD IG . -53.35 -15.92 -4.12
HD1 DGD IG . -52.46 -13.79 -1.83
HD2 DGD IG . -52.04 -11.95 -4.35
HO2D DGD IG . -50.49 -11.17 -2.47
HD3 DGD IG . -52.60 -11.32 -1.34
HO3D DGD IG . -51.64 -9.57 -2.19
HD4 DGD IG . -54.86 -10.48 -2.17
HO4D DGD IG . -55.40 -10.70 -4.28
HD5 DGD IG . -54.64 -12.89 -1.45
HD61 DGD IG . -56.54 -13.95 -3.12
HD62 DGD IG . -56.61 -12.34 -3.84
HE1 DGD IG . -57.65 -10.84 -3.08
HE2 DGD IG . -58.67 -9.56 -1.13
HO2E DGD IG . -56.64 -8.93 -1.13
HE3 DGD IG . -57.45 -11.85 0.63
HO3E DGD IG . -58.83 -10.39 2.07
HE4 DGD IG . -59.81 -12.39 1.10
HO4E DGD IG . -60.83 -10.34 0.84
HE5 DGD IG . -58.92 -13.51 -0.85
HE61 DGD IG . -60.92 -13.76 -2.33
HE62 DGD IG . -61.57 -12.19 -1.81
HO5E DGD IG . -62.06 -13.02 0.09
C1A DGD JG . -50.18 -33.38 21.72
C2A DGD JG . -49.39 -34.45 22.45
C3A DGD JG . -48.08 -34.73 21.75
C4A DGD JG . -48.18 -36.04 21.03
C5A DGD JG . -47.18 -36.11 19.89
C6A DGD JG . -45.90 -36.73 20.37
C7A DGD JG . -44.83 -36.15 19.48
C8A DGD JG . -43.52 -36.94 19.62
C9A DGD JG . -42.41 -35.93 19.92
CAA DGD JG . -41.22 -36.61 20.54
CBA DGD JG . -40.77 -37.70 19.59
CCA DGD JG . -39.28 -37.87 19.76
CDA DGD JG . -38.59 -36.92 18.74
CEA DGD JG . -37.14 -36.77 19.10
CFA DGD JG . -36.39 -38.03 18.76
CGA DGD JG . -36.26 -38.81 20.06
O1A DGD JG . -50.34 -33.20 20.51
C1B DGD JG . -53.12 -32.81 19.75
C2B DGD JG . -53.00 -34.13 19.04
C3B DGD JG . -52.23 -34.01 17.76
C4B DGD JG . -52.95 -34.71 16.64
C5B DGD JG . -52.05 -34.57 15.40
C6B DGD JG . -52.36 -33.21 14.86
C7B DGD JG . -51.66 -33.06 13.52
C8B DGD JG . -51.30 -31.60 13.53
C9B DGD JG . -50.96 -31.17 12.13
CAB DGD JG . -49.82 -30.15 12.29
CBB DGD JG . -48.94 -30.42 11.11
CCB DGD JG . -47.98 -29.27 11.01
CDB DGD JG . -46.85 -29.73 11.90
CEB DGD JG . -45.77 -28.72 11.72
CFB DGD JG . -44.97 -28.81 12.98
CGB DGD JG . -44.09 -27.59 12.95
O1B DGD JG . -53.42 -31.75 19.28
O1G DGD JG . -50.93 -32.69 22.61
C1G DGD JG . -51.52 -31.45 22.21
C2G DGD JG . -52.98 -31.79 21.89
O2G DGD JG . -53.04 -32.95 21.08
C3G DGD JG . -53.67 -32.23 23.18
O3G DGD JG . -53.48 -31.14 24.03
C1D DGD JG . -54.34 -30.11 23.94
C2D DGD JG . -54.34 -29.45 25.31
O2D DGD JG . -55.06 -30.35 26.14
C3D DGD JG . -55.14 -28.13 25.17
O3D DGD JG . -54.99 -27.39 26.28
C4D DGD JG . -54.58 -27.19 24.03
O4D DGD JG . -53.30 -26.66 24.32
C5D DGD JG . -54.48 -28.06 22.73
O5D DGD JG . -54.58 -26.09 21.44
C6D DGD JG . -53.78 -27.27 21.59
O6D DGD JG . -53.71 -29.24 22.99
C1E DGD JG . -55.73 -26.23 20.63
C2E DGD JG . -55.76 -25.08 19.57
O2E DGD JG . -54.59 -25.16 18.83
C3E DGD JG . -55.87 -23.71 20.31
O3E DGD JG . -55.99 -22.74 19.33
C4E DGD JG . -57.19 -23.73 21.16
O4E DGD JG . -58.27 -24.01 20.33
C5E DGD JG . -57.08 -24.91 22.18
O6E DGD JG . -56.86 -26.17 21.50
C6E DGD JG . -58.35 -25.07 23.11
O5E DGD JG . -59.39 -25.62 22.32
HA21 DGD JG . -50.02 -35.37 22.54
HA22 DGD JG . -49.23 -34.11 23.50
HA31 DGD JG . -47.25 -34.75 22.47
HA32 DGD JG . -47.84 -33.92 21.04
HA41 DGD JG . -49.21 -36.19 20.64
HA42 DGD JG . -48.00 -36.88 21.74
HA51 DGD JG . -47.00 -35.08 19.47
HA52 DGD JG . -47.60 -36.66 19.02
HA61 DGD JG . -45.96 -37.83 20.33
HA62 DGD JG . -45.74 -36.53 21.45
HA71 DGD JG . -44.72 -35.07 19.71
HA72 DGD JG . -45.22 -36.13 18.43
HA81 DGD JG . -43.32 -37.54 18.71
HA82 DGD JG . -43.62 -37.72 20.40
HA91 DGD JG . -42.80 -35.13 20.58
HA92 DGD JG . -42.12 -35.40 18.99
HAT1 DGD JG . -41.48 -37.01 21.56
HAT2 DGD JG . -40.40 -35.87 20.76
HAE1 DGD JG . -41.05 -37.43 18.56
HAE2 DGD JG . -41.33 -38.63 19.78
HAW1 DGD JG . -38.95 -38.92 19.58
HAW2 DGD JG . -38.94 -37.64 20.77
HAH1 DGD JG . -39.07 -35.92 18.69
HAH2 DGD JG . -38.68 -37.28 17.69
HAF1 DGD JG . -37.03 -36.51 20.19
HAF2 DGD JG . -36.70 -35.89 18.58
HAN1 DGD JG . -35.39 -37.83 18.32
HAN2 DGD JG . -36.90 -38.64 17.98
HB21 DGD JG . -54.02 -34.52 18.84
HB22 DGD JG . -52.52 -34.87 19.71
HB31 DGD JG . -51.20 -34.40 17.89
HB32 DGD JG . -52.05 -32.94 17.51
HB41 DGD JG . -53.97 -34.31 16.45
HB42 DGD JG . -53.15 -35.78 16.87
HB51 DGD JG . -52.22 -35.38 14.66
HB52 DGD JG . -50.97 -34.71 15.66
HB61 DGD JG . -52.04 -32.37 15.53
HB62 DGD JG . -53.44 -33.00 14.74
HB71 DGD JG . -52.28 -33.32 12.64
HB72 DGD JG . -50.76 -33.69 13.39
HB81 DGD JG . -50.48 -31.44 14.24
HB82 DGD JG . -52.15 -31.03 13.95
HB91 DGD JG . -51.85 -30.74 11.60
HB92 DGD JG . -50.69 -32.03 11.48
HBT1 DGD JG . -49.26 -30.26 13.24
HBT2 DGD JG . -50.17 -29.09 12.29
HBE1 DGD JG . -49.53 -30.54 10.17
HBE2 DGD JG . -48.40 -31.39 11.22
HBW1 DGD JG . -48.43 -28.31 11.34
HBW2 DGD JG . -47.67 -29.08 9.96
HBH1 DGD JG . -46.50 -30.75 11.62
HBH2 DGD JG . -47.16 -29.81 12.96
HBF1 DGD JG . -46.20 -27.71 11.54
HBF2 DGD JG . -45.19 -28.93 10.80
HBN1 DGD JG . -44.39 -29.77 13.05
HBN2 DGD JG . -45.61 -28.86 13.89
HG11 DGD JG . -51.06 -31.01 21.30
HG12 DGD JG . -51.51 -30.67 23.00
HG2 DGD JG . -53.43 -30.87 21.43
HG31 DGD JG . -53.23 -33.17 23.56
HG32 DGD JG . -54.75 -32.46 22.99
HD1 DGD JG . -55.37 -30.43 23.59
HD2 DGD JG . -53.29 -29.25 25.68
HO2D DGD JG . -54.64 -31.21 26.08
HD3 DGD JG . -56.18 -28.44 24.93
HO3D DGD JG . -55.78 -26.86 26.36
HD4 DGD JG . -55.28 -26.35 23.86
HO4D DGD JG . -53.44 -25.73 24.54
HD5 DGD JG . -55.50 -28.41 22.39
HD61 DGD JG . -53.75 -27.80 20.62
HD62 DGD JG . -52.74 -26.97 21.80
HE1 DGD JG . -55.84 -27.23 20.13
HE2 DGD JG . -56.67 -25.24 18.92
HO2E DGD JG . -54.08 -24.39 19.04
HE3 DGD JG . -54.97 -23.54 20.96
HO3E DGD JG . -56.88 -22.38 19.40
HE4 DGD JG . -57.34 -22.76 21.70
HO4E DGD JG . -59.05 -23.76 20.81
HE5 DGD JG . -56.22 -24.71 22.89
HE61 DGD JG . -58.64 -24.07 23.53
HE62 DGD JG . -58.12 -25.72 23.98
HO5E DGD JG . -59.85 -26.24 22.88
C1A DGD KG . -42.82 -30.55 25.94
C2A DGD KG . -41.80 -30.19 25.02
C3A DGD KG . -40.97 -31.36 24.82
C4A DGD KG . -40.64 -31.42 23.40
C5A DGD KG . -39.46 -32.33 23.29
C6A DGD KG . -39.61 -33.24 22.13
C7A DGD KG . -39.50 -32.38 20.90
C8A DGD KG . -38.07 -31.93 20.67
C9A DGD KG . -37.28 -33.12 20.17
CAA DGD KG . -37.42 -33.10 18.69
CBA DGD KG . -36.17 -32.44 18.15
CCA DGD KG . -35.16 -33.57 18.06
CDA DGD KG . -33.78 -32.96 17.88
CEA DGD KG . -32.77 -34.04 18.24
CFA DGD KG . -32.43 -34.81 17.01
CGA DGD KG . -31.90 -36.17 17.45
O1A DGD KG . -42.75 -31.43 26.76
C1B DGD KG . -46.90 -29.58 22.97
C2B DGD KG . -47.64 -30.68 22.35
C3B DGD KG . -47.11 -31.00 21.00
C4B DGD KG . -45.69 -31.55 21.11
C5B DGD KG . -45.24 -31.57 19.69
C6B DGD KG . -43.76 -32.01 19.71
C7B DGD KG . -43.62 -32.84 18.51
C8B DGD KG . -42.52 -32.32 17.71
C9B DGD KG . -41.84 -33.55 17.21
CAB DGD KG . -41.13 -33.11 15.98
CBB DGD KG . -39.91 -34.00 15.91
CCB DGD KG . -40.34 -35.41 15.54
CDB DGD KG . -40.81 -35.28 14.08
CEB DGD KG . -40.18 -36.34 13.22
CFB DGD KG . -41.34 -37.12 12.64
CGB DGD KG . -40.76 -38.38 12.04
O1B DGD KG . -47.08 -28.41 22.69
O1G DGD KG . -43.97 -30.24 25.32
C1G DGD KG . -44.95 -29.54 26.06
C2G DGD KG . -45.85 -28.90 25.02
O2G DGD KG . -46.44 -29.93 24.22
C3G DGD KG . -47.00 -28.24 25.79
O3G DGD KG . -46.33 -27.25 26.59
C1D DGD KG . -47.13 -26.58 27.56
C2D DGD KG . -46.17 -25.88 28.54
O2D DGD KG . -45.50 -26.87 29.35
C3D DGD KG . -47.06 -25.08 29.47
O3D DGD KG . -46.30 -24.46 30.45
C4D DGD KG . -47.73 -24.01 28.64
O4D DGD KG . -46.80 -23.25 27.94
C5D DGD KG . -48.66 -24.78 27.60
O5D DGD KG . -50.04 -22.82 27.41
C6D DGD KG . -49.52 -23.84 26.61
O6D DGD KG . -47.86 -25.64 26.80
C1E DGD KG . -51.23 -22.19 26.87
C2E DGD KG . -51.56 -20.89 27.64
O2E DGD KG . -50.46 -20.03 27.58
C3E DGD KG . -51.86 -21.17 29.11
O3E DGD KG . -52.28 -19.95 29.64
C4E DGD KG . -53.00 -22.19 29.19
O4E DGD KG . -54.14 -21.71 28.56
C5E DGD KG . -52.50 -23.41 28.41
O6E DGD KG . -52.27 -23.10 27.07
C6E DGD KG . -53.50 -24.51 28.34
O5E DGD KG . -52.91 -25.45 27.47
HA21 DGD KG . -41.24 -29.31 25.42
HA22 DGD KG . -42.28 -29.82 24.07
HA31 DGD KG . -41.48 -32.28 25.14
HA32 DGD KG . -40.05 -31.30 25.42
HA41 DGD KG . -40.42 -30.41 22.99
HA42 DGD KG . -41.50 -31.79 22.80
HA51 DGD KG . -39.34 -32.90 24.24
HA52 DGD KG . -38.52 -31.73 23.22
HA61 DGD KG . -40.56 -33.81 22.18
HA62 DGD KG . -38.84 -34.05 22.17
HA71 DGD KG . -40.20 -31.53 21.00
HA72 DGD KG . -39.92 -32.94 20.04
HA81 DGD KG . -37.66 -31.49 21.61
HA82 DGD KG . -38.05 -31.07 19.98
HA91 DGD KG . -37.66 -34.05 20.63
HA92 DGD KG . -36.23 -33.04 20.51
HAT1 DGD KG . -38.35 -32.57 18.37
HAT2 DGD KG . -37.56 -34.14 18.28
HAE1 DGD KG . -35.83 -31.62 18.81
HAE2 DGD KG . -36.35 -31.95 17.18
HAW1 DGD KG . -35.38 -34.26 17.22
HAW2 DGD KG . -35.18 -34.22 18.95
HAH1 DGD KG . -33.61 -32.07 18.53
HAH2 DGD KG . -33.59 -32.59 16.86
HAF1 DGD KG . -33.17 -34.71 19.04
HAF2 DGD KG . -31.87 -33.60 18.71
HAN1 DGD KG . -31.68 -34.28 16.37
HAN2 DGD KG . -33.31 -34.93 16.33
HB21 DGD KG . -48.71 -30.41 22.30
HB22 DGD KG . -47.59 -31.57 23.01
HB31 DGD KG . -47.13 -30.10 20.34
HB32 DGD KG . -47.78 -31.71 20.46
HB41 DGD KG . -45.65 -32.57 21.59
HB42 DGD KG . -45.03 -30.95 21.78
HB51 DGD KG . -45.38 -30.58 19.20
HB52 DGD KG . -45.87 -32.23 19.06
HB61 DGD KG . -43.45 -32.59 20.61
HB62 DGD KG . -43.03 -31.20 19.70
HB71 DGD KG . -44.53 -32.88 17.87
HB72 DGD KG . -43.43 -33.91 18.73
HB81 DGD KG . -41.86 -31.66 18.32
HB82 DGD KG . -42.89 -31.65 16.91
HB91 DGD KG . -42.56 -34.38 17.04
HB92 DGD KG . -41.15 -33.98 17.97
HBT1 DGD KG . -40.84 -32.05 15.99
HBT2 DGD KG . -41.75 -33.22 15.06
HBE1 DGD KG . -39.35 -34.00 16.87
HBE2 DGD KG . -39.17 -33.61 15.17
HBW1 DGD KG . -41.12 -35.79 16.22
HBW2 DGD KG . -39.50 -36.13 15.67
HBH1 DGD KG . -40.57 -34.26 13.70
HBH2 DGD KG . -41.92 -35.34 14.05
HBF1 DGD KG . -39.49 -36.98 13.82
HBF2 DGD KG . -39.54 -35.89 12.44
HBN1 DGD KG . -41.91 -36.52 11.90
HBN2 DGD KG . -42.11 -37.33 13.42
HG11 DGD KG . -44.54 -28.72 26.71
HG12 DGD KG . -45.58 -30.19 26.71
HG2 DGD KG . -45.26 -28.15 24.43
HG31 DGD KG . -47.56 -28.98 26.41
HG32 DGD KG . -47.75 -27.80 25.10
HD1 DGD KG . -47.81 -27.31 28.08
HD2 DGD KG . -45.45 -25.26 27.96
HO2D DGD KG . -45.96 -26.92 30.18
HD3 DGD KG . -47.82 -25.76 29.94
HO3D DGD KG . -45.92 -25.15 30.99
HD4 DGD KG . -48.34 -23.32 29.27
HO4D DGD KG . -47.23 -22.43 27.69
HD5 DGD KG . -49.40 -25.40 28.18
HD61 DGD KG . -50.36 -24.37 26.11
HD62 DGD KG . -48.93 -23.39 25.79
HE1 DGD KG . -51.15 -22.00 25.77
HE2 DGD KG . -52.46 -20.47 27.11
HO2E DGD KG . -49.69 -20.58 27.50
HE3 DGD KG . -50.96 -21.59 29.63
HO3E DGD KG . -51.56 -19.61 30.16
HE4 DGD KG . -53.26 -22.46 30.25
HO4E DGD KG . -54.31 -20.84 28.93
HE5 DGD KG . -51.58 -23.78 28.93
HE61 DGD KG . -54.48 -24.14 27.96
HE62 DGD KG . -53.70 -24.95 29.34
HO5E DGD KG . -53.63 -25.96 27.09
C1 LMG LG . -58.53 -30.90 24.50
O1 LMG LG . -58.53 -32.30 24.16
C2 LMG LG . -58.61 -30.12 23.11
O2 LMG LG . -57.33 -30.21 22.62
C3 LMG LG . -58.89 -28.60 23.36
O3 LMG LG . -59.13 -28.00 22.09
C4 LMG LG . -60.17 -28.49 24.25
O4 LMG LG . -61.28 -29.00 23.53
C5 LMG LG . -59.92 -29.35 25.55
O5 LMG LG . -61.04 -27.98 27.14
C6 LMG LG . -61.15 -29.23 26.52
O6 LMG LG . -59.74 -30.73 25.20
C7 LMG LG . -58.30 -33.18 25.25
C8 LMG LG . -57.97 -34.59 24.63
C9 LMG LG . -56.83 -34.37 23.67
O7 LMG LG . -57.46 -35.45 25.65
C10 LMG LG . -58.10 -36.65 25.90
O9 LMG LG . -59.31 -36.73 25.69
C11 LMG LG . -57.17 -37.75 26.34
O8 LMG LG . -56.48 -35.62 23.11
C28 LMG LG . -55.15 -35.96 23.15
O10 LMG LG . -54.44 -35.52 24.06
C29 LMG LG . -54.70 -36.74 21.93
C30 LMG LG . -53.17 -37.02 21.91
C31 LMG LG . -52.89 -37.84 20.65
C32 LMG LG . -51.42 -37.66 20.29
C33 LMG LG . -51.06 -38.64 19.15
C34 LMG LG . -50.95 -37.87 17.82
C35 LMG LG . -49.99 -38.66 16.90
C36 LMG LG . -49.64 -37.78 15.69
C37 LMG LG . -49.60 -38.68 14.41
C38 LMG LG . -50.37 -37.91 13.32
C39 LMG LG . -49.47 -36.95 12.56
C40 LMG LG . -50.45 -36.33 11.53
C41 LMG LG . -49.74 -36.06 10.19
C42 LMG LG . -50.05 -34.57 9.89
C43 LMG LG . -49.23 -34.15 8.69
HC1 LMG LG . -57.64 -30.60 25.12
HC2 LMG LG . -59.42 -30.56 22.48
HO2 LMG LG . -57.28 -31.03 22.13
HC3 LMG LG . -58.02 -28.13 23.88
HO3 LMG LG . -59.93 -28.39 21.75
HC4 LMG LG . -60.33 -27.42 24.57
HO4 LMG LG . -62.07 -28.69 23.97
HC5 LMG LG . -59.02 -28.95 26.09
HO5 LMG LG . -61.83 -27.88 27.68
HC61 LMG LG . -61.12 -30.09 27.23
HC62 LMG LG . -62.08 -29.35 25.92
HC71 LMG LG . -59.21 -33.19 25.89
HC72 LMG LG . -57.48 -32.76 25.86
HC8 LMG LG . -58.87 -35.04 24.14
HC91 LMG LG . -55.96 -33.93 24.20
HC92 LMG LG . -57.13 -33.66 22.87
H291 LMG LG . -54.99 -36.19 21.01
H292 LMG LG . -55.26 -37.69 21.88
H301 LMG LG . -52.81 -37.59 22.81
H302 LMG LG . -52.55 -36.12 21.92
H311 LMG LG . -53.54 -37.54 19.81
H312 LMG LG . -53.15 -38.91 20.78
H321 LMG LG . -50.79 -37.84 21.21
H322 LMG LG . -51.22 -36.61 20.04
H331 LMG LG . -51.83 -39.46 19.06
H332 LMG LG . -50.13 -39.21 19.37
H341 LMG LG . -50.58 -36.82 17.95
H342 LMG LG . -51.92 -37.71 17.31
H351 LMG LG . -50.45 -39.63 16.60
H352 LMG LG . -49.07 -38.97 17.47
H361 LMG LG . -48.68 -37.25 15.80
H362 LMG LG . -50.37 -36.97 15.54
H371 LMG LG . -50.06 -39.67 14.57
H372 LMG LG . -48.57 -38.91 14.07
H381 LMG LG . -51.23 -37.34 13.73
H382 LMG LG . -50.85 -38.60 12.59
H391 LMG LG . -48.61 -37.42 12.05
H392 LMG LG . -49.00 -36.16 13.18
H401 LMG LG . -50.92 -35.38 11.88
H402 LMG LG . -51.33 -36.99 11.32
H411 LMG LG . -50.10 -36.76 9.42
H412 LMG LG . -48.66 -36.28 10.29
H421 LMG LG . -49.85 -33.95 10.78
H422 LMG LG . -51.13 -34.44 9.73
C1 UNL MG . -81.31 -28.86 7.31
C10 UNL MG . -75.15 -36.08 4.60
C11 UNL MG . -73.94 -36.52 5.45
C12 UNL MG . -72.73 -36.83 4.56
C13 UNL MG . -72.75 -38.27 4.00
C14 UNL MG . -71.36 -38.91 4.06
C15 UNL MG . -71.39 -40.32 3.46
C16 UNL MG . -69.95 -40.84 3.53
C17 UNL MG . -69.81 -42.14 2.73
C18 UNL MG . -68.33 -42.42 2.54
C2 UNL MG . -81.24 -30.32 6.83
C3 UNL MG . -81.21 -31.34 7.98
C4 UNL MG . -79.82 -31.86 8.42
C5 UNL MG . -78.84 -31.91 7.24
C6 UNL MG . -77.80 -33.03 7.40
C7 UNL MG . -77.05 -33.18 6.08
C8 UNL MG . -76.07 -34.34 6.19
C9 UNL MG . -75.50 -34.60 4.80
O1 UNL MG . -81.48 -28.57 8.53
O2 UNL MG . -81.20 -27.93 6.46
H21 UNL MG . -80.44 -30.42 6.29
H22 UNL MG . -82.03 -30.50 6.27
H31 UNL MG . -81.73 -32.11 7.71
H32 UNL MG . -81.63 -30.93 8.75
H41 UNL MG . -79.92 -32.75 8.78
H42 UNL MG . -79.46 -31.27 9.09
H51 UNL MG . -78.37 -31.06 7.19
H52 UNL MG . -79.33 -32.07 6.42
H61 UNL MG . -78.24 -33.86 7.63
H62 UNL MG . -77.17 -32.79 8.11
H71 UNL MG . -76.57 -32.37 5.88
H72 UNL MG . -77.68 -33.36 5.36
H81 UNL MG . -76.53 -35.13 6.52
H82 UNL MG . -75.36 -34.11 6.81
H91 UNL MG . -74.70 -34.07 4.69
H92 UNL MG . -76.16 -34.34 4.14
H101 UNL MG . -74.93 -36.22 3.67
H102 UNL MG . -75.91 -36.63 4.84
H111 UNL MG . -74.18 -37.31 5.95
H112 UNL MG . -73.71 -35.81 6.07
H121 UNL MG . -71.92 -36.72 5.08
H122 UNL MG . -72.73 -36.22 3.81
H131 UNL MG . -73.06 -38.25 3.09
H132 UNL MG . -73.37 -38.80 4.54
H141 UNL MG . -71.06 -38.96 4.98
H142 UNL MG . -70.73 -38.37 3.54
H151 UNL MG . -71.70 -40.29 2.54
H152 UNL MG . -71.98 -40.88 3.98
H161 UNL MG . -69.72 -41.01 4.45
H162 UNL MG . -69.36 -40.18 3.15
H171 UNL MG . -70.24 -42.04 1.87
H172 UNL MG . -70.23 -42.87 3.21
H181 UNL MG . -68.21 -43.20 1.96
H182 UNL MG . -67.92 -42.61 3.40
H183 UNL MG . -67.90 -41.65 2.14
C1 BCR NG . -70.97 -43.87 18.82
C2 BCR NG . -71.67 -42.78 19.62
C3 BCR NG . -72.23 -41.74 18.68
C4 BCR NG . -73.25 -42.36 17.77
C5 BCR NG . -72.89 -43.72 17.31
C6 BCR NG . -71.87 -44.44 17.75
C7 BCR NG . -71.56 -45.77 17.24
C8 BCR NG . -70.95 -45.96 16.06
C9 BCR NG . -70.20 -47.16 15.70
C10 BCR NG . -69.37 -47.12 14.64
C11 BCR NG . -68.67 -48.26 14.08
C33 BCR NG . -73.81 -44.23 16.27
C31 BCR NG . -70.49 -44.92 19.82
C32 BCR NG . -69.74 -43.26 18.21
C34 BCR NG . -70.21 -48.31 16.62
C12 BCR NG . -67.49 -48.08 13.46
C13 BCR NG . -66.56 -49.11 13.03
C14 BCR NG . -65.73 -48.81 12.02
C15 BCR NG . -64.70 -49.66 11.47
C16 BCR NG . -63.98 -49.23 10.43
C17 BCR NG . -62.84 -50.00 10.00
C18 BCR NG . -61.85 -49.65 9.15
C19 BCR NG . -60.82 -50.64 8.88
C20 BCR NG . -59.80 -50.46 8.03
C21 BCR NG . -58.63 -51.29 8.21
C22 BCR NG . -57.46 -51.17 7.58
C23 BCR NG . -56.54 -52.30 7.58
C24 BCR NG . -55.27 -52.22 7.17
C25 BCR NG . -54.33 -53.33 7.07
C26 BCR NG . -54.50 -54.31 6.18
C27 BCR NG . -53.64 -55.46 5.92
C28 BCR NG . -52.29 -55.37 6.59
C29 BCR NG . -52.30 -54.59 7.88
C30 BCR NG . -53.09 -53.30 7.93
C35 BCR NG . -66.53 -50.43 13.69
C36 BCR NG . -61.74 -48.31 8.52
C37 BCR NG . -56.97 -49.82 7.20
C38 BCR NG . -55.68 -54.39 5.30
C39 BCR NG . -52.24 -52.13 7.52
C40 BCR NG . -53.39 -53.08 9.41
HC21 BCR NG . -70.98 -42.30 20.32
HC22 BCR NG . -72.47 -43.17 20.23
HC31 BCR NG . -71.42 -41.30 18.10
HC32 BCR NG . -72.65 -40.93 19.25
HC41 BCR NG . -73.43 -41.70 16.93
HC42 BCR NG . -74.22 -42.35 18.25
HC7 BCR NG . -71.84 -46.62 17.83
HC8 BCR NG . -71.01 -45.17 15.34
H10C BCR NG . -69.19 -46.19 14.15
H11C BCR NG . -69.11 -49.24 14.16
H331 BCR NG . -74.12 -45.24 16.49
H332 BCR NG . -73.32 -44.23 15.30
H333 BCR NG . -74.69 -43.61 16.21
H311 BCR NG . -69.74 -45.54 19.37
H312 BCR NG . -71.31 -45.55 20.13
H313 BCR NG . -70.09 -44.44 20.69
H321 BCR NG . -69.02 -44.02 17.99
H322 BCR NG . -69.30 -42.55 18.88
H323 BCR NG . -69.99 -42.76 17.29
H341 BCR NG . -69.66 -49.15 16.21
H342 BCR NG . -71.21 -48.64 16.82
H343 BCR NG . -69.75 -48.06 17.57
H12C BCR NG . -67.22 -47.06 13.27
H14C BCR NG . -65.83 -47.86 11.55
H15C BCR NG . -64.51 -50.62 11.89
H16C BCR NG . -64.24 -48.32 9.93
H17C BCR NG . -62.78 -50.98 10.44
H19C BCR NG . -60.88 -51.58 9.38
H20C BCR NG . -59.86 -49.74 7.26
H21C BCR NG . -58.73 -52.07 8.93
H23C BCR NG . -56.92 -53.24 7.92
H24C BCR NG . -54.91 -51.25 6.91
H271 BCR NG . -53.52 -55.64 4.85
H272 BCR NG . -54.12 -56.40 6.21
H281 BCR NG . -51.60 -54.91 5.87
H282 BCR NG . -51.92 -56.37 6.75
H291 BCR NG . -51.27 -54.40 8.14
H292 BCR NG . -52.66 -55.28 8.64
H351 BCR NG . -66.27 -51.21 12.99
H352 BCR NG . -67.50 -50.66 14.11
H353 BCR NG . -65.80 -50.44 14.49
H361 BCR NG . -60.71 -47.97 8.51
H362 BCR NG . -62.31 -47.57 9.07
H363 BCR NG . -62.09 -48.31 7.51
H371 BCR NG . -56.07 -49.58 7.75
H372 BCR NG . -57.72 -49.07 7.43
H373 BCR NG . -56.75 -49.78 6.15
H381 BCR NG . -55.83 -55.38 4.89
H382 BCR NG . -55.60 -53.71 4.44
H383 BCR NG . -56.60 -54.13 5.82
H391 BCR NG . -51.22 -52.25 7.85
H392 BCR NG . -52.62 -51.20 7.94
H393 BCR NG . -52.23 -52.02 6.44
H401 BCR NG . -52.48 -53.14 9.99
H402 BCR NG . -54.07 -53.81 9.78
H403 BCR NG . -53.82 -52.11 9.57
C1 LMG OG . -79.03 -19.99 -14.32
O1 LMG OG . -78.24 -21.18 -14.63
C2 LMG OG . -78.68 -18.89 -15.41
O2 LMG OG . -77.42 -18.32 -15.00
C3 LMG OG . -79.74 -17.74 -15.33
O3 LMG OG . -79.50 -16.94 -16.47
C4 LMG OG . -81.21 -18.28 -15.35
O4 LMG OG . -81.51 -18.80 -16.63
C5 LMG OG . -81.33 -19.41 -14.28
O5 LMG OG . -83.59 -19.05 -14.83
C6 LMG OG . -82.73 -20.06 -14.41
O6 LMG OG . -80.39 -20.43 -14.47
C7 LMG OG . -78.34 -22.22 -13.66
C8 LMG OG . -77.73 -23.56 -14.23
C9 LMG OG . -78.56 -24.74 -13.64
O7 LMG OG . -77.84 -23.65 -15.68
C10 LMG OG . -76.72 -23.99 -16.43
O9 LMG OG . -75.73 -23.28 -16.33
C11 LMG OG . -77.01 -24.92 -17.59
C12 LMG OG . -75.71 -25.44 -18.29
C13 LMG OG . -75.94 -25.70 -19.82
C14 LMG OG . -75.52 -27.14 -20.23
C15 LMG OG . -76.71 -27.76 -21.00
C16 LMG OG . -76.33 -29.10 -21.66
C17 LMG OG . -77.32 -29.37 -22.80
C18 LMG OG . -76.97 -30.74 -23.42
C19 LMG OG . -77.82 -31.83 -22.77
C20 LMG OG . -77.16 -33.19 -23.06
O8 LMG OG . -77.63 -25.67 -13.06
C28 LMG OG . -77.70 -26.99 -13.40
O10 LMG OG . -78.14 -27.77 -12.55
C29 LMG OG . -76.75 -27.40 -14.48
C30 LMG OG . -76.87 -28.90 -14.76
C31 LMG OG . -76.44 -29.19 -16.19
C32 LMG OG . -77.30 -30.36 -16.68
C33 LMG OG . -76.98 -31.49 -15.73
C34 LMG OG . -76.97 -32.78 -16.49
C35 LMG OG . -75.52 -33.18 -16.49
C36 LMG OG . -75.39 -34.35 -17.40
C37 LMG OG . -74.57 -35.40 -16.71
C38 LMG OG . -75.46 -35.99 -15.62
C39 LMG OG . -75.54 -37.49 -15.83
C40 LMG OG . -74.09 -37.98 -15.59
C41 LMG OG . -74.14 -39.32 -14.91
C42 LMG OG . -74.50 -40.31 -16.04
C43 LMG OG . -75.73 -41.13 -15.64
C44 LMG OG . -75.40 -41.93 -14.36
C45 LMG OG . -76.47 -42.98 -14.17
HC1 LMG OG . -78.82 -19.60 -13.28
HC2 LMG OG . -78.67 -19.38 -16.41
HO2 LMG OG . -77.30 -17.54 -15.52
HC3 LMG OG . -79.60 -17.19 -14.36
HO3 LMG OG . -80.25 -17.07 -17.05
HC4 LMG OG . -81.92 -17.44 -15.07
HO4 LMG OG . -81.51 -19.75 -16.54
HC5 LMG OG . -81.19 -18.95 -13.26
HO5 LMG OG . -84.41 -19.48 -15.09
HC61 LMG OG . -83.02 -20.49 -13.42
HC62 LMG OG . -82.67 -20.91 -15.13
HC71 LMG OG . -79.42 -22.30 -13.42
HC72 LMG OG . -77.84 -21.85 -12.75
HC8 LMG OG . -76.64 -23.63 -13.94
HC91 LMG OG . -79.15 -25.23 -14.45
HC92 LMG OG . -79.27 -24.37 -12.88
H111 LMG OG . -77.66 -24.41 -18.32
H112 LMG OG . -77.61 -25.78 -17.22
H121 LMG OG . -75.36 -26.38 -17.80
H122 LMG OG . -74.88 -24.72 -18.16
H131 LMG OG . -75.38 -24.97 -20.43
H132 LMG OG . -76.99 -25.53 -20.10
H141 LMG OG . -75.27 -27.76 -19.35
H142 LMG OG . -74.61 -27.16 -20.86
H151 LMG OG . -77.09 -27.07 -21.78
H152 LMG OG . -77.58 -27.92 -20.33
H161 LMG OG . -76.33 -29.92 -20.92
H162 LMG OG . -75.29 -29.08 -22.01
H171 LMG OG . -77.28 -28.55 -23.55
H172 LMG OG . -78.36 -29.33 -22.44
H181 LMG OG . -75.88 -30.96 -23.33
H182 LMG OG . -77.11 -30.72 -24.53
H191 LMG OG . -78.87 -31.85 -23.11
H192 LMG OG . -77.94 -31.71 -21.66
H291 LMG OG . -75.72 -27.14 -14.20
H292 LMG OG . -76.94 -26.82 -15.39
H301 LMG OG . -77.89 -29.29 -14.61
H302 LMG OG . -76.26 -29.52 -14.08
H311 LMG OG . -75.36 -29.42 -16.27
H312 LMG OG . -76.54 -28.30 -16.85
H321 LMG OG . -77.08 -30.60 -17.75
H322 LMG OG . -78.37 -30.08 -16.71
H331 LMG OG . -77.72 -31.53 -14.88
H332 LMG OG . -76.02 -31.33 -15.19
H341 LMG OG . -77.38 -32.71 -17.51
H342 LMG OG . -77.61 -33.58 -16.03
H351 LMG OG . -75.17 -33.40 -15.46
H352 LMG OG . -74.88 -32.33 -16.79
H361 LMG OG . -74.93 -34.08 -18.37
H362 LMG OG . -76.37 -34.77 -17.70
H371 LMG OG . -73.64 -34.99 -16.26
H372 LMG OG . -74.22 -36.20 -17.38
H381 LMG OG . -76.50 -35.57 -15.62
H382 LMG OG . -75.10 -35.77 -14.59
H391 LMG OG . -75.88 -37.79 -16.83
H392 LMG OG . -76.23 -38.02 -15.14
H401 LMG OG . -73.49 -37.27 -14.97
H402 LMG OG . -73.50 -38.06 -16.53
H411 LMG OG . -74.86 -39.31 -14.06
H412 LMG OG . -73.15 -39.53 -14.42
H421 LMG OG . -73.63 -40.95 -16.27
H422 LMG OG . -74.66 -39.75 -16.98
H431 LMG OG . -76.06 -41.82 -16.44
H432 LMG OG . -76.63 -40.50 -15.47
H441 LMG OG . -75.33 -41.27 -13.47
H442 LMG OG . -74.39 -42.40 -14.41
H451 LMG OG . -76.15 -43.72 -13.41
H452 LMG OG . -76.66 -43.51 -15.11
H453 LMG OG . -77.40 -42.51 -13.83
C1 UNL PG . -34.96 -56.02 10.70
C10 UNL PG . -38.47 -47.29 16.40
C2 UNL PG . -35.95 -55.39 11.70
C3 UNL PG . -36.05 -53.87 11.57
C4 UNL PG . -37.12 -53.29 12.52
C5 UNL PG . -37.27 -51.78 12.29
C6 UNL PG . -37.93 -51.10 13.50
C7 UNL PG . -38.09 -49.59 13.29
C8 UNL PG . -38.83 -48.92 14.47
C9 UNL PG . -38.09 -47.65 14.95
O1 UNL PG . -34.96 -55.66 9.47
O2 UNL PG . -34.17 -56.92 11.10
H21 UNL PG . -35.66 -55.61 12.59
H22 UNL PG . -36.83 -55.78 11.54
H31 UNL PG . -36.29 -53.64 10.65
H32 UNL PG . -35.19 -53.47 11.78
H41 UNL PG . -36.85 -53.45 13.43
H42 UNL PG . -37.97 -53.74 12.35
H51 UNL PG . -37.83 -51.63 11.50
H52 UNL PG . -36.40 -51.39 12.14
H61 UNL PG . -37.37 -51.26 14.29
H62 UNL PG . -38.81 -51.50 13.64
H71 UNL PG . -38.60 -49.43 12.48
H72 UNL PG . -37.21 -49.19 13.20
H81 UNL PG . -38.87 -49.55 15.21
H82 UNL PG . -39.73 -48.68 14.19
H91 UNL PG . -38.34 -46.91 14.37
H92 UNL PG . -37.14 -47.79 14.90
C1 LMG QG . -48.06 -9.66 -15.33
O1 LMG QG . -48.28 -11.02 -15.70
C2 LMG QG . -47.51 -8.91 -16.57
O2 LMG QG . -46.10 -8.89 -16.40
C3 LMG QG . -48.05 -7.41 -16.53
O3 LMG QG . -49.34 -7.42 -17.15
C4 LMG QG . -48.20 -6.92 -15.06
O4 LMG QG . -48.80 -5.65 -15.06
C5 LMG QG . -49.13 -7.94 -14.27
O5 LMG QG . -51.08 -8.19 -12.95
C6 LMG QG . -50.52 -7.32 -13.93
O6 LMG QG . -49.34 -9.12 -15.04
C7 LMG QG . -47.06 -11.79 -15.80
C8 LMG QG . -47.12 -12.93 -14.71
C9 LMG QG . -47.78 -14.08 -15.36
O7 LMG QG . -45.79 -13.39 -14.39
C10 LMG QG . -45.58 -14.65 -13.86
O9 LMG QG . -46.50 -15.33 -13.42
C11 LMG QG . -44.14 -15.04 -13.90
C12 LMG QG . -43.89 -16.27 -13.03
C13 LMG QG . -42.35 -16.59 -12.83
C14 LMG QG . -41.92 -16.14 -11.40
C15 LMG QG . -41.84 -17.34 -10.50
C16 LMG QG . -40.56 -18.10 -10.78
C17 LMG QG . -40.11 -18.73 -9.50
C18 LMG QG . -41.10 -19.82 -9.15
C19 LMG QG . -40.43 -21.17 -9.27
C20 LMG QG . -41.54 -22.18 -9.37
C21 LMG QG . -41.01 -23.35 -10.10
C22 LMG QG . -41.88 -24.48 -9.69
C23 LMG QG . -41.27 -25.65 -10.39
O8 LMG QG . -48.63 -13.53 -16.29
C28 LMG QG . -49.89 -13.98 -16.27
O10 LMG QG . -50.78 -13.20 -15.93
C29 LMG QG . -50.00 -15.47 -16.36
C30 LMG QG . -50.79 -15.95 -15.18
C31 LMG QG . -51.03 -17.41 -15.34
C32 LMG QG . -50.16 -18.15 -14.29
C33 LMG QG . -51.04 -18.63 -13.14
C34 LMG QG . -50.68 -20.12 -12.78
C35 LMG QG . -49.81 -20.14 -11.54
C36 LMG QG . -50.30 -21.23 -10.57
C37 LMG QG . -49.39 -22.44 -10.70
C38 LMG QG . -49.08 -22.90 -9.29
C39 LMG QG . -48.00 -23.95 -9.43
C40 LMG QG . -47.95 -24.67 -8.10
C41 LMG QG . -46.48 -24.89 -7.68
C42 LMG QG . -46.05 -26.23 -8.23
C43 LMG QG . -44.76 -26.64 -7.54
HC1 LMG QG . -47.37 -9.63 -14.44
HC2 LMG QG . -47.85 -9.42 -17.50
HO2 LMG QG . -45.73 -8.65 -17.24
HC3 LMG QG . -47.32 -6.76 -17.07
HO3 LMG QG . -49.75 -8.25 -16.90
HC4 LMG QG . -47.19 -6.93 -14.56
HO4 LMG QG . -48.67 -5.29 -14.19
HC5 LMG QG . -48.62 -8.16 -13.30
HO5 LMG QG . -51.72 -7.67 -12.46
HC61 LMG QG . -51.13 -7.24 -14.86
HC62 LMG QG . -50.36 -6.28 -13.57
HC71 LMG QG . -46.22 -11.08 -15.65
HC72 LMG QG . -46.98 -12.17 -16.83
HC8 LMG QG . -47.65 -12.56 -13.79
HC91 LMG QG . -48.32 -14.70 -14.62
HC92 LMG QG . -47.02 -14.74 -15.85
H111 LMG QG . -43.50 -14.19 -13.57
H112 LMG QG . -43.82 -15.23 -14.95
H121 LMG QG . -44.38 -17.15 -13.49
H122 LMG QG . -44.37 -16.14 -12.05
H131 LMG QG . -41.73 -16.08 -13.59
H132 LMG QG . -42.14 -17.66 -12.98
H141 LMG QG . -42.61 -15.39 -10.97
H142 LMG QG . -40.93 -15.63 -11.42
H151 LMG QG . -42.72 -18.01 -10.62
H152 LMG QG . -41.88 -17.05 -9.43
H161 LMG QG . -39.80 -17.42 -11.20
H162 LMG QG . -40.71 -18.85 -11.58
H171 LMG QG . -40.03 -17.97 -8.69
H172 LMG QG . -39.08 -19.11 -9.58
H181 LMG QG . -42.02 -19.77 -9.78
H182 LMG QG . -41.53 -19.69 -8.12
H191 LMG QG . -39.76 -21.43 -8.42
H192 LMG QG . -39.77 -21.26 -10.16
H201 LMG QG . -42.45 -21.79 -9.87
H202 LMG QG . -41.93 -22.50 -8.38
H211 LMG QG . -39.95 -23.59 -9.87
H212 LMG QG . -41.02 -23.23 -11.21
H221 LMG QG . -42.95 -24.32 -9.98
H222 LMG QG . -41.93 -24.61 -8.59
H291 LMG QG . -49.00 -15.93 -16.39
H292 LMG QG . -50.46 -15.77 -17.32
H301 LMG QG . -51.78 -15.45 -15.08
H302 LMG QG . -50.31 -15.77 -14.21
H311 LMG QG . -50.78 -17.76 -16.37
H312 LMG QG . -52.09 -17.68 -15.25
H321 LMG QG . -49.36 -17.46 -13.95
H322 LMG QG . -49.61 -18.97 -14.78
H331 LMG QG . -52.13 -18.52 -13.38
H332 LMG QG . -50.94 -17.97 -12.24
H341 LMG QG . -50.18 -20.65 -13.62
H342 LMG QG . -51.59 -20.75 -12.62
H351 LMG QG . -49.81 -19.13 -11.06
H352 LMG QG . -48.74 -20.28 -11.83
H361 LMG QG . -51.34 -21.52 -10.76
H362 LMG QG . -50.31 -20.89 -9.52
H371 LMG QG . -48.46 -22.23 -11.26
H372 LMG QG . -49.87 -23.27 -11.27
H381 LMG QG . -49.96 -23.31 -8.74
H382 LMG QG . -48.73 -22.07 -8.62
H391 LMG QG . -47.01 -23.54 -9.69
H392 LMG QG . -48.21 -24.69 -10.24
H401 LMG QG . -48.46 -25.65 -8.10
H402 LMG QG . -48.46 -24.11 -7.28
H411 LMG QG . -46.41 -24.82 -6.57
H412 LMG QG . -45.86 -24.04 -8.04
H421 LMG QG . -45.93 -26.17 -9.34
H422 LMG QG . -46.85 -26.98 -8.10
CHA PHO RG . -17.53 -39.18 17.57
CHB PHO RG . -21.17 -36.65 19.45
CHC PHO RG . -20.34 -33.04 16.33
CHD PHO RG . -16.62 -35.53 14.33
NA PHO RG . -19.25 -37.66 18.30
C1A PHO RG . -18.51 -38.86 18.41
C2A PHO RG . -19.00 -39.68 19.57
C3A PHO RG . -20.34 -39.01 19.88
C4A PHO RG . -20.21 -37.67 19.19
CMA PHO RG . -21.48 -39.79 19.28
CAA PHO RG . -18.08 -39.59 20.75
CBA PHO RG . -18.34 -40.70 21.74
CGA PHO RG . -17.68 -40.38 23.06
O1A PHO RG . -16.88 -39.49 23.31
O2A PHO RG . -18.10 -41.21 24.04
NB PHO RG . -20.45 -35.00 17.79
C1B PHO RG . -21.23 -35.44 18.86
C2B PHO RG . -22.18 -34.33 19.19
C3B PHO RG . -21.95 -33.31 18.29
C4B PHO RG . -20.85 -33.72 17.37
CMB PHO RG . -23.20 -34.49 20.25
CAB PHO RG . -22.62 -32.04 18.14
CBB PHO RG . -23.58 -31.53 18.94
NC PHO RG . -18.48 -34.55 15.60
C1C PHO RG . -19.22 -33.44 15.50
C2C PHO RG . -18.76 -32.63 14.34
C3C PHO RG . -17.70 -33.31 13.76
C4C PHO RG . -17.49 -34.53 14.59
CMC PHO RG . -19.45 -31.41 13.96
CAC PHO RG . -16.93 -32.98 12.56
CBC PHO RG . -15.43 -32.84 12.70
ND PHO RG . -17.30 -37.03 16.15
C1D PHO RG . -16.52 -36.75 15.05
C2D PHO RG . -15.67 -37.88 14.80
C3D PHO RG . -16.02 -38.86 15.74
C4D PHO RG . -17.06 -38.30 16.54
CMD PHO RG . -14.65 -37.98 13.76
CAD PHO RG . -15.77 -40.20 16.22
OBD PHO RG . -14.97 -41.01 15.81
CBD PHO RG . -16.76 -40.47 17.41
CGD PHO RG . -17.65 -41.63 17.12
O1D PHO RG . -17.52 -42.85 17.31
O2D PHO RG . -18.76 -41.18 16.51
CED PHO RG . -19.68 -42.15 15.99
C1 PHO RG . -17.59 -40.98 25.35
C2 PHO RG . -18.44 -40.01 26.07
C3 PHO RG . -17.91 -39.05 26.84
C4 PHO RG . -16.44 -38.87 26.97
C5 PHO RG . -18.74 -38.06 27.59
C6 PHO RG . -18.47 -36.63 27.15
C7 PHO RG . -19.26 -35.69 27.99
C8 PHO RG . -19.43 -34.33 27.32
C9 PHO RG . -18.08 -33.95 26.72
C10 PHO RG . -19.98 -33.32 28.32
C11 PHO RG . -21.30 -33.71 28.99
C12 PHO RG . -22.47 -33.69 28.02
C13 PHO RG . -23.77 -34.06 28.72
C14 PHO RG . -23.77 -35.53 29.10
C15 PHO RG . -24.96 -33.82 27.81
C16 PHO RG . -25.12 -32.37 27.39
C17 PHO RG . -26.45 -32.15 26.71
C18 PHO RG . -26.78 -30.68 26.62
C19 PHO RG . -27.93 -30.46 25.67
C20 PHO RG . -25.55 -29.92 26.19
HHB PHO RG . -21.93 -36.90 20.21
HHC PHO RG . -20.79 -32.07 16.07
HHD PHO RG . -15.93 -35.42 13.49
H2A PHO RG . -19.15 -40.76 19.25
H3A PHO RG . -20.47 -38.85 20.99
HMA1 PHO RG . -22.37 -39.15 19.15
HMA2 PHO RG . -21.77 -40.65 19.94
HMA3 PHO RG . -21.19 -40.20 18.28
HAA1 PHO RG . -18.21 -38.60 21.27
HAA2 PHO RG . -17.01 -39.64 20.41
HBA1 PHO RG . -17.93 -41.68 21.38
HBA2 PHO RG . -19.44 -40.84 21.93
HMB1 PHO RG . -23.27 -33.55 20.88
HMB2 PHO RG . -22.94 -35.34 20.94
HMB3 PHO RG . -24.21 -34.68 19.81
HAB PHO RG . -22.28 -31.46 17.26
HBB1 PHO RG . -23.98 -32.04 19.82
HBB2 PHO RG . -24.03 -30.56 18.74
HMC1 PHO RG . -20.44 -31.65 13.50
HMC2 PHO RG . -18.84 -30.84 13.20
HMC3 PHO RG . -19.61 -30.76 14.86
HAC1 PHO RG . -17.33 -32.02 12.15
HAC2 PHO RG . -17.13 -33.78 11.79
HBC1 PHO RG . -14.99 -32.32 11.80
HBC2 PHO RG . -14.94 -33.84 12.80
HBC3 PHO RG . -15.17 -32.24 13.61
HMD1 PHO RG . -14.85 -38.84 13.09
HMD2 PHO RG . -13.63 -38.12 14.22
HMD3 PHO RG . -14.62 -37.05 13.15
HBD PHO RG . -16.15 -40.72 18.32
HED1 PHO RG . -20.48 -41.63 15.39
HED2 PHO RG . -20.15 -42.71 16.82
HED3 PHO RG . -19.12 -42.86 15.32
H11 PHO RG . -16.54 -40.60 25.25
H12 PHO RG . -17.57 -41.97 25.88
H2 PHO RG . -19.53 -40.13 25.94
H41 PHO RG . -16.19 -38.15 27.78
H42 PHO RG . -16.00 -38.49 26.01
H43 PHO RG . -15.95 -39.85 27.21
H51 PHO RG . -18.51 -38.17 28.70
H52 PHO RG . -19.82 -38.32 27.46
H61 PHO RG . -18.75 -36.50 26.07
H62 PHO RG . -17.37 -36.39 27.24
H71 PHO RG . -18.75 -35.53 28.98
H72 PHO RG . -20.27 -36.11 28.20
H8 PHO RG . -20.20 -34.37 26.49
H91 PHO RG . -18.08 -32.87 26.44
H92 PHO RG . -17.87 -34.57 25.82
H93 PHO RG . -17.27 -34.14 27.46
H101 PHO RG . -20.12 -32.33 27.79
H102 PHO RG . -19.21 -33.16 29.12
H111 PHO RG . -21.51 -33.00 29.83
H112 PHO RG . -21.20 -34.73 29.42
H121 PHO RG . -22.27 -34.41 27.18
H122 PHO RG . -22.56 -32.66 27.57
H13 PHO RG . -23.86 -33.41 29.63
H141 PHO RG . -24.80 -35.86 29.36
H142 PHO RG . -23.12 -35.68 30.00
H143 PHO RG . -23.38 -36.14 28.26
H151 PHO RG . -25.89 -34.15 28.32
H152 PHO RG . -24.84 -34.45 26.88
H161 PHO RG . -24.29 -32.08 26.70
H162 PHO RG . -25.04 -31.71 28.29
H171 PHO RG . -27.25 -32.69 27.28
H172 PHO RG . -26.41 -32.60 25.69
H18 PHO RG . -27.09 -30.29 27.63
H191 PHO RG . -28.16 -29.37 25.59
H192 PHO RG . -28.85 -30.99 26.03
H193 PHO RG . -27.67 -30.84 24.65
H201 PHO RG . -25.82 -28.92 25.79
H202 PHO RG . -25.00 -30.49 25.39
H203 PHO RG . -24.86 -29.77 27.06
HNB PHO RG . -19.72 -35.53 17.37
HND PHO RG . -17.94 -36.40 16.57
MG CLA SG . -25.29 -18.64 3.71
CHA CLA SG . -22.06 -18.44 5.11
CHB CLA SG . -23.83 -18.76 0.57
CHC CLA SG . -28.23 -19.50 2.48
CHD CLA SG . -26.52 -18.87 7.03
NA CLA SG . -23.26 -18.46 2.98
C1A CLA SG . -22.09 -18.54 3.75
C2A CLA SG . -20.85 -18.68 2.85
C3A CLA SG . -21.44 -18.31 1.48
C4A CLA SG . -22.95 -18.54 1.65
CMA CLA SG . -21.09 -16.92 1.05
CAA CLA SG . -20.34 -20.10 2.89
CBA CLA SG . -21.35 -21.16 2.49
CGA CLA SG . -20.80 -22.55 2.54
O1A CLA SG . -19.61 -22.88 2.61
O2A CLA SG . -21.80 -23.50 2.48
NB CLA SG . -25.92 -19.02 1.84
C1B CLA SG . -25.22 -18.99 0.67
C2B CLA SG . -26.17 -19.22 -0.47
C3B CLA SG . -27.40 -19.43 0.09
C4B CLA SG . -27.24 -19.34 1.57
CMB CLA SG . -25.72 -19.25 -1.87
CAB CLA SG . -28.70 -19.78 -0.47
CBB CLA SG . -29.10 -19.56 -1.71
NC CLA SG . -27.00 -19.20 4.61
C1C CLA SG . -28.14 -19.46 3.90
C2C CLA SG . -29.29 -19.59 4.80
C3C CLA SG . -28.81 -19.31 6.06
C4C CLA SG . -27.38 -19.10 5.94
CMC CLA SG . -30.69 -19.87 4.42
CAC CLA SG . -29.60 -19.24 7.30
CBC CLA SG . -30.55 -18.06 7.20
ND CLA SG . -24.50 -18.65 5.68
C1D CLA SG . -25.15 -18.65 6.91
C2D CLA SG . -24.18 -18.39 7.99
C3D CLA SG . -22.95 -18.28 7.36
C4D CLA SG . -23.23 -18.47 5.92
CMD CLA SG . -24.55 -18.30 9.39
CAD CLA SG . -21.50 -18.03 7.50
OBD CLA SG . -20.81 -17.63 8.43
CBD CLA SG . -20.94 -18.17 6.06
CGD CLA SG . -20.42 -16.85 5.69
O1D CLA SG . -21.03 -15.77 5.80
O2D CLA SG . -19.17 -16.87 5.17
CED CLA SG . -18.80 -15.66 4.53
C1 CLA SG . -21.54 -24.90 2.13
C2 CLA SG . -21.51 -25.01 0.66
C3 CLA SG . -20.37 -25.13 -0.06
C4 CLA SG . -19.04 -25.15 0.55
C5 CLA SG . -20.40 -25.20 -1.56
C6 CLA SG . -19.84 -23.94 -2.18
C7 CLA SG . -20.78 -22.77 -1.95
C8 CLA SG . -20.19 -21.43 -2.35
C9 CLA SG . -19.09 -20.96 -1.40
C10 CLA SG . -21.31 -20.43 -2.41
C11 CLA SG . -20.85 -19.14 -3.05
C12 CLA SG . -22.03 -18.28 -3.46
C13 CLA SG . -21.56 -16.88 -3.85
C14 CLA SG . -22.71 -15.92 -3.82
C15 CLA SG . -20.82 -16.87 -5.19
C16 CLA SG . -21.59 -16.40 -6.40
C17 CLA SG . -20.65 -16.33 -7.59
C18 CLA SG . -21.41 -16.62 -8.84
C19 CLA SG . -20.46 -16.87 -9.97
C20 CLA SG . -22.32 -15.45 -9.16
HHB CLA SG . -23.40 -18.76 -0.46
HHC CLA SG . -29.25 -19.68 2.10
HHD CLA SG . -26.96 -18.85 8.05
H2A CLA SG . -20.03 -17.98 3.17
H3A CLA SG . -21.08 -19.03 0.69
HMA1 CLA SG . -21.60 -16.67 0.09
HMA2 CLA SG . -19.98 -16.82 0.87
HMA3 CLA SG . -21.38 -16.18 1.81
HAA1 CLA SG . -19.97 -20.32 3.92
HAA2 CLA SG . -19.45 -20.18 2.20
HBA1 CLA SG . -21.71 -20.96 1.44
HBA2 CLA SG . -22.23 -21.11 3.18
HMB1 CLA SG . -26.60 -19.25 -2.56
HMB2 CLA SG . -25.11 -20.17 -2.06
HMB3 CLA SG . -25.09 -18.35 -2.09
HAB CLA SG . -29.38 -20.25 0.25
HBB1 CLA SG . -28.49 -19.07 -2.46
HBB2 CLA SG . -30.11 -19.86 -2.05
HMC1 CLA SG . -31.32 -20.03 5.32
HMC2 CLA SG . -30.74 -20.79 3.78
HMC3 CLA SG . -31.11 -19.02 3.83
HAC1 CLA SG . -28.93 -19.12 8.20
HAC2 CLA SG . -30.18 -20.18 7.46
HBC1 CLA SG . -31.34 -18.13 8.00
HBC2 CLA SG . -31.05 -18.05 6.21
HBC3 CLA SG . -29.98 -17.10 7.34
HMD1 CLA SG . -23.76 -17.79 9.99
HMD2 CLA SG . -24.71 -19.33 9.82
HMD3 CLA SG . -25.51 -17.74 9.50
HBD CLA SG . -20.19 -19.01 6.06
HED1 CLA SG . -17.80 -15.88 4.09
HED2 CLA SG . -18.79 -14.91 5.36
HED3 CLA SG . -19.62 -15.49 3.78
H11 CLA SG . -22.36 -25.54 2.57
H12 CLA SG . -20.56 -25.20 2.59
H2 CLA SG . -22.49 -24.99 0.16
H41 CLA SG . -18.24 -25.27 -0.22
H42 CLA SG . -18.94 -25.99 1.28
H43 CLA SG . -18.82 -24.20 1.11
H51 CLA SG . -21.46 -25.38 -1.90
H52 CLA SG . -19.79 -26.09 -1.90
H61 CLA SG . -19.69 -24.09 -3.28
H62 CLA SG . -18.84 -23.70 -1.74
H71 CLA SG . -21.07 -22.74 -0.88
H72 CLA SG . -21.72 -22.94 -2.55
H8 CLA SG . -19.69 -21.52 -3.35
H91 CLA SG . -18.60 -20.03 -1.79
H92 CLA SG . -18.30 -21.75 -1.31
H93 CLA SG . -19.50 -20.75 -0.39
H101 CLA SG . -21.70 -20.22 -1.37
H102 CLA SG . -22.16 -20.85 -3.00
H111 CLA SG . -20.21 -19.37 -3.93
H112 CLA SG . -20.21 -18.58 -2.32
H121 CLA SG . -22.76 -18.22 -2.63
H122 CLA SG . -22.55 -18.77 -4.33
H13 CLA SG . -20.82 -16.51 -3.09
H141 CLA SG . -22.37 -14.88 -4.06
H142 CLA SG . -23.18 -15.91 -2.81
H143 CLA SG . -23.49 -16.22 -4.56
H151 CLA SG . -20.46 -17.91 -5.41
H152 CLA SG . -19.90 -16.23 -5.11
H161 CLA SG . -22.04 -15.39 -6.20
H162 CLA SG . -22.44 -17.10 -6.61
H171 CLA SG . -19.81 -17.07 -7.47
H172 CLA SG . -20.18 -15.32 -7.65
H18 CLA SG . -22.04 -17.54 -8.72
H191 CLA SG . -21.02 -17.16 -10.90
H192 CLA SG . -19.77 -17.71 -9.71
H193 CLA SG . -19.84 -15.97 -10.18
H201 CLA SG . -23.11 -15.75 -9.89
H202 CLA SG . -21.74 -14.61 -9.62
H203 CLA SG . -22.82 -15.07 -8.23
MG CLA TG . -22.29 -21.33 14.87
CHA CLA TG . -20.18 -22.84 17.21
CHB CLA TG . -21.89 -24.03 12.86
CHC CLA TG . -24.85 -20.18 13.02
CHD CLA TG . -23.25 -19.03 17.48
NA CLA TG . -21.17 -23.13 15.01
C1A CLA TG . -20.32 -23.53 16.05
C2A CLA TG . -19.60 -24.83 15.70
C3A CLA TG . -19.91 -24.91 14.21
C4A CLA TG . -21.08 -23.99 13.99
CMA CLA TG . -18.69 -24.35 13.46
CAA CLA TG . -20.11 -25.99 16.51
CBA CLA TG . -19.25 -27.22 16.35
CGA CLA TG . -19.96 -28.39 16.99
O1A CLA TG . -20.48 -29.38 16.45
O2A CLA TG . -20.00 -28.28 18.36
NB CLA TG . -23.20 -22.00 13.25
C1B CLA TG . -22.93 -23.13 12.56
C2B CLA TG . -23.77 -23.17 11.32
C3B CLA TG . -24.60 -22.10 11.37
C4B CLA TG . -24.27 -21.33 12.61
CMB CLA TG . -23.71 -24.26 10.38
CAB CLA TG . -25.68 -21.70 10.49
CBB CLA TG . -25.55 -21.57 9.16
NC CLA TG . -23.83 -19.91 15.25
C1C CLA TG . -24.65 -19.48 14.24
C2C CLA TG . -25.27 -18.21 14.61
C3C CLA TG . -24.77 -17.86 15.84
C4C CLA TG . -23.89 -18.95 16.25
CMC CLA TG . -26.19 -17.41 13.79
CAC CLA TG . -25.05 -16.67 16.65
CBC CLA TG . -23.79 -15.88 16.95
ND CLA TG . -21.95 -21.02 16.89
C1D CLA TG . -22.35 -20.00 17.78
C2D CLA TG . -21.61 -20.16 19.04
C3D CLA TG . -20.72 -21.19 18.84
C4D CLA TG . -20.98 -21.71 17.50
CMD CLA TG . -21.81 -19.32 20.23
CAD CLA TG . -19.72 -22.04 19.49
OBD CLA TG . -19.33 -22.01 20.67
CBD CLA TG . -19.25 -23.05 18.42
CGD CLA TG . -17.80 -22.85 18.11
O1D CLA TG . -17.27 -21.96 17.43
O2D CLA TG . -16.98 -23.76 18.69
CED CLA TG . -15.61 -23.46 18.55
C1 CLA TG . -20.61 -29.34 19.13
C2 CLA TG . -19.62 -29.78 20.17
C3 CLA TG . -18.57 -30.53 19.88
C4 CLA TG . -18.31 -30.97 18.46
C5 CLA TG . -17.60 -30.94 20.94
C6 CLA TG . -18.09 -31.94 21.96
C7 CLA TG . -18.77 -33.12 21.32
C8 CLA TG . -18.60 -34.46 22.03
C9 CLA TG . -18.02 -35.48 21.07
C10 CLA TG . -19.96 -34.90 22.55
C11 CLA TG . -20.09 -36.34 22.97
C12 CLA TG . -21.48 -36.51 23.54
C13 CLA TG . -21.62 -37.76 24.36
C14 CLA TG . -21.89 -38.95 23.50
C15 CLA TG . -22.70 -37.57 25.41
C16 CLA TG . -24.07 -37.50 24.78
C17 CLA TG . -25.13 -37.31 25.85
C18 CLA TG . -26.55 -37.10 25.31
C19 CLA TG . -27.52 -37.70 26.30
C20 CLA TG . -26.89 -35.64 25.09
HHB CLA TG . -21.71 -24.84 12.13
HHC CLA TG . -25.58 -19.71 12.34
HHD CLA TG . -23.50 -18.27 18.24
H2A CLA TG . -18.50 -24.75 15.91
H3A CLA TG . -20.22 -25.96 13.91
HMA1 CLA TG . -18.75 -24.59 12.36
HMA2 CLA TG . -17.74 -24.79 13.85
HMA3 CLA TG . -18.64 -23.25 13.56
HAA1 CLA TG . -21.16 -26.22 16.20
HAA2 CLA TG . -20.15 -25.70 17.60
HBA1 CLA TG . -18.25 -27.06 16.83
HBA2 CLA TG . -19.09 -27.44 15.26
HMB1 CLA TG . -24.55 -24.20 9.64
HMB2 CLA TG . -23.77 -25.25 10.91
HMB3 CLA TG . -22.74 -24.23 9.81
HAB CLA TG . -26.65 -21.51 10.98
HBB1 CLA TG . -24.58 -21.76 8.68
HBB2 CLA TG . -26.37 -21.26 8.50
HMC1 CLA TG . -26.83 -16.76 14.44
HMC2 CLA TG . -26.85 -18.07 13.19
HMC3 CLA TG . -25.62 -16.75 13.09
HAC1 CLA TG . -25.54 -16.97 17.62
HAC2 CLA TG . -25.78 -16.01 16.11
HBC1 CLA TG . -24.04 -14.95 17.51
HBC2 CLA TG . -23.27 -15.61 15.99
HBC3 CLA TG . -23.10 -16.50 17.57
HMD1 CLA TG . -20.98 -19.45 20.96
HMD2 CLA TG . -22.78 -19.59 20.75
HMD3 CLA TG . -21.87 -18.23 19.94
HBD CLA TG . -19.37 -24.11 18.81
HED1 CLA TG . -15.09 -24.45 18.68
HED2 CLA TG . -15.41 -22.73 19.37
HED3 CLA TG . -15.53 -23.03 17.52
H11 CLA TG . -20.87 -30.18 18.44
H12 CLA TG . -21.55 -28.94 19.60
H2 CLA TG . -19.82 -29.43 21.20
H41 CLA TG . -17.43 -31.64 18.39
H42 CLA TG . -18.11 -30.08 17.80
H43 CLA TG . -19.19 -31.51 18.04
H51 CLA TG . -17.28 -30.01 21.48
H52 CLA TG . -16.68 -31.36 20.44
H61 CLA TG . -18.81 -31.45 22.66
H62 CLA TG . -17.23 -32.31 22.58
H71 CLA TG . -18.37 -33.21 20.27
H72 CLA TG . -19.86 -32.89 21.24
H8 CLA TG . -17.88 -34.39 22.90
H91 CLA TG . -17.88 -36.46 21.57
H92 CLA TG . -17.03 -35.12 20.67
H93 CLA TG . -18.71 -35.62 20.21
H101 CLA TG . -20.71 -34.69 21.75
H102 CLA TG . -20.22 -34.25 23.43
H111 CLA TG . -19.31 -36.61 23.72
H112 CLA TG . -19.93 -37.02 22.08
H121 CLA TG . -22.22 -36.51 22.69
H122 CLA TG . -21.72 -35.61 24.18
H13 CLA TG . -20.64 -37.97 24.86
H141 CLA TG . -22.21 -39.83 24.13
H142 CLA TG . -20.98 -39.25 22.93
H143 CLA TG . -22.71 -38.74 22.77
H151 CLA TG . -22.52 -36.63 25.99
H152 CLA TG . -22.69 -38.42 26.15
H161 CLA TG . -24.28 -38.42 24.19
H162 CLA TG . -24.11 -36.63 24.05
H171 CLA TG . -24.86 -36.43 26.49
H172 CLA TG . -25.14 -38.22 26.52
H18 CLA TG . -26.62 -37.60 24.30
H191 CLA TG . -28.56 -37.60 25.91
H192 CLA TG . -27.46 -37.17 27.27
H193 CLA TG . -27.30 -38.77 26.46
H201 CLA TG . -27.91 -35.54 24.68
H202 CLA TG . -26.17 -35.18 24.38
H203 CLA TG . -26.83 -35.08 26.06
MG CLA UG . -13.58 -38.07 39.70
CHA CLA UG . -13.47 -34.94 41.12
CHB CLA UG . -10.76 -37.13 37.85
CHC CLA UG . -12.94 -41.33 38.79
CHD CLA UG . -15.85 -39.09 42.01
NA CLA UG . -12.36 -36.30 39.53
C1A CLA UG . -12.49 -35.11 40.22
C2A CLA UG . -11.44 -34.06 39.82
C3A CLA UG . -10.88 -34.70 38.55
C4A CLA UG . -11.32 -36.16 38.65
CMA CLA UG . -11.49 -34.02 37.37
CAA CLA UG . -10.38 -33.79 40.89
CBA CLA UG . -9.58 -35.04 41.21
CGA CLA UG . -8.52 -34.75 42.22
O1A CLA UG . -8.28 -33.67 42.76
O2A CLA UG . -7.79 -35.85 42.51
NB CLA UG . -12.12 -39.03 38.55
C1B CLA UG . -11.11 -38.47 37.85
C2B CLA UG . -10.43 -39.49 37.00
C3B CLA UG . -11.06 -40.67 37.27
C4B CLA UG . -12.13 -40.40 38.24
CMB CLA UG . -9.30 -39.20 36.09
CAB CLA UG . -10.76 -41.99 36.80
CBB CLA UG . -10.30 -42.24 35.59
NC CLA UG . -14.25 -39.87 40.31
C1C CLA UG . -13.92 -41.09 39.79
C2C CLA UG . -14.72 -42.14 40.41
C3C CLA UG . -15.56 -41.51 41.31
C4C CLA UG . -15.26 -40.09 41.22
CMC CLA UG . -14.62 -43.57 40.14
CAC CLA UG . -16.54 -42.14 42.20
CBC CLA UG . -15.92 -42.17 43.58
ND CLA UG . -14.45 -37.29 41.20
C1D CLA UG . -15.48 -37.78 42.02
C2D CLA UG . -16.02 -36.68 42.84
C3D CLA UG . -15.32 -35.55 42.50
C4D CLA UG . -14.33 -35.99 41.51
CMD CLA UG . -17.10 -36.80 43.80
CAD CLA UG . -15.08 -34.17 42.77
OBD CLA UG . -15.60 -33.41 43.57
CBD CLA UG . -13.95 -33.72 41.82
CGD CLA UG . -14.62 -32.79 40.85
O1D CLA UG . -15.12 -33.08 39.74
O2D CLA UG . -14.69 -31.53 41.34
CED CLA UG . -14.87 -30.42 40.48
C1 CLA UG . -6.91 -35.74 43.66
C2 CLA UG . -6.36 -37.10 43.78
C3 CLA UG . -5.48 -37.56 42.89
C4 CLA UG . -5.00 -36.73 41.76
C5 CLA UG . -4.96 -38.96 43.04
C6 CLA UG . -3.43 -39.04 43.06
C7 CLA UG . -2.96 -40.47 43.26
C8 CLA UG . -1.61 -40.61 43.99
C9 CLA UG . -1.79 -40.31 45.47
C10 CLA UG . -0.52 -39.72 43.41
C11 CLA UG . 0.82 -39.81 44.14
C12 CLA UG . 1.56 -41.10 43.83
C13 CLA UG . 2.92 -41.26 44.51
C14 CLA UG . 3.55 -39.94 44.97
C15 CLA UG . 3.89 -42.04 43.63
C16 CLA UG . 3.50 -43.50 43.47
C17 CLA UG . 3.94 -44.13 42.15
C18 CLA UG . 3.10 -45.34 41.73
C19 CLA UG . 2.54 -46.11 42.92
C20 CLA UG . 3.88 -46.31 40.87
HHB CLA UG . -9.95 -36.82 37.16
HHC CLA UG . -12.85 -42.39 38.45
HHD CLA UG . -16.68 -39.40 42.67
H2A CLA UG . -11.96 -33.08 39.64
H3A CLA UG . -9.76 -34.70 38.52
HMA1 CLA UG . -11.11 -34.45 36.41
HMA2 CLA UG . -11.24 -32.92 37.36
HMA3 CLA UG . -12.60 -34.11 37.37
HAA1 CLA UG . -10.87 -33.42 41.83
HAA2 CLA UG . -9.69 -32.99 40.53
HBA1 CLA UG . -9.10 -35.43 40.27
HBA2 CLA UG . -10.26 -35.84 41.60
HMB1 CLA UG . -8.67 -40.12 35.95
HMB2 CLA UG . -8.66 -38.38 36.51
HMB3 CLA UG . -9.68 -38.88 35.08
HAB CLA UG . -10.92 -42.80 37.54
HBB1 CLA UG . -10.14 -41.43 34.86
HBB2 CLA UG . -10.08 -43.25 35.23
HMC1 CLA UG . -15.33 -44.15 40.78
HMC2 CLA UG . -13.58 -43.94 40.36
HMC3 CLA UG . -14.85 -43.80 39.07
HAC1 CLA UG . -16.79 -43.17 41.86
HAC2 CLA UG . -17.50 -41.56 42.22
HBC1 CLA UG . -16.61 -42.65 44.31
HBC2 CLA UG . -15.70 -41.13 43.93
HBC3 CLA UG . -14.96 -42.74 43.55
HMD1 CLA UG . -17.28 -35.83 44.32
HMD2 CLA UG . -16.86 -37.57 44.57
HMD3 CLA UG . -18.04 -37.11 43.29
HBD CLA UG . -13.10 -33.25 42.37
HED1 CLA UG . -14.45 -29.56 41.06
HED2 CLA UG . -15.98 -30.37 40.32
HED3 CLA UG . -14.27 -30.68 39.58
H11 CLA UG . -7.50 -35.43 44.56
H12 CLA UG . -6.12 -34.97 43.45
H2 CLA UG . -6.70 -37.68 44.65
H41 CLA UG . -4.63 -37.36 40.92
H42 CLA UG . -4.16 -36.06 42.07
H43 CLA UG . -5.82 -36.07 41.36
H51 CLA UG . -5.36 -39.58 42.20
H52 CLA UG . -5.37 -39.40 43.99
H61 CLA UG . -3.03 -38.40 43.89
H62 CLA UG . -3.02 -38.64 42.09
H71 CLA UG . -2.89 -40.96 42.25
H72 CLA UG . -3.75 -41.03 43.83
H8 CLA UG . -1.28 -41.68 43.86
H91 CLA UG . -1.19 -41.03 46.09
H92 CLA UG . -2.87 -40.39 45.76
H93 CLA UG . -1.44 -39.27 45.70
H101 CLA UG . -0.86 -38.65 43.42
H102 CLA UG . -0.36 -40.00 42.33
H111 CLA UG . 0.63 -39.74 45.24
H112 CLA UG . 1.45 -38.93 43.86
H121 CLA UG . 1.71 -41.15 42.71
H122 CLA UG . 0.90 -41.96 44.11
H13 CLA UG . 2.74 -41.84 45.47
H141 CLA UG . 4.57 -40.10 45.37
H142 CLA UG . 2.93 -39.48 45.78
H143 CLA UG . 3.60 -39.22 44.13
H151 CLA UG . 4.93 -41.99 44.05
H152 CLA UG . 3.93 -41.57 42.60
H161 CLA UG . 2.39 -43.58 43.55
H162 CLA UG . 3.94 -44.08 44.31
H171 CLA UG . 5.02 -44.44 42.23
H172 CLA UG . 3.89 -43.36 41.34
H18 CLA UG . 2.25 -44.91 41.13
H191 CLA UG . 2.24 -47.14 42.61
H192 CLA UG . 1.65 -45.58 43.33
H193 CLA UG . 3.31 -46.19 43.73
H201 CLA UG . 3.24 -47.19 40.60
H202 CLA UG . 4.77 -46.69 41.42
H203 CLA UG . 4.22 -45.82 39.93
C01 8CT VG . -23.40 -37.34 39.69
C02 8CT VG . -22.68 -37.96 40.82
C03 8CT VG . -22.41 -39.25 40.87
C04 8CT VG . -21.69 -39.81 42.05
C05 8CT VG . -21.86 -38.95 43.28
C06 8CT VG . -21.50 -37.52 42.99
C07 8CT VG . -22.33 -36.96 41.87
C08 8CT VG . -22.13 -41.22 42.38
C09 8CT VG . -20.21 -39.81 41.76
C10 8CT VG . -22.82 -40.18 39.82
C11 8CT VG . -24.10 -40.38 39.49
C12 8CT VG . -24.54 -41.21 38.38
C13 8CT VG . -25.76 -41.02 37.87
C14 8CT VG . -26.48 -41.95 37.03
C15 8CT VG . -27.63 -41.55 36.44
C16 8CT VG . -28.23 -42.16 35.26
C17 8CT VG . -29.40 -41.68 34.82
C18 8CT VG . -30.20 -42.24 33.74
C19 8CT VG . -31.43 -41.73 33.48
C20 8CT VG . -31.96 -41.72 32.16
C21 8CT VG . -33.17 -41.27 31.78
C22 8CT VG . -33.80 -40.12 32.46
C23 8CT VG . -33.74 -41.75 30.54
C24 8CT VG . -34.89 -41.30 30.03
C25 8CT VG . -35.12 -41.50 28.62
C26 8CT VG . -36.30 -41.49 27.99
C27 8CT VG . -37.46 -40.82 28.63
C28 8CT VG . -36.27 -41.65 26.54
C29 8CT VG . -37.20 -42.28 25.82
C30 8CT VG . -37.43 -42.07 24.39
C31 8CT VG . -37.71 -40.87 23.89
C32 8CT VG . -37.96 -40.54 22.47
C33 8CT VG . -37.44 -41.59 21.54
C34 8CT VG . -37.81 -42.94 22.05
C35 8CT VG . -37.33 -43.23 23.46
C36 8CT VG . -35.87 -43.68 23.46
C37 8CT VG . -38.17 -44.41 23.93
C38 8CT VG . -37.83 -39.68 24.76
C39 8CT VG . -27.58 -43.29 34.61
C40 8CT VG . -23.75 -42.42 38.08
H1 8CT VG . -24.39 -37.76 39.60
H2 8CT VG . -22.86 -37.53 38.77
H3 8CT VG . -23.48 -36.28 39.84
H6 8CT VG . -21.26 -39.31 44.10
H7 8CT VG . -22.89 -39.00 43.64
H8 8CT VG . -20.44 -37.46 42.75
H9 8CT VG . -21.64 -36.93 43.88
H10 8CT VG . -21.81 -36.11 41.43
H11 8CT VG . -23.22 -36.49 42.27
H12 8CT VG . -21.70 -41.93 41.69
H13 8CT VG . -23.20 -41.30 42.33
H14 8CT VG . -21.82 -41.49 43.38
H15 8CT VG . -19.93 -40.70 41.24
H16 8CT VG . -19.65 -39.77 42.69
H17 8CT VG . -19.93 -38.96 41.17
H18 8CT VG . -22.05 -40.71 39.29
H19 8CT VG . -24.85 -39.91 40.09
H20 8CT VG . -26.26 -40.10 38.09
H21 8CT VG . -26.09 -42.93 36.88
H22 8CT VG . -28.12 -40.71 36.88
H23 8CT VG . -29.79 -40.80 35.27
H24 8CT VG . -29.83 -43.05 33.16
H25 8CT VG . -32.00 -41.33 34.29
H26 8CT VG . -31.32 -42.11 31.40
H27 8CT VG . -34.17 -39.40 31.74
H28 8CT VG . -33.10 -39.61 33.10
H29 8CT VG . -34.64 -40.42 33.06
H30 8CT VG . -33.22 -42.51 29.99
H31 8CT VG . -35.60 -40.81 30.64
H32 8CT VG . -34.25 -41.69 28.03
H33 8CT VG . -38.10 -40.36 27.88
H34 8CT VG . -37.12 -40.04 29.30
H35 8CT VG . -38.05 -41.53 29.19
H36 8CT VG . -35.43 -41.22 26.03
H37 8CT VG . -37.83 -42.99 26.32
H40 8CT VG . -37.56 -39.56 22.20
H42 8CT VG . -36.37 -41.48 21.44
H43 8CT VG . -37.85 -41.41 20.54
H44 8CT VG . -37.43 -43.68 21.35
H45 8CT VG . -38.88 -43.03 21.99
H46 8CT VG . -35.68 -44.34 22.62
H47 8CT VG . -35.64 -44.21 24.37
H48 8CT VG . -35.21 -42.83 23.38
H49 8CT VG . -38.22 -45.18 23.18
H50 8CT VG . -39.17 -44.10 24.15
H51 8CT VG . -37.76 -44.85 24.83
H52 8CT VG . -38.55 -38.96 24.37
H53 8CT VG . -36.88 -39.15 24.86
H54 8CT VG . -38.15 -39.93 25.77
H55 8CT VG . -28.31 -44.00 34.25
H56 8CT VG . -26.91 -43.80 35.30
H57 8CT VG . -27.00 -42.94 33.77
H58 8CT VG . -24.13 -42.94 37.21
H59 8CT VG . -23.75 -43.12 38.91
H60 8CT VG . -22.71 -42.17 37.88
H272 8CT VG . -39.02 -40.35 22.27
C2 PL9 WG . -19.40 -37.29 -5.62
C3 PL9 WG . -18.98 -36.50 -6.63
C4 PL9 WG . -18.16 -37.04 -7.67
C5 PL9 WG . -17.81 -38.48 -7.60
C6 PL9 WG . -18.25 -39.24 -6.55
C1 PL9 WG . -19.04 -38.66 -5.53
C7 PL9 WG . -19.42 -35.04 -6.65
C8 PL9 WG . -18.96 -34.17 -5.62
C9 PL9 WG . -18.34 -32.99 -5.87
C10 PL9 WG . -17.82 -32.58 -7.21
C11 PL9 WG . -17.80 -32.30 -4.72
C12 PL9 WG . -18.21 -30.80 -4.77
C13 PL9 WG . -18.13 -30.32 -3.32
C14 PL9 WG . -18.45 -29.08 -2.94
C15 PL9 WG . -19.42 -28.27 -3.71
C16 PL9 WG . -18.17 -28.59 -1.58
C17 PL9 WG . -16.82 -29.03 -0.93
C18 PL9 WG . -16.63 -28.36 0.43
C19 PL9 WG . -15.94 -27.22 0.60
C20 PL9 WG . -15.14 -26.67 -0.53
C21 PL9 WG . -15.86 -26.58 1.92
C22 PL9 WG . -14.44 -26.60 2.55
C23 PL9 WG . -14.42 -25.87 3.89
C24 PL9 WG . -13.27 -25.70 4.57
C25 PL9 WG . -12.07 -26.49 4.24
C26 PL9 WG . -13.34 -25.32 6.03
C27 PL9 WG . -12.38 -24.16 6.26
C28 PL9 WG . -12.98 -22.93 5.60
C29 PL9 WG . -12.37 -22.30 4.60
C30 PL9 WG . -10.95 -22.55 4.32
C31 PL9 WG . -12.90 -21.09 3.89
C32 PL9 WG . -14.44 -20.93 3.91
C33 PL9 WG . -14.69 -19.77 2.99
C34 PL9 WG . -15.80 -19.08 2.99
C35 PL9 WG . -16.54 -18.74 4.24
C36 PL9 WG . -16.35 -18.65 1.66
C37 PL9 WG . -16.82 -17.20 1.75
C38 PL9 WG . -16.95 -16.73 0.37
C39 PL9 WG . -17.05 -15.46 0.09
C40 PL9 WG . -16.38 -14.48 1.00
C41 PL9 WG . -18.26 -15.11 -0.72
C42 PL9 WG . -18.15 -13.75 -1.33
C43 PL9 WG . -19.01 -13.75 -2.58
C44 PL9 WG . -20.08 -12.94 -2.69
C45 PL9 WG . -21.06 -12.84 -1.59
C46 PL9 WG . -19.99 -11.67 -3.40
C47 PL9 WG . -20.09 -11.81 -4.88
C48 PL9 WG . -18.86 -11.16 -5.35
C49 PL9 WG . -18.79 -9.91 -5.75
C50 PL9 WG . -17.50 -9.26 -5.37
C51 PL9 WG . -19.40 -9.43 -6.99
C52 PL9 WG . -16.94 -39.04 -8.68
C53 PL9 WG . -17.95 -40.66 -6.40
O1 PL9 WG . -17.75 -36.30 -8.58
O2 PL9 WG . -19.44 -39.29 -4.56
HC2 PL9 WG . -20.02 -36.92 -4.84
HC71 PL9 WG . -20.52 -34.98 -6.65
HC72 PL9 WG . -19.13 -34.58 -7.60
HC8 PL9 WG . -19.12 -34.46 -4.61
H101 PL9 WG . -17.24 -31.67 -7.17
H102 PL9 WG . -18.62 -32.39 -7.93
H103 PL9 WG . -17.20 -33.33 -7.67
H111 PL9 WG . -16.71 -32.36 -4.70
H112 PL9 WG . -18.16 -32.73 -3.78
H121 PL9 WG . -19.21 -30.73 -5.17
H122 PL9 WG . -17.53 -30.27 -5.42
H13 PL9 WG . -17.80 -30.99 -2.59
H151 PL9 WG . -19.24 -27.20 -3.59
H152 PL9 WG . -20.46 -28.45 -3.37
H153 PL9 WG . -19.38 -28.49 -4.78
H161 PL9 WG . -18.97 -28.91 -0.91
H162 PL9 WG . -18.19 -27.50 -1.58
H171 PL9 WG . -16.02 -28.78 -1.61
H172 PL9 WG . -16.82 -30.11 -0.84
H18 PL9 WG . -17.08 -28.84 1.26
H201 PL9 WG . -14.74 -25.69 -0.32
H202 PL9 WG . -15.72 -26.58 -1.45
H203 PL9 WG . -14.28 -27.31 -0.78
H211 PL9 WG . -16.52 -27.06 2.63
H212 PL9 WG . -16.17 -25.55 1.88
H221 PL9 WG . -13.77 -26.14 1.85
H222 PL9 WG . -14.14 -27.63 2.67
H23 PL9 WG . -15.32 -25.48 4.29
H251 PL9 WG . -11.33 -26.50 5.04
H252 PL9 WG . -11.53 -26.11 3.36
H253 PL9 WG . -12.28 -27.53 4.02
H261 PL9 WG . -13.06 -26.12 6.70
H262 PL9 WG . -14.32 -25.01 6.35
H271 PL9 WG . -11.41 -24.44 5.88
H272 PL9 WG . -12.24 -24.05 7.33
H28 PL9 WG . -13.90 -22.59 5.95
H301 PL9 WG . -10.54 -21.78 3.65
H302 PL9 WG . -10.80 -23.52 3.86
H303 PL9 WG . -10.36 -22.52 5.25
H311 PL9 WG . -12.61 -21.10 2.84
H312 PL9 WG . -12.49 -20.18 4.31
H321 PL9 WG . -14.77 -20.72 4.91
H322 PL9 WG . -14.92 -21.84 3.55
H33 PL9 WG . -13.92 -19.51 2.31
H351 PL9 WG . -17.50 -18.27 4.04
H352 PL9 WG . -15.98 -18.05 4.87
H353 PL9 WG . -16.75 -19.62 4.84
H361 PL9 WG . -17.20 -19.25 1.34
H362 PL9 WG . -15.61 -18.70 0.86
H371 PL9 WG . -16.10 -16.61 2.29
H372 PL9 WG . -17.76 -17.14 2.28
H38 PL9 WG . -16.95 -17.45 -0.40
H401 PL9 WG . -16.57 -13.46 0.66
H402 PL9 WG . -15.29 -14.66 1.01
H403 PL9 WG . -16.76 -14.59 2.02
H411 PL9 WG . -19.17 -15.12 -0.12
H412 PL9 WG . -18.42 -15.82 -1.52
H421 PL9 WG . -17.11 -13.55 -1.57
H422 PL9 WG . -18.47 -13.01 -0.62
H43 PL9 WG . -18.75 -14.40 -3.36
H451 PL9 WG . -21.99 -12.36 -1.87
H452 PL9 WG . -20.71 -12.28 -0.73
H453 PL9 WG . -21.36 -13.81 -1.17
H461 PL9 WG . -19.06 -11.17 -3.18
H462 PL9 WG . -20.78 -11.00 -3.09
H471 PL9 WG . -20.97 -11.31 -5.25
H472 PL9 WG . -20.13 -12.85 -5.17
H48 PL9 WG . -18.00 -11.75 -5.37
H501 PL9 WG . -17.65 -8.25 -4.98
H502 PL9 WG . -16.83 -9.16 -6.23
H503 PL9 WG . -16.96 -9.82 -4.61
H511 PL9 WG . -19.32 -8.35 -7.12
H512 PL9 WG . -20.47 -9.65 -7.05
H513 PL9 WG . -18.96 -9.88 -7.88
H521 PL9 WG . -17.39 -39.92 -9.21
H522 PL9 WG . -15.96 -39.41 -8.33
H523 PL9 WG . -16.69 -38.33 -9.50
H531 PL9 WG . -18.40 -41.11 -5.50
H532 PL9 WG . -16.88 -40.88 -6.30
H533 PL9 WG . -18.28 -41.28 -7.22
O1 LHG XG . -4.73 -36.74 -0.01
C1 LHG XG . -4.25 -36.52 1.30
C2 LHG XG . -2.93 -37.23 1.45
O2 LHG XG . -2.60 -37.91 0.23
C3 LHG XG . -2.88 -38.27 2.61
O3 LHG XG . -2.36 -37.42 3.62
P LHG XG . -1.50 -38.01 4.85
O4 LHG XG . -2.21 -39.17 5.42
O5 LHG XG . -0.08 -37.82 4.48
O6 LHG XG . -1.96 -36.77 5.86
C4 LHG XG . -1.46 -35.51 5.53
C5 LHG XG . -2.50 -34.51 6.09
C6 LHG XG . -2.96 -34.83 7.48
O7 LHG XG . -1.83 -33.26 6.18
C7 LHG XG . -2.04 -32.43 5.15
O9 LHG XG . -2.85 -32.64 4.27
C8 LHG XG . -1.42 -31.11 5.47
C9 LHG XG . -2.05 -30.05 4.63
C10 LHG XG . -2.72 -29.01 5.50
O8 LHG XG . -3.83 -33.70 7.78
C23 LHG XG . -4.94 -33.96 8.49
O10 LHG XG . -4.98 -34.99 9.11
C24 LHG XG . -6.10 -32.93 8.64
C11 LHG XG . -3.46 -28.19 4.47
C12 LHG XG . -3.87 -26.88 5.04
C13 LHG XG . -3.17 -25.75 4.24
C14 LHG XG . -3.60 -24.33 4.69
C15 LHG XG . -2.58 -23.31 4.16
C16 LHG XG . -2.74 -21.93 4.86
C17 LHG XG . -1.93 -20.84 4.12
C18 LHG XG . -2.81 -19.63 4.06
C19 LHG XG . -2.17 -18.39 4.64
C20 LHG XG . -1.43 -17.76 3.46
C21 LHG XG . -0.05 -17.25 3.90
C22 LHG XG . -0.06 -15.73 3.91
C25 LHG XG . -5.81 -31.54 9.28
C26 LHG XG . -6.81 -31.07 10.35
C27 LHG XG . -6.71 -29.57 10.38
C28 LHG XG . -5.65 -28.99 11.32
C29 LHG XG . -6.13 -27.63 11.83
C30 LHG XG . -5.51 -26.37 11.25
C31 LHG XG . -4.00 -26.29 11.25
C32 LHG XG . -3.38 -25.69 9.97
C33 LHG XG . -1.83 -25.83 10.03
C34 LHG XG . -1.05 -26.03 8.70
C35 LHG XG . -0.61 -27.50 8.48
C36 LHG XG . 0.61 -27.51 7.57
C37 LHG XG . 1.02 -28.96 7.35
C38 LHG XG . 2.45 -29.14 6.92
HO1 LHG XG . -4.25 -36.22 -0.47
HC11 LHG XG . -4.88 -36.85 1.97
HC12 LHG XG . -4.15 -35.58 1.49
HC2 LHG XG . -2.23 -36.60 1.70
H02 LHG XG . -3.37 -37.99 -0.13
HC31 LHG XG . -2.30 -39.01 2.42
HC32 LHG XG . -3.76 -38.61 2.84
HC41 LHG XG . -1.36 -35.42 4.57
HC42 LHG XG . -0.58 -35.38 5.94
HC5 LHG XG . -3.26 -34.58 5.49
HC61 LHG XG . -2.20 -34.92 8.06
HC62 LHG XG . -3.39 -35.69 7.50
HC81 LHG XG . -0.47 -31.11 5.30
HC82 LHG XG . -1.52 -30.88 6.41
HC91 LHG XG . -2.70 -30.43 4.03
HC92 LHG XG . -1.39 -29.62 4.08
H101 LHG XG . -2.07 -28.50 6.01
H102 LHG XG . -3.32 -29.43 6.14
H241 LHG XG . -6.83 -33.30 9.15
H242 LHG XG . -6.51 -32.75 7.78
H111 LHG XG . -4.24 -28.67 4.16
H112 LHG XG . -2.88 -28.04 3.70
H121 LHG XG . -3.61 -26.87 5.97
H122 LHG XG . -4.83 -26.82 4.98
H131 LHG XG . -3.38 -25.87 3.30
H132 LHG XG . -2.21 -25.84 4.36
H141 LHG XG . -3.65 -24.30 5.66
H142 LHG XG . -4.49 -24.15 4.34
H151 LHG XG . -2.70 -23.20 3.19
H152 LHG XG . -1.68 -23.65 4.30
H161 LHG XG . -2.45 -22.00 5.79
H162 LHG XG . -3.68 -21.69 4.88
H171 LHG XG . -1.68 -21.14 3.24
H172 LHG XG . -1.11 -20.65 4.61
H181 LHG XG . -3.64 -19.82 4.53
H182 LHG XG . -3.06 -19.47 3.13
H191 LHG XG . -1.56 -18.60 5.36
H192 LHG XG . -2.83 -17.77 4.98
H201 LHG XG . -1.91 -17.02 3.05
H202 LHG XG . -1.29 -18.39 2.72
H211 LHG XG . 0.65 -17.52 3.30
H212 LHG XG . 0.17 -17.54 4.80
H221 LHG XG . 0.83 -15.44 4.20
H222 LHG XG . -0.75 -15.45 4.53
H223 LHG XG . -0.25 -15.44 3.00
H251 LHG XG . -5.80 -30.87 8.58
H252 LHG XG . -4.93 -31.55 9.67
H261 LHG XG . -6.59 -31.45 11.22
H262 LHG XG . -7.71 -31.36 10.13
H271 LHG XG . -7.57 -29.22 10.63
H272 LHG XG . -6.53 -29.27 9.48
H281 LHG XG . -4.80 -28.88 10.85
H282 LHG XG . -5.50 -29.59 12.07
H291 LHG XG . -6.01 -27.61 12.80
H292 LHG XG . -7.09 -27.58 11.69
H301 LHG XG . -5.85 -25.61 11.74
H302 LHG XG . -5.83 -26.26 10.35
H311 LHG XG . -3.66 -27.19 11.39
H312 LHG XG . -3.73 -25.77 12.02
H321 LHG XG . -3.64 -24.75 9.90
H322 LHG XG . -3.74 -26.14 9.20
H331 LHG XG . -1.63 -26.57 10.61
H332 LHG XG . -1.48 -25.03 10.45
H341 LHG XG . -0.26 -25.47 8.69
H342 LHG XG . -1.61 -25.77 7.94
H351 LHG XG . -1.32 -28.02 8.09
H352 LHG XG . -0.38 -27.92 9.33
H361 LHG XG . 1.34 -27.02 7.98
H362 LHG XG . 0.39 -27.10 6.72
H371 LHG XG . 0.46 -29.38 6.68
H372 LHG XG . 0.91 -29.47 8.18
H381 LHG XG . 2.68 -30.06 7.13
H382 LHG XG . 2.98 -28.51 7.43
H383 LHG XG . 2.47 -28.97 5.96
O1 LHG YG . -3.84 -35.20 -6.06
C1 LHG YG . -4.64 -36.12 -6.82
C2 LHG YG . -5.88 -35.38 -7.15
O2 LHG YG . -6.03 -34.41 -6.10
C3 LHG YG . -7.16 -36.27 -7.28
O3 LHG YG . -8.14 -35.29 -7.63
P LHG YG . -9.62 -35.67 -8.28
O4 LHG YG . -9.47 -35.62 -9.76
O5 LHG YG . -10.16 -36.71 -7.38
O6 LHG YG . -10.27 -34.22 -7.92
C4 LHG YG . -10.59 -33.30 -8.91
C5 LHG YG . -10.71 -31.95 -8.17
C6 LHG YG . -10.59 -30.78 -9.16
O7 LHG YG . -12.01 -31.90 -7.59
C7 LHG YG . -12.02 -31.79 -6.24
O9 LHG YG . -11.03 -32.10 -5.54
C8 LHG YG . -13.47 -31.88 -5.78
C9 LHG YG . -13.77 -30.79 -4.75
C10 LHG YG . -14.24 -29.50 -5.47
O8 LHG YG . -10.70 -29.61 -8.34
C23 LHG YG . -10.55 -28.38 -8.93
O10 LHG YG . -10.39 -28.28 -10.12
C24 LHG YG . -10.62 -27.11 -8.11
C11 LHG YG . -14.42 -28.49 -4.36
C12 LHG YG . -14.40 -27.07 -4.93
C13 LHG YG . -15.77 -26.66 -5.42
C14 LHG YG . -16.33 -25.49 -4.67
C15 LHG YG . -16.17 -24.23 -5.53
C16 LHG YG . -16.81 -23.10 -4.73
C17 LHG YG . -15.91 -21.88 -4.63
C18 LHG YG . -16.91 -20.79 -4.49
C19 LHG YG . -16.31 -19.50 -4.08
C20 LHG YG . -17.19 -18.50 -4.86
C21 LHG YG . -17.04 -17.23 -4.17
C22 LHG YG . -17.08 -16.11 -5.15
C25 LHG YG . -11.33 -25.94 -8.80
C26 LHG YG . -12.65 -26.31 -9.35
C27 LHG YG . -13.43 -25.00 -9.56
C28 LHG YG . -14.89 -25.25 -9.36
C29 LHG YG . -15.66 -24.56 -10.43
C30 LHG YG . -17.13 -24.76 -10.27
C31 LHG YG . -18.06 -24.00 -11.15
C32 LHG YG . -19.17 -24.94 -11.66
C33 LHG YG . -20.49 -24.21 -11.81
C34 LHG YG . -21.03 -24.19 -13.24
C35 LHG YG . -21.99 -25.32 -13.49
C36 LHG YG . -23.36 -24.75 -13.74
C37 LHG YG . -24.05 -25.65 -14.71
C38 LHG YG . -23.59 -25.44 -16.11
HO1 LHG YG . -3.86 -35.56 -5.28
HC11 LHG YG . -4.83 -36.94 -6.32
HC12 LHG YG . -4.18 -36.42 -7.62
HC2 LHG YG . -5.88 -34.97 -8.03
H02 LHG YG . -5.55 -34.74 -5.48
HC31 LHG YG . -7.38 -36.73 -6.45
HC32 LHG YG . -7.07 -36.95 -7.97
HC41 LHG YG . -11.42 -33.54 -9.35
HC42 LHG YG . -9.90 -33.27 -9.60
HC5 LHG YG . -9.96 -31.92 -7.55
HC61 LHG YG . -11.29 -30.88 -9.83
HC62 LHG YG . -9.76 -30.88 -9.65
HC81 LHG YG . -13.68 -32.73 -5.39
HC82 LHG YG . -14.10 -31.76 -6.52
HC91 LHG YG . -12.97 -30.61 -4.21
HC92 LHG YG . -14.44 -31.10 -4.12
H101 LHG YG . -15.06 -29.67 -5.95
H102 LHG YG . -13.58 -29.22 -6.12
H241 LHG YG . -9.73 -26.81 -7.84
H242 LHG YG . -11.05 -27.26 -7.25
H111 LHG YG . -13.71 -28.59 -3.71
H112 LHG YG . -15.26 -28.64 -3.91
H121 LHG YG . -13.74 -27.07 -5.65
H122 LHG YG . -14.09 -26.49 -4.21
H131 LHG YG . -16.37 -27.42 -5.32
H132 LHG YG . -15.71 -26.44 -6.36
H141 LHG YG . -15.86 -25.39 -3.83
H142 LHG YG . -17.27 -25.65 -4.47
H151 LHG YG . -16.61 -24.35 -6.38
H152 LHG YG . -15.23 -24.06 -5.70
H161 LHG YG . -17.01 -23.42 -3.83
H162 LHG YG . -17.65 -22.85 -5.14
H171 LHG YG . -15.36 -21.78 -5.42
H172 LHG YG . -15.32 -21.93 -3.86
H181 LHG YG . -17.59 -21.05 -3.86
H182 LHG YG . -17.37 -20.67 -5.35
H191 LHG YG . -15.37 -19.43 -4.33
H192 LHG YG . -16.36 -19.35 -3.12
H201 LHG YG . -18.12 -18.75 -4.89
H202 LHG YG . -16.93 -18.40 -5.79
H211 LHG YG . -16.19 -17.15 -3.71
H212 LHG YG . -17.76 -17.06 -3.54
H221 LHG YG . -17.04 -15.28 -4.65
H222 LHG YG . -17.92 -16.19 -5.64
H223 LHG YG . -16.32 -16.22 -5.74
H251 LHG YG . -10.77 -25.61 -9.53
H252 LHG YG . -11.45 -25.20 -8.18
H261 LHG YG . -13.12 -26.88 -8.73
H262 LHG YG . -12.55 -26.77 -10.19
H271 LHG YG . -13.27 -24.67 -10.45
H272 LHG YG . -13.11 -24.34 -8.94
H281 LHG YG . -15.17 -24.93 -8.49
H282 LHG YG . -15.08 -26.21 -9.38
H291 LHG YG . -15.38 -24.89 -11.30
H292 LHG YG . -15.45 -23.62 -10.44
H301 LHG YG . -17.36 -24.56 -9.35
H302 LHG YG . -17.33 -25.70 -10.37
H311 LHG YG . -17.57 -23.60 -11.89
H312 LHG YG . -18.44 -23.24 -10.66
H321 LHG YG . -19.26 -25.69 -11.05
H322 LHG YG . -18.90 -25.31 -12.53
H331 LHG YG . -20.38 -23.30 -11.50
H332 LHG YG . -21.14 -24.63 -11.23
H341 LHG YG . -20.29 -24.26 -13.88
H342 LHG YG . -21.48 -23.35 -13.41
H351 LHG YG . -22.02 -25.92 -12.73
H352 LHG YG . -21.72 -25.85 -14.26
H361 LHG YG . -23.29 -23.85 -14.11
H362 LHG YG . -23.86 -24.70 -12.91
H371 LHG YG . -25.02 -25.51 -14.70
H372 LHG YG . -23.89 -26.59 -14.49
H381 LHG YG . -23.75 -26.28 -16.59
H382 LHG YG . -22.65 -25.22 -16.07
H383 LHG YG . -24.12 -24.72 -16.47
O1 LHG ZG . -36.59 -51.49 -3.66
C1 LHG ZG . -37.23 -50.32 -3.15
C2 LHG ZG . -36.63 -49.10 -3.85
O2 LHG ZG . -36.01 -49.45 -5.04
C3 LHG ZG . -35.62 -48.38 -2.98
O3 LHG ZG . -34.64 -49.40 -2.78
P LHG ZG . -33.27 -49.51 -3.72
O4 LHG ZG . -32.46 -50.64 -3.14
O5 LHG ZG . -33.69 -49.17 -5.11
O6 LHG ZG . -32.57 -48.10 -3.04
C4 LHG ZG . -31.95 -48.10 -1.78
C5 LHG ZG . -32.10 -46.66 -1.29
C6 LHG ZG . -31.57 -45.72 -2.36
O7 LHG ZG . -33.54 -46.34 -1.01
C7 LHG ZG . -34.00 -46.72 0.23
O9 LHG ZG . -33.30 -47.39 0.95
C8 LHG ZG . -35.52 -46.60 0.34
C9 LHG ZG . -36.01 -46.58 1.77
C10 LHG ZG . -37.45 -46.13 1.80
O8 LHG ZG . -31.75 -44.44 -1.83
C23 LHG ZG . -31.04 -43.38 -2.40
O10 LHG ZG . -30.67 -43.44 -3.55
C24 LHG ZG . -31.08 -42.07 -1.60
C11 LHG ZG . -37.93 -46.21 3.24
C12 LHG ZG . -38.97 -45.12 3.43
C25 LHG ZG . -30.62 -40.74 -2.11
C26 LHG ZG . -31.47 -39.51 -1.66
C27 LHG ZG . -31.67 -39.65 -0.14
C28 LHG ZG . -32.98 -39.20 0.41
C29 LHG ZG . -33.78 -40.43 0.85
C30 LHG ZG . -34.50 -40.27 2.18
C31 LHG ZG . -35.26 -41.48 2.67
C32 LHG ZG . -36.72 -41.49 2.32
C33 LHG ZG . -37.49 -41.20 3.61
C34 LHG ZG . -39.01 -41.02 3.43
C35 LHG ZG . -39.70 -40.49 4.69
C36 LHG ZG . -39.14 -39.12 5.06
C37 LHG ZG . -39.88 -38.62 6.31
C38 LHG ZG . -41.34 -38.41 6.14
HO1 LHG ZG . -36.55 -51.33 -4.50
HC11 LHG ZG . -37.11 -50.26 -2.19
HC12 LHG ZG . -38.18 -50.36 -3.29
HC2 LHG ZG . -37.32 -48.43 -4.02
H02 LHG ZG . -35.64 -48.72 -5.27
HC31 LHG ZG . -36.00 -48.08 -2.13
HC32 LHG ZG . -35.24 -47.61 -3.43
HC41 LHG ZG . -31.02 -48.36 -1.84
HC42 LHG ZG . -32.38 -48.72 -1.17
HC5 LHG ZG . -31.55 -46.59 -0.49
HC61 LHG ZG . -32.05 -45.89 -3.19
HC62 LHG ZG . -30.65 -45.97 -2.57
HC81 LHG ZG . -35.96 -47.34 -0.11
HC82 LHG ZG . -35.84 -45.80 -0.09
HC91 LHG ZG . -35.46 -45.98 2.32
HC92 LHG ZG . -35.92 -47.46 2.18
H101 LHG ZG . -37.97 -46.70 1.22
H102 LHG ZG . -37.51 -45.24 1.45
H241 LHG ZG . -30.59 -42.20 -0.78
H242 LHG ZG . -31.98 -41.91 -1.28
H111 LHG ZG . -37.18 -46.09 3.86
H112 LHG ZG . -38.31 -47.09 3.43
H251 LHG ZG . -30.61 -40.76 -3.07
H252 LHG ZG . -29.71 -40.59 -1.81
H261 LHG ZG . -32.32 -39.49 -2.12
H262 LHG ZG . -31.00 -38.68 -1.88
H271 LHG ZG . -30.96 -39.15 0.29
H272 LHG ZG . -31.53 -40.58 0.09
H281 LHG ZG . -33.48 -38.71 -0.25
H282 LHG ZG . -32.85 -38.61 1.17
H291 LHG ZG . -33.18 -41.20 0.90
H292 LHG ZG . -34.43 -40.66 0.17
H301 LHG ZG . -35.11 -39.52 2.12
H302 LHG ZG . -33.85 -40.02 2.85
H311 LHG ZG . -35.16 -41.52 3.63
H312 LHG ZG . -34.84 -42.27 2.30
H321 LHG ZG . -36.95 -42.36 1.95
H322 LHG ZG . -36.90 -40.82 1.65
H331 LHG ZG . -37.13 -40.40 4.02
H332 LHG ZG . -37.33 -41.93 4.23
H341 LHG ZG . -39.42 -41.86 3.20
H342 LHG ZG . -39.20 -40.41 2.70
H351 LHG ZG . -39.58 -41.10 5.44
H352 LHG ZG . -40.66 -40.41 4.55
H361 LHG ZG . -39.27 -38.49 4.33
H362 LHG ZG . -38.19 -39.18 5.24
H371 LHG ZG . -39.52 -37.77 6.61
H372 LHG ZG . -39.78 -39.25 7.04
H381 LHG ZG . -41.71 -38.25 7.02
H382 LHG ZG . -41.70 -39.22 5.73
H383 LHG ZG . -41.45 -37.64 5.55
C1 LMG AH . -41.59 -32.67 32.44
O1 LMG AH . -41.67 -33.87 31.72
C2 LMG AH . -42.76 -31.85 31.92
O2 LMG AH . -42.35 -31.46 30.66
C3 LMG AH . -42.82 -30.62 32.81
O3 LMG AH . -43.92 -29.88 32.37
C4 LMG AH . -43.00 -31.06 34.31
O4 LMG AH . -44.22 -31.79 34.46
C5 LMG AH . -41.81 -32.01 34.64
O5 LMG AH . -42.29 -31.43 36.83
C6 LMG AH . -41.97 -32.55 36.07
O6 LMG AH . -41.80 -33.10 33.77
C7 LMG AH . -40.61 -34.76 32.08
C8 LMG AH . -39.58 -34.65 30.92
C9 LMG AH . -38.56 -35.76 31.07
O7 LMG AH . -40.24 -34.97 29.76
C10 LMG AH . -40.25 -34.08 28.73
O9 LMG AH . -39.57 -33.05 28.77
C11 LMG AH . -41.03 -34.61 27.58
C12 LMG AH . -40.30 -35.78 26.95
C13 LMG AH . -39.38 -35.29 25.86
C14 LMG AH . -38.45 -36.43 25.40
C15 LMG AH . -37.26 -35.82 24.68
C16 LMG AH . -36.88 -36.59 23.39
C17 LMG AH . -35.34 -36.69 23.34
C18 LMG AH . -34.87 -36.67 21.87
O8 LMG AH . -37.91 -35.90 29.79
C28 LMG AH . -36.81 -36.72 29.74
O10 LMG AH . -36.54 -37.51 30.65
C29 LMG AH . -36.06 -36.60 28.48
C30 LMG AH . -34.64 -36.96 28.73
C31 LMG AH . -34.20 -37.87 27.65
C32 LMG AH . -32.70 -38.01 27.78
C33 LMG AH . -32.32 -39.40 27.25
C34 LMG AH . -30.82 -39.69 27.48
C35 LMG AH . -30.64 -41.22 27.35
C36 LMG AH . -29.26 -41.61 27.90
C37 LMG AH . -29.40 -42.73 28.98
C38 LMG AH . -29.54 -44.07 28.24
C39 LMG AH . -30.12 -45.14 29.18
C40 LMG AH . -29.98 -46.47 28.42
C41 LMG AH . -30.82 -47.58 29.11
C42 LMG AH . -31.52 -48.35 27.98
C43 LMG AH . -32.85 -48.91 28.53
HC1 LMG AH . -40.62 -32.11 32.35
HC2 LMG AH . -43.73 -32.42 31.94
HO2 LMG AH . -42.44 -30.52 30.63
HC3 LMG AH . -41.86 -30.03 32.74
HO3 LMG AH . -44.25 -29.39 33.13
HC4 LMG AH . -42.99 -30.17 34.99
HO4 LMG AH . -44.00 -32.72 34.41
HC5 LMG AH . -40.86 -31.42 34.55
HO5 LMG AH . -41.75 -31.48 37.61
HC61 LMG AH . -41.02 -33.04 36.37
HC62 LMG AH . -42.75 -33.35 36.08
HC71 LMG AH . -41.04 -35.78 32.20
HC72 LMG AH . -40.21 -34.45 33.06
HC8 LMG AH . -39.10 -33.64 30.92
HC91 LMG AH . -39.07 -36.70 31.38
HC92 LMG AH . -37.84 -35.50 31.87
H111 LMG AH . -41.22 -33.81 26.83
H112 LMG AH . -42.05 -34.91 27.92
H121 LMG AH . -41.02 -36.52 26.53
H122 LMG AH . -39.72 -36.34 27.71
H131 LMG AH . -38.78 -34.42 26.19
H132 LMG AH . -39.95 -34.91 24.98
H141 LMG AH . -38.97 -37.15 24.74
H142 LMG AH . -38.09 -37.05 26.25
H151 LMG AH . -36.38 -35.76 25.35
H152 LMG AH . -37.46 -34.75 24.42
H161 LMG AH . -37.29 -36.10 22.49
H162 LMG AH . -37.35 -37.59 23.37
H171 LMG AH . -34.98 -37.60 23.86
H172 LMG AH . -34.88 -35.86 23.91
H291 LMG AH . -36.15 -35.57 28.08
H292 LMG AH . -36.51 -37.24 27.70
H301 LMG AH . -34.47 -37.46 29.71
H302 LMG AH . -33.96 -36.09 28.77
H311 LMG AH . -34.49 -37.49 26.64
H312 LMG AH . -34.71 -38.85 27.68
H321 LMG AH . -32.40 -37.86 28.84
H322 LMG AH . -32.19 -37.19 27.25
H331 LMG AH . -32.59 -39.50 26.16
H332 LMG AH . -32.96 -40.19 27.71
H341 LMG AH . -30.45 -39.34 28.47
H342 LMG AH . -30.14 -39.15 26.78
H351 LMG AH . -30.77 -41.52 26.29
H352 LMG AH . -31.46 -41.74 27.88
H361 LMG AH . -28.73 -40.75 28.33
H362 LMG AH . -28.58 -41.96 27.10
H371 LMG AH . -30.28 -42.58 29.64
H372 LMG AH . -28.55 -42.77 29.67
H381 LMG AH . -28.56 -44.44 27.83
H382 LMG AH . -30.18 -44.00 27.33
H391 LMG AH . -31.17 -44.96 29.46
H392 LMG AH . -29.61 -45.19 30.16
H401 LMG AH . -28.93 -46.83 28.34
H402 LMG AH . -30.30 -46.41 27.34
H411 LMG AH . -31.52 -47.12 29.84
H412 LMG AH . -30.16 -48.22 29.74
H421 LMG AH . -30.87 -49.15 27.60
H422 LMG AH . -31.67 -47.69 27.10
C1 UNL BH . -1.06 -47.88 21.87
C10 UNL BH . -4.13 -44.76 31.26
C11 UNL BH . -4.28 -43.55 32.14
C12 UNL BH . -4.64 -44.00 33.56
C13 UNL BH . -6.09 -43.60 33.91
C14 UNL BH . -6.23 -43.13 35.36
C15 UNL BH . -5.26 -41.97 35.63
C2 UNL BH . -0.89 -46.92 23.03
C3 UNL BH . -2.19 -46.17 23.31
C4 UNL BH . -2.96 -46.85 24.44
C5 UNL BH . -3.49 -45.83 25.45
C6 UNL BH . -2.53 -45.71 26.64
C7 UNL BH . -3.06 -44.65 27.58
C8 UNL BH . -3.00 -45.09 29.04
C9 UNL BH . -4.06 -44.31 29.81
O1 UNL BH . -1.15 -47.37 20.72
O2 UNL BH . -1.12 -49.14 22.06
H21 UNL BH . -0.19 -46.27 22.81
H22 UNL BH . -0.63 -47.41 23.83
H31 UNL BH . -2.74 -46.18 22.50
H32 UNL BH . -1.99 -45.25 23.56
H41 UNL BH . -2.38 -47.47 24.91
H42 UNL BH . -3.72 -47.34 24.06
H51 UNL BH . -4.36 -46.11 25.77
H52 UNL BH . -3.58 -44.97 25.02
H61 UNL BH . -1.64 -45.46 26.32
H62 UNL BH . -2.48 -46.57 27.10
H71 UNL BH . -3.99 -44.45 27.35
H72 UNL BH . -2.54 -43.83 27.47
H81 UNL BH . -2.12 -44.91 29.40
H82 UNL BH . -3.18 -46.04 29.10
H91 UNL BH . -4.92 -44.44 29.40
H92 UNL BH . -3.83 -43.36 29.80
H101 UNL BH . -3.32 -45.25 31.49
H102 UNL BH . -4.89 -45.36 31.37
H111 UNL BH . -4.99 -42.98 31.80
H112 UNL BH . -3.45 -43.05 32.16
H121 UNL BH . -4.03 -43.59 34.20
H122 UNL BH . -4.56 -44.96 33.62
H131 UNL BH . -6.67 -44.37 33.78
H132 UNL BH . -6.36 -42.88 33.31
H141 UNL BH . -6.03 -43.86 35.97
H142 UNL BH . -7.14 -42.82 35.51
C1 UNL CH . -8.82 -39.67 40.69
C10 UNL CH . -14.38 -37.21 48.36
C11 UNL CH . -15.35 -37.06 49.55
C12 UNL CH . -14.60 -36.32 50.66
C13 UNL CH . -15.56 -35.54 51.56
C14 UNL CH . -14.87 -34.29 52.12
C15 UNL CH . -14.78 -34.34 53.64
C16 UNL CH . -14.79 -32.92 54.25
C17 UNL CH . -13.81 -31.96 53.55
C18 UNL CH . -13.81 -30.62 54.28
C2 UNL CH . -9.15 -38.76 41.87
C3 UNL CH . -10.67 -38.55 41.90
C4 UNL CH . -11.34 -39.84 42.37
C5 UNL CH . -11.56 -39.69 43.87
C6 UNL CH . -12.87 -38.94 44.09
C7 UNL CH . -13.53 -39.41 45.41
C8 UNL CH . -14.19 -38.22 46.10
C9 UNL CH . -14.60 -38.49 47.55
O1 UNL CH . -7.63 -39.89 40.36
O2 UNL CH . -9.78 -40.20 40.05
H21 UNL CH . -8.71 -37.91 41.77
H22 UNL CH . -8.87 -39.18 42.70
H31 UNL CH . -10.99 -38.32 41.01
H32 UNL CH . -10.89 -37.84 42.51
H41 UNL CH . -10.76 -40.60 42.20
H42 UNL CH . -12.18 -39.96 41.91
H51 UNL CH . -10.83 -39.19 44.26
H52 UNL CH . -11.61 -40.56 44.28
H61 UNL CH . -13.48 -39.12 43.35
H62 UNL CH . -12.70 -37.98 44.13
H71 UNL CH . -12.85 -39.80 45.98
H72 UNL CH . -14.20 -40.09 45.20
H81 UNL CH . -14.97 -37.97 45.60
H82 UNL CH . -13.55 -37.48 46.11
H91 UNL CH . -14.07 -39.22 47.92
H92 UNL CH . -15.55 -38.74 47.58
H101 UNL CH . -14.50 -36.45 47.76
H102 UNL CH . -13.48 -37.21 48.69
H111 UNL CH . -15.63 -37.94 49.85
H112 UNL CH . -16.13 -36.56 49.27
H121 UNL CH . -13.97 -35.71 50.26
H122 UNL CH . -14.12 -36.97 51.21
H131 UNL CH . -15.84 -36.10 52.30
H132 UNL CH . -16.34 -35.27 51.04
H141 UNL CH . -15.38 -33.50 51.84
H142 UNL CH . -13.97 -34.23 51.74
H151 UNL CH . -13.96 -34.78 53.90
H152 UNL CH . -15.54 -34.83 53.98
H161 UNL CH . -14.54 -32.99 55.18
H162 UNL CH . -15.69 -32.56 54.17
H171 UNL CH . -14.08 -31.84 52.63
H172 UNL CH . -12.92 -32.35 53.57
H181 UNL CH . -13.19 -30.02 53.85
H182 UNL CH . -13.54 -30.74 55.21
H183 UNL CH . -14.70 -30.24 54.26
O1 LHG DH . -33.16 -61.62 16.63
C1 LHG DH . -31.82 -62.06 16.55
C2 LHG DH . -30.90 -60.88 16.84
O2 LHG DH . -30.77 -60.06 15.68
C3 LHG DH . -29.48 -61.28 17.27
O3 LHG DH . -29.39 -60.62 18.54
P LHG DH . -27.99 -60.58 19.36
O4 LHG DH . -28.26 -60.81 20.80
O5 LHG DH . -27.04 -61.20 18.39
O6 LHG DH . -27.82 -58.90 19.34
C4 LHG DH . -27.22 -58.26 18.25
C5 LHG DH . -27.63 -56.76 18.37
C6 LHG DH . -28.94 -56.48 17.60
O7 LHG DH . -27.86 -56.46 19.74
C7 LHG DH . -27.09 -55.45 20.23
O9 LHG DH . -25.95 -55.26 19.84
C8 LHG DH . -27.64 -54.96 21.53
C9 LHG DH . -27.02 -53.61 21.90
C10 LHG DH . -26.91 -53.46 23.42
O8 LHG DH . -28.51 -56.14 16.24
C23 LHG DH . -28.20 -54.82 15.91
O10 LHG DH . -27.56 -54.64 14.89
C24 LHG DH . -29.06 -53.66 16.44
C11 LHG DH . -25.75 -52.47 23.63
C12 LHG DH . -25.41 -52.29 25.10
C13 LHG DH . -24.90 -50.88 25.30
C14 LHG DH . -24.04 -50.70 26.57
C15 LHG DH . -22.61 -50.34 26.15
C16 LHG DH . -22.39 -48.84 26.18
C17 LHG DH . -22.19 -48.28 24.75
C18 LHG DH . -20.74 -48.55 24.45
C19 LHG DH . -19.79 -47.48 24.96
C20 LHG DH . -19.28 -46.71 23.72
C21 LHG DH . -17.81 -46.81 23.63
C22 LHG DH . -17.22 -46.08 24.83
C25 LHG DH . -28.34 -52.50 17.12
C26 LHG DH . -28.40 -51.13 16.41
C27 LHG DH . -27.19 -50.32 16.95
C28 LHG DH . -27.43 -48.84 17.19
C29 LHG DH . -26.72 -48.04 16.06
C30 LHG DH . -27.27 -48.16 14.63
C31 LHG DH . -26.68 -49.21 13.69
HO1 LHG DH . -33.49 -61.93 15.91
HC11 LHG DH . -31.62 -62.44 15.68
HC12 LHG DH . -31.65 -62.79 17.18
HC2 LHG DH . -31.24 -60.38 17.60
H02 LHG DH . -31.03 -59.30 15.98
HC31 LHG DH . -28.80 -60.95 16.65
HC32 LHG DH . -29.38 -62.24 17.35
HC41 LHG DH . -27.51 -58.65 17.42
HC42 LHG DH . -26.25 -58.36 18.30
HC5 LHG DH . -26.90 -56.28 17.94
HC61 LHG DH . -29.42 -55.79 18.08
HC62 LHG DH . -29.51 -57.26 17.67
HC81 LHG DH . -27.47 -55.57 22.25
HC82 LHG DH . -28.60 -54.84 21.48
HC91 LHG DH . -27.55 -52.89 21.54
HC92 LHG DH . -26.14 -53.53 21.50
H101 LHG DH . -26.73 -54.33 23.84
H102 LHG DH . -27.74 -53.14 23.80
H241 LHG DH . -29.74 -53.97 17.06
H242 LHG DH . -29.60 -53.28 15.73
H111 LHG DH . -25.99 -51.61 23.24
H112 LHG DH . -24.97 -52.79 23.15
H121 LHG DH . -24.75 -52.97 25.33
H122 LHG DH . -26.22 -52.48 25.61
H131 LHG DH . -25.66 -50.28 25.35
H132 LHG DH . -24.37 -50.63 24.53
H141 LHG DH . -24.06 -51.53 27.08
H142 LHG DH . -24.43 -50.01 27.12
H151 LHG DH . -22.44 -50.69 25.26
H152 LHG DH . -21.99 -50.78 26.75
H161 LHG DH . -21.61 -48.64 26.71
H162 LHG DH . -23.15 -48.41 26.60
H171 LHG DH . -22.39 -47.32 24.72
H172 LHG DH . -22.78 -48.72 24.12
H181 LHG DH . -20.64 -48.63 23.48
H182 LHG DH . -20.50 -49.41 24.83
H191 LHG DH . -19.04 -47.86 25.44
H192 LHG DH . -20.23 -46.87 25.56
H201 LHG DH . -19.52 -45.77 23.73
H202 LHG DH . -19.66 -47.05 22.89
H211 LHG DH . -17.45 -46.40 22.83
H212 LHG DH . -17.50 -47.74 23.67
H221 LHG DH . -16.27 -45.99 24.67
H222 LHG DH . -17.40 -46.63 25.61
H223 LHG DH . -17.67 -45.23 24.87
H251 LHG DH . -27.40 -52.73 17.23
H252 LHG DH . -28.70 -52.37 18.01
H261 LHG DH . -29.22 -50.66 16.60
H262 LHG DH . -28.34 -51.23 15.44
H271 LHG DH . -26.46 -50.43 16.32
H272 LHG DH . -26.92 -50.74 17.78
H281 LHG DH . -27.07 -48.58 18.05
H282 LHG DH . -28.38 -48.64 17.18
H291 LHG DH . -25.79 -48.29 16.05
H292 LHG DH . -26.73 -47.10 16.31
H301 LHG DH . -27.17 -47.29 14.19
H302 LHG DH . -28.22 -48.31 14.68
CHA HEM EH . -29.58 -59.95 32.92
CHB HEM EH . -30.05 -58.93 37.53
CHC HEM EH . -32.14 -54.72 36.45
CHD HEM EH . -31.95 -55.91 31.78
C1A HEM EH . -29.68 -60.08 34.27
C2A HEM EH . -29.60 -61.32 35.00
C3A HEM EH . -29.74 -61.05 36.29
C4A HEM EH . -29.88 -59.62 36.39
CMA HEM EH . -29.71 -62.06 37.46
CAA HEM EH . -29.44 -62.71 34.35
CBA HEM EH . -30.86 -63.02 33.88
CGA HEM EH . -30.98 -64.38 33.24
O1A HEM EH . -32.13 -64.88 33.15
O2A HEM EH . -29.95 -64.98 32.83
C1B HEM EH . -30.66 -57.70 37.61
C2B HEM EH . -30.89 -57.03 38.87
C3B HEM EH . -31.46 -55.87 38.62
C4B HEM EH . -31.61 -55.77 37.16
CMB HEM EH . -30.52 -57.61 40.24
CAB HEM EH . -31.85 -54.90 39.76
CBB HEM EH . -32.33 -53.69 39.52
C1C HEM EH . -32.26 -54.66 35.10
C2C HEM EH . -32.87 -53.58 34.37
C3C HEM EH . -32.80 -53.90 33.08
C4C HEM EH . -32.18 -55.20 32.95
CMC HEM EH . -33.44 -52.30 35.03
CAC HEM EH . -33.34 -53.08 31.90
CBC HEM EH . -34.35 -52.22 32.09
C1D HEM EH . -31.17 -57.04 31.71
C2D HEM EH . -30.45 -57.50 30.53
C3D HEM EH . -29.80 -58.62 30.84
C4D HEM EH . -30.06 -58.89 32.24
CMD HEM EH . -30.46 -56.81 29.15
CAD HEM EH . -28.85 -59.45 29.94
CBD HEM EH . -27.48 -58.81 30.23
CGD HEM EH . -26.27 -59.46 29.59
O1D HEM EH . -25.49 -58.74 28.91
O2D HEM EH . -26.06 -60.69 29.79
NA HEM EH . -29.86 -59.04 35.15
NB HEM EH . -31.11 -56.91 36.57
NC HEM EH . -31.85 -55.63 34.22
ND HEM EH . -30.90 -57.92 32.74
FE HEM EH . -30.93 -57.33 34.67
HHB HEM EH . -29.73 -59.33 38.37
HHC HEM EH . -32.46 -53.94 36.96
HHD HEM EH . -32.37 -55.59 30.95
HMA HEM EH . -30.35 -62.77 37.30
HMAA HEM EH . -29.95 -61.59 38.29
HMAB HEM EH . -28.81 -62.44 37.55
HAA HEM EH . -29.14 -63.36 35.01
HAAA HEM EH . -28.82 -62.68 33.62
HBA HEM EH . -31.12 -62.35 33.22
HBAA HEM EH . -31.46 -62.99 34.64
HMB HEM EH . -30.81 -57.01 40.93
HMBA HEM EH . -29.56 -57.73 40.28
HMBB HEM EH . -30.96 -58.47 40.36
HAB HEM EH . -31.74 -55.18 40.67
HBB HEM EH . -32.57 -53.11 40.25
HBBA HEM EH . -32.46 -53.39 38.60
HMC HEM EH . -34.38 -52.44 35.26
HMCA HEM EH . -33.38 -51.56 34.40
HMCB HEM EH . -32.94 -52.09 35.82
HAC HEM EH . -32.97 -53.20 31.02
HBC HEM EH . -34.69 -51.70 31.34
HBCA HEM EH . -34.73 -52.10 32.97
HMD HEM EH . -29.98 -57.37 28.50
HMDA HEM EH . -30.01 -55.94 29.21
HMDB HEM EH . -31.38 -56.68 28.85
HAD HEM EH . -29.10 -59.36 29.00
HADA HEM EH . -28.87 -60.39 30.20
HBD HEM EH . -27.34 -58.81 31.18
HBDA HEM EH . -27.52 -57.89 29.90
HHA HEM EH . -29.13 -60.67 32.42
O6 SQD FH . -16.72 -63.55 34.76
C44 SQD FH . -15.92 -63.82 35.93
C45 SQD FH . -16.47 -63.23 37.24
C46 SQD FH . -16.43 -61.71 37.14
O47 SQD FH . -17.77 -63.73 37.59
C7 SQD FH . -18.50 -63.33 38.76
O49 SQD FH . -18.69 -62.14 39.01
C8 SQD FH . -19.50 -64.31 39.34
C9 SQD FH . -20.27 -63.65 40.50
O48 SQD FH . -16.09 -61.34 35.81
C23 SQD FH . -16.68 -60.15 35.32
O10 SQD FH . -17.88 -60.01 35.45
C24 SQD FH . -15.76 -58.93 35.18
C25 SQD FH . -16.47 -57.65 35.59
C26 SQD FH . -15.43 -56.53 35.78
C27 SQD FH . -15.96 -55.17 35.29
C28 SQD FH . -15.72 -54.09 36.35
C29 SQD FH . -14.21 -53.93 36.63
C30 SQD FH . -13.92 -52.61 37.37
C31 SQD FH . -13.60 -52.84 38.87
C32 SQD FH . -13.84 -51.54 39.68
C33 SQD FH . -15.32 -51.41 40.05
C34 SQD FH . -15.53 -51.56 41.56
C35 SQD FH . -15.27 -52.99 42.03
C36 SQD FH . -16.07 -53.33 43.27
C37 SQD FH . -15.74 -52.42 44.42
C38 SQD FH . -16.61 -52.77 45.61
C1 SQD FH . -16.23 -64.00 33.51
C2 SQD FH . -16.50 -65.45 33.22
O2 SQD FH . -16.25 -66.22 34.32
C3 SQD FH . -15.60 -65.86 32.08
O3 SQD FH . -15.78 -67.18 31.78
C4 SQD FH . -15.86 -65.01 30.88
O4 SQD FH . -14.90 -65.24 29.92
C5 SQD FH . -15.89 -63.57 31.24
C6 SQD FH . -16.38 -62.80 30.03
O5 SQD FH . -16.67 -63.28 32.39
S SQD FH . -15.79 -61.13 30.11
O7 SQD FH . -15.66 -60.59 28.78
O8 SQD FH . -16.68 -60.31 30.96
O9 SQD FH . -14.43 -61.03 30.64
H441 SQD FH . -15.04 -63.45 35.78
H442 SQD FH . -15.85 -64.78 36.03
H45 SQD FH . -15.90 -63.50 37.97
H461 SQD FH . -15.76 -61.37 37.75
H462 SQD FH . -17.29 -61.34 37.36
H81 SQD FH . -19.03 -65.09 39.66
H82 SQD FH . -20.13 -64.57 38.64
H241 SQD FH . -15.48 -58.85 34.25
H242 SQD FH . -14.97 -59.06 35.73
H251 SQD FH . -16.94 -57.79 36.43
H252 SQD FH . -17.11 -57.39 34.91
H261 SQD FH . -14.63 -56.75 35.28
H262 SQD FH . -15.21 -56.45 36.72
H271 SQD FH . -16.92 -55.24 35.12
H272 SQD FH . -15.50 -54.93 34.47
H281 SQD FH . -16.16 -54.35 37.17
H282 SQD FH . -16.08 -53.25 36.04
H291 SQD FH . -13.73 -53.92 35.79
H292 SQD FH . -13.90 -54.67 37.17
H301 SQD FH . -14.70 -52.03 37.31
H302 SQD FH . -13.17 -52.17 36.95
H311 SQD FH . -12.67 -53.10 38.95
H312 SQD FH . -14.17 -53.54 39.21
H321 SQD FH . -13.57 -50.79 39.15
H322 SQD FH . -13.31 -51.58 40.48
H331 SQD FH . -15.83 -52.10 39.59
H332 SQD FH . -15.63 -50.53 39.78
H341 SQD FH . -16.44 -51.32 41.79
H342 SQD FH . -14.91 -50.98 42.02
H351 SQD FH . -14.34 -53.10 42.21
H352 SQD FH . -15.54 -53.60 41.31
H361 SQD FH . -15.87 -54.25 43.53
H362 SQD FH . -17.01 -53.26 43.06
H371 SQD FH . -15.91 -51.50 44.16
H372 SQD FH . -14.80 -52.52 44.65
H381 SQD FH . -16.47 -52.12 46.31
H382 SQD FH . -16.36 -53.66 45.93
H383 SQD FH . -17.53 -52.78 45.33
H1 SQD FH . -15.29 -63.82 33.66
H2 SQD FH . -17.43 -65.62 33.02
HO2 SQD FH . -16.35 -67.04 34.13
H3 SQD FH . -14.68 -65.79 32.36
HO3 SQD FH . -15.15 -67.43 31.26
H4 SQD FH . -16.71 -65.28 30.48
HO4 SQD FH . -14.22 -65.59 30.29
H5 SQD FH . -15.00 -63.24 31.41
H61 SQD FH . -17.35 -62.80 30.02
H62 SQD FH . -16.05 -63.23 29.22
HO8 SQD FH . -16.42 -60.36 31.76
C1 BCR GH . 8.46 -36.31 33.43
C2 BCR GH . 7.59 -37.43 32.89
C3 BCR GH . 8.43 -38.58 32.43
C4 BCR GH . 9.38 -39.08 33.49
C5 BCR GH . 9.83 -38.06 34.46
C6 BCR GH . 9.43 -36.80 34.46
C7 BCR GH . 9.94 -35.82 35.43
C8 BCR GH . 9.76 -35.94 36.75
C9 BCR GH . 9.99 -34.85 37.66
C10 BCR GH . 9.92 -35.05 39.00
C11 BCR GH . 9.81 -33.99 39.99
C33 BCR GH . 10.77 -38.59 35.47
C31 BCR GH . 7.50 -35.29 33.99
C32 BCR GH . 9.22 -35.74 32.28
C34 BCR GH . 10.25 -33.53 37.06
C12 BCR GH . 9.28 -34.24 41.20
C13 BCR GH . 9.14 -33.26 42.27
C14 BCR GH . 8.22 -33.45 43.22
C15 BCR GH . 8.02 -32.59 44.36
C16 BCR GH . 7.15 -32.94 45.32
C17 BCR GH . 6.81 -31.99 46.34
C18 BCR GH . 5.86 -32.16 47.27
C19 BCR GH . 5.76 -31.22 48.38
C20 BCR GH . 4.63 -31.08 49.09
C21 BCR GH . 4.66 -30.56 50.44
C22 BCR GH . 3.61 -30.58 51.30
C23 BCR GH . 3.66 -29.76 52.51
C24 BCR GH . 2.61 -29.53 53.31
C25 BCR GH . 2.63 -28.63 54.46
C26 BCR GH . 2.29 -27.34 54.38
C27 BCR GH . 2.27 -26.36 55.50
C28 BCR GH . 2.73 -26.90 56.83
C29 BCR GH . 3.59 -28.13 56.68
C30 BCR GH . 3.00 -29.20 55.77
C35 BCR GH . 9.84 -31.95 42.19
C36 BCR GH . 4.94 -33.31 47.19
C37 BCR GH . 2.47 -31.50 51.09
C38 BCR GH . 1.88 -26.71 53.11
C39 BCR GH . 1.76 -29.84 56.37
C40 BCR GH . 4.04 -30.28 55.66
HC21 BCR GH . 6.98 -37.08 32.05
HC22 BCR GH . 6.88 -37.77 33.62
HC31 BCR GH . 8.99 -38.29 31.55
HC32 BCR GH . 7.79 -39.38 32.10
HC41 BCR GH . 10.22 -39.56 33.01
HC42 BCR GH . 8.91 -39.91 34.00
HC7 BCR GH . 10.47 -34.98 35.05
HC8 BCR GH . 9.42 -36.88 37.13
H10C BCR GH . 9.93 -36.05 39.37
H11C BCR GH . 10.16 -33.02 39.74
H331 BCR GH . 10.27 -38.76 36.41
H332 BCR GH . 11.58 -37.90 35.62
H333 BCR GH . 11.19 -39.54 35.13
H311 BCR GH . 8.01 -34.35 34.16
H312 BCR GH . 7.09 -35.62 34.93
H313 BCR GH . 6.68 -35.11 33.31
H321 BCR GH . 9.63 -34.78 32.54
H322 BCR GH . 8.57 -35.60 31.43
H323 BCR GH . 10.03 -36.39 31.98
H341 BCR GH . 10.16 -32.73 37.78
H342 BCR GH . 9.56 -33.33 36.25
H343 BCR GH . 11.25 -33.48 36.65
H12C BCR GH . 8.93 -35.24 41.39
H14C BCR GH . 7.59 -34.31 43.15
H15C BCR GH . 8.56 -31.68 44.45
H16C BCR GH . 6.72 -33.92 45.32
H17C BCR GH . 7.36 -31.08 46.33
H19C BCR GH . 6.60 -30.61 48.64
H20C BCR GH . 3.71 -31.35 48.66
H21C BCR GH . 5.58 -30.14 50.78
H23C BCR GH . 4.60 -29.32 52.76
H24C BCR GH . 1.69 -30.03 53.08
H271 BCR GH . 1.27 -25.91 55.61
H272 BCR GH . 2.83 -25.47 55.25
H281 BCR GH . 1.85 -27.11 57.43
H282 BCR GH . 3.26 -26.11 57.36
H291 BCR GH . 3.78 -28.52 57.66
H292 BCR GH . 4.55 -27.80 56.31
H351 BCR GH . 9.23 -31.17 42.62
H352 BCR GH . 10.05 -31.70 41.16
H353 BCR GH . 10.77 -32.00 42.73
H361 BCR GH . 4.44 -33.49 48.13
H362 BCR GH . 5.45 -34.22 46.91
H363 BCR GH . 4.16 -33.14 46.45
H371 BCR GH . 2.12 -31.89 52.04
H372 BCR GH . 2.77 -32.34 50.46
H373 BCR GH . 1.66 -30.99 50.61
H381 BCR GH . 2.05 -25.64 53.11
H382 BCR GH . 0.82 -26.86 52.90
H383 BCR GH . 2.42 -27.11 52.26
H391 BCR GH . 1.95 -30.14 57.40
H392 BCR GH . 1.48 -30.72 55.81
H393 BCR GH . 0.93 -29.16 56.36
H401 BCR GH . 4.45 -30.52 56.62
H402 BCR GH . 4.85 -29.97 55.02
H403 BCR GH . 3.61 -31.18 55.25
C1A DGD HH . -7.40 -21.64 36.29
C2A DGD HH . -7.85 -23.02 36.50
C3A DGD HH . -7.56 -23.84 35.25
C4A DGD HH . -8.19 -25.21 35.40
C5A DGD HH . -8.20 -25.94 34.08
C6A DGD HH . -7.52 -27.30 34.25
C7A DGD HH . -7.78 -28.07 32.95
C8A DGD HH . -8.00 -29.53 33.24
C9A DGD HH . -7.16 -30.33 32.25
CAA DGD HH . -7.95 -30.43 30.97
CBA DGD HH . -7.21 -31.36 30.01
CCA DGD HH . -7.45 -30.85 28.59
CDA DGD HH . -6.20 -31.12 27.67
CEA DGD HH . -6.45 -30.32 26.40
CFA DGD HH . -5.64 -30.76 25.21
CGA DGD HH . -5.89 -29.60 24.21
O1A DGD HH . -6.67 -21.21 35.41
C1B DGD HH . -4.99 -20.79 37.87
C2B DGD HH . -3.84 -21.27 37.03
C3B DGD HH . -3.11 -20.18 36.24
C4B DGD HH . -1.98 -20.83 35.36
C5B DGD HH . -2.57 -21.08 33.96
C6B DGD HH . -2.96 -22.59 33.84
C7B DGD HH . -2.83 -22.93 32.35
C8B DGD HH . -4.21 -23.42 31.90
C9B DGD HH . -5.12 -22.22 31.80
CAB DGD HH . -4.85 -21.66 30.41
CBB DGD HH . -5.09 -20.21 30.58
CCB DGD HH . -4.72 -19.56 29.26
CDB DGD HH . -6.02 -19.57 28.51
CEB DGD HH . -6.80 -18.38 28.95
CFB DGD HH . -6.60 -17.39 27.85
CGB DGD HH . -7.41 -16.23 28.25
O1B DGD HH . -5.69 -21.54 38.51
O1G DGD HH . -7.93 -20.82 37.23
C1G DGD HH . -7.77 -19.46 37.11
C2G DGD HH . -6.69 -19.07 38.12
O2G DGD HH . -5.39 -19.48 37.63
C3G DGD HH . -6.72 -17.55 38.18
O3G DGD HH . -7.74 -17.31 39.09
C1D DGD HH . -8.42 -16.09 38.78
C2D DGD HH . -9.74 -16.05 39.53
O2D DGD HH . -10.40 -17.12 38.99
C3D DGD HH . -10.43 -14.72 39.08
O3D DGD HH . -11.72 -14.57 39.72
C4D DGD HH . -9.47 -13.52 39.46
O4D DGD HH . -9.17 -13.44 40.84
C5D DGD HH . -8.12 -13.83 38.75
O5D DGD HH . -6.91 -12.48 40.31
C6D DGD HH . -6.96 -12.77 38.95
O6D DGD HH . -7.60 -15.04 39.23
C1E DGD HH . -5.70 -11.87 40.70
C2E DGD HH . -5.44 -12.02 42.26
O2E DGD HH . -5.61 -13.35 42.60
C3E DGD HH . -6.46 -11.19 43.06
O3E DGD HH . -6.11 -11.39 44.40
C4E DGD HH . -6.30 -9.70 42.61
O4E DGD HH . -4.99 -9.20 42.82
C5E DGD HH . -6.64 -9.68 41.07
O6E DGD HH . -5.81 -10.54 40.30
C6E DGD HH . -6.39 -8.30 40.40
O5E DGD HH . -7.54 -7.62 40.63
HA21 DGD HH . -8.93 -23.00 36.76
HA22 DGD HH . -7.34 -23.43 37.40
HA31 DGD HH . -6.46 -23.93 35.08
HA32 DGD HH . -7.94 -23.33 34.34
HA41 DGD HH . -9.22 -25.11 35.79
HA42 DGD HH . -7.65 -25.80 36.16
HA51 DGD HH . -7.70 -25.34 33.29
HA52 DGD HH . -9.24 -26.06 33.69
HA61 DGD HH . -7.90 -27.81 35.15
HA62 DGD HH . -6.45 -27.17 34.47
HA71 DGD HH . -6.93 -27.89 32.26
HA72 DGD HH . -8.64 -27.60 32.42
HA81 DGD HH . -9.08 -29.77 33.18
HA82 DGD HH . -7.77 -29.76 34.30
HA91 DGD HH . -6.91 -31.33 32.66
HA92 DGD HH . -6.17 -29.84 32.09
HAT1 DGD HH . -8.10 -29.40 30.53
HAT2 DGD HH . -8.99 -30.77 31.18
HAE1 DGD HH . -7.56 -32.40 30.14
HAE2 DGD HH . -6.14 -31.41 30.26
HAW1 DGD HH . -7.68 -29.77 28.59
HAW2 DGD HH . -8.34 -31.31 28.13
HAH1 DGD HH . -6.04 -32.19 27.43
HAH2 DGD HH . -5.23 -30.82 28.13
HAF1 DGD HH . -6.27 -29.25 26.61
HAF2 DGD HH . -7.53 -30.36 26.16
HAN1 DGD HH . -5.94 -31.75 24.81
HAN2 DGD HH . -4.56 -30.90 25.44
HB21 DGD HH . -4.23 -22.04 36.33
HB22 DGD HH . -3.13 -21.81 37.68
HB31 DGD HH . -2.70 -19.42 36.93
HB32 DGD HH . -3.83 -19.60 35.62
HB41 DGD HH . -1.58 -21.78 35.81
HB42 DGD HH . -1.07 -20.19 35.31
HB51 DGD HH . -1.86 -20.78 33.16
HB52 DGD HH . -3.44 -20.41 33.76
HB61 DGD HH . -3.98 -22.83 34.19
HB62 DGD HH . -2.34 -23.29 34.43
HB71 DGD HH . -2.08 -23.72 32.13
HB72 DGD HH . -2.51 -22.10 31.72
HB81 DGD HH . -4.58 -24.18 32.60
HB82 DGD HH . -4.11 -23.96 30.93
HB91 DGD HH . -4.92 -21.49 32.62
HB92 DGD HH . -6.18 -22.50 31.96
HBT1 DGD HH . -5.50 -22.08 29.63
HBT2 DGD HH . -3.81 -21.85 30.05
HBE1 DGD HH . -4.50 -19.78 31.42
HBE2 DGD HH . -6.15 -19.99 30.86
HBW1 DGD HH . -3.91 -20.12 28.74
HBW2 DGD HH . -4.29 -18.54 29.39
HBH1 DGD HH . -6.58 -20.52 28.71
HBH2 DGD HH . -5.85 -19.57 27.41
HBF1 DGD HH . -6.46 -18.01 29.94
HBF2 DGD HH . -7.87 -18.64 29.10
HBN1 DGD HH . -6.88 -17.79 26.85
HBN2 DGD HH . -5.52 -17.13 27.70
HG11 DGD HH . -8.68 -18.86 37.33
HG12 DGD HH . -7.41 -19.14 36.09
HG2 DGD HH . -6.93 -19.52 39.12
HG31 DGD HH . -6.90 -17.11 37.17
HG32 DGD HH . -5.74 -17.14 38.48
HD1 DGD HH . -8.57 -16.05 37.66
HD2 DGD HH . -9.64 -16.07 40.66
HO2D DGD HH . -11.27 -16.83 38.75
HD3 DGD HH . -10.58 -14.71 37.97
HO3D DGD HH . -12.14 -13.81 39.32
HD4 DGD HH . -9.92 -12.55 39.12
HO4D DGD HH . -8.93 -12.54 41.03
HD5 DGD HH . -8.32 -13.90 37.65
HD61 DGD HH . -7.12 -11.83 38.39
HD62 DGD HH . -5.96 -13.14 38.64
HE1 DGD HH . -4.79 -12.25 40.15
HE2 DGD HH . -4.40 -11.64 42.43
HO2E DGD HH . -6.13 -13.37 43.41
HE3 DGD HH . -7.51 -11.51 42.87
HO3E DGD HH . -6.65 -12.10 44.73
HE4 DGD HH . -7.01 -9.05 43.18
HO4E DGD HH . -4.54 -9.82 43.39
HE5 DGD HH . -7.73 -9.95 40.97
HE61 DGD HH . -6.17 -8.41 39.32
HE62 DGD HH . -5.50 -7.79 40.85
HO5E DGD HH . -7.33 -6.92 41.24
C1 UNL IH . -53.07 -33.77 27.84
C10 UNL IH . -46.34 -40.89 22.00
C2 UNL IH . -52.47 -35.19 27.76
C3 UNL IH . -51.81 -35.40 26.39
C4 UNL IH . -51.51 -36.90 26.16
C5 UNL IH . -50.28 -37.06 25.23
C6 UNL IH . -50.01 -38.50 24.71
C7 UNL IH . -48.69 -38.45 23.94
C8 UNL IH . -48.36 -39.67 23.06
C9 UNL IH . -46.84 -39.64 22.75
O1 UNL IH . -53.51 -33.27 28.91
O2 UNL IH . -53.15 -33.10 26.78
H21 UNL IH . -53.17 -35.85 27.89
H22 UNL IH . -51.80 -35.29 28.45
H31 UNL IH . -50.98 -34.90 26.35
H32 UNL IH . -52.42 -35.09 25.70
H41 UNL IH . -52.28 -37.32 25.74
H42 UNL IH . -51.33 -37.33 27.01
H51 UNL IH . -49.50 -36.78 25.73
H52 UNL IH . -50.41 -36.48 24.46
H61 UNL IH . -50.73 -38.77 24.12
H62 UNL IH . -49.95 -39.12 25.45
H71 UNL IH . -47.98 -38.35 24.59
H72 UNL IH . -48.71 -37.67 23.36
H81 UNL IH . -48.86 -39.63 22.24
H82 UNL IH . -48.58 -40.49 23.54
H91 UNL IH . -46.35 -39.58 23.59
H92 UNL IH . -46.65 -38.86 22.22
C01 8CT JH . -65.16 -46.78 16.02
C02 8CT JH . -65.60 -47.69 17.09
C03 8CT JH . -65.01 -48.86 17.26
C04 8CT JH . -65.49 -49.79 18.33
C05 8CT JH . -66.85 -49.41 18.87
C06 8CT JH . -66.90 -47.95 19.18
C07 8CT JH . -66.69 -47.15 17.92
C08 8CT JH . -65.61 -51.21 17.81
C09 8CT JH . -64.52 -49.76 19.49
C10 8CT JH . -63.94 -49.32 16.38
C11 8CT JH . -62.65 -49.35 16.75
C12 8CT JH . -61.63 -50.06 15.99
C13 8CT JH . -60.51 -50.47 16.62
C14 8CT JH . -59.17 -50.49 16.05
C15 8CT JH . -58.11 -50.88 16.80
C16 8CT JH . -56.72 -50.98 16.37
C17 8CT JH . -55.79 -51.30 17.29
C18 8CT JH . -54.38 -51.53 17.02
C19 8CT JH . -53.49 -51.36 18.02
C20 8CT JH . -52.06 -51.48 17.77
C21 8CT JH . -51.07 -51.53 18.68
C22 8CT JH . -51.20 -50.93 20.01
C23 8CT JH . -49.70 -51.67 18.21
C24 8CT JH . -48.65 -51.12 18.83
C25 8CT JH . -47.33 -51.16 18.22
C26 8CT JH . -46.16 -51.35 18.86
C27 8CT JH . -45.83 -50.67 20.13
C28 8CT JH . -45.06 -51.88 18.07
C29 8CT JH . -43.82 -52.08 18.53
C30 8CT JH . -42.70 -52.41 17.66
C31 8CT JH . -42.68 -53.51 16.92
C32 8CT JH . -41.61 -53.94 15.99
C33 8CT JH . -40.55 -52.88 15.80
C34 8CT JH . -40.32 -52.09 17.06
C35 8CT JH . -41.58 -51.43 17.57
C36 8CT JH . -42.00 -50.29 16.67
C37 8CT JH . -41.22 -50.85 18.94
C38 8CT JH . -43.76 -54.51 16.94
C39 8CT JH . -56.34 -50.71 14.97
C40 8CT JH . -61.73 -50.02 14.52
H1 8CT JH . -65.15 -47.29 15.06
H2 8CT JH . -64.16 -46.42 16.21
H3 8CT JH . -65.83 -45.93 15.93
H6 8CT JH . -67.11 -49.98 19.76
H7 8CT JH . -67.64 -49.65 18.15
H8 8CT JH . -66.14 -47.70 19.92
H9 8CT JH . -67.85 -47.70 19.64
H10 8CT JH . -66.53 -46.10 18.16
H11 8CT JH . -67.62 -47.08 17.36
H12 8CT JH . -64.64 -51.65 17.68
H13 8CT JH . -66.12 -51.22 16.86
H14 8CT JH . -66.16 -51.83 18.50
H15 8CT JH . -63.69 -50.41 19.29
H16 8CT JH . -65.00 -50.09 20.39
H17 8CT JH . -64.15 -48.76 19.64
H18 8CT JH . -64.21 -49.65 15.40
H19 8CT JH . -62.37 -48.84 17.65
H20 8CT JH . -60.58 -50.82 17.62
H21 8CT JH . -59.03 -50.19 15.03
H22 8CT JH . -58.33 -51.15 17.81
H23 8CT JH . -56.10 -51.42 18.30
H24 8CT JH . -54.06 -51.83 16.06
H25 8CT JH . -53.83 -51.13 19.00
H26 8CT JH . -51.79 -51.52 16.74
H27 8CT JH . -50.64 -51.46 20.76
H28 8CT JH . -52.23 -50.92 20.34
H29 8CT JH . -50.86 -49.90 20.02
H30 8CT JH . -49.50 -52.26 17.33
H31 8CT JH . -48.78 -50.64 19.77
H32 8CT JH . -47.31 -51.02 17.15
H33 8CT JH . -45.42 -51.38 20.84
H34 8CT JH . -46.72 -50.24 20.56
H35 8CT JH . -45.10 -49.90 19.98
H36 8CT JH . -45.27 -52.12 17.05
H37 8CT JH . -43.65 -51.98 19.58
H40 8CT JH . -42.02 -54.24 15.02
H42 8CT JH . -40.85 -52.23 14.97
H43 8CT JH . -39.63 -53.38 15.46
H44 8CT JH . -39.54 -51.37 16.87
H45 8CT JH . -39.89 -52.76 17.80
H46 8CT JH . -41.13 -49.73 16.33
H47 8CT JH . -42.67 -49.61 17.18
H48 8CT JH . -42.51 -50.66 15.79
H49 8CT JH . -40.27 -50.34 18.90
H50 8CT JH . -41.14 -51.62 19.68
H51 8CT JH . -41.96 -50.14 19.27
H52 8CT JH . -43.46 -55.45 16.50
H53 8CT JH . -44.64 -54.18 16.39
H54 8CT JH . -44.10 -54.72 17.95
H55 8CT JH . -55.31 -50.37 14.91
H56 8CT JH . -56.97 -49.94 14.54
H57 8CT JH . -56.43 -51.61 14.37
H58 8CT JH . -60.90 -50.53 14.05
H59 8CT JH . -61.74 -49.00 14.15
H60 8CT JH . -62.64 -50.50 14.18
H272 8CT JH . -41.15 -54.87 16.29
O1 LHG KH . 2.12 -31.83 -3.71
C1 LHG KH . 0.83 -32.49 -3.73
C2 LHG KH . 0.86 -33.68 -4.69
O2 LHG KH . 1.06 -33.27 -6.03
C3 LHG KH . -0.45 -34.50 -4.75
O3 LHG KH . -0.50 -34.98 -3.40
P LHG KH . -1.90 -35.37 -2.71
O4 LHG KH . -2.82 -35.73 -3.82
O5 LHG KH . -1.61 -36.02 -1.40
O6 LHG KH . -2.27 -33.81 -2.39
C4 LHG KH . -3.51 -33.29 -2.70
C5 LHG KH . -3.42 -31.85 -2.16
C6 LHG KH . -4.19 -30.91 -3.05
O7 LHG KH . -4.00 -31.94 -0.85
C7 LHG KH . -3.33 -31.24 0.10
O9 LHG KH . -2.37 -30.55 -0.13
C8 LHG KH . -3.79 -31.54 1.46
C9 LHG KH . -5.09 -30.82 1.78
C10 LHG KH . -5.08 -29.35 1.29
O8 LHG KH . -4.39 -29.75 -2.27
C23 LHG KH . -3.55 -28.71 -2.47
O10 LHG KH . -2.59 -28.87 -3.18
C24 LHG KH . -3.46 -27.66 -1.42
C11 LHG KH . -6.54 -28.94 1.43
C12 LHG KH . -7.11 -28.43 0.10
C13 LHG KH . -8.38 -27.70 0.41
C14 LHG KH . -8.92 -27.02 -0.83
C15 LHG KH . -10.29 -26.50 -0.43
C16 LHG KH . -10.62 -25.21 -1.17
C17 LHG KH . -12.08 -24.82 -0.92
C18 LHG KH . -12.09 -23.31 -0.93
C19 LHG KH . -13.47 -22.78 -1.29
C20 LHG KH . -14.16 -22.63 0.06
C21 LHG KH . -15.60 -22.28 -0.20
C22 LHG KH . -16.32 -22.44 1.12
C25 LHG KH . -2.55 -26.49 -1.63
C26 LHG KH . -2.76 -25.46 -0.51
C27 LHG KH . -1.53 -24.72 -0.46
C28 LHG KH . -1.42 -23.73 0.66
C29 LHG KH . 0.03 -23.39 0.60
C30 LHG KH . 0.64 -22.54 1.69
C31 LHG KH . 2.06 -22.20 1.40
C32 LHG KH . 2.27 -20.73 1.13
C33 LHG KH . 3.69 -20.38 1.56
C34 LHG KH . 3.80 -19.21 2.51
C35 LHG KH . 5.13 -19.31 3.23
C36 LHG KH . 5.70 -17.89 3.47
C37 LHG KH . 6.66 -17.92 4.67
C38 LHG KH . 6.84 -16.58 5.40
HO1 LHG KH . 2.58 -32.33 -4.23
HC11 LHG KH . 0.14 -31.87 -3.98
HC12 LHG KH . 0.60 -32.80 -2.84
HC2 LHG KH . 1.55 -34.30 -4.39
H02 LHG KH . 1.33 -33.99 -6.40
HC31 LHG KH . -0.40 -35.24 -5.38
HC32 LHG KH . -1.22 -33.96 -4.96
HC41 LHG KH . -4.23 -33.79 -2.28
HC42 LHG KH . -3.68 -33.30 -3.66
HC5 LHG KH . -2.51 -31.55 -2.18
HC61 LHG KH . -5.00 -31.35 -3.35
HC62 LHG KH . -3.67 -30.77 -3.86
HC81 LHG KH . -3.14 -31.30 2.13
HC82 LHG KH . -3.95 -32.49 1.57
HC91 LHG KH . -5.25 -30.84 2.73
HC92 LHG KH . -5.83 -31.28 1.36
H101 LHG KH . -4.75 -29.27 0.38
H102 LHG KH . -4.49 -28.81 1.85
H241 LHG KH . -3.21 -28.05 -0.57
H242 LHG KH . -4.34 -27.30 -1.23
H111 LHG KH . -6.62 -28.24 2.10
H112 LHG KH . -7.06 -29.70 1.73
H121 LHG KH . -7.25 -29.20 -0.47
H122 LHG KH . -6.44 -27.85 -0.30
H131 LHG KH . -8.21 -27.04 1.10
H132 LHG KH . -9.03 -28.33 0.74
H141 LHG KH . -8.98 -27.66 -1.57
H142 LHG KH . -8.34 -26.30 -1.10
H151 LHG KH . -10.30 -26.35 0.52
H152 LHG KH . -10.95 -27.18 -0.64
H161 LHG KH . -10.46 -25.33 -2.12
H162 LHG KH . -10.02 -24.52 -0.87
H171 LHG KH . -12.40 -25.18 -0.08
H172 LHG KH . -12.65 -25.18 -1.62
H181 LHG KH . -11.42 -22.98 -1.54
H182 LHG KH . -11.83 -22.99 -0.05
H191 LHG KH . -13.95 -23.39 -1.86
H192 LHG KH . -13.42 -21.92 -1.75
H201 LHG KH . -13.76 -21.94 0.62
H202 LHG KH . -14.13 -23.44 0.60
H211 LHG KH . -16.01 -22.87 -0.85
H212 LHG KH . -15.71 -21.37 -0.49
H221 LHG KH . -17.23 -22.14 0.97
H222 LHG KH . -15.86 -21.89 1.77
H223 LHG KH . -16.28 -23.38 1.34
H251 LHG KH . -2.73 -26.08 -2.49
H252 LHG KH . -1.63 -26.78 -1.62
H261 LHG KH . -2.94 -25.89 0.34
H262 LHG KH . -3.52 -24.87 -0.71
H271 LHG KH . -1.43 -24.24 -1.31
H272 LHG KH . -0.80 -25.35 -0.41
H281 LHG KH . -1.66 -24.14 1.51
H282 LHG KH . -1.99 -22.96 0.54
H291 LHG KH . 0.19 -22.94 -0.25
H292 LHG KH . 0.54 -24.22 0.57
H301 LHG KH . 0.57 -23.00 2.55
H302 LHG KH . 0.12 -21.72 1.81
H311 LHG KH . 2.37 -22.73 0.65
H312 LHG KH . 2.61 -22.48 2.16
H321 LHG KH . 1.60 -20.21 1.62
H322 LHG KH . 2.13 -20.55 0.19
H331 LHG KH . 4.22 -20.19 0.77
H332 LHG KH . 4.08 -21.16 1.99
H341 LHG KH . 3.08 -19.22 3.17
H342 LHG KH . 3.74 -18.37 2.04
H351 LHG KH . 5.77 -19.82 2.69
H352 LHG KH . 5.05 -19.76 4.07
H361 LHG KH . 4.97 -17.27 3.64
H362 LHG KH . 6.17 -17.57 2.68
H371 LHG KH . 7.54 -18.20 4.39
H372 LHG KH . 6.34 -18.55 5.34
H381 LHG KH . 7.09 -16.79 6.32
H382 LHG KH . 5.98 -16.12 5.36
H383 LHG KH . 7.54 -16.10 4.93
C1 UNL LH . 13.92 -32.09 -9.48
C10 UNL LH . 10.77 -23.21 -4.59
C11 UNL LH . 10.52 -22.23 -3.41
C12 UNL LH . 10.33 -20.78 -3.91
C13 UNL LH . 9.03 -20.19 -3.38
C14 UNL LH . 9.09 -18.66 -3.39
C15 UNL LH . 7.78 -18.10 -2.79
C16 UNL LH . 7.48 -16.67 -3.24
C17 UNL LH . 8.59 -15.69 -2.91
C18 UNL LH . 8.13 -14.26 -3.14
C2 UNL LH . 13.78 -31.15 -8.27
C3 UNL LH . 14.80 -29.99 -8.34
C4 UNL LH . 14.16 -28.61 -8.14
C5 UNL LH . 13.74 -28.36 -6.69
C6 UNL LH . 12.64 -27.29 -6.62
C7 UNL LH . 12.77 -26.26 -5.49
C8 UNL LH . 11.46 -25.46 -5.36
C9 UNL LH . 11.47 -24.50 -4.17
H21 UNL LH . 13.93 -31.65 -7.46
H22 UNL LH . 12.89 -30.78 -8.26
H31 UNL LH . 15.24 -30.02 -9.21
H32 UNL LH . 15.47 -30.13 -7.64
H41 UNL LH . 13.38 -28.55 -8.71
H42 UNL LH . 14.81 -27.93 -8.41
H51 UNL LH . 14.51 -28.04 -6.18
H52 UNL LH . 13.41 -29.18 -6.30
H61 UNL LH . 11.78 -27.75 -6.51
H62 UNL LH . 12.63 -26.81 -7.47
H71 UNL LH . 13.50 -25.67 -5.69
H72 UNL LH . 12.95 -26.73 -4.65
H81 UNL LH . 10.73 -26.07 -5.24
H82 UNL LH . 11.34 -24.95 -6.17
H91 UNL LH . 12.39 -24.30 -3.92
H92 UNL LH . 11.01 -24.89 -3.43
H101 UNL LH . 9.91 -23.44 -4.98
H102 UNL LH . 11.32 -22.75 -5.24
H111 UNL LH . 11.28 -22.26 -2.81
H112 UNL LH . 9.72 -22.52 -2.93
H121 UNL LH . 10.29 -20.79 -4.88
H122 UNL LH . 11.07 -20.24 -3.62
H131 UNL LH . 8.89 -20.49 -2.47
H132 UNL LH . 8.29 -20.49 -3.93
H141 UNL LH . 9.18 -18.34 -4.31
H142 UNL LH . 9.85 -18.35 -2.87
H151 UNL LH . 7.86 -18.12 -1.82
H152 UNL LH . 7.05 -18.67 -3.07
H161 UNL LH . 6.67 -16.37 -2.79
H162 UNL LH . 7.33 -16.66 -4.20
H171 UNL LH . 9.36 -15.88 -3.47
H172 UNL LH . 8.85 -15.80 -1.98
H181 UNL LH . 8.86 -13.65 -2.94
H182 UNL LH . 7.38 -14.07 -2.56
H183 UNL LH . 7.86 -14.15 -4.06
C1 UNL MH . -0.21 -18.26 -14.15
C10 UNL MH . 2.44 -23.73 -22.12
C2 UNL MH . 0.89 -19.04 -14.91
C3 UNL MH . 0.35 -20.37 -15.47
C4 UNL MH . 1.41 -21.12 -16.30
C5 UNL MH . 1.00 -22.56 -16.64
C6 UNL MH . 1.75 -22.95 -17.93
C7 UNL MH . 1.36 -24.35 -18.43
C8 UNL MH . 1.32 -24.41 -19.97
C9 UNL MH . 2.61 -23.87 -20.60
O1 UNL MH . -1.42 -18.45 -14.41
O2 UNL MH . 0.07 -17.43 -13.23
H21 UNL MH . 1.62 -19.22 -14.31
H22 UNL MH . 1.19 -18.50 -15.65
H31 UNL MH . -0.42 -20.19 -16.03
H32 UNL MH . 0.08 -20.93 -14.73
H41 UNL MH . 2.24 -21.15 -15.79
H42 UNL MH . 1.56 -20.63 -17.13
H51 UNL MH . 0.06 -22.60 -16.79
H52 UNL MH . 1.26 -23.15 -15.93
H61 UNL MH . 2.70 -22.93 -17.77
H62 UNL MH . 1.53 -22.30 -18.63
H71 UNL MH . 0.48 -24.58 -18.08
H72 UNL MH . 2.02 -25.00 -18.11
H81 UNL MH . 0.57 -23.87 -20.28
H82 UNL MH . 1.19 -25.32 -20.24
H91 UNL MH . 3.34 -24.48 -20.41
H92 UNL MH . 2.82 -23.00 -20.22
C1A DGD NH . -33.55 5.98 -17.76
C2A DGD NH . -34.42 4.75 -17.92
C3A DGD NH . -34.39 4.34 -19.41
C4A DGD NH . -35.72 3.73 -19.85
C5A DGD NH . -35.61 3.25 -21.28
C6A DGD NH . -36.02 1.78 -21.41
C7A DGD NH . -34.77 0.93 -21.67
C8A DGD NH . -34.41 0.10 -20.40
C9A DGD NH . -33.77 -1.21 -20.88
CAA DGD NH . -33.23 -2.09 -19.74
CBA DGD NH . -33.14 -3.58 -20.28
CCA DGD NH . -32.18 -4.40 -19.40
CDA DGD NH . -32.18 -5.89 -19.93
CEA DGD NH . -30.92 -6.15 -20.79
CFA DGD NH . -30.59 -7.66 -20.90
CGA DGD NH . -29.49 -7.88 -22.02
CHA DGD NH . -28.53 -9.05 -21.75
CIA DGD NH . -28.27 -9.83 -23.06
O1A DGD NH . -33.92 7.14 -17.93
C1B DGD NH . -30.67 3.72 -19.27
C2B DGD NH . -30.40 2.42 -20.10
C3B DGD NH . -29.40 1.44 -19.45
C4B DGD NH . -29.81 0.02 -19.73
C5B DGD NH . -28.59 -0.78 -19.37
C6B DGD NH . -29.09 -2.26 -19.17
C7B DGD NH . -27.97 -3.04 -18.41
C8B DGD NH . -27.68 -4.32 -19.19
C9B DGD NH . -26.59 -5.09 -18.43
CAB DGD NH . -25.47 -5.51 -19.43
CBB DGD NH . -25.68 -7.00 -19.74
CCB DGD NH . -24.33 -7.61 -20.29
CDB DGD NH . -24.77 -8.90 -21.02
CEB DGD NH . -23.55 -9.76 -21.42
CFB DGD NH . -24.03 -10.54 -22.70
CGB DGD NH . -23.30 -11.89 -22.81
CHB DGD NH . -23.07 -12.24 -24.34
CIB DGD NH . -22.92 -13.77 -24.55
O1B DGD NH . -31.00 4.77 -19.80
O1G DGD NH . -32.14 5.66 -17.87
C1G DGD NH . -31.28 5.48 -16.67
C2G DGD NH . -30.64 4.04 -16.77
O2G DGD NH . -30.00 3.76 -18.04
C3G DGD NH . -29.50 3.98 -15.78
O3G DGD NH . -30.11 4.19 -14.52
HA21 DGD NH . -35.45 4.97 -17.56
HA22 DGD NH . -34.06 3.94 -17.25
HA31 DGD NH . -33.56 3.63 -19.59
HA32 DGD NH . -34.15 5.22 -20.04
HA41 DGD NH . -36.54 4.46 -19.73
HA42 DGD NH . -35.99 2.88 -19.18
HA51 DGD NH . -34.57 3.41 -21.66
HA52 DGD NH . -36.22 3.90 -21.95
HA61 DGD NH . -36.79 1.66 -22.21
HA62 DGD NH . -36.58 1.46 -20.50
HA71 DGD NH . -33.95 1.59 -22.00
HA72 DGD NH . -34.94 0.29 -22.56
HA81 DGD NH . -35.31 -0.05 -19.77
HA82 DGD NH . -33.74 0.69 -19.72
HA91 DGD NH . -32.96 -0.97 -21.60
HA92 DGD NH . -34.52 -1.77 -21.48
HAT1 DGD NH . -33.87 -2.01 -18.84
HAT2 DGD NH . -32.23 -1.72 -19.39
HAE1 DGD NH . -32.83 -3.58 -21.34
HAE2 DGD NH . -34.16 -4.02 -20.30
HAW1 DGD NH . -32.47 -4.38 -18.34
HAW2 DGD NH . -31.15 -3.99 -19.41
HAH1 DGD NH . -33.09 -6.14 -20.52
HAH2 DGD NH . -32.21 -6.64 -19.10
HAF1 DGD NH . -30.06 -5.58 -20.39
HAF2 DGD NH . -31.07 -5.70 -21.81
HAN1 DGD NH . -31.49 -8.27 -21.13
HAN2 DGD NH . -30.23 -8.07 -19.93
HAS1 DGD NH . -28.89 -6.94 -22.16
HAS2 DGD NH . -29.97 -8.03 -23.01
HAV1 DGD NH . -28.95 -9.70 -20.95
HAV2 DGD NH . -27.58 -8.66 -21.31
HAG1 DGD NH . -27.86 -10.83 -22.85
HAG2 DGD NH . -27.54 -9.30 -23.71
HAG3 DGD NH . -29.19 -9.96 -23.64
HB21 DGD NH . -30.04 2.72 -21.11
HB22 DGD NH . -31.37 1.92 -20.27
HB31 DGD NH . -29.32 1.63 -18.37
HB32 DGD NH . -28.37 1.63 -19.83
HB41 DGD NH . -30.13 -0.14 -20.78
HB42 DGD NH . -30.70 -0.29 -19.14
HB51 DGD NH . -28.07 -0.38 -18.48
HB52 DGD NH . -27.80 -0.70 -20.15
HB61 DGD NH . -29.32 -2.81 -20.10
HB62 DGD NH . -30.03 -2.37 -18.60
HB71 DGD NH . -28.22 -3.29 -17.37
HB72 DGD NH . -27.02 -2.47 -18.31
HB81 DGD NH . -27.40 -4.08 -20.23
HB82 DGD NH . -28.62 -4.91 -19.29
HB91 DGD NH . -27.03 -5.97 -17.90
HB92 DGD NH . -26.19 -4.47 -17.59
HBT1 DGD NH . -24.46 -5.35 -19.03
HBT2 DGD NH . -25.50 -4.92 -20.38
HBE1 DGD NH . -26.49 -7.15 -20.47
HBE2 DGD NH . -26.02 -7.55 -18.84
HBW1 DGD NH . -23.62 -7.80 -19.47
HBW2 DGD NH . -23.81 -6.89 -20.95
HBH1 DGD NH . -25.39 -8.65 -21.91
HBH2 DGD NH . -25.47 -9.49 -20.37
HBF1 DGD NH . -23.24 -10.43 -20.59
HBF2 DGD NH . -22.66 -9.11 -21.61
HBN1 DGD NH . -23.89 -9.92 -23.61
HBN2 DGD NH . -25.13 -10.68 -22.68
HBS1 DGD NH . -23.87 -12.66 -22.28
HBS2 DGD NH . -22.35 -11.83 -22.23
HBV1 DGD NH . -22.18 -11.67 -24.71
HBV2 DGD NH . -23.90 -11.81 -24.93
HBG1 DGD NH . -22.21 -14.03 -25.34
HBG2 DGD NH . -23.87 -14.25 -24.83
HBG3 DGD NH . -22.58 -14.28 -23.65
HG11 DGD NH . -31.83 5.53 -15.70
HG12 DGD NH . -30.44 6.21 -16.61
HG2 DGD NH . -31.50 3.33 -16.56
HG31 DGD NH . -28.74 4.75 -16.02
HG32 DGD NH . -28.97 3.01 -15.85
C01 8CT OH . -18.32 -21.20 -20.36
C02 8CT OH . -18.44 -21.42 -18.90
C03 8CT OH . -17.64 -20.81 -18.00
C04 8CT OH . -17.82 -21.07 -16.55
C05 8CT OH . -18.67 -22.31 -16.31
C06 8CT OH . -19.92 -22.29 -17.13
C07 8CT OH . -19.55 -22.35 -18.59
C08 8CT OH . -16.51 -21.34 -15.84
C09 8CT OH . -18.49 -19.88 -15.88
C10 8CT OH . -16.56 -19.88 -18.44
C11 8CT OH . -16.05 -18.87 -17.71
C12 8CT OH . -15.08 -17.94 -18.27
C13 8CT OH . -14.46 -17.06 -17.46
C14 8CT OH . -13.47 -16.08 -17.86
C15 8CT OH . -12.93 -15.25 -16.95
C16 8CT OH . -12.21 -14.01 -17.23
C17 8CT OH . -11.66 -13.33 -16.22
C18 8CT OH . -10.95 -12.09 -16.35
C19 8CT OH . -10.16 -11.65 -15.37
C20 8CT OH . -9.90 -10.24 -15.29
C21 8CT OH . -9.18 -9.57 -14.38
C22 8CT OH . -8.85 -10.15 -13.04
C23 8CT OH . -8.77 -8.21 -14.74
C24 8CT OH . -8.16 -7.35 -13.91
C25 8CT OH . -8.08 -5.95 -14.26
C26 8CT OH . -7.46 -4.98 -13.57
C27 8CT OH . -6.76 -5.26 -12.30
C28 8CT OH . -7.70 -3.61 -13.98
C29 8CT OH . -7.26 -2.51 -13.34
C30 8CT OH . -7.37 -1.15 -13.86
C31 8CT OH . -7.02 -0.85 -15.12
C32 8CT OH . -7.13 0.47 -15.76
C33 8CT OH . -8.01 1.40 -14.99
C34 8CT OH . -7.77 1.31 -13.52
C35 8CT OH . -7.89 -0.10 -12.93
C36 8CT OH . -9.29 -0.43 -12.47
C37 8CT OH . -7.10 0.01 -11.67
C38 8CT OH . -6.51 -1.83 -16.09
C39 8CT OH . -11.90 -13.58 -18.61
C40 8CT OH . -15.21 -17.67 -19.72
H1 8CT OH . -17.33 -21.45 -20.70
H2 8CT OH . -18.50 -20.16 -20.60
H3 8CT OH . -19.04 -21.80 -20.89
H6 8CT OH . -18.94 -22.40 -15.26
H7 8CT OH . -18.10 -23.21 -16.53
H8 8CT OH . -20.50 -21.41 -16.91
H9 8CT OH . -20.56 -23.14 -16.87
H10 8CT OH . -20.42 -22.15 -19.20
H11 8CT OH . -19.32 -23.36 -18.88
H12 8CT OH . -16.03 -20.42 -15.56
H13 8CT OH . -15.83 -21.89 -16.49
H14 8CT OH . -16.67 -21.93 -14.95
H15 8CT OH . -17.78 -19.35 -15.27
H16 8CT OH . -19.30 -20.21 -15.26
H17 8CT OH . -18.88 -19.21 -16.62
H18 8CT OH . -16.16 -20.06 -19.41
H19 8CT OH . -16.38 -18.74 -16.70
H20 8CT OH . -14.72 -17.06 -16.42
H21 8CT OH . -13.18 -16.03 -18.89
H22 8CT OH . -13.03 -15.53 -15.92
H23 8CT OH . -11.75 -13.73 -15.22
H24 8CT OH . -11.07 -11.51 -17.24
H25 8CT OH . -9.74 -12.33 -14.66
H26 8CT OH . -10.34 -9.67 -16.07
H27 8CT OH . -7.80 -10.08 -12.82
H28 8CT OH . -9.12 -11.20 -12.98
H29 8CT OH . -9.38 -9.65 -12.25
H30 8CT OH . -8.97 -7.86 -15.73
H31 8CT OH . -7.75 -7.71 -12.99
H32 8CT OH . -8.56 -5.68 -15.17
H33 8CT OH . -5.90 -4.61 -12.18
H34 8CT OH . -6.42 -6.29 -12.27
H35 8CT OH . -7.42 -5.10 -11.46
H36 8CT OH . -8.29 -3.46 -14.85
H37 8CT OH . -6.79 -2.64 -12.38
H40 8CT OH . -7.46 0.39 -16.79
H42 8CT OH . -9.05 1.17 -15.24
H43 8CT OH . -7.83 2.42 -15.35
H44 8CT OH . -8.45 1.99 -13.03
H45 8CT OH . -6.78 1.72 -13.32
H46 8CT OH . -9.70 0.36 -11.86
H47 8CT OH . -9.30 -1.35 -11.90
H48 8CT OH . -9.96 -0.57 -13.32
H49 8CT OH . -7.31 0.94 -11.16
H50 8CT OH . -6.04 -0.01 -11.87
H51 8CT OH . -7.33 -0.80 -11.00
H52 8CT OH . -5.93 -1.36 -16.88
H53 8CT OH . -7.30 -2.38 -16.58
H54 8CT OH . -5.86 -2.57 -15.63
H55 8CT OH . -12.06 -12.52 -18.73
H56 8CT OH . -12.52 -14.10 -19.32
H57 8CT OH . -10.87 -13.79 -18.85
H58 8CT OH . -14.61 -16.82 -20.01
H59 8CT OH . -16.22 -17.47 -19.99
H60 8CT OH . -14.87 -18.52 -20.30
H272 8CT OH . -6.15 0.93 -15.93
C1 UNL PH . -12.89 4.70 -6.70
C10 UNL PH . -12.51 -3.98 -13.02
C11 UNL PH . -11.37 -4.84 -12.45
C12 UNL PH . -11.51 -6.26 -13.01
C2 UNL PH . -13.65 3.42 -7.01
C3 UNL PH . -13.25 2.97 -8.42
C4 UNL PH . -13.99 1.70 -8.82
C5 UNL PH . -13.88 1.48 -10.35
C6 UNL PH . -13.94 -0.03 -10.67
C7 UNL PH . -13.62 -0.32 -12.14
C8 UNL PH . -13.74 -1.82 -12.49
C9 UNL PH . -12.36 -2.51 -12.63
O1 UNL PH . -11.64 4.71 -6.85
O2 UNL PH . -13.49 5.74 -6.29
H21 UNL PH . -14.61 3.60 -6.98
H22 UNL PH . -13.42 2.73 -6.37
H31 UNL PH . -12.30 2.81 -8.44
H32 UNL PH . -13.47 3.68 -9.05
H41 UNL PH . -14.93 1.79 -8.59
H42 UNL PH . -13.61 0.94 -8.36
H51 UNL PH . -13.03 1.84 -10.66
H52 UNL PH . -14.61 1.93 -10.80
H61 UNL PH . -14.83 -0.35 -10.47
H62 UNL PH . -13.29 -0.49 -10.12
H71 UNL PH . -12.71 -0.03 -12.33
H72 UNL PH . -14.24 0.18 -12.69
H81 UNL PH . -14.22 -1.91 -13.33
H82 UNL PH . -14.24 -2.26 -11.79
H91 UNL PH . -11.89 -2.44 -11.78
H92 UNL PH . -11.84 -2.05 -13.31
H101 UNL PH . -12.50 -4.05 -13.99
H102 UNL PH . -13.35 -4.32 -12.68
H111 UNL PH . -11.42 -4.86 -11.49
H112 UNL PH . -10.51 -4.46 -12.72
C1 UNL QH . -19.84 -2.34 -13.25
C10 UNL QH . -15.26 -11.84 -14.39
C2 UNL QH . -18.38 -2.77 -13.09
C3 UNL QH . -18.00 -3.81 -14.17
C4 UNL QH . -17.74 -5.18 -13.53
C5 UNL QH . -17.05 -6.16 -14.48
C6 UNL QH . -16.41 -7.32 -13.70
C7 UNL QH . -17.22 -8.62 -13.86
C8 UNL QH . -16.37 -9.83 -13.44
C9 UNL QH . -16.53 -10.98 -14.45
H21 UNL QH . -18.25 -3.17 -12.22
H22 UNL QH . -17.80 -1.99 -13.18
H31 UNL QH . -17.21 -3.52 -14.63
H32 UNL QH . -18.74 -3.89 -14.81
H41 UNL QH . -18.59 -5.56 -13.26
H42 UNL QH . -17.18 -5.06 -12.75
H51 UNL QH . -16.35 -5.69 -14.98
H52 UNL QH . -17.70 -6.51 -15.11
H61 UNL QH . -16.37 -7.09 -12.76
H62 UNL QH . -15.51 -7.48 -14.04
H71 UNL QH . -17.49 -8.71 -14.79
H72 UNL QH . -18.01 -8.57 -13.30
H81 UNL QH . -16.65 -10.12 -12.57
H82 UNL QH . -15.44 -9.56 -13.40
H91 UNL QH . -16.64 -10.62 -15.34
H92 UNL QH . -17.30 -11.51 -14.21
FE HEC RH . -61.40 -4.66 28.95
CHA HEC RH . -60.88 -1.34 29.76
CHB HEC RH . -61.85 -5.43 32.15
CHC HEC RH . -62.26 -7.96 28.08
CHD HEC RH . -60.54 -4.07 25.75
NA HEC RH . -61.38 -3.53 30.65
C1A HEC RH . -61.11 -2.19 30.81
C2A HEC RH . -61.10 -1.90 32.23
C3A HEC RH . -61.39 -3.05 32.87
C4A HEC RH . -61.57 -4.10 31.89
CMA HEC RH . -61.49 -3.25 34.39
CAA HEC RH . -60.81 -0.53 32.89
CBA HEC RH . -59.31 -0.39 33.21
CGA HEC RH . -58.98 0.97 33.82
O1A HEC RH . -59.91 1.80 34.04
O2A HEC RH . -57.77 1.27 34.09
NB HEC RH . -61.95 -6.38 29.88
C1B HEC RH . -62.06 -6.44 31.26
C2B HEC RH . -62.47 -7.78 31.62
C3B HEC RH . -62.60 -8.50 30.52
C4B HEC RH . -62.27 -7.64 29.41
CMB HEC RH . -62.72 -8.29 33.04
CAB HEC RH . -63.08 -9.97 30.48
CBB HEC RH . -64.37 -10.27 30.74
NC HEC RH . -61.41 -5.78 27.26
C1C HEC RH . -61.79 -7.11 27.11
C2C HEC RH . -61.59 -7.50 25.74
C3C HEC RH . -61.09 -6.45 25.08
C4C HEC RH . -60.99 -5.33 26.03
CMC HEC RH . -61.84 -8.92 25.22
CAC HEC RH . -60.75 -6.41 23.58
CBC HEC RH . -61.73 -6.87 22.74
ND HEC RH . -60.76 -3.06 27.98
C1D HEC RH . -60.56 -3.03 26.61
C2D HEC RH . -60.44 -1.64 26.21
C3D HEC RH . -60.58 -0.89 27.31
C4D HEC RH . -60.77 -1.76 28.44
CMD HEC RH . -60.24 -1.18 24.73
CAD HEC RH . -60.52 0.65 27.42
CBD HEC RH . -61.93 1.22 27.13
CGD HEC RH . -61.89 2.70 27.34
O1D HEC RH . -61.92 3.14 28.52
O2D HEC RH . -61.82 3.47 26.33
HHA HEC RH . -60.80 -0.38 29.95
HHB HEC RH . -61.91 -5.67 33.10
HHC HEC RH . -62.61 -8.84 27.81
HHD HEC RH . -60.16 -3.91 24.86
HMA1 HEC RH . -60.64 -3.05 34.81
HMA2 HEC RH . -61.75 -4.17 34.57
HMA3 HEC RH . -62.19 -2.64 34.75
HAA1 HEC RH . -61.32 -0.46 33.72
HAA2 HEC RH . -61.07 0.18 32.29
HBA1 HEC RH . -58.81 -0.49 32.40
HBA2 HEC RH . -59.06 -1.08 33.85
HMB1 HEC RH . -61.91 -8.21 33.57
HMB2 HEC RH . -62.98 -9.23 33.00
HMB3 HEC RH . -63.43 -7.78 33.46
HAB HEC RH . -62.45 -10.68 30.27
HBB1 HEC RH . -64.67 -11.19 30.71
HBB2 HEC RH . -65.00 -9.56 30.94
HMC1 HEC RH . -61.53 -9.00 24.30
HMC2 HEC RH . -62.80 -9.12 25.26
HMC3 HEC RH . -61.37 -9.56 25.77
HAC HEC RH . -59.91 -6.09 23.26
HBC1 HEC RH . -61.57 -6.87 21.79
HBC2 HEC RH . -62.56 -7.19 23.10
HMD1 HEC RH . -60.27 -0.21 24.69
HMD2 HEC RH . -60.94 -1.56 24.18
HMD3 HEC RH . -59.36 -1.50 24.42
HAD1 HEC RH . -59.89 1.00 26.78
HAD2 HEC RH . -60.25 0.91 28.32
HBD1 HEC RH . -62.57 0.82 27.72
HBD2 HEC RH . -62.17 1.03 26.21
#